data_1GAC
#
_entry.id   1GAC
#
_cell.length_a   1.000
_cell.length_b   1.000
_cell.length_c   1.000
_cell.angle_alpha   90.00
_cell.angle_beta   90.00
_cell.angle_gamma   90.00
#
_symmetry.space_group_name_H-M   'P 1'
#
loop_
_entity.id
_entity.type
_entity.pdbx_description
1 polymer 'CELL WALL PENTAPEPTIDE'
2 polymer 'CHLOROORIENTICIN A'
3 branched vancosamine-(1-2)-beta-D-glucopyranose
4 non-polymer vancosamine
#
loop_
_entity_poly.entity_id
_entity_poly.type
_entity_poly.pdbx_seq_one_letter_code
_entity_poly.pdbx_strand_id
1 'polypeptide(L)' A(FGA)K(DAL)(DAL) A,B
2 'polypeptide(L)' (MLU)(OMZ)N(GHP)(GHP)(OMY)(3FG) C,D
#
loop_
_chem_comp.id
_chem_comp.type
_chem_comp.name
_chem_comp.formula
BGC D-saccharide, beta linking beta-D-glucopyranose 'C6 H12 O6'
FGA D-gamma-peptide, C-delta linking 'GAMMA-D-GLUTAMIC ACID' 'C5 H9 N O4'
RER L-saccharide, alpha linking vancosamine 'C7 H15 N O3'
#
# COMPACT_ATOMS: atom_id res chain seq x y z
N ALA A 1 -5.04 11.29 -4.17
CA ALA A 1 -5.47 10.13 -3.41
C ALA A 1 -4.33 9.13 -3.24
N FGA A 2 -3.74 9.20 -2.04
CA FGA A 2 -2.65 8.27 -1.81
C FGA A 2 -1.33 8.87 -2.31
O FGA A 2 -0.64 9.51 -1.52
CB FGA A 2 -2.56 7.93 -0.32
CG FGA A 2 -3.91 7.46 0.24
CD FGA A 2 -3.74 6.92 1.65
OE1 FGA A 2 -2.64 6.84 2.20
H FGA A 2 -4.00 9.85 -1.32
HA FGA A 2 -2.90 7.37 -2.38
HB2 FGA A 2 -1.80 7.16 -0.18
HB3 FGA A 2 -2.25 8.82 0.22
HG2 FGA A 2 -4.62 8.28 0.25
HG3 FGA A 2 -4.33 6.67 -0.38
N LYS A 3 -4.92 6.59 2.22
CA LYS A 3 -4.95 6.09 3.58
C LYS A 3 -4.15 4.79 3.72
N DAL A 4 -3.44 4.68 4.86
CA DAL A 4 -2.70 3.44 5.04
CB DAL A 4 -3.65 2.36 5.59
C DAL A 4 -1.53 3.65 6.00
O DAL A 4 -1.28 4.75 6.50
H DAL A 4 -3.44 5.40 5.57
HA DAL A 4 -2.30 3.13 4.07
HB1 DAL A 4 -4.49 2.21 4.93
HB2 DAL A 4 -3.12 1.40 5.70
HB3 DAL A 4 -4.03 2.65 6.57
N DAL A 5 -0.84 2.52 6.21
CA DAL A 5 0.31 2.54 7.09
CB DAL A 5 1.33 3.57 6.62
C DAL A 5 0.93 1.14 7.14
O DAL A 5 0.20 0.19 7.45
OXT DAL A 5 2.12 1.01 6.88
H DAL A 5 -1.12 1.68 5.77
HA DAL A 5 -0.07 2.79 8.08
HB1 DAL A 5 0.89 4.56 6.58
HB2 DAL A 5 2.19 3.61 7.30
HB3 DAL A 5 1.70 3.32 5.63
N ALA B 1 11.09 -2.95 1.73
CA ALA B 1 9.87 -3.21 2.50
C ALA B 1 8.65 -2.62 1.81
N FGA B 2 8.48 -3.07 0.54
CA FGA B 2 7.34 -2.53 -0.15
C FGA B 2 7.59 -1.05 -0.47
O FGA B 2 8.50 -0.47 0.13
CB FGA B 2 7.06 -3.28 -1.45
CG FGA B 2 6.47 -4.66 -1.22
CD FGA B 2 5.72 -5.06 -2.48
OE1 FGA B 2 5.41 -4.24 -3.33
H FGA B 2 9.11 -3.74 0.15
HA FGA B 2 6.49 -2.63 0.50
HB2 FGA B 2 6.33 -2.69 -1.99
HB3 FGA B 2 7.96 -3.34 -2.07
HG2 FGA B 2 7.21 -5.40 -0.96
HG3 FGA B 2 5.75 -4.62 -0.40
N LYS B 3 5.46 -6.37 -2.57
CA LYS B 3 4.75 -6.75 -3.76
C LYS B 3 3.41 -6.03 -3.79
N DAL B 4 3.39 -5.01 -4.64
CA DAL B 4 2.18 -4.19 -4.78
CB DAL B 4 0.97 -5.07 -5.12
C DAL B 4 2.41 -3.14 -5.86
O DAL B 4 3.40 -3.18 -6.59
H DAL B 4 4.18 -4.89 -5.23
HA DAL B 4 2.02 -3.68 -3.82
HB1 DAL B 4 0.80 -5.82 -4.35
HB2 DAL B 4 0.07 -4.48 -5.22
HB3 DAL B 4 1.13 -5.59 -6.07
N DAL B 5 1.45 -2.20 -5.90
CA DAL B 5 1.57 -1.16 -6.89
CB DAL B 5 2.72 -0.21 -6.53
C DAL B 5 0.25 -0.39 -6.99
O DAL B 5 0.12 0.65 -6.35
OXT DAL B 5 -0.65 -0.85 -7.70
H DAL B 5 0.65 -2.25 -5.32
HA DAL B 5 1.77 -1.66 -7.83
HB1 DAL B 5 3.66 -0.75 -6.45
HB2 DAL B 5 2.83 0.57 -7.28
HB3 DAL B 5 2.53 0.28 -5.57
N MLU C 1 1.36 1.31 12.25
CN MLU C 1 2.79 1.64 12.26
CA MLU C 1 0.99 0.69 10.99
C MLU C 1 1.80 -0.59 10.76
O MLU C 1 1.70 -1.56 11.51
CB MLU C 1 -0.49 0.33 10.94
CG MLU C 1 -1.40 1.52 11.24
CD1 MLU C 1 -1.28 2.59 10.17
CD2 MLU C 1 -2.84 1.06 11.38
H1 MLU C 1 1.17 0.66 13.03
H2 MLU C 1 0.81 2.18 12.39
HCN1 MLU C 1 3.04 2.10 13.22
HCN2 MLU C 1 3.37 0.73 12.12
HCN3 MLU C 1 2.99 2.34 11.45
HA MLU C 1 1.21 1.40 10.20
HB2 MLU C 1 -0.68 -0.46 11.68
HB3 MLU C 1 -0.74 -0.08 9.97
HG MLU C 1 -1.08 1.96 12.20
HD11 MLU C 1 -1.61 2.20 9.19
HD12 MLU C 1 -1.89 3.46 10.40
HD13 MLU C 1 -0.24 2.92 10.05
HD21 MLU C 1 -3.20 0.61 10.45
HD22 MLU C 1 -2.94 0.32 12.18
HD23 MLU C 1 -3.50 1.90 11.63
N OMZ C 2 2.60 -0.53 9.67
CA OMZ C 2 3.40 -1.71 9.37
C OMZ C 2 2.75 -2.53 8.24
O OMZ C 2 2.89 -3.74 8.20
CB OMZ C 2 4.87 -1.32 9.10
OC OMZ C 2 5.43 -0.76 10.25
CG OMZ C 2 4.95 -0.34 7.98
CD1 OMZ C 2 5.17 -0.80 6.63
CD2 OMZ C 2 4.74 1.07 8.24
CE1 OMZ C 2 5.12 0.14 5.56
CL OMZ C 2 5.37 -0.41 3.93
CE2 OMZ C 2 4.69 2.00 7.14
CZ OMZ C 2 4.84 1.53 5.79
OH OMZ C 2 4.58 2.36 4.70
H OMZ C 2 2.64 0.28 9.10
HA OMZ C 2 3.37 -2.33 10.27
HB OMZ C 2 5.45 -2.21 8.84
HC OMZ C 2 6.33 -0.55 10.03
HD1 OMZ C 2 5.36 -1.84 6.44
HD2 OMZ C 2 4.59 1.42 9.24
HE2 OMZ C 2 4.51 3.05 7.33
N ASN C 3 2.01 -1.83 7.34
CA ASN C 3 1.36 -2.64 6.32
C ASN C 3 1.35 -2.00 4.92
N GHP C 4 0.49 -0.97 4.81
CA GHP C 4 0.37 -0.33 3.51
C GHP C 4 -1.08 0.15 3.28
O GHP C 4 -1.78 0.59 4.19
C1 GHP C 4 1.32 0.84 3.30
C2 GHP C 4 1.07 1.83 2.31
C3 GHP C 4 1.96 2.96 2.07
C4 GHP C 4 3.13 3.07 2.91
O4 GHP C 4 3.99 4.14 2.80
C5 GHP C 4 3.42 2.10 3.93
C6 GHP C 4 2.50 0.98 4.10
H GHP C 4 0.00 -0.65 5.62
HA GHP C 4 0.60 -1.10 2.78
HC2 GHP C 4 0.14 1.76 1.73
H6 GHP C 4 2.70 0.24 4.86
N GHP C 5 -1.44 0.03 1.99
CA GHP C 5 -2.75 0.50 1.58
C GHP C 5 -2.90 0.42 0.05
O GHP C 5 -2.45 -0.55 -0.55
C1 GHP C 5 -3.96 -0.12 2.21
C2 GHP C 5 -4.85 0.78 2.87
C3 GHP C 5 -6.10 0.36 3.37
C4 GHP C 5 -6.48 -1.02 3.25
O4 GHP C 5 -7.68 -1.45 3.74
C5 GHP C 5 -5.59 -1.96 2.60
C6 GHP C 5 -4.32 -1.51 2.07
H GHP C 5 -0.81 -0.36 1.32
HA GHP C 5 -2.68 1.53 1.89
HC2 GHP C 5 -4.57 1.82 2.97
HO4 GHP C 5 -8.15 -0.73 4.14
H5 GHP C 5 -5.88 -3.00 2.51
H6 GHP C 5 -3.67 -2.19 1.56
N OMY C 6 -3.56 1.42 -0.60
CA OMY C 6 -4.16 2.62 -0.03
OCZ OMY C 6 1.78 3.95 1.05
CE2 OMY C 6 0.23 3.72 -0.88
CE1 OMY C 6 -0.58 4.50 1.33
CZ OMY C 6 0.51 4.09 0.49
CG OMY C 6 -2.22 4.03 -0.48
CD2 OMY C 6 -1.13 3.69 -1.37
CD1 OMY C 6 -1.93 4.47 0.85
CB OMY C 6 -3.66 3.83 -0.84
CL OMY C 6 -0.26 4.99 2.95
O OMY C 6 -6.39 2.10 -0.83
C OMY C 6 -5.69 2.48 0.10
ODE OMY C 6 -3.85 3.61 -2.22
H OMY C 6 -3.64 1.33 -1.59
HA OMY C 6 -3.79 2.75 0.99
HE2 OMY C 6 1.05 3.44 -1.53
HD2 OMY C 6 -1.33 3.38 -2.38
HD1 OMY C 6 -2.73 4.76 1.51
HB OMY C 6 -4.24 4.71 -0.53
N 3FG C 7 -6.11 2.79 1.34
OD1 3FG C 7 -6.52 0.19 6.08
CD1 3FG C 7 -7.12 1.25 5.43
CG1 3FG C 7 -6.97 1.38 4.02
CZ 3FG C 7 -7.88 2.21 6.18
CD2 3FG C 7 -8.50 3.31 5.52
OD2 3FG C 7 -9.23 4.24 6.23
CG2 3FG C 7 -8.36 3.45 4.10
CB 3FG C 7 -7.60 2.49 3.32
CA 3FG C 7 -7.46 2.68 1.79
C 3FG C 7 -8.18 3.93 1.25
O 3FG C 7 -9.37 3.85 0.95
OXT 3FG C 7 -7.52 4.97 1.13
H 3FG C 7 -5.42 3.08 2.01
HA 3FG C 7 -7.81 1.78 1.29
HD1 3FG C 7 -6.06 -0.35 5.45
HZ 3FG C 7 -7.94 2.10 7.25
HD2 3FG C 7 -9.57 4.89 5.64
HG2 3FG C 7 -8.82 4.29 3.60
N MLU D 1 0.17 -0.13 -12.14
CN MLU D 1 0.78 1.20 -12.21
CA MLU D 1 -0.47 -0.34 -10.85
C MLU D 1 -1.56 0.71 -10.61
O MLU D 1 -2.44 0.92 -11.43
CB MLU D 1 -1.11 -1.72 -10.72
CG MLU D 1 -0.09 -2.86 -10.86
CD1 MLU D 1 0.97 -2.76 -9.76
CD2 MLU D 1 -0.80 -4.20 -10.80
H1 MLU D 1 -0.54 -0.23 -12.89
H2 MLU D 1 0.91 -0.85 -12.27
HCN1 MLU D 1 -0.01 1.95 -12.07
HCN2 MLU D 1 1.52 1.29 -11.42
HCN3 MLU D 1 1.25 1.32 -13.18
HA MLU D 1 0.30 -0.22 -10.08
HB2 MLU D 1 -1.87 -1.83 -11.50
HB3 MLU D 1 -1.62 -1.80 -9.77
HG MLU D 1 0.41 -2.75 -11.82
HD11 MLU D 1 1.71 -3.55 -9.87
HD12 MLU D 1 1.48 -1.80 -9.79
HD13 MLU D 1 0.51 -2.87 -8.78
HD21 MLU D 1 -1.54 -4.29 -11.59
HD22 MLU D 1 -1.31 -4.34 -9.85
HD23 MLU D 1 -0.08 -5.02 -10.92
N OMZ D 2 -1.43 1.36 -9.44
CA OMZ D 2 -2.42 2.37 -9.09
C OMZ D 2 -3.17 1.96 -7.81
O OMZ D 2 -4.33 2.34 -7.62
CB OMZ D 2 -1.80 3.78 -9.06
OC OMZ D 2 -1.19 4.07 -10.29
CG OMZ D 2 -0.79 3.91 -7.96
CD1 OMZ D 2 -1.02 4.86 -6.89
CD2 OMZ D 2 0.38 3.08 -7.96
CE1 OMZ D 2 -0.10 4.90 -5.78
CL OMZ D 2 -0.38 5.99 -4.48
CE2 OMZ D 2 1.28 3.13 -6.84
CZ OMZ D 2 1.03 4.01 -5.73
OH OMZ D 2 1.78 3.89 -4.58
H OMZ D 2 -0.69 1.14 -8.80
HA OMZ D 2 -3.15 2.34 -9.91
HB OMZ D 2 -2.58 4.52 -8.91
HC OMZ D 2 -0.42 3.51 -10.35
HD1 OMZ D 2 -1.86 5.52 -6.90
HD2 OMZ D 2 0.58 2.41 -8.77
HE2 OMZ D 2 2.14 2.47 -6.82
N ASN D 3 -2.50 1.19 -6.93
CA ASN D 3 -3.24 0.77 -5.75
C ASN D 3 -2.45 0.81 -4.45
N GHP D 4 -1.55 -0.20 -4.33
CA GHP D 4 -0.78 -0.26 -3.09
C GHP D 4 -0.43 -1.73 -2.74
O GHP D 4 -0.26 -2.59 -3.58
C1 GHP D 4 0.47 0.59 -3.09
C2 GHP D 4 1.63 0.25 -2.30
C3 GHP D 4 2.79 1.13 -2.22
C4 GHP D 4 2.79 2.33 -3.02
O4 GHP D 4 3.88 3.16 -2.97
C5 GHP D 4 1.66 2.68 -3.85
C6 GHP D 4 0.50 1.79 -3.86
H GHP D 4 -1.35 -0.77 -5.12
HA GHP D 4 -1.45 0.14 -2.33
HC2 GHP D 4 1.64 -0.69 -1.76
H6 GHP D 4 -0.35 2.04 -4.46
N GHP D 5 -0.35 -1.90 -1.40
CA GHP D 5 0.04 -3.18 -0.85
C GHP D 5 0.20 -3.09 0.68
O GHP D 5 -0.60 -2.42 1.33
C1 GHP D 5 -0.81 -4.37 -1.17
C2 GHP D 5 -0.15 -5.48 -1.78
C3 GHP D 5 -0.81 -6.71 -1.99
C4 GHP D 5 -2.19 -6.85 -1.62
O4 GHP D 5 -2.84 -8.05 -1.85
C5 GHP D 5 -2.89 -5.74 -1.02
C6 GHP D 5 -2.20 -4.49 -0.79
H GHP D 5 -0.53 -1.13 -0.79
HA GHP D 5 1.01 -3.32 -1.31
HC2 GHP D 5 0.88 -5.38 -2.05
HO4 GHP D 5 -2.25 -8.67 -2.24
H5 GHP D 5 -3.93 -5.85 -0.74
H6 GHP D 5 -2.71 -3.67 -0.32
N OMY D 6 1.22 -3.77 1.27
CA OMY D 6 2.25 -4.61 0.64
OCZ OMY D 6 3.95 0.94 -1.41
CE2 OMY D 6 3.94 -0.31 0.73
CE1 OMY D 6 4.18 -1.48 -1.44
CZ OMY D 6 4.06 -0.26 -0.70
CG OMY D 6 3.89 -2.81 0.64
CD2 OMY D 6 3.84 -1.60 1.40
CD1 OMY D 6 4.10 -2.74 -0.78
CB OMY D 6 3.60 -4.17 1.23
CL OMY D 6 4.39 -1.41 -3.16
O OMY D 6 1.56 -6.63 1.82
C OMY D 6 1.90 -6.10 0.76
ODE OMY D 6 3.55 -4.11 2.64
H OMY D 6 1.28 -3.67 2.26
HA OMY D 6 2.26 -4.41 -0.41
HE2 OMY D 6 3.89 0.61 1.30
HD2 OMY D 6 3.70 -1.63 2.47
HD1 OMY D 6 4.15 -3.65 -1.36
HB OMY D 6 4.36 -4.89 0.94
N 3FG D 7 2.00 -6.71 -0.44
OD1 3FG D 7 -1.58 -7.59 -4.47
CD1 3FG D 7 -0.48 -8.21 -3.91
CG1 3FG D 7 -0.03 -7.82 -2.61
CZ 3FG D 7 0.19 -9.23 -4.65
CD2 3FG D 7 1.34 -9.89 -4.09
OD2 3FG D 7 2.00 -10.87 -4.80
CG2 3FG D 7 1.80 -9.50 -2.79
CB 3FG D 7 1.13 -8.47 -2.02
CA 3FG D 7 1.66 -8.11 -0.62
C 3FG D 7 2.93 -8.88 -0.20
O 3FG D 7 2.81 -9.87 0.52
OXT 3FG D 7 4.02 -8.48 -0.63
H 3FG D 7 2.30 -6.20 -1.23
HA 3FG D 7 0.87 -8.26 0.11
HD1 3FG D 7 -1.75 -7.95 -5.32
HZ 3FG D 7 -0.15 -9.49 -5.64
HD2 3FG D 7 2.72 -11.20 -4.29
HG2 3FG D 7 2.66 -10.00 -2.36
C2 BGC E . 5.50 5.48 1.58
C3 BGC E . 6.41 5.56 0.36
C4 BGC E . 7.21 4.27 0.22
C5 BGC E . 6.27 3.04 0.28
C6 BGC E . 7.09 1.75 0.28
C1 BGC E . 4.65 4.21 1.57
O2 BGC E . 4.67 6.61 1.62
O3 BGC E . 7.29 6.63 0.53
O4 BGC E . 7.85 4.25 -1.03
O5 BGC E . 5.52 3.09 1.47
O6 BGC E . 8.03 1.76 1.32
H2 BGC E . 6.11 5.46 2.48
H3 BGC E . 5.82 5.73 -0.54
H4 BGC E . 7.96 4.20 1.00
H5 BGC E . 5.60 3.08 -0.58
H61 BGC E . 7.63 1.64 -0.66
H62 BGC E . 6.45 0.87 0.41
H1 BGC E . 3.94 4.20 0.75
HO3 BGC E . 6.91 7.37 0.07
HO4 BGC E . 8.73 4.58 -0.88
HO6 BGC E . 8.50 0.94 1.27
C1 RER E . 5.19 7.61 2.46
C2 RER E . 4.35 8.89 2.37
C3 RER E . 2.95 8.72 2.97
N3 RER E . 2.32 10.03 3.12
C3A RER E . 2.08 7.86 2.06
C4 RER E . 3.08 8.07 4.35
O4 RER E . 1.81 7.77 4.86
C5 RER E . 3.92 6.79 4.25
O5 RER E . 5.21 7.15 3.79
C5A RER E . 4.04 6.07 5.59
H1 RER E . 6.21 7.83 2.15
H21C RER E . 4.87 9.70 2.90
H22C RER E . 4.26 9.22 1.33
HO1 RER E . 2.91 10.62 3.74
H31N RER E . 1.38 9.91 3.54
H32N RER E . 2.24 10.48 2.19
H3A1 RER E . 2.51 6.87 1.94
H3A2 RER E . 1.09 7.74 2.49
H3A3 RER E . 1.98 8.32 1.09
H4 RER E . 3.56 8.76 5.05
HO4 RER E . 1.55 8.50 5.40
H5 RER E . 3.45 6.13 3.53
H5A1 RER E . 3.06 5.78 5.96
H5A2 RER E . 4.65 5.16 5.49
H5A3 RER E . 4.52 6.71 6.33
C2 BGC F . 5.59 4.27 -4.17
C3 BGC F . 6.46 4.26 -5.42
C4 BGC F . 6.94 2.85 -5.76
C5 BGC F . 5.80 1.84 -5.67
C6 BGC F . 6.36 0.42 -5.83
C1 BGC F . 4.54 3.17 -4.22
O2 BGC F . 4.90 5.50 -4.10
O3 BGC F . 7.58 5.09 -5.17
O4 BGC F . 7.45 2.83 -7.06
O5 BGC F . 5.18 1.93 -4.41
O6 BGC F . 7.35 0.17 -4.87
H2 BGC F . 6.20 4.12 -3.28
H3 BGC F . 5.90 4.69 -6.25
H4 BGC F . 7.72 2.51 -5.07
H5 BGC F . 5.06 2.04 -6.44
H61 BGC F . 5.56 -0.30 -5.70
H62 BGC F . 6.79 0.28 -6.82
H1 BGC F . 3.85 3.35 -5.05
HO3 BGC F . 7.79 5.51 -5.99
HO4 BGC F . 8.39 2.98 -6.99
HO6 BGC F . 7.65 -0.72 -5.01
C1 RER F . 5.30 6.33 -3.04
C2 RER F . 5.43 7.75 -3.58
C3 RER F . 4.08 8.33 -4.02
N3 RER F . 4.23 9.76 -4.28
C3A RER F . 3.56 7.66 -5.29
C4 RER F . 3.07 8.13 -2.89
O4 RER F . 1.79 8.55 -3.32
C5 RER F . 3.03 6.66 -2.46
O5 RER F . 4.32 6.30 -2.02
C5A RER F . 2.05 6.45 -1.30
H1 RER F . 6.24 5.98 -2.62
H21C RER F . 5.86 8.39 -2.81
H22C RER F . 6.13 7.77 -4.42
HO1 RER F . 3.32 10.16 -4.56
H31N RER F . 4.93 9.89 -5.04
H32N RER F . 4.58 10.23 -3.41
H3A1 RER F . 4.30 7.72 -6.10
H3A2 RER F . 3.32 6.61 -5.12
H3A3 RER F . 2.65 8.15 -5.64
H4 RER F . 3.34 8.75 -2.04
HO4 RER F . 1.69 9.45 -3.05
H5 RER F . 2.75 6.04 -3.30
H5A1 RER F . 1.03 6.67 -1.61
H5A2 RER F . 2.09 5.43 -0.96
H5A3 RER F . 2.30 7.10 -0.46
C1 RER G . -3.64 4.79 -2.97
C2 RER G . -3.98 4.59 -4.45
C3 RER G . -5.49 4.53 -4.70
N3 RER G . -5.75 4.71 -6.13
C3A RER G . -6.05 3.16 -4.28
C4 RER G . -6.17 5.64 -3.93
O4 RER G . -7.56 5.57 -4.09
C5 RER G . -5.79 5.53 -2.46
O5 RER G . -4.41 5.81 -2.40
C5A RER G . -6.56 6.52 -1.59
H1 RER G . -2.59 5.06 -2.88
H21C RER G . -3.58 5.43 -5.00
H22C RER G . -3.50 3.70 -4.84
HO1 RER G . -5.37 5.63 -6.43
H31N RER G . -5.28 3.95 -6.67
H32N RER G . -6.77 4.68 -6.31
H3A1 RER G . -5.69 2.37 -4.93
H3A2 RER G . -5.78 2.91 -3.27
H3A3 RER G . -7.15 3.16 -4.35
H4 RER G . -5.83 6.61 -4.30
HO4 RER G . -7.78 6.15 -4.81
H5 RER G . -5.96 4.52 -2.11
H5A1 RER G . -6.34 7.55 -1.88
H5A2 RER G . -7.63 6.37 -1.68
H5A3 RER G . -6.29 6.41 -0.54
C1 RER H . 4.83 -3.97 3.21
C2 RER H . 4.73 -4.12 4.73
C3 RER H . 4.45 -5.56 5.17
N3 RER H . 4.70 -5.70 6.60
C3A RER H . 2.99 -5.94 4.90
C4 RER H . 5.36 -6.51 4.41
O4 RER H . 5.00 -7.84 4.69
C5 RER H . 5.23 -6.25 2.91
O5 RER H . 5.69 -4.94 2.68
C5A RER H . 6.05 -7.23 2.08
H1 RER H . 5.23 -2.99 2.96
H21C RER H . 5.68 -3.80 5.17
H22C RER H . 3.97 -3.45 5.13
HO1 RER H . 4.52 -6.67 6.90
H31N RER H . 4.07 -5.06 7.13
H32N RER H . 5.69 -5.46 6.80
H3A1 RER H . 2.72 -5.76 3.86
H3A2 RER H . 2.82 -7.00 5.11
H3A3 RER H . 2.31 -5.38 5.52
H4 RER H . 6.40 -6.38 4.71
HO4 RER H . 5.58 -8.13 5.39
H5 RER H . 4.17 -6.30 2.63
H5A1 RER H . 5.96 -7.01 1.01
H5A2 RER H . 7.10 -7.18 2.35
H5A3 RER H . 5.71 -8.25 2.24
N ALA A 1 -5.53 10.76 -4.79
CA ALA A 1 -5.34 10.36 -3.41
C ALA A 1 -4.20 9.36 -3.28
N FGA A 2 -3.78 9.19 -2.02
CA FGA A 2 -2.71 8.24 -1.79
C FGA A 2 -1.39 8.81 -2.32
O FGA A 2 -1.30 10.04 -2.45
CB FGA A 2 -2.62 7.91 -0.31
CG FGA A 2 -3.96 7.44 0.26
CD FGA A 2 -3.78 6.89 1.67
OE1 FGA A 2 -2.68 6.80 2.20
H FGA A 2 -4.17 9.69 -1.24
HA FGA A 2 -2.98 7.36 -2.36
HB2 FGA A 2 -1.86 7.14 -0.16
HB3 FGA A 2 -2.29 8.79 0.24
HG2 FGA A 2 -4.67 8.26 0.28
HG3 FGA A 2 -4.39 6.66 -0.37
N LYS A 3 -4.95 6.55 2.25
CA LYS A 3 -4.97 6.06 3.61
C LYS A 3 -4.17 4.76 3.75
N DAL A 4 -3.45 4.66 4.87
CA DAL A 4 -2.70 3.42 5.03
CB DAL A 4 -3.64 2.33 5.59
C DAL A 4 -1.52 3.64 5.99
O DAL A 4 -1.28 4.72 6.50
H DAL A 4 -3.44 5.37 5.57
HA DAL A 4 -2.31 3.11 4.06
HB1 DAL A 4 -4.49 2.17 4.92
HB2 DAL A 4 -3.12 1.38 5.70
HB3 DAL A 4 -4.03 2.61 6.56
N DAL A 5 -0.82 2.50 6.17
CA DAL A 5 0.34 2.52 7.05
CB DAL A 5 1.35 3.56 6.57
C DAL A 5 0.97 1.13 7.09
O DAL A 5 0.26 0.18 7.44
OXT DAL A 5 2.15 1.01 6.77
H DAL A 5 -1.10 1.65 5.74
HA DAL A 5 -0.04 2.78 8.04
HB1 DAL A 5 0.90 4.56 6.54
HB2 DAL A 5 2.21 3.60 7.24
HB3 DAL A 5 1.72 3.33 5.57
N ALA B 1 9.80 -3.57 4.08
CA ALA B 1 8.38 -3.25 4.00
C ALA B 1 8.05 -2.56 2.67
N FGA B 2 8.24 -3.34 1.59
CA FGA B 2 7.93 -2.72 0.32
C FGA B 2 8.97 -1.64 0.01
O FGA B 2 8.61 -0.64 -0.61
CB FGA B 2 7.85 -3.74 -0.80
CG FGA B 2 6.70 -4.70 -0.58
CD FGA B 2 6.02 -4.96 -1.92
OE1 FGA B 2 5.99 -4.10 -2.80
H FGA B 2 8.56 -4.28 1.67
HA FGA B 2 6.95 -2.26 0.45
HB2 FGA B 2 7.67 -3.17 -1.71
HB3 FGA B 2 8.78 -4.29 -0.92
HG2 FGA B 2 7.01 -5.63 -0.11
HG3 FGA B 2 5.96 -4.22 0.07
N LYS B 3 5.51 -6.19 -2.05
CA LYS B 3 4.81 -6.47 -3.28
C LYS B 3 3.61 -5.52 -3.41
N DAL B 4 3.38 -5.06 -4.66
CA DAL B 4 2.25 -4.17 -4.83
CB DAL B 4 1.00 -4.96 -5.18
C DAL B 4 2.57 -3.15 -5.92
O DAL B 4 3.60 -3.21 -6.59
H DAL B 4 3.95 -5.34 -5.43
HA DAL B 4 2.11 -3.62 -3.89
HB1 DAL B 4 0.76 -5.69 -4.40
HB2 DAL B 4 0.13 -4.31 -5.30
HB3 DAL B 4 1.13 -5.51 -6.12
N DAL B 5 1.63 -2.20 -6.05
CA DAL B 5 1.80 -1.18 -7.06
CB DAL B 5 3.01 -0.30 -6.71
C DAL B 5 0.52 -0.34 -7.16
O DAL B 5 -0.28 -0.62 -8.05
OXT DAL B 5 0.35 0.58 -6.36
H DAL B 5 0.80 -2.22 -5.50
HA DAL B 5 1.97 -1.70 -7.99
HB1 DAL B 5 3.91 -0.89 -6.64
HB2 DAL B 5 3.16 0.46 -7.47
HB3 DAL B 5 2.85 0.21 -5.76
N MLU C 1 1.47 1.32 12.19
CN MLU C 1 2.89 1.66 12.17
CA MLU C 1 1.07 0.69 10.93
C MLU C 1 1.87 -0.59 10.71
O MLU C 1 1.79 -1.55 11.47
CB MLU C 1 -0.41 0.33 10.92
CG MLU C 1 -1.32 1.52 11.23
CD1 MLU C 1 -1.21 2.59 10.14
CD2 MLU C 1 -2.77 1.07 11.39
H1 MLU C 1 1.28 0.67 12.98
H2 MLU C 1 0.92 2.20 12.33
HCN1 MLU C 1 3.16 2.13 13.11
HCN2 MLU C 1 3.46 0.74 12.03
HCN3 MLU C 1 3.07 2.34 11.33
HA MLU C 1 1.28 1.39 10.13
HB2 MLU C 1 -0.60 -0.46 11.67
HB3 MLU C 1 -0.68 -0.09 9.95
HG MLU C 1 -0.98 1.97 12.17
HD11 MLU C 1 -1.82 3.46 10.38
HD12 MLU C 1 -0.18 2.92 10.02
HD13 MLU C 1 -1.55 2.20 9.18
HD21 MLU C 1 -2.85 0.32 12.18
HD22 MLU C 1 -3.42 1.91 11.64
HD23 MLU C 1 -3.14 0.62 10.47
N OMZ C 2 2.66 -0.55 9.61
CA OMZ C 2 3.45 -1.73 9.30
C OMZ C 2 2.78 -2.54 8.17
O OMZ C 2 2.93 -3.76 8.13
CB OMZ C 2 4.91 -1.35 9.01
OC OMZ C 2 5.48 -0.77 10.16
CG OMZ C 2 4.98 -0.36 7.89
CD1 OMZ C 2 5.20 -0.83 6.55
CD2 OMZ C 2 4.78 1.04 8.14
CE1 OMZ C 2 5.14 0.11 5.46
CL OMZ C 2 5.36 -0.45 3.84
CE2 OMZ C 2 4.73 1.98 7.04
CZ OMZ C 2 4.86 1.50 5.70
OH OMZ C 2 4.61 2.32 4.60
H OMZ C 2 2.67 0.26 9.02
HA OMZ C 2 3.43 -2.35 10.20
HB OMZ C 2 5.49 -2.23 8.75
HC OMZ C 2 5.53 -1.46 10.81
HD1 OMZ C 2 5.37 -1.88 6.35
HD2 OMZ C 2 4.65 1.40 9.15
HE2 OMZ C 2 4.56 3.03 7.23
N ASN C 3 2.04 -1.85 7.27
CA ASN C 3 1.38 -2.67 6.26
C ASN C 3 1.37 -2.02 4.86
N GHP C 4 0.50 -1.00 4.75
CA GHP C 4 0.37 -0.35 3.46
C GHP C 4 -1.08 0.12 3.23
O GHP C 4 -1.78 0.53 4.15
C1 GHP C 4 1.32 0.82 3.25
C2 GHP C 4 1.04 1.83 2.26
C3 GHP C 4 1.93 2.95 2.02
C4 GHP C 4 3.11 3.06 2.85
O4 GHP C 4 3.97 4.13 2.73
C5 GHP C 4 3.42 2.07 3.86
C6 GHP C 4 2.50 0.95 4.02
H GHP C 4 0.02 -0.67 5.57
HA GHP C 4 0.61 -1.12 2.73
HC2 GHP C 4 0.11 1.76 1.70
H6 GHP C 4 2.73 0.20 4.76
N GHP C 5 -1.45 0.01 1.95
CA GHP C 5 -2.76 0.48 1.55
C GHP C 5 -2.94 0.41 0.02
O GHP C 5 -2.48 -0.55 -0.59
C1 GHP C 5 -3.97 -0.14 2.19
C2 GHP C 5 -4.85 0.74 2.87
C3 GHP C 5 -6.10 0.31 3.37
C4 GHP C 5 -6.46 -1.07 3.25
O4 GHP C 5 -7.68 -1.50 3.76
C5 GHP C 5 -5.59 -2.00 2.58
C6 GHP C 5 -4.33 -1.53 2.05
H GHP C 5 -0.82 -0.36 1.27
HA GHP C 5 -2.70 1.51 1.87
HC2 GHP C 5 -4.58 1.79 2.97
HO4 GHP C 5 -7.77 -2.43 3.59
H5 GHP C 5 -5.86 -3.04 2.49
H6 GHP C 5 -3.67 -2.21 1.54
N OMY C 6 -3.60 1.42 -0.62
CA OMY C 6 -4.20 2.62 -0.03
OCZ OMY C 6 1.74 3.95 1.02
CE2 OMY C 6 0.18 3.76 -0.90
CE1 OMY C 6 -0.62 4.48 1.32
CZ OMY C 6 0.46 4.09 0.47
CG OMY C 6 -2.27 4.03 -0.48
CD2 OMY C 6 -1.19 3.71 -1.38
CD1 OMY C 6 -1.98 4.46 0.86
CB OMY C 6 -3.72 3.82 -0.84
CL OMY C 6 -0.29 4.95 2.95
O OMY C 6 -6.44 2.09 -0.82
C OMY C 6 -5.72 2.46 0.10
ODE OMY C 6 -3.90 3.61 -2.22
H OMY C 6 -3.69 1.33 -1.60
HA OMY C 6 -3.83 2.73 0.98
HE2 OMY C 6 1.00 3.49 -1.56
HD2 OMY C 6 -1.39 3.42 -2.40
HD1 OMY C 6 -2.78 4.73 1.52
HB OMY C 6 -4.29 4.69 -0.52
N 3FG C 7 -6.13 2.76 1.36
OD1 3FG C 7 -6.50 0.13 6.09
CD1 3FG C 7 -7.10 1.19 5.44
CG1 3FG C 7 -6.97 1.34 4.03
CZ 3FG C 7 -7.86 2.14 6.21
CD2 3FG C 7 -8.50 3.25 5.55
OD2 3FG C 7 -9.22 4.16 6.29
CG2 3FG C 7 -8.37 3.39 4.13
CB 3FG C 7 -7.61 2.44 3.34
CA 3FG C 7 -7.49 2.64 1.82
C 3FG C 7 -8.22 3.88 1.29
O 3FG C 7 -9.41 3.80 0.99
OXT 3FG C 7 -7.57 4.93 1.17
H 3FG C 7 -5.45 3.05 2.02
HA 3FG C 7 -7.84 1.74 1.31
HD1 3FG C 7 -6.67 0.17 7.01
HZ 3FG C 7 -7.91 2.02 7.28
HD2 3FG C 7 -9.57 4.82 5.70
HG2 3FG C 7 -8.84 4.23 3.65
N MLU D 1 0.10 -0.07 -12.23
CN MLU D 1 0.70 1.26 -12.33
CA MLU D 1 -0.51 -0.25 -10.92
C MLU D 1 -1.60 0.80 -10.67
O MLU D 1 -2.47 1.03 -11.49
CB MLU D 1 -1.14 -1.64 -10.77
CG MLU D 1 -0.13 -2.77 -10.93
CD1 MLU D 1 0.97 -2.68 -9.87
CD2 MLU D 1 -0.84 -4.13 -10.84
H1 MLU D 1 -0.63 -0.17 -12.96
H2 MLU D 1 0.84 -0.78 -12.37
HCN1 MLU D 1 1.14 1.38 -13.31
HCN2 MLU D 1 -0.08 2.00 -12.18
HCN3 MLU D 1 1.46 1.36 -11.56
HA MLU D 1 0.28 -0.13 -10.16
HB2 MLU D 1 -1.94 -1.75 -11.51
HB3 MLU D 1 -1.62 -1.72 -9.79
HG MLU D 1 0.33 -2.68 -11.91
HD11 MLU D 1 1.70 -3.47 -10.01
HD12 MLU D 1 1.48 -1.72 -9.92
HD13 MLU D 1 0.55 -2.78 -8.87
HD21 MLU D 1 -0.12 -4.94 -10.99
HD22 MLU D 1 -1.31 -4.26 -9.88
HD23 MLU D 1 -1.60 -4.22 -11.62
N OMZ D 2 -1.48 1.41 -9.48
CA OMZ D 2 -2.47 2.43 -9.12
C OMZ D 2 -3.22 2.00 -7.84
O OMZ D 2 -4.38 2.37 -7.67
CB OMZ D 2 -1.84 3.83 -9.08
OC OMZ D 2 -1.23 4.12 -10.31
CG OMZ D 2 -0.85 3.96 -7.99
CD1 OMZ D 2 -1.06 4.90 -6.91
CD2 OMZ D 2 0.34 3.12 -7.97
CE1 OMZ D 2 -0.14 4.93 -5.80
CL OMZ D 2 -0.42 6.02 -4.49
CE2 OMZ D 2 1.24 3.15 -6.86
CZ OMZ D 2 0.98 4.03 -5.75
OH OMZ D 2 1.73 3.91 -4.59
H OMZ D 2 -0.74 1.18 -8.84
HA OMZ D 2 -3.20 2.40 -9.93
HB OMZ D 2 -2.63 4.57 -8.93
HC OMZ D 2 -0.89 5.00 -10.25
HD1 OMZ D 2 -1.90 5.56 -6.91
HD2 OMZ D 2 0.54 2.44 -8.79
HE2 OMZ D 2 2.09 2.50 -6.85
N ASN D 3 -2.54 1.23 -6.96
CA ASN D 3 -3.29 0.80 -5.79
C ASN D 3 -2.50 0.83 -4.48
N GHP D 4 -1.59 -0.16 -4.37
CA GHP D 4 -0.83 -0.25 -3.14
C GHP D 4 -0.49 -1.71 -2.78
O GHP D 4 -0.33 -2.57 -3.63
C1 GHP D 4 0.42 0.60 -3.12
C2 GHP D 4 1.58 0.26 -2.34
C3 GHP D 4 2.75 1.12 -2.26
C4 GHP D 4 2.74 2.33 -3.05
O4 GHP D 4 3.84 3.17 -3.00
C5 GHP D 4 1.62 2.69 -3.88
C6 GHP D 4 0.46 1.81 -3.89
H GHP D 4 -1.40 -0.73 -5.16
HA GHP D 4 -1.50 0.17 -2.38
HC2 GHP D 4 1.59 -0.68 -1.81
H6 GHP D 4 -0.40 2.07 -4.48
N GHP D 5 -0.41 -1.90 -1.46
CA GHP D 5 -0.01 -3.17 -0.90
C GHP D 5 0.15 -3.08 0.63
O GHP D 5 -0.65 -2.41 1.28
C1 GHP D 5 -0.87 -4.37 -1.22
C2 GHP D 5 -0.22 -5.47 -1.84
C3 GHP D 5 -0.86 -6.71 -2.04
C4 GHP D 5 -2.23 -6.86 -1.66
O4 GHP D 5 -2.88 -8.06 -1.87
C5 GHP D 5 -2.93 -5.75 -1.04
C6 GHP D 5 -2.26 -4.51 -0.81
H GHP D 5 -0.58 -1.13 -0.84
HA GHP D 5 0.94 -3.31 -1.37
HC2 GHP D 5 0.81 -5.36 -2.15
HO4 GHP D 5 -3.78 -7.99 -1.55
H5 GHP D 5 -3.97 -5.87 -0.74
H6 GHP D 5 -2.76 -3.69 -0.33
N OMY D 6 1.16 -3.78 1.22
CA OMY D 6 2.17 -4.62 0.59
OCZ OMY D 6 3.91 0.92 -1.46
CE2 OMY D 6 3.90 -0.35 0.68
CE1 OMY D 6 4.11 -1.50 -1.52
CZ OMY D 6 4.02 -0.29 -0.76
CG OMY D 6 3.83 -2.85 0.54
CD2 OMY D 6 3.80 -1.63 1.33
CD1 OMY D 6 4.02 -2.77 -0.87
CB OMY D 6 3.55 -4.21 1.13
CL OMY D 6 4.31 -1.42 -3.24
O OMY D 6 1.52 -6.62 1.81
C OMY D 6 1.82 -6.11 0.74
ODE OMY D 6 3.56 -4.17 2.54
H OMY D 6 1.23 -3.68 2.21
HA OMY D 6 2.17 -4.43 -0.48
HE2 OMY D 6 3.85 0.56 1.25
HD2 OMY D 6 3.67 -1.68 2.39
HD1 OMY D 6 4.07 -3.68 -1.47
HB OMY D 6 4.29 -4.93 0.79
N 3FG D 7 1.88 -6.74 -0.45
OD1 3FG D 7 -1.56 -7.53 -4.57
CD1 3FG D 7 -0.48 -8.17 -3.99
CG1 3FG D 7 -0.08 -7.82 -2.67
CZ 3FG D 7 0.21 -9.19 -4.72
CD2 3FG D 7 1.33 -9.87 -4.13
OD2 3FG D 7 1.99 -10.85 -4.82
CG2 3FG D 7 1.74 -9.52 -2.80
CB 3FG D 7 1.05 -8.48 -2.04
CA 3FG D 7 1.54 -8.14 -0.63
C 3FG D 7 2.76 -8.94 -0.15
O 3FG D 7 2.60 -10.08 0.25
OXT 3FG D 7 3.88 -8.40 -0.20
H 3FG D 7 2.15 -6.23 -1.26
HA 3FG D 7 0.71 -8.27 0.07
HD1 3FG D 7 -1.69 -7.87 -5.45
HZ 3FG D 7 -0.10 -9.41 -5.73
HD2 3FG D 7 2.70 -11.19 -4.29
HG2 3FG D 7 2.59 -10.02 -2.35
C2 BGC E . 5.52 5.41 1.51
C3 BGC E . 6.44 5.45 0.28
C4 BGC E . 7.15 4.12 0.10
C5 BGC E . 6.14 2.97 0.16
C6 BGC E . 6.85 1.61 0.10
C1 BGC E . 4.62 4.18 1.49
O2 BGC E . 4.74 6.59 1.55
O3 BGC E . 7.38 6.48 0.46
O4 BGC E . 7.77 4.09 -1.16
O5 BGC E . 5.42 3.02 1.37
O6 BGC E . 7.83 1.53 1.10
H2 BGC E . 6.14 5.37 2.40
H3 BGC E . 5.85 5.68 -0.61
H4 BGC E . 7.91 3.98 0.87
H5 BGC E . 5.44 3.07 -0.67
H61 BGC E . 7.33 1.46 -0.86
H62 BGC E . 6.15 0.79 0.25
H1 BGC E . 3.88 4.22 0.68
HO3 BGC E . 7.88 6.25 1.24
HO4 BGC E . 8.67 4.35 -1.02
HO6 BGC E . 8.23 0.67 1.03
C1 RER E . 5.31 7.56 2.40
C2 RER E . 4.52 8.87 2.32
C3 RER E . 3.13 8.76 2.95
N3 RER E . 2.57 10.08 3.11
C3A RER E . 2.21 7.94 2.03
C4 RER E . 3.25 8.08 4.31
O4 RER E . 1.96 7.84 4.82
C5 RER E . 4.02 6.78 4.18
O5 RER E . 5.32 7.08 3.72
C5A RER E . 4.13 6.02 5.51
H1 RER E . 6.34 7.74 2.08
H21C RER E . 5.08 9.64 2.86
H22C RER E . 4.45 9.21 1.29
HO1 RER E . 2.49 10.55 2.18
H31N RER E . 3.18 10.65 3.74
H32N RER E . 1.62 10.01 3.54
H3A1 RER E . 2.10 8.43 1.06
H3A2 RER E . 2.60 6.94 1.87
H3A3 RER E . 1.21 7.85 2.47
H4 RER E . 3.76 8.74 5.01
HO4 RER E . 2.01 7.96 5.76
H5 RER E . 3.52 6.14 3.45
H5A1 RER E . 4.68 5.09 5.39
H5A2 RER E . 4.63 6.62 6.27
H5A3 RER E . 3.14 5.76 5.89
C2 BGC F . 5.53 4.29 -4.19
C3 BGC F . 6.40 4.32 -5.44
C4 BGC F . 6.89 2.90 -5.80
C5 BGC F . 5.77 1.87 -5.71
C6 BGC F . 6.35 0.47 -5.88
C1 BGC F . 4.50 3.19 -4.25
O2 BGC F . 4.85 5.52 -4.10
O3 BGC F . 7.50 5.15 -5.21
O4 BGC F . 7.38 2.90 -7.11
O5 BGC F . 5.15 1.96 -4.44
O6 BGC F . 7.35 0.24 -4.91
H2 BGC F . 6.16 4.13 -3.31
H3 BGC F . 5.83 4.73 -6.27
H4 BGC F . 7.68 2.58 -5.13
H5 BGC F . 5.02 2.07 -6.48
H61 BGC F . 6.78 0.34 -6.86
H62 BGC F . 5.57 -0.27 -5.73
H1 BGC F . 3.79 3.37 -5.07
HO3 BGC F . 7.28 6.00 -5.55
HO4 BGC F . 8.32 3.07 -7.05
HO6 BGC F . 7.66 -0.64 -5.06
C1 RER F . 5.26 6.34 -3.05
C2 RER F . 5.40 7.77 -3.59
C3 RER F . 4.04 8.36 -3.99
N3 RER F . 4.21 9.79 -4.24
C3A RER F . 3.50 7.71 -5.26
C4 RER F . 3.05 8.16 -2.84
O4 RER F . 1.78 8.59 -3.26
C5 RER F . 3.01 6.70 -2.43
O5 RER F . 4.30 6.32 -2.01
C5A RER F . 2.05 6.48 -1.26
H1 RER F . 6.20 5.99 -2.64
H21C RER F . 5.84 8.39 -2.81
H22C RER F . 6.08 7.79 -4.43
HO1 RER F . 3.29 10.21 -4.50
H31N RER F . 4.89 9.93 -5.01
H32N RER F . 4.57 10.26 -3.39
H3A1 RER F . 3.26 6.66 -5.10
H3A2 RER F . 2.59 8.20 -5.58
H3A3 RER F . 4.22 7.77 -6.07
H4 RER F . 3.35 8.78 -1.99
HO4 RER F . 1.36 8.98 -2.49
H5 RER F . 2.71 6.08 -3.27
H5A1 RER F . 2.33 7.09 -0.41
H5A2 RER F . 2.06 5.44 -0.95
H5A3 RER F . 1.03 6.73 -1.55
C1 RER G . -3.71 4.79 -2.96
C2 RER G . -4.07 4.59 -4.43
C3 RER G . -5.58 4.50 -4.69
N3 RER G . -5.84 4.69 -6.11
C3A RER G . -6.12 3.13 -4.27
C4 RER G . -6.26 5.61 -3.89
O4 RER G . -7.66 5.52 -4.05
C5 RER G . -5.87 5.49 -2.43
O5 RER G . -4.50 5.80 -2.38
C5A RER G . -6.66 6.46 -1.55
H1 RER G . -2.67 5.09 -2.88
H21C RER G . -3.68 5.44 -5.00
H22C RER G . -3.57 3.70 -4.83
HO1 RER G . -5.48 5.62 -6.40
H31N RER G . -5.37 3.95 -6.66
H32N RER G . -6.87 4.65 -6.28
H3A1 RER G . -7.20 3.12 -4.32
H3A2 RER G . -5.75 2.35 -4.93
H3A3 RER G . -5.82 2.87 -3.25
H4 RER G . -5.94 6.58 -4.25
HO4 RER G . -7.88 6.11 -4.77
H5 RER G . -6.03 4.47 -2.09
H5A1 RER G . -6.36 6.37 -0.50
H5A2 RER G . -6.49 7.49 -1.86
H5A3 RER G . -7.72 6.27 -1.61
C1 RER H . 4.85 -4.04 3.07
C2 RER H . 4.80 -4.15 4.60
C3 RER H . 4.51 -5.58 5.07
N3 RER H . 4.80 -5.69 6.49
C3A RER H . 3.04 -5.96 4.85
C4 RER H . 5.39 -6.56 4.30
O4 RER H . 5.04 -7.87 4.63
C5 RER H . 5.20 -6.33 2.81
O5 RER H . 5.69 -5.04 2.52
C5A RER H . 5.98 -7.34 1.97
H1 RER H . 5.26 -3.07 2.78
H21C RER H . 5.75 -3.83 5.00
H22C RER H . 4.04 -3.47 4.99
HO1 RER H . 4.62 -6.66 6.82
H31N RER H . 4.20 -5.03 7.03
H32N RER H . 5.80 -5.46 6.66
H3A1 RER H . 2.39 -5.39 5.51
H3A2 RER H . 2.73 -5.75 3.82
H3A3 RER H . 2.88 -7.01 5.05
H4 RER H . 6.44 -6.41 4.57
HO4 RER H . 5.84 -8.38 4.64
H5 RER H . 4.15 -6.36 2.57
H5A1 RER H . 5.85 -7.15 0.90
H5A2 RER H . 7.04 -7.30 2.18
H5A3 RER H . 5.64 -8.36 2.17
N ALA A 1 -5.55 11.17 -4.10
CA ALA A 1 -5.95 9.94 -3.42
C ALA A 1 -4.75 9.01 -3.24
N FGA A 2 -4.14 9.15 -2.06
CA FGA A 2 -3.00 8.28 -1.82
C FGA A 2 -1.73 8.95 -2.33
O FGA A 2 -1.81 9.74 -3.27
CB FGA A 2 -2.89 7.95 -0.34
CG FGA A 2 -4.20 7.40 0.22
CD FGA A 2 -4.01 6.86 1.64
OE1 FGA A 2 -2.91 6.83 2.17
H FGA A 2 -4.42 9.79 -1.35
HA FGA A 2 -3.20 7.37 -2.40
HB2 FGA A 2 -2.10 7.21 -0.19
HB3 FGA A 2 -2.62 8.85 0.20
HG2 FGA A 2 -4.97 8.18 0.24
HG3 FGA A 2 -4.60 6.60 -0.41
N LYS A 3 -5.16 6.48 2.21
CA LYS A 3 -5.17 5.97 3.57
C LYS A 3 -4.31 4.71 3.70
N DAL A 4 -3.60 4.62 4.84
CA DAL A 4 -2.80 3.40 4.99
CB DAL A 4 -3.69 2.29 5.57
C DAL A 4 -1.61 3.66 5.93
O DAL A 4 -1.39 4.76 6.42
H DAL A 4 -3.62 5.33 5.54
HA DAL A 4 -2.41 3.11 4.01
HB1 DAL A 4 -4.54 2.10 4.92
HB2 DAL A 4 -3.14 1.36 5.67
HB3 DAL A 4 -4.07 2.57 6.55
N DAL A 5 -0.87 2.56 6.10
CA DAL A 5 0.30 2.61 6.95
CB DAL A 5 1.27 3.68 6.45
C DAL A 5 0.97 1.23 6.97
O DAL A 5 0.27 0.24 7.20
OXT DAL A 5 2.17 1.16 6.74
H DAL A 5 -1.14 1.70 5.67
HA DAL A 5 -0.06 2.84 7.95
HB1 DAL A 5 0.80 4.66 6.44
HB2 DAL A 5 2.15 3.74 7.11
HB3 DAL A 5 1.62 3.46 5.44
N ALA B 1 11.31 -3.20 1.21
CA ALA B 1 10.21 -3.34 2.14
C ALA B 1 8.93 -2.76 1.56
N FGA B 2 8.65 -3.25 0.35
CA FGA B 2 7.45 -2.73 -0.27
C FGA B 2 7.67 -1.27 -0.65
O FGA B 2 6.90 -0.74 -1.44
CB FGA B 2 7.07 -3.50 -1.53
CG FGA B 2 6.42 -4.85 -1.24
CD FGA B 2 5.65 -5.26 -2.50
OE1 FGA B 2 5.38 -4.45 -3.37
H FGA B 2 9.23 -3.95 -0.06
HA FGA B 2 6.64 -2.82 0.45
HB2 FGA B 2 6.35 -2.89 -2.05
HB3 FGA B 2 7.94 -3.62 -2.19
HG2 FGA B 2 7.15 -5.62 -0.97
HG3 FGA B 2 5.71 -4.75 -0.43
N LYS B 3 5.32 -6.57 -2.55
CA LYS B 3 4.58 -6.96 -3.71
C LYS B 3 3.26 -6.19 -3.76
N DAL B 4 3.27 -5.19 -4.65
CA DAL B 4 2.09 -4.35 -4.80
CB DAL B 4 0.86 -5.21 -5.14
C DAL B 4 2.35 -3.31 -5.90
O DAL B 4 3.21 -3.47 -6.75
H DAL B 4 4.08 -5.12 -5.25
HA DAL B 4 1.95 -3.82 -3.85
HB1 DAL B 4 0.67 -5.94 -4.36
HB2 DAL B 4 -0.03 -4.58 -5.23
HB3 DAL B 4 1.00 -5.73 -6.08
N DAL B 5 1.56 -2.22 -5.79
CA DAL B 5 1.69 -1.16 -6.75
CB DAL B 5 2.86 -0.25 -6.38
C DAL B 5 0.38 -0.38 -6.85
O DAL B 5 0.32 0.73 -6.34
OXT DAL B 5 -0.56 -0.90 -7.45
H DAL B 5 0.84 -2.16 -5.10
HA DAL B 5 1.90 -1.67 -7.69
HB1 DAL B 5 3.79 -0.81 -6.31
HB2 DAL B 5 2.99 0.54 -7.11
HB3 DAL B 5 2.68 0.23 -5.41
N MLU C 1 1.53 1.44 12.15
CN MLU C 1 2.94 1.81 12.13
CA MLU C 1 1.15 0.81 10.90
C MLU C 1 1.99 -0.45 10.65
O MLU C 1 1.92 -1.41 11.41
CB MLU C 1 -0.33 0.41 10.88
CG MLU C 1 -1.26 1.59 11.18
CD1 MLU C 1 -1.19 2.64 10.08
CD2 MLU C 1 -2.69 1.09 11.35
H1 MLU C 1 1.36 0.79 12.94
H2 MLU C 1 0.95 2.30 12.29
HCN1 MLU C 1 3.54 0.92 11.98
HCN2 MLU C 1 3.11 2.51 11.30
HCN3 MLU C 1 3.21 2.29 13.07
HA MLU C 1 1.33 1.52 10.09
HB2 MLU C 1 -0.49 -0.37 11.62
HB3 MLU C 1 -0.57 -0.02 9.91
HG MLU C 1 -0.93 2.05 12.11
HD11 MLU C 1 -1.82 3.50 10.32
HD12 MLU C 1 -1.54 2.23 9.13
HD13 MLU C 1 -0.17 2.99 9.93
HD21 MLU C 1 -3.06 0.62 10.45
HD22 MLU C 1 -2.75 0.36 12.16
HD23 MLU C 1 -3.36 1.91 11.59
N OMZ C 2 2.77 -0.37 9.56
CA OMZ C 2 3.59 -1.53 9.25
C OMZ C 2 2.93 -2.37 8.14
O OMZ C 2 3.10 -3.59 8.09
CB OMZ C 2 5.03 -1.12 8.93
OC OMZ C 2 5.62 -0.54 10.07
CG OMZ C 2 5.07 -0.13 7.81
CD1 OMZ C 2 5.29 -0.58 6.47
CD2 OMZ C 2 4.82 1.27 8.07
CE1 OMZ C 2 5.19 0.36 5.39
CL OMZ C 2 5.43 -0.19 3.76
CE2 OMZ C 2 4.73 2.20 6.99
CZ OMZ C 2 4.88 1.73 5.63
OH OMZ C 2 4.57 2.55 4.55
H OMZ C 2 2.76 0.44 8.98
HA OMZ C 2 3.59 -2.14 10.15
HB OMZ C 2 5.63 -1.99 8.66
HC OMZ C 2 6.50 -0.31 9.83
HD1 OMZ C 2 5.51 -1.62 6.27
HD2 OMZ C 2 4.67 1.62 9.09
HE2 OMZ C 2 4.51 3.25 7.17
N ASN C 3 2.16 -1.70 7.24
CA ASN C 3 1.51 -2.53 6.24
C ASN C 3 1.46 -1.90 4.84
N GHP C 4 0.57 -0.89 4.74
CA GHP C 4 0.42 -0.25 3.44
C GHP C 4 -1.06 0.17 3.23
O GHP C 4 -1.77 0.55 4.15
C1 GHP C 4 1.32 0.95 3.22
C2 GHP C 4 1.00 1.95 2.24
C3 GHP C 4 1.85 3.10 1.99
C4 GHP C 4 3.03 3.25 2.81
O4 GHP C 4 3.84 4.36 2.69
C5 GHP C 4 3.39 2.27 3.81
C6 GHP C 4 2.51 1.12 3.99
H GHP C 4 0.09 -0.57 5.56
HA GHP C 4 0.68 -1.01 2.71
HC2 GHP C 4 0.08 1.86 1.68
H6 GHP C 4 2.76 0.38 4.73
N GHP C 5 -1.42 0.05 1.94
CA GHP C 5 -2.75 0.48 1.53
C GHP C 5 -2.91 0.40 0.00
O GHP C 5 -2.42 -0.54 -0.60
C1 GHP C 5 -3.93 -0.18 2.17
C2 GHP C 5 -4.85 0.68 2.85
C3 GHP C 5 -6.09 0.21 3.35
C4 GHP C 5 -6.41 -1.18 3.23
O4 GHP C 5 -7.60 -1.66 3.73
C5 GHP C 5 -5.49 -2.09 2.56
C6 GHP C 5 -4.25 -1.58 2.03
H GHP C 5 -0.78 -0.29 1.26
HA GHP C 5 -2.73 1.52 1.84
HC2 GHP C 5 -4.61 1.73 2.96
HO4 GHP C 5 -8.09 -0.95 4.13
H5 GHP C 5 -5.74 -3.13 2.47
H6 GHP C 5 -3.57 -2.24 1.52
N OMY C 6 -3.61 1.38 -0.63
CA OMY C 6 -4.26 2.55 -0.05
OCZ OMY C 6 1.63 4.09 1.00
CE2 OMY C 6 0.08 3.80 -0.92
CE1 OMY C 6 -0.74 4.57 1.28
CZ OMY C 6 0.35 4.19 0.44
CG OMY C 6 -2.38 4.03 -0.51
CD2 OMY C 6 -1.28 3.71 -1.40
CD1 OMY C 6 -2.09 4.50 0.83
CB OMY C 6 -3.82 3.78 -0.86
CL OMY C 6 -0.42 5.09 2.90
O OMY C 6 -6.48 1.95 -0.85
C OMY C 6 -5.78 2.34 0.08
ODE OMY C 6 -3.99 3.56 -2.24
H OMY C 6 -3.70 1.29 -1.63
HA OMY C 6 -3.90 2.68 0.96
HE2 OMY C 6 0.90 3.54 -1.58
HD2 OMY C 6 -1.49 3.38 -2.40
HD1 OMY C 6 -2.90 4.76 1.48
HB OMY C 6 -4.42 4.64 -0.55
N 3FG C 7 -6.20 2.63 1.33
OD1 3FG C 7 -6.47 0.02 6.06
CD1 3FG C 7 -7.12 1.05 5.42
CG1 3FG C 7 -6.99 1.19 4.01
CZ 3FG C 7 -7.92 1.97 6.17
CD2 3FG C 7 -8.59 3.05 5.52
OD2 3FG C 7 -9.35 3.95 6.25
CG2 3FG C 7 -8.47 3.19 4.09
CB 3FG C 7 -7.67 2.28 3.31
CA 3FG C 7 -7.56 2.47 1.79
C 3FG C 7 -8.33 3.69 1.25
O 3FG C 7 -9.52 3.55 0.96
OXT 3FG C 7 -7.72 4.76 1.13
H 3FG C 7 -5.53 2.95 1.99
HA 3FG C 7 -7.87 1.55 1.29
HD1 3FG C 7 -5.99 -0.50 5.43
HZ 3FG C 7 -7.96 1.86 7.25
HD2 3FG C 7 -9.33 3.71 7.16
HG2 3FG C 7 -8.96 4.02 3.60
N MLU D 1 0.30 0.10 -12.12
CN MLU D 1 0.90 1.42 -12.16
CA MLU D 1 -0.36 -0.12 -10.84
C MLU D 1 -1.45 0.93 -10.59
O MLU D 1 -2.33 1.13 -11.41
CB MLU D 1 -0.99 -1.50 -10.74
CG MLU D 1 0.03 -2.64 -10.83
CD1 MLU D 1 1.04 -2.56 -9.68
CD2 MLU D 1 -0.68 -3.99 -10.82
H1 MLU D 1 -0.41 0.01 -12.88
H2 MLU D 1 1.05 -0.62 -12.26
HCN1 MLU D 1 1.63 1.51 -11.38
HCN2 MLU D 1 1.37 1.57 -13.14
HCN3 MLU D 1 0.11 2.17 -12.03
HA MLU D 1 0.41 -0.02 -10.06
HB2 MLU D 1 -1.73 -1.62 -11.53
HB3 MLU D 1 -1.52 -1.58 -9.79
HG MLU D 1 0.58 -2.52 -11.76
HD11 MLU D 1 1.79 -3.35 -9.77
HD12 MLU D 1 1.55 -1.60 -9.67
HD13 MLU D 1 0.54 -2.69 -8.72
HD21 MLU D 1 -1.22 -4.14 -9.90
HD22 MLU D 1 -1.37 -4.07 -11.66
HD23 MLU D 1 0.05 -4.80 -10.92
N OMZ D 2 -1.31 1.56 -9.41
CA OMZ D 2 -2.30 2.57 -9.06
C OMZ D 2 -3.07 2.13 -7.79
O OMZ D 2 -4.23 2.50 -7.61
CB OMZ D 2 -1.68 3.98 -8.98
OC OMZ D 2 -1.07 4.29 -10.20
CG OMZ D 2 -0.68 4.08 -7.88
CD1 OMZ D 2 -0.89 5.00 -6.78
CD2 OMZ D 2 0.49 3.24 -7.89
CE1 OMZ D 2 0.03 5.00 -5.67
CL OMZ D 2 -0.26 6.06 -4.34
CE2 OMZ D 2 1.40 3.25 -6.78
CZ OMZ D 2 1.13 4.10 -5.64
OH OMZ D 2 1.89 3.94 -4.48
H OMZ D 2 -0.57 1.33 -8.79
HA OMZ D 2 -3.03 2.56 -9.87
HB OMZ D 2 -2.46 4.72 -8.81
HC OMZ D 2 -0.73 5.17 -10.12
HD1 OMZ D 2 -1.73 5.67 -6.78
HD2 OMZ D 2 0.70 2.59 -8.73
HE2 OMZ D 2 2.26 2.59 -6.77
N ASN D 3 -2.41 1.33 -6.92
CA ASN D 3 -3.17 0.87 -5.77
C ASN D 3 -2.38 0.88 -4.44
N GHP D 4 -1.47 -0.10 -4.34
CA GHP D 4 -0.72 -0.21 -3.11
C GHP D 4 -0.42 -1.68 -2.75
O GHP D 4 -0.32 -2.56 -3.60
C1 GHP D 4 0.57 0.61 -3.11
C2 GHP D 4 1.74 0.21 -2.39
C3 GHP D 4 2.93 1.05 -2.32
C4 GHP D 4 2.91 2.29 -3.02
O4 GHP D 4 4.01 3.11 -2.95
C5 GHP D 4 1.77 2.72 -3.80
C6 GHP D 4 0.60 1.85 -3.81
H GHP D 4 -1.25 -0.66 -5.15
HA GHP D 4 -1.37 0.22 -2.35
HC2 GHP D 4 1.75 -0.76 -1.91
H6 GHP D 4 -0.28 2.14 -4.37
N GHP D 5 -0.28 -1.85 -1.42
CA GHP D 5 0.06 -3.14 -0.86
C GHP D 5 0.25 -3.04 0.66
O GHP D 5 -0.52 -2.34 1.31
C1 GHP D 5 -0.85 -4.30 -1.15
C2 GHP D 5 -0.25 -5.45 -1.73
C3 GHP D 5 -0.95 -6.67 -1.92
C4 GHP D 5 -2.33 -6.72 -1.55
O4 GHP D 5 -3.04 -7.89 -1.74
C5 GHP D 5 -2.99 -5.57 -0.97
C6 GHP D 5 -2.24 -4.35 -0.76
H GHP D 5 -0.40 -1.06 -0.81
HA GHP D 5 1.01 -3.32 -1.34
HC2 GHP D 5 0.79 -5.40 -2.01
HO4 GHP D 5 -3.94 -7.77 -1.44
H5 GHP D 5 -4.03 -5.63 -0.69
H6 GHP D 5 -2.71 -3.49 -0.31
N OMY D 6 1.25 -3.75 1.26
CA OMY D 6 2.23 -4.63 0.63
OCZ OMY D 6 4.12 0.80 -1.59
CE2 OMY D 6 4.19 -0.42 0.55
CE1 OMY D 6 4.20 -1.64 -1.61
CZ OMY D 6 4.20 -0.40 -0.88
CG OMY D 6 3.95 -2.92 0.51
CD2 OMY D 6 4.03 -1.67 1.25
CD1 OMY D 6 4.08 -2.88 -0.92
CB OMY D 6 3.61 -4.23 1.18
CL OMY D 6 4.29 -1.62 -3.33
O OMY D 6 1.51 -6.60 1.87
C OMY D 6 1.83 -6.11 0.79
ODE OMY D 6 3.56 -4.11 2.57
H OMY D 6 1.31 -3.64 2.25
HA OMY D 6 2.22 -4.46 -0.43
HE2 OMY D 6 4.26 0.51 1.09
HD2 OMY D 6 3.96 -1.69 2.33
HD1 OMY D 6 4.05 -3.81 -1.48
HB OMY D 6 4.33 -5.00 0.92
N 3FG D 7 1.87 -6.75 -0.40
OD1 3FG D 7 -1.81 -7.57 -4.35
CD1 3FG D 7 -0.72 -8.22 -3.80
CG1 3FG D 7 -0.23 -7.82 -2.52
CZ 3FG D 7 -0.10 -9.29 -4.52
CD2 3FG D 7 1.02 -9.98 -3.96
OD2 3FG D 7 1.62 -11.01 -4.65
CG2 3FG D 7 1.52 -9.59 -2.67
CB 3FG D 7 0.91 -8.51 -1.93
CA 3FG D 7 1.48 -8.13 -0.54
C 3FG D 7 2.72 -8.95 -0.13
O 3FG D 7 2.57 -9.93 0.60
OXT 3FG D 7 3.82 -8.58 -0.56
H 3FG D 7 2.17 -6.26 -1.21
HA 3FG D 7 0.68 -8.24 0.21
HD1 3FG D 7 -2.00 -7.95 -5.19
HZ 3FG D 7 -0.47 -9.56 -5.50
HD2 3FG D 7 2.35 -11.35 -4.14
HG2 3FG D 7 2.37 -10.11 -2.26
C2 BGC E . 5.61 5.53 1.63
C3 BGC E . 6.66 5.50 0.53
C4 BGC E . 7.38 4.15 0.54
C5 BGC E . 6.37 3.00 0.56
C6 BGC E . 7.04 1.64 0.76
C1 BGC E . 4.68 4.31 1.56
O2 BGC E . 4.86 6.72 1.55
O3 BGC E . 7.58 6.53 0.75
O4 BGC E . 8.16 4.03 -0.62
O5 BGC E . 5.49 3.17 1.65
O6 BGC E . 7.93 1.68 1.85
H2 BGC E . 6.11 5.51 2.60
H3 BGC E . 6.19 5.66 -0.44
H4 BGC E . 8.04 4.09 1.41
H5 BGC E . 5.81 3.01 -0.37
H61 BGC E . 6.29 0.90 0.99
H62 BGC E . 7.57 1.30 -0.12
H1 BGC E . 4.10 4.30 0.64
HO3 BGC E . 7.84 6.86 -0.09
HO4 BGC E . 8.95 3.56 -0.37
HO6 BGC E . 8.30 0.80 1.94
C1 RER E . 5.38 7.72 2.38
C2 RER E . 4.60 9.03 2.23
C3 RER E . 3.19 8.97 2.83
N3 RER E . 2.64 10.31 2.94
C3A RER E . 2.28 8.15 1.91
C4 RER E . 3.25 8.33 4.21
O4 RER E . 1.94 8.12 4.70
C5 RER E . 4.01 7.01 4.15
O5 RER E . 5.33 7.28 3.73
C5A RER E . 4.04 6.26 5.48
H1 RER E . 6.42 7.90 2.11
H21C RER E . 5.15 9.82 2.75
H22C RER E . 4.56 9.33 1.19
HO1 RER E . 2.60 10.75 2.00
H31N RER E . 3.26 10.89 3.56
H32N RER E . 1.69 10.27 3.34
H3A1 RER E . 2.66 7.14 1.79
H3A2 RER E . 1.27 8.09 2.32
H3A3 RER E . 2.21 8.61 0.93
H4 RER E . 3.76 9.01 4.91
HO4 RER E . 1.98 8.27 5.63
H5 RER E . 3.52 6.39 3.40
H5A1 RER E . 4.58 5.32 5.39
H5A2 RER E . 4.52 6.86 6.25
H5A3 RER E . 3.02 6.03 5.81
C2 BGC F . 5.74 4.25 -4.06
C3 BGC F . 6.65 4.29 -5.28
C4 BGC F . 7.10 2.89 -5.67
C5 BGC F . 5.93 1.91 -5.70
C6 BGC F . 6.45 0.50 -5.94
C1 BGC F . 4.66 3.18 -4.20
O2 BGC F . 5.08 5.49 -3.95
O3 BGC F . 7.77 5.08 -4.96
O4 BGC F . 7.70 2.92 -6.93
O5 BGC F . 5.26 1.94 -4.46
O6 BGC F . 7.40 0.16 -4.96
H2 BGC F . 6.32 4.04 -3.17
H3 BGC F . 6.13 4.78 -6.10
H4 BGC F . 7.82 2.50 -4.94
H5 BGC F . 5.24 2.19 -6.49
H61 BGC F . 5.64 -0.21 -5.88
H62 BGC F . 6.93 0.41 -6.91
H1 BGC F . 3.96 3.44 -5.00
HO3 BGC F . 8.02 5.54 -5.76
HO4 BGC F . 8.63 3.03 -6.79
HO6 BGC F . 7.69 -0.74 -5.15
C1 RER F . 5.49 6.25 -2.84
C2 RER F . 5.58 7.71 -3.28
C3 RER F . 4.20 8.29 -3.64
N3 RER F . 4.33 9.74 -3.79
C3A RER F . 3.67 7.72 -4.96
C4 RER F . 3.23 7.98 -2.51
O4 RER F . 1.93 8.39 -2.88
C5 RER F . 3.23 6.49 -2.20
O5 RER F . 4.54 6.13 -1.80
C5A RER F . 2.28 6.15 -1.06
H1 RER F . 6.45 5.89 -2.47
H21C RER F . 6.02 8.29 -2.48
H22C RER F . 6.26 7.80 -4.13
HO1 RER F . 5.00 9.95 -4.56
H31N RER F . 4.68 10.14 -2.90
H32N RER F . 3.40 10.14 -4.02
H3A1 RER F . 2.73 8.20 -5.23
H3A2 RER F . 4.38 7.87 -5.77
H3A3 RER F . 3.48 6.64 -4.88
H4 RER F . 3.51 8.55 -1.61
HO4 RER F . 1.82 9.27 -2.53
H5 RER F . 2.97 5.92 -3.09
H5A1 RER F . 2.34 5.08 -0.82
H5A2 RER F . 2.53 6.71 -0.15
H5A3 RER F . 1.26 6.38 -1.33
C1 RER G . -3.81 4.74 -2.98
C2 RER G . -4.14 4.52 -4.47
C3 RER G . -5.64 4.39 -4.73
N3 RER G . -5.89 4.52 -6.16
C3A RER G . -6.14 3.01 -4.28
C4 RER G . -6.37 5.49 -3.98
O4 RER G . -7.76 5.37 -4.16
C5 RER G . -6.01 5.42 -2.50
O5 RER G . -4.64 5.74 -2.42
C5A RER G . -6.81 6.42 -1.67
H1 RER G . -2.79 5.07 -2.89
H21C RER G . -3.78 5.39 -5.02
H22C RER G . -3.60 3.65 -4.85
HO1 RER G . -5.56 5.46 -6.48
H31N RER G . -6.92 4.45 -6.34
H32N RER G . -5.39 3.78 -6.68
H3A1 RER G . -5.87 2.81 -3.25
H3A2 RER G . -7.24 2.95 -4.36
H3A3 RER G . -5.73 2.22 -4.90
H4 RER G . -6.05 6.47 -4.36
HO4 RER G . -7.98 5.93 -4.90
H5 RER G . -6.17 4.41 -2.13
H5A1 RER G . -6.61 7.44 -1.99
H5A2 RER G . -7.88 6.24 -1.77
H5A3 RER G . -6.56 6.34 -0.61
C1 RER H . 4.83 -4.00 3.18
C2 RER H . 4.68 -4.11 4.71
C3 RER H . 4.36 -5.53 5.17
N3 RER H . 4.56 -5.62 6.61
C3A RER H . 2.91 -5.91 4.86
C4 RER H . 5.30 -6.51 4.47
O4 RER H . 4.94 -7.83 4.80
C5 RER H . 5.23 -6.30 2.97
O5 RER H . 5.69 -5.00 2.70
C5A RER H . 6.09 -7.31 2.19
H1 RER H . 5.28 -3.05 2.92
H21C RER H . 5.60 -3.77 5.17
H22C RER H . 3.90 -3.42 5.05
HO1 RER H . 5.55 -5.38 6.84
H31N RER H . 4.36 -6.59 6.93
H32N RER H . 3.93 -4.96 7.10
H3A1 RER H . 2.72 -6.94 5.13
H3A2 RER H . 2.21 -5.29 5.42
H3A3 RER H . 2.69 -5.79 3.79
H4 RER H . 6.32 -6.35 4.81
HO4 RER H . 5.75 -8.32 4.86
H5 RER H . 4.19 -6.38 2.63
H5A1 RER H . 6.04 -7.12 1.12
H5A2 RER H . 5.75 -8.33 2.38
H5A3 RER H . 7.13 -7.22 2.50
N ALA A 1 -5.63 11.14 -4.07
CA ALA A 1 -6.02 9.90 -3.40
C ALA A 1 -4.81 8.98 -3.23
N FGA A 2 -4.18 9.11 -2.04
CA FGA A 2 -3.05 8.25 -1.82
C FGA A 2 -1.78 8.93 -2.33
O FGA A 2 -1.12 9.61 -1.56
CB FGA A 2 -2.94 7.93 -0.34
CG FGA A 2 -4.24 7.37 0.22
CD FGA A 2 -4.04 6.84 1.64
OE1 FGA A 2 -2.93 6.80 2.17
H FGA A 2 -4.48 9.76 -1.34
HA FGA A 2 -3.25 7.35 -2.39
HB2 FGA A 2 -2.14 7.20 -0.19
HB3 FGA A 2 -2.66 8.83 0.20
HG2 FGA A 2 -5.00 8.15 0.25
HG3 FGA A 2 -4.63 6.56 -0.40
N LYS A 3 -5.18 6.45 2.22
CA LYS A 3 -5.18 5.95 3.58
C LYS A 3 -4.32 4.68 3.71
N DAL A 4 -3.60 4.59 4.85
CA DAL A 4 -2.79 3.38 5.00
CB DAL A 4 -3.68 2.27 5.57
C DAL A 4 -1.60 3.65 5.92
O DAL A 4 -1.39 4.74 6.41
H DAL A 4 -3.62 5.30 5.54
HA DAL A 4 -2.42 3.08 4.01
HB1 DAL A 4 -4.53 2.07 4.93
HB2 DAL A 4 -3.12 1.34 5.68
HB3 DAL A 4 -4.06 2.55 6.56
N DAL A 5 -0.85 2.55 6.09
CA DAL A 5 0.32 2.61 6.93
CB DAL A 5 1.29 3.68 6.43
C DAL A 5 0.99 1.23 6.96
O DAL A 5 0.30 0.24 7.21
OXT DAL A 5 2.20 1.16 6.72
H DAL A 5 -1.12 1.69 5.66
HA DAL A 5 -0.02 2.84 7.93
HB1 DAL A 5 0.81 4.65 6.41
HB2 DAL A 5 2.17 3.74 7.06
HB3 DAL A 5 1.62 3.45 5.42
N ALA B 1 11.38 -3.23 1.98
CA ALA B 1 10.13 -3.19 2.74
C ALA B 1 9.02 -2.58 1.90
N FGA B 2 8.83 -3.20 0.73
CA FGA B 2 7.79 -2.65 -0.11
C FGA B 2 8.23 -1.28 -0.63
O FGA B 2 8.99 -0.62 0.06
CB FGA B 2 7.45 -3.55 -1.29
CG FGA B 2 6.59 -4.74 -0.91
CD FGA B 2 5.83 -5.16 -2.17
OE1 FGA B 2 5.72 -4.38 -3.11
H FGA B 2 9.38 -4.01 0.48
HA FGA B 2 6.90 -2.55 0.52
HB2 FGA B 2 6.87 -2.94 -1.97
HB3 FGA B 2 8.36 -3.87 -1.82
HG2 FGA B 2 7.15 -5.58 -0.52
HG3 FGA B 2 5.87 -4.43 -0.16
N LYS B 3 5.32 -6.40 -2.15
CA LYS B 3 4.61 -6.74 -3.34
C LYS B 3 3.44 -5.75 -3.50
N DAL B 4 3.19 -5.35 -4.75
CA DAL B 4 2.09 -4.41 -4.94
CB DAL B 4 0.80 -5.17 -5.28
C DAL B 4 2.46 -3.43 -6.06
O DAL B 4 3.31 -3.69 -6.90
H DAL B 4 3.73 -5.69 -5.53
HA DAL B 4 1.98 -3.84 -4.01
HB1 DAL B 4 0.54 -5.86 -4.48
HB2 DAL B 4 -0.03 -4.48 -5.40
HB3 DAL B 4 0.92 -5.74 -6.20
N DAL B 5 1.76 -2.28 -6.00
CA DAL B 5 2.02 -1.27 -7.00
CB DAL B 5 3.29 -0.50 -6.66
C DAL B 5 0.81 -0.33 -7.09
O DAL B 5 0.75 0.63 -6.33
OXT DAL B 5 -0.05 -0.56 -7.94
H DAL B 5 1.04 -2.13 -5.33
HA DAL B 5 2.12 -1.81 -7.93
HB1 DAL B 5 4.14 -1.18 -6.61
HB2 DAL B 5 3.50 0.24 -7.43
HB3 DAL B 5 3.20 0.01 -5.71
N MLU C 1 1.60 1.48 12.12
CN MLU C 1 3.00 1.85 12.08
CA MLU C 1 1.20 0.84 10.87
C MLU C 1 2.04 -0.43 10.63
O MLU C 1 1.98 -1.38 11.39
CB MLU C 1 -0.27 0.43 10.87
CG MLU C 1 -1.20 1.61 11.18
CD1 MLU C 1 -1.15 2.65 10.06
CD2 MLU C 1 -2.64 1.11 11.37
H1 MLU C 1 1.44 0.83 12.91
H2 MLU C 1 1.01 2.34 12.26
HCN1 MLU C 1 3.17 2.54 11.25
HCN2 MLU C 1 3.28 2.33 13.01
HCN3 MLU C 1 3.60 0.95 11.93
HA MLU C 1 1.39 1.54 10.06
HB2 MLU C 1 -0.42 -0.34 11.63
HB3 MLU C 1 -0.54 0.00 9.92
HG MLU C 1 -0.87 2.07 12.10
HD11 MLU C 1 -1.77 3.51 10.31
HD12 MLU C 1 -0.13 3.02 9.91
HD13 MLU C 1 -1.50 2.23 9.12
HD21 MLU C 1 -3.31 1.94 11.62
HD22 MLU C 1 -3.01 0.63 10.46
HD23 MLU C 1 -2.69 0.38 12.18
N OMZ C 2 2.81 -0.37 9.53
CA OMZ C 2 3.63 -1.53 9.22
C OMZ C 2 2.96 -2.37 8.12
O OMZ C 2 3.13 -3.58 8.09
CB OMZ C 2 5.07 -1.11 8.89
OC OMZ C 2 5.67 -0.53 10.02
CG OMZ C 2 5.09 -0.12 7.78
CD1 OMZ C 2 5.31 -0.57 6.43
CD2 OMZ C 2 4.85 1.28 8.03
CE1 OMZ C 2 5.20 0.36 5.34
CL OMZ C 2 5.42 -0.20 3.71
CE2 OMZ C 2 4.76 2.21 6.94
CZ OMZ C 2 4.89 1.73 5.58
OH OMZ C 2 4.57 2.56 4.49
H OMZ C 2 2.81 0.45 8.95
HA OMZ C 2 3.63 -2.14 10.12
HB OMZ C 2 5.67 -1.98 8.62
HC OMZ C 2 6.55 -0.30 9.78
HD1 OMZ C 2 5.52 -1.62 6.22
HD2 OMZ C 2 4.72 1.62 9.05
HE2 OMZ C 2 4.55 3.26 7.13
N ASN C 3 2.19 -1.71 7.22
CA ASN C 3 1.53 -2.54 6.23
C ASN C 3 1.47 -1.91 4.82
N GHP C 4 0.58 -0.90 4.73
CA GHP C 4 0.42 -0.25 3.43
C GHP C 4 -1.05 0.15 3.22
O GHP C 4 -1.76 0.53 4.14
C1 GHP C 4 1.31 0.94 3.20
C2 GHP C 4 0.99 1.94 2.22
C3 GHP C 4 1.84 3.10 1.96
C4 GHP C 4 3.03 3.25 2.77
O4 GHP C 4 3.84 4.36 2.64
C5 GHP C 4 3.39 2.27 3.78
C6 GHP C 4 2.51 1.12 3.95
H GHP C 4 0.12 -0.56 5.56
HA GHP C 4 0.69 -1.03 2.70
HC2 GHP C 4 0.06 1.85 1.67
H6 GHP C 4 2.77 0.39 4.71
N GHP C 5 -1.43 0.04 1.94
CA GHP C 5 -2.75 0.46 1.53
C GHP C 5 -2.92 0.38 0.00
O GHP C 5 -2.42 -0.56 -0.60
C1 GHP C 5 -3.92 -0.21 2.17
C2 GHP C 5 -4.85 0.64 2.86
C3 GHP C 5 -6.09 0.17 3.37
C4 GHP C 5 -6.40 -1.22 3.24
O4 GHP C 5 -7.59 -1.71 3.74
C5 GHP C 5 -5.48 -2.12 2.57
C6 GHP C 5 -4.24 -1.61 2.03
H GHP C 5 -0.78 -0.31 1.25
HA GHP C 5 -2.73 1.49 1.85
HC2 GHP C 5 -4.61 1.70 2.96
HO4 GHP C 5 -7.65 -2.64 3.58
H5 GHP C 5 -5.73 -3.16 2.47
H6 GHP C 5 -3.56 -2.26 1.52
N OMY C 6 -3.63 1.35 -0.63
CA OMY C 6 -4.27 2.53 -0.04
OCZ OMY C 6 1.60 4.09 0.97
CE2 OMY C 6 0.05 3.78 -0.94
CE1 OMY C 6 -0.76 4.55 1.27
CZ OMY C 6 0.32 4.17 0.41
CG OMY C 6 -2.41 4.00 -0.51
CD2 OMY C 6 -1.31 3.69 -1.40
CD1 OMY C 6 -2.11 4.47 0.82
CB OMY C 6 -3.85 3.75 -0.86
CL OMY C 6 -0.44 5.07 2.88
O OMY C 6 -6.50 1.90 -0.83
C OMY C 6 -5.80 2.29 0.09
ODE OMY C 6 -4.03 3.53 -2.24
H OMY C 6 -3.71 1.25 -1.62
HA OMY C 6 -3.91 2.66 0.96
HE2 OMY C 6 0.87 3.52 -1.61
HD2 OMY C 6 -1.52 3.36 -2.42
HD1 OMY C 6 -2.93 4.74 1.47
HB OMY C 6 -4.44 4.60 -0.54
N 3FG C 7 -6.21 2.60 1.34
OD1 3FG C 7 -6.45 -0.01 6.08
CD1 3FG C 7 -7.11 1.01 5.44
CG1 3FG C 7 -6.98 1.15 4.03
CZ 3FG C 7 -7.89 1.93 6.20
CD2 3FG C 7 -8.58 3.00 5.55
OD2 3FG C 7 -9.34 3.89 6.28
CG2 3FG C 7 -8.47 3.15 4.13
CB 3FG C 7 -7.67 2.23 3.33
CA 3FG C 7 -7.56 2.42 1.81
C 3FG C 7 -8.35 3.64 1.27
O 3FG C 7 -9.53 3.50 0.99
OXT 3FG C 7 -7.74 4.71 1.15
H 3FG C 7 -5.54 2.92 2.00
HA 3FG C 7 -7.87 1.51 1.31
HD1 3FG C 7 -6.63 0.02 7.01
HZ 3FG C 7 -7.94 1.82 7.27
HD2 3FG C 7 -9.31 3.65 7.20
HG2 3FG C 7 -8.97 3.97 3.64
N MLU D 1 0.18 0.25 -12.23
CN MLU D 1 0.78 1.57 -12.28
CA MLU D 1 -0.43 0.02 -10.92
C MLU D 1 -1.51 1.08 -10.63
O MLU D 1 -2.40 1.32 -11.44
CB MLU D 1 -1.08 -1.36 -10.82
CG MLU D 1 -0.08 -2.50 -10.98
CD1 MLU D 1 1.00 -2.42 -9.89
CD2 MLU D 1 -0.79 -3.84 -10.93
H1 MLU D 1 -0.55 0.18 -12.97
H2 MLU D 1 0.91 -0.47 -12.39
HCN1 MLU D 1 0.01 2.32 -12.11
HCN2 MLU D 1 1.55 1.65 -11.51
HCN3 MLU D 1 1.24 1.73 -13.26
HA MLU D 1 0.34 0.12 -10.17
HB2 MLU D 1 -1.86 -1.45 -11.58
HB3 MLU D 1 -1.58 -1.45 -9.85
HG MLU D 1 0.42 -2.39 -11.94
HD11 MLU D 1 1.73 -3.22 -10.02
HD12 MLU D 1 1.53 -1.47 -9.92
HD13 MLU D 1 0.54 -2.53 -8.90
HD21 MLU D 1 -1.54 -3.92 -11.71
HD22 MLU D 1 -1.29 -3.99 -9.97
HD23 MLU D 1 -0.07 -4.66 -11.06
N OMZ D 2 -1.37 1.68 -9.44
CA OMZ D 2 -2.35 2.68 -9.05
C OMZ D 2 -3.11 2.22 -7.78
O OMZ D 2 -4.26 2.60 -7.59
CB OMZ D 2 -1.72 4.08 -8.96
OC OMZ D 2 -1.10 4.42 -10.18
CG OMZ D 2 -0.71 4.17 -7.86
CD1 OMZ D 2 -0.90 5.07 -6.74
CD2 OMZ D 2 0.46 3.31 -7.89
CE1 OMZ D 2 0.01 5.04 -5.64
CL OMZ D 2 -0.25 6.09 -4.30
CE2 OMZ D 2 1.37 3.30 -6.78
CZ OMZ D 2 1.11 4.13 -5.63
OH OMZ D 2 1.88 3.96 -4.47
H OMZ D 2 -0.62 1.43 -8.83
HA OMZ D 2 -3.09 2.69 -9.86
HB OMZ D 2 -2.49 4.83 -8.76
HC OMZ D 2 -0.77 5.30 -10.07
HD1 OMZ D 2 -1.75 5.75 -6.72
HD2 OMZ D 2 0.65 2.67 -8.73
HE2 OMZ D 2 2.22 2.63 -6.80
N ASN D 3 -2.45 1.39 -6.95
CA ASN D 3 -3.20 0.91 -5.79
C ASN D 3 -2.40 0.88 -4.48
N GHP D 4 -1.48 -0.10 -4.41
CA GHP D 4 -0.72 -0.22 -3.18
C GHP D 4 -0.44 -1.70 -2.84
O GHP D 4 -0.35 -2.58 -3.69
C1 GHP D 4 0.56 0.59 -3.16
C2 GHP D 4 1.74 0.18 -2.46
C3 GHP D 4 2.91 1.02 -2.37
C4 GHP D 4 2.90 2.28 -3.06
O4 GHP D 4 4.00 3.09 -2.97
C5 GHP D 4 1.76 2.71 -3.81
C6 GHP D 4 0.58 1.85 -3.84
H GHP D 4 -1.27 -0.63 -5.23
HA GHP D 4 -1.38 0.19 -2.41
HC2 GHP D 4 1.74 -0.81 -2.00
H6 GHP D 4 -0.30 2.15 -4.39
N GHP D 5 -0.31 -1.88 -1.50
CA GHP D 5 0.03 -3.17 -0.93
C GHP D 5 0.23 -3.04 0.59
O GHP D 5 -0.52 -2.32 1.23
C1 GHP D 5 -0.89 -4.32 -1.19
C2 GHP D 5 -0.31 -5.48 -1.79
C3 GHP D 5 -1.02 -6.69 -1.93
C4 GHP D 5 -2.39 -6.75 -1.50
O4 GHP D 5 -3.11 -7.92 -1.66
C5 GHP D 5 -3.02 -5.59 -0.92
C6 GHP D 5 -2.26 -4.36 -0.76
H GHP D 5 -0.43 -1.09 -0.89
HA GHP D 5 0.99 -3.37 -1.41
HC2 GHP D 5 0.71 -5.44 -2.11
HO4 GHP D 5 -4.00 -7.79 -1.33
H5 GHP D 5 -4.05 -5.63 -0.60
H6 GHP D 5 -2.72 -3.51 -0.30
N OMY D 6 1.22 -3.76 1.18
CA OMY D 6 2.19 -4.67 0.57
OCZ OMY D 6 4.11 0.75 -1.64
CE2 OMY D 6 4.18 -0.47 0.50
CE1 OMY D 6 4.16 -1.68 -1.67
CZ OMY D 6 4.19 -0.44 -0.94
CG OMY D 6 3.91 -2.96 0.45
CD2 OMY D 6 4.03 -1.73 1.20
CD1 OMY D 6 4.02 -2.92 -0.99
CB OMY D 6 3.57 -4.29 1.09
CL OMY D 6 4.23 -1.64 -3.39
O OMY D 6 1.47 -6.61 1.86
C OMY D 6 1.77 -6.14 0.76
ODE OMY D 6 3.52 -4.19 2.50
H OMY D 6 1.29 -3.64 2.17
HA OMY D 6 2.18 -4.52 -0.51
HE2 OMY D 6 4.29 0.45 1.05
HD2 OMY D 6 3.97 -1.75 2.28
HD1 OMY D 6 3.95 -3.84 -1.55
HB OMY D 6 4.29 -5.06 0.82
N 3FG D 7 1.76 -6.80 -0.42
OD1 3FG D 7 -1.85 -7.57 -4.39
CD1 3FG D 7 -0.79 -8.24 -3.83
CG1 3FG D 7 -0.32 -7.86 -2.53
CZ 3FG D 7 -0.17 -9.31 -4.55
CD2 3FG D 7 0.94 -10.01 -3.97
OD2 3FG D 7 1.54 -11.05 -4.66
CG2 3FG D 7 1.42 -9.64 -2.67
CB 3FG D 7 0.80 -8.55 -1.93
CA 3FG D 7 1.36 -8.18 -0.54
C 3FG D 7 2.59 -9.02 -0.10
O 3FG D 7 2.39 -10.15 0.34
OXT 3FG D 7 3.71 -8.51 -0.18
H 3FG D 7 2.04 -6.32 -1.25
HA 3FG D 7 0.56 -8.26 0.19
HD1 3FG D 7 -2.04 -7.95 -5.24
HZ 3FG D 7 -0.53 -9.56 -5.53
HD2 3FG D 7 1.11 -11.17 -5.49
HG2 3FG D 7 2.26 -10.16 -2.24
C2 BGC E . 5.62 5.51 1.59
C3 BGC E . 6.68 5.45 0.49
C4 BGC E . 7.40 4.10 0.52
C5 BGC E . 6.39 2.95 0.56
C6 BGC E . 7.04 1.59 0.79
C1 BGC E . 4.69 4.29 1.52
O2 BGC E . 4.88 6.70 1.50
O3 BGC E . 7.60 6.48 0.71
O4 BGC E . 8.18 3.96 -0.63
O5 BGC E . 5.49 3.13 1.63
O6 BGC E . 7.89 1.63 1.92
H2 BGC E . 6.12 5.48 2.56
H3 BGC E . 6.22 5.60 -0.49
H4 BGC E . 8.05 4.05 1.40
H5 BGC E . 5.83 2.96 -0.38
H61 BGC E . 6.28 0.85 0.97
H62 BGC E . 7.62 1.25 -0.06
H1 BGC E . 4.12 4.26 0.60
HO3 BGC E . 7.87 6.80 -0.15
HO4 BGC E . 9.06 4.24 -0.39
HO6 BGC E . 8.24 0.76 2.02
C1 RER E . 5.43 7.71 2.32
C2 RER E . 4.65 9.02 2.17
C3 RER E . 3.25 8.97 2.78
N3 RER E . 2.72 10.32 2.91
C3A RER E . 2.30 8.16 1.89
C4 RER E . 3.32 8.34 4.18
O4 RER E . 2.03 8.13 4.68
C5 RER E . 4.07 7.01 4.09
O5 RER E . 5.38 7.27 3.66
C5A RER E . 4.10 6.25 5.43
H1 RER E . 6.46 7.86 2.03
H21C RER E . 5.22 9.81 2.67
H22C RER E . 4.58 9.31 1.12
HO1 RER E . 3.35 10.88 3.51
H31N RER E . 1.77 10.29 3.32
H32N RER E . 2.67 10.76 1.96
H3A1 RER E . 2.66 7.14 1.75
H3A2 RER E . 1.30 8.11 2.32
H3A3 RER E . 2.22 8.62 0.91
H4 RER E . 3.85 9.00 4.86
HO4 RER E . 1.82 8.89 5.22
H5 RER E . 3.57 6.39 3.35
H5A1 RER E . 4.64 5.31 5.33
H5A2 RER E . 4.60 6.84 6.19
H5A3 RER E . 3.10 6.03 5.77
C2 BGC F . 5.74 4.23 -4.07
C3 BGC F . 6.65 4.29 -5.28
C4 BGC F . 7.12 2.89 -5.66
C5 BGC F . 5.96 1.89 -5.69
C6 BGC F . 6.52 0.49 -5.91
C1 BGC F . 4.66 3.16 -4.21
O2 BGC F . 5.08 5.48 -3.94
O3 BGC F . 7.76 5.09 -4.96
O4 BGC F . 7.71 2.92 -6.93
O5 BGC F . 5.29 1.93 -4.46
O6 BGC F . 7.47 0.18 -4.92
H2 BGC F . 6.32 4.02 -3.17
H3 BGC F . 6.12 4.76 -6.10
H4 BGC F . 7.86 2.51 -4.95
H5 BGC F . 5.26 2.15 -6.49
H61 BGC F . 5.71 -0.24 -5.82
H62 BGC F . 6.98 0.38 -6.87
H1 BGC F . 3.97 3.41 -5.02
HO3 BGC F . 7.57 5.96 -5.29
HO4 BGC F . 8.45 2.33 -6.91
HO6 BGC F . 7.77 -0.70 -5.09
C1 RER F . 5.48 6.23 -2.82
C2 RER F . 5.60 7.68 -3.27
C3 RER F . 4.24 8.28 -3.63
N3 RER F . 4.37 9.72 -3.77
C3A RER F . 3.70 7.71 -4.95
C4 RER F . 3.24 7.98 -2.51
O4 RER F . 1.96 8.40 -2.89
C5 RER F . 3.24 6.48 -2.20
O5 RER F . 4.53 6.11 -1.79
C5A RER F . 2.26 6.14 -1.08
H1 RER F . 6.44 5.86 -2.44
H21C RER F . 6.04 8.27 -2.45
H22C RER F . 6.28 7.78 -4.11
HO1 RER F . 4.72 10.14 -2.88
H31N RER F . 3.44 10.14 -4.00
H32N RER F . 5.05 9.94 -4.53
H3A1 RER F . 2.78 8.21 -5.23
H3A2 RER F . 4.42 7.88 -5.76
H3A3 RER F . 3.50 6.65 -4.88
H4 RER F . 3.52 8.52 -1.61
HO4 RER F . 1.84 9.27 -2.54
H5 RER F . 2.98 5.92 -3.10
H5A1 RER F . 1.24 6.38 -1.36
H5A2 RER F . 2.50 6.68 -0.17
H5A3 RER F . 2.30 5.08 -0.86
C1 RER G . -3.87 4.72 -2.98
C2 RER G . -4.20 4.50 -4.46
C3 RER G . -5.69 4.36 -4.72
N3 RER G . -5.96 4.49 -6.15
C3A RER G . -6.19 2.98 -4.26
C4 RER G . -6.42 5.46 -3.97
O4 RER G . -7.81 5.34 -4.14
C5 RER G . -6.05 5.40 -2.50
O5 RER G . -4.68 5.72 -2.41
C5A RER G . -6.85 6.41 -1.66
H1 RER G . -2.83 5.03 -2.89
H21C RER G . -3.83 5.36 -5.03
H22C RER G . -3.65 3.64 -4.84
HO1 RER G . -5.62 5.42 -6.47
H31N RER G . -6.98 4.41 -6.32
H32N RER G . -5.45 3.75 -6.67
H3A1 RER G . -5.76 2.19 -4.87
H3A2 RER G . -5.91 2.78 -3.22
H3A3 RER G . -7.27 2.91 -4.34
H4 RER G . -6.10 6.44 -4.35
HO4 RER G . -8.03 5.90 -4.88
H5 RER G . -6.21 4.39 -2.11
H5A1 RER G . -6.60 6.33 -0.61
H5A2 RER G . -7.92 6.22 -1.75
H5A3 RER G . -6.65 7.42 -1.99
C1 RER H . 4.79 -4.09 3.12
C2 RER H . 4.60 -4.13 4.64
C3 RER H . 4.24 -5.53 5.15
N3 RER H . 4.39 -5.58 6.59
C3A RER H . 2.79 -5.90 4.81
C4 RER H . 5.18 -6.56 4.51
O4 RER H . 4.79 -7.86 4.89
C5 RER H . 5.14 -6.41 3.00
O5 RER H . 5.64 -5.13 2.68
C5A RER H . 6.01 -7.46 2.31
H1 RER H . 5.26 -3.15 2.84
H21C RER H . 5.53 -3.81 5.12
H22C RER H . 3.84 -3.42 4.95
HO1 RER H . 5.38 -5.35 6.85
H31N RER H . 4.16 -6.54 6.95
H32N RER H . 3.75 -4.89 7.04
H3A1 RER H . 2.08 -5.26 5.32
H3A2 RER H . 2.60 -5.82 3.74
H3A3 RER H . 2.57 -6.93 5.10
H4 RER H . 6.20 -6.40 4.88
HO4 RER H . 5.58 -8.36 4.98
H5 RER H . 4.11 -6.49 2.64
H5A1 RER H . 7.04 -7.39 2.63
H5A2 RER H . 5.65 -8.46 2.52
H5A3 RER H . 5.98 -7.33 1.21
N ALA A 1 -5.67 11.10 -4.13
CA ALA A 1 -6.03 9.87 -3.43
C ALA A 1 -4.83 8.97 -3.26
N FGA A 2 -4.21 9.10 -2.07
CA FGA A 2 -3.07 8.25 -1.85
C FGA A 2 -1.80 8.94 -2.36
O FGA A 2 -1.14 9.62 -1.57
CB FGA A 2 -2.95 7.94 -0.35
CG FGA A 2 -4.26 7.37 0.21
CD FGA A 2 -4.04 6.84 1.62
OE1 FGA A 2 -2.94 6.82 2.16
H FGA A 2 -4.51 9.75 -1.36
HA FGA A 2 -3.26 7.35 -2.41
HB2 FGA A 2 -2.14 7.22 -0.21
HB3 FGA A 2 -2.69 8.84 0.18
HG2 FGA A 2 -5.03 8.15 0.23
HG3 FGA A 2 -4.63 6.57 -0.41
N LYS A 3 -5.19 6.46 2.20
CA LYS A 3 -5.20 5.95 3.56
C LYS A 3 -4.33 4.69 3.70
N DAL A 4 -3.62 4.60 4.84
CA DAL A 4 -2.81 3.39 4.99
CB DAL A 4 -3.69 2.29 5.58
C DAL A 4 -1.62 3.67 5.92
O DAL A 4 -1.41 4.77 6.41
H DAL A 4 -3.65 5.31 5.53
HA DAL A 4 -2.43 3.10 4.01
HB1 DAL A 4 -4.54 2.08 4.92
HB2 DAL A 4 -3.14 1.36 5.69
HB3 DAL A 4 -4.08 2.56 6.56
N DAL A 5 -0.87 2.57 6.10
CA DAL A 5 0.31 2.63 6.94
CB DAL A 5 1.27 3.71 6.43
C DAL A 5 0.99 1.26 6.96
O DAL A 5 0.30 0.27 7.21
OXT DAL A 5 2.19 1.19 6.73
H DAL A 5 -1.12 1.71 5.67
HA DAL A 5 -0.04 2.88 7.94
HB1 DAL A 5 0.79 4.68 6.42
HB2 DAL A 5 2.15 3.78 7.07
HB3 DAL A 5 1.61 3.48 5.42
N ALA B 1 11.31 -3.28 1.14
CA ALA B 1 10.20 -3.42 2.09
C ALA B 1 8.91 -2.84 1.52
N FGA B 2 8.63 -3.33 0.30
CA FGA B 2 7.42 -2.81 -0.30
C FGA B 2 7.65 -1.34 -0.67
O FGA B 2 8.57 -0.74 -0.13
CB FGA B 2 7.05 -3.57 -1.57
CG FGA B 2 6.37 -4.92 -1.30
CD FGA B 2 5.59 -5.33 -2.54
OE1 FGA B 2 5.31 -4.50 -3.40
H FGA B 2 9.20 -4.02 -0.12
HA FGA B 2 6.62 -2.90 0.42
HB2 FGA B 2 6.33 -2.95 -2.09
HB3 FGA B 2 7.91 -3.70 -2.22
HG2 FGA B 2 7.10 -5.69 -1.02
HG3 FGA B 2 5.68 -4.81 -0.48
N LYS B 3 5.28 -6.63 -2.60
CA LYS B 3 4.52 -7.02 -3.75
C LYS B 3 3.19 -6.26 -3.76
N DAL B 4 3.14 -5.29 -4.68
CA DAL B 4 1.93 -4.47 -4.78
CB DAL B 4 0.68 -5.35 -4.96
C DAL B 4 2.08 -3.50 -5.96
O DAL B 4 2.38 -3.89 -7.08
H DAL B 4 3.90 -5.21 -5.32
HA DAL B 4 1.86 -3.88 -3.86
HB1 DAL B 4 0.54 -6.01 -4.12
HB2 DAL B 4 -0.21 -4.72 -5.06
HB3 DAL B 4 0.77 -5.96 -5.87
N DAL B 5 1.83 -2.23 -5.62
CA DAL B 5 1.92 -1.20 -6.63
CB DAL B 5 2.69 0.00 -6.08
C DAL B 5 0.52 -0.79 -7.09
O DAL B 5 0.35 0.35 -7.50
OXT DAL B 5 -0.38 -1.62 -7.03
H DAL B 5 1.59 -1.96 -4.70
HA DAL B 5 2.47 -1.66 -7.44
HB1 DAL B 5 3.68 -0.29 -5.73
HB2 DAL B 5 2.83 0.76 -6.86
HB3 DAL B 5 2.16 0.46 -5.25
N MLU C 1 1.57 1.52 12.14
CN MLU C 1 2.98 1.89 12.10
CA MLU C 1 1.19 0.87 10.89
C MLU C 1 2.03 -0.39 10.66
O MLU C 1 1.96 -1.35 11.41
CB MLU C 1 -0.28 0.47 10.89
CG MLU C 1 -1.21 1.64 11.18
CD1 MLU C 1 -1.16 2.68 10.07
CD2 MLU C 1 -2.65 1.14 11.37
H1 MLU C 1 1.41 0.86 12.93
H2 MLU C 1 1.00 2.37 12.27
HCN1 MLU C 1 3.59 0.99 11.96
HCN2 MLU C 1 3.15 2.57 11.27
HCN3 MLU C 1 3.25 2.38 13.04
HA MLU C 1 1.37 1.57 10.08
HB2 MLU C 1 -0.45 -0.31 11.64
HB3 MLU C 1 -0.55 0.03 9.92
HG MLU C 1 -0.89 2.11 12.11
HD11 MLU C 1 -0.15 3.04 9.92
HD12 MLU C 1 -1.79 3.54 10.31
HD13 MLU C 1 -1.51 2.26 9.13
HD21 MLU C 1 -2.71 0.42 12.19
HD22 MLU C 1 -3.02 0.66 10.46
HD23 MLU C 1 -3.32 1.97 11.61
N OMZ C 2 2.80 -0.33 9.55
CA OMZ C 2 3.62 -1.49 9.25
C OMZ C 2 2.96 -2.34 8.15
O OMZ C 2 3.14 -3.54 8.11
CB OMZ C 2 5.07 -1.07 8.93
OC OMZ C 2 5.66 -0.48 10.06
CG OMZ C 2 5.09 -0.09 7.80
CD1 OMZ C 2 5.31 -0.55 6.46
CD2 OMZ C 2 4.84 1.31 8.05
CE1 OMZ C 2 5.21 0.38 5.37
CL OMZ C 2 5.44 -0.18 3.75
CE2 OMZ C 2 4.75 2.23 6.95
CZ OMZ C 2 4.89 1.76 5.60
OH OMZ C 2 4.59 2.56 4.51
H OMZ C 2 2.79 0.48 8.97
HA OMZ C 2 3.63 -2.09 10.16
HB OMZ C 2 5.65 -1.94 8.66
HC OMZ C 2 6.54 -0.26 9.82
HD1 OMZ C 2 5.52 -1.59 6.27
HD2 OMZ C 2 4.70 1.66 9.06
HE2 OMZ C 2 4.53 3.28 7.14
N ASN C 3 2.18 -1.67 7.25
CA ASN C 3 1.53 -2.52 6.25
C ASN C 3 1.47 -1.88 4.85
N GHP C 4 0.59 -0.88 4.76
CA GHP C 4 0.43 -0.24 3.45
C GHP C 4 -1.05 0.17 3.24
O GHP C 4 -1.76 0.56 4.17
C1 GHP C 4 1.32 0.96 3.21
C2 GHP C 4 1.00 1.95 2.24
C3 GHP C 4 1.85 3.11 1.98
C4 GHP C 4 3.03 3.26 2.79
O4 GHP C 4 3.84 4.37 2.65
C5 GHP C 4 3.40 2.28 3.78
C6 GHP C 4 2.52 1.13 3.97
H GHP C 4 0.12 -0.55 5.58
HA GHP C 4 0.68 -1.02 2.73
HC2 GHP C 4 0.07 1.86 1.68
H6 GHP C 4 2.77 0.40 4.72
N GHP C 5 -1.42 0.05 1.95
CA GHP C 5 -2.74 0.47 1.55
C GHP C 5 -2.91 0.38 0.02
O GHP C 5 -2.41 -0.56 -0.57
C1 GHP C 5 -3.92 -0.20 2.19
C2 GHP C 5 -4.85 0.66 2.87
C3 GHP C 5 -6.08 0.18 3.37
C4 GHP C 5 -6.40 -1.21 3.24
O4 GHP C 5 -7.59 -1.69 3.74
C5 GHP C 5 -5.48 -2.11 2.58
C6 GHP C 5 -4.24 -1.60 2.05
H GHP C 5 -0.78 -0.29 1.28
HA GHP C 5 -2.72 1.51 1.86
HC2 GHP C 5 -4.62 1.70 2.97
HO4 GHP C 5 -7.64 -2.63 3.58
H5 GHP C 5 -5.72 -3.16 2.49
H6 GHP C 5 -3.55 -2.26 1.53
N OMY C 6 -3.62 1.36 -0.62
CA OMY C 6 -4.27 2.53 -0.04
OCZ OMY C 6 1.61 4.10 0.99
CE2 OMY C 6 0.06 3.79 -0.93
CE1 OMY C 6 -0.76 4.56 1.27
CZ OMY C 6 0.33 4.18 0.43
CG OMY C 6 -2.40 4.01 -0.50
CD2 OMY C 6 -1.30 3.69 -1.40
CD1 OMY C 6 -2.11 4.49 0.82
CB OMY C 6 -3.84 3.75 -0.86
CL OMY C 6 -0.44 5.09 2.89
O OMY C 6 -6.48 1.90 -0.83
C OMY C 6 -5.79 2.30 0.09
ODE OMY C 6 -4.01 3.53 -2.24
H OMY C 6 -3.69 1.25 -1.61
HA OMY C 6 -3.90 2.66 0.97
HE2 OMY C 6 0.88 3.53 -1.59
HD2 OMY C 6 -1.50 3.36 -2.40
HD1 OMY C 6 -2.93 4.75 1.48
HB OMY C 6 -4.44 4.60 -0.55
N 3FG C 7 -6.21 2.60 1.34
OD1 3FG C 7 -6.46 0.00 6.08
CD1 3FG C 7 -7.12 1.02 5.43
CG1 3FG C 7 -6.99 1.16 4.02
CZ 3FG C 7 -7.92 1.94 6.19
CD2 3FG C 7 -8.59 3.02 5.53
OD2 3FG C 7 -9.37 3.90 6.25
CG2 3FG C 7 -8.48 3.15 4.10
CB 3FG C 7 -7.68 2.24 3.33
CA 3FG C 7 -7.56 2.42 1.80
C 3FG C 7 -8.34 3.65 1.25
O 3FG C 7 -9.53 3.51 0.96
OXT 3FG C 7 -7.74 4.71 1.13
H 3FG C 7 -5.54 2.93 2.00
HA 3FG C 7 -7.87 1.51 1.30
HD1 3FG C 7 -6.65 0.05 7.01
HZ 3FG C 7 -7.96 1.84 7.26
HD2 3FG C 7 -9.75 4.55 5.66
HG2 3FG C 7 -8.98 3.97 3.61
N MLU D 1 0.32 0.29 -12.34
CN MLU D 1 0.86 1.62 -12.60
CA MLU D 1 -0.16 0.21 -10.97
C MLU D 1 -1.25 1.24 -10.70
O MLU D 1 -2.00 1.63 -11.60
CB MLU D 1 -0.72 -1.19 -10.65
CG MLU D 1 0.31 -2.29 -10.87
CD1 MLU D 1 1.52 -2.11 -9.96
CD2 MLU D 1 -0.33 -3.66 -10.64
H1 MLU D 1 -0.47 0.11 -13.00
H2 MLU D 1 1.06 -0.41 -12.50
HCN1 MLU D 1 1.68 1.82 -11.92
HCN2 MLU D 1 1.21 1.67 -13.63
HCN3 MLU D 1 0.07 2.37 -12.45
HA MLU D 1 0.69 0.41 -10.32
HB2 MLU D 1 -1.60 -1.37 -11.29
HB3 MLU D 1 -1.08 -1.21 -9.62
HG MLU D 1 0.65 -2.24 -11.90
HD11 MLU D 1 1.98 -1.13 -10.11
HD12 MLU D 1 1.23 -2.18 -8.91
HD13 MLU D 1 2.27 -2.88 -10.15
HD21 MLU D 1 -0.69 -3.77 -9.62
HD22 MLU D 1 -1.18 -3.82 -11.31
HD23 MLU D 1 0.39 -4.46 -10.82
N OMZ D 2 -1.29 1.66 -9.42
CA OMZ D 2 -2.28 2.64 -9.05
C OMZ D 2 -3.06 2.17 -7.79
O OMZ D 2 -4.21 2.52 -7.61
CB OMZ D 2 -1.68 4.06 -8.95
OC OMZ D 2 -1.07 4.40 -10.17
CG OMZ D 2 -0.67 4.15 -7.84
CD1 OMZ D 2 -0.90 5.03 -6.73
CD2 OMZ D 2 0.50 3.32 -7.88
CE1 OMZ D 2 0.02 5.03 -5.62
CL OMZ D 2 -0.27 6.05 -4.27
CE2 OMZ D 2 1.41 3.32 -6.76
CZ OMZ D 2 1.14 4.13 -5.61
OH OMZ D 2 1.90 3.97 -4.45
H OMZ D 2 -0.64 1.30 -8.76
HA OMZ D 2 -3.01 2.64 -9.87
HB OMZ D 2 -2.47 4.78 -8.76
HC OMZ D 2 -1.76 4.44 -10.81
HD1 OMZ D 2 -1.75 5.70 -6.71
HD2 OMZ D 2 0.71 2.69 -8.72
HE2 OMZ D 2 2.28 2.67 -6.77
N ASN D 3 -2.38 1.36 -6.94
CA ASN D 3 -3.14 0.88 -5.79
C ASN D 3 -2.37 0.86 -4.47
N GHP D 4 -1.44 -0.11 -4.39
CA GHP D 4 -0.69 -0.22 -3.15
C GHP D 4 -0.40 -1.69 -2.79
O GHP D 4 -0.28 -2.58 -3.65
C1 GHP D 4 0.58 0.60 -3.13
C2 GHP D 4 1.76 0.18 -2.42
C3 GHP D 4 2.95 1.03 -2.33
C4 GHP D 4 2.92 2.29 -3.03
O4 GHP D 4 4.03 3.11 -2.94
C5 GHP D 4 1.78 2.72 -3.80
C6 GHP D 4 0.61 1.86 -3.82
H GHP D 4 -1.21 -0.65 -5.20
HA GHP D 4 -1.36 0.19 -2.40
HC2 GHP D 4 1.77 -0.79 -1.95
H6 GHP D 4 -0.27 2.15 -4.38
N GHP D 5 -0.29 -1.87 -1.46
CA GHP D 5 0.06 -3.15 -0.88
C GHP D 5 0.24 -3.02 0.64
O GHP D 5 -0.51 -2.30 1.27
C1 GHP D 5 -0.86 -4.31 -1.13
C2 GHP D 5 -0.27 -5.48 -1.70
C3 GHP D 5 -0.99 -6.70 -1.85
C4 GHP D 5 -2.36 -6.74 -1.47
O4 GHP D 5 -3.08 -7.90 -1.62
C5 GHP D 5 -3.00 -5.56 -0.91
C6 GHP D 5 -2.25 -4.35 -0.75
H GHP D 5 -0.42 -1.08 -0.86
HA GHP D 5 1.01 -3.36 -1.37
HC2 GHP D 5 0.77 -5.43 -1.98
HO4 GHP D 5 -3.98 -7.76 -1.32
H5 GHP D 5 -4.05 -5.60 -0.63
H6 GHP D 5 -2.72 -3.47 -0.32
N OMY D 6 1.24 -3.72 1.24
CA OMY D 6 2.22 -4.62 0.64
OCZ OMY D 6 4.14 0.77 -1.62
CE2 OMY D 6 4.19 -0.43 0.54
CE1 OMY D 6 4.22 -1.65 -1.61
CZ OMY D 6 4.23 -0.42 -0.90
CG OMY D 6 3.95 -2.92 0.51
CD2 OMY D 6 4.03 -1.68 1.24
CD1 OMY D 6 4.10 -2.90 -0.92
CB OMY D 6 3.61 -4.23 1.18
CL OMY D 6 4.31 -1.65 -3.35
O OMY D 6 1.48 -6.56 1.90
C OMY D 6 1.82 -6.10 0.82
ODE OMY D 6 3.57 -4.10 2.58
H OMY D 6 1.32 -3.60 2.23
HA OMY D 6 2.22 -4.46 -0.43
HE2 OMY D 6 4.27 0.51 1.07
HD2 OMY D 6 3.96 -1.68 2.31
HD1 OMY D 6 4.06 -3.83 -1.48
HB OMY D 6 4.33 -5.00 0.92
N 3FG D 7 1.86 -6.76 -0.36
OD1 3FG D 7 -1.90 -7.68 -4.22
CD1 3FG D 7 -0.79 -8.31 -3.68
CG1 3FG D 7 -0.27 -7.87 -2.43
CZ 3FG D 7 -0.18 -9.39 -4.40
CD2 3FG D 7 0.96 -10.05 -3.85
OD2 3FG D 7 1.56 -11.10 -4.52
CG2 3FG D 7 1.48 -9.62 -2.58
CB 3FG D 7 0.88 -8.54 -1.84
CA 3FG D 7 1.47 -8.14 -0.47
C 3FG D 7 2.72 -8.95 -0.07
O 3FG D 7 2.59 -9.90 0.71
OXT 3FG D 7 3.80 -8.60 -0.53
H 3FG D 7 2.17 -6.28 -1.18
HA 3FG D 7 0.70 -8.23 0.28
HD1 3FG D 7 -2.12 -8.08 -5.05
HZ 3FG D 7 -0.59 -9.70 -5.35
HD2 3FG D 7 2.30 -11.42 -4.03
HG2 3FG D 7 2.34 -10.13 -2.16
C2 BGC E . 5.60 5.53 1.60
C3 BGC E . 6.68 5.48 0.51
C4 BGC E . 7.40 4.13 0.53
C5 BGC E . 6.38 2.99 0.57
C6 BGC E . 7.05 1.63 0.78
C1 BGC E . 4.69 4.31 1.54
O2 BGC E . 4.85 6.72 1.50
O3 BGC E . 7.59 6.52 0.73
O4 BGC E . 8.18 4.01 -0.63
O5 BGC E . 5.49 3.16 1.65
O6 BGC E . 7.93 1.67 1.87
H2 BGC E . 6.11 5.52 2.58
H3 BGC E . 6.21 5.64 -0.47
H4 BGC E . 8.06 4.07 1.40
H5 BGC E . 5.82 2.99 -0.38
H61 BGC E . 6.29 0.88 0.99
H62 BGC E . 7.60 1.28 -0.09
H1 BGC E . 4.11 4.28 0.61
HO3 BGC E . 7.99 6.36 1.57
HO4 BGC E . 8.97 3.55 -0.37
HO6 BGC E . 8.29 0.80 1.97
C1 RER E . 5.38 7.73 2.32
C2 RER E . 4.59 9.04 2.16
C3 RER E . 3.19 8.97 2.78
N3 RER E . 2.64 10.32 2.89
C3A RER E . 2.25 8.15 1.88
C4 RER E . 3.27 8.35 4.17
O4 RER E . 1.97 8.14 4.67
C5 RER E . 4.02 7.02 4.09
O5 RER E . 5.34 7.30 3.66
C5A RER E . 4.07 6.28 5.43
H1 RER E . 6.42 7.91 2.04
H21C RER E . 5.14 9.83 2.66
H22C RER E . 4.52 9.32 1.11
HO1 RER E . 2.60 10.75 1.95
H31N RER E . 3.27 10.89 3.49
H32N RER E . 1.70 10.29 3.31
H3A1 RER E . 2.62 7.14 1.75
H3A2 RER E . 1.26 8.10 2.31
H3A3 RER E . 2.18 8.61 0.90
H4 RER E . 3.77 9.03 4.85
HO4 RER E . 2.01 8.30 5.60
H5 RER E . 3.53 6.40 3.35
H5A1 RER E . 4.56 6.88 6.20
H5A2 RER E . 3.06 6.05 5.78
H5A3 RER E . 4.61 5.34 5.33
C2 BGC F . 5.76 4.26 -4.05
C3 BGC F . 6.68 4.31 -5.25
C4 BGC F . 7.12 2.90 -5.65
C5 BGC F . 5.95 1.93 -5.70
C6 BGC F . 6.47 0.52 -5.95
C1 BGC F . 4.69 3.19 -4.19
O2 BGC F . 5.11 5.49 -3.93
O3 BGC F . 7.81 5.09 -4.92
O4 BGC F . 7.73 2.94 -6.93
O5 BGC F . 5.29 1.95 -4.47
O6 BGC F . 7.42 0.16 -4.97
H2 BGC F . 6.34 4.05 -3.15
H3 BGC F . 6.17 4.80 -6.08
H4 BGC F . 7.85 2.50 -4.94
H5 BGC F . 5.26 2.22 -6.48
H61 BGC F . 5.66 -0.20 -5.91
H62 BGC F . 6.95 0.44 -6.93
H1 BGC F . 3.98 3.45 -5.00
HO3 BGC F . 8.06 5.55 -5.70
HO4 BGC F . 8.66 3.06 -6.79
HO6 BGC F . 7.69 -0.73 -5.17
C1 RER F . 5.49 6.25 -2.81
C2 RER F . 5.57 7.72 -3.24
C3 RER F . 4.20 8.29 -3.61
N3 RER F . 4.31 9.74 -3.74
C3A RER F . 3.68 7.72 -4.94
C4 RER F . 3.21 7.96 -2.49
O4 RER F . 1.92 8.36 -2.87
C5 RER F . 3.23 6.46 -2.20
O5 RER F . 4.53 6.11 -1.79
C5A RER F . 2.25 6.09 -1.08
H1 RER F . 6.45 5.88 -2.43
H21C RER F . 6.00 8.30 -2.42
H22C RER F . 6.26 7.82 -4.08
HO1 RER F . 4.99 9.97 -4.49
H31N RER F . 4.65 10.14 -2.84
H32N RER F . 3.38 10.14 -3.97
H3A1 RER F . 4.40 7.90 -5.74
H3A2 RER F . 3.50 6.66 -4.87
H3A3 RER F . 2.74 8.20 -5.22
H4 RER F . 3.48 8.51 -1.59
HO4 RER F . 1.49 8.67 -2.08
H5 RER F . 2.98 5.90 -3.10
H5A1 RER F . 2.32 5.03 -0.87
H5A2 RER F . 2.49 6.64 -0.17
H5A3 RER F . 1.23 6.33 -1.36
C1 RER G . -3.84 4.70 -2.98
C2 RER G . -4.17 4.48 -4.47
C3 RER G . -5.67 4.33 -4.72
N3 RER G . -5.93 4.46 -6.15
C3A RER G . -6.16 2.94 -4.27
C4 RER G . -6.41 5.42 -3.97
O4 RER G . -7.80 5.28 -4.14
C5 RER G . -6.04 5.37 -2.49
O5 RER G . -4.68 5.70 -2.43
C5A RER G . -6.86 6.35 -1.66
H1 RER G . -2.81 5.03 -2.89
H21C RER G . -3.82 5.35 -5.02
H22C RER G . -3.62 3.63 -4.85
HO1 RER G . -6.95 4.37 -6.33
H31N RER G . -5.42 3.72 -6.67
H32N RER G . -5.60 5.40 -6.47
H3A1 RER G . -5.71 2.16 -4.89
H3A2 RER G . -5.88 2.74 -3.24
H3A3 RER G . -7.23 2.87 -4.36
H4 RER G . -6.11 6.40 -4.35
HO4 RER G . -8.15 6.16 -4.19
H5 RER G . -6.18 4.36 -2.12
H5A1 RER G . -7.92 6.14 -1.75
H5A2 RER G . -6.60 6.28 -0.60
H5A3 RER G . -6.68 7.37 -1.98
C1 RER H . 4.84 -3.99 3.17
C2 RER H . 4.69 -4.09 4.70
C3 RER H . 4.35 -5.51 5.18
N3 RER H . 4.54 -5.59 6.62
C3A RER H . 2.90 -5.87 4.86
C4 RER H . 5.29 -6.50 4.48
O4 RER H . 4.92 -7.81 4.82
C5 RER H . 5.21 -6.30 2.98
O5 RER H . 5.69 -5.00 2.70
C5A RER H . 6.08 -7.32 2.22
H1 RER H . 5.29 -3.04 2.91
H21C RER H . 5.61 -3.75 5.16
H22C RER H . 3.92 -3.39 5.04
HO1 RER H . 5.54 -5.35 6.84
H31N RER H . 4.34 -6.55 6.94
H32N RER H . 3.91 -4.92 7.09
H3A1 RER H . 2.70 -6.91 5.12
H3A2 RER H . 2.20 -5.25 5.41
H3A3 RER H . 2.69 -5.74 3.79
H4 RER H . 6.31 -6.34 4.83
HO4 RER H . 5.47 -8.06 5.56
H5 RER H . 4.17 -6.37 2.64
H5A1 RER H . 6.03 -7.14 1.14
H5A2 RER H . 7.12 -7.24 2.52
H5A3 RER H . 5.74 -8.34 2.42
N ALA A 1 -5.63 11.15 -4.10
CA ALA A 1 -6.01 9.91 -3.42
C ALA A 1 -4.81 8.99 -3.25
N FGA A 2 -4.19 9.12 -2.06
CA FGA A 2 -3.05 8.26 -1.84
C FGA A 2 -1.78 8.94 -2.35
O FGA A 2 -0.83 8.23 -2.70
CB FGA A 2 -2.94 7.92 -0.36
CG FGA A 2 -4.25 7.37 0.20
CD FGA A 2 -4.03 6.84 1.62
OE1 FGA A 2 -2.93 6.81 2.15
H FGA A 2 -4.48 9.76 -1.36
HA FGA A 2 -3.24 7.35 -2.42
HB2 FGA A 2 -2.13 7.19 -0.21
HB3 FGA A 2 -2.66 8.82 0.18
HG2 FGA A 2 -5.01 8.15 0.22
HG3 FGA A 2 -4.62 6.57 -0.42
N LYS A 3 -5.18 6.45 2.20
CA LYS A 3 -5.19 5.95 3.56
C LYS A 3 -4.32 4.68 3.69
N DAL A 4 -3.62 4.58 4.82
CA DAL A 4 -2.81 3.37 4.97
CB DAL A 4 -3.70 2.26 5.54
C DAL A 4 -1.63 3.63 5.90
O DAL A 4 -1.41 4.73 6.40
H DAL A 4 -3.64 5.29 5.53
HA DAL A 4 -2.43 3.08 3.99
HB1 DAL A 4 -4.55 2.08 4.89
HB2 DAL A 4 -3.14 1.33 5.65
HB3 DAL A 4 -4.08 2.53 6.53
N DAL A 5 -0.89 2.53 6.09
CA DAL A 5 0.28 2.58 6.94
CB DAL A 5 1.25 3.66 6.45
C DAL A 5 0.95 1.21 6.96
O DAL A 5 2.16 1.13 6.75
OXT DAL A 5 0.26 0.22 7.19
H DAL A 5 -1.15 1.67 5.66
HA DAL A 5 -0.07 2.83 7.94
HB1 DAL A 5 0.78 4.63 6.43
HB2 DAL A 5 2.12 3.72 7.10
HB3 DAL A 5 1.60 3.43 5.44
N ALA B 1 11.54 -3.19 1.65
CA ALA B 1 10.35 -3.19 2.50
C ALA B 1 9.17 -2.57 1.78
N FGA B 2 8.91 -3.16 0.59
CA FGA B 2 7.80 -2.60 -0.15
C FGA B 2 8.17 -1.20 -0.64
O FGA B 2 7.64 -0.77 -1.66
CB FGA B 2 7.42 -3.45 -1.34
CG FGA B 2 6.60 -4.68 -0.96
CD FGA B 2 5.83 -5.11 -2.21
OE1 FGA B 2 5.71 -4.35 -3.15
H FGA B 2 9.46 -3.93 0.27
HA FGA B 2 6.96 -2.54 0.54
HB2 FGA B 2 6.78 -2.82 -1.96
HB3 FGA B 2 8.28 -3.73 -1.94
HG2 FGA B 2 7.21 -5.50 -0.58
HG3 FGA B 2 5.89 -4.41 -0.19
N LYS B 3 5.33 -6.35 -2.17
CA LYS B 3 4.61 -6.72 -3.36
C LYS B 3 3.44 -5.75 -3.50
N DAL B 4 3.18 -5.35 -4.76
CA DAL B 4 2.07 -4.42 -4.94
CB DAL B 4 0.78 -5.19 -5.25
C DAL B 4 2.42 -3.45 -6.08
O DAL B 4 3.22 -3.75 -6.95
H DAL B 4 3.71 -5.68 -5.53
HA DAL B 4 1.97 -3.84 -4.02
HB1 DAL B 4 0.54 -5.88 -4.43
HB2 DAL B 4 -0.06 -4.52 -5.37
HB3 DAL B 4 0.88 -5.77 -6.16
N DAL B 5 1.75 -2.29 -6.00
CA DAL B 5 1.97 -1.30 -7.01
CB DAL B 5 3.25 -0.51 -6.72
C DAL B 5 0.77 -0.36 -7.11
O DAL B 5 -0.10 -0.60 -7.95
OXT DAL B 5 0.70 0.60 -6.34
H DAL B 5 1.06 -2.11 -5.30
HA DAL B 5 2.08 -1.84 -7.94
HB1 DAL B 5 4.11 -1.18 -6.66
HB2 DAL B 5 3.45 0.22 -7.49
HB3 DAL B 5 3.17 0.02 -5.76
N MLU C 1 1.51 1.46 12.14
CN MLU C 1 2.91 1.84 12.11
CA MLU C 1 1.13 0.81 10.88
C MLU C 1 1.98 -0.44 10.64
O MLU C 1 1.92 -1.41 11.40
CB MLU C 1 -0.34 0.40 10.87
CG MLU C 1 -1.29 1.57 11.16
CD1 MLU C 1 -1.22 2.62 10.05
CD2 MLU C 1 -2.72 1.07 11.35
H1 MLU C 1 1.34 0.80 12.92
H2 MLU C 1 0.92 2.31 12.27
HCN1 MLU C 1 3.08 2.53 11.28
HCN2 MLU C 1 3.52 0.94 11.96
HCN3 MLU C 1 3.17 2.31 13.05
HA MLU C 1 1.31 1.52 10.08
HB2 MLU C 1 -0.50 -0.38 11.62
HB3 MLU C 1 -0.60 -0.04 9.91
HG MLU C 1 -0.97 2.03 12.10
HD11 MLU C 1 -0.20 2.98 9.92
HD12 MLU C 1 -1.86 3.47 10.29
HD13 MLU C 1 -1.57 2.20 9.11
HD21 MLU C 1 -3.39 1.88 11.58
HD22 MLU C 1 -3.08 0.59 10.43
HD23 MLU C 1 -2.78 0.34 12.15
N OMZ C 2 2.75 -0.37 9.55
CA OMZ C 2 3.58 -1.52 9.23
C OMZ C 2 2.93 -2.37 8.12
O OMZ C 2 3.10 -3.57 8.09
CB OMZ C 2 5.02 -1.09 8.92
OC OMZ C 2 5.60 -0.51 10.06
CG OMZ C 2 5.04 -0.10 7.80
CD1 OMZ C 2 5.27 -0.55 6.45
CD2 OMZ C 2 4.80 1.30 8.06
CE1 OMZ C 2 5.16 0.38 5.38
CL OMZ C 2 5.39 -0.16 3.75
CE2 OMZ C 2 4.70 2.23 6.97
CZ OMZ C 2 4.84 1.76 5.62
OH OMZ C 2 4.52 2.58 4.53
H OMZ C 2 2.75 0.44 8.96
HA OMZ C 2 3.58 -2.13 10.14
HB OMZ C 2 5.63 -1.96 8.65
HC OMZ C 2 5.67 -1.19 10.71
HD1 OMZ C 2 5.48 -1.60 6.25
HD2 OMZ C 2 4.65 1.64 9.07
HE2 OMZ C 2 4.48 3.26 7.17
N ASN C 3 2.16 -1.70 7.22
CA ASN C 3 1.51 -2.54 6.22
C ASN C 3 1.45 -1.90 4.82
N GHP C 4 0.56 -0.90 4.72
CA GHP C 4 0.40 -0.27 3.42
C GHP C 4 -1.07 0.15 3.21
O GHP C 4 -1.78 0.54 4.13
C1 GHP C 4 1.30 0.95 3.20
C2 GHP C 4 0.98 1.94 2.21
C3 GHP C 4 1.83 3.09 1.95
C4 GHP C 4 3.00 3.25 2.78
O4 GHP C 4 3.82 4.37 2.64
C5 GHP C 4 3.35 2.28 3.79
C6 GHP C 4 2.48 1.13 3.97
H GHP C 4 0.08 -0.58 5.54
HA GHP C 4 0.67 -1.02 2.70
HC2 GHP C 4 0.06 1.85 1.64
H6 GHP C 4 2.74 0.39 4.72
N GHP C 5 -1.44 0.04 1.92
CA GHP C 5 -2.76 0.46 1.51
C GHP C 5 -2.93 0.38 -0.02
O GHP C 5 -2.43 -0.57 -0.62
C1 GHP C 5 -3.94 -0.21 2.16
C2 GHP C 5 -4.87 0.64 2.84
C3 GHP C 5 -6.09 0.17 3.34
C4 GHP C 5 -6.42 -1.22 3.21
O4 GHP C 5 -7.61 -1.70 3.72
C5 GHP C 5 -5.50 -2.12 2.55
C6 GHP C 5 -4.26 -1.60 2.01
H GHP C 5 -0.79 -0.31 1.24
HA GHP C 5 -2.74 1.49 1.82
HC2 GHP C 5 -4.63 1.69 2.94
HO4 GHP C 5 -7.67 -2.63 3.56
H5 GHP C 5 -5.74 -3.17 2.45
H6 GHP C 5 -3.58 -2.27 1.50
N OMY C 6 -3.64 1.35 -0.65
CA OMY C 6 -4.28 2.53 -0.07
OCZ OMY C 6 1.60 4.08 0.95
CE2 OMY C 6 0.05 3.77 -0.97
CE1 OMY C 6 -0.77 4.55 1.24
CZ OMY C 6 0.33 4.17 0.39
CG OMY C 6 -2.40 3.99 -0.55
CD2 OMY C 6 -1.31 3.69 -1.44
CD1 OMY C 6 -2.12 4.48 0.79
CB OMY C 6 -3.85 3.75 -0.89
CL OMY C 6 -0.44 5.08 2.85
O OMY C 6 -6.50 1.90 -0.85
C OMY C 6 -5.80 2.31 0.06
ODE OMY C 6 -4.04 3.53 -2.27
H OMY C 6 -3.71 1.26 -1.65
HA OMY C 6 -3.92 2.66 0.94
HE2 OMY C 6 0.87 3.51 -1.63
HD2 OMY C 6 -1.52 3.34 -2.44
HD1 OMY C 6 -2.92 4.74 1.44
HB OMY C 6 -4.44 4.61 -0.57
N 3FG C 7 -6.22 2.60 1.32
OD1 3FG C 7 -6.47 -0.02 6.06
CD1 3FG C 7 -7.13 1.01 5.41
CG1 3FG C 7 -7.00 1.15 4.00
CZ 3FG C 7 -7.92 1.94 6.17
CD2 3FG C 7 -8.59 3.01 5.51
OD2 3FG C 7 -9.36 3.90 6.24
CG2 3FG C 7 -8.48 3.15 4.09
CB 3FG C 7 -7.68 2.23 3.31
CA 3FG C 7 -7.57 2.44 1.78
C 3FG C 7 -8.35 3.65 1.24
O 3FG C 7 -9.53 3.51 0.96
OXT 3FG C 7 -7.74 4.72 1.12
H 3FG C 7 -5.55 2.94 1.97
HA 3FG C 7 -7.88 1.52 1.28
HD1 3FG C 7 -5.99 -0.54 5.41
HZ 3FG C 7 -7.96 1.81 7.25
HD2 3FG C 7 -9.74 4.55 5.66
HG2 3FG C 7 -8.97 3.98 3.60
N MLU D 1 0.16 0.12 -12.21
CN MLU D 1 0.76 1.45 -12.26
CA MLU D 1 -0.46 -0.10 -10.91
C MLU D 1 -1.55 0.95 -10.64
O MLU D 1 -2.44 1.17 -11.45
CB MLU D 1 -1.11 -1.48 -10.81
CG MLU D 1 -0.09 -2.62 -10.97
CD1 MLU D 1 0.98 -2.54 -9.88
CD2 MLU D 1 -0.81 -3.97 -10.92
H1 MLU D 1 -0.57 0.05 -12.95
H2 MLU D 1 0.89 -0.60 -12.37
HCN1 MLU D 1 1.52 1.53 -11.49
HCN2 MLU D 1 -0.02 2.20 -12.10
HCN3 MLU D 1 1.22 1.60 -13.24
HA MLU D 1 0.32 0.00 -10.15
HB2 MLU D 1 -1.88 -1.58 -11.57
HB3 MLU D 1 -1.60 -1.58 -9.84
HG MLU D 1 0.39 -2.51 -11.94
HD11 MLU D 1 1.71 -3.34 -10.01
HD12 MLU D 1 1.49 -1.59 -9.92
HD13 MLU D 1 0.54 -2.66 -8.89
HD21 MLU D 1 -0.10 -4.78 -11.05
HD22 MLU D 1 -1.31 -4.11 -9.96
HD23 MLU D 1 -1.56 -4.04 -11.70
N OMZ D 2 -1.40 1.57 -9.46
CA OMZ D 2 -2.39 2.58 -9.09
C OMZ D 2 -3.14 2.14 -7.81
O OMZ D 2 -4.29 2.50 -7.62
CB OMZ D 2 -1.77 3.98 -9.01
OC OMZ D 2 -1.15 4.30 -10.23
CG OMZ D 2 -0.75 4.09 -7.91
CD1 OMZ D 2 -0.97 4.99 -6.81
CD2 OMZ D 2 0.42 3.25 -7.94
CE1 OMZ D 2 -0.05 5.00 -5.71
CL OMZ D 2 -0.32 6.05 -4.37
CE2 OMZ D 2 1.33 3.25 -6.82
CZ OMZ D 2 1.07 4.10 -5.69
OH OMZ D 2 1.84 3.95 -4.53
H OMZ D 2 -0.65 1.34 -8.84
HA OMZ D 2 -3.13 2.57 -9.88
HB OMZ D 2 -2.54 4.72 -8.83
HC OMZ D 2 -1.84 4.33 -10.88
HD1 OMZ D 2 -1.82 5.66 -6.80
HD2 OMZ D 2 0.61 2.61 -8.78
HE2 OMZ D 2 2.19 2.61 -6.83
N ASN D 3 -2.46 1.33 -6.96
CA ASN D 3 -3.21 0.87 -5.79
C ASN D 3 -2.41 0.86 -4.48
N GHP D 4 -1.49 -0.12 -4.40
CA GHP D 4 -0.72 -0.23 -3.17
C GHP D 4 -0.43 -1.69 -2.82
O GHP D 4 -0.34 -2.58 -3.66
C1 GHP D 4 0.56 0.60 -3.17
C2 GHP D 4 1.74 0.19 -2.48
C3 GHP D 4 2.92 1.04 -2.40
C4 GHP D 4 2.89 2.29 -3.10
O4 GHP D 4 3.99 3.13 -3.04
C5 GHP D 4 1.74 2.71 -3.86
C6 GHP D 4 0.57 1.84 -3.86
H GHP D 4 -1.28 -0.66 -5.21
HA GHP D 4 -1.37 0.20 -2.40
HC2 GHP D 4 1.76 -0.80 -2.01
H6 GHP D 4 -0.31 2.13 -4.41
N GHP D 5 -0.29 -1.87 -1.48
CA GHP D 5 0.06 -3.15 -0.91
C GHP D 5 0.26 -3.03 0.61
O GHP D 5 -0.49 -2.30 1.24
C1 GHP D 5 -0.87 -4.31 -1.16
C2 GHP D 5 -0.30 -5.47 -1.75
C3 GHP D 5 -1.01 -6.69 -1.88
C4 GHP D 5 -2.38 -6.74 -1.45
O4 GHP D 5 -3.08 -7.91 -1.59
C5 GHP D 5 -3.00 -5.57 -0.87
C6 GHP D 5 -2.24 -4.36 -0.72
H GHP D 5 -0.40 -1.08 -0.88
HA GHP D 5 1.01 -3.36 -1.40
HC2 GHP D 5 0.73 -5.43 -2.08
HO4 GHP D 5 -2.54 -8.58 -1.99
H5 GHP D 5 -4.03 -5.62 -0.55
H6 GHP D 5 -2.70 -3.49 -0.26
N OMY D 6 1.25 -3.74 1.20
CA OMY D 6 2.22 -4.64 0.58
OCZ OMY D 6 4.13 0.77 -1.69
CE2 OMY D 6 4.25 -0.43 0.46
CE1 OMY D 6 4.16 -1.66 -1.69
CZ OMY D 6 4.21 -0.43 -0.97
CG OMY D 6 3.94 -2.92 0.44
CD2 OMY D 6 4.09 -1.69 1.17
CD1 OMY D 6 4.02 -2.90 -1.00
CB OMY D 6 3.61 -4.24 1.10
CL OMY D 6 4.18 -1.64 -3.42
O OMY D 6 1.54 -6.59 1.88
C OMY D 6 1.81 -6.11 0.79
ODE OMY D 6 3.56 -4.13 2.51
H OMY D 6 1.33 -3.62 2.19
HA OMY D 6 2.20 -4.50 -0.49
HE2 OMY D 6 4.40 0.49 0.99
HD2 OMY D 6 4.03 -1.69 2.25
HD1 OMY D 6 3.94 -3.81 -1.56
HB OMY D 6 4.32 -5.01 0.84
N 3FG D 7 1.81 -6.78 -0.39
OD1 3FG D 7 -1.86 -7.60 -4.32
CD1 3FG D 7 -0.78 -8.26 -3.76
CG1 3FG D 7 -0.29 -7.85 -2.49
CZ 3FG D 7 -0.17 -9.33 -4.47
CD2 3FG D 7 0.95 -10.02 -3.91
OD2 3FG D 7 1.55 -11.05 -4.60
CG2 3FG D 7 1.44 -9.64 -2.62
CB 3FG D 7 0.84 -8.54 -1.88
CA 3FG D 7 1.41 -8.16 -0.50
C 3FG D 7 2.64 -8.99 -0.07
O 3FG D 7 2.46 -10.12 0.37
OXT 3FG D 7 3.77 -8.48 -0.18
H 3FG D 7 2.07 -6.29 -1.22
HA 3FG D 7 0.62 -8.24 0.24
HD1 3FG D 7 -2.06 -7.97 -5.16
HZ 3FG D 7 -0.54 -9.58 -5.46
HD2 3FG D 7 1.10 -11.19 -5.43
HG2 3FG D 7 2.30 -10.14 -2.20
C2 BGC E . 5.69 5.46 1.76
C3 BGC E . 6.83 5.42 0.74
C4 BGC E . 7.42 4.01 0.68
C5 BGC E . 6.30 3.02 0.42
C6 BGC E . 6.79 1.57 0.41
C1 BGC E . 4.67 4.34 1.53
O2 BGC E . 5.05 6.72 1.71
O3 BGC E . 7.83 6.33 1.14
O4 BGC E . 8.34 3.94 -0.38
O5 BGC E . 5.35 3.11 1.45
O6 BGC E . 6.72 1.01 1.69
H2 BGC E . 6.12 5.33 2.75
H3 BGC E . 6.48 5.73 -0.24
H4 BGC E . 7.94 3.77 1.61
H5 BGC E . 5.85 3.27 -0.55
H61 BGC E . 6.19 0.97 -0.27
H62 BGC E . 7.81 1.47 0.08
H1 BGC E . 4.09 4.51 0.61
HO3 BGC E . 8.18 6.71 0.35
HO4 BGC E . 9.20 4.08 0.00
HO6 BGC E . 7.02 0.12 1.63
C1 RER E . 5.66 7.65 2.58
C2 RER E . 4.95 9.01 2.50
C3 RER E . 3.53 8.96 3.08
N3 RER E . 3.05 10.33 3.24
C3A RER E . 2.60 8.22 2.12
C4 RER E . 3.57 8.28 4.44
O4 RER E . 2.26 8.09 4.92
C5 RER E . 4.27 6.93 4.32
O5 RER E . 5.60 7.16 3.90
C5A RER E . 4.29 6.15 5.64
H1 RER E . 6.70 7.76 2.30
H21C RER E . 5.53 9.73 3.06
H22C RER E . 4.92 9.36 1.46
HO1 RER E . 3.68 10.85 3.88
H31N RER E . 2.08 10.30 3.63
H32N RER E . 3.03 10.80 2.32
H3A1 RER E . 2.92 7.19 1.98
H3A2 RER E . 1.59 8.19 2.52
H3A3 RER E . 2.56 8.71 1.15
H4 RER E . 4.10 8.90 5.16
HO4 RER E . 2.29 8.22 5.85
H5 RER E . 3.76 6.34 3.57
H5A1 RER E . 4.81 6.72 6.42
H5A2 RER E . 4.80 5.20 5.53
H5A3 RER E . 3.27 5.96 5.99
C2 BGC F . 5.68 4.31 -4.18
C3 BGC F . 6.55 4.38 -5.43
C4 BGC F . 7.04 2.98 -5.82
C5 BGC F . 5.90 1.97 -5.81
C6 BGC F . 6.45 0.56 -6.03
C1 BGC F . 4.62 3.22 -4.29
O2 BGC F . 5.03 5.54 -4.02
O3 BGC F . 7.66 5.20 -5.17
O4 BGC F . 7.60 3.02 -7.10
O5 BGC F . 5.25 1.99 -4.55
O6 BGC F . 7.44 0.27 -5.08
H2 BGC F . 6.30 4.10 -3.30
H3 BGC F . 5.98 4.82 -6.25
H4 BGC F . 7.79 2.62 -5.11
H5 BGC F . 5.17 2.21 -6.59
H61 BGC F . 5.66 -0.17 -5.94
H62 BGC F . 6.90 0.47 -7.03
H1 BGC F . 3.91 3.46 -5.08
HO3 BGC F . 7.43 6.07 -5.49
HO4 BGC F . 8.53 3.16 -6.99
HO6 BGC F . 7.74 -0.61 -5.27
C1 RER F . 5.57 6.34 -2.99
C2 RER F . 5.60 7.79 -3.46
C3 RER F . 4.19 8.36 -3.65
N3 RER F . 4.28 9.81 -3.83
C3A RER F . 3.51 7.77 -4.90
C4 RER F . 3.34 8.06 -2.42
O4 RER F . 2.02 8.45 -2.64
C5 RER F . 3.42 6.57 -2.08
O5 RER F . 4.76 6.22 -1.84
C5A RER F . 2.60 6.23 -0.85
H1 RER F . 6.57 5.99 -2.75
H21C RER F . 6.12 8.39 -2.71
H22C RER F . 6.17 7.88 -4.38
HO1 RER F . 3.33 10.21 -3.95
H31N RER F . 4.85 10.02 -4.66
H32N RER F . 4.73 10.23 -2.99
H3A1 RER F . 4.13 7.92 -5.78
H3A2 RER F . 3.34 6.70 -4.78
H3A3 RER F . 2.54 8.24 -5.08
H4 RER F . 3.73 8.64 -1.57
HO4 RER F . 1.68 8.77 -1.82
H5 RER F . 3.05 5.98 -2.92
H5A1 RER F . 2.68 5.17 -0.61
H5A2 RER F . 2.96 6.79 0.02
H5A3 RER F . 1.54 6.48 -0.99
C1 RER G . -3.86 4.72 -3.00
C2 RER G . -4.20 4.51 -4.49
C3 RER G . -5.70 4.37 -4.74
N3 RER G . -5.97 4.52 -6.16
C3A RER G . -6.20 2.99 -4.29
C4 RER G . -6.43 5.47 -3.98
O4 RER G . -7.82 5.35 -4.15
C5 RER G . -6.05 5.41 -2.51
O5 RER G . -4.68 5.71 -2.43
C5A RER G . -6.84 6.40 -1.66
H1 RER G . -2.83 5.04 -2.91
H21C RER G . -3.84 5.37 -5.04
H22C RER G . -3.66 3.64 -4.88
HO1 RER G . -5.46 3.77 -6.69
H31N RER G . -5.63 5.45 -6.48
H32N RER G . -6.99 4.43 -6.34
H3A1 RER G . -5.77 2.20 -4.91
H3A2 RER G . -7.28 2.93 -4.38
H3A3 RER G . -5.92 2.79 -3.26
H4 RER G . -6.11 6.45 -4.36
HO4 RER G . -8.05 5.91 -4.87
H5 RER G . -6.20 4.39 -2.12
H5A1 RER G . -7.92 6.22 -1.76
H5A2 RER G . -6.59 6.32 -0.61
H5A3 RER G . -6.65 7.42 -1.98
C1 RER H . 4.82 -4.03 3.13
C2 RER H . 4.63 -4.10 4.66
C3 RER H . 4.28 -5.51 5.15
N3 RER H . 4.44 -5.57 6.59
C3A RER H . 2.84 -5.88 4.81
C4 RER H . 5.23 -6.51 4.50
O4 RER H . 4.86 -7.82 4.85
C5 RER H . 5.19 -6.35 2.99
O5 RER H . 5.67 -5.06 2.68
C5A RER H . 6.06 -7.39 2.27
H1 RER H . 5.28 -3.09 2.87
H21C RER H . 5.55 -3.77 5.14
H22C RER H . 3.86 -3.40 4.97
HO1 RER H . 4.22 -6.52 6.93
H31N RER H . 5.42 -5.32 6.85
H32N RER H . 3.80 -4.88 7.05
H3A1 RER H . 2.65 -5.80 3.74
H3A2 RER H . 2.63 -6.92 5.10
H3A3 RER H . 2.13 -5.25 5.33
H4 RER H . 6.25 -6.35 4.86
HO4 RER H . 5.38 -8.06 5.61
H5 RER H . 4.17 -6.43 2.64
H5A1 RER H . 5.72 -8.39 2.49
H5A2 RER H . 6.04 -7.24 1.20
H5A3 RER H . 7.10 -7.31 2.60
N ALA A 1 -5.69 11.14 -4.08
CA ALA A 1 -6.06 9.90 -3.41
C ALA A 1 -4.86 8.99 -3.23
N FGA A 2 -4.24 9.12 -2.05
CA FGA A 2 -3.09 8.27 -1.82
C FGA A 2 -1.83 8.96 -2.33
O FGA A 2 -1.19 9.66 -1.55
CB FGA A 2 -2.97 7.94 -0.34
CG FGA A 2 -4.29 7.37 0.22
CD FGA A 2 -4.07 6.84 1.64
OE1 FGA A 2 -2.96 6.81 2.17
H FGA A 2 -4.53 9.76 -1.35
HA FGA A 2 -3.28 7.37 -2.40
HB2 FGA A 2 -2.17 7.22 -0.19
HB3 FGA A 2 -2.72 8.85 0.21
HG2 FGA A 2 -5.06 8.15 0.24
HG3 FGA A 2 -4.66 6.57 -0.40
N LYS A 3 -5.22 6.44 2.22
CA LYS A 3 -5.21 5.94 3.56
C LYS A 3 -4.35 4.68 3.70
N DAL A 4 -3.63 4.58 4.83
CA DAL A 4 -2.82 3.38 4.99
CB DAL A 4 -3.70 2.26 5.56
C DAL A 4 -1.63 3.65 5.92
O DAL A 4 -1.43 4.75 6.41
H DAL A 4 -3.67 5.29 5.54
HA DAL A 4 -2.44 3.09 4.00
HB1 DAL A 4 -4.56 2.07 4.91
HB2 DAL A 4 -3.14 1.34 5.67
HB3 DAL A 4 -4.08 2.54 6.54
N DAL A 5 -0.87 2.56 6.09
CA DAL A 5 0.30 2.62 6.93
CB DAL A 5 1.25 3.70 6.43
C DAL A 5 0.98 1.26 6.95
O DAL A 5 0.30 0.26 7.19
OXT DAL A 5 2.19 1.19 6.73
H DAL A 5 -1.13 1.70 5.66
HA DAL A 5 -0.06 2.85 7.94
HB1 DAL A 5 0.76 4.68 6.42
HB2 DAL A 5 2.13 3.77 7.08
HB3 DAL A 5 1.59 3.48 5.42
N ALA B 1 11.39 -3.55 1.09
CA ALA B 1 10.28 -3.59 2.04
C ALA B 1 9.03 -2.97 1.43
N FGA B 2 8.71 -3.48 0.24
CA FGA B 2 7.54 -2.90 -0.37
C FGA B 2 7.86 -1.47 -0.79
O FGA B 2 8.94 -1.24 -1.32
CB FGA B 2 7.10 -3.66 -1.62
CG FGA B 2 6.40 -4.99 -1.31
CD FGA B 2 5.62 -5.40 -2.54
OE1 FGA B 2 5.36 -4.60 -3.44
H FGA B 2 9.25 -4.22 -0.15
HA FGA B 2 6.73 -2.92 0.36
HB2 FGA B 2 6.38 -3.02 -2.11
HB3 FGA B 2 7.93 -3.81 -2.30
HG2 FGA B 2 7.11 -5.77 -1.03
HG3 FGA B 2 5.71 -4.85 -0.49
N LYS B 3 5.25 -6.69 -2.56
CA LYS B 3 4.48 -7.10 -3.71
C LYS B 3 3.18 -6.29 -3.77
N DAL B 4 3.20 -5.33 -4.70
CA DAL B 4 2.04 -4.47 -4.86
CB DAL B 4 0.77 -5.30 -5.14
C DAL B 4 2.30 -3.49 -6.01
O DAL B 4 2.89 -3.83 -7.03
H DAL B 4 3.99 -5.31 -5.31
HA DAL B 4 1.93 -3.90 -3.93
HB1 DAL B 4 0.59 -6.00 -4.32
HB2 DAL B 4 -0.09 -4.67 -5.24
HB3 DAL B 4 0.89 -5.89 -6.06
N DAL B 5 1.82 -2.27 -5.77
CA DAL B 5 1.99 -1.24 -6.76
CB DAL B 5 3.21 -0.37 -6.43
C DAL B 5 0.72 -0.40 -6.86
O DAL B 5 -0.23 -0.84 -7.50
OXT DAL B 5 0.71 0.71 -6.31
H DAL B 5 1.31 -2.04 -4.94
HA DAL B 5 2.15 -1.79 -7.68
HB1 DAL B 5 4.11 -0.98 -6.36
HB2 DAL B 5 3.38 0.38 -7.21
HB3 DAL B 5 3.08 0.14 -5.48
N MLU C 1 1.55 1.51 12.13
CN MLU C 1 2.96 1.89 12.09
CA MLU C 1 1.17 0.86 10.88
C MLU C 1 2.02 -0.40 10.65
O MLU C 1 1.97 -1.36 11.40
CB MLU C 1 -0.30 0.44 10.88
CG MLU C 1 -1.24 1.61 11.18
CD1 MLU C 1 -1.19 2.66 10.06
CD2 MLU C 1 -2.67 1.10 11.36
H1 MLU C 1 1.39 0.85 12.92
H2 MLU C 1 0.97 2.36 12.26
HCN1 MLU C 1 3.23 2.37 13.03
HCN2 MLU C 1 3.12 2.58 11.27
HCN3 MLU C 1 3.57 0.99 11.95
HA MLU C 1 1.35 1.57 10.08
HB2 MLU C 1 -0.45 -0.33 11.63
HB3 MLU C 1 -0.55 0.00 9.92
HG MLU C 1 -0.91 2.08 12.10
HD11 MLU C 1 -1.53 2.24 9.12
HD12 MLU C 1 -1.82 3.50 10.30
HD13 MLU C 1 -0.17 3.02 9.92
HD21 MLU C 1 -3.03 0.61 10.45
HD22 MLU C 1 -2.72 0.37 12.17
HD23 MLU C 1 -3.35 1.92 11.60
N OMZ C 2 2.79 -0.32 9.55
CA OMZ C 2 3.63 -1.47 9.24
C OMZ C 2 2.97 -2.32 8.13
O OMZ C 2 3.16 -3.53 8.09
CB OMZ C 2 5.07 -1.04 8.92
OC OMZ C 2 5.65 -0.46 10.06
CG OMZ C 2 5.09 -0.06 7.80
CD1 OMZ C 2 5.30 -0.52 6.45
CD2 OMZ C 2 4.83 1.33 8.05
CE1 OMZ C 2 5.20 0.41 5.36
CL OMZ C 2 5.42 -0.14 3.74
CE2 OMZ C 2 4.74 2.27 6.95
CZ OMZ C 2 4.87 1.79 5.60
OH OMZ C 2 4.56 2.61 4.52
H OMZ C 2 2.79 0.49 8.96
HA OMZ C 2 3.64 -2.09 10.14
HB OMZ C 2 5.67 -1.91 8.65
HC OMZ C 2 5.19 0.37 10.19
HD1 OMZ C 2 5.53 -1.56 6.25
HD2 OMZ C 2 4.69 1.68 9.06
HE2 OMZ C 2 4.52 3.31 7.14
N ASN C 3 2.20 -1.66 7.23
CA ASN C 3 1.56 -2.50 6.23
C ASN C 3 1.50 -1.87 4.84
N GHP C 4 0.59 -0.88 4.74
CA GHP C 4 0.43 -0.23 3.43
C GHP C 4 -1.05 0.17 3.22
O GHP C 4 -1.77 0.54 4.15
C1 GHP C 4 1.32 0.97 3.21
C2 GHP C 4 0.98 1.97 2.22
C3 GHP C 4 1.83 3.13 1.97
C4 GHP C 4 3.00 3.29 2.79
O4 GHP C 4 3.80 4.40 2.65
C5 GHP C 4 3.38 2.31 3.79
C6 GHP C 4 2.51 1.16 3.96
H GHP C 4 0.12 -0.56 5.55
HA GHP C 4 0.70 -1.01 2.70
HC2 GHP C 4 0.06 1.87 1.67
H6 GHP C 4 2.77 0.42 4.71
N GHP C 5 -1.42 0.06 1.93
CA GHP C 5 -2.74 0.47 1.52
C GHP C 5 -2.91 0.39 0.00
O GHP C 5 -2.41 -0.55 -0.60
C1 GHP C 5 -3.92 -0.21 2.16
C2 GHP C 5 -4.85 0.64 2.84
C3 GHP C 5 -6.08 0.16 3.35
C4 GHP C 5 -6.39 -1.23 3.21
O4 GHP C 5 -7.57 -1.73 3.71
C5 GHP C 5 -5.46 -2.13 2.55
C6 GHP C 5 -4.23 -1.61 2.02
H GHP C 5 -0.78 -0.28 1.25
HA GHP C 5 -2.74 1.50 1.84
HC2 GHP C 5 -4.62 1.69 2.96
HO4 GHP C 5 -8.07 -1.02 4.12
H5 GHP C 5 -5.71 -3.18 2.45
H6 GHP C 5 -3.55 -2.26 1.50
N OMY C 6 -3.62 1.36 -0.64
CA OMY C 6 -4.28 2.53 -0.05
OCZ OMY C 6 1.59 4.12 0.98
CE2 OMY C 6 0.04 3.81 -0.94
CE1 OMY C 6 -0.78 4.57 1.27
CZ OMY C 6 0.31 4.20 0.42
CG OMY C 6 -2.41 4.02 -0.52
CD2 OMY C 6 -1.32 3.71 -1.41
CD1 OMY C 6 -2.13 4.49 0.81
CB OMY C 6 -3.86 3.76 -0.87
CL OMY C 6 -0.46 5.09 2.89
O OMY C 6 -6.49 1.89 -0.84
C OMY C 6 -5.80 2.30 0.07
ODE OMY C 6 -4.03 3.54 -2.25
H OMY C 6 -3.70 1.26 -1.63
HA OMY C 6 -3.92 2.66 0.95
HE2 OMY C 6 0.86 3.56 -1.60
HD2 OMY C 6 -1.51 3.38 -2.42
HD1 OMY C 6 -2.94 4.74 1.47
HB OMY C 6 -4.46 4.60 -0.55
N 3FG C 7 -6.22 2.59 1.32
OD1 3FG C 7 -6.46 -0.03 6.06
CD1 3FG C 7 -7.12 0.99 5.41
CG1 3FG C 7 -7.00 1.13 4.01
CZ 3FG C 7 -7.92 1.90 6.17
CD2 3FG C 7 -8.61 2.98 5.52
OD2 3FG C 7 -9.38 3.86 6.25
CG2 3FG C 7 -8.49 3.12 4.10
CB 3FG C 7 -7.68 2.21 3.31
CA 3FG C 7 -7.57 2.41 1.79
C 3FG C 7 -8.35 3.62 1.25
O 3FG C 7 -9.54 3.48 0.96
OXT 3FG C 7 -7.76 4.70 1.13
H 3FG C 7 -5.55 2.91 1.99
HA 3FG C 7 -7.88 1.50 1.28
HD1 3FG C 7 -6.64 0.01 6.99
HZ 3FG C 7 -7.96 1.78 7.25
HD2 3FG C 7 -9.35 3.62 7.16
HG2 3FG C 7 -8.99 3.95 3.61
N MLU D 1 0.30 0.26 -12.14
CN MLU D 1 0.88 1.59 -12.21
CA MLU D 1 -0.32 0.03 -10.84
C MLU D 1 -1.42 1.07 -10.58
O MLU D 1 -2.32 1.27 -11.39
CB MLU D 1 -0.94 -1.36 -10.73
CG MLU D 1 0.10 -2.47 -10.83
CD1 MLU D 1 1.11 -2.38 -9.70
CD2 MLU D 1 -0.59 -3.85 -10.81
H1 MLU D 1 -0.42 0.16 -12.89
H2 MLU D 1 1.05 -0.44 -12.29
HCN1 MLU D 1 1.34 1.74 -13.18
HCN2 MLU D 1 0.09 2.33 -12.05
HCN3 MLU D 1 1.64 1.69 -11.42
HA MLU D 1 0.45 0.14 -10.08
HB2 MLU D 1 -1.68 -1.49 -11.51
HB3 MLU D 1 -1.46 -1.44 -9.78
HG MLU D 1 0.63 -2.37 -11.78
HD11 MLU D 1 1.88 -3.16 -9.79
HD12 MLU D 1 1.63 -1.42 -9.71
HD13 MLU D 1 0.63 -2.50 -8.73
HD21 MLU D 1 0.14 -4.65 -10.91
HD22 MLU D 1 -1.13 -4.00 -9.87
HD23 MLU D 1 -1.30 -3.94 -11.64
N OMZ D 2 -1.29 1.70 -9.39
CA OMZ D 2 -2.28 2.69 -9.02
C OMZ D 2 -3.05 2.22 -7.77
O OMZ D 2 -4.21 2.57 -7.58
CB OMZ D 2 -1.67 4.09 -8.91
OC OMZ D 2 -1.06 4.44 -10.13
CG OMZ D 2 -0.66 4.19 -7.82
CD1 OMZ D 2 -0.88 5.07 -6.70
CD2 OMZ D 2 0.51 3.36 -7.85
CE1 OMZ D 2 0.03 5.05 -5.59
CL OMZ D 2 -0.25 6.07 -4.23
CE2 OMZ D 2 1.42 3.35 -6.75
CZ OMZ D 2 1.16 4.16 -5.59
OH OMZ D 2 1.92 3.99 -4.43
H OMZ D 2 -0.53 1.47 -8.79
HA OMZ D 2 -3.01 2.68 -9.84
HB OMZ D 2 -2.46 4.82 -8.73
HC OMZ D 2 -0.73 5.32 -10.04
HD1 OMZ D 2 -1.73 5.72 -6.67
HD2 OMZ D 2 0.72 2.73 -8.71
HE2 OMZ D 2 2.29 2.71 -6.76
N ASN D 3 -2.38 1.39 -6.92
CA ASN D 3 -3.14 0.91 -5.77
C ASN D 3 -2.35 0.90 -4.45
N GHP D 4 -1.43 -0.07 -4.38
CA GHP D 4 -0.67 -0.19 -3.13
C GHP D 4 -0.41 -1.67 -2.78
O GHP D 4 -0.36 -2.56 -3.62
C1 GHP D 4 0.62 0.61 -3.14
C2 GHP D 4 1.81 0.17 -2.48
C3 GHP D 4 3.00 1.01 -2.40
C4 GHP D 4 2.97 2.28 -3.06
O4 GHP D 4 4.07 3.10 -2.97
C5 GHP D 4 1.81 2.73 -3.79
C6 GHP D 4 0.63 1.87 -3.79
H GHP D 4 -1.21 -0.61 -5.19
HA GHP D 4 -1.33 0.25 -2.37
HC2 GHP D 4 1.82 -0.82 -2.03
H6 GHP D 4 -0.26 2.18 -4.32
N GHP D 5 -0.24 -1.82 -1.44
CA GHP D 5 0.09 -3.11 -0.87
C GHP D 5 0.30 -3.00 0.65
O GHP D 5 -0.44 -2.26 1.29
C1 GHP D 5 -0.85 -4.25 -1.13
C2 GHP D 5 -0.29 -5.43 -1.69
C3 GHP D 5 -1.02 -6.63 -1.84
C4 GHP D 5 -2.40 -6.64 -1.45
O4 GHP D 5 -3.14 -7.80 -1.61
C5 GHP D 5 -3.02 -5.46 -0.89
C6 GHP D 5 -2.24 -4.27 -0.73
H GHP D 5 -0.32 -1.03 -0.84
HA GHP D 5 1.04 -3.33 -1.37
HC2 GHP D 5 0.75 -5.41 -1.98
HO4 GHP D 5 -4.02 -7.65 -1.31
H5 GHP D 5 -4.06 -5.48 -0.60
H6 GHP D 5 -2.68 -3.39 -0.29
N OMY D 6 1.29 -3.71 1.23
CA OMY D 6 2.25 -4.62 0.62
OCZ OMY D 6 4.21 0.72 -1.72
CE2 OMY D 6 4.27 -0.45 0.44
CE1 OMY D 6 4.26 -1.71 -1.70
CZ OMY D 6 4.29 -0.46 -1.00
CG OMY D 6 4.00 -2.94 0.46
CD2 OMY D 6 4.10 -1.69 1.17
CD1 OMY D 6 4.13 -2.94 -0.98
CB OMY D 6 3.63 -4.24 1.14
CL OMY D 6 4.35 -1.73 -3.42
O OMY D 6 1.51 -6.55 1.91
C OMY D 6 1.82 -6.09 0.81
ODE OMY D 6 3.60 -4.10 2.54
H OMY D 6 1.38 -3.59 2.22
HA OMY D 6 2.23 -4.47 -0.46
HE2 OMY D 6 4.38 0.49 0.96
HD2 OMY D 6 4.03 -1.66 2.24
HD1 OMY D 6 4.08 -3.88 -1.52
HB OMY D 6 4.35 -5.03 0.89
N 3FG D 7 1.82 -6.76 -0.37
OD1 3FG D 7 -1.94 -7.57 -4.24
CD1 3FG D 7 -0.87 -8.24 -3.69
CG1 3FG D 7 -0.34 -7.82 -2.43
CZ 3FG D 7 -0.28 -9.34 -4.40
CD2 3FG D 7 0.83 -10.04 -3.83
OD2 3FG D 7 1.40 -11.11 -4.52
CG2 3FG D 7 1.36 -9.63 -2.57
CB 3FG D 7 0.79 -8.52 -1.84
CA 3FG D 7 1.39 -8.13 -0.47
C 3FG D 7 2.62 -8.96 -0.06
O 3FG D 7 2.46 -9.94 0.67
OXT 3FG D 7 3.73 -8.62 -0.49
H 3FG D 7 2.11 -6.28 -1.20
HA 3FG D 7 0.61 -8.20 0.29
HD1 3FG D 7 -2.17 -7.97 -5.07
HZ 3FG D 7 -0.68 -9.63 -5.36
HD2 3FG D 7 2.12 -11.45 -4.00
HG2 3FG D 7 2.20 -10.16 -2.15
C2 BGC E . 5.58 5.58 1.64
C3 BGC E . 6.66 5.53 0.56
C4 BGC E . 7.40 4.20 0.62
C5 BGC E . 6.41 3.04 0.63
C6 BGC E . 7.09 1.69 0.88
C1 BGC E . 4.68 4.35 1.56
O2 BGC E . 4.82 6.76 1.52
O3 BGC E . 7.56 6.58 0.79
O4 BGC E . 8.23 4.07 -0.50
O5 BGC E . 5.48 3.20 1.68
O6 BGC E . 7.80 1.71 2.09
H2 BGC E . 6.06 5.57 2.62
H3 BGC E . 6.22 5.67 -0.42
H4 BGC E . 8.03 4.16 1.51
H5 BGC E . 5.89 3.03 -0.32
H61 BGC E . 6.34 0.91 0.96
H62 BGC E . 7.76 1.40 0.08
H1 BGC E . 4.11 4.32 0.63
HO3 BGC E . 7.84 6.90 -0.06
HO4 BGC E . 9.01 3.62 -0.21
HO6 BGC E . 8.19 0.85 2.19
C1 RER E . 5.33 7.78 2.34
C2 RER E . 4.53 9.08 2.18
C3 RER E . 3.13 9.00 2.79
N3 RER E . 2.57 10.34 2.89
C3A RER E . 2.21 8.18 1.88
C4 RER E . 3.20 8.37 4.18
O4 RER E . 1.90 8.15 4.67
C5 RER E . 3.97 7.06 4.12
O5 RER E . 5.28 7.35 3.69
C5A RER E . 4.00 6.31 5.45
H1 RER E . 6.36 7.96 2.07
H21C RER E . 5.07 9.87 2.68
H22C RER E . 4.47 9.35 1.13
HO1 RER E . 3.19 10.92 3.51
H31N RER E . 1.62 10.30 3.31
H32N RER E . 2.53 10.77 1.95
H3A1 RER E . 2.58 7.16 1.76
H3A2 RER E . 1.20 8.11 2.30
H3A3 RER E . 2.13 8.63 0.89
H4 RER E . 3.70 9.05 4.87
HO4 RER E . 1.94 8.32 5.60
H5 RER E . 3.49 6.44 3.37
H5A1 RER E . 4.56 5.38 5.35
H5A2 RER E . 4.48 6.91 6.22
H5A3 RER E . 2.99 6.08 5.78
C2 BGC F . 5.80 4.27 -4.04
C3 BGC F . 6.74 4.33 -5.23
C4 BGC F . 7.23 2.93 -5.61
C5 BGC F . 6.09 1.93 -5.67
C6 BGC F . 6.65 0.53 -5.88
C1 BGC F . 4.75 3.17 -4.20
O2 BGC F . 5.13 5.50 -3.93
O3 BGC F . 7.83 5.15 -4.89
O4 BGC F . 7.86 2.98 -6.87
O5 BGC F . 5.39 1.95 -4.45
O6 BGC F . 7.59 0.22 -4.88
H2 BGC F . 6.37 4.06 -3.14
H3 BGC F . 6.22 4.80 -6.07
H4 BGC F . 7.95 2.57 -4.88
H5 BGC F . 5.40 2.19 -6.48
H61 BGC F . 7.15 0.45 -6.85
H62 BGC F . 5.87 -0.21 -5.83
H1 BGC F . 4.06 3.42 -5.02
HO3 BGC F . 8.09 5.62 -5.68
HO4 BGC F . 8.78 3.13 -6.71
HO6 BGC F . 7.90 -0.65 -5.06
C1 RER F . 5.51 6.26 -2.80
C2 RER F . 5.59 7.72 -3.24
C3 RER F . 4.22 8.30 -3.60
N3 RER F . 4.33 9.74 -3.72
C3A RER F . 3.71 7.72 -4.92
C4 RER F . 3.24 7.96 -2.49
O4 RER F . 1.94 8.36 -2.87
C5 RER F . 3.25 6.46 -2.20
O5 RER F . 4.55 6.11 -1.78
C5A RER F . 2.28 6.09 -1.08
H1 RER F . 6.47 5.90 -2.42
H21C RER F . 6.02 8.30 -2.42
H22C RER F . 6.28 7.82 -4.08
HO1 RER F . 5.00 9.97 -4.48
H31N RER F . 4.66 10.14 -2.82
H32N RER F . 3.39 10.14 -3.95
H3A1 RER F . 2.76 8.20 -5.21
H3A2 RER F . 4.42 7.91 -5.73
H3A3 RER F . 3.53 6.65 -4.87
H4 RER F . 3.49 8.51 -1.58
HO4 RER F . 1.51 8.66 -2.08
H5 RER F . 3.00 5.90 -3.09
H5A1 RER F . 1.25 6.35 -1.35
H5A2 RER F . 2.52 6.62 -0.16
H5A3 RER F . 2.31 5.02 -0.88
C1 RER G . -3.87 4.73 -2.98
C2 RER G . -4.19 4.51 -4.47
C3 RER G . -5.69 4.35 -4.72
N3 RER G . -5.95 4.49 -6.16
C3A RER G . -6.17 2.97 -4.28
C4 RER G . -6.43 5.45 -3.97
O4 RER G . -7.81 5.32 -4.15
C5 RER G . -6.07 5.38 -2.49
O5 RER G . -4.70 5.72 -2.42
C5A RER G . -6.88 6.38 -1.67
H1 RER G . -2.83 5.06 -2.89
H21C RER G . -3.83 5.38 -5.02
H22C RER G . -3.63 3.66 -4.86
HO1 RER G . -6.97 4.39 -6.34
H31N RER G . -5.43 3.75 -6.68
H32N RER G . -5.63 5.43 -6.47
H3A1 RER G . -5.90 2.77 -3.24
H3A2 RER G . -7.25 2.89 -4.37
H3A3 RER G . -5.73 2.18 -4.89
H4 RER G . -6.13 6.42 -4.36
HO4 RER G . -8.04 4.45 -3.85
H5 RER G . -6.21 4.37 -2.11
H5A1 RER G . -6.70 7.40 -1.98
H5A2 RER G . -7.95 6.18 -1.76
H5A3 RER G . -6.62 6.30 -0.60
C1 RER H . 4.86 -3.99 3.14
C2 RER H . 4.70 -4.06 4.67
C3 RER H . 4.38 -5.48 5.16
N3 RER H . 4.56 -5.55 6.61
C3A RER H . 2.93 -5.86 4.84
C4 RER H . 5.32 -6.47 4.49
O4 RER H . 4.97 -7.78 4.84
C5 RER H . 5.25 -6.29 2.97
O5 RER H . 5.72 -5.01 2.68
C5A RER H . 6.12 -7.32 2.24
H1 RER H . 5.31 -3.04 2.87
H21C RER H . 5.63 -3.72 5.14
H22C RER H . 3.92 -3.37 5.00
HO1 RER H . 4.36 -6.51 6.94
H31N RER H . 5.55 -5.30 6.84
H32N RER H . 3.93 -4.87 7.07
H3A1 RER H . 2.71 -5.76 3.78
H3A2 RER H . 2.74 -6.90 5.12
H3A3 RER H . 2.22 -5.24 5.38
H4 RER H . 6.34 -6.30 4.82
HO4 RER H . 4.08 -7.92 4.53
H5 RER H . 4.22 -6.38 2.64
H5A1 RER H . 7.16 -7.23 2.54
H5A2 RER H . 6.07 -7.16 1.16
H5A3 RER H . 5.78 -8.34 2.45
N ALA A 1 -5.55 11.17 -4.10
CA ALA A 1 -5.95 9.94 -3.42
C ALA A 1 -4.75 9.01 -3.24
N FGA A 2 -4.14 9.15 -2.06
CA FGA A 2 -3.00 8.27 -1.82
C FGA A 2 -1.73 8.95 -2.33
O FGA A 2 -1.02 9.56 -1.52
CB FGA A 2 -2.90 7.94 -0.34
CG FGA A 2 -4.21 7.39 0.22
CD FGA A 2 -4.01 6.86 1.64
OE1 FGA A 2 -2.91 6.83 2.17
H FGA A 2 -4.42 9.79 -1.35
HA FGA A 2 -3.20 7.37 -2.40
HB2 FGA A 2 -2.10 7.21 -0.19
HB3 FGA A 2 -2.63 8.85 0.21
HG2 FGA A 2 -4.97 8.18 0.24
HG3 FGA A 2 -4.60 6.60 -0.41
N LYS A 3 -5.16 6.48 2.21
CA LYS A 3 -5.17 5.97 3.57
C LYS A 3 -4.31 4.71 3.70
N DAL A 4 -3.60 4.62 4.84
CA DAL A 4 -2.80 3.40 4.99
CB DAL A 4 -3.70 2.29 5.57
C DAL A 4 -1.61 3.66 5.93
O DAL A 4 -1.39 4.76 6.42
H DAL A 4 -3.62 5.33 5.54
HA DAL A 4 -2.41 3.11 4.01
HB1 DAL A 4 -4.54 2.10 4.92
HB2 DAL A 4 -3.14 1.36 5.67
HB3 DAL A 4 -4.07 2.57 6.55
N DAL A 5 -0.87 2.56 6.10
CA DAL A 5 0.30 2.61 6.95
CB DAL A 5 1.27 3.68 6.45
C DAL A 5 0.97 1.23 6.97
O DAL A 5 2.17 1.16 6.74
OXT DAL A 5 0.27 0.24 7.20
H DAL A 5 -1.14 1.70 5.67
HA DAL A 5 -0.06 2.84 7.95
HB1 DAL A 5 0.80 4.66 6.44
HB2 DAL A 5 2.15 3.74 7.10
HB3 DAL A 5 1.62 3.46 5.44
N ALA B 1 11.31 -3.20 1.21
CA ALA B 1 10.21 -3.34 2.14
C ALA B 1 8.93 -2.76 1.56
N FGA B 2 8.65 -3.25 0.35
CA FGA B 2 7.45 -2.73 -0.27
C FGA B 2 7.67 -1.27 -0.65
O FGA B 2 8.63 -0.68 -0.15
CB FGA B 2 7.07 -3.50 -1.53
CG FGA B 2 6.42 -4.85 -1.24
CD FGA B 2 5.65 -5.26 -2.50
OE1 FGA B 2 5.38 -4.45 -3.37
H FGA B 2 9.23 -3.95 -0.06
HA FGA B 2 6.64 -2.82 0.45
HB2 FGA B 2 6.34 -2.90 -2.05
HB3 FGA B 2 7.94 -3.62 -2.19
HG2 FGA B 2 7.15 -5.62 -0.97
HG3 FGA B 2 5.71 -4.75 -0.43
N LYS B 3 5.32 -6.57 -2.55
CA LYS B 3 4.58 -6.96 -3.71
C LYS B 3 3.26 -6.19 -3.76
N DAL B 4 3.27 -5.19 -4.65
CA DAL B 4 2.09 -4.35 -4.80
CB DAL B 4 0.86 -5.21 -5.14
C DAL B 4 2.35 -3.31 -5.90
O DAL B 4 3.21 -3.47 -6.75
H DAL B 4 4.08 -5.12 -5.25
HA DAL B 4 1.95 -3.82 -3.85
HB1 DAL B 4 0.67 -5.94 -4.36
HB2 DAL B 4 -0.03 -4.58 -5.23
HB3 DAL B 4 1.00 -5.73 -6.08
N DAL B 5 1.56 -2.23 -5.78
CA DAL B 5 1.69 -1.16 -6.75
CB DAL B 5 2.86 -0.25 -6.38
C DAL B 5 0.39 -0.39 -6.85
O DAL B 5 0.33 0.73 -6.33
OXT DAL B 5 -0.56 -0.90 -7.45
H DAL B 5 0.84 -2.16 -5.10
HA DAL B 5 1.90 -1.67 -7.69
HB1 DAL B 5 3.79 -0.81 -6.31
HB2 DAL B 5 2.99 0.53 -7.12
HB3 DAL B 5 2.68 0.23 -5.41
N MLU C 1 1.53 1.44 12.15
CN MLU C 1 2.95 1.82 12.13
CA MLU C 1 1.15 0.81 10.90
C MLU C 1 1.99 -0.45 10.65
O MLU C 1 1.92 -1.41 11.41
CB MLU C 1 -0.33 0.41 10.88
CG MLU C 1 -1.26 1.58 11.18
CD1 MLU C 1 -1.19 2.64 10.07
CD2 MLU C 1 -2.68 1.09 11.36
H1 MLU C 1 1.36 0.79 12.94
H2 MLU C 1 0.95 2.30 12.29
HCN1 MLU C 1 3.54 0.92 11.98
HCN2 MLU C 1 3.11 2.51 11.30
HCN3 MLU C 1 3.21 2.29 13.07
HA MLU C 1 1.33 1.52 10.09
HB2 MLU C 1 -0.49 -0.37 11.62
HB3 MLU C 1 -0.57 -0.02 9.91
HG MLU C 1 -0.93 2.05 12.11
HD11 MLU C 1 -1.82 3.50 10.32
HD12 MLU C 1 -0.17 2.99 9.93
HD13 MLU C 1 -1.54 2.23 9.13
HD21 MLU C 1 -3.06 0.62 10.45
HD22 MLU C 1 -2.75 0.36 12.16
HD23 MLU C 1 -3.36 1.92 11.59
N OMZ C 2 2.77 -0.37 9.56
CA OMZ C 2 3.59 -1.53 9.25
C OMZ C 2 2.93 -2.37 8.14
O OMZ C 2 3.10 -3.59 8.09
CB OMZ C 2 5.03 -1.12 8.93
OC OMZ C 2 5.62 -0.54 10.07
CG OMZ C 2 5.07 -0.13 7.81
CD1 OMZ C 2 5.30 -0.58 6.47
CD2 OMZ C 2 4.82 1.27 8.07
CE1 OMZ C 2 5.19 0.36 5.39
CL OMZ C 2 5.43 -0.19 3.76
CE2 OMZ C 2 4.73 2.20 6.98
CZ OMZ C 2 4.88 1.73 5.63
OH OMZ C 2 4.57 2.55 4.55
H OMZ C 2 2.77 0.43 8.98
HA OMZ C 2 3.59 -2.14 10.15
HB OMZ C 2 5.63 -1.99 8.66
HC OMZ C 2 5.17 0.29 10.22
HD1 OMZ C 2 5.51 -1.62 6.27
HD2 OMZ C 2 4.67 1.62 9.09
HE2 OMZ C 2 4.51 3.25 7.17
N ASN C 3 2.16 -1.70 7.24
CA ASN C 3 1.51 -2.53 6.24
C ASN C 3 1.46 -1.90 4.84
N GHP C 4 0.57 -0.89 4.74
CA GHP C 4 0.42 -0.25 3.44
C GHP C 4 -1.05 0.17 3.22
O GHP C 4 -1.77 0.55 4.15
C1 GHP C 4 1.32 0.95 3.22
C2 GHP C 4 1.00 1.95 2.24
C3 GHP C 4 1.85 3.10 1.99
C4 GHP C 4 3.03 3.25 2.81
O4 GHP C 4 3.84 4.36 2.68
C5 GHP C 4 3.39 2.27 3.81
C6 GHP C 4 2.51 1.12 3.99
H GHP C 4 0.10 -0.56 5.56
HA GHP C 4 0.68 -1.01 2.71
HC2 GHP C 4 0.08 1.86 1.68
H6 GHP C 4 2.76 0.38 4.73
N GHP C 5 -1.42 0.05 1.94
CA GHP C 5 -2.75 0.48 1.53
C GHP C 5 -2.91 0.40 0.00
O GHP C 5 -2.42 -0.54 -0.60
C1 GHP C 5 -3.93 -0.18 2.17
C2 GHP C 5 -4.85 0.68 2.85
C3 GHP C 5 -6.09 0.21 3.35
C4 GHP C 5 -6.41 -1.18 3.23
O4 GHP C 5 -7.60 -1.66 3.73
C5 GHP C 5 -5.49 -2.09 2.56
C6 GHP C 5 -4.25 -1.58 2.03
H GHP C 5 -0.78 -0.29 1.26
HA GHP C 5 -2.73 1.52 1.84
HC2 GHP C 5 -4.61 1.73 2.96
HO4 GHP C 5 -8.09 -0.95 4.13
H5 GHP C 5 -5.74 -3.13 2.47
H6 GHP C 5 -3.57 -2.24 1.52
N OMY C 6 -3.61 1.38 -0.63
CA OMY C 6 -4.26 2.55 -0.05
OCZ OMY C 6 1.63 4.09 1.00
CE2 OMY C 6 0.08 3.80 -0.92
CE1 OMY C 6 -0.74 4.57 1.28
CZ OMY C 6 0.35 4.19 0.44
CG OMY C 6 -2.38 4.03 -0.51
CD2 OMY C 6 -1.28 3.71 -1.40
CD1 OMY C 6 -2.09 4.50 0.83
CB OMY C 6 -3.82 3.78 -0.86
CL OMY C 6 -0.42 5.09 2.90
O OMY C 6 -6.48 1.95 -0.85
C OMY C 6 -5.78 2.34 0.08
ODE OMY C 6 -3.99 3.56 -2.24
H OMY C 6 -3.69 1.28 -1.63
HA OMY C 6 -3.90 2.68 0.96
HE2 OMY C 6 0.90 3.54 -1.58
HD2 OMY C 6 -1.49 3.38 -2.40
HD1 OMY C 6 -2.90 4.76 1.48
HB OMY C 6 -4.42 4.64 -0.55
N 3FG C 7 -6.20 2.63 1.33
OD1 3FG C 7 -6.47 0.02 6.06
CD1 3FG C 7 -7.12 1.05 5.41
CG1 3FG C 7 -6.99 1.19 4.01
CZ 3FG C 7 -7.92 1.97 6.17
CD2 3FG C 7 -8.59 3.05 5.52
OD2 3FG C 7 -9.36 3.94 6.25
CG2 3FG C 7 -8.47 3.19 4.09
CB 3FG C 7 -7.67 2.28 3.31
CA 3FG C 7 -7.56 2.47 1.79
C 3FG C 7 -8.33 3.69 1.25
O 3FG C 7 -9.52 3.55 0.96
OXT 3FG C 7 -7.72 4.76 1.13
H 3FG C 7 -5.53 2.95 1.99
HA 3FG C 7 -7.87 1.55 1.29
HD1 3FG C 7 -6.65 0.06 6.99
HZ 3FG C 7 -7.96 1.86 7.25
HD2 3FG C 7 -9.33 3.71 7.16
HG2 3FG C 7 -8.96 4.02 3.60
N MLU D 1 0.30 0.10 -12.12
CN MLU D 1 0.90 1.42 -12.16
CA MLU D 1 -0.36 -0.12 -10.84
C MLU D 1 -1.45 0.93 -10.59
O MLU D 1 -2.33 1.13 -11.41
CB MLU D 1 -0.99 -1.50 -10.74
CG MLU D 1 0.03 -2.64 -10.83
CD1 MLU D 1 1.04 -2.56 -9.68
CD2 MLU D 1 -0.68 -3.99 -10.82
H1 MLU D 1 -0.41 0.01 -12.88
H2 MLU D 1 1.04 -0.61 -12.25
HCN1 MLU D 1 0.12 2.18 -12.03
HCN2 MLU D 1 1.63 1.51 -11.38
HCN3 MLU D 1 1.37 1.57 -13.14
HA MLU D 1 0.40 -0.01 -10.06
HB2 MLU D 1 -1.73 -1.62 -11.52
HB3 MLU D 1 -1.52 -1.58 -9.79
HG MLU D 1 0.58 -2.52 -11.76
HD11 MLU D 1 1.55 -1.60 -9.67
HD12 MLU D 1 0.54 -2.69 -8.72
HD13 MLU D 1 1.79 -3.35 -9.77
HD21 MLU D 1 -1.37 -4.07 -11.66
HD22 MLU D 1 0.05 -4.80 -10.92
HD23 MLU D 1 -1.23 -4.13 -9.90
N OMZ D 2 -1.31 1.56 -9.41
CA OMZ D 2 -2.30 2.57 -9.06
C OMZ D 2 -3.07 2.13 -7.79
O OMZ D 2 -4.23 2.50 -7.61
CB OMZ D 2 -1.68 3.98 -8.98
OC OMZ D 2 -1.06 4.29 -10.21
CG OMZ D 2 -0.68 4.08 -7.88
CD1 OMZ D 2 -0.89 5.00 -6.78
CD2 OMZ D 2 0.49 3.24 -7.89
CE1 OMZ D 2 0.02 4.99 -5.67
CL OMZ D 2 -0.26 6.06 -4.34
CE2 OMZ D 2 1.40 3.25 -6.78
CZ OMZ D 2 1.14 4.10 -5.64
OH OMZ D 2 1.89 3.94 -4.48
H OMZ D 2 -0.57 1.33 -8.79
HA OMZ D 2 -3.03 2.56 -9.87
HB OMZ D 2 -2.46 4.72 -8.81
HC OMZ D 2 -1.75 4.32 -10.85
HD1 OMZ D 2 -1.73 5.67 -6.78
HD2 OMZ D 2 0.70 2.59 -8.73
HE2 OMZ D 2 2.26 2.59 -6.77
N ASN D 3 -2.41 1.33 -6.92
CA ASN D 3 -3.17 0.87 -5.77
C ASN D 3 -2.38 0.88 -4.44
N GHP D 4 -1.47 -0.10 -4.34
CA GHP D 4 -0.72 -0.21 -3.11
C GHP D 4 -0.42 -1.68 -2.75
O GHP D 4 -0.32 -2.56 -3.60
C1 GHP D 4 0.57 0.61 -3.11
C2 GHP D 4 1.75 0.20 -2.40
C3 GHP D 4 2.92 1.05 -2.31
C4 GHP D 4 2.91 2.29 -3.02
O4 GHP D 4 4.01 3.11 -2.95
C5 GHP D 4 1.77 2.71 -3.80
C6 GHP D 4 0.60 1.85 -3.81
H GHP D 4 -1.25 -0.66 -5.15
HA GHP D 4 -1.37 0.22 -2.35
HC2 GHP D 4 1.75 -0.76 -1.90
H6 GHP D 4 -0.28 2.14 -4.37
N GHP D 5 -0.28 -1.85 -1.42
CA GHP D 5 0.06 -3.14 -0.86
C GHP D 5 0.25 -3.04 0.66
O GHP D 5 -0.52 -2.34 1.31
C1 GHP D 5 -0.85 -4.30 -1.15
C2 GHP D 5 -0.25 -5.45 -1.73
C3 GHP D 5 -0.95 -6.67 -1.92
C4 GHP D 5 -2.33 -6.72 -1.55
O4 GHP D 5 -3.04 -7.89 -1.74
C5 GHP D 5 -2.99 -5.57 -0.97
C6 GHP D 5 -2.24 -4.35 -0.76
H GHP D 5 -0.40 -1.06 -0.81
HA GHP D 5 1.01 -3.33 -1.34
HC2 GHP D 5 0.79 -5.40 -2.01
HO4 GHP D 5 -2.47 -8.55 -2.11
H5 GHP D 5 -4.03 -5.62 -0.68
H6 GHP D 5 -2.71 -3.49 -0.31
N OMY D 6 1.25 -3.75 1.26
CA OMY D 6 2.23 -4.63 0.63
OCZ OMY D 6 4.13 0.79 -1.60
CE2 OMY D 6 4.19 -0.42 0.55
CE1 OMY D 6 4.20 -1.64 -1.61
CZ OMY D 6 4.21 -0.41 -0.88
CG OMY D 6 3.95 -2.92 0.52
CD2 OMY D 6 4.03 -1.67 1.25
CD1 OMY D 6 4.08 -2.88 -0.92
CB OMY D 6 3.61 -4.23 1.18
CL OMY D 6 4.29 -1.62 -3.33
O OMY D 6 1.51 -6.60 1.87
C OMY D 6 1.83 -6.11 0.79
ODE OMY D 6 3.56 -4.11 2.57
H OMY D 6 1.31 -3.64 2.25
HA OMY D 6 2.22 -4.46 -0.43
HE2 OMY D 6 4.27 0.52 1.09
HD2 OMY D 6 3.96 -1.69 2.33
HD1 OMY D 6 4.05 -3.81 -1.48
HB OMY D 6 4.33 -5.00 0.92
N 3FG D 7 1.87 -6.76 -0.39
OD1 3FG D 7 -1.81 -7.57 -4.35
CD1 3FG D 7 -0.72 -8.22 -3.80
CG1 3FG D 7 -0.23 -7.82 -2.52
CZ 3FG D 7 -0.10 -9.29 -4.52
CD2 3FG D 7 1.02 -9.98 -3.96
OD2 3FG D 7 1.62 -11.01 -4.65
CG2 3FG D 7 1.52 -9.59 -2.67
CB 3FG D 7 0.91 -8.51 -1.93
CA 3FG D 7 1.48 -8.13 -0.54
C 3FG D 7 2.72 -8.96 -0.13
O 3FG D 7 2.57 -9.93 0.60
OXT 3FG D 7 3.82 -8.58 -0.56
H 3FG D 7 2.17 -6.26 -1.21
HA 3FG D 7 0.68 -8.24 0.21
HD1 3FG D 7 -2.00 -7.95 -5.19
HZ 3FG D 7 -0.47 -9.56 -5.50
HD2 3FG D 7 1.17 -11.14 -5.48
HG2 3FG D 7 2.37 -10.11 -2.26
C2 BGC E . 5.61 5.53 1.63
C3 BGC E . 6.66 5.50 0.53
C4 BGC E . 7.38 4.15 0.54
C5 BGC E . 6.37 2.99 0.56
C6 BGC E . 7.04 1.64 0.76
C1 BGC E . 4.69 4.32 1.56
O2 BGC E . 4.86 6.72 1.55
O3 BGC E . 7.58 6.53 0.75
O4 BGC E . 8.16 4.03 -0.62
O5 BGC E . 5.49 3.17 1.65
O6 BGC E . 7.93 1.68 1.85
H2 BGC E . 6.11 5.51 2.60
H3 BGC E . 6.20 5.66 -0.44
H4 BGC E . 8.04 4.09 1.41
H5 BGC E . 5.81 3.01 -0.37
H61 BGC E . 6.29 0.90 0.99
H62 BGC E . 7.57 1.30 -0.12
H1 BGC E . 4.10 4.30 0.64
HO3 BGC E . 7.30 7.27 0.23
HO4 BGC E . 8.95 3.56 -0.37
HO6 BGC E . 8.30 0.80 1.94
C1 RER E . 5.38 7.72 2.38
C2 RER E . 4.60 9.03 2.23
C3 RER E . 3.19 8.97 2.83
N3 RER E . 2.64 10.31 2.94
C3A RER E . 2.28 8.15 1.91
C4 RER E . 3.25 8.33 4.21
O4 RER E . 1.95 8.12 4.69
C5 RER E . 4.01 7.01 4.15
O5 RER E . 5.33 7.28 3.73
C5A RER E . 4.04 6.26 5.48
H1 RER E . 6.42 7.90 2.11
H21C RER E . 5.15 9.82 2.75
H22C RER E . 4.56 9.33 1.19
HO1 RER E . 1.69 10.27 3.34
H31N RER E . 2.60 10.75 2.00
H32N RER E . 3.26 10.89 3.56
H3A1 RER E . 2.21 8.61 0.93
H3A2 RER E . 2.66 7.14 1.79
H3A3 RER E . 1.27 8.09 2.32
H4 RER E . 3.76 9.01 4.92
HO4 RER E . 1.73 8.87 5.24
H5 RER E . 3.52 6.39 3.40
H5A1 RER E . 4.52 6.86 6.25
H5A2 RER E . 3.02 6.03 5.81
H5A3 RER E . 4.58 5.32 5.39
C2 BGC F . 5.74 4.25 -4.06
C3 BGC F . 6.66 4.30 -5.28
C4 BGC F . 7.10 2.89 -5.67
C5 BGC F . 5.93 1.91 -5.70
C6 BGC F . 6.45 0.50 -5.94
C1 BGC F . 4.66 3.18 -4.20
O2 BGC F . 5.08 5.49 -3.95
O3 BGC F . 7.78 5.08 -4.97
O4 BGC F . 7.70 2.92 -6.93
O5 BGC F . 5.27 1.94 -4.46
O6 BGC F . 7.40 0.16 -4.96
H2 BGC F . 6.32 4.04 -3.17
H3 BGC F . 6.13 4.78 -6.10
H4 BGC F . 7.82 2.50 -4.94
H5 BGC F . 5.24 2.19 -6.49
H61 BGC F . 5.64 -0.21 -5.87
H62 BGC F . 6.93 0.41 -6.92
H1 BGC F . 3.96 3.44 -5.00
HO3 BGC F . 8.01 5.54 -5.75
HO4 BGC F . 8.64 3.04 -6.79
HO6 BGC F . 7.69 -0.74 -5.15
C1 RER F . 5.49 6.25 -2.84
C2 RER F . 5.58 7.71 -3.28
C3 RER F . 4.20 8.29 -3.64
N3 RER F . 4.33 9.74 -3.79
C3A RER F . 3.67 7.72 -4.96
C4 RER F . 3.23 7.98 -2.51
O4 RER F . 1.93 8.39 -2.88
C5 RER F . 3.23 6.49 -2.20
O5 RER F . 4.54 6.13 -1.80
C5A RER F . 2.28 6.15 -1.06
H1 RER F . 6.45 5.89 -2.47
H21C RER F . 6.03 8.30 -2.48
H22C RER F . 6.25 7.80 -4.13
HO1 RER F . 5.00 9.95 -4.56
H31N RER F . 4.68 10.14 -2.90
H32N RER F . 3.40 10.14 -4.02
H3A1 RER F . 4.38 7.87 -5.77
H3A2 RER F . 3.48 6.65 -4.87
H3A3 RER F . 2.73 8.20 -5.23
H4 RER F . 3.51 8.55 -1.61
HO4 RER F . 1.82 9.27 -2.53
H5 RER F . 2.97 5.92 -3.09
H5A1 RER F . 1.26 6.38 -1.33
H5A2 RER F . 2.34 5.08 -0.82
H5A3 RER F . 2.53 6.71 -0.15
C1 RER G . -3.81 4.74 -2.98
C2 RER G . -4.14 4.52 -4.47
C3 RER G . -5.64 4.39 -4.73
N3 RER G . -5.89 4.52 -6.16
C3A RER G . -6.14 3.01 -4.28
C4 RER G . -6.37 5.49 -3.98
O4 RER G . -7.76 5.37 -4.16
C5 RER G . -6.01 5.42 -2.50
O5 RER G . -4.64 5.74 -2.43
C5A RER G . -6.81 6.42 -1.67
H1 RER G . -2.79 5.07 -2.89
H21C RER G . -3.78 5.39 -5.02
H22C RER G . -3.60 3.65 -4.85
HO1 RER G . -5.39 3.78 -6.68
H31N RER G . -5.56 5.46 -6.48
H32N RER G . -6.92 4.45 -6.34
H3A1 RER G . -5.87 2.81 -3.25
H3A2 RER G . -7.24 2.95 -4.36
H3A3 RER G . -5.73 2.22 -4.90
H4 RER G . -6.05 6.47 -4.36
HO4 RER G . -7.98 5.93 -4.90
H5 RER G . -6.17 4.41 -2.13
H5A1 RER G . -6.56 6.34 -0.61
H5A2 RER G . -6.61 7.44 -1.99
H5A3 RER G . -7.88 6.24 -1.77
C1 RER H . 4.83 -4.00 3.18
C2 RER H . 4.68 -4.11 4.71
C3 RER H . 4.36 -5.53 5.17
N3 RER H . 4.56 -5.62 6.61
C3A RER H . 2.91 -5.91 4.86
C4 RER H . 5.30 -6.51 4.47
O4 RER H . 4.94 -7.83 4.80
C5 RER H . 5.23 -6.30 2.97
O5 RER H . 5.69 -5.00 2.70
C5A RER H . 6.09 -7.31 2.19
H1 RER H . 5.28 -3.05 2.92
H21C RER H . 5.60 -3.77 5.18
H22C RER H . 3.90 -3.42 5.05
HO1 RER H . 3.92 -4.96 7.10
H31N RER H . 5.55 -5.38 6.84
H32N RER H . 4.36 -6.59 6.93
H3A1 RER H . 2.72 -6.94 5.13
H3A2 RER H . 2.21 -5.29 5.41
H3A3 RER H . 2.69 -5.79 3.79
H4 RER H . 6.32 -6.35 4.81
HO4 RER H . 5.49 -8.08 5.53
H5 RER H . 4.19 -6.38 2.63
H5A1 RER H . 6.04 -7.12 1.12
H5A2 RER H . 5.75 -8.33 2.38
H5A3 RER H . 7.13 -7.22 2.50
N ALA A 1 -5.64 11.14 -4.10
CA ALA A 1 -6.02 9.91 -3.42
C ALA A 1 -4.81 8.98 -3.24
N FGA A 2 -4.19 9.12 -2.06
CA FGA A 2 -3.05 8.26 -1.84
C FGA A 2 -1.78 8.94 -2.35
O FGA A 2 -0.71 8.67 -1.81
CB FGA A 2 -2.94 7.92 -0.36
CG FGA A 2 -4.25 7.37 0.20
CD FGA A 2 -4.03 6.84 1.62
OE1 FGA A 2 -2.93 6.81 2.15
H FGA A 2 -4.48 9.76 -1.36
HA FGA A 2 -3.25 7.36 -2.42
HB2 FGA A 2 -2.14 7.19 -0.22
HB3 FGA A 2 -2.67 8.83 0.18
HG2 FGA A 2 -5.01 8.15 0.22
HG3 FGA A 2 -4.62 6.57 -0.42
N LYS A 3 -5.18 6.45 2.20
CA LYS A 3 -5.19 5.95 3.55
C LYS A 3 -4.32 4.68 3.69
N DAL A 4 -3.62 4.58 4.82
CA DAL A 4 -2.81 3.37 4.97
CB DAL A 4 -3.70 2.26 5.54
C DAL A 4 -1.63 3.63 5.90
O DAL A 4 -1.41 4.73 6.40
H DAL A 4 -3.64 5.29 5.53
HA DAL A 4 -2.43 3.08 3.99
HB1 DAL A 4 -4.55 2.08 4.89
HB2 DAL A 4 -3.14 1.33 5.65
HB3 DAL A 4 -4.08 2.53 6.53
N DAL A 5 -0.89 2.53 6.09
CA DAL A 5 0.28 2.58 6.94
CB DAL A 5 1.25 3.66 6.45
C DAL A 5 0.95 1.21 6.96
O DAL A 5 2.16 1.13 6.75
OXT DAL A 5 0.26 0.22 7.19
H DAL A 5 -1.15 1.67 5.66
HA DAL A 5 -0.07 2.83 7.94
HB1 DAL A 5 0.78 4.63 6.43
HB2 DAL A 5 2.12 3.72 7.09
HB3 DAL A 5 1.60 3.43 5.43
N ALA B 1 11.53 -3.17 1.66
CA ALA B 1 10.34 -3.18 2.51
C ALA B 1 9.15 -2.56 1.79
N FGA B 2 8.90 -3.14 0.59
CA FGA B 2 7.79 -2.58 -0.14
C FGA B 2 8.16 -1.18 -0.63
O FGA B 2 9.15 -0.63 -0.15
CB FGA B 2 7.41 -3.44 -1.33
CG FGA B 2 6.60 -4.68 -0.96
CD FGA B 2 5.83 -5.10 -2.20
OE1 FGA B 2 5.70 -4.34 -3.15
H FGA B 2 9.45 -3.92 0.28
HA FGA B 2 6.94 -2.53 0.54
HB2 FGA B 2 6.77 -2.81 -1.96
HB3 FGA B 2 8.28 -3.70 -1.93
HG2 FGA B 2 7.21 -5.49 -0.58
HG3 FGA B 2 5.89 -4.41 -0.19
N LYS B 3 5.34 -6.35 -2.17
CA LYS B 3 4.63 -6.72 -3.36
C LYS B 3 3.44 -5.75 -3.50
N DAL B 4 3.18 -5.35 -4.76
CA DAL B 4 2.07 -4.43 -4.93
CB DAL B 4 0.78 -5.21 -5.23
C DAL B 4 2.39 -3.47 -6.08
O DAL B 4 3.17 -3.77 -6.97
H DAL B 4 3.71 -5.68 -5.53
HA DAL B 4 1.97 -3.84 -4.02
HB1 DAL B 4 0.54 -5.90 -4.41
HB2 DAL B 4 -0.07 -4.54 -5.36
HB3 DAL B 4 0.88 -5.80 -6.14
N DAL B 5 1.75 -2.29 -5.98
CA DAL B 5 1.98 -1.29 -7.01
CB DAL B 5 3.26 -0.51 -6.71
C DAL B 5 0.77 -0.37 -7.09
O DAL B 5 -0.10 -0.62 -7.93
OXT DAL B 5 0.71 0.61 -6.34
H DAL B 5 1.10 -2.11 -5.27
HA DAL B 5 2.08 -1.86 -7.92
HB1 DAL B 5 4.12 -1.18 -6.65
HB2 DAL B 5 3.45 0.22 -7.48
HB3 DAL B 5 3.18 0.02 -5.75
N MLU C 1 1.50 1.44 12.14
CN MLU C 1 2.91 1.82 12.10
CA MLU C 1 1.13 0.80 10.88
C MLU C 1 1.97 -0.45 10.64
O MLU C 1 1.92 -1.42 11.39
CB MLU C 1 -0.35 0.40 10.87
CG MLU C 1 -1.28 1.57 11.16
CD1 MLU C 1 -1.22 2.61 10.05
CD2 MLU C 1 -2.72 1.06 11.33
H1 MLU C 1 1.34 0.79 12.92
H2 MLU C 1 0.92 2.29 12.28
HCN1 MLU C 1 3.17 2.30 13.05
HCN2 MLU C 1 3.52 0.93 11.96
HCN3 MLU C 1 3.07 2.52 11.28
HA MLU C 1 1.31 1.52 10.08
HB2 MLU C 1 -0.51 -0.39 11.61
HB3 MLU C 1 -0.59 -0.05 9.90
HG MLU C 1 -0.96 2.03 12.09
HD11 MLU C 1 -1.86 3.47 10.29
HD12 MLU C 1 -0.20 2.98 9.92
HD13 MLU C 1 -1.56 2.19 9.11
HD21 MLU C 1 -3.08 0.59 10.43
HD22 MLU C 1 -3.39 1.88 11.58
HD23 MLU C 1 -2.78 0.33 12.15
N OMZ C 2 2.75 -0.37 9.55
CA OMZ C 2 3.58 -1.52 9.23
C OMZ C 2 2.93 -2.37 8.12
O OMZ C 2 3.11 -3.58 8.08
CB OMZ C 2 5.02 -1.09 8.92
OC OMZ C 2 5.61 -0.52 10.06
CG OMZ C 2 5.04 -0.10 7.80
CD1 OMZ C 2 5.27 -0.56 6.45
CD2 OMZ C 2 4.80 1.30 8.06
CE1 OMZ C 2 5.17 0.38 5.37
CL OMZ C 2 5.40 -0.15 3.75
CE2 OMZ C 2 4.71 2.23 6.97
CZ OMZ C 2 4.84 1.76 5.61
OH OMZ C 2 4.53 2.58 4.53
H OMZ C 2 2.75 0.44 8.96
HA OMZ C 2 3.59 -2.14 10.13
HB OMZ C 2 5.63 -1.96 8.64
HC OMZ C 2 5.16 0.31 10.20
HD1 OMZ C 2 5.49 -1.59 6.24
HD2 OMZ C 2 4.65 1.64 9.07
HE2 OMZ C 2 4.48 3.26 7.17
N ASN C 3 2.16 -1.70 7.22
CA ASN C 3 1.51 -2.54 6.22
C ASN C 3 1.46 -1.91 4.82
N GHP C 4 0.56 -0.90 4.72
CA GHP C 4 0.40 -0.27 3.42
C GHP C 4 -1.07 0.16 3.20
O GHP C 4 -1.78 0.54 4.13
C1 GHP C 4 1.30 0.95 3.20
C2 GHP C 4 0.98 1.94 2.21
C3 GHP C 4 1.83 3.09 1.95
C4 GHP C 4 3.00 3.25 2.78
O4 GHP C 4 3.82 4.36 2.65
C5 GHP C 4 3.36 2.29 3.79
C6 GHP C 4 2.48 1.13 3.96
H GHP C 4 0.08 -0.58 5.54
HA GHP C 4 0.67 -1.02 2.69
HC2 GHP C 4 0.06 1.85 1.64
H6 GHP C 4 2.74 0.39 4.72
N GHP C 5 -1.44 0.04 1.91
CA GHP C 5 -2.76 0.46 1.51
C GHP C 5 -2.93 0.37 -0.02
O GHP C 5 -2.43 -0.57 -0.62
C1 GHP C 5 -3.94 -0.21 2.15
C2 GHP C 5 -4.87 0.64 2.84
C3 GHP C 5 -6.09 0.17 3.34
C4 GHP C 5 -6.41 -1.22 3.21
O4 GHP C 5 -7.61 -1.70 3.72
C5 GHP C 5 -5.49 -2.12 2.55
C6 GHP C 5 -4.25 -1.61 2.01
H GHP C 5 -0.79 -0.31 1.23
HA GHP C 5 -2.74 1.49 1.82
HC2 GHP C 5 -4.63 1.69 2.94
HO4 GHP C 5 -8.09 -0.99 4.11
H5 GHP C 5 -5.74 -3.17 2.45
H6 GHP C 5 -3.58 -2.27 1.50
N OMY C 6 -3.63 1.36 -0.65
CA OMY C 6 -4.28 2.53 -0.07
OCZ OMY C 6 1.60 4.08 0.95
CE2 OMY C 6 0.06 3.77 -0.97
CE1 OMY C 6 -0.77 4.55 1.24
CZ OMY C 6 0.33 4.17 0.39
CG OMY C 6 -2.41 4.00 -0.54
CD2 OMY C 6 -1.31 3.69 -1.44
CD1 OMY C 6 -2.12 4.48 0.79
CB OMY C 6 -3.85 3.75 -0.89
CL OMY C 6 -0.44 5.08 2.85
O OMY C 6 -6.50 1.90 -0.85
C OMY C 6 -5.80 2.31 0.06
ODE OMY C 6 -4.03 3.54 -2.27
H OMY C 6 -3.71 1.26 -1.65
HA OMY C 6 -3.91 2.65 0.94
HE2 OMY C 6 0.87 3.51 -1.63
HD2 OMY C 6 -1.51 3.35 -2.44
HD1 OMY C 6 -2.92 4.74 1.44
HB OMY C 6 -4.44 4.61 -0.57
N 3FG C 7 -6.22 2.60 1.32
OD1 3FG C 7 -6.47 -0.02 6.05
CD1 3FG C 7 -7.13 1.01 5.41
CG1 3FG C 7 -7.00 1.15 3.99
CZ 3FG C 7 -7.92 1.92 6.17
CD2 3FG C 7 -8.60 3.00 5.51
OD2 3FG C 7 -9.36 3.90 6.24
CG2 3FG C 7 -8.48 3.15 4.09
CB 3FG C 7 -7.68 2.23 3.31
CA 3FG C 7 -7.57 2.43 1.77
C 3FG C 7 -8.35 3.65 1.24
O 3FG C 7 -9.53 3.51 0.96
OXT 3FG C 7 -7.74 4.72 1.12
H 3FG C 7 -5.54 2.93 1.97
HA 3FG C 7 -7.88 1.52 1.28
HD1 3FG C 7 -6.66 0.02 6.98
HZ 3FG C 7 -7.96 1.81 7.24
HD2 3FG C 7 -9.74 4.55 5.66
HG2 3FG C 7 -8.97 3.98 3.60
N MLU D 1 0.16 0.12 -12.20
CN MLU D 1 0.76 1.45 -12.26
CA MLU D 1 -0.46 -0.10 -10.91
C MLU D 1 -1.55 0.95 -10.63
O MLU D 1 -2.44 1.16 -11.44
CB MLU D 1 -1.10 -1.48 -10.80
CG MLU D 1 -0.09 -2.62 -10.95
CD1 MLU D 1 0.98 -2.55 -9.87
CD2 MLU D 1 -0.80 -3.97 -10.90
H1 MLU D 1 -0.56 0.04 -12.95
H2 MLU D 1 0.89 -0.60 -12.36
HCN1 MLU D 1 1.52 1.53 -11.49
HCN2 MLU D 1 1.22 1.60 -13.24
HCN3 MLU D 1 -0.02 2.20 -12.10
HA MLU D 1 0.32 0.00 -10.15
HB2 MLU D 1 -1.87 -1.58 -11.56
HB3 MLU D 1 -1.60 -1.58 -9.83
HG MLU D 1 0.40 -2.52 -11.92
HD11 MLU D 1 0.54 -2.65 -8.88
HD12 MLU D 1 1.72 -3.33 -10.00
HD13 MLU D 1 1.51 -1.58 -9.90
HD21 MLU D 1 -0.08 -4.79 -11.04
HD22 MLU D 1 -1.30 -4.12 -9.94
HD23 MLU D 1 -1.55 -4.05 -11.68
N OMZ D 2 -1.39 1.58 -9.45
CA OMZ D 2 -2.38 2.58 -9.08
C OMZ D 2 -3.14 2.14 -7.80
O OMZ D 2 -4.29 2.50 -7.62
CB OMZ D 2 -1.77 3.98 -9.00
OC OMZ D 2 -1.15 4.30 -10.23
CG OMZ D 2 -0.75 4.09 -7.91
CD1 OMZ D 2 -0.97 4.99 -6.81
CD2 OMZ D 2 0.43 3.25 -7.93
CE1 OMZ D 2 -0.04 4.99 -5.71
CL OMZ D 2 -0.32 6.05 -4.37
CE2 OMZ D 2 1.34 3.26 -6.82
CZ OMZ D 2 1.08 4.11 -5.69
OH OMZ D 2 1.85 3.96 -4.53
H OMZ D 2 -0.64 1.34 -8.84
HA OMZ D 2 -3.12 2.57 -9.89
HB OMZ D 2 -2.54 4.72 -8.83
HC OMZ D 2 -1.84 4.33 -10.88
HD1 OMZ D 2 -1.82 5.66 -6.79
HD2 OMZ D 2 0.61 2.61 -8.78
HE2 OMZ D 2 2.19 2.61 -6.83
N ASN D 3 -2.46 1.33 -6.95
CA ASN D 3 -3.21 0.86 -5.79
C ASN D 3 -2.41 0.86 -4.48
N GHP D 4 -1.49 -0.12 -4.40
CA GHP D 4 -0.72 -0.23 -3.17
C GHP D 4 -0.43 -1.70 -2.81
O GHP D 4 -0.34 -2.58 -3.65
C1 GHP D 4 0.56 0.59 -3.17
C2 GHP D 4 1.75 0.18 -2.49
C3 GHP D 4 2.94 1.04 -2.40
C4 GHP D 4 2.89 2.30 -3.10
O4 GHP D 4 3.99 3.12 -3.03
C5 GHP D 4 1.74 2.71 -3.85
C6 GHP D 4 0.58 1.84 -3.86
H GHP D 4 -1.28 -0.67 -5.21
HA GHP D 4 -1.37 0.20 -2.40
HC2 GHP D 4 1.76 -0.79 -2.02
H6 GHP D 4 -0.31 2.13 -4.40
N GHP D 5 -0.28 -1.86 -1.48
CA GHP D 5 0.06 -3.15 -0.90
C GHP D 5 0.26 -3.03 0.61
O GHP D 5 -0.49 -2.30 1.25
C1 GHP D 5 -0.87 -4.30 -1.15
C2 GHP D 5 -0.30 -5.47 -1.75
C3 GHP D 5 -1.01 -6.68 -1.87
C4 GHP D 5 -2.38 -6.73 -1.44
O4 GHP D 5 -3.10 -7.90 -1.59
C5 GHP D 5 -3.01 -5.57 -0.86
C6 GHP D 5 -2.24 -4.34 -0.71
H GHP D 5 -0.40 -1.08 -0.87
HA GHP D 5 1.01 -3.36 -1.40
HC2 GHP D 5 0.73 -5.44 -2.08
HO4 GHP D 5 -2.56 -8.56 -1.98
H5 GHP D 5 -4.03 -5.60 -0.54
H6 GHP D 5 -2.69 -3.48 -0.25
N OMY D 6 1.25 -3.74 1.20
CA OMY D 6 2.22 -4.65 0.59
OCZ OMY D 6 4.13 0.77 -1.69
CE2 OMY D 6 4.25 -0.44 0.46
CE1 OMY D 6 4.15 -1.66 -1.69
CZ OMY D 6 4.22 -0.42 -0.97
CG OMY D 6 3.93 -2.93 0.44
CD2 OMY D 6 4.09 -1.69 1.17
CD1 OMY D 6 4.03 -2.91 -1.00
CB OMY D 6 3.61 -4.24 1.10
CL OMY D 6 4.18 -1.66 -3.42
O OMY D 6 1.55 -6.58 1.89
C OMY D 6 1.82 -6.12 0.78
ODE OMY D 6 3.56 -4.13 2.51
H OMY D 6 1.33 -3.62 2.20
HA OMY D 6 2.21 -4.51 -0.48
HE2 OMY D 6 4.41 0.49 0.99
HD2 OMY D 6 4.04 -1.68 2.25
HD1 OMY D 6 3.94 -3.82 -1.55
HB OMY D 6 4.32 -5.01 0.84
N 3FG D 7 1.80 -6.78 -0.40
OD1 3FG D 7 -1.90 -7.59 -4.30
CD1 3FG D 7 -0.82 -8.26 -3.75
CG1 3FG D 7 -0.32 -7.85 -2.48
CZ 3FG D 7 -0.21 -9.33 -4.48
CD2 3FG D 7 0.92 -10.03 -3.91
OD2 3FG D 7 1.50 -11.06 -4.61
CG2 3FG D 7 1.42 -9.63 -2.64
CB 3FG D 7 0.82 -8.54 -1.89
CA 3FG D 7 1.41 -8.16 -0.51
C 3FG D 7 2.65 -8.99 -0.09
O 3FG D 7 2.47 -10.12 0.36
OXT 3FG D 7 3.77 -8.49 -0.20
H 3FG D 7 2.05 -6.29 -1.22
HA 3FG D 7 0.62 -8.24 0.24
HD1 3FG D 7 -2.19 -6.91 -3.70
HZ 3FG D 7 -0.59 -9.59 -5.45
HD2 3FG D 7 2.23 -11.41 -4.11
HG2 3FG D 7 2.28 -10.14 -2.22
C2 BGC E . 5.69 5.46 1.76
C3 BGC E . 6.83 5.42 0.74
C4 BGC E . 7.43 4.02 0.67
C5 BGC E . 6.30 3.02 0.42
C6 BGC E . 6.79 1.57 0.41
C1 BGC E . 4.68 4.35 1.53
O2 BGC E . 5.05 6.72 1.71
O3 BGC E . 7.82 6.34 1.14
O4 BGC E . 8.34 3.94 -0.38
O5 BGC E . 5.35 3.12 1.44
O6 BGC E . 6.72 1.01 1.69
H2 BGC E . 6.12 5.33 2.75
H3 BGC E . 6.47 5.73 -0.25
H4 BGC E . 7.95 3.78 1.61
H5 BGC E . 5.84 3.28 -0.54
H61 BGC E . 6.20 0.97 -0.27
H62 BGC E . 7.82 1.48 0.07
H1 BGC E . 4.09 4.51 0.61
HO3 BGC E . 8.19 6.72 0.34
HO4 BGC E . 9.20 4.08 -0.01
HO6 BGC E . 7.02 0.12 1.63
C1 RER E . 5.66 7.65 2.58
C2 RER E . 4.95 9.01 2.50
C3 RER E . 3.53 8.96 3.08
N3 RER E . 3.05 10.33 3.24
C3A RER E . 2.60 8.22 2.12
C4 RER E . 3.57 8.28 4.44
O4 RER E . 2.25 8.10 4.91
C5 RER E . 4.27 6.93 4.32
O5 RER E . 5.60 7.16 3.90
C5A RER E . 4.29 6.15 5.64
H1 RER E . 6.70 7.76 2.30
H21C RER E . 5.53 9.73 3.06
H22C RER E . 4.93 9.37 1.47
HO1 RER E . 3.67 10.86 3.89
H31N RER E . 2.08 10.31 3.63
H32N RER E . 3.02 10.81 2.32
H3A1 RER E . 2.57 8.71 1.15
H3A2 RER E . 2.92 7.19 1.98
H3A3 RER E . 1.59 8.19 2.52
H4 RER E . 4.10 8.90 5.16
HO4 RER E . 2.29 8.22 5.85
H5 RER E . 3.76 6.34 3.57
H5A1 RER E . 4.80 6.71 6.42
H5A2 RER E . 3.27 5.95 5.99
H5A3 RER E . 4.80 5.20 5.53
C2 BGC F . 5.68 4.31 -4.18
C3 BGC F . 6.55 4.38 -5.43
C4 BGC F . 7.04 2.98 -5.81
C5 BGC F . 5.91 1.97 -5.81
C6 BGC F . 6.47 0.57 -6.04
C1 BGC F . 4.63 3.23 -4.29
O2 BGC F . 5.04 5.55 -4.02
O3 BGC F . 7.65 5.21 -5.16
O4 BGC F . 7.61 3.02 -7.10
O5 BGC F . 5.26 1.99 -4.56
O6 BGC F . 7.46 0.28 -5.08
H2 BGC F . 6.31 4.11 -3.30
H3 BGC F . 5.98 4.82 -6.25
H4 BGC F . 7.80 2.62 -5.12
H5 BGC F . 5.18 2.22 -6.59
H61 BGC F . 5.68 -0.17 -5.94
H62 BGC F . 6.91 0.48 -7.03
H1 BGC F . 3.91 3.46 -5.08
HO3 BGC F . 7.42 6.08 -5.48
HO4 BGC F . 8.54 3.16 -6.99
HO6 BGC F . 7.75 -0.60 -5.27
C1 RER F . 5.57 6.34 -2.99
C2 RER F . 5.59 7.80 -3.45
C3 RER F . 4.19 8.37 -3.66
N3 RER F . 4.28 9.81 -3.84
C3A RER F . 3.51 7.77 -4.91
C4 RER F . 3.34 8.06 -2.42
O4 RER F . 2.01 8.44 -2.65
C5 RER F . 3.42 6.57 -2.08
O5 RER F . 4.76 6.24 -1.84
C5A RER F . 2.59 6.24 -0.84
H1 RER F . 6.57 5.99 -2.75
H21C RER F . 6.12 8.40 -2.71
H22C RER F . 6.17 7.88 -4.38
HO1 RER F . 4.72 10.24 -2.99
H31N RER F . 3.33 10.21 -3.96
H32N RER F . 4.85 10.03 -4.68
H3A1 RER F . 4.13 7.93 -5.79
H3A2 RER F . 3.34 6.70 -4.79
H3A3 RER F . 2.55 8.25 -5.09
H4 RER F . 3.72 8.63 -1.58
HO4 RER F . 1.70 7.94 -3.39
H5 RER F . 3.05 5.98 -2.92
H5A1 RER F . 1.54 6.48 -0.99
H5A2 RER F . 2.67 5.18 -0.61
H5A3 RER F . 2.95 6.80 0.02
C1 RER G . -3.86 4.72 -3.00
C2 RER G . -4.20 4.51 -4.49
C3 RER G . -5.70 4.37 -4.74
N3 RER G . -5.96 4.51 -6.16
C3A RER G . -6.20 2.99 -4.30
C4 RER G . -6.43 5.47 -3.98
O4 RER G . -7.82 5.35 -4.15
C5 RER G . -6.05 5.41 -2.51
O5 RER G . -4.68 5.71 -2.43
C5A RER G . -6.85 6.40 -1.66
H1 RER G . -2.83 5.04 -2.92
H21C RER G . -3.84 5.37 -5.04
H22C RER G . -3.66 3.65 -4.88
HO1 RER G . -5.63 5.45 -6.49
H31N RER G . -6.98 4.44 -6.34
H32N RER G . -5.46 3.77 -6.69
H3A1 RER G . -5.77 2.21 -4.91
H3A2 RER G . -7.28 2.92 -4.38
H3A3 RER G . -5.92 2.79 -3.26
H4 RER G . -6.12 6.44 -4.35
HO4 RER G . -8.05 5.91 -4.87
H5 RER G . -6.20 4.39 -2.12
H5A1 RER G . -7.92 6.22 -1.76
H5A2 RER G . -6.59 6.32 -0.61
H5A3 RER G . -6.65 7.42 -1.98
C1 RER H . 4.82 -4.03 3.14
C2 RER H . 4.63 -4.10 4.66
C3 RER H . 4.29 -5.52 5.15
N3 RER H . 4.45 -5.57 6.59
C3A RER H . 2.84 -5.88 4.81
C4 RER H . 5.24 -6.51 4.49
O4 RER H . 4.86 -7.82 4.85
C5 RER H . 5.19 -6.35 2.98
O5 RER H . 5.67 -5.06 2.68
C5A RER H . 6.07 -7.38 2.26
H1 RER H . 5.29 -3.08 2.87
H21C RER H . 5.55 -3.77 5.14
H22C RER H . 3.85 -3.40 4.97
HO1 RER H . 4.23 -6.53 6.93
H31N RER H . 3.81 -4.89 7.04
H32N RER H . 5.43 -5.33 6.84
H3A1 RER H . 2.64 -6.93 5.09
H3A2 RER H . 2.13 -5.26 5.33
H3A3 RER H . 2.65 -5.80 3.74
H4 RER H . 6.25 -6.34 4.86
HO4 RER H . 5.66 -8.31 4.95
H5 RER H . 4.16 -6.42 2.63
H5A1 RER H . 5.72 -8.39 2.47
H5A2 RER H . 6.04 -7.24 1.19
H5A3 RER H . 7.11 -7.30 2.59
N ALA A 1 -5.81 10.65 -4.88
CA ALA A 1 -5.62 10.24 -3.49
C ALA A 1 -4.46 9.25 -3.35
N FGA A 2 -4.06 9.09 -2.08
CA FGA A 2 -2.98 8.16 -1.84
C FGA A 2 -1.67 8.75 -2.37
O FGA A 2 -1.72 9.55 -3.30
CB FGA A 2 -2.88 7.84 -0.36
CG FGA A 2 -4.21 7.33 0.21
CD FGA A 2 -4.02 6.81 1.63
OE1 FGA A 2 -2.91 6.77 2.16
H FGA A 2 -4.48 9.58 -1.32
HA FGA A 2 -3.23 7.26 -2.41
HB2 FGA A 2 -2.11 7.10 -0.19
HB3 FGA A 2 -2.60 8.74 0.18
HG2 FGA A 2 -4.95 8.13 0.23
HG3 FGA A 2 -4.62 6.54 -0.40
N LYS A 3 -5.17 6.44 2.22
CA LYS A 3 -5.16 5.97 3.58
C LYS A 3 -4.31 4.70 3.73
N DAL A 4 -3.56 4.63 4.83
CA DAL A 4 -2.77 3.41 4.99
CB DAL A 4 -3.65 2.30 5.57
C DAL A 4 -1.57 3.68 5.91
O DAL A 4 -1.35 4.77 6.41
H DAL A 4 -3.56 5.36 5.53
HA DAL A 4 -2.39 3.12 4.01
HB1 DAL A 4 -4.51 2.10 4.92
HB2 DAL A 4 -3.09 1.38 5.67
HB3 DAL A 4 -4.04 2.57 6.55
N DAL A 5 -0.83 2.57 6.08
CA DAL A 5 0.35 2.61 6.92
CB DAL A 5 1.32 3.68 6.41
C DAL A 5 1.01 1.23 6.94
O DAL A 5 2.21 1.15 6.72
OXT DAL A 5 0.31 0.25 7.19
H DAL A 5 -1.10 1.71 5.65
HA DAL A 5 0.01 2.85 7.92
HB1 DAL A 5 0.86 4.66 6.40
HB2 DAL A 5 2.21 3.74 7.05
HB3 DAL A 5 1.66 3.44 5.40
N ALA B 1 10.28 -3.36 3.50
CA ALA B 1 8.85 -3.05 3.65
C ALA B 1 8.28 -2.48 2.36
N FGA B 2 8.39 -3.32 1.31
CA FGA B 2 7.85 -2.81 0.08
C FGA B 2 8.73 -1.67 -0.44
O FGA B 2 8.79 -1.46 -1.65
CB FGA B 2 7.73 -3.88 -1.00
CG FGA B 2 6.62 -4.87 -0.68
CD FGA B 2 5.90 -5.19 -1.99
OE1 FGA B 2 5.84 -4.38 -2.91
H FGA B 2 8.80 -4.22 1.40
HA FGA B 2 6.85 -2.43 0.31
HB2 FGA B 2 7.45 -3.35 -1.91
HB3 FGA B 2 8.67 -4.39 -1.17
HG2 FGA B 2 6.98 -5.78 -0.21
HG3 FGA B 2 5.91 -4.39 -0.02
N LYS B 3 5.35 -6.42 -2.05
CA LYS B 3 4.65 -6.74 -3.26
C LYS B 3 3.49 -5.75 -3.44
N DAL B 4 3.29 -5.32 -4.70
CA DAL B 4 2.19 -4.37 -4.90
CB DAL B 4 0.92 -5.13 -5.31
C DAL B 4 2.60 -3.36 -5.98
O DAL B 4 3.59 -3.51 -6.67
H DAL B 4 3.86 -5.63 -5.46
HA DAL B 4 2.04 -3.84 -3.96
HB1 DAL B 4 0.63 -5.85 -4.54
HB2 DAL B 4 0.09 -4.44 -5.46
HB3 DAL B 4 1.07 -5.67 -6.24
N DAL B 5 1.76 -2.31 -6.04
CA DAL B 5 2.03 -1.28 -7.01
CB DAL B 5 3.30 -0.51 -6.63
C DAL B 5 0.83 -0.34 -7.12
O DAL B 5 0.76 0.62 -6.34
OXT DAL B 5 -0.03 -0.56 -7.98
H DAL B 5 0.93 -2.25 -5.48
HA DAL B 5 2.17 -1.79 -7.96
HB1 DAL B 5 4.15 -1.20 -6.58
HB2 DAL B 5 3.53 0.25 -7.38
HB3 DAL B 5 3.18 -0.02 -5.67
N MLU C 1 1.62 1.44 12.12
CN MLU C 1 3.04 1.80 12.08
CA MLU C 1 1.23 0.81 10.86
C MLU C 1 2.06 -0.45 10.61
O MLU C 1 2.00 -1.42 11.36
CB MLU C 1 -0.24 0.41 10.85
CG MLU C 1 -1.16 1.59 11.16
CD1 MLU C 1 -1.10 2.65 10.06
CD2 MLU C 1 -2.61 1.10 11.35
H1 MLU C 1 1.46 0.78 12.91
H2 MLU C 1 1.06 2.30 12.27
HCN1 MLU C 1 3.21 2.50 11.26
HCN2 MLU C 1 3.31 2.27 13.03
HCN3 MLU C 1 3.63 0.90 11.94
HA MLU C 1 1.43 1.52 10.06
HB2 MLU C 1 -0.41 -0.37 11.59
HB3 MLU C 1 -0.50 0.00 9.89
HG MLU C 1 -0.83 2.05 12.10
HD11 MLU C 1 -1.72 3.51 10.31
HD12 MLU C 1 -0.08 3.00 9.91
HD13 MLU C 1 -1.47 2.24 9.11
HD21 MLU C 1 -2.66 0.37 12.15
HD22 MLU C 1 -2.97 0.64 10.44
HD23 MLU C 1 -3.26 1.94 11.60
N OMZ C 2 2.85 -0.38 9.51
CA OMZ C 2 3.66 -1.54 9.20
C OMZ C 2 2.97 -2.39 8.09
O OMZ C 2 3.14 -3.60 8.07
CB OMZ C 2 5.09 -1.13 8.85
OC OMZ C 2 5.71 -0.56 9.99
CG OMZ C 2 5.12 -0.14 7.74
CD1 OMZ C 2 5.33 -0.58 6.39
CD2 OMZ C 2 4.88 1.26 8.01
CE1 OMZ C 2 5.22 0.36 5.32
CL OMZ C 2 5.42 -0.17 3.69
CE2 OMZ C 2 4.77 2.20 6.92
CZ OMZ C 2 4.89 1.74 5.57
OH OMZ C 2 4.58 2.58 4.50
H OMZ C 2 2.84 0.44 8.94
HA OMZ C 2 3.67 -2.15 10.10
HB OMZ C 2 5.68 -2.00 8.57
HC OMZ C 2 5.28 0.26 10.14
HD1 OMZ C 2 5.54 -1.61 6.18
HD2 OMZ C 2 4.73 1.60 9.03
HE2 OMZ C 2 4.55 3.24 7.13
N ASN C 3 2.21 -1.71 7.21
CA ASN C 3 1.54 -2.55 6.21
C ASN C 3 1.46 -1.93 4.81
N GHP C 4 0.60 -0.90 4.72
CA GHP C 4 0.43 -0.27 3.41
C GHP C 4 -1.04 0.14 3.21
O GHP C 4 -1.75 0.51 4.13
C1 GHP C 4 1.33 0.94 3.19
C2 GHP C 4 0.99 1.94 2.22
C3 GHP C 4 1.83 3.11 1.96
C4 GHP C 4 3.02 3.26 2.77
O4 GHP C 4 3.81 4.38 2.64
C5 GHP C 4 3.39 2.28 3.77
C6 GHP C 4 2.53 1.12 3.95
H GHP C 4 0.15 -0.56 5.55
HA GHP C 4 0.71 -1.04 2.70
HC2 GHP C 4 0.07 1.84 1.66
H6 GHP C 4 2.79 0.38 4.68
N GHP C 5 -1.42 0.03 1.92
CA GHP C 5 -2.74 0.44 1.52
C GHP C 5 -2.92 0.35 0.00
O GHP C 5 -2.43 -0.59 -0.61
C1 GHP C 5 -3.92 -0.22 2.18
C2 GHP C 5 -4.84 0.64 2.87
C3 GHP C 5 -6.06 0.18 3.39
C4 GHP C 5 -6.39 -1.21 3.28
O4 GHP C 5 -7.56 -1.70 3.80
C5 GHP C 5 -5.48 -2.12 2.61
C6 GHP C 5 -4.24 -1.62 2.05
H GHP C 5 -0.78 -0.31 1.24
HA GHP C 5 -2.72 1.48 1.83
HC2 GHP C 5 -4.59 1.69 2.97
HO4 GHP C 5 -7.64 -2.63 3.63
H5 GHP C 5 -5.72 -3.17 2.52
H6 GHP C 5 -3.57 -2.29 1.53
N OMY C 6 -3.64 1.32 -0.63
CA OMY C 6 -4.28 2.50 -0.05
OCZ OMY C 6 1.60 4.09 0.98
CE2 OMY C 6 0.04 3.81 -0.95
CE1 OMY C 6 -0.78 4.53 1.27
CZ OMY C 6 0.31 4.17 0.42
CG OMY C 6 -2.42 3.98 -0.52
CD2 OMY C 6 -1.32 3.70 -1.42
CD1 OMY C 6 -2.14 4.44 0.82
CB OMY C 6 -3.86 3.72 -0.87
CL OMY C 6 -0.47 5.03 2.89
O OMY C 6 -6.50 1.86 -0.81
C OMY C 6 -5.79 2.28 0.10
ODE OMY C 6 -4.03 3.50 -2.24
H OMY C 6 -3.72 1.22 -1.63
HA OMY C 6 -3.91 2.62 0.96
HE2 OMY C 6 0.86 3.56 -1.61
HD2 OMY C 6 -1.52 3.38 -2.44
HD1 OMY C 6 -2.95 4.68 1.48
HB OMY C 6 -4.46 4.57 -0.55
N 3FG C 7 -6.21 2.58 1.35
OD1 3FG C 7 -6.42 0.00 6.11
CD1 3FG C 7 -7.07 1.03 5.46
CG1 3FG C 7 -6.95 1.17 4.05
CZ 3FG C 7 -7.84 1.96 6.23
CD2 3FG C 7 -8.52 3.05 5.56
OD2 3FG C 7 -9.27 3.95 6.30
CG2 3FG C 7 -8.42 3.18 4.14
CB 3FG C 7 -7.64 2.24 3.36
CA 3FG C 7 -7.55 2.43 1.83
C 3FG C 7 -8.33 3.64 1.29
O 3FG C 7 -9.51 3.49 0.99
OXT 3FG C 7 -7.72 4.71 1.18
H 3FG C 7 -5.52 2.93 1.99
HA 3FG C 7 -7.87 1.51 1.34
HD1 3FG C 7 -6.59 0.06 7.04
HZ 3FG C 7 -7.89 1.87 7.30
HD2 3FG C 7 -9.64 4.59 5.71
HG2 3FG C 7 -8.92 3.99 3.65
N MLU D 1 0.16 0.27 -12.26
CN MLU D 1 0.75 1.60 -12.32
CA MLU D 1 -0.44 0.04 -10.96
C MLU D 1 -1.54 1.08 -10.67
O MLU D 1 -2.42 1.32 -11.47
CB MLU D 1 -1.07 -1.34 -10.84
CG MLU D 1 -0.06 -2.47 -11.00
CD1 MLU D 1 1.02 -2.39 -9.92
CD2 MLU D 1 -0.75 -3.84 -10.94
H1 MLU D 1 -0.57 0.18 -13.00
H2 MLU D 1 0.90 -0.44 -12.43
HCN1 MLU D 1 -0.03 2.35 -12.16
HCN2 MLU D 1 1.52 1.68 -11.55
HCN3 MLU D 1 1.20 1.75 -13.30
HA MLU D 1 0.34 0.14 -10.21
HB2 MLU D 1 -1.85 -1.45 -11.60
HB3 MLU D 1 -1.57 -1.43 -9.87
HG MLU D 1 0.42 -2.37 -11.97
HD11 MLU D 1 1.54 -1.44 -9.95
HD12 MLU D 1 0.57 -2.50 -8.93
HD13 MLU D 1 1.76 -3.18 -10.04
HD21 MLU D 1 -1.50 -3.91 -11.73
HD22 MLU D 1 -0.04 -4.64 -11.08
HD23 MLU D 1 -1.25 -3.97 -9.98
N OMZ D 2 -1.40 1.67 -9.47
CA OMZ D 2 -2.38 2.68 -9.07
C OMZ D 2 -3.15 2.20 -7.81
O OMZ D 2 -4.29 2.56 -7.62
CB OMZ D 2 -1.76 4.08 -8.96
OC OMZ D 2 -1.15 4.41 -10.17
CG OMZ D 2 -0.75 4.15 -7.86
CD1 OMZ D 2 -0.95 5.05 -6.75
CD2 OMZ D 2 0.42 3.31 -7.90
CE1 OMZ D 2 -0.03 5.02 -5.65
CL OMZ D 2 -0.30 6.07 -4.29
CE2 OMZ D 2 1.34 3.29 -6.79
CZ OMZ D 2 1.08 4.12 -5.64
OH OMZ D 2 1.84 3.95 -4.49
H OMZ D 2 -0.65 1.42 -8.85
HA OMZ D 2 -3.12 2.68 -9.88
HB OMZ D 2 -2.54 4.81 -8.76
HC OMZ D 2 -0.82 5.29 -10.07
HD1 OMZ D 2 -1.79 5.73 -6.73
HD2 OMZ D 2 0.63 2.67 -8.75
HE2 OMZ D 2 2.19 2.64 -6.80
N ASN D 3 -2.47 1.37 -6.97
CA ASN D 3 -3.22 0.87 -5.82
C ASN D 3 -2.44 0.86 -4.50
N GHP D 4 -1.51 -0.11 -4.44
CA GHP D 4 -0.76 -0.23 -3.19
C GHP D 4 -0.47 -1.71 -2.85
O GHP D 4 -0.35 -2.58 -3.72
C1 GHP D 4 0.52 0.58 -3.17
C2 GHP D 4 1.69 0.17 -2.45
C3 GHP D 4 2.87 1.02 -2.36
C4 GHP D 4 2.85 2.28 -3.06
O4 GHP D 4 3.96 3.10 -2.97
C5 GHP D 4 1.72 2.70 -3.83
C6 GHP D 4 0.55 1.83 -3.85
H GHP D 4 -1.28 -0.65 -5.25
HA GHP D 4 -1.43 0.18 -2.44
HC2 GHP D 4 1.70 -0.81 -1.99
H6 GHP D 4 -0.33 2.13 -4.42
N GHP D 5 -0.35 -1.89 -1.52
CA GHP D 5 0.00 -3.18 -0.96
C GHP D 5 0.19 -3.06 0.56
O GHP D 5 -0.56 -2.33 1.20
C1 GHP D 5 -0.92 -4.34 -1.23
C2 GHP D 5 -0.33 -5.49 -1.84
C3 GHP D 5 -1.03 -6.71 -1.99
C4 GHP D 5 -2.39 -6.78 -1.57
O4 GHP D 5 -3.10 -7.95 -1.73
C5 GHP D 5 -3.03 -5.63 -0.97
C6 GHP D 5 -2.29 -4.40 -0.80
H GHP D 5 -0.48 -1.11 -0.91
HA GHP D 5 0.95 -3.37 -1.45
HC2 GHP D 5 0.70 -5.43 -2.16
HO4 GHP D 5 -2.55 -8.60 -2.13
H5 GHP D 5 -4.06 -5.68 -0.65
H6 GHP D 5 -2.75 -3.55 -0.32
N OMY D 6 1.18 -3.78 1.17
CA OMY D 6 2.14 -4.68 0.54
OCZ OMY D 6 4.07 0.75 -1.63
CE2 OMY D 6 4.10 -0.49 0.51
CE1 OMY D 6 4.14 -1.67 -1.66
CZ OMY D 6 4.14 -0.45 -0.93
CG OMY D 6 3.87 -2.98 0.43
CD2 OMY D 6 3.95 -1.75 1.20
CD1 OMY D 6 4.01 -2.93 -1.00
CB OMY D 6 3.53 -4.31 1.06
CL OMY D 6 4.24 -1.63 -3.39
O OMY D 6 1.44 -6.61 1.83
C OMY D 6 1.73 -6.15 0.74
ODE OMY D 6 3.53 -4.24 2.47
H OMY D 6 1.25 -3.65 2.16
HA OMY D 6 2.14 -4.52 -0.53
HE2 OMY D 6 4.19 0.44 1.07
HD2 OMY D 6 3.88 -1.77 2.26
HD1 OMY D 6 3.98 -3.85 -1.57
HB OMY D 6 4.24 -5.07 0.74
N 3FG D 7 1.73 -6.81 -0.43
OD1 3FG D 7 -1.78 -7.55 -4.48
CD1 3FG D 7 -0.74 -8.23 -3.90
CG1 3FG D 7 -0.30 -7.86 -2.59
CZ 3FG D 7 -0.09 -9.29 -4.62
CD2 3FG D 7 1.00 -10.00 -4.01
OD2 3FG D 7 1.62 -11.02 -4.71
CG2 3FG D 7 1.45 -9.63 -2.70
CB 3FG D 7 0.81 -8.56 -1.96
CA 3FG D 7 1.33 -8.19 -0.56
C 3FG D 7 2.52 -9.04 -0.08
O 3FG D 7 2.32 -10.17 0.33
OXT 3FG D 7 3.66 -8.53 -0.14
H 3FG D 7 2.00 -6.32 -1.26
HA 3FG D 7 0.50 -8.27 0.15
HD1 3FG D 7 -2.10 -6.88 -3.90
HZ 3FG D 7 -0.42 -9.53 -5.61
HD2 3FG D 7 1.21 -11.13 -5.55
HG2 3FG D 7 2.27 -10.16 -2.25
C2 BGC E . 5.61 5.52 1.59
C3 BGC E . 6.65 5.46 0.47
C4 BGC E . 7.34 4.10 0.46
C5 BGC E . 6.31 2.98 0.50
C6 BGC E . 6.95 1.60 0.70
C1 BGC E . 4.67 4.32 1.52
O2 BGC E . 4.88 6.72 1.52
O3 BGC E . 7.59 6.49 0.68
O4 BGC E . 8.09 3.98 -0.72
O5 BGC E . 5.46 3.16 1.60
O6 BGC E . 7.87 1.61 1.75
H2 BGC E . 6.13 5.48 2.55
H3 BGC E . 6.16 5.64 -0.50
H4 BGC E . 8.03 4.02 1.30
H5 BGC E . 5.73 2.99 -0.41
H61 BGC E . 6.18 0.88 0.94
H62 BGC E . 7.45 1.24 -0.20
H1 BGC E . 4.08 4.30 0.60
HO3 BGC E . 8.01 6.30 1.51
HO4 BGC E . 8.98 4.24 -0.53
HO6 BGC E . 8.21 0.74 1.83
C1 RER E . 5.43 7.72 2.35
C2 RER E . 4.68 9.04 2.22
C3 RER E . 3.29 8.99 2.84
N3 RER E . 2.77 10.35 2.97
C3A RER E . 2.34 8.20 1.93
C4 RER E . 3.36 8.34 4.22
O4 RER E . 2.06 8.15 4.72
C5 RER E . 4.09 7.01 4.12
O5 RER E . 5.40 7.27 3.68
C5A RER E . 4.12 6.25 5.45
H1 RER E . 6.48 7.86 2.06
H21C RER E . 5.26 9.82 2.74
H22C RER E . 4.63 9.35 1.18
HO1 RER E . 2.72 10.80 2.04
H31N RER E . 3.40 10.90 3.58
H32N RER E . 1.82 10.32 3.40
H3A1 RER E . 2.26 8.67 0.95
H3A2 RER E . 2.69 7.19 1.79
H3A3 RER E . 1.33 8.16 2.36
H4 RER E . 3.88 9.00 4.91
HO4 RER E . 2.10 8.30 5.66
H5 RER E . 3.58 6.40 3.37
H5A1 RER E . 4.63 6.82 6.22
H5A2 RER E . 3.12 6.02 5.80
H5A3 RER E . 4.65 5.30 5.33
C2 BGC F . 5.66 4.29 -4.07
C3 BGC F . 6.57 4.36 -5.30
C4 BGC F . 7.05 2.97 -5.68
C5 BGC F . 5.92 1.95 -5.71
C6 BGC F . 6.50 0.56 -5.93
C1 BGC F . 4.61 3.19 -4.22
O2 BGC F . 4.99 5.51 -3.92
O3 BGC F . 7.66 5.19 -4.99
O4 BGC F . 7.65 3.00 -6.96
O5 BGC F . 5.25 1.97 -4.47
O6 BGC F . 7.46 0.26 -4.96
H2 BGC F . 6.26 4.07 -3.18
H3 BGC F . 6.01 4.81 -6.12
H4 BGC F . 7.80 2.60 -4.97
H5 BGC F . 5.22 2.20 -6.51
H61 BGC F . 5.72 -0.19 -5.86
H62 BGC F . 6.97 0.47 -6.91
H1 BGC F . 3.92 3.43 -5.01
HO3 BGC F . 7.45 6.05 -5.32
HO4 BGC F . 8.57 3.16 -6.82
HO6 BGC F . 7.77 -0.62 -5.14
C1 RER F . 5.43 6.28 -2.83
C2 RER F . 5.54 7.73 -3.30
C3 RER F . 4.19 8.34 -3.67
N3 RER F . 4.34 9.77 -3.84
C3A RER F . 3.64 7.74 -4.98
C4 RER F . 3.20 8.06 -2.53
O4 RER F . 1.92 8.48 -2.91
C5 RER F . 3.19 6.57 -2.19
O5 RER F . 4.48 6.19 -1.79
C5A RER F . 2.22 6.26 -1.05
H1 RER F . 6.38 5.90 -2.46
H21C RER F . 5.99 8.32 -2.50
H22C RER F . 6.23 7.79 -4.15
HO1 RER F . 4.70 10.19 -2.95
H31N RER F . 3.41 10.20 -4.06
H32N RER F . 5.01 9.96 -4.60
H3A1 RER F . 4.36 7.87 -5.78
H3A2 RER F . 2.71 8.25 -5.26
H3A3 RER F . 3.42 6.69 -4.87
H4 RER F . 3.49 8.63 -1.65
HO4 RER F . 1.81 9.37 -2.58
H5 RER F . 2.91 5.99 -3.07
H5A1 RER F . 1.19 6.51 -1.33
H5A2 RER F . 2.27 5.21 -0.79
H5A3 RER F . 2.47 6.85 -0.16
C1 RER G . -3.89 4.69 -2.99
C2 RER G . -4.23 4.46 -4.47
C3 RER G . -5.72 4.30 -4.71
N3 RER G . -6.00 4.44 -6.14
C3A RER G . -6.20 2.92 -4.25
C4 RER G . -6.45 5.41 -3.95
O4 RER G . -7.84 5.28 -4.12
C5 RER G . -6.08 5.33 -2.48
O5 RER G . -4.72 5.68 -2.42
C5A RER G . -6.89 6.32 -1.63
H1 RER G . -2.85 5.02 -2.91
H21C RER G . -3.88 5.32 -5.03
H22C RER G . -3.68 3.61 -4.86
HO1 RER G . -7.02 4.35 -6.31
H31N RER G . -5.68 5.38 -6.46
H32N RER G . -5.50 3.71 -6.66
H3A1 RER G . -5.79 2.14 -4.88
H3A2 RER G . -5.92 2.72 -3.23
H3A3 RER G . -7.29 2.85 -4.33
H4 RER G . -6.15 6.38 -4.33
HO4 RER G . -8.08 5.84 -4.86
H5 RER G . -6.22 4.32 -2.11
H5A1 RER G . -6.74 7.34 -1.98
H5A2 RER G . -7.96 6.10 -1.69
H5A3 RER G . -6.59 6.27 -0.59
C1 RER H . 4.81 -4.13 3.04
C2 RER H . 4.65 -4.14 4.57
C3 RER H . 4.29 -5.53 5.11
N3 RER H . 4.47 -5.54 6.56
C3A RER H . 2.85 -5.89 4.80
C4 RER H . 5.23 -6.56 4.49
O4 RER H . 4.85 -7.85 4.91
C5 RER H . 5.15 -6.46 2.97
O5 RER H . 5.64 -5.18 2.61
C5A RER H . 5.99 -7.53 2.28
H1 RER H . 5.28 -3.20 2.72
H21C RER H . 5.59 -3.80 5.02
H22C RER H . 3.90 -3.41 4.87
HO1 RER H . 4.25 -6.49 6.93
H31N RER H . 3.84 -4.83 6.99
H32N RER H . 5.46 -5.30 6.80
H3A1 RER H . 2.14 -5.27 5.34
H3A2 RER H . 2.62 -5.79 3.74
H3A3 RER H . 2.65 -6.93 5.07
H4 RER H . 6.25 -6.39 4.82
HO4 RER H . 5.65 -8.35 5.00
H5 RER H . 4.11 -6.53 2.65
H5A1 RER H . 7.03 -7.45 2.57
H5A2 RER H . 5.63 -8.52 2.54
H5A3 RER H . 5.93 -7.43 1.19
N ALA A 1 -5.71 11.12 -4.03
CA ALA A 1 -6.08 9.87 -3.39
C ALA A 1 -4.87 8.96 -3.22
N FGA A 2 -4.24 9.11 -2.04
CA FGA A 2 -3.09 8.26 -1.82
C FGA A 2 -1.83 8.96 -2.33
O FGA A 2 -1.82 10.18 -2.41
CB FGA A 2 -2.97 7.93 -0.34
CG FGA A 2 -4.27 7.37 0.23
CD FGA A 2 -4.05 6.84 1.64
OE1 FGA A 2 -2.95 6.81 2.18
H FGA A 2 -4.53 9.75 -1.34
HA FGA A 2 -3.27 7.36 -2.39
HB2 FGA A 2 -2.16 7.21 -0.19
HB3 FGA A 2 -2.70 8.84 0.21
HG2 FGA A 2 -5.04 8.15 0.25
HG3 FGA A 2 -4.65 6.57 -0.39
N LYS A 3 -5.20 6.44 2.22
CA LYS A 3 -5.20 5.93 3.58
C LYS A 3 -4.33 4.67 3.71
N DAL A 4 -3.62 4.59 4.85
CA DAL A 4 -2.81 3.38 5.00
CB DAL A 4 -3.68 2.27 5.59
C DAL A 4 -1.61 3.66 5.91
O DAL A 4 -1.40 4.76 6.41
H DAL A 4 -3.65 5.30 5.55
HA DAL A 4 -2.44 3.09 4.02
HB1 DAL A 4 -4.53 2.06 4.94
HB2 DAL A 4 -3.11 1.35 5.69
HB3 DAL A 4 -4.06 2.55 6.57
N DAL A 5 -0.85 2.56 6.09
CA DAL A 5 0.33 2.63 6.93
CB DAL A 5 1.29 3.70 6.41
C DAL A 5 1.01 1.25 6.96
O DAL A 5 0.32 0.27 7.22
OXT DAL A 5 2.22 1.19 6.71
H DAL A 5 -1.11 1.70 5.66
HA DAL A 5 -0.02 2.87 7.93
HB1 DAL A 5 0.80 4.68 6.40
HB2 DAL A 5 2.16 3.77 7.05
HB3 DAL A 5 1.62 3.47 5.40
N ALA B 1 10.90 -3.40 2.78
CA ALA B 1 9.54 -3.23 3.26
C ALA B 1 8.65 -2.62 2.17
N FGA B 2 8.63 -3.34 1.05
CA FGA B 2 7.80 -2.80 -0.01
C FGA B 2 8.45 -1.52 -0.55
O FGA B 2 9.23 -0.91 0.18
CB FGA B 2 7.60 -3.77 -1.16
CG FGA B 2 6.58 -4.85 -0.83
CD FGA B 2 5.83 -5.20 -2.12
OE1 FGA B 2 5.75 -4.38 -3.03
H FGA B 2 9.14 -4.20 0.96
HA FGA B 2 6.84 -2.57 0.44
HB2 FGA B 2 7.19 -3.18 -1.97
HB3 FGA B 2 8.53 -4.21 -1.51
HG2 FGA B 2 7.02 -5.74 -0.38
HG3 FGA B 2 5.87 -4.44 -0.13
N LYS B 3 5.32 -6.43 -2.17
CA LYS B 3 4.61 -6.72 -3.38
C LYS B 3 3.45 -5.73 -3.50
N DAL B 4 3.21 -5.32 -4.76
CA DAL B 4 2.12 -4.36 -4.95
CB DAL B 4 0.84 -5.11 -5.34
C DAL B 4 2.52 -3.36 -6.04
O DAL B 4 3.48 -3.55 -6.77
H DAL B 4 3.77 -5.68 -5.50
HA DAL B 4 1.98 -3.82 -4.01
HB1 DAL B 4 0.55 -5.83 -4.57
HB2 DAL B 4 0.01 -4.42 -5.48
HB3 DAL B 4 0.97 -5.66 -6.28
N DAL B 5 1.71 -2.29 -6.07
CA DAL B 5 1.97 -1.25 -7.05
CB DAL B 5 3.26 -0.50 -6.69
C DAL B 5 0.79 -0.29 -7.14
O DAL B 5 0.73 0.63 -6.33
OXT DAL B 5 -0.06 -0.50 -8.00
H DAL B 5 0.92 -2.20 -5.48
HA DAL B 5 2.10 -1.78 -7.99
HB1 DAL B 5 4.11 -1.19 -6.64
HB2 DAL B 5 3.50 0.25 -7.44
HB3 DAL B 5 3.17 -0.01 -5.73
N MLU C 1 1.62 1.53 12.11
CN MLU C 1 3.03 1.90 12.07
CA MLU C 1 1.22 0.88 10.87
C MLU C 1 2.06 -0.39 10.64
O MLU C 1 2.01 -1.34 11.41
CB MLU C 1 -0.25 0.47 10.88
CG MLU C 1 -1.18 1.64 11.19
CD1 MLU C 1 -1.13 2.69 10.07
CD2 MLU C 1 -2.62 1.15 11.38
H1 MLU C 1 1.46 0.88 12.91
H2 MLU C 1 1.05 2.39 12.25
HCN1 MLU C 1 3.18 2.58 11.23
HCN2 MLU C 1 3.30 2.39 13.00
HCN3 MLU C 1 3.62 1.00 11.93
HA MLU C 1 1.40 1.58 10.06
HB2 MLU C 1 -0.40 -0.30 11.64
HB3 MLU C 1 -0.51 0.04 9.93
HG MLU C 1 -0.84 2.12 12.11
HD11 MLU C 1 -1.76 3.55 10.31
HD12 MLU C 1 -0.11 3.04 9.91
HD13 MLU C 1 -1.48 2.26 9.13
HD21 MLU C 1 -2.66 0.42 12.19
HD22 MLU C 1 -3.28 1.97 11.62
HD23 MLU C 1 -2.99 0.66 10.48
N OMZ C 2 2.82 -0.33 9.54
CA OMZ C 2 3.65 -1.49 9.23
C OMZ C 2 2.98 -2.34 8.13
O OMZ C 2 3.13 -3.56 8.11
CB OMZ C 2 5.09 -1.08 8.89
OC OMZ C 2 5.68 -0.48 10.02
CG OMZ C 2 5.11 -0.09 7.77
CD1 OMZ C 2 5.32 -0.56 6.42
CD2 OMZ C 2 4.87 1.30 8.03
CE1 OMZ C 2 5.21 0.38 5.34
CL OMZ C 2 5.43 -0.18 3.71
CE2 OMZ C 2 4.78 2.23 6.93
CZ OMZ C 2 4.90 1.76 5.58
OH OMZ C 2 4.59 2.57 4.49
H OMZ C 2 2.82 0.47 8.94
HA OMZ C 2 3.65 -2.09 10.14
HB OMZ C 2 5.68 -1.95 8.62
HC OMZ C 2 5.76 -1.17 10.67
HD1 OMZ C 2 5.54 -1.59 6.23
HD2 OMZ C 2 4.73 1.66 9.04
HE2 OMZ C 2 4.56 3.28 7.11
N ASN C 3 2.21 -1.67 7.23
CA ASN C 3 1.55 -2.52 6.24
C ASN C 3 1.47 -1.90 4.84
N GHP C 4 0.60 -0.87 4.74
CA GHP C 4 0.43 -0.25 3.44
C GHP C 4 -1.04 0.16 3.23
O GHP C 4 -1.75 0.54 4.16
C1 GHP C 4 1.32 0.96 3.20
C2 GHP C 4 1.00 1.95 2.23
C3 GHP C 4 1.84 3.11 1.97
C4 GHP C 4 3.03 3.26 2.78
O4 GHP C 4 3.83 4.37 2.63
C5 GHP C 4 3.40 2.29 3.76
C6 GHP C 4 2.53 1.13 3.95
H GHP C 4 0.14 -0.54 5.56
HA GHP C 4 0.70 -1.02 2.71
HC2 GHP C 4 0.06 1.86 1.68
H6 GHP C 4 2.78 0.40 4.70
N GHP C 5 -1.42 0.04 1.95
CA GHP C 5 -2.74 0.46 1.55
C GHP C 5 -2.91 0.38 0.02
O GHP C 5 -2.41 -0.55 -0.58
C1 GHP C 5 -3.92 -0.21 2.19
C2 GHP C 5 -4.84 0.64 2.87
C3 GHP C 5 -6.07 0.16 3.38
C4 GHP C 5 -6.38 -1.23 3.24
O4 GHP C 5 -7.58 -1.72 3.76
C5 GHP C 5 -5.46 -2.12 2.58
C6 GHP C 5 -4.23 -1.61 2.04
H GHP C 5 -0.78 -0.30 1.26
HA GHP C 5 -2.73 1.50 1.86
HC2 GHP C 5 -4.61 1.69 2.98
HO4 GHP C 5 -8.06 -1.01 4.15
H5 GHP C 5 -5.71 -3.17 2.48
H6 GHP C 5 -3.55 -2.27 1.52
N OMY C 6 -3.63 1.36 -0.62
CA OMY C 6 -4.28 2.53 -0.03
OCZ OMY C 6 1.60 4.10 0.98
CE2 OMY C 6 0.04 3.79 -0.94
CE1 OMY C 6 -0.77 4.57 1.28
CZ OMY C 6 0.32 4.18 0.43
CG OMY C 6 -2.41 4.00 -0.51
CD2 OMY C 6 -1.32 3.70 -1.40
CD1 OMY C 6 -2.12 4.48 0.82
CB OMY C 6 -3.85 3.76 -0.85
CL OMY C 6 -0.44 5.09 2.89
O OMY C 6 -6.50 1.90 -0.82
C OMY C 6 -5.80 2.30 0.11
ODE OMY C 6 -4.03 3.53 -2.23
H OMY C 6 -3.71 1.26 -1.61
HA OMY C 6 -3.91 2.65 0.97
HE2 OMY C 6 0.86 3.53 -1.59
HD2 OMY C 6 -1.53 3.35 -2.41
HD1 OMY C 6 -2.93 4.75 1.49
HB OMY C 6 -4.45 4.60 -0.53
N 3FG C 7 -6.21 2.59 1.35
OD1 3FG C 7 -6.44 -0.03 6.10
CD1 3FG C 7 -7.10 1.00 5.45
CG1 3FG C 7 -6.98 1.14 4.03
CZ 3FG C 7 -7.90 1.91 6.21
CD2 3FG C 7 -8.59 2.98 5.56
OD2 3FG C 7 -9.36 3.87 6.29
CG2 3FG C 7 -8.48 3.13 4.14
CB 3FG C 7 -7.67 2.21 3.34
CA 3FG C 7 -7.56 2.42 1.82
C 3FG C 7 -8.35 3.62 1.29
O 3FG C 7 -9.54 3.48 1.00
OXT 3FG C 7 -7.75 4.70 1.15
H 3FG C 7 -5.54 2.92 2.02
HA 3FG C 7 -7.87 1.50 1.32
HD1 3FG C 7 -6.61 0.01 7.03
HZ 3FG C 7 -7.94 1.80 7.29
HD2 3FG C 7 -9.74 4.51 5.71
HG2 3FG C 7 -8.98 3.95 3.64
N MLU D 1 0.18 0.27 -12.23
CN MLU D 1 0.79 1.59 -12.27
CA MLU D 1 -0.45 0.04 -10.93
C MLU D 1 -1.52 1.09 -10.65
O MLU D 1 -2.41 1.34 -11.45
CB MLU D 1 -1.10 -1.34 -10.85
CG MLU D 1 -0.10 -2.48 -11.02
CD1 MLU D 1 0.98 -2.43 -9.94
CD2 MLU D 1 -0.82 -3.83 -10.99
H1 MLU D 1 -0.55 0.21 -12.98
H2 MLU D 1 0.90 -0.46 -12.40
HCN1 MLU D 1 1.25 1.74 -13.25
HCN2 MLU D 1 0.02 2.35 -12.09
HCN3 MLU D 1 1.55 1.65 -11.49
HA MLU D 1 0.33 0.12 -10.18
HB2 MLU D 1 -1.88 -1.43 -11.61
HB3 MLU D 1 -1.60 -1.45 -9.89
HG MLU D 1 0.38 -2.37 -11.99
HD11 MLU D 1 0.54 -2.55 -8.96
HD12 MLU D 1 1.72 -3.23 -10.09
HD13 MLU D 1 1.51 -1.48 -9.97
HD21 MLU D 1 -0.11 -4.65 -11.13
HD22 MLU D 1 -1.31 -3.98 -10.02
HD23 MLU D 1 -1.57 -3.90 -11.77
N OMZ D 2 -1.37 1.69 -9.45
CA OMZ D 2 -2.35 2.69 -9.06
C OMZ D 2 -3.12 2.23 -7.80
O OMZ D 2 -4.27 2.61 -7.59
CB OMZ D 2 -1.72 4.09 -8.95
OC OMZ D 2 -1.11 4.43 -10.17
CG OMZ D 2 -0.71 4.17 -7.86
CD1 OMZ D 2 -0.91 5.07 -6.75
CD2 OMZ D 2 0.44 3.32 -7.88
CE1 OMZ D 2 0.00 5.04 -5.64
CL OMZ D 2 -0.25 6.09 -4.30
CE2 OMZ D 2 1.36 3.30 -6.77
CZ OMZ D 2 1.11 4.13 -5.63
OH OMZ D 2 1.87 3.95 -4.47
H OMZ D 2 -0.64 1.43 -8.84
HA OMZ D 2 -3.09 2.71 -9.87
HB OMZ D 2 -2.50 4.83 -8.77
HC OMZ D 2 -0.35 3.87 -10.26
HD1 OMZ D 2 -1.74 5.75 -6.73
HD2 OMZ D 2 0.65 2.67 -8.73
HE2 OMZ D 2 2.21 2.63 -6.78
N ASN D 3 -2.46 1.40 -6.96
CA ASN D 3 -3.21 0.92 -5.80
C ASN D 3 -2.41 0.89 -4.49
N GHP D 4 -1.50 -0.10 -4.43
CA GHP D 4 -0.74 -0.22 -3.19
C GHP D 4 -0.45 -1.70 -2.84
O GHP D 4 -0.35 -2.57 -3.70
C1 GHP D 4 0.53 0.59 -3.17
C2 GHP D 4 1.72 0.17 -2.46
C3 GHP D 4 2.90 1.01 -2.36
C4 GHP D 4 2.88 2.28 -3.05
O4 GHP D 4 3.99 3.10 -2.97
C5 GHP D 4 1.75 2.71 -3.81
C6 GHP D 4 0.57 1.84 -3.85
H GHP D 4 -1.29 -0.63 -5.24
HA GHP D 4 -1.41 0.19 -2.42
HC2 GHP D 4 1.72 -0.81 -1.99
H6 GHP D 4 -0.31 2.14 -4.40
N GHP D 5 -0.33 -1.88 -1.52
CA GHP D 5 0.00 -3.17 -0.94
C GHP D 5 0.19 -3.04 0.57
O GHP D 5 -0.56 -2.32 1.21
C1 GHP D 5 -0.91 -4.33 -1.21
C2 GHP D 5 -0.31 -5.49 -1.81
C3 GHP D 5 -1.01 -6.71 -1.97
C4 GHP D 5 -2.38 -6.78 -1.56
O4 GHP D 5 -3.07 -7.96 -1.73
C5 GHP D 5 -3.02 -5.62 -0.97
C6 GHP D 5 -2.28 -4.41 -0.79
H GHP D 5 -0.47 -1.09 -0.91
HA GHP D 5 0.95 -3.36 -1.43
HC2 GHP D 5 0.72 -5.42 -2.13
HO4 GHP D 5 -2.52 -8.61 -2.12
H5 GHP D 5 -4.06 -5.69 -0.66
H6 GHP D 5 -2.76 -3.55 -0.33
N OMY D 6 1.18 -3.75 1.18
CA OMY D 6 2.15 -4.66 0.57
OCZ OMY D 6 4.09 0.75 -1.64
CE2 OMY D 6 4.15 -0.48 0.51
CE1 OMY D 6 4.15 -1.68 -1.66
CZ OMY D 6 4.17 -0.45 -0.92
CG OMY D 6 3.89 -2.97 0.45
CD2 OMY D 6 3.99 -1.74 1.20
CD1 OMY D 6 4.03 -2.93 -0.98
CB OMY D 6 3.54 -4.29 1.09
CL OMY D 6 4.25 -1.65 -3.38
O OMY D 6 1.39 -6.58 1.83
C OMY D 6 1.73 -6.13 0.75
ODE OMY D 6 3.53 -4.21 2.49
H OMY D 6 1.26 -3.63 2.17
HA OMY D 6 2.14 -4.50 -0.50
HE2 OMY D 6 4.23 0.45 1.06
HD2 OMY D 6 3.92 -1.75 2.28
HD1 OMY D 6 3.97 -3.84 -1.54
HB OMY D 6 4.24 -5.07 0.78
N 3FG D 7 1.77 -6.80 -0.42
OD1 3FG D 7 -1.77 -7.58 -4.46
CD1 3FG D 7 -0.71 -8.23 -3.88
CG1 3FG D 7 -0.27 -7.85 -2.58
CZ 3FG D 7 -0.05 -9.28 -4.59
CD2 3FG D 7 1.06 -9.97 -4.00
OD2 3FG D 7 1.69 -10.99 -4.69
CG2 3FG D 7 1.50 -9.61 -2.69
CB 3FG D 7 0.85 -8.53 -1.95
CA 3FG D 7 1.36 -8.17 -0.55
C 3FG D 7 2.57 -9.01 -0.07
O 3FG D 7 2.36 -10.11 0.43
OXT 3FG D 7 3.71 -8.53 -0.21
H 3FG D 7 2.08 -6.31 -1.23
HA 3FG D 7 0.55 -8.24 0.16
HD1 3FG D 7 -1.94 -7.95 -5.31
HZ 3FG D 7 -0.39 -9.53 -5.59
HD2 3FG D 7 1.29 -11.11 -5.53
HG2 3FG D 7 2.34 -10.12 -2.25
C2 BGC E . 5.64 5.50 1.59
C3 BGC E . 6.70 5.42 0.49
C4 BGC E . 7.40 4.07 0.52
C5 BGC E . 6.37 2.94 0.56
C6 BGC E . 7.01 1.57 0.79
C1 BGC E . 4.70 4.30 1.52
O2 BGC E . 4.90 6.70 1.48
O3 BGC E . 7.63 6.46 0.70
O4 BGC E . 8.18 3.92 -0.63
O5 BGC E . 5.49 3.14 1.64
O6 BGC E . 7.88 1.60 1.90
H2 BGC E . 6.13 5.48 2.56
H3 BGC E . 6.24 5.59 -0.48
H4 BGC E . 8.05 4.01 1.39
H5 BGC E . 5.81 2.95 -0.37
H61 BGC E . 6.23 0.84 1.00
H62 BGC E . 7.56 1.20 -0.07
H1 BGC E . 4.13 4.26 0.59
HO3 BGC E . 7.37 7.18 0.15
HO4 BGC E . 9.06 4.20 -0.41
HO6 BGC E . 8.22 0.73 2.01
C1 RER E . 5.45 7.71 2.30
C2 RER E . 4.69 9.03 2.15
C3 RER E . 3.29 8.98 2.78
N3 RER E . 2.77 10.34 2.90
C3A RER E . 2.33 8.19 1.88
C4 RER E . 3.37 8.35 4.17
O4 RER E . 2.08 8.17 4.68
C5 RER E . 4.10 7.03 4.08
O5 RER E . 5.42 7.28 3.64
C5A RER E . 4.14 6.26 5.41
H1 RER E . 6.49 7.86 2.00
H21C RER E . 5.25 9.81 2.64
H22C RER E . 4.61 9.30 1.09
HO1 RER E . 2.72 10.78 1.95
H31N RER E . 3.42 10.90 3.50
H32N RER E . 1.83 10.32 3.32
H3A1 RER E . 1.34 8.15 2.33
H3A2 RER E . 2.25 8.64 0.90
H3A3 RER E . 2.68 7.17 1.75
H4 RER E . 3.90 9.02 4.84
HO4 RER E . 2.12 8.33 5.61
H5 RER E . 3.60 6.41 3.34
H5A1 RER E . 4.64 6.85 6.18
H5A2 RER E . 3.13 6.05 5.76
H5A3 RER E . 4.67 5.31 5.30
C2 BGC F . 5.73 4.20 -4.06
C3 BGC F . 6.66 4.24 -5.27
C4 BGC F . 7.10 2.83 -5.66
C5 BGC F . 5.94 1.86 -5.68
C6 BGC F . 6.47 0.44 -5.88
C1 BGC F . 4.65 3.15 -4.20
O2 BGC F . 5.10 5.45 -3.94
O3 BGC F . 7.77 5.03 -4.95
O4 BGC F . 7.70 2.86 -6.93
O5 BGC F . 5.26 1.90 -4.45
O6 BGC F . 7.43 0.12 -4.90
H2 BGC F . 6.32 4.00 -3.17
H3 BGC F . 6.14 4.73 -6.10
H4 BGC F . 7.83 2.46 -4.94
H5 BGC F . 5.24 2.11 -6.47
H61 BGC F . 5.67 -0.28 -5.81
H62 BGC F . 6.95 0.34 -6.85
H1 BGC F . 3.97 3.40 -5.02
HO3 BGC F . 8.02 5.48 -5.74
HO4 BGC F . 7.08 3.28 -7.51
HO6 BGC F . 7.71 -0.76 -5.07
C1 RER F . 5.50 6.20 -2.83
C2 RER F . 5.61 7.67 -3.27
C3 RER F . 4.25 8.27 -3.63
N3 RER F . 4.39 9.71 -3.76
C3A RER F . 3.71 7.70 -4.95
C4 RER F . 3.26 7.96 -2.50
O4 RER F . 1.98 8.39 -2.88
C5 RER F . 3.25 6.47 -2.20
O5 RER F . 4.55 6.09 -1.80
C5A RER F . 2.28 6.12 -1.07
H1 RER F . 6.45 5.83 -2.45
H21C RER F . 6.06 8.24 -2.47
H22C RER F . 6.29 7.75 -4.12
HO1 RER F . 4.74 10.11 -2.88
H31N RER F . 3.47 10.12 -4.00
H32N RER F . 5.07 9.92 -4.53
H3A1 RER F . 4.43 7.86 -5.76
H3A2 RER F . 3.51 6.63 -4.88
H3A3 RER F . 2.78 8.19 -5.23
H4 RER F . 3.54 8.51 -1.61
HO4 RER F . 1.86 9.26 -2.52
H5 RER F . 2.98 5.90 -3.10
H5A1 RER F . 2.53 6.66 -0.16
H5A2 RER F . 1.25 6.38 -1.36
H5A3 RER F . 2.31 5.06 -0.86
C1 RER G . -3.87 4.71 -2.97
C2 RER G . -4.19 4.49 -4.45
C3 RER G . -5.69 4.34 -4.71
N3 RER G . -5.95 4.47 -6.14
C3A RER G . -6.19 2.97 -4.25
C4 RER G . -6.43 5.45 -3.97
O4 RER G . -7.82 5.34 -4.15
C5 RER G . -6.07 5.40 -2.49
O5 RER G . -4.69 5.71 -2.41
C5A RER G . -6.87 6.40 -1.67
H1 RER G . -2.83 5.04 -2.89
H21C RER G . -3.84 5.35 -5.02
H22C RER G . -3.65 3.62 -4.84
HO1 RER G . -6.97 4.38 -6.32
H31N RER G . -5.45 3.71 -6.65
H32N RER G . -5.63 5.40 -6.47
H3A1 RER G . -5.77 2.17 -4.86
H3A2 RER G . -7.27 2.91 -4.33
H3A3 RER G . -5.92 2.77 -3.21
H4 RER G . -6.11 6.42 -4.36
HO4 RER G . -8.04 5.88 -4.88
H5 RER G . -6.22 4.39 -2.11
H5A1 RER G . -6.67 7.42 -1.99
H5A2 RER G . -7.94 6.22 -1.77
H5A3 RER G . -6.62 6.33 -0.61
C1 RER H . 4.80 -4.11 3.08
C2 RER H . 4.63 -4.13 4.61
C3 RER H . 4.26 -5.51 5.15
N3 RER H . 4.42 -5.53 6.60
C3A RER H . 2.82 -5.87 4.81
C4 RER H . 5.19 -6.54 4.53
O4 RER H . 4.80 -7.83 4.94
C5 RER H . 5.13 -6.43 3.01
O5 RER H . 5.62 -5.16 2.66
C5A RER H . 5.98 -7.51 2.32
H1 RER H . 5.27 -3.18 2.77
H21C RER H . 5.57 -3.79 5.07
H22C RER H . 3.88 -3.39 4.91
HO1 RER H . 3.80 -4.82 7.03
H31N RER H . 5.41 -5.29 6.83
H32N RER H . 4.18 -6.47 6.96
H3A1 RER H . 2.11 -5.23 5.35
H3A2 RER H . 2.61 -5.76 3.75
H3A3 RER H . 2.60 -6.89 5.10
H4 RER H . 6.21 -6.38 4.87
HO4 RER H . 5.60 -8.33 5.05
H5 RER H . 4.10 -6.51 2.67
H5A1 RER H . 5.62 -8.51 2.58
H5A2 RER H . 5.94 -7.40 1.25
H5A3 RER H . 7.02 -7.43 2.64
N ALA A 1 -5.85 11.03 -4.06
CA ALA A 1 -6.19 9.77 -3.41
C ALA A 1 -4.96 8.89 -3.22
N FGA A 2 -4.34 9.07 -2.04
CA FGA A 2 -3.18 8.25 -1.80
C FGA A 2 -1.93 8.97 -2.31
O FGA A 2 -2.04 9.75 -3.25
CB FGA A 2 -3.06 7.92 -0.32
CG FGA A 2 -4.36 7.35 0.24
CD FGA A 2 -4.15 6.83 1.66
OE1 FGA A 2 -3.05 6.83 2.20
H FGA A 2 -4.65 9.71 -1.34
HA FGA A 2 -3.34 7.34 -2.37
HB2 FGA A 2 -2.25 7.22 -0.17
HB3 FGA A 2 -2.82 8.84 0.22
HG2 FGA A 2 -5.15 8.10 0.25
HG3 FGA A 2 -4.72 6.53 -0.38
N LYS A 3 -5.28 6.40 2.23
CA LYS A 3 -5.29 5.90 3.59
C LYS A 3 -4.38 4.66 3.72
N DAL A 4 -3.70 4.58 4.87
CA DAL A 4 -2.85 3.41 5.05
CB DAL A 4 -3.61 2.33 5.82
C DAL A 4 -1.56 3.82 5.77
O DAL A 4 -1.51 4.80 6.50
H DAL A 4 -3.79 5.28 5.58
HA DAL A 4 -2.57 3.04 4.05
HB1 DAL A 4 -4.51 2.04 5.29
HB2 DAL A 4 -3.00 1.43 5.95
HB3 DAL A 4 -3.89 2.69 6.81
N DAL A 5 -0.54 2.99 5.51
CA DAL A 5 0.76 3.23 6.10
CB DAL A 5 0.67 3.34 7.61
C DAL A 5 1.36 4.51 5.53
O DAL A 5 0.63 5.50 5.42
OXT DAL A 5 2.54 4.51 5.19
H DAL A 5 -0.68 2.20 4.91
HA DAL A 5 1.37 2.37 5.87
HB1 DAL A 5 -0.04 4.11 7.92
HB2 DAL A 5 0.39 2.38 8.04
HB3 DAL A 5 1.64 3.61 8.03
N ALA B 1 11.38 -3.27 1.98
CA ALA B 1 10.13 -3.23 2.73
C ALA B 1 9.02 -2.61 1.90
N FGA B 2 8.84 -3.24 0.73
CA FGA B 2 7.79 -2.68 -0.10
C FGA B 2 8.23 -1.32 -0.63
O FGA B 2 7.79 -0.92 -1.71
CB FGA B 2 7.45 -3.58 -1.29
CG FGA B 2 6.58 -4.77 -0.91
CD FGA B 2 5.82 -5.18 -2.16
OE1 FGA B 2 5.71 -4.41 -3.10
H FGA B 2 9.37 -4.04 0.48
HA FGA B 2 6.90 -2.58 0.52
HB2 FGA B 2 6.87 -2.96 -1.97
HB3 FGA B 2 8.35 -3.91 -1.82
HG2 FGA B 2 7.15 -5.61 -0.50
HG3 FGA B 2 5.86 -4.46 -0.15
N LYS B 3 5.31 -6.42 -2.13
CA LYS B 3 4.59 -6.77 -3.33
C LYS B 3 3.43 -5.78 -3.48
N DAL B 4 3.18 -5.38 -4.74
CA DAL B 4 2.07 -4.43 -4.92
CB DAL B 4 0.79 -5.20 -5.26
C DAL B 4 2.44 -3.46 -6.04
O DAL B 4 3.30 -3.72 -6.88
H DAL B 4 3.70 -5.71 -5.51
HA DAL B 4 1.96 -3.87 -3.99
HB1 DAL B 4 0.53 -5.90 -4.46
HB2 DAL B 4 -0.04 -4.51 -5.39
HB3 DAL B 4 0.90 -5.77 -6.18
N DAL B 5 1.75 -2.31 -5.98
CA DAL B 5 2.00 -1.29 -6.97
CB DAL B 5 3.28 -0.52 -6.63
C DAL B 5 0.79 -0.35 -7.07
O DAL B 5 -0.07 -0.59 -7.92
OXT DAL B 5 0.74 0.61 -6.30
H DAL B 5 1.03 -2.16 -5.30
HA DAL B 5 2.12 -1.84 -7.90
HB1 DAL B 5 4.13 -1.20 -6.57
HB2 DAL B 5 3.50 0.23 -7.40
HB3 DAL B 5 3.18 -0.01 -5.68
N MLU C 1 0.64 0.94 11.72
CN MLU C 1 1.94 1.05 12.36
CA MLU C 1 0.82 0.71 10.29
C MLU C 1 1.66 -0.54 10.07
O MLU C 1 1.25 -1.66 10.40
CB MLU C 1 -0.50 0.51 9.54
CG MLU C 1 -1.60 1.46 10.00
CD1 MLU C 1 -1.42 2.86 9.43
CD2 MLU C 1 -2.95 0.90 9.57
H1 MLU C 1 0.11 0.15 12.14
H2 MLU C 1 0.11 1.83 11.86
HCN1 MLU C 1 2.50 1.86 11.91
HCN2 MLU C 1 1.80 1.23 13.43
HCN3 MLU C 1 2.48 0.10 12.22
HA MLU C 1 1.35 1.57 9.89
HB2 MLU C 1 -0.82 -0.51 9.73
HB3 MLU C 1 -0.34 0.59 8.46
HG MLU C 1 -1.57 1.50 11.08
HD11 MLU C 1 -2.17 3.55 9.84
HD12 MLU C 1 -0.43 3.27 9.68
HD13 MLU C 1 -1.52 2.86 8.35
HD21 MLU C 1 -3.77 1.54 9.92
HD22 MLU C 1 -3.11 -0.10 9.99
HD23 MLU C 1 -3.02 0.82 8.49
N OMZ C 2 2.84 -0.29 9.50
CA OMZ C 2 3.68 -1.45 9.23
C OMZ C 2 3.03 -2.34 8.14
O OMZ C 2 3.20 -3.55 8.15
CB OMZ C 2 5.12 -1.02 8.92
OC OMZ C 2 5.69 -0.41 10.05
CG OMZ C 2 5.16 -0.06 7.78
CD1 OMZ C 2 5.37 -0.52 6.44
CD2 OMZ C 2 4.91 1.35 8.02
CE1 OMZ C 2 5.27 0.40 5.34
CL OMZ C 2 5.49 -0.17 3.73
CE2 OMZ C 2 4.81 2.26 6.91
CZ OMZ C 2 4.95 1.78 5.57
OH OMZ C 2 4.64 2.59 4.47
H OMZ C 2 3.08 0.62 9.20
HA OMZ C 2 3.67 -2.02 10.16
HB OMZ C 2 5.72 -1.90 8.68
HC OMZ C 2 5.24 0.41 10.18
HD1 OMZ C 2 5.59 -1.56 6.25
HD2 OMZ C 2 4.76 1.70 9.03
HE2 OMZ C 2 4.61 3.31 7.10
N ASN C 3 2.27 -1.69 7.23
CA ASN C 3 1.61 -2.53 6.23
C ASN C 3 1.50 -1.89 4.85
N GHP C 4 0.65 -0.85 4.79
CA GHP C 4 0.46 -0.21 3.50
C GHP C 4 -1.02 0.17 3.30
O GHP C 4 -1.73 0.55 4.22
C1 GHP C 4 1.34 1.00 3.26
C2 GHP C 4 1.00 1.99 2.28
C3 GHP C 4 1.85 3.14 1.99
C4 GHP C 4 3.06 3.27 2.77
O4 GHP C 4 3.86 4.39 2.61
C5 GHP C 4 3.44 2.32 3.77
C6 GHP C 4 2.55 1.17 3.99
H GHP C 4 0.19 -0.53 5.63
HA GHP C 4 0.72 -0.97 2.77
HC2 GHP C 4 0.04 1.90 1.78
H6 GHP C 4 2.82 0.47 4.76
N GHP C 5 -1.39 0.05 2.01
CA GHP C 5 -2.72 0.46 1.60
C GHP C 5 -2.88 0.36 0.08
O GHP C 5 -2.38 -0.57 -0.52
C1 GHP C 5 -3.89 -0.22 2.26
C2 GHP C 5 -4.83 0.61 2.94
C3 GHP C 5 -6.05 0.12 3.46
C4 GHP C 5 -6.34 -1.28 3.32
O4 GHP C 5 -7.53 -1.77 3.83
C5 GHP C 5 -5.41 -2.16 2.66
C6 GHP C 5 -4.19 -1.63 2.11
H GHP C 5 -0.75 -0.29 1.33
HA GHP C 5 -2.72 1.49 1.92
HC2 GHP C 5 -4.60 1.66 3.04
HO4 GHP C 5 -8.01 -1.07 4.24
H5 GHP C 5 -5.64 -3.21 2.55
H6 GHP C 5 -3.50 -2.28 1.59
N OMY C 6 -3.61 1.33 -0.56
CA OMY C 6 -4.28 2.50 0.02
OCZ OMY C 6 1.59 4.12 1.00
CE2 OMY C 6 0.03 3.75 -0.91
CE1 OMY C 6 -0.77 4.59 1.28
CZ OMY C 6 0.31 4.18 0.44
CG OMY C 6 -2.42 3.98 -0.48
CD2 OMY C 6 -1.34 3.64 -1.36
CD1 OMY C 6 -2.14 4.50 0.84
CB OMY C 6 -3.87 3.72 -0.81
CL OMY C 6 -0.45 5.17 2.88
O OMY C 6 -6.49 1.84 -0.76
C OMY C 6 -5.79 2.25 0.16
ODE OMY C 6 -4.05 3.49 -2.19
H OMY C 6 -3.69 1.22 -1.54
HA OMY C 6 -3.91 2.65 1.02
HE2 OMY C 6 0.85 3.47 -1.56
HD2 OMY C 6 -1.54 3.29 -2.36
HD1 OMY C 6 -2.93 4.78 1.48
HB OMY C 6 -4.47 4.57 -0.50
N 3FG C 7 -6.22 2.52 1.41
OD1 3FG C 7 -6.39 -0.04 6.17
CD1 3FG C 7 -7.08 0.97 5.52
CG1 3FG C 7 -6.96 1.09 4.11
CZ 3FG C 7 -7.90 1.87 6.27
CD2 3FG C 7 -8.61 2.92 5.61
OD2 3FG C 7 -9.39 3.79 6.32
CG2 3FG C 7 -8.50 3.05 4.18
CB 3FG C 7 -7.67 2.15 3.40
CA 3FG C 7 -7.57 2.33 1.87
C 3FG C 7 -8.38 3.52 1.32
O 3FG C 7 -9.57 3.36 1.08
OXT 3FG C 7 -7.80 4.59 1.15
H 3FG C 7 -5.56 2.87 2.07
HA 3FG C 7 -7.86 1.41 1.38
HD1 3FG C 7 -5.90 -0.55 5.54
HZ 3FG C 7 -7.93 1.77 7.34
HD2 3FG C 7 -9.35 3.57 7.24
HG2 3FG C 7 -9.02 3.85 3.67
N MLU D 1 0.14 0.26 -12.23
CN MLU D 1 0.73 1.58 -12.30
CA MLU D 1 -0.46 0.04 -10.91
C MLU D 1 -1.54 1.08 -10.62
O MLU D 1 -2.43 1.33 -11.43
CB MLU D 1 -1.11 -1.35 -10.80
CG MLU D 1 -0.09 -2.48 -10.95
CD1 MLU D 1 0.98 -2.41 -9.86
CD2 MLU D 1 -0.80 -3.84 -10.90
H1 MLU D 1 -0.60 0.17 -12.95
H2 MLU D 1 0.87 -0.46 -12.39
HCN1 MLU D 1 1.50 1.66 -11.53
HCN2 MLU D 1 -0.03 2.33 -12.12
HCN3 MLU D 1 1.17 1.72 -13.28
HA MLU D 1 0.32 0.14 -10.17
HB2 MLU D 1 -1.89 -1.46 -11.55
HB3 MLU D 1 -1.60 -1.43 -9.83
HG MLU D 1 0.39 -2.37 -11.92
HD11 MLU D 1 1.50 -1.45 -9.90
HD12 MLU D 1 0.53 -2.53 -8.88
HD13 MLU D 1 1.72 -3.20 -9.99
HD21 MLU D 1 -1.55 -3.91 -11.69
HD22 MLU D 1 -1.30 -3.97 -9.95
HD23 MLU D 1 -0.09 -4.66 -11.04
N OMZ D 2 -1.39 1.68 -9.42
CA OMZ D 2 -2.38 2.68 -9.03
C OMZ D 2 -3.13 2.20 -7.76
O OMZ D 2 -4.28 2.58 -7.56
CB OMZ D 2 -1.75 4.08 -8.93
OC OMZ D 2 -1.14 4.42 -10.14
CG OMZ D 2 -0.73 4.16 -7.84
CD1 OMZ D 2 -0.92 5.06 -6.73
CD2 OMZ D 2 0.43 3.31 -7.86
CE1 OMZ D 2 -0.01 5.03 -5.62
CL OMZ D 2 -0.26 6.09 -4.27
CE2 OMZ D 2 1.34 3.28 -6.75
CZ OMZ D 2 1.09 4.12 -5.61
OH OMZ D 2 1.85 3.94 -4.45
H OMZ D 2 -0.66 1.41 -8.81
HA OMZ D 2 -3.12 2.70 -9.83
HB OMZ D 2 -2.52 4.82 -8.73
HC OMZ D 2 -0.38 3.87 -10.23
HD1 OMZ D 2 -1.75 5.76 -6.70
HD2 OMZ D 2 0.62 2.65 -8.71
HE2 OMZ D 2 2.19 2.61 -6.76
N ASN D 3 -2.47 1.37 -6.93
CA ASN D 3 -3.21 0.88 -5.77
C ASN D 3 -2.42 0.86 -4.46
N GHP D 4 -1.49 -0.13 -4.40
CA GHP D 4 -0.74 -0.25 -3.17
C GHP D 4 -0.46 -1.73 -2.83
O GHP D 4 -0.35 -2.60 -3.68
C1 GHP D 4 0.54 0.57 -3.15
C2 GHP D 4 1.72 0.15 -2.44
C3 GHP D 4 2.90 1.00 -2.35
C4 GHP D 4 2.88 2.27 -3.03
O4 GHP D 4 3.98 3.09 -2.95
C5 GHP D 4 1.73 2.70 -3.79
C6 GHP D 4 0.56 1.83 -3.82
H GHP D 4 -1.28 -0.65 -5.22
HA GHP D 4 -1.40 0.16 -2.40
HC2 GHP D 4 1.73 -0.83 -1.99
H6 GHP D 4 -0.32 2.12 -4.37
N GHP D 5 -0.31 -1.90 -1.49
CA GHP D 5 0.02 -3.19 -0.92
C GHP D 5 0.22 -3.06 0.60
O GHP D 5 -0.52 -2.33 1.24
C1 GHP D 5 -0.90 -4.34 -1.17
C2 GHP D 5 -0.33 -5.50 -1.77
C3 GHP D 5 -1.03 -6.73 -1.91
C4 GHP D 5 -2.40 -6.78 -1.48
O4 GHP D 5 -3.11 -7.94 -1.61
C5 GHP D 5 -3.02 -5.61 -0.89
C6 GHP D 5 -2.27 -4.39 -0.73
H GHP D 5 -0.44 -1.11 -0.89
HA GHP D 5 0.97 -3.40 -1.40
HC2 GHP D 5 0.70 -5.46 -2.10
HO4 GHP D 5 -2.56 -8.60 -2.02
H5 GHP D 5 -4.06 -5.66 -0.56
H6 GHP D 5 -2.73 -3.53 -0.27
N OMY D 6 1.21 -3.77 1.20
CA OMY D 6 2.18 -4.68 0.59
OCZ OMY D 6 4.09 0.73 -1.63
CE2 OMY D 6 4.16 -0.49 0.51
CE1 OMY D 6 4.15 -1.69 -1.66
CZ OMY D 6 4.18 -0.46 -0.93
CG OMY D 6 3.91 -2.98 0.46
CD2 OMY D 6 4.01 -1.75 1.21
CD1 OMY D 6 4.01 -2.95 -0.97
CB OMY D 6 3.57 -4.30 1.10
CL OMY D 6 4.22 -1.67 -3.38
O OMY D 6 1.46 -6.61 1.88
C OMY D 6 1.76 -6.16 0.78
ODE OMY D 6 3.53 -4.21 2.50
H OMY D 6 1.30 -3.64 2.19
HA OMY D 6 2.17 -4.54 -0.48
HE2 OMY D 6 4.26 0.44 1.06
HD2 OMY D 6 3.95 -1.76 2.28
HD1 OMY D 6 3.94 -3.85 -1.54
HB OMY D 6 4.28 -5.07 0.82
N 3FG D 7 1.77 -6.82 -0.39
OD1 3FG D 7 -1.87 -7.60 -4.36
CD1 3FG D 7 -0.80 -8.27 -3.79
CG1 3FG D 7 -0.32 -7.88 -2.51
CZ 3FG D 7 -0.18 -9.35 -4.51
CD2 3FG D 7 0.93 -10.05 -3.93
OD2 3FG D 7 1.53 -11.09 -4.62
CG2 3FG D 7 1.42 -9.67 -2.63
CB 3FG D 7 0.80 -8.58 -1.90
CA 3FG D 7 1.36 -8.20 -0.51
C 3FG D 7 2.58 -9.04 -0.07
O 3FG D 7 2.39 -10.17 0.37
OXT 3FG D 7 3.71 -8.54 -0.15
H 3FG D 7 2.04 -6.34 -1.22
HA 3FG D 7 0.55 -8.28 0.23
HD1 3FG D 7 -2.06 -7.98 -5.21
HZ 3FG D 7 -0.53 -9.59 -5.49
HD2 3FG D 7 2.25 -11.43 -4.11
HG2 3FG D 7 2.26 -10.19 -2.21
C2 BGC E . 5.74 5.45 1.64
C3 BGC E . 6.77 5.40 0.51
C4 BGC E . 7.45 4.02 0.51
C5 BGC E . 6.40 2.90 0.55
C6 BGC E . 7.04 1.53 0.79
C1 BGC E . 4.77 4.29 1.52
O2 BGC E . 5.05 6.68 1.62
O3 BGC E . 7.74 6.40 0.72
O4 BGC E . 8.21 3.88 -0.68
O5 BGC E . 5.51 3.10 1.62
O6 BGC E . 7.91 1.57 1.89
H2 BGC E . 6.26 5.36 2.59
H3 BGC E . 6.30 5.58 -0.45
H4 BGC E . 8.13 3.93 1.36
H5 BGC E . 5.85 2.91 -0.39
H61 BGC E . 6.27 0.81 1.00
H62 BGC E . 7.60 1.17 -0.07
H1 BGC E . 4.22 4.30 0.58
HO3 BGC E . 8.15 6.20 1.55
HO4 BGC E . 7.60 3.97 -1.39
HO6 BGC E . 8.25 0.69 2.00
C1 RER E . 5.72 7.67 2.37
C2 RER E . 4.92 8.98 2.38
C3 RER E . 3.61 8.87 3.17
N3 RER E . 3.08 10.20 3.39
C3A RER E . 2.59 8.06 2.37
C4 RER E . 3.89 8.21 4.52
O4 RER E . 2.67 7.98 5.19
C5 RER E . 4.64 6.90 4.32
O5 RER E . 5.86 7.20 3.70
C5A RER E . 4.88 6.14 5.61
H1 RER E . 6.70 7.84 1.94
H21C RER E . 5.53 9.75 2.84
H22C RER E . 4.72 9.30 1.36
HO1 RER E . 3.75 10.78 3.91
H31N RER E . 2.18 10.14 3.92
H32N RER E . 2.89 10.66 2.46
H3A1 RER E . 2.37 8.53 1.42
H3A2 RER E . 2.96 7.06 2.16
H3A3 RER E . 1.66 7.96 2.92
H4 RER E . 4.48 8.88 5.14
HO4 RER E . 2.53 8.72 5.75
H5 RER E . 4.05 6.28 3.64
H5A1 RER E . 5.54 6.70 6.28
H5A2 RER E . 3.95 5.96 6.15
H5A3 RER E . 5.35 5.18 5.42
C2 BGC F . 5.67 4.27 -4.04
C3 BGC F . 6.55 4.36 -5.30
C4 BGC F . 7.04 2.98 -5.70
C5 BGC F . 5.91 1.95 -5.72
C6 BGC F . 6.48 0.57 -5.96
C1 BGC F . 4.62 3.19 -4.20
O2 BGC F . 5.00 5.49 -3.86
O3 BGC F . 7.64 5.19 -5.02
O4 BGC F . 7.61 3.03 -6.98
O5 BGC F . 5.25 1.96 -4.48
O6 BGC F . 7.46 0.26 -4.99
H2 BGC F . 6.29 4.04 -3.18
H3 BGC F . 5.98 4.81 -6.11
H4 BGC F . 7.79 2.61 -5.00
H5 BGC F . 5.19 2.21 -6.50
H61 BGC F . 5.69 -0.18 -5.88
H62 BGC F . 6.94 0.48 -6.94
H1 BGC F . 3.91 3.44 -4.99
HO3 BGC F . 7.41 6.06 -5.32
HO4 BGC F . 8.37 2.46 -6.98
HO6 BGC F . 7.77 -0.62 -5.18
C1 RER F . 5.47 6.25 -2.78
C2 RER F . 5.62 7.70 -3.26
C3 RER F . 4.28 8.34 -3.61
N3 RER F . 4.47 9.77 -3.80
C3A RER F . 3.68 7.76 -4.90
C4 RER F . 3.32 8.12 -2.45
O4 RER F . 2.04 8.59 -2.80
C5 RER F . 3.24 6.63 -2.09
O5 RER F . 4.54 6.20 -1.73
C5A RER F . 2.29 6.38 -0.93
H1 RER F . 6.41 5.85 -2.42
H21C RER F . 6.10 8.28 -2.47
H22C RER F . 6.30 7.74 -4.11
HO1 RER F . 3.56 10.22 -4.02
H31N RER F . 5.14 9.93 -4.59
H32N RER F . 4.86 10.19 -2.93
H3A1 RER F . 3.43 6.70 -4.78
H3A2 RER F . 2.77 8.29 -5.17
H3A3 RER F . 4.39 7.85 -5.72
H4 RER F . 3.65 8.68 -1.59
HO4 RER F . 1.75 8.09 -3.55
H5 RER F . 2.92 6.05 -2.96
H5A1 RER F . 2.25 5.32 -0.71
H5A2 RER F . 1.28 6.70 -1.18
H5A3 RER F . 2.62 6.91 -0.04
C1 RER G . -3.89 4.66 -2.93
C2 RER G . -4.20 4.42 -4.42
C3 RER G . -5.71 4.26 -4.68
N3 RER G . -5.97 4.37 -6.11
C3A RER G . -6.20 2.89 -4.20
C4 RER G . -6.45 5.37 -3.95
O4 RER G . -7.83 5.24 -4.14
C5 RER G . -6.10 5.34 -2.47
O5 RER G . -4.73 5.66 -2.39
C5A RER G . -6.91 6.35 -1.66
H1 RER G . -2.86 5.00 -2.83
H21C RER G . -3.86 5.29 -4.99
H22C RER G . -3.66 3.56 -4.79
HO1 RER G . -5.45 3.61 -6.61
H31N RER G . -5.64 5.29 -6.45
H32N RER G . -6.98 4.27 -6.29
H3A1 RER G . -5.91 2.71 -3.16
H3A2 RER G . -7.29 2.82 -4.27
H3A3 RER G . -5.78 2.09 -4.80
H4 RER G . -6.14 6.34 -4.35
HO4 RER G . -8.07 5.78 -4.88
H5 RER G . -6.25 4.34 -2.08
H5A1 RER G . -7.98 6.17 -1.79
H5A2 RER G . -6.68 6.28 -0.60
H5A3 RER G . -6.70 7.37 -2.00
C1 RER H . 4.79 -4.10 3.13
C2 RER H . 4.59 -4.12 4.65
C3 RER H . 4.23 -5.52 5.17
N3 RER H . 4.37 -5.55 6.62
C3A RER H . 2.78 -5.88 4.81
C4 RER H . 5.18 -6.54 4.55
O4 RER H . 4.79 -7.84 4.94
C5 RER H . 5.16 -6.42 3.04
O5 RER H . 5.64 -5.14 2.71
C5A RER H . 6.05 -7.47 2.37
H1 RER H . 5.26 -3.16 2.85
H21C RER H . 5.52 -3.78 5.13
H22C RER H . 3.83 -3.41 4.94
HO1 RER H . 3.72 -4.85 7.05
H31N RER H . 4.13 -6.50 6.98
H32N RER H . 5.35 -5.31 6.88
H3A1 RER H . 2.07 -5.22 5.30
H3A2 RER H . 2.61 -5.82 3.73
H3A3 RER H . 2.55 -6.90 5.13
H4 RER H . 6.19 -6.37 4.92
HO4 RER H . 5.59 -8.33 5.06
H5 RER H . 4.14 -6.51 2.67
H5A1 RER H . 7.08 -7.38 2.70
H5A2 RER H . 5.70 -8.47 2.60
H5A3 RER H . 6.03 -7.36 1.28
N ALA A 1 -6.05 11.16 -3.64
CA ALA A 1 -6.35 9.82 -3.15
C ALA A 1 -5.07 8.99 -3.01
N FGA A 2 -4.45 9.14 -1.82
CA FGA A 2 -3.26 8.36 -1.65
C FGA A 2 -2.04 9.16 -2.12
O FGA A 2 -2.08 10.39 -2.06
CB FGA A 2 -3.11 7.97 -0.18
CG FGA A 2 -4.40 7.34 0.36
CD FGA A 2 -4.14 6.74 1.76
OE1 FGA A 2 -3.04 6.73 2.27
H FGA A 2 -4.78 9.74 -1.09
HA FGA A 2 -3.38 7.48 -2.26
HB2 FGA A 2 -2.28 7.26 -0.08
HB3 FGA A 2 -2.88 8.86 0.40
HG2 FGA A 2 -5.19 8.08 0.43
HG3 FGA A 2 -4.75 6.55 -0.29
N LYS A 3 -5.27 6.27 2.32
CA LYS A 3 -5.24 5.70 3.65
C LYS A 3 -4.33 4.46 3.71
N DAL A 4 -3.74 4.29 4.92
CA DAL A 4 -2.86 3.14 5.10
CB DAL A 4 -3.63 1.97 5.71
C DAL A 4 -1.71 3.56 6.03
O DAL A 4 -1.69 4.65 6.58
H DAL A 4 -3.94 4.92 5.66
HA DAL A 4 -2.43 2.87 4.13
HB1 DAL A 4 -4.45 1.66 5.06
HB2 DAL A 4 -2.98 1.10 5.86
HB3 DAL A 4 -4.05 2.23 6.68
N DAL A 5 -0.77 2.61 6.17
CA DAL A 5 0.37 2.91 7.03
CB DAL A 5 1.25 3.99 6.39
C DAL A 5 1.15 1.64 7.31
O DAL A 5 2.08 1.33 6.57
OXT DAL A 5 0.83 0.96 8.28
H DAL A 5 -0.85 1.73 5.72
HA DAL A 5 -0.06 3.25 7.95
HB1 DAL A 5 0.69 4.90 6.21
HB2 DAL A 5 2.09 4.23 7.06
HB3 DAL A 5 1.66 3.64 5.45
N ALA B 1 11.18 -3.33 2.33
CA ALA B 1 9.88 -3.22 2.97
C ALA B 1 8.85 -2.61 2.03
N FGA B 2 8.74 -3.28 0.87
CA FGA B 2 7.77 -2.72 -0.06
C FGA B 2 8.31 -1.40 -0.60
O FGA B 2 9.08 -0.75 0.10
CB FGA B 2 7.50 -3.66 -1.23
CG FGA B 2 6.57 -4.81 -0.86
CD FGA B 2 5.82 -5.20 -2.12
OE1 FGA B 2 5.72 -4.42 -3.07
H FGA B 2 9.27 -4.11 0.70
HA FGA B 2 6.85 -2.56 0.50
HB2 FGA B 2 6.98 -3.05 -1.97
HB3 FGA B 2 8.41 -4.03 -1.69
HG2 FGA B 2 7.09 -5.67 -0.43
HG3 FGA B 2 5.84 -4.46 -0.13
N LYS B 3 5.30 -6.43 -2.11
CA LYS B 3 4.58 -6.77 -3.31
C LYS B 3 3.43 -5.79 -3.47
N DAL B 4 3.20 -5.36 -4.74
CA DAL B 4 2.11 -4.42 -4.92
CB DAL B 4 0.82 -5.16 -5.29
C DAL B 4 2.50 -3.42 -6.03
O DAL B 4 3.41 -3.66 -6.82
H DAL B 4 3.74 -5.70 -5.50
HA DAL B 4 1.99 -3.86 -3.98
HB1 DAL B 4 0.54 -5.86 -4.51
HB2 DAL B 4 0.00 -4.46 -5.43
HB3 DAL B 4 0.95 -5.72 -6.22
N DAL B 5 1.77 -2.30 -6.00
CA DAL B 5 2.04 -1.28 -6.99
CB DAL B 5 3.32 -0.53 -6.63
C DAL B 5 0.85 -0.32 -7.08
O DAL B 5 0.83 0.66 -6.35
OXT DAL B 5 -0.04 -0.57 -7.90
H DAL B 5 1.01 -2.18 -5.37
HA DAL B 5 2.16 -1.81 -7.92
HB1 DAL B 5 4.17 -1.22 -6.57
HB2 DAL B 5 3.56 0.22 -7.40
HB3 DAL B 5 3.23 -0.02 -5.67
N MLU C 1 1.88 1.71 12.27
CN MLU C 1 3.31 2.02 12.20
CA MLU C 1 1.44 1.09 11.03
C MLU C 1 2.22 -0.20 10.78
O MLU C 1 2.34 -1.06 11.64
CB MLU C 1 -0.05 0.76 11.07
CG MLU C 1 -0.92 1.94 11.52
CD1 MLU C 1 -0.75 3.13 10.59
CD2 MLU C 1 -2.38 1.51 11.57
H1 MLU C 1 1.71 1.07 13.07
H2 MLU C 1 1.35 2.60 12.43
HCN1 MLU C 1 3.86 1.10 12.05
HCN2 MLU C 1 3.62 2.49 13.13
HCN3 MLU C 1 3.49 2.71 11.37
HA MLU C 1 1.63 1.80 10.22
HB2 MLU C 1 -0.22 -0.07 11.75
HB3 MLU C 1 -0.38 0.44 10.09
HG MLU C 1 -0.60 2.23 12.53
HD11 MLU C 1 0.30 3.43 10.51
HD12 MLU C 1 -1.31 4.00 10.96
HD13 MLU C 1 -1.12 2.90 9.59
HD21 MLU C 1 -3.01 2.33 11.92
HD22 MLU C 1 -2.74 1.21 10.59
HD23 MLU C 1 -2.52 0.67 12.26
N OMZ C 2 2.74 -0.29 9.53
CA OMZ C 2 3.50 -1.49 9.20
C OMZ C 2 2.78 -2.31 8.11
O OMZ C 2 2.96 -3.52 8.03
CB OMZ C 2 4.95 -1.13 8.85
OC OMZ C 2 5.58 -0.57 9.97
CG OMZ C 2 5.01 -0.15 7.72
CD1 OMZ C 2 5.27 -0.62 6.39
CD2 OMZ C 2 4.75 1.25 7.95
CE1 OMZ C 2 5.20 0.31 5.29
CL OMZ C 2 5.48 -0.25 3.68
CE2 OMZ C 2 4.70 2.17 6.85
CZ OMZ C 2 4.88 1.69 5.51
OH OMZ C 2 4.60 2.50 4.40
H OMZ C 2 2.62 0.44 8.87
HA OMZ C 2 3.50 -2.10 10.10
HB OMZ C 2 5.51 -2.03 8.58
HC OMZ C 2 6.48 -0.38 9.71
HD1 OMZ C 2 5.48 -1.66 6.20
HD2 OMZ C 2 4.58 1.60 8.96
HE2 OMZ C 2 4.48 3.21 7.03
N ASN C 3 1.95 -1.63 7.28
CA ASN C 3 1.25 -2.44 6.28
C ASN C 3 1.30 -1.88 4.85
N GHP C 4 0.51 -0.81 4.67
CA GHP C 4 0.41 -0.24 3.35
C GHP C 4 -1.05 0.17 3.11
O GHP C 4 -1.78 0.58 4.01
C1 GHP C 4 1.31 0.96 3.11
C2 GHP C 4 0.98 1.97 2.15
C3 GHP C 4 1.85 3.12 1.90
C4 GHP C 4 3.05 3.24 2.69
O4 GHP C 4 3.86 4.35 2.57
C5 GHP C 4 3.42 2.25 3.68
C6 GHP C 4 2.53 1.10 3.85
H GHP C 4 0.04 -0.46 5.48
HA GHP C 4 0.69 -1.02 2.66
HC2 GHP C 4 0.05 1.89 1.63
H6 GHP C 4 2.79 0.35 4.58
N GHP C 5 -1.41 0.04 1.82
CA GHP C 5 -2.73 0.45 1.43
C GHP C 5 -2.91 0.40 -0.10
O GHP C 5 -2.41 -0.53 -0.73
C1 GHP C 5 -3.90 -0.27 2.05
C2 GHP C 5 -4.83 0.54 2.77
C3 GHP C 5 -6.05 0.02 3.26
C4 GHP C 5 -6.34 -1.37 3.08
O4 GHP C 5 -7.51 -1.89 3.58
C5 GHP C 5 -5.41 -2.22 2.38
C6 GHP C 5 -4.18 -1.67 1.85
H GHP C 5 -0.76 -0.33 1.15
HA GHP C 5 -2.73 1.47 1.77
HC2 GHP C 5 -4.62 1.59 2.92
HO4 GHP C 5 -8.01 -1.21 4.00
H5 GHP C 5 -5.63 -3.27 2.25
H6 GHP C 5 -3.49 -2.30 1.31
N OMY C 6 -3.62 1.38 -0.71
CA OMY C 6 -4.28 2.54 -0.09
OCZ OMY C 6 1.61 4.13 0.92
CE2 OMY C 6 0.05 3.82 -1.00
CE1 OMY C 6 -0.75 4.58 1.22
CZ OMY C 6 0.33 4.21 0.37
CG OMY C 6 -2.40 4.02 -0.55
CD2 OMY C 6 -1.32 3.72 -1.45
CD1 OMY C 6 -2.11 4.49 0.78
CB OMY C 6 -3.85 3.78 -0.89
CL OMY C 6 -0.42 5.10 2.83
O OMY C 6 -6.50 1.91 -0.87
C OMY C 6 -5.79 2.30 0.06
ODE OMY C 6 -4.04 3.59 -2.27
H OMY C 6 -3.71 1.31 -1.70
HA OMY C 6 -3.90 2.65 0.91
HE2 OMY C 6 0.86 3.57 -1.66
HD2 OMY C 6 -1.52 3.39 -2.47
HD1 OMY C 6 -2.91 4.74 1.44
HB OMY C 6 -4.45 4.63 -0.55
N 3FG C 7 -6.20 2.53 1.32
OD1 3FG C 7 -6.43 -0.27 5.96
CD1 3FG C 7 -7.10 0.77 5.35
CG1 3FG C 7 -6.98 0.96 3.94
CZ 3FG C 7 -7.92 1.63 6.14
CD2 3FG C 7 -8.63 2.71 5.52
OD2 3FG C 7 -9.42 3.56 6.27
CG2 3FG C 7 -8.50 2.92 4.11
CB 3FG C 7 -7.67 2.06 3.29
CA 3FG C 7 -7.56 2.32 1.77
C 3FG C 7 -8.38 3.52 1.28
O 3FG C 7 -9.56 3.37 1.01
OXT 3FG C 7 -7.79 4.61 1.16
H 3FG C 7 -5.53 2.86 1.99
HA 3FG C 7 -7.85 1.41 1.24
HD1 3FG C 7 -6.62 -0.27 6.89
HZ 3FG C 7 -7.96 1.48 7.20
HD2 3FG C 7 -9.40 3.29 7.18
HG2 3FG C 7 -9.03 3.74 3.63
N MLU D 1 0.19 0.32 -12.24
CN MLU D 1 0.78 1.65 -12.29
CA MLU D 1 -0.42 0.09 -10.92
C MLU D 1 -1.50 1.14 -10.63
O MLU D 1 -2.40 1.37 -11.43
CB MLU D 1 -1.06 -1.29 -10.82
CG MLU D 1 -0.06 -2.43 -10.98
CD1 MLU D 1 1.01 -2.37 -9.89
CD2 MLU D 1 -0.76 -3.78 -10.93
H1 MLU D 1 -0.55 0.24 -12.98
H2 MLU D 1 0.92 -0.40 -12.41
HCN1 MLU D 1 1.23 1.79 -13.27
HCN2 MLU D 1 0.02 2.39 -12.12
HCN3 MLU D 1 1.56 1.72 -11.52
HA MLU D 1 0.37 0.18 -10.18
HB2 MLU D 1 -1.84 -1.39 -11.58
HB3 MLU D 1 -1.56 -1.38 -9.85
HG MLU D 1 0.44 -2.32 -11.94
HD11 MLU D 1 1.54 -1.40 -9.92
HD12 MLU D 1 0.56 -2.48 -8.91
HD13 MLU D 1 1.75 -3.15 -10.02
HD21 MLU D 1 -1.27 -3.92 -9.98
HD22 MLU D 1 -1.51 -3.85 -11.73
HD23 MLU D 1 -0.06 -4.61 -11.07
N OMZ D 2 -1.34 1.75 -9.45
CA OMZ D 2 -2.32 2.76 -9.04
C OMZ D 2 -3.08 2.29 -7.79
O OMZ D 2 -4.22 2.66 -7.59
CB OMZ D 2 -1.68 4.16 -8.93
OC OMZ D 2 -1.07 4.50 -10.16
CG OMZ D 2 -0.66 4.21 -7.84
CD1 OMZ D 2 -0.86 5.10 -6.72
CD2 OMZ D 2 0.50 3.37 -7.90
CE1 OMZ D 2 0.06 5.06 -5.62
CL OMZ D 2 -0.19 6.09 -4.25
CE2 OMZ D 2 1.42 3.34 -6.80
CZ OMZ D 2 1.18 4.16 -5.63
OH OMZ D 2 1.95 3.96 -4.49
H OMZ D 2 -0.58 1.50 -8.84
HA OMZ D 2 -3.05 2.77 -9.86
HB OMZ D 2 -2.45 4.89 -8.73
HC OMZ D 2 -0.74 5.38 -10.05
HD1 OMZ D 2 -1.71 5.76 -6.68
HD2 OMZ D 2 0.70 2.74 -8.75
HE2 OMZ D 2 2.28 2.68 -6.82
N ASN D 3 -2.41 1.45 -6.95
CA ASN D 3 -3.16 0.96 -5.81
C ASN D 3 -2.36 0.94 -4.49
N GHP D 4 -1.46 -0.05 -4.42
CA GHP D 4 -0.70 -0.18 -3.18
C GHP D 4 -0.43 -1.66 -2.83
O GHP D 4 -0.37 -2.54 -3.69
C1 GHP D 4 0.59 0.61 -3.18
C2 GHP D 4 1.77 0.18 -2.48
C3 GHP D 4 2.96 1.01 -2.39
C4 GHP D 4 2.96 2.27 -3.08
O4 GHP D 4 4.07 3.07 -3.00
C5 GHP D 4 1.82 2.71 -3.84
C6 GHP D 4 0.64 1.86 -3.86
H GHP D 4 -1.25 -0.59 -5.24
HA GHP D 4 -1.34 0.27 -2.42
HC2 GHP D 4 1.77 -0.80 -2.01
H6 GHP D 4 -0.24 2.17 -4.41
N GHP D 5 -0.30 -1.84 -1.51
CA GHP D 5 0.02 -3.14 -0.94
C GHP D 5 0.20 -3.04 0.58
O GHP D 5 -0.56 -2.32 1.22
C1 GHP D 5 -0.91 -4.28 -1.21
C2 GHP D 5 -0.34 -5.45 -1.80
C3 GHP D 5 -1.06 -6.66 -1.96
C4 GHP D 5 -2.44 -6.70 -1.56
O4 GHP D 5 -3.16 -7.86 -1.72
C5 GHP D 5 -3.05 -5.53 -0.98
C6 GHP D 5 -2.30 -4.32 -0.80
H GHP D 5 -0.39 -1.06 -0.90
HA GHP D 5 0.97 -3.35 -1.41
HC2 GHP D 5 0.69 -5.42 -2.11
HO4 GHP D 5 -4.05 -7.72 -1.40
H5 GHP D 5 -4.09 -5.56 -0.68
H6 GHP D 5 -2.74 -3.44 -0.35
N OMY D 6 1.18 -3.76 1.19
CA OMY D 6 2.15 -4.67 0.59
OCZ OMY D 6 4.16 0.73 -1.67
CE2 OMY D 6 4.20 -0.48 0.49
CE1 OMY D 6 4.17 -1.70 -1.66
CZ OMY D 6 4.22 -0.46 -0.95
CG OMY D 6 3.89 -2.97 0.46
CD2 OMY D 6 4.02 -1.72 1.19
CD1 OMY D 6 4.01 -2.95 -0.97
CB OMY D 6 3.54 -4.28 1.12
CL OMY D 6 4.25 -1.70 -3.39
O OMY D 6 1.45 -6.60 1.87
C OMY D 6 1.73 -6.14 0.78
ODE OMY D 6 3.50 -4.16 2.52
H OMY D 6 1.24 -3.65 2.18
HA OMY D 6 2.15 -4.51 -0.49
HE2 OMY D 6 4.32 0.45 1.03
HD2 OMY D 6 3.97 -1.74 2.27
HD1 OMY D 6 3.93 -3.86 -1.53
HB OMY D 6 4.25 -5.05 0.85
N 3FG D 7 1.71 -6.79 -0.41
OD1 3FG D 7 -1.86 -7.53 -4.42
CD1 3FG D 7 -0.82 -8.21 -3.85
CG1 3FG D 7 -0.35 -7.82 -2.55
CZ 3FG D 7 -0.19 -9.29 -4.55
CD2 3FG D 7 0.90 -10.01 -3.96
OD2 3FG D 7 1.50 -11.05 -4.64
CG2 3FG D 7 1.37 -9.63 -2.66
CB 3FG D 7 0.75 -8.54 -1.93
CA 3FG D 7 1.29 -8.17 -0.53
C 3FG D 7 2.51 -9.01 -0.07
O 3FG D 7 2.31 -10.15 0.36
OXT 3FG D 7 3.65 -8.52 -0.15
H 3FG D 7 1.98 -6.30 -1.23
HA 3FG D 7 0.49 -8.23 0.19
HD1 3FG D 7 -2.05 -7.90 -5.27
HZ 3FG D 7 -0.55 -9.53 -5.54
HD2 3FG D 7 1.07 -11.17 -5.48
HG2 3FG D 7 2.19 -10.16 -2.21
C2 BGC E . 5.67 5.48 1.55
C3 BGC E . 6.74 5.42 0.45
C4 BGC E . 7.45 4.06 0.50
C5 BGC E . 6.43 2.93 0.53
C6 BGC E . 7.08 1.56 0.76
C1 BGC E . 4.73 4.28 1.47
O2 BGC E . 4.93 6.68 1.44
O3 BGC E . 7.66 6.46 0.67
O4 BGC E . 8.24 3.92 -0.66
O5 BGC E . 5.53 3.13 1.59
O6 BGC E . 7.92 1.60 1.88
H2 BGC E . 6.16 5.46 2.52
H3 BGC E . 6.27 5.57 -0.52
H4 BGC E . 8.09 4.01 1.37
H5 BGC E . 5.87 2.93 -0.42
H61 BGC E . 6.31 0.82 0.95
H62 BGC E . 7.65 1.22 -0.09
H1 BGC E . 4.17 4.25 0.54
HO3 BGC E . 7.93 6.77 -0.18
HO4 BGC E . 9.12 4.20 -0.41
HO6 BGC E . 8.26 0.73 2.00
C1 RER E . 5.46 7.69 2.26
C2 RER E . 4.69 9.01 2.10
C3 RER E . 3.28 8.96 2.72
N3 RER E . 2.78 10.32 2.85
C3A RER E . 2.34 8.17 1.82
C4 RER E . 3.35 8.32 4.11
O4 RER E . 2.05 8.12 4.61
C5 RER E . 4.08 6.99 4.02
O5 RER E . 5.40 7.25 3.61
C5A RER E . 4.11 6.22 5.34
H1 RER E . 6.50 7.85 1.99
H21C RER E . 5.25 9.79 2.60
H22C RER E . 4.63 9.29 1.06
HO1 RER E . 1.83 10.30 3.27
H31N RER E . 2.73 10.77 1.90
H32N RER E . 3.41 10.87 3.46
H3A1 RER E . 2.67 7.15 1.69
H3A2 RER E . 1.33 8.15 2.24
H3A3 RER E . 2.27 8.64 0.84
H4 RER E . 3.87 8.98 4.80
HO4 RER E . 1.85 8.89 5.15
H5 RER E . 3.59 6.38 3.27
H5A1 RER E . 3.10 6.00 5.69
H5A2 RER E . 4.64 5.28 5.24
H5A3 RER E . 4.60 6.80 6.13
C2 BGC F . 5.81 4.20 -4.10
C3 BGC F . 6.72 4.25 -5.32
C4 BGC F . 7.18 2.84 -5.69
C5 BGC F . 6.03 1.85 -5.72
C6 BGC F . 6.57 0.45 -5.94
C1 BGC F . 4.73 3.14 -4.25
O2 BGC F . 5.16 5.45 -3.98
O3 BGC F . 7.83 5.05 -5.01
O4 BGC F . 7.78 2.87 -6.97
O5 BGC F . 5.35 1.89 -4.49
O6 BGC F . 7.52 0.14 -4.95
H2 BGC F . 6.39 3.99 -3.21
H3 BGC F . 6.19 4.72 -6.15
H4 BGC F . 7.92 2.47 -4.98
H5 BGC F . 5.33 2.11 -6.52
H61 BGC F . 5.77 -0.28 -5.85
H62 BGC F . 7.04 0.34 -6.91
H1 BGC F . 4.04 3.39 -5.05
HO3 BGC F . 8.07 5.51 -5.79
HO4 BGC F . 8.70 3.00 -6.84
HO6 BGC F . 7.82 -0.75 -5.12
C1 RER F . 5.56 6.20 -2.86
C2 RER F . 5.67 7.66 -3.31
C3 RER F . 4.31 8.25 -3.67
N3 RER F . 4.45 9.70 -3.80
C3A RER F . 3.78 7.70 -5.00
C4 RER F . 3.31 7.95 -2.56
O4 RER F . 2.03 8.37 -2.94
C5 RER F . 3.30 6.45 -2.26
O5 RER F . 4.59 6.08 -1.85
C5A RER F . 2.31 6.11 -1.15
H1 RER F . 6.51 5.82 -2.49
H21C RER F . 6.11 8.22 -2.49
H22C RER F . 6.35 7.74 -4.15
HO1 RER F . 5.13 9.92 -4.57
H31N RER F . 4.79 10.10 -2.90
H32N RER F . 3.52 10.12 -4.04
H3A1 RER F . 3.58 6.63 -4.94
H3A2 RER F . 2.86 8.19 -5.28
H3A3 RER F . 4.51 7.86 -5.80
H4 RER F . 3.58 8.50 -1.66
HO4 RER F . 1.60 8.70 -2.16
H5 RER F . 3.05 5.89 -3.16
H5A1 RER F . 2.33 5.04 -0.94
H5A2 RER F . 2.56 6.64 -0.23
H5A3 RER F . 1.30 6.38 -1.43
C1 RER G . -3.88 4.79 -2.98
C2 RER G . -4.18 4.61 -4.47
C3 RER G . -5.68 4.44 -4.74
N3 RER G . -5.92 4.59 -6.17
C3A RER G . -6.16 3.05 -4.30
C4 RER G . -6.42 5.54 -4.00
O4 RER G . -7.81 5.41 -4.20
C5 RER G . -6.09 5.45 -2.51
O5 RER G . -4.73 5.77 -2.39
C5A RER G . -6.91 6.43 -1.68
H1 RER G . -2.85 5.12 -2.86
H21C RER G . -3.83 5.49 -5.01
H22C RER G . -3.63 3.76 -4.86
HO1 RER G . -5.41 3.84 -6.70
H31N RER G . -5.60 5.52 -6.49
H32N RER G . -6.93 4.49 -6.36
H3A1 RER G . -7.25 2.98 -4.38
H3A2 RER G . -5.74 2.28 -4.93
H3A3 RER G . -5.88 2.85 -3.27
H4 RER G . -6.10 6.51 -4.36
HO4 RER G . -8.02 5.98 -4.93
H5 RER G . -6.25 4.43 -2.15
H5A1 RER G . -6.70 7.46 -1.97
H5A2 RER G . -7.98 6.26 -1.83
H5A3 RER G . -6.70 6.32 -0.62
C1 RER H . 4.77 -4.08 3.12
C2 RER H . 4.64 -4.11 4.65
C3 RER H . 4.29 -5.50 5.21
N3 RER H . 4.55 -5.53 6.65
C3A RER H . 2.81 -5.84 4.99
C4 RER H . 5.14 -6.55 4.53
O4 RER H . 4.74 -7.84 4.93
C5 RER H . 5.01 -6.40 3.02
O5 RER H . 5.56 -5.16 2.67
C5A RER H . 5.72 -7.52 2.25
H1 RER H . 5.26 -3.16 2.81
H21C RER H . 5.58 -3.79 5.08
H22C RER H . 3.90 -3.38 4.98
HO1 RER H . 5.56 -5.31 6.81
H31N RER H . 3.96 -4.81 7.12
H32N RER H . 4.33 -6.47 7.03
H3A1 RER H . 2.16 -5.22 5.61
H3A2 RER H . 2.61 -6.87 5.25
H3A3 RER H . 2.51 -5.69 3.95
H4 RER H . 6.19 -6.43 4.81
HO4 RER H . 5.53 -8.36 4.99
H5 RER H . 3.94 -6.39 2.76
H5A1 RER H . 6.79 -7.53 2.49
H5A2 RER H . 5.30 -8.49 2.51
H5A3 RER H . 5.62 -7.38 1.18
N ALA A 1 -5.66 11.12 -4.11
CA ALA A 1 -6.04 9.88 -3.41
C ALA A 1 -4.83 8.96 -3.24
N FGA A 2 -4.21 9.10 -2.06
CA FGA A 2 -3.07 8.24 -1.84
C FGA A 2 -1.80 8.92 -2.36
O FGA A 2 -1.52 8.80 -3.56
CB FGA A 2 -2.95 7.91 -0.36
CG FGA A 2 -4.25 7.36 0.21
CD FGA A 2 -4.03 6.83 1.64
OE1 FGA A 2 -2.93 6.80 2.16
H FGA A 2 -4.50 9.74 -1.36
HA FGA A 2 -3.27 7.33 -2.41
HB2 FGA A 2 -2.14 7.19 -0.21
HB3 FGA A 2 -2.67 8.82 0.18
HG2 FGA A 2 -5.02 8.14 0.24
HG3 FGA A 2 -4.63 6.55 -0.40
N LYS A 3 -5.18 6.45 2.22
CA LYS A 3 -5.17 5.94 3.58
C LYS A 3 -4.31 4.68 3.71
N DAL A 4 -3.59 4.60 4.84
CA DAL A 4 -2.78 3.39 5.00
CB DAL A 4 -3.66 2.27 5.58
C DAL A 4 -1.59 3.66 5.91
O DAL A 4 -1.37 4.76 6.40
H DAL A 4 -3.61 5.31 5.54
HA DAL A 4 -2.40 3.10 4.01
HB1 DAL A 4 -4.51 2.08 4.93
HB2 DAL A 4 -3.09 1.35 5.69
HB3 DAL A 4 -4.05 2.56 6.56
N DAL A 5 -0.83 2.56 6.09
CA DAL A 5 0.35 2.63 6.93
CB DAL A 5 1.31 3.68 6.41
C DAL A 5 1.02 1.24 6.96
O DAL A 5 0.32 0.26 7.22
OXT DAL A 5 2.22 1.17 6.72
H DAL A 5 -1.10 1.69 5.66
HA DAL A 5 0.00 2.88 7.93
HB1 DAL A 5 0.84 4.66 6.38
HB2 DAL A 5 2.19 3.75 7.05
HB3 DAL A 5 1.65 3.44 5.40
N ALA B 1 10.23 -3.43 3.53
CA ALA B 1 8.81 -3.12 3.67
C ALA B 1 8.25 -2.56 2.37
N FGA B 2 8.37 -3.39 1.32
CA FGA B 2 7.84 -2.88 0.08
C FGA B 2 8.74 -1.76 -0.43
O FGA B 2 8.23 -0.82 -1.05
CB FGA B 2 7.71 -3.96 -1.00
CG FGA B 2 6.59 -4.93 -0.68
CD FGA B 2 5.88 -5.25 -2.00
OE1 FGA B 2 5.84 -4.44 -2.92
H FGA B 2 8.77 -4.31 1.42
HA FGA B 2 6.84 -2.50 0.30
HB2 FGA B 2 7.46 -3.43 -1.90
HB3 FGA B 2 8.66 -4.48 -1.17
HG2 FGA B 2 6.94 -5.84 -0.20
HG3 FGA B 2 5.88 -4.44 -0.03
N LYS B 3 5.33 -6.48 -2.06
CA LYS B 3 4.63 -6.76 -3.29
C LYS B 3 3.47 -5.76 -3.45
N DAL B 4 3.26 -5.35 -4.71
CA DAL B 4 2.18 -4.39 -4.91
CB DAL B 4 0.90 -5.13 -5.33
C DAL B 4 2.60 -3.39 -6.00
O DAL B 4 3.60 -3.57 -6.68
H DAL B 4 3.82 -5.69 -5.46
HA DAL B 4 2.03 -3.85 -3.98
HB1 DAL B 4 0.60 -5.84 -4.55
HB2 DAL B 4 0.08 -4.43 -5.47
HB3 DAL B 4 1.04 -5.68 -6.25
N DAL B 5 1.77 -2.34 -6.09
CA DAL B 5 2.06 -1.33 -7.08
CB DAL B 5 3.30 -0.53 -6.66
C DAL B 5 0.85 -0.41 -7.25
O DAL B 5 -0.22 -0.76 -6.77
OXT DAL B 5 0.99 0.64 -7.89
H DAL B 5 0.94 -2.27 -5.53
HA DAL B 5 2.25 -1.87 -7.99
HB1 DAL B 5 4.16 -1.19 -6.54
HB2 DAL B 5 3.54 0.22 -7.41
HB3 DAL B 5 3.13 -0.01 -5.71
N MLU C 1 1.63 1.50 12.11
CN MLU C 1 3.05 1.86 12.07
CA MLU C 1 1.24 0.85 10.87
C MLU C 1 2.07 -0.40 10.62
O MLU C 1 2.01 -1.37 11.39
CB MLU C 1 -0.24 0.46 10.88
CG MLU C 1 -1.16 1.64 11.18
CD1 MLU C 1 -1.10 2.69 10.06
CD2 MLU C 1 -2.60 1.14 11.38
H1 MLU C 1 1.48 0.84 12.91
H2 MLU C 1 1.07 2.37 12.25
HCN1 MLU C 1 3.32 2.35 13.01
HCN2 MLU C 1 3.64 0.97 11.93
HCN3 MLU C 1 3.21 2.55 11.24
HA MLU C 1 1.43 1.57 10.07
HB2 MLU C 1 -0.39 -0.32 11.63
HB3 MLU C 1 -0.51 0.02 9.91
HG MLU C 1 -0.82 2.11 12.10
HD11 MLU C 1 -1.72 3.54 10.30
HD12 MLU C 1 -0.08 3.04 9.91
HD13 MLU C 1 -1.46 2.26 9.12
HD21 MLU C 1 -2.97 0.67 10.48
HD22 MLU C 1 -2.64 0.42 12.18
HD23 MLU C 1 -3.26 1.98 11.62
N OMZ C 2 2.84 -0.34 9.53
CA OMZ C 2 3.66 -1.51 9.22
C OMZ C 2 2.98 -2.36 8.12
O OMZ C 2 3.13 -3.57 8.10
CB OMZ C 2 5.10 -1.10 8.88
OC OMZ C 2 5.71 -0.52 10.00
CG OMZ C 2 5.12 -0.10 7.75
CD1 OMZ C 2 5.33 -0.56 6.40
CD2 OMZ C 2 4.88 1.29 8.02
CE1 OMZ C 2 5.22 0.38 5.33
CL OMZ C 2 5.43 -0.17 3.69
CE2 OMZ C 2 4.77 2.22 6.93
CZ OMZ C 2 4.90 1.76 5.58
OH OMZ C 2 4.58 2.58 4.50
H OMZ C 2 2.85 0.46 8.94
HA OMZ C 2 3.67 -2.11 10.13
HB OMZ C 2 5.69 -1.97 8.60
HC OMZ C 2 5.77 -1.21 10.65
HD1 OMZ C 2 5.54 -1.59 6.20
HD2 OMZ C 2 4.74 1.63 9.03
HE2 OMZ C 2 4.56 3.26 7.13
N ASN C 3 2.22 -1.69 7.22
CA ASN C 3 1.54 -2.53 6.24
C ASN C 3 1.47 -1.91 4.82
N GHP C 4 0.61 -0.88 4.74
CA GHP C 4 0.44 -0.26 3.44
C GHP C 4 -1.03 0.15 3.23
O GHP C 4 -1.75 0.53 4.15
C1 GHP C 4 1.33 0.96 3.20
C2 GHP C 4 1.00 1.95 2.22
C3 GHP C 4 1.84 3.11 1.95
C4 GHP C 4 3.03 3.26 2.77
O4 GHP C 4 3.83 4.38 2.63
C5 GHP C 4 3.39 2.29 3.77
C6 GHP C 4 2.52 1.14 3.95
H GHP C 4 0.15 -0.53 5.56
HA GHP C 4 0.71 -1.02 2.71
HC2 GHP C 4 0.07 1.85 1.66
H6 GHP C 4 2.78 0.40 4.70
N GHP C 5 -1.41 0.04 1.94
CA GHP C 5 -2.74 0.45 1.54
C GHP C 5 -2.91 0.37 0.02
O GHP C 5 -2.41 -0.57 -0.59
C1 GHP C 5 -3.92 -0.21 2.19
C2 GHP C 5 -4.83 0.64 2.88
C3 GHP C 5 -6.06 0.16 3.39
C4 GHP C 5 -6.38 -1.23 3.26
O4 GHP C 5 -7.57 -1.71 3.78
C5 GHP C 5 -5.46 -2.12 2.60
C6 GHP C 5 -4.23 -1.61 2.05
H GHP C 5 -0.77 -0.30 1.26
HA GHP C 5 -2.72 1.50 1.85
HC2 GHP C 5 -4.59 1.69 2.98
HO4 GHP C 5 -8.05 -1.00 4.18
H5 GHP C 5 -5.71 -3.17 2.50
H6 GHP C 5 -3.55 -2.27 1.53
N OMY C 6 -3.63 1.34 -0.62
CA OMY C 6 -4.27 2.51 -0.04
OCZ OMY C 6 1.61 4.09 0.96
CE2 OMY C 6 0.05 3.79 -0.95
CE1 OMY C 6 -0.76 4.55 1.26
CZ OMY C 6 0.32 4.17 0.40
CG OMY C 6 -2.41 3.99 -0.52
CD2 OMY C 6 -1.32 3.68 -1.41
CD1 OMY C 6 -2.12 4.47 0.81
CB OMY C 6 -3.85 3.74 -0.86
CL OMY C 6 -0.43 5.08 2.87
O OMY C 6 -6.49 1.88 -0.81
C OMY C 6 -5.79 2.29 0.10
ODE OMY C 6 -4.03 3.51 -2.24
H OMY C 6 -3.71 1.24 -1.61
HA OMY C 6 -3.91 2.65 0.97
HE2 OMY C 6 0.86 3.52 -1.62
HD2 OMY C 6 -1.52 3.35 -2.42
HD1 OMY C 6 -2.92 4.73 1.47
HB OMY C 6 -4.45 4.59 -0.54
N 3FG C 7 -6.20 2.59 1.36
OD1 3FG C 7 -6.42 -0.01 6.11
CD1 3FG C 7 -7.08 1.01 5.46
CG1 3FG C 7 -6.97 1.15 4.04
CZ 3FG C 7 -7.88 1.93 6.22
CD2 3FG C 7 -8.56 3.00 5.57
OD2 3FG C 7 -9.33 3.89 6.29
CG2 3FG C 7 -8.45 3.14 4.14
CB 3FG C 7 -7.65 2.23 3.35
CA 3FG C 7 -7.55 2.42 1.83
C 3FG C 7 -8.34 3.63 1.29
O 3FG C 7 -9.52 3.49 1.00
OXT 3FG C 7 -7.73 4.71 1.17
H 3FG C 7 -5.53 2.92 2.01
HA 3FG C 7 -7.86 1.50 1.33
HD1 3FG C 7 -5.94 -0.53 5.46
HZ 3FG C 7 -7.91 1.82 7.30
HD2 3FG C 7 -9.28 3.66 7.21
HG2 3FG C 7 -8.95 3.97 3.65
N MLU D 1 0.12 0.35 -12.29
CN MLU D 1 0.71 1.67 -12.37
CA MLU D 1 -0.46 0.12 -10.97
C MLU D 1 -1.55 1.16 -10.67
O MLU D 1 -2.42 1.42 -11.48
CB MLU D 1 -1.08 -1.27 -10.85
CG MLU D 1 -0.06 -2.39 -11.01
CD1 MLU D 1 1.02 -2.30 -9.94
CD2 MLU D 1 -0.75 -3.76 -10.94
H1 MLU D 1 -0.62 0.26 -13.02
H2 MLU D 1 0.86 -0.37 -12.47
HCN1 MLU D 1 -0.07 2.42 -12.19
HCN2 MLU D 1 1.49 1.76 -11.61
HCN3 MLU D 1 1.14 1.82 -13.36
HA MLU D 1 0.33 0.23 -10.25
HB2 MLU D 1 -1.87 -1.39 -11.59
HB3 MLU D 1 -1.57 -1.35 -9.88
HG MLU D 1 0.41 -2.29 -11.98
HD11 MLU D 1 1.76 -3.09 -10.07
HD12 MLU D 1 1.54 -1.34 -9.99
HD13 MLU D 1 0.59 -2.40 -8.95
HD21 MLU D 1 -1.24 -3.89 -9.97
HD22 MLU D 1 -1.52 -3.85 -11.71
HD23 MLU D 1 -0.04 -4.56 -11.08
N OMZ D 2 -1.41 1.73 -9.46
CA OMZ D 2 -2.39 2.73 -9.05
C OMZ D 2 -3.14 2.24 -7.79
O OMZ D 2 -4.30 2.61 -7.59
CB OMZ D 2 -1.76 4.12 -8.94
OC OMZ D 2 -1.15 4.48 -10.15
CG OMZ D 2 -0.74 4.19 -7.85
CD1 OMZ D 2 -0.94 5.08 -6.72
CD2 OMZ D 2 0.43 3.35 -7.90
CE1 OMZ D 2 -0.01 5.04 -5.63
CL OMZ D 2 -0.26 6.07 -4.26
CE2 OMZ D 2 1.34 3.31 -6.79
CZ OMZ D 2 1.10 4.13 -5.63
OH OMZ D 2 1.87 3.95 -4.48
H OMZ D 2 -0.66 1.47 -8.86
HA OMZ D 2 -3.13 2.75 -9.85
HB OMZ D 2 -2.54 4.87 -8.74
HC OMZ D 2 -1.85 4.54 -10.80
HD1 OMZ D 2 -1.77 5.76 -6.69
HD2 OMZ D 2 0.61 2.72 -8.75
HE2 OMZ D 2 2.19 2.65 -6.81
N ASN D 3 -2.47 1.40 -6.97
CA ASN D 3 -3.22 0.90 -5.82
C ASN D 3 -2.43 0.87 -4.51
N GHP D 4 -1.51 -0.11 -4.45
CA GHP D 4 -0.74 -0.24 -3.22
C GHP D 4 -0.46 -1.72 -2.89
O GHP D 4 -0.34 -2.58 -3.74
C1 GHP D 4 0.53 0.58 -3.19
C2 GHP D 4 1.70 0.15 -2.48
C3 GHP D 4 2.89 1.00 -2.38
C4 GHP D 4 2.87 2.27 -3.06
O4 GHP D 4 3.98 3.08 -2.98
C5 GHP D 4 1.74 2.70 -3.83
C6 GHP D 4 0.56 1.83 -3.87
H GHP D 4 -1.29 -0.63 -5.28
HA GHP D 4 -1.41 0.17 -2.45
HC2 GHP D 4 1.71 -0.82 -2.00
H6 GHP D 4 -0.30 2.13 -4.43
N GHP D 5 -0.35 -1.90 -1.55
CA GHP D 5 -0.01 -3.18 -0.98
C GHP D 5 0.17 -3.05 0.55
O GHP D 5 -0.57 -2.31 1.17
C1 GHP D 5 -0.92 -4.34 -1.24
C2 GHP D 5 -0.32 -5.50 -1.83
C3 GHP D 5 -1.00 -6.73 -1.99
C4 GHP D 5 -2.38 -6.80 -1.58
O4 GHP D 5 -3.08 -7.97 -1.74
C5 GHP D 5 -3.03 -5.65 -0.99
C6 GHP D 5 -2.29 -4.41 -0.82
H GHP D 5 -0.49 -1.12 -0.94
HA GHP D 5 0.94 -3.37 -1.46
HC2 GHP D 5 0.70 -5.44 -2.15
HO4 GHP D 5 -2.52 -8.63 -2.14
H5 GHP D 5 -4.06 -5.71 -0.69
H6 GHP D 5 -2.76 -3.56 -0.36
N OMY D 6 1.17 -3.75 1.16
CA OMY D 6 2.12 -4.67 0.55
OCZ OMY D 6 4.08 0.74 -1.64
CE2 OMY D 6 4.11 -0.49 0.51
CE1 OMY D 6 4.15 -1.69 -1.66
CZ OMY D 6 4.16 -0.46 -0.93
CG OMY D 6 3.86 -2.98 0.44
CD2 OMY D 6 3.95 -1.75 1.19
CD1 OMY D 6 4.02 -2.94 -0.99
CB OMY D 6 3.52 -4.31 1.07
CL OMY D 6 4.27 -1.66 -3.39
O OMY D 6 1.35 -6.58 1.84
C OMY D 6 1.69 -6.13 0.75
ODE OMY D 6 3.51 -4.22 2.48
H OMY D 6 1.24 -3.62 2.15
HA OMY D 6 2.12 -4.51 -0.52
HE2 OMY D 6 4.18 0.43 1.06
HD2 OMY D 6 3.87 -1.77 2.27
HD1 OMY D 6 3.99 -3.85 -1.56
HB OMY D 6 4.21 -5.09 0.76
N 3FG D 7 1.74 -6.81 -0.42
OD1 3FG D 7 -1.73 -7.59 -4.49
CD1 3FG D 7 -0.69 -8.25 -3.90
CG1 3FG D 7 -0.26 -7.87 -2.58
CZ 3FG D 7 -0.02 -9.31 -4.59
CD2 3FG D 7 1.07 -10.01 -3.98
OD2 3FG D 7 1.71 -11.02 -4.64
CG2 3FG D 7 1.50 -9.63 -2.66
CB 3FG D 7 0.84 -8.56 -1.94
CA 3FG D 7 1.32 -8.18 -0.53
C 3FG D 7 2.52 -9.02 -0.02
O 3FG D 7 2.29 -10.13 0.46
OXT 3FG D 7 3.66 -8.55 -0.12
H 3FG D 7 2.05 -6.33 -1.23
HA 3FG D 7 0.50 -8.25 0.16
HD1 3FG D 7 -1.89 -7.95 -5.36
HZ 3FG D 7 -0.33 -9.55 -5.60
HD2 3FG D 7 1.32 -11.14 -5.51
HG2 3FG D 7 2.32 -10.16 -2.19
C2 BGC E . 5.63 5.51 1.58
C3 BGC E . 6.67 5.45 0.46
C4 BGC E . 7.37 4.08 0.46
C5 BGC E . 6.33 2.96 0.50
C6 BGC E . 6.96 1.58 0.71
C1 BGC E . 4.69 4.32 1.52
O2 BGC E . 4.90 6.72 1.50
O3 BGC E . 7.61 6.46 0.67
O4 BGC E . 8.12 3.94 -0.73
O5 BGC E . 5.47 3.15 1.61
O6 BGC E . 7.87 1.60 1.77
H2 BGC E . 6.15 5.47 2.54
H3 BGC E . 6.19 5.62 -0.50
H4 BGC E . 8.05 4.01 1.31
H5 BGC E . 5.74 2.98 -0.41
H61 BGC E . 6.18 0.86 0.95
H62 BGC E . 7.46 1.22 -0.17
H1 BGC E . 4.11 4.30 0.60
HO3 BGC E . 8.04 6.27 1.51
HO4 BGC E . 8.90 3.46 -0.49
HO6 BGC E . 8.21 0.72 1.86
C1 RER E . 5.48 7.71 2.34
C2 RER E . 4.73 9.05 2.20
C3 RER E . 3.33 9.00 2.82
N3 RER E . 2.82 10.36 2.95
C3A RER E . 2.38 8.21 1.92
C4 RER E . 3.40 8.35 4.20
O4 RER E . 2.10 8.17 4.71
C5 RER E . 4.12 7.02 4.11
O5 RER E . 5.44 7.27 3.67
C5A RER E . 4.16 6.25 5.43
H1 RER E . 6.52 7.85 2.03
H21C RER E . 5.31 9.82 2.71
H22C RER E . 4.67 9.34 1.15
HO1 RER E . 2.78 10.80 2.01
H31N RER E . 3.46 10.91 3.56
H32N RER E . 1.87 10.34 3.37
H3A1 RER E . 2.72 7.19 1.78
H3A2 RER E . 2.30 8.69 0.93
H3A3 RER E . 1.37 8.17 2.34
H4 RER E . 3.93 9.02 4.90
HO4 RER E . 2.15 8.32 5.64
H5 RER E . 3.62 6.41 3.36
H5A1 RER E . 4.68 5.30 5.33
H5A2 RER E . 3.15 6.05 5.78
H5A3 RER E . 4.67 6.84 6.20
C2 BGC F . 5.69 4.25 -4.07
C3 BGC F . 6.59 4.33 -5.30
C4 BGC F . 7.09 2.94 -5.68
C5 BGC F . 5.96 1.92 -5.71
C6 BGC F . 6.53 0.53 -5.92
C1 BGC F . 4.64 3.17 -4.22
O2 BGC F . 5.02 5.49 -3.92
O3 BGC F . 7.68 5.16 -4.99
O4 BGC F . 7.68 2.99 -6.95
O5 BGC F . 5.28 1.94 -4.48
O6 BGC F . 7.49 0.24 -4.94
H2 BGC F . 6.28 4.05 -3.19
H3 BGC F . 6.05 4.79 -6.12
H4 BGC F . 7.83 2.58 -4.96
H5 BGC F . 5.25 2.16 -6.50
H61 BGC F . 5.75 -0.22 -5.84
H62 BGC F . 7.01 0.44 -6.89
H1 BGC F . 3.94 3.41 -5.02
HO3 BGC F . 7.47 6.03 -5.33
HO4 BGC F . 8.61 3.13 -6.81
HO6 BGC F . 7.81 -0.64 -5.11
C1 RER F . 5.46 6.26 -2.83
C2 RER F . 5.59 7.70 -3.30
C3 RER F . 4.23 8.32 -3.67
N3 RER F . 4.39 9.76 -3.84
C3A RER F . 3.69 7.74 -4.98
C4 RER F . 3.25 8.05 -2.54
O4 RER F . 1.96 8.48 -2.92
C5 RER F . 3.22 6.56 -2.20
O5 RER F . 4.51 6.18 -1.79
C5A RER F . 2.25 6.26 -1.07
H1 RER F . 6.41 5.88 -2.46
H21C RER F . 6.04 8.29 -2.50
H22C RER F . 6.27 7.77 -4.15
HO1 RER F . 3.48 10.18 -4.07
H31N RER F . 5.06 9.94 -4.61
H32N RER F . 4.76 10.17 -2.96
H3A1 RER F . 4.41 7.85 -5.79
H3A2 RER F . 3.45 6.68 -4.87
H3A3 RER F . 2.77 8.24 -5.27
H4 RER F . 3.53 8.62 -1.65
HO4 RER F . 1.87 9.36 -2.59
H5 RER F . 2.94 5.99 -3.08
H5A1 RER F . 1.22 6.51 -1.35
H5A2 RER F . 2.49 6.83 -0.17
H5A3 RER F . 2.28 5.20 -0.81
C1 RER G . -3.88 4.69 -2.98
C2 RER G . -4.21 4.47 -4.46
C3 RER G . -5.71 4.32 -4.71
N3 RER G . -5.99 4.46 -6.13
C3A RER G . -6.21 2.95 -4.25
C4 RER G . -6.44 5.43 -3.95
O4 RER G . -7.83 5.30 -4.11
C5 RER G . -6.07 5.37 -2.48
O5 RER G . -4.70 5.69 -2.41
C5A RER G . -6.86 6.35 -1.63
H1 RER G . -2.84 5.02 -2.90
H21C RER G . -3.86 5.34 -5.02
H22C RER G . -3.67 3.61 -4.85
HO1 RER G . -5.49 3.73 -6.66
H31N RER G . -7.01 4.37 -6.30
H32N RER G . -5.67 5.40 -6.46
H3A1 RER G . -7.29 2.88 -4.33
H3A2 RER G . -5.93 2.74 -3.23
H3A3 RER G . -5.78 2.15 -4.87
H4 RER G . -6.15 6.40 -4.33
HO4 RER G . -8.19 6.18 -4.16
H5 RER G . -6.21 4.36 -2.10
H5A1 RER G . -6.68 7.38 -1.96
H5A2 RER G . -7.94 6.16 -1.72
H5A3 RER G . -6.60 6.28 -0.58
C1 RER H . 4.79 -4.13 3.06
C2 RER H . 4.63 -4.13 4.58
C3 RER H . 4.26 -5.51 5.13
N3 RER H . 4.43 -5.52 6.58
C3A RER H . 2.81 -5.87 4.81
C4 RER H . 5.18 -6.55 4.51
O4 RER H . 4.80 -7.83 4.94
C5 RER H . 5.11 -6.45 2.99
O5 RER H . 5.61 -5.20 2.62
C5A RER H . 5.95 -7.54 2.32
H1 RER H . 5.27 -3.20 2.72
H21C RER H . 5.57 -3.79 5.02
H22C RER H . 3.89 -3.39 4.88
HO1 RER H . 5.42 -5.29 6.81
H31N RER H . 4.19 -6.46 6.95
H32N RER H . 3.80 -4.81 7.00
H3A1 RER H . 2.10 -5.25 5.34
H3A2 RER H . 2.59 -6.91 5.09
H3A3 RER H . 2.60 -5.77 3.74
H4 RER H . 6.20 -6.38 4.85
HO4 RER H . 5.59 -8.34 5.04
H5 RER H . 4.07 -6.53 2.68
H5A1 RER H . 7.00 -7.47 2.62
H5A2 RER H . 5.90 -7.45 1.23
H5A3 RER H . 5.58 -8.54 2.58
N ALA A 1 -5.68 11.11 -4.14
CA ALA A 1 -6.06 9.89 -3.45
C ALA A 1 -4.85 8.96 -3.28
N FGA A 2 -4.23 9.10 -2.10
CA FGA A 2 -3.09 8.24 -1.87
C FGA A 2 -1.81 8.92 -2.39
O FGA A 2 -0.77 8.77 -1.76
CB FGA A 2 -2.96 7.91 -0.39
CG FGA A 2 -4.27 7.36 0.19
CD FGA A 2 -4.05 6.84 1.60
OE1 FGA A 2 -2.94 6.80 2.13
H FGA A 2 -4.52 9.74 -1.38
HA FGA A 2 -3.28 7.33 -2.44
HB2 FGA A 2 -2.16 7.20 -0.24
HB3 FGA A 2 -2.69 8.82 0.15
HG2 FGA A 2 -5.04 8.14 0.21
HG3 FGA A 2 -4.65 6.55 -0.43
N LYS A 3 -5.19 6.46 2.19
CA LYS A 3 -5.19 5.96 3.55
C LYS A 3 -4.33 4.68 3.68
N DAL A 4 -3.62 4.58 4.82
CA DAL A 4 -2.83 3.37 4.97
CB DAL A 4 -3.71 2.26 5.54
C DAL A 4 -1.64 3.64 5.90
O DAL A 4 -1.43 4.73 6.40
H DAL A 4 -3.66 5.29 5.52
HA DAL A 4 -2.45 3.08 3.98
HB1 DAL A 4 -4.57 2.06 4.88
HB2 DAL A 4 -3.16 1.33 5.65
HB3 DAL A 4 -4.11 2.53 6.52
N DAL A 5 -0.89 2.53 6.07
CA DAL A 5 0.28 2.59 6.92
CB DAL A 5 1.24 3.68 6.43
C DAL A 5 0.96 1.22 6.94
O DAL A 5 0.27 0.23 7.18
OXT DAL A 5 2.16 1.16 6.72
H DAL A 5 -1.14 1.68 5.64
HA DAL A 5 -0.08 2.83 7.92
HB1 DAL A 5 0.76 4.65 6.41
HB2 DAL A 5 2.12 3.74 7.07
HB3 DAL A 5 1.60 3.45 5.41
N ALA B 1 11.53 -3.19 1.61
CA ALA B 1 10.35 -3.20 2.47
C ALA B 1 9.16 -2.57 1.76
N FGA B 2 8.90 -3.16 0.57
CA FGA B 2 7.78 -2.60 -0.15
C FGA B 2 8.15 -1.20 -0.65
O FGA B 2 7.55 -0.76 -1.64
CB FGA B 2 7.40 -3.47 -1.35
CG FGA B 2 6.59 -4.70 -0.96
CD FGA B 2 5.82 -5.14 -2.20
OE1 FGA B 2 5.69 -4.39 -3.16
H FGA B 2 9.45 -3.93 0.25
HA FGA B 2 6.94 -2.55 0.53
HB2 FGA B 2 6.75 -2.84 -1.97
HB3 FGA B 2 8.26 -3.74 -1.95
HG2 FGA B 2 7.21 -5.52 -0.58
HG3 FGA B 2 5.88 -4.43 -0.19
N LYS B 3 5.33 -6.39 -2.15
CA LYS B 3 4.61 -6.77 -3.33
C LYS B 3 3.42 -5.81 -3.49
N DAL B 4 3.14 -5.43 -4.74
CA DAL B 4 2.04 -4.52 -4.93
CB DAL B 4 0.74 -5.29 -5.18
C DAL B 4 2.35 -3.58 -6.10
O DAL B 4 3.01 -3.96 -7.06
H DAL B 4 3.67 -5.77 -5.52
HA DAL B 4 1.95 -3.91 -4.01
HB1 DAL B 4 0.51 -5.95 -4.35
HB2 DAL B 4 -0.10 -4.61 -5.31
HB3 DAL B 4 0.83 -5.90 -6.08
N DAL B 5 1.85 -2.34 -5.93
CA DAL B 5 2.08 -1.37 -6.97
CB DAL B 5 3.31 -0.52 -6.64
C DAL B 5 0.84 -0.49 -7.15
O DAL B 5 -0.25 -0.93 -6.76
OXT DAL B 5 0.97 0.62 -7.66
H DAL B 5 1.28 -2.09 -5.15
HA DAL B 5 2.25 -1.95 -7.86
HB1 DAL B 5 4.19 -1.16 -6.52
HB2 DAL B 5 3.51 0.19 -7.43
HB3 DAL B 5 3.17 0.04 -5.72
N MLU C 1 1.53 1.49 12.12
CN MLU C 1 2.93 1.87 12.08
CA MLU C 1 1.13 0.84 10.87
C MLU C 1 1.99 -0.41 10.63
O MLU C 1 1.94 -1.37 11.39
CB MLU C 1 -0.33 0.43 10.87
CG MLU C 1 -1.27 1.59 11.15
CD1 MLU C 1 -1.21 2.64 10.04
CD2 MLU C 1 -2.71 1.08 11.33
H1 MLU C 1 1.37 0.84 12.91
H2 MLU C 1 0.93 2.34 12.25
HCN1 MLU C 1 3.09 2.56 11.25
HCN2 MLU C 1 3.54 0.98 11.93
HCN3 MLU C 1 3.19 2.35 13.02
HA MLU C 1 1.32 1.55 10.06
HB2 MLU C 1 -0.49 -0.35 11.61
HB3 MLU C 1 -0.58 -0.02 9.90
HG MLU C 1 -0.95 2.06 12.09
HD11 MLU C 1 -1.55 2.21 9.10
HD12 MLU C 1 -1.85 3.49 10.27
HD13 MLU C 1 -0.20 3.01 9.90
HD21 MLU C 1 -2.75 0.36 12.15
HD22 MLU C 1 -3.38 1.91 11.58
HD23 MLU C 1 -3.06 0.60 10.42
N OMZ C 2 2.76 -0.34 9.53
CA OMZ C 2 3.59 -1.49 9.22
C OMZ C 2 2.94 -2.34 8.11
O OMZ C 2 3.12 -3.56 8.07
CB OMZ C 2 5.03 -1.06 8.90
OC OMZ C 2 5.62 -0.48 10.04
CG OMZ C 2 5.05 -0.09 7.78
CD1 OMZ C 2 5.27 -0.54 6.44
CD2 OMZ C 2 4.81 1.32 8.03
CE1 OMZ C 2 5.17 0.39 5.35
CL OMZ C 2 5.40 -0.15 3.73
CE2 OMZ C 2 4.70 2.24 6.94
CZ OMZ C 2 4.84 1.77 5.59
OH OMZ C 2 4.54 2.59 4.50
H OMZ C 2 2.75 0.47 8.95
HA OMZ C 2 3.59 -2.10 10.13
HB OMZ C 2 5.63 -1.94 8.64
HC OMZ C 2 6.50 -0.24 9.80
HD1 OMZ C 2 5.49 -1.58 6.23
HD2 OMZ C 2 4.67 1.67 9.06
HE2 OMZ C 2 4.49 3.28 7.13
N ASN C 3 2.16 -1.69 7.21
CA ASN C 3 1.52 -2.53 6.21
C ASN C 3 1.46 -1.89 4.81
N GHP C 4 0.56 -0.89 4.71
CA GHP C 4 0.41 -0.26 3.41
C GHP C 4 -1.06 0.15 3.20
O GHP C 4 -1.78 0.53 4.11
C1 GHP C 4 1.29 0.95 3.18
C2 GHP C 4 0.97 1.95 2.19
C3 GHP C 4 1.82 3.10 1.94
C4 GHP C 4 3.00 3.26 2.75
O4 GHP C 4 3.81 4.37 2.62
C5 GHP C 4 3.35 2.29 3.77
C6 GHP C 4 2.49 1.13 3.94
H GHP C 4 0.10 -0.57 5.53
HA GHP C 4 0.67 -1.02 2.69
HC2 GHP C 4 0.05 1.85 1.65
H6 GHP C 4 2.74 0.40 4.68
N GHP C 5 -1.44 0.03 1.91
CA GHP C 5 -2.77 0.45 1.50
C GHP C 5 -2.92 0.36 -0.03
O GHP C 5 -2.42 -0.58 -0.63
C1 GHP C 5 -3.94 -0.22 2.14
C2 GHP C 5 -4.86 0.62 2.83
C3 GHP C 5 -6.10 0.14 3.33
C4 GHP C 5 -6.40 -1.25 3.20
O4 GHP C 5 -7.59 -1.74 3.71
C5 GHP C 5 -5.48 -2.14 2.53
C6 GHP C 5 -4.24 -1.63 2.00
H GHP C 5 -0.79 -0.31 1.23
HA GHP C 5 -2.75 1.48 1.82
HC2 GHP C 5 -4.63 1.67 2.93
HO4 GHP C 5 -8.07 -1.03 4.11
H5 GHP C 5 -5.72 -3.19 2.43
H6 GHP C 5 -3.57 -2.28 1.48
N OMY C 6 -3.64 1.34 -0.66
CA OMY C 6 -4.29 2.51 -0.07
OCZ OMY C 6 1.59 4.08 0.93
CE2 OMY C 6 0.04 3.76 -0.98
CE1 OMY C 6 -0.78 4.55 1.22
CZ OMY C 6 0.31 4.17 0.37
CG OMY C 6 -2.41 3.99 -0.56
CD2 OMY C 6 -1.33 3.68 -1.44
CD1 OMY C 6 -2.13 4.47 0.77
CB OMY C 6 -3.87 3.73 -0.89
CL OMY C 6 -0.45 5.08 2.84
O OMY C 6 -6.50 1.86 -0.84
C OMY C 6 -5.80 2.28 0.07
ODE OMY C 6 -4.05 3.51 -2.28
H OMY C 6 -3.72 1.24 -1.65
HA OMY C 6 -3.92 2.64 0.93
HE2 OMY C 6 0.85 3.51 -1.65
HD2 OMY C 6 -1.53 3.34 -2.45
HD1 OMY C 6 -2.93 4.73 1.43
HB OMY C 6 -4.46 4.58 -0.58
N 3FG C 7 -6.22 2.59 1.32
OD1 3FG C 7 -6.48 -0.08 6.04
CD1 3FG C 7 -7.13 0.96 5.40
CG1 3FG C 7 -7.00 1.11 3.99
CZ 3FG C 7 -7.92 1.87 6.18
CD2 3FG C 7 -8.60 2.96 5.53
OD2 3FG C 7 -9.36 3.84 6.26
CG2 3FG C 7 -8.47 3.11 4.11
CB 3FG C 7 -7.67 2.21 3.31
CA 3FG C 7 -7.57 2.41 1.79
C 3FG C 7 -8.35 3.64 1.26
O 3FG C 7 -9.53 3.49 0.95
OXT 3FG C 7 -7.75 4.72 1.17
H 3FG C 7 -5.54 2.93 1.97
HA 3FG C 7 -7.88 1.51 1.28
HD1 3FG C 7 -6.66 -0.05 6.97
HZ 3FG C 7 -7.96 1.75 7.24
HD2 3FG C 7 -9.74 4.49 5.69
HG2 3FG C 7 -8.96 3.96 3.62
N MLU D 1 0.16 0.23 -12.25
CN MLU D 1 0.73 1.57 -12.34
CA MLU D 1 -0.44 0.02 -10.93
C MLU D 1 -1.54 1.05 -10.65
O MLU D 1 -2.43 1.27 -11.45
CB MLU D 1 -1.05 -1.37 -10.80
CG MLU D 1 -0.02 -2.50 -10.92
CD1 MLU D 1 1.05 -2.37 -9.83
CD2 MLU D 1 -0.70 -3.86 -10.84
H1 MLU D 1 -0.59 0.13 -12.97
H2 MLU D 1 0.90 -0.47 -12.41
HCN1 MLU D 1 1.16 1.71 -13.32
HCN2 MLU D 1 -0.06 2.31 -12.17
HCN3 MLU D 1 1.50 1.68 -11.57
HA MLU D 1 0.35 0.14 -10.19
HB2 MLU D 1 -1.82 -1.51 -11.55
HB3 MLU D 1 -1.55 -1.45 -9.83
HG MLU D 1 0.47 -2.40 -11.89
HD11 MLU D 1 1.56 -1.41 -9.89
HD12 MLU D 1 0.60 -2.46 -8.84
HD13 MLU D 1 1.79 -3.16 -9.93
HD21 MLU D 1 0.03 -4.66 -10.95
HD22 MLU D 1 -1.44 -3.96 -11.64
HD23 MLU D 1 -1.20 -3.99 -9.88
N OMZ D 2 -1.40 1.66 -9.46
CA OMZ D 2 -2.40 2.65 -9.06
C OMZ D 2 -3.14 2.17 -7.79
O OMZ D 2 -4.30 2.53 -7.60
CB OMZ D 2 -1.77 4.06 -8.97
OC OMZ D 2 -1.18 4.40 -10.19
CG OMZ D 2 -0.76 4.15 -7.87
CD1 OMZ D 2 -0.97 5.04 -6.75
CD2 OMZ D 2 0.42 3.32 -7.92
CE1 OMZ D 2 -0.04 5.02 -5.66
CL OMZ D 2 -0.31 6.05 -4.30
CE2 OMZ D 2 1.34 3.31 -6.82
CZ OMZ D 2 1.08 4.13 -5.67
OH OMZ D 2 1.87 3.97 -4.52
H OMZ D 2 -0.64 1.42 -8.84
HA OMZ D 2 -3.13 2.65 -9.87
HB OMZ D 2 -2.57 4.79 -8.77
HC OMZ D 2 -0.41 3.85 -10.27
HD1 OMZ D 2 -1.83 5.68 -6.72
HD2 OMZ D 2 0.62 2.69 -8.77
HE2 OMZ D 2 2.21 2.67 -6.84
N ASN D 3 -2.46 1.36 -6.95
CA ASN D 3 -3.20 0.86 -5.80
C ASN D 3 -2.39 0.86 -4.49
N GHP D 4 -1.46 -0.12 -4.43
CA GHP D 4 -0.69 -0.23 -3.20
C GHP D 4 -0.41 -1.71 -2.85
O GHP D 4 -0.31 -2.59 -3.69
C1 GHP D 4 0.58 0.59 -3.20
C2 GHP D 4 1.77 0.17 -2.51
C3 GHP D 4 2.96 1.02 -2.43
C4 GHP D 4 2.92 2.28 -3.11
O4 GHP D 4 4.02 3.12 -3.03
C5 GHP D 4 1.77 2.71 -3.86
C6 GHP D 4 0.59 1.84 -3.87
H GHP D 4 -1.26 -0.65 -5.25
HA GHP D 4 -1.35 0.20 -2.43
HC2 GHP D 4 1.79 -0.82 -2.06
H6 GHP D 4 -0.29 2.13 -4.42
N GHP D 5 -0.27 -1.88 -1.51
CA GHP D 5 0.06 -3.16 -0.93
C GHP D 5 0.26 -3.02 0.59
O GHP D 5 -0.48 -2.29 1.22
C1 GHP D 5 -0.87 -4.30 -1.16
C2 GHP D 5 -0.32 -5.48 -1.74
C3 GHP D 5 -1.03 -6.69 -1.86
C4 GHP D 5 -2.40 -6.72 -1.42
O4 GHP D 5 -3.13 -7.88 -1.55
C5 GHP D 5 -3.02 -5.54 -0.86
C6 GHP D 5 -2.24 -4.33 -0.73
H GHP D 5 -0.39 -1.08 -0.91
HA GHP D 5 1.01 -3.38 -1.41
HC2 GHP D 5 0.72 -5.46 -2.08
HO4 GHP D 5 -2.60 -8.55 -1.94
H5 GHP D 5 -4.05 -5.57 -0.53
H6 GHP D 5 -2.69 -3.45 -0.28
N OMY D 6 1.25 -3.74 1.19
CA OMY D 6 2.21 -4.65 0.58
OCZ OMY D 6 4.15 0.75 -1.72
CE2 OMY D 6 4.26 -0.45 0.44
CE1 OMY D 6 4.17 -1.69 -1.71
CZ OMY D 6 4.23 -0.44 -1.00
CG OMY D 6 3.94 -2.94 0.43
CD2 OMY D 6 4.09 -1.69 1.16
CD1 OMY D 6 4.03 -2.92 -1.01
CB OMY D 6 3.60 -4.25 1.10
CL OMY D 6 4.20 -1.68 -3.44
O OMY D 6 1.53 -6.58 1.91
C OMY D 6 1.80 -6.11 0.80
ODE OMY D 6 3.55 -4.12 2.50
H OMY D 6 1.33 -3.60 2.18
HA OMY D 6 2.20 -4.52 -0.49
HE2 OMY D 6 4.42 0.48 0.96
HD2 OMY D 6 4.02 -1.69 2.23
HD1 OMY D 6 3.93 -3.83 -1.56
HB OMY D 6 4.31 -5.02 0.84
N 3FG D 7 1.78 -6.79 -0.37
OD1 3FG D 7 -1.94 -7.63 -4.25
CD1 3FG D 7 -0.86 -8.29 -3.70
CG1 3FG D 7 -0.35 -7.87 -2.45
CZ 3FG D 7 -0.26 -9.38 -4.42
CD2 3FG D 7 0.86 -10.08 -3.86
OD2 3FG D 7 1.43 -11.13 -4.54
CG2 3FG D 7 1.38 -9.66 -2.58
CB 3FG D 7 0.79 -8.55 -1.85
CA 3FG D 7 1.38 -8.17 -0.48
C 3FG D 7 2.62 -9.00 -0.06
O 3FG D 7 2.43 -10.12 0.41
OXT 3FG D 7 3.74 -8.50 -0.19
H 3FG D 7 2.04 -6.31 -1.20
HA 3FG D 7 0.60 -8.24 0.27
HD1 3FG D 7 -2.16 -8.03 -5.10
HZ 3FG D 7 -0.65 -9.65 -5.38
HD2 3FG D 7 2.15 -11.47 -4.04
HG2 3FG D 7 2.24 -10.16 -2.17
C2 BGC E . 5.71 5.46 1.75
C3 BGC E . 6.84 5.42 0.74
C4 BGC E . 7.43 4.01 0.67
C5 BGC E . 6.31 3.02 0.40
C6 BGC E . 6.79 1.57 0.39
C1 BGC E . 4.67 4.35 1.51
O2 BGC E . 5.07 6.72 1.71
O3 BGC E . 7.84 6.33 1.15
O4 BGC E . 8.35 3.94 -0.39
O5 BGC E . 5.36 3.11 1.44
O6 BGC E . 6.72 1.01 1.67
H2 BGC E . 6.12 5.32 2.75
H3 BGC E . 6.49 5.73 -0.24
H4 BGC E . 7.95 3.77 1.60
H5 BGC E . 5.84 3.28 -0.55
H61 BGC E . 6.19 0.98 -0.29
H62 BGC E . 7.82 1.47 0.05
H1 BGC E . 4.11 4.52 0.59
HO3 BGC E . 8.21 6.71 0.35
HO4 BGC E . 9.05 3.38 -0.09
HO6 BGC E . 7.02 0.12 1.60
C1 RER E . 5.68 7.65 2.59
C2 RER E . 4.97 9.00 2.51
C3 RER E . 3.56 8.97 3.09
N3 RER E . 3.07 10.32 3.26
C3A RER E . 2.62 8.21 2.15
C4 RER E . 3.59 8.27 4.45
O4 RER E . 2.29 8.09 4.93
C5 RER E . 4.30 6.92 4.33
O5 RER E . 5.63 7.15 3.90
C5A RER E . 4.32 6.15 5.65
H1 RER E . 6.72 7.77 2.29
H21C RER E . 5.56 9.74 3.08
H22C RER E . 4.95 9.36 1.48
HO1 RER E . 3.04 10.80 2.34
H31N RER E . 3.70 10.84 3.91
H32N RER E . 2.11 10.30 3.67
H3A1 RER E . 1.60 8.20 2.54
H3A2 RER E . 2.94 7.19 1.99
H3A3 RER E . 2.59 8.71 1.17
H4 RER E . 4.13 8.89 5.17
HO4 RER E . 2.10 8.82 5.49
H5 RER E . 3.79 6.33 3.58
H5A1 RER E . 4.83 5.19 5.53
H5A2 RER E . 4.84 6.71 6.43
H5A3 RER E . 3.31 5.94 6.00
C2 BGC F . 5.69 4.33 -4.18
C3 BGC F . 6.55 4.43 -5.43
C4 BGC F . 7.07 3.04 -5.81
C5 BGC F . 5.96 2.00 -5.81
C6 BGC F . 6.56 0.61 -6.03
C1 BGC F . 4.65 3.23 -4.29
O2 BGC F . 5.03 5.56 -3.99
O3 BGC F . 7.64 5.28 -5.17
O4 BGC F . 7.63 3.10 -7.10
O5 BGC F . 5.30 2.02 -4.56
O6 BGC F . 7.55 0.35 -5.07
H2 BGC F . 6.32 4.13 -3.30
H3 BGC F . 5.97 4.85 -6.24
H4 BGC F . 7.84 2.71 -5.12
H5 BGC F . 5.23 2.22 -6.59
H61 BGC F . 5.79 -0.14 -5.93
H62 BGC F . 7.01 0.53 -7.02
H1 BGC F . 3.94 3.46 -5.09
HO3 BGC F . 7.81 5.76 -5.98
HO4 BGC F . 8.39 2.53 -7.09
HO6 BGC F . 7.88 -0.52 -5.24
C1 RER F . 5.56 6.36 -2.97
C2 RER F . 5.60 7.81 -3.44
C3 RER F . 4.20 8.39 -3.65
N3 RER F . 4.29 9.83 -3.82
C3A RER F . 3.52 7.79 -4.90
C4 RER F . 3.35 8.09 -2.41
O4 RER F . 2.03 8.47 -2.64
C5 RER F . 3.42 6.59 -2.07
O5 RER F . 4.76 6.26 -1.83
C5A RER F . 2.60 6.26 -0.83
H1 RER F . 6.57 6.01 -2.73
H21C RER F . 6.12 8.41 -2.70
H22C RER F . 6.17 7.89 -4.37
HO1 RER F . 3.34 10.23 -3.95
H31N RER F . 4.87 10.04 -4.67
H32N RER F . 4.73 10.26 -2.98
H3A1 RER F . 2.56 8.27 -5.07
H3A2 RER F . 4.14 7.95 -5.78
H3A3 RER F . 3.35 6.73 -4.78
H4 RER F . 3.72 8.66 -1.57
HO4 RER F . 1.93 9.35 -2.30
H5 RER F . 3.06 6.01 -2.92
H5A1 RER F . 2.67 5.20 -0.61
H5A2 RER F . 2.94 6.82 0.03
H5A3 RER F . 1.54 6.50 -0.98
C1 RER G . -3.89 4.69 -3.01
C2 RER G . -4.23 4.49 -4.50
C3 RER G . -5.73 4.33 -4.74
N3 RER G . -6.01 4.49 -6.17
C3A RER G . -6.21 2.96 -4.30
C4 RER G . -6.46 5.43 -3.97
O4 RER G . -7.85 5.29 -4.13
C5 RER G . -6.08 5.37 -2.50
O5 RER G . -4.71 5.69 -2.44
C5A RER G . -6.88 6.35 -1.65
H1 RER G . -2.86 5.02 -2.93
H21C RER G . -3.88 5.36 -5.05
H22C RER G . -3.69 3.62 -4.89
HO1 RER G . -5.49 3.75 -6.69
H31N RER G . -7.03 4.40 -6.33
H32N RER G . -5.68 5.43 -6.48
H3A1 RER G . -5.78 2.17 -4.91
H3A2 RER G . -7.30 2.88 -4.38
H3A3 RER G . -5.95 2.75 -3.26
H4 RER G . -6.17 6.41 -4.36
HO4 RER G . -8.20 6.17 -4.17
H5 RER G . -6.22 4.35 -2.12
H5A1 RER G . -6.61 6.27 -0.60
H5A2 RER G . -6.70 7.38 -1.97
H5A3 RER G . -7.95 6.16 -1.73
C1 RER H . 4.81 -4.03 3.13
C2 RER H . 4.62 -4.09 4.65
C3 RER H . 4.27 -5.51 5.14
N3 RER H . 4.42 -5.56 6.59
C3A RER H . 2.82 -5.87 4.80
C4 RER H . 5.21 -6.51 4.50
O4 RER H . 4.84 -7.81 4.86
C5 RER H . 5.17 -6.35 2.98
O5 RER H . 5.66 -5.06 2.68
C5A RER H . 6.05 -7.38 2.28
H1 RER H . 5.27 -3.08 2.87
H21C RER H . 5.55 -3.77 5.13
H22C RER H . 3.85 -3.39 4.96
HO1 RER H . 4.19 -6.52 6.93
H31N RER H . 3.78 -4.87 7.04
H32N RER H . 5.40 -5.33 6.85
H3A1 RER H . 2.11 -5.23 5.32
H3A2 RER H . 2.63 -5.78 3.73
H3A3 RER H . 2.62 -6.90 5.09
H4 RER H . 6.23 -6.34 4.87
HO4 RER H . 5.64 -8.31 4.95
H5 RER H . 4.15 -6.42 2.63
H5A1 RER H . 7.09 -7.31 2.61
H5A2 RER H . 5.70 -8.39 2.49
H5A3 RER H . 6.03 -7.24 1.20
N ALA A 1 -5.99 11.00 -4.00
CA ALA A 1 -6.30 9.71 -3.38
C ALA A 1 -5.03 8.87 -3.19
N FGA A 2 -4.42 9.08 -2.02
CA FGA A 2 -3.22 8.30 -1.79
C FGA A 2 -1.99 9.07 -2.29
O FGA A 2 -2.09 10.28 -2.45
CB FGA A 2 -3.10 7.97 -0.31
CG FGA A 2 -4.38 7.35 0.25
CD FGA A 2 -4.16 6.83 1.66
OE1 FGA A 2 -3.05 6.83 2.19
H FGA A 2 -4.75 9.71 -1.32
HA FGA A 2 -3.35 7.38 -2.36
HB2 FGA A 2 -2.27 7.28 -0.16
HB3 FGA A 2 -2.87 8.89 0.24
HG2 FGA A 2 -5.18 8.10 0.27
HG3 FGA A 2 -4.72 6.54 -0.38
N LYS A 3 -5.29 6.39 2.24
CA LYS A 3 -5.26 5.87 3.59
C LYS A 3 -4.38 4.64 3.70
N DAL A 4 -3.72 4.54 4.88
CA DAL A 4 -2.86 3.38 5.07
CB DAL A 4 -3.63 2.31 5.85
C DAL A 4 -1.59 3.80 5.80
O DAL A 4 -1.53 4.79 6.52
H DAL A 4 -3.86 5.25 5.57
HA DAL A 4 -2.58 3.01 4.08
HB1 DAL A 4 -4.53 2.00 5.31
HB2 DAL A 4 -3.01 1.42 5.99
HB3 DAL A 4 -3.92 2.67 6.84
N DAL A 5 -0.56 2.97 5.54
CA DAL A 5 0.73 3.23 6.13
CB DAL A 5 0.65 3.34 7.64
C DAL A 5 1.33 4.51 5.55
O DAL A 5 0.61 5.50 5.45
OXT DAL A 5 2.51 4.51 5.21
H DAL A 5 -0.69 2.18 4.93
HA DAL A 5 1.36 2.36 5.89
HB1 DAL A 5 -0.07 4.10 7.94
HB2 DAL A 5 0.37 2.38 8.07
HB3 DAL A 5 1.61 3.61 8.06
N ALA B 1 11.30 -3.28 1.22
CA ALA B 1 10.19 -3.41 2.16
C ALA B 1 8.92 -2.83 1.57
N FGA B 2 8.63 -3.31 0.35
CA FGA B 2 7.44 -2.79 -0.27
C FGA B 2 7.68 -1.33 -0.65
O FGA B 2 6.91 -0.79 -1.44
CB FGA B 2 7.07 -3.56 -1.53
CG FGA B 2 6.41 -4.90 -1.24
CD FGA B 2 5.63 -5.32 -2.48
OE1 FGA B 2 5.35 -4.51 -3.36
H FGA B 2 9.21 -4.02 -0.06
HA FGA B 2 6.63 -2.87 0.46
HB2 FGA B 2 6.34 -2.94 -2.05
HB3 FGA B 2 7.92 -3.69 -2.18
HG2 FGA B 2 7.12 -5.68 -0.96
HG3 FGA B 2 5.70 -4.79 -0.43
N LYS B 3 5.30 -6.63 -2.53
CA LYS B 3 4.55 -7.02 -3.69
C LYS B 3 3.24 -6.24 -3.74
N DAL B 4 3.24 -5.25 -4.64
CA DAL B 4 2.07 -4.42 -4.80
CB DAL B 4 0.83 -5.26 -5.11
C DAL B 4 2.33 -3.39 -5.90
O DAL B 4 3.10 -3.63 -6.83
H DAL B 4 4.04 -5.19 -5.23
HA DAL B 4 1.93 -3.87 -3.86
HB1 DAL B 4 0.64 -5.98 -4.33
HB2 DAL B 4 -0.05 -4.63 -5.22
HB3 DAL B 4 0.96 -5.81 -6.04
N DAL B 5 1.64 -2.26 -5.74
CA DAL B 5 1.79 -1.20 -6.72
CB DAL B 5 2.96 -0.29 -6.34
C DAL B 5 0.49 -0.41 -6.84
O DAL B 5 -0.45 -0.91 -7.46
OXT DAL B 5 0.42 0.70 -6.32
H DAL B 5 1.00 -2.12 -5.00
HA DAL B 5 2.00 -1.72 -7.65
HB1 DAL B 5 3.89 -0.86 -6.26
HB2 DAL B 5 3.11 0.49 -7.10
HB3 DAL B 5 2.78 0.20 -5.38
N MLU C 1 0.61 0.91 11.74
CN MLU C 1 1.91 1.01 12.40
CA MLU C 1 0.79 0.69 10.32
C MLU C 1 1.64 -0.57 10.09
O MLU C 1 1.23 -1.68 10.42
CB MLU C 1 -0.52 0.49 9.56
CG MLU C 1 -1.62 1.44 10.01
CD1 MLU C 1 -1.44 2.85 9.46
CD2 MLU C 1 -2.98 0.88 9.59
H1 MLU C 1 0.08 0.11 12.15
H2 MLU C 1 0.08 1.79 11.90
HCN1 MLU C 1 2.45 0.08 12.25
HCN2 MLU C 1 2.46 1.84 11.96
HCN3 MLU C 1 1.76 1.19 13.46
HA MLU C 1 1.33 1.55 9.92
HB2 MLU C 1 -0.85 -0.53 9.74
HB3 MLU C 1 -0.35 0.58 8.48
HG MLU C 1 -1.60 1.48 11.10
HD11 MLU C 1 -2.19 3.53 9.86
HD12 MLU C 1 -1.55 2.84 8.38
HD13 MLU C 1 -0.47 3.25 9.70
HD21 MLU C 1 -3.04 0.80 8.50
HD22 MLU C 1 -3.13 -0.12 10.00
HD23 MLU C 1 -3.79 1.51 9.93
N OMZ C 2 2.82 -0.30 9.52
CA OMZ C 2 3.67 -1.46 9.25
C OMZ C 2 3.04 -2.33 8.15
O OMZ C 2 3.25 -3.54 8.12
CB OMZ C 2 5.11 -1.01 8.95
OC OMZ C 2 5.66 -0.40 10.09
CG OMZ C 2 5.14 -0.04 7.82
CD1 OMZ C 2 5.36 -0.52 6.47
CD2 OMZ C 2 4.90 1.35 8.06
CE1 OMZ C 2 5.26 0.40 5.38
CL OMZ C 2 5.48 -0.17 3.77
CE2 OMZ C 2 4.80 2.27 6.95
CZ OMZ C 2 4.93 1.79 5.60
OH OMZ C 2 4.63 2.59 4.51
H OMZ C 2 3.06 0.62 9.23
HA OMZ C 2 3.66 -2.03 10.17
HB OMZ C 2 5.73 -1.88 8.72
HC OMZ C 2 5.73 -1.06 10.76
HD1 OMZ C 2 5.58 -1.56 6.29
HD2 OMZ C 2 4.75 1.71 9.06
HE2 OMZ C 2 4.58 3.32 7.13
N ASN C 3 2.25 -1.69 7.25
CA ASN C 3 1.61 -2.53 6.25
C ASN C 3 1.51 -1.87 4.86
N GHP C 4 0.63 -0.85 4.80
CA GHP C 4 0.44 -0.20 3.52
C GHP C 4 -1.03 0.19 3.32
O GHP C 4 -1.74 0.58 4.24
C1 GHP C 4 1.33 1.00 3.28
C2 GHP C 4 0.99 2.00 2.30
C3 GHP C 4 1.85 3.14 2.01
C4 GHP C 4 3.06 3.28 2.79
O4 GHP C 4 3.86 4.39 2.64
C5 GHP C 4 3.43 2.31 3.80
C6 GHP C 4 2.55 1.18 4.02
H GHP C 4 0.16 -0.54 5.63
HA GHP C 4 0.70 -0.97 2.77
HC2 GHP C 4 0.05 1.91 1.79
H6 GHP C 4 2.81 0.48 4.80
N GHP C 5 -1.41 0.07 2.03
CA GHP C 5 -2.74 0.48 1.62
C GHP C 5 -2.90 0.38 0.09
O GHP C 5 -2.38 -0.56 -0.50
C1 GHP C 5 -3.91 -0.20 2.26
C2 GHP C 5 -4.84 0.66 2.94
C3 GHP C 5 -6.07 0.18 3.45
C4 GHP C 5 -6.38 -1.22 3.33
O4 GHP C 5 -7.56 -1.71 3.84
C5 GHP C 5 -5.45 -2.12 2.67
C6 GHP C 5 -4.21 -1.60 2.14
H GHP C 5 -0.76 -0.28 1.35
HA GHP C 5 -2.73 1.52 1.93
HC2 GHP C 5 -4.61 1.71 3.04
HO4 GHP C 5 -7.61 -2.64 3.67
H5 GHP C 5 -5.68 -3.17 2.59
H6 GHP C 5 -3.53 -2.26 1.63
N OMY C 6 -3.61 1.34 -0.55
CA OMY C 6 -4.27 2.51 0.00
OCZ OMY C 6 1.60 4.12 1.01
CE2 OMY C 6 0.05 3.76 -0.89
CE1 OMY C 6 -0.77 4.61 1.28
CZ OMY C 6 0.33 4.19 0.45
CG OMY C 6 -2.41 3.99 -0.48
CD2 OMY C 6 -1.31 3.65 -1.36
CD1 OMY C 6 -2.12 4.51 0.83
CB OMY C 6 -3.85 3.73 -0.82
CL OMY C 6 -0.44 5.18 2.88
O OMY C 6 -6.48 1.86 -0.80
C OMY C 6 -5.79 2.27 0.14
ODE OMY C 6 -4.03 3.50 -2.20
H OMY C 6 -3.68 1.22 -1.55
HA OMY C 6 -3.91 2.66 1.02
HE2 OMY C 6 0.87 3.46 -1.54
HD2 OMY C 6 -1.52 3.29 -2.36
HD1 OMY C 6 -2.93 4.80 1.47
HB OMY C 6 -4.45 4.58 -0.51
N 3FG C 7 -6.21 2.56 1.38
OD1 3FG C 7 -6.44 0.05 6.17
CD1 3FG C 7 -7.12 1.05 5.50
CG1 3FG C 7 -6.99 1.15 4.08
CZ 3FG C 7 -7.93 1.97 6.23
CD2 3FG C 7 -8.64 3.00 5.54
OD2 3FG C 7 -9.42 3.90 6.25
CG2 3FG C 7 -8.51 3.12 4.12
CB 3FG C 7 -7.69 2.21 3.36
CA 3FG C 7 -7.57 2.36 1.84
C 3FG C 7 -8.37 3.55 1.26
O 3FG C 7 -9.55 3.38 0.96
OXT 3FG C 7 -7.79 4.63 1.13
H 3FG C 7 -5.54 2.88 2.05
HA 3FG C 7 -7.86 1.44 1.35
HD1 3FG C 7 -6.62 0.11 7.10
HZ 3FG C 7 -7.98 1.89 7.30
HD2 3FG C 7 -9.39 3.68 7.17
HG2 3FG C 7 -9.03 3.92 3.60
N MLU D 1 0.26 0.17 -12.14
CN MLU D 1 0.85 1.50 -12.20
CA MLU D 1 -0.36 -0.04 -10.85
C MLU D 1 -1.46 1.00 -10.59
O MLU D 1 -2.34 1.22 -11.40
CB MLU D 1 -0.99 -1.43 -10.73
CG MLU D 1 0.04 -2.55 -10.81
CD1 MLU D 1 1.05 -2.46 -9.66
CD2 MLU D 1 -0.65 -3.91 -10.79
H1 MLU D 1 -0.45 0.08 -12.89
H2 MLU D 1 1.01 -0.54 -12.29
HCN1 MLU D 1 1.60 1.60 -11.43
HCN2 MLU D 1 1.32 1.64 -13.18
HCN3 MLU D 1 0.07 2.24 -12.06
HA MLU D 1 0.41 0.07 -10.08
HB2 MLU D 1 -1.74 -1.56 -11.51
HB3 MLU D 1 -1.51 -1.50 -9.77
HG MLU D 1 0.59 -2.45 -11.74
HD11 MLU D 1 1.57 -1.50 -9.66
HD12 MLU D 1 0.54 -2.57 -8.70
HD13 MLU D 1 1.81 -3.24 -9.74
HD21 MLU D 1 -1.34 -4.01 -11.62
HD22 MLU D 1 0.08 -4.73 -10.87
HD23 MLU D 1 -1.20 -4.06 -9.86
N OMZ D 2 -1.33 1.61 -9.40
CA OMZ D 2 -2.32 2.61 -9.02
C OMZ D 2 -3.09 2.15 -7.76
O OMZ D 2 -4.24 2.52 -7.57
CB OMZ D 2 -1.70 4.02 -8.93
OC OMZ D 2 -1.09 4.35 -10.14
CG OMZ D 2 -0.69 4.12 -7.83
CD1 OMZ D 2 -0.90 5.02 -6.72
CD2 OMZ D 2 0.48 3.27 -7.86
CE1 OMZ D 2 0.02 5.01 -5.62
CL OMZ D 2 -0.25 6.06 -4.28
CE2 OMZ D 2 1.39 3.27 -6.74
CZ OMZ D 2 1.13 4.10 -5.60
OH OMZ D 2 1.89 3.94 -4.44
H OMZ D 2 -0.59 1.38 -8.78
HA OMZ D 2 -3.05 2.60 -9.83
HB OMZ D 2 -2.48 4.75 -8.75
HC OMZ D 2 -0.76 5.24 -10.05
HD1 OMZ D 2 -1.73 5.70 -6.71
HD2 OMZ D 2 0.68 2.63 -8.69
HE2 OMZ D 2 2.24 2.61 -6.75
N ASN D 3 -2.42 1.33 -6.90
CA ASN D 3 -3.17 0.85 -5.76
C ASN D 3 -2.39 0.85 -4.43
N GHP D 4 -1.46 -0.12 -4.36
CA GHP D 4 -0.71 -0.23 -3.11
C GHP D 4 -0.42 -1.70 -2.76
O GHP D 4 -0.33 -2.58 -3.60
C1 GHP D 4 0.57 0.58 -3.10
C2 GHP D 4 1.75 0.17 -2.40
C3 GHP D 4 2.93 1.02 -2.32
C4 GHP D 4 2.91 2.27 -3.02
O4 GHP D 4 4.02 3.09 -2.93
C5 GHP D 4 1.77 2.70 -3.78
C6 GHP D 4 0.59 1.84 -3.79
H GHP D 4 -1.24 -0.66 -5.17
HA GHP D 4 -1.37 0.19 -2.35
HC2 GHP D 4 1.76 -0.80 -1.93
H6 GHP D 4 -0.29 2.14 -4.34
N GHP D 5 -0.29 -1.86 -1.43
CA GHP D 5 0.07 -3.15 -0.85
C GHP D 5 0.24 -3.03 0.67
O GHP D 5 -0.51 -2.32 1.31
C1 GHP D 5 -0.85 -4.31 -1.13
C2 GHP D 5 -0.26 -5.47 -1.70
C3 GHP D 5 -0.96 -6.68 -1.87
C4 GHP D 5 -2.35 -6.73 -1.50
O4 GHP D 5 -3.06 -7.90 -1.68
C5 GHP D 5 -3.00 -5.57 -0.94
C6 GHP D 5 -2.24 -4.35 -0.74
H GHP D 5 -0.41 -1.08 -0.82
HA GHP D 5 1.02 -3.35 -1.33
HC2 GHP D 5 0.78 -5.42 -1.98
HO4 GHP D 5 -3.96 -7.77 -1.38
H5 GHP D 5 -4.03 -5.62 -0.65
H6 GHP D 5 -2.71 -3.49 -0.30
N OMY D 6 1.24 -3.75 1.27
CA OMY D 6 2.22 -4.65 0.65
OCZ OMY D 6 4.13 0.75 -1.60
CE2 OMY D 6 4.17 -0.43 0.55
CE1 OMY D 6 4.21 -1.67 -1.59
CZ OMY D 6 4.22 -0.43 -0.88
CG OMY D 6 3.94 -2.93 0.53
CD2 OMY D 6 4.02 -1.69 1.26
CD1 OMY D 6 4.09 -2.91 -0.90
CB OMY D 6 3.60 -4.25 1.19
CL OMY D 6 4.31 -1.66 -3.32
O OMY D 6 1.47 -6.58 1.90
C OMY D 6 1.80 -6.11 0.82
ODE OMY D 6 3.56 -4.12 2.59
H OMY D 6 1.32 -3.63 2.26
HA OMY D 6 2.22 -4.48 -0.42
HE2 OMY D 6 4.25 0.50 1.09
HD2 OMY D 6 3.94 -1.68 2.34
HD1 OMY D 6 4.05 -3.84 -1.46
HB OMY D 6 4.32 -5.01 0.93
N 3FG D 7 1.86 -6.77 -0.36
OD1 3FG D 7 -1.83 -7.61 -4.29
CD1 3FG D 7 -0.75 -8.26 -3.75
CG1 3FG D 7 -0.26 -7.85 -2.46
CZ 3FG D 7 -0.13 -9.34 -4.45
CD2 3FG D 7 0.99 -10.02 -3.89
OD2 3FG D 7 1.59 -11.05 -4.58
CG2 3FG D 7 1.49 -9.61 -2.61
CB 3FG D 7 0.88 -8.52 -1.87
CA 3FG D 7 1.45 -8.15 -0.49
C 3FG D 7 2.69 -8.97 -0.07
O 3FG D 7 2.54 -9.93 0.68
OXT 3FG D 7 3.79 -8.62 -0.51
H 3FG D 7 2.17 -6.28 -1.17
HA 3FG D 7 0.67 -8.25 0.25
HD1 3FG D 7 -2.04 -8.00 -5.14
HZ 3FG D 7 -0.51 -9.61 -5.43
HD2 3FG D 7 1.14 -11.19 -5.39
HG2 3FG D 7 2.34 -10.14 -2.18
C2 BGC E . 5.70 5.48 1.63
C3 BGC E . 6.73 5.43 0.50
C4 BGC E . 7.43 4.07 0.49
C5 BGC E . 6.39 2.94 0.55
C6 BGC E . 7.05 1.58 0.76
C1 BGC E . 4.74 4.30 1.53
O2 BGC E . 5.00 6.70 1.61
O3 BGC E . 7.68 6.45 0.71
O4 BGC E . 8.17 3.93 -0.69
O5 BGC E . 5.51 3.14 1.63
O6 BGC E . 7.96 1.63 1.84
H2 BGC E . 6.23 5.40 2.58
H3 BGC E . 6.24 5.62 -0.46
H4 BGC E . 8.10 4.00 1.34
H5 BGC E . 5.82 2.94 -0.39
H61 BGC E . 6.29 0.85 1.00
H62 BGC E . 7.57 1.22 -0.12
H1 BGC E . 4.18 4.31 0.60
HO3 BGC E . 7.92 6.78 -0.15
HO4 BGC E . 9.06 4.21 -0.48
HO6 BGC E . 8.30 0.75 1.94
C1 RER E . 5.65 7.69 2.38
C2 RER E . 4.86 9.00 2.38
C3 RER E . 3.54 8.89 3.17
N3 RER E . 2.99 10.22 3.38
C3A RER E . 2.52 8.06 2.38
C4 RER E . 3.82 8.24 4.52
O4 RER E . 2.61 8.00 5.19
C5 RER E . 4.58 6.92 4.31
O5 RER E . 5.81 7.24 3.70
C5A RER E . 4.83 6.16 5.62
H1 RER E . 6.63 7.87 1.96
H21C RER E . 5.47 9.78 2.83
H22C RER E . 4.65 9.32 1.36
HO1 RER E . 2.80 10.67 2.46
H31N RER E . 3.67 10.80 3.92
H32N RER E . 2.10 10.15 3.91
H3A1 RER E . 1.59 7.96 2.93
H3A2 RER E . 2.30 8.54 1.43
H3A3 RER E . 2.91 7.06 2.17
H4 RER E . 4.42 8.91 5.14
HO4 RER E . 2.78 8.14 6.11
H5 RER E . 4.00 6.30 3.65
H5A1 RER E . 5.49 6.73 6.28
H5A2 RER E . 3.90 5.99 6.16
H5A3 RER E . 5.30 5.20 5.43
C2 BGC F . 5.72 4.28 -4.04
C3 BGC F . 6.60 4.36 -5.28
C4 BGC F . 7.09 2.97 -5.68
C5 BGC F . 5.95 1.95 -5.71
C6 BGC F . 6.51 0.56 -5.95
C1 BGC F . 4.66 3.19 -4.19
O2 BGC F . 5.04 5.50 -3.87
O3 BGC F . 7.69 5.18 -4.99
O4 BGC F . 7.67 3.02 -6.96
O5 BGC F . 5.29 1.96 -4.47
O6 BGC F . 7.48 0.25 -4.99
H2 BGC F . 6.32 4.05 -3.17
H3 BGC F . 6.04 4.82 -6.09
H4 BGC F . 7.84 2.60 -4.98
H5 BGC F . 5.23 2.21 -6.49
H61 BGC F . 5.72 -0.17 -5.89
H62 BGC F . 6.98 0.49 -6.94
H1 BGC F . 3.95 3.44 -4.98
HO3 BGC F . 7.90 5.66 -5.78
HO4 BGC F . 8.60 3.17 -6.83
HO6 BGC F . 7.78 -0.64 -5.18
C1 RER F . 5.48 6.27 -2.78
C2 RER F . 5.62 7.72 -3.25
C3 RER F . 4.26 8.34 -3.60
N3 RER F . 4.43 9.78 -3.79
C3A RER F . 3.68 7.75 -4.90
C4 RER F . 3.29 8.10 -2.45
O4 RER F . 2.01 8.54 -2.80
C5 RER F . 3.25 6.60 -2.11
O5 RER F . 4.55 6.20 -1.73
C5A RER F . 2.31 6.33 -0.94
H1 RER F . 6.43 5.87 -2.43
H21C RER F . 6.09 8.30 -2.46
H22C RER F . 6.29 7.78 -4.11
HO1 RER F . 5.09 9.94 -4.57
H31N RER F . 4.81 10.19 -2.92
H32N RER F . 3.51 10.20 -4.01
H3A1 RER F . 4.38 7.86 -5.73
H3A2 RER F . 3.45 6.69 -4.79
H3A3 RER F . 2.75 8.26 -5.17
H4 RER F . 3.61 8.66 -1.58
HO4 RER F . 1.93 9.43 -2.47
H5 RER F . 2.94 6.03 -2.98
H5A1 RER F . 2.62 6.86 -0.05
H5A2 RER F . 1.28 6.64 -1.19
H5A3 RER F . 2.29 5.26 -0.72
C1 RER G . -3.86 4.69 -2.94
C2 RER G . -4.17 4.46 -4.42
C3 RER G . -5.66 4.28 -4.70
N3 RER G . -5.91 4.39 -6.13
C3A RER G . -6.15 2.91 -4.22
C4 RER G . -6.42 5.39 -3.97
O4 RER G . -7.81 5.24 -4.16
C5 RER G . -6.08 5.35 -2.49
O5 RER G . -4.71 5.67 -2.39
C5A RER G . -6.90 6.34 -1.68
H1 RER G . -2.83 5.02 -2.83
H21C RER G . -3.82 5.33 -4.98
H22C RER G . -3.62 3.60 -4.80
HO1 RER G . -5.59 5.32 -6.47
H31N RER G . -5.40 3.64 -6.63
H32N RER G . -6.93 4.29 -6.31
H3A1 RER G . -5.74 2.11 -4.83
H3A2 RER G . -7.24 2.84 -4.28
H3A3 RER G . -5.86 2.72 -3.18
H4 RER G . -6.12 6.36 -4.37
HO4 RER G . -8.03 5.79 -4.90
H5 RER G . -6.22 4.34 -2.10
H5A1 RER G . -7.97 6.16 -1.81
H5A2 RER G . -6.69 7.36 -1.99
H5A3 RER G . -6.68 6.27 -0.62
C1 RER H . 4.83 -4.00 3.20
C2 RER H . 4.65 -4.09 4.72
C3 RER H . 4.32 -5.51 5.19
N3 RER H . 4.49 -5.58 6.64
C3A RER H . 2.88 -5.88 4.85
C4 RER H . 5.29 -6.49 4.53
O4 RER H . 4.92 -7.80 4.86
C5 RER H . 5.25 -6.30 3.01
O5 RER H . 5.70 -5.01 2.72
C5A RER H . 6.15 -7.31 2.28
H1 RER H . 5.27 -3.04 2.94
H21C RER H . 5.57 -3.75 5.20
H22C RER H . 3.87 -3.40 5.05
HO1 RER H . 4.29 -6.55 6.96
H31N RER H . 5.48 -5.34 6.89
H32N RER H . 3.84 -4.91 7.09
H3A1 RER H . 2.17 -5.24 5.36
H3A2 RER H . 2.70 -5.79 3.78
H3A3 RER H . 2.68 -6.91 5.14
H4 RER H . 6.30 -6.32 4.88
HO4 RER H . 5.45 -8.05 5.62
H5 RER H . 4.22 -6.41 2.66
H5A1 RER H . 6.12 -7.14 1.21
H5A2 RER H . 7.18 -7.20 2.61
H5A3 RER H . 5.83 -8.33 2.48
N ALA A 1 -5.45 10.86 -3.97
CA ALA A 1 -5.87 9.52 -3.58
C ALA A 1 -4.68 8.61 -3.35
N FGA A 2 -4.04 8.84 -2.19
CA FGA A 2 -2.90 7.99 -1.91
C FGA A 2 -1.63 8.63 -2.48
O FGA A 2 -1.69 9.77 -2.92
CB FGA A 2 -2.78 7.75 -0.42
CG FGA A 2 -4.08 7.27 0.20
CD FGA A 2 -3.84 6.77 1.63
OE1 FGA A 2 -2.72 6.72 2.12
H FGA A 2 -4.31 9.55 -1.52
HA FGA A 2 -3.10 7.04 -2.43
HB2 FGA A 2 -1.98 7.03 -0.24
HB3 FGA A 2 -2.48 8.70 0.06
HG2 FGA A 2 -4.81 8.08 0.23
HG3 FGA A 2 -4.52 6.46 -0.39
N LYS A 3 -4.98 6.43 2.26
CA LYS A 3 -4.96 5.99 3.64
C LYS A 3 -4.14 4.70 3.80
N DAL A 4 -3.42 4.62 4.93
CA DAL A 4 -2.65 3.40 5.13
CB DAL A 4 -3.55 2.32 5.76
C DAL A 4 -1.43 3.67 6.02
O DAL A 4 -1.18 4.78 6.46
H DAL A 4 -3.42 5.35 5.62
HA DAL A 4 -2.29 3.06 4.15
HB1 DAL A 4 -4.42 2.13 5.14
HB2 DAL A 4 -3.01 1.39 5.88
HB3 DAL A 4 -3.89 2.65 6.74
N DAL A 5 -0.72 2.55 6.24
CA DAL A 5 0.48 2.61 7.06
CB DAL A 5 1.47 3.61 6.49
C DAL A 5 1.09 1.22 7.16
O DAL A 5 2.30 1.08 6.97
OXT DAL A 5 0.35 0.27 7.44
H DAL A 5 -1.00 1.69 5.85
HA DAL A 5 0.15 2.92 8.04
HB1 DAL A 5 1.04 4.61 6.41
HB2 DAL A 5 2.36 3.68 7.12
HB3 DAL A 5 1.79 3.31 5.49
N ALA B 1 9.72 -3.64 3.92
CA ALA B 1 8.30 -3.37 3.80
C ALA B 1 7.99 -2.68 2.47
N FGA B 2 8.14 -3.47 1.40
CA FGA B 2 7.84 -2.85 0.12
C FGA B 2 8.91 -1.81 -0.21
O FGA B 2 8.59 -0.82 -0.86
CB FGA B 2 7.73 -3.88 -0.99
CG FGA B 2 6.55 -4.81 -0.74
CD FGA B 2 5.85 -5.07 -2.07
OE1 FGA B 2 5.81 -4.23 -2.95
H FGA B 2 8.44 -4.42 1.48
HA FGA B 2 6.87 -2.37 0.24
HB2 FGA B 2 7.54 -3.33 -1.91
HB3 FGA B 2 8.65 -4.46 -1.12
HG2 FGA B 2 6.86 -5.75 -0.27
HG3 FGA B 2 5.85 -4.31 -0.08
N LYS B 3 5.30 -6.30 -2.16
CA LYS B 3 4.57 -6.59 -3.37
C LYS B 3 3.39 -5.62 -3.51
N DAL B 4 3.10 -5.24 -4.76
CA DAL B 4 1.97 -4.32 -4.88
CB DAL B 4 0.69 -5.13 -5.11
C DAL B 4 2.20 -3.34 -6.03
O DAL B 4 2.61 -3.70 -7.13
H DAL B 4 3.61 -5.56 -5.56
HA DAL B 4 1.90 -3.75 -3.95
HB1 DAL B 4 0.51 -5.83 -4.29
HB2 DAL B 4 -0.19 -4.48 -5.19
HB3 DAL B 4 0.76 -5.71 -6.02
N DAL B 5 1.91 -2.07 -5.70
CA DAL B 5 2.07 -1.02 -6.66
CB DAL B 5 2.79 0.17 -6.03
C DAL B 5 0.71 -0.60 -7.22
O DAL B 5 -0.12 -1.48 -7.45
OXT DAL B 5 0.50 0.59 -7.40
H DAL B 5 1.58 -1.83 -4.79
HA DAL B 5 2.68 -1.46 -7.44
HB1 DAL B 5 3.76 -0.12 -5.63
HB2 DAL B 5 2.97 0.96 -6.77
HB3 DAL B 5 2.20 0.59 -5.22
N MLU C 1 1.63 1.45 12.26
CN MLU C 1 3.05 1.78 12.26
CA MLU C 1 1.25 0.83 11.00
C MLU C 1 2.06 -0.46 10.78
O MLU C 1 1.95 -1.42 11.53
CB MLU C 1 -0.23 0.47 10.95
CG MLU C 1 -1.13 1.67 11.25
CD1 MLU C 1 -1.03 2.73 10.16
CD2 MLU C 1 -2.58 1.21 11.41
H1 MLU C 1 1.42 0.80 13.04
H2 MLU C 1 1.08 2.33 12.39
HCN1 MLU C 1 3.62 0.86 12.13
HCN2 MLU C 1 3.27 2.47 11.44
HCN3 MLU C 1 3.31 2.25 13.21
HA MLU C 1 1.48 1.53 10.20
HB2 MLU C 1 -0.43 -0.31 11.69
HB3 MLU C 1 -0.48 0.06 9.98
HG MLU C 1 -0.80 2.12 12.19
HD11 MLU C 1 0.01 3.06 10.03
HD12 MLU C 1 -1.36 2.33 9.19
HD13 MLU C 1 -1.63 3.60 10.39
HD21 MLU C 1 -3.23 2.06 11.65
HD22 MLU C 1 -2.95 0.75 10.48
HD23 MLU C 1 -2.67 0.47 12.21
N OMZ C 2 2.86 -0.42 9.70
CA OMZ C 2 3.65 -1.60 9.41
C OMZ C 2 2.93 -2.46 8.35
O OMZ C 2 2.97 -3.68 8.42
CB OMZ C 2 5.10 -1.23 9.05
OC OMZ C 2 5.73 -0.68 10.18
CG OMZ C 2 5.15 -0.25 7.93
CD1 OMZ C 2 5.35 -0.71 6.58
CD2 OMZ C 2 4.95 1.16 8.19
CE1 OMZ C 2 5.26 0.23 5.51
CL OMZ C 2 5.45 -0.32 3.87
CE2 OMZ C 2 4.87 2.10 7.10
CZ OMZ C 2 4.99 1.62 5.75
OH OMZ C 2 4.68 2.44 4.66
H OMZ C 2 2.91 0.40 9.11
HA OMZ C 2 3.65 -2.19 10.33
HB OMZ C 2 5.65 -2.13 8.78
HC OMZ C 2 5.33 0.16 10.33
HD1 OMZ C 2 5.53 -1.75 6.38
HD2 OMZ C 2 4.82 1.51 9.21
HE2 OMZ C 2 4.69 3.14 7.29
N ASN C 3 2.25 -1.79 7.38
CA ASN C 3 1.55 -2.64 6.43
C ASN C 3 1.43 -2.04 5.01
N GHP C 4 0.66 -0.93 4.96
CA GHP C 4 0.48 -0.31 3.66
C GHP C 4 -0.98 0.14 3.47
O GHP C 4 -1.66 0.59 4.39
C1 GHP C 4 1.40 0.87 3.39
C2 GHP C 4 1.10 1.83 2.37
C3 GHP C 4 1.99 2.95 2.07
C4 GHP C 4 3.17 3.11 2.88
O4 GHP C 4 4.02 4.19 2.73
C5 GHP C 4 3.50 2.16 3.93
C6 GHP C 4 2.59 1.04 4.15
H GHP C 4 0.25 -0.55 5.79
HA GHP C 4 0.69 -1.09 2.92
HC2 GHP C 4 0.18 1.73 1.81
H6 GHP C 4 2.82 0.33 4.93
N GHP C 5 -1.38 -0.01 2.19
CA GHP C 5 -2.70 0.42 1.78
C GHP C 5 -2.87 0.28 0.27
O GHP C 5 -2.41 -0.70 -0.29
C1 GHP C 5 -3.88 -0.21 2.45
C2 GHP C 5 -4.79 0.68 3.10
C3 GHP C 5 -6.03 0.24 3.63
C4 GHP C 5 -6.38 -1.14 3.54
O4 GHP C 5 -7.57 -1.59 4.06
C5 GHP C 5 -5.47 -2.07 2.90
C6 GHP C 5 -4.22 -1.60 2.34
H GHP C 5 -0.75 -0.40 1.52
HA GHP C 5 -2.66 1.47 2.06
HC2 GHP C 5 -4.53 1.72 3.19
HO4 GHP C 5 -8.04 -0.86 4.43
H5 GHP C 5 -5.74 -3.12 2.82
H6 GHP C 5 -3.56 -2.29 1.84
N OMY C 6 -3.56 1.25 -0.41
CA OMY C 6 -4.16 2.46 0.12
OCZ OMY C 6 1.77 3.91 1.04
CE2 OMY C 6 0.20 3.60 -0.86
CE1 OMY C 6 -0.59 4.42 1.34
CZ OMY C 6 0.49 4.01 0.49
CG OMY C 6 -2.25 3.86 -0.42
CD2 OMY C 6 -1.16 3.52 -1.32
CD1 OMY C 6 -1.96 4.36 0.89
CB OMY C 6 -3.69 3.62 -0.75
CL OMY C 6 -0.25 4.97 2.95
O OMY C 6 -6.40 1.90 -0.65
C OMY C 6 -5.69 2.29 0.26
ODE OMY C 6 -3.84 3.28 -2.11
H OMY C 6 -3.64 1.11 -1.40
HA OMY C 6 -3.79 2.64 1.13
HE2 OMY C 6 1.01 3.32 -1.52
HD2 OMY C 6 -1.40 3.20 -2.33
HD1 OMY C 6 -2.77 4.64 1.53
HB OMY C 6 -4.27 4.52 -0.53
N 3FG C 7 -6.10 2.61 1.52
OD1 3FG C 7 -6.40 0.15 6.34
CD1 3FG C 7 -7.03 1.18 5.66
CG1 3FG C 7 -6.90 1.27 4.25
CZ 3FG C 7 -7.79 2.15 6.40
CD2 3FG C 7 -8.44 3.22 5.71
OD2 3FG C 7 -9.17 4.16 6.40
CG2 3FG C 7 -8.33 3.31 4.28
CB 3FG C 7 -7.56 2.34 3.52
CA 3FG C 7 -7.45 2.49 1.99
C 3FG C 7 -8.21 3.70 1.41
O 3FG C 7 -9.39 3.56 1.11
OXT 3FG C 7 -7.58 4.76 1.28
H 3FG C 7 -5.41 2.92 2.17
HA 3FG C 7 -7.79 1.56 1.52
HD1 3FG C 7 -5.94 -0.40 5.72
HZ 3FG C 7 -7.83 2.07 7.47
HD2 3FG C 7 -9.14 3.95 7.33
HG2 3FG C 7 -8.81 4.14 3.76
N MLU D 1 0.99 0.51 -12.21
CN MLU D 1 1.50 1.87 -12.29
CA MLU D 1 0.31 0.30 -10.94
C MLU D 1 -0.85 1.29 -10.77
O MLU D 1 -1.41 1.79 -11.74
CB MLU D 1 -0.24 -1.12 -10.80
CG MLU D 1 0.85 -2.18 -10.94
CD1 MLU D 1 1.91 -2.02 -9.85
CD2 MLU D 1 0.24 -3.57 -10.89
H1 MLU D 1 0.32 0.35 -12.99
H2 MLU D 1 1.79 -0.15 -12.29
HCN1 MLU D 1 2.20 2.05 -11.48
HCN2 MLU D 1 0.67 2.58 -12.21
HCN3 MLU D 1 2.00 2.02 -13.25
HA MLU D 1 1.04 0.49 -10.14
HB2 MLU D 1 -1.00 -1.28 -11.57
HB3 MLU D 1 -0.74 -1.22 -9.84
HG MLU D 1 1.33 -2.04 -11.91
HD11 MLU D 1 2.36 -1.03 -9.88
HD12 MLU D 1 1.48 -2.17 -8.86
HD13 MLU D 1 2.71 -2.75 -9.98
HD21 MLU D 1 -0.27 -3.74 -9.93
HD22 MLU D 1 0.99 -4.35 -11.01
HD23 MLU D 1 -0.51 -3.70 -11.68
N OMZ D 2 -1.18 1.53 -9.49
CA OMZ D 2 -2.26 2.44 -9.22
C OMZ D 2 -3.13 1.89 -8.07
O OMZ D 2 -4.34 2.08 -8.07
CB OMZ D 2 -1.79 3.89 -9.06
OC OMZ D 2 -1.21 4.33 -10.27
CG OMZ D 2 -0.79 4.06 -7.96
CD1 OMZ D 2 -1.10 4.86 -6.80
CD2 OMZ D 2 0.48 3.40 -8.04
CE1 OMZ D 2 -0.19 4.93 -5.71
CL OMZ D 2 -0.58 5.86 -4.30
CE2 OMZ D 2 1.41 3.47 -6.93
CZ OMZ D 2 1.04 4.20 -5.75
OH OMZ D 2 1.82 4.06 -4.59
H OMZ D 2 -0.66 1.10 -8.74
HA OMZ D 2 -2.89 2.37 -10.12
HB OMZ D 2 -2.65 4.55 -8.86
HC OMZ D 2 -0.97 5.24 -10.15
HD1 OMZ D 2 -2.04 5.41 -6.73
HD2 OMZ D 2 0.74 2.82 -8.91
HE2 OMZ D 2 2.35 2.94 -6.98
N ASN D 3 -2.49 1.20 -7.11
CA ASN D 3 -3.35 0.66 -6.06
C ASN D 3 -2.69 0.58 -4.67
N GHP D 4 -1.48 -0.03 -4.64
CA GHP D 4 -0.82 -0.12 -3.34
C GHP D 4 -0.51 -1.59 -2.99
O GHP D 4 -0.35 -2.46 -3.84
C1 GHP D 4 0.46 0.71 -3.26
C2 GHP D 4 1.62 0.31 -2.50
C3 GHP D 4 2.79 1.16 -2.38
C4 GHP D 4 2.79 2.40 -3.10
O4 GHP D 4 3.91 3.21 -3.02
C5 GHP D 4 1.68 2.83 -3.90
C6 GHP D 4 0.50 1.96 -3.94
H GHP D 4 -1.05 -0.38 -5.47
HA GHP D 4 -1.51 0.31 -2.62
HC2 GHP D 4 1.62 -0.67 -2.03
H6 GHP D 4 -0.36 2.28 -4.51
N GHP D 5 -0.43 -1.78 -1.65
CA GHP D 5 -0.07 -3.06 -1.08
C GHP D 5 0.11 -2.93 0.45
O GHP D 5 -0.66 -2.19 1.06
C1 GHP D 5 -0.98 -4.22 -1.35
C2 GHP D 5 -0.38 -5.38 -1.92
C3 GHP D 5 -1.09 -6.60 -2.08
C4 GHP D 5 -2.47 -6.66 -1.69
O4 GHP D 5 -3.18 -7.84 -1.85
C5 GHP D 5 -3.12 -5.50 -1.11
C6 GHP D 5 -2.37 -4.28 -0.95
H GHP D 5 -0.60 -1.00 -1.04
HA GHP D 5 0.88 -3.26 -1.56
HC2 GHP D 5 0.65 -5.34 -2.23
HO4 GHP D 5 -4.06 -7.71 -1.54
H5 GHP D 5 -4.15 -5.56 -0.82
H6 GHP D 5 -2.83 -3.42 -0.50
N OMY D 6 1.09 -3.64 1.06
CA OMY D 6 2.05 -4.55 0.46
OCZ OMY D 6 3.95 0.91 -1.59
CE2 OMY D 6 3.96 -0.37 0.53
CE1 OMY D 6 4.08 -1.52 -1.67
CZ OMY D 6 4.03 -0.31 -0.91
CG OMY D 6 3.79 -2.87 0.39
CD2 OMY D 6 3.83 -1.66 1.19
CD1 OMY D 6 3.97 -2.79 -1.03
CB OMY D 6 3.45 -4.21 0.99
CL OMY D 6 4.23 -1.44 -3.39
O OMY D 6 1.27 -6.46 1.72
C OMY D 6 1.62 -6.01 0.65
ODE OMY D 6 3.43 -4.17 2.39
H OMY D 6 1.15 -3.50 2.06
HA OMY D 6 2.06 -4.38 -0.61
HE2 OMY D 6 3.96 0.54 1.11
HD2 OMY D 6 3.73 -1.71 2.26
HD1 OMY D 6 3.97 -3.68 -1.62
HB OMY D 6 4.15 -4.98 0.65
N 3FG D 7 1.68 -6.70 -0.52
OD1 3FG D 7 -1.90 -7.52 -4.52
CD1 3FG D 7 -0.83 -8.17 -3.95
CG1 3FG D 7 -0.37 -7.77 -2.66
CZ 3FG D 7 -0.19 -9.26 -4.65
CD2 3FG D 7 0.91 -9.93 -4.05
OD2 3FG D 7 1.53 -10.98 -4.73
CG2 3FG D 7 1.38 -9.54 -2.76
CB 3FG D 7 0.75 -8.44 -2.04
CA 3FG D 7 1.28 -8.07 -0.64
C 3FG D 7 2.49 -8.90 -0.17
O 3FG D 7 2.29 -10.01 0.32
OXT 3FG D 7 3.62 -8.42 -0.28
H 3FG D 7 1.99 -6.22 -1.34
HA 3FG D 7 0.47 -8.14 0.07
HD1 3FG D 7 -2.09 -7.91 -5.38
HZ 3FG D 7 -0.55 -9.52 -5.63
HD2 3FG D 7 2.23 -11.32 -4.20
HG2 3FG D 7 2.23 -10.03 -2.33
C2 BGC E . 5.53 5.47 1.46
C3 BGC E . 6.44 5.52 0.24
C4 BGC E . 7.15 4.19 0.05
C5 BGC E . 6.14 3.04 0.10
C6 BGC E . 6.84 1.68 0.02
C1 BGC E . 4.64 4.23 1.46
O2 BGC E . 4.75 6.64 1.52
O3 BGC E . 7.38 6.55 0.41
O4 BGC E . 7.77 4.16 -1.21
O5 BGC E . 5.44 3.09 1.32
O6 BGC E . 7.83 1.57 1.00
H2 BGC E . 6.16 5.44 2.36
H3 BGC E . 5.85 5.75 -0.65
H4 BGC E . 7.91 4.05 0.82
H5 BGC E . 5.44 3.16 -0.72
H61 BGC E . 7.32 1.55 -0.96
H62 BGC E . 6.13 0.86 0.15
H1 BGC E . 3.89 4.27 0.68
HO3 BGC E . 7.04 7.31 -0.02
HO4 BGC E . 8.59 3.69 -1.10
HO6 BGC E . 8.24 0.72 0.90
C1 RER E . 5.34 7.64 2.31
C2 RER E . 4.51 8.93 2.25
C3 RER E . 3.16 8.80 2.93
N3 RER E . 2.57 10.11 3.10
C3A RER E . 2.22 7.95 2.07
C4 RER E . 3.35 8.15 4.31
O4 RER E . 2.09 7.88 4.88
C5 RER E . 4.15 6.86 4.17
O5 RER E . 5.41 7.18 3.64
C5A RER E . 4.33 6.14 5.51
H1 RER E . 6.35 7.82 1.94
H21C RER E . 5.08 9.72 2.75
H22C RER E . 4.39 9.25 1.22
HO1 RER E . 2.44 10.56 2.16
H31N RER E . 3.20 10.70 3.68
H32N RER E . 1.64 10.03 3.56
H3A1 RER E . 1.24 7.85 2.55
H3A2 RER E . 2.07 8.40 1.10
H3A3 RER E . 2.61 6.94 1.93
H4 RER E . 3.86 8.84 4.97
HO4 RER E . 2.18 8.03 5.81
H5 RER E . 3.64 6.20 3.47
H5A1 RER E . 4.90 5.22 5.38
H5A2 RER E . 4.85 6.77 6.23
H5A3 RER E . 3.36 5.87 5.93
C2 BGC F . 5.56 4.44 -4.19
C3 BGC F . 6.44 4.50 -5.43
C4 BGC F . 6.97 3.11 -5.81
C5 BGC F . 5.88 2.05 -5.76
C6 BGC F . 6.50 0.67 -5.95
C1 BGC F . 4.56 3.29 -4.27
O2 BGC F . 4.82 5.63 -4.09
O3 BGC F . 7.51 5.37 -5.18
O4 BGC F . 7.49 3.15 -7.12
O5 BGC F . 5.25 2.08 -4.49
O6 BGC F . 7.49 0.44 -4.99
H2 BGC F . 6.18 4.29 -3.30
H3 BGC F . 5.86 4.91 -6.25
H4 BGC F . 7.77 2.80 -5.14
H5 BGC F . 5.13 2.24 -6.52
H61 BGC F . 5.75 -0.10 -5.84
H62 BGC F . 6.95 0.58 -6.94
H1 BGC F . 3.86 3.48 -5.09
HO3 BGC F . 8.03 4.98 -4.49
HO4 BGC F . 8.41 3.34 -7.04
HO6 BGC F . 7.83 -0.43 -5.16
C1 RER F . 5.19 6.47 -3.02
C2 RER F . 5.27 7.90 -3.55
C3 RER F . 3.88 8.43 -3.96
N3 RER F . 3.98 9.85 -4.22
C3A RER F . 3.36 7.74 -5.23
C4 RER F . 2.90 8.18 -2.82
O4 RER F . 1.61 8.56 -3.21
C5 RER F . 2.93 6.71 -2.40
O5 RER F . 4.24 6.38 -1.99
C5A RER F . 1.98 6.44 -1.23
H1 RER F . 6.15 6.15 -2.62
H21C RER F . 5.68 8.54 -2.78
H22C RER F . 5.95 7.95 -4.41
HO1 RER F . 3.04 10.22 -4.48
H31N RER F . 4.65 10.02 -5.00
H32N RER F . 4.32 10.34 -3.36
H3A1 RER F . 3.18 6.68 -5.08
H3A2 RER F . 2.41 8.19 -5.54
H3A3 RER F . 4.07 7.85 -6.05
H4 RER F . 3.19 8.80 -1.96
HO4 RER F . 1.49 9.45 -2.93
H5 RER F . 2.66 6.08 -3.25
H5A1 RER F . 2.24 7.05 -0.37
H5A2 RER F . 2.04 5.40 -0.93
H5A3 RER F . 0.95 6.66 -1.51
C1 RER G . -3.66 4.39 -2.95
C2 RER G . -3.88 3.90 -4.39
C3 RER G . -5.36 3.77 -4.76
N3 RER G . -5.52 3.71 -6.21
C3A RER G . -5.98 2.50 -4.14
C4 RER G . -6.07 5.00 -4.24
O4 RER G . -7.44 4.99 -4.59
C5 RER G . -5.89 5.11 -2.73
O5 RER G . -4.53 5.42 -2.56
C5A RER G . -6.74 6.22 -2.12
H1 RER G . -2.66 4.78 -2.88
H21C RER G . -3.39 2.96 -4.56
H22C RER G . -3.34 4.57 -5.03
HO1 RER G . -5.10 4.57 -6.63
H31N RER G . -6.52 3.65 -6.45
H32N RER G . -5.01 2.88 -6.58
H3A1 RER G . -5.74 2.41 -3.09
H3A2 RER G . -5.60 1.61 -4.62
H3A3 RER G . -7.06 2.51 -4.25
H4 RER G . -5.59 5.86 -4.70
HO4 RER G . -7.51 5.47 -5.42
H5 RER G . -6.10 4.16 -2.25
H5A1 RER G . -6.57 6.29 -1.05
H5A2 RER G . -6.50 7.19 -2.57
H5A3 RER G . -7.80 6.04 -2.28
C1 RER H . 4.71 -4.09 2.97
C2 RER H . 4.53 -4.05 4.49
C3 RER H . 3.93 -5.36 5.01
N3 RER H . 3.99 -5.36 6.47
C3A RER H . 2.46 -5.52 4.60
C4 RER H . 4.75 -6.53 4.48
O4 RER H . 4.14 -7.73 4.84
C5 RER H . 4.86 -6.43 2.95
O5 RER H . 5.48 -5.22 2.62
C5A RER H . 5.69 -7.58 2.38
H1 RER H . 5.22 -3.20 2.61
H21C RER H . 5.50 -3.89 4.96
H22C RER H . 3.90 -3.21 4.77
HO1 RER H . 3.60 -6.25 6.84
H31N RER H . 3.44 -4.56 6.84
H32N RER H . 4.98 -5.26 6.77
H3A1 RER H . 1.98 -6.31 5.17
H3A2 RER H . 1.88 -4.61 4.75
H3A3 RER H . 2.34 -5.77 3.55
H4 RER H . 5.74 -6.51 4.92
HO4 RER H . 4.84 -8.36 5.01
H5 RER H . 3.87 -6.43 2.52
H5A1 RER H . 5.22 -8.54 2.61
H5A2 RER H . 6.70 -7.59 2.79
H5A3 RER H . 5.77 -7.50 1.29
N ALA A 1 -5.68 11.08 -4.18
CA ALA A 1 -6.03 9.85 -3.48
C ALA A 1 -4.83 8.95 -3.29
N FGA A 2 -4.22 9.09 -2.10
CA FGA A 2 -3.07 8.25 -1.86
C FGA A 2 -1.81 8.94 -2.38
O FGA A 2 -1.25 9.76 -1.65
CB FGA A 2 -2.96 7.93 -0.37
CG FGA A 2 -4.27 7.36 0.19
CD FGA A 2 -4.05 6.84 1.60
OE1 FGA A 2 -2.95 6.81 2.13
H FGA A 2 -4.53 9.73 -1.39
HA FGA A 2 -3.25 7.34 -2.43
HB2 FGA A 2 -2.15 7.22 -0.22
HB3 FGA A 2 -2.71 8.85 0.16
HG2 FGA A 2 -5.04 8.14 0.21
HG3 FGA A 2 -4.64 6.55 -0.44
N LYS A 3 -5.20 6.45 2.18
CA LYS A 3 -5.20 5.95 3.54
C LYS A 3 -4.34 4.69 3.68
N DAL A 4 -3.63 4.59 4.81
CA DAL A 4 -2.83 3.39 4.98
CB DAL A 4 -3.70 2.27 5.56
C DAL A 4 -1.62 3.66 5.89
O DAL A 4 -1.41 4.76 6.38
H DAL A 4 -3.66 5.31 5.52
HA DAL A 4 -2.45 3.10 3.99
HB1 DAL A 4 -4.56 2.08 4.90
HB2 DAL A 4 -3.14 1.34 5.65
HB3 DAL A 4 -4.08 2.54 6.54
N DAL A 5 -0.88 2.55 6.07
CA DAL A 5 0.30 2.61 6.91
CB DAL A 5 1.25 3.68 6.41
C DAL A 5 0.96 1.23 6.92
O DAL A 5 2.17 1.16 6.70
OXT DAL A 5 0.27 0.24 7.16
H DAL A 5 -1.15 1.70 5.64
HA DAL A 5 -0.06 2.85 7.92
HB1 DAL A 5 0.78 4.66 6.39
HB2 DAL A 5 2.14 3.74 7.05
HB3 DAL A 5 1.60 3.46 5.39
N ALA B 1 11.75 -3.19 0.78
CA ALA B 1 10.73 -3.31 1.83
C ALA B 1 9.40 -2.75 1.35
N FGA B 2 9.00 -3.25 0.17
CA FGA B 2 7.75 -2.73 -0.32
C FGA B 2 7.95 -1.27 -0.73
O FGA B 2 7.09 -0.74 -1.44
CB FGA B 2 7.24 -3.50 -1.52
CG FGA B 2 6.48 -4.78 -1.18
CD FGA B 2 5.66 -5.13 -2.39
OE1 FGA B 2 5.48 -4.32 -3.29
H FGA B 2 9.55 -3.97 -0.28
HA FGA B 2 7.02 -2.80 0.49
HB2 FGA B 2 6.51 -2.84 -2.00
HB3 FGA B 2 8.03 -3.70 -2.25
HG2 FGA B 2 7.14 -5.61 -0.90
HG3 FGA B 2 5.82 -4.60 -0.35
N LYS B 3 5.16 -6.38 -2.41
CA LYS B 3 4.35 -6.67 -3.57
C LYS B 3 3.17 -5.67 -3.56
N DAL B 4 2.72 -5.31 -4.77
CA DAL B 4 1.62 -4.34 -4.85
CB DAL B 4 0.29 -5.07 -5.05
C DAL B 4 1.90 -3.40 -6.02
O DAL B 4 2.24 -3.81 -7.12
H DAL B 4 3.13 -5.68 -5.61
HA DAL B 4 1.62 -3.76 -3.92
HB1 DAL B 4 0.09 -5.75 -4.22
HB2 DAL B 4 -0.53 -4.35 -5.10
HB3 DAL B 4 0.29 -5.65 -5.97
N DAL B 5 1.72 -2.10 -5.70
CA DAL B 5 1.97 -1.09 -6.71
CB DAL B 5 3.06 -0.13 -6.24
C DAL B 5 0.68 -0.32 -7.02
O DAL B 5 0.25 0.47 -6.17
OXT DAL B 5 0.12 -0.50 -8.10
H DAL B 5 1.44 -1.81 -4.80
HA DAL B 5 2.29 -1.63 -7.59
HB1 DAL B 5 3.97 -0.68 -6.02
HB2 DAL B 5 3.29 0.60 -7.01
HB3 DAL B 5 2.76 0.40 -5.35
N MLU C 1 1.56 1.44 12.12
CN MLU C 1 2.98 1.81 12.10
CA MLU C 1 1.18 0.80 10.87
C MLU C 1 2.02 -0.46 10.63
O MLU C 1 1.95 -1.42 11.37
CB MLU C 1 -0.30 0.40 10.85
CG MLU C 1 -1.23 1.57 11.16
CD1 MLU C 1 -1.16 2.63 10.05
CD2 MLU C 1 -2.65 1.08 11.34
H1 MLU C 1 1.39 0.78 12.90
H2 MLU C 1 0.98 2.30 12.26
HCN1 MLU C 1 3.57 0.91 11.96
HCN2 MLU C 1 3.14 2.50 11.27
HCN3 MLU C 1 3.23 2.28 13.04
HA MLU C 1 1.37 1.51 10.06
HB2 MLU C 1 -0.46 -0.38 11.59
HB3 MLU C 1 -0.55 -0.03 9.87
HG MLU C 1 -0.89 2.03 12.09
HD11 MLU C 1 -0.14 2.98 9.90
HD12 MLU C 1 -1.52 2.22 9.10
HD13 MLU C 1 -1.79 3.49 10.30
HD21 MLU C 1 -3.03 0.61 10.43
HD22 MLU C 1 -2.72 0.35 12.15
HD23 MLU C 1 -3.32 1.91 11.58
N OMZ C 2 2.80 -0.39 9.53
CA OMZ C 2 3.62 -1.55 9.22
C OMZ C 2 2.96 -2.39 8.11
O OMZ C 2 3.14 -3.60 8.07
CB OMZ C 2 5.06 -1.13 8.90
OC OMZ C 2 5.65 -0.54 10.04
CG OMZ C 2 5.10 -0.14 7.78
CD1 OMZ C 2 5.34 -0.59 6.44
CD2 OMZ C 2 4.83 1.25 8.04
CE1 OMZ C 2 5.24 0.35 5.35
CL OMZ C 2 5.50 -0.19 3.74
CE2 OMZ C 2 4.73 2.19 6.94
CZ OMZ C 2 4.89 1.72 5.59
OH OMZ C 2 4.60 2.54 4.51
H OMZ C 2 2.80 0.42 8.96
HA OMZ C 2 3.63 -2.16 10.12
HB OMZ C 2 5.66 -2.00 8.63
HC OMZ C 2 6.54 -0.32 9.80
HD1 OMZ C 2 5.56 -1.63 6.24
HD2 OMZ C 2 4.67 1.60 9.04
HE2 OMZ C 2 4.51 3.22 7.13
N ASN C 3 2.19 -1.72 7.21
CA ASN C 3 1.54 -2.55 6.21
C ASN C 3 1.50 -1.91 4.82
N GHP C 4 0.60 -0.92 4.71
CA GHP C 4 0.43 -0.27 3.41
C GHP C 4 -1.04 0.14 3.21
O GHP C 4 -1.75 0.51 4.13
C1 GHP C 4 1.33 0.94 3.20
C2 GHP C 4 1.00 1.93 2.22
C3 GHP C 4 1.85 3.10 1.98
C4 GHP C 4 3.04 3.24 2.79
O4 GHP C 4 3.84 4.35 2.66
C5 GHP C 4 3.41 2.25 3.78
C6 GHP C 4 2.53 1.10 3.95
H GHP C 4 0.11 -0.60 5.53
HA GHP C 4 0.69 -1.04 2.68
HC2 GHP C 4 0.07 1.85 1.68
H6 GHP C 4 2.81 0.36 4.68
N GHP C 5 -1.42 0.04 1.93
CA GHP C 5 -2.74 0.45 1.53
C GHP C 5 -2.92 0.37 0.00
O GHP C 5 -2.44 -0.58 -0.60
C1 GHP C 5 -3.92 -0.21 2.17
C2 GHP C 5 -4.85 0.66 2.84
C3 GHP C 5 -6.08 0.18 3.36
C4 GHP C 5 -6.39 -1.22 3.25
O4 GHP C 5 -7.58 -1.70 3.76
C5 GHP C 5 -5.47 -2.12 2.59
C6 GHP C 5 -4.23 -1.61 2.05
H GHP C 5 -0.77 -0.30 1.24
HA GHP C 5 -2.73 1.50 1.84
HC2 GHP C 5 -4.62 1.70 2.94
HO4 GHP C 5 -8.06 -0.98 4.15
H5 GHP C 5 -5.70 -3.17 2.51
H6 GHP C 5 -3.55 -2.28 1.54
N OMY C 6 -3.63 1.34 -0.64
CA OMY C 6 -4.27 2.52 -0.07
OCZ OMY C 6 1.61 4.09 1.00
CE2 OMY C 6 0.07 3.78 -0.92
CE1 OMY C 6 -0.76 4.56 1.27
CZ OMY C 6 0.33 4.18 0.43
CG OMY C 6 -2.39 4.00 -0.52
CD2 OMY C 6 -1.28 3.69 -1.40
CD1 OMY C 6 -2.11 4.48 0.81
CB OMY C 6 -3.83 3.74 -0.87
CL OMY C 6 -0.46 5.09 2.89
O OMY C 6 -6.48 1.92 -0.86
C OMY C 6 -5.79 2.31 0.06
ODE OMY C 6 -3.98 3.52 -2.26
H OMY C 6 -3.71 1.24 -1.63
HA OMY C 6 -3.90 2.66 0.95
HE2 OMY C 6 0.90 3.52 -1.57
HD2 OMY C 6 -1.48 3.35 -2.41
HD1 OMY C 6 -2.93 4.74 1.46
HB OMY C 6 -4.42 4.60 -0.57
N 3FG C 7 -6.21 2.59 1.31
OD1 3FG C 7 -6.47 0.00 6.07
CD1 3FG C 7 -7.12 1.03 5.42
CG1 3FG C 7 -6.99 1.17 4.00
CZ 3FG C 7 -7.91 1.96 6.17
CD2 3FG C 7 -8.58 3.03 5.50
OD2 3FG C 7 -9.35 3.93 6.22
CG2 3FG C 7 -8.47 3.17 4.08
CB 3FG C 7 -7.67 2.24 3.30
CA 3FG C 7 -7.56 2.42 1.77
C 3FG C 7 -8.34 3.64 1.23
O 3FG C 7 -9.52 3.49 0.93
OXT 3FG C 7 -7.73 4.72 1.11
H 3FG C 7 -5.54 2.91 1.98
HA 3FG C 7 -7.86 1.51 1.28
HD1 3FG C 7 -6.65 0.06 7.00
HZ 3FG C 7 -7.96 1.86 7.24
HD2 3FG C 7 -9.72 4.58 5.64
HG2 3FG C 7 -8.97 3.98 3.58
N MLU D 1 0.58 0.32 -12.25
CN MLU D 1 1.17 1.65 -12.32
CA MLU D 1 -0.04 0.12 -10.94
C MLU D 1 -1.13 1.16 -10.69
O MLU D 1 -1.78 1.66 -11.61
CB MLU D 1 -0.67 -1.27 -10.81
CG MLU D 1 0.36 -2.40 -10.95
CD1 MLU D 1 1.43 -2.30 -9.85
CD2 MLU D 1 -0.34 -3.76 -10.88
H1 MLU D 1 -0.13 0.22 -12.99
H2 MLU D 1 1.32 -0.39 -12.38
HCN1 MLU D 1 1.64 1.78 -13.30
HCN2 MLU D 1 0.39 2.39 -12.17
HCN3 MLU D 1 1.92 1.75 -11.53
HA MLU D 1 0.73 0.23 -10.19
HB2 MLU D 1 -1.43 -1.39 -11.58
HB3 MLU D 1 -1.18 -1.35 -9.85
HG MLU D 1 0.85 -2.30 -11.91
HD11 MLU D 1 1.93 -1.33 -9.88
HD12 MLU D 1 0.98 -2.42 -8.87
HD13 MLU D 1 2.19 -3.07 -9.98
HD21 MLU D 1 0.38 -4.56 -10.99
HD22 MLU D 1 -0.84 -3.89 -9.92
HD23 MLU D 1 -1.09 -3.85 -11.67
N OMZ D 2 -1.28 1.48 -9.39
CA OMZ D 2 -2.29 2.45 -9.03
C OMZ D 2 -3.05 2.00 -7.76
O OMZ D 2 -4.20 2.39 -7.56
CB OMZ D 2 -1.69 3.87 -8.97
OC OMZ D 2 -1.09 4.19 -10.19
CG OMZ D 2 -0.69 4.01 -7.87
CD1 OMZ D 2 -0.90 4.92 -6.78
CD2 OMZ D 2 0.50 3.19 -7.88
CE1 OMZ D 2 0.01 4.94 -5.68
CL OMZ D 2 -0.28 6.01 -4.34
CE2 OMZ D 2 1.41 3.22 -6.77
CZ OMZ D 2 1.14 4.07 -5.64
OH OMZ D 2 1.90 3.93 -4.48
H OMZ D 2 -0.70 1.04 -8.69
HA OMZ D 2 -3.01 2.41 -9.86
HB OMZ D 2 -2.50 4.60 -8.79
HC OMZ D 2 -1.78 4.20 -10.83
HD1 OMZ D 2 -1.76 5.58 -6.77
HD2 OMZ D 2 0.72 2.53 -8.71
HE2 OMZ D 2 2.28 2.58 -6.77
N ASN D 3 -2.39 1.17 -6.92
CA ASN D 3 -3.14 0.70 -5.75
C ASN D 3 -2.38 0.80 -4.42
N GHP D 4 -1.44 -0.16 -4.28
CA GHP D 4 -0.69 -0.22 -3.04
C GHP D 4 -0.39 -1.69 -2.67
O GHP D 4 -0.24 -2.56 -3.52
C1 GHP D 4 0.58 0.61 -3.07
C2 GHP D 4 1.77 0.20 -2.36
C3 GHP D 4 2.95 1.05 -2.30
C4 GHP D 4 2.92 2.29 -3.02
O4 GHP D 4 4.04 3.11 -2.96
C5 GHP D 4 1.78 2.70 -3.79
C6 GHP D 4 0.61 1.84 -3.78
H GHP D 4 -1.24 -0.71 -5.07
HA GHP D 4 -1.35 0.22 -2.29
HC2 GHP D 4 1.77 -0.76 -1.87
H6 GHP D 4 -0.27 2.11 -4.34
N GHP D 5 -0.31 -1.86 -1.34
CA GHP D 5 0.03 -3.15 -0.78
C GHP D 5 0.25 -3.05 0.73
O GHP D 5 -0.48 -2.35 1.40
C1 GHP D 5 -0.92 -4.29 -1.03
C2 GHP D 5 -0.37 -5.45 -1.65
C3 GHP D 5 -1.11 -6.65 -1.79
C4 GHP D 5 -2.46 -6.70 -1.33
O4 GHP D 5 -3.20 -7.85 -1.47
C5 GHP D 5 -3.06 -5.53 -0.71
C6 GHP D 5 -2.27 -4.32 -0.55
H GHP D 5 -0.47 -1.08 -0.73
HA GHP D 5 0.97 -3.36 -1.29
HC2 GHP D 5 0.63 -5.42 -2.02
HO4 GHP D 5 -2.66 -8.51 -1.89
H5 GHP D 5 -4.07 -5.57 -0.35
H6 GHP D 5 -2.71 -3.46 -0.07
N OMY D 6 1.26 -3.77 1.29
CA OMY D 6 2.23 -4.66 0.65
OCZ OMY D 6 4.15 0.78 -1.58
CE2 OMY D 6 4.24 -0.44 0.57
CE1 OMY D 6 4.18 -1.64 -1.60
CZ OMY D 6 4.24 -0.41 -0.87
CG OMY D 6 3.94 -2.92 0.52
CD2 OMY D 6 4.07 -1.70 1.26
CD1 OMY D 6 4.04 -2.89 -0.92
CB OMY D 6 3.61 -4.25 1.17
CL OMY D 6 4.24 -1.62 -3.33
O OMY D 6 1.60 -6.64 1.90
C OMY D 6 1.83 -6.14 0.81
ODE OMY D 6 3.59 -4.15 2.57
H OMY D 6 1.36 -3.67 2.29
HA OMY D 6 2.21 -4.49 -0.42
HE2 OMY D 6 4.35 0.50 1.11
HD2 OMY D 6 4.00 -1.71 2.34
HD1 OMY D 6 3.93 -3.80 -1.48
HB OMY D 6 4.35 -5.01 0.88
N 3FG D 7 1.76 -6.77 -0.38
OD1 3FG D 7 -2.07 -7.53 -4.20
CD1 3FG D 7 -0.97 -8.19 -3.70
CG1 3FG D 7 -0.43 -7.81 -2.43
CZ 3FG D 7 -0.38 -9.26 -4.45
CD2 3FG D 7 0.76 -9.95 -3.95
OD2 3FG D 7 1.33 -10.98 -4.68
CG2 3FG D 7 1.31 -9.58 -2.68
CB 3FG D 7 0.74 -8.50 -1.89
CA 3FG D 7 1.35 -8.14 -0.53
C 3FG D 7 2.60 -8.98 -0.16
O 3FG D 7 2.44 -10.11 0.30
OXT 3FG D 7 3.72 -8.48 -0.35
H 3FG D 7 2.01 -6.25 -1.21
HA 3FG D 7 0.59 -8.25 0.24
HD1 3FG D 7 -2.34 -6.86 -3.58
HZ 3FG D 7 -0.81 -9.51 -5.42
HD2 3FG D 7 2.08 -11.32 -4.20
HG2 3FG D 7 2.18 -10.10 -2.30
C2 BGC E . 5.61 5.53 1.61
C3 BGC E . 6.66 5.49 0.51
C4 BGC E . 7.39 4.15 0.55
C5 BGC E . 6.41 2.99 0.57
C6 BGC E . 7.09 1.64 0.80
C1 BGC E . 4.69 4.30 1.54
O2 BGC E . 4.84 6.71 1.52
O3 BGC E . 7.56 6.54 0.72
O4 BGC E . 8.19 4.03 -0.61
O5 BGC E . 5.51 3.16 1.64
O6 BGC E . 7.93 1.70 1.93
H2 BGC E . 6.11 5.52 2.58
H3 BGC E . 6.20 5.64 -0.46
H4 BGC E . 8.05 4.11 1.42
H5 BGC E . 5.85 2.99 -0.37
H61 BGC E . 6.33 0.89 0.99
H62 BGC E . 7.68 1.30 -0.05
H1 BGC E . 4.11 4.28 0.62
HO3 BGC E . 7.28 7.27 0.17
HO4 BGC E . 7.61 4.09 -1.36
HO6 BGC E . 8.30 0.83 2.04
C1 RER E . 5.35 7.72 2.35
C2 RER E . 4.56 9.03 2.20
C3 RER E . 3.16 8.95 2.80
N3 RER E . 2.61 10.30 2.91
C3A RER E . 2.24 8.14 1.89
C4 RER E . 3.23 8.32 4.18
O4 RER E . 1.93 8.11 4.68
C5 RER E . 4.00 7.00 4.11
O5 RER E . 5.31 7.28 3.69
C5A RER E . 4.03 6.25 5.45
H1 RER E . 6.40 7.89 2.08
H21C RER E . 5.11 9.82 2.70
H22C RER E . 4.51 9.31 1.14
HO1 RER E . 2.57 10.74 1.97
H31N RER E . 3.23 10.87 3.53
H32N RER E . 1.66 10.25 3.32
H3A1 RER E . 2.17 8.59 0.90
H3A2 RER E . 2.61 7.12 1.76
H3A3 RER E . 1.24 8.08 2.31
H4 RER E . 3.74 8.99 4.88
HO4 RER E . 1.50 7.52 4.06
H5 RER E . 3.51 6.38 3.37
H5A1 RER E . 3.02 6.01 5.78
H5A2 RER E . 4.57 5.31 5.35
H5A3 RER E . 4.51 6.85 6.22
C2 BGC F . 5.75 4.25 -4.06
C3 BGC F . 6.67 4.32 -5.27
C4 BGC F . 7.17 2.92 -5.64
C5 BGC F . 6.06 1.88 -5.63
C6 BGC F . 6.66 0.50 -5.80
C1 BGC F . 4.71 3.16 -4.19
O2 BGC F . 5.07 5.48 -3.93
O3 BGC F . 7.75 5.15 -4.97
O4 BGC F . 7.75 2.95 -6.92
O5 BGC F . 5.37 1.93 -4.41
O6 BGC F . 7.62 0.25 -4.80
H2 BGC F . 6.34 4.06 -3.16
H3 BGC F . 6.12 4.76 -6.10
H4 BGC F . 7.93 2.59 -4.92
H5 BGC F . 5.36 2.09 -6.45
H61 BGC F . 7.16 0.39 -6.77
H62 BGC F . 5.90 -0.27 -5.72
H1 BGC F . 4.02 3.37 -5.01
HO3 BGC F . 7.98 5.61 -5.76
HO4 BGC F . 8.51 2.37 -6.89
HO6 BGC F . 7.96 -0.62 -4.95
C1 RER F . 5.47 6.25 -2.83
C2 RER F . 5.54 7.70 -3.29
C3 RER F . 4.17 8.27 -3.65
N3 RER F . 4.27 9.71 -3.82
C3A RER F . 3.64 7.67 -4.98
C4 RER F . 3.18 7.95 -2.53
O4 RER F . 1.89 8.34 -2.91
C5 RER F . 3.21 6.46 -2.21
O5 RER F . 4.52 6.13 -1.80
C5A RER F . 2.25 6.11 -1.08
H1 RER F . 6.43 5.89 -2.45
H21C RER F . 5.98 8.30 -2.50
H22C RER F . 6.22 7.79 -4.15
HO1 RER F . 4.94 9.93 -4.58
H31N RER F . 4.61 10.14 -2.92
H32N RER F . 3.34 10.10 -4.05
H3A1 RER F . 2.70 8.14 -5.26
H3A2 RER F . 4.35 7.83 -5.78
H3A3 RER F . 3.46 6.61 -4.89
H4 RER F . 3.45 8.53 -1.64
HO4 RER F . 1.46 8.65 -2.12
H5 RER F . 2.96 5.88 -3.09
H5A1 RER F . 2.33 5.05 -0.84
H5A2 RER F . 2.49 6.68 -0.18
H5A3 RER F . 1.22 6.33 -1.36
C1 RER G . -3.83 4.70 -3.00
C2 RER G . -4.15 4.47 -4.49
C3 RER G . -5.63 4.30 -4.75
N3 RER G . -5.90 4.44 -6.18
C3A RER G . -6.11 2.91 -4.30
C4 RER G . -6.39 5.39 -4.00
O4 RER G . -7.77 5.23 -4.18
C5 RER G . -6.02 5.33 -2.53
O5 RER G . -4.66 5.68 -2.46
C5A RER G . -6.85 6.28 -1.68
H1 RER G . -2.79 5.03 -2.90
H21C RER G . -3.79 5.34 -5.04
H22C RER G . -3.58 3.61 -4.87
HO1 RER G . -5.37 3.70 -6.70
H31N RER G . -6.91 4.33 -6.36
H32N RER G . -5.58 5.37 -6.50
H3A1 RER G . -5.69 2.13 -4.93
H3A2 RER G . -5.82 2.70 -3.27
H3A3 RER G . -7.20 2.84 -4.37
H4 RER G . -6.10 6.36 -4.38
HO4 RER G . -8.14 6.11 -4.22
H5 RER G . -6.15 4.31 -2.16
H5A1 RER G . -6.70 7.32 -1.99
H5A2 RER G . -7.92 6.07 -1.78
H5A3 RER G . -6.59 6.21 -0.63
C1 RER H . 4.86 -4.03 3.18
C2 RER H . 4.71 -4.13 4.70
C3 RER H . 4.41 -5.56 5.16
N3 RER H . 4.62 -5.65 6.61
C3A RER H . 2.96 -5.94 4.87
C4 RER H . 5.35 -6.54 4.46
O4 RER H . 5.01 -7.86 4.79
C5 RER H . 5.26 -6.33 2.95
O5 RER H . 5.73 -5.03 2.68
C5A RER H . 6.12 -7.33 2.17
H1 RER H . 5.30 -3.08 2.93
H21C RER H . 5.64 -3.80 5.16
H22C RER H . 3.93 -3.46 5.04
HO1 RER H . 5.61 -5.41 6.83
H31N RER H . 4.43 -6.63 6.92
H32N RER H . 3.99 -4.99 7.10
H3A1 RER H . 2.76 -6.98 5.15
H3A2 RER H . 2.26 -5.32 5.42
H3A3 RER H . 2.73 -5.84 3.81
H4 RER H . 6.37 -6.37 4.79
HO4 RER H . 5.55 -8.12 5.52
H5 RER H . 4.22 -6.40 2.63
H5A1 RER H . 5.80 -8.35 2.36
H5A2 RER H . 7.18 -7.25 2.47
H5A3 RER H . 6.06 -7.14 1.10
N ALA A 1 -5.91 11.13 -3.89
CA ALA A 1 -6.24 9.84 -3.30
C ALA A 1 -4.98 8.98 -3.14
N FGA A 2 -4.35 9.14 -1.95
CA FGA A 2 -3.18 8.33 -1.76
C FGA A 2 -1.94 9.08 -2.26
O FGA A 2 -1.62 8.96 -3.44
CB FGA A 2 -3.04 7.97 -0.28
CG FGA A 2 -4.32 7.36 0.27
CD FGA A 2 -4.09 6.79 1.68
OE1 FGA A 2 -2.97 6.78 2.20
H FGA A 2 -4.66 9.76 -1.24
HA FGA A 2 -3.33 7.43 -2.35
HB2 FGA A 2 -2.21 7.27 -0.16
HB3 FGA A 2 -2.80 8.88 0.28
HG2 FGA A 2 -5.11 8.12 0.34
HG3 FGA A 2 -4.69 6.57 -0.37
N LYS A 3 -5.22 6.34 2.25
CA LYS A 3 -5.20 5.80 3.59
C LYS A 3 -4.29 4.56 3.69
N DAL A 4 -3.60 4.46 4.84
CA DAL A 4 -2.73 3.31 5.04
CB DAL A 4 -3.52 2.15 5.68
C DAL A 4 -1.57 3.74 5.96
O DAL A 4 -1.56 4.84 6.50
H DAL A 4 -3.70 5.15 5.56
HA DAL A 4 -2.32 3.02 4.08
HB1 DAL A 4 -4.34 1.85 5.03
HB2 DAL A 4 -2.87 1.28 5.83
HB3 DAL A 4 -3.93 2.44 6.64
N DAL A 5 -0.61 2.82 6.08
CA DAL A 5 0.52 3.15 6.92
CB DAL A 5 1.36 4.26 6.28
C DAL A 5 1.38 1.92 7.21
O DAL A 5 1.35 0.98 6.43
OXT DAL A 5 2.07 1.91 8.23
H DAL A 5 -0.67 1.93 5.63
HA DAL A 5 0.10 3.50 7.85
HB1 DAL A 5 0.75 5.15 6.10
HB2 DAL A 5 2.19 4.55 6.93
HB3 DAL A 5 1.78 3.93 5.33
N ALA B 1 11.27 -3.26 1.27
CA ALA B 1 10.15 -3.37 2.21
C ALA B 1 8.88 -2.81 1.60
N FGA B 2 8.60 -3.32 0.40
CA FGA B 2 7.42 -2.80 -0.25
C FGA B 2 7.65 -1.35 -0.65
O FGA B 2 6.93 -0.85 -1.51
CB FGA B 2 7.06 -3.59 -1.49
CG FGA B 2 6.39 -4.93 -1.20
CD FGA B 2 5.61 -5.35 -2.45
OE1 FGA B 2 5.35 -4.54 -3.33
H FGA B 2 9.19 -4.02 0.00
HA FGA B 2 6.59 -2.88 0.48
HB2 FGA B 2 6.34 -2.98 -2.03
HB3 FGA B 2 7.92 -3.74 -2.14
HG2 FGA B 2 7.10 -5.71 -0.91
HG3 FGA B 2 5.68 -4.81 -0.39
N LYS B 3 5.28 -6.64 -2.48
CA LYS B 3 4.54 -7.06 -3.65
C LYS B 3 3.23 -6.28 -3.71
N DAL B 4 3.24 -5.30 -4.63
CA DAL B 4 2.06 -4.45 -4.79
CB DAL B 4 0.81 -5.29 -5.06
C DAL B 4 2.31 -3.48 -5.95
O DAL B 4 2.94 -3.80 -6.94
H DAL B 4 4.03 -5.24 -5.23
HA DAL B 4 1.95 -3.87 -3.87
HB1 DAL B 4 0.62 -5.98 -4.24
HB2 DAL B 4 -0.07 -4.65 -5.18
HB3 DAL B 4 0.93 -5.88 -5.97
N DAL B 5 1.77 -2.26 -5.73
CA DAL B 5 1.92 -1.24 -6.74
CB DAL B 5 2.99 -0.24 -6.32
C DAL B 5 0.58 -0.55 -6.98
O DAL B 5 -0.46 -1.18 -6.76
OXT DAL B 5 0.57 0.62 -7.36
H DAL B 5 1.24 -2.05 -4.93
HA DAL B 5 2.22 -1.78 -7.64
HB1 DAL B 5 3.94 -0.74 -6.15
HB2 DAL B 5 3.15 0.51 -7.10
HB3 DAL B 5 2.71 0.28 -5.41
N MLU C 1 1.27 1.03 12.36
CN MLU C 1 2.68 1.21 12.68
CA MLU C 1 1.13 0.73 10.93
C MLU C 1 1.92 -0.53 10.58
O MLU C 1 1.73 -1.60 11.17
CB MLU C 1 -0.33 0.51 10.54
CG MLU C 1 -1.26 1.60 11.05
CD1 MLU C 1 -0.94 2.94 10.39
CD2 MLU C 1 -2.71 1.21 10.80
H1 MLU C 1 0.89 0.25 12.92
H2 MLU C 1 0.75 1.91 12.57
HCN1 MLU C 1 3.22 0.29 12.45
HCN2 MLU C 1 3.09 2.03 12.09
HCN3 MLU C 1 2.78 1.44 13.74
HA MLU C 1 1.54 1.57 10.37
HB2 MLU C 1 -0.66 -0.45 10.95
HB3 MLU C 1 -0.41 0.43 9.45
HG MLU C 1 -1.10 1.70 12.13
HD11 MLU C 1 -1.11 2.89 9.32
HD12 MLU C 1 -1.58 3.73 10.80
HD13 MLU C 1 0.09 3.23 10.55
HD21 MLU C 1 -3.40 1.97 11.18
HD22 MLU C 1 -2.95 0.26 11.29
HD23 MLU C 1 -2.91 1.09 9.74
N OMZ C 2 2.81 -0.37 9.59
CA OMZ C 2 3.58 -1.54 9.21
C OMZ C 2 2.83 -2.35 8.13
O OMZ C 2 2.97 -3.57 8.07
CB OMZ C 2 5.02 -1.16 8.85
OC OMZ C 2 5.66 -0.62 9.96
CG OMZ C 2 5.04 -0.15 7.74
CD1 OMZ C 2 5.29 -0.57 6.39
CD2 OMZ C 2 4.75 1.24 8.01
CE1 OMZ C 2 5.21 0.38 5.32
CL OMZ C 2 5.48 -0.14 3.70
CE2 OMZ C 2 4.68 2.19 6.93
CZ OMZ C 2 4.86 1.75 5.58
OH OMZ C 2 4.57 2.58 4.50
H OMZ C 2 2.94 0.51 9.13
HA OMZ C 2 3.60 -2.17 10.10
HB OMZ C 2 5.58 -2.04 8.54
HC OMZ C 2 5.73 -1.32 10.60
HD1 OMZ C 2 5.53 -1.61 6.18
HD2 OMZ C 2 4.58 1.57 9.03
HE2 OMZ C 2 4.44 3.22 7.15
N ASN C 3 2.03 -1.65 7.30
CA ASN C 3 1.27 -2.43 6.31
C ASN C 3 1.32 -1.87 4.89
N GHP C 4 0.52 -0.80 4.70
CA GHP C 4 0.42 -0.21 3.38
C GHP C 4 -1.04 0.21 3.15
O GHP C 4 -1.74 0.66 4.04
C1 GHP C 4 1.33 0.97 3.15
C2 GHP C 4 1.02 1.96 2.16
C3 GHP C 4 1.87 3.12 1.92
C4 GHP C 4 3.04 3.27 2.74
O4 GHP C 4 3.85 4.38 2.62
C5 GHP C 4 3.40 2.30 3.74
C6 GHP C 4 2.51 1.15 3.93
H GHP C 4 0.08 -0.40 5.51
HA GHP C 4 0.68 -1.01 2.69
HC2 GHP C 4 0.10 1.86 1.60
H6 GHP C 4 2.77 0.41 4.67
N GHP C 5 -1.41 0.04 1.86
CA GHP C 5 -2.73 0.46 1.47
C GHP C 5 -2.90 0.40 -0.06
O GHP C 5 -2.41 -0.53 -0.68
C1 GHP C 5 -3.89 -0.24 2.10
C2 GHP C 5 -4.81 0.58 2.82
C3 GHP C 5 -6.04 0.08 3.32
C4 GHP C 5 -6.36 -1.30 3.13
O4 GHP C 5 -7.54 -1.81 3.62
C5 GHP C 5 -5.45 -2.17 2.41
C6 GHP C 5 -4.21 -1.63 1.89
H GHP C 5 -0.77 -0.35 1.20
HA GHP C 5 -2.72 1.49 1.81
HC2 GHP C 5 -4.57 1.62 2.97
HO4 GHP C 5 -7.60 -2.73 3.41
H5 GHP C 5 -5.69 -3.21 2.27
H6 GHP C 5 -3.53 -2.27 1.34
N OMY C 6 -3.62 1.39 -0.67
CA OMY C 6 -4.28 2.54 -0.06
OCZ OMY C 6 1.64 4.11 0.92
CE2 OMY C 6 0.06 3.81 -0.98
CE1 OMY C 6 -0.73 4.57 1.24
CZ OMY C 6 0.35 4.20 0.38
CG OMY C 6 -2.40 4.02 -0.52
CD2 OMY C 6 -1.31 3.71 -1.43
CD1 OMY C 6 -2.10 4.49 0.80
CB OMY C 6 -3.84 3.77 -0.86
CL OMY C 6 -0.39 5.09 2.85
O OMY C 6 -6.50 1.96 -0.85
C OMY C 6 -5.79 2.32 0.08
ODE OMY C 6 -4.03 3.57 -2.24
H OMY C 6 -3.71 1.30 -1.66
HA OMY C 6 -3.90 2.66 0.95
HE2 OMY C 6 0.87 3.56 -1.64
HD2 OMY C 6 -1.52 3.38 -2.44
HD1 OMY C 6 -2.89 4.75 1.47
HB OMY C 6 -4.43 4.63 -0.53
N 3FG C 7 -6.20 2.54 1.35
OD1 3FG C 7 -6.34 -0.14 6.03
CD1 3FG C 7 -7.03 0.88 5.42
CG1 3FG C 7 -6.93 1.04 4.01
CZ 3FG C 7 -7.82 1.77 6.20
CD2 3FG C 7 -8.54 2.84 5.58
OD2 3FG C 7 -9.32 3.69 6.33
CG2 3FG C 7 -8.46 3.00 4.15
CB 3FG C 7 -7.65 2.12 3.34
CA 3FG C 7 -7.55 2.35 1.82
C 3FG C 7 -8.36 3.55 1.31
O 3FG C 7 -9.56 3.42 1.09
OXT 3FG C 7 -7.76 4.63 1.13
H 3FG C 7 -5.52 2.83 2.02
HA 3FG C 7 -7.85 1.44 1.30
HD1 3FG C 7 -6.50 -0.11 6.97
HZ 3FG C 7 -7.83 1.65 7.28
HD2 3FG C 7 -9.73 4.34 5.76
HG2 3FG C 7 -8.99 3.82 3.68
N MLU D 1 0.24 0.27 -12.19
CN MLU D 1 0.81 1.60 -12.30
CA MLU D 1 -0.35 0.07 -10.86
C MLU D 1 -1.44 1.09 -10.59
O MLU D 1 -2.33 1.32 -11.41
CB MLU D 1 -0.94 -1.33 -10.70
CG MLU D 1 0.11 -2.43 -10.77
CD1 MLU D 1 1.13 -2.30 -9.64
CD2 MLU D 1 -0.56 -3.80 -10.72
H1 MLU D 1 -0.50 0.14 -12.91
H2 MLU D 1 0.99 -0.44 -12.34
HCN1 MLU D 1 1.23 1.72 -13.30
HCN2 MLU D 1 0.01 2.33 -12.15
HCN3 MLU D 1 1.58 1.73 -11.54
HA MLU D 1 0.44 0.21 -10.13
HB2 MLU D 1 -1.70 -1.50 -11.47
HB3 MLU D 1 -1.45 -1.39 -9.74
HG MLU D 1 0.64 -2.34 -11.73
HD11 MLU D 1 1.63 -1.33 -9.68
HD12 MLU D 1 0.64 -2.38 -8.67
HD13 MLU D 1 1.89 -3.07 -9.71
HD21 MLU D 1 0.19 -4.61 -10.80
HD22 MLU D 1 -1.26 -3.92 -11.54
HD23 MLU D 1 -1.10 -3.94 -9.79
N OMZ D 2 -1.32 1.70 -9.40
CA OMZ D 2 -2.31 2.69 -9.00
C OMZ D 2 -3.06 2.22 -7.74
O OMZ D 2 -4.22 2.57 -7.55
CB OMZ D 2 -1.69 4.10 -8.90
OC OMZ D 2 -1.09 4.45 -10.12
CG OMZ D 2 -0.67 4.17 -7.82
CD1 OMZ D 2 -0.87 5.05 -6.68
CD2 OMZ D 2 0.51 3.34 -7.88
CE1 OMZ D 2 0.06 5.02 -5.60
CL OMZ D 2 -0.19 6.05 -4.22
CE2 OMZ D 2 1.44 3.32 -6.78
CZ OMZ D 2 1.19 4.13 -5.61
OH OMZ D 2 1.97 3.95 -4.47
H OMZ D 2 -0.57 1.47 -8.79
HA OMZ D 2 -3.05 2.70 -9.82
HB OMZ D 2 -2.48 4.83 -8.69
HC OMZ D 2 -1.79 4.50 -10.76
HD1 OMZ D 2 -1.72 5.71 -6.64
HD2 OMZ D 2 0.71 2.72 -8.73
HE2 OMZ D 2 2.30 2.68 -6.81
N ASN D 3 -2.39 1.39 -6.91
CA ASN D 3 -3.15 0.90 -5.76
C ASN D 3 -2.34 0.90 -4.44
N GHP D 4 -1.44 -0.08 -4.36
CA GHP D 4 -0.67 -0.19 -3.13
C GHP D 4 -0.40 -1.67 -2.76
O GHP D 4 -0.33 -2.55 -3.61
C1 GHP D 4 0.62 0.60 -3.13
C2 GHP D 4 1.80 0.18 -2.44
C3 GHP D 4 2.99 1.01 -2.36
C4 GHP D 4 2.98 2.26 -3.06
O4 GHP D 4 4.09 3.08 -2.98
C5 GHP D 4 1.84 2.70 -3.82
C6 GHP D 4 0.66 1.85 -3.82
H GHP D 4 -1.22 -0.62 -5.18
HA GHP D 4 -1.31 0.26 -2.37
HC2 GHP D 4 1.80 -0.80 -1.96
H6 GHP D 4 -0.22 2.15 -4.38
N GHP D 5 -0.26 -1.84 -1.43
CA GHP D 5 0.07 -3.13 -0.86
C GHP D 5 0.23 -3.03 0.66
O GHP D 5 -0.55 -2.32 1.30
C1 GHP D 5 -0.86 -4.28 -1.15
C2 GHP D 5 -0.26 -5.45 -1.70
C3 GHP D 5 -0.99 -6.65 -1.89
C4 GHP D 5 -2.38 -6.68 -1.54
O4 GHP D 5 -3.11 -7.84 -1.72
C5 GHP D 5 -3.02 -5.51 -0.98
C6 GHP D 5 -2.25 -4.30 -0.79
H GHP D 5 -0.35 -1.05 -0.82
HA GHP D 5 1.02 -3.33 -1.33
HC2 GHP D 5 0.78 -5.41 -1.97
HO4 GHP D 5 -4.00 -7.70 -1.44
H5 GHP D 5 -4.07 -5.54 -0.72
H6 GHP D 5 -2.72 -3.43 -0.36
N OMY D 6 1.21 -3.75 1.28
CA OMY D 6 2.21 -4.63 0.67
OCZ OMY D 6 4.19 0.74 -1.64
CE2 OMY D 6 4.22 -0.44 0.53
CE1 OMY D 6 4.22 -1.69 -1.61
CZ OMY D 6 4.25 -0.45 -0.90
CG OMY D 6 3.94 -2.93 0.53
CD2 OMY D 6 4.05 -1.68 1.25
CD1 OMY D 6 4.08 -2.93 -0.90
CB OMY D 6 3.58 -4.23 1.21
CL OMY D 6 4.32 -1.70 -3.34
O OMY D 6 1.49 -6.58 1.93
C OMY D 6 1.80 -6.10 0.84
ODE OMY D 6 3.53 -4.07 2.62
H OMY D 6 1.28 -3.64 2.27
HA OMY D 6 2.20 -4.47 -0.40
HE2 OMY D 6 4.32 0.50 1.06
HD2 OMY D 6 3.98 -1.67 2.33
HD1 OMY D 6 4.03 -3.86 -1.45
HB OMY D 6 4.30 -5.00 0.98
N 3FG D 7 1.82 -6.76 -0.33
OD1 3FG D 7 -1.85 -7.59 -4.30
CD1 3FG D 7 -0.77 -8.26 -3.73
CG1 3FG D 7 -0.28 -7.84 -2.46
CZ 3FG D 7 -0.17 -9.35 -4.43
CD2 3FG D 7 0.95 -10.04 -3.85
OD2 3FG D 7 1.54 -11.09 -4.52
CG2 3FG D 7 1.44 -9.63 -2.57
CB 3FG D 7 0.84 -8.52 -1.84
CA 3FG D 7 1.41 -8.14 -0.46
C 3FG D 7 2.64 -8.97 -0.04
O 3FG D 7 2.48 -9.92 0.72
OXT 3FG D 7 3.75 -8.62 -0.47
H 3FG D 7 2.12 -6.27 -1.16
HA 3FG D 7 0.62 -8.23 0.28
HD1 3FG D 7 -2.05 -7.99 -5.14
HZ 3FG D 7 -0.55 -9.64 -5.39
HD2 3FG D 7 1.08 -11.23 -5.35
HG2 3FG D 7 2.29 -10.15 -2.14
C2 BGC E . 5.64 5.54 1.58
C3 BGC E . 6.70 5.50 0.47
C4 BGC E . 7.42 4.15 0.49
C5 BGC E . 6.40 3.00 0.52
C6 BGC E . 7.07 1.65 0.74
C1 BGC E . 4.71 4.33 1.50
O2 BGC E . 4.89 6.74 1.51
O3 BGC E . 7.62 6.54 0.69
O4 BGC E . 8.19 4.02 -0.68
O5 BGC E . 5.51 3.18 1.60
O6 BGC E . 7.95 1.69 1.84
H2 BGC E . 6.15 5.51 2.55
H3 BGC E . 6.22 5.67 -0.50
H4 BGC E . 8.07 4.09 1.35
H5 BGC E . 5.84 2.99 -0.41
H61 BGC E . 6.32 0.89 0.95
H62 BGC E . 7.63 1.31 -0.13
H1 BGC E . 4.14 4.31 0.58
HO3 BGC E . 7.87 6.85 -0.15
HO4 BGC E . 7.60 4.10 -1.42
HO6 BGC E . 8.31 0.82 1.94
C1 RER E . 5.43 7.73 2.34
C2 RER E . 4.67 9.05 2.20
C3 RER E . 3.25 8.98 2.78
N3 RER E . 2.71 10.33 2.90
C3A RER E . 2.34 8.17 1.87
C4 RER E . 3.32 8.35 4.18
O4 RER E . 2.02 8.14 4.66
C5 RER E . 4.06 7.03 4.11
O5 RER E . 5.38 7.29 3.68
C5A RER E . 4.10 6.27 5.44
H1 RER E . 6.47 7.89 2.06
H21C RER E . 5.22 9.83 2.72
H22C RER E . 4.62 9.35 1.15
HO1 RER E . 3.33 10.90 3.52
H31N RER E . 1.76 10.29 3.30
H32N RER E . 2.68 10.77 1.96
H3A1 RER E . 2.27 8.62 0.88
H3A2 RER E . 1.33 8.10 2.29
H3A3 RER E . 2.72 7.15 1.74
H4 RER E . 3.82 9.02 4.87
HO4 RER E . 2.04 8.30 5.60
H5 RER E . 3.57 6.40 3.36
H5A1 RER E . 3.08 6.05 5.78
H5A2 RER E . 4.59 6.87 6.20
H5A3 RER E . 4.63 5.33 5.34
C2 BGC F . 5.78 4.27 -4.08
C3 BGC F . 6.68 4.36 -5.31
C4 BGC F . 7.19 2.97 -5.69
C5 BGC F . 6.05 1.95 -5.73
C6 BGC F . 6.63 0.56 -5.97
C1 BGC F . 4.73 3.17 -4.23
O2 BGC F . 5.10 5.50 -3.95
O3 BGC F . 7.78 5.19 -4.99
O4 BGC F . 7.80 3.02 -6.96
O5 BGC F . 5.37 1.96 -4.51
O6 BGC F . 7.59 0.25 -4.99
H2 BGC F . 6.38 4.07 -3.20
H3 BGC F . 6.14 4.81 -6.13
H4 BGC F . 7.92 2.60 -4.97
H5 BGC F . 5.35 2.21 -6.53
H61 BGC F . 5.85 -0.18 -5.92
H62 BGC F . 7.11 0.49 -6.95
H1 BGC F . 4.03 3.42 -5.02
HO3 BGC F . 7.57 6.05 -5.32
HO4 BGC F . 8.72 3.17 -6.81
HO6 BGC F . 7.89 -0.63 -5.18
C1 RER F . 5.51 6.27 -2.85
C2 RER F . 5.63 7.73 -3.31
C3 RER F . 4.27 8.32 -3.69
N3 RER F . 4.42 9.77 -3.86
C3A RER F . 3.75 7.74 -5.00
C4 RER F . 3.27 8.04 -2.57
O4 RER F . 1.99 8.47 -2.97
C5 RER F . 3.27 6.56 -2.24
O5 RER F . 4.55 6.18 -1.82
C5A RER F . 2.28 6.25 -1.12
H1 RER F . 6.46 5.90 -2.46
H21C RER F . 6.07 8.31 -2.50
H22C RER F . 6.32 7.80 -4.15
HO1 RER F . 3.50 10.19 -4.10
H31N RER F . 5.10 9.95 -4.62
H32N RER F . 4.77 10.19 -2.97
H3A1 RER F . 3.53 6.67 -4.92
H3A2 RER F . 4.47 7.87 -5.81
H3A3 RER F . 2.83 8.24 -5.30
H4 RER F . 3.55 8.61 -1.68
HO4 RER F . 1.57 8.81 -2.19
H5 RER F . 2.99 5.98 -3.13
H5A1 RER F . 2.52 6.80 -0.21
H5A2 RER F . 2.31 5.18 -0.87
H5A3 RER F . 1.26 6.49 -1.40
C1 RER G . -3.87 4.76 -2.96
C2 RER G . -4.18 4.55 -4.45
C3 RER G . -5.68 4.38 -4.71
N3 RER G . -5.94 4.51 -6.15
C3A RER G . -6.15 2.99 -4.26
C4 RER G . -6.42 5.47 -3.97
O4 RER G . -7.81 5.34 -4.15
C5 RER G . -6.07 5.41 -2.49
O5 RER G . -4.71 5.75 -2.40
C5A RER G . -6.89 6.39 -1.65
H1 RER G . -2.84 5.10 -2.87
H21C RER G . -3.84 5.42 -5.00
H22C RER G . -3.62 3.70 -4.85
HO1 RER G . -6.96 4.40 -6.31
H31N RER G . -5.42 3.78 -6.66
H32N RER G . -5.63 5.45 -6.47
H3A1 RER G . -5.86 2.79 -3.22
H3A2 RER G . -5.72 2.21 -4.88
H3A3 RER G . -7.24 2.91 -4.33
H4 RER G . -6.12 6.45 -4.34
HO4 RER G . -8.04 5.89 -4.88
H5 RER G . -6.21 4.39 -2.11
H5A1 RER G . -6.70 7.42 -1.96
H5A2 RER G . -7.96 6.20 -1.77
H5A3 RER G . -6.65 6.30 -0.60
C1 RER H . 4.81 -3.98 3.22
C2 RER H . 4.67 -4.06 4.75
C3 RER H . 4.36 -5.48 5.25
N3 RER H . 4.64 -5.55 6.68
C3A RER H . 2.89 -5.83 5.03
C4 RER H . 5.23 -6.49 4.52
O4 RER H . 4.84 -7.80 4.87
C5 RER H . 5.09 -6.28 3.02
O5 RER H . 5.63 -5.02 2.73
C5A RER H . 5.84 -7.34 2.21
H1 RER H . 5.28 -3.05 2.94
H21C RER H . 5.61 -3.73 5.19
H22C RER H . 3.91 -3.36 5.09
HO1 RER H . 4.43 -6.51 7.03
H31N RER H . 4.04 -4.87 7.19
H32N RER H . 5.65 -5.32 6.85
H3A1 RER H . 2.69 -6.88 5.30
H3A2 RER H . 2.24 -5.23 5.65
H3A3 RER H . 2.60 -5.69 3.99
H4 RER H . 6.28 -6.37 4.82
HO4 RER H . 5.42 -8.08 5.58
H5 RER H . 4.03 -6.28 2.76
H5A1 RER H . 5.45 -8.34 2.41
H5A2 RER H . 6.91 -7.34 2.45
H5A3 RER H . 5.74 -7.15 1.14
N ALA A 1 -4.89 11.05 -4.13
CA ALA A 1 -5.44 9.78 -3.66
C ALA A 1 -4.33 8.76 -3.40
N FGA A 2 -3.71 8.92 -2.22
CA FGA A 2 -2.66 7.97 -1.93
C FGA A 2 -1.33 8.50 -2.46
O FGA A 2 -0.45 8.80 -1.66
CB FGA A 2 -2.59 7.72 -0.43
CG FGA A 2 -3.95 7.34 0.16
CD FGA A 2 -3.76 6.85 1.60
OE1 FGA A 2 -2.66 6.76 2.13
H FGA A 2 -3.95 9.63 -1.56
HA FGA A 2 -2.94 7.06 -2.44
HB2 FGA A 2 -1.87 6.94 -0.24
HB3 FGA A 2 -2.23 8.62 0.06
HG2 FGA A 2 -4.62 8.18 0.15
HG3 FGA A 2 -4.42 6.54 -0.42
N LYS A 3 -4.93 6.56 2.21
CA LYS A 3 -4.95 6.13 3.58
C LYS A 3 -4.15 4.83 3.77
N DAL A 4 -3.40 4.76 4.90
CA DAL A 4 -2.66 3.52 5.09
CB DAL A 4 -3.60 2.45 5.67
C DAL A 4 -1.47 3.74 6.02
O DAL A 4 -1.20 4.84 6.49
H DAL A 4 -3.37 5.50 5.55
HA DAL A 4 -2.28 3.18 4.11
HB1 DAL A 4 -4.45 2.27 5.01
HB2 DAL A 4 -3.07 1.50 5.80
HB3 DAL A 4 -3.98 2.76 6.65
N DAL A 5 -0.79 2.61 6.24
CA DAL A 5 0.38 2.61 7.11
CB DAL A 5 1.40 3.63 6.60
C DAL A 5 0.98 1.21 7.15
O DAL A 5 2.19 1.08 6.98
OXT DAL A 5 0.22 0.26 7.37
H DAL A 5 -1.10 1.75 5.84
HA DAL A 5 0.03 2.89 8.10
HB1 DAL A 5 0.97 4.64 6.56
HB2 DAL A 5 2.27 3.66 7.25
HB3 DAL A 5 1.74 3.38 5.60
N ALA B 1 11.24 -2.81 0.90
CA ALA B 1 10.16 -2.94 1.87
C ALA B 1 8.85 -2.44 1.30
N FGA B 2 8.55 -3.00 0.11
CA FGA B 2 7.33 -2.57 -0.51
C FGA B 2 7.48 -1.11 -0.97
O FGA B 2 8.34 -0.42 -0.41
CB FGA B 2 6.97 -3.42 -1.72
CG FGA B 2 6.35 -4.76 -1.37
CD FGA B 2 5.54 -5.24 -2.56
OE1 FGA B 2 5.26 -4.48 -3.48
H FGA B 2 9.16 -3.70 -0.29
HA FGA B 2 6.53 -2.65 0.23
HB2 FGA B 2 6.22 -2.85 -2.26
HB3 FGA B 2 7.82 -3.55 -2.39
HG2 FGA B 2 7.08 -5.51 -1.07
HG3 FGA B 2 5.66 -4.62 -0.54
N LYS B 3 5.23 -6.54 -2.54
CA LYS B 3 4.49 -7.01 -3.69
C LYS B 3 3.17 -6.24 -3.78
N DAL B 4 3.19 -5.28 -4.71
CA DAL B 4 2.01 -4.46 -4.90
CB DAL B 4 0.79 -5.34 -5.23
C DAL B 4 2.26 -3.43 -6.01
O DAL B 4 2.87 -3.73 -7.03
H DAL B 4 3.99 -5.24 -5.30
HA DAL B 4 1.84 -3.91 -3.96
HB1 DAL B 4 0.61 -6.06 -4.43
HB2 DAL B 4 -0.10 -4.73 -5.35
HB3 DAL B 4 0.96 -5.89 -6.16
N DAL B 5 1.76 -2.22 -5.72
CA DAL B 5 1.92 -1.15 -6.68
CB DAL B 5 3.09 -0.26 -6.28
C DAL B 5 0.62 -0.36 -6.79
O DAL B 5 0.61 0.80 -6.39
OXT DAL B 5 -0.37 -0.91 -7.29
H DAL B 5 1.24 -2.04 -4.91
HA DAL B 5 2.13 -1.66 -7.61
HB1 DAL B 5 4.01 -0.83 -6.20
HB2 DAL B 5 3.24 0.53 -7.02
HB3 DAL B 5 2.90 0.22 -5.32
N MLU C 1 1.44 1.20 12.33
CN MLU C 1 2.86 1.52 12.40
CA MLU C 1 1.11 0.64 11.02
C MLU C 1 1.92 -0.62 10.75
O MLU C 1 1.79 -1.64 11.44
CB MLU C 1 -0.37 0.30 10.91
CG MLU C 1 -1.28 1.48 11.24
CD1 MLU C 1 -1.15 2.58 10.18
CD2 MLU C 1 -2.73 1.02 11.34
H1 MLU C 1 1.21 0.50 13.07
H2 MLU C 1 0.89 2.06 12.49
HCN1 MLU C 1 3.10 2.25 11.63
HCN2 MLU C 1 3.09 1.93 13.38
HCN3 MLU C 1 3.44 0.61 12.24
HA MLU C 1 1.36 1.39 10.27
HB2 MLU C 1 -0.59 -0.52 11.59
HB3 MLU C 1 -0.59 -0.07 9.90
HG MLU C 1 -0.97 1.89 12.20
HD11 MLU C 1 -0.11 2.91 10.08
HD12 MLU C 1 -1.76 3.45 10.45
HD13 MLU C 1 -1.49 2.23 9.21
HD21 MLU C 1 -3.39 1.85 11.61
HD22 MLU C 1 -3.08 0.61 10.40
HD23 MLU C 1 -2.84 0.25 12.11
N OMZ C 2 2.77 -0.52 9.71
CA OMZ C 2 3.57 -1.69 9.38
C OMZ C 2 2.88 -2.50 8.27
O OMZ C 2 3.01 -3.72 8.22
CB OMZ C 2 5.01 -1.28 9.07
OC OMZ C 2 5.62 -0.75 10.21
CG OMZ C 2 5.07 -0.26 7.97
CD1 OMZ C 2 5.28 -0.69 6.61
CD2 OMZ C 2 4.83 1.13 8.27
CE1 OMZ C 2 5.20 0.28 5.56
CL OMZ C 2 5.43 -0.22 3.92
CE2 OMZ C 2 4.76 2.09 7.20
CZ OMZ C 2 4.90 1.66 5.84
OH OMZ C 2 4.61 2.51 4.78
H OMZ C 2 2.82 0.32 9.17
HA OMZ C 2 3.56 -2.31 10.27
HB OMZ C 2 5.59 -2.16 8.77
HC OMZ C 2 6.51 -0.54 9.98
HD1 OMZ C 2 5.49 -1.72 6.39
HD2 OMZ C 2 4.68 1.45 9.30
HE2 OMZ C 2 4.56 3.13 7.42
N ASN C 3 2.14 -1.81 7.37
CA ASN C 3 1.46 -2.60 6.36
C ASN C 3 1.41 -1.96 4.97
N GHP C 4 0.58 -0.90 4.90
CA GHP C 4 0.44 -0.25 3.60
C GHP C 4 -1.02 0.20 3.41
O GHP C 4 -1.71 0.65 4.31
C1 GHP C 4 1.36 0.93 3.40
C2 GHP C 4 1.09 1.91 2.39
C3 GHP C 4 1.96 3.06 2.15
C4 GHP C 4 3.11 3.21 3.00
O4 GHP C 4 3.93 4.31 2.91
C5 GHP C 4 3.44 2.24 4.02
C6 GHP C 4 2.54 1.10 4.18
H GHP C 4 0.12 -0.57 5.72
HA GHP C 4 0.67 -1.02 2.86
HC2 GHP C 4 0.18 1.81 1.82
H6 GHP C 4 2.77 0.36 4.94
N GHP C 5 -1.40 0.05 2.13
CA GHP C 5 -2.72 0.48 1.71
C GHP C 5 -2.89 0.34 0.20
O GHP C 5 -2.42 -0.65 -0.37
C1 GHP C 5 -3.91 -0.13 2.37
C2 GHP C 5 -4.81 0.77 3.01
C3 GHP C 5 -6.06 0.35 3.53
C4 GHP C 5 -6.42 -1.03 3.45
O4 GHP C 5 -7.63 -1.46 3.97
C5 GHP C 5 -5.52 -1.98 2.84
C6 GHP C 5 -4.26 -1.52 2.29
H GHP C 5 -0.78 -0.35 1.46
HA GHP C 5 -2.67 1.53 1.99
HC2 GHP C 5 -4.55 1.81 3.07
HO4 GHP C 5 -7.70 -2.40 3.84
H5 GHP C 5 -5.78 -3.03 2.78
H6 GHP C 5 -3.59 -2.22 1.80
N OMY C 6 -3.55 1.32 -0.49
CA OMY C 6 -4.14 2.54 0.05
OCZ OMY C 6 1.76 4.03 1.13
CE2 OMY C 6 0.25 3.73 -0.82
CE1 OMY C 6 -0.62 4.50 1.37
CZ OMY C 6 0.49 4.13 0.54
CG OMY C 6 -2.22 3.94 -0.44
CD2 OMY C 6 -1.10 3.64 -1.32
CD1 OMY C 6 -1.96 4.42 0.88
CB OMY C 6 -3.65 3.69 -0.81
CL OMY C 6 -0.33 5.03 3.00
O OMY C 6 -6.39 2.00 -0.75
C OMY C 6 -5.68 2.39 0.17
ODE OMY C 6 -3.76 3.34 -2.17
H OMY C 6 -3.63 1.18 -1.47
HA OMY C 6 -3.79 2.69 1.05
HE2 OMY C 6 1.08 3.48 -1.47
HD2 OMY C 6 -1.30 3.33 -2.33
HD1 OMY C 6 -2.79 4.67 1.51
HB OMY C 6 -4.24 4.59 -0.62
N 3FG C 7 -6.09 2.72 1.42
OD1 3FG C 7 -6.47 0.27 6.24
CD1 3FG C 7 -7.08 1.30 5.56
CG1 3FG C 7 -6.94 1.39 4.14
CZ 3FG C 7 -7.83 2.29 6.29
CD2 3FG C 7 -8.46 3.36 5.59
OD2 3FG C 7 -9.18 4.31 6.28
CG2 3FG C 7 -8.33 3.45 4.16
CB 3FG C 7 -7.57 2.48 3.41
CA 3FG C 7 -7.45 2.62 1.88
C 3FG C 7 -8.18 3.85 1.30
O 3FG C 7 -9.35 3.73 0.95
OXT 3FG C 7 -7.55 4.90 1.21
H 3FG C 7 -5.40 3.04 2.07
HA 3FG C 7 -7.79 1.71 1.40
HD1 3FG C 7 -6.01 -0.30 5.62
HZ 3FG C 7 -7.88 2.21 7.35
HD2 3FG C 7 -9.53 4.96 5.67
HG2 3FG C 7 -8.78 4.29 3.64
N MLU D 1 0.76 0.22 -12.01
CN MLU D 1 1.23 1.59 -11.92
CA MLU D 1 0.00 -0.14 -10.82
C MLU D 1 -1.21 0.79 -10.64
O MLU D 1 -2.09 0.86 -11.48
CB MLU D 1 -0.52 -1.58 -10.86
CG MLU D 1 0.59 -2.61 -10.92
CD1 MLU D 1 1.50 -2.51 -9.71
CD2 MLU D 1 0.00 -4.02 -11.05
H1 MLU D 1 0.15 0.12 -12.85
H2 MLU D 1 1.57 -0.43 -12.10
HCN1 MLU D 1 1.80 1.83 -12.82
HCN2 MLU D 1 0.38 2.26 -11.82
HCN3 MLU D 1 1.87 1.69 -11.04
HA MLU D 1 0.65 -0.02 -9.96
HB2 MLU D 1 -1.18 -1.69 -11.73
HB3 MLU D 1 -1.13 -1.76 -9.98
HG MLU D 1 1.20 -2.41 -11.82
HD11 MLU D 1 0.93 -2.73 -8.79
HD12 MLU D 1 2.32 -3.23 -9.77
HD13 MLU D 1 1.93 -1.52 -9.61
HD21 MLU D 1 -0.63 -4.11 -11.93
HD22 MLU D 1 0.79 -4.76 -11.12
HD23 MLU D 1 -0.60 -4.25 -10.17
N OMZ D 2 -1.18 1.50 -9.50
CA OMZ D 2 -2.29 2.41 -9.22
C OMZ D 2 -3.14 1.84 -8.07
O OMZ D 2 -4.35 2.02 -8.06
CB OMZ D 2 -1.82 3.87 -9.06
OC OMZ D 2 -1.22 4.30 -10.25
CG OMZ D 2 -0.85 4.05 -7.94
CD1 OMZ D 2 -1.19 4.87 -6.81
CD2 OMZ D 2 0.42 3.36 -7.95
CE1 OMZ D 2 -0.29 4.96 -5.68
CL OMZ D 2 -0.72 5.93 -4.32
CE2 OMZ D 2 1.31 3.45 -6.83
CZ OMZ D 2 0.93 4.21 -5.68
OH OMZ D 2 1.67 4.09 -4.49
H OMZ D 2 -0.43 1.39 -8.85
HA OMZ D 2 -2.93 2.36 -10.12
HB OMZ D 2 -2.69 4.50 -8.87
HC OMZ D 2 -1.00 5.22 -10.12
HD1 OMZ D 2 -2.12 5.43 -6.77
HD2 OMZ D 2 0.70 2.77 -8.82
HE2 OMZ D 2 2.24 2.91 -6.84
N ASN D 3 -2.48 1.14 -7.12
CA ASN D 3 -3.32 0.58 -6.07
C ASN D 3 -2.67 0.54 -4.67
N GHP D 4 -1.48 -0.10 -4.61
CA GHP D 4 -0.82 -0.16 -3.30
C GHP D 4 -0.53 -1.63 -2.91
O GHP D 4 -0.49 -2.54 -3.73
C1 GHP D 4 0.45 0.66 -3.26
C2 GHP D 4 1.66 0.23 -2.60
C3 GHP D 4 2.83 1.10 -2.50
C4 GHP D 4 2.76 2.39 -3.14
O4 GHP D 4 3.85 3.23 -3.04
C5 GHP D 4 1.60 2.83 -3.86
C6 GHP D 4 0.44 1.95 -3.87
H GHP D 4 -1.05 -0.49 -5.43
HA GHP D 4 -1.52 0.30 -2.61
HC2 GHP D 4 1.71 -0.76 -2.18
H6 GHP D 4 -0.46 2.28 -4.37
N GHP D 5 -0.35 -1.76 -1.58
CA GHP D 5 0.00 -3.05 -0.99
C GHP D 5 0.20 -2.91 0.53
O GHP D 5 -0.56 -2.18 1.16
C1 GHP D 5 -0.91 -4.21 -1.24
C2 GHP D 5 -0.31 -5.40 -1.78
C3 GHP D 5 -1.03 -6.61 -1.93
C4 GHP D 5 -2.41 -6.64 -1.55
O4 GHP D 5 -3.14 -7.80 -1.71
C5 GHP D 5 -3.06 -5.46 -1.02
C6 GHP D 5 -2.30 -4.24 -0.85
H GHP D 5 -0.43 -0.97 -0.99
HA GHP D 5 0.96 -3.25 -1.47
HC2 GHP D 5 0.72 -5.36 -2.06
HO4 GHP D 5 -4.02 -7.66 -1.42
H5 GHP D 5 -4.10 -5.49 -0.74
H6 GHP D 5 -2.77 -3.36 -0.44
N OMY D 6 1.19 -3.61 1.15
CA OMY D 6 2.16 -4.53 0.53
OCZ OMY D 6 4.04 0.84 -1.82
CE2 OMY D 6 4.17 -0.35 0.35
CE1 OMY D 6 4.08 -1.59 -1.80
CZ OMY D 6 4.13 -0.34 -1.09
CG OMY D 6 3.90 -2.83 0.35
CD2 OMY D 6 4.02 -1.59 1.07
CD1 OMY D 6 3.98 -2.83 -1.09
CB OMY D 6 3.56 -4.14 1.04
CL OMY D 6 4.12 -1.59 -3.52
O OMY D 6 1.40 -6.43 1.84
C OMY D 6 1.74 -6.00 0.75
ODE OMY D 6 3.54 -4.00 2.44
H OMY D 6 1.27 -3.48 2.13
HA OMY D 6 2.13 -4.40 -0.54
HE2 OMY D 6 4.28 0.59 0.87
HD2 OMY D 6 3.99 -1.58 2.14
HD1 OMY D 6 3.91 -3.76 -1.63
HB OMY D 6 4.25 -4.93 0.77
N 3FG D 7 1.79 -6.69 -0.42
OD1 3FG D 7 -1.91 -7.60 -4.31
CD1 3FG D 7 -0.84 -8.24 -3.74
CG1 3FG D 7 -0.33 -7.79 -2.48
CZ 3FG D 7 -0.24 -9.35 -4.42
CD2 3FG D 7 0.89 -10.03 -3.84
OD2 3FG D 7 1.47 -11.10 -4.50
CG2 3FG D 7 1.39 -9.59 -2.57
CB 3FG D 7 0.80 -8.46 -1.87
CA 3FG D 7 1.38 -8.06 -0.50
C 3FG D 7 2.62 -8.87 -0.07
O 3FG D 7 2.47 -9.85 0.65
OXT 3FG D 7 3.73 -8.49 -0.46
H 3FG D 7 2.11 -6.22 -1.24
HA 3FG D 7 0.60 -8.13 0.25
HD1 3FG D 7 -2.13 -8.01 -5.14
HZ 3FG D 7 -0.63 -9.66 -5.37
HD2 3FG D 7 2.19 -11.42 -3.98
HG2 3FG D 7 2.25 -10.10 -2.14
C2 BGC E . 5.52 5.64 1.76
C3 BGC E . 6.51 5.71 0.60
C4 BGC E . 7.25 4.39 0.46
C5 BGC E . 6.25 3.23 0.42
C6 BGC E . 6.95 1.86 0.44
C1 BGC E . 4.63 4.39 1.68
O2 BGC E . 4.71 6.80 1.77
O3 BGC E . 7.42 6.75 0.85
O4 BGC E . 7.98 4.39 -0.74
O5 BGC E . 5.44 3.26 1.57
O6 BGC E . 7.89 1.79 1.48
H2 BGC E . 6.07 5.59 2.69
H3 BGC E . 5.98 5.94 -0.33
H4 BGC E . 7.95 4.26 1.29
H5 BGC E . 5.63 3.33 -0.47
H61 BGC E . 6.21 1.09 0.60
H62 BGC E . 7.45 1.63 -0.50
H1 BGC E . 3.92 4.45 0.84
HO3 BGC E . 7.09 7.51 0.40
HO4 BGC E . 8.79 3.92 -0.57
HO6 BGC E . 8.26 0.92 1.46
C1 RER E . 5.24 7.79 2.63
C2 RER E . 4.40 9.07 2.55
C3 RER E . 3.00 8.89 3.15
N3 RER E . 2.38 10.20 3.30
C3A RER E . 2.13 8.04 2.22
C4 RER E . 3.12 8.23 4.52
O4 RER E . 1.84 7.94 5.02
C5 RER E . 3.95 6.96 4.41
O5 RER E . 5.23 7.30 3.96
C5A RER E . 4.06 6.21 5.74
H1 RER E . 6.26 8.00 2.33
H21C RER E . 4.92 9.85 3.10
H22C RER E . 4.33 9.40 1.52
HO1 RER E . 2.96 10.79 3.93
H31N RER E . 2.30 10.66 2.37
H32N RER E . 1.43 10.08 3.71
H3A1 RER E . 1.13 7.92 2.62
H3A2 RER E . 2.04 8.51 1.24
H3A3 RER E . 2.55 7.05 2.08
H4 RER E . 3.60 8.91 5.22
HO4 RER E . 1.59 8.67 5.57
H5 RER E . 3.48 6.30 3.68
H5A1 RER E . 4.54 6.83 6.50
H5A2 RER E . 3.07 5.92 6.12
H5A3 RER E . 4.66 5.30 5.64
C2 BGC F . 5.60 4.38 -4.11
C3 BGC F . 6.53 4.43 -5.32
C4 BGC F . 7.06 3.04 -5.65
C5 BGC F . 5.95 1.99 -5.64
C6 BGC F . 6.57 0.60 -5.77
C1 BGC F . 4.58 3.27 -4.25
O2 BGC F . 4.89 5.59 -4.03
O3 BGC F . 7.60 5.29 -5.02
O4 BGC F . 7.64 3.05 -6.94
O5 BGC F . 5.25 2.05 -4.42
O6 BGC F . 7.53 0.38 -4.76
H2 BGC F . 6.17 4.23 -3.21
H3 BGC F . 5.99 4.85 -6.17
H4 BGC F . 7.81 2.73 -4.93
H5 BGC F . 5.25 2.17 -6.46
H61 BGC F . 5.81 -0.17 -5.69
H62 BGC F . 7.08 0.48 -6.74
H1 BGC F . 3.92 3.45 -5.09
HO3 BGC F . 7.37 6.14 -5.38
HO4 BGC F . 8.40 2.50 -6.89
HO6 BGC F . 7.86 -0.49 -4.89
C1 RER F . 5.30 6.42 -2.97
C2 RER F . 5.26 7.86 -3.47
C3 RER F . 3.83 8.33 -3.74
N3 RER F . 3.83 9.78 -3.96
C3A RER F . 3.22 7.66 -4.97
C4 RER F . 2.97 8.02 -2.51
O4 RER F . 1.63 8.33 -2.78
C5 RER F . 3.11 6.54 -2.15
O5 RER F . 4.46 6.27 -1.86
C5A RER F . 2.30 6.20 -0.89
H1 RER F . 6.31 6.13 -2.67
H21C RER F . 5.71 8.51 -2.72
H22C RER F . 5.86 7.97 -4.37
HO1 RER F . 4.23 10.25 -3.12
H31N RER F . 4.42 10.00 -4.78
H32N RER F . 2.86 10.11 -4.12
H3A1 RER F . 3.10 6.59 -4.82
H3A2 RER F . 2.24 8.07 -5.19
H3A3 RER F . 3.85 7.82 -5.84
H4 RER F . 3.29 8.63 -1.67
HO4 RER F . 1.49 9.21 -2.47
H5 RER F . 2.79 5.92 -2.97
H5A1 RER F . 2.47 5.16 -0.61
H5A2 RER F . 2.58 6.83 -0.05
H5A3 RER F . 1.23 6.32 -1.07
C1 RER G . -3.58 4.43 -3.03
C2 RER G . -3.81 3.94 -4.46
C3 RER G . -5.30 3.87 -4.85
N3 RER G . -5.42 3.84 -6.31
C3A RER G . -5.97 2.63 -4.26
C4 RER G . -5.95 5.12 -4.33
O4 RER G . -7.30 5.18 -4.70
C5 RER G . -5.78 5.20 -2.83
O5 RER G . -4.43 5.47 -2.63
C5A RER G . -6.62 6.31 -2.19
H1 RER G . -2.57 4.81 -2.97
H21C RER G . -3.37 2.96 -4.61
H22C RER G . -3.22 4.55 -5.12
HO1 RER G . -4.95 2.98 -6.67
H31N RER G . -4.98 4.69 -6.71
H32N RER G . -6.43 3.83 -6.56
H3A1 RER G . -5.72 2.49 -3.21
H3A2 RER G . -7.05 2.70 -4.35
H3A3 RER G . -5.66 1.73 -4.79
H4 RER G . -5.43 5.97 -4.77
HO4 RER G . -7.51 6.09 -4.85
H5 RER G . -6.01 4.25 -2.36
H5A1 RER G . -6.37 7.28 -2.62
H5A2 RER G . -7.69 6.14 -2.36
H5A3 RER G . -6.45 6.35 -1.11
C1 RER H . 4.83 -3.92 3.01
C2 RER H . 4.73 -4.04 4.53
C3 RER H . 4.42 -5.47 5.00
N3 RER H . 4.67 -5.58 6.43
C3A RER H . 2.94 -5.83 4.74
C4 RER H . 5.30 -6.45 4.26
O4 RER H . 4.95 -7.77 4.59
C5 RER H . 5.14 -6.22 2.76
O5 RER H . 5.64 -4.94 2.48
C5A RER H . 5.91 -7.26 1.93
H1 RER H . 5.28 -2.97 2.74
H21C RER H . 5.68 -3.73 4.96
H22C RER H . 3.98 -3.35 4.91
HO1 RER H . 4.46 -6.55 6.75
H31N RER H . 5.67 -5.35 6.62
H32N RER H . 4.05 -4.91 6.95
H3A1 RER H . 2.66 -5.61 3.72
H3A2 RER H . 2.28 -5.29 5.40
H3A3 RER H . 2.78 -6.90 4.92
H4 RER H . 6.34 -6.30 4.54
HO4 RER H . 5.53 -8.04 5.29
H5 RER H . 4.08 -6.25 2.51
H5A1 RER H . 5.54 -8.27 2.13
H5A2 RER H . 6.97 -7.23 2.16
H5A3 RER H . 5.80 -7.07 0.87
N ALA A 1 -5.39 11.15 -4.12
CA ALA A 1 -5.79 9.95 -3.39
C ALA A 1 -4.62 9.00 -3.22
N FGA A 2 -4.00 9.10 -2.03
CA FGA A 2 -2.89 8.21 -1.81
C FGA A 2 -1.60 8.86 -2.32
O FGA A 2 -0.88 9.45 -1.52
CB FGA A 2 -2.78 7.88 -0.32
CG FGA A 2 -4.10 7.36 0.25
CD FGA A 2 -3.90 6.83 1.67
OE1 FGA A 2 -2.80 6.80 2.20
H FGA A 2 -4.28 9.74 -1.32
HA FGA A 2 -3.11 7.31 -2.38
HB2 FGA A 2 -1.99 7.13 -0.18
HB3 FGA A 2 -2.48 8.78 0.22
HG2 FGA A 2 -4.84 8.15 0.25
HG3 FGA A 2 -4.49 6.55 -0.37
N LYS A 3 -5.05 6.45 2.23
CA LYS A 3 -5.07 5.97 3.59
C LYS A 3 -4.21 4.69 3.74
N DAL A 4 -3.47 4.62 4.87
CA DAL A 4 -2.69 3.42 5.04
CB DAL A 4 -3.58 2.30 5.60
C DAL A 4 -1.51 3.69 5.99
O DAL A 4 -1.32 4.80 6.49
H DAL A 4 -3.50 5.35 5.55
HA DAL A 4 -2.28 3.12 4.06
HB1 DAL A 4 -4.41 2.10 4.94
HB2 DAL A 4 -3.02 1.38 5.73
HB3 DAL A 4 -3.98 2.59 6.58
N DAL A 5 -0.76 2.60 6.18
CA DAL A 5 0.39 2.67 7.05
CB DAL A 5 1.39 3.70 6.53
C DAL A 5 1.03 1.29 7.17
O DAL A 5 0.33 0.35 7.55
OXT DAL A 5 2.22 1.16 6.87
H DAL A 5 -1.01 1.74 5.75
HA DAL A 5 0.01 2.98 8.03
HB1 DAL A 5 0.93 4.68 6.45
HB2 DAL A 5 2.25 3.79 7.20
HB3 DAL A 5 1.76 3.41 5.54
N ALA B 1 11.49 -4.17 -1.90
CA ALA B 1 10.94 -3.70 -0.64
C ALA B 1 9.75 -4.55 -0.21
N FGA B 2 9.16 -4.02 0.86
CA FGA B 2 7.97 -4.57 1.46
C FGA B 2 7.74 -3.85 2.79
O FGA B 2 7.55 -2.63 2.76
CB FGA B 2 6.84 -4.38 0.47
CG FGA B 2 6.49 -5.63 -0.35
CD FGA B 2 5.95 -5.36 -1.74
OE1 FGA B 2 6.03 -4.28 -2.31
H FGA B 2 9.55 -3.19 1.26
HA FGA B 2 8.13 -5.64 1.64
HB2 FGA B 2 6.03 -4.09 1.09
HB3 FGA B 2 7.07 -3.54 -0.18
HG2 FGA B 2 7.35 -6.26 -0.48
HG3 FGA B 2 5.77 -6.25 0.18
N LYS B 3 5.40 -6.48 -2.25
CA LYS B 3 4.72 -6.51 -3.52
C LYS B 3 3.52 -5.56 -3.53
N DAL B 4 3.21 -5.09 -4.76
CA DAL B 4 2.07 -4.19 -4.86
CB DAL B 4 0.82 -4.98 -5.25
C DAL B 4 2.39 -3.12 -5.91
O DAL B 4 3.39 -3.16 -6.60
H DAL B 4 3.73 -5.37 -5.56
HA DAL B 4 1.94 -3.70 -3.89
HB1 DAL B 4 0.60 -5.74 -4.50
HB2 DAL B 4 -0.05 -4.32 -5.32
HB3 DAL B 4 0.95 -5.48 -6.20
N DAL B 5 1.44 -2.16 -5.97
CA DAL B 5 1.61 -1.08 -6.92
CB DAL B 5 2.77 -0.17 -6.50
C DAL B 5 0.30 -0.28 -7.03
O DAL B 5 -0.59 -0.73 -7.76
OXT DAL B 5 0.20 0.77 -6.40
H DAL B 5 0.62 -2.20 -5.41
HA DAL B 5 1.82 -1.56 -7.87
HB1 DAL B 5 3.70 -0.73 -6.42
HB2 DAL B 5 2.92 0.62 -7.22
HB3 DAL B 5 2.57 0.29 -5.53
N MLU C 1 1.56 1.71 12.20
CN MLU C 1 2.98 2.06 12.13
CA MLU C 1 1.16 1.03 10.98
C MLU C 1 1.96 -0.25 10.78
O MLU C 1 1.89 -1.18 11.57
CB MLU C 1 -0.33 0.65 11.01
CG MLU C 1 -1.24 1.84 11.28
CD1 MLU C 1 -1.16 2.87 10.14
CD2 MLU C 1 -2.69 1.37 11.46
H1 MLU C 1 1.40 1.10 13.02
H2 MLU C 1 1.00 2.59 12.31
HCN1 MLU C 1 3.26 2.58 13.05
HCN2 MLU C 1 3.56 1.15 12.02
HCN3 MLU C 1 3.14 2.71 11.27
HA MLU C 1 1.33 1.70 10.14
HB2 MLU C 1 -0.49 -0.10 11.78
HB3 MLU C 1 -0.60 0.19 10.06
HG MLU C 1 -0.91 2.32 12.19
HD11 MLU C 1 -0.13 3.21 10.00
HD12 MLU C 1 -1.50 2.43 9.20
HD13 MLU C 1 -1.79 3.74 10.36
HD21 MLU C 1 -3.35 2.21 11.68
HD22 MLU C 1 -3.05 0.87 10.56
HD23 MLU C 1 -2.76 0.66 12.29
N OMZ C 2 2.73 -0.25 9.67
CA OMZ C 2 3.52 -1.43 9.41
C OMZ C 2 2.83 -2.30 8.34
O OMZ C 2 2.84 -3.52 8.44
CB OMZ C 2 4.98 -1.07 9.07
OC OMZ C 2 5.59 -0.51 10.20
CG OMZ C 2 5.05 -0.09 7.95
CD1 OMZ C 2 5.28 -0.54 6.61
CD2 OMZ C 2 4.82 1.32 8.20
CE1 OMZ C 2 5.21 0.39 5.52
CL OMZ C 2 5.44 -0.17 3.90
CE2 OMZ C 2 4.77 2.25 7.10
CZ OMZ C 2 4.90 1.77 5.76
OH OMZ C 2 4.61 2.59 4.66
H OMZ C 2 2.74 0.54 9.05
HA OMZ C 2 3.52 -2.01 10.33
HB OMZ C 2 5.54 -1.96 8.80
HC OMZ C 2 5.64 -1.19 10.86
HD1 OMZ C 2 5.47 -1.59 6.41
HD2 OMZ C 2 4.69 1.66 9.22
HE2 OMZ C 2 4.56 3.30 7.29
N ASN C 3 2.20 -1.65 7.33
CA ASN C 3 1.52 -2.53 6.38
C ASN C 3 1.43 -1.95 4.94
N GHP C 4 0.65 -0.86 4.84
CA GHP C 4 0.50 -0.26 3.52
C GHP C 4 -0.96 0.15 3.28
O GHP C 4 -1.69 0.54 4.18
C1 GHP C 4 1.40 0.95 3.29
C2 GHP C 4 1.10 1.93 2.28
C3 GHP C 4 1.94 3.10 2.04
C4 GHP C 4 3.11 3.26 2.88
O4 GHP C 4 3.92 4.36 2.77
C5 GHP C 4 3.44 2.30 3.90
C6 GHP C 4 2.57 1.15 4.08
H GHP C 4 0.22 -0.45 5.65
HA GHP C 4 0.79 -1.04 2.81
HC2 GHP C 4 0.18 1.82 1.71
H6 GHP C 4 2.79 0.42 4.84
N GHP C 5 -1.31 0.02 1.98
CA GHP C 5 -2.64 0.44 1.57
C GHP C 5 -2.80 0.35 0.04
O GHP C 5 -2.30 -0.58 -0.56
C1 GHP C 5 -3.82 -0.22 2.21
C2 GHP C 5 -4.74 0.65 2.89
C3 GHP C 5 -5.98 0.17 3.39
C4 GHP C 5 -6.30 -1.22 3.27
O4 GHP C 5 -7.49 -1.69 3.78
C5 GHP C 5 -5.38 -2.12 2.61
C6 GHP C 5 -4.14 -1.61 2.07
H GHP C 5 -0.67 -0.34 1.31
HA GHP C 5 -2.62 1.48 1.88
HC2 GHP C 5 -4.50 1.69 2.99
HO4 GHP C 5 -7.55 -2.62 3.61
H5 GHP C 5 -5.63 -3.17 2.51
H6 GHP C 5 -3.47 -2.28 1.56
N OMY C 6 -3.50 1.33 -0.59
CA OMY C 6 -4.15 2.51 -0.02
OCZ OMY C 6 1.71 4.07 1.04
CE2 OMY C 6 0.18 3.79 -0.90
CE1 OMY C 6 -0.66 4.53 1.32
CZ OMY C 6 0.44 4.17 0.47
CG OMY C 6 -2.29 3.99 -0.48
CD2 OMY C 6 -1.19 3.70 -1.37
CD1 OMY C 6 -2.00 4.45 0.85
CB OMY C 6 -3.73 3.73 -0.83
CL OMY C 6 -0.34 5.03 2.95
O OMY C 6 -6.37 1.87 -0.79
C OMY C 6 -5.67 2.29 0.12
ODE OMY C 6 -3.90 3.51 -2.21
H OMY C 6 -3.58 1.24 -1.59
HA OMY C 6 -3.78 2.64 0.99
HE2 OMY C 6 0.99 3.55 -1.55
HD2 OMY C 6 -1.38 3.38 -2.39
HD1 OMY C 6 -2.82 4.70 1.51
HB OMY C 6 -4.33 4.59 -0.52
N 3FG C 7 -6.09 2.59 1.36
OD1 3FG C 7 -6.35 0.00 6.11
CD1 3FG C 7 -7.00 1.02 5.46
CG1 3FG C 7 -6.87 1.16 4.05
CZ 3FG C 7 -7.79 1.95 6.22
CD2 3FG C 7 -8.47 3.03 5.56
OD2 3FG C 7 -9.23 3.92 6.28
CG2 3FG C 7 -8.35 3.16 4.14
CB 3FG C 7 -7.56 2.24 3.36
CA 3FG C 7 -7.44 2.43 1.83
C 3FG C 7 -8.22 3.65 1.29
O 3FG C 7 -9.41 3.51 1.00
OXT 3FG C 7 -7.61 4.71 1.17
H 3FG C 7 -5.42 2.93 2.02
HA 3FG C 7 -7.76 1.52 1.34
HD1 3FG C 7 -6.53 0.04 7.04
HZ 3FG C 7 -7.84 1.84 7.29
HD2 3FG C 7 -9.20 3.68 7.21
HG2 3FG C 7 -8.85 3.98 3.64
N MLU D 1 0.33 0.11 -12.18
CN MLU D 1 0.94 1.44 -12.18
CA MLU D 1 -0.35 -0.13 -10.90
C MLU D 1 -1.44 0.91 -10.67
O MLU D 1 -2.31 1.13 -11.50
CB MLU D 1 -0.99 -1.52 -10.85
CG MLU D 1 0.03 -2.65 -10.98
CD1 MLU D 1 1.05 -2.59 -9.85
CD2 MLU D 1 -0.68 -4.01 -10.98
H1 MLU D 1 -0.36 0.04 -12.95
H2 MLU D 1 1.08 -0.60 -12.30
HCN1 MLU D 1 0.15 2.18 -12.05
HCN2 MLU D 1 1.65 1.50 -11.37
HCN3 MLU D 1 1.44 1.60 -13.14
HA MLU D 1 0.40 -0.05 -10.11
HB2 MLU D 1 -1.73 -1.60 -11.64
HB3 MLU D 1 -1.53 -1.63 -9.90
HG MLU D 1 0.56 -2.52 -11.92
HD11 MLU D 1 1.57 -1.63 -9.84
HD12 MLU D 1 0.57 -2.72 -8.88
HD13 MLU D 1 1.80 -3.38 -9.96
HD21 MLU D 1 -1.40 -4.06 -11.80
HD22 MLU D 1 0.04 -4.81 -11.09
HD23 MLU D 1 -1.23 -4.16 -10.05
N OMZ D 2 -1.33 1.53 -9.47
CA OMZ D 2 -2.34 2.54 -9.14
C OMZ D 2 -3.10 2.11 -7.87
O OMZ D 2 -4.26 2.46 -7.70
CB OMZ D 2 -1.73 3.94 -9.06
OC OMZ D 2 -1.09 4.25 -10.28
CG OMZ D 2 -0.74 4.06 -7.94
CD1 OMZ D 2 -0.99 4.96 -6.85
CD2 OMZ D 2 0.44 3.23 -7.94
CE1 OMZ D 2 -0.09 4.98 -5.73
CL OMZ D 2 -0.40 6.04 -4.40
CE2 OMZ D 2 1.34 3.25 -6.82
CZ OMZ D 2 1.05 4.11 -5.69
OH OMZ D 2 1.79 3.97 -4.51
H OMZ D 2 -0.60 1.31 -8.84
HA OMZ D 2 -3.06 2.51 -9.95
HB OMZ D 2 -2.52 4.68 -8.91
HC OMZ D 2 -0.76 5.13 -10.20
HD1 OMZ D 2 -1.85 5.61 -6.86
HD2 OMZ D 2 0.66 2.58 -8.77
HE2 OMZ D 2 2.21 2.61 -6.81
N ASN D 3 -2.43 1.33 -6.97
CA ASN D 3 -3.20 0.89 -5.82
C ASN D 3 -2.40 0.87 -4.50
N GHP D 4 -1.48 -0.13 -4.44
CA GHP D 4 -0.72 -0.24 -3.19
C GHP D 4 -0.39 -1.72 -2.89
O GHP D 4 -0.24 -2.57 -3.76
C1 GHP D 4 0.53 0.61 -3.16
C2 GHP D 4 1.69 0.24 -2.40
C3 GHP D 4 2.86 1.11 -2.30
C4 GHP D 4 2.84 2.35 -3.03
O4 GHP D 4 3.92 3.19 -2.95
C5 GHP D 4 1.71 2.74 -3.84
C6 GHP D 4 0.56 1.84 -3.87
H GHP D 4 -1.29 -0.68 -5.24
HA GHP D 4 -1.40 0.13 -2.43
HC2 GHP D 4 1.71 -0.72 -1.89
H6 GHP D 4 -0.31 2.11 -4.46
N GHP D 5 -0.28 -1.93 -1.57
CA GHP D 5 0.09 -3.22 -1.02
C GHP D 5 0.25 -3.11 0.50
O GHP D 5 -0.51 -2.40 1.14
C1 GHP D 5 -0.83 -4.37 -1.31
C2 GHP D 5 -0.24 -5.50 -1.96
C3 GHP D 5 -0.94 -6.71 -2.13
C4 GHP D 5 -2.29 -6.80 -1.68
O4 GHP D 5 -3.00 -7.98 -1.87
C5 GHP D 5 -2.93 -5.68 -1.05
C6 GHP D 5 -2.19 -4.46 -0.84
H GHP D 5 -0.45 -1.16 -0.94
HA GHP D 5 1.05 -3.40 -1.48
HC2 GHP D 5 0.78 -5.43 -2.30
HO4 GHP D 5 -2.45 -8.62 -2.30
H5 GHP D 5 -3.96 -5.75 -0.70
H6 GHP D 5 -2.65 -3.62 -0.35
N OMY D 6 1.26 -3.82 1.10
CA OMY D 6 2.26 -4.70 0.48
OCZ OMY D 6 4.03 0.87 -1.53
CE2 OMY D 6 4.09 -0.43 0.58
CE1 OMY D 6 4.18 -1.56 -1.61
CZ OMY D 6 4.14 -0.36 -0.85
CG OMY D 6 3.93 -2.91 0.46
CD2 OMY D 6 3.97 -1.70 1.24
CD1 OMY D 6 4.09 -2.83 -0.97
CB OMY D 6 3.62 -4.27 1.05
CL OMY D 6 4.31 -1.48 -3.33
O OMY D 6 1.62 -6.69 1.73
C OMY D 6 1.87 -6.19 0.64
ODE OMY D 6 3.55 -4.23 2.45
H OMY D 6 1.31 -3.69 2.09
HA OMY D 6 2.32 -4.54 -0.59
HE2 OMY D 6 4.14 0.49 1.15
HD2 OMY D 6 3.89 -1.76 2.32
HD1 OMY D 6 4.10 -3.75 -1.54
HB OMY D 6 4.35 -5.01 0.74
N 3FG D 7 1.82 -6.81 -0.55
OD1 3FG D 7 -1.74 -7.53 -4.63
CD1 3FG D 7 -0.65 -8.18 -4.08
CG1 3FG D 7 -0.20 -7.83 -2.78
CZ 3FG D 7 0.04 -9.18 -4.85
CD2 3FG D 7 1.18 -9.85 -4.30
OD2 3FG D 7 1.85 -10.80 -5.03
CG2 3FG D 7 1.62 -9.52 -2.97
CB 3FG D 7 0.94 -8.51 -2.19
CA 3FG D 7 1.43 -8.19 -0.75
C 3FG D 7 2.62 -9.05 -0.30
O 3FG D 7 2.40 -10.05 0.39
OXT 3FG D 7 3.75 -8.71 -0.63
H 3FG D 7 2.06 -6.29 -1.37
HA 3FG D 7 0.59 -8.31 -0.06
HD1 3FG D 7 -2.07 -6.90 -4.01
HZ 3FG D 7 -0.30 -9.39 -5.85
HD2 3FG D 7 1.43 -10.90 -5.88
HG2 3FG D 7 2.49 -10.00 -2.56
C2 BGC E . 5.47 5.67 1.53
C3 BGC E . 6.37 5.72 0.30
C4 BGC E . 7.07 4.37 0.08
C5 BGC E . 6.07 3.22 0.19
C6 BGC E . 6.73 1.86 0.13
C1 BGC E . 4.58 4.43 1.53
O2 BGC E . 4.66 6.82 1.56
O3 BGC E . 7.33 6.72 0.48
O4 BGC E . 7.63 4.35 -1.21
O5 BGC E . 5.40 3.30 1.43
O6 BGC E . 7.95 1.84 0.82
H2 BGC E . 6.08 5.65 2.43
H3 BGC E . 5.79 5.97 -0.59
H4 BGC E . 7.87 4.24 0.80
H5 BGC E . 5.33 3.29 -0.60
H61 BGC E . 6.08 1.12 0.57
H62 BGC E . 6.91 1.54 -0.91
H1 BGC E . 3.86 4.43 0.71
HO3 BGC E . 6.98 7.50 0.07
HO4 BGC E . 8.44 3.86 -1.14
HO6 BGC E . 8.30 0.96 0.75
C1 RER E . 5.21 7.82 2.39
C2 RER E . 4.38 9.11 2.31
C3 RER E . 3.00 8.96 2.95
N3 RER E . 2.39 10.28 3.10
C3A RER E . 2.09 8.11 2.06
C4 RER E . 3.14 8.31 4.32
O4 RER E . 1.87 8.03 4.86
C5 RER E . 3.95 7.02 4.21
O5 RER E . 5.23 7.36 3.72
C5A RER E . 4.08 6.28 5.53
H1 RER E . 6.22 8.02 2.06
H21C RER E . 4.91 9.91 2.82
H22C RER E . 4.28 9.42 1.27
HO1 RER E . 2.99 10.86 3.70
H31N RER E . 2.29 10.73 2.17
H32N RER E . 1.45 10.18 3.54
H3A1 RER E . 2.51 7.11 1.90
H3A2 RER E . 1.10 7.99 2.51
H3A3 RER E . 1.95 8.58 1.08
H4 RER E . 3.64 9.00 5.01
HO4 RER E . 1.93 8.18 5.79
H5 RER E . 3.46 6.37 3.48
H5A1 RER E . 4.66 5.37 5.42
H5A2 RER E . 4.58 6.91 6.28
H5A3 RER E . 3.10 6.01 5.93
C2 BGC F . 5.55 4.47 -4.11
C3 BGC F . 6.45 4.54 -5.34
C4 BGC F . 7.02 3.16 -5.67
C5 BGC F . 5.94 2.09 -5.66
C6 BGC F . 6.58 0.72 -5.85
C1 BGC F . 4.58 3.30 -4.20
O2 BGC F . 4.80 5.66 -4.02
O3 BGC F . 7.49 5.44 -5.07
O4 BGC F . 7.61 3.20 -6.96
O5 BGC F . 5.28 2.11 -4.42
O6 BGC F . 7.56 0.49 -4.87
H2 BGC F . 6.16 4.33 -3.22
H3 BGC F . 5.87 4.92 -6.18
H4 BGC F . 7.78 2.87 -4.95
H5 BGC F . 5.21 2.28 -6.45
H61 BGC F . 5.83 -0.06 -5.77
H62 BGC F . 7.05 0.64 -6.83
H1 BGC F . 3.87 3.47 -5.02
HO3 BGC F . 7.22 6.28 -5.42
HO4 BGC F . 8.52 3.40 -6.83
HO6 BGC F . 7.91 -0.37 -5.04
C1 RER F . 5.18 6.52 -2.98
C2 RER F . 5.34 7.94 -3.52
C3 RER F . 4.00 8.52 -4.00
N3 RER F . 4.17 9.95 -4.25
C3A RER F . 3.51 7.84 -5.28
C4 RER F . 2.96 8.34 -2.89
O4 RER F . 1.70 8.75 -3.35
C5 RER F . 2.91 6.88 -2.44
O5 RER F . 4.18 6.51 -1.97
C5A RER F . 1.91 6.68 -1.29
H1 RER F . 6.12 6.18 -2.54
H21C RER F . 5.74 8.58 -2.75
H22C RER F . 6.05 7.95 -4.34
HO1 RER F . 4.49 10.43 -3.39
H31N RER F . 3.26 10.35 -4.57
H32N RER F . 4.88 10.08 -5.01
H3A1 RER F . 3.28 6.80 -5.11
H3A2 RER F . 2.60 8.33 -5.64
H3A3 RER F . 4.27 7.91 -6.06
H4 RER F . 3.21 8.97 -2.03
HO4 RER F . 1.60 9.65 -3.09
H5 RER F . 2.64 6.24 -3.28
H5A1 RER F . 1.89 5.64 -0.96
H5A2 RER F . 2.17 7.30 -0.44
H5A3 RER F . 0.90 6.95 -1.60
C1 RER G . -3.75 4.69 -2.95
C2 RER G . -4.10 4.47 -4.44
C3 RER G . -5.61 4.35 -4.67
N3 RER G . -5.89 4.49 -6.09
C3A RER G . -6.12 2.97 -4.21
C4 RER G . -6.33 5.45 -3.90
O4 RER G . -7.72 5.34 -4.05
C5 RER G . -5.93 5.38 -2.44
O5 RER G . -4.56 5.70 -2.38
C5A RER G . -6.72 6.38 -1.58
H1 RER G . -2.72 5.02 -2.89
H21C RER G . -3.75 5.33 -5.00
H22C RER G . -3.59 3.60 -4.82
HO1 RER G . -6.92 4.42 -6.25
H31N RER G . -5.40 3.74 -6.62
H32N RER G . -5.56 5.42 -6.42
H3A1 RER G . -5.71 2.18 -4.84
H3A2 RER G . -7.20 2.92 -4.28
H3A3 RER G . -5.83 2.76 -3.18
H4 RER G . -6.01 6.43 -4.28
HO4 RER G . -7.95 5.90 -4.77
H5 RER G . -6.08 4.37 -2.05
H5A1 RER G . -6.51 7.41 -1.90
H5A2 RER G . -7.79 6.21 -1.67
H5A3 RER G . -6.45 6.29 -0.53
C1 RER H . 4.80 -4.12 3.11
C2 RER H . 4.53 -4.02 4.60
C3 RER H . 3.93 -5.31 5.18
N3 RER H . 3.98 -5.24 6.63
C3A RER H . 2.47 -5.55 4.76
C4 RER H . 4.77 -6.49 4.72
O4 RER H . 4.17 -7.70 5.12
C5 RER H . 4.93 -6.48 3.20
O5 RER H . 5.57 -5.28 2.86
C5A RER H . 5.78 -7.64 2.71
H1 RER H . 5.34 -3.24 2.73
H21C RER H . 5.47 -3.80 5.12
H22C RER H . 3.87 -3.17 4.82
HO1 RER H . 3.40 -4.44 6.96
H31N RER H . 3.60 -6.12 7.04
H32N RER H . 4.96 -5.12 6.94
H3A1 RER H . 1.86 -4.64 4.84
H3A2 RER H . 2.39 -5.88 3.73
H3A3 RER H . 2.02 -6.31 5.37
H4 RER H . 5.76 -6.45 5.19
HO4 RER H . 4.57 -7.93 5.95
H5 RER H . 3.96 -6.48 2.71
H5A1 RER H . 5.90 -7.62 1.63
H5A2 RER H . 6.77 -7.62 3.15
H5A3 RER H . 5.31 -8.59 2.97
N ALA A 1 -5.40 11.14 -4.12
CA ALA A 1 -5.79 9.95 -3.39
C ALA A 1 -4.62 9.00 -3.23
N FGA A 2 -4.00 9.10 -2.03
CA FGA A 2 -2.89 8.21 -1.81
C FGA A 2 -1.60 8.86 -2.33
O FGA A 2 -1.63 9.46 -3.40
CB FGA A 2 -2.78 7.88 -0.32
CG FGA A 2 -4.10 7.36 0.25
CD FGA A 2 -3.90 6.83 1.67
OE1 FGA A 2 -2.80 6.80 2.20
H FGA A 2 -4.29 9.74 -1.32
HA FGA A 2 -3.11 7.31 -2.38
HB2 FGA A 2 -2.00 7.14 -0.17
HB3 FGA A 2 -2.49 8.78 0.22
HG2 FGA A 2 -4.85 8.15 0.25
HG3 FGA A 2 -4.49 6.55 -0.37
N LYS A 3 -5.06 6.46 2.23
CA LYS A 3 -5.07 5.97 3.59
C LYS A 3 -4.21 4.69 3.74
N DAL A 4 -3.47 4.62 4.87
CA DAL A 4 -2.68 3.43 5.04
CB DAL A 4 -3.58 2.31 5.61
C DAL A 4 -1.51 3.69 5.99
O DAL A 4 -1.32 4.80 6.49
H DAL A 4 -3.50 5.35 5.55
HA DAL A 4 -2.28 3.12 4.06
HB1 DAL A 4 -4.42 2.11 4.94
HB2 DAL A 4 -3.02 1.38 5.73
HB3 DAL A 4 -3.98 2.59 6.58
N DAL A 5 -0.76 2.60 6.18
CA DAL A 5 0.38 2.68 7.06
CB DAL A 5 1.39 3.70 6.53
C DAL A 5 1.03 1.29 7.17
O DAL A 5 0.34 0.35 7.56
OXT DAL A 5 2.21 1.17 6.88
H DAL A 5 -1.00 1.73 5.76
HA DAL A 5 0.01 2.98 8.03
HB1 DAL A 5 0.93 4.68 6.45
HB2 DAL A 5 2.25 3.79 7.20
HB3 DAL A 5 1.75 3.42 5.55
N ALA B 1 11.50 -4.17 -1.90
CA ALA B 1 10.94 -3.71 -0.63
C ALA B 1 9.75 -4.55 -0.21
N FGA B 2 9.16 -4.02 0.86
CA FGA B 2 7.97 -4.57 1.46
C FGA B 2 7.73 -3.86 2.79
O FGA B 2 7.59 -2.63 2.77
CB FGA B 2 6.84 -4.37 0.47
CG FGA B 2 6.49 -5.63 -0.34
CD FGA B 2 5.95 -5.36 -1.74
OE1 FGA B 2 6.03 -4.28 -2.31
H FGA B 2 9.56 -3.19 1.27
HA FGA B 2 8.12 -5.63 1.64
HB2 FGA B 2 6.03 -4.09 1.09
HB3 FGA B 2 7.07 -3.54 -0.18
HG2 FGA B 2 7.35 -6.27 -0.47
HG3 FGA B 2 5.77 -6.25 0.18
N LYS B 3 5.40 -6.48 -2.25
CA LYS B 3 4.72 -6.51 -3.52
C LYS B 3 3.52 -5.56 -3.53
N DAL B 4 3.21 -5.09 -4.76
CA DAL B 4 2.07 -4.19 -4.86
CB DAL B 4 0.82 -4.98 -5.25
C DAL B 4 2.39 -3.12 -5.91
O DAL B 4 3.39 -3.16 -6.60
H DAL B 4 3.74 -5.36 -5.56
HA DAL B 4 1.94 -3.70 -3.89
HB1 DAL B 4 0.60 -5.74 -4.50
HB2 DAL B 4 -0.04 -4.33 -5.32
HB3 DAL B 4 0.96 -5.48 -6.21
N DAL B 5 1.44 -2.16 -5.97
CA DAL B 5 1.61 -1.07 -6.92
CB DAL B 5 2.77 -0.17 -6.50
C DAL B 5 0.30 -0.28 -7.03
O DAL B 5 -0.59 -0.73 -7.76
OXT DAL B 5 0.20 0.77 -6.40
H DAL B 5 0.62 -2.20 -5.41
HA DAL B 5 1.82 -1.56 -7.87
HB1 DAL B 5 3.70 -0.73 -6.42
HB2 DAL B 5 2.92 0.63 -7.22
HB3 DAL B 5 2.57 0.29 -5.53
N MLU C 1 1.56 1.72 12.20
CN MLU C 1 2.98 2.06 12.13
CA MLU C 1 1.15 1.04 10.98
C MLU C 1 1.96 -0.25 10.78
O MLU C 1 1.90 -1.18 11.57
CB MLU C 1 -0.33 0.65 11.01
CG MLU C 1 -1.25 1.85 11.28
CD1 MLU C 1 -1.16 2.87 10.14
CD2 MLU C 1 -2.68 1.38 11.46
H1 MLU C 1 1.40 1.10 13.02
H2 MLU C 1 1.00 2.59 12.31
HCN1 MLU C 1 3.56 1.15 12.02
HCN2 MLU C 1 3.14 2.71 11.27
HCN3 MLU C 1 3.26 2.58 13.05
HA MLU C 1 1.33 1.70 10.14
HB2 MLU C 1 -0.49 -0.10 11.78
HB3 MLU C 1 -0.60 0.19 10.06
HG MLU C 1 -0.91 2.33 12.19
HD11 MLU C 1 -1.51 2.44 9.21
HD12 MLU C 1 -1.78 3.74 10.36
HD13 MLU C 1 -0.13 3.21 10.00
HD21 MLU C 1 -3.35 2.21 11.68
HD22 MLU C 1 -3.05 0.89 10.56
HD23 MLU C 1 -2.76 0.66 12.29
N OMZ C 2 2.73 -0.25 9.67
CA OMZ C 2 3.52 -1.43 9.41
C OMZ C 2 2.83 -2.30 8.34
O OMZ C 2 2.84 -3.52 8.44
CB OMZ C 2 4.98 -1.07 9.07
OC OMZ C 2 5.60 -0.51 10.20
CG OMZ C 2 5.05 -0.09 7.95
CD1 OMZ C 2 5.28 -0.54 6.61
CD2 OMZ C 2 4.82 1.32 8.20
CE1 OMZ C 2 5.21 0.39 5.52
CL OMZ C 2 5.44 -0.17 3.90
CE2 OMZ C 2 4.77 2.25 7.10
CZ OMZ C 2 4.90 1.77 5.76
OH OMZ C 2 4.61 2.59 4.66
H OMZ C 2 2.73 0.53 9.05
HA OMZ C 2 3.52 -2.01 10.33
HB OMZ C 2 5.54 -1.96 8.80
HC OMZ C 2 6.49 -0.32 9.96
HD1 OMZ C 2 5.47 -1.59 6.41
HD2 OMZ C 2 4.68 1.67 9.21
HE2 OMZ C 2 4.56 3.30 7.28
N ASN C 3 2.20 -1.65 7.33
CA ASN C 3 1.52 -2.53 6.38
C ASN C 3 1.43 -1.95 4.94
N GHP C 4 0.65 -0.86 4.84
CA GHP C 4 0.50 -0.26 3.52
C GHP C 4 -0.96 0.15 3.28
O GHP C 4 -1.69 0.54 4.18
C1 GHP C 4 1.40 0.95 3.29
C2 GHP C 4 1.10 1.93 2.28
C3 GHP C 4 1.95 3.09 2.04
C4 GHP C 4 3.11 3.26 2.88
O4 GHP C 4 3.92 4.36 2.77
C5 GHP C 4 3.44 2.30 3.90
C6 GHP C 4 2.57 1.15 4.08
H GHP C 4 0.23 -0.46 5.66
HA GHP C 4 0.79 -1.04 2.81
HC2 GHP C 4 0.18 1.82 1.71
H6 GHP C 4 2.79 0.42 4.84
N GHP C 5 -1.32 0.01 1.98
CA GHP C 5 -2.64 0.44 1.57
C GHP C 5 -2.80 0.35 0.04
O GHP C 5 -2.30 -0.58 -0.56
C1 GHP C 5 -3.82 -0.22 2.21
C2 GHP C 5 -4.74 0.65 2.89
C3 GHP C 5 -5.98 0.17 3.39
C4 GHP C 5 -6.29 -1.22 3.28
O4 GHP C 5 -7.49 -1.69 3.78
C5 GHP C 5 -5.38 -2.12 2.61
C6 GHP C 5 -4.14 -1.61 2.07
H GHP C 5 -0.67 -0.34 1.31
HA GHP C 5 -2.62 1.48 1.88
HC2 GHP C 5 -4.50 1.69 2.99
HO4 GHP C 5 -7.55 -2.62 3.62
H5 GHP C 5 -5.63 -3.17 2.51
H6 GHP C 5 -3.47 -2.28 1.56
N OMY C 6 -3.50 1.33 -0.59
CA OMY C 6 -4.15 2.51 -0.02
OCZ OMY C 6 1.71 4.07 1.04
CE2 OMY C 6 0.18 3.79 -0.90
CE1 OMY C 6 -0.66 4.53 1.32
CZ OMY C 6 0.44 4.17 0.47
CG OMY C 6 -2.29 3.99 -0.48
CD2 OMY C 6 -1.19 3.70 -1.37
CD1 OMY C 6 -2.00 4.45 0.85
CB OMY C 6 -3.73 3.73 -0.83
CL OMY C 6 -0.34 5.03 2.95
O OMY C 6 -6.37 1.87 -0.79
C OMY C 6 -5.67 2.29 0.12
ODE OMY C 6 -3.90 3.51 -2.21
H OMY C 6 -3.58 1.24 -1.59
HA OMY C 6 -3.79 2.64 0.99
HE2 OMY C 6 1.00 3.54 -1.55
HD2 OMY C 6 -1.38 3.39 -2.39
HD1 OMY C 6 -2.82 4.70 1.51
HB OMY C 6 -4.33 4.59 -0.52
N 3FG C 7 -6.09 2.59 1.36
OD1 3FG C 7 -6.35 0.00 6.11
CD1 3FG C 7 -7.00 1.02 5.46
CG1 3FG C 7 -6.87 1.16 4.05
CZ 3FG C 7 -7.79 1.95 6.22
CD2 3FG C 7 -8.47 3.03 5.56
OD2 3FG C 7 -9.23 3.92 6.28
CG2 3FG C 7 -8.35 3.16 4.14
CB 3FG C 7 -7.56 2.24 3.36
CA 3FG C 7 -7.44 2.43 1.83
C 3FG C 7 -8.22 3.65 1.29
O 3FG C 7 -9.41 3.51 1.00
OXT 3FG C 7 -7.61 4.71 1.17
H 3FG C 7 -5.42 2.94 2.03
HA 3FG C 7 -7.76 1.52 1.34
HD1 3FG C 7 -5.88 -0.52 5.48
HZ 3FG C 7 -7.84 1.84 7.29
HD2 3FG C 7 -9.61 4.57 5.70
HG2 3FG C 7 -8.85 3.98 3.64
N MLU D 1 0.33 0.11 -12.18
CN MLU D 1 0.94 1.44 -12.18
CA MLU D 1 -0.35 -0.13 -10.90
C MLU D 1 -1.44 0.91 -10.67
O MLU D 1 -2.31 1.13 -11.50
CB MLU D 1 -0.98 -1.51 -10.85
CG MLU D 1 0.03 -2.64 -10.97
CD1 MLU D 1 1.06 -2.59 -9.85
CD2 MLU D 1 -0.68 -3.99 -10.98
H1 MLU D 1 -0.36 0.04 -12.95
H2 MLU D 1 1.08 -0.60 -12.31
HCN1 MLU D 1 1.43 1.59 -13.14
HCN2 MLU D 1 0.15 2.18 -12.05
HCN3 MLU D 1 1.66 1.51 -11.37
HA MLU D 1 0.40 -0.05 -10.11
HB2 MLU D 1 -1.73 -1.60 -11.64
HB3 MLU D 1 -1.53 -1.62 -9.90
HG MLU D 1 0.56 -2.52 -11.92
HD11 MLU D 1 0.57 -2.72 -8.88
HD12 MLU D 1 1.80 -3.38 -9.96
HD13 MLU D 1 1.58 -1.63 -9.84
HD21 MLU D 1 0.04 -4.81 -11.10
HD22 MLU D 1 -1.23 -4.16 -10.05
HD23 MLU D 1 -1.40 -4.06 -11.80
N OMZ D 2 -1.34 1.54 -9.47
CA OMZ D 2 -2.34 2.54 -9.14
C OMZ D 2 -3.10 2.11 -7.87
O OMZ D 2 -4.26 2.46 -7.69
CB OMZ D 2 -1.73 3.94 -9.06
OC OMZ D 2 -1.09 4.25 -10.28
CG OMZ D 2 -0.74 4.06 -7.94
CD1 OMZ D 2 -0.99 4.96 -6.85
CD2 OMZ D 2 0.44 3.23 -7.94
CE1 OMZ D 2 -0.09 4.98 -5.73
CL OMZ D 2 -0.40 6.04 -4.40
CE2 OMZ D 2 1.34 3.25 -6.82
CZ OMZ D 2 1.05 4.11 -5.69
OH OMZ D 2 1.79 3.97 -4.51
H OMZ D 2 -0.60 1.31 -8.84
HA OMZ D 2 -3.06 2.51 -9.95
HB OMZ D 2 -2.52 4.68 -8.91
HC OMZ D 2 -1.76 4.27 -10.94
HD1 OMZ D 2 -1.85 5.61 -6.86
HD2 OMZ D 2 0.67 2.58 -8.77
HE2 OMZ D 2 2.20 2.62 -6.80
N ASN D 3 -2.43 1.33 -6.97
CA ASN D 3 -3.20 0.89 -5.82
C ASN D 3 -2.40 0.87 -4.50
N GHP D 4 -1.48 -0.13 -4.44
CA GHP D 4 -0.72 -0.24 -3.19
C GHP D 4 -0.39 -1.72 -2.89
O GHP D 4 -0.24 -2.57 -3.76
C1 GHP D 4 0.53 0.61 -3.16
C2 GHP D 4 1.69 0.24 -2.40
C3 GHP D 4 2.86 1.11 -2.30
C4 GHP D 4 2.84 2.35 -3.03
O4 GHP D 4 3.92 3.19 -2.95
C5 GHP D 4 1.70 2.73 -3.84
C6 GHP D 4 0.56 1.84 -3.87
H GHP D 4 -1.29 -0.68 -5.24
HA GHP D 4 -1.40 0.13 -2.43
HC2 GHP D 4 1.71 -0.72 -1.89
H6 GHP D 4 -0.31 2.11 -4.46
N GHP D 5 -0.28 -1.93 -1.57
CA GHP D 5 0.09 -3.22 -1.03
C GHP D 5 0.25 -3.11 0.50
O GHP D 5 -0.52 -2.41 1.14
C1 GHP D 5 -0.83 -4.37 -1.31
C2 GHP D 5 -0.24 -5.50 -1.96
C3 GHP D 5 -0.94 -6.71 -2.13
C4 GHP D 5 -2.29 -6.80 -1.68
O4 GHP D 5 -3.00 -7.98 -1.87
C5 GHP D 5 -2.93 -5.68 -1.05
C6 GHP D 5 -2.19 -4.46 -0.84
H GHP D 5 -0.45 -1.16 -0.94
HA GHP D 5 1.05 -3.40 -1.48
HC2 GHP D 5 0.78 -5.43 -2.30
HO4 GHP D 5 -2.45 -8.62 -2.30
H5 GHP D 5 -3.96 -5.76 -0.71
H6 GHP D 5 -2.65 -3.62 -0.35
N OMY D 6 1.25 -3.82 1.09
CA OMY D 6 2.26 -4.70 0.48
OCZ OMY D 6 4.03 0.87 -1.53
CE2 OMY D 6 4.08 -0.42 0.59
CE1 OMY D 6 4.18 -1.56 -1.61
CZ OMY D 6 4.14 -0.35 -0.85
CG OMY D 6 3.93 -2.91 0.46
CD2 OMY D 6 3.97 -1.70 1.24
CD1 OMY D 6 4.09 -2.83 -0.97
CB OMY D 6 3.62 -4.27 1.05
CL OMY D 6 4.31 -1.48 -3.33
O OMY D 6 1.62 -6.69 1.73
C OMY D 6 1.87 -6.19 0.64
ODE OMY D 6 3.55 -4.22 2.46
H OMY D 6 1.30 -3.68 2.09
HA OMY D 6 2.32 -4.54 -0.59
HE2 OMY D 6 4.13 0.50 1.15
HD2 OMY D 6 3.89 -1.76 2.32
HD1 OMY D 6 4.10 -3.75 -1.54
HB OMY D 6 4.34 -5.02 0.74
N 3FG D 7 1.83 -6.82 -0.56
OD1 3FG D 7 -1.73 -7.53 -4.64
CD1 3FG D 7 -0.64 -8.18 -4.09
CG1 3FG D 7 -0.20 -7.83 -2.78
CZ 3FG D 7 0.04 -9.18 -4.85
CD2 3FG D 7 1.18 -9.85 -4.30
OD2 3FG D 7 1.85 -10.81 -5.03
CG2 3FG D 7 1.62 -9.52 -2.97
CB 3FG D 7 0.94 -8.51 -2.19
CA 3FG D 7 1.43 -8.19 -0.75
C 3FG D 7 2.62 -9.05 -0.30
O 3FG D 7 2.40 -10.05 0.39
OXT 3FG D 7 3.76 -8.70 -0.63
H 3FG D 7 2.06 -6.28 -1.37
HA 3FG D 7 0.59 -8.31 -0.06
HD1 3FG D 7 -1.90 -7.87 -5.51
HZ 3FG D 7 -0.28 -9.39 -5.86
HD2 3FG D 7 1.44 -10.90 -5.88
HG2 3FG D 7 2.49 -10.00 -2.56
C2 BGC E . 5.46 5.67 1.52
C3 BGC E . 6.37 5.71 0.30
C4 BGC E . 7.07 4.37 0.08
C5 BGC E . 6.07 3.22 0.19
C6 BGC E . 6.74 1.85 0.12
C1 BGC E . 4.57 4.42 1.53
O2 BGC E . 4.66 6.82 1.56
O3 BGC E . 7.33 6.72 0.48
O4 BGC E . 7.63 4.33 -1.21
O5 BGC E . 5.41 3.29 1.43
O6 BGC E . 7.96 1.84 0.82
H2 BGC E . 6.09 5.64 2.42
H3 BGC E . 5.78 5.96 -0.59
H4 BGC E . 7.87 4.23 0.81
H5 BGC E . 5.32 3.29 -0.61
H61 BGC E . 6.08 1.12 0.57
H62 BGC E . 6.91 1.54 -0.91
H1 BGC E . 3.86 4.43 0.71
HO3 BGC E . 7.49 7.11 -0.37
HO4 BGC E . 8.54 4.59 -1.11
HO6 BGC E . 8.30 0.96 0.75
C1 RER E . 5.21 7.82 2.39
C2 RER E . 4.37 9.11 2.30
C3 RER E . 3.00 8.96 2.95
N3 RER E . 2.39 10.28 3.10
C3A RER E . 2.09 8.11 2.06
C4 RER E . 3.15 8.31 4.32
O4 RER E . 1.88 8.04 4.86
C5 RER E . 3.96 7.02 4.21
O5 RER E . 5.23 7.36 3.72
C5A RER E . 4.08 6.28 5.53
H1 RER E . 6.22 8.02 2.06
H21C RER E . 4.92 9.90 2.82
H22C RER E . 4.28 9.42 1.27
HO1 RER E . 3.00 10.87 3.70
H31N RER E . 1.46 10.18 3.54
H32N RER E . 2.29 10.72 2.16
H3A1 RER E . 1.10 7.99 2.51
H3A2 RER E . 1.96 8.58 1.08
H3A3 RER E . 2.52 7.12 1.90
H4 RER E . 3.65 8.99 5.00
HO4 RER E . 1.65 8.77 5.40
H5 RER E . 3.46 6.38 3.48
H5A1 RER E . 4.58 6.91 6.28
H5A2 RER E . 3.11 6.01 5.92
H5A3 RER E . 4.67 5.36 5.41
C2 BGC F . 5.55 4.47 -4.11
C3 BGC F . 6.45 4.54 -5.34
C4 BGC F . 7.02 3.16 -5.67
C5 BGC F . 5.94 2.09 -5.66
C6 BGC F . 6.58 0.72 -5.85
C1 BGC F . 4.58 3.30 -4.20
O2 BGC F . 4.80 5.66 -4.02
O3 BGC F . 7.49 5.44 -5.07
O4 BGC F . 7.60 3.19 -6.96
O5 BGC F . 5.28 2.11 -4.42
O6 BGC F . 7.56 0.48 -4.87
H2 BGC F . 6.16 4.33 -3.22
H3 BGC F . 5.87 4.92 -6.18
H4 BGC F . 7.78 2.86 -4.95
H5 BGC F . 5.21 2.28 -6.45
H61 BGC F . 5.82 -0.06 -5.77
H62 BGC F . 7.05 0.64 -6.84
H1 BGC F . 3.87 3.47 -5.02
HO3 BGC F . 7.68 5.89 -5.89
HO4 BGC F . 8.52 3.40 -6.83
HO6 BGC F . 7.91 -0.37 -5.04
C1 RER F . 5.18 6.52 -2.98
C2 RER F . 5.34 7.94 -3.52
C3 RER F . 4.00 8.52 -3.99
N3 RER F . 4.17 9.95 -4.25
C3A RER F . 3.52 7.84 -5.27
C4 RER F . 2.96 8.34 -2.88
O4 RER F . 1.70 8.75 -3.35
C5 RER F . 2.91 6.88 -2.44
O5 RER F . 4.19 6.51 -1.98
C5A RER F . 1.91 6.68 -1.29
H1 RER F . 6.12 6.18 -2.54
H21C RER F . 5.74 8.58 -2.74
H22C RER F . 6.05 7.95 -4.34
HO1 RER F . 3.26 10.35 -4.57
H31N RER F . 4.88 10.08 -5.01
H32N RER F . 4.48 10.42 -3.39
H3A1 RER F . 2.60 8.33 -5.64
H3A2 RER F . 4.27 7.91 -6.06
H3A3 RER F . 3.28 6.80 -5.11
H4 RER F . 3.22 8.97 -2.04
HO4 RER F . 1.25 9.13 -2.61
H5 RER F . 2.64 6.24 -3.28
H5A1 RER F . 0.90 6.95 -1.60
H5A2 RER F . 1.89 5.64 -0.96
H5A3 RER F . 2.17 7.30 -0.44
C1 RER G . -3.75 4.69 -2.95
C2 RER G . -4.10 4.47 -4.44
C3 RER G . -5.61 4.35 -4.67
N3 RER G . -5.89 4.49 -6.09
C3A RER G . -6.12 2.97 -4.22
C4 RER G . -6.33 5.45 -3.90
O4 RER G . -7.71 5.33 -4.05
C5 RER G . -5.93 5.38 -2.44
O5 RER G . -4.56 5.70 -2.38
C5A RER G . -6.72 6.38 -1.58
H1 RER G . -2.72 5.02 -2.89
H21C RER G . -3.75 5.33 -5.00
H22C RER G . -3.59 3.60 -4.82
HO1 RER G . -6.92 4.41 -6.25
H31N RER G . -5.56 5.42 -6.42
H32N RER G . -5.40 3.74 -6.62
H3A1 RER G . -5.84 2.76 -3.18
H3A2 RER G . -5.71 2.18 -4.84
H3A3 RER G . -7.21 2.91 -4.27
H4 RER G . -6.02 6.42 -4.29
HO4 RER G . -8.06 6.22 -4.09
H5 RER G . -6.08 4.37 -2.05
H5A1 RER G . -7.80 6.21 -1.67
H5A2 RER G . -6.45 6.29 -0.53
H5A3 RER G . -6.52 7.40 -1.90
C1 RER H . 4.80 -4.12 3.11
C2 RER H . 4.52 -4.03 4.60
C3 RER H . 3.93 -5.31 5.18
N3 RER H . 3.97 -5.25 6.63
C3A RER H . 2.47 -5.54 4.76
C4 RER H . 4.77 -6.50 4.72
O4 RER H . 4.17 -7.70 5.12
C5 RER H . 4.92 -6.47 3.20
O5 RER H . 5.57 -5.28 2.86
C5A RER H . 5.77 -7.65 2.71
H1 RER H . 5.33 -3.23 2.73
H21C RER H . 5.46 -3.81 5.12
H22C RER H . 3.87 -3.17 4.82
HO1 RER H . 3.60 -6.12 7.04
H31N RER H . 4.96 -5.12 6.94
H32N RER H . 3.40 -4.44 6.96
H3A1 RER H . 2.39 -5.88 3.73
H3A2 RER H . 2.01 -6.32 5.37
H3A3 RER H . 1.86 -4.64 4.84
H4 RER H . 5.75 -6.45 5.19
HO4 RER H . 4.56 -7.94 5.95
H5 RER H . 3.96 -6.48 2.71
H5A1 RER H . 6.77 -7.62 3.15
H5A2 RER H . 5.31 -8.59 2.97
H5A3 RER H . 5.89 -7.62 1.62
N ALA A 1 -5.61 11.00 -4.19
CA ALA A 1 -5.97 9.82 -3.43
C ALA A 1 -4.76 8.89 -3.25
N FGA A 2 -4.17 9.00 -2.04
CA FGA A 2 -3.03 8.15 -1.81
C FGA A 2 -1.76 8.83 -2.31
O FGA A 2 -1.85 9.60 -3.27
CB FGA A 2 -2.92 7.84 -0.31
CG FGA A 2 -4.24 7.27 0.24
CD FGA A 2 -4.03 6.75 1.67
OE1 FGA A 2 -2.94 6.76 2.22
H FGA A 2 -4.48 9.64 -1.34
HA FGA A 2 -3.22 7.24 -2.37
HB2 FGA A 2 -2.12 7.12 -0.16
HB3 FGA A 2 -2.67 8.75 0.22
HG2 FGA A 2 -5.00 8.04 0.24
HG3 FGA A 2 -4.60 6.45 -0.37
N LYS A 3 -5.19 6.35 2.23
CA LYS A 3 -5.19 5.87 3.59
C LYS A 3 -4.30 4.62 3.74
N DAL A 4 -3.60 4.56 4.89
CA DAL A 4 -2.77 3.38 5.07
CB DAL A 4 -3.63 2.26 5.64
C DAL A 4 -1.61 3.69 6.01
O DAL A 4 -1.44 4.80 6.51
H DAL A 4 -3.66 5.27 5.59
HA DAL A 4 -2.36 3.09 4.10
HB1 DAL A 4 -4.47 2.02 4.98
HB2 DAL A 4 -3.05 1.34 5.77
HB3 DAL A 4 -4.04 2.53 6.61
N DAL A 5 -0.82 2.62 6.20
CA DAL A 5 0.34 2.74 7.08
CB DAL A 5 1.32 3.77 6.52
C DAL A 5 1.00 1.36 7.22
O DAL A 5 0.30 0.41 7.53
OXT DAL A 5 2.20 1.27 7.00
H DAL A 5 -1.04 1.75 5.78
HA DAL A 5 -0.05 3.05 8.04
HB1 DAL A 5 0.84 4.74 6.42
HB2 DAL A 5 2.18 3.88 7.19
HB3 DAL A 5 1.68 3.47 5.54
N ALA B 1 11.01 -3.26 1.49
CA ALA B 1 9.86 -3.36 2.37
C ALA B 1 8.61 -2.82 1.69
N FGA B 2 8.41 -3.35 0.47
CA FGA B 2 7.25 -2.87 -0.23
C FGA B 2 7.49 -1.42 -0.64
O FGA B 2 6.83 -0.95 -1.56
CB FGA B 2 6.97 -3.68 -1.49
CG FGA B 2 6.29 -5.01 -1.23
CD FGA B 2 5.56 -5.42 -2.51
OE1 FGA B 2 5.32 -4.61 -3.39
H FGA B 2 9.03 -4.06 0.14
HA FGA B 2 6.39 -2.95 0.44
HB2 FGA B 2 6.29 -3.07 -2.08
HB3 FGA B 2 7.88 -3.83 -2.07
HG2 FGA B 2 6.98 -5.79 -0.93
HG3 FGA B 2 5.55 -4.90 -0.45
N LYS B 3 5.24 -6.72 -2.57
CA LYS B 3 4.55 -7.12 -3.77
C LYS B 3 3.23 -6.35 -3.86
N DAL B 4 3.25 -5.38 -4.79
CA DAL B 4 2.08 -4.53 -4.98
CB DAL B 4 0.84 -5.36 -5.30
C DAL B 4 2.37 -3.54 -6.13
O DAL B 4 3.00 -3.87 -7.11
H DAL B 4 4.07 -5.32 -5.36
HA DAL B 4 1.94 -3.95 -4.06
HB1 DAL B 4 0.62 -6.06 -4.49
HB2 DAL B 4 -0.04 -4.73 -5.43
HB3 DAL B 4 0.98 -5.94 -6.21
N DAL B 5 1.86 -2.32 -5.90
CA DAL B 5 2.05 -1.29 -6.90
CB DAL B 5 3.20 -0.38 -6.50
C DAL B 5 0.76 -0.50 -7.08
O DAL B 5 0.83 0.70 -7.35
OXT DAL B 5 -0.31 -1.08 -6.95
H DAL B 5 1.31 -2.10 -5.10
HA DAL B 5 2.29 -1.84 -7.80
HB1 DAL B 5 4.13 -0.96 -6.36
HB2 DAL B 5 3.40 0.38 -7.26
HB3 DAL B 5 3.00 0.13 -5.55
N MLU C 1 1.57 1.85 12.15
CN MLU C 1 2.98 2.22 12.04
CA MLU C 1 1.14 1.13 10.95
C MLU C 1 1.96 -0.14 10.78
O MLU C 1 1.93 -1.05 11.60
CB MLU C 1 -0.33 0.73 11.02
CG MLU C 1 -1.25 1.92 11.29
CD1 MLU C 1 -1.20 2.95 10.16
CD2 MLU C 1 -2.68 1.44 11.51
H1 MLU C 1 1.43 1.26 12.98
H2 MLU C 1 1.00 2.72 12.24
HCN1 MLU C 1 3.27 2.75 12.94
HCN2 MLU C 1 3.57 1.30 11.95
HCN3 MLU C 1 3.12 2.85 11.17
HA MLU C 1 1.31 1.79 10.09
HB2 MLU C 1 -0.46 -0.01 11.80
HB3 MLU C 1 -0.62 0.26 10.08
HG MLU C 1 -0.91 2.41 12.22
HD11 MLU C 1 -1.82 3.80 10.39
HD12 MLU C 1 -0.17 3.30 10.02
HD13 MLU C 1 -1.55 2.50 9.23
HD21 MLU C 1 -3.35 2.27 11.74
HD22 MLU C 1 -3.06 0.94 10.62
HD23 MLU C 1 -2.74 0.73 12.34
N OMZ C 2 2.71 -0.16 9.66
CA OMZ C 2 3.52 -1.35 9.40
C OMZ C 2 2.82 -2.26 8.38
O OMZ C 2 2.94 -3.47 8.45
CB OMZ C 2 4.98 -0.98 9.05
OC OMZ C 2 5.60 -0.46 10.19
CG OMZ C 2 5.05 0.03 7.96
CD1 OMZ C 2 5.33 -0.38 6.61
CD2 OMZ C 2 4.80 1.43 8.24
CE1 OMZ C 2 5.27 0.57 5.55
CL OMZ C 2 5.56 0.07 3.92
CE2 OMZ C 2 4.75 2.39 7.16
CZ OMZ C 2 4.93 1.95 5.81
OH OMZ C 2 4.61 2.78 4.72
H OMZ C 2 2.70 0.60 9.01
HA OMZ C 2 3.52 -1.91 10.33
HB OMZ C 2 5.52 -1.87 8.76
HC OMZ C 2 6.50 -0.27 9.95
HD1 OMZ C 2 5.56 -1.42 6.40
HD2 OMZ C 2 4.62 1.76 9.26
HE2 OMZ C 2 4.52 3.42 7.37
N ASN C 3 2.05 -1.65 7.44
CA ASN C 3 1.35 -2.55 6.51
C ASN C 3 1.20 -2.00 5.09
N GHP C 4 0.73 -0.74 4.99
CA GHP C 4 0.58 -0.18 3.64
C GHP C 4 -0.90 0.17 3.37
O GHP C 4 -1.65 0.54 4.26
C1 GHP C 4 1.42 1.06 3.38
C2 GHP C 4 1.10 2.00 2.36
C3 GHP C 4 1.93 3.17 2.08
C4 GHP C 4 3.10 3.38 2.90
O4 GHP C 4 3.91 4.48 2.73
C5 GHP C 4 3.46 2.46 3.97
C6 GHP C 4 2.59 1.30 4.17
H GHP C 4 0.51 -0.20 5.81
HA GHP C 4 0.93 -0.97 2.96
HC2 GHP C 4 0.19 1.88 1.79
H6 GHP C 4 2.83 0.60 4.96
N GHP C 5 -1.24 0.03 2.08
CA GHP C 5 -2.58 0.41 1.64
C GHP C 5 -2.72 0.31 0.12
O GHP C 5 -2.18 -0.61 -0.47
C1 GHP C 5 -3.74 -0.29 2.28
C2 GHP C 5 -4.70 0.55 2.94
C3 GHP C 5 -5.92 0.05 3.43
C4 GHP C 5 -6.20 -1.36 3.32
O4 GHP C 5 -7.38 -1.86 3.82
C5 GHP C 5 -5.24 -2.24 2.68
C6 GHP C 5 -4.01 -1.70 2.15
H GHP C 5 -0.57 -0.31 1.41
HA GHP C 5 -2.59 1.45 1.94
HC2 GHP C 5 -4.49 1.61 3.02
HO4 GHP C 5 -7.41 -2.80 3.66
H5 GHP C 5 -5.45 -3.29 2.60
H6 GHP C 5 -3.30 -2.34 1.66
N OMY C 6 -3.44 1.26 -0.55
CA OMY C 6 -4.13 2.41 0.02
OCZ OMY C 6 1.69 4.12 1.04
CE2 OMY C 6 0.15 3.78 -0.88
CE1 OMY C 6 -0.69 4.53 1.32
CZ OMY C 6 0.41 4.18 0.48
CG OMY C 6 -2.31 3.95 -0.47
CD2 OMY C 6 -1.21 3.66 -1.36
CD1 OMY C 6 -2.04 4.44 0.86
CB OMY C 6 -3.75 3.65 -0.81
CL OMY C 6 -0.39 5.08 2.94
O OMY C 6 -6.31 1.70 -0.77
C OMY C 6 -5.64 2.15 0.14
ODE OMY C 6 -3.92 3.42 -2.19
H OMY C 6 -3.50 1.15 -1.54
HA OMY C 6 -3.78 2.58 1.02
HE2 OMY C 6 0.97 3.53 -1.54
HD2 OMY C 6 -1.40 3.33 -2.36
HD1 OMY C 6 -2.86 4.69 1.51
HB OMY C 6 -4.37 4.49 -0.50
N 3FG C 7 -6.09 2.45 1.38
OD1 3FG C 7 -6.33 -0.13 6.15
CD1 3FG C 7 -7.01 0.88 5.48
CG1 3FG C 7 -6.86 1.01 4.07
CZ 3FG C 7 -7.83 1.78 6.23
CD2 3FG C 7 -8.53 2.83 5.54
OD2 3FG C 7 -9.32 3.71 6.25
CG2 3FG C 7 -8.39 2.98 4.12
CB 3FG C 7 -7.56 2.07 3.35
CA 3FG C 7 -7.43 2.25 1.84
C 3FG C 7 -8.24 3.44 1.27
O 3FG C 7 -9.42 3.26 0.97
OXT 3FG C 7 -7.67 4.52 1.15
H 3FG C 7 -5.43 2.82 2.04
HA 3FG C 7 -7.71 1.33 1.34
HD1 3FG C 7 -6.53 -0.08 7.07
HZ 3FG C 7 -7.89 1.67 7.30
HD2 3FG C 7 -9.30 3.49 7.17
HG2 3FG C 7 -8.91 3.77 3.62
N MLU D 1 0.26 0.42 -12.35
CN MLU D 1 0.81 1.77 -12.44
CA MLU D 1 -0.33 0.20 -11.03
C MLU D 1 -1.45 1.22 -10.75
O MLU D 1 -2.32 1.46 -11.58
CB MLU D 1 -0.92 -1.20 -10.89
CG MLU D 1 0.15 -2.30 -10.97
CD1 MLU D 1 1.16 -2.15 -9.83
CD2 MLU D 1 -0.50 -3.68 -10.92
H1 MLU D 1 -0.48 0.30 -13.08
H2 MLU D 1 1.02 -0.27 -12.51
HCN1 MLU D 1 1.24 1.91 -13.43
HCN2 MLU D 1 0.00 2.50 -12.27
HCN3 MLU D 1 1.58 1.90 -11.67
HA MLU D 1 0.46 0.34 -10.29
HB2 MLU D 1 -1.66 -1.37 -11.66
HB3 MLU D 1 -1.43 -1.27 -9.93
HG MLU D 1 0.68 -2.20 -11.91
HD11 MLU D 1 1.65 -1.19 -9.86
HD12 MLU D 1 0.66 -2.24 -8.86
HD13 MLU D 1 1.92 -2.93 -9.89
HD21 MLU D 1 -1.05 -3.83 -9.98
HD22 MLU D 1 -1.21 -3.81 -11.74
HD23 MLU D 1 0.25 -4.47 -11.00
N OMZ D 2 -1.35 1.78 -9.53
CA OMZ D 2 -2.36 2.75 -9.14
C OMZ D 2 -3.13 2.22 -7.90
O OMZ D 2 -4.29 2.56 -7.72
CB OMZ D 2 -1.76 4.16 -8.99
OC OMZ D 2 -1.15 4.55 -10.19
CG OMZ D 2 -0.75 4.23 -7.88
CD1 OMZ D 2 -0.97 5.10 -6.75
CD2 OMZ D 2 0.44 3.41 -7.93
CE1 OMZ D 2 -0.06 5.05 -5.64
CL OMZ D 2 -0.35 6.06 -4.27
CE2 OMZ D 2 1.34 3.38 -6.82
CZ OMZ D 2 1.07 4.17 -5.65
OH OMZ D 2 1.82 3.97 -4.49
H OMZ D 2 -0.60 1.52 -8.92
HA OMZ D 2 -3.07 2.77 -9.96
HB OMZ D 2 -2.55 4.87 -8.77
HC OMZ D 2 -0.83 5.44 -10.06
HD1 OMZ D 2 -1.82 5.75 -6.71
HD2 OMZ D 2 0.65 2.79 -8.80
HE2 OMZ D 2 2.21 2.73 -6.84
N ASN D 3 -2.45 1.39 -7.07
CA ASN D 3 -3.21 0.84 -5.95
C ASN D 3 -2.44 0.81 -4.62
N GHP D 4 -1.48 -0.13 -4.58
CA GHP D 4 -0.73 -0.27 -3.34
C GHP D 4 -0.46 -1.75 -3.02
O GHP D 4 -0.36 -2.62 -3.88
C1 GHP D 4 0.53 0.56 -3.30
C2 GHP D 4 1.72 0.12 -2.61
C3 GHP D 4 2.90 0.97 -2.49
C4 GHP D 4 2.86 2.26 -3.13
O4 GHP D 4 3.96 3.09 -3.01
C5 GHP D 4 1.72 2.70 -3.87
C6 GHP D 4 0.55 1.83 -3.93
H GHP D 4 -1.23 -0.63 -5.42
HA GHP D 4 -1.40 0.11 -2.57
HC2 GHP D 4 1.74 -0.88 -2.17
H6 GHP D 4 -0.33 2.15 -4.47
N GHP D 5 -0.34 -1.92 -1.69
CA GHP D 5 -0.01 -3.20 -1.10
C GHP D 5 0.10 -3.08 0.43
O GHP D 5 -0.70 -2.36 1.02
C1 GHP D 5 -0.93 -4.36 -1.41
C2 GHP D 5 -0.31 -5.53 -1.93
C3 GHP D 5 -1.02 -6.74 -2.13
C4 GHP D 5 -2.41 -6.77 -1.81
O4 GHP D 5 -3.13 -7.94 -2.01
C5 GHP D 5 -3.08 -5.60 -1.29
C6 GHP D 5 -2.33 -4.39 -1.08
H GHP D 5 -0.45 -1.14 -1.08
HA GHP D 5 0.96 -3.40 -1.55
HC2 GHP D 5 0.74 -5.49 -2.18
HO4 GHP D 5 -2.55 -8.61 -2.34
H5 GHP D 5 -4.13 -5.64 -1.04
H6 GHP D 5 -2.81 -3.51 -0.67
N OMY D 6 1.06 -3.78 1.08
CA OMY D 6 2.08 -4.67 0.51
OCZ OMY D 6 4.10 0.68 -1.80
CE2 OMY D 6 4.03 -0.45 0.39
CE1 OMY D 6 4.17 -1.74 -1.72
CZ OMY D 6 4.15 -0.48 -1.04
CG OMY D 6 3.79 -2.94 0.42
CD2 OMY D 6 3.83 -1.67 1.12
CD1 OMY D 6 4.01 -2.96 -1.00
CB OMY D 6 3.42 -4.24 1.10
CL OMY D 6 4.37 -1.78 -3.44
O OMY D 6 1.32 -6.61 1.76
C OMY D 6 1.67 -6.14 0.68
ODE OMY D 6 3.31 -4.06 2.48
H OMY D 6 1.09 -3.66 2.07
HA OMY D 6 2.10 -4.52 -0.56
HE2 OMY D 6 4.08 0.50 0.90
HD2 OMY D 6 3.70 -1.65 2.19
HD1 OMY D 6 4.00 -3.91 -1.52
HB OMY D 6 4.16 -5.01 0.91
N 3FG D 7 1.74 -6.81 -0.49
OD1 3FG D 7 -1.79 -7.71 -4.56
CD1 3FG D 7 -0.74 -8.35 -3.95
CG1 3FG D 7 -0.29 -7.91 -2.68
CZ 3FG D 7 -0.10 -9.44 -4.63
CD2 3FG D 7 1.00 -10.12 -4.01
OD2 3FG D 7 1.62 -11.17 -4.66
CG2 3FG D 7 1.46 -9.70 -2.72
CB 3FG D 7 0.83 -8.59 -2.03
CA 3FG D 7 1.35 -8.19 -0.63
C 3FG D 7 2.57 -9.01 -0.15
O 3FG D 7 2.39 -9.95 0.62
OXT 3FG D 7 3.69 -8.67 -0.57
H 3FG D 7 2.07 -6.32 -1.31
HA 3FG D 7 0.54 -8.28 0.09
HD1 3FG D 7 -1.97 -8.10 -5.39
HZ 3FG D 7 -0.45 -9.74 -5.61
HD2 3FG D 7 2.32 -11.50 -4.12
HG2 3FG D 7 2.29 -10.20 -2.26
C2 BGC E . 5.71 5.56 1.62
C3 BGC E . 6.71 5.48 0.48
C4 BGC E . 7.37 4.10 0.44
C5 BGC E . 6.30 3.01 0.51
C6 BGC E . 6.90 1.60 0.67
C1 BGC E . 4.72 4.39 1.58
O2 BGC E . 5.01 6.79 1.56
O3 BGC E . 7.70 6.47 0.67
O4 BGC E . 8.09 3.94 -0.75
O5 BGC E . 5.49 3.21 1.63
O6 BGC E . 7.80 1.57 1.75
H2 BGC E . 6.24 5.52 2.57
H3 BGC E . 6.22 5.67 -0.47
H4 BGC E . 8.06 3.99 1.28
H5 BGC E . 5.69 3.05 -0.40
H61 BGC E . 6.10 0.90 0.88
H62 BGC E . 7.41 1.26 -0.22
H1 BGC E . 4.11 4.40 0.68
HO3 BGC E . 7.94 6.79 -0.19
HO4 BGC E . 7.48 4.06 -1.46
HO6 BGC E . 8.12 0.68 1.82
C1 RER E . 5.63 7.77 2.36
C2 RER E . 4.91 9.12 2.23
C3 RER E . 3.52 9.10 2.86
N3 RER E . 3.02 10.47 2.97
C3A RER E . 2.55 8.29 1.99
C4 RER E . 3.61 8.49 4.26
O4 RER E . 2.32 8.33 4.79
C5 RER E . 4.31 7.14 4.19
O5 RER E . 5.62 7.35 3.70
C5A RER E . 4.38 6.42 5.54
H1 RER E . 6.66 7.88 2.03
H21C RER E . 5.50 9.88 2.73
H22C RER E . 4.84 9.42 1.18
HO1 RER E . 2.96 10.89 2.02
H31N RER E . 3.66 11.02 3.56
H32N RER E . 2.07 10.45 3.41
H3A1 RER E . 2.89 7.26 1.87
H3A2 RER E . 1.55 8.27 2.44
H3A3 RER E . 2.46 8.74 1.00
H4 RER E . 4.16 9.15 4.92
HO4 RER E . 2.14 9.10 5.32
H5 RER E . 3.77 6.51 3.49
H5A1 RER E . 4.92 7.03 6.27
H5A2 RER E . 3.39 6.24 5.93
H5A3 RER E . 4.89 5.46 5.45
C2 BGC F . 5.67 4.30 -4.06
C3 BGC F . 6.59 4.40 -5.28
C4 BGC F . 7.13 3.02 -5.64
C5 BGC F . 6.03 1.97 -5.69
C6 BGC F . 6.64 0.59 -5.89
C1 BGC F . 4.64 3.19 -4.23
O2 BGC F . 4.99 5.52 -3.90
O3 BGC F . 7.65 5.26 -4.97
O4 BGC F . 7.75 3.08 -6.90
O5 BGC F . 5.31 1.98 -4.49
O6 BGC F . 7.58 0.33 -4.87
H2 BGC F . 6.26 4.07 -3.17
H3 BGC F . 6.04 4.83 -6.11
H4 BGC F . 7.86 2.69 -4.91
H5 BGC F . 5.33 2.20 -6.51
H61 BGC F . 5.87 -0.17 -5.84
H62 BGC F . 7.15 0.51 -6.85
H1 BGC F . 3.96 3.43 -5.06
HO3 BGC F . 7.41 6.12 -5.30
HO4 BGC F . 7.14 3.50 -7.50
HO6 BGC F . 7.93 -0.54 -5.04
C1 RER F . 5.44 6.30 -2.83
C2 RER F . 5.58 7.75 -3.31
C3 RER F . 4.21 8.36 -3.66
N3 RER F . 4.37 9.79 -3.86
C3A RER F . 3.62 7.75 -4.94
C4 RER F . 3.25 8.12 -2.50
O4 RER F . 1.96 8.55 -2.84
C5 RER F . 3.23 6.63 -2.13
O5 RER F . 4.53 6.24 -1.76
C5A RER F . 2.30 6.37 -0.94
H1 RER F . 6.41 5.92 -2.48
H21C RER F . 6.04 8.34 -2.54
H22C RER F . 6.24 7.80 -4.18
HO1 RER F . 5.02 9.96 -4.66
H31N RER F . 4.76 10.23 -3.00
H32N RER F . 3.45 10.22 -4.08
H3A1 RER F . 4.32 7.84 -5.77
H3A2 RER F . 3.38 6.69 -4.81
H3A3 RER F . 2.70 8.26 -5.22
H4 RER F . 3.57 8.70 -1.64
HO4 RER F . 1.57 8.92 -2.06
H5 RER F . 2.91 6.05 -2.98
H5A1 RER F . 2.34 5.32 -0.67
H5A2 RER F . 2.59 6.96 -0.08
H5A3 RER F . 1.27 6.62 -1.20
C1 RER G . -3.79 4.60 -2.94
C2 RER G . -4.13 4.37 -4.43
C3 RER G . -5.63 4.20 -4.68
N3 RER G . -5.90 4.36 -6.10
C3A RER G . -6.12 2.82 -4.23
C4 RER G . -6.38 5.30 -3.90
O4 RER G . -7.76 5.14 -4.07
C5 RER G . -5.99 5.22 -2.44
O5 RER G . -4.64 5.58 -2.38
C5A RER G . -6.82 6.17 -1.58
H1 RER G . -2.76 4.96 -2.87
H21C RER G . -3.79 5.24 -4.99
H22C RER G . -3.58 3.51 -4.81
HO1 RER G . -6.93 4.26 -6.27
H31N RER G . -5.39 3.62 -6.62
H32N RER G . -5.58 5.29 -6.41
H3A1 RER G . -5.81 2.59 -3.21
H3A2 RER G . -7.20 2.77 -4.27
H3A3 RER G . -5.73 2.04 -4.88
H4 RER G . -6.09 6.28 -4.28
HO4 RER G . -8.01 5.70 -4.79
H5 RER G . -6.10 4.20 -2.08
H5A1 RER G . -6.55 6.09 -0.52
H5A2 RER G . -6.66 7.20 -1.88
H5A3 RER G . -7.88 5.95 -1.66
C1 RER H . 4.54 -3.91 3.13
C2 RER H . 4.28 -3.86 4.64
C3 RER H . 4.07 -5.24 5.27
N3 RER H . 4.26 -5.16 6.71
C3A RER H . 2.67 -5.77 4.98
C4 RER H . 5.12 -6.18 4.70
O4 RER H . 4.97 -7.47 5.24
C5 RER H . 5.04 -6.20 3.19
O5 RER H . 5.44 -4.93 2.76
C5A RER H . 5.97 -7.23 2.55
H1 RER H . 5.03 -2.98 2.85
H21C RER H . 3.39 -3.27 4.85
H22C RER H . 5.07 -3.29 5.09
HO1 RER H . 4.14 -6.10 7.14
H31N RER H . 5.21 -4.79 6.93
H32N RER H . 3.55 -4.50 7.11
H3A1 RER H . 1.91 -5.17 5.48
H3A2 RER H . 2.56 -6.81 5.33
H3A3 RER H . 2.45 -5.75 3.91
H4 RER H . 6.09 -5.78 5.00
HO4 RER H . 5.56 -7.52 5.98
H5 RER H . 4.01 -6.37 2.86
H5A1 RER H . 7.01 -7.05 2.84
H5A2 RER H . 5.92 -7.19 1.46
H5A3 RER H . 5.70 -8.24 2.86
N ALA A 1 -5.34 11.15 -4.14
CA ALA A 1 -5.76 9.97 -3.41
C ALA A 1 -4.58 9.00 -3.23
N FGA A 2 -3.98 9.09 -2.04
CA FGA A 2 -2.87 8.19 -1.82
C FGA A 2 -1.58 8.83 -2.33
O FGA A 2 -1.61 9.47 -3.39
CB FGA A 2 -2.76 7.87 -0.33
CG FGA A 2 -4.08 7.35 0.24
CD FGA A 2 -3.89 6.83 1.66
OE1 FGA A 2 -2.79 6.79 2.21
H FGA A 2 -4.26 9.74 -1.33
HA FGA A 2 -3.10 7.30 -2.39
HB2 FGA A 2 -1.98 7.12 -0.18
HB3 FGA A 2 -2.46 8.76 0.21
HG2 FGA A 2 -4.83 8.14 0.25
HG3 FGA A 2 -4.48 6.54 -0.38
N LYS A 3 -5.05 6.46 2.23
CA LYS A 3 -5.06 5.98 3.60
C LYS A 3 -4.21 4.71 3.75
N DAL A 4 -3.48 4.64 4.87
CA DAL A 4 -2.67 3.43 5.04
CB DAL A 4 -3.58 2.32 5.59
C DAL A 4 -1.51 3.70 5.99
O DAL A 4 -1.31 4.80 6.49
H DAL A 4 -3.48 5.37 5.55
HA DAL A 4 -2.27 3.14 4.06
HB1 DAL A 4 -4.42 2.12 4.93
HB2 DAL A 4 -3.01 1.40 5.72
HB3 DAL A 4 -3.98 2.60 6.57
N DAL A 5 -0.76 2.60 6.18
CA DAL A 5 0.39 2.68 7.05
CB DAL A 5 1.40 3.71 6.53
C DAL A 5 1.03 1.29 7.18
O DAL A 5 0.34 0.36 7.56
OXT DAL A 5 2.21 1.17 6.88
H DAL A 5 -1.01 1.74 5.75
HA DAL A 5 0.01 2.98 8.03
HB1 DAL A 5 0.94 4.69 6.45
HB2 DAL A 5 2.25 3.78 7.20
HB3 DAL A 5 1.77 3.42 5.54
N ALA B 1 11.50 -4.17 -1.89
CA ALA B 1 10.94 -3.71 -0.62
C ALA B 1 9.75 -4.55 -0.20
N FGA B 2 9.16 -4.02 0.87
CA FGA B 2 7.97 -4.57 1.47
C FGA B 2 7.73 -3.86 2.79
O FGA B 2 7.59 -2.63 2.77
CB FGA B 2 6.84 -4.38 0.47
CG FGA B 2 6.50 -5.62 -0.34
CD FGA B 2 5.96 -5.36 -1.74
OE1 FGA B 2 6.04 -4.27 -2.31
H FGA B 2 9.56 -3.19 1.27
HA FGA B 2 8.12 -5.63 1.64
HB2 FGA B 2 6.03 -4.09 1.09
HB3 FGA B 2 7.07 -3.54 -0.18
HG2 FGA B 2 7.36 -6.26 -0.47
HG3 FGA B 2 5.78 -6.25 0.19
N LYS B 3 5.40 -6.48 -2.25
CA LYS B 3 4.73 -6.50 -3.52
C LYS B 3 3.52 -5.56 -3.53
N DAL B 4 3.21 -5.09 -4.76
CA DAL B 4 2.08 -4.18 -4.86
CB DAL B 4 0.82 -4.98 -5.25
C DAL B 4 2.39 -3.12 -5.91
O DAL B 4 3.40 -3.15 -6.61
H DAL B 4 3.74 -5.36 -5.56
HA DAL B 4 1.94 -3.70 -3.89
HB1 DAL B 4 0.61 -5.75 -4.50
HB2 DAL B 4 -0.04 -4.33 -5.32
HB3 DAL B 4 0.96 -5.48 -6.21
N DAL B 5 1.44 -2.16 -5.98
CA DAL B 5 1.61 -1.07 -6.92
CB DAL B 5 2.77 -0.17 -6.50
C DAL B 5 0.31 -0.29 -7.03
O DAL B 5 -0.59 -0.73 -7.76
OXT DAL B 5 0.19 0.76 -6.40
H DAL B 5 0.62 -2.20 -5.41
HA DAL B 5 1.84 -1.56 -7.87
HB1 DAL B 5 3.70 -0.73 -6.42
HB2 DAL B 5 2.92 0.63 -7.22
HB3 DAL B 5 2.57 0.29 -5.53
N MLU C 1 1.56 1.70 12.20
CN MLU C 1 2.97 2.04 12.14
CA MLU C 1 1.15 1.02 10.98
C MLU C 1 1.96 -0.26 10.78
O MLU C 1 1.89 -1.19 11.57
CB MLU C 1 -0.34 0.64 11.00
CG MLU C 1 -1.25 1.83 11.27
CD1 MLU C 1 -1.16 2.87 10.14
CD2 MLU C 1 -2.69 1.37 11.46
H1 MLU C 1 1.39 1.08 13.01
H2 MLU C 1 1.00 2.57 12.31
HCN1 MLU C 1 3.25 2.56 13.06
HCN2 MLU C 1 3.55 1.13 12.03
HCN3 MLU C 1 3.14 2.70 11.28
HA MLU C 1 1.34 1.70 10.14
HB2 MLU C 1 -0.50 -0.11 11.77
HB3 MLU C 1 -0.61 0.18 10.05
HG MLU C 1 -0.92 2.32 12.19
HD11 MLU C 1 -1.50 2.43 9.20
HD12 MLU C 1 -1.78 3.73 10.36
HD13 MLU C 1 -0.13 3.21 10.00
HD21 MLU C 1 -2.76 0.65 12.28
HD22 MLU C 1 -3.34 2.21 11.68
HD23 MLU C 1 -3.06 0.88 10.55
N OMZ C 2 2.72 -0.25 9.67
CA OMZ C 2 3.52 -1.44 9.41
C OMZ C 2 2.82 -2.31 8.34
O OMZ C 2 2.83 -3.53 8.45
CB OMZ C 2 4.97 -1.08 9.07
OC OMZ C 2 5.60 -0.51 10.20
CG OMZ C 2 5.05 -0.09 7.94
CD1 OMZ C 2 5.27 -0.55 6.60
CD2 OMZ C 2 4.83 1.31 8.19
CE1 OMZ C 2 5.20 0.38 5.51
CL OMZ C 2 5.43 -0.17 3.90
CE2 OMZ C 2 4.76 2.24 7.10
CZ OMZ C 2 4.90 1.77 5.76
OH OMZ C 2 4.61 2.59 4.66
H OMZ C 2 2.73 0.53 9.05
HA OMZ C 2 3.51 -2.02 10.33
HB OMZ C 2 5.53 -1.97 8.79
HC OMZ C 2 6.49 -0.33 9.95
HD1 OMZ C 2 5.47 -1.59 6.40
HD2 OMZ C 2 4.68 1.66 9.21
HE2 OMZ C 2 4.55 3.29 7.29
N ASN C 3 2.20 -1.65 7.33
CA ASN C 3 1.51 -2.53 6.37
C ASN C 3 1.43 -1.96 4.94
N GHP C 4 0.65 -0.87 4.84
CA GHP C 4 0.50 -0.26 3.51
C GHP C 4 -0.96 0.14 3.27
O GHP C 4 -1.69 0.53 4.18
C1 GHP C 4 1.39 0.95 3.29
C2 GHP C 4 1.09 1.93 2.28
C3 GHP C 4 1.93 3.09 2.04
C4 GHP C 4 3.09 3.26 2.88
O4 GHP C 4 3.91 4.37 2.78
C5 GHP C 4 3.44 2.30 3.90
C6 GHP C 4 2.57 1.15 4.08
H GHP C 4 0.23 -0.46 5.65
HA GHP C 4 0.79 -1.05 2.81
HC2 GHP C 4 0.18 1.82 1.71
H6 GHP C 4 2.79 0.42 4.84
N GHP C 5 -1.32 0.01 1.98
CA GHP C 5 -2.64 0.43 1.57
C GHP C 5 -2.80 0.34 0.04
O GHP C 5 -2.30 -0.60 -0.57
C1 GHP C 5 -3.82 -0.22 2.21
C2 GHP C 5 -4.74 0.65 2.89
C3 GHP C 5 -5.97 0.19 3.40
C4 GHP C 5 -6.30 -1.20 3.29
O4 GHP C 5 -7.49 -1.67 3.81
C5 GHP C 5 -5.39 -2.11 2.63
C6 GHP C 5 -4.15 -1.61 2.08
H GHP C 5 -0.66 -0.34 1.31
HA GHP C 5 -2.62 1.47 1.87
HC2 GHP C 5 -4.49 1.69 2.99
HO4 GHP C 5 -7.55 -2.60 3.65
H5 GHP C 5 -5.64 -3.16 2.54
H6 GHP C 5 -3.48 -2.28 1.57
N OMY C 6 -3.50 1.32 -0.60
CA OMY C 6 -4.15 2.49 -0.03
OCZ OMY C 6 1.71 4.07 1.04
CE2 OMY C 6 0.17 3.79 -0.90
CE1 OMY C 6 -0.67 4.52 1.32
CZ OMY C 6 0.43 4.16 0.47
CG OMY C 6 -2.28 3.99 -0.48
CD2 OMY C 6 -1.19 3.70 -1.38
CD1 OMY C 6 -2.02 4.44 0.85
CB OMY C 6 -3.74 3.73 -0.84
CL OMY C 6 -0.35 5.02 2.95
O OMY C 6 -6.37 1.86 -0.80
C OMY C 6 -5.67 2.28 0.11
ODE OMY C 6 -3.91 3.50 -2.22
H OMY C 6 -3.58 1.22 -1.59
HA OMY C 6 -3.78 2.63 0.99
HE2 OMY C 6 0.99 3.55 -1.55
HD2 OMY C 6 -1.38 3.38 -2.39
HD1 OMY C 6 -2.83 4.70 1.51
HB OMY C 6 -4.33 4.57 -0.52
N 3FG C 7 -6.09 2.59 1.36
OD1 3FG C 7 -6.35 0.03 6.13
CD1 3FG C 7 -6.99 1.06 5.48
CG1 3FG C 7 -6.86 1.18 4.06
CZ 3FG C 7 -7.76 1.98 6.23
CD2 3FG C 7 -8.43 3.06 5.57
OD2 3FG C 7 -9.18 3.97 6.29
CG2 3FG C 7 -8.33 3.19 4.14
CB 3FG C 7 -7.54 2.26 3.36
CA 3FG C 7 -7.43 2.43 1.84
C 3FG C 7 -8.21 3.65 1.28
O 3FG C 7 -9.39 3.52 0.99
OXT 3FG C 7 -7.61 4.73 1.17
H 3FG C 7 -5.41 2.94 2.00
HA 3FG C 7 -7.76 1.53 1.35
HD1 3FG C 7 -5.87 -0.50 5.49
HZ 3FG C 7 -7.81 1.89 7.30
HD2 3FG C 7 -9.16 3.74 7.21
HG2 3FG C 7 -8.83 4.02 3.64
N MLU D 1 0.33 0.11 -12.18
CN MLU D 1 0.94 1.44 -12.18
CA MLU D 1 -0.34 -0.13 -10.91
C MLU D 1 -1.44 0.91 -10.67
O MLU D 1 -2.31 1.13 -11.50
CB MLU D 1 -0.99 -1.52 -10.85
CG MLU D 1 0.04 -2.65 -10.98
CD1 MLU D 1 1.06 -2.59 -9.85
CD2 MLU D 1 -0.67 -4.00 -10.98
H1 MLU D 1 -0.35 0.04 -12.96
H2 MLU D 1 1.08 -0.60 -12.31
HCN1 MLU D 1 0.15 2.18 -12.05
HCN2 MLU D 1 1.65 1.50 -11.37
HCN3 MLU D 1 1.43 1.59 -13.14
HA MLU D 1 0.40 -0.05 -10.12
HB2 MLU D 1 -1.73 -1.60 -11.64
HB3 MLU D 1 -1.53 -1.63 -9.91
HG MLU D 1 0.56 -2.53 -11.93
HD11 MLU D 1 0.57 -2.72 -8.88
HD12 MLU D 1 1.80 -3.38 -9.96
HD13 MLU D 1 1.58 -1.63 -9.84
HD21 MLU D 1 -1.40 -4.06 -11.80
HD22 MLU D 1 0.04 -4.81 -11.10
HD23 MLU D 1 -1.22 -4.16 -10.05
N OMZ D 2 -1.34 1.53 -9.47
CA OMZ D 2 -2.34 2.53 -9.14
C OMZ D 2 -3.11 2.10 -7.87
O OMZ D 2 -4.27 2.46 -7.70
CB OMZ D 2 -1.73 3.94 -9.06
OC OMZ D 2 -1.09 4.24 -10.28
CG OMZ D 2 -0.74 4.06 -7.94
CD1 OMZ D 2 -0.99 4.96 -6.85
CD2 OMZ D 2 0.44 3.23 -7.94
CE1 OMZ D 2 -0.09 4.98 -5.73
CL OMZ D 2 -0.41 6.03 -4.40
CE2 OMZ D 2 1.33 3.26 -6.81
CZ OMZ D 2 1.04 4.11 -5.69
OH OMZ D 2 1.79 3.97 -4.51
H OMZ D 2 -0.60 1.30 -8.84
HA OMZ D 2 -3.06 2.51 -9.95
HB OMZ D 2 -2.52 4.68 -8.92
HC OMZ D 2 -0.76 5.13 -10.20
HD1 OMZ D 2 -1.85 5.60 -6.85
HD2 OMZ D 2 0.66 2.58 -8.77
HE2 OMZ D 2 2.20 2.62 -6.80
N ASN D 3 -2.43 1.32 -6.98
CA ASN D 3 -3.19 0.89 -5.82
C ASN D 3 -2.40 0.85 -4.50
N GHP D 4 -1.48 -0.13 -4.44
CA GHP D 4 -0.73 -0.26 -3.21
C GHP D 4 -0.39 -1.72 -2.90
O GHP D 4 -0.23 -2.57 -3.77
C1 GHP D 4 0.53 0.60 -3.16
C2 GHP D 4 1.69 0.24 -2.40
C3 GHP D 4 2.86 1.11 -2.30
C4 GHP D 4 2.83 2.35 -3.03
O4 GHP D 4 3.91 3.20 -2.95
C5 GHP D 4 1.70 2.73 -3.84
C6 GHP D 4 0.55 1.83 -3.87
H GHP D 4 -1.29 -0.69 -5.25
HA GHP D 4 -1.39 0.12 -2.43
HC2 GHP D 4 1.71 -0.72 -1.89
H6 GHP D 4 -0.32 2.10 -4.46
N GHP D 5 -0.28 -1.93 -1.57
CA GHP D 5 0.09 -3.22 -1.03
C GHP D 5 0.26 -3.12 0.49
O GHP D 5 -0.51 -2.41 1.14
C1 GHP D 5 -0.82 -4.37 -1.31
C2 GHP D 5 -0.23 -5.50 -1.96
C3 GHP D 5 -0.93 -6.72 -2.13
C4 GHP D 5 -2.28 -6.82 -1.69
O4 GHP D 5 -2.99 -8.00 -1.88
C5 GHP D 5 -2.93 -5.69 -1.05
C6 GHP D 5 -2.19 -4.46 -0.86
H GHP D 5 -0.45 -1.17 -0.94
HA GHP D 5 1.05 -3.41 -1.48
HC2 GHP D 5 0.78 -5.43 -2.30
HO4 GHP D 5 -2.43 -8.62 -2.30
H5 GHP D 5 -3.95 -5.77 -0.72
H6 GHP D 5 -2.65 -3.63 -0.35
N OMY D 6 1.25 -3.82 1.09
CA OMY D 6 2.26 -4.71 0.48
OCZ OMY D 6 4.02 0.86 -1.53
CE2 OMY D 6 4.08 -0.42 0.59
CE1 OMY D 6 4.18 -1.56 -1.61
CZ OMY D 6 4.14 -0.35 -0.85
CG OMY D 6 3.93 -2.91 0.46
CD2 OMY D 6 3.97 -1.70 1.24
CD1 OMY D 6 4.09 -2.83 -0.97
CB OMY D 6 3.62 -4.27 1.05
CL OMY D 6 4.31 -1.48 -3.34
O OMY D 6 1.63 -6.70 1.73
C OMY D 6 1.87 -6.19 0.64
ODE OMY D 6 3.55 -4.23 2.45
H OMY D 6 1.30 -3.69 2.08
HA OMY D 6 2.32 -4.55 -0.59
HE2 OMY D 6 4.13 0.50 1.15
HD2 OMY D 6 3.89 -1.76 2.32
HD1 OMY D 6 4.10 -3.75 -1.54
HB OMY D 6 4.35 -5.01 0.74
N 3FG D 7 1.83 -6.82 -0.56
OD1 3FG D 7 -1.72 -7.54 -4.64
CD1 3FG D 7 -0.63 -8.18 -4.10
CG1 3FG D 7 -0.20 -7.84 -2.78
CZ 3FG D 7 0.06 -9.18 -4.85
CD2 3FG D 7 1.19 -9.85 -4.30
OD2 3FG D 7 1.87 -10.81 -5.04
CG2 3FG D 7 1.63 -9.52 -2.98
CB 3FG D 7 0.95 -8.51 -2.19
CA 3FG D 7 1.44 -8.19 -0.76
C 3FG D 7 2.63 -9.06 -0.30
O 3FG D 7 2.41 -10.06 0.38
OXT 3FG D 7 3.76 -8.71 -0.63
H 3FG D 7 2.07 -6.29 -1.37
HA 3FG D 7 0.60 -8.31 -0.07
HD1 3FG D 7 -1.89 -7.87 -5.51
HZ 3FG D 7 -0.28 -9.40 -5.86
HD2 3FG D 7 2.59 -11.14 -4.52
HG2 3FG D 7 2.51 -10.00 -2.57
C2 BGC E . 5.46 5.68 1.54
C3 BGC E . 6.36 5.72 0.30
C4 BGC E . 7.06 4.37 0.08
C5 BGC E . 6.06 3.22 0.20
C6 BGC E . 6.73 1.86 0.12
C1 BGC E . 4.57 4.42 1.53
O2 BGC E . 4.65 6.83 1.56
O3 BGC E . 7.32 6.72 0.49
O4 BGC E . 7.62 4.35 -1.20
O5 BGC E . 5.40 3.30 1.43
O6 BGC E . 7.95 1.84 0.82
H2 BGC E . 6.08 5.65 2.43
H3 BGC E . 5.77 5.97 -0.58
H4 BGC E . 7.86 4.24 0.81
H5 BGC E . 5.32 3.29 -0.60
H61 BGC E . 6.07 1.11 0.57
H62 BGC E . 6.90 1.55 -0.91
H1 BGC E . 3.85 4.44 0.71
HO3 BGC E . 7.48 7.11 -0.37
HO4 BGC E . 8.44 3.87 -1.13
HO6 BGC E . 8.30 0.96 0.75
C1 RER E . 5.19 7.82 2.41
C2 RER E . 4.36 9.11 2.32
C3 RER E . 2.98 8.95 2.95
N3 RER E . 2.38 10.28 3.11
C3A RER E . 2.08 8.11 2.06
C4 RER E . 3.13 8.30 4.33
O4 RER E . 1.86 8.03 4.86
C5 RER E . 3.94 7.02 4.21
O5 RER E . 5.22 7.36 3.73
C5A RER E . 4.07 6.28 5.54
H1 RER E . 6.22 8.03 2.08
H21C RER E . 4.90 9.91 2.83
H22C RER E . 4.27 9.43 1.28
HO1 RER E . 1.44 10.18 3.55
H31N RER E . 2.98 10.86 3.72
H32N RER E . 2.28 10.72 2.18
H3A1 RER E . 2.50 7.12 1.90
H3A2 RER E . 1.09 7.99 2.52
H3A3 RER E . 1.94 8.58 1.10
H4 RER E . 3.64 8.99 5.01
HO4 RER E . 1.92 8.18 5.80
H5 RER E . 3.45 6.38 3.49
H5A1 RER E . 4.57 6.90 6.29
H5A2 RER E . 3.09 6.01 5.93
H5A3 RER E . 4.65 5.36 5.42
C2 BGC F . 5.54 4.48 -4.10
C3 BGC F . 6.44 4.55 -5.34
C4 BGC F . 7.01 3.17 -5.67
C5 BGC F . 5.94 2.09 -5.66
C6 BGC F . 6.58 0.73 -5.85
C1 BGC F . 4.56 3.30 -4.20
O2 BGC F . 4.80 5.67 -4.02
O3 BGC F . 7.48 5.45 -5.08
O4 BGC F . 7.60 3.21 -6.95
O5 BGC F . 5.28 2.12 -4.41
O6 BGC F . 7.56 0.50 -4.87
H2 BGC F . 6.15 4.34 -3.22
H3 BGC F . 5.87 4.93 -6.18
H4 BGC F . 7.78 2.88 -4.95
H5 BGC F . 5.20 2.28 -6.45
H61 BGC F . 5.83 -0.05 -5.77
H62 BGC F . 7.06 0.64 -6.83
H1 BGC F . 3.87 3.47 -5.02
HO3 BGC F . 7.21 6.29 -5.42
HO4 BGC F . 8.51 3.42 -6.82
HO6 BGC F . 7.91 -0.37 -5.04
C1 RER F . 5.17 6.52 -2.97
C2 RER F . 5.32 7.94 -3.52
C3 RER F . 3.99 8.53 -3.99
N3 RER F . 4.15 9.95 -4.25
C3A RER F . 3.51 7.85 -5.27
C4 RER F . 2.95 8.34 -2.89
O4 RER F . 1.69 8.75 -3.34
C5 RER F . 2.90 6.88 -2.43
O5 RER F . 4.18 6.52 -1.97
C5A RER F . 1.90 6.68 -1.28
H1 RER F . 6.11 6.18 -2.53
H21C RER F . 5.73 8.58 -2.73
H22C RER F . 6.04 7.95 -4.34
HO1 RER F . 4.86 10.08 -5.00
H31N RER F . 4.48 10.43 -3.39
H32N RER F . 3.25 10.36 -4.56
H3A1 RER F . 4.26 7.91 -6.05
H3A2 RER F . 3.27 6.80 -5.11
H3A3 RER F . 2.60 8.33 -5.64
H4 RER F . 3.20 8.98 -2.03
HO4 RER F . 1.24 9.15 -2.61
H5 RER F . 2.63 6.24 -3.27
H5A1 RER F . 1.89 5.65 -0.96
H5A2 RER F . 2.17 7.31 -0.43
H5A3 RER F . 0.90 6.96 -1.60
C1 RER G . -3.75 4.68 -2.97
C2 RER G . -4.11 4.47 -4.44
C3 RER G . -5.62 4.33 -4.67
N3 RER G . -5.90 4.50 -6.10
C3A RER G . -6.12 2.96 -4.22
C4 RER G . -6.32 5.45 -3.90
O4 RER G . -7.72 5.34 -4.05
C5 RER G . -5.94 5.38 -2.43
O5 RER G . -4.56 5.68 -2.39
C5A RER G . -6.72 6.37 -1.58
H1 RER G . -2.72 5.00 -2.89
H21C RER G . -3.76 5.32 -5.01
H22C RER G . -3.58 3.60 -4.84
HO1 RER G . -5.57 5.43 -6.42
H31N RER G . -5.42 3.74 -6.63
H32N RER G . -6.93 4.42 -6.25
H3A1 RER G . -5.84 2.76 -3.18
H3A2 RER G . -7.21 2.91 -4.28
H3A3 RER G . -5.72 2.17 -4.85
H4 RER G . -6.01 6.42 -4.28
HO4 RER G . -7.96 4.47 -3.76
H5 RER G . -6.08 4.36 -2.05
H5A1 RER G . -7.79 6.20 -1.66
H5A2 RER G . -6.44 6.30 -0.53
H5A3 RER G . -6.51 7.39 -1.89
C1 RER H . 4.80 -4.12 3.10
C2 RER H . 4.52 -4.03 4.60
C3 RER H . 3.93 -5.32 5.18
N3 RER H . 3.97 -5.25 6.63
C3A RER H . 2.47 -5.55 4.76
C4 RER H . 4.77 -6.51 4.72
O4 RER H . 4.17 -7.70 5.12
C5 RER H . 4.93 -6.48 3.20
O5 RER H . 5.57 -5.27 2.85
C5A RER H . 5.77 -7.65 2.70
H1 RER H . 5.34 -3.24 2.73
H21C RER H . 5.46 -3.81 5.12
H22C RER H . 3.86 -3.18 4.82
HO1 RER H . 3.59 -6.13 7.04
H31N RER H . 4.96 -5.12 6.94
H32N RER H . 3.40 -4.45 6.96
H3A1 RER H . 2.01 -6.32 5.37
H3A2 RER H . 1.87 -4.65 4.84
H3A3 RER H . 2.39 -5.89 3.73
H4 RER H . 5.75 -6.45 5.19
HO4 RER H . 4.87 -8.30 5.34
H5 RER H . 3.95 -6.48 2.70
H5A1 RER H . 5.89 -7.62 1.62
H5A2 RER H . 6.77 -7.62 3.15
H5A3 RER H . 5.31 -8.59 2.96
N ALA A 1 -5.39 11.15 -4.12
CA ALA A 1 -5.80 9.96 -3.39
C ALA A 1 -4.62 9.00 -3.23
N FGA A 2 -4.00 9.10 -2.03
CA FGA A 2 -2.89 8.21 -1.81
C FGA A 2 -1.60 8.86 -2.32
O FGA A 2 -0.77 9.26 -1.50
CB FGA A 2 -2.78 7.88 -0.32
CG FGA A 2 -4.10 7.36 0.25
CD FGA A 2 -3.90 6.83 1.67
OE1 FGA A 2 -2.80 6.80 2.20
H FGA A 2 -4.28 9.74 -1.32
HA FGA A 2 -3.11 7.31 -2.38
HB2 FGA A 2 -1.99 7.13 -0.18
HB3 FGA A 2 -2.48 8.78 0.22
HG2 FGA A 2 -4.85 8.15 0.25
HG3 FGA A 2 -4.49 6.55 -0.37
N LYS A 3 -5.05 6.45 2.23
CA LYS A 3 -5.07 5.97 3.59
C LYS A 3 -4.21 4.69 3.74
N DAL A 4 -3.47 4.62 4.87
CA DAL A 4 -2.69 3.42 5.04
CB DAL A 4 -3.58 2.30 5.60
C DAL A 4 -1.51 3.69 5.99
O DAL A 4 -1.32 4.80 6.49
H DAL A 4 -3.50 5.35 5.55
HA DAL A 4 -2.28 3.12 4.06
HB1 DAL A 4 -4.42 2.11 4.94
HB2 DAL A 4 -3.02 1.38 5.73
HB3 DAL A 4 -3.98 2.59 6.58
N DAL A 5 -0.76 2.60 6.18
CA DAL A 5 0.39 2.67 7.05
CB DAL A 5 1.39 3.70 6.53
C DAL A 5 1.03 1.29 7.17
O DAL A 5 0.34 0.35 7.55
OXT DAL A 5 2.22 1.16 6.87
H DAL A 5 -1.01 1.74 5.75
HA DAL A 5 0.01 2.98 8.03
HB1 DAL A 5 0.93 4.69 6.44
HB2 DAL A 5 2.25 3.79 7.20
HB3 DAL A 5 1.76 3.41 5.54
N ALA B 1 11.49 -4.17 -1.89
CA ALA B 1 10.94 -3.71 -0.63
C ALA B 1 9.74 -4.57 -0.21
N FGA B 2 9.16 -4.02 0.86
CA FGA B 2 7.97 -4.57 1.46
C FGA B 2 7.73 -3.86 2.79
O FGA B 2 7.68 -4.51 3.82
CB FGA B 2 6.84 -4.38 0.47
CG FGA B 2 6.49 -5.63 -0.34
CD FGA B 2 5.95 -5.36 -1.74
OE1 FGA B 2 6.03 -4.28 -2.31
H FGA B 2 9.56 -3.19 1.27
HA FGA B 2 8.13 -5.64 1.64
HB2 FGA B 2 6.03 -4.09 1.09
HB3 FGA B 2 7.07 -3.54 -0.18
HG2 FGA B 2 7.35 -6.27 -0.47
HG3 FGA B 2 5.77 -6.25 0.18
N LYS B 3 5.40 -6.48 -2.25
CA LYS B 3 4.72 -6.51 -3.52
C LYS B 3 3.52 -5.56 -3.53
N DAL B 4 3.21 -5.09 -4.76
CA DAL B 4 2.07 -4.19 -4.86
CB DAL B 4 0.82 -4.99 -5.24
C DAL B 4 2.39 -3.12 -5.91
O DAL B 4 3.39 -3.16 -6.60
H DAL B 4 3.73 -5.37 -5.56
HA DAL B 4 1.94 -3.70 -3.89
HB1 DAL B 4 0.60 -5.74 -4.50
HB2 DAL B 4 -0.05 -4.32 -5.32
HB3 DAL B 4 0.95 -5.47 -6.20
N DAL B 5 1.44 -2.16 -5.97
CA DAL B 5 1.61 -1.08 -6.92
CB DAL B 5 2.77 -0.17 -6.50
C DAL B 5 0.30 -0.28 -7.03
O DAL B 5 -0.59 -0.73 -7.76
OXT DAL B 5 0.20 0.77 -6.40
H DAL B 5 0.62 -2.20 -5.41
HA DAL B 5 1.82 -1.56 -7.87
HB1 DAL B 5 3.70 -0.73 -6.42
HB2 DAL B 5 2.92 0.62 -7.22
HB3 DAL B 5 2.57 0.29 -5.53
N MLU C 1 1.56 1.72 12.20
CN MLU C 1 2.98 2.06 12.13
CA MLU C 1 1.16 1.03 10.98
C MLU C 1 1.96 -0.25 10.78
O MLU C 1 1.89 -1.18 11.57
CB MLU C 1 -0.33 0.64 11.01
CG MLU C 1 -1.24 1.84 11.28
CD1 MLU C 1 -1.16 2.87 10.14
CD2 MLU C 1 -2.68 1.38 11.46
H1 MLU C 1 1.40 1.09 13.01
H2 MLU C 1 1.00 2.59 12.31
HCN1 MLU C 1 3.27 2.57 13.05
HCN2 MLU C 1 3.56 1.15 12.02
HCN3 MLU C 1 3.14 2.71 11.27
HA MLU C 1 1.33 1.70 10.14
HB2 MLU C 1 -0.49 -0.10 11.78
HB3 MLU C 1 -0.60 0.19 10.06
HG MLU C 1 -0.91 2.32 12.19
HD11 MLU C 1 -1.50 2.43 9.20
HD12 MLU C 1 -1.77 3.74 10.35
HD13 MLU C 1 -0.13 3.21 10.00
HD21 MLU C 1 -2.76 0.66 12.29
HD22 MLU C 1 -3.35 2.21 11.68
HD23 MLU C 1 -3.05 0.88 10.56
N OMZ C 2 2.73 -0.25 9.67
CA OMZ C 2 3.53 -1.44 9.41
C OMZ C 2 2.83 -2.30 8.34
O OMZ C 2 2.84 -3.52 8.44
CB OMZ C 2 4.98 -1.07 9.07
OC OMZ C 2 5.60 -0.51 10.20
CG OMZ C 2 5.05 -0.09 7.95
CD1 OMZ C 2 5.28 -0.54 6.61
CD2 OMZ C 2 4.82 1.32 8.20
CE1 OMZ C 2 5.21 0.39 5.52
CL OMZ C 2 5.44 -0.17 3.90
CE2 OMZ C 2 4.77 2.25 7.10
CZ OMZ C 2 4.90 1.77 5.76
OH OMZ C 2 4.61 2.59 4.66
H OMZ C 2 2.74 0.54 9.05
HA OMZ C 2 3.52 -2.01 10.33
HB OMZ C 2 5.54 -1.96 8.80
HC OMZ C 2 5.64 -1.19 10.86
HD1 OMZ C 2 5.47 -1.59 6.40
HD2 OMZ C 2 4.68 1.67 9.21
HE2 OMZ C 2 4.57 3.29 7.28
N ASN C 3 2.20 -1.65 7.33
CA ASN C 3 1.52 -2.53 6.38
C ASN C 3 1.43 -1.95 4.94
N GHP C 4 0.65 -0.86 4.84
CA GHP C 4 0.50 -0.26 3.52
C GHP C 4 -0.96 0.15 3.27
O GHP C 4 -1.69 0.54 4.18
C1 GHP C 4 1.40 0.95 3.29
C2 GHP C 4 1.10 1.93 2.28
C3 GHP C 4 1.95 3.09 2.04
C4 GHP C 4 3.11 3.26 2.88
O4 GHP C 4 3.92 4.36 2.77
C5 GHP C 4 3.44 2.30 3.90
C6 GHP C 4 2.57 1.15 4.08
H GHP C 4 0.22 -0.45 5.65
HA GHP C 4 0.79 -1.04 2.81
HC2 GHP C 4 0.18 1.82 1.71
H6 GHP C 4 2.79 0.42 4.84
N GHP C 5 -1.31 0.02 1.98
CA GHP C 5 -2.64 0.44 1.57
C GHP C 5 -2.80 0.35 0.04
O GHP C 5 -2.30 -0.58 -0.56
C1 GHP C 5 -3.82 -0.22 2.21
C2 GHP C 5 -4.74 0.65 2.89
C3 GHP C 5 -5.98 0.17 3.39
C4 GHP C 5 -6.29 -1.22 3.28
O4 GHP C 5 -7.49 -1.69 3.78
C5 GHP C 5 -5.38 -2.12 2.61
C6 GHP C 5 -4.14 -1.61 2.08
H GHP C 5 -0.67 -0.34 1.31
HA GHP C 5 -2.62 1.48 1.88
HC2 GHP C 5 -4.50 1.69 2.99
HO4 GHP C 5 -7.97 -0.97 4.18
H5 GHP C 5 -5.63 -3.17 2.51
H6 GHP C 5 -3.47 -2.28 1.56
N OMY C 6 -3.50 1.33 -0.59
CA OMY C 6 -4.15 2.51 -0.02
OCZ OMY C 6 1.72 4.06 1.03
CE2 OMY C 6 0.18 3.79 -0.90
CE1 OMY C 6 -0.66 4.53 1.32
CZ OMY C 6 0.44 4.17 0.47
CG OMY C 6 -2.29 3.99 -0.48
CD2 OMY C 6 -1.19 3.70 -1.37
CD1 OMY C 6 -2.00 4.45 0.85
CB OMY C 6 -3.73 3.73 -0.83
CL OMY C 6 -0.34 5.03 2.95
O OMY C 6 -6.37 1.87 -0.79
C OMY C 6 -5.67 2.29 0.12
ODE OMY C 6 -3.90 3.51 -2.21
H OMY C 6 -3.58 1.24 -1.59
HA OMY C 6 -3.78 2.64 0.99
HE2 OMY C 6 0.99 3.55 -1.55
HD2 OMY C 6 -1.38 3.39 -2.39
HD1 OMY C 6 -2.82 4.70 1.51
HB OMY C 6 -4.33 4.59 -0.52
N 3FG C 7 -6.09 2.59 1.36
OD1 3FG C 7 -6.35 -0.01 6.11
CD1 3FG C 7 -7.00 1.02 5.46
CG1 3FG C 7 -6.87 1.16 4.05
CZ 3FG C 7 -7.79 1.95 6.22
CD2 3FG C 7 -8.47 3.03 5.56
OD2 3FG C 7 -9.23 3.92 6.28
CG2 3FG C 7 -8.35 3.16 4.14
CB 3FG C 7 -7.56 2.24 3.36
CA 3FG C 7 -7.44 2.43 1.83
C 3FG C 7 -8.22 3.65 1.29
O 3FG C 7 -9.41 3.51 1.00
OXT 3FG C 7 -7.61 4.71 1.17
H 3FG C 7 -5.42 2.93 2.02
HA 3FG C 7 -7.76 1.52 1.34
HD1 3FG C 7 -6.53 0.04 7.04
HZ 3FG C 7 -7.84 1.84 7.29
HD2 3FG C 7 -9.61 4.57 5.70
HG2 3FG C 7 -8.85 3.98 3.64
N MLU D 1 0.33 0.11 -12.18
CN MLU D 1 0.94 1.44 -12.18
CA MLU D 1 -0.34 -0.13 -10.91
C MLU D 1 -1.44 0.91 -10.67
O MLU D 1 -2.31 1.13 -11.50
CB MLU D 1 -0.99 -1.52 -10.85
CG MLU D 1 0.03 -2.65 -10.98
CD1 MLU D 1 1.05 -2.59 -9.85
CD2 MLU D 1 -0.68 -4.01 -10.98
H1 MLU D 1 -0.35 0.04 -12.94
H2 MLU D 1 1.08 -0.60 -12.30
HCN1 MLU D 1 1.66 1.51 -11.36
HCN2 MLU D 1 1.44 1.59 -13.14
HCN3 MLU D 1 0.15 2.18 -12.04
HA MLU D 1 0.40 -0.05 -10.11
HB2 MLU D 1 -1.73 -1.60 -11.64
HB3 MLU D 1 -1.53 -1.63 -9.90
HG MLU D 1 0.55 -2.53 -11.92
HD11 MLU D 1 0.57 -2.72 -8.88
HD12 MLU D 1 1.80 -3.38 -9.96
HD13 MLU D 1 1.57 -1.63 -9.84
HD21 MLU D 1 -1.40 -4.06 -11.80
HD22 MLU D 1 0.03 -4.82 -11.10
HD23 MLU D 1 -1.23 -4.16 -10.05
N OMZ D 2 -1.33 1.53 -9.47
CA OMZ D 2 -2.34 2.54 -9.14
C OMZ D 2 -3.10 2.11 -7.87
O OMZ D 2 -4.26 2.46 -7.69
CB OMZ D 2 -1.73 3.94 -9.06
OC OMZ D 2 -1.08 4.24 -10.28
CG OMZ D 2 -0.74 4.06 -7.94
CD1 OMZ D 2 -0.99 4.96 -6.85
CD2 OMZ D 2 0.44 3.23 -7.94
CE1 OMZ D 2 -0.09 4.98 -5.73
CL OMZ D 2 -0.40 6.04 -4.40
CE2 OMZ D 2 1.34 3.25 -6.82
CZ OMZ D 2 1.05 4.10 -5.68
OH OMZ D 2 1.79 3.97 -4.51
H OMZ D 2 -0.59 1.30 -8.84
HA OMZ D 2 -3.06 2.51 -9.95
HB OMZ D 2 -2.51 4.69 -8.92
HC OMZ D 2 -1.76 4.27 -10.94
HD1 OMZ D 2 -1.85 5.61 -6.86
HD2 OMZ D 2 0.67 2.58 -8.77
HE2 OMZ D 2 2.21 2.61 -6.81
N ASN D 3 -2.43 1.33 -6.97
CA ASN D 3 -3.20 0.89 -5.82
C ASN D 3 -2.40 0.87 -4.50
N GHP D 4 -1.49 -0.12 -4.43
CA GHP D 4 -0.72 -0.24 -3.19
C GHP D 4 -0.39 -1.72 -2.89
O GHP D 4 -0.24 -2.57 -3.76
C1 GHP D 4 0.53 0.61 -3.16
C2 GHP D 4 1.69 0.24 -2.40
C3 GHP D 4 2.86 1.11 -2.30
C4 GHP D 4 2.84 2.35 -3.03
O4 GHP D 4 3.92 3.19 -2.95
C5 GHP D 4 1.71 2.74 -3.84
C6 GHP D 4 0.56 1.84 -3.87
H GHP D 4 -1.29 -0.68 -5.24
HA GHP D 4 -1.40 0.13 -2.43
HC2 GHP D 4 1.71 -0.72 -1.89
H6 GHP D 4 -0.31 2.11 -4.46
N GHP D 5 -0.28 -1.93 -1.57
CA GHP D 5 0.09 -3.22 -1.02
C GHP D 5 0.25 -3.11 0.50
O GHP D 5 -0.52 -2.41 1.14
C1 GHP D 5 -0.82 -4.37 -1.30
C2 GHP D 5 -0.24 -5.50 -1.96
C3 GHP D 5 -0.94 -6.71 -2.13
C4 GHP D 5 -2.29 -6.80 -1.68
O4 GHP D 5 -3.00 -7.98 -1.87
C5 GHP D 5 -2.93 -5.68 -1.05
C6 GHP D 5 -2.19 -4.46 -0.84
H GHP D 5 -0.45 -1.16 -0.94
HA GHP D 5 1.05 -3.40 -1.48
HC2 GHP D 5 0.78 -5.43 -2.30
HO4 GHP D 5 -3.88 -7.88 -1.52
H5 GHP D 5 -3.96 -5.75 -0.70
H6 GHP D 5 -2.65 -3.62 -0.35
N OMY D 6 1.26 -3.82 1.10
CA OMY D 6 2.26 -4.70 0.48
OCZ OMY D 6 4.03 0.87 -1.53
CE2 OMY D 6 4.08 -0.42 0.59
CE1 OMY D 6 4.18 -1.56 -1.61
CZ OMY D 6 4.14 -0.35 -0.85
CG OMY D 6 3.93 -2.91 0.46
CD2 OMY D 6 3.97 -1.70 1.24
CD1 OMY D 6 4.09 -2.83 -0.97
CB OMY D 6 3.62 -4.27 1.05
CL OMY D 6 4.31 -1.48 -3.33
O OMY D 6 1.62 -6.69 1.73
C OMY D 6 1.87 -6.19 0.64
ODE OMY D 6 3.55 -4.22 2.46
H OMY D 6 1.30 -3.68 2.09
HA OMY D 6 2.32 -4.54 -0.59
HE2 OMY D 6 4.13 0.50 1.15
HD2 OMY D 6 3.89 -1.76 2.32
HD1 OMY D 6 4.10 -3.75 -1.54
HB OMY D 6 4.34 -5.02 0.74
N 3FG D 7 1.82 -6.81 -0.55
OD1 3FG D 7 -1.74 -7.54 -4.64
CD1 3FG D 7 -0.65 -8.18 -4.09
CG1 3FG D 7 -0.20 -7.83 -2.78
CZ 3FG D 7 0.04 -9.18 -4.85
CD2 3FG D 7 1.18 -9.85 -4.30
OD2 3FG D 7 1.85 -10.80 -5.03
CG2 3FG D 7 1.62 -9.52 -2.97
CB 3FG D 7 0.94 -8.51 -2.19
CA 3FG D 7 1.43 -8.19 -0.75
C 3FG D 7 2.62 -9.05 -0.30
O 3FG D 7 2.40 -10.05 0.39
OXT 3FG D 7 3.76 -8.70 -0.63
H 3FG D 7 2.06 -6.29 -1.37
HA 3FG D 7 0.59 -8.31 -0.06
HD1 3FG D 7 -1.90 -7.87 -5.51
HZ 3FG D 7 -0.30 -9.39 -5.85
HD2 3FG D 7 2.57 -11.14 -4.52
HG2 3FG D 7 2.49 -10.00 -2.56
C2 BGC E . 5.46 5.67 1.52
C3 BGC E . 6.37 5.71 0.30
C4 BGC E . 7.06 4.37 0.07
C5 BGC E . 6.06 3.22 0.18
C6 BGC E . 6.73 1.86 0.12
C1 BGC E . 4.58 4.43 1.53
O2 BGC E . 4.66 6.82 1.56
O3 BGC E . 7.33 6.72 0.48
O4 BGC E . 7.62 4.34 -1.22
O5 BGC E . 5.41 3.29 1.43
O6 BGC E . 7.96 1.84 0.82
H2 BGC E . 6.08 5.65 2.42
H3 BGC E . 5.78 5.96 -0.59
H4 BGC E . 7.86 4.23 0.80
H5 BGC E . 5.32 3.29 -0.61
H61 BGC E . 6.08 1.12 0.57
H62 BGC E . 6.90 1.55 -0.91
H1 BGC E . 3.86 4.43 0.71
HO3 BGC E . 7.84 6.47 1.24
HO4 BGC E . 8.53 4.61 -1.13
HO6 BGC E . 8.29 0.96 0.74
C1 RER E . 5.21 7.82 2.39
C2 RER E . 4.37 9.11 2.30
C3 RER E . 2.99 8.95 2.95
N3 RER E . 2.38 10.27 3.10
C3A RER E . 2.09 8.11 2.06
C4 RER E . 3.14 8.31 4.32
O4 RER E . 1.87 8.03 4.86
C5 RER E . 3.95 7.02 4.21
O5 RER E . 5.23 7.35 3.72
C5A RER E . 4.08 6.28 5.53
H1 RER E . 6.22 8.02 2.06
H21C RER E . 4.90 9.90 2.82
H22C RER E . 4.27 9.43 1.27
HO1 RER E . 1.45 10.18 3.54
H31N RER E . 2.28 10.72 2.17
H32N RER E . 2.99 10.87 3.71
H3A1 RER E . 1.95 8.58 1.08
H3A2 RER E . 2.51 7.11 1.89
H3A3 RER E . 1.10 7.99 2.51
H4 RER E . 3.64 9.00 5.01
HO4 RER E . 1.93 8.18 5.79
H5 RER E . 3.46 6.37 3.48
H5A1 RER E . 3.10 6.00 5.92
H5A2 RER E . 4.67 5.36 5.41
H5A3 RER E . 4.58 6.91 6.28
C2 BGC F . 5.55 4.47 -4.11
C3 BGC F . 6.45 4.54 -5.34
C4 BGC F . 7.02 3.16 -5.67
C5 BGC F . 5.94 2.09 -5.66
C6 BGC F . 6.58 0.72 -5.85
C1 BGC F . 4.58 3.30 -4.20
O2 BGC F . 4.80 5.66 -4.02
O3 BGC F . 7.49 5.44 -5.07
O4 BGC F . 7.61 3.20 -6.96
O5 BGC F . 5.28 2.11 -4.42
O6 BGC F . 7.56 0.49 -4.87
H2 BGC F . 6.16 4.33 -3.22
H3 BGC F . 5.87 4.92 -6.18
H4 BGC F . 7.78 2.87 -4.95
H5 BGC F . 5.21 2.28 -6.45
H61 BGC F . 5.83 -0.06 -5.76
H62 BGC F . 7.05 0.64 -6.83
H1 BGC F . 3.87 3.47 -5.02
HO3 BGC F . 7.68 5.89 -5.89
HO4 BGC F . 8.52 3.40 -6.83
HO6 BGC F . 7.91 -0.38 -5.03
C1 RER F . 5.18 6.52 -2.98
C2 RER F . 5.34 7.94 -3.52
C3 RER F . 4.00 8.52 -4.00
N3 RER F . 4.17 9.95 -4.25
C3A RER F . 3.51 7.84 -5.28
C4 RER F . 2.96 8.34 -2.89
O4 RER F . 1.70 8.75 -3.35
C5 RER F . 2.91 6.88 -2.44
O5 RER F . 4.18 6.51 -1.97
C5A RER F . 1.91 6.69 -1.30
H1 RER F . 6.11 6.19 -2.53
H21C RER F . 5.74 8.58 -2.74
H22C RER F . 6.05 7.95 -4.34
HO1 RER F . 4.48 10.42 -3.39
H31N RER F . 3.26 10.35 -4.57
H32N RER F . 4.88 10.08 -5.01
H3A1 RER F . 4.27 7.91 -6.06
H3A2 RER F . 3.28 6.80 -5.11
H3A3 RER F . 2.60 8.33 -5.64
H4 RER F . 3.22 8.98 -2.03
HO4 RER F . 1.25 9.15 -2.62
H5 RER F . 2.64 6.24 -3.28
H5A1 RER F . 0.90 6.95 -1.60
H5A2 RER F . 1.89 5.65 -0.97
H5A3 RER F . 2.17 7.30 -0.44
C1 RER G . -3.75 4.69 -2.95
C2 RER G . -4.10 4.47 -4.44
C3 RER G . -5.61 4.35 -4.67
N3 RER G . -5.89 4.49 -6.09
C3A RER G . -6.12 2.97 -4.21
C4 RER G . -6.33 5.45 -3.90
O4 RER G . -7.72 5.34 -4.05
C5 RER G . -5.93 5.38 -2.44
O5 RER G . -4.56 5.70 -2.38
C5A RER G . -6.72 6.38 -1.58
H1 RER G . -2.72 5.02 -2.89
H21C RER G . -3.75 5.33 -5.00
H22C RER G . -3.59 3.60 -4.82
HO1 RER G . -6.92 4.42 -6.25
H31N RER G . -5.56 5.42 -6.42
H32N RER G . -5.40 3.74 -6.62
H3A1 RER G . -7.20 2.92 -4.27
H3A2 RER G . -5.83 2.76 -3.18
H3A3 RER G . -5.71 2.18 -4.84
H4 RER G . -6.01 6.43 -4.28
HO4 RER G . -7.95 5.90 -4.77
H5 RER G . -6.08 4.37 -2.05
H5A1 RER G . -6.52 7.40 -1.90
H5A2 RER G . -7.80 6.21 -1.67
H5A3 RER G . -6.45 6.29 -0.53
C1 RER H . 4.80 -4.12 3.11
C2 RER H . 4.52 -4.03 4.60
C3 RER H . 3.93 -5.31 5.18
N3 RER H . 3.97 -5.25 6.63
C3A RER H . 2.47 -5.54 4.76
C4 RER H . 4.77 -6.50 4.72
O4 RER H . 4.17 -7.70 5.12
C5 RER H . 4.93 -6.48 3.20
O5 RER H . 5.57 -5.28 2.86
C5A RER H . 5.77 -7.65 2.71
H1 RER H . 5.34 -3.24 2.73
H21C RER H . 5.46 -3.81 5.12
H22C RER H . 3.87 -3.18 4.82
HO1 RER H . 3.40 -4.45 6.96
H31N RER H . 4.96 -5.12 6.94
H32N RER H . 3.60 -6.12 7.04
H3A1 RER H . 2.39 -5.88 3.73
H3A2 RER H . 2.01 -6.32 5.37
H3A3 RER H . 1.86 -4.64 4.84
H4 RER H . 5.75 -6.45 5.19
HO4 RER H . 4.87 -8.30 5.34
H5 RER H . 3.96 -6.48 2.71
H5A1 RER H . 6.77 -7.62 3.15
H5A2 RER H . 5.31 -8.59 2.97
H5A3 RER H . 5.89 -7.62 1.62
N ALA A 1 -5.61 11.00 -4.18
CA ALA A 1 -5.97 9.81 -3.42
C ALA A 1 -4.77 8.90 -3.25
N FGA A 2 -4.18 9.01 -2.04
CA FGA A 2 -3.04 8.16 -1.80
C FGA A 2 -1.77 8.84 -2.31
O FGA A 2 -1.44 8.67 -3.49
CB FGA A 2 -2.93 7.84 -0.31
CG FGA A 2 -4.24 7.27 0.24
CD FGA A 2 -4.04 6.76 1.67
OE1 FGA A 2 -2.94 6.76 2.22
H FGA A 2 -4.49 9.65 -1.33
HA FGA A 2 -3.23 7.25 -2.37
HB2 FGA A 2 -2.12 7.13 -0.15
HB3 FGA A 2 -2.68 8.75 0.22
HG2 FGA A 2 -5.00 8.04 0.24
HG3 FGA A 2 -4.60 6.46 -0.37
N LYS A 3 -5.18 6.36 2.24
CA LYS A 3 -5.19 5.87 3.59
C LYS A 3 -4.29 4.63 3.74
N DAL A 4 -3.61 4.57 4.90
CA DAL A 4 -2.77 3.38 5.08
CB DAL A 4 -3.63 2.26 5.64
C DAL A 4 -1.61 3.69 6.01
O DAL A 4 -1.44 4.80 6.51
H DAL A 4 -3.66 5.27 5.59
HA DAL A 4 -2.36 3.09 4.10
HB1 DAL A 4 -4.47 2.03 4.98
HB2 DAL A 4 -3.05 1.34 5.77
HB3 DAL A 4 -4.04 2.53 6.61
N DAL A 5 -0.82 2.62 6.21
CA DAL A 5 0.34 2.74 7.08
CB DAL A 5 1.31 3.78 6.52
C DAL A 5 1.00 1.36 7.22
O DAL A 5 2.20 1.27 7.00
OXT DAL A 5 0.30 0.41 7.53
H DAL A 5 -1.04 1.75 5.78
HA DAL A 5 -0.05 3.05 8.04
HB1 DAL A 5 0.84 4.75 6.43
HB2 DAL A 5 2.17 3.89 7.19
HB3 DAL A 5 1.68 3.47 5.54
N ALA B 1 11.01 -3.26 1.50
CA ALA B 1 9.86 -3.36 2.38
C ALA B 1 8.61 -2.82 1.70
N FGA B 2 8.42 -3.35 0.48
CA FGA B 2 7.25 -2.87 -0.23
C FGA B 2 7.50 -1.41 -0.63
O FGA B 2 6.84 -0.94 -1.55
CB FGA B 2 6.98 -3.67 -1.49
CG FGA B 2 6.30 -5.01 -1.23
CD FGA B 2 5.57 -5.41 -2.51
OE1 FGA B 2 5.34 -4.59 -3.39
H FGA B 2 9.04 -4.06 0.14
HA FGA B 2 6.41 -2.95 0.44
HB2 FGA B 2 6.30 -3.07 -2.08
HB3 FGA B 2 7.89 -3.82 -2.07
HG2 FGA B 2 6.99 -5.79 -0.93
HG3 FGA B 2 5.55 -4.89 -0.46
N LYS B 3 5.26 -6.71 -2.58
CA LYS B 3 4.56 -7.10 -3.79
C LYS B 3 3.24 -6.33 -3.87
N DAL B 4 3.27 -5.35 -4.79
CA DAL B 4 2.10 -4.50 -4.98
CB DAL B 4 0.87 -5.33 -5.37
C DAL B 4 2.42 -3.46 -6.06
O DAL B 4 3.23 -3.68 -6.95
H DAL B 4 4.08 -5.29 -5.36
HA DAL B 4 1.93 -3.97 -4.04
HB1 DAL B 4 0.63 -6.06 -4.61
HB2 DAL B 4 0.00 -4.68 -5.51
HB3 DAL B 4 1.04 -5.86 -6.32
N DAL B 5 1.73 -2.32 -5.90
CA DAL B 5 1.93 -1.24 -6.85
CB DAL B 5 3.12 -0.39 -6.43
C DAL B 5 0.66 -0.40 -6.94
O DAL B 5 -0.32 -0.88 -7.53
OXT DAL B 5 0.66 0.73 -6.45
H DAL B 5 1.04 -2.20 -5.19
HA DAL B 5 2.12 -1.74 -7.78
HB1 DAL B 5 4.03 -1.00 -6.36
HB2 DAL B 5 3.31 0.40 -7.17
HB3 DAL B 5 2.96 0.08 -5.47
N MLU C 1 1.57 1.87 12.14
CN MLU C 1 2.98 2.22 12.04
CA MLU C 1 1.14 1.13 10.95
C MLU C 1 1.96 -0.14 10.77
O MLU C 1 1.93 -1.05 11.60
CB MLU C 1 -0.33 0.73 11.02
CG MLU C 1 -1.26 1.93 11.29
CD1 MLU C 1 -1.20 2.95 10.16
CD2 MLU C 1 -2.68 1.44 11.51
H1 MLU C 1 1.43 1.26 12.98
H2 MLU C 1 1.00 2.72 12.24
HCN1 MLU C 1 3.58 1.31 11.94
HCN2 MLU C 1 3.12 2.85 11.16
HCN3 MLU C 1 3.27 2.75 12.94
HA MLU C 1 1.31 1.79 10.09
HB2 MLU C 1 -0.46 -0.01 11.80
HB3 MLU C 1 -0.62 0.26 10.08
HG MLU C 1 -0.91 2.41 12.22
HD11 MLU C 1 -1.55 2.50 9.23
HD12 MLU C 1 -0.17 3.30 10.02
HD13 MLU C 1 -1.82 3.80 10.39
HD21 MLU C 1 -3.06 0.94 10.62
HD22 MLU C 1 -3.35 2.27 11.74
HD23 MLU C 1 -2.74 0.73 12.34
N OMZ C 2 2.70 -0.16 9.65
CA OMZ C 2 3.52 -1.35 9.40
C OMZ C 2 2.81 -2.26 8.38
O OMZ C 2 2.94 -3.47 8.45
CB OMZ C 2 4.98 -0.98 9.05
OC OMZ C 2 5.60 -0.46 10.19
CG OMZ C 2 5.05 0.03 7.96
CD1 OMZ C 2 5.33 -0.38 6.61
CD2 OMZ C 2 4.80 1.43 8.23
CE1 OMZ C 2 5.27 0.57 5.55
CL OMZ C 2 5.56 0.06 3.92
CE2 OMZ C 2 4.74 2.38 7.16
CZ OMZ C 2 4.92 1.95 5.80
OH OMZ C 2 4.62 2.77 4.72
H OMZ C 2 2.70 0.60 9.01
HA OMZ C 2 3.52 -1.91 10.33
HB OMZ C 2 5.52 -1.87 8.76
HC OMZ C 2 5.20 0.39 10.36
HD1 OMZ C 2 5.55 -1.42 6.40
HD2 OMZ C 2 4.63 1.75 9.25
HE2 OMZ C 2 4.52 3.42 7.36
N ASN C 3 2.05 -1.65 7.44
CA ASN C 3 1.35 -2.55 6.51
C ASN C 3 1.20 -2.00 5.09
N GHP C 4 0.73 -0.74 4.99
CA GHP C 4 0.58 -0.18 3.64
C GHP C 4 -0.90 0.17 3.37
O GHP C 4 -1.66 0.55 4.26
C1 GHP C 4 1.42 1.06 3.38
C2 GHP C 4 1.10 2.00 2.36
C3 GHP C 4 1.93 3.17 2.08
C4 GHP C 4 3.10 3.36 2.90
O4 GHP C 4 3.91 4.48 2.72
C5 GHP C 4 3.45 2.45 3.96
C6 GHP C 4 2.59 1.31 4.16
H GHP C 4 0.50 -0.20 5.80
HA GHP C 4 0.92 -0.96 2.96
HC2 GHP C 4 0.19 1.88 1.79
H6 GHP C 4 2.83 0.60 4.96
N GHP C 5 -1.24 0.03 2.08
CA GHP C 5 -2.58 0.41 1.64
C GHP C 5 -2.72 0.31 0.12
O GHP C 5 -2.19 -0.62 -0.47
C1 GHP C 5 -3.75 -0.28 2.28
C2 GHP C 5 -4.70 0.55 2.94
C3 GHP C 5 -5.93 0.05 3.43
C4 GHP C 5 -6.20 -1.35 3.32
O4 GHP C 5 -7.38 -1.86 3.82
C5 GHP C 5 -5.25 -2.23 2.68
C6 GHP C 5 -4.02 -1.69 2.15
H GHP C 5 -0.57 -0.30 1.42
HA GHP C 5 -2.59 1.45 1.94
HC2 GHP C 5 -4.49 1.61 3.03
HO4 GHP C 5 -7.41 -2.80 3.66
H5 GHP C 5 -5.46 -3.28 2.59
H6 GHP C 5 -3.31 -2.34 1.65
N OMY C 6 -3.44 1.27 -0.55
CA OMY C 6 -4.13 2.43 0.02
OCZ OMY C 6 1.69 4.12 1.04
CE2 OMY C 6 0.15 3.78 -0.88
CE1 OMY C 6 -0.70 4.54 1.33
CZ OMY C 6 0.41 4.18 0.48
CG OMY C 6 -2.31 3.96 -0.47
CD2 OMY C 6 -1.21 3.66 -1.36
CD1 OMY C 6 -2.04 4.44 0.86
CB OMY C 6 -3.75 3.65 -0.81
CL OMY C 6 -0.39 5.08 2.94
O OMY C 6 -6.32 1.71 -0.77
C OMY C 6 -5.65 2.15 0.15
ODE OMY C 6 -3.91 3.43 -2.19
H OMY C 6 -3.50 1.16 -1.54
HA OMY C 6 -3.78 2.58 1.03
HE2 OMY C 6 0.97 3.53 -1.54
HD2 OMY C 6 -1.40 3.33 -2.36
HD1 OMY C 6 -2.86 4.70 1.51
HB OMY C 6 -4.37 4.49 -0.50
N 3FG C 7 -6.09 2.46 1.39
OD1 3FG C 7 -6.33 -0.13 6.15
CD1 3FG C 7 -7.01 0.88 5.48
CG1 3FG C 7 -6.87 1.02 4.07
CZ 3FG C 7 -7.83 1.78 6.23
CD2 3FG C 7 -8.53 2.83 5.55
OD2 3FG C 7 -9.33 3.72 6.25
CG2 3FG C 7 -8.40 2.98 4.13
CB 3FG C 7 -7.56 2.07 3.36
CA 3FG C 7 -7.44 2.26 1.84
C 3FG C 7 -8.24 3.44 1.28
O 3FG C 7 -9.42 3.27 0.97
OXT 3FG C 7 -7.67 4.54 1.15
H 3FG C 7 -5.42 2.82 2.05
HA 3FG C 7 -7.72 1.33 1.34
HD1 3FG C 7 -5.83 -0.63 5.52
HZ 3FG C 7 -7.89 1.67 7.30
HD2 3FG C 7 -9.71 4.35 5.66
HG2 3FG C 7 -8.91 3.78 3.62
N MLU D 1 0.29 0.40 -12.30
CN MLU D 1 0.86 1.75 -12.33
CA MLU D 1 -0.33 0.16 -11.00
C MLU D 1 -1.44 1.17 -10.73
O MLU D 1 -2.33 1.38 -11.53
CB MLU D 1 -0.93 -1.25 -10.90
CG MLU D 1 0.13 -2.35 -11.00
CD1 MLU D 1 1.12 -2.26 -9.84
CD2 MLU D 1 -0.54 -3.72 -11.01
H1 MLU D 1 -0.42 0.31 -13.04
H2 MLU D 1 1.06 -0.29 -12.45
HCN1 MLU D 1 1.61 1.85 -11.54
HCN2 MLU D 1 1.32 1.92 -13.31
HCN3 MLU D 1 0.06 2.48 -12.18
HA MLU D 1 0.44 0.27 -10.23
HB2 MLU D 1 -1.66 -1.38 -11.70
HB3 MLU D 1 -1.47 -1.34 -9.97
HG MLU D 1 0.67 -2.22 -11.94
HD11 MLU D 1 1.61 -1.29 -9.82
HD12 MLU D 1 0.60 -2.40 -8.90
HD13 MLU D 1 1.88 -3.03 -9.93
HD21 MLU D 1 -1.24 -3.82 -11.84
HD22 MLU D 1 -1.10 -3.89 -10.08
HD23 MLU D 1 0.20 -4.52 -11.10
N OMZ D 2 -1.33 1.78 -9.53
CA OMZ D 2 -2.34 2.74 -9.13
C OMZ D 2 -3.12 2.23 -7.90
O OMZ D 2 -4.28 2.56 -7.74
CB OMZ D 2 -1.74 4.16 -8.99
OC OMZ D 2 -1.13 4.54 -10.19
CG OMZ D 2 -0.74 4.24 -7.88
CD1 OMZ D 2 -0.97 5.10 -6.74
CD2 OMZ D 2 0.45 3.42 -7.93
CE1 OMZ D 2 -0.06 5.06 -5.63
CL OMZ D 2 -0.36 6.06 -4.25
CE2 OMZ D 2 1.35 3.39 -6.80
CZ OMZ D 2 1.07 4.17 -5.63
OH OMZ D 2 1.81 3.99 -4.47
H OMZ D 2 -0.58 1.54 -8.91
HA OMZ D 2 -3.05 2.76 -9.97
HB OMZ D 2 -2.53 4.87 -8.79
HC OMZ D 2 -1.81 4.60 -10.84
HD1 OMZ D 2 -1.82 5.75 -6.71
HD2 OMZ D 2 0.66 2.81 -8.79
HE2 OMZ D 2 2.21 2.75 -6.83
N ASN D 3 -2.44 1.40 -7.06
CA ASN D 3 -3.21 0.85 -5.95
C ASN D 3 -2.44 0.81 -4.61
N GHP D 4 -1.47 -0.13 -4.57
CA GHP D 4 -0.74 -0.27 -3.33
C GHP D 4 -0.46 -1.74 -3.01
O GHP D 4 -0.36 -2.61 -3.87
C1 GHP D 4 0.53 0.56 -3.28
C2 GHP D 4 1.72 0.12 -2.61
C3 GHP D 4 2.90 0.98 -2.49
C4 GHP D 4 2.86 2.26 -3.12
O4 GHP D 4 3.94 3.09 -3.01
C5 GHP D 4 1.71 2.72 -3.86
C6 GHP D 4 0.54 1.84 -3.91
H GHP D 4 -1.22 -0.62 -5.41
HA GHP D 4 -1.41 0.12 -2.56
HC2 GHP D 4 1.73 -0.87 -2.17
H6 GHP D 4 -0.34 2.16 -4.45
N GHP D 5 -0.34 -1.92 -1.69
CA GHP D 5 -0.01 -3.20 -1.10
C GHP D 5 0.10 -3.08 0.43
O GHP D 5 -0.70 -2.36 1.03
C1 GHP D 5 -0.92 -4.35 -1.41
C2 GHP D 5 -0.30 -5.52 -1.95
C3 GHP D 5 -1.00 -6.73 -2.14
C4 GHP D 5 -2.40 -6.77 -1.82
O4 GHP D 5 -3.11 -7.94 -2.02
C5 GHP D 5 -3.07 -5.61 -1.29
C6 GHP D 5 -2.32 -4.40 -1.08
H GHP D 5 -0.46 -1.13 -1.08
HA GHP D 5 0.96 -3.40 -1.55
HC2 GHP D 5 0.75 -5.47 -2.18
HO4 GHP D 5 -4.02 -7.81 -1.76
H5 GHP D 5 -4.13 -5.65 -1.05
H6 GHP D 5 -2.81 -3.52 -0.67
N OMY D 6 1.06 -3.78 1.08
CA OMY D 6 2.07 -4.67 0.50
OCZ OMY D 6 4.10 0.69 -1.79
CE2 OMY D 6 4.03 -0.45 0.39
CE1 OMY D 6 4.18 -1.74 -1.72
CZ OMY D 6 4.14 -0.48 -1.05
CG OMY D 6 3.79 -2.94 0.41
CD2 OMY D 6 3.83 -1.67 1.12
CD1 OMY D 6 4.02 -2.97 -1.01
CB OMY D 6 3.42 -4.24 1.10
CL OMY D 6 4.38 -1.77 -3.44
O OMY D 6 1.30 -6.61 1.74
C OMY D 6 1.67 -6.14 0.67
ODE OMY D 6 3.31 -4.07 2.48
H OMY D 6 1.09 -3.66 2.07
HA OMY D 6 2.11 -4.51 -0.57
HE2 OMY D 6 4.07 0.51 0.90
HD2 OMY D 6 3.70 -1.65 2.19
HD1 OMY D 6 4.01 -3.90 -1.52
HB OMY D 6 4.17 -5.01 0.91
N 3FG D 7 1.75 -6.81 -0.50
OD1 3FG D 7 -1.78 -7.68 -4.58
CD1 3FG D 7 -0.71 -8.33 -3.98
CG1 3FG D 7 -0.27 -7.91 -2.69
CZ 3FG D 7 -0.08 -9.42 -4.65
CD2 3FG D 7 1.03 -10.10 -4.04
OD2 3FG D 7 1.65 -11.14 -4.69
CG2 3FG D 7 1.47 -9.67 -2.74
CB 3FG D 7 0.85 -8.58 -2.04
CA 3FG D 7 1.37 -8.19 -0.64
C 3FG D 7 2.59 -9.01 -0.17
O 3FG D 7 2.40 -9.95 0.60
OXT 3FG D 7 3.70 -8.67 -0.58
H 3FG D 7 2.10 -6.33 -1.32
HA 3FG D 7 0.55 -8.28 0.07
HD1 3FG D 7 -2.08 -6.99 -4.01
HZ 3FG D 7 -0.42 -9.70 -5.63
HD2 3FG D 7 2.36 -11.47 -4.15
HG2 3FG D 7 2.31 -10.19 -2.28
C2 BGC E . 5.71 5.56 1.62
C3 BGC E . 6.72 5.47 0.48
C4 BGC E . 7.38 4.09 0.46
C5 BGC E . 6.31 3.00 0.51
C6 BGC E . 6.90 1.60 0.68
C1 BGC E . 4.72 4.39 1.58
O2 BGC E . 5.01 6.79 1.55
O3 BGC E . 7.70 6.47 0.67
O4 BGC E . 8.11 3.94 -0.74
O5 BGC E . 5.49 3.21 1.63
O6 BGC E . 7.80 1.56 1.75
H2 BGC E . 6.24 5.52 2.57
H3 BGC E . 6.22 5.67 -0.48
H4 BGC E . 8.06 3.99 1.29
H5 BGC E . 5.70 3.06 -0.40
H61 BGC E . 6.10 0.89 0.89
H62 BGC E . 7.42 1.25 -0.21
H1 BGC E . 4.12 4.40 0.68
HO3 BGC E . 8.13 6.27 1.49
HO4 BGC E . 9.00 4.17 -0.55
HO6 BGC E . 8.11 0.67 1.82
C1 RER E . 5.61 7.78 2.35
C2 RER E . 4.88 9.12 2.21
C3 RER E . 3.49 9.09 2.85
N3 RER E . 2.99 10.45 2.95
C3A RER E . 2.53 8.27 1.98
C4 RER E . 3.59 8.48 4.25
O4 RER E . 2.30 8.32 4.79
C5 RER E . 4.30 7.14 4.18
O5 RER E . 5.60 7.36 3.69
C5A RER E . 4.37 6.43 5.53
H1 RER E . 6.65 7.89 2.02
H21C RER E . 5.48 9.89 2.70
H22C RER E . 4.82 9.41 1.16
HO1 RER E . 2.92 10.87 2.00
H31N RER E . 3.63 11.02 3.54
H32N RER E . 2.04 10.44 3.38
H3A1 RER E . 2.88 7.25 1.86
H3A2 RER E . 1.53 8.24 2.43
H3A3 RER E . 2.44 8.72 0.98
H4 RER E . 4.14 9.16 4.91
HO4 RER E . 2.37 8.51 5.71
H5 RER E . 3.76 6.51 3.48
H5A1 RER E . 3.37 6.24 5.93
H5A2 RER E . 4.88 5.47 5.45
H5A3 RER E . 4.91 7.03 6.26
C2 BGC F . 5.69 4.27 -4.06
C3 BGC F . 6.61 4.35 -5.27
C4 BGC F . 7.12 2.95 -5.64
C5 BGC F . 5.99 1.94 -5.69
C6 BGC F . 6.57 0.54 -5.90
C1 BGC F . 4.65 3.18 -4.24
O2 BGC F . 5.02 5.50 -3.92
O3 BGC F . 7.70 5.18 -4.95
O4 BGC F . 7.75 2.99 -6.90
O5 BGC F . 5.28 1.96 -4.47
O6 BGC F . 7.50 0.24 -4.89
H2 BGC F . 6.27 4.05 -3.17
H3 BGC F . 6.08 4.79 -6.11
H4 BGC F . 7.85 2.60 -4.91
H5 BGC F . 5.30 2.18 -6.50
H61 BGC F . 5.78 -0.20 -5.85
H62 BGC F . 7.07 0.45 -6.86
H1 BGC F . 3.96 3.43 -5.06
HO3 BGC F . 7.93 5.65 -5.75
HO4 BGC F . 8.67 3.15 -6.74
HO6 BGC F . 7.82 -0.63 -5.06
C1 RER F . 5.47 6.29 -2.84
C2 RER F . 5.58 7.73 -3.33
C3 RER F . 4.22 8.33 -3.67
N3 RER F . 4.36 9.77 -3.86
C3A RER F . 3.63 7.72 -4.94
C4 RER F . 3.26 8.08 -2.49
O4 RER F . 1.97 8.51 -2.84
C5 RER F . 3.24 6.60 -2.14
O5 RER F . 4.55 6.22 -1.78
C5A RER F . 2.32 6.31 -0.96
H1 RER F . 6.43 5.90 -2.48
H21C RER F . 6.05 8.32 -2.53
H22C RER F . 6.24 7.79 -4.18
HO1 RER F . 3.44 10.20 -4.07
H31N RER F . 5.02 9.94 -4.66
H32N RER F . 4.76 10.20 -2.99
H3A1 RER F . 3.40 6.67 -4.82
H3A2 RER F . 2.70 8.22 -5.21
H3A3 RER F . 4.32 7.83 -5.78
H4 RER F . 3.58 8.66 -1.63
HO4 RER F . 1.88 9.40 -2.52
H5 RER F . 2.93 6.01 -3.00
H5A1 RER F . 2.61 6.89 -0.08
H5A2 RER F . 1.28 6.57 -1.21
H5A3 RER F . 2.35 5.26 -0.70
C1 RER G . -3.79 4.61 -2.94
C2 RER G . -4.13 4.38 -4.42
C3 RER G . -5.63 4.21 -4.67
N3 RER G . -5.90 4.36 -6.10
C3A RER G . -6.12 2.83 -4.23
C4 RER G . -6.38 5.30 -3.90
O4 RER G . -7.77 5.15 -4.07
C5 RER G . -5.99 5.22 -2.43
O5 RER G . -4.64 5.58 -2.38
C5A RER G . -6.82 6.18 -1.58
H1 RER G . -2.76 4.97 -2.85
H21C RER G . -3.79 5.24 -4.99
H22C RER G . -3.59 3.51 -4.80
HO1 RER G . -6.92 4.27 -6.26
H31N RER G . -5.40 3.63 -6.62
H32N RER G . -5.59 5.30 -6.41
H3A1 RER G . -7.21 2.78 -4.26
H3A2 RER G . -5.73 2.05 -4.87
H3A3 RER G . -5.80 2.61 -3.21
H4 RER G . -6.10 6.28 -4.28
HO4 RER G . -8.02 5.71 -4.79
H5 RER G . -6.10 4.20 -2.07
H5A1 RER G . -7.89 5.96 -1.66
H5A2 RER G . -6.55 6.09 -0.52
H5A3 RER G . -6.66 7.21 -1.88
C1 RER H . 4.55 -3.90 3.13
C2 RER H . 4.28 -3.86 4.64
C3 RER H . 4.07 -5.24 5.27
N3 RER H . 4.26 -5.14 6.71
C3A RER H . 2.68 -5.77 4.98
C4 RER H . 5.12 -6.18 4.70
O4 RER H . 4.98 -7.46 5.24
C5 RER H . 5.04 -6.19 3.19
O5 RER H . 5.44 -4.92 2.76
C5A RER H . 5.97 -7.23 2.55
H1 RER H . 5.03 -2.98 2.85
H21C RER H . 3.39 -3.27 4.85
H22C RER H . 5.06 -3.28 5.09
HO1 RER H . 4.13 -6.09 7.14
H31N RER H . 5.21 -4.79 6.92
H32N RER H . 3.55 -4.50 7.11
H3A1 RER H . 2.44 -5.77 3.91
H3A2 RER H . 2.57 -6.79 5.34
H3A3 RER H . 1.91 -5.17 5.48
H4 RER H . 6.08 -5.78 5.01
HO4 RER H . 4.19 -7.83 4.88
H5 RER H . 4.02 -6.36 2.86
H5A1 RER H . 5.92 -7.19 1.46
H5A2 RER H . 5.70 -8.24 2.86
H5A3 RER H . 7.01 -7.05 2.84
N ALA A 1 -5.39 11.16 -4.12
CA ALA A 1 -5.79 9.95 -3.39
C ALA A 1 -4.62 9.00 -3.23
N FGA A 2 -4.00 9.10 -2.03
CA FGA A 2 -2.89 8.21 -1.81
C FGA A 2 -1.60 8.86 -2.32
O FGA A 2 -1.31 8.73 -3.51
CB FGA A 2 -2.78 7.88 -0.32
CG FGA A 2 -4.10 7.36 0.25
CD FGA A 2 -3.90 6.83 1.67
OE1 FGA A 2 -2.80 6.80 2.21
H FGA A 2 -4.28 9.74 -1.32
HA FGA A 2 -3.11 7.31 -2.38
HB2 FGA A 2 -1.99 7.13 -0.18
HB3 FGA A 2 -2.48 8.78 0.22
HG2 FGA A 2 -4.85 8.15 0.25
HG3 FGA A 2 -4.49 6.55 -0.37
N LYS A 3 -5.06 6.46 2.23
CA LYS A 3 -5.07 5.97 3.59
C LYS A 3 -4.21 4.69 3.74
N DAL A 4 -3.48 4.63 4.86
CA DAL A 4 -2.69 3.42 5.04
CB DAL A 4 -3.58 2.30 5.60
C DAL A 4 -1.51 3.69 5.99
O DAL A 4 -1.32 4.80 6.49
H DAL A 4 -3.50 5.35 5.55
HA DAL A 4 -2.28 3.12 4.06
HB1 DAL A 4 -4.41 2.10 4.94
HB2 DAL A 4 -3.02 1.38 5.73
HB3 DAL A 4 -3.98 2.59 6.58
N DAL A 5 -0.76 2.60 6.18
CA DAL A 5 0.38 2.68 7.06
CB DAL A 5 1.39 3.70 6.53
C DAL A 5 1.03 1.29 7.17
O DAL A 5 2.22 1.16 6.87
OXT DAL A 5 0.34 0.35 7.55
H DAL A 5 -1.00 1.73 5.76
HA DAL A 5 0.01 2.98 8.03
HB1 DAL A 5 0.93 4.68 6.45
HB2 DAL A 5 2.25 3.79 7.20
HB3 DAL A 5 1.75 3.42 5.55
N ALA B 1 11.49 -4.17 -1.90
CA ALA B 1 10.94 -3.71 -0.63
C ALA B 1 9.75 -4.56 -0.21
N FGA B 2 9.16 -4.02 0.86
CA FGA B 2 7.97 -4.57 1.46
C FGA B 2 7.73 -3.86 2.79
O FGA B 2 7.68 -4.52 3.82
CB FGA B 2 6.84 -4.38 0.47
CG FGA B 2 6.49 -5.63 -0.34
CD FGA B 2 5.95 -5.36 -1.74
OE1 FGA B 2 6.03 -4.28 -2.31
H FGA B 2 9.56 -3.19 1.27
HA FGA B 2 8.13 -5.64 1.64
HB2 FGA B 2 6.03 -4.09 1.09
HB3 FGA B 2 7.07 -3.54 -0.18
HG2 FGA B 2 7.35 -6.26 -0.48
HG3 FGA B 2 5.77 -6.25 0.18
N LYS B 3 5.40 -6.48 -2.25
CA LYS B 3 4.72 -6.51 -3.52
C LYS B 3 3.52 -5.56 -3.53
N DAL B 4 3.21 -5.09 -4.76
CA DAL B 4 2.07 -4.19 -4.86
CB DAL B 4 0.82 -4.98 -5.25
C DAL B 4 2.39 -3.12 -5.91
O DAL B 4 3.39 -3.16 -6.60
H DAL B 4 3.73 -5.37 -5.56
HA DAL B 4 1.94 -3.70 -3.89
HB1 DAL B 4 0.60 -5.74 -4.50
HB2 DAL B 4 -0.05 -4.32 -5.32
HB3 DAL B 4 0.95 -5.47 -6.20
N DAL B 5 1.44 -2.16 -5.97
CA DAL B 5 1.61 -1.08 -6.92
CB DAL B 5 2.77 -0.17 -6.50
C DAL B 5 0.30 -0.28 -7.03
O DAL B 5 0.20 0.77 -6.40
OXT DAL B 5 -0.59 -0.73 -7.76
H DAL B 5 0.62 -2.20 -5.41
HA DAL B 5 1.82 -1.56 -7.87
HB1 DAL B 5 3.70 -0.73 -6.42
HB2 DAL B 5 2.92 0.63 -7.22
HB3 DAL B 5 2.57 0.29 -5.53
N MLU C 1 1.56 1.71 12.20
CN MLU C 1 2.98 2.06 12.13
CA MLU C 1 1.14 1.03 10.98
C MLU C 1 1.96 -0.25 10.78
O MLU C 1 1.89 -1.18 11.57
CB MLU C 1 -0.33 0.64 11.01
CG MLU C 1 -1.24 1.84 11.28
CD1 MLU C 1 -1.16 2.87 10.14
CD2 MLU C 1 -2.69 1.37 11.46
H1 MLU C 1 1.40 1.10 13.02
H2 MLU C 1 0.99 2.58 12.31
HCN1 MLU C 1 3.56 1.15 12.02
HCN2 MLU C 1 3.14 2.72 11.28
HCN3 MLU C 1 3.26 2.58 13.05
HA MLU C 1 1.33 1.70 10.14
HB2 MLU C 1 -0.49 -0.10 11.78
HB3 MLU C 1 -0.60 0.19 10.06
HG MLU C 1 -0.91 2.32 12.19
HD11 MLU C 1 -1.51 2.42 9.20
HD12 MLU C 1 -1.79 3.74 10.36
HD13 MLU C 1 -0.13 3.21 10.00
HD21 MLU C 1 -3.35 2.21 11.68
HD22 MLU C 1 -3.05 0.87 10.56
HD23 MLU C 1 -2.76 0.66 12.29
N OMZ C 2 2.73 -0.25 9.67
CA OMZ C 2 3.52 -1.43 9.41
C OMZ C 2 2.83 -2.30 8.34
O OMZ C 2 2.84 -3.52 8.44
CB OMZ C 2 4.98 -1.07 9.07
OC OMZ C 2 5.59 -0.51 10.21
CG OMZ C 2 5.05 -0.09 7.95
CD1 OMZ C 2 5.28 -0.54 6.61
CD2 OMZ C 2 4.82 1.32 8.20
CE1 OMZ C 2 5.21 0.39 5.52
CL OMZ C 2 5.44 -0.17 3.90
CE2 OMZ C 2 4.77 2.25 7.10
CZ OMZ C 2 4.90 1.77 5.76
OH OMZ C 2 4.61 2.59 4.66
H OMZ C 2 2.74 0.54 9.05
HA OMZ C 2 3.52 -2.01 10.33
HB OMZ C 2 5.54 -1.96 8.80
HC OMZ C 2 5.64 -1.19 10.86
HD1 OMZ C 2 5.47 -1.59 6.41
HD2 OMZ C 2 4.69 1.66 9.22
HE2 OMZ C 2 4.56 3.30 7.29
N ASN C 3 2.20 -1.65 7.33
CA ASN C 3 1.52 -2.53 6.38
C ASN C 3 1.43 -1.95 4.94
N GHP C 4 0.65 -0.86 4.84
CA GHP C 4 0.50 -0.26 3.52
C GHP C 4 -0.96 0.15 3.28
O GHP C 4 -1.69 0.54 4.18
C1 GHP C 4 1.40 0.95 3.29
C2 GHP C 4 1.10 1.93 2.28
C3 GHP C 4 1.94 3.10 2.04
C4 GHP C 4 3.11 3.26 2.88
O4 GHP C 4 3.92 4.36 2.77
C5 GHP C 4 3.44 2.30 3.90
C6 GHP C 4 2.57 1.15 4.08
H GHP C 4 0.23 -0.46 5.66
HA GHP C 4 0.79 -1.04 2.81
HC2 GHP C 4 0.18 1.82 1.71
H6 GHP C 4 2.79 0.42 4.84
N GHP C 5 -1.31 0.02 1.98
CA GHP C 5 -2.64 0.44 1.57
C GHP C 5 -2.80 0.35 0.04
O GHP C 5 -2.30 -0.58 -0.56
C1 GHP C 5 -3.82 -0.22 2.21
C2 GHP C 5 -4.74 0.64 2.88
C3 GHP C 5 -5.98 0.17 3.39
C4 GHP C 5 -6.29 -1.22 3.28
O4 GHP C 5 -7.49 -1.69 3.78
C5 GHP C 5 -5.38 -2.12 2.61
C6 GHP C 5 -4.14 -1.61 2.08
H GHP C 5 -0.67 -0.34 1.31
HA GHP C 5 -2.62 1.48 1.88
HC2 GHP C 5 -4.50 1.69 2.99
HO4 GHP C 5 -7.55 -2.62 3.62
H5 GHP C 5 -5.63 -3.17 2.51
H6 GHP C 5 -3.47 -2.28 1.56
N OMY C 6 -3.50 1.33 -0.59
CA OMY C 6 -4.15 2.51 -0.02
OCZ OMY C 6 1.72 4.06 1.03
CE2 OMY C 6 0.18 3.79 -0.90
CE1 OMY C 6 -0.66 4.53 1.32
CZ OMY C 6 0.44 4.17 0.47
CG OMY C 6 -2.29 3.99 -0.48
CD2 OMY C 6 -1.19 3.70 -1.37
CD1 OMY C 6 -2.00 4.45 0.85
CB OMY C 6 -3.73 3.73 -0.83
CL OMY C 6 -0.34 5.03 2.95
O OMY C 6 -6.37 1.87 -0.79
C OMY C 6 -5.67 2.29 0.12
ODE OMY C 6 -3.90 3.51 -2.21
H OMY C 6 -3.58 1.24 -1.59
HA OMY C 6 -3.78 2.64 0.99
HE2 OMY C 6 1.00 3.54 -1.55
HD2 OMY C 6 -1.38 3.39 -2.39
HD1 OMY C 6 -2.82 4.70 1.51
HB OMY C 6 -4.33 4.59 -0.52
N 3FG C 7 -6.09 2.59 1.36
OD1 3FG C 7 -6.35 0.00 6.11
CD1 3FG C 7 -7.00 1.02 5.46
CG1 3FG C 7 -6.87 1.16 4.05
CZ 3FG C 7 -7.79 1.95 6.22
CD2 3FG C 7 -8.47 3.03 5.56
OD2 3FG C 7 -9.23 3.92 6.28
CG2 3FG C 7 -8.35 3.16 4.14
CB 3FG C 7 -7.55 2.23 3.36
CA 3FG C 7 -7.44 2.43 1.83
C 3FG C 7 -8.22 3.65 1.29
O 3FG C 7 -9.41 3.51 1.00
OXT 3FG C 7 -7.61 4.71 1.17
H 3FG C 7 -5.42 2.93 2.02
HA 3FG C 7 -7.76 1.52 1.34
HD1 3FG C 7 -5.87 -0.53 5.48
HZ 3FG C 7 -7.84 1.84 7.29
HD2 3FG C 7 -9.61 4.57 5.70
HG2 3FG C 7 -8.85 3.98 3.64
N MLU D 1 0.33 0.11 -12.18
CN MLU D 1 0.94 1.44 -12.18
CA MLU D 1 -0.35 -0.13 -10.90
C MLU D 1 -1.44 0.91 -10.67
O MLU D 1 -2.31 1.13 -11.50
CB MLU D 1 -0.99 -1.52 -10.85
CG MLU D 1 0.02 -2.64 -10.97
CD1 MLU D 1 1.05 -2.59 -9.85
CD2 MLU D 1 -0.69 -4.00 -10.98
H1 MLU D 1 -0.36 0.04 -12.95
H2 MLU D 1 1.08 -0.60 -12.31
HCN1 MLU D 1 1.65 1.50 -11.37
HCN2 MLU D 1 1.43 1.59 -13.14
HCN3 MLU D 1 0.15 2.18 -12.05
HA MLU D 1 0.40 -0.05 -10.11
HB2 MLU D 1 -1.73 -1.60 -11.64
HB3 MLU D 1 -1.53 -1.62 -9.90
HG MLU D 1 0.56 -2.52 -11.92
HD11 MLU D 1 0.57 -2.72 -8.88
HD12 MLU D 1 1.80 -3.38 -9.96
HD13 MLU D 1 1.57 -1.63 -9.84
HD21 MLU D 1 -1.23 -4.16 -10.05
HD22 MLU D 1 -1.40 -4.06 -11.80
HD23 MLU D 1 0.04 -4.81 -11.09
N OMZ D 2 -1.34 1.54 -9.47
CA OMZ D 2 -2.34 2.54 -9.14
C OMZ D 2 -3.10 2.11 -7.87
O OMZ D 2 -4.26 2.46 -7.69
CB OMZ D 2 -1.73 3.94 -9.06
OC OMZ D 2 -1.09 4.25 -10.28
CG OMZ D 2 -0.74 4.06 -7.94
CD1 OMZ D 2 -0.99 4.96 -6.85
CD2 OMZ D 2 0.44 3.23 -7.94
CE1 OMZ D 2 -0.09 4.98 -5.73
CL OMZ D 2 -0.40 6.04 -4.40
CE2 OMZ D 2 1.34 3.25 -6.82
CZ OMZ D 2 1.05 4.11 -5.69
OH OMZ D 2 1.79 3.97 -4.51
H OMZ D 2 -0.60 1.31 -8.84
HA OMZ D 2 -3.06 2.51 -9.95
HB OMZ D 2 -2.52 4.68 -8.91
HC OMZ D 2 -0.76 5.13 -10.20
HD1 OMZ D 2 -1.85 5.61 -6.86
HD2 OMZ D 2 0.66 2.58 -8.77
HE2 OMZ D 2 2.21 2.61 -6.81
N ASN D 3 -2.43 1.33 -6.97
CA ASN D 3 -3.20 0.89 -5.82
C ASN D 3 -2.40 0.87 -4.50
N GHP D 4 -1.48 -0.13 -4.44
CA GHP D 4 -0.72 -0.24 -3.19
C GHP D 4 -0.39 -1.72 -2.89
O GHP D 4 -0.24 -2.57 -3.76
C1 GHP D 4 0.53 0.61 -3.16
C2 GHP D 4 1.69 0.24 -2.40
C3 GHP D 4 2.86 1.11 -2.30
C4 GHP D 4 2.84 2.35 -3.03
O4 GHP D 4 3.92 3.19 -2.95
C5 GHP D 4 1.71 2.74 -3.84
C6 GHP D 4 0.56 1.84 -3.87
H GHP D 4 -1.29 -0.68 -5.24
HA GHP D 4 -1.40 0.13 -2.43
HC2 GHP D 4 1.71 -0.72 -1.89
H6 GHP D 4 -0.31 2.11 -4.46
N GHP D 5 -0.28 -1.93 -1.57
CA GHP D 5 0.09 -3.22 -1.02
C GHP D 5 0.25 -3.11 0.50
O GHP D 5 -0.51 -2.40 1.14
C1 GHP D 5 -0.82 -4.37 -1.30
C2 GHP D 5 -0.24 -5.50 -1.96
C3 GHP D 5 -0.94 -6.71 -2.13
C4 GHP D 5 -2.29 -6.80 -1.68
O4 GHP D 5 -3.00 -7.98 -1.87
C5 GHP D 5 -2.93 -5.68 -1.05
C6 GHP D 5 -2.19 -4.46 -0.84
H GHP D 5 -0.45 -1.16 -0.94
HA GHP D 5 1.05 -3.40 -1.48
HC2 GHP D 5 0.78 -5.43 -2.30
HO4 GHP D 5 -2.45 -8.62 -2.30
H5 GHP D 5 -3.96 -5.75 -0.70
H6 GHP D 5 -2.65 -3.62 -0.35
N OMY D 6 1.26 -3.82 1.10
CA OMY D 6 2.26 -4.70 0.48
OCZ OMY D 6 4.03 0.87 -1.53
CE2 OMY D 6 4.09 -0.43 0.58
CE1 OMY D 6 4.18 -1.56 -1.61
CZ OMY D 6 4.14 -0.35 -0.85
CG OMY D 6 3.93 -2.91 0.46
CD2 OMY D 6 3.97 -1.70 1.24
CD1 OMY D 6 4.09 -2.83 -0.97
CB OMY D 6 3.62 -4.27 1.05
CL OMY D 6 4.31 -1.48 -3.34
O OMY D 6 1.62 -6.69 1.73
C OMY D 6 1.87 -6.19 0.64
ODE OMY D 6 3.55 -4.23 2.45
H OMY D 6 1.31 -3.69 2.09
HA OMY D 6 2.32 -4.54 -0.59
HE2 OMY D 6 4.14 0.49 1.15
HD2 OMY D 6 3.89 -1.76 2.32
HD1 OMY D 6 4.10 -3.75 -1.54
HB OMY D 6 4.35 -5.01 0.74
N 3FG D 7 1.82 -6.81 -0.55
OD1 3FG D 7 -1.73 -7.54 -4.63
CD1 3FG D 7 -0.64 -8.18 -4.08
CG1 3FG D 7 -0.20 -7.83 -2.78
CZ 3FG D 7 0.04 -9.18 -4.85
CD2 3FG D 7 1.18 -9.85 -4.30
OD2 3FG D 7 1.85 -10.80 -5.03
CG2 3FG D 7 1.62 -9.52 -2.97
CB 3FG D 7 0.94 -8.51 -2.19
CA 3FG D 7 1.43 -8.19 -0.75
C 3FG D 7 2.62 -9.05 -0.30
O 3FG D 7 2.40 -10.05 0.39
OXT 3FG D 7 3.76 -8.70 -0.63
H 3FG D 7 2.06 -6.28 -1.37
HA 3FG D 7 0.59 -8.31 -0.06
HD1 3FG D 7 -2.07 -6.90 -4.01
HZ 3FG D 7 -0.30 -9.39 -5.85
HD2 3FG D 7 1.43 -10.90 -5.88
HG2 3FG D 7 2.49 -10.00 -2.56
C2 BGC E . 5.46 5.67 1.52
C3 BGC E . 6.37 5.72 0.30
C4 BGC E . 7.07 4.37 0.08
C5 BGC E . 6.07 3.22 0.19
C6 BGC E . 6.73 1.86 0.13
C1 BGC E . 4.58 4.43 1.53
O2 BGC E . 4.66 6.82 1.56
O3 BGC E . 7.33 6.72 0.48
O4 BGC E . 7.63 4.35 -1.21
O5 BGC E . 5.41 3.29 1.43
O6 BGC E . 7.96 1.84 0.82
H2 BGC E . 6.08 5.65 2.43
H3 BGC E . 5.79 5.97 -0.59
H4 BGC E . 7.87 4.24 0.80
H5 BGC E . 5.33 3.29 -0.60
H61 BGC E . 6.08 1.12 0.57
H62 BGC E . 6.91 1.54 -0.91
H1 BGC E . 3.86 4.43 0.71
HO3 BGC E . 6.98 7.50 0.07
HO4 BGC E . 8.44 3.86 -1.14
HO6 BGC E . 8.30 0.96 0.75
C1 RER E . 5.21 7.82 2.39
C2 RER E . 4.37 9.11 2.30
C3 RER E . 2.99 8.95 2.95
N3 RER E . 2.39 10.28 3.10
C3A RER E . 2.09 8.11 2.06
C4 RER E . 3.14 8.31 4.32
O4 RER E . 1.87 8.03 4.86
C5 RER E . 3.95 7.02 4.21
O5 RER E . 5.23 7.35 3.72
C5A RER E . 4.08 6.28 5.53
H1 RER E . 6.22 8.02 2.06
H21C RER E . 4.91 9.91 2.82
H22C RER E . 4.28 9.42 1.27
HO1 RER E . 2.29 10.73 2.17
H31N RER E . 2.99 10.86 3.70
H32N RER E . 1.45 10.18 3.54
H3A1 RER E . 1.10 7.99 2.51
H3A2 RER E . 1.95 8.58 1.08
H3A3 RER E . 2.51 7.11 1.89
H4 RER E . 3.64 9.00 5.01
HO4 RER E . 1.93 8.18 5.79
H5 RER E . 3.46 6.37 3.48
H5A1 RER E . 3.11 6.01 5.92
H5A2 RER E . 4.66 5.37 5.42
H5A3 RER E . 4.58 6.91 6.28
C2 BGC F . 5.55 4.47 -4.11
C3 BGC F . 6.45 4.54 -5.34
C4 BGC F . 7.02 3.16 -5.67
C5 BGC F . 5.94 2.09 -5.66
C6 BGC F . 6.58 0.72 -5.85
C1 BGC F . 4.58 3.30 -4.20
O2 BGC F . 4.80 5.66 -4.02
O3 BGC F . 7.49 5.44 -5.07
O4 BGC F . 7.61 3.20 -6.96
O5 BGC F . 5.28 2.11 -4.42
O6 BGC F . 7.56 0.48 -4.87
H2 BGC F . 6.16 4.33 -3.22
H3 BGC F . 5.87 4.92 -6.18
H4 BGC F . 7.78 2.87 -4.95
H5 BGC F . 5.21 2.28 -6.45
H61 BGC F . 5.83 -0.06 -5.77
H62 BGC F . 7.05 0.64 -6.83
H1 BGC F . 3.87 3.47 -5.02
HO3 BGC F . 7.68 5.89 -5.89
HO4 BGC F . 8.52 3.40 -6.83
HO6 BGC F . 7.91 -0.37 -5.04
C1 RER F . 5.18 6.52 -2.98
C2 RER F . 5.34 7.94 -3.52
C3 RER F . 4.00 8.52 -3.99
N3 RER F . 4.17 9.95 -4.25
C3A RER F . 3.51 7.84 -5.28
C4 RER F . 2.96 8.34 -2.89
O4 RER F . 1.70 8.75 -3.35
C5 RER F . 2.91 6.88 -2.44
O5 RER F . 4.19 6.51 -1.98
C5A RER F . 1.91 6.68 -1.29
H1 RER F . 6.12 6.18 -2.54
H21C RER F . 5.74 8.58 -2.74
H22C RER F . 6.05 7.95 -4.34
HO1 RER F . 4.49 10.43 -3.39
H31N RER F . 3.26 10.35 -4.57
H32N RER F . 4.88 10.08 -5.01
H3A1 RER F . 4.27 7.91 -6.06
H3A2 RER F . 3.28 6.80 -5.11
H3A3 RER F . 2.60 8.33 -5.64
H4 RER F . 3.22 8.97 -2.04
HO4 RER F . 1.25 9.15 -2.62
H5 RER F . 2.64 6.24 -3.28
H5A1 RER F . 0.90 6.95 -1.60
H5A2 RER F . 1.89 5.64 -0.96
H5A3 RER F . 2.17 7.30 -0.44
C1 RER G . -3.75 4.69 -2.95
C2 RER G . -4.11 4.48 -4.43
C3 RER G . -5.61 4.35 -4.67
N3 RER G . -5.90 4.49 -6.09
C3A RER G . -6.12 2.97 -4.21
C4 RER G . -6.33 5.45 -3.90
O4 RER G . -7.72 5.34 -4.05
C5 RER G . -5.93 5.38 -2.44
O5 RER G . -4.56 5.70 -2.38
C5A RER G . -6.72 6.38 -1.58
H1 RER G . -2.72 5.02 -2.89
H21C RER G . -3.75 5.33 -5.00
H22C RER G . -3.59 3.60 -4.82
HO1 RER G . -5.40 3.74 -6.62
H31N RER G . -5.56 5.42 -6.42
H32N RER G . -6.92 4.42 -6.25
H3A1 RER G . -5.83 2.76 -3.18
H3A2 RER G . -7.20 2.92 -4.28
H3A3 RER G . -5.71 2.18 -4.84
H4 RER G . -6.01 6.43 -4.29
HO4 RER G . -8.06 6.22 -4.09
H5 RER G . -6.08 4.37 -2.05
H5A1 RER G . -6.45 6.29 -0.53
H5A2 RER G . -6.51 7.41 -1.90
H5A3 RER G . -7.79 6.21 -1.67
C1 RER H . 4.80 -4.12 3.10
C2 RER H . 4.53 -4.02 4.60
C3 RER H . 3.93 -5.31 5.18
N3 RER H . 3.98 -5.24 6.63
C3A RER H . 2.47 -5.54 4.76
C4 RER H . 4.77 -6.50 4.72
O4 RER H . 4.17 -7.70 5.12
C5 RER H . 4.93 -6.48 3.20
O5 RER H . 5.57 -5.28 2.86
C5A RER H . 5.78 -7.64 2.71
H1 RER H . 5.34 -3.24 2.73
H21C RER H . 5.47 -3.80 5.12
H22C RER H . 3.87 -3.17 4.82
HO1 RER H . 3.60 -6.12 7.04
H31N RER H . 4.96 -5.12 6.94
H32N RER H . 3.40 -4.44 6.96
H3A1 RER H . 2.02 -6.31 5.37
H3A2 RER H . 1.86 -4.64 4.84
H3A3 RER H . 2.39 -5.88 3.73
H4 RER H . 5.76 -6.45 5.19
HO4 RER H . 4.87 -8.30 5.34
H5 RER H . 3.96 -6.48 2.71
H5A1 RER H . 5.31 -8.59 2.97
H5A2 RER H . 5.89 -7.62 1.62
H5A3 RER H . 6.77 -7.62 3.15
N ALA A 1 -5.40 11.15 -4.11
CA ALA A 1 -5.80 9.95 -3.39
C ALA A 1 -4.62 8.99 -3.21
N FGA A 2 -4.00 9.10 -2.03
CA FGA A 2 -2.89 8.21 -1.81
C FGA A 2 -1.60 8.86 -2.33
O FGA A 2 -1.66 9.58 -3.32
CB FGA A 2 -2.78 7.88 -0.32
CG FGA A 2 -4.10 7.36 0.25
CD FGA A 2 -3.90 6.83 1.67
OE1 FGA A 2 -2.80 6.80 2.20
H FGA A 2 -4.29 9.75 -1.32
HA FGA A 2 -3.11 7.31 -2.38
HB2 FGA A 2 -2.00 7.14 -0.17
HB3 FGA A 2 -2.49 8.78 0.22
HG2 FGA A 2 -4.85 8.15 0.25
HG3 FGA A 2 -4.49 6.55 -0.37
N LYS A 3 -5.07 6.45 2.23
CA LYS A 3 -5.07 5.96 3.60
C LYS A 3 -4.21 4.69 3.74
N DAL A 4 -3.48 4.62 4.87
CA DAL A 4 -2.69 3.42 5.04
CB DAL A 4 -3.58 2.30 5.60
C DAL A 4 -1.51 3.69 5.99
O DAL A 4 -1.32 4.80 6.49
H DAL A 4 -3.50 5.35 5.55
HA DAL A 4 -2.28 3.12 4.06
HB1 DAL A 4 -4.41 2.10 4.94
HB2 DAL A 4 -3.01 1.38 5.73
HB3 DAL A 4 -3.98 2.58 6.58
N DAL A 5 -0.76 2.60 6.18
CA DAL A 5 0.39 2.67 7.05
CB DAL A 5 1.39 3.70 6.53
C DAL A 5 1.03 1.29 7.17
O DAL A 5 0.33 0.35 7.55
OXT DAL A 5 2.22 1.16 6.87
H DAL A 5 -1.00 1.73 5.76
HA DAL A 5 0.01 2.98 8.03
HB1 DAL A 5 0.93 4.68 6.45
HB2 DAL A 5 2.25 3.79 7.20
HB3 DAL A 5 1.75 3.42 5.55
N ALA B 1 11.49 -4.17 -1.90
CA ALA B 1 10.94 -3.71 -0.63
C ALA B 1 9.75 -4.55 -0.21
N FGA B 2 9.16 -4.02 0.86
CA FGA B 2 7.97 -4.57 1.46
C FGA B 2 7.73 -3.86 2.79
O FGA B 2 7.68 -4.52 3.82
CB FGA B 2 6.84 -4.38 0.47
CG FGA B 2 6.49 -5.63 -0.34
CD FGA B 2 5.95 -5.36 -1.74
OE1 FGA B 2 6.03 -4.28 -2.31
H FGA B 2 9.55 -3.19 1.26
HA FGA B 2 8.13 -5.64 1.64
HB2 FGA B 2 6.03 -4.09 1.09
HB3 FGA B 2 7.07 -3.54 -0.18
HG2 FGA B 2 7.35 -6.26 -0.48
HG3 FGA B 2 5.77 -6.25 0.18
N LYS B 3 5.40 -6.48 -2.25
CA LYS B 3 4.72 -6.51 -3.52
C LYS B 3 3.52 -5.56 -3.53
N DAL B 4 3.21 -5.09 -4.76
CA DAL B 4 2.07 -4.19 -4.86
CB DAL B 4 0.82 -4.98 -5.25
C DAL B 4 2.39 -3.12 -5.91
O DAL B 4 3.39 -3.16 -6.60
H DAL B 4 3.73 -5.37 -5.56
HA DAL B 4 1.94 -3.70 -3.89
HB1 DAL B 4 0.60 -5.74 -4.50
HB2 DAL B 4 -0.05 -4.32 -5.32
HB3 DAL B 4 0.95 -5.47 -6.20
N DAL B 5 1.44 -2.16 -5.97
CA DAL B 5 1.61 -1.07 -6.92
CB DAL B 5 2.77 -0.17 -6.50
C DAL B 5 0.31 -0.29 -7.03
O DAL B 5 0.20 0.77 -6.40
OXT DAL B 5 -0.59 -0.73 -7.76
H DAL B 5 0.62 -2.20 -5.41
HA DAL B 5 1.84 -1.56 -7.87
HB1 DAL B 5 3.70 -0.73 -6.42
HB2 DAL B 5 2.92 0.62 -7.22
HB3 DAL B 5 2.57 0.29 -5.53
N MLU C 1 1.56 1.72 12.20
CN MLU C 1 2.98 2.06 12.13
CA MLU C 1 1.15 1.04 10.98
C MLU C 1 1.96 -0.25 10.78
O MLU C 1 1.89 -1.18 11.57
CB MLU C 1 -0.33 0.65 11.01
CG MLU C 1 -1.24 1.84 11.28
CD1 MLU C 1 -1.16 2.87 10.14
CD2 MLU C 1 -2.69 1.37 11.46
H1 MLU C 1 1.40 1.10 13.02
H2 MLU C 1 1.00 2.59 12.31
HCN1 MLU C 1 3.14 2.71 11.27
HCN2 MLU C 1 3.26 2.58 13.05
HCN3 MLU C 1 3.56 1.15 12.02
HA MLU C 1 1.33 1.70 10.14
HB2 MLU C 1 -0.49 -0.10 11.78
HB3 MLU C 1 -0.60 0.19 10.06
HG MLU C 1 -0.91 2.32 12.19
HD11 MLU C 1 -0.13 3.21 10.00
HD12 MLU C 1 -1.78 3.73 10.36
HD13 MLU C 1 -1.51 2.42 9.20
HD21 MLU C 1 -3.35 2.21 11.68
HD22 MLU C 1 -2.76 0.66 12.29
HD23 MLU C 1 -3.06 0.88 10.56
N OMZ C 2 2.73 -0.25 9.67
CA OMZ C 2 3.52 -1.43 9.41
C OMZ C 2 2.83 -2.30 8.34
O OMZ C 2 2.84 -3.52 8.44
CB OMZ C 2 4.98 -1.07 9.07
OC OMZ C 2 5.59 -0.51 10.21
CG OMZ C 2 5.05 -0.09 7.95
CD1 OMZ C 2 5.28 -0.54 6.61
CD2 OMZ C 2 4.82 1.32 8.20
CE1 OMZ C 2 5.21 0.39 5.52
CL OMZ C 2 5.44 -0.17 3.90
CE2 OMZ C 2 4.77 2.25 7.10
CZ OMZ C 2 4.90 1.77 5.76
OH OMZ C 2 4.61 2.59 4.66
H OMZ C 2 2.74 0.54 9.05
HA OMZ C 2 3.52 -2.01 10.33
HB OMZ C 2 5.54 -1.96 8.80
HC OMZ C 2 6.49 -0.32 9.96
HD1 OMZ C 2 5.47 -1.59 6.41
HD2 OMZ C 2 4.69 1.67 9.21
HE2 OMZ C 2 4.56 3.30 7.28
N ASN C 3 2.20 -1.65 7.33
CA ASN C 3 1.52 -2.53 6.38
C ASN C 3 1.43 -1.95 4.94
N GHP C 4 0.65 -0.86 4.84
CA GHP C 4 0.50 -0.26 3.52
C GHP C 4 -0.96 0.15 3.28
O GHP C 4 -1.69 0.54 4.18
C1 GHP C 4 1.40 0.95 3.29
C2 GHP C 4 1.10 1.93 2.28
C3 GHP C 4 1.95 3.09 2.04
C4 GHP C 4 3.11 3.26 2.88
O4 GHP C 4 3.92 4.36 2.77
C5 GHP C 4 3.44 2.30 3.90
C6 GHP C 4 2.57 1.15 4.08
H GHP C 4 0.23 -0.46 5.66
HA GHP C 4 0.79 -1.04 2.81
HC2 GHP C 4 0.18 1.82 1.71
H6 GHP C 4 2.79 0.42 4.84
N GHP C 5 -1.32 0.01 1.98
CA GHP C 5 -2.64 0.44 1.57
C GHP C 5 -2.80 0.35 0.04
O GHP C 5 -2.30 -0.58 -0.56
C1 GHP C 5 -3.82 -0.22 2.21
C2 GHP C 5 -4.74 0.64 2.88
C3 GHP C 5 -5.98 0.17 3.39
C4 GHP C 5 -6.29 -1.22 3.28
O4 GHP C 5 -7.49 -1.69 3.78
C5 GHP C 5 -5.38 -2.12 2.61
C6 GHP C 5 -4.14 -1.61 2.08
H GHP C 5 -0.67 -0.34 1.31
HA GHP C 5 -2.62 1.48 1.88
HC2 GHP C 5 -4.50 1.69 2.99
HO4 GHP C 5 -7.55 -2.62 3.62
H5 GHP C 5 -5.63 -3.17 2.51
H6 GHP C 5 -3.47 -2.28 1.56
N OMY C 6 -3.50 1.33 -0.59
CA OMY C 6 -4.15 2.51 -0.02
OCZ OMY C 6 1.72 4.06 1.03
CE2 OMY C 6 0.18 3.79 -0.90
CE1 OMY C 6 -0.66 4.53 1.32
CZ OMY C 6 0.44 4.17 0.47
CG OMY C 6 -2.29 3.99 -0.48
CD2 OMY C 6 -1.19 3.70 -1.37
CD1 OMY C 6 -2.00 4.45 0.85
CB OMY C 6 -3.73 3.73 -0.83
CL OMY C 6 -0.34 5.03 2.95
O OMY C 6 -6.37 1.87 -0.79
C OMY C 6 -5.67 2.29 0.12
ODE OMY C 6 -3.90 3.51 -2.21
H OMY C 6 -3.58 1.24 -1.59
HA OMY C 6 -3.79 2.64 0.99
HE2 OMY C 6 1.00 3.54 -1.55
HD2 OMY C 6 -1.38 3.39 -2.39
HD1 OMY C 6 -2.82 4.70 1.51
HB OMY C 6 -4.33 4.59 -0.52
N 3FG C 7 -6.09 2.59 1.36
OD1 3FG C 7 -6.35 -0.01 6.11
CD1 3FG C 7 -7.00 1.02 5.46
CG1 3FG C 7 -6.87 1.16 4.05
CZ 3FG C 7 -7.79 1.95 6.22
CD2 3FG C 7 -8.47 3.03 5.56
OD2 3FG C 7 -9.23 3.92 6.28
CG2 3FG C 7 -8.35 3.16 4.14
CB 3FG C 7 -7.55 2.23 3.36
CA 3FG C 7 -7.44 2.43 1.83
C 3FG C 7 -8.22 3.65 1.29
O 3FG C 7 -9.41 3.51 1.00
OXT 3FG C 7 -7.61 4.71 1.17
H 3FG C 7 -5.42 2.94 2.03
HA 3FG C 7 -7.76 1.52 1.34
HD1 3FG C 7 -5.87 -0.53 5.48
HZ 3FG C 7 -7.84 1.84 7.29
HD2 3FG C 7 -9.61 4.57 5.70
HG2 3FG C 7 -8.85 3.98 3.64
N MLU D 1 0.33 0.11 -12.18
CN MLU D 1 0.94 1.44 -12.18
CA MLU D 1 -0.35 -0.13 -10.90
C MLU D 1 -1.44 0.91 -10.67
O MLU D 1 -2.31 1.13 -11.50
CB MLU D 1 -0.98 -1.51 -10.85
CG MLU D 1 0.03 -2.64 -10.97
CD1 MLU D 1 1.06 -2.59 -9.85
CD2 MLU D 1 -0.68 -3.99 -10.98
H1 MLU D 1 -0.36 0.04 -12.95
H2 MLU D 1 1.08 -0.60 -12.31
HCN1 MLU D 1 1.66 1.51 -11.37
HCN2 MLU D 1 1.43 1.59 -13.14
HCN3 MLU D 1 0.15 2.18 -12.05
HA MLU D 1 0.40 -0.05 -10.11
HB2 MLU D 1 -1.73 -1.60 -11.64
HB3 MLU D 1 -1.53 -1.63 -9.90
HG MLU D 1 0.56 -2.52 -11.92
HD11 MLU D 1 1.80 -3.38 -9.96
HD12 MLU D 1 1.58 -1.63 -9.84
HD13 MLU D 1 0.57 -2.72 -8.88
HD21 MLU D 1 0.04 -4.81 -11.10
HD22 MLU D 1 -1.23 -4.16 -10.05
HD23 MLU D 1 -1.40 -4.06 -11.80
N OMZ D 2 -1.34 1.54 -9.47
CA OMZ D 2 -2.34 2.54 -9.14
C OMZ D 2 -3.10 2.11 -7.87
O OMZ D 2 -4.26 2.46 -7.70
CB OMZ D 2 -1.73 3.94 -9.06
OC OMZ D 2 -1.09 4.25 -10.28
CG OMZ D 2 -0.74 4.06 -7.94
CD1 OMZ D 2 -0.99 4.96 -6.85
CD2 OMZ D 2 0.44 3.23 -7.94
CE1 OMZ D 2 -0.09 4.98 -5.73
CL OMZ D 2 -0.40 6.04 -4.40
CE2 OMZ D 2 1.34 3.25 -6.82
CZ OMZ D 2 1.05 4.10 -5.68
OH OMZ D 2 1.79 3.97 -4.51
H OMZ D 2 -0.60 1.31 -8.84
HA OMZ D 2 -3.06 2.51 -9.95
HB OMZ D 2 -2.52 4.68 -8.91
HC OMZ D 2 -0.32 3.69 -10.32
HD1 OMZ D 2 -1.85 5.61 -6.86
HD2 OMZ D 2 0.66 2.58 -8.77
HE2 OMZ D 2 2.21 2.61 -6.81
N ASN D 3 -2.43 1.33 -6.97
CA ASN D 3 -3.20 0.89 -5.82
C ASN D 3 -2.40 0.87 -4.50
N GHP D 4 -1.49 -0.12 -4.43
CA GHP D 4 -0.72 -0.24 -3.19
C GHP D 4 -0.39 -1.72 -2.89
O GHP D 4 -0.24 -2.57 -3.76
C1 GHP D 4 0.53 0.61 -3.16
C2 GHP D 4 1.69 0.24 -2.40
C3 GHP D 4 2.86 1.11 -2.30
C4 GHP D 4 2.84 2.35 -3.03
O4 GHP D 4 3.92 3.20 -2.95
C5 GHP D 4 1.71 2.74 -3.84
C6 GHP D 4 0.56 1.84 -3.87
H GHP D 4 -1.29 -0.68 -5.24
HA GHP D 4 -1.40 0.13 -2.43
HC2 GHP D 4 1.71 -0.72 -1.89
H6 GHP D 4 -0.31 2.11 -4.46
N GHP D 5 -0.29 -1.92 -1.56
CA GHP D 5 0.09 -3.22 -1.02
C GHP D 5 0.26 -3.11 0.49
O GHP D 5 -0.51 -2.40 1.14
C1 GHP D 5 -0.83 -4.37 -1.31
C2 GHP D 5 -0.24 -5.50 -1.96
C3 GHP D 5 -0.94 -6.71 -2.13
C4 GHP D 5 -2.29 -6.80 -1.68
O4 GHP D 5 -3.00 -7.98 -1.87
C5 GHP D 5 -2.93 -5.68 -1.05
C6 GHP D 5 -2.19 -4.46 -0.84
H GHP D 5 -0.45 -1.16 -0.94
HA GHP D 5 1.05 -3.40 -1.48
HC2 GHP D 5 0.78 -5.43 -2.30
HO4 GHP D 5 -3.88 -7.88 -1.52
H5 GHP D 5 -3.96 -5.75 -0.70
H6 GHP D 5 -2.65 -3.62 -0.35
N OMY D 6 1.26 -3.82 1.10
CA OMY D 6 2.26 -4.70 0.48
OCZ OMY D 6 4.03 0.87 -1.53
CE2 OMY D 6 4.08 -0.42 0.59
CE1 OMY D 6 4.18 -1.56 -1.61
CZ OMY D 6 4.14 -0.36 -0.85
CG OMY D 6 3.93 -2.91 0.46
CD2 OMY D 6 3.97 -1.70 1.24
CD1 OMY D 6 4.09 -2.83 -0.97
CB OMY D 6 3.62 -4.27 1.05
CL OMY D 6 4.31 -1.48 -3.33
O OMY D 6 1.62 -6.69 1.73
C OMY D 6 1.87 -6.19 0.64
ODE OMY D 6 3.55 -4.23 2.45
H OMY D 6 1.30 -3.68 2.09
HA OMY D 6 2.32 -4.54 -0.59
HE2 OMY D 6 4.14 0.49 1.15
HD2 OMY D 6 3.89 -1.76 2.32
HD1 OMY D 6 4.10 -3.75 -1.54
HB OMY D 6 4.35 -5.01 0.74
N 3FG D 7 1.82 -6.81 -0.55
OD1 3FG D 7 -1.73 -7.54 -4.63
CD1 3FG D 7 -0.65 -8.18 -4.08
CG1 3FG D 7 -0.20 -7.83 -2.78
CZ 3FG D 7 0.04 -9.18 -4.85
CD2 3FG D 7 1.18 -9.85 -4.30
OD2 3FG D 7 1.85 -10.80 -5.03
CG2 3FG D 7 1.62 -9.52 -2.97
CB 3FG D 7 0.94 -8.51 -2.19
CA 3FG D 7 1.43 -8.19 -0.75
C 3FG D 7 2.62 -9.05 -0.30
O 3FG D 7 2.40 -10.05 0.39
OXT 3FG D 7 3.76 -8.70 -0.63
H 3FG D 7 2.06 -6.29 -1.37
HA 3FG D 7 0.59 -8.31 -0.06
HD1 3FG D 7 -2.07 -6.90 -4.01
HZ 3FG D 7 -0.30 -9.39 -5.85
HD2 3FG D 7 2.57 -11.15 -4.52
HG2 3FG D 7 2.49 -10.00 -2.56
C2 BGC E . 5.46 5.67 1.52
C3 BGC E . 6.37 5.71 0.30
C4 BGC E . 7.07 4.37 0.08
C5 BGC E . 6.07 3.22 0.19
C6 BGC E . 6.74 1.85 0.12
C1 BGC E . 4.58 4.43 1.53
O2 BGC E . 4.66 6.82 1.56
O3 BGC E . 7.33 6.72 0.48
O4 BGC E . 7.64 4.34 -1.21
O5 BGC E . 5.41 3.29 1.43
O6 BGC E . 7.96 1.84 0.82
H2 BGC E . 6.08 5.65 2.42
H3 BGC E . 5.79 5.96 -0.59
H4 BGC E . 7.87 4.23 0.81
H5 BGC E . 5.33 3.29 -0.60
H61 BGC E . 6.08 1.12 0.57
H62 BGC E . 6.91 1.54 -0.91
H1 BGC E . 3.86 4.43 0.71
HO3 BGC E . 6.98 7.50 0.07
HO4 BGC E . 8.54 4.61 -1.11
HO6 BGC E . 8.30 0.96 0.75
C1 RER E . 5.21 7.82 2.39
C2 RER E . 4.37 9.11 2.30
C3 RER E . 2.99 8.95 2.94
N3 RER E . 2.38 10.27 3.10
C3A RER E . 2.09 8.11 2.05
C4 RER E . 3.14 8.31 4.32
O4 RER E . 1.87 8.03 4.85
C5 RER E . 3.95 7.02 4.21
O5 RER E . 5.23 7.35 3.72
C5A RER E . 4.08 6.28 5.54
H1 RER E . 6.22 8.02 2.06
H21C RER E . 4.90 9.90 2.82
H22C RER E . 4.28 9.42 1.27
HO1 RER E . 2.29 10.72 2.16
H31N RER E . 2.99 10.86 3.70
H32N RER E . 1.45 10.18 3.53
H3A1 RER E . 1.10 7.99 2.51
H3A2 RER E . 1.96 8.57 1.07
H3A3 RER E . 2.51 7.11 1.89
H4 RER E . 3.63 8.99 5.00
HO4 RER E . 1.93 8.18 5.79
H5 RER E . 3.46 6.37 3.48
H5A1 RER E . 3.09 6.01 5.93
H5A2 RER E . 4.66 5.37 5.42
H5A3 RER E . 4.58 6.91 6.28
C2 BGC F . 5.55 4.46 -4.11
C3 BGC F . 6.45 4.54 -5.34
C4 BGC F . 7.02 3.16 -5.68
C5 BGC F . 5.95 2.09 -5.66
C6 BGC F . 6.58 0.72 -5.85
C1 BGC F . 4.58 3.30 -4.20
O2 BGC F . 4.80 5.66 -4.02
O3 BGC F . 7.50 5.43 -5.08
O4 BGC F . 7.61 3.20 -6.96
O5 BGC F . 5.28 2.11 -4.42
O6 BGC F . 7.56 0.48 -4.87
H2 BGC F . 6.16 4.33 -3.22
H3 BGC F . 5.87 4.92 -6.18
H4 BGC F . 7.77 2.86 -4.96
H5 BGC F . 5.21 2.28 -6.45
H61 BGC F . 5.83 -0.06 -5.76
H62 BGC F . 7.05 0.63 -6.83
H1 BGC F . 3.87 3.47 -5.02
HO3 BGC F . 7.68 5.88 -5.90
HO4 BGC F . 6.96 3.59 -7.53
HO6 BGC F . 7.91 -0.38 -5.03
C1 RER F . 5.18 6.52 -2.98
C2 RER F . 5.34 7.94 -3.52
C3 RER F . 4.00 8.52 -3.99
N3 RER F . 4.17 9.94 -4.26
C3A RER F . 3.52 7.84 -5.27
C4 RER F . 2.96 8.34 -2.89
O4 RER F . 1.70 8.74 -3.35
C5 RER F . 2.91 6.88 -2.44
O5 RER F . 4.19 6.51 -1.98
C5A RER F . 1.92 6.68 -1.30
H1 RER F . 6.12 6.18 -2.54
H21C RER F . 5.75 8.57 -2.74
H22C RER F . 6.05 7.95 -4.34
HO1 RER F . 4.48 10.42 -3.39
H31N RER F . 4.88 10.08 -5.01
H32N RER F . 3.26 10.35 -4.57
H3A1 RER F . 2.61 8.32 -5.64
H3A2 RER F . 3.29 6.79 -5.12
H3A3 RER F . 4.27 7.91 -6.06
H4 RER F . 3.22 8.96 -2.04
HO4 RER F . 1.60 9.65 -3.09
H5 RER F . 2.64 6.24 -3.28
H5A1 RER F . 2.18 7.29 -0.44
H5A2 RER F . 1.90 5.64 -0.98
H5A3 RER F . 0.90 6.95 -1.60
C1 RER G . -3.75 4.69 -2.95
C2 RER G . -4.11 4.48 -4.43
C3 RER G . -5.61 4.35 -4.67
N3 RER G . -5.90 4.49 -6.09
C3A RER G . -6.12 2.97 -4.21
C4 RER G . -6.33 5.45 -3.90
O4 RER G . -7.72 5.34 -4.05
C5 RER G . -5.93 5.38 -2.44
O5 RER G . -4.56 5.70 -2.38
C5A RER G . -6.72 6.38 -1.58
H1 RER G . -2.72 5.02 -2.89
H21C RER G . -3.75 5.33 -5.00
H22C RER G . -3.59 3.60 -4.82
HO1 RER G . -5.56 5.42 -6.42
H31N RER G . -6.92 4.42 -6.25
H32N RER G . -5.40 3.74 -6.62
H3A1 RER G . -7.20 2.92 -4.28
H3A2 RER G . -5.71 2.18 -4.84
H3A3 RER G . -5.83 2.76 -3.18
H4 RER G . -6.01 6.43 -4.29
HO4 RER G . -8.06 6.22 -4.09
H5 RER G . -6.08 4.37 -2.05
H5A1 RER G . -7.79 6.21 -1.67
H5A2 RER G . -6.51 7.41 -1.90
H5A3 RER G . -6.45 6.29 -0.53
C1 RER H . 4.80 -4.12 3.10
C2 RER H . 4.53 -4.02 4.60
C3 RER H . 3.93 -5.31 5.18
N3 RER H . 3.98 -5.24 6.63
C3A RER H . 2.47 -5.54 4.76
C4 RER H . 4.77 -6.49 4.72
O4 RER H . 4.17 -7.70 5.12
C5 RER H . 4.92 -6.47 3.20
O5 RER H . 5.57 -5.28 2.86
C5A RER H . 5.78 -7.64 2.71
H1 RER H . 5.34 -3.24 2.73
H21C RER H . 5.47 -3.80 5.12
H22C RER H . 3.87 -3.17 4.82
HO1 RER H . 4.96 -5.12 6.94
H31N RER H . 3.60 -6.12 7.04
H32N RER H . 3.40 -4.44 6.96
H3A1 RER H . 2.02 -6.31 5.37
H3A2 RER H . 1.86 -4.64 4.84
H3A3 RER H . 2.39 -5.88 3.73
H4 RER H . 5.76 -6.45 5.19
HO4 RER H . 4.57 -7.93 5.95
H5 RER H . 3.96 -6.48 2.71
H5A1 RER H . 6.77 -7.62 3.15
H5A2 RER H . 5.31 -8.59 2.97
H5A3 RER H . 5.90 -7.62 1.63
N ALA A 1 -5.49 11.04 -4.26
CA ALA A 1 -5.85 9.85 -3.48
C ALA A 1 -4.66 8.93 -3.29
N FGA A 2 -4.06 9.04 -2.09
CA FGA A 2 -2.94 8.18 -1.85
C FGA A 2 -1.66 8.84 -2.37
O FGA A 2 -1.72 9.53 -3.39
CB FGA A 2 -2.83 7.87 -0.37
CG FGA A 2 -4.14 7.32 0.20
CD FGA A 2 -3.94 6.79 1.62
OE1 FGA A 2 -2.84 6.77 2.16
H FGA A 2 -4.37 9.68 -1.38
HA FGA A 2 -3.13 7.27 -2.41
HB2 FGA A 2 -2.03 7.14 -0.21
HB3 FGA A 2 -2.56 8.78 0.17
HG2 FGA A 2 -4.90 8.10 0.21
HG3 FGA A 2 -4.52 6.50 -0.42
N LYS A 3 -5.09 6.40 2.19
CA LYS A 3 -5.10 5.93 3.56
C LYS A 3 -4.23 4.67 3.71
N DAL A 4 -3.53 4.59 4.85
CA DAL A 4 -2.72 3.39 5.02
CB DAL A 4 -3.61 2.28 5.60
C DAL A 4 -1.54 3.67 5.95
O DAL A 4 -1.34 4.78 6.45
H DAL A 4 -3.56 5.31 5.54
HA DAL A 4 -2.33 3.09 4.05
HB1 DAL A 4 -4.45 2.07 4.94
HB2 DAL A 4 -3.04 1.36 5.72
HB3 DAL A 4 -3.99 2.56 6.57
N DAL A 5 -0.78 2.58 6.15
CA DAL A 5 0.38 2.66 7.01
CB DAL A 5 1.36 3.70 6.49
C DAL A 5 1.03 1.28 7.09
O DAL A 5 2.25 1.19 6.88
OXT DAL A 5 0.33 0.31 7.36
H DAL A 5 -1.03 1.71 5.73
HA DAL A 5 0.01 2.94 7.99
HB1 DAL A 5 0.89 4.69 6.42
HB2 DAL A 5 2.23 3.78 7.14
HB3 DAL A 5 1.72 3.44 5.49
N ALA B 1 11.16 -3.94 -2.50
CA ALA B 1 10.72 -3.54 -1.16
C ALA B 1 9.60 -4.46 -0.66
N FGA B 2 9.11 -3.98 0.49
CA FGA B 2 8.02 -4.61 1.18
C FGA B 2 7.88 -3.96 2.57
O FGA B 2 7.93 -4.68 3.56
CB FGA B 2 6.78 -4.42 0.32
CG FGA B 2 6.41 -5.66 -0.50
CD FGA B 2 5.82 -5.40 -1.88
OE1 FGA B 2 5.93 -4.33 -2.47
H FGA B 2 9.52 -3.17 0.89
HA FGA B 2 8.22 -5.67 1.30
HB2 FGA B 2 6.04 -4.17 1.04
HB3 FGA B 2 6.92 -3.55 -0.32
HG2 FGA B 2 7.27 -6.30 -0.65
HG3 FGA B 2 5.71 -6.29 0.05
N LYS B 3 5.20 -6.50 -2.34
CA LYS B 3 4.44 -6.54 -3.57
C LYS B 3 3.27 -5.56 -3.55
N DAL B 4 2.85 -5.19 -4.77
CA DAL B 4 1.74 -4.24 -4.87
CB DAL B 4 0.42 -4.98 -5.15
C DAL B 4 2.05 -3.26 -6.00
O DAL B 4 2.33 -3.63 -7.13
H DAL B 4 3.28 -5.55 -5.60
HA DAL B 4 1.70 -3.70 -3.93
HB1 DAL B 4 0.20 -5.70 -4.35
HB2 DAL B 4 -0.41 -4.28 -5.21
HB3 DAL B 4 0.47 -5.54 -6.08
N DAL B 5 2.00 -1.98 -5.60
CA DAL B 5 2.30 -0.94 -6.56
CB DAL B 5 3.05 0.21 -5.88
C DAL B 5 1.01 -0.43 -7.21
O DAL B 5 -0.03 -0.51 -6.58
OXT DAL B 5 1.08 0.04 -8.35
H DAL B 5 1.75 -1.73 -4.67
HA DAL B 5 2.93 -1.42 -7.29
HB1 DAL B 5 3.99 -0.15 -5.43
HB2 DAL B 5 3.31 0.98 -6.60
HB3 DAL B 5 2.46 0.65 -5.09
N MLU C 1 1.57 1.74 12.20
CN MLU C 1 2.99 2.10 12.14
CA MLU C 1 1.17 1.05 10.99
C MLU C 1 2.00 -0.23 10.80
O MLU C 1 1.94 -1.16 11.60
CB MLU C 1 -0.30 0.66 11.01
CG MLU C 1 -1.23 1.84 11.26
CD1 MLU C 1 -1.15 2.84 10.11
CD2 MLU C 1 -2.67 1.36 11.45
H1 MLU C 1 1.41 1.12 13.03
H2 MLU C 1 1.01 2.61 12.31
HCN1 MLU C 1 3.27 2.61 13.05
HCN2 MLU C 1 3.58 1.20 12.03
HCN3 MLU C 1 3.15 2.75 11.28
HA MLU C 1 1.36 1.72 10.15
HB2 MLU C 1 -0.46 -0.09 11.80
HB3 MLU C 1 -0.57 0.18 10.07
HG MLU C 1 -0.89 2.35 12.17
HD11 MLU C 1 -1.50 2.39 9.18
HD12 MLU C 1 -0.13 3.20 9.97
HD13 MLU C 1 -1.78 3.72 10.31
HD21 MLU C 1 -2.73 0.67 12.30
HD22 MLU C 1 -3.03 0.86 10.56
HD23 MLU C 1 -3.32 2.20 11.66
N OMZ C 2 2.77 -0.22 9.68
CA OMZ C 2 3.57 -1.40 9.42
C OMZ C 2 2.88 -2.27 8.36
O OMZ C 2 2.91 -3.49 8.46
CB OMZ C 2 5.03 -1.02 9.10
OC OMZ C 2 5.64 -0.45 10.22
CG OMZ C 2 5.08 -0.04 7.96
CD1 OMZ C 2 5.31 -0.51 6.62
CD2 OMZ C 2 4.85 1.37 8.21
CE1 OMZ C 2 5.24 0.42 5.53
CL OMZ C 2 5.48 -0.14 3.91
CE2 OMZ C 2 4.78 2.28 7.11
CZ OMZ C 2 4.93 1.80 5.76
OH OMZ C 2 4.63 2.62 4.67
H OMZ C 2 2.77 0.57 9.07
HA OMZ C 2 3.56 -1.97 10.35
HB OMZ C 2 5.60 -1.91 8.83
HC OMZ C 2 6.53 -0.25 9.98
HD1 OMZ C 2 5.53 -1.55 6.43
HD2 OMZ C 2 4.70 1.71 9.22
HE2 OMZ C 2 4.57 3.33 7.30
N ASN C 3 2.24 -1.62 7.35
CA ASN C 3 1.58 -2.50 6.40
C ASN C 3 1.48 -1.93 4.97
N GHP C 4 0.68 -0.85 4.86
CA GHP C 4 0.54 -0.25 3.54
C GHP C 4 -0.94 0.14 3.31
O GHP C 4 -1.66 0.53 4.21
C1 GHP C 4 1.42 0.96 3.31
C2 GHP C 4 1.11 1.94 2.30
C3 GHP C 4 1.95 3.10 2.06
C4 GHP C 4 3.11 3.27 2.89
O4 GHP C 4 3.93 4.39 2.78
C5 GHP C 4 3.46 2.32 3.92
C6 GHP C 4 2.60 1.16 4.10
H GHP C 4 0.25 -0.45 5.67
HA GHP C 4 0.82 -1.03 2.83
HC2 GHP C 4 0.20 1.82 1.74
H6 GHP C 4 2.82 0.44 4.86
N GHP C 5 -1.30 0.02 2.01
CA GHP C 5 -2.62 0.43 1.60
C GHP C 5 -2.78 0.33 0.06
O GHP C 5 -2.29 -0.61 -0.52
C1 GHP C 5 -3.80 -0.24 2.23
C2 GHP C 5 -4.73 0.62 2.90
C3 GHP C 5 -5.97 0.14 3.41
C4 GHP C 5 -6.27 -1.26 3.28
O4 GHP C 5 -7.46 -1.74 3.79
C5 GHP C 5 -5.34 -2.15 2.64
C6 GHP C 5 -4.10 -1.64 2.11
H GHP C 5 -0.64 -0.32 1.34
HA GHP C 5 -2.61 1.47 1.90
HC2 GHP C 5 -4.50 1.67 2.99
HO4 GHP C 5 -7.52 -2.68 3.64
H5 GHP C 5 -5.58 -3.21 2.56
H6 GHP C 5 -3.42 -2.30 1.61
N OMY C 6 -3.49 1.30 -0.58
CA OMY C 6 -4.14 2.48 -0.02
OCZ OMY C 6 1.72 4.08 1.05
CE2 OMY C 6 0.19 3.77 -0.89
CE1 OMY C 6 -0.66 4.52 1.31
CZ OMY C 6 0.45 4.16 0.47
CG OMY C 6 -2.27 3.96 -0.49
CD2 OMY C 6 -1.17 3.66 -1.37
CD1 OMY C 6 -2.01 4.44 0.85
CB OMY C 6 -3.71 3.70 -0.84
CL OMY C 6 -0.35 5.05 2.93
O OMY C 6 -6.35 1.84 -0.82
C OMY C 6 -5.66 2.25 0.10
ODE OMY C 6 -3.88 3.46 -2.23
H OMY C 6 -3.56 1.19 -1.57
HA OMY C 6 -3.78 2.61 1.00
HE2 OMY C 6 1.01 3.51 -1.54
HD2 OMY C 6 -1.36 3.33 -2.38
HD1 OMY C 6 -2.82 4.70 1.49
HB OMY C 6 -4.31 4.54 -0.54
N 3FG C 7 -6.09 2.55 1.35
OD1 3FG C 7 -6.36 -0.02 6.11
CD1 3FG C 7 -7.02 1.00 5.45
CG1 3FG C 7 -6.88 1.12 4.04
CZ 3FG C 7 -7.82 1.92 6.19
CD2 3FG C 7 -8.50 2.99 5.52
OD2 3FG C 7 -9.28 3.88 6.24
CG2 3FG C 7 -8.38 3.11 4.10
CB 3FG C 7 -7.56 2.20 3.32
CA 3FG C 7 -7.44 2.38 1.80
C 3FG C 7 -8.23 3.58 1.24
O 3FG C 7 -9.41 3.43 0.94
OXT 3FG C 7 -7.62 4.65 1.12
H 3FG C 7 -5.43 2.88 2.02
HA 3FG C 7 -7.75 1.46 1.31
HD1 3FG C 7 -5.88 -0.54 5.49
HZ 3FG C 7 -7.88 1.82 7.27
HD2 3FG C 7 -9.26 3.65 7.15
HG2 3FG C 7 -8.87 3.93 3.59
N MLU D 1 0.35 0.40 -12.52
CN MLU D 1 0.84 1.75 -12.82
CA MLU D 1 -0.04 0.29 -11.12
C MLU D 1 -1.15 1.30 -10.80
O MLU D 1 -1.81 1.83 -11.69
CB MLU D 1 -0.52 -1.12 -10.77
CG MLU D 1 0.55 -2.18 -11.02
CD1 MLU D 1 1.77 -1.94 -10.14
CD2 MLU D 1 -0.02 -3.57 -10.79
H1 MLU D 1 -0.46 0.18 -13.12
H2 MLU D 1 1.12 -0.29 -12.71
HCN1 MLU D 1 0.04 2.46 -12.61
HCN2 MLU D 1 1.69 1.96 -12.17
HCN3 MLU D 1 1.13 1.79 -13.86
HA MLU D 1 0.83 0.54 -10.52
HB2 MLU D 1 -1.41 -1.34 -11.36
HB3 MLU D 1 -0.82 -1.14 -9.72
HG MLU D 1 0.86 -2.09 -12.07
HD11 MLU D 1 2.19 -0.95 -10.30
HD12 MLU D 1 1.51 -2.04 -9.09
HD13 MLU D 1 2.55 -2.67 -10.35
HD21 MLU D 1 -0.88 -3.76 -11.44
HD22 MLU D 1 -0.35 -3.69 -9.76
HD23 MLU D 1 0.73 -4.33 -11.00
N OMZ D 2 -1.32 1.52 -9.48
CA OMZ D 2 -2.36 2.45 -9.09
C OMZ D 2 -3.11 1.96 -7.83
O OMZ D 2 -4.26 2.31 -7.64
CB OMZ D 2 -1.79 3.88 -8.99
OC OMZ D 2 -1.20 4.24 -10.21
CG OMZ D 2 -0.79 4.01 -7.90
CD1 OMZ D 2 -1.04 4.90 -6.78
CD2 OMZ D 2 0.41 3.22 -7.91
CE1 OMZ D 2 -0.13 4.93 -5.68
CL OMZ D 2 -0.45 5.96 -4.33
CE2 OMZ D 2 1.33 3.25 -6.80
CZ OMZ D 2 1.03 4.07 -5.66
OH OMZ D 2 1.79 3.94 -4.51
H OMZ D 2 -0.75 1.06 -8.80
HA OMZ D 2 -3.08 2.42 -9.91
HB OMZ D 2 -2.61 4.58 -8.81
HC OMZ D 2 -0.90 5.14 -10.11
HD1 OMZ D 2 -1.93 5.53 -6.78
HD2 OMZ D 2 0.65 2.58 -8.76
HE2 OMZ D 2 2.20 2.64 -6.80
N ASN D 3 -2.42 1.14 -7.00
CA ASN D 3 -3.16 0.64 -5.84
C ASN D 3 -2.40 0.72 -4.51
N GHP D 4 -1.45 -0.21 -4.39
CA GHP D 4 -0.69 -0.28 -3.16
C GHP D 4 -0.34 -1.75 -2.82
O GHP D 4 -0.14 -2.59 -3.68
C1 GHP D 4 0.55 0.58 -3.13
C2 GHP D 4 1.72 0.22 -2.37
C3 GHP D 4 2.88 1.09 -2.28
C4 GHP D 4 2.85 2.33 -3.02
O4 GHP D 4 3.93 3.18 -2.95
C5 GHP D 4 1.71 2.71 -3.82
C6 GHP D 4 0.57 1.81 -3.85
H GHP D 4 -1.24 -0.76 -5.20
HA GHP D 4 -1.37 0.10 -2.40
HC2 GHP D 4 1.72 -0.74 -1.86
H6 GHP D 4 -0.30 2.05 -4.44
N GHP D 5 -0.29 -1.93 -1.49
CA GHP D 5 0.07 -3.21 -0.94
C GHP D 5 0.27 -3.09 0.59
O GHP D 5 -0.48 -2.38 1.23
C1 GHP D 5 -0.87 -4.34 -1.18
C2 GHP D 5 -0.34 -5.49 -1.84
C3 GHP D 5 -1.07 -6.69 -1.97
C4 GHP D 5 -2.41 -6.75 -1.50
O4 GHP D 5 -3.14 -7.91 -1.65
C5 GHP D 5 -3.00 -5.60 -0.84
C6 GHP D 5 -2.23 -4.40 -0.68
H GHP D 5 -0.49 -1.17 -0.88
HA GHP D 5 1.02 -3.42 -1.42
HC2 GHP D 5 0.67 -5.44 -2.21
HO4 GHP D 5 -4.01 -7.78 -1.28
H5 GHP D 5 -4.02 -5.66 -0.47
H6 GHP D 5 -2.65 -3.54 -0.17
N OMY D 6 1.27 -3.81 1.16
CA OMY D 6 2.25 -4.70 0.53
OCZ OMY D 6 4.05 0.84 -1.52
CE2 OMY D 6 4.12 -0.44 0.61
CE1 OMY D 6 4.19 -1.59 -1.60
CZ OMY D 6 4.16 -0.37 -0.83
CG OMY D 6 3.94 -2.94 0.48
CD2 OMY D 6 3.99 -1.72 1.26
CD1 OMY D 6 4.09 -2.87 -0.95
CB OMY D 6 3.63 -4.30 1.07
CL OMY D 6 4.31 -1.51 -3.32
O OMY D 6 1.57 -6.69 1.77
C OMY D 6 1.83 -6.18 0.68
ODE OMY D 6 3.60 -4.26 2.48
H OMY D 6 1.34 -3.67 2.15
HA OMY D 6 2.29 -4.53 -0.53
HE2 OMY D 6 4.16 0.48 1.16
HD2 OMY D 6 3.90 -1.77 2.33
HD1 OMY D 6 4.09 -3.78 -1.51
HB OMY D 6 4.33 -5.05 0.72
N 3FG D 7 1.78 -6.81 -0.53
OD1 3FG D 7 -1.98 -7.51 -4.44
CD1 3FG D 7 -0.89 -8.18 -3.93
CG1 3FG D 7 -0.38 -7.82 -2.64
CZ 3FG D 7 -0.26 -9.21 -4.70
CD2 3FG D 7 0.88 -9.90 -4.19
OD2 3FG D 7 1.50 -10.89 -4.93
CG2 3FG D 7 1.39 -9.56 -2.89
CB 3FG D 7 0.77 -8.52 -2.09
CA 3FG D 7 1.34 -8.18 -0.70
C 3FG D 7 2.53 -9.07 -0.28
O 3FG D 7 2.31 -10.07 0.39
OXT 3FG D 7 3.66 -8.73 -0.63
H 3FG D 7 2.03 -6.29 -1.34
HA 3FG D 7 0.54 -8.28 0.04
HD1 3FG D 7 -2.19 -7.86 -5.30
HZ 3FG D 7 -0.65 -9.43 -5.69
HD2 3FG D 7 1.05 -10.99 -5.76
HG2 3FG D 7 2.27 -10.05 -2.52
C2 BGC E . 5.47 5.68 1.53
C3 BGC E . 6.36 5.73 0.28
C4 BGC E . 7.06 4.39 0.06
C5 BGC E . 6.06 3.24 0.19
C6 BGC E . 6.73 1.87 0.12
C1 BGC E . 4.58 4.44 1.53
O2 BGC E . 4.66 6.85 1.57
O3 BGC E . 7.31 6.74 0.45
O4 BGC E . 7.61 4.36 -1.23
O5 BGC E . 5.41 3.32 1.43
O6 BGC E . 7.95 1.87 0.82
H2 BGC E . 6.09 5.67 2.41
H3 BGC E . 5.76 5.97 -0.59
H4 BGC E . 7.86 4.27 0.78
H5 BGC E . 5.31 3.30 -0.60
H61 BGC E . 6.08 1.13 0.56
H62 BGC E . 6.91 1.57 -0.91
H1 BGC E . 3.86 4.46 0.72
HO3 BGC E . 6.96 7.52 0.04
HO4 BGC E . 8.42 3.88 -1.17
HO6 BGC E . 8.29 0.98 0.76
C1 RER E . 5.21 7.84 2.38
C2 RER E . 4.38 9.13 2.30
C3 RER E . 3.00 8.99 2.95
N3 RER E . 2.40 10.30 3.11
C3A RER E . 2.08 8.13 2.07
C4 RER E . 3.16 8.33 4.33
O4 RER E . 1.89 8.06 4.87
C5 RER E . 3.97 7.04 4.21
O5 RER E . 5.24 7.38 3.72
C5A RER E . 4.10 6.30 5.53
H1 RER E . 6.23 8.04 2.06
H21C RER E . 4.93 9.92 2.82
H22C RER E . 4.27 9.45 1.27
HO1 RER E . 2.30 10.74 2.18
H31N RER E . 3.01 10.89 3.71
H32N RER E . 1.46 10.21 3.56
H3A1 RER E . 2.51 7.14 1.91
H3A2 RER E . 1.11 8.01 2.53
H3A3 RER E . 1.95 8.61 1.10
H4 RER E . 3.67 9.02 5.01
HO4 RER E . 1.67 8.80 5.42
H5 RER E . 3.47 6.40 3.48
H5A1 RER E . 4.60 6.93 6.28
H5A2 RER E . 3.12 6.03 5.92
H5A3 RER E . 4.68 5.39 5.41
C2 BGC F . 5.53 4.49 -4.11
C3 BGC F . 6.41 4.57 -5.35
C4 BGC F . 7.03 3.21 -5.67
C5 BGC F . 5.98 2.11 -5.65
C6 BGC F . 6.67 0.75 -5.83
C1 BGC F . 4.59 3.29 -4.19
O2 BGC F . 4.76 5.66 -4.01
O3 BGC F . 7.42 5.52 -5.11
O4 BGC F . 7.61 3.25 -6.95
O5 BGC F . 5.32 2.11 -4.42
O6 BGC F . 7.65 0.57 -4.84
H2 BGC F . 6.15 4.35 -3.22
H3 BGC F . 5.82 4.92 -6.20
H4 BGC F . 7.80 2.94 -4.95
H5 BGC F . 5.25 2.26 -6.45
H61 BGC F . 5.95 -0.05 -5.73
H62 BGC F . 7.15 0.68 -6.80
H1 BGC F . 3.87 3.44 -5.01
HO3 BGC F . 7.59 5.95 -5.93
HO4 BGC F . 8.53 3.49 -6.83
HO6 BGC F . 8.04 -0.29 -4.99
C1 RER F . 5.14 6.53 -2.98
C2 RER F . 5.29 7.95 -3.55
C3 RER F . 3.94 8.52 -4.03
N3 RER F . 4.10 9.94 -4.31
C3A RER F . 3.46 7.82 -5.29
C4 RER F . 2.91 8.35 -2.91
O4 RER F . 1.65 8.74 -3.37
C5 RER F . 2.88 6.90 -2.42
O5 RER F . 4.16 6.54 -1.97
C5A RER F . 1.89 6.71 -1.28
H1 RER F . 6.08 6.21 -2.54
H21C RER F . 5.70 8.60 -2.78
H22C RER F . 6.00 7.95 -4.38
HO1 RER F . 3.20 10.33 -4.61
H31N RER F . 4.81 10.06 -5.07
H32N RER F . 4.43 10.43 -3.46
H3A1 RER F . 4.21 7.87 -6.08
H3A2 RER F . 3.22 6.76 -5.10
H3A3 RER F . 2.54 8.29 -5.66
H4 RER F . 3.18 9.00 -2.07
HO4 RER F . 1.21 9.15 -2.64
H5 RER F . 2.60 6.24 -3.26
H5A1 RER F . 2.16 7.35 -0.43
H5A2 RER F . 1.88 5.68 -0.93
H5A3 RER F . 0.87 6.97 -1.58
C1 RER G . -3.72 4.63 -2.98
C2 RER G . -4.06 4.40 -4.46
C3 RER G . -5.56 4.25 -4.72
N3 RER G . -5.82 4.41 -6.14
C3A RER G . -6.05 2.87 -4.28
C4 RER G . -6.30 5.34 -3.95
O4 RER G . -7.69 5.19 -4.11
C5 RER G . -5.91 5.25 -2.48
O5 RER G . -4.56 5.62 -2.43
C5A RER G . -6.74 6.20 -1.61
H1 RER G . -2.69 4.97 -2.89
H21C RER G . -3.70 5.25 -5.03
H22C RER G . -3.52 3.53 -4.84
HO1 RER G . -5.50 5.35 -6.46
H31N RER G . -6.85 4.33 -6.32
H32N RER G . -5.31 3.67 -6.67
H3A1 RER G . -7.14 2.81 -4.33
H3A2 RER G . -5.75 2.63 -3.27
H3A3 RER G . -5.66 2.09 -4.94
H4 RER G . -6.01 6.31 -4.32
HO4 RER G . -8.05 6.07 -4.15
H5 RER G . -6.02 4.22 -2.13
H5A1 RER G . -6.47 6.12 -0.56
H5A2 RER G . -6.59 7.24 -1.91
H5A3 RER G . -7.81 5.98 -1.70
C1 RER H . 4.87 -4.13 3.09
C2 RER H . 4.62 -4.00 4.60
C3 RER H . 4.04 -5.29 5.19
N3 RER H . 4.10 -5.20 6.66
C3A RER H . 2.59 -5.54 4.79
C4 RER H . 4.89 -6.47 4.74
O4 RER H . 4.31 -7.67 5.17
C5 RER H . 5.04 -6.46 3.23
O5 RER H . 5.66 -5.27 2.87
C5A RER H . 5.89 -7.62 2.72
H1 RER H . 5.39 -3.25 2.68
H21C RER H . 5.56 -3.76 5.10
H22C RER H . 3.95 -3.16 4.81
HO1 RER H . 5.09 -5.05 6.96
H31N RER H . 3.74 -6.08 7.07
H32N RER H . 3.52 -4.39 6.97
H3A1 RER H . 2.15 -6.33 5.41
H3A2 RER H . 1.96 -4.66 4.88
H3A3 RER H . 2.50 -5.87 3.76
H4 RER H . 5.89 -6.41 5.20
HO4 RER H . 4.72 -7.90 6.00
H5 RER H . 4.06 -6.49 2.75
H5A1 RER H . 6.00 -7.58 1.64
H5A2 RER H . 6.89 -7.60 3.17
H5A3 RER H . 5.44 -8.58 2.97
N ALA A 1 -5.11 10.68 -5.04
CA ALA A 1 -5.14 10.15 -3.68
C ALA A 1 -4.05 9.09 -3.48
N FGA A 2 -3.70 8.94 -2.18
CA FGA A 2 -2.69 7.95 -1.90
C FGA A 2 -1.34 8.42 -2.44
O FGA A 2 -1.20 8.58 -3.64
CB FGA A 2 -2.62 7.70 -0.40
CG FGA A 2 -3.99 7.32 0.18
CD FGA A 2 -3.80 6.82 1.62
OE1 FGA A 2 -2.70 6.74 2.15
H FGA A 2 -4.09 9.49 -1.44
HA FGA A 2 -3.01 7.05 -2.43
HB2 FGA A 2 -1.90 6.91 -0.20
HB3 FGA A 2 -2.26 8.59 0.09
HG2 FGA A 2 -4.65 8.18 0.18
HG3 FGA A 2 -4.46 6.53 -0.40
N LYS A 3 -4.97 6.53 2.22
CA LYS A 3 -4.98 6.11 3.61
C LYS A 3 -4.18 4.82 3.80
N DAL A 4 -3.43 4.74 4.91
CA DAL A 4 -2.68 3.50 5.10
CB DAL A 4 -3.61 2.43 5.68
C DAL A 4 -1.49 3.74 6.03
O DAL A 4 -1.23 4.83 6.50
H DAL A 4 -3.40 5.48 5.57
HA DAL A 4 -2.30 3.18 4.12
HB1 DAL A 4 -4.46 2.25 5.02
HB2 DAL A 4 -3.09 1.49 5.81
HB3 DAL A 4 -4.00 2.73 6.66
N DAL A 5 -0.79 2.61 6.24
CA DAL A 5 0.37 2.62 7.10
CB DAL A 5 1.39 3.65 6.60
C DAL A 5 0.99 1.22 7.14
O DAL A 5 2.20 1.10 6.95
OXT DAL A 5 0.25 0.27 7.36
H DAL A 5 -1.10 1.74 5.82
HA DAL A 5 0.02 2.89 8.09
HB1 DAL A 5 0.95 4.65 6.57
HB2 DAL A 5 2.26 3.68 7.25
HB3 DAL A 5 1.73 3.40 5.59
N ALA B 1 11.24 -2.85 0.92
CA ALA B 1 10.15 -2.97 1.89
C ALA B 1 8.85 -2.47 1.30
N FGA B 2 8.55 -3.03 0.12
CA FGA B 2 7.33 -2.58 -0.50
C FGA B 2 7.50 -1.13 -0.96
O FGA B 2 8.35 -0.44 -0.39
CB FGA B 2 6.97 -3.42 -1.71
CG FGA B 2 6.34 -4.76 -1.36
CD FGA B 2 5.54 -5.26 -2.56
OE1 FGA B 2 5.26 -4.48 -3.48
H FGA B 2 9.16 -3.72 -0.27
HA FGA B 2 6.54 -2.66 0.24
HB2 FGA B 2 6.22 -2.86 -2.26
HB3 FGA B 2 7.82 -3.56 -2.38
HG2 FGA B 2 7.07 -5.51 -1.06
HG3 FGA B 2 5.66 -4.64 -0.53
N LYS B 3 5.22 -6.56 -2.54
CA LYS B 3 4.49 -7.01 -3.69
C LYS B 3 3.16 -6.24 -3.79
N DAL B 4 3.19 -5.28 -4.71
CA DAL B 4 2.01 -4.46 -4.90
CB DAL B 4 0.79 -5.33 -5.25
C DAL B 4 2.27 -3.43 -6.00
O DAL B 4 2.92 -3.70 -7.00
H DAL B 4 3.99 -5.24 -5.30
HA DAL B 4 1.84 -3.92 -3.96
HB1 DAL B 4 0.61 -6.06 -4.47
HB2 DAL B 4 -0.10 -4.72 -5.37
HB3 DAL B 4 0.97 -5.87 -6.18
N DAL B 5 1.74 -2.23 -5.72
CA DAL B 5 1.90 -1.15 -6.67
CB DAL B 5 3.07 -0.25 -6.25
C DAL B 5 0.60 -0.34 -6.77
O DAL B 5 0.61 0.83 -6.38
OXT DAL B 5 -0.39 -0.90 -7.23
H DAL B 5 1.20 -2.05 -4.91
HA DAL B 5 2.11 -1.63 -7.61
HB1 DAL B 5 3.99 -0.84 -6.18
HB2 DAL B 5 3.24 0.55 -6.99
HB3 DAL B 5 2.90 0.21 -5.29
N MLU C 1 1.49 1.23 12.31
CN MLU C 1 2.91 1.56 12.37
CA MLU C 1 1.15 0.67 11.01
C MLU C 1 1.96 -0.60 10.74
O MLU C 1 1.84 -1.60 11.45
CB MLU C 1 -0.34 0.32 10.92
CG MLU C 1 -1.24 1.50 11.25
CD1 MLU C 1 -1.13 2.59 10.19
CD2 MLU C 1 -2.70 1.03 11.38
H1 MLU C 1 1.27 0.55 13.06
H2 MLU C 1 0.93 2.10 12.47
HCN1 MLU C 1 3.13 2.28 11.58
HCN2 MLU C 1 3.15 1.98 13.35
HCN3 MLU C 1 3.49 0.65 12.20
HA MLU C 1 1.39 1.42 10.26
HB2 MLU C 1 -0.55 -0.50 11.61
HB3 MLU C 1 -0.57 -0.06 9.93
HG MLU C 1 -0.93 1.91 12.21
HD11 MLU C 1 -0.10 2.93 10.08
HD12 MLU C 1 -1.47 2.23 9.23
HD13 MLU C 1 -1.74 3.46 10.46
HD21 MLU C 1 -3.35 1.85 11.64
HD22 MLU C 1 -3.05 0.60 10.43
HD23 MLU C 1 -2.79 0.26 12.15
N OMZ C 2 2.79 -0.50 9.70
CA OMZ C 2 3.60 -1.66 9.36
C OMZ C 2 2.90 -2.49 8.24
O OMZ C 2 3.04 -3.70 8.21
CB OMZ C 2 5.05 -1.26 9.04
OC OMZ C 2 5.64 -0.71 10.19
CG OMZ C 2 5.09 -0.24 7.95
CD1 OMZ C 2 5.30 -0.66 6.59
CD2 OMZ C 2 4.85 1.15 8.25
CE1 OMZ C 2 5.21 0.29 5.53
CL OMZ C 2 5.44 -0.21 3.89
CE2 OMZ C 2 4.77 2.11 7.17
CZ OMZ C 2 4.91 1.68 5.81
OH OMZ C 2 4.61 2.52 4.74
H OMZ C 2 2.83 0.34 9.15
HA OMZ C 2 3.59 -2.29 10.25
HB OMZ C 2 5.62 -2.14 8.74
HC OMZ C 2 5.70 -1.42 10.82
HD1 OMZ C 2 5.50 -1.70 6.37
HD2 OMZ C 2 4.71 1.48 9.26
HE2 OMZ C 2 4.57 3.15 7.38
N ASN C 3 2.16 -1.78 7.36
CA ASN C 3 1.47 -2.59 6.35
C ASN C 3 1.42 -1.95 4.96
N GHP C 4 0.59 -0.90 4.89
CA GHP C 4 0.43 -0.24 3.61
C GHP C 4 -1.02 0.20 3.40
O GHP C 4 -1.71 0.65 4.31
C1 GHP C 4 1.36 0.94 3.38
C2 GHP C 4 1.08 1.92 2.38
C3 GHP C 4 1.93 3.07 2.13
C4 GHP C 4 3.10 3.22 2.98
O4 GHP C 4 3.92 4.32 2.88
C5 GHP C 4 3.43 2.24 3.99
C6 GHP C 4 2.54 1.11 4.16
H GHP C 4 0.14 -0.56 5.72
HA GHP C 4 0.67 -1.00 2.86
HC2 GHP C 4 0.16 1.83 1.81
H6 GHP C 4 2.77 0.37 4.92
N GHP C 5 -1.41 0.05 2.13
CA GHP C 5 -2.73 0.48 1.71
C GHP C 5 -2.89 0.34 0.20
O GHP C 5 -2.42 -0.65 -0.37
C1 GHP C 5 -3.92 -0.14 2.37
C2 GHP C 5 -4.83 0.74 3.02
C3 GHP C 5 -6.07 0.32 3.53
C4 GHP C 5 -6.42 -1.06 3.45
O4 GHP C 5 -7.61 -1.50 3.97
C5 GHP C 5 -5.51 -2.00 2.82
C6 GHP C 5 -4.26 -1.54 2.28
H GHP C 5 -0.78 -0.35 1.46
HA GHP C 5 -2.68 1.52 2.00
HC2 GHP C 5 -4.56 1.80 3.08
HO4 GHP C 5 -7.69 -2.44 3.84
H5 GHP C 5 -5.78 -3.05 2.76
H6 GHP C 5 -3.59 -2.24 1.79
N OMY C 6 -3.56 1.31 -0.48
CA OMY C 6 -4.17 2.53 0.06
OCZ OMY C 6 1.73 4.05 1.12
CE2 OMY C 6 0.22 3.76 -0.82
CE1 OMY C 6 -0.65 4.51 1.38
CZ OMY C 6 0.46 4.14 0.55
CG OMY C 6 -2.25 3.95 -0.43
CD2 OMY C 6 -1.14 3.66 -1.31
CD1 OMY C 6 -1.99 4.42 0.90
CB OMY C 6 -3.69 3.69 -0.81
CL OMY C 6 -0.36 5.02 3.00
O OMY C 6 -6.40 1.97 -0.74
C OMY C 6 -5.69 2.36 0.18
ODE OMY C 6 -3.79 3.34 -2.15
H OMY C 6 -3.65 1.17 -1.47
HA OMY C 6 -3.81 2.69 1.07
HE2 OMY C 6 1.04 3.52 -1.47
HD2 OMY C 6 -1.34 3.36 -2.33
HD1 OMY C 6 -2.83 4.65 1.53
HB OMY C 6 -4.28 4.58 -0.60
N 3FG C 7 -6.11 2.70 1.43
OD1 3FG C 7 -6.47 0.22 6.24
CD1 3FG C 7 -7.08 1.26 5.56
CG1 3FG C 7 -6.94 1.35 4.14
CZ 3FG C 7 -7.83 2.23 6.30
CD2 3FG C 7 -8.48 3.31 5.61
OD2 3FG C 7 -9.20 4.26 6.30
CG2 3FG C 7 -8.35 3.41 4.18
CB 3FG C 7 -7.59 2.44 3.42
CA 3FG C 7 -7.47 2.59 1.89
C 3FG C 7 -8.20 3.81 1.32
O 3FG C 7 -9.37 3.68 0.96
OXT 3FG C 7 -7.59 4.88 1.23
H 3FG C 7 -5.43 3.02 2.07
HA 3FG C 7 -7.81 1.67 1.41
HD1 3FG C 7 -6.01 -0.33 5.63
HZ 3FG C 7 -7.89 2.15 7.37
HD2 3FG C 7 -9.18 4.04 7.23
HG2 3FG C 7 -8.80 4.24 3.66
N MLU D 1 0.80 0.24 -11.98
CN MLU D 1 1.27 1.62 -11.87
CA MLU D 1 0.03 -0.12 -10.79
C MLU D 1 -1.17 0.80 -10.63
O MLU D 1 -2.07 0.86 -11.47
CB MLU D 1 -0.50 -1.56 -10.86
CG MLU D 1 0.63 -2.59 -10.93
CD1 MLU D 1 1.52 -2.51 -9.70
CD2 MLU D 1 0.04 -4.00 -11.06
H1 MLU D 1 0.20 0.15 -12.83
H2 MLU D 1 1.61 -0.40 -12.07
HCN1 MLU D 1 1.85 1.86 -12.77
HCN2 MLU D 1 0.42 2.28 -11.79
HCN3 MLU D 1 1.90 1.71 -10.99
HA MLU D 1 0.68 -0.01 -9.93
HB2 MLU D 1 -1.14 -1.67 -11.73
HB3 MLU D 1 -1.11 -1.76 -9.99
HG MLU D 1 1.23 -2.38 -11.81
HD11 MLU D 1 0.95 -2.74 -8.79
HD12 MLU D 1 2.34 -3.23 -9.77
HD13 MLU D 1 1.95 -1.52 -9.59
HD21 MLU D 1 -0.57 -4.25 -10.20
HD22 MLU D 1 -0.59 -4.08 -11.95
HD23 MLU D 1 0.83 -4.75 -11.14
N OMZ D 2 -1.15 1.53 -9.49
CA OMZ D 2 -2.27 2.42 -9.23
C OMZ D 2 -3.13 1.86 -8.07
O OMZ D 2 -4.34 2.03 -8.07
CB OMZ D 2 -1.81 3.88 -9.04
OC OMZ D 2 -1.20 4.33 -10.24
CG OMZ D 2 -0.83 4.06 -7.92
CD1 OMZ D 2 -1.18 4.89 -6.79
CD2 OMZ D 2 0.44 3.39 -7.94
CE1 OMZ D 2 -0.29 4.97 -5.66
CL OMZ D 2 -0.72 5.92 -4.29
CE2 OMZ D 2 1.33 3.47 -6.82
CZ OMZ D 2 0.94 4.23 -5.66
OH OMZ D 2 1.68 4.10 -4.47
H OMZ D 2 -0.41 1.42 -8.84
HA OMZ D 2 -2.90 2.37 -10.11
HB OMZ D 2 -2.67 4.53 -8.86
HC OMZ D 2 -0.38 3.88 -10.31
HD1 OMZ D 2 -2.10 5.43 -6.76
HD2 OMZ D 2 0.72 2.81 -8.81
HE2 OMZ D 2 2.26 2.93 -6.83
N ASN D 3 -2.47 1.16 -7.12
CA ASN D 3 -3.31 0.59 -6.07
C ASN D 3 -2.66 0.55 -4.67
N GHP D 4 -1.47 -0.08 -4.61
CA GHP D 4 -0.82 -0.16 -3.30
C GHP D 4 -0.53 -1.63 -2.91
O GHP D 4 -0.50 -2.53 -3.73
C1 GHP D 4 0.45 0.66 -3.25
C2 GHP D 4 1.66 0.23 -2.60
C3 GHP D 4 2.83 1.10 -2.50
C4 GHP D 4 2.77 2.40 -3.13
O4 GHP D 4 3.87 3.22 -3.03
C5 GHP D 4 1.60 2.84 -3.84
C6 GHP D 4 0.44 1.96 -3.86
H GHP D 4 -1.04 -0.47 -5.43
HA GHP D 4 -1.52 0.31 -2.61
HC2 GHP D 4 1.71 -0.76 -2.18
H6 GHP D 4 -0.46 2.29 -4.36
N GHP D 5 -0.35 -1.76 -1.58
CA GHP D 5 0.00 -3.05 -0.99
C GHP D 5 0.20 -2.90 0.53
O GHP D 5 -0.56 -2.18 1.16
C1 GHP D 5 -0.91 -4.21 -1.24
C2 GHP D 5 -0.32 -5.39 -1.78
C3 GHP D 5 -1.04 -6.60 -1.94
C4 GHP D 5 -2.42 -6.63 -1.56
O4 GHP D 5 -3.14 -7.79 -1.72
C5 GHP D 5 -3.07 -5.45 -1.03
C6 GHP D 5 -2.30 -4.24 -0.86
H GHP D 5 -0.42 -0.96 -0.99
HA GHP D 5 0.96 -3.25 -1.47
HC2 GHP D 5 0.72 -5.36 -2.06
HO4 GHP D 5 -2.58 -8.46 -2.07
H5 GHP D 5 -4.11 -5.48 -0.75
H6 GHP D 5 -2.77 -3.35 -0.45
N OMY D 6 1.18 -3.62 1.14
CA OMY D 6 2.16 -4.53 0.53
OCZ OMY D 6 4.04 0.83 -1.82
CE2 OMY D 6 4.17 -0.35 0.35
CE1 OMY D 6 4.09 -1.59 -1.79
CZ OMY D 6 4.14 -0.35 -1.09
CG OMY D 6 3.90 -2.85 0.35
CD2 OMY D 6 4.02 -1.59 1.07
CD1 OMY D 6 3.98 -2.83 -1.09
CB OMY D 6 3.54 -4.14 1.04
CL OMY D 6 4.12 -1.60 -3.52
O OMY D 6 1.39 -6.43 1.83
C OMY D 6 1.73 -5.99 0.74
ODE OMY D 6 3.54 -4.01 2.44
H OMY D 6 1.26 -3.49 2.13
HA OMY D 6 2.13 -4.39 -0.53
HE2 OMY D 6 4.28 0.59 0.87
HD2 OMY D 6 3.98 -1.58 2.14
HD1 OMY D 6 3.92 -3.76 -1.64
HB OMY D 6 4.25 -4.93 0.77
N 3FG D 7 1.78 -6.68 -0.42
OD1 3FG D 7 -1.92 -7.59 -4.32
CD1 3FG D 7 -0.84 -8.24 -3.75
CG1 3FG D 7 -0.34 -7.79 -2.50
CZ 3FG D 7 -0.24 -9.35 -4.43
CD2 3FG D 7 0.87 -10.03 -3.85
OD2 3FG D 7 1.46 -11.09 -4.51
CG2 3FG D 7 1.38 -9.59 -2.58
CB 3FG D 7 0.79 -8.47 -1.88
CA 3FG D 7 1.37 -8.05 -0.51
C 3FG D 7 2.61 -8.87 -0.07
O 3FG D 7 2.45 -9.86 0.65
OXT 3FG D 7 3.72 -8.50 -0.47
H 3FG D 7 2.10 -6.22 -1.24
HA 3FG D 7 0.59 -8.12 0.24
HD1 3FG D 7 -2.20 -6.89 -3.76
HZ 3FG D 7 -0.64 -9.65 -5.39
HD2 3FG D 7 2.18 -11.42 -3.99
HG2 3FG D 7 2.23 -10.10 -2.15
C2 BGC E . 5.51 5.64 1.75
C3 BGC E . 6.51 5.70 0.58
C4 BGC E . 7.26 4.36 0.46
C5 BGC E . 6.26 3.20 0.44
C6 BGC E . 6.96 1.86 0.47
C1 BGC E . 4.62 4.40 1.66
O2 BGC E . 4.72 6.80 1.74
O3 BGC E . 7.43 6.74 0.84
O4 BGC E . 7.99 4.36 -0.74
O5 BGC E . 5.44 3.26 1.58
O6 BGC E . 7.88 1.79 1.52
H2 BGC E . 6.06 5.60 2.68
H3 BGC E . 5.99 5.93 -0.34
H4 BGC E . 7.95 4.24 1.29
H5 BGC E . 5.64 3.30 -0.46
H61 BGC E . 6.22 1.07 0.63
H62 BGC E . 7.46 1.61 -0.46
H1 BGC E . 3.93 4.43 0.82
HO3 BGC E . 7.64 7.12 0.00
HO4 BGC E . 8.87 4.63 -0.52
HO6 BGC E . 8.26 0.92 1.50
C1 RER E . 5.23 7.79 2.60
C2 RER E . 4.40 9.07 2.51
C3 RER E . 3.00 8.90 3.10
N3 RER E . 2.38 10.22 3.24
C3A RER E . 2.13 8.06 2.17
C4 RER E . 3.11 8.25 4.47
O4 RER E . 1.82 7.97 4.96
C5 RER E . 3.93 6.97 4.37
O5 RER E . 5.22 7.31 3.93
C5A RER E . 4.03 6.22 5.71
H1 RER E . 6.26 8.01 2.31
H21C RER E . 4.92 9.86 3.05
H22C RER E . 4.33 9.41 1.47
HO1 RER E . 1.43 10.11 3.64
H31N RER E . 2.31 10.67 2.30
H32N RER E . 2.96 10.81 3.87
H3A1 RER E . 2.55 7.06 2.04
H3A2 RER E . 1.12 7.94 2.58
H3A3 RER E . 2.04 8.52 1.19
H4 RER E . 3.58 8.94 5.17
HO4 RER E . 1.85 8.10 5.90
H5 RER E . 3.46 6.32 3.64
H5A1 RER E . 3.04 5.95 6.08
H5A2 RER E . 4.62 5.32 5.61
H5A3 RER E . 4.50 6.86 6.46
C2 BGC F . 5.61 4.36 -4.11
C3 BGC F . 6.54 4.40 -5.31
C4 BGC F . 7.07 3.00 -5.64
C5 BGC F . 5.96 1.96 -5.63
C6 BGC F . 6.57 0.57 -5.75
C1 BGC F . 4.59 3.25 -4.24
O2 BGC F . 4.91 5.57 -4.02
O3 BGC F . 7.62 5.25 -5.01
O4 BGC F . 7.65 3.01 -6.92
O5 BGC F . 5.26 2.02 -4.41
O6 BGC F . 7.52 0.35 -4.74
H2 BGC F . 6.19 4.21 -3.19
H3 BGC F . 6.01 4.82 -6.16
H4 BGC F . 7.83 2.69 -4.92
H5 BGC F . 5.26 2.14 -6.43
H61 BGC F . 5.81 -0.20 -5.66
H62 BGC F . 7.08 0.44 -6.71
H1 BGC F . 3.93 3.43 -5.09
HO3 BGC F . 7.41 6.11 -5.36
HO4 BGC F . 8.41 2.45 -6.88
HO6 BGC F . 7.86 -0.53 -4.87
C1 RER F . 5.32 6.40 -2.97
C2 RER F . 5.28 7.85 -3.47
C3 RER F . 3.85 8.32 -3.74
N3 RER F . 3.86 9.76 -3.97
C3A RER F . 3.26 7.64 -4.99
C4 RER F . 2.99 8.00 -2.53
O4 RER F . 1.64 8.32 -2.82
C5 RER F . 3.11 6.52 -2.16
O5 RER F . 4.46 6.25 -1.86
C5A RER F . 2.28 6.19 -0.92
H1 RER F . 6.33 6.11 -2.65
H21C RER F . 5.73 8.49 -2.71
H22C RER F . 5.89 7.95 -4.36
HO1 RER F . 4.25 10.24 -3.13
H31N RER F . 2.89 10.09 -4.15
H32N RER F . 4.45 9.98 -4.79
H3A1 RER F . 3.14 6.57 -4.84
H3A2 RER F . 2.28 8.05 -5.23
H3A3 RER F . 3.90 7.79 -5.86
H4 RER F . 3.29 8.62 -1.69
HO4 RER F . 1.38 7.78 -3.55
H5 RER F . 2.79 5.89 -3.00
H5A1 RER F . 1.22 6.34 -1.11
H5A2 RER F . 2.44 5.15 -0.63
H5A3 RER F . 2.57 6.82 -0.08
C1 RER G . -3.63 4.43 -3.01
C2 RER G . -3.85 3.93 -4.44
C3 RER G . -5.32 3.84 -4.84
N3 RER G . -5.45 3.81 -6.29
C3A RER G . -5.98 2.58 -4.25
C4 RER G . -6.02 5.08 -4.31
O4 RER G . -7.37 5.11 -4.69
C5 RER G . -5.85 5.16 -2.81
O5 RER G . -4.50 5.47 -2.63
C5A RER G . -6.71 6.24 -2.17
H1 RER G . -2.62 4.83 -2.94
H21C RER G . -3.39 2.97 -4.58
H22C RER G . -3.27 4.56 -5.10
HO1 RER G . -4.97 2.97 -6.66
H31N RER G . -5.02 4.66 -6.69
H32N RER G . -6.46 3.77 -6.55
H3A1 RER G . -5.65 1.69 -4.77
H3A2 RER G . -5.73 2.45 -3.20
H3A3 RER G . -7.07 2.63 -4.34
H4 RER G . -5.50 5.93 -4.74
HO4 RER G . -7.59 6.02 -4.85
H5 RER G . -6.05 4.18 -2.34
H5A1 RER G . -7.77 6.02 -2.32
H5A2 RER G . -6.53 6.31 -1.10
H5A3 RER G . -6.51 7.21 -2.62
C1 RER H . 4.82 -3.93 3.01
C2 RER H . 4.71 -4.05 4.54
C3 RER H . 4.39 -5.47 5.01
N3 RER H . 4.64 -5.58 6.44
C3A RER H . 2.93 -5.83 4.73
C4 RER H . 5.29 -6.46 4.26
O4 RER H . 4.93 -7.76 4.60
C5 RER H . 5.13 -6.23 2.77
O5 RER H . 5.64 -4.95 2.48
C5A RER H . 5.91 -7.27 1.94
H1 RER H . 5.27 -2.98 2.74
H21C RER H . 5.66 -3.74 4.98
H22C RER H . 3.97 -3.34 4.92
HO1 RER H . 4.43 -6.55 6.75
H31N RER H . 4.02 -4.91 6.94
H32N RER H . 5.64 -5.36 6.63
H3A1 RER H . 2.25 -5.28 5.39
H3A2 RER H . 2.64 -5.62 3.71
H3A3 RER H . 2.75 -6.89 4.91
H4 RER H . 6.32 -6.31 4.56
HO4 RER H . 5.50 -8.04 5.30
H5 RER H . 4.08 -6.26 2.51
H5A1 RER H . 5.80 -7.07 0.88
H5A2 RER H . 5.55 -8.27 2.15
H5A3 RER H . 6.97 -7.24 2.19
N ALA A 1 -5.11 10.68 -5.03
CA ALA A 1 -5.14 10.15 -3.67
C ALA A 1 -4.06 9.10 -3.48
N FGA A 2 -3.70 8.94 -2.18
CA FGA A 2 -2.69 7.95 -1.90
C FGA A 2 -1.34 8.42 -2.44
O FGA A 2 -0.43 8.62 -1.63
CB FGA A 2 -2.63 7.69 -0.40
CG FGA A 2 -3.99 7.32 0.19
CD FGA A 2 -3.81 6.83 1.62
OE1 FGA A 2 -2.71 6.74 2.16
H FGA A 2 -4.09 9.49 -1.44
HA FGA A 2 -3.01 7.05 -2.43
HB2 FGA A 2 -1.90 6.91 -0.20
HB3 FGA A 2 -2.26 8.59 0.09
HG2 FGA A 2 -4.65 8.18 0.19
HG3 FGA A 2 -4.46 6.54 -0.39
N LYS A 3 -4.97 6.53 2.22
CA LYS A 3 -4.99 6.11 3.61
C LYS A 3 -4.19 4.81 3.80
N DAL A 4 -3.43 4.74 4.91
CA DAL A 4 -2.68 3.50 5.10
CB DAL A 4 -3.62 2.43 5.69
C DAL A 4 -1.49 3.74 6.03
O DAL A 4 -1.23 4.83 6.50
H DAL A 4 -3.40 5.48 5.57
HA DAL A 4 -2.30 3.18 4.13
HB1 DAL A 4 -4.46 2.25 5.02
HB2 DAL A 4 -3.08 1.48 5.81
HB3 DAL A 4 -4.00 2.73 6.66
N DAL A 5 -0.79 2.61 6.24
CA DAL A 5 0.37 2.62 7.10
CB DAL A 5 1.39 3.65 6.60
C DAL A 5 0.99 1.22 7.14
O DAL A 5 0.25 0.27 7.36
OXT DAL A 5 2.20 1.10 6.95
H DAL A 5 -1.09 1.74 5.83
HA DAL A 5 0.02 2.89 8.09
HB1 DAL A 5 0.94 4.65 6.57
HB2 DAL A 5 2.26 3.68 7.25
HB3 DAL A 5 1.73 3.40 5.59
N ALA B 1 11.24 -2.85 0.92
CA ALA B 1 10.16 -2.98 1.89
C ALA B 1 8.85 -2.47 1.30
N FGA B 2 8.55 -3.03 0.12
CA FGA B 2 7.32 -2.59 -0.50
C FGA B 2 7.50 -1.13 -0.95
O FGA B 2 6.78 -0.71 -1.86
CB FGA B 2 6.97 -3.42 -1.71
CG FGA B 2 6.34 -4.76 -1.36
CD FGA B 2 5.54 -5.26 -2.56
OE1 FGA B 2 5.26 -4.48 -3.48
H FGA B 2 9.16 -3.72 -0.27
HA FGA B 2 6.54 -2.66 0.24
HB2 FGA B 2 6.22 -2.86 -2.26
HB3 FGA B 2 7.82 -3.56 -2.38
HG2 FGA B 2 7.07 -5.51 -1.06
HG3 FGA B 2 5.66 -4.64 -0.53
N LYS B 3 5.22 -6.56 -2.54
CA LYS B 3 4.49 -7.01 -3.69
C LYS B 3 3.16 -6.24 -3.79
N DAL B 4 3.19 -5.28 -4.71
CA DAL B 4 2.01 -4.46 -4.90
CB DAL B 4 0.79 -5.33 -5.25
C DAL B 4 2.27 -3.42 -6.00
O DAL B 4 2.92 -3.69 -7.00
H DAL B 4 3.99 -5.24 -5.30
HA DAL B 4 1.84 -3.91 -3.95
HB1 DAL B 4 0.61 -6.06 -4.47
HB2 DAL B 4 -0.10 -4.72 -5.37
HB3 DAL B 4 0.97 -5.87 -6.18
N DAL B 5 1.73 -2.22 -5.72
CA DAL B 5 1.90 -1.14 -6.66
CB DAL B 5 3.07 -0.25 -6.25
C DAL B 5 0.61 -0.34 -6.76
O DAL B 5 -0.40 -0.89 -7.22
OXT DAL B 5 0.61 0.83 -6.38
H DAL B 5 1.19 -2.06 -4.91
HA DAL B 5 2.10 -1.63 -7.60
HB1 DAL B 5 3.99 -0.83 -6.18
HB2 DAL B 5 3.22 0.55 -6.98
HB3 DAL B 5 2.88 0.21 -5.28
N MLU C 1 1.50 1.24 12.31
CN MLU C 1 2.91 1.56 12.37
CA MLU C 1 1.15 0.67 11.01
C MLU C 1 1.96 -0.60 10.74
O MLU C 1 1.85 -1.59 11.46
CB MLU C 1 -0.33 0.31 10.92
CG MLU C 1 -1.24 1.50 11.25
CD1 MLU C 1 -1.13 2.59 10.19
CD2 MLU C 1 -2.69 1.02 11.38
H1 MLU C 1 1.27 0.55 13.06
H2 MLU C 1 0.93 2.10 12.47
HCN1 MLU C 1 3.50 0.66 12.20
HCN2 MLU C 1 3.15 1.99 13.34
HCN3 MLU C 1 3.14 2.29 11.58
HA MLU C 1 1.39 1.42 10.26
HB2 MLU C 1 -0.54 -0.50 11.61
HB3 MLU C 1 -0.56 -0.05 9.93
HG MLU C 1 -0.93 1.91 12.21
HD11 MLU C 1 -0.10 2.92 10.09
HD12 MLU C 1 -1.74 3.46 10.47
HD13 MLU C 1 -1.47 2.23 9.23
HD21 MLU C 1 -3.05 0.60 10.44
HD22 MLU C 1 -2.79 0.26 12.16
HD23 MLU C 1 -3.35 1.85 11.64
N OMZ C 2 2.79 -0.50 9.70
CA OMZ C 2 3.60 -1.66 9.36
C OMZ C 2 2.90 -2.49 8.24
O OMZ C 2 3.04 -3.70 8.21
CB OMZ C 2 5.05 -1.26 9.04
OC OMZ C 2 5.65 -0.72 10.19
CG OMZ C 2 5.09 -0.24 7.95
CD1 OMZ C 2 5.30 -0.66 6.59
CD2 OMZ C 2 4.85 1.15 8.24
CE1 OMZ C 2 5.22 0.30 5.53
CL OMZ C 2 5.44 -0.21 3.89
CE2 OMZ C 2 4.77 2.11 7.17
CZ OMZ C 2 4.91 1.68 5.81
OH OMZ C 2 4.61 2.52 4.74
H OMZ C 2 2.83 0.34 9.15
HA OMZ C 2 3.59 -2.29 10.25
HB OMZ C 2 5.62 -2.14 8.74
HC OMZ C 2 5.22 0.11 10.35
HD1 OMZ C 2 5.50 -1.70 6.37
HD2 OMZ C 2 4.70 1.48 9.26
HE2 OMZ C 2 4.57 3.15 7.38
N ASN C 3 2.16 -1.79 7.35
CA ASN C 3 1.48 -2.60 6.35
C ASN C 3 1.43 -1.94 4.96
N GHP C 4 0.59 -0.90 4.89
CA GHP C 4 0.44 -0.24 3.61
C GHP C 4 -1.02 0.20 3.41
O GHP C 4 -1.71 0.65 4.31
C1 GHP C 4 1.36 0.94 3.38
C2 GHP C 4 1.08 1.92 2.38
C3 GHP C 4 1.94 3.08 2.13
C4 GHP C 4 3.10 3.22 2.98
O4 GHP C 4 3.92 4.33 2.87
C5 GHP C 4 3.43 2.24 3.99
C6 GHP C 4 2.54 1.11 4.16
H GHP C 4 0.14 -0.56 5.72
HA GHP C 4 0.67 -1.00 2.86
HC2 GHP C 4 0.16 1.83 1.81
H6 GHP C 4 2.77 0.38 4.91
N GHP C 5 -1.41 0.05 2.13
CA GHP C 5 -2.73 0.48 1.71
C GHP C 5 -2.89 0.34 0.20
O GHP C 5 -2.42 -0.65 -0.37
C1 GHP C 5 -3.92 -0.14 2.37
C2 GHP C 5 -4.83 0.74 3.02
C3 GHP C 5 -6.07 0.32 3.53
C4 GHP C 5 -6.42 -1.06 3.46
O4 GHP C 5 -7.61 -1.50 3.97
C5 GHP C 5 -5.51 -2.00 2.82
C6 GHP C 5 -4.26 -1.54 2.28
H GHP C 5 -0.78 -0.35 1.46
HA GHP C 5 -2.68 1.52 2.00
HC2 GHP C 5 -4.56 1.80 3.08
HO4 GHP C 5 -8.09 -0.77 4.34
H5 GHP C 5 -5.78 -3.05 2.76
H6 GHP C 5 -3.58 -2.23 1.79
N OMY C 6 -3.56 1.31 -0.48
CA OMY C 6 -4.17 2.53 0.06
OCZ OMY C 6 1.73 4.05 1.12
CE2 OMY C 6 0.21 3.77 -0.83
CE1 OMY C 6 -0.65 4.51 1.38
CZ OMY C 6 0.46 4.14 0.55
CG OMY C 6 -2.25 3.95 -0.43
CD2 OMY C 6 -1.14 3.66 -1.31
CD1 OMY C 6 -1.99 4.42 0.90
CB OMY C 6 -3.69 3.69 -0.81
CL OMY C 6 -0.36 5.02 3.00
O OMY C 6 -6.40 1.97 -0.74
C OMY C 6 -5.69 2.36 0.18
ODE OMY C 6 -3.79 3.34 -2.15
H OMY C 6 -3.65 1.17 -1.47
HA OMY C 6 -3.81 2.69 1.07
HE2 OMY C 6 1.04 3.52 -1.47
HD2 OMY C 6 -1.34 3.36 -2.33
HD1 OMY C 6 -2.83 4.65 1.53
HB OMY C 6 -4.28 4.58 -0.60
N 3FG C 7 -6.11 2.70 1.43
OD1 3FG C 7 -6.47 0.22 6.24
CD1 3FG C 7 -7.08 1.26 5.56
CG1 3FG C 7 -6.94 1.35 4.14
CZ 3FG C 7 -7.84 2.23 6.30
CD2 3FG C 7 -8.48 3.31 5.61
OD2 3FG C 7 -9.20 4.26 6.30
CG2 3FG C 7 -8.34 3.41 4.18
CB 3FG C 7 -7.59 2.44 3.42
CA 3FG C 7 -7.47 2.58 1.89
C 3FG C 7 -8.20 3.81 1.32
O 3FG C 7 -9.37 3.68 0.96
OXT 3FG C 7 -7.59 4.88 1.23
H 3FG C 7 -5.43 3.02 2.07
HA 3FG C 7 -7.81 1.67 1.41
HD1 3FG C 7 -6.01 -0.33 5.63
HZ 3FG C 7 -7.89 2.15 7.37
HD2 3FG C 7 -9.18 4.04 7.23
HG2 3FG C 7 -8.81 4.23 3.66
N MLU D 1 0.80 0.24 -11.97
CN MLU D 1 1.28 1.61 -11.87
CA MLU D 1 0.03 -0.12 -10.79
C MLU D 1 -1.17 0.80 -10.63
O MLU D 1 -2.06 0.85 -11.47
CB MLU D 1 -0.49 -1.56 -10.87
CG MLU D 1 0.63 -2.60 -10.93
CD1 MLU D 1 1.53 -2.51 -9.69
CD2 MLU D 1 0.04 -4.00 -11.06
H1 MLU D 1 0.20 0.15 -12.82
H2 MLU D 1 1.62 -0.40 -12.06
HCN1 MLU D 1 1.85 1.86 -12.76
HCN2 MLU D 1 0.43 2.28 -11.78
HCN3 MLU D 1 1.91 1.70 -10.99
HA MLU D 1 0.69 -0.02 -9.93
HB2 MLU D 1 -1.14 -1.67 -11.73
HB3 MLU D 1 -1.11 -1.76 -9.99
HG MLU D 1 1.24 -2.38 -11.81
HD11 MLU D 1 0.95 -2.74 -8.79
HD12 MLU D 1 2.34 -3.23 -9.77
HD13 MLU D 1 1.95 -1.52 -9.58
HD21 MLU D 1 0.83 -4.75 -11.14
HD22 MLU D 1 -0.57 -4.25 -10.20
HD23 MLU D 1 -0.58 -4.07 -11.96
N OMZ D 2 -1.15 1.53 -9.49
CA OMZ D 2 -2.26 2.42 -9.22
C OMZ D 2 -3.12 1.86 -8.07
O OMZ D 2 -4.33 2.04 -8.06
CB OMZ D 2 -1.80 3.89 -9.05
OC OMZ D 2 -1.20 4.33 -10.24
CG OMZ D 2 -0.83 4.06 -7.92
CD1 OMZ D 2 -1.18 4.89 -6.79
CD2 OMZ D 2 0.44 3.39 -7.94
CE1 OMZ D 2 -0.29 4.97 -5.66
CL OMZ D 2 -0.72 5.92 -4.29
CE2 OMZ D 2 1.33 3.47 -6.82
CZ OMZ D 2 0.94 4.23 -5.66
OH OMZ D 2 1.68 4.10 -4.47
H OMZ D 2 -0.40 1.43 -8.84
HA OMZ D 2 -2.89 2.37 -10.11
HB OMZ D 2 -2.66 4.52 -8.86
HC OMZ D 2 -1.87 4.31 -10.91
HD1 OMZ D 2 -2.10 5.43 -6.76
HD2 OMZ D 2 0.73 2.81 -8.81
HE2 OMZ D 2 2.26 2.93 -6.83
N ASN D 3 -2.46 1.16 -7.11
CA ASN D 3 -3.31 0.59 -6.07
C ASN D 3 -2.66 0.55 -4.67
N GHP D 4 -1.47 -0.08 -4.61
CA GHP D 4 -0.82 -0.16 -3.30
C GHP D 4 -0.54 -1.62 -2.90
O GHP D 4 -0.50 -2.53 -3.73
C1 GHP D 4 0.46 0.67 -3.25
C2 GHP D 4 1.66 0.23 -2.60
C3 GHP D 4 2.83 1.10 -2.50
C4 GHP D 4 2.77 2.40 -3.13
O4 GHP D 4 3.87 3.22 -3.03
C5 GHP D 4 1.61 2.84 -3.84
C6 GHP D 4 0.44 1.96 -3.86
H GHP D 4 -1.04 -0.47 -5.43
HA GHP D 4 -1.52 0.31 -2.61
HC2 GHP D 4 1.71 -0.76 -2.18
H6 GHP D 4 -0.46 2.29 -4.36
N GHP D 5 -0.35 -1.76 -1.58
CA GHP D 5 0.00 -3.05 -1.00
C GHP D 5 0.20 -2.90 0.53
O GHP D 5 -0.56 -2.18 1.16
C1 GHP D 5 -0.91 -4.21 -1.24
C2 GHP D 5 -0.32 -5.39 -1.78
C3 GHP D 5 -1.04 -6.60 -1.94
C4 GHP D 5 -2.42 -6.63 -1.56
O4 GHP D 5 -3.14 -7.79 -1.72
C5 GHP D 5 -3.06 -5.45 -1.03
C6 GHP D 5 -2.30 -4.24 -0.86
H GHP D 5 -0.42 -0.96 -0.99
HA GHP D 5 0.96 -3.25 -1.47
HC2 GHP D 5 0.72 -5.36 -2.06
HO4 GHP D 5 -2.58 -8.46 -2.07
H5 GHP D 5 -4.11 -5.48 -0.75
H6 GHP D 5 -2.77 -3.35 -0.45
N OMY D 6 1.18 -3.62 1.14
CA OMY D 6 2.16 -4.53 0.53
OCZ OMY D 6 4.04 0.83 -1.82
CE2 OMY D 6 4.17 -0.35 0.35
CE1 OMY D 6 4.09 -1.59 -1.79
CZ OMY D 6 4.14 -0.35 -1.09
CG OMY D 6 3.90 -2.85 0.35
CD2 OMY D 6 4.02 -1.59 1.07
CD1 OMY D 6 3.98 -2.83 -1.09
CB OMY D 6 3.55 -4.15 1.04
CL OMY D 6 4.12 -1.60 -3.52
O OMY D 6 1.39 -6.43 1.83
C OMY D 6 1.73 -5.99 0.74
ODE OMY D 6 3.54 -4.01 2.44
H OMY D 6 1.26 -3.48 2.13
HA OMY D 6 2.13 -4.39 -0.53
HE2 OMY D 6 4.28 0.59 0.87
HD2 OMY D 6 3.98 -1.58 2.15
HD1 OMY D 6 3.92 -3.76 -1.64
HB OMY D 6 4.25 -4.93 0.77
N 3FG D 7 1.78 -6.68 -0.42
OD1 3FG D 7 -1.92 -7.59 -4.32
CD1 3FG D 7 -0.84 -8.24 -3.75
CG1 3FG D 7 -0.34 -7.79 -2.50
CZ 3FG D 7 -0.25 -9.34 -4.44
CD2 3FG D 7 0.87 -10.03 -3.85
OD2 3FG D 7 1.46 -11.09 -4.51
CG2 3FG D 7 1.38 -9.59 -2.58
CB 3FG D 7 0.79 -8.47 -1.88
CA 3FG D 7 1.37 -8.05 -0.51
C 3FG D 7 2.61 -8.87 -0.08
O 3FG D 7 2.44 -9.85 0.65
OXT 3FG D 7 3.72 -8.50 -0.47
H 3FG D 7 2.10 -6.22 -1.24
HA 3FG D 7 0.59 -8.12 0.24
HD1 3FG D 7 -2.21 -6.88 -3.76
HZ 3FG D 7 -0.64 -9.65 -5.39
HD2 3FG D 7 2.18 -11.42 -3.99
HG2 3FG D 7 2.23 -10.10 -2.15
C2 BGC E . 5.52 5.64 1.73
C3 BGC E . 6.51 5.70 0.58
C4 BGC E . 7.26 4.36 0.46
C5 BGC E . 6.26 3.20 0.44
C6 BGC E . 6.96 1.86 0.47
C1 BGC E . 4.62 4.40 1.66
O2 BGC E . 4.72 6.80 1.74
O3 BGC E . 7.43 6.74 0.84
O4 BGC E . 8.00 4.35 -0.73
O5 BGC E . 5.44 3.26 1.58
O6 BGC E . 7.88 1.79 1.52
H2 BGC E . 6.06 5.60 2.68
H3 BGC E . 6.00 5.92 -0.35
H4 BGC E . 7.95 4.24 1.30
H5 BGC E . 5.64 3.30 -0.46
H61 BGC E . 6.22 1.07 0.63
H62 BGC E . 7.47 1.62 -0.46
H1 BGC E . 3.93 4.43 0.82
HO3 BGC E . 7.64 7.12 0.00
HO4 BGC E . 8.87 4.63 -0.52
HO6 BGC E . 8.26 0.92 1.50
C1 RER E . 5.23 7.79 2.60
C2 RER E . 4.40 9.07 2.50
C3 RER E . 3.00 8.90 3.09
N3 RER E . 2.37 10.22 3.23
C3A RER E . 2.13 8.06 2.16
C4 RER E . 3.11 8.25 4.46
O4 RER E . 1.82 7.97 4.95
C5 RER E . 3.93 6.97 4.37
O5 RER E . 5.22 7.31 3.92
C5A RER E . 4.02 6.23 5.71
H1 RER E . 6.26 8.01 2.31
H21C RER E . 4.92 9.86 3.05
H22C RER E . 4.33 9.40 1.46
HO1 RER E . 2.31 10.67 2.30
H31N RER E . 2.96 10.81 3.86
H32N RER E . 1.42 10.11 3.63
H3A1 RER E . 1.13 7.93 2.56
H3A2 RER E . 2.04 8.51 1.17
H3A3 RER E . 2.55 7.06 2.03
H4 RER E . 3.58 8.94 5.17
HO4 RER E . 1.85 8.10 5.89
H5 RER E . 3.46 6.32 3.64
H5A1 RER E . 4.50 6.86 6.46
H5A2 RER E . 3.04 5.95 6.07
H5A3 RER E . 4.62 5.32 5.61
C2 BGC F . 5.61 4.36 -4.11
C3 BGC F . 6.55 4.41 -5.31
C4 BGC F . 7.07 3.00 -5.64
C5 BGC F . 5.96 1.96 -5.63
C6 BGC F . 6.57 0.57 -5.76
C1 BGC F . 4.59 3.25 -4.24
O2 BGC F . 4.91 5.57 -4.02
O3 BGC F . 7.63 5.26 -5.01
O4 BGC F . 7.65 3.01 -6.92
O5 BGC F . 5.26 2.02 -4.41
O6 BGC F . 7.52 0.35 -4.74
H2 BGC F . 6.19 4.21 -3.19
H3 BGC F . 6.01 4.82 -6.16
H4 BGC F . 7.83 2.70 -4.93
H5 BGC F . 5.26 2.14 -6.44
H61 BGC F . 7.08 0.45 -6.72
H62 BGC F . 5.80 -0.19 -5.67
H1 BGC F . 3.94 3.44 -5.09
HO3 BGC F . 7.85 5.70 -5.81
HO4 BGC F . 8.57 3.19 -6.80
HO6 BGC F . 7.86 -0.53 -4.87
C1 RER F . 5.32 6.40 -2.97
C2 RER F . 5.28 7.85 -3.46
C3 RER F . 3.85 8.32 -3.74
N3 RER F . 3.86 9.76 -3.97
C3A RER F . 3.26 7.64 -4.99
C4 RER F . 2.98 8.01 -2.53
O4 RER F . 1.64 8.31 -2.81
C5 RER F . 3.11 6.52 -2.16
O5 RER F . 4.46 6.25 -1.86
C5A RER F . 2.29 6.18 -0.92
H1 RER F . 6.33 6.11 -2.65
H21C RER F . 5.73 8.49 -2.71
H22C RER F . 5.89 7.96 -4.36
HO1 RER F . 4.24 10.23 -3.12
H31N RER F . 2.89 10.09 -4.14
H32N RER F . 4.45 9.98 -4.79
H3A1 RER F . 3.14 6.57 -4.84
H3A2 RER F . 2.27 8.05 -5.22
H3A3 RER F . 3.89 7.80 -5.85
H4 RER F . 3.29 8.61 -1.68
HO4 RER F . 1.50 9.19 -2.50
H5 RER F . 2.79 5.89 -3.00
H5A1 RER F . 1.22 6.33 -1.11
H5A2 RER F . 2.45 5.14 -0.64
H5A3 RER F . 2.57 6.82 -0.07
C1 RER G . -3.63 4.43 -3.01
C2 RER G . -3.85 3.93 -4.44
C3 RER G . -5.33 3.84 -4.84
N3 RER G . -5.45 3.81 -6.29
C3A RER G . -5.98 2.58 -4.25
C4 RER G . -6.02 5.08 -4.31
O4 RER G . -7.37 5.11 -4.69
C5 RER G . -5.85 5.15 -2.81
O5 RER G . -4.50 5.47 -2.63
C5A RER G . -6.72 6.23 -2.17
H1 RER G . -2.62 4.83 -2.94
H21C RER G . -3.39 2.97 -4.59
H22C RER G . -3.27 4.56 -5.10
HO1 RER G . -6.46 3.77 -6.55
H31N RER G . -4.97 2.97 -6.66
H32N RER G . -5.02 4.66 -6.69
H3A1 RER G . -5.73 2.45 -3.20
H3A2 RER G . -7.07 2.63 -4.35
H3A3 RER G . -5.65 1.68 -4.78
H4 RER G . -5.51 5.94 -4.74
HO4 RER G . -7.41 5.59 -5.49
H5 RER G . -6.05 4.18 -2.34
H5A1 RER G . -6.51 7.21 -2.62
H5A2 RER G . -7.78 6.02 -2.32
H5A3 RER G . -6.53 6.31 -1.10
C1 RER H . 4.82 -3.93 3.01
C2 RER H . 4.71 -4.05 4.53
C3 RER H . 4.38 -5.47 5.01
N3 RER H . 4.64 -5.58 6.44
C3A RER H . 2.91 -5.83 4.73
C4 RER H . 5.28 -6.45 4.26
O4 RER H . 4.92 -7.77 4.61
C5 RER H . 5.13 -6.23 2.77
O5 RER H . 5.64 -4.95 2.48
C5A RER H . 5.91 -7.27 1.94
H1 RER H . 5.27 -2.98 2.74
H21C RER H . 5.66 -3.74 4.98
H22C RER H . 3.97 -3.34 4.92
HO1 RER H . 5.63 -5.36 6.63
H31N RER H . 4.43 -6.55 6.75
H32N RER H . 4.02 -4.91 6.94
H3A1 RER H . 2.74 -6.89 4.92
H3A2 RER H . 2.25 -5.28 5.38
H3A3 RER H . 2.64 -5.62 3.71
H4 RER H . 6.32 -6.30 4.56
HO4 RER H . 4.02 -7.89 4.33
H5 RER H . 4.08 -6.26 2.50
H5A1 RER H . 6.97 -7.24 2.19
H5A2 RER H . 5.55 -8.27 2.14
H5A3 RER H . 5.80 -7.07 0.88
N ALA A 1 -4.97 11.00 -4.08
CA ALA A 1 -5.51 9.72 -3.61
C ALA A 1 -4.38 8.72 -3.36
N FGA A 2 -3.78 8.88 -2.17
CA FGA A 2 -2.70 7.94 -1.89
C FGA A 2 -1.38 8.49 -2.42
O FGA A 2 -0.53 8.84 -1.59
CB FGA A 2 -2.64 7.67 -0.39
CG FGA A 2 -3.99 7.25 0.18
CD FGA A 2 -3.82 6.76 1.62
OE1 FGA A 2 -2.71 6.69 2.15
H FGA A 2 -4.01 9.57 -1.51
HA FGA A 2 -2.97 7.03 -2.42
HB2 FGA A 2 -1.91 6.89 -0.21
HB3 FGA A 2 -2.30 8.58 0.11
HG2 FGA A 2 -4.68 8.10 0.18
HG3 FGA A 2 -4.44 6.47 -0.41
N LYS A 3 -4.98 6.44 2.21
CA LYS A 3 -4.99 6.00 3.59
C LYS A 3 -4.17 4.71 3.77
N DAL A 4 -3.44 4.64 4.90
CA DAL A 4 -2.68 3.42 5.10
CB DAL A 4 -3.59 2.34 5.70
C DAL A 4 -1.49 3.69 6.02
O DAL A 4 -1.24 4.79 6.49
H DAL A 4 -3.45 5.37 5.57
HA DAL A 4 -2.29 3.09 4.12
HB1 DAL A 4 -4.44 2.15 5.05
HB2 DAL A 4 -3.04 1.40 5.83
HB3 DAL A 4 -3.96 2.64 6.67
N DAL A 5 -0.77 2.57 6.25
CA DAL A 5 0.39 2.61 7.11
CB DAL A 5 1.40 3.63 6.57
C DAL A 5 1.01 1.22 7.20
O DAL A 5 0.28 0.27 7.43
OXT DAL A 5 2.23 1.10 7.03
H DAL A 5 -1.06 1.70 5.85
HA DAL A 5 0.04 2.91 8.09
HB1 DAL A 5 0.97 4.62 6.51
HB2 DAL A 5 2.28 3.69 7.22
HB3 DAL A 5 1.75 3.35 5.57
N ALA B 1 10.47 -3.18 3.03
CA ALA B 1 9.07 -2.89 3.29
C ALA B 1 8.38 -2.36 2.03
N FGA B 2 8.45 -3.22 1.00
CA FGA B 2 7.81 -2.75 -0.22
C FGA B 2 8.62 -1.60 -0.81
O FGA B 2 9.84 -1.58 -0.61
CB FGA B 2 7.66 -3.85 -1.26
CG FGA B 2 6.58 -4.85 -0.89
CD FGA B 2 5.81 -5.22 -2.15
OE1 FGA B 2 5.73 -4.44 -3.09
H FGA B 2 8.88 -4.12 1.08
HA FGA B 2 6.81 -2.41 0.07
HB2 FGA B 2 7.35 -3.35 -2.17
HB3 FGA B 2 8.60 -4.36 -1.47
HG2 FGA B 2 6.96 -5.75 -0.40
HG3 FGA B 2 5.90 -4.38 -0.19
N LYS B 3 5.25 -6.44 -2.14
CA LYS B 3 4.53 -6.81 -3.34
C LYS B 3 3.39 -5.81 -3.55
N DAL B 4 3.19 -5.41 -4.81
CA DAL B 4 2.09 -4.47 -5.03
CB DAL B 4 0.83 -5.24 -5.43
C DAL B 4 2.49 -3.46 -6.09
O DAL B 4 3.32 -3.70 -6.96
H DAL B 4 3.75 -5.76 -5.57
HA DAL B 4 1.93 -3.94 -4.09
HB1 DAL B 4 0.55 -5.95 -4.66
HB2 DAL B 4 0.00 -4.55 -5.58
HB3 DAL B 4 0.98 -5.78 -6.36
N DAL B 5 1.85 -2.28 -5.95
CA DAL B 5 2.12 -1.21 -6.89
CB DAL B 5 3.34 -0.40 -6.44
C DAL B 5 0.88 -0.31 -7.02
O DAL B 5 0.89 0.78 -6.45
OXT DAL B 5 -0.08 -0.73 -7.67
H DAL B 5 1.15 -2.14 -5.27
HA DAL B 5 2.30 -1.70 -7.83
HB1 DAL B 5 4.21 -1.05 -6.35
HB2 DAL B 5 3.57 0.37 -7.16
HB3 DAL B 5 3.16 0.06 -5.48
N MLU C 1 1.46 1.37 12.31
CN MLU C 1 2.88 1.72 12.36
CA MLU C 1 1.14 0.77 11.03
C MLU C 1 1.95 -0.50 10.79
O MLU C 1 1.84 -1.47 11.53
CB MLU C 1 -0.35 0.40 10.95
CG MLU C 1 -1.27 1.58 11.24
CD1 MLU C 1 -1.16 2.66 10.17
CD2 MLU C 1 -2.71 1.09 11.36
H1 MLU C 1 1.26 0.70 13.08
H2 MLU C 1 0.90 2.23 12.45
HCN1 MLU C 1 3.10 2.43 11.55
HCN2 MLU C 1 3.12 2.17 13.32
HCN3 MLU C 1 3.48 0.81 12.21
HA MLU C 1 1.37 1.49 10.25
HB2 MLU C 1 -0.55 -0.40 11.66
HB3 MLU C 1 -0.57 -0.01 9.96
HG MLU C 1 -0.97 2.00 12.19
HD11 MLU C 1 -1.48 2.27 9.20
HD12 MLU C 1 -1.78 3.51 10.41
HD13 MLU C 1 -0.12 3.00 10.07
HD21 MLU C 1 -2.81 0.34 12.15
HD22 MLU C 1 -3.38 1.92 11.61
HD23 MLU C 1 -3.06 0.65 10.43
N OMZ C 2 2.79 -0.42 9.74
CA OMZ C 2 3.59 -1.59 9.45
C OMZ C 2 2.91 -2.45 8.36
O OMZ C 2 2.98 -3.66 8.41
CB OMZ C 2 5.05 -1.19 9.11
OC OMZ C 2 5.65 -0.65 10.25
CG OMZ C 2 5.09 -0.19 8.01
CD1 OMZ C 2 5.32 -0.62 6.65
CD2 OMZ C 2 4.86 1.21 8.29
CE1 OMZ C 2 5.23 0.34 5.59
CL OMZ C 2 5.46 -0.20 3.96
CE2 OMZ C 2 4.78 2.16 7.21
CZ OMZ C 2 4.92 1.71 5.86
OH OMZ C 2 4.62 2.55 4.77
H OMZ C 2 2.82 0.40 9.18
HA OMZ C 2 3.60 -2.18 10.35
HB OMZ C 2 5.62 -2.07 8.83
HC OMZ C 2 6.54 -0.43 10.01
HD1 OMZ C 2 5.53 -1.66 6.44
HD2 OMZ C 2 4.71 1.54 9.31
HE2 OMZ C 2 4.58 3.20 7.42
N ASN C 3 2.23 -1.77 7.40
CA ASN C 3 1.54 -2.61 6.42
C ASN C 3 1.45 -2.00 5.01
N GHP C 4 0.66 -0.92 4.95
CA GHP C 4 0.49 -0.28 3.65
C GHP C 4 -0.98 0.14 3.44
O GHP C 4 -1.67 0.56 4.36
C1 GHP C 4 1.39 0.91 3.42
C2 GHP C 4 1.11 1.87 2.40
C3 GHP C 4 1.96 3.02 2.13
C4 GHP C 4 3.13 3.19 2.97
O4 GHP C 4 3.96 4.29 2.84
C5 GHP C 4 3.45 2.25 4.02
C6 GHP C 4 2.56 1.11 4.21
H GHP C 4 0.22 -0.54 5.78
HA GHP C 4 0.75 -1.06 2.92
HC2 GHP C 4 0.20 1.77 1.82
H6 GHP C 4 2.79 0.40 4.98
N GHP C 5 -1.35 0.01 2.16
CA GHP C 5 -2.67 0.43 1.73
C GHP C 5 -2.82 0.28 0.21
O GHP C 5 -2.34 -0.70 -0.34
C1 GHP C 5 -3.86 -0.21 2.39
C2 GHP C 5 -4.78 0.67 3.03
C3 GHP C 5 -6.02 0.22 3.54
C4 GHP C 5 -6.35 -1.16 3.44
O4 GHP C 5 -7.55 -1.62 3.94
C5 GHP C 5 -5.43 -2.10 2.82
C6 GHP C 5 -4.18 -1.61 2.28
H GHP C 5 -0.71 -0.36 1.49
HA GHP C 5 -2.64 1.48 2.01
HC2 GHP C 5 -4.53 1.71 3.10
HO4 GHP C 5 -8.04 -0.89 4.32
H5 GHP C 5 -5.69 -3.14 2.75
H6 GHP C 5 -3.51 -2.29 1.80
N OMY C 6 -3.50 1.24 -0.47
CA OMY C 6 -4.13 2.45 0.06
OCZ OMY C 6 1.76 3.98 1.10
CE2 OMY C 6 0.24 3.67 -0.84
CE1 OMY C 6 -0.62 4.45 1.35
CZ OMY C 6 0.49 4.07 0.52
CG OMY C 6 -2.22 3.88 -0.45
CD2 OMY C 6 -1.12 3.58 -1.33
CD1 OMY C 6 -1.96 4.36 0.87
CB OMY C 6 -3.66 3.63 -0.80
CL OMY C 6 -0.31 4.98 2.97
O OMY C 6 -6.36 1.87 -0.73
C OMY C 6 -5.66 2.27 0.19
ODE OMY C 6 -3.79 3.29 -2.16
H OMY C 6 -3.58 1.11 -1.46
HA OMY C 6 -3.78 2.62 1.07
HE2 OMY C 6 1.06 3.41 -1.50
HD2 OMY C 6 -1.33 3.27 -2.35
HD1 OMY C 6 -2.78 4.61 1.51
HB OMY C 6 -4.26 4.51 -0.59
N 3FG C 7 -6.08 2.59 1.43
OD1 3FG C 7 -6.43 0.13 6.25
CD1 3FG C 7 -7.06 1.15 5.56
CG1 3FG C 7 -6.91 1.24 4.15
CZ 3FG C 7 -7.83 2.11 6.29
CD2 3FG C 7 -8.47 3.19 5.58
OD2 3FG C 7 -9.22 4.12 6.28
CG2 3FG C 7 -8.34 3.28 4.17
CB 3FG C 7 -7.57 2.32 3.42
CA 3FG C 7 -7.43 2.47 1.88
C 3FG C 7 -8.18 3.68 1.30
O 3FG C 7 -9.37 3.55 0.97
OXT 3FG C 7 -7.57 4.75 1.20
H 3FG C 7 -5.40 2.92 2.08
HA 3FG C 7 -7.76 1.55 1.41
HD1 3FG C 7 -6.62 0.21 7.17
HZ 3FG C 7 -7.88 2.04 7.36
HD2 3FG C 7 -9.20 3.91 7.21
HG2 3FG C 7 -8.81 4.11 3.64
N MLU D 1 0.62 0.38 -12.14
CN MLU D 1 1.10 1.76 -12.06
CA MLU D 1 -0.10 0.01 -10.93
C MLU D 1 -1.31 0.94 -10.72
O MLU D 1 -2.20 1.04 -11.55
CB MLU D 1 -0.63 -1.43 -10.99
CG MLU D 1 0.50 -2.45 -11.11
CD1 MLU D 1 1.45 -2.36 -9.92
CD2 MLU D 1 -0.09 -3.86 -11.21
H1 MLU D 1 -0.01 0.29 -12.97
H2 MLU D 1 1.43 -0.26 -12.26
HCN1 MLU D 1 1.77 1.85 -11.20
HCN2 MLU D 1 1.64 2.01 -12.97
HCN3 MLU D 1 0.24 2.42 -11.93
HA MLU D 1 0.57 0.12 -10.09
HB2 MLU D 1 -1.31 -1.54 -11.82
HB3 MLU D 1 -1.21 -1.62 -10.09
HG MLU D 1 1.06 -2.24 -12.02
HD11 MLU D 1 1.88 -1.36 -9.83
HD12 MLU D 1 0.93 -2.58 -8.98
HD13 MLU D 1 2.27 -3.08 -10.01
HD21 MLU D 1 -0.66 -4.11 -10.31
HD22 MLU D 1 -0.75 -3.94 -12.07
HD23 MLU D 1 0.71 -4.61 -11.32
N OMZ D 2 -1.27 1.61 -9.55
CA OMZ D 2 -2.37 2.50 -9.24
C OMZ D 2 -3.20 1.91 -8.08
O OMZ D 2 -4.41 2.08 -8.05
CB OMZ D 2 -1.90 3.96 -9.04
OC OMZ D 2 -1.33 4.42 -10.23
CG OMZ D 2 -0.90 4.10 -7.94
CD1 OMZ D 2 -1.21 4.91 -6.78
CD2 OMZ D 2 0.37 3.43 -8.02
CE1 OMZ D 2 -0.27 4.98 -5.69
CL OMZ D 2 -0.66 5.91 -4.28
CE2 OMZ D 2 1.30 3.49 -6.91
CZ OMZ D 2 0.95 4.22 -5.73
OH OMZ D 2 1.73 4.08 -4.57
H OMZ D 2 -0.51 1.47 -8.91
HA OMZ D 2 -3.03 2.47 -10.11
HB OMZ D 2 -2.76 4.59 -8.82
HC OMZ D 2 -2.02 4.42 -10.88
HD1 OMZ D 2 -2.13 5.46 -6.71
HD2 OMZ D 2 0.62 2.86 -8.89
HE2 OMZ D 2 2.22 2.95 -6.95
N ASN D 3 -2.51 1.21 -7.14
CA ASN D 3 -3.34 0.62 -6.09
C ASN D 3 -2.66 0.56 -4.71
N GHP D 4 -1.47 -0.08 -4.69
CA GHP D 4 -0.79 -0.16 -3.39
C GHP D 4 -0.52 -1.63 -3.01
O GHP D 4 -0.48 -2.54 -3.83
C1 GHP D 4 0.49 0.65 -3.35
C2 GHP D 4 1.70 0.21 -2.71
C3 GHP D 4 2.88 1.06 -2.61
C4 GHP D 4 2.82 2.36 -3.24
O4 GHP D 4 3.91 3.19 -3.14
C5 GHP D 4 1.65 2.81 -3.95
C6 GHP D 4 0.49 1.94 -3.97
H GHP D 4 -1.06 -0.45 -5.51
HA GHP D 4 -1.46 0.30 -2.68
HC2 GHP D 4 1.74 -0.80 -2.29
H6 GHP D 4 -0.40 2.28 -4.47
N GHP D 5 -0.33 -1.77 -1.68
CA GHP D 5 0.00 -3.04 -1.08
C GHP D 5 0.23 -2.87 0.44
O GHP D 5 -0.49 -2.10 1.05
C1 GHP D 5 -0.95 -4.19 -1.28
C2 GHP D 5 -0.39 -5.38 -1.86
C3 GHP D 5 -1.13 -6.59 -1.94
C4 GHP D 5 -2.49 -6.60 -1.50
O4 GHP D 5 -3.22 -7.76 -1.60
C5 GHP D 5 -3.09 -5.41 -0.93
C6 GHP D 5 -2.31 -4.20 -0.82
H GHP D 5 -0.40 -0.96 -1.09
HA GHP D 5 0.94 -3.27 -1.57
HC2 GHP D 5 0.62 -5.37 -2.21
HO4 GHP D 5 -2.69 -8.45 -1.99
H5 GHP D 5 -4.11 -5.43 -0.59
H6 GHP D 5 -2.74 -3.32 -0.38
N OMY D 6 1.20 -3.59 1.04
CA OMY D 6 2.12 -4.55 0.43
OCZ OMY D 6 4.09 0.77 -1.93
CE2 OMY D 6 4.22 -0.42 0.23
CE1 OMY D 6 4.09 -1.66 -1.92
CZ OMY D 6 4.17 -0.41 -1.21
CG OMY D 6 3.90 -2.90 0.22
CD2 OMY D 6 4.06 -1.67 0.95
CD1 OMY D 6 3.97 -2.89 -1.21
CB OMY D 6 3.54 -4.21 0.90
CL OMY D 6 4.10 -1.65 -3.64
O OMY D 6 1.36 -6.41 1.80
C OMY D 6 1.67 -6.00 0.70
ODE OMY D 6 3.55 -4.08 2.30
H OMY D 6 1.29 -3.43 2.03
HA OMY D 6 2.09 -4.44 -0.64
HE2 OMY D 6 4.39 0.52 0.75
HD2 OMY D 6 4.04 -1.67 2.03
HD1 OMY D 6 3.90 -3.82 -1.76
HB OMY D 6 4.22 -5.00 0.60
N 3FG D 7 1.66 -6.72 -0.45
OD1 3FG D 7 -1.98 -7.52 -4.39
CD1 3FG D 7 -0.93 -8.20 -3.80
CG1 3FG D 7 -0.45 -7.78 -2.52
CZ 3FG D 7 -0.33 -9.29 -4.49
CD2 3FG D 7 0.77 -10.00 -3.89
OD2 3FG D 7 1.35 -11.07 -4.55
CG2 3FG D 7 1.25 -9.60 -2.60
CB 3FG D 7 0.66 -8.48 -1.89
CA 3FG D 7 1.22 -8.08 -0.52
C 3FG D 7 2.41 -8.93 -0.04
O 3FG D 7 2.19 -10.04 0.44
OXT 3FG D 7 3.56 -8.46 -0.15
H 3FG D 7 1.95 -6.27 -1.30
HA 3FG D 7 0.41 -8.10 0.21
HD1 3FG D 7 -2.18 -7.90 -5.23
HZ 3FG D 7 -0.69 -9.57 -5.47
HD2 3FG D 7 2.05 -11.42 -4.02
HG2 3FG D 7 2.08 -10.13 -2.16
C2 BGC E . 5.57 5.56 1.69
C3 BGC E . 6.59 5.59 0.55
C4 BGC E . 7.23 4.21 0.39
C5 BGC E . 6.13 3.17 0.21
C6 BGC E . 6.67 1.75 0.09
C1 BGC E . 4.59 4.38 1.57
O2 BGC E . 4.85 6.77 1.70
O3 BGC E . 7.57 6.55 0.85
O4 BGC E . 8.05 4.21 -0.76
O5 BGC E . 5.31 3.18 1.34
O6 BGC E . 6.77 1.15 1.36
H2 BGC E . 6.11 5.46 2.62
H3 BGC E . 6.10 5.88 -0.39
H4 BGC E . 7.86 3.98 1.26
H5 BGC E . 5.56 3.44 -0.69
H61 BGC E . 6.03 1.15 -0.53
H62 BGC E . 7.66 1.72 -0.35
H1 BGC E . 3.86 4.54 0.78
HO3 BGC E . 7.82 6.95 0.03
HO4 BGC E . 8.93 4.37 -0.47
HO6 BGC E . 7.09 0.27 1.23
C1 RER E . 5.45 7.73 2.53
C2 RER E . 4.68 9.05 2.48
C3 RER E . 3.29 8.93 3.10
N3 RER E . 2.73 10.27 3.28
C3A RER E . 2.36 8.14 2.18
C4 RER E . 3.40 8.25 4.47
O4 RER E . 2.11 8.01 4.98
C5 RER E . 4.17 6.95 4.34
O5 RER E . 5.46 7.25 3.86
C5A RER E . 4.28 6.19 5.66
H1 RER E . 6.48 7.89 2.21
H21C RER E . 5.24 9.81 3.02
H22C RER E . 4.60 9.39 1.45
HO1 RER E . 1.78 10.20 3.70
H31N RER E . 3.35 10.82 3.90
H32N RER E . 2.65 10.74 2.35
H3A1 RER E . 2.72 7.12 2.05
H3A2 RER E . 2.29 8.60 1.20
H3A3 RER E . 1.35 8.08 2.60
H4 RER E . 3.91 8.91 5.17
HO4 RER E . 1.90 8.74 5.53
H5 RER E . 3.68 6.31 3.61
H5A1 RER E . 4.79 6.80 6.41
H5A2 RER E . 3.29 5.95 6.05
H5A3 RER E . 4.84 5.27 5.54
C2 BGC F . 5.54 4.50 -4.24
C3 BGC F . 6.42 4.65 -5.48
C4 BGC F . 7.00 3.29 -5.88
C5 BGC F . 5.93 2.21 -5.91
C6 BGC F . 6.58 0.85 -6.16
C1 BGC F . 4.55 3.35 -4.38
O2 BGC F . 4.81 5.69 -4.05
O3 BGC F . 7.46 5.54 -5.18
O4 BGC F . 7.59 3.38 -7.15
O5 BGC F . 5.26 2.17 -4.67
O6 BGC F . 7.56 0.60 -5.19
H2 BGC F . 6.17 4.32 -3.36
H3 BGC F . 5.83 5.06 -6.29
H4 BGC F . 7.76 2.96 -5.16
H5 BGC F . 5.20 2.43 -6.69
H61 BGC F . 5.84 0.07 -6.11
H62 BGC F . 7.05 0.82 -7.14
H1 BGC F . 3.84 3.58 -5.18
HO3 BGC F . 7.63 6.03 -5.98
HO4 BGC F . 8.37 2.86 -7.13
HO6 BGC F . 7.92 -0.26 -5.39
C1 RER F . 5.31 6.51 -3.02
C2 RER F . 5.22 7.97 -3.46
C3 RER F . 3.77 8.43 -3.62
N3 RER F . 3.76 9.89 -3.77
C3A RER F . 3.12 7.81 -4.85
C4 RER F . 2.99 8.05 -2.37
O4 RER F . 1.63 8.35 -2.55
C5 RER F . 3.16 6.57 -2.06
O5 RER F . 4.53 6.31 -1.85
C5A RER F . 2.39 6.15 -0.82
H1 RER F . 6.33 6.22 -2.79
H21C RER F . 5.72 8.58 -2.71
H22C RER F . 5.77 8.11 -4.39
HO1 RER F . 4.19 10.33 -2.93
H31N RER F . 2.78 10.22 -3.87
H32N RER F . 4.30 10.15 -4.62
H3A1 RER F . 3.70 8.02 -5.75
H3A2 RER F . 3.01 6.73 -4.75
H3A3 RER F . 2.11 8.22 -5.00
H4 RER F . 3.34 8.63 -1.52
HO4 RER F . 1.49 9.22 -2.19
H5 RER F . 2.82 5.97 -2.92
H5A1 RER F . 2.74 6.71 0.05
H5A2 RER F . 1.33 6.32 -0.93
H5A3 RER F . 2.54 5.09 -0.62
C1 RER G . -3.61 4.39 -3.01
C2 RER G . -3.86 3.92 -4.44
C3 RER G . -5.34 3.88 -4.83
N3 RER G . -5.48 3.87 -6.28
C3A RER G . -6.02 2.62 -4.26
C4 RER G . -6.00 5.12 -4.28
O4 RER G . -7.36 5.18 -4.64
C5 RER G . -5.81 5.17 -2.77
O5 RER G . -4.45 5.43 -2.59
C5A RER G . -6.64 6.28 -2.12
H1 RER G . -2.59 4.76 -2.95
H21C RER G . -3.43 2.95 -4.61
H22C RER G . -3.27 4.56 -5.09
HO1 RER G . -5.02 3.03 -6.67
H31N RER G . -6.49 3.86 -6.52
H32N RER G . -5.03 4.72 -6.67
H3A1 RER G . -7.10 2.69 -4.35
H3A2 RER G . -5.71 1.73 -4.79
H3A3 RER G . -5.77 2.47 -3.21
H4 RER G . -5.48 5.98 -4.72
HO4 RER G . -7.57 6.09 -4.78
H5 RER G . -6.05 4.22 -2.32
H5A1 RER G . -7.71 6.13 -2.28
H5A2 RER G . -6.46 6.32 -1.04
H5A3 RER G . -6.37 7.26 -2.54
C1 RER H . 4.82 -4.02 2.89
C2 RER H . 4.64 -3.95 4.41
C3 RER H . 4.06 -5.25 4.97
N3 RER H . 4.14 -5.21 6.43
C3A RER H . 2.57 -5.44 4.58
C4 RER H . 4.88 -6.42 4.45
O4 RER H . 4.29 -7.63 4.85
C5 RER H . 4.97 -6.36 2.93
O5 RER H . 5.59 -5.15 2.55
C5A RER H . 5.78 -7.52 2.35
H1 RER H . 5.34 -3.13 2.52
H21C RER H . 5.60 -3.76 4.87
H22C RER H . 4.00 -3.11 4.67
HO1 RER H . 3.59 -4.41 6.78
H31N RER H . 3.77 -6.09 6.81
H32N RER H . 5.13 -5.09 6.71
H3A1 RER H . 2.45 -5.72 3.53
H3A2 RER H . 2.13 -6.23 5.18
H3A3 RER H . 1.99 -4.54 4.72
H4 RER H . 5.88 -6.38 4.87
HO4 RER H . 4.73 -7.88 5.66
H5 RER H . 3.96 -6.37 2.51
H5A1 RER H . 5.83 -7.47 1.27
H5A2 RER H . 6.79 -7.52 2.74
H5A3 RER H . 5.32 -8.48 2.61
N ALA A 1 -4.90 11.04 -4.13
CA ALA A 1 -5.44 9.78 -3.67
C ALA A 1 -4.34 8.76 -3.41
N FGA A 2 -3.72 8.91 -2.22
CA FGA A 2 -2.67 7.97 -1.93
C FGA A 2 -1.33 8.49 -2.48
O FGA A 2 -1.20 8.60 -3.69
CB FGA A 2 -2.59 7.72 -0.44
CG FGA A 2 -3.95 7.34 0.16
CD FGA A 2 -3.77 6.85 1.59
OE1 FGA A 2 -2.66 6.76 2.11
H FGA A 2 -3.95 9.63 -1.57
HA FGA A 2 -2.95 7.06 -2.45
HB2 FGA A 2 -1.87 6.94 -0.24
HB3 FGA A 2 -2.24 8.63 0.05
HG2 FGA A 2 -4.62 8.18 0.16
HG3 FGA A 2 -4.42 6.54 -0.42
N LYS A 3 -4.92 6.56 2.21
CA LYS A 3 -4.94 6.14 3.59
C LYS A 3 -4.14 4.84 3.78
N DAL A 4 -3.40 4.76 4.90
CA DAL A 4 -2.67 3.51 5.09
CB DAL A 4 -3.61 2.45 5.68
C DAL A 4 -1.48 3.73 6.03
O DAL A 4 -1.21 4.84 6.51
H DAL A 4 -3.36 5.50 5.56
HA DAL A 4 -2.29 3.19 4.12
HB1 DAL A 4 -4.46 2.28 5.01
HB2 DAL A 4 -3.09 1.50 5.81
HB3 DAL A 4 -4.00 2.76 6.64
N DAL A 5 -0.80 2.60 6.25
CA DAL A 5 0.37 2.61 7.11
CB DAL A 5 1.39 3.63 6.61
C DAL A 5 0.98 1.21 7.15
O DAL A 5 2.19 1.09 6.97
OXT DAL A 5 0.23 0.25 7.36
H DAL A 5 -1.10 1.75 5.84
HA DAL A 5 0.01 2.87 8.10
HB1 DAL A 5 0.96 4.63 6.58
HB2 DAL A 5 2.26 3.66 7.28
HB3 DAL A 5 1.74 3.38 5.61
N ALA B 1 11.24 -2.81 0.90
CA ALA B 1 10.16 -2.94 1.88
C ALA B 1 8.84 -2.45 1.30
N FGA B 2 8.55 -3.00 0.11
CA FGA B 2 7.32 -2.57 -0.51
C FGA B 2 7.48 -1.11 -0.97
O FGA B 2 6.77 -0.70 -1.88
CB FGA B 2 6.97 -3.42 -1.72
CG FGA B 2 6.34 -4.76 -1.37
CD FGA B 2 5.54 -5.24 -2.56
OE1 FGA B 2 5.26 -4.48 -3.48
H FGA B 2 9.16 -3.70 -0.29
HA FGA B 2 6.53 -2.65 0.23
HB2 FGA B 2 6.21 -2.85 -2.27
HB3 FGA B 2 7.82 -3.55 -2.39
HG2 FGA B 2 7.08 -5.51 -1.07
HG3 FGA B 2 5.66 -4.62 -0.54
N LYS B 3 5.23 -6.54 -2.54
CA LYS B 3 4.49 -7.01 -3.68
C LYS B 3 3.16 -6.24 -3.79
N DAL B 4 3.19 -5.28 -4.71
CA DAL B 4 2.01 -4.46 -4.90
CB DAL B 4 0.79 -5.34 -5.23
C DAL B 4 2.27 -3.44 -6.01
O DAL B 4 2.87 -3.73 -7.04
H DAL B 4 3.99 -5.24 -5.30
HA DAL B 4 1.84 -3.91 -3.96
HB1 DAL B 4 0.61 -6.06 -4.43
HB2 DAL B 4 -0.10 -4.73 -5.35
HB3 DAL B 4 0.96 -5.89 -6.16
N DAL B 5 1.76 -2.23 -5.73
CA DAL B 5 1.92 -1.16 -6.69
CB DAL B 5 3.10 -0.25 -6.28
C DAL B 5 0.63 -0.36 -6.79
O DAL B 5 0.62 0.80 -6.39
OXT DAL B 5 -0.35 -0.91 -7.29
H DAL B 5 1.25 -2.04 -4.90
HA DAL B 5 2.14 -1.66 -7.62
HB1 DAL B 5 4.02 -0.84 -6.20
HB2 DAL B 5 3.26 0.53 -7.02
HB3 DAL B 5 2.90 0.21 -5.32
N MLU C 1 1.46 1.21 12.33
CN MLU C 1 2.88 1.54 12.39
CA MLU C 1 1.12 0.65 11.03
C MLU C 1 1.93 -0.63 10.76
O MLU C 1 1.80 -1.62 11.45
CB MLU C 1 -0.36 0.30 10.93
CG MLU C 1 -1.27 1.48 11.25
CD1 MLU C 1 -1.14 2.58 10.19
CD2 MLU C 1 -2.72 1.02 11.38
H1 MLU C 1 1.24 0.51 13.07
H2 MLU C 1 0.91 2.07 12.49
HCN1 MLU C 1 3.46 0.62 12.22
HCN2 MLU C 1 3.12 2.26 11.60
HCN3 MLU C 1 3.12 1.95 13.36
HA MLU C 1 1.37 1.39 10.27
HB2 MLU C 1 -0.58 -0.52 11.62
HB3 MLU C 1 -0.58 -0.07 9.93
HG MLU C 1 -0.96 1.90 12.22
HD11 MLU C 1 -1.49 2.22 9.23
HD12 MLU C 1 -1.75 3.44 10.47
HD13 MLU C 1 -0.11 2.91 10.09
HD21 MLU C 1 -3.37 1.85 11.64
HD22 MLU C 1 -3.07 0.60 10.44
HD23 MLU C 1 -2.82 0.25 12.15
N OMZ C 2 2.77 -0.52 9.71
CA OMZ C 2 3.57 -1.69 9.38
C OMZ C 2 2.88 -2.50 8.26
O OMZ C 2 3.01 -3.72 8.21
CB OMZ C 2 5.02 -1.29 9.05
OC OMZ C 2 5.62 -0.75 10.21
CG OMZ C 2 5.07 -0.26 7.97
CD1 OMZ C 2 5.29 -0.68 6.61
CD2 OMZ C 2 4.83 1.13 8.27
CE1 OMZ C 2 5.21 0.29 5.56
CL OMZ C 2 5.43 -0.22 3.92
CE2 OMZ C 2 4.76 2.09 7.20
CZ OMZ C 2 4.90 1.66 5.84
OH OMZ C 2 4.60 2.52 4.77
H OMZ C 2 2.81 0.31 9.17
HA OMZ C 2 3.56 -2.31 10.27
HB OMZ C 2 5.59 -2.16 8.77
HC OMZ C 2 5.68 -1.46 10.84
HD1 OMZ C 2 5.50 -1.72 6.38
HD2 OMZ C 2 4.68 1.45 9.29
HE2 OMZ C 2 4.56 3.13 7.41
N ASN C 3 2.13 -1.80 7.36
CA ASN C 3 1.46 -2.60 6.35
C ASN C 3 1.41 -1.96 4.97
N GHP C 4 0.58 -0.90 4.89
CA GHP C 4 0.44 -0.25 3.60
C GHP C 4 -1.02 0.20 3.40
O GHP C 4 -1.70 0.64 4.31
C1 GHP C 4 1.36 0.93 3.39
C2 GHP C 4 1.09 1.91 2.39
C3 GHP C 4 1.96 3.06 2.15
C4 GHP C 4 3.11 3.21 3.00
O4 GHP C 4 3.93 4.32 2.90
C5 GHP C 4 3.44 2.24 4.02
C6 GHP C 4 2.54 1.10 4.18
H GHP C 4 0.12 -0.57 5.72
HA GHP C 4 0.67 -1.02 2.86
HC2 GHP C 4 0.17 1.82 1.81
H6 GHP C 4 2.76 0.36 4.93
N GHP C 5 -1.41 0.05 2.12
CA GHP C 5 -2.72 0.49 1.70
C GHP C 5 -2.88 0.34 0.18
O GHP C 5 -2.43 -0.65 -0.38
C1 GHP C 5 -3.91 -0.12 2.36
C2 GHP C 5 -4.81 0.77 3.01
C3 GHP C 5 -6.06 0.35 3.53
C4 GHP C 5 -6.42 -1.03 3.45
O4 GHP C 5 -7.62 -1.47 3.97
C5 GHP C 5 -5.51 -1.99 2.83
C6 GHP C 5 -4.26 -1.53 2.28
H GHP C 5 -0.77 -0.34 1.45
HA GHP C 5 -2.67 1.53 1.99
HC2 GHP C 5 -4.55 1.81 3.07
HO4 GHP C 5 -8.09 -0.74 4.33
H5 GHP C 5 -5.78 -3.03 2.76
H6 GHP C 5 -3.60 -2.22 1.79
N OMY C 6 -3.55 1.32 -0.49
CA OMY C 6 -4.15 2.53 0.05
OCZ OMY C 6 1.76 4.05 1.14
CE2 OMY C 6 0.25 3.75 -0.82
CE1 OMY C 6 -0.63 4.51 1.38
CZ OMY C 6 0.49 4.14 0.54
CG OMY C 6 -2.23 3.95 -0.44
CD2 OMY C 6 -1.11 3.65 -1.32
CD1 OMY C 6 -1.96 4.42 0.88
CB OMY C 6 -3.66 3.70 -0.82
CL OMY C 6 -0.34 5.03 3.00
O OMY C 6 -6.38 1.99 -0.74
C OMY C 6 -5.68 2.39 0.17
ODE OMY C 6 -3.76 3.34 -2.17
H OMY C 6 -3.64 1.19 -1.48
HA OMY C 6 -3.79 2.69 1.05
HE2 OMY C 6 1.08 3.49 -1.47
HD2 OMY C 6 -1.30 3.35 -2.34
HD1 OMY C 6 -2.80 4.66 1.51
HB OMY C 6 -4.25 4.58 -0.63
N 3FG C 7 -6.09 2.73 1.42
OD1 3FG C 7 -6.48 0.24 6.23
CD1 3FG C 7 -7.08 1.29 5.56
CG1 3FG C 7 -6.94 1.39 4.14
CZ 3FG C 7 -7.83 2.26 6.28
CD2 3FG C 7 -8.45 3.34 5.60
OD2 3FG C 7 -9.18 4.29 6.30
CG2 3FG C 7 -8.33 3.45 4.17
CB 3FG C 7 -7.56 2.47 3.41
CA 3FG C 7 -7.44 2.62 1.88
C 3FG C 7 -8.17 3.86 1.32
O 3FG C 7 -9.35 3.74 0.94
OXT 3FG C 7 -7.55 4.93 1.25
H 3FG C 7 -5.41 3.05 2.06
HA 3FG C 7 -7.80 1.72 1.40
HD1 3FG C 7 -6.02 -0.31 5.61
HZ 3FG C 7 -7.89 2.18 7.36
HD2 3FG C 7 -9.17 4.07 7.22
HG2 3FG C 7 -8.78 4.29 3.66
N MLU D 1 0.76 0.22 -12.01
CN MLU D 1 1.24 1.60 -11.92
CA MLU D 1 0.00 -0.14 -10.82
C MLU D 1 -1.20 0.80 -10.64
O MLU D 1 -2.09 0.85 -11.48
CB MLU D 1 -0.52 -1.57 -10.87
CG MLU D 1 0.60 -2.61 -10.93
CD1 MLU D 1 1.50 -2.51 -9.71
CD2 MLU D 1 0.01 -4.01 -11.05
H1 MLU D 1 0.15 0.12 -12.85
H2 MLU D 1 1.58 -0.42 -12.10
HCN1 MLU D 1 1.87 1.69 -11.04
HCN2 MLU D 1 1.80 1.83 -12.82
HCN3 MLU D 1 0.38 2.26 -11.82
HA MLU D 1 0.65 -0.02 -9.96
HB2 MLU D 1 -1.17 -1.69 -11.73
HB3 MLU D 1 -1.13 -1.76 -9.98
HG MLU D 1 1.20 -2.40 -11.82
HD11 MLU D 1 2.32 -3.23 -9.77
HD12 MLU D 1 1.93 -1.52 -9.61
HD13 MLU D 1 0.95 -2.73 -8.80
HD21 MLU D 1 0.80 -4.76 -11.12
HD22 MLU D 1 -0.60 -4.25 -10.17
HD23 MLU D 1 -0.62 -4.10 -11.93
N OMZ D 2 -1.17 1.51 -9.50
CA OMZ D 2 -2.29 2.41 -9.23
C OMZ D 2 -3.14 1.85 -8.08
O OMZ D 2 -4.35 2.02 -8.07
CB OMZ D 2 -1.82 3.87 -9.06
OC OMZ D 2 -1.23 4.31 -10.24
CG OMZ D 2 -0.85 4.05 -7.93
CD1 OMZ D 2 -1.19 4.88 -6.81
CD2 OMZ D 2 0.42 3.36 -7.95
CE1 OMZ D 2 -0.29 4.96 -5.68
CL OMZ D 2 -0.72 5.93 -4.32
CE2 OMZ D 2 1.31 3.45 -6.83
CZ OMZ D 2 0.93 4.21 -5.67
OH OMZ D 2 1.66 4.10 -4.49
H OMZ D 2 -0.43 1.40 -8.85
HA OMZ D 2 -2.93 2.36 -10.12
HB OMZ D 2 -2.69 4.50 -8.87
HC OMZ D 2 -0.40 3.86 -10.32
HD1 OMZ D 2 -2.12 5.43 -6.77
HD2 OMZ D 2 0.70 2.77 -8.82
HE2 OMZ D 2 2.24 2.91 -6.84
N ASN D 3 -2.48 1.14 -7.12
CA ASN D 3 -3.31 0.57 -6.07
C ASN D 3 -2.66 0.53 -4.68
N GHP D 4 -1.48 -0.10 -4.61
CA GHP D 4 -0.82 -0.16 -3.30
C GHP D 4 -0.53 -1.63 -2.91
O GHP D 4 -0.49 -2.54 -3.74
C1 GHP D 4 0.45 0.66 -3.26
C2 GHP D 4 1.66 0.23 -2.60
C3 GHP D 4 2.83 1.10 -2.50
C4 GHP D 4 2.76 2.39 -3.14
O4 GHP D 4 3.85 3.23 -3.04
C5 GHP D 4 1.60 2.83 -3.86
C6 GHP D 4 0.44 1.95 -3.87
H GHP D 4 -1.05 -0.49 -5.43
HA GHP D 4 -1.52 0.30 -2.61
HC2 GHP D 4 1.71 -0.76 -2.18
H6 GHP D 4 -0.46 2.28 -4.37
N GHP D 5 -0.35 -1.76 -1.58
CA GHP D 5 0.00 -3.05 -0.99
C GHP D 5 0.20 -2.91 0.53
O GHP D 5 -0.56 -2.18 1.16
C1 GHP D 5 -0.91 -4.21 -1.24
C2 GHP D 5 -0.31 -5.40 -1.78
C3 GHP D 5 -1.03 -6.61 -1.93
C4 GHP D 5 -2.41 -6.64 -1.55
O4 GHP D 5 -3.14 -7.80 -1.71
C5 GHP D 5 -3.06 -5.46 -1.02
C6 GHP D 5 -2.30 -4.24 -0.86
H GHP D 5 -0.43 -0.96 -0.99
HA GHP D 5 0.95 -3.26 -1.47
HC2 GHP D 5 0.72 -5.36 -2.06
HO4 GHP D 5 -2.58 -8.48 -2.07
H5 GHP D 5 -4.10 -5.49 -0.74
H6 GHP D 5 -2.77 -3.36 -0.44
N OMY D 6 1.19 -3.61 1.15
CA OMY D 6 2.16 -4.53 0.53
OCZ OMY D 6 4.04 0.84 -1.82
CE2 OMY D 6 4.17 -0.35 0.35
CE1 OMY D 6 4.08 -1.59 -1.80
CZ OMY D 6 4.13 -0.35 -1.10
CG OMY D 6 3.89 -2.84 0.35
CD2 OMY D 6 4.02 -1.59 1.07
CD1 OMY D 6 3.98 -2.83 -1.09
CB OMY D 6 3.56 -4.14 1.04
CL OMY D 6 4.12 -1.59 -3.52
O OMY D 6 1.39 -6.43 1.83
C OMY D 6 1.74 -6.00 0.74
ODE OMY D 6 3.54 -4.00 2.44
H OMY D 6 1.27 -3.48 2.13
HA OMY D 6 2.13 -4.40 -0.54
HE2 OMY D 6 4.28 0.59 0.87
HD2 OMY D 6 3.99 -1.58 2.14
HD1 OMY D 6 3.92 -3.76 -1.64
HB OMY D 6 4.25 -4.93 0.77
N 3FG D 7 1.79 -6.69 -0.42
OD1 3FG D 7 -1.92 -7.60 -4.31
CD1 3FG D 7 -0.84 -8.24 -3.74
CG1 3FG D 7 -0.33 -7.80 -2.49
CZ 3FG D 7 -0.24 -9.35 -4.42
CD2 3FG D 7 0.89 -10.03 -3.84
OD2 3FG D 7 1.47 -11.10 -4.50
CG2 3FG D 7 1.39 -9.59 -2.57
CB 3FG D 7 0.80 -8.46 -1.87
CA 3FG D 7 1.38 -8.06 -0.50
C 3FG D 7 2.62 -8.87 -0.07
O 3FG D 7 2.46 -9.85 0.66
OXT 3FG D 7 3.73 -8.49 -0.46
H 3FG D 7 2.11 -6.22 -1.24
HA 3FG D 7 0.60 -8.12 0.24
HD1 3FG D 7 -2.20 -6.90 -3.74
HZ 3FG D 7 -0.62 -9.66 -5.39
HD2 3FG D 7 1.00 -11.25 -5.31
HG2 3FG D 7 2.25 -10.10 -2.14
C2 BGC E . 5.52 5.64 1.76
C3 BGC E . 6.51 5.71 0.60
C4 BGC E . 7.25 4.39 0.46
C5 BGC E . 6.26 3.23 0.43
C6 BGC E . 6.94 1.87 0.44
C1 BGC E . 4.62 4.40 1.68
O2 BGC E . 4.71 6.80 1.77
O3 BGC E . 7.42 6.75 0.85
O4 BGC E . 7.97 4.38 -0.74
O5 BGC E . 5.44 3.26 1.57
O6 BGC E . 7.88 1.80 1.49
H2 BGC E . 6.08 5.60 2.69
H3 BGC E . 5.98 5.94 -0.33
H4 BGC E . 7.94 4.25 1.29
H5 BGC E . 5.64 3.33 -0.46
H61 BGC E . 6.21 1.09 0.60
H62 BGC E . 7.45 1.64 -0.49
H1 BGC E . 3.92 4.45 0.84
HO3 BGC E . 7.10 7.51 0.40
HO4 BGC E . 8.86 4.65 -0.53
HO6 BGC E . 8.26 0.92 1.46
C1 RER E . 5.24 7.79 2.64
C2 RER E . 4.41 9.07 2.55
C3 RER E . 3.00 8.89 3.15
N3 RER E . 2.38 10.21 3.30
C3A RER E . 2.13 8.05 2.22
C4 RER E . 3.12 8.23 4.52
O4 RER E . 1.84 7.94 5.02
C5 RER E . 3.95 6.96 4.41
O5 RER E . 5.23 7.30 3.96
C5A RER E . 4.06 6.21 5.74
H1 RER E . 6.26 7.99 2.34
H21C RER E . 4.92 9.86 3.10
H22C RER E . 4.33 9.41 1.52
HO1 RER E . 2.96 10.79 3.93
H31N RER E . 1.43 10.09 3.71
H32N RER E . 2.30 10.66 2.37
H3A1 RER E . 2.55 7.05 2.08
H3A2 RER E . 1.12 7.93 2.63
H3A3 RER E . 2.05 8.52 1.24
H4 RER E . 3.59 8.92 5.23
HO4 RER E . 1.59 8.67 5.57
H5 RER E . 3.48 6.30 3.67
H5A1 RER E . 4.53 6.84 6.50
H5A2 RER E . 3.07 5.92 6.11
H5A3 RER E . 4.65 5.31 5.64
C2 BGC F . 5.60 4.38 -4.11
C3 BGC F . 6.53 4.43 -5.32
C4 BGC F . 7.06 3.04 -5.64
C5 BGC F . 5.96 1.98 -5.63
C6 BGC F . 6.58 0.59 -5.76
C1 BGC F . 4.58 3.27 -4.25
O2 BGC F . 4.89 5.59 -4.03
O3 BGC F . 7.60 5.29 -5.02
O4 BGC F . 7.64 3.05 -6.93
O5 BGC F . 5.26 2.05 -4.41
O6 BGC F . 7.53 0.38 -4.75
H2 BGC F . 6.17 4.22 -3.20
H3 BGC F . 5.99 4.85 -6.17
H4 BGC F . 7.82 2.72 -4.92
H5 BGC F . 5.26 2.16 -6.45
H61 BGC F . 5.81 -0.17 -5.68
H62 BGC F . 7.08 0.47 -6.72
H1 BGC F . 3.92 3.45 -5.09
HO3 BGC F . 7.37 6.14 -5.38
HO4 BGC F . 8.56 3.24 -6.80
HO6 BGC F . 7.87 -0.49 -4.87
C1 RER F . 5.31 6.41 -2.97
C2 RER F . 5.26 7.86 -3.47
C3 RER F . 3.83 8.33 -3.74
N3 RER F . 3.84 9.77 -3.96
C3A RER F . 3.23 7.65 -4.98
C4 RER F . 2.97 8.02 -2.51
O4 RER F . 1.63 8.33 -2.78
C5 RER F . 3.11 6.54 -2.15
O5 RER F . 4.46 6.27 -1.86
C5A RER F . 2.29 6.21 -0.90
H1 RER F . 6.31 6.13 -2.67
H21C RER F . 5.72 8.50 -2.72
H22C RER F . 5.86 7.97 -4.37
HO1 RER F . 4.42 9.99 -4.79
H31N RER F . 4.23 10.26 -3.12
H32N RER F . 2.87 10.10 -4.13
H3A1 RER F . 3.86 7.81 -5.84
H3A2 RER F . 3.11 6.58 -4.82
H3A3 RER F . 2.25 8.07 -5.20
H4 RER F . 3.29 8.64 -1.68
HO4 RER F . 1.48 9.21 -2.48
H5 RER F . 2.79 5.92 -2.97
H5A1 RER F . 1.23 6.34 -1.08
H5A2 RER F . 2.47 5.18 -0.61
H5A3 RER F . 2.58 6.85 -0.06
C1 RER G . -3.59 4.42 -3.04
C2 RER G . -3.82 3.93 -4.46
C3 RER G . -5.30 3.87 -4.85
N3 RER G . -5.43 3.83 -6.31
C3A RER G . -5.97 2.62 -4.26
C4 RER G . -5.96 5.12 -4.33
O4 RER G . -7.32 5.17 -4.70
C5 RER G . -5.79 5.20 -2.82
O5 RER G . -4.43 5.48 -2.64
C5A RER G . -6.63 6.30 -2.19
H1 RER G . -2.57 4.81 -2.97
H21C RER G . -3.38 2.95 -4.61
H22C RER G . -3.23 4.56 -5.11
HO1 RER G . -4.96 2.98 -6.67
H31N RER G . -6.44 3.81 -6.56
H32N RER G . -4.98 4.67 -6.71
H3A1 RER G . -5.72 2.47 -3.21
H3A2 RER G . -7.05 2.69 -4.35
H3A3 RER G . -5.66 1.71 -4.78
H4 RER G . -5.44 5.97 -4.77
HO4 RER G . -7.52 6.07 -4.86
H5 RER G . -6.01 4.23 -2.35
H5A1 RER G . -6.46 6.35 -1.12
H5A2 RER G . -6.38 7.27 -2.62
H5A3 RER G . -7.70 6.12 -2.36
C1 RER H . 4.83 -3.92 3.01
C2 RER H . 4.73 -4.05 4.53
C3 RER H . 4.41 -5.47 5.00
N3 RER H . 4.67 -5.58 6.43
C3A RER H . 2.94 -5.83 4.74
C4 RER H . 5.30 -6.45 4.26
O4 RER H . 4.94 -7.76 4.59
C5 RER H . 5.14 -6.22 2.76
O5 RER H . 5.64 -4.94 2.48
C5A RER H . 5.91 -7.26 1.92
H1 RER H . 5.28 -2.97 2.74
H21C RER H . 5.68 -3.73 4.96
H22C RER H . 3.98 -3.35 4.91
HO1 RER H . 5.66 -5.36 6.62
H31N RER H . 4.46 -6.55 6.75
H32N RER H . 4.05 -4.91 6.95
H3A1 RER H . 2.28 -5.29 5.40
H3A2 RER H . 2.65 -5.60 3.72
H3A3 RER H . 2.78 -6.90 4.92
H4 RER H . 6.34 -6.30 4.54
HO4 RER H . 5.74 -8.28 4.61
H5 RER H . 4.08 -6.25 2.51
H5A1 RER H . 5.54 -8.26 2.13
H5A2 RER H . 5.79 -7.06 0.87
H5A3 RER H . 6.96 -7.24 2.16
N ALA A 1 -5.56 10.99 -4.21
CA ALA A 1 -5.92 9.82 -3.42
C ALA A 1 -4.73 8.88 -3.25
N FGA A 2 -4.14 8.98 -2.04
CA FGA A 2 -3.01 8.11 -1.82
C FGA A 2 -1.73 8.78 -2.33
O FGA A 2 -1.82 9.63 -3.20
CB FGA A 2 -2.89 7.80 -0.32
CG FGA A 2 -4.20 7.25 0.25
CD FGA A 2 -4.00 6.74 1.68
OE1 FGA A 2 -2.90 6.74 2.21
H FGA A 2 -4.45 9.61 -1.33
HA FGA A 2 -3.21 7.20 -2.37
HB2 FGA A 2 -2.09 7.07 -0.16
HB3 FGA A 2 -2.63 8.71 0.21
HG2 FGA A 2 -4.97 8.02 0.24
HG3 FGA A 2 -4.58 6.42 -0.36
N LYS A 3 -5.15 6.33 2.23
CA LYS A 3 -5.15 5.87 3.61
C LYS A 3 -4.26 4.61 3.76
N DAL A 4 -3.55 4.57 4.90
CA DAL A 4 -2.72 3.38 5.08
CB DAL A 4 -3.59 2.25 5.65
C DAL A 4 -1.56 3.69 6.03
O DAL A 4 -1.41 4.80 6.54
H DAL A 4 -3.60 5.29 5.59
HA DAL A 4 -2.31 3.09 4.11
HB1 DAL A 4 -4.42 2.02 4.98
HB2 DAL A 4 -3.00 1.34 5.79
HB3 DAL A 4 -4.01 2.53 6.62
N DAL A 5 -0.76 2.64 6.22
CA DAL A 5 0.39 2.76 7.09
CB DAL A 5 1.38 3.76 6.52
C DAL A 5 1.04 1.38 7.26
O DAL A 5 0.36 0.46 7.70
OXT DAL A 5 2.22 1.25 6.95
H DAL A 5 -0.97 1.76 5.79
HA DAL A 5 -0.01 3.09 8.04
HB1 DAL A 5 0.91 4.74 6.40
HB2 DAL A 5 2.23 3.88 7.18
HB3 DAL A 5 1.75 3.44 5.55
N ALA B 1 10.06 -3.34 3.50
CA ALA B 1 8.63 -3.04 3.59
C ALA B 1 8.10 -2.49 2.27
N FGA B 2 8.24 -3.35 1.24
CA FGA B 2 7.75 -2.84 -0.03
C FGA B 2 8.66 -1.72 -0.52
O FGA B 2 9.22 -1.86 -1.61
CB FGA B 2 7.65 -3.93 -1.08
CG FGA B 2 6.52 -4.91 -0.79
CD FGA B 2 5.84 -5.25 -2.11
OE1 FGA B 2 5.81 -4.44 -3.04
H FGA B 2 8.64 -4.25 1.35
HA FGA B 2 6.74 -2.46 0.17
HB2 FGA B 2 7.41 -3.42 -2.01
HB3 FGA B 2 8.59 -4.45 -1.23
HG2 FGA B 2 6.88 -5.82 -0.30
HG3 FGA B 2 5.80 -4.42 -0.14
N LYS B 3 5.30 -6.47 -2.17
CA LYS B 3 4.61 -6.80 -3.40
C LYS B 3 3.45 -5.81 -3.59
N DAL B 4 3.24 -5.41 -4.85
CA DAL B 4 2.15 -4.46 -5.06
CB DAL B 4 0.89 -5.21 -5.51
C DAL B 4 2.57 -3.42 -6.10
O DAL B 4 3.56 -3.58 -6.81
H DAL B 4 3.80 -5.73 -5.61
HA DAL B 4 1.97 -3.94 -4.12
HB1 DAL B 4 0.58 -5.94 -4.77
HB2 DAL B 4 0.06 -4.51 -5.66
HB3 DAL B 4 1.06 -5.73 -6.46
N DAL B 5 1.76 -2.35 -6.14
CA DAL B 5 2.04 -1.29 -7.08
CB DAL B 5 3.30 -0.54 -6.65
C DAL B 5 0.84 -0.35 -7.17
O DAL B 5 0.85 0.67 -6.48
OXT DAL B 5 -0.08 -0.63 -7.92
H DAL B 5 0.93 -2.30 -5.58
HA DAL B 5 2.20 -1.78 -8.03
HB1 DAL B 5 4.16 -1.21 -6.59
HB2 DAL B 5 3.55 0.25 -7.38
HB3 DAL B 5 3.17 -0.07 -5.68
N MLU C 1 1.62 1.92 12.13
CN MLU C 1 3.04 2.26 12.02
CA MLU C 1 1.18 1.19 10.95
C MLU C 1 1.99 -0.10 10.78
O MLU C 1 1.94 -1.00 11.61
CB MLU C 1 -0.30 0.80 11.03
CG MLU C 1 -1.20 2.00 11.31
CD1 MLU C 1 -1.15 3.01 10.17
CD2 MLU C 1 -2.64 1.53 11.54
H1 MLU C 1 1.48 1.33 12.98
H2 MLU C 1 1.06 2.79 12.23
HCN1 MLU C 1 3.62 1.35 11.92
HCN2 MLU C 1 3.18 2.89 11.14
HCN3 MLU C 1 3.34 2.81 12.91
HA MLU C 1 1.34 1.82 10.09
HB2 MLU C 1 -0.43 0.07 11.83
HB3 MLU C 1 -0.59 0.32 10.10
HG MLU C 1 -0.86 2.49 12.22
HD11 MLU C 1 -1.51 2.57 9.24
HD12 MLU C 1 -1.77 3.88 10.39
HD13 MLU C 1 -0.12 3.37 10.01
HD21 MLU C 1 -2.69 0.83 12.36
HD22 MLU C 1 -3.30 2.37 11.76
HD23 MLU C 1 -3.03 1.03 10.64
N OMZ C 2 2.72 -0.14 9.66
CA OMZ C 2 3.51 -1.34 9.41
C OMZ C 2 2.78 -2.26 8.41
O OMZ C 2 2.80 -3.47 8.58
CB OMZ C 2 4.97 -1.00 9.04
OC OMZ C 2 5.62 -0.49 10.18
CG OMZ C 2 5.06 0.02 7.94
CD1 OMZ C 2 5.36 -0.39 6.61
CD2 OMZ C 2 4.79 1.41 8.23
CE1 OMZ C 2 5.31 0.57 5.55
CL OMZ C 2 5.62 0.05 3.92
CE2 OMZ C 2 4.75 2.37 7.14
CZ OMZ C 2 4.95 1.93 5.80
OH OMZ C 2 4.66 2.75 4.70
H OMZ C 2 2.72 0.62 9.01
HA OMZ C 2 3.52 -1.88 10.36
HB OMZ C 2 5.51 -1.90 8.74
HC OMZ C 2 5.65 -1.18 10.81
HD1 OMZ C 2 5.60 -1.43 6.40
HD2 OMZ C 2 4.60 1.74 9.24
HE2 OMZ C 2 4.51 3.41 7.35
N ASN C 3 2.12 -1.66 7.39
CA ASN C 3 1.40 -2.57 6.50
C ASN C 3 1.23 -2.04 5.06
N GHP C 4 0.79 -0.77 4.96
CA GHP C 4 0.63 -0.21 3.62
C GHP C 4 -0.86 0.13 3.37
O GHP C 4 -1.60 0.48 4.26
C1 GHP C 4 1.47 1.03 3.37
C2 GHP C 4 1.13 1.99 2.35
C3 GHP C 4 1.96 3.16 2.08
C4 GHP C 4 3.13 3.36 2.90
O4 GHP C 4 3.94 4.46 2.72
C5 GHP C 4 3.49 2.43 3.94
C6 GHP C 4 2.64 1.27 4.14
H GHP C 4 0.60 -0.23 5.78
HA GHP C 4 0.98 -1.00 2.94
HC2 GHP C 4 0.22 1.86 1.79
H6 GHP C 4 2.88 0.57 4.92
N GHP C 5 -1.20 0.00 2.06
CA GHP C 5 -2.54 0.38 1.64
C GHP C 5 -2.68 0.29 0.11
O GHP C 5 -2.14 -0.63 -0.49
C1 GHP C 5 -3.69 -0.31 2.28
C2 GHP C 5 -4.65 0.51 2.94
C3 GHP C 5 -5.87 0.00 3.44
C4 GHP C 5 -6.14 -1.41 3.31
O4 GHP C 5 -7.32 -1.92 3.82
C5 GHP C 5 -5.20 -2.27 2.66
C6 GHP C 5 -3.97 -1.72 2.13
H GHP C 5 -0.52 -0.31 1.39
HA GHP C 5 -2.55 1.42 1.95
HC2 GHP C 5 -4.45 1.57 3.04
HO4 GHP C 5 -7.84 -1.22 4.21
H5 GHP C 5 -5.40 -3.33 2.56
H6 GHP C 5 -3.26 -2.37 1.63
N OMY C 6 -3.41 1.24 -0.55
CA OMY C 6 -4.10 2.40 0.03
OCZ OMY C 6 1.71 4.11 1.04
CE2 OMY C 6 0.16 3.79 -0.88
CE1 OMY C 6 -0.67 4.51 1.34
CZ OMY C 6 0.43 4.17 0.48
CG OMY C 6 -2.29 3.93 -0.46
CD2 OMY C 6 -1.19 3.66 -1.36
CD1 OMY C 6 -2.03 4.41 0.87
CB OMY C 6 -3.73 3.63 -0.81
CL OMY C 6 -0.37 5.03 2.95
O OMY C 6 -6.29 1.66 -0.74
C OMY C 6 -5.61 2.12 0.16
ODE OMY C 6 -3.91 3.39 -2.18
H OMY C 6 -3.47 1.14 -1.54
HA OMY C 6 -3.75 2.55 1.04
HE2 OMY C 6 1.00 3.55 -1.54
HD2 OMY C 6 -1.39 3.34 -2.36
HD1 OMY C 6 -2.84 4.65 1.52
HB OMY C 6 -4.35 4.46 -0.49
N 3FG C 7 -6.04 2.42 1.41
OD1 3FG C 7 -6.28 -0.21 6.14
CD1 3FG C 7 -6.94 0.80 5.50
CG1 3FG C 7 -6.81 0.95 4.09
CZ 3FG C 7 -7.77 1.70 6.25
CD2 3FG C 7 -8.47 2.76 5.59
OD2 3FG C 7 -9.27 3.63 6.31
CG2 3FG C 7 -8.34 2.92 4.17
CB 3FG C 7 -7.51 2.02 3.38
CA 3FG C 7 -7.39 2.22 1.86
C 3FG C 7 -8.21 3.40 1.32
O 3FG C 7 -9.38 3.23 0.99
OXT 3FG C 7 -7.64 4.49 1.22
H 3FG C 7 -5.39 2.80 2.06
HA 3FG C 7 -7.68 1.29 1.36
HD1 3FG C 7 -6.48 -0.17 7.08
HZ 3FG C 7 -7.83 1.59 7.32
HD2 3FG C 7 -9.65 4.27 5.73
HG2 3FG C 7 -8.85 3.73 3.67
N MLU D 1 0.21 0.44 -12.36
CN MLU D 1 0.77 1.79 -12.40
CA MLU D 1 -0.40 0.18 -11.06
C MLU D 1 -1.51 1.20 -10.77
O MLU D 1 -2.41 1.42 -11.57
CB MLU D 1 -1.01 -1.22 -10.98
CG MLU D 1 0.02 -2.33 -11.14
CD1 MLU D 1 1.08 -2.26 -10.04
CD2 MLU D 1 -0.64 -3.70 -11.14
H1 MLU D 1 -0.51 0.35 -13.10
H2 MLU D 1 0.96 -0.26 -12.53
HCN1 MLU D 1 1.22 1.94 -13.37
HCN2 MLU D 1 -0.03 2.51 -12.22
HCN3 MLU D 1 1.53 1.87 -11.62
HA MLU D 1 0.37 0.28 -10.31
HB2 MLU D 1 -1.78 -1.33 -11.74
HB3 MLU D 1 -1.51 -1.33 -10.02
HG MLU D 1 0.53 -2.18 -12.10
HD11 MLU D 1 1.57 -1.29 -10.02
HD12 MLU D 1 0.63 -2.43 -9.07
HD13 MLU D 1 1.84 -3.02 -10.19
HD21 MLU D 1 -1.38 -3.77 -11.94
HD22 MLU D 1 0.09 -4.49 -11.28
HD23 MLU D 1 -1.16 -3.88 -10.20
N OMZ D 2 -1.38 1.80 -9.57
CA OMZ D 2 -2.39 2.77 -9.17
C OMZ D 2 -3.17 2.24 -7.94
O OMZ D 2 -4.34 2.57 -7.76
CB OMZ D 2 -1.79 4.18 -9.01
OC OMZ D 2 -1.18 4.57 -10.21
CG OMZ D 2 -0.78 4.24 -7.91
CD1 OMZ D 2 -1.01 5.10 -6.76
CD2 OMZ D 2 0.40 3.42 -7.96
CE1 OMZ D 2 -0.10 5.05 -5.66
CL OMZ D 2 -0.39 6.04 -4.27
CE2 OMZ D 2 1.30 3.38 -6.85
CZ OMZ D 2 1.03 4.17 -5.67
OH OMZ D 2 1.78 3.96 -4.51
H OMZ D 2 -0.63 1.55 -8.96
HA OMZ D 2 -3.11 2.79 -9.99
HB OMZ D 2 -2.59 4.89 -8.80
HC OMZ D 2 -0.41 4.03 -10.32
HD1 OMZ D 2 -1.86 5.75 -6.72
HD2 OMZ D 2 0.62 2.81 -8.83
HE2 OMZ D 2 2.17 2.74 -6.87
N ASN D 3 -2.49 1.41 -7.10
CA ASN D 3 -3.25 0.86 -5.99
C ASN D 3 -2.49 0.80 -4.66
N GHP D 4 -1.52 -0.14 -4.64
CA GHP D 4 -0.78 -0.30 -3.40
C GHP D 4 -0.49 -1.77 -3.10
O GHP D 4 -0.36 -2.63 -3.97
C1 GHP D 4 0.48 0.53 -3.34
C2 GHP D 4 1.66 0.11 -2.62
C3 GHP D 4 2.83 0.97 -2.49
C4 GHP D 4 2.80 2.25 -3.14
O4 GHP D 4 3.89 3.09 -3.02
C5 GHP D 4 1.67 2.70 -3.90
C6 GHP D 4 0.51 1.82 -3.97
H GHP D 4 -1.29 -0.63 -5.48
HA GHP D 4 -1.45 0.08 -2.62
HC2 GHP D 4 1.67 -0.88 -2.19
H6 GHP D 4 -0.37 2.12 -4.52
N GHP D 5 -0.39 -1.96 -1.77
CA GHP D 5 -0.06 -3.24 -1.18
C GHP D 5 0.07 -3.09 0.34
O GHP D 5 -0.70 -2.35 0.93
C1 GHP D 5 -0.97 -4.39 -1.47
C2 GHP D 5 -0.37 -5.55 -2.05
C3 GHP D 5 -1.06 -6.78 -2.20
C4 GHP D 5 -2.43 -6.84 -1.81
O4 GHP D 5 -3.14 -8.02 -1.97
C5 GHP D 5 -3.09 -5.69 -1.24
C6 GHP D 5 -2.35 -4.46 -1.06
H GHP D 5 -0.54 -1.18 -1.16
HA GHP D 5 0.90 -3.44 -1.64
HC2 GHP D 5 0.67 -5.50 -2.35
HO4 GHP D 5 -4.03 -7.91 -1.67
H5 GHP D 5 -4.13 -5.74 -0.94
H6 GHP D 5 -2.82 -3.60 -0.60
N OMY D 6 1.05 -3.80 0.99
CA OMY D 6 2.03 -4.71 0.40
OCZ OMY D 6 4.02 0.69 -1.76
CE2 OMY D 6 3.99 -0.51 0.39
CE1 OMY D 6 4.09 -1.73 -1.77
CZ OMY D 6 4.08 -0.49 -1.04
CG OMY D 6 3.76 -3.01 0.33
CD2 OMY D 6 3.81 -1.78 1.08
CD1 OMY D 6 3.95 -2.98 -1.10
CB OMY D 6 3.41 -4.34 0.94
CL OMY D 6 4.25 -1.70 -3.50
O OMY D 6 1.25 -6.63 1.67
C OMY D 6 1.61 -6.18 0.59
ODE OMY D 6 3.35 -4.25 2.33
H OMY D 6 1.08 -3.65 1.97
HA OMY D 6 2.04 -4.55 -0.67
HE2 OMY D 6 4.05 0.41 0.93
HD2 OMY D 6 3.71 -1.79 2.16
HD1 OMY D 6 3.92 -3.91 -1.63
HB OMY D 6 4.13 -5.10 0.65
N 3FG D 7 1.67 -6.86 -0.58
OD1 3FG D 7 -1.78 -7.65 -4.70
CD1 3FG D 7 -0.73 -8.32 -4.09
CG1 3FG D 7 -0.33 -7.93 -2.77
CZ 3FG D 7 -0.07 -9.38 -4.78
CD2 3FG D 7 1.01 -10.08 -4.15
OD2 3FG D 7 1.65 -11.11 -4.81
CG2 3FG D 7 1.43 -9.70 -2.83
CB 3FG D 7 0.78 -8.62 -2.12
CA 3FG D 7 1.27 -8.24 -0.71
C 3FG D 7 2.47 -9.07 -0.21
O 3FG D 7 2.25 -10.20 0.23
OXT 3FG D 7 3.60 -8.58 -0.26
H 3FG D 7 1.98 -6.37 -1.40
HA 3FG D 7 0.43 -8.31 -0.02
HD1 3FG D 7 -2.10 -6.97 -4.12
HZ 3FG D 7 -0.39 -9.62 -5.78
HD2 3FG D 7 2.34 -11.46 -4.27
HG2 3FG D 7 2.25 -10.22 -2.37
C2 BGC E . 5.73 5.55 1.59
C3 BGC E . 6.72 5.46 0.43
C4 BGC E . 7.35 4.07 0.37
C5 BGC E . 6.27 2.99 0.44
C6 BGC E . 6.85 1.58 0.57
C1 BGC E . 4.74 4.38 1.56
O2 BGC E . 5.05 6.78 1.55
O3 BGC E . 7.71 6.43 0.62
O4 BGC E . 8.04 3.93 -0.85
O5 BGC E . 5.49 3.20 1.59
O6 BGC E . 7.79 1.52 1.61
H2 BGC E . 6.28 5.49 2.53
H3 BGC E . 6.21 5.68 -0.51
H4 BGC E . 8.07 3.95 1.18
H5 BGC E . 5.64 3.07 -0.44
H61 BGC E . 6.04 0.89 0.81
H62 BGC E . 7.30 1.23 -0.34
H1 BGC E . 4.11 4.40 0.68
HO3 BGC E . 7.46 7.20 0.11
HO4 BGC E . 8.81 3.41 -0.67
HO6 BGC E . 8.08 0.62 1.66
C1 RER E . 5.68 7.75 2.35
C2 RER E . 4.97 9.11 2.23
C3 RER E . 3.58 9.10 2.89
N3 RER E . 3.11 10.47 3.00
C3A RER E . 2.60 8.32 2.01
C4 RER E . 3.68 8.47 4.27
O4 RER E . 2.39 8.33 4.82
C5 RER E . 4.37 7.11 4.18
O5 RER E . 5.67 7.32 3.70
C5A RER E . 4.43 6.39 5.53
H1 RER E . 6.71 7.86 2.02
H21C RER E . 5.58 9.87 2.74
H22C RER E . 4.90 9.41 1.20
HO1 RER E . 2.16 10.47 3.45
H31N RER E . 3.04 10.90 2.06
H32N RER E . 3.76 11.02 3.60
H3A1 RER E . 2.93 7.29 1.88
H3A2 RER E . 2.52 8.77 1.02
H3A3 RER E . 1.61 8.30 2.46
H4 RER E . 4.25 9.12 4.94
HO4 RER E . 1.91 7.76 4.23
H5 RER E . 3.82 6.50 3.48
H5A1 RER E . 4.99 6.97 6.27
H5A2 RER E . 3.43 6.21 5.92
H5A3 RER E . 4.93 5.42 5.43
C2 BGC F . 5.60 4.30 -4.09
C3 BGC F . 6.51 4.39 -5.31
C4 BGC F . 7.02 3.00 -5.69
C5 BGC F . 5.90 1.98 -5.74
C6 BGC F . 6.48 0.58 -5.96
C1 BGC F . 4.56 3.20 -4.24
O2 BGC F . 4.93 5.52 -3.91
O3 BGC F . 7.59 5.24 -5.02
O4 BGC F . 7.63 3.06 -6.95
O5 BGC F . 5.21 1.98 -4.51
O6 BGC F . 7.43 0.29 -4.98
H2 BGC F . 6.21 4.07 -3.20
H3 BGC F . 5.96 4.83 -6.15
H4 BGC F . 7.76 2.64 -4.98
H5 BGC F . 5.20 2.22 -6.54
H61 BGC F . 5.70 -0.17 -5.91
H62 BGC F . 6.97 0.52 -6.94
H1 BGC F . 3.88 3.46 -5.06
HO3 BGC F . 7.79 5.71 -5.81
HO4 BGC F . 8.56 3.21 -6.81
HO6 BGC F . 7.75 -0.58 -5.16
C1 RER F . 5.41 6.31 -2.86
C2 RER F . 5.55 7.75 -3.35
C3 RER F . 4.18 8.36 -3.68
N3 RER F . 4.34 9.80 -3.90
C3A RER F . 3.57 7.76 -4.95
C4 RER F . 3.24 8.14 -2.50
O4 RER F . 1.95 8.59 -2.84
C5 RER F . 3.22 6.66 -2.12
O5 RER F . 4.51 6.26 -1.77
C5A RER F . 2.29 6.40 -0.93
H1 RER F . 6.38 5.92 -2.51
H21C RER F . 6.03 8.34 -2.58
H22C RER F . 6.20 7.79 -4.22
HO1 RER F . 4.99 9.96 -4.70
H31N RER F . 4.74 10.24 -3.05
H32N RER F . 3.42 10.23 -4.10
H3A1 RER F . 4.27 7.83 -5.79
H3A2 RER F . 3.33 6.70 -4.81
H3A3 RER F . 2.65 8.27 -5.22
H4 RER F . 3.57 8.73 -1.65
HO4 RER F . 1.57 8.95 -2.05
H5 RER F . 2.87 6.07 -2.97
H5A1 RER F . 2.61 7.01 -0.07
H5A2 RER F . 2.34 5.36 -0.64
H5A3 RER F . 1.26 6.66 -1.16
C1 RER G . -3.79 4.57 -2.93
C2 RER G . -4.15 4.33 -4.41
C3 RER G . -5.65 4.16 -4.64
N3 RER G . -5.94 4.30 -6.07
C3A RER G . -6.13 2.78 -4.18
C4 RER G . -6.38 5.26 -3.88
O4 RER G . -7.77 5.11 -4.03
C5 RER G . -5.99 5.19 -2.42
O5 RER G . -4.63 5.55 -2.37
C5A RER G . -6.81 6.15 -1.55
H1 RER G . -2.76 4.93 -2.87
H21C RER G . -3.81 5.19 -4.99
H22C RER G . -3.60 3.46 -4.79
HO1 RER G . -5.42 3.55 -6.59
H31N RER G . -5.62 5.23 -6.39
H32N RER G . -6.96 4.20 -6.22
H3A1 RER G . -7.21 2.72 -4.20
H3A2 RER G . -5.80 2.56 -3.16
H3A3 RER G . -5.75 1.99 -4.83
H4 RER G . -6.10 6.24 -4.27
HO4 RER G . -8.14 5.97 -4.08
H5 RER G . -6.10 4.17 -2.05
H5A1 RER G . -6.53 6.07 -0.51
H5A2 RER G . -6.66 7.18 -1.87
H5A3 RER G . -7.87 5.93 -1.63
C1 RER H . 4.60 -4.09 2.98
C2 RER H . 4.27 -3.88 4.45
C3 RER H . 3.79 -5.16 5.14
N3 RER H . 3.86 -4.98 6.59
C3A RER H . 2.34 -5.52 4.76
C4 RER H . 4.73 -6.28 4.74
O4 RER H . 4.33 -7.50 5.32
C5 RER H . 4.82 -6.40 3.22
O5 RER H . 5.41 -5.21 2.77
C5A RER H . 5.66 -7.59 2.79
H1 RER H . 5.15 -3.24 2.58
H21C RER H . 3.51 -3.13 4.57
H22C RER H . 5.13 -3.44 4.94
HO1 RER H . 3.56 -5.86 7.05
H31N RER H . 3.22 -4.20 6.87
H32N RER H . 4.83 -4.76 6.86
H3A1 RER H . 2.01 -6.40 5.32
H3A2 RER H . 2.24 -5.76 3.70
H3A3 RER H . 1.65 -4.71 4.97
H4 RER H . 5.70 -6.01 5.14
HO4 RER H . 5.11 -7.98 5.53
H5 RER H . 3.83 -6.46 2.77
H5A1 RER H . 5.23 -8.53 3.13
H5A2 RER H . 6.67 -7.52 3.20
H5A3 RER H . 5.76 -7.63 1.70
N ALA A 1 -6.30 10.87 -4.00
CA ALA A 1 -6.51 9.58 -3.34
C ALA A 1 -5.19 8.82 -3.18
N FGA A 2 -4.57 9.07 -2.03
CA FGA A 2 -3.32 8.36 -1.83
C FGA A 2 -2.15 9.19 -2.36
O FGA A 2 -1.82 9.07 -3.53
CB FGA A 2 -3.15 8.03 -0.35
CG FGA A 2 -4.39 7.37 0.23
CD FGA A 2 -4.12 6.91 1.66
OE1 FGA A 2 -3.01 6.94 2.16
H FGA A 2 -4.91 9.68 -1.32
HA FGA A 2 -3.41 7.44 -2.40
HB2 FGA A 2 -2.29 7.37 -0.23
HB3 FGA A 2 -2.94 8.96 0.19
HG2 FGA A 2 -5.23 8.06 0.23
HG3 FGA A 2 -4.69 6.51 -0.36
N LYS A 3 -5.25 6.50 2.29
CA LYS A 3 -5.19 5.98 3.63
C LYS A 3 -4.29 4.72 3.67
N DAL A 4 -3.61 4.52 4.82
CA DAL A 4 -2.79 3.32 4.89
CB DAL A 4 -3.57 2.20 5.61
C DAL A 4 -1.48 3.61 5.63
O DAL A 4 -1.26 4.68 6.18
H DAL A 4 -3.69 5.16 5.59
HA DAL A 4 -2.56 3.02 3.88
HB1 DAL A 4 -4.49 1.96 5.08
HB2 DAL A 4 -2.98 1.29 5.67
HB3 DAL A 4 -3.83 2.50 6.63
N DAL A 5 -0.62 2.57 5.58
CA DAL A 5 0.68 2.63 6.22
CB DAL A 5 0.54 3.01 7.67
C DAL A 5 1.59 3.65 5.54
O DAL A 5 2.71 3.84 6.01
OXT DAL A 5 1.18 4.24 4.54
H DAL A 5 -0.89 1.73 5.09
HA DAL A 5 1.10 1.64 6.18
HB1 DAL A 5 -0.07 3.90 7.81
HB2 DAL A 5 0.09 2.17 8.20
HB3 DAL A 5 1.51 3.20 8.12
N ALA B 1 10.29 -3.38 3.42
CA ALA B 1 8.87 -3.07 3.57
C ALA B 1 8.30 -2.50 2.28
N FGA B 2 8.40 -3.35 1.24
CA FGA B 2 7.87 -2.85 -0.01
C FGA B 2 8.77 -1.72 -0.54
O FGA B 2 9.97 -1.78 -0.31
CB FGA B 2 7.74 -3.94 -1.06
CG FGA B 2 6.62 -4.92 -0.73
CD FGA B 2 5.90 -5.26 -2.03
OE1 FGA B 2 5.84 -4.46 -2.96
H FGA B 2 8.81 -4.26 1.33
HA FGA B 2 6.87 -2.47 0.21
HB2 FGA B 2 7.49 -3.44 -1.99
HB3 FGA B 2 8.68 -4.47 -1.22
HG2 FGA B 2 6.99 -5.82 -0.24
HG3 FGA B 2 5.92 -4.43 -0.06
N LYS B 3 5.35 -6.49 -2.06
CA LYS B 3 4.64 -6.82 -3.26
C LYS B 3 3.49 -5.83 -3.44
N DAL B 4 3.26 -5.43 -4.71
CA DAL B 4 2.17 -4.48 -4.91
CB DAL B 4 0.89 -5.24 -5.30
C DAL B 4 2.56 -3.50 -6.01
O DAL B 4 3.45 -3.74 -6.82
H DAL B 4 3.82 -5.75 -5.47
HA DAL B 4 2.02 -3.93 -3.98
HB1 DAL B 4 0.61 -5.94 -4.52
HB2 DAL B 4 0.06 -4.55 -5.45
HB3 DAL B 4 1.03 -5.80 -6.22
N DAL B 5 1.85 -2.35 -5.97
CA DAL B 5 2.13 -1.33 -6.94
CB DAL B 5 3.36 -0.53 -6.54
C DAL B 5 0.91 -0.42 -7.10
O DAL B 5 -0.19 -0.85 -6.77
OXT DAL B 5 1.08 0.72 -7.54
H DAL B 5 1.11 -2.22 -5.33
HA DAL B 5 2.30 -1.86 -7.87
HB1 DAL B 5 4.23 -1.19 -6.44
HB2 DAL B 5 3.61 0.22 -7.29
HB3 DAL B 5 3.22 -0.02 -5.59
N MLU C 1 1.46 1.09 12.17
CN MLU C 1 2.88 1.18 12.50
CA MLU C 1 1.30 0.77 10.75
C MLU C 1 1.99 -0.55 10.42
O MLU C 1 1.64 -1.60 10.92
CB MLU C 1 -0.18 0.64 10.36
CG MLU C 1 -1.02 1.81 10.90
CD1 MLU C 1 -0.74 3.11 10.16
CD2 MLU C 1 -2.50 1.46 10.83
H1 MLU C 1 1.02 0.34 12.75
H2 MLU C 1 1.00 2.00 12.38
HCN1 MLU C 1 3.35 0.22 12.28
HCN2 MLU C 1 3.33 1.97 11.89
HCN3 MLU C 1 2.99 1.42 13.55
HA MLU C 1 1.76 1.58 10.18
HB2 MLU C 1 -0.56 -0.28 10.79
HB3 MLU C 1 -0.28 0.55 9.29
HG MLU C 1 -0.74 1.94 11.95
HD11 MLU C 1 0.32 3.26 9.99
HD12 MLU C 1 -1.10 3.96 10.74
HD13 MLU C 1 -1.28 3.15 9.21
HD21 MLU C 1 -2.82 1.30 9.80
HD22 MLU C 1 -3.10 2.26 11.26
HD23 MLU C 1 -2.71 0.55 11.39
N OMZ C 2 3.00 -0.41 9.55
CA OMZ C 2 3.71 -1.62 9.18
C OMZ C 2 2.87 -2.43 8.17
O OMZ C 2 2.90 -3.65 8.18
CB OMZ C 2 5.15 -1.32 8.73
OC OMZ C 2 5.88 -0.83 9.82
CG OMZ C 2 5.18 -0.29 7.64
CD1 OMZ C 2 5.35 -0.70 6.28
CD2 OMZ C 2 4.98 1.11 7.96
CE1 OMZ C 2 5.25 0.27 5.23
CL OMZ C 2 5.41 -0.22 3.59
CE2 OMZ C 2 4.87 2.08 6.90
CZ OMZ C 2 4.96 1.65 5.52
OH OMZ C 2 4.63 2.51 4.47
H OMZ C 2 3.23 0.49 9.16
HA OMZ C 2 3.75 -2.21 10.10
HB OMZ C 2 5.64 -2.23 8.39
HC OMZ C 2 6.77 -0.67 9.51
HD1 OMZ C 2 5.54 -1.74 6.03
HD2 OMZ C 2 4.88 1.42 8.98
HE2 OMZ C 2 4.69 3.12 7.13
N ASN C 3 2.11 -1.71 7.31
CA ASN C 3 1.27 -2.46 6.39
C ASN C 3 1.29 -1.94 4.95
N GHP C 4 0.56 -0.83 4.77
CA GHP C 4 0.45 -0.26 3.43
C GHP C 4 -1.02 0.13 3.18
O GHP C 4 -1.76 0.50 4.07
C1 GHP C 4 1.34 0.95 3.21
C2 GHP C 4 1.01 1.95 2.23
C3 GHP C 4 1.86 3.10 1.97
C4 GHP C 4 3.06 3.24 2.76
O4 GHP C 4 3.87 4.35 2.64
C5 GHP C 4 3.43 2.25 3.76
C6 GHP C 4 2.54 1.11 3.94
H GHP C 4 0.16 -0.38 5.56
HA GHP C 4 0.76 -1.06 2.75
HC2 GHP C 4 0.07 1.87 1.71
H6 GHP C 4 2.78 0.38 4.70
N GHP C 5 -1.36 0.00 1.89
CA GHP C 5 -2.70 0.41 1.49
C GHP C 5 -2.88 0.33 -0.04
O GHP C 5 -2.39 -0.61 -0.64
C1 GHP C 5 -3.86 -0.25 2.16
C2 GHP C 5 -4.77 0.61 2.86
C3 GHP C 5 -5.99 0.14 3.39
C4 GHP C 5 -6.30 -1.25 3.27
O4 GHP C 5 -7.48 -1.74 3.81
C5 GHP C 5 -5.41 -2.15 2.60
C6 GHP C 5 -4.18 -1.65 2.03
H GHP C 5 -0.71 -0.33 1.21
HA GHP C 5 -2.66 1.46 1.81
HC2 GHP C 5 -4.53 1.66 2.95
HO4 GHP C 5 -7.96 -1.02 4.22
H5 GHP C 5 -5.65 -3.21 2.50
H6 GHP C 5 -3.51 -2.31 1.50
N OMY C 6 -3.61 1.30 -0.66
CA OMY C 6 -4.25 2.47 -0.05
OCZ OMY C 6 1.61 4.10 0.99
CE2 OMY C 6 0.07 3.61 -0.91
CE1 OMY C 6 -0.75 4.69 1.17
CZ OMY C 6 0.34 4.17 0.40
CG OMY C 6 -2.39 3.96 -0.56
CD2 OMY C 6 -1.29 3.51 -1.39
CD1 OMY C 6 -2.10 4.58 0.71
CB OMY C 6 -3.83 3.70 -0.87
CL OMY C 6 -0.46 5.47 2.67
O OMY C 6 -6.47 1.78 -0.75
C OMY C 6 -5.75 2.23 0.13
ODE OMY C 6 -4.04 3.49 -2.25
H OMY C 6 -3.71 1.21 -1.65
HA OMY C 6 -3.86 2.60 0.95
HE2 OMY C 6 0.88 3.25 -1.52
HD2 OMY C 6 -1.49 3.07 -2.36
HD1 OMY C 6 -2.91 4.91 1.33
HB OMY C 6 -4.42 4.55 -0.53
N 3FG C 7 -6.15 2.58 1.38
OD1 3FG C 7 -6.33 -0.06 6.12
CD1 3FG C 7 -6.99 0.98 5.48
CG1 3FG C 7 -6.88 1.11 4.07
CZ 3FG C 7 -7.77 1.89 6.26
CD2 3FG C 7 -8.47 2.97 5.61
OD2 3FG C 7 -9.21 3.86 6.35
CG2 3FG C 7 -8.36 3.12 4.19
CB 3FG C 7 -7.58 2.20 3.39
CA 3FG C 7 -7.50 2.40 1.87
C 3FG C 7 -8.30 3.60 1.34
O 3FG C 7 -9.48 3.43 1.02
OXT 3FG C 7 -7.73 4.70 1.25
H 3FG C 7 -5.48 2.95 2.01
HA 3FG C 7 -7.81 1.48 1.37
HD1 3FG C 7 -6.50 -0.02 7.04
HZ 3FG C 7 -7.80 1.78 7.33
HD2 3FG C 7 -9.16 3.61 7.27
HG2 3FG C 7 -8.87 3.93 3.71
N MLU D 1 0.21 0.42 -12.27
CN MLU D 1 0.77 1.76 -12.34
CA MLU D 1 -0.39 0.18 -10.95
C MLU D 1 -1.49 1.20 -10.65
O MLU D 1 -2.38 1.43 -11.46
CB MLU D 1 -0.98 -1.22 -10.83
CG MLU D 1 0.07 -2.33 -10.97
CD1 MLU D 1 1.12 -2.21 -9.86
CD2 MLU D 1 -0.60 -3.70 -10.92
H1 MLU D 1 -0.53 0.32 -13.00
H2 MLU D 1 0.96 -0.28 -12.44
HCN1 MLU D 1 1.20 1.92 -13.32
HCN2 MLU D 1 -0.03 2.49 -12.15
HCN3 MLU D 1 1.54 1.86 -11.58
HA MLU D 1 0.41 0.30 -10.21
HB2 MLU D 1 -1.75 -1.36 -11.60
HB3 MLU D 1 -1.48 -1.32 -9.87
HG MLU D 1 0.57 -2.20 -11.93
HD11 MLU D 1 0.65 -2.32 -8.89
HD12 MLU D 1 1.88 -3.00 -9.96
HD13 MLU D 1 1.62 -1.25 -9.90
HD21 MLU D 1 0.14 -4.50 -11.04
HD22 MLU D 1 -1.11 -3.86 -9.97
HD23 MLU D 1 -1.33 -3.80 -11.72
N OMZ D 2 -1.36 1.78 -9.45
CA OMZ D 2 -2.36 2.75 -9.04
C OMZ D 2 -3.11 2.24 -7.78
O OMZ D 2 -4.27 2.58 -7.59
CB OMZ D 2 -1.75 4.15 -8.88
OC OMZ D 2 -1.16 4.54 -10.10
CG OMZ D 2 -0.73 4.22 -7.79
CD1 OMZ D 2 -0.95 5.07 -6.65
CD2 OMZ D 2 0.46 3.40 -7.86
CE1 OMZ D 2 -0.02 5.04 -5.55
CL OMZ D 2 -0.29 6.03 -4.17
CE2 OMZ D 2 1.37 3.37 -6.76
CZ OMZ D 2 1.11 4.16 -5.59
OH OMZ D 2 1.89 3.96 -4.45
H OMZ D 2 -0.60 1.52 -8.83
HA OMZ D 2 -3.08 2.77 -9.84
HB OMZ D 2 -2.54 4.88 -8.67
HC OMZ D 2 -0.83 5.42 -9.97
HD1 OMZ D 2 -1.80 5.73 -6.60
HD2 OMZ D 2 0.65 2.79 -8.73
HE2 OMZ D 2 2.24 2.72 -6.81
N ASN D 3 -2.43 1.40 -6.96
CA ASN D 3 -3.17 0.88 -5.83
C ASN D 3 -2.39 0.86 -4.50
N GHP D 4 -1.46 -0.11 -4.45
CA GHP D 4 -0.70 -0.24 -3.21
C GHP D 4 -0.44 -1.72 -2.86
O GHP D 4 -0.36 -2.60 -3.72
C1 GHP D 4 0.58 0.57 -3.19
C2 GHP D 4 1.76 0.13 -2.51
C3 GHP D 4 2.95 0.98 -2.40
C4 GHP D 4 2.92 2.25 -3.07
O4 GHP D 4 4.02 3.07 -2.97
C5 GHP D 4 1.78 2.69 -3.81
C6 GHP D 4 0.60 1.83 -3.86
H GHP D 4 -1.24 -0.63 -5.27
HA GHP D 4 -1.36 0.18 -2.44
HC2 GHP D 4 1.77 -0.85 -2.05
H6 GHP D 4 -0.28 2.14 -4.40
N GHP D 5 -0.30 -1.90 -1.54
CA GHP D 5 0.04 -3.18 -0.97
C GHP D 5 0.22 -3.07 0.56
O GHP D 5 -0.53 -2.34 1.19
C1 GHP D 5 -0.89 -4.33 -1.22
C2 GHP D 5 -0.32 -5.50 -1.81
C3 GHP D 5 -1.04 -6.70 -1.95
C4 GHP D 5 -2.42 -6.74 -1.54
O4 GHP D 5 -3.14 -7.90 -1.69
C5 GHP D 5 -3.04 -5.57 -0.97
C6 GHP D 5 -2.27 -4.36 -0.81
H GHP D 5 -0.39 -1.11 -0.93
HA GHP D 5 0.99 -3.39 -1.45
HC2 GHP D 5 0.70 -5.47 -2.14
HO4 GHP D 5 -2.59 -8.58 -2.08
H5 GHP D 5 -4.08 -5.61 -0.65
H6 GHP D 5 -2.72 -3.49 -0.35
N OMY D 6 1.20 -3.79 1.17
CA OMY D 6 2.16 -4.70 0.56
OCZ OMY D 6 4.15 0.69 -1.70
CE2 OMY D 6 4.17 -0.51 0.46
CE1 OMY D 6 4.19 -1.73 -1.70
CZ OMY D 6 4.21 -0.50 -0.97
CG OMY D 6 3.90 -3.00 0.42
CD2 OMY D 6 4.00 -1.77 1.16
CD1 OMY D 6 4.04 -2.98 -1.01
CB OMY D 6 3.55 -4.32 1.07
CL OMY D 6 4.29 -1.71 -3.43
O OMY D 6 1.46 -6.62 1.87
C OMY D 6 1.75 -6.16 0.76
ODE OMY D 6 3.54 -4.20 2.47
H OMY D 6 1.27 -3.66 2.16
HA OMY D 6 2.14 -4.54 -0.51
HE2 OMY D 6 4.26 0.42 1.00
HD2 OMY D 6 3.92 -1.77 2.23
HD1 OMY D 6 4.00 -3.90 -1.57
HB OMY D 6 4.27 -5.09 0.77
N 3FG D 7 1.73 -6.84 -0.41
OD1 3FG D 7 -1.86 -7.59 -4.41
CD1 3FG D 7 -0.82 -8.27 -3.83
CG1 3FG D 7 -0.35 -7.88 -2.54
CZ 3FG D 7 -0.19 -9.35 -4.54
CD2 3FG D 7 0.90 -10.06 -3.95
OD2 3FG D 7 1.50 -11.11 -4.63
CG2 3FG D 7 1.38 -9.68 -2.65
CB 3FG D 7 0.77 -8.58 -1.93
CA 3FG D 7 1.31 -8.20 -0.53
C 3FG D 7 2.52 -9.04 -0.06
O 3FG D 7 2.32 -10.17 0.39
OXT 3FG D 7 3.66 -8.57 -0.17
H 3FG D 7 1.99 -6.35 -1.24
HA 3FG D 7 0.50 -8.27 0.20
HD1 3FG D 7 -2.16 -6.91 -3.82
HZ 3FG D 7 -0.54 -9.60 -5.52
HD2 3FG D 7 1.06 -11.23 -5.46
HG2 3FG D 7 2.22 -10.19 -2.21
C2 BGC E . 5.66 5.50 1.61
C3 BGC E . 6.68 5.47 0.48
C4 BGC E . 7.39 4.11 0.45
C5 BGC E . 6.36 2.97 0.48
C6 BGC E . 7.00 1.60 0.64
C1 BGC E . 4.71 4.30 1.52
O2 BGC E . 4.91 6.70 1.58
O3 BGC E . 7.62 6.49 0.72
O4 BGC E . 8.13 4.01 -0.74
O5 BGC E . 5.51 3.14 1.59
O6 BGC E . 7.93 1.60 1.70
H2 BGC E . 6.17 5.44 2.57
H3 BGC E . 6.20 5.67 -0.47
H4 BGC E . 8.07 4.02 1.28
H5 BGC E . 5.77 3.01 -0.43
H61 BGC E . 6.23 0.87 0.86
H62 BGC E . 7.51 1.27 -0.25
H1 BGC E . 4.13 4.30 0.60
HO3 BGC E . 7.34 7.24 0.21
HO4 BGC E . 9.00 4.28 -0.54
HO6 BGC E . 8.27 0.72 1.77
C1 RER E . 5.41 7.64 2.49
C2 RER E . 4.66 8.98 2.36
C3 RER E . 3.23 8.90 2.88
N3 RER E . 2.68 10.25 2.97
C3A RER E . 2.36 8.07 1.94
C4 RER E . 3.25 8.28 4.28
O4 RER E . 1.93 8.10 4.74
C5 RER E . 3.97 6.93 4.24
O5 RER E . 5.30 7.15 3.81
C5A RER E . 3.99 6.23 5.60
H1 RER E . 6.46 7.81 2.26
H21C RER E . 5.20 9.74 2.92
H22C RER E . 4.66 9.31 1.32
HO1 RER E . 1.70 10.20 3.34
H31N RER E . 3.25 10.82 3.61
H32N RER E . 2.66 10.68 2.02
H3A1 RER E . 2.75 7.06 1.83
H3A2 RER E . 1.34 8.00 2.31
H3A3 RER E . 2.33 8.52 0.95
H4 RER E . 3.75 8.95 4.97
HO4 RER E . 1.94 8.26 5.67
H5 RER E . 3.46 6.29 3.53
H5A1 RER E . 4.49 5.27 5.54
H5A2 RER E . 4.51 6.84 6.34
H5A3 RER E . 2.98 6.07 5.96
C2 BGC F . 5.71 4.30 -4.07
C3 BGC F . 6.60 4.40 -5.30
C4 BGC F . 7.13 3.02 -5.69
C5 BGC F . 6.01 1.98 -5.72
C6 BGC F . 6.62 0.60 -5.95
C1 BGC F . 4.67 3.18 -4.21
O2 BGC F . 5.02 5.51 -3.91
O3 BGC F . 7.67 5.25 -5.00
O4 BGC F . 7.71 3.08 -6.96
O5 BGC F . 5.33 1.97 -4.48
O6 BGC F . 7.58 0.32 -4.97
H2 BGC F . 6.32 4.08 -3.19
H3 BGC F . 6.04 4.83 -6.12
H4 BGC F . 7.87 2.67 -4.98
H5 BGC F . 5.30 2.21 -6.51
H61 BGC F . 5.85 -0.16 -5.89
H62 BGC F . 7.09 0.53 -6.93
H1 BGC F . 3.97 3.42 -5.02
HO3 BGC F . 7.44 6.11 -5.32
HO4 BGC F . 8.48 2.53 -6.94
HO6 BGC F . 7.91 -0.55 -5.15
C1 RER F . 5.45 6.30 -2.82
C2 RER F . 5.57 7.74 -3.29
C3 RER F . 4.21 8.35 -3.65
N3 RER F . 4.35 9.78 -3.83
C3A RER F . 3.66 7.75 -4.96
C4 RER F . 3.23 8.07 -2.51
O4 RER F . 1.94 8.49 -2.88
C5 RER F . 3.22 6.59 -2.17
O5 RER F . 4.51 6.21 -1.77
C5A RER F . 2.26 6.28 -1.02
H1 RER F . 6.41 5.92 -2.46
H21C RER F . 6.02 8.33 -2.49
H22C RER F . 6.25 7.81 -4.15
HO1 RER F . 4.72 10.21 -2.95
H31N RER F . 3.44 10.20 -4.06
H32N RER F . 5.03 9.97 -4.60
H3A1 RER F . 4.37 7.87 -5.78
H3A2 RER F . 3.43 6.69 -4.85
H3A3 RER F . 2.73 8.25 -5.24
H4 RER F . 3.53 8.65 -1.63
HO4 RER F . 1.83 9.38 -2.56
H5 RER F . 2.94 6.01 -3.05
H5A1 RER F . 2.31 5.22 -0.77
H5A2 RER F . 1.23 6.53 -1.29
H5A3 RER F . 2.52 6.85 -0.13
C1 RER G . -3.86 4.70 -2.96
C2 RER G . -4.20 4.51 -4.44
C3 RER G . -5.70 4.31 -4.69
N3 RER G . -5.97 4.46 -6.11
C3A RER G . -6.16 2.92 -4.23
C4 RER G . -6.45 5.39 -3.92
O4 RER G . -7.84 5.20 -4.07
C5 RER G . -6.06 5.33 -2.45
O5 RER G . -4.70 5.68 -2.38
C5A RER G . -6.88 6.30 -1.60
H1 RER G . -2.83 5.01 -2.84
H21C RER G . -3.87 5.39 -4.98
H22C RER G . -3.64 3.66 -4.85
HO1 RER G . -5.68 5.40 -6.43
H31N RER G . -5.46 3.73 -6.64
H32N RER G . -6.99 4.34 -6.28
H3A1 RER G . -7.24 2.84 -4.29
H3A2 RER G . -5.74 2.15 -4.87
H3A3 RER G . -5.85 2.71 -3.21
H4 RER G . -6.20 6.37 -4.30
HO4 RER G . -8.04 4.33 -3.75
H5 RER G . -6.18 4.31 -2.08
H5A1 RER G . -7.95 6.10 -1.71
H5A2 RER G . -6.64 6.20 -0.54
H5A3 RER G . -6.70 7.34 -1.89
C1 RER H . 4.83 -4.13 3.02
C2 RER H . 4.72 -4.01 4.56
C3 RER H . 4.23 -5.31 5.21
N3 RER H . 4.52 -5.24 6.64
C3A RER H . 2.71 -5.47 5.03
C4 RER H . 4.96 -6.50 4.61
O4 RER H . 4.37 -7.69 5.08
C5 RER H . 4.88 -6.45 3.09
O5 RER H . 5.55 -5.28 2.68
C5A RER H . 5.52 -7.66 2.43
H1 RER H . 5.36 -3.26 2.63
H21C RER H . 5.70 -3.74 4.96
H22C RER H . 4.06 -3.18 4.82
HO1 RER H . 4.03 -4.42 7.05
H31N RER H . 4.20 -6.11 7.10
H32N RER H . 5.54 -5.14 6.77
H3A1 RER H . 2.24 -4.50 4.85
H3A2 RER H . 2.47 -6.10 4.18
H3A3 RER H . 2.26 -5.92 5.91
H4 RER H . 5.99 -6.51 4.93
HO4 RER H . 5.07 -8.32 5.19
H5 RER H . 3.84 -6.36 2.78
H5A1 RER H . 5.48 -7.58 1.34
H5A2 RER H . 6.58 -7.75 2.71
H5A3 RER H . 5.02 -8.58 2.73
N ALA A 1 -5.62 11.09 -4.05
CA ALA A 1 -5.97 9.86 -3.36
C ALA A 1 -4.76 8.96 -3.20
N FGA A 2 -4.13 9.10 -2.02
CA FGA A 2 -2.98 8.25 -1.80
C FGA A 2 -1.72 8.95 -2.32
O FGA A 2 -1.67 10.18 -2.27
CB FGA A 2 -2.85 7.92 -0.32
CG FGA A 2 -4.15 7.35 0.25
CD FGA A 2 -3.93 6.82 1.67
OE1 FGA A 2 -2.83 6.80 2.18
H FGA A 2 -4.43 9.74 -1.30
HA FGA A 2 -3.17 7.35 -2.37
HB2 FGA A 2 -2.04 7.20 -0.18
HB3 FGA A 2 -2.59 8.83 0.22
HG2 FGA A 2 -4.92 8.12 0.28
HG3 FGA A 2 -4.53 6.54 -0.36
N LYS A 3 -5.08 6.44 2.25
CA LYS A 3 -5.06 5.93 3.61
C LYS A 3 -4.19 4.67 3.73
N DAL A 4 -3.49 4.61 4.87
CA DAL A 4 -2.67 3.41 5.07
CB DAL A 4 -3.55 2.29 5.62
C DAL A 4 -1.52 3.72 6.04
O DAL A 4 -1.36 4.83 6.52
H DAL A 4 -3.57 5.34 5.56
HA DAL A 4 -2.24 3.12 4.11
HB1 DAL A 4 -4.37 2.07 4.95
HB2 DAL A 4 -2.97 1.38 5.77
HB3 DAL A 4 -3.98 2.58 6.60
N DAL A 5 -0.75 2.65 6.25
CA DAL A 5 0.38 2.76 7.15
CB DAL A 5 1.37 3.80 6.63
C DAL A 5 1.05 1.39 7.29
O DAL A 5 0.44 0.50 7.87
OXT DAL A 5 2.18 1.24 6.83
H DAL A 5 -0.97 1.78 5.83
HA DAL A 5 -0.02 3.07 8.11
HB1 DAL A 5 0.89 4.77 6.52
HB2 DAL A 5 2.22 3.91 7.31
HB3 DAL A 5 1.77 3.51 5.65
N ALA B 1 11.47 -4.16 -1.94
CA ALA B 1 10.93 -3.70 -0.67
C ALA B 1 9.74 -4.55 -0.24
N FGA B 2 9.16 -4.02 0.84
CA FGA B 2 7.99 -4.58 1.44
C FGA B 2 7.74 -3.86 2.77
O FGA B 2 7.79 -4.51 3.81
CB FGA B 2 6.84 -4.38 0.46
CG FGA B 2 6.50 -5.64 -0.35
CD FGA B 2 5.95 -5.37 -1.76
OE1 FGA B 2 6.04 -4.28 -2.32
H FGA B 2 9.55 -3.20 1.23
HA FGA B 2 8.13 -5.63 1.62
HB2 FGA B 2 6.03 -4.10 1.09
HB3 FGA B 2 7.06 -3.55 -0.20
HG2 FGA B 2 7.36 -6.27 -0.48
HG3 FGA B 2 5.78 -6.26 0.18
N LYS B 3 5.40 -6.49 -2.25
CA LYS B 3 4.71 -6.52 -3.52
C LYS B 3 3.51 -5.56 -3.54
N DAL B 4 3.20 -5.10 -4.76
CA DAL B 4 2.07 -4.19 -4.87
CB DAL B 4 0.82 -4.98 -5.25
C DAL B 4 2.39 -3.12 -5.91
O DAL B 4 3.39 -3.16 -6.60
H DAL B 4 3.73 -5.38 -5.57
HA DAL B 4 1.94 -3.70 -3.90
HB1 DAL B 4 0.60 -5.74 -4.51
HB2 DAL B 4 -0.04 -4.33 -5.33
HB3 DAL B 4 0.94 -5.48 -6.21
N DAL B 5 1.45 -2.16 -5.98
CA DAL B 5 1.62 -1.08 -6.92
CB DAL B 5 2.78 -0.17 -6.50
C DAL B 5 0.32 -0.28 -7.03
O DAL B 5 0.21 0.77 -6.41
OXT DAL B 5 -0.58 -0.72 -7.76
H DAL B 5 0.63 -2.19 -5.41
HA DAL B 5 1.84 -1.56 -7.87
HB1 DAL B 5 3.70 -0.74 -6.42
HB2 DAL B 5 2.94 0.62 -7.22
HB3 DAL B 5 2.58 0.29 -5.53
N MLU C 1 1.54 1.69 12.21
CN MLU C 1 2.95 2.04 12.16
CA MLU C 1 1.13 1.02 10.99
C MLU C 1 1.95 -0.26 10.78
O MLU C 1 1.89 -1.19 11.57
CB MLU C 1 -0.34 0.63 11.01
CG MLU C 1 -1.26 1.82 11.31
CD1 MLU C 1 -1.19 2.88 10.21
CD2 MLU C 1 -2.70 1.33 11.49
H1 MLU C 1 1.37 1.06 13.03
H2 MLU C 1 0.98 2.56 12.33
HCN1 MLU C 1 3.23 2.54 13.08
HCN2 MLU C 1 3.54 1.13 12.04
HCN3 MLU C 1 3.12 2.70 11.31
HA MLU C 1 1.32 1.70 10.16
HB2 MLU C 1 -0.50 -0.14 11.75
HB3 MLU C 1 -0.62 0.20 10.05
HG MLU C 1 -0.92 2.27 12.25
HD11 MLU C 1 -1.53 2.48 9.26
HD12 MLU C 1 -1.81 3.73 10.46
HD13 MLU C 1 -0.16 3.23 10.08
HD21 MLU C 1 -3.36 2.17 11.74
HD22 MLU C 1 -3.07 0.87 10.58
HD23 MLU C 1 -2.77 0.60 12.29
N OMZ C 2 2.71 -0.25 9.67
CA OMZ C 2 3.52 -1.43 9.41
C OMZ C 2 2.83 -2.30 8.34
O OMZ C 2 2.84 -3.52 8.44
CB OMZ C 2 4.97 -1.06 9.07
OC OMZ C 2 5.58 -0.49 10.20
CG OMZ C 2 5.04 -0.08 7.94
CD1 OMZ C 2 5.28 -0.54 6.61
CD2 OMZ C 2 4.81 1.32 8.20
CE1 OMZ C 2 5.20 0.40 5.52
CL OMZ C 2 5.44 -0.17 3.90
CE2 OMZ C 2 4.74 2.25 7.10
CZ OMZ C 2 4.89 1.78 5.75
OH OMZ C 2 4.61 2.59 4.66
H OMZ C 2 2.73 0.54 9.07
HA OMZ C 2 3.51 -2.01 10.33
HB OMZ C 2 5.54 -1.95 8.80
HC OMZ C 2 5.62 -1.17 10.86
HD1 OMZ C 2 5.48 -1.58 6.42
HD2 OMZ C 2 4.66 1.68 9.20
HE2 OMZ C 2 4.54 3.30 7.28
N ASN C 3 2.20 -1.65 7.33
CA ASN C 3 1.53 -2.53 6.37
C ASN C 3 1.44 -1.96 4.94
N GHP C 4 0.65 -0.87 4.84
CA GHP C 4 0.50 -0.26 3.51
C GHP C 4 -0.97 0.14 3.28
O GHP C 4 -1.69 0.54 4.18
C1 GHP C 4 1.39 0.95 3.29
C2 GHP C 4 1.09 1.93 2.28
C3 GHP C 4 1.94 3.09 2.03
C4 GHP C 4 3.10 3.25 2.87
O4 GHP C 4 3.91 4.36 2.76
C5 GHP C 4 3.44 2.30 3.90
C6 GHP C 4 2.57 1.15 4.07
H GHP C 4 0.23 -0.46 5.65
HA GHP C 4 0.78 -1.05 2.81
HC2 GHP C 4 0.17 1.82 1.71
H6 GHP C 4 2.78 0.42 4.83
N GHP C 5 -1.32 0.01 1.98
CA GHP C 5 -2.64 0.43 1.57
C GHP C 5 -2.80 0.35 0.04
O GHP C 5 -2.31 -0.59 -0.55
C1 GHP C 5 -3.83 -0.22 2.22
C2 GHP C 5 -4.74 0.64 2.90
C3 GHP C 5 -5.98 0.19 3.41
C4 GHP C 5 -6.31 -1.20 3.28
O4 GHP C 5 -7.51 -1.67 3.79
C5 GHP C 5 -5.40 -2.12 2.62
C6 GHP C 5 -4.16 -1.62 2.08
H GHP C 5 -0.67 -0.35 1.32
HA GHP C 5 -2.61 1.47 1.88
HC2 GHP C 5 -4.49 1.69 3.00
HO4 GHP C 5 -7.98 -0.95 4.19
H5 GHP C 5 -5.66 -3.16 2.52
H6 GHP C 5 -3.49 -2.29 1.56
N OMY C 6 -3.50 1.33 -0.59
CA OMY C 6 -4.15 2.51 -0.02
OCZ OMY C 6 1.72 4.06 1.02
CE2 OMY C 6 0.17 3.77 -0.91
CE1 OMY C 6 -0.65 4.53 1.30
CZ OMY C 6 0.44 4.15 0.45
CG OMY C 6 -2.29 3.99 -0.49
CD2 OMY C 6 -1.19 3.69 -1.38
CD1 OMY C 6 -2.00 4.46 0.84
CB OMY C 6 -3.73 3.73 -0.83
CL OMY C 6 -0.33 5.06 2.93
O OMY C 6 -6.37 1.87 -0.79
C OMY C 6 -5.66 2.28 0.12
ODE OMY C 6 -3.92 3.51 -2.21
H OMY C 6 -3.58 1.24 -1.59
HA OMY C 6 -3.78 2.64 0.99
HE2 OMY C 6 0.99 3.52 -1.57
HD2 OMY C 6 -1.39 3.36 -2.39
HD1 OMY C 6 -2.82 4.73 1.50
HB OMY C 6 -4.33 4.58 -0.51
N 3FG C 7 -6.09 2.59 1.36
OD1 3FG C 7 -6.35 0.04 6.13
CD1 3FG C 7 -7.00 1.07 5.47
CG1 3FG C 7 -6.87 1.18 4.06
CZ 3FG C 7 -7.77 2.01 6.23
CD2 3FG C 7 -8.44 3.07 5.55
OD2 3FG C 7 -9.20 3.98 6.27
CG2 3FG C 7 -8.33 3.20 4.13
CB 3FG C 7 -7.55 2.26 3.35
CA 3FG C 7 -7.44 2.44 1.83
C 3FG C 7 -8.22 3.64 1.27
O 3FG C 7 -9.39 3.48 0.93
OXT 3FG C 7 -7.62 4.72 1.18
H 3FG C 7 -5.42 2.93 2.02
HA 3FG C 7 -7.75 1.51 1.35
HD1 3FG C 7 -5.88 -0.49 5.50
HZ 3FG C 7 -7.82 1.90 7.30
HD2 3FG C 7 -9.17 3.75 7.19
HG2 3FG C 7 -8.84 4.01 3.62
N MLU D 1 0.35 0.12 -12.18
CN MLU D 1 0.96 1.44 -12.18
CA MLU D 1 -0.33 -0.13 -10.91
C MLU D 1 -1.42 0.91 -10.67
O MLU D 1 -2.30 1.13 -11.50
CB MLU D 1 -0.97 -1.51 -10.85
CG MLU D 1 0.05 -2.65 -10.98
CD1 MLU D 1 1.07 -2.59 -9.85
CD2 MLU D 1 -0.67 -3.99 -10.99
H1 MLU D 1 -0.34 0.04 -12.95
H2 MLU D 1 1.09 -0.61 -12.31
HCN1 MLU D 1 1.45 1.60 -13.13
HCN2 MLU D 1 0.17 2.19 -12.04
HCN3 MLU D 1 1.68 1.51 -11.37
HA MLU D 1 0.41 -0.05 -10.11
HB2 MLU D 1 -1.71 -1.60 -11.65
HB3 MLU D 1 -1.52 -1.63 -9.92
HG MLU D 1 0.57 -2.52 -11.93
HD11 MLU D 1 1.81 -3.38 -9.96
HD12 MLU D 1 1.58 -1.64 -9.84
HD13 MLU D 1 0.58 -2.73 -8.88
HD21 MLU D 1 -1.39 -4.06 -11.81
HD22 MLU D 1 0.04 -4.82 -11.11
HD23 MLU D 1 -1.21 -4.16 -10.05
N OMZ D 2 -1.32 1.54 -9.48
CA OMZ D 2 -2.32 2.53 -9.14
C OMZ D 2 -3.08 2.11 -7.87
O OMZ D 2 -4.24 2.47 -7.71
CB OMZ D 2 -1.71 3.95 -9.07
OC OMZ D 2 -1.07 4.25 -10.28
CG OMZ D 2 -0.72 4.06 -7.95
CD1 OMZ D 2 -0.97 4.96 -6.85
CD2 OMZ D 2 0.46 3.24 -7.95
CE1 OMZ D 2 -0.07 4.98 -5.74
CL OMZ D 2 -0.38 6.03 -4.40
CE2 OMZ D 2 1.36 3.26 -6.83
CZ OMZ D 2 1.07 4.10 -5.70
OH OMZ D 2 1.82 3.97 -4.52
H OMZ D 2 -0.58 1.32 -8.84
HA OMZ D 2 -3.04 2.51 -9.96
HB OMZ D 2 -2.49 4.69 -8.91
HC OMZ D 2 -1.74 4.28 -10.95
HD1 OMZ D 2 -1.83 5.61 -6.86
HD2 OMZ D 2 0.69 2.59 -8.79
HE2 OMZ D 2 2.23 2.62 -6.81
N ASN D 3 -2.42 1.33 -6.99
CA ASN D 3 -3.18 0.90 -5.82
C ASN D 3 -2.39 0.87 -4.51
N GHP D 4 -1.48 -0.12 -4.45
CA GHP D 4 -0.71 -0.24 -3.21
C GHP D 4 -0.38 -1.72 -2.90
O GHP D 4 -0.23 -2.56 -3.77
C1 GHP D 4 0.54 0.61 -3.16
C2 GHP D 4 1.71 0.24 -2.40
C3 GHP D 4 2.88 1.10 -2.31
C4 GHP D 4 2.85 2.34 -3.03
O4 GHP D 4 3.94 3.19 -2.96
C5 GHP D 4 1.73 2.73 -3.85
C6 GHP D 4 0.57 1.84 -3.88
H GHP D 4 -1.27 -0.68 -5.26
HA GHP D 4 -1.38 0.14 -2.43
HC2 GHP D 4 1.73 -0.72 -1.90
H6 GHP D 4 -0.29 2.11 -4.46
N GHP D 5 -0.28 -1.92 -1.57
CA GHP D 5 0.09 -3.22 -1.03
C GHP D 5 0.26 -3.11 0.49
O GHP D 5 -0.51 -2.41 1.14
C1 GHP D 5 -0.83 -4.37 -1.31
C2 GHP D 5 -0.24 -5.50 -1.96
C3 GHP D 5 -0.94 -6.71 -2.14
C4 GHP D 5 -2.30 -6.79 -1.69
O4 GHP D 5 -3.01 -7.97 -1.87
C5 GHP D 5 -2.94 -5.67 -1.05
C6 GHP D 5 -2.19 -4.45 -0.85
H GHP D 5 -0.44 -1.16 -0.94
HA GHP D 5 1.06 -3.40 -1.48
HC2 GHP D 5 0.78 -5.43 -2.31
HO4 GHP D 5 -2.46 -8.61 -2.31
H5 GHP D 5 -3.96 -5.74 -0.71
H6 GHP D 5 -2.65 -3.60 -0.35
N OMY D 6 1.25 -3.82 1.09
CA OMY D 6 2.26 -4.71 0.48
OCZ OMY D 6 4.04 0.85 -1.53
CE2 OMY D 6 4.10 -0.43 0.58
CE1 OMY D 6 4.19 -1.57 -1.61
CZ OMY D 6 4.15 -0.36 -0.86
CG OMY D 6 3.93 -2.92 0.45
CD2 OMY D 6 3.97 -1.71 1.24
CD1 OMY D 6 4.09 -2.84 -0.97
CB OMY D 6 3.62 -4.28 1.04
CL OMY D 6 4.33 -1.49 -3.35
O OMY D 6 1.62 -6.69 1.73
C OMY D 6 1.87 -6.18 0.64
ODE OMY D 6 3.55 -4.23 2.45
H OMY D 6 1.31 -3.69 2.08
HA OMY D 6 2.32 -4.55 -0.59
HE2 OMY D 6 4.14 0.49 1.14
HD2 OMY D 6 3.89 -1.77 2.31
HD1 OMY D 6 4.10 -3.76 -1.54
HB OMY D 6 4.34 -5.03 0.73
N 3FG D 7 1.82 -6.82 -0.57
OD1 3FG D 7 -1.74 -7.53 -4.64
CD1 3FG D 7 -0.65 -8.18 -4.09
CG1 3FG D 7 -0.22 -7.83 -2.78
CZ 3FG D 7 0.03 -9.18 -4.86
CD2 3FG D 7 1.17 -9.85 -4.30
OD2 3FG D 7 1.83 -10.81 -5.04
CG2 3FG D 7 1.61 -9.52 -2.97
CB 3FG D 7 0.92 -8.51 -2.19
CA 3FG D 7 1.42 -8.19 -0.76
C 3FG D 7 2.61 -9.06 -0.31
O 3FG D 7 2.39 -10.06 0.38
OXT 3FG D 7 3.74 -8.71 -0.64
H 3FG D 7 2.06 -6.29 -1.37
HA 3FG D 7 0.59 -8.31 -0.07
HD1 3FG D 7 -1.90 -7.86 -5.51
HZ 3FG D 7 -0.30 -9.39 -5.86
HD2 3FG D 7 2.56 -11.15 -4.52
HG2 3FG D 7 2.48 -10.00 -2.57
C2 BGC E . 5.46 5.67 1.52
C3 BGC E . 6.38 5.71 0.30
C4 BGC E . 7.07 4.37 0.08
C5 BGC E . 6.07 3.21 0.19
C6 BGC E . 6.74 1.85 0.12
C1 BGC E . 4.58 4.42 1.52
O2 BGC E . 4.65 6.82 1.55
O3 BGC E . 7.34 6.72 0.49
O4 BGC E . 7.64 4.34 -1.20
O5 BGC E . 5.41 3.29 1.43
O6 BGC E . 7.96 1.84 0.84
H2 BGC E . 6.07 5.64 2.42
H3 BGC E . 5.79 5.96 -0.59
H4 BGC E . 7.87 4.23 0.81
H5 BGC E . 5.33 3.28 -0.61
H61 BGC E . 6.09 1.11 0.56
H62 BGC E . 6.93 1.54 -0.91
H1 BGC E . 3.86 4.43 0.71
HO3 BGC E . 7.49 7.11 -0.36
HO4 BGC E . 6.95 4.47 -1.82
HO6 BGC E . 8.30 0.96 0.77
C1 RER E . 5.19 7.82 2.38
C2 RER E . 4.36 9.10 2.29
C3 RER E . 2.98 8.95 2.92
N3 RER E . 2.37 10.27 3.07
C3A RER E . 2.08 8.10 2.03
C4 RER E . 3.12 8.31 4.30
O4 RER E . 1.85 8.02 4.83
C5 RER E . 3.93 7.02 4.19
O5 RER E . 5.21 7.36 3.71
C5A RER E . 4.06 6.29 5.52
H1 RER E . 6.22 8.02 2.06
H21C RER E . 4.89 9.90 2.80
H22C RER E . 4.27 9.42 1.25
HO1 RER E . 1.43 10.18 3.50
H31N RER E . 2.97 10.87 3.68
H32N RER E . 2.28 10.72 2.14
H3A1 RER E . 2.49 7.11 1.87
H3A2 RER E . 1.95 8.56 1.05
H3A3 RER E . 1.09 7.98 2.47
H4 RER E . 3.62 9.00 4.98
HO4 RER E . 1.90 8.18 5.76
H5 RER E . 3.45 6.37 3.46
H5A1 RER E . 3.08 6.00 5.91
H5A2 RER E . 4.65 5.37 5.41
H5A3 RER E . 4.55 6.91 6.27
C2 BGC F . 5.57 4.46 -4.11
C3 BGC F . 6.47 4.53 -5.34
C4 BGC F . 7.04 3.15 -5.68
C5 BGC F . 5.96 2.08 -5.67
C6 BGC F . 6.61 0.71 -5.86
C1 BGC F . 4.60 3.29 -4.21
O2 BGC F . 4.83 5.66 -4.03
O3 BGC F . 7.52 5.43 -5.07
O4 BGC F . 7.64 3.19 -6.95
O5 BGC F . 5.31 2.11 -4.42
O6 BGC F . 7.58 0.48 -4.88
H2 BGC F . 6.17 4.33 -3.22
H3 BGC F . 5.90 4.92 -6.19
H4 BGC F . 7.80 2.86 -4.96
H5 BGC F . 5.24 2.27 -6.46
H61 BGC F . 5.85 -0.06 -5.77
H62 BGC F . 7.08 0.63 -6.84
H1 BGC F . 3.89 3.46 -5.02
HO3 BGC F . 7.25 6.28 -5.42
HO4 BGC F . 8.55 3.39 -6.83
HO6 BGC F . 7.93 -0.38 -5.04
C1 RER F . 5.19 6.51 -2.98
C2 RER F . 5.34 7.93 -3.53
C3 RER F . 4.01 8.52 -3.99
N3 RER F . 4.19 9.94 -4.26
C3A RER F . 3.53 7.84 -5.29
C4 RER F . 2.97 8.32 -2.89
O4 RER F . 1.71 8.73 -3.36
C5 RER F . 2.92 6.86 -2.44
O5 RER F . 4.20 6.50 -1.98
C5A RER F . 1.91 6.67 -1.31
H1 RER F . 6.13 6.18 -2.54
H21C RER F . 5.76 8.56 -2.74
H22C RER F . 6.07 7.95 -4.34
HO1 RER F . 4.50 10.42 -3.38
H31N RER F . 3.27 10.35 -4.57
H32N RER F . 4.89 10.07 -5.00
H3A1 RER F . 2.63 8.31 -5.66
H3A2 RER F . 4.30 7.91 -6.06
H3A3 RER F . 3.31 6.78 -5.12
H4 RER F . 3.22 8.95 -2.04
HO4 RER F . 1.27 9.12 -2.63
H5 RER F . 2.65 6.22 -3.28
H5A1 RER F . 0.91 6.94 -1.63
H5A2 RER F . 1.90 5.62 -0.99
H5A3 RER F . 2.18 7.28 -0.45
C1 RER G . -3.76 4.70 -2.95
C2 RER G . -4.11 4.48 -4.43
C3 RER G . -5.62 4.33 -4.67
N3 RER G . -5.90 4.48 -6.09
C3A RER G . -6.11 2.96 -4.21
C4 RER G . -6.34 5.43 -3.90
O4 RER G . -7.72 5.30 -4.05
C5 RER G . -5.95 5.36 -2.43
O5 RER G . -4.58 5.69 -2.38
C5A RER G . -6.75 6.36 -1.59
H1 RER G . -2.72 5.02 -2.88
H21C RER G . -3.76 5.35 -4.99
H22C RER G . -3.57 3.62 -4.83
HO1 RER G . -5.57 5.41 -6.42
H31N RER G . -5.40 3.73 -6.62
H32N RER G . -6.92 4.39 -6.25
H3A1 RER G . -5.70 2.17 -4.84
H3A2 RER G . -5.81 2.75 -3.18
H3A3 RER G . -7.20 2.90 -4.28
H4 RER G . -6.04 6.41 -4.28
HO4 RER G . -7.97 5.86 -4.78
H5 RER G . -6.09 4.35 -2.05
H5A1 RER G . -7.81 6.18 -1.68
H5A2 RER G . -6.50 6.27 -0.53
H5A3 RER G . -6.54 7.38 -1.89
C1 RER H . 4.80 -4.12 3.10
C2 RER H . 4.53 -4.02 4.60
C3 RER H . 3.93 -5.31 5.18
N3 RER H . 3.97 -5.24 6.63
C3A RER H . 2.48 -5.54 4.75
C4 RER H . 4.77 -6.49 4.72
O4 RER H . 4.18 -7.69 5.12
C5 RER H . 4.94 -6.47 3.20
O5 RER H . 5.58 -5.27 2.86
C5A RER H . 5.79 -7.64 2.71
H1 RER H . 5.34 -3.24 2.72
H21C RER H . 5.47 -3.81 5.11
H22C RER H . 3.87 -3.17 4.82
HO1 RER H . 4.96 -5.10 6.94
H31N RER H . 3.60 -6.12 7.03
H32N RER H . 3.40 -4.44 6.95
H3A1 RER H . 2.40 -5.88 3.72
H3A2 RER H . 2.02 -6.31 5.37
H3A3 RER H . 1.87 -4.65 4.84
H4 RER H . 5.76 -6.45 5.19
HO4 RER H . 4.58 -7.93 5.95
H5 RER H . 3.96 -6.48 2.71
H5A1 RER H . 5.91 -7.62 1.62
H5A2 RER H . 5.32 -8.59 2.97
H5A3 RER H . 6.78 -7.62 3.16
N ALA A 1 -6.30 10.84 -4.16
CA ALA A 1 -6.55 9.57 -3.47
C ALA A 1 -5.24 8.79 -3.29
N FGA A 2 -4.63 9.02 -2.11
CA FGA A 2 -3.40 8.30 -1.89
C FGA A 2 -2.21 9.10 -2.42
O FGA A 2 -1.12 8.98 -1.86
CB FGA A 2 -3.24 8.00 -0.41
CG FGA A 2 -4.49 7.33 0.18
CD FGA A 2 -4.23 6.84 1.59
OE1 FGA A 2 -3.11 6.87 2.10
H FGA A 2 -4.97 9.65 -1.42
HA FGA A 2 -3.50 7.37 -2.45
HB2 FGA A 2 -2.38 7.35 -0.26
HB3 FGA A 2 -3.05 8.93 0.13
HG2 FGA A 2 -5.32 8.05 0.20
HG3 FGA A 2 -4.82 6.50 -0.43
N LYS A 3 -5.34 6.40 2.20
CA LYS A 3 -5.29 5.88 3.54
C LYS A 3 -4.40 4.64 3.66
N DAL A 4 -3.77 4.52 4.84
CA DAL A 4 -2.92 3.34 5.00
CB DAL A 4 -3.75 2.22 5.61
C DAL A 4 -1.72 3.68 5.89
O DAL A 4 -1.54 4.79 6.38
H DAL A 4 -3.94 5.19 5.56
HA DAL A 4 -2.54 3.05 4.01
HB1 DAL A 4 -4.60 1.98 4.98
HB2 DAL A 4 -3.16 1.31 5.73
HB3 DAL A 4 -4.12 2.50 6.60
N DAL A 5 -0.91 2.62 6.07
CA DAL A 5 0.28 2.74 6.88
CB DAL A 5 1.19 3.83 6.33
C DAL A 5 1.01 1.39 6.92
O DAL A 5 2.20 1.36 6.65
OXT DAL A 5 0.36 0.39 7.21
H DAL A 5 -1.14 1.74 5.66
HA DAL A 5 -0.05 2.98 7.88
HB1 DAL A 5 0.67 4.79 6.31
HB2 DAL A 5 2.09 3.95 6.95
HB3 DAL A 5 1.51 3.59 5.31
N ALA B 1 10.83 -5.97 1.81
CA ALA B 1 10.19 -4.66 1.75
C ALA B 1 8.81 -4.74 1.10
N FGA B 2 8.40 -3.53 0.72
CA FGA B 2 7.13 -3.26 0.10
C FGA B 2 6.97 -1.75 0.05
O FGA B 2 6.88 -1.15 1.12
CB FGA B 2 7.03 -3.88 -1.28
CG FGA B 2 6.36 -5.26 -1.23
CD FGA B 2 5.45 -5.45 -2.46
OE1 FGA B 2 5.11 -4.50 -3.16
H FGA B 2 9.04 -2.78 0.90
HA FGA B 2 6.37 -3.68 0.74
HB2 FGA B 2 6.39 -3.21 -1.85
HB3 FGA B 2 8.00 -3.92 -1.76
HG2 FGA B 2 7.07 -6.06 -1.19
HG3 FGA B 2 5.75 -5.34 -0.35
N LYS B 3 5.12 -6.73 -2.68
CA LYS B 3 4.40 -6.98 -3.90
C LYS B 3 3.09 -6.20 -3.89
N DAL B 4 3.11 -5.17 -4.75
CA DAL B 4 1.98 -4.26 -4.92
CB DAL B 4 0.69 -5.01 -5.29
C DAL B 4 2.38 -3.29 -6.03
O DAL B 4 3.12 -3.64 -6.95
H DAL B 4 3.92 -5.09 -5.33
HA DAL B 4 1.87 -3.70 -3.99
HB1 DAL B 4 0.41 -5.71 -4.51
HB2 DAL B 4 -0.14 -4.31 -5.42
HB3 DAL B 4 0.82 -5.57 -6.21
N DAL B 5 1.86 -2.06 -5.91
CA DAL B 5 2.23 -1.11 -6.93
CB DAL B 5 3.52 -0.39 -6.56
C DAL B 5 1.10 -0.10 -7.16
O DAL B 5 1.24 0.73 -8.05
OXT DAL B 5 0.10 -0.18 -6.46
H DAL B 5 1.22 -1.81 -5.20
HA DAL B 5 2.36 -1.70 -7.83
HB1 DAL B 5 4.33 -1.12 -6.41
HB2 DAL B 5 3.84 0.29 -7.35
HB3 DAL B 5 3.41 0.18 -5.63
N MLU C 1 1.68 1.80 12.07
CN MLU C 1 3.08 2.18 11.97
CA MLU C 1 1.26 1.09 10.86
C MLU C 1 2.11 -0.17 10.65
O MLU C 1 2.09 -1.09 11.45
CB MLU C 1 -0.20 0.67 10.91
CG MLU C 1 -1.14 1.84 11.19
CD1 MLU C 1 -1.13 2.85 10.05
CD2 MLU C 1 -2.56 1.32 11.43
H1 MLU C 1 1.55 1.18 12.89
H2 MLU C 1 1.09 2.65 12.18
HCN1 MLU C 1 3.69 1.29 11.85
HCN2 MLU C 1 3.21 2.84 11.11
HCN3 MLU C 1 3.37 2.71 12.88
HA MLU C 1 1.42 1.77 10.01
HB2 MLU C 1 -0.32 -0.08 11.69
HB3 MLU C 1 -0.48 0.20 9.97
HG MLU C 1 -0.80 2.35 12.09
HD11 MLU C 1 -1.76 3.71 10.27
HD12 MLU C 1 -0.12 3.22 9.86
HD13 MLU C 1 -1.49 2.40 9.12
HD21 MLU C 1 -2.59 0.63 12.26
HD22 MLU C 1 -2.94 0.81 10.54
HD23 MLU C 1 -3.24 2.15 11.66
N OMZ C 2 2.86 -0.14 9.53
CA OMZ C 2 3.69 -1.31 9.25
C OMZ C 2 3.03 -2.19 8.18
O OMZ C 2 3.19 -3.40 8.19
CB OMZ C 2 5.12 -0.89 8.91
OC OMZ C 2 5.72 -0.27 10.02
CG OMZ C 2 5.15 0.06 7.75
CD1 OMZ C 2 5.38 -0.43 6.42
CD2 OMZ C 2 4.87 1.46 7.97
CE1 OMZ C 2 5.27 0.47 5.31
CL OMZ C 2 5.52 -0.13 3.71
CE2 OMZ C 2 4.78 2.37 6.84
CZ OMZ C 2 4.93 1.85 5.51
OH OMZ C 2 4.63 2.64 4.40
H OMZ C 2 2.84 0.64 8.91
HA OMZ C 2 3.71 -1.89 10.18
HB OMZ C 2 5.73 -1.76 8.66
HC OMZ C 2 6.61 -0.04 9.77
HD1 OMZ C 2 5.61 -1.47 6.25
HD2 OMZ C 2 4.72 1.85 8.97
HE2 OMZ C 2 4.55 3.41 7.01
N ASN C 3 2.26 -1.55 7.25
CA ASN C 3 1.61 -2.42 6.28
C ASN C 3 1.52 -1.82 4.87
N GHP C 4 0.65 -0.80 4.76
CA GHP C 4 0.46 -0.20 3.44
C GHP C 4 -1.01 0.19 3.24
O GHP C 4 -1.72 0.56 4.16
C1 GHP C 4 1.35 1.01 3.19
C2 GHP C 4 0.98 2.01 2.22
C3 GHP C 4 1.82 3.18 1.94
C4 GHP C 4 3.03 3.33 2.71
O4 GHP C 4 3.81 4.46 2.57
C5 GHP C 4 3.42 2.36 3.70
C6 GHP C 4 2.56 1.19 3.90
H GHP C 4 0.19 -0.45 5.58
HA GHP C 4 0.74 -0.98 2.73
HC2 GHP C 4 0.04 1.93 1.70
H6 GHP C 4 2.85 0.46 4.64
N GHP C 5 -1.39 0.06 1.96
CA GHP C 5 -2.72 0.45 1.55
C GHP C 5 -2.89 0.35 0.03
O GHP C 5 -2.39 -0.59 -0.57
C1 GHP C 5 -3.88 -0.24 2.21
C2 GHP C 5 -4.83 0.59 2.87
C3 GHP C 5 -6.05 0.10 3.39
C4 GHP C 5 -6.33 -1.30 3.28
O4 GHP C 5 -7.51 -1.81 3.81
C5 GHP C 5 -5.39 -2.19 2.64
C6 GHP C 5 -4.16 -1.65 2.09
H GHP C 5 -0.74 -0.28 1.26
HA GHP C 5 -2.72 1.49 1.87
HC2 GHP C 5 -4.63 1.66 2.96
HO4 GHP C 5 -8.02 -1.11 4.19
H5 GHP C 5 -5.60 -3.24 2.56
H6 GHP C 5 -3.46 -2.30 1.59
N OMY C 6 -3.62 1.31 -0.61
CA OMY C 6 -4.28 2.49 -0.04
OCZ OMY C 6 1.56 4.16 0.96
CE2 OMY C 6 0.02 3.76 -0.96
CE1 OMY C 6 -0.81 4.64 1.21
CZ OMY C 6 0.29 4.22 0.39
CG OMY C 6 -2.44 3.99 -0.54
CD2 OMY C 6 -1.35 3.64 -1.41
CD1 OMY C 6 -2.16 4.54 0.76
CB OMY C 6 -3.88 3.70 -0.87
CL OMY C 6 -0.48 5.25 2.80
O OMY C 6 -6.48 1.81 -0.81
C OMY C 6 -5.79 2.23 0.10
ODE OMY C 6 -4.06 3.47 -2.24
H OMY C 6 -3.70 1.21 -1.60
HA OMY C 6 -3.91 2.63 0.97
HE2 OMY C 6 0.83 3.47 -1.60
HD2 OMY C 6 -1.55 3.26 -2.41
HD1 OMY C 6 -2.96 4.83 1.40
HB OMY C 6 -4.49 4.55 -0.55
N 3FG C 7 -6.21 2.52 1.35
OD1 3FG C 7 -6.46 -0.10 6.10
CD1 3FG C 7 -7.13 0.93 5.45
CG1 3FG C 7 -6.99 1.06 4.04
CZ 3FG C 7 -7.95 1.82 6.20
CD2 3FG C 7 -8.64 2.89 5.53
OD2 3FG C 7 -9.42 3.77 6.24
CG2 3FG C 7 -8.51 3.03 4.11
CB 3FG C 7 -7.68 2.13 3.33
CA 3FG C 7 -7.56 2.32 1.81
C 3FG C 7 -8.39 3.50 1.25
O 3FG C 7 -9.55 3.31 0.91
OXT 3FG C 7 -7.83 4.60 1.16
H 3FG C 7 -5.55 2.87 2.02
HA 3FG C 7 -7.84 1.40 1.31
HD1 3FG C 7 -5.97 -0.61 5.48
HZ 3FG C 7 -8.01 1.71 7.26
HD2 3FG C 7 -9.40 3.53 7.16
HG2 3FG C 7 -9.01 3.84 3.60
N MLU D 1 0.52 0.70 -12.21
CN MLU D 1 1.07 2.04 -12.12
CA MLU D 1 -0.15 0.33 -10.96
C MLU D 1 -1.28 1.32 -10.64
O MLU D 1 -2.08 1.67 -11.49
CB MLU D 1 -0.73 -1.07 -11.01
CG MLU D 1 0.34 -2.17 -11.06
CD1 MLU D 1 1.31 -2.05 -9.89
CD2 MLU D 1 -0.31 -3.55 -11.06
H1 MLU D 1 -0.16 0.65 -12.99
H2 MLU D 1 1.29 0.02 -12.39
HCN1 MLU D 1 1.55 2.30 -13.06
HCN2 MLU D 1 1.78 2.08 -11.30
HCN3 MLU D 1 0.25 2.74 -11.93
HA MLU D 1 0.58 0.40 -10.16
HB2 MLU D 1 -1.39 -1.18 -11.86
HB3 MLU D 1 -1.34 -1.22 -10.11
HG MLU D 1 0.90 -2.05 -11.99
HD11 MLU D 1 0.77 -2.12 -8.94
HD12 MLU D 1 2.04 -2.86 -9.91
HD13 MLU D 1 1.86 -1.11 -9.91
HD21 MLU D 1 -0.89 -3.71 -10.15
HD22 MLU D 1 0.44 -4.34 -11.12
HD23 MLU D 1 -0.99 -3.67 -11.90
N OMZ D 2 -1.27 1.73 -9.36
CA OMZ D 2 -2.30 2.66 -8.92
C OMZ D 2 -3.04 2.12 -7.67
O OMZ D 2 -4.19 2.46 -7.44
CB OMZ D 2 -1.74 4.09 -8.77
OC OMZ D 2 -1.18 4.51 -9.99
CG OMZ D 2 -0.70 4.18 -7.71
CD1 OMZ D 2 -0.90 5.01 -6.54
CD2 OMZ D 2 0.51 3.40 -7.81
CE1 OMZ D 2 0.05 5.00 -5.47
CL OMZ D 2 -0.23 5.97 -4.07
CE2 OMZ D 2 1.46 3.39 -6.73
CZ OMZ D 2 1.21 4.15 -5.54
OH OMZ D 2 2.01 3.97 -4.42
H OMZ D 2 -0.57 1.40 -8.73
HA OMZ D 2 -3.03 2.66 -9.73
HB OMZ D 2 -2.55 4.78 -8.53
HC OMZ D 2 -1.90 4.55 -10.62
HD1 OMZ D 2 -1.78 5.64 -6.47
HD2 OMZ D 2 0.72 2.82 -8.68
HE2 OMZ D 2 2.35 2.78 -6.79
N ASN D 3 -2.36 1.24 -6.89
CA ASN D 3 -3.08 0.68 -5.76
C ASN D 3 -2.33 0.78 -4.42
N GHP D 4 -1.35 -0.12 -4.29
CA GHP D 4 -0.61 -0.19 -3.05
C GHP D 4 -0.31 -1.66 -2.69
O GHP D 4 -0.17 -2.53 -3.53
C1 GHP D 4 0.67 0.62 -3.06
C2 GHP D 4 1.84 0.23 -2.33
C3 GHP D 4 3.03 1.05 -2.25
C4 GHP D 4 3.02 2.30 -2.98
O4 GHP D 4 4.13 3.11 -2.92
C5 GHP D 4 1.89 2.72 -3.76
C6 GHP D 4 0.71 1.86 -3.77
H GHP D 4 -1.09 -0.66 -5.09
HA GHP D 4 -1.27 0.24 -2.30
HC2 GHP D 4 1.84 -0.74 -1.84
H6 GHP D 4 -0.16 2.14 -4.34
N GHP D 5 -0.22 -1.83 -1.35
CA GHP D 5 0.11 -3.12 -0.80
C GHP D 5 0.30 -3.03 0.72
O GHP D 5 -0.44 -2.33 1.38
C1 GHP D 5 -0.83 -4.25 -1.07
C2 GHP D 5 -0.28 -5.41 -1.67
C3 GHP D 5 -1.03 -6.60 -1.86
C4 GHP D 5 -2.39 -6.64 -1.44
O4 GHP D 5 -3.14 -7.78 -1.63
C5 GHP D 5 -3.00 -5.47 -0.84
C6 GHP D 5 -2.22 -4.28 -0.64
H GHP D 5 -0.38 -1.06 -0.74
HA GHP D 5 1.05 -3.34 -1.28
HC2 GHP D 5 0.75 -5.38 -1.98
HO4 GHP D 5 -2.59 -8.45 -2.04
H5 GHP D 5 -4.03 -5.50 -0.53
H6 GHP D 5 -2.65 -3.40 -0.18
N OMY D 6 1.29 -3.77 1.29
CA OMY D 6 2.27 -4.67 0.67
OCZ OMY D 6 4.21 0.79 -1.50
CE2 OMY D 6 4.24 -0.44 0.65
CE1 OMY D 6 4.25 -1.65 -1.52
CZ OMY D 6 4.27 -0.41 -0.79
CG OMY D 6 3.98 -2.94 0.60
CD2 OMY D 6 4.07 -1.69 1.34
CD1 OMY D 6 4.12 -2.90 -0.84
CB OMY D 6 3.64 -4.26 1.24
CL OMY D 6 4.34 -1.62 -3.25
O OMY D 6 1.49 -6.64 1.86
C OMY D 6 1.83 -6.14 0.79
ODE OMY D 6 3.58 -4.15 2.64
H OMY D 6 1.37 -3.66 2.29
HA OMY D 6 2.27 -4.50 -0.40
HE2 OMY D 6 4.33 0.49 1.20
HD2 OMY D 6 4.01 -1.72 2.42
HD1 OMY D 6 4.06 -3.81 -1.41
HB OMY D 6 4.37 -5.01 0.98
N 3FG D 7 1.84 -6.79 -0.41
OD1 3FG D 7 -1.94 -7.43 -4.29
CD1 3FG D 7 -0.86 -8.11 -3.78
CG1 3FG D 7 -0.35 -7.76 -2.50
CZ 3FG D 7 -0.27 -9.17 -4.54
CD2 3FG D 7 0.85 -9.90 -4.02
OD2 3FG D 7 1.41 -10.92 -4.75
CG2 3FG D 7 1.37 -9.55 -2.73
CB 3FG D 7 0.79 -8.48 -1.94
CA 3FG D 7 1.39 -8.14 -0.56
C 3FG D 7 2.61 -9.03 -0.18
O 3FG D 7 2.44 -9.95 0.60
OXT 3FG D 7 3.70 -8.74 -0.68
H 3FG D 7 2.18 -6.31 -1.22
HA 3FG D 7 0.62 -8.24 0.19
HD1 3FG D 7 -2.21 -6.75 -3.67
HZ 3FG D 7 -0.67 -9.40 -5.52
HD2 3FG D 7 2.14 -11.29 -4.26
HG2 3FG D 7 2.22 -10.09 -2.34
C2 BGC E . 5.63 5.60 1.56
C3 BGC E . 6.71 5.55 0.49
C4 BGC E . 7.43 4.20 0.51
C5 BGC E . 6.41 3.06 0.54
C6 BGC E . 7.07 1.69 0.79
C1 BGC E . 4.70 4.39 1.47
O2 BGC E . 4.89 6.79 1.46
O3 BGC E . 7.63 6.59 0.71
O4 BGC E . 8.22 4.07 -0.64
O5 BGC E . 5.50 3.24 1.59
O6 BGC E . 7.94 1.75 1.88
H2 BGC E . 6.12 5.58 2.54
H3 BGC E . 6.25 5.71 -0.50
H4 BGC E . 8.07 4.14 1.39
H5 BGC E . 5.86 3.05 -0.41
H61 BGC E . 6.27 1.00 1.03
H62 BGC E . 7.60 1.29 -0.07
H1 BGC E . 4.16 4.36 0.53
HO3 BGC E . 7.50 6.87 1.60
HO4 BGC E . 9.10 4.35 -0.39
HO6 BGC E . 8.26 0.87 2.01
C1 RER E . 5.42 7.81 2.28
C2 RER E . 4.64 9.12 2.13
C3 RER E . 3.25 9.05 2.78
N3 RER E . 2.71 10.40 2.90
C3A RER E . 2.30 8.24 1.88
C4 RER E . 3.34 8.42 4.16
O4 RER E . 2.06 8.20 4.68
C5 RER E . 4.10 7.10 4.07
O5 RER E . 5.41 7.38 3.62
C5A RER E . 4.16 6.34 5.39
H1 RER E . 6.46 7.98 1.98
H21C RER E . 5.20 9.91 2.62
H22C RER E . 4.56 9.40 1.08
HO1 RER E . 2.64 10.83 1.96
H31N RER E . 3.35 10.97 3.49
H32N RER E . 1.77 10.36 3.33
H3A1 RER E . 1.30 8.19 2.32
H3A2 RER E . 2.66 7.22 1.75
H3A3 RER E . 2.21 8.70 0.90
H4 RER E . 3.86 9.09 4.84
HO4 RER E . 1.86 8.95 5.22
H5 RER E . 3.60 6.47 3.33
H5A1 RER E . 3.16 6.10 5.75
H5A2 RER E . 4.66 6.92 6.15
H5A3 RER E . 4.70 5.40 5.29
C2 BGC F . 5.80 4.32 -4.05
C3 BGC F . 6.70 4.39 -5.28
C4 BGC F . 7.22 3.01 -5.66
C5 BGC F . 6.11 1.97 -5.65
C6 BGC F . 6.72 0.59 -5.86
C1 BGC F . 4.77 3.20 -4.17
O2 BGC F . 5.11 5.53 -3.92
O3 BGC F . 7.77 5.24 -4.99
O4 BGC F . 7.79 3.06 -6.93
O5 BGC F . 5.44 1.98 -4.42
O6 BGC F . 7.70 0.33 -4.88
H2 BGC F . 6.41 4.13 -3.17
H3 BGC F . 6.14 4.84 -6.11
H4 BGC F . 7.97 2.67 -4.95
H5 BGC F . 5.39 2.18 -6.45
H61 BGC F . 5.96 -0.18 -5.76
H62 BGC F . 7.18 0.49 -6.83
H1 BGC F . 4.07 3.41 -4.97
HO3 BGC F . 7.55 6.10 -5.31
HO4 BGC F . 8.71 3.23 -6.81
HO6 BGC F . 8.04 -0.55 -5.05
C1 RER F . 5.50 6.31 -2.83
C2 RER F . 5.58 7.77 -3.29
C3 RER F . 4.21 8.34 -3.65
N3 RER F . 4.32 9.78 -3.81
C3A RER F . 3.68 7.75 -4.97
C4 RER F . 3.23 8.02 -2.54
O4 RER F . 1.93 8.42 -2.92
C5 RER F . 3.25 6.53 -2.20
O5 RER F . 4.55 6.20 -1.79
C5A RER F . 2.27 6.19 -1.09
H1 RER F . 6.46 5.97 -2.45
H21C RER F . 6.02 8.36 -2.49
H22C RER F . 6.26 7.85 -4.15
HO1 RER F . 4.99 10.00 -4.58
H31N RER F . 4.66 10.20 -2.93
H32N RER F . 3.39 10.18 -4.05
H3A1 RER F . 2.74 8.22 -5.26
H3A2 RER F . 4.40 7.91 -5.78
H3A3 RER F . 3.51 6.67 -4.89
H4 RER F . 3.49 8.60 -1.64
HO4 RER F . 1.80 9.29 -2.57
H5 RER F . 3.00 5.96 -3.10
H5A1 RER F . 2.52 6.72 -0.18
H5A2 RER F . 2.30 5.13 -0.88
H5A3 RER F . 1.25 6.45 -1.37
C1 RER G . -3.91 4.66 -2.98
C2 RER G . -4.22 4.42 -4.47
C3 RER G . -5.70 4.18 -4.74
N3 RER G . -5.97 4.32 -6.16
C3A RER G . -6.12 2.78 -4.29
C4 RER G . -6.51 5.23 -3.99
O4 RER G . -7.88 5.01 -4.15
C5 RER G . -6.13 5.19 -2.51
O5 RER G . -4.79 5.62 -2.44
C5A RER G . -7.01 6.11 -1.66
H1 RER G . -2.89 5.01 -2.87
H21C RER G . -3.90 5.31 -5.03
H22C RER G . -3.63 3.58 -4.86
HO1 RER G . -5.42 3.61 -6.69
H31N RER G . -5.70 5.26 -6.48
H32N RER G . -6.99 4.17 -6.35
H3A1 RER G . -5.81 2.58 -3.26
H3A2 RER G . -7.20 2.66 -4.35
H3A3 RER G . -5.68 2.02 -4.92
H4 RER G . -6.28 6.22 -4.37
HO4 RER G . -8.30 5.86 -4.19
H5 RER G . -6.20 4.17 -2.15
H5A1 RER G . -6.88 7.15 -1.97
H5A2 RER G . -6.74 6.03 -0.60
H5A3 RER G . -8.06 5.85 -1.76
C1 RER H . 4.83 -4.05 3.28
C2 RER H . 4.63 -4.07 4.80
C3 RER H . 4.27 -5.47 5.33
N3 RER H . 4.41 -5.47 6.77
C3A RER H . 2.82 -5.83 4.99
C4 RER H . 5.21 -6.48 4.71
O4 RER H . 4.83 -7.78 5.11
C5 RER H . 5.20 -6.38 3.20
O5 RER H . 5.68 -5.09 2.86
C5A RER H . 6.09 -7.43 2.54
H1 RER H . 5.31 -3.11 3.00
H21C RER H . 5.55 -3.74 5.27
H22C RER H . 3.86 -3.35 5.08
HO1 RER H . 5.40 -5.24 7.02
H31N RER H . 4.18 -6.43 7.14
H32N RER H . 3.77 -4.78 7.20
H3A1 RER H . 2.65 -5.81 3.90
H3A2 RER H . 2.59 -6.83 5.34
H3A3 RER H . 2.11 -5.15 5.45
H4 RER H . 6.22 -6.32 5.09
HO4 RER H . 5.63 -8.28 5.22
H5 RER H . 4.18 -6.47 2.83
H5A1 RER H . 7.12 -7.34 2.88
H5A2 RER H . 5.74 -8.43 2.78
H5A3 RER H . 6.08 -7.32 1.45
N ALA A 1 -5.83 11.08 -3.89
CA ALA A 1 -6.16 9.81 -3.27
C ALA A 1 -4.91 8.94 -3.11
N FGA A 2 -4.30 9.08 -1.91
CA FGA A 2 -3.12 8.27 -1.71
C FGA A 2 -1.88 9.03 -2.20
O FGA A 2 -0.81 8.84 -1.61
CB FGA A 2 -3.00 7.91 -0.24
CG FGA A 2 -4.29 7.30 0.30
CD FGA A 2 -4.08 6.72 1.70
OE1 FGA A 2 -2.98 6.72 2.24
H FGA A 2 -4.62 9.69 -1.19
HA FGA A 2 -3.26 7.38 -2.31
HB2 FGA A 2 -2.18 7.20 -0.12
HB3 FGA A 2 -2.76 8.80 0.33
HG2 FGA A 2 -5.07 8.06 0.35
HG3 FGA A 2 -4.65 6.51 -0.35
N LYS A 3 -5.22 6.26 2.25
CA LYS A 3 -5.21 5.72 3.59
C LYS A 3 -4.29 4.49 3.71
N DAL A 4 -3.63 4.39 4.87
CA DAL A 4 -2.74 3.25 5.08
CB DAL A 4 -3.50 2.10 5.74
C DAL A 4 -1.58 3.71 5.97
O DAL A 4 -1.59 4.82 6.50
H DAL A 4 -3.75 5.08 5.58
HA DAL A 4 -2.33 2.95 4.10
HB1 DAL A 4 -4.34 1.77 5.11
HB2 DAL A 4 -2.85 1.25 5.90
HB3 DAL A 4 -3.91 2.40 6.71
N DAL A 5 -0.60 2.81 6.09
CA DAL A 5 0.52 3.18 6.93
CB DAL A 5 1.36 4.26 6.25
C DAL A 5 1.37 1.96 7.26
O DAL A 5 2.06 2.01 8.29
OXT DAL A 5 1.33 0.98 6.52
H DAL A 5 -0.66 1.91 5.67
HA DAL A 5 0.09 3.55 7.84
HB1 DAL A 5 0.75 5.14 6.02
HB2 DAL A 5 2.18 4.58 6.88
HB3 DAL A 5 1.78 3.89 5.30
N ALA B 1 11.45 -4.46 -1.85
CA ALA B 1 10.90 -3.97 -0.58
C ALA B 1 9.67 -4.77 -0.17
N FGA B 2 9.10 -4.21 0.89
CA FGA B 2 7.89 -4.71 1.49
C FGA B 2 7.66 -3.96 2.80
O FGA B 2 7.59 -4.61 3.84
CB FGA B 2 6.77 -4.48 0.48
CG FGA B 2 6.39 -5.73 -0.33
CD FGA B 2 5.86 -5.46 -1.74
OE1 FGA B 2 5.96 -4.38 -2.29
H FGA B 2 9.52 -3.39 1.29
HA FGA B 2 7.99 -5.77 1.67
HB2 FGA B 2 5.96 -4.16 1.10
HB3 FGA B 2 7.04 -3.65 -0.18
HG2 FGA B 2 7.23 -6.38 -0.45
HG3 FGA B 2 5.66 -6.33 0.21
N LYS B 3 5.30 -6.58 -2.24
CA LYS B 3 4.61 -6.60 -3.51
C LYS B 3 3.41 -5.65 -3.53
N DAL B 4 3.05 -5.23 -4.75
CA DAL B 4 1.92 -4.33 -4.86
CB DAL B 4 0.64 -5.16 -5.09
C DAL B 4 2.15 -3.36 -6.02
O DAL B 4 2.48 -3.74 -7.13
H DAL B 4 3.55 -5.55 -5.56
HA DAL B 4 1.85 -3.77 -3.92
HB1 DAL B 4 0.49 -5.88 -4.29
HB2 DAL B 4 -0.24 -4.51 -5.13
HB3 DAL B 4 0.70 -5.70 -6.04
N DAL B 5 1.95 -2.08 -5.66
CA DAL B 5 2.13 -1.05 -6.65
CB DAL B 5 2.90 0.13 -6.04
C DAL B 5 0.78 -0.60 -7.19
O DAL B 5 -0.16 -1.40 -7.17
OXT DAL B 5 0.67 0.55 -7.62
H DAL B 5 1.69 -1.82 -4.74
HA DAL B 5 2.72 -1.51 -7.43
HB1 DAL B 5 3.85 -0.19 -5.63
HB2 DAL B 5 3.10 0.89 -6.79
HB3 DAL B 5 2.33 0.60 -5.24
N MLU C 1 2.15 1.88 12.57
CN MLU C 1 3.59 2.09 12.66
CA MLU C 1 1.82 1.34 11.26
C MLU C 1 2.59 0.05 11.01
O MLU C 1 3.03 -0.63 11.93
CB MLU C 1 0.32 1.05 11.10
CG MLU C 1 -0.56 2.22 11.55
CD1 MLU C 1 -0.34 3.45 10.67
CD2 MLU C 1 -2.02 1.81 11.55
H1 MLU C 1 1.86 1.19 13.30
H2 MLU C 1 1.65 2.78 12.71
HCN1 MLU C 1 4.10 1.15 12.51
HCN2 MLU C 1 3.89 2.80 11.88
HCN3 MLU C 1 3.82 2.49 13.65
HA MLU C 1 2.12 2.08 10.52
HB2 MLU C 1 0.07 0.17 11.68
HB3 MLU C 1 0.10 0.82 10.06
HG MLU C 1 -0.27 2.48 12.58
HD11 MLU C 1 -0.92 4.30 11.04
HD12 MLU C 1 0.70 3.73 10.64
HD13 MLU C 1 -0.66 3.24 9.65
HD21 MLU C 1 -2.35 1.53 10.54
HD22 MLU C 1 -2.66 2.62 11.90
HD23 MLU C 1 -2.19 0.94 12.20
N OMZ C 2 2.74 -0.24 9.70
CA OMZ C 2 3.47 -1.46 9.37
C OMZ C 2 2.68 -2.29 8.33
O OMZ C 2 2.63 -3.51 8.44
CB OMZ C 2 4.92 -1.14 8.98
OC OMZ C 2 5.59 -0.62 10.11
CG OMZ C 2 4.98 -0.13 7.88
CD1 OMZ C 2 5.27 -0.55 6.53
CD2 OMZ C 2 4.72 1.26 8.15
CE1 OMZ C 2 5.20 0.40 5.46
CL OMZ C 2 5.49 -0.12 3.84
CE2 OMZ C 2 4.67 2.22 7.08
CZ OMZ C 2 4.87 1.77 5.72
OH OMZ C 2 4.58 2.61 4.64
H OMZ C 2 2.38 0.34 8.99
HA OMZ C 2 3.48 -2.05 10.29
HB OMZ C 2 5.45 -2.04 8.69
HC OMZ C 2 6.49 -0.45 9.83
HD1 OMZ C 2 5.49 -1.59 6.33
HD2 OMZ C 2 4.53 1.59 9.16
HE2 OMZ C 2 4.44 3.25 7.27
N ASN C 3 2.06 -1.61 7.33
CA ASN C 3 1.29 -2.43 6.40
C ASN C 3 1.31 -1.93 4.94
N GHP C 4 0.59 -0.82 4.78
CA GHP C 4 0.49 -0.24 3.45
C GHP C 4 -0.97 0.17 3.20
O GHP C 4 -1.70 0.61 4.09
C1 GHP C 4 1.38 0.97 3.23
C2 GHP C 4 1.08 1.96 2.24
C3 GHP C 4 1.92 3.13 2.00
C4 GHP C 4 3.08 3.29 2.85
O4 GHP C 4 3.90 4.39 2.74
C5 GHP C 4 3.42 2.32 3.87
C6 GHP C 4 2.54 1.17 4.03
H GHP C 4 0.18 -0.40 5.59
HA GHP C 4 0.78 -1.02 2.75
HC2 GHP C 4 0.16 1.85 1.67
H6 GHP C 4 2.77 0.44 4.79
N GHP C 5 -1.32 0.00 1.91
CA GHP C 5 -2.65 0.41 1.49
C GHP C 5 -2.80 0.36 -0.03
O GHP C 5 -2.28 -0.56 -0.65
C1 GHP C 5 -3.81 -0.31 2.11
C2 GHP C 5 -4.74 0.51 2.83
C3 GHP C 5 -5.97 -0.01 3.31
C4 GHP C 5 -6.27 -1.39 3.11
O4 GHP C 5 -7.45 -1.92 3.60
C5 GHP C 5 -5.34 -2.25 2.41
C6 GHP C 5 -4.11 -1.69 1.90
H GHP C 5 -0.67 -0.37 1.25
HA GHP C 5 -2.65 1.44 1.84
HC2 GHP C 5 -4.52 1.55 2.98
HO4 GHP C 5 -7.94 -1.23 4.02
H5 GHP C 5 -5.57 -3.29 2.26
H6 GHP C 5 -3.41 -2.32 1.35
N OMY C 6 -3.52 1.34 -0.65
CA OMY C 6 -4.20 2.48 -0.05
OCZ OMY C 6 1.69 4.11 0.99
CE2 OMY C 6 0.14 3.79 -0.93
CE1 OMY C 6 -0.69 4.55 1.28
CZ OMY C 6 0.40 4.19 0.44
CG OMY C 6 -2.32 3.98 -0.49
CD2 OMY C 6 -1.23 3.69 -1.39
CD1 OMY C 6 -2.05 4.46 0.83
CB OMY C 6 -3.77 3.72 -0.84
CL OMY C 6 -0.37 5.06 2.91
O OMY C 6 -6.40 1.87 -0.87
C OMY C 6 -5.70 2.23 0.08
ODE OMY C 6 -3.95 3.52 -2.22
H OMY C 6 -3.59 1.25 -1.65
HA OMY C 6 -3.83 2.60 0.96
HE2 OMY C 6 0.95 3.56 -1.59
HD2 OMY C 6 -1.43 3.36 -2.40
HD1 OMY C 6 -2.85 4.70 1.50
HB OMY C 6 -4.38 4.56 -0.52
N 3FG C 7 -6.14 2.45 1.34
OD1 3FG C 7 -6.30 -0.23 6.03
CD1 3FG C 7 -6.99 0.77 5.40
CG1 3FG C 7 -6.89 0.94 3.99
CZ 3FG C 7 -7.82 1.65 6.17
CD2 3FG C 7 -8.54 2.71 5.53
OD2 3FG C 7 -9.34 3.55 6.27
CG2 3FG C 7 -8.44 2.88 4.12
CB 3FG C 7 -7.60 2.01 3.31
CA 3FG C 7 -7.48 2.24 1.79
C 3FG C 7 -8.31 3.44 1.27
O 3FG C 7 -9.51 3.28 1.05
OXT 3FG C 7 -7.72 4.51 1.10
H 3FG C 7 -5.46 2.75 2.02
HA 3FG C 7 -7.78 1.33 1.27
HD1 3FG C 7 -6.48 -0.21 6.95
HZ 3FG C 7 -7.85 1.53 7.24
HD2 3FG C 7 -9.30 3.31 7.19
HG2 3FG C 7 -8.98 3.68 3.63
N MLU D 1 0.53 0.39 -12.40
CN MLU D 1 1.10 1.72 -12.60
CA MLU D 1 -0.02 0.27 -11.06
C MLU D 1 -1.11 1.32 -10.81
O MLU D 1 -1.75 1.81 -11.74
CB MLU D 1 -0.62 -1.11 -10.80
CG MLU D 1 0.40 -2.23 -10.98
CD1 MLU D 1 1.55 -2.09 -9.98
CD2 MLU D 1 -0.28 -3.60 -10.81
H1 MLU D 1 -0.23 0.24 -13.10
H2 MLU D 1 1.27 -0.33 -12.54
HCN1 MLU D 1 0.31 2.46 -12.45
HCN2 MLU D 1 1.50 1.79 -13.61
HCN3 MLU D 1 1.89 1.87 -11.87
HA MLU D 1 0.80 0.44 -10.36
HB2 MLU D 1 -1.45 -1.28 -11.49
HB3 MLU D 1 -1.04 -1.15 -9.80
HG MLU D 1 0.80 -2.17 -11.99
HD11 MLU D 1 2.30 -2.86 -10.14
HD12 MLU D 1 2.04 -1.12 -10.10
HD13 MLU D 1 1.20 -2.16 -8.96
HD21 MLU D 1 -0.70 -3.70 -9.82
HD22 MLU D 1 -1.09 -3.72 -11.54
HD23 MLU D 1 0.44 -4.41 -10.96
N OMZ D 2 -1.26 1.63 -9.51
CA OMZ D 2 -2.28 2.60 -9.16
C OMZ D 2 -3.05 2.15 -7.91
O OMZ D 2 -4.22 2.49 -7.75
CB OMZ D 2 -1.68 4.02 -9.06
OC OMZ D 2 -1.03 4.36 -10.27
CG OMZ D 2 -0.70 4.13 -7.94
CD1 OMZ D 2 -0.96 5.00 -6.82
CD2 OMZ D 2 0.50 3.32 -7.95
CE1 OMZ D 2 -0.06 5.00 -5.70
CL OMZ D 2 -0.40 6.04 -4.35
CE2 OMZ D 2 1.38 3.33 -6.82
CZ OMZ D 2 1.09 4.14 -5.68
OH OMZ D 2 1.83 3.99 -4.51
H OMZ D 2 -0.70 1.20 -8.81
HA OMZ D 2 -2.97 2.58 -10.00
HB OMZ D 2 -2.47 4.75 -8.91
HC OMZ D 2 -1.71 4.39 -10.93
HD1 OMZ D 2 -1.83 5.64 -6.82
HD2 OMZ D 2 0.72 2.69 -8.80
HE2 OMZ D 2 2.26 2.70 -6.82
N ASN D 3 -2.38 1.38 -7.03
CA ASN D 3 -3.16 0.92 -5.88
C ASN D 3 -2.37 0.87 -4.56
N GHP D 4 -1.45 -0.11 -4.50
CA GHP D 4 -0.70 -0.24 -3.26
C GHP D 4 -0.38 -1.72 -2.94
O GHP D 4 -0.21 -2.56 -3.82
C1 GHP D 4 0.55 0.61 -3.21
C2 GHP D 4 1.71 0.22 -2.45
C3 GHP D 4 2.88 1.08 -2.33
C4 GHP D 4 2.86 2.33 -3.05
O4 GHP D 4 3.95 3.18 -2.95
C5 GHP D 4 1.73 2.73 -3.85
C6 GHP D 4 0.59 1.85 -3.90
H GHP D 4 -1.24 -0.65 -5.31
HA GHP D 4 -1.38 0.15 -2.49
HC2 GHP D 4 1.72 -0.75 -1.95
H6 GHP D 4 -0.28 2.13 -4.48
N GHP D 5 -0.30 -1.93 -1.61
CA GHP D 5 0.05 -3.22 -1.05
C GHP D 5 0.21 -3.10 0.47
O GHP D 5 -0.56 -2.38 1.09
C1 GHP D 5 -0.88 -4.36 -1.33
C2 GHP D 5 -0.31 -5.52 -1.93
C3 GHP D 5 -1.03 -6.72 -2.08
C4 GHP D 5 -2.40 -6.77 -1.66
O4 GHP D 5 -3.12 -7.95 -1.83
C5 GHP D 5 -3.02 -5.63 -1.07
C6 GHP D 5 -2.25 -4.41 -0.88
H GHP D 5 -0.47 -1.16 -0.99
HA GHP D 5 1.01 -3.43 -1.51
HC2 GHP D 5 0.72 -5.48 -2.26
HO4 GHP D 5 -4.00 -7.81 -1.50
H5 GHP D 5 -4.05 -5.66 -0.75
H6 GHP D 5 -2.70 -3.55 -0.42
N OMY D 6 1.20 -3.80 1.08
CA OMY D 6 2.19 -4.70 0.49
OCZ OMY D 6 4.05 0.83 -1.56
CE2 OMY D 6 4.09 -0.45 0.56
CE1 OMY D 6 4.16 -1.60 -1.63
CZ OMY D 6 4.14 -0.39 -0.87
CG OMY D 6 3.88 -2.94 0.45
CD2 OMY D 6 3.94 -1.73 1.22
CD1 OMY D 6 4.05 -2.88 -0.98
CB OMY D 6 3.55 -4.29 1.06
CL OMY D 6 4.28 -1.53 -3.36
O OMY D 6 1.51 -6.66 1.77
C OMY D 6 1.78 -6.18 0.67
ODE OMY D 6 3.48 -4.21 2.47
H OMY D 6 1.24 -3.67 2.07
HA OMY D 6 2.26 -4.56 -0.58
HE2 OMY D 6 4.14 0.48 1.12
HD2 OMY D 6 3.85 -1.77 2.30
HD1 OMY D 6 4.03 -3.79 -1.54
HB OMY D 6 4.26 -5.05 0.76
N 3FG D 7 1.76 -6.83 -0.52
OD1 3FG D 7 -1.87 -7.63 -4.55
CD1 3FG D 7 -0.78 -8.26 -3.99
CG1 3FG D 7 -0.31 -7.87 -2.69
CZ 3FG D 7 -0.11 -9.29 -4.73
CD2 3FG D 7 1.03 -9.96 -4.17
OD2 3FG D 7 1.68 -10.94 -4.88
CG2 3FG D 7 1.49 -9.58 -2.87
CB 3FG D 7 0.83 -8.54 -2.10
CA 3FG D 7 1.33 -8.20 -0.69
C 3FG D 7 2.52 -9.07 -0.21
O 3FG D 7 2.28 -10.05 0.50
OXT 3FG D 7 3.65 -8.76 -0.56
H 3FG D 7 2.01 -6.32 -1.33
HA 3FG D 7 0.51 -8.30 0.01
HD1 3FG D 7 -2.20 -6.98 -3.94
HZ 3FG D 7 -0.47 -9.55 -5.72
HD2 3FG D 7 1.25 -11.06 -5.73
HG2 3FG D 7 2.37 -10.06 -2.46
C2 BGC E . 5.49 5.67 1.53
C3 BGC E . 6.41 5.70 0.31
C4 BGC E . 7.09 4.35 0.10
C5 BGC E . 6.08 3.21 0.20
C6 BGC E . 6.74 1.84 0.14
C1 BGC E . 4.58 4.44 1.51
O2 BGC E . 4.69 6.84 1.57
O3 BGC E . 7.38 6.71 0.52
O4 BGC E . 7.67 4.32 -1.18
O5 BGC E . 5.40 3.30 1.43
O6 BGC E . 7.93 1.81 0.89
H2 BGC E . 6.09 5.64 2.44
H3 BGC E . 5.84 5.97 -0.57
H4 BGC E . 7.89 4.21 0.84
H5 BGC E . 5.35 3.29 -0.60
H61 BGC E . 6.06 1.11 0.56
H62 BGC E . 6.95 1.54 -0.88
H1 BGC E . 3.88 4.46 0.69
HO3 BGC E . 7.56 7.09 -0.33
HO4 BGC E . 8.49 3.83 -1.10
HO6 BGC E . 8.27 0.94 0.83
C1 RER E . 5.26 7.82 2.39
C2 RER E . 4.44 9.12 2.31
C3 RER E . 3.06 8.99 2.95
N3 RER E . 2.47 10.32 3.11
C3A RER E . 2.14 8.16 2.05
C4 RER E . 3.20 8.34 4.32
O4 RER E . 1.93 8.08 4.86
C5 RER E . 3.99 7.04 4.20
O5 RER E . 5.28 7.35 3.72
C5A RER E . 4.12 6.30 5.53
H1 RER E . 6.28 8.02 2.06
H21C RER E . 4.99 9.92 2.82
H22C RER E . 4.35 9.45 1.27
HO1 RER E . 3.09 10.90 3.70
H31N RER E . 1.53 10.23 3.54
H32N RER E . 2.39 10.76 2.17
H3A1 RER E . 2.02 8.62 1.08
H3A2 RER E . 2.55 7.16 1.90
H3A3 RER E . 1.16 8.05 2.50
H4 RER E . 3.71 9.01 5.00
HO4 RER E . 1.99 8.22 5.79
H5 RER E . 3.49 6.40 3.48
H5A1 RER E . 3.13 6.04 5.92
H5A2 RER E . 4.69 5.37 5.41
H5A3 RER E . 4.62 6.90 6.27
C2 BGC F . 5.58 4.46 -4.09
C3 BGC F . 6.48 4.55 -5.33
C4 BGC F . 7.06 3.18 -5.67
C5 BGC F . 5.97 2.11 -5.68
C6 BGC F . 6.61 0.74 -5.88
C1 BGC F . 4.60 3.31 -4.19
O2 BGC F . 4.84 5.66 -4.00
O3 BGC F . 7.52 5.46 -5.06
O4 BGC F . 7.64 3.22 -6.95
O5 BGC F . 5.32 2.11 -4.43
O6 BGC F . 7.60 0.50 -4.89
H2 BGC F . 6.19 4.33 -3.20
H3 BGC F . 5.91 4.93 -6.17
H4 BGC F . 7.81 2.88 -4.95
H5 BGC F . 5.24 2.30 -6.47
H61 BGC F . 7.08 0.66 -6.85
H62 BGC F . 5.86 -0.04 -5.79
H1 BGC F . 3.90 3.48 -5.01
HO3 BGC F . 7.25 6.29 -5.39
HO4 BGC F . 8.42 2.70 -6.91
HO6 BGC F . 7.94 -0.36 -5.07
C1 RER F . 5.22 6.53 -2.95
C2 RER F . 5.36 7.94 -3.51
C3 RER F . 4.03 8.53 -3.96
N3 RER F . 4.20 9.96 -4.23
C3A RER F . 3.54 7.86 -5.26
C4 RER F . 3.00 8.34 -2.86
O4 RER F . 1.73 8.75 -3.31
C5 RER F . 2.95 6.89 -2.40
O5 RER F . 4.23 6.51 -1.94
C5A RER F . 1.97 6.69 -1.26
H1 RER F . 6.16 6.18 -2.53
H21C RER F . 5.78 8.58 -2.73
H22C RER F . 6.09 7.96 -4.33
HO1 RER F . 4.53 10.43 -3.37
H31N RER F . 3.29 10.36 -4.53
H32N RER F . 4.91 10.08 -4.98
H3A1 RER F . 3.31 6.80 -5.09
H3A2 RER F . 2.64 8.34 -5.62
H3A3 RER F . 4.29 7.92 -6.04
H4 RER F . 3.26 8.97 -2.01
HO4 RER F . 1.30 9.14 -2.58
H5 RER F . 2.68 6.24 -3.25
H5A1 RER F . 2.23 7.30 -0.40
H5A2 RER F . 0.95 6.96 -1.56
H5A3 RER F . 1.95 5.65 -0.93
C1 RER G . -3.80 4.70 -2.95
C2 RER G . -4.13 4.50 -4.43
C3 RER G . -5.62 4.34 -4.70
N3 RER G . -5.89 4.49 -6.12
C3A RER G . -6.11 2.95 -4.26
C4 RER G . -6.37 5.42 -3.93
O4 RER G . -7.76 5.27 -4.10
C5 RER G . -6.00 5.34 -2.45
O5 RER G . -4.64 5.68 -2.38
C5A RER G . -6.83 6.30 -1.61
H1 RER G . -2.77 5.04 -2.85
H21C RER G . -3.77 5.38 -4.99
H22C RER G . -3.58 3.65 -4.83
HO1 RER G . -6.90 4.39 -6.30
H31N RER G . -5.37 3.76 -6.65
H32N RER G . -5.57 5.43 -6.43
H3A1 RER G . -5.82 2.73 -3.24
H3A2 RER G . -7.19 2.88 -4.33
H3A3 RER G . -5.68 2.17 -4.89
H4 RER G . -6.08 6.41 -4.30
HO4 RER G . -8.00 5.84 -4.82
H5 RER G . -6.14 4.32 -2.10
H5A1 RER G . -7.90 6.12 -1.73
H5A2 RER G . -6.59 6.19 -0.55
H5A3 RER G . -6.63 7.34 -1.89
C1 RER H . 4.72 -4.13 3.10
C2 RER H . 4.46 -4.00 4.61
C3 RER H . 3.83 -5.28 5.21
N3 RER H . 3.90 -5.18 6.66
C3A RER H . 2.36 -5.46 4.82
C4 RER H . 4.63 -6.49 4.74
O4 RER H . 3.99 -7.67 5.17
C5 RER H . 4.77 -6.47 3.23
O5 RER H . 5.46 -5.31 2.87
C5A RER H . 5.54 -7.69 2.73
H1 RER H . 5.29 -3.28 2.73
H21C RER H . 5.41 -3.81 5.12
H22C RER H . 3.82 -3.15 4.81
HO1 RER H . 3.51 -6.05 7.08
H31N RER H . 3.36 -4.36 6.98
H32N RER H . 4.90 -5.08 6.96
H3A1 RER H . 2.23 -5.86 3.81
H3A2 RER H . 1.88 -6.18 5.49
H3A3 RER H . 1.80 -4.53 4.84
H4 RER H . 5.62 -6.47 5.21
HO4 RER H . 4.68 -8.28 5.39
H5 RER H . 3.79 -6.43 2.76
H5A1 RER H . 5.04 -8.61 3.03
H5A2 RER H . 5.63 -7.69 1.64
H5A3 RER H . 6.56 -7.71 3.15
N ALA A 1 -5.15 10.64 -4.98
CA ALA A 1 -5.16 10.12 -3.63
C ALA A 1 -4.08 9.05 -3.44
N FGA A 2 -3.72 8.89 -2.14
CA FGA A 2 -2.72 7.90 -1.86
C FGA A 2 -1.36 8.38 -2.40
O FGA A 2 -1.23 8.58 -3.60
CB FGA A 2 -2.66 7.64 -0.36
CG FGA A 2 -4.02 7.24 0.22
CD FGA A 2 -3.84 6.74 1.65
OE1 FGA A 2 -2.75 6.67 2.19
H FGA A 2 -4.12 9.44 -1.40
HA FGA A 2 -3.03 6.99 -2.39
HB2 FGA A 2 -1.93 6.85 -0.17
HB3 FGA A 2 -2.31 8.54 0.15
HG2 FGA A 2 -4.70 8.09 0.21
HG3 FGA A 2 -4.48 6.45 -0.38
N LYS A 3 -5.01 6.42 2.25
CA LYS A 3 -5.02 6.01 3.63
C LYS A 3 -4.19 4.72 3.81
N DAL A 4 -3.44 4.66 4.92
CA DAL A 4 -2.67 3.44 5.11
CB DAL A 4 -3.57 2.34 5.70
C DAL A 4 -1.48 3.69 6.03
O DAL A 4 -1.24 4.80 6.51
H DAL A 4 -3.43 5.40 5.59
HA DAL A 4 -2.29 3.12 4.14
HB1 DAL A 4 -4.42 2.15 5.05
HB2 DAL A 4 -3.02 1.41 5.83
HB3 DAL A 4 -3.96 2.64 6.67
N DAL A 5 -0.76 2.58 6.24
CA DAL A 5 0.42 2.63 7.10
CB DAL A 5 1.41 3.66 6.57
C DAL A 5 1.05 1.24 7.16
O DAL A 5 0.32 0.28 7.42
OXT DAL A 5 2.26 1.13 6.97
H DAL A 5 -1.04 1.72 5.84
HA DAL A 5 0.06 2.91 8.08
HB1 DAL A 5 0.96 4.65 6.53
HB2 DAL A 5 2.28 3.72 7.22
HB3 DAL A 5 1.75 3.39 5.58
N ALA B 1 10.25 -3.24 3.22
CA ALA B 1 8.84 -2.91 3.36
C ALA B 1 8.27 -2.40 2.04
N FGA B 2 8.36 -3.28 1.03
CA FGA B 2 7.83 -2.81 -0.23
C FGA B 2 8.74 -1.72 -0.79
O FGA B 2 8.24 -0.83 -1.48
CB FGA B 2 7.68 -3.92 -1.25
CG FGA B 2 6.55 -4.88 -0.88
CD FGA B 2 5.80 -5.24 -2.16
OE1 FGA B 2 5.75 -4.46 -3.11
H FGA B 2 8.75 -4.20 1.17
HA FGA B 2 6.84 -2.40 -0.01
HB2 FGA B 2 7.40 -3.44 -2.18
HB3 FGA B 2 8.60 -4.46 -1.42
HG2 FGA B 2 6.91 -5.77 -0.38
HG3 FGA B 2 5.86 -4.37 -0.22
N LYS B 3 5.23 -6.45 -2.16
CA LYS B 3 4.51 -6.80 -3.36
C LYS B 3 3.36 -5.80 -3.55
N DAL B 4 3.15 -5.42 -4.83
CA DAL B 4 2.06 -4.47 -5.03
CB DAL B 4 0.80 -5.23 -5.47
C DAL B 4 2.48 -3.43 -6.08
O DAL B 4 3.35 -3.66 -6.91
H DAL B 4 3.69 -5.77 -5.59
HA DAL B 4 1.89 -3.95 -4.09
HB1 DAL B 4 0.50 -5.95 -4.72
HB2 DAL B 4 -0.03 -4.54 -5.61
HB3 DAL B 4 0.97 -5.75 -6.41
N DAL B 5 1.79 -2.28 -5.96
CA DAL B 5 2.08 -1.20 -6.87
CB DAL B 5 3.30 -0.42 -6.41
C DAL B 5 0.85 -0.28 -6.98
O DAL B 5 0.89 0.82 -6.43
OXT DAL B 5 -0.13 -0.68 -7.60
H DAL B 5 1.06 -2.16 -5.29
HA DAL B 5 2.26 -1.67 -7.83
HB1 DAL B 5 4.17 -1.07 -6.33
HB2 DAL B 5 3.54 0.38 -7.11
HB3 DAL B 5 3.13 0.04 -5.44
N MLU C 1 1.60 1.44 12.29
CN MLU C 1 3.02 1.79 12.28
CA MLU C 1 1.23 0.82 11.02
C MLU C 1 2.04 -0.46 10.79
O MLU C 1 1.96 -1.42 11.53
CB MLU C 1 -0.25 0.44 10.98
CG MLU C 1 -1.16 1.61 11.29
CD1 MLU C 1 -1.08 2.68 10.20
CD2 MLU C 1 -2.61 1.13 11.45
H1 MLU C 1 1.42 0.78 13.06
H2 MLU C 1 1.04 2.30 12.42
HCN1 MLU C 1 3.28 2.26 13.23
HCN2 MLU C 1 3.60 0.88 12.14
HCN3 MLU C 1 3.21 2.49 11.46
HA MLU C 1 1.44 1.53 10.23
HB2 MLU C 1 -0.43 -0.35 11.71
HB3 MLU C 1 -0.50 0.02 10.01
HG MLU C 1 -0.84 2.06 12.24
HD11 MLU C 1 -1.43 2.28 9.25
HD12 MLU C 1 -1.70 3.54 10.45
HD13 MLU C 1 -0.05 3.03 10.08
HD21 MLU C 1 -3.27 1.96 11.70
HD22 MLU C 1 -2.97 0.67 10.54
HD23 MLU C 1 -2.68 0.39 12.26
N OMZ C 2 2.85 -0.39 9.70
CA OMZ C 2 3.66 -1.56 9.40
C OMZ C 2 2.94 -2.42 8.33
O OMZ C 2 3.00 -3.64 8.39
CB OMZ C 2 5.10 -1.17 9.05
OC OMZ C 2 5.72 -0.62 10.19
CG OMZ C 2 5.14 -0.16 7.95
CD1 OMZ C 2 5.37 -0.59 6.60
CD2 OMZ C 2 4.90 1.24 8.23
CE1 OMZ C 2 5.28 0.37 5.53
CL OMZ C 2 5.51 -0.15 3.90
CE2 OMZ C 2 4.81 2.19 7.15
CZ OMZ C 2 4.95 1.75 5.79
OH OMZ C 2 4.64 2.57 4.72
H OMZ C 2 2.88 0.42 9.13
HA OMZ C 2 3.66 -2.16 10.32
HB OMZ C 2 5.67 -2.04 8.76
HC OMZ C 2 5.31 0.21 10.36
HD1 OMZ C 2 5.59 -1.62 6.38
HD2 OMZ C 2 4.75 1.57 9.25
HE2 OMZ C 2 4.60 3.23 7.35
N ASN C 3 2.29 -1.75 7.36
CA ASN C 3 1.59 -2.59 6.39
C ASN C 3 1.48 -1.99 4.98
N GHP C 4 0.69 -0.90 4.93
CA GHP C 4 0.52 -0.26 3.62
C GHP C 4 -0.96 0.15 3.43
O GHP C 4 -1.65 0.56 4.35
C1 GHP C 4 1.41 0.93 3.38
C2 GHP C 4 1.11 1.91 2.38
C3 GHP C 4 1.96 3.06 2.11
C4 GHP C 4 3.12 3.23 2.95
O4 GHP C 4 3.93 4.34 2.82
C5 GHP C 4 3.48 2.28 3.97
C6 GHP C 4 2.59 1.13 4.17
H GHP C 4 0.28 -0.52 5.75
HA GHP C 4 0.77 -1.04 2.89
HC2 GHP C 4 0.19 1.79 1.82
H6 GHP C 4 2.83 0.41 4.93
N GHP C 5 -1.34 0.02 2.14
CA GHP C 5 -2.66 0.42 1.73
C GHP C 5 -2.83 0.29 0.20
O GHP C 5 -2.34 -0.69 -0.35
C1 GHP C 5 -3.84 -0.22 2.39
C2 GHP C 5 -4.76 0.66 3.04
C3 GHP C 5 -6.00 0.20 3.56
C4 GHP C 5 -6.32 -1.19 3.47
O4 GHP C 5 -7.52 -1.65 3.99
C5 GHP C 5 -5.40 -2.12 2.84
C6 GHP C 5 -4.16 -1.63 2.29
H GHP C 5 -0.69 -0.35 1.47
HA GHP C 5 -2.64 1.47 2.01
HC2 GHP C 5 -4.52 1.70 3.11
HO4 GHP C 5 -7.58 -2.59 3.85
H5 GHP C 5 -5.65 -3.16 2.78
H6 GHP C 5 -3.48 -2.31 1.80
N OMY C 6 -3.52 1.23 -0.47
CA OMY C 6 -4.15 2.45 0.07
OCZ OMY C 6 1.73 4.03 1.10
CE2 OMY C 6 0.21 3.72 -0.83
CE1 OMY C 6 -0.65 4.46 1.38
CZ OMY C 6 0.45 4.11 0.53
CG OMY C 6 -2.26 3.89 -0.43
CD2 OMY C 6 -1.16 3.61 -1.31
CD1 OMY C 6 -2.00 4.36 0.90
CB OMY C 6 -3.69 3.62 -0.78
CL OMY C 6 -0.35 4.98 3.00
O OMY C 6 -6.37 1.83 -0.70
C OMY C 6 -5.67 2.24 0.21
ODE OMY C 6 -3.82 3.29 -2.14
H OMY C 6 -3.60 1.10 -1.46
HA OMY C 6 -3.79 2.60 1.08
HE2 OMY C 6 1.02 3.49 -1.50
HD2 OMY C 6 -1.36 3.31 -2.33
HD1 OMY C 6 -2.83 4.59 1.54
HB OMY C 6 -4.30 4.50 -0.57
N 3FG C 7 -6.09 2.57 1.46
OD1 3FG C 7 -6.39 0.10 6.26
CD1 3FG C 7 -7.03 1.12 5.59
CG1 3FG C 7 -6.90 1.22 4.17
CZ 3FG C 7 -7.80 2.08 6.33
CD2 3FG C 7 -8.46 3.15 5.64
OD2 3FG C 7 -9.20 4.07 6.34
CG2 3FG C 7 -8.34 3.25 4.21
CB 3FG C 7 -7.55 2.29 3.45
CA 3FG C 7 -7.44 2.44 1.92
C 3FG C 7 -8.20 3.65 1.35
O 3FG C 7 -9.38 3.51 1.01
OXT 3FG C 7 -7.59 4.72 1.25
H 3FG C 7 -5.42 2.91 2.10
HA 3FG C 7 -7.77 1.52 1.45
HD1 3FG C 7 -6.57 0.17 7.20
HZ 3FG C 7 -7.84 2.00 7.40
HD2 3FG C 7 -9.17 3.87 7.26
HG2 3FG C 7 -8.81 4.06 3.69
N MLU D 1 0.67 0.44 -12.11
CN MLU D 1 1.16 1.81 -11.99
CA MLU D 1 -0.08 0.05 -10.91
C MLU D 1 -1.28 0.99 -10.71
O MLU D 1 -2.16 1.07 -11.53
CB MLU D 1 -0.60 -1.38 -10.99
CG MLU D 1 0.51 -2.42 -11.11
CD1 MLU D 1 1.46 -2.35 -9.92
CD2 MLU D 1 -0.08 -3.82 -11.24
H1 MLU D 1 0.05 0.36 -12.94
H2 MLU D 1 1.48 -0.21 -12.22
HCN1 MLU D 1 0.30 2.47 -11.87
HCN2 MLU D 1 1.80 1.87 -11.12
HCN3 MLU D 1 1.71 2.06 -12.89
HA MLU D 1 0.60 0.15 -10.06
HB2 MLU D 1 -1.27 -1.47 -11.84
HB3 MLU D 1 -1.20 -1.59 -10.11
HG MLU D 1 1.09 -2.20 -12.02
HD11 MLU D 1 1.89 -1.36 -9.82
HD12 MLU D 1 0.93 -2.58 -9.00
HD13 MLU D 1 2.27 -3.07 -10.02
HD21 MLU D 1 -0.67 -4.08 -10.36
HD22 MLU D 1 -0.75 -3.88 -12.11
HD23 MLU D 1 0.71 -4.57 -11.36
N OMZ D 2 -1.24 1.66 -9.54
CA OMZ D 2 -2.34 2.56 -9.23
C OMZ D 2 -3.19 1.96 -8.09
O OMZ D 2 -4.40 2.12 -8.08
CB OMZ D 2 -1.86 4.02 -9.01
OC OMZ D 2 -1.28 4.49 -10.21
CG OMZ D 2 -0.87 4.15 -7.91
CD1 OMZ D 2 -1.19 4.95 -6.75
CD2 OMZ D 2 0.39 3.47 -7.98
CE1 OMZ D 2 -0.27 5.01 -5.65
CL OMZ D 2 -0.67 5.92 -4.24
CE2 OMZ D 2 1.30 3.52 -6.87
CZ OMZ D 2 0.95 4.26 -5.67
OH OMZ D 2 1.71 4.10 -4.52
H OMZ D 2 -0.48 1.53 -8.89
HA OMZ D 2 -2.98 2.53 -10.11
HB OMZ D 2 -2.72 4.65 -8.80
HC OMZ D 2 -1.06 5.40 -10.05
HD1 OMZ D 2 -2.12 5.50 -6.69
HD2 OMZ D 2 0.66 2.91 -8.86
HE2 OMZ D 2 2.24 2.98 -6.91
N ASN D 3 -2.51 1.25 -7.15
CA ASN D 3 -3.35 0.66 -6.11
C ASN D 3 -2.69 0.57 -4.73
N GHP D 4 -1.49 -0.05 -4.70
CA GHP D 4 -0.82 -0.15 -3.40
C GHP D 4 -0.55 -1.62 -3.03
O GHP D 4 -0.52 -2.52 -3.86
C1 GHP D 4 0.46 0.65 -3.35
C2 GHP D 4 1.66 0.20 -2.70
C3 GHP D 4 2.84 1.06 -2.58
C4 GHP D 4 2.79 2.36 -3.19
O4 GHP D 4 3.89 3.19 -3.07
C5 GHP D 4 1.63 2.82 -3.91
C6 GHP D 4 0.47 1.95 -3.94
H GHP D 4 -1.07 -0.41 -5.54
HA GHP D 4 -1.50 0.31 -2.69
HC2 GHP D 4 1.70 -0.81 -2.29
H6 GHP D 4 -0.43 2.30 -4.44
N GHP D 5 -0.37 -1.77 -1.71
CA GHP D 5 -0.03 -3.06 -1.12
C GHP D 5 0.19 -2.89 0.40
O GHP D 5 -0.55 -2.13 1.02
C1 GHP D 5 -0.97 -4.20 -1.34
C2 GHP D 5 -0.41 -5.39 -1.91
C3 GHP D 5 -1.15 -6.59 -2.01
C4 GHP D 5 -2.51 -6.61 -1.58
O4 GHP D 5 -3.25 -7.78 -1.70
C5 GHP D 5 -3.12 -5.43 -1.02
C6 GHP D 5 -2.35 -4.22 -0.89
H GHP D 5 -0.44 -0.97 -1.11
HA GHP D 5 0.90 -3.28 -1.61
HC2 GHP D 5 0.61 -5.37 -2.23
HO4 GHP D 5 -2.71 -8.45 -2.08
H5 GHP D 5 -4.15 -5.45 -0.69
H6 GHP D 5 -2.79 -3.34 -0.46
N OMY D 6 1.16 -3.61 1.02
CA OMY D 6 2.09 -4.56 0.41
OCZ OMY D 6 4.06 0.77 -1.89
CE2 OMY D 6 4.13 -0.43 0.26
CE1 OMY D 6 4.10 -1.65 -1.90
CZ OMY D 6 4.13 -0.42 -1.18
CG OMY D 6 3.86 -2.91 0.23
CD2 OMY D 6 3.98 -1.68 0.97
CD1 OMY D 6 3.97 -2.90 -1.20
CB OMY D 6 3.50 -4.22 0.89
CL OMY D 6 4.16 -1.63 -3.62
O OMY D 6 1.32 -6.43 1.77
C OMY D 6 1.63 -6.01 0.66
ODE OMY D 6 3.52 -4.13 2.29
H OMY D 6 1.25 -3.45 2.00
HA OMY D 6 2.07 -4.43 -0.66
HE2 OMY D 6 4.23 0.51 0.80
HD2 OMY D 6 3.92 -1.69 2.05
HD1 OMY D 6 3.92 -3.82 -1.77
HB OMY D 6 4.18 -5.01 0.57
N 3FG D 7 1.63 -6.72 -0.49
OD1 3FG D 7 -1.97 -7.51 -4.46
CD1 3FG D 7 -0.92 -8.20 -3.87
CG1 3FG D 7 -0.45 -7.79 -2.58
CZ 3FG D 7 -0.32 -9.30 -4.55
CD2 3FG D 7 0.77 -10.01 -3.95
OD2 3FG D 7 1.35 -11.08 -4.60
CG2 3FG D 7 1.25 -9.61 -2.65
CB 3FG D 7 0.64 -8.49 -1.95
CA 3FG D 7 1.19 -8.08 -0.57
C 3FG D 7 2.39 -8.95 -0.08
O 3FG D 7 2.16 -10.06 0.38
OXT 3FG D 7 3.53 -8.48 -0.17
H 3FG D 7 1.93 -6.27 -1.34
HA 3FG D 7 0.38 -8.12 0.15
HD1 3FG D 7 -2.26 -6.82 -3.89
HZ 3FG D 7 -0.68 -9.57 -5.54
HD2 3FG D 7 2.05 -11.44 -4.07
HG2 3FG D 7 2.07 -10.14 -2.21
C2 BGC E . 5.56 5.61 1.67
C3 BGC E . 6.56 5.63 0.51
C4 BGC E . 7.28 4.28 0.41
C5 BGC E . 6.26 3.15 0.40
C6 BGC E . 6.92 1.77 0.44
C1 BGC E . 4.64 4.38 1.61
O2 BGC E . 4.78 6.78 1.65
O3 BGC E . 7.50 6.66 0.76
O4 BGC E . 8.01 4.25 -0.80
O5 BGC E . 5.46 3.23 1.55
O6 BGC E . 7.85 1.70 1.50
H2 BGC E . 6.11 5.58 2.61
H3 BGC E . 6.05 5.85 -0.42
H4 BGC E . 7.97 4.16 1.24
H5 BGC E . 5.64 3.24 -0.50
H61 BGC E . 6.16 1.02 0.61
H62 BGC E . 7.43 1.51 -0.48
H1 BGC E . 3.97 4.41 0.76
HO3 BGC E . 7.19 7.41 0.28
HO4 BGC E . 8.81 3.76 -0.61
HO6 BGC E . 8.20 0.82 1.50
C1 RER E . 5.26 7.76 2.54
C2 RER E . 4.46 9.05 2.43
C3 RER E . 3.03 8.89 2.93
N3 RER E . 2.39 10.21 3.01
C3A RER E . 2.20 8.02 1.99
C4 RER E . 3.11 8.31 4.32
O4 RER E . 1.84 8.12 4.87
C5 RER E . 3.89 6.99 4.29
O5 RER E . 5.20 7.26 3.86
C5A RER E . 3.94 6.31 5.66
H1 RER E . 6.30 7.97 2.29
H21C RER E . 4.45 9.42 1.41
H22C RER E . 4.95 9.83 3.02
HO1 RER E . 2.95 10.82 3.64
H31N RER E . 2.36 10.64 2.06
H32N RER E . 1.43 10.11 3.38
H3A1 RER E . 2.61 7.02 1.90
H3A2 RER E . 2.15 8.45 0.99
H3A3 RER E . 1.17 7.92 2.36
H4 RER E . 3.65 9.02 4.94
HO4 RER E . 1.41 7.43 4.36
H5 RER E . 3.41 6.31 3.59
H5A1 RER E . 4.50 5.37 5.61
H5A2 RER E . 4.42 6.95 6.40
H5A3 RER E . 2.94 6.08 6.02
C2 BGC F . 5.61 4.39 -4.14
C3 BGC F . 6.55 4.47 -5.34
C4 BGC F . 7.08 3.09 -5.69
C5 BGC F . 5.99 2.03 -5.73
C6 BGC F . 6.60 0.66 -5.90
C1 BGC F . 4.59 3.27 -4.29
O2 BGC F . 4.90 5.60 -4.02
O3 BGC F . 7.60 5.33 -5.02
O4 BGC F . 7.68 3.14 -6.96
O5 BGC F . 5.28 2.05 -4.50
O6 BGC F . 7.55 0.41 -4.88
H2 BGC F . 6.19 4.21 -3.22
H3 BGC F . 6.00 4.90 -6.18
H4 BGC F . 7.83 2.77 -4.97
H5 BGC F . 5.29 2.24 -6.54
H61 BGC F . 5.85 -0.11 -5.84
H62 BGC F . 7.11 0.57 -6.87
H1 BGC F . 3.93 3.47 -5.14
HO3 BGC F . 7.83 5.80 -5.81
HO4 BGC F . 8.45 2.58 -6.93
HO6 BGC F . 7.90 -0.46 -5.04
C1 RER F . 5.31 6.40 -2.94
C2 RER F . 5.29 7.85 -3.42
C3 RER F . 3.86 8.34 -3.70
N3 RER F . 3.88 9.79 -3.89
C3A RER F . 3.27 7.69 -4.96
C4 RER F . 2.98 8.01 -2.51
O4 RER F . 1.65 8.34 -2.79
C5 RER F . 3.10 6.53 -2.16
O5 RER F . 4.44 6.24 -1.85
C5A RER F . 2.25 6.17 -0.94
H1 RER F . 6.31 6.10 -2.63
H21C RER F . 5.73 8.48 -2.65
H22C RER F . 5.90 7.98 -4.31
HO1 RER F . 2.91 10.13 -4.07
H31N RER F . 4.49 10.02 -4.72
H32N RER F . 4.26 10.25 -3.05
H3A1 RER F . 3.92 7.86 -5.83
H3A2 RER F . 3.15 6.62 -4.84
H3A3 RER F . 2.30 8.12 -5.19
H4 RER F . 3.29 8.61 -1.64
HO4 RER F . 1.38 7.82 -3.54
H5 RER F . 2.78 5.92 -3.00
H5A1 RER F . 2.42 5.13 -0.67
H5A2 RER F . 2.54 6.78 -0.07
H5A3 RER F . 1.19 6.31 -1.13
C1 RER G . -3.66 4.40 -2.98
C2 RER G . -3.89 3.93 -4.42
C3 RER G . -5.37 3.83 -4.80
N3 RER G . -5.52 3.82 -6.24
C3A RER G . -6.01 2.56 -4.22
C4 RER G . -6.06 5.06 -4.25
O4 RER G . -7.43 5.09 -4.61
C5 RER G . -5.88 5.12 -2.74
O5 RER G . -4.53 5.42 -2.56
C5A RER G . -6.74 6.21 -2.10
H1 RER G . -2.65 4.80 -2.92
H21C RER G . -3.42 2.97 -4.59
H22C RER G . -3.33 4.59 -5.06
HO1 RER G . -6.53 3.78 -6.50
H31N RER G . -5.09 4.68 -6.65
H32N RER G . -5.04 2.98 -6.64
H3A1 RER G . -5.75 2.42 -3.17
H3A2 RER G . -7.09 2.60 -4.30
H3A3 RER G . -5.68 1.67 -4.74
H4 RER G . -5.57 5.92 -4.68
HO4 RER G . -7.83 4.35 -4.19
H5 RER G . -6.09 4.16 -2.28
H5A1 RER G . -6.53 7.18 -2.54
H5A2 RER G . -7.81 6.00 -2.24
H5A3 RER G . -6.55 6.27 -1.02
C1 RER H . 4.80 -4.05 2.86
C2 RER H . 4.63 -3.96 4.38
C3 RER H . 4.04 -5.25 4.95
N3 RER H . 4.12 -5.19 6.40
C3A RER H . 2.56 -5.45 4.56
C4 RER H . 4.86 -6.43 4.45
O4 RER H . 4.28 -7.63 4.87
C5 RER H . 4.96 -6.39 2.92
O5 RER H . 5.56 -5.19 2.53
C5A RER H . 5.77 -7.57 2.37
H1 RER H . 5.32 -3.18 2.47
H21C RER H . 5.60 -3.78 4.83
H22C RER H . 4.00 -3.11 4.64
HO1 RER H . 3.75 -6.08 6.81
H31N RER H . 5.12 -5.08 6.69
H32N RER H . 3.57 -4.39 6.76
H3A1 RER H . 2.11 -6.23 5.15
H3A2 RER H . 1.98 -4.53 4.69
H3A3 RER H . 2.44 -5.72 3.51
H4 RER H . 5.86 -6.38 4.87
HO4 RER H . 4.99 -8.23 5.06
H5 RER H . 3.95 -6.42 2.51
H5A1 RER H . 5.32 -8.52 2.65
H5A2 RER H . 5.83 -7.52 1.29
H5A3 RER H . 6.78 -7.55 2.76
N ALA A 1 -5.72 11.14 -3.89
CA ALA A 1 -6.07 9.87 -3.25
C ALA A 1 -4.83 8.99 -3.09
N FGA A 2 -4.22 9.11 -1.91
CA FGA A 2 -3.06 8.29 -1.70
C FGA A 2 -1.81 9.03 -2.18
O FGA A 2 -1.17 9.71 -1.37
CB FGA A 2 -2.94 7.91 -0.23
CG FGA A 2 -4.24 7.33 0.31
CD FGA A 2 -4.03 6.74 1.71
OE1 FGA A 2 -2.93 6.73 2.25
H FGA A 2 -4.53 9.73 -1.18
HA FGA A 2 -3.21 7.40 -2.30
HB2 FGA A 2 -2.13 7.20 -0.10
HB3 FGA A 2 -2.69 8.81 0.34
HG2 FGA A 2 -5.02 8.09 0.36
HG3 FGA A 2 -4.61 6.54 -0.34
N LYS A 3 -5.18 6.29 2.26
CA LYS A 3 -5.18 5.74 3.60
C LYS A 3 -4.27 4.51 3.71
N DAL A 4 -3.61 4.41 4.87
CA DAL A 4 -2.73 3.27 5.08
CB DAL A 4 -3.50 2.11 5.74
C DAL A 4 -1.57 3.72 5.98
O DAL A 4 -1.56 4.82 6.51
H DAL A 4 -3.72 5.10 5.59
HA DAL A 4 -2.33 2.96 4.11
HB1 DAL A 4 -4.33 1.80 5.11
HB2 DAL A 4 -2.86 1.25 5.91
HB3 DAL A 4 -3.91 2.42 6.70
N DAL A 5 -0.60 2.80 6.10
CA DAL A 5 0.53 3.16 6.93
CB DAL A 5 1.37 4.24 6.26
C DAL A 5 1.37 1.93 7.27
O DAL A 5 1.33 0.96 6.52
OXT DAL A 5 2.05 1.97 8.29
H DAL A 5 -0.66 1.89 5.67
HA DAL A 5 0.09 3.54 7.85
HB1 DAL A 5 0.77 5.12 6.03
HB2 DAL A 5 2.20 4.54 6.91
HB3 DAL A 5 1.79 3.87 5.32
N ALA B 1 11.61 -4.55 -1.47
CA ALA B 1 10.99 -4.04 -0.25
C ALA B 1 9.73 -4.81 0.10
N FGA B 2 9.10 -4.23 1.13
CA FGA B 2 7.85 -4.70 1.65
C FGA B 2 7.57 -3.93 2.95
O FGA B 2 7.44 -2.71 2.89
CB FGA B 2 6.80 -4.44 0.59
CG FGA B 2 6.43 -5.69 -0.24
CD FGA B 2 5.92 -5.39 -1.65
OE1 FGA B 2 6.02 -4.30 -2.19
H FGA B 2 9.52 -3.43 1.54
HA FGA B 2 7.91 -5.76 1.85
HB2 FGA B 2 5.95 -4.10 1.15
HB3 FGA B 2 7.12 -3.62 -0.06
HG2 FGA B 2 7.27 -6.34 -0.36
HG3 FGA B 2 5.68 -6.29 0.27
N LYS B 3 5.38 -6.51 -2.19
CA LYS B 3 4.73 -6.52 -3.47
C LYS B 3 3.53 -5.57 -3.51
N DAL B 4 3.25 -5.08 -4.73
CA DAL B 4 2.13 -4.18 -4.86
CB DAL B 4 0.87 -4.97 -5.27
C DAL B 4 2.46 -3.11 -5.91
O DAL B 4 3.48 -3.15 -6.58
H DAL B 4 3.80 -5.35 -5.53
HA DAL B 4 1.97 -3.69 -3.90
HB1 DAL B 4 0.64 -5.73 -4.53
HB2 DAL B 4 0.01 -4.31 -5.37
HB3 DAL B 4 1.02 -5.46 -6.23
N DAL B 5 1.52 -2.15 -6.00
CA DAL B 5 1.72 -1.08 -6.93
CB DAL B 5 2.87 -0.18 -6.50
C DAL B 5 0.42 -0.27 -7.07
O DAL B 5 0.30 0.76 -6.43
OXT DAL B 5 -0.46 -0.70 -7.83
H DAL B 5 0.68 -2.18 -5.45
HA DAL B 5 1.94 -1.56 -7.89
HB1 DAL B 5 3.79 -0.76 -6.40
HB2 DAL B 5 3.04 0.61 -7.23
HB3 DAL B 5 2.66 0.29 -5.54
N MLU C 1 2.13 1.83 12.58
CN MLU C 1 3.58 2.04 12.67
CA MLU C 1 1.80 1.30 11.27
C MLU C 1 2.57 0.01 11.01
O MLU C 1 2.99 -0.68 11.93
CB MLU C 1 0.30 1.03 11.11
CG MLU C 1 -0.55 2.20 11.56
CD1 MLU C 1 -0.35 3.43 10.67
CD2 MLU C 1 -2.04 1.80 11.56
H1 MLU C 1 1.84 1.16 13.31
H2 MLU C 1 1.65 2.74 12.72
HCN1 MLU C 1 4.09 1.09 12.52
HCN2 MLU C 1 3.88 2.75 11.90
HCN3 MLU C 1 3.82 2.44 13.66
HA MLU C 1 2.11 2.05 10.53
HB2 MLU C 1 0.05 0.15 11.69
HB3 MLU C 1 0.08 0.79 10.07
HG MLU C 1 -0.28 2.46 12.58
HD11 MLU C 1 0.71 3.71 10.65
HD12 MLU C 1 -0.66 3.23 9.66
HD13 MLU C 1 -0.92 4.28 11.04
HD21 MLU C 1 -2.66 2.62 11.90
HD22 MLU C 1 -2.36 1.53 10.55
HD23 MLU C 1 -2.20 0.94 12.20
N OMZ C 2 2.72 -0.29 9.71
CA OMZ C 2 3.44 -1.50 9.38
C OMZ C 2 2.65 -2.33 8.33
O OMZ C 2 2.60 -3.55 8.43
CB OMZ C 2 4.88 -1.19 8.99
OC OMZ C 2 5.57 -0.68 10.11
CG OMZ C 2 4.97 -0.18 7.89
CD1 OMZ C 2 5.23 -0.61 6.54
CD2 OMZ C 2 4.71 1.22 8.17
CE1 OMZ C 2 5.19 0.35 5.48
CL OMZ C 2 5.47 -0.16 3.85
CE2 OMZ C 2 4.67 2.16 7.08
CZ OMZ C 2 4.86 1.72 5.73
OH OMZ C 2 4.59 2.57 4.65
H OMZ C 2 2.35 0.31 8.99
HA OMZ C 2 3.44 -2.10 10.29
HB OMZ C 2 5.41 -2.10 8.69
HC OMZ C 2 5.20 0.18 10.28
HD1 OMZ C 2 5.46 -1.64 6.34
HD2 OMZ C 2 4.52 1.55 9.18
HE2 OMZ C 2 4.44 3.20 7.29
N ASN C 3 2.03 -1.63 7.34
CA ASN C 3 1.26 -2.46 6.41
C ASN C 3 1.28 -1.96 4.95
N GHP C 4 0.57 -0.84 4.78
CA GHP C 4 0.47 -0.25 3.45
C GHP C 4 -0.99 0.17 3.20
O GHP C 4 -1.70 0.62 4.08
C1 GHP C 4 1.37 0.96 3.24
C2 GHP C 4 1.09 1.94 2.23
C3 GHP C 4 1.93 3.10 2.01
C4 GHP C 4 3.10 3.26 2.86
O4 GHP C 4 3.92 4.35 2.75
C5 GHP C 4 3.42 2.29 3.87
C6 GHP C 4 2.54 1.14 4.03
H GHP C 4 0.17 -0.41 5.59
HA GHP C 4 0.75 -1.04 2.76
HC2 GHP C 4 0.17 1.84 1.68
H6 GHP C 4 2.76 0.41 4.80
N GHP C 5 -1.34 0.00 1.91
CA GHP C 5 -2.65 0.42 1.50
C GHP C 5 -2.80 0.36 -0.03
O GHP C 5 -2.30 -0.55 -0.65
C1 GHP C 5 -3.83 -0.28 2.11
C2 GHP C 5 -4.75 0.52 2.83
C3 GHP C 5 -5.99 0.03 3.31
C4 GHP C 5 -6.30 -1.36 3.12
O4 GHP C 5 -7.49 -1.86 3.60
C5 GHP C 5 -5.38 -2.22 2.41
C6 GHP C 5 -4.13 -1.68 1.90
H GHP C 5 -0.70 -0.39 1.26
HA GHP C 5 -2.65 1.44 1.84
HC2 GHP C 5 -4.52 1.58 2.98
HO4 GHP C 5 -7.97 -1.18 4.02
H5 GHP C 5 -5.60 -3.26 2.26
H6 GHP C 5 -3.45 -2.31 1.35
N OMY C 6 -3.52 1.35 -0.65
CA OMY C 6 -4.18 2.51 -0.05
OCZ OMY C 6 1.71 4.08 1.00
CE2 OMY C 6 0.16 3.80 -0.93
CE1 OMY C 6 -0.66 4.54 1.30
CZ OMY C 6 0.43 4.18 0.44
CG OMY C 6 -2.30 4.00 -0.50
CD2 OMY C 6 -1.21 3.71 -1.39
CD1 OMY C 6 -2.02 4.46 0.84
CB OMY C 6 -3.75 3.74 -0.84
CL OMY C 6 -0.34 5.05 2.92
O OMY C 6 -6.39 1.92 -0.87
C OMY C 6 -5.70 2.27 0.08
ODE OMY C 6 -3.93 3.55 -2.22
H OMY C 6 -3.59 1.28 -1.65
HA OMY C 6 -3.82 2.62 0.96
HE2 OMY C 6 0.98 3.56 -1.59
HD2 OMY C 6 -1.41 3.39 -2.40
HD1 OMY C 6 -2.82 4.70 1.50
HB OMY C 6 -4.34 4.59 -0.51
N 3FG C 7 -6.12 2.49 1.34
OD1 3FG C 7 -6.33 -0.20 6.02
CD1 3FG C 7 -7.01 0.82 5.39
CG1 3FG C 7 -6.90 0.98 3.98
CZ 3FG C 7 -7.82 1.71 6.17
CD2 3FG C 7 -8.54 2.77 5.52
OD2 3FG C 7 -9.33 3.62 6.27
CG2 3FG C 7 -8.43 2.94 4.10
CB 3FG C 7 -7.60 2.05 3.31
CA 3FG C 7 -7.48 2.28 1.79
C 3FG C 7 -8.29 3.49 1.26
O 3FG C 7 -9.49 3.35 1.04
OXT 3FG C 7 -7.70 4.56 1.09
H 3FG C 7 -5.45 2.78 2.02
HA 3FG C 7 -7.78 1.38 1.27
HD1 3FG C 7 -5.84 -0.69 5.38
HZ 3FG C 7 -7.86 1.58 7.24
HD2 3FG C 7 -9.73 4.27 5.70
HG2 3FG C 7 -8.97 3.75 3.63
N MLU D 1 0.38 0.17 -12.21
CN MLU D 1 0.97 1.51 -12.22
CA MLU D 1 -0.30 -0.06 -10.94
C MLU D 1 -1.39 0.97 -10.70
O MLU D 1 -2.27 1.19 -11.54
CB MLU D 1 -0.93 -1.45 -10.87
CG MLU D 1 0.09 -2.59 -10.99
CD1 MLU D 1 1.11 -2.52 -9.86
CD2 MLU D 1 -0.62 -3.93 -11.00
H1 MLU D 1 -0.32 0.10 -12.98
H2 MLU D 1 1.12 -0.54 -12.35
HCN1 MLU D 1 1.47 1.66 -13.19
HCN2 MLU D 1 0.19 2.24 -12.09
HCN3 MLU D 1 1.70 1.58 -11.41
HA MLU D 1 0.45 0.03 -10.15
HB2 MLU D 1 -1.68 -1.55 -11.67
HB3 MLU D 1 -1.48 -1.55 -9.93
HG MLU D 1 0.63 -2.46 -11.93
HD11 MLU D 1 1.85 -3.30 -9.96
HD12 MLU D 1 0.61 -2.64 -8.89
HD13 MLU D 1 1.62 -1.55 -9.85
HD21 MLU D 1 -1.33 -4.00 -11.83
HD22 MLU D 1 0.10 -4.75 -11.11
HD23 MLU D 1 -1.16 -4.09 -10.07
N OMZ D 2 -1.29 1.59 -9.51
CA OMZ D 2 -2.30 2.59 -9.16
C OMZ D 2 -3.07 2.14 -7.90
O OMZ D 2 -4.24 2.49 -7.73
CB OMZ D 2 -1.69 3.99 -9.07
OC OMZ D 2 -1.05 4.32 -10.29
CG OMZ D 2 -0.70 4.10 -7.96
CD1 OMZ D 2 -0.95 5.00 -6.86
CD2 OMZ D 2 0.48 3.28 -7.96
CE1 OMZ D 2 -0.05 5.01 -5.74
CL OMZ D 2 -0.36 6.05 -4.40
CE2 OMZ D 2 1.37 3.30 -6.83
CZ OMZ D 2 1.08 4.13 -5.70
OH OMZ D 2 1.83 3.99 -4.53
H OMZ D 2 -0.57 1.36 -8.87
HA OMZ D 2 -3.02 2.56 -9.98
HB OMZ D 2 -2.48 4.73 -8.92
HC OMZ D 2 -0.28 3.76 -10.34
HD1 OMZ D 2 -1.82 5.64 -6.86
HD2 OMZ D 2 0.71 2.63 -8.79
HE2 OMZ D 2 2.24 2.65 -6.82
N ASN D 3 -2.40 1.37 -7.02
CA ASN D 3 -3.17 0.92 -5.86
C ASN D 3 -2.38 0.89 -4.54
N GHP D 4 -1.47 -0.09 -4.47
CA GHP D 4 -0.72 -0.23 -3.23
C GHP D 4 -0.39 -1.69 -2.92
O GHP D 4 -0.24 -2.55 -3.80
C1 GHP D 4 0.55 0.62 -3.18
C2 GHP D 4 1.70 0.25 -2.42
C3 GHP D 4 2.87 1.11 -2.31
C4 GHP D 4 2.86 2.35 -3.04
O4 GHP D 4 3.94 3.19 -2.96
C5 GHP D 4 1.73 2.75 -3.85
C6 GHP D 4 0.57 1.86 -3.89
H GHP D 4 -1.26 -0.65 -5.29
HA GHP D 4 -1.39 0.16 -2.47
HC2 GHP D 4 1.70 -0.71 -1.91
H6 GHP D 4 -0.29 2.13 -4.48
N GHP D 5 -0.30 -1.90 -1.59
CA GHP D 5 0.06 -3.20 -1.05
C GHP D 5 0.20 -3.10 0.47
O GHP D 5 -0.57 -2.41 1.10
C1 GHP D 5 -0.85 -4.36 -1.35
C2 GHP D 5 -0.26 -5.49 -1.99
C3 GHP D 5 -0.96 -6.70 -2.18
C4 GHP D 5 -2.32 -6.78 -1.77
O4 GHP D 5 -3.04 -7.95 -1.96
C5 GHP D 5 -2.97 -5.65 -1.14
C6 GHP D 5 -2.23 -4.43 -0.92
H GHP D 5 -0.46 -1.14 -0.97
HA GHP D 5 1.04 -3.39 -1.49
HC2 GHP D 5 0.77 -5.42 -2.32
HO4 GHP D 5 -3.92 -7.85 -1.62
H5 GHP D 5 -4.00 -5.72 -0.81
H6 GHP D 5 -2.69 -3.60 -0.43
N OMY D 6 1.20 -3.81 1.08
CA OMY D 6 2.21 -4.70 0.48
OCZ OMY D 6 4.04 0.86 -1.53
CE2 OMY D 6 4.06 -0.43 0.59
CE1 OMY D 6 4.16 -1.57 -1.61
CZ OMY D 6 4.13 -0.35 -0.84
CG OMY D 6 3.88 -2.92 0.47
CD2 OMY D 6 3.92 -1.70 1.25
CD1 OMY D 6 4.06 -2.84 -0.95
CB OMY D 6 3.54 -4.26 1.07
CL OMY D 6 4.31 -1.50 -3.32
O OMY D 6 1.57 -6.69 1.74
C OMY D 6 1.82 -6.18 0.65
ODE OMY D 6 3.45 -4.18 2.48
H OMY D 6 1.23 -3.69 2.07
HA OMY D 6 2.28 -4.54 -0.59
HE2 OMY D 6 4.12 0.50 1.15
HD2 OMY D 6 3.82 -1.75 2.32
HD1 OMY D 6 4.06 -3.76 -1.52
HB OMY D 6 4.27 -5.01 0.79
N 3FG D 7 1.77 -6.81 -0.56
OD1 3FG D 7 -1.71 -7.51 -4.70
CD1 3FG D 7 -0.63 -8.16 -4.13
CG1 3FG D 7 -0.22 -7.82 -2.81
CZ 3FG D 7 0.07 -9.16 -4.88
CD2 3FG D 7 1.19 -9.83 -4.31
OD2 3FG D 7 1.88 -10.79 -5.03
CG2 3FG D 7 1.60 -9.50 -2.98
CB 3FG D 7 0.91 -8.49 -2.20
CA 3FG D 7 1.37 -8.18 -0.76
C 3FG D 7 2.54 -9.05 -0.28
O 3FG D 7 2.29 -10.05 0.40
OXT 3FG D 7 3.68 -8.72 -0.60
H 3FG D 7 2.02 -6.28 -1.36
HA 3FG D 7 0.53 -8.30 -0.09
HD1 3FG D 7 -2.06 -6.88 -4.09
HZ 3FG D 7 -0.25 -9.38 -5.89
HD2 3FG D 7 1.47 -10.88 -5.89
HG2 3FG D 7 2.47 -9.99 -2.55
C2 BGC E . 5.48 5.65 1.53
C3 BGC E . 6.39 5.69 0.30
C4 BGC E . 7.07 4.34 0.07
C5 BGC E . 6.06 3.21 0.17
C6 BGC E . 6.73 1.83 0.10
C1 BGC E . 4.58 4.42 1.52
O2 BGC E . 4.68 6.82 1.56
O3 BGC E . 7.36 6.70 0.49
O4 BGC E . 7.64 4.32 -1.21
O5 BGC E . 5.41 3.28 1.42
O6 BGC E . 7.95 1.81 0.79
H2 BGC E . 6.09 5.62 2.42
H3 BGC E . 5.81 5.96 -0.58
H4 BGC E . 7.88 4.20 0.80
H5 BGC E . 5.33 3.28 -0.62
H61 BGC E . 6.06 1.11 0.55
H62 BGC E . 6.88 1.52 -0.93
H1 BGC E . 3.86 4.44 0.70
HO3 BGC E . 7.52 7.09 -0.36
HO4 BGC E . 8.55 4.58 -1.12
HO6 BGC E . 8.28 0.93 0.72
C1 RER E . 5.25 7.80 2.39
C2 RER E . 4.42 9.10 2.32
C3 RER E . 3.05 8.95 2.97
N3 RER E . 2.44 10.27 3.14
C3A RER E . 2.12 8.11 2.08
C4 RER E . 3.20 8.30 4.35
O4 RER E . 1.93 8.03 4.88
C5 RER E . 4.00 7.00 4.21
O5 RER E . 5.28 7.33 3.72
C5A RER E . 4.14 6.26 5.54
H1 RER E . 6.26 8.00 2.06
H21C RER E . 4.96 9.88 2.83
H22C RER E . 4.31 9.42 1.28
HO1 RER E . 1.51 10.17 3.58
H31N RER E . 2.35 10.72 2.20
H32N RER E . 3.06 10.85 3.74
H3A1 RER E . 1.99 8.58 1.10
H3A2 RER E . 2.54 7.11 1.93
H3A3 RER E . 1.14 7.99 2.54
H4 RER E . 3.71 8.98 5.02
HO4 RER E . 2.00 8.17 5.82
H5 RER E . 3.50 6.36 3.49
H5A1 RER E . 3.16 6.00 5.94
H5A2 RER E . 4.70 5.34 5.41
H5A3 RER E . 4.65 6.87 6.28
C2 BGC F . 5.57 4.47 -4.11
C3 BGC F . 6.47 4.54 -5.34
C4 BGC F . 7.05 3.17 -5.68
C5 BGC F . 5.98 2.10 -5.67
C6 BGC F . 6.62 0.73 -5.86
C1 BGC F . 4.60 3.31 -4.20
O2 BGC F . 4.83 5.66 -4.02
O3 BGC F . 7.51 5.45 -5.08
O4 BGC F . 7.63 3.22 -6.96
O5 BGC F . 5.32 2.11 -4.43
O6 BGC F . 7.59 0.50 -4.88
H2 BGC F . 6.19 4.34 -3.21
H3 BGC F . 5.90 4.93 -6.19
H4 BGC F . 7.81 2.88 -4.96
H5 BGC F . 5.25 2.28 -6.46
H61 BGC F . 5.87 -0.05 -5.77
H62 BGC F . 7.09 0.65 -6.84
H1 BGC F . 3.90 3.48 -5.02
HO3 BGC F . 7.69 5.90 -5.90
HO4 BGC F . 8.55 3.41 -6.83
HO6 BGC F . 7.95 -0.36 -5.04
C1 RER F . 5.20 6.52 -2.97
C2 RER F . 5.37 7.94 -3.52
C3 RER F . 4.04 8.53 -3.98
N3 RER F . 4.21 9.96 -4.25
C3A RER F . 3.55 7.86 -5.28
C4 RER F . 2.99 8.35 -2.88
O4 RER F . 1.74 8.77 -3.35
C5 RER F . 2.93 6.89 -2.43
O5 RER F . 4.21 6.52 -1.97
C5A RER F . 1.94 6.70 -1.29
H1 RER F . 6.14 6.18 -2.53
H21C RER F . 5.78 8.58 -2.74
H22C RER F . 6.09 7.95 -4.34
HO1 RER F . 4.53 10.43 -3.38
H31N RER F . 4.93 10.08 -5.00
H32N RER F . 3.31 10.36 -4.56
H3A1 RER F . 3.32 6.80 -5.11
H3A2 RER F . 2.65 8.34 -5.65
H3A3 RER F . 4.31 7.91 -6.06
H4 RER F . 3.25 8.99 -2.03
HO4 RER F . 1.63 9.67 -3.10
H5 RER F . 2.67 6.26 -3.27
H5A1 RER F . 2.21 7.32 -0.43
H5A2 RER F . 1.91 5.67 -0.95
H5A3 RER F . 0.93 6.98 -1.60
C1 RER G . -3.78 4.74 -2.95
C2 RER G . -4.11 4.54 -4.43
C3 RER G . -5.60 4.39 -4.70
N3 RER G . -5.86 4.55 -6.12
C3A RER G . -6.10 3.01 -4.27
C4 RER G . -6.34 5.48 -3.92
O4 RER G . -7.73 5.35 -4.10
C5 RER G . -5.98 5.39 -2.45
O5 RER G . -4.61 5.72 -2.38
C5A RER G . -6.79 6.36 -1.60
H1 RER G . -2.74 5.06 -2.85
H21C RER G . -3.75 5.41 -4.99
H22C RER G . -3.56 3.68 -4.83
HO1 RER G . -6.88 4.47 -6.30
H31N RER G . -5.35 3.82 -6.65
H32N RER G . -5.53 5.50 -6.42
H3A1 RER G . -7.19 2.95 -4.33
H3A2 RER G . -5.69 2.23 -4.91
H3A3 RER G . -5.81 2.78 -3.24
H4 RER G . -6.03 6.46 -4.29
HO4 RER G . -7.96 5.92 -4.82
H5 RER G . -6.11 4.37 -2.10
H5A1 RER G . -7.86 6.18 -1.73
H5A2 RER G . -6.56 6.25 -0.54
H5A3 RER G . -6.59 7.39 -1.87
C1 RER H . 4.69 -4.14 3.14
C2 RER H . 4.40 -4.05 4.64
C3 RER H . 3.77 -5.32 5.22
N3 RER H . 3.85 -5.26 6.67
C3A RER H . 2.30 -5.50 4.82
C4 RER H . 4.57 -6.53 4.73
O4 RER H . 3.93 -7.71 5.15
C5 RER H . 4.71 -6.49 3.22
O5 RER H . 5.41 -5.33 2.87
C5A RER H . 5.46 -7.72 2.71
H1 RER H . 5.28 -3.28 2.80
H21C RER H . 5.35 -3.86 5.16
H22C RER H . 3.76 -3.19 4.85
HO1 RER H . 4.84 -5.17 6.97
H31N RER H . 3.45 -6.13 7.08
H32N RER H . 3.31 -4.44 7.01
H3A1 RER H . 1.75 -4.57 4.85
H3A2 RER H . 2.18 -5.90 3.82
H3A3 RER H . 1.80 -6.20 5.50
H4 RER H . 5.56 -6.52 5.20
HO4 RER H . 3.07 -7.71 4.74
H5 RER H . 3.72 -6.44 2.76
H5A1 RER H . 4.97 -8.64 3.02
H5A2 RER H . 5.54 -7.73 1.63
H5A3 RER H . 6.48 -7.74 3.12
N ALA A 1 -5.47 11.12 -4.11
CA ALA A 1 -5.85 9.91 -3.39
C ALA A 1 -4.66 8.97 -3.23
N FGA A 2 -4.04 9.10 -2.04
CA FGA A 2 -2.91 8.22 -1.82
C FGA A 2 -1.64 8.88 -2.35
O FGA A 2 -1.62 10.11 -2.49
CB FGA A 2 -2.79 7.90 -0.34
CG FGA A 2 -4.10 7.37 0.24
CD FGA A 2 -3.89 6.85 1.66
OE1 FGA A 2 -2.79 6.81 2.19
H FGA A 2 -4.33 9.74 -1.33
HA FGA A 2 -3.12 7.32 -2.40
HB2 FGA A 2 -1.99 7.17 -0.19
HB3 FGA A 2 -2.50 8.80 0.20
HG2 FGA A 2 -4.85 8.15 0.24
HG3 FGA A 2 -4.49 6.55 -0.37
N LYS A 3 -5.05 6.48 2.24
CA LYS A 3 -5.05 6.00 3.61
C LYS A 3 -4.20 4.72 3.75
N DAL A 4 -3.48 4.65 4.88
CA DAL A 4 -2.69 3.43 5.04
CB DAL A 4 -3.59 2.33 5.61
C DAL A 4 -1.51 3.69 5.99
O DAL A 4 -1.32 4.80 6.50
H DAL A 4 -3.49 5.37 5.56
HA DAL A 4 -2.29 3.14 4.07
HB1 DAL A 4 -4.43 2.13 4.94
HB2 DAL A 4 -3.03 1.40 5.73
HB3 DAL A 4 -3.99 2.61 6.58
N DAL A 5 -0.75 2.60 6.17
CA DAL A 5 0.40 2.67 7.03
CB DAL A 5 1.41 3.70 6.51
C DAL A 5 1.04 1.28 7.14
O DAL A 5 2.23 1.16 6.87
OXT DAL A 5 0.33 0.34 7.49
H DAL A 5 -1.00 1.74 5.72
HA DAL A 5 0.02 2.97 8.01
HB1 DAL A 5 0.94 4.69 6.43
HB2 DAL A 5 2.27 3.77 7.17
HB3 DAL A 5 1.76 3.41 5.51
N ALA B 1 11.56 -4.38 -1.73
CA ALA B 1 10.97 -3.88 -0.49
C ALA B 1 9.75 -4.69 -0.08
N FGA B 2 9.14 -4.12 0.96
CA FGA B 2 7.93 -4.64 1.53
C FGA B 2 7.67 -3.87 2.83
O FGA B 2 7.49 -2.66 2.77
CB FGA B 2 6.83 -4.42 0.51
CG FGA B 2 6.46 -5.67 -0.30
CD FGA B 2 5.95 -5.39 -1.71
OE1 FGA B 2 6.03 -4.30 -2.26
H FGA B 2 9.55 -3.30 1.35
HA FGA B 2 8.04 -5.69 1.74
HB2 FGA B 2 6.00 -4.10 1.09
HB3 FGA B 2 7.10 -3.59 -0.15
HG2 FGA B 2 7.31 -6.32 -0.42
HG3 FGA B 2 5.73 -6.27 0.22
N LYS B 3 5.42 -6.51 -2.25
CA LYS B 3 4.75 -6.49 -3.53
C LYS B 3 3.54 -5.55 -3.53
N DAL B 4 3.24 -5.07 -4.75
CA DAL B 4 2.10 -4.17 -4.86
CB DAL B 4 0.84 -4.97 -5.24
C DAL B 4 2.40 -3.10 -5.91
O DAL B 4 3.42 -3.14 -6.59
H DAL B 4 3.76 -5.33 -5.55
HA DAL B 4 1.96 -3.69 -3.88
HB1 DAL B 4 0.62 -5.74 -4.49
HB2 DAL B 4 -0.02 -4.32 -5.32
HB3 DAL B 4 0.98 -5.47 -6.20
N DAL B 5 1.46 -2.15 -5.97
CA DAL B 5 1.62 -1.07 -6.91
CB DAL B 5 2.77 -0.16 -6.49
C DAL B 5 0.32 -0.28 -7.03
O DAL B 5 -0.57 -0.74 -7.76
OXT DAL B 5 0.20 0.77 -6.41
H DAL B 5 0.63 -2.20 -5.41
HA DAL B 5 1.85 -1.55 -7.86
HB1 DAL B 5 3.70 -0.72 -6.41
HB2 DAL B 5 2.93 0.64 -7.22
HB3 DAL B 5 2.56 0.31 -5.52
N MLU C 1 1.60 1.75 12.19
CN MLU C 1 3.01 2.08 12.11
CA MLU C 1 1.17 1.06 10.98
C MLU C 1 1.97 -0.23 10.78
O MLU C 1 1.91 -1.17 11.58
CB MLU C 1 -0.31 0.68 11.02
CG MLU C 1 -1.22 1.88 11.27
CD1 MLU C 1 -1.14 2.89 10.13
CD2 MLU C 1 -2.66 1.42 11.47
H1 MLU C 1 1.43 1.12 13.01
H2 MLU C 1 1.03 2.62 12.30
HCN1 MLU C 1 3.30 2.60 13.03
HCN2 MLU C 1 3.58 1.17 12.00
HCN3 MLU C 1 3.17 2.73 11.26
HA MLU C 1 1.36 1.72 10.14
HB2 MLU C 1 -0.47 -0.07 11.80
HB3 MLU C 1 -0.59 0.20 10.07
HG MLU C 1 -0.88 2.37 12.18
HD11 MLU C 1 -0.10 3.23 9.97
HD12 MLU C 1 -1.49 2.45 9.19
HD13 MLU C 1 -1.75 3.76 10.33
HD21 MLU C 1 -3.31 2.27 11.68
HD22 MLU C 1 -3.04 0.92 10.58
HD23 MLU C 1 -2.74 0.72 12.30
N OMZ C 2 2.74 -0.23 9.68
CA OMZ C 2 3.52 -1.43 9.41
C OMZ C 2 2.82 -2.30 8.35
O OMZ C 2 2.82 -3.51 8.46
CB OMZ C 2 4.99 -1.08 9.07
OC OMZ C 2 5.61 -0.51 10.19
CG OMZ C 2 5.05 -0.09 7.94
CD1 OMZ C 2 5.28 -0.56 6.59
CD2 OMZ C 2 4.84 1.31 8.19
CE1 OMZ C 2 5.21 0.38 5.51
CL OMZ C 2 5.44 -0.19 3.89
CE2 OMZ C 2 4.78 2.24 7.09
CZ OMZ C 2 4.91 1.76 5.74
OH OMZ C 2 4.63 2.58 4.65
H OMZ C 2 2.75 0.55 9.05
HA OMZ C 2 3.52 -2.00 10.34
HB OMZ C 2 5.54 -1.97 8.79
HC OMZ C 2 5.21 0.32 10.34
HD1 OMZ C 2 5.47 -1.61 6.40
HD2 OMZ C 2 4.70 1.66 9.20
HE2 OMZ C 2 4.59 3.28 7.27
N ASN C 3 2.20 -1.65 7.34
CA ASN C 3 1.51 -2.52 6.39
C ASN C 3 1.42 -1.96 4.95
N GHP C 4 0.65 -0.86 4.85
CA GHP C 4 0.50 -0.26 3.52
C GHP C 4 -0.96 0.15 3.28
O GHP C 4 -1.69 0.54 4.18
C1 GHP C 4 1.40 0.95 3.29
C2 GHP C 4 1.09 1.93 2.28
C3 GHP C 4 1.95 3.09 2.04
C4 GHP C 4 3.11 3.25 2.88
O4 GHP C 4 3.93 4.36 2.76
C5 GHP C 4 3.45 2.29 3.90
C6 GHP C 4 2.57 1.14 4.08
H GHP C 4 0.23 -0.44 5.66
HA GHP C 4 0.79 -1.04 2.82
HC2 GHP C 4 0.18 1.83 1.72
H6 GHP C 4 2.79 0.41 4.83
N GHP C 5 -1.32 0.01 1.99
CA GHP C 5 -2.64 0.44 1.57
C GHP C 5 -2.79 0.36 0.04
O GHP C 5 -2.29 -0.58 -0.56
C1 GHP C 5 -3.82 -0.22 2.21
C2 GHP C 5 -4.74 0.63 2.90
C3 GHP C 5 -5.98 0.17 3.39
C4 GHP C 5 -6.30 -1.23 3.25
O4 GHP C 5 -7.49 -1.71 3.76
C5 GHP C 5 -5.39 -2.12 2.59
C6 GHP C 5 -4.15 -1.62 2.06
H GHP C 5 -0.67 -0.34 1.32
HA GHP C 5 -2.62 1.48 1.89
HC2 GHP C 5 -4.50 1.68 3.00
HO4 GHP C 5 -7.97 -0.99 4.16
H5 GHP C 5 -5.64 -3.18 2.48
H6 GHP C 5 -3.47 -2.28 1.54
N OMY C 6 -3.50 1.35 -0.59
CA OMY C 6 -4.15 2.51 0.00
OCZ OMY C 6 1.72 4.06 1.03
CE2 OMY C 6 0.17 3.79 -0.90
CE1 OMY C 6 -0.65 4.54 1.32
CZ OMY C 6 0.44 4.17 0.47
CG OMY C 6 -2.28 4.00 -0.48
CD2 OMY C 6 -1.19 3.70 -1.37
CD1 OMY C 6 -2.00 4.47 0.85
CB OMY C 6 -3.73 3.74 -0.82
CL OMY C 6 -0.34 5.05 2.94
O OMY C 6 -6.36 1.87 -0.77
C OMY C 6 -5.67 2.29 0.14
ODE OMY C 6 -3.91 3.51 -2.20
H OMY C 6 -3.57 1.25 -1.58
HA OMY C 6 -3.78 2.64 1.00
HE2 OMY C 6 0.99 3.54 -1.55
HD2 OMY C 6 -1.39 3.39 -2.39
HD1 OMY C 6 -2.81 4.72 1.51
HB OMY C 6 -4.33 4.58 -0.51
N 3FG C 7 -6.08 2.60 1.39
OD1 3FG C 7 -6.37 -0.05 6.11
CD1 3FG C 7 -7.00 0.99 5.47
CG1 3FG C 7 -6.87 1.15 4.06
CZ 3FG C 7 -7.78 1.91 6.24
CD2 3FG C 7 -8.46 3.00 5.58
OD2 3FG C 7 -9.21 3.89 6.33
CG2 3FG C 7 -8.33 3.16 4.17
CB 3FG C 7 -7.54 2.24 3.38
CA 3FG C 7 -7.44 2.44 1.85
C 3FG C 7 -8.21 3.67 1.33
O 3FG C 7 -9.38 3.53 1.00
OXT 3FG C 7 -7.61 4.74 1.24
H 3FG C 7 -5.41 2.96 2.04
HA 3FG C 7 -7.75 1.53 1.35
HD1 3FG C 7 -6.54 -0.01 7.04
HZ 3FG C 7 -7.84 1.80 7.31
HD2 3FG C 7 -9.19 3.64 7.24
HG2 3FG C 7 -8.82 4.00 3.68
N MLU D 1 0.32 0.13 -12.19
CN MLU D 1 0.92 1.46 -12.21
CA MLU D 1 -0.35 -0.11 -10.91
C MLU D 1 -1.46 0.93 -10.67
O MLU D 1 -2.32 1.14 -11.50
CB MLU D 1 -0.99 -1.50 -10.84
CG MLU D 1 0.03 -2.63 -10.96
CD1 MLU D 1 1.06 -2.57 -9.83
CD2 MLU D 1 -0.67 -3.99 -10.97
H1 MLU D 1 -0.37 0.05 -12.96
H2 MLU D 1 1.06 -0.59 -12.32
HCN1 MLU D 1 1.41 1.61 -13.16
HCN2 MLU D 1 0.13 2.20 -12.06
HCN3 MLU D 1 1.64 1.53 -11.40
HA MLU D 1 0.40 -0.02 -10.12
HB2 MLU D 1 -1.72 -1.60 -11.65
HB3 MLU D 1 -1.53 -1.60 -9.91
HG MLU D 1 0.56 -2.51 -11.91
HD11 MLU D 1 0.56 -2.69 -8.87
HD12 MLU D 1 1.80 -3.34 -9.94
HD13 MLU D 1 1.57 -1.60 -9.83
HD21 MLU D 1 0.05 -4.79 -11.08
HD22 MLU D 1 -1.21 -4.14 -10.04
HD23 MLU D 1 -1.38 -4.05 -11.79
N OMZ D 2 -1.35 1.55 -9.49
CA OMZ D 2 -2.35 2.54 -9.14
C OMZ D 2 -3.12 2.11 -7.87
O OMZ D 2 -4.28 2.45 -7.71
CB OMZ D 2 -1.75 3.95 -9.06
OC OMZ D 2 -1.12 4.27 -10.28
CG OMZ D 2 -0.75 4.07 -7.95
CD1 OMZ D 2 -1.00 4.97 -6.85
CD2 OMZ D 2 0.43 3.25 -7.94
CE1 OMZ D 2 -0.10 4.98 -5.73
CL OMZ D 2 -0.42 6.04 -4.40
CE2 OMZ D 2 1.32 3.27 -6.82
CZ OMZ D 2 1.04 4.11 -5.69
OH OMZ D 2 1.79 3.98 -4.52
H OMZ D 2 -0.61 1.32 -8.85
HA OMZ D 2 -3.08 2.52 -9.96
HB OMZ D 2 -2.54 4.69 -8.90
HC OMZ D 2 -0.34 3.71 -10.34
HD1 OMZ D 2 -1.86 5.62 -6.85
HD2 OMZ D 2 0.65 2.60 -8.79
HE2 OMZ D 2 2.19 2.63 -6.81
N ASN D 3 -2.44 1.33 -6.99
CA ASN D 3 -3.21 0.89 -5.83
C ASN D 3 -2.41 0.86 -4.51
N GHP D 4 -1.49 -0.12 -4.44
CA GHP D 4 -0.73 -0.25 -3.21
C GHP D 4 -0.39 -1.72 -2.90
O GHP D 4 -0.23 -2.56 -3.78
C1 GHP D 4 0.52 0.61 -3.17
C2 GHP D 4 1.68 0.25 -2.41
C3 GHP D 4 2.84 1.11 -2.30
C4 GHP D 4 2.82 2.35 -3.04
O4 GHP D 4 3.91 3.20 -2.96
C5 GHP D 4 1.69 2.74 -3.84
C6 GHP D 4 0.54 1.84 -3.88
H GHP D 4 -1.29 -0.67 -5.26
HA GHP D 4 -1.41 0.13 -2.44
HC2 GHP D 4 1.70 -0.71 -1.89
H6 GHP D 4 -0.33 2.11 -4.46
N GHP D 5 -0.30 -1.93 -1.58
CA GHP D 5 0.08 -3.22 -1.04
C GHP D 5 0.23 -3.11 0.48
O GHP D 5 -0.54 -2.40 1.12
C1 GHP D 5 -0.82 -4.38 -1.32
C2 GHP D 5 -0.22 -5.50 -1.96
C3 GHP D 5 -0.91 -6.73 -2.15
C4 GHP D 5 -2.27 -6.84 -1.73
O4 GHP D 5 -2.96 -8.01 -1.91
C5 GHP D 5 -2.92 -5.71 -1.09
C6 GHP D 5 -2.19 -4.48 -0.89
H GHP D 5 -0.46 -1.17 -0.96
HA GHP D 5 1.04 -3.40 -1.49
HC2 GHP D 5 0.80 -5.43 -2.29
HO4 GHP D 5 -3.85 -7.92 -1.58
H5 GHP D 5 -3.95 -5.79 -0.76
H6 GHP D 5 -2.66 -3.64 -0.39
N OMY D 6 1.23 -3.80 1.09
CA OMY D 6 2.24 -4.68 0.49
OCZ OMY D 6 4.01 0.88 -1.52
CE2 OMY D 6 4.07 -0.41 0.59
CE1 OMY D 6 4.17 -1.55 -1.60
CZ OMY D 6 4.13 -0.34 -0.84
CG OMY D 6 3.91 -2.91 0.46
CD2 OMY D 6 3.95 -1.69 1.25
CD1 OMY D 6 4.08 -2.83 -0.97
CB OMY D 6 3.59 -4.26 1.06
CL OMY D 6 4.30 -1.47 -3.33
O OMY D 6 1.59 -6.67 1.74
C OMY D 6 1.86 -6.16 0.65
ODE OMY D 6 3.52 -4.20 2.46
H OMY D 6 1.28 -3.67 2.08
HA OMY D 6 2.31 -4.53 -0.58
HE2 OMY D 6 4.11 0.51 1.15
HD2 OMY D 6 3.86 -1.75 2.33
HD1 OMY D 6 4.09 -3.73 -1.54
HB OMY D 6 4.32 -5.00 0.76
N 3FG D 7 1.84 -6.80 -0.54
OD1 3FG D 7 -1.66 -7.56 -4.66
CD1 3FG D 7 -0.57 -8.19 -4.10
CG1 3FG D 7 -0.15 -7.84 -2.78
CZ 3FG D 7 0.15 -9.18 -4.85
CD2 3FG D 7 1.29 -9.83 -4.29
OD2 3FG D 7 1.98 -10.77 -5.01
CG2 3FG D 7 1.70 -9.50 -2.95
CB 3FG D 7 0.98 -8.50 -2.18
CA 3FG D 7 1.44 -8.18 -0.74
C 3FG D 7 2.63 -9.05 -0.26
O 3FG D 7 2.40 -10.07 0.38
OXT 3FG D 7 3.77 -8.66 -0.53
H 3FG D 7 2.08 -6.29 -1.35
HA 3FG D 7 0.60 -8.31 -0.06
HD1 3FG D 7 -1.81 -7.90 -5.54
HZ 3FG D 7 -0.18 -9.40 -5.86
HD2 3FG D 7 1.58 -10.88 -5.86
HG2 3FG D 7 2.58 -9.96 -2.54
C2 BGC E . 5.47 5.66 1.52
C3 BGC E . 6.38 5.70 0.28
C4 BGC E . 7.07 4.36 0.07
C5 BGC E . 6.06 3.21 0.17
C6 BGC E . 6.72 1.84 0.11
C1 BGC E . 4.58 4.41 1.53
O2 BGC E . 4.67 6.82 1.56
O3 BGC E . 7.34 6.71 0.48
O4 BGC E . 7.64 4.33 -1.22
O5 BGC E . 5.41 3.28 1.41
O6 BGC E . 7.95 1.82 0.78
H2 BGC E . 6.09 5.63 2.41
H3 BGC E . 5.79 5.96 -0.59
H4 BGC E . 7.88 4.22 0.79
H5 BGC E . 5.32 3.29 -0.62
H61 BGC E . 6.07 1.11 0.56
H62 BGC E . 6.88 1.52 -0.93
H1 BGC E . 3.86 4.43 0.71
HO3 BGC E . 7.50 7.09 -0.38
HO4 BGC E . 8.54 4.59 -1.13
HO6 BGC E . 8.29 0.94 0.71
C1 RER E . 5.22 7.81 2.39
C2 RER E . 4.40 9.10 2.31
C3 RER E . 3.01 8.96 2.95
N3 RER E . 2.41 10.27 3.10
C3A RER E . 2.10 8.11 2.05
C4 RER E . 3.16 8.30 4.32
O4 RER E . 1.88 8.03 4.85
C5 RER E . 3.97 7.01 4.19
O5 RER E . 5.25 7.34 3.71
C5A RER E . 4.10 6.28 5.53
H1 RER E . 6.24 8.01 2.06
H21C RER E . 4.92 9.90 2.82
H22C RER E . 4.29 9.42 1.27
HO1 RER E . 1.47 10.18 3.54
H31N RER E . 2.32 10.72 2.17
H32N RER E . 3.02 10.86 3.71
H3A1 RER E . 1.97 8.58 1.08
H3A2 RER E . 2.51 7.12 1.89
H3A3 RER E . 1.12 7.99 2.50
H4 RER E . 3.66 8.98 5.00
HO4 RER E . 1.94 8.18 5.78
H5 RER E . 3.47 6.37 3.48
H5A1 RER E . 3.11 6.00 5.92
H5A2 RER E . 4.67 5.36 5.41
H5A3 RER E . 4.59 6.89 6.27
C2 BGC F . 5.54 4.46 -4.11
C3 BGC F . 6.44 4.54 -5.35
C4 BGC F . 7.00 3.15 -5.69
C5 BGC F . 5.92 2.08 -5.67
C6 BGC F . 6.56 0.71 -5.86
C1 BGC F . 4.56 3.30 -4.21
O2 BGC F . 4.80 5.66 -4.02
O3 BGC F . 7.49 5.43 -5.09
O4 BGC F . 7.58 3.18 -6.97
O5 BGC F . 5.27 2.11 -4.42
O6 BGC F . 7.54 0.48 -4.87
H2 BGC F . 6.16 4.33 -3.23
H3 BGC F . 5.86 4.92 -6.19
H4 BGC F . 7.76 2.86 -4.97
H5 BGC F . 5.19 2.26 -6.46
H61 BGC F . 5.81 -0.07 -5.76
H62 BGC F . 7.02 0.62 -6.84
H1 BGC F . 3.86 3.47 -5.02
HO3 BGC F . 7.67 5.88 -5.90
HO4 BGC F . 6.94 3.58 -7.55
HO6 BGC F . 7.89 -0.39 -5.04
C1 RER F . 5.18 6.52 -2.98
C2 RER F . 5.33 7.94 -3.53
C3 RER F . 3.99 8.53 -3.99
N3 RER F . 4.16 9.94 -4.25
C3A RER F . 3.50 7.85 -5.28
C4 RER F . 2.96 8.34 -2.88
O4 RER F . 1.69 8.74 -3.35
C5 RER F . 2.91 6.88 -2.44
O5 RER F . 4.19 6.51 -1.98
C5A RER F . 1.92 6.68 -1.29
H1 RER F . 6.12 6.18 -2.55
H21C RER F . 5.75 8.57 -2.75
H22C RER F . 6.05 7.95 -4.35
HO1 RER F . 4.48 10.42 -3.39
H31N RER F . 3.25 10.36 -4.56
H32N RER F . 4.87 10.07 -5.01
H3A1 RER F . 2.60 8.32 -5.64
H3A2 RER F . 4.26 7.91 -6.06
H3A3 RER F . 3.28 6.79 -5.11
H4 RER F . 3.22 8.97 -2.04
HO4 RER F . 1.25 9.14 -2.61
H5 RER F . 2.64 6.24 -3.28
H5A1 RER F . 1.91 5.64 -0.97
H5A2 RER F . 2.19 7.30 -0.43
H5A3 RER F . 0.91 6.95 -1.60
C1 RER G . -3.75 4.69 -2.95
C2 RER G . -4.11 4.46 -4.43
C3 RER G . -5.62 4.33 -4.66
N3 RER G . -5.90 4.47 -6.08
C3A RER G . -6.12 2.96 -4.20
C4 RER G . -6.33 5.44 -3.89
O4 RER G . -7.72 5.32 -4.04
C5 RER G . -5.93 5.37 -2.43
O5 RER G . -4.57 5.69 -2.38
C5A RER G . -6.72 6.36 -1.57
H1 RER G . -2.72 5.02 -2.89
H21C RER G . -3.76 5.33 -5.00
H22C RER G . -3.59 3.60 -4.81
HO1 RER G . -6.92 4.40 -6.24
H31N RER G . -5.41 3.73 -6.61
H32N RER G . -5.57 5.41 -6.41
H3A1 RER G . -5.83 2.75 -3.18
H3A2 RER G . -7.21 2.91 -4.26
H3A3 RER G . -5.71 2.17 -4.83
H4 RER G . -6.03 6.42 -4.28
HO4 RER G . -7.97 5.87 -4.76
H5 RER G . -6.07 4.36 -2.04
H5A1 RER G . -7.79 6.19 -1.66
H5A2 RER G . -6.45 6.29 -0.53
H5A3 RER G . -6.53 7.40 -1.89
C1 RER H . 4.77 -4.13 3.11
C2 RER H . 4.50 -4.03 4.62
C3 RER H . 3.87 -5.32 5.18
N3 RER H . 3.93 -5.25 6.64
C3A RER H . 2.41 -5.52 4.76
C4 RER H . 4.70 -6.50 4.71
O4 RER H . 4.10 -7.70 5.13
C5 RER H . 4.86 -6.49 3.19
O5 RER H . 5.52 -5.30 2.85
C5A RER H . 5.68 -7.68 2.71
H1 RER H . 5.33 -3.26 2.75
H21C RER H . 5.44 -3.84 5.12
H22C RER H . 3.86 -3.18 4.83
HO1 RER H . 3.37 -4.44 6.97
H31N RER H . 4.91 -5.14 6.94
H32N RER H . 3.53 -6.12 7.04
H3A1 RER H . 1.83 -4.61 4.83
H3A2 RER H . 2.34 -5.87 3.73
H3A3 RER H . 1.94 -6.28 5.39
H4 RER H . 5.68 -6.47 5.18
HO4 RER H . 3.24 -7.73 4.71
H5 RER H . 3.88 -6.48 2.71
H5A1 RER H . 6.68 -7.67 3.15
H5A2 RER H . 5.79 -7.68 1.62
H5A3 RER H . 5.20 -8.62 2.99
N ALA A 1 -5.17 10.63 -4.99
CA ALA A 1 -5.18 10.11 -3.62
C ALA A 1 -4.10 9.05 -3.43
N FGA A 2 -3.75 8.89 -2.15
CA FGA A 2 -2.74 7.90 -1.87
C FGA A 2 -1.39 8.38 -2.39
O FGA A 2 -0.46 8.54 -1.58
CB FGA A 2 -2.67 7.64 -0.36
CG FGA A 2 -4.04 7.24 0.21
CD FGA A 2 -3.87 6.74 1.66
OE1 FGA A 2 -2.77 6.68 2.19
H FGA A 2 -4.14 9.43 -1.40
HA FGA A 2 -3.05 7.00 -2.39
HB2 FGA A 2 -1.95 6.84 -0.16
HB3 FGA A 2 -2.32 8.54 0.15
HG2 FGA A 2 -4.72 8.09 0.21
HG3 FGA A 2 -4.50 6.45 -0.38
N LYS A 3 -5.03 6.43 2.24
CA LYS A 3 -5.04 6.00 3.63
C LYS A 3 -4.21 4.72 3.81
N DAL A 4 -3.47 4.65 4.93
CA DAL A 4 -2.68 3.44 5.11
CB DAL A 4 -3.59 2.35 5.71
C DAL A 4 -1.50 3.70 6.04
O DAL A 4 -1.26 4.81 6.51
H DAL A 4 -3.46 5.40 5.59
HA DAL A 4 -2.30 3.12 4.14
HB1 DAL A 4 -4.44 2.15 5.05
HB2 DAL A 4 -3.03 1.41 5.83
HB3 DAL A 4 -3.97 2.64 6.68
N DAL A 5 -0.78 2.59 6.25
CA DAL A 5 0.40 2.65 7.10
CB DAL A 5 1.39 3.68 6.57
C DAL A 5 1.04 1.26 7.17
O DAL A 5 0.32 0.29 7.42
OXT DAL A 5 2.25 1.15 6.95
H DAL A 5 -1.05 1.72 5.83
HA DAL A 5 0.05 2.92 8.08
HB1 DAL A 5 0.93 4.67 6.52
HB2 DAL A 5 2.26 3.75 7.22
HB3 DAL A 5 1.73 3.42 5.56
N ALA B 1 10.18 -3.33 3.29
CA ALA B 1 8.77 -2.98 3.40
C ALA B 1 8.23 -2.47 2.06
N FGA B 2 8.33 -3.35 1.06
CA FGA B 2 7.83 -2.86 -0.21
C FGA B 2 8.76 -1.78 -0.76
O FGA B 2 8.28 -0.89 -1.44
CB FGA B 2 7.68 -3.98 -1.24
CG FGA B 2 6.53 -4.92 -0.89
CD FGA B 2 5.79 -5.26 -2.18
OE1 FGA B 2 5.75 -4.46 -3.11
H FGA B 2 8.70 -4.26 1.20
HA FGA B 2 6.84 -2.45 0.00
HB2 FGA B 2 7.42 -3.49 -2.17
HB3 FGA B 2 8.60 -4.53 -1.39
HG2 FGA B 2 6.87 -5.82 -0.38
HG3 FGA B 2 5.83 -4.40 -0.23
N LYS B 3 5.23 -6.47 -2.20
CA LYS B 3 4.50 -6.78 -3.41
C LYS B 3 3.36 -5.78 -3.58
N DAL B 4 3.14 -5.41 -4.84
CA DAL B 4 2.06 -4.46 -5.06
CB DAL B 4 0.80 -5.20 -5.52
C DAL B 4 2.49 -3.40 -6.09
O DAL B 4 3.40 -3.61 -6.89
H DAL B 4 3.69 -5.80 -5.58
HA DAL B 4 1.88 -3.94 -4.12
HB1 DAL B 4 0.50 -5.94 -4.77
HB2 DAL B 4 -0.02 -4.51 -5.67
HB3 DAL B 4 0.98 -5.72 -6.46
N DAL B 5 1.77 -2.28 -6.01
CA DAL B 5 2.05 -1.19 -6.91
CB DAL B 5 3.29 -0.41 -6.44
C DAL B 5 0.84 -0.27 -7.02
O DAL B 5 0.86 0.82 -6.44
OXT DAL B 5 -0.13 -0.65 -7.69
H DAL B 5 1.01 -2.19 -5.37
HA DAL B 5 2.25 -1.66 -7.87
HB1 DAL B 5 4.15 -1.07 -6.37
HB2 DAL B 5 3.53 0.39 -7.14
HB3 DAL B 5 3.11 0.03 -5.46
N MLU C 1 1.61 1.48 12.28
CN MLU C 1 3.02 1.84 12.27
CA MLU C 1 1.23 0.85 11.02
C MLU C 1 2.06 -0.42 10.79
O MLU C 1 1.97 -1.38 11.54
CB MLU C 1 -0.25 0.47 11.00
CG MLU C 1 -1.17 1.65 11.30
CD1 MLU C 1 -1.10 2.71 10.20
CD2 MLU C 1 -2.61 1.16 11.48
H1 MLU C 1 1.43 0.83 13.07
H2 MLU C 1 1.05 2.35 12.41
HCN1 MLU C 1 3.28 2.31 13.21
HCN2 MLU C 1 3.20 2.52 11.45
HCN3 MLU C 1 3.61 0.93 12.13
HA MLU C 1 1.44 1.56 10.22
HB2 MLU C 1 -0.42 -0.31 11.74
HB3 MLU C 1 -0.50 0.05 10.02
HG MLU C 1 -0.84 2.10 12.24
HD11 MLU C 1 -0.07 3.06 10.07
HD12 MLU C 1 -1.71 3.57 10.45
HD13 MLU C 1 -1.44 2.30 9.25
HD21 MLU C 1 -3.27 1.99 11.72
HD22 MLU C 1 -2.97 0.70 10.56
HD23 MLU C 1 -2.68 0.43 12.27
N OMZ C 2 2.84 -0.36 9.70
CA OMZ C 2 3.65 -1.54 9.40
C OMZ C 2 2.94 -2.40 8.34
O OMZ C 2 2.98 -3.62 8.41
CB OMZ C 2 5.10 -1.15 9.06
OC OMZ C 2 5.72 -0.60 10.19
CG OMZ C 2 5.13 -0.14 7.95
CD1 OMZ C 2 5.37 -0.57 6.60
CD2 OMZ C 2 4.89 1.26 8.23
CE1 OMZ C 2 5.27 0.38 5.53
CL OMZ C 2 5.51 -0.15 3.90
CE2 OMZ C 2 4.81 2.20 7.14
CZ OMZ C 2 4.95 1.76 5.79
OH OMZ C 2 4.64 2.59 4.71
H OMZ C 2 2.86 0.45 9.12
HA OMZ C 2 3.66 -2.12 10.33
HB OMZ C 2 5.67 -2.02 8.76
HC OMZ C 2 6.62 -0.39 9.94
HD1 OMZ C 2 5.57 -1.61 6.39
HD2 OMZ C 2 4.74 1.59 9.24
HE2 OMZ C 2 4.59 3.25 7.34
N ASN C 3 2.28 -1.73 7.37
CA ASN C 3 1.58 -2.57 6.40
C ASN C 3 1.48 -1.98 4.99
N GHP C 4 0.69 -0.88 4.93
CA GHP C 4 0.51 -0.26 3.63
C GHP C 4 -0.96 0.15 3.44
O GHP C 4 -1.66 0.56 4.35
C1 GHP C 4 1.41 0.94 3.39
C2 GHP C 4 1.09 1.91 2.38
C3 GHP C 4 1.94 3.07 2.12
C4 GHP C 4 3.12 3.24 2.95
O4 GHP C 4 3.93 4.35 2.81
C5 GHP C 4 3.46 2.29 3.97
C6 GHP C 4 2.59 1.13 4.16
H GHP C 4 0.27 -0.51 5.76
HA GHP C 4 0.76 -1.03 2.90
HC2 GHP C 4 0.17 1.80 1.83
H6 GHP C 4 2.83 0.42 4.93
N GHP C 5 -1.35 0.02 2.16
CA GHP C 5 -2.67 0.43 1.73
C GHP C 5 -2.83 0.28 0.21
O GHP C 5 -2.35 -0.69 -0.35
C1 GHP C 5 -3.85 -0.22 2.39
C2 GHP C 5 -4.77 0.66 3.04
C3 GHP C 5 -6.01 0.20 3.56
C4 GHP C 5 -6.33 -1.19 3.48
O4 GHP C 5 -7.52 -1.65 3.99
C5 GHP C 5 -5.42 -2.12 2.84
C6 GHP C 5 -4.17 -1.63 2.31
H GHP C 5 -0.70 -0.34 1.47
HA GHP C 5 -2.65 1.47 2.01
HC2 GHP C 5 -4.53 1.70 3.11
HO4 GHP C 5 -8.01 -0.93 4.36
H5 GHP C 5 -5.65 -3.16 2.78
H6 GHP C 5 -3.48 -2.31 1.81
N OMY C 6 -3.53 1.24 -0.47
CA OMY C 6 -4.16 2.44 0.07
OCZ OMY C 6 1.71 4.04 1.11
CE2 OMY C 6 0.19 3.72 -0.83
CE1 OMY C 6 -0.67 4.47 1.38
CZ OMY C 6 0.44 4.12 0.53
CG OMY C 6 -2.28 3.89 -0.43
CD2 OMY C 6 -1.17 3.61 -1.32
CD1 OMY C 6 -2.01 4.36 0.91
CB OMY C 6 -3.71 3.62 -0.78
CL OMY C 6 -0.37 4.99 3.00
O OMY C 6 -6.39 1.83 -0.70
C OMY C 6 -5.69 2.24 0.21
ODE OMY C 6 -3.83 3.29 -2.14
H OMY C 6 -3.61 1.10 -1.46
HA OMY C 6 -3.80 2.60 1.08
HE2 OMY C 6 1.01 3.49 -1.49
HD2 OMY C 6 -1.38 3.31 -2.33
HD1 OMY C 6 -2.84 4.59 1.54
HB OMY C 6 -4.31 4.50 -0.57
N 3FG C 7 -6.10 2.56 1.45
OD1 3FG C 7 -6.41 0.10 6.27
CD1 3FG C 7 -7.04 1.12 5.59
CG1 3FG C 7 -6.90 1.22 4.17
CZ 3FG C 7 -7.81 2.07 6.32
CD2 3FG C 7 -8.48 3.14 5.63
OD2 3FG C 7 -9.22 4.07 6.34
CG2 3FG C 7 -8.36 3.24 4.21
CB 3FG C 7 -7.57 2.28 3.45
CA 3FG C 7 -7.46 2.42 1.92
C 3FG C 7 -8.22 3.64 1.34
O 3FG C 7 -9.40 3.50 1.01
OXT 3FG C 7 -7.62 4.72 1.24
H 3FG C 7 -5.43 2.91 2.10
HA 3FG C 7 -7.78 1.51 1.45
HD1 3FG C 7 -6.59 0.17 7.20
HZ 3FG C 7 -7.86 2.00 7.40
HD2 3FG C 7 -9.19 3.86 7.26
HG2 3FG C 7 -8.83 4.06 3.69
N MLU D 1 0.65 0.45 -12.12
CN MLU D 1 1.14 1.82 -11.99
CA MLU D 1 -0.09 0.07 -10.93
C MLU D 1 -1.28 1.00 -10.71
O MLU D 1 -2.17 1.10 -11.55
CB MLU D 1 -0.62 -1.36 -11.02
CG MLU D 1 0.49 -2.40 -11.16
CD1 MLU D 1 1.44 -2.34 -9.97
CD2 MLU D 1 -0.10 -3.80 -11.30
H1 MLU D 1 0.04 0.39 -12.95
H2 MLU D 1 1.47 -0.18 -12.24
HCN1 MLU D 1 1.69 2.09 -12.89
HCN2 MLU D 1 1.79 1.89 -11.11
HCN3 MLU D 1 0.29 2.49 -11.87
HA MLU D 1 0.58 0.15 -10.07
HB2 MLU D 1 -1.30 -1.44 -11.86
HB3 MLU D 1 -1.21 -1.58 -10.12
HG MLU D 1 1.06 -2.17 -12.05
HD11 MLU D 1 0.92 -2.58 -9.04
HD12 MLU D 1 2.26 -3.06 -10.08
HD13 MLU D 1 1.88 -1.35 -9.86
HD21 MLU D 1 -0.68 -4.07 -10.40
HD22 MLU D 1 -0.76 -3.85 -12.16
HD23 MLU D 1 0.68 -4.55 -11.42
N OMZ D 2 -1.24 1.67 -9.54
CA OMZ D 2 -2.35 2.57 -9.22
C OMZ D 2 -3.20 1.97 -8.09
O OMZ D 2 -4.41 2.12 -8.07
CB OMZ D 2 -1.88 4.02 -9.01
OC OMZ D 2 -1.30 4.50 -10.19
CG OMZ D 2 -0.88 4.15 -7.90
CD1 OMZ D 2 -1.20 4.95 -6.74
CD2 OMZ D 2 0.38 3.47 -7.97
CE1 OMZ D 2 -0.27 5.00 -5.64
CL OMZ D 2 -0.67 5.92 -4.23
CE2 OMZ D 2 1.30 3.52 -6.86
CZ OMZ D 2 0.94 4.25 -5.67
OH OMZ D 2 1.71 4.09 -4.51
H OMZ D 2 -0.50 1.54 -8.90
HA OMZ D 2 -3.00 2.55 -10.11
HB OMZ D 2 -2.73 4.65 -8.79
HC OMZ D 2 -1.06 5.41 -10.04
HD1 OMZ D 2 -2.12 5.51 -6.68
HD2 OMZ D 2 0.65 2.91 -8.85
HE2 OMZ D 2 2.23 2.98 -6.90
N ASN D 3 -2.53 1.25 -7.15
CA ASN D 3 -3.36 0.66 -6.11
C ASN D 3 -2.69 0.58 -4.72
N GHP D 4 -1.50 -0.06 -4.70
CA GHP D 4 -0.83 -0.16 -3.40
C GHP D 4 -0.57 -1.63 -3.03
O GHP D 4 -0.52 -2.53 -3.86
C1 GHP D 4 0.45 0.65 -3.34
C2 GHP D 4 1.66 0.19 -2.69
C3 GHP D 4 2.83 1.05 -2.57
C4 GHP D 4 2.78 2.34 -3.18
O4 GHP D 4 3.88 3.18 -3.07
C5 GHP D 4 1.62 2.81 -3.90
C6 GHP D 4 0.45 1.94 -3.94
H GHP D 4 -1.09 -0.42 -5.53
HA GHP D 4 -1.51 0.29 -2.69
HC2 GHP D 4 1.68 -0.81 -2.29
H6 GHP D 4 -0.43 2.28 -4.44
N GHP D 5 -0.38 -1.79 -1.71
CA GHP D 5 -0.05 -3.06 -1.11
C GHP D 5 0.16 -2.90 0.41
O GHP D 5 -0.57 -2.12 1.02
C1 GHP D 5 -0.98 -4.22 -1.33
C2 GHP D 5 -0.39 -5.40 -1.90
C3 GHP D 5 -1.11 -6.62 -2.01
C4 GHP D 5 -2.47 -6.66 -1.59
O4 GHP D 5 -3.20 -7.82 -1.73
C5 GHP D 5 -3.11 -5.48 -1.04
C6 GHP D 5 -2.35 -4.26 -0.90
H GHP D 5 -0.47 -0.98 -1.11
HA GHP D 5 0.89 -3.28 -1.61
HC2 GHP D 5 0.63 -5.37 -2.22
HO4 GHP D 5 -2.65 -8.49 -2.10
H5 GHP D 5 -4.14 -5.51 -0.72
H6 GHP D 5 -2.81 -3.38 -0.47
N OMY D 6 1.14 -3.60 1.02
CA OMY D 6 2.08 -4.56 0.42
OCZ OMY D 6 4.04 0.77 -1.88
CE2 OMY D 6 4.11 -0.43 0.28
CE1 OMY D 6 4.10 -1.66 -1.88
CZ OMY D 6 4.12 -0.42 -1.17
CG OMY D 6 3.85 -2.92 0.24
CD2 OMY D 6 3.96 -1.68 0.99
CD1 OMY D 6 3.98 -2.90 -1.18
CB OMY D 6 3.49 -4.22 0.90
CL OMY D 6 4.17 -1.64 -3.61
O OMY D 6 1.24 -6.41 1.75
C OMY D 6 1.61 -6.00 0.66
ODE OMY D 6 3.51 -4.13 2.31
H OMY D 6 1.24 -3.44 2.01
HA OMY D 6 2.05 -4.42 -0.66
HE2 OMY D 6 4.20 0.51 0.81
HD2 OMY D 6 3.91 -1.68 2.06
HD1 OMY D 6 3.94 -3.82 -1.74
HB OMY D 6 4.17 -5.02 0.59
N 3FG D 7 1.66 -6.71 -0.49
OD1 3FG D 7 -1.90 -7.56 -4.48
CD1 3FG D 7 -0.85 -8.22 -3.88
CG1 3FG D 7 -0.40 -7.80 -2.59
CZ 3FG D 7 -0.21 -9.31 -4.55
CD2 3FG D 7 0.87 -10.00 -3.94
OD2 3FG D 7 1.50 -11.04 -4.60
CG2 3FG D 7 1.33 -9.59 -2.64
CB 3FG D 7 0.71 -8.49 -1.95
CA 3FG D 7 1.23 -8.07 -0.56
C 3FG D 7 2.41 -8.93 -0.05
O 3FG D 7 2.18 -10.01 0.48
OXT 3FG D 7 3.56 -8.49 -0.18
H 3FG D 7 2.01 -6.27 -1.32
HA 3FG D 7 0.40 -8.10 0.16
HD1 3FG D 7 -2.21 -6.86 -3.91
HZ 3FG D 7 -0.55 -9.58 -5.55
HD2 3FG D 7 1.07 -11.18 -5.44
HG2 3FG D 7 2.16 -10.10 -2.18
C2 BGC E . 5.57 5.60 1.66
C3 BGC E . 6.57 5.61 0.51
C4 BGC E . 7.29 4.26 0.41
C5 BGC E . 6.26 3.13 0.41
C6 BGC E . 6.91 1.75 0.47
C1 BGC E . 4.65 4.37 1.61
O2 BGC E . 4.79 6.78 1.65
O3 BGC E . 7.51 6.63 0.75
O4 BGC E . 8.01 4.20 -0.78
O5 BGC E . 5.46 3.22 1.56
O6 BGC E . 7.84 1.68 1.53
H2 BGC E . 6.12 5.56 2.60
H3 BGC E . 6.05 5.83 -0.43
H4 BGC E . 7.98 4.14 1.24
H5 BGC E . 5.65 3.22 -0.48
H61 BGC E . 6.15 1.00 0.65
H62 BGC E . 7.42 1.48 -0.45
H1 BGC E . 3.98 4.40 0.75
HO3 BGC E . 7.73 7.00 -0.09
HO4 BGC E . 8.90 4.47 -0.58
HO6 BGC E . 8.19 0.80 1.53
C1 RER E . 5.34 7.77 2.49
C2 RER E . 4.53 9.07 2.37
C3 RER E . 3.13 8.95 2.97
N3 RER E . 2.54 10.27 3.08
C3A RER E . 2.24 8.10 2.06
C4 RER E . 3.23 8.32 4.35
O4 RER E . 1.94 8.06 4.86
C5 RER E . 4.02 7.01 4.27
O5 RER E . 5.31 7.31 3.82
C5A RER E . 4.10 6.29 5.62
H1 RER E . 6.37 7.96 2.19
H21C RER E . 5.07 9.86 2.90
H22C RER E . 4.47 9.39 1.33
HO1 RER E . 1.59 10.20 3.50
H31N RER E . 2.48 10.71 2.15
H32N RER E . 3.13 10.86 3.71
H3A1 RER E . 1.23 8.01 2.47
H3A2 RER E . 2.15 8.56 1.07
H3A3 RER E . 2.64 7.10 1.93
H4 RER E . 3.72 8.99 5.04
HO4 RER E . 1.70 8.81 5.38
H5 RER E . 3.53 6.37 3.55
H5A1 RER E . 3.11 6.03 5.99
H5A2 RER E . 4.67 5.36 5.53
H5A3 RER E . 4.59 6.91 6.37
C2 BGC F . 5.61 4.36 -4.12
C3 BGC F . 6.55 4.44 -5.32
C4 BGC F . 7.08 3.05 -5.68
C5 BGC F . 5.97 2.00 -5.71
C6 BGC F . 6.59 0.62 -5.87
C1 BGC F . 4.59 3.25 -4.27
O2 BGC F . 4.90 5.57 -4.01
O3 BGC F . 7.61 5.29 -5.00
O4 BGC F . 7.68 3.10 -6.95
O5 BGC F . 5.27 2.03 -4.48
O6 BGC F . 7.54 0.37 -4.86
H2 BGC F . 6.19 4.19 -3.21
H3 BGC F . 6.01 4.87 -6.16
H4 BGC F . 7.83 2.72 -4.96
H5 BGC F . 5.28 2.21 -6.51
H61 BGC F . 5.83 -0.14 -5.80
H62 BGC F . 7.09 0.52 -6.84
H1 BGC F . 3.93 3.46 -5.12
HO3 BGC F . 8.09 4.88 -4.31
HO4 BGC F . 8.43 2.54 -6.92
HO6 BGC F . 7.87 -0.50 -5.01
C1 RER F . 5.32 6.38 -2.94
C2 RER F . 5.30 7.83 -3.42
C3 RER F . 3.87 8.33 -3.71
N3 RER F . 3.90 9.77 -3.90
C3A RER F . 3.28 7.68 -4.96
C4 RER F . 2.99 8.00 -2.50
O4 RER F . 1.65 8.33 -2.79
C5 RER F . 3.10 6.52 -2.15
O5 RER F . 4.44 6.22 -1.85
C5A RER F . 2.26 6.16 -0.93
H1 RER F . 6.32 6.08 -2.63
H21C RER F . 5.74 8.47 -2.65
H22C RER F . 5.92 7.94 -4.31
HO1 RER F . 4.51 9.99 -4.72
H31N RER F . 2.94 10.12 -4.07
H32N RER F . 4.29 10.23 -3.05
H3A1 RER F . 3.93 7.84 -5.82
H3A2 RER F . 3.16 6.60 -4.83
H3A3 RER F . 2.30 8.09 -5.19
H4 RER F . 3.30 8.60 -1.65
HO4 RER F . 1.52 9.21 -2.46
H5 RER F . 2.79 5.91 -3.00
H5A1 RER F . 1.19 6.33 -1.12
H5A2 RER F . 2.41 5.12 -0.67
H5A3 RER F . 2.55 6.77 -0.07
C1 RER G . -3.68 4.40 -2.98
C2 RER G . -3.91 3.93 -4.42
C3 RER G . -5.39 3.83 -4.79
N3 RER G . -5.53 3.82 -6.24
C3A RER G . -6.02 2.56 -4.21
C4 RER G . -6.08 5.06 -4.25
O4 RER G . -7.43 5.08 -4.61
C5 RER G . -5.90 5.12 -2.75
O5 RER G . -4.55 5.43 -2.56
C5A RER G . -6.76 6.21 -2.10
H1 RER G . -2.67 4.80 -2.92
H21C RER G . -3.43 2.97 -4.59
H22C RER G . -3.34 4.58 -5.06
HO1 RER G . -6.55 3.78 -6.49
H31N RER G . -5.11 4.68 -6.64
H32N RER G . -5.05 2.98 -6.64
H3A1 RER G . -7.11 2.60 -4.30
H3A2 RER G . -5.69 1.67 -4.75
H3A3 RER G . -5.77 2.42 -3.16
H4 RER G . -5.58 5.93 -4.68
HO4 RER G . -7.66 5.99 -4.76
H5 RER G . -6.11 4.15 -2.28
H5A1 RER G . -7.82 6.00 -2.24
H5A2 RER G . -6.54 7.18 -2.54
H5A3 RER G . -6.57 6.27 -1.02
C1 RER H . 4.79 -4.05 2.87
C2 RER H . 4.62 -3.96 4.38
C3 RER H . 4.02 -5.24 4.97
N3 RER H . 4.10 -5.17 6.42
C3A RER H . 2.55 -5.43 4.57
C4 RER H . 4.85 -6.42 4.47
O4 RER H . 4.26 -7.62 4.90
C5 RER H . 4.94 -6.40 2.95
O5 RER H . 5.55 -5.20 2.55
C5A RER H . 5.76 -7.57 2.40
H1 RER H . 5.31 -3.18 2.48
H21C RER H . 5.60 -3.77 4.84
H22C RER H . 3.99 -3.10 4.64
HO1 RER H . 3.55 -4.37 6.77
H31N RER H . 5.10 -5.07 6.71
H32N RER H . 3.72 -6.06 6.82
H3A1 RER H . 2.09 -6.23 5.16
H3A2 RER H . 1.96 -4.53 4.71
H3A3 RER H . 2.43 -5.70 3.52
H4 RER H . 5.85 -6.37 4.89
HO4 RER H . 4.69 -7.86 5.70
H5 RER H . 3.94 -6.42 2.53
H5A1 RER H . 5.30 -8.52 2.68
H5A2 RER H . 5.82 -7.54 1.32
H5A3 RER H . 6.78 -7.55 2.80
N ALA A 1 -5.59 10.94 -4.19
CA ALA A 1 -5.96 9.76 -3.42
C ALA A 1 -4.76 8.83 -3.23
N FGA A 2 -4.18 8.94 -2.02
CA FGA A 2 -3.04 8.08 -1.77
C FGA A 2 -1.77 8.75 -2.27
O FGA A 2 -0.69 8.24 -1.99
CB FGA A 2 -2.95 7.76 -0.28
CG FGA A 2 -4.27 7.22 0.27
CD FGA A 2 -4.08 6.70 1.70
OE1 FGA A 2 -2.99 6.73 2.27
H FGA A 2 -4.50 9.58 -1.31
HA FGA A 2 -3.24 7.17 -2.34
HB2 FGA A 2 -2.15 7.05 -0.12
HB3 FGA A 2 -2.69 8.68 0.26
HG2 FGA A 2 -5.04 7.98 0.26
HG3 FGA A 2 -4.62 6.39 -0.34
N LYS A 3 -5.23 6.28 2.25
CA LYS A 3 -5.24 5.80 3.61
C LYS A 3 -4.32 4.59 3.78
N DAL A 4 -3.63 4.57 4.93
CA DAL A 4 -2.74 3.43 5.14
CB DAL A 4 -3.48 2.35 5.93
C DAL A 4 -1.49 3.91 5.86
O DAL A 4 -1.48 4.90 6.58
H DAL A 4 -3.73 5.29 5.61
HA DAL A 4 -2.45 3.05 4.16
HB1 DAL A 4 -4.38 2.02 5.40
HB2 DAL A 4 -2.85 1.48 6.10
HB3 DAL A 4 -3.79 2.73 6.92
N DAL A 5 -0.43 3.11 5.62
CA DAL A 5 0.85 3.41 6.21
CB DAL A 5 0.75 3.57 7.72
C DAL A 5 1.44 4.69 5.62
O DAL A 5 0.70 5.67 5.48
OXT DAL A 5 2.62 4.70 5.29
H DAL A 5 -0.53 2.32 5.02
HA DAL A 5 1.49 2.56 6.01
HB1 DAL A 5 0.44 2.62 8.17
HB2 DAL A 5 1.71 3.83 8.14
HB3 DAL A 5 0.03 4.34 8.00
N ALA B 1 10.10 -3.32 3.47
CA ALA B 1 8.68 -3.03 3.59
C ALA B 1 8.12 -2.47 2.28
N FGA B 2 8.25 -3.33 1.25
CA FGA B 2 7.73 -2.84 -0.01
C FGA B 2 8.62 -1.70 -0.52
O FGA B 2 9.82 -1.73 -0.25
CB FGA B 2 7.63 -3.92 -1.06
CG FGA B 2 6.52 -4.91 -0.77
CD FGA B 2 5.82 -5.25 -2.08
OE1 FGA B 2 5.78 -4.45 -3.00
H FGA B 2 8.66 -4.24 1.36
HA FGA B 2 6.73 -2.46 0.20
HB2 FGA B 2 7.37 -3.41 -1.99
HB3 FGA B 2 8.58 -4.44 -1.22
HG2 FGA B 2 6.88 -5.81 -0.28
HG3 FGA B 2 5.80 -4.43 -0.11
N LYS B 3 5.29 -6.48 -2.14
CA LYS B 3 4.60 -6.81 -3.36
C LYS B 3 3.44 -5.82 -3.55
N DAL B 4 3.23 -5.42 -4.81
CA DAL B 4 2.13 -4.48 -5.03
CB DAL B 4 0.87 -5.23 -5.48
C DAL B 4 2.55 -3.44 -6.07
O DAL B 4 3.53 -3.61 -6.80
H DAL B 4 3.79 -5.75 -5.58
HA DAL B 4 1.95 -3.96 -4.08
HB1 DAL B 4 0.56 -5.97 -4.73
HB2 DAL B 4 0.04 -4.54 -5.63
HB3 DAL B 4 1.04 -5.75 -6.42
N DAL B 5 1.75 -2.37 -6.10
CA DAL B 5 2.04 -1.30 -7.03
CB DAL B 5 3.29 -0.55 -6.61
C DAL B 5 0.83 -0.36 -7.12
O DAL B 5 0.86 0.67 -6.45
OXT DAL B 5 -0.10 -0.66 -7.86
H DAL B 5 0.94 -2.30 -5.52
HA DAL B 5 2.19 -1.79 -7.99
HB1 DAL B 5 4.14 -1.22 -6.55
HB2 DAL B 5 3.54 0.23 -7.33
HB3 DAL B 5 3.16 -0.07 -5.64
N MLU C 1 0.62 1.30 11.76
CN MLU C 1 1.94 1.40 12.40
CA MLU C 1 0.79 0.98 10.35
C MLU C 1 1.60 -0.30 10.21
O MLU C 1 1.19 -1.38 10.63
CB MLU C 1 -0.52 0.78 9.61
CG MLU C 1 -1.62 1.74 10.04
CD1 MLU C 1 -1.42 3.13 9.48
CD2 MLU C 1 -2.97 1.18 9.61
H1 MLU C 1 0.07 0.55 12.23
H2 MLU C 1 0.13 2.21 11.86
HCN1 MLU C 1 2.53 2.16 11.88
HCN2 MLU C 1 1.80 1.67 13.45
HCN3 MLU C 1 2.44 0.43 12.33
HA MLU C 1 1.35 1.81 9.90
HB2 MLU C 1 -0.85 -0.25 9.81
HB3 MLU C 1 -0.36 0.83 8.53
HG MLU C 1 -1.60 1.79 11.13
HD11 MLU C 1 -2.18 3.82 9.85
HD12 MLU C 1 -0.44 3.53 9.75
HD13 MLU C 1 -1.48 3.12 8.38
HD21 MLU C 1 -3.03 1.10 8.52
HD22 MLU C 1 -3.14 0.19 10.02
HD23 MLU C 1 -3.78 1.83 9.93
N OMZ C 2 2.77 -0.13 9.59
CA OMZ C 2 3.59 -1.31 9.41
C OMZ C 2 2.89 -2.26 8.42
O OMZ C 2 3.00 -3.47 8.56
CB OMZ C 2 5.05 -0.94 9.08
OC OMZ C 2 5.65 -0.39 10.22
CG OMZ C 2 5.16 0.05 7.97
CD1 OMZ C 2 5.43 -0.39 6.62
CD2 OMZ C 2 4.91 1.45 8.23
CE1 OMZ C 2 5.39 0.56 5.55
CL OMZ C 2 5.67 0.02 3.93
CE2 OMZ C 2 4.86 2.39 7.14
CZ OMZ C 2 5.04 1.93 5.79
OH OMZ C 2 4.74 2.75 4.69
H OMZ C 2 3.05 0.76 9.22
HA OMZ C 2 3.57 -1.80 10.38
HB OMZ C 2 5.61 -1.84 8.84
HC OMZ C 2 5.67 -1.07 10.88
HD1 OMZ C 2 5.65 -1.43 6.43
HD2 OMZ C 2 4.73 1.79 9.24
HE2 OMZ C 2 4.64 3.43 7.34
N ASN C 3 2.16 -1.68 7.44
CA ASN C 3 1.46 -2.59 6.53
C ASN C 3 1.27 -2.04 5.10
N GHP C 4 0.85 -0.76 5.02
CA GHP C 4 0.67 -0.19 3.69
C GHP C 4 -0.82 0.15 3.44
O GHP C 4 -1.57 0.49 4.35
C1 GHP C 4 1.50 1.06 3.44
C2 GHP C 4 1.14 2.03 2.43
C3 GHP C 4 1.97 3.18 2.13
C4 GHP C 4 3.16 3.37 2.92
O4 GHP C 4 3.98 4.47 2.72
C5 GHP C 4 3.55 2.44 3.96
C6 GHP C 4 2.68 1.29 4.19
H GHP C 4 0.69 -0.23 5.85
HA GHP C 4 1.02 -0.96 3.00
HC2 GHP C 4 0.20 1.92 1.92
H6 GHP C 4 2.94 0.62 4.99
N GHP C 5 -1.16 0.02 2.15
CA GHP C 5 -2.50 0.38 1.71
C GHP C 5 -2.64 0.28 0.19
O GHP C 5 -2.09 -0.64 -0.40
C1 GHP C 5 -3.66 -0.32 2.36
C2 GHP C 5 -4.62 0.50 3.02
C3 GHP C 5 -5.84 -0.01 3.53
C4 GHP C 5 -6.10 -1.42 3.41
O4 GHP C 5 -7.26 -1.94 3.92
C5 GHP C 5 -5.14 -2.28 2.77
C6 GHP C 5 -3.92 -1.73 2.24
H GHP C 5 -0.49 -0.29 1.48
HA GHP C 5 -2.52 1.43 2.02
HC2 GHP C 5 -4.42 1.57 3.12
HO4 GHP C 5 -7.78 -1.24 4.31
H5 GHP C 5 -5.34 -3.34 2.68
H6 GHP C 5 -3.21 -2.38 1.73
N OMY C 6 -3.38 1.22 -0.48
CA OMY C 6 -4.10 2.37 0.08
OCZ OMY C 6 1.71 4.14 1.10
CE2 OMY C 6 0.18 3.78 -0.83
CE1 OMY C 6 -0.68 4.52 1.38
CZ OMY C 6 0.43 4.17 0.53
CG OMY C 6 -2.29 3.91 -0.41
CD2 OMY C 6 -1.19 3.65 -1.31
CD1 OMY C 6 -2.03 4.41 0.91
CB OMY C 6 -3.72 3.60 -0.76
CL OMY C 6 -0.39 5.05 2.99
O OMY C 6 -6.28 1.62 -0.71
C OMY C 6 -5.60 2.06 0.20
ODE OMY C 6 -3.90 3.35 -2.13
H OMY C 6 -3.44 1.11 -1.47
HA OMY C 6 -3.74 2.53 1.09
HE2 OMY C 6 1.00 3.54 -1.48
HD2 OMY C 6 -1.37 3.31 -2.32
HD1 OMY C 6 -2.85 4.66 1.57
HB OMY C 6 -4.36 4.43 -0.45
N 3FG C 7 -6.04 2.36 1.45
OD1 3FG C 7 -6.21 -0.14 6.25
CD1 3FG C 7 -6.91 0.83 5.57
CG1 3FG C 7 -6.78 0.94 4.16
CZ 3FG C 7 -7.75 1.74 6.30
CD2 3FG C 7 -8.48 2.76 5.61
OD2 3FG C 7 -9.28 3.63 6.31
CG2 3FG C 7 -8.35 2.88 4.19
CB 3FG C 7 -7.51 1.98 3.43
CA 3FG C 7 -7.39 2.13 1.91
C 3FG C 7 -8.23 3.29 1.33
O 3FG C 7 -9.41 3.08 1.05
OXT 3FG C 7 -7.67 4.38 1.16
H 3FG C 7 -5.39 2.73 2.11
HA 3FG C 7 -7.66 1.19 1.43
HD1 3FG C 7 -6.40 -0.08 7.18
HZ 3FG C 7 -7.79 1.66 7.38
HD2 3FG C 7 -9.69 4.24 5.71
HG2 3FG C 7 -8.90 3.65 3.67
N MLU D 1 0.18 0.44 -12.33
CN MLU D 1 0.73 1.79 -12.37
CA MLU D 1 -0.43 0.19 -11.03
C MLU D 1 -1.54 1.19 -10.73
O MLU D 1 -2.45 1.40 -11.53
CB MLU D 1 -1.03 -1.22 -10.93
CG MLU D 1 0.03 -2.32 -11.11
CD1 MLU D 1 1.07 -2.25 -10.00
CD2 MLU D 1 -0.64 -3.70 -11.11
H1 MLU D 1 -0.55 0.36 -13.07
H2 MLU D 1 0.94 -0.24 -12.50
HCN1 MLU D 1 1.17 1.96 -13.35
HCN2 MLU D 1 -0.07 2.52 -12.19
HCN3 MLU D 1 1.49 1.88 -11.60
HA MLU D 1 0.35 0.30 -10.28
HB2 MLU D 1 -1.79 -1.34 -11.70
HB3 MLU D 1 -1.52 -1.34 -9.97
HG MLU D 1 0.52 -2.17 -12.07
HD11 MLU D 1 0.61 -2.43 -9.03
HD12 MLU D 1 1.85 -3.00 -10.16
HD13 MLU D 1 1.55 -1.27 -9.97
HD21 MLU D 1 -1.15 -3.88 -10.16
HD22 MLU D 1 -1.38 -3.77 -11.90
HD23 MLU D 1 0.10 -4.48 -11.25
N OMZ D 2 -1.41 1.79 -9.54
CA OMZ D 2 -2.42 2.76 -9.13
C OMZ D 2 -3.20 2.23 -7.90
O OMZ D 2 -4.36 2.55 -7.72
CB OMZ D 2 -1.83 4.17 -8.97
OC OMZ D 2 -1.22 4.58 -10.17
CG OMZ D 2 -0.82 4.24 -7.86
CD1 OMZ D 2 -1.04 5.08 -6.72
CD2 OMZ D 2 0.37 3.43 -7.93
CE1 OMZ D 2 -0.14 5.04 -5.61
CL OMZ D 2 -0.43 6.02 -4.22
CE2 OMZ D 2 1.28 3.39 -6.82
CZ OMZ D 2 1.00 4.16 -5.64
OH OMZ D 2 1.76 3.96 -4.49
H OMZ D 2 -0.66 1.55 -8.93
HA OMZ D 2 -3.14 2.77 -9.95
HB OMZ D 2 -2.63 4.89 -8.75
HC OMZ D 2 -1.91 4.62 -10.81
HD1 OMZ D 2 -1.90 5.73 -6.66
HD2 OMZ D 2 0.58 2.83 -8.80
HE2 OMZ D 2 2.15 2.76 -6.85
N ASN D 3 -2.52 1.39 -7.07
CA ASN D 3 -3.28 0.83 -5.95
C ASN D 3 -2.51 0.77 -4.62
N GHP D 4 -1.53 -0.16 -4.62
CA GHP D 4 -0.79 -0.31 -3.38
C GHP D 4 -0.49 -1.80 -3.08
O GHP D 4 -0.36 -2.65 -3.94
C1 GHP D 4 0.47 0.52 -3.32
C2 GHP D 4 1.65 0.10 -2.60
C3 GHP D 4 2.82 0.96 -2.47
C4 GHP D 4 2.78 2.25 -3.10
O4 GHP D 4 3.87 3.09 -2.99
C5 GHP D 4 1.64 2.68 -3.87
C6 GHP D 4 0.49 1.80 -3.95
H GHP D 4 -1.29 -0.64 -5.45
HA GHP D 4 -1.46 0.05 -2.59
HC2 GHP D 4 1.66 -0.90 -2.17
H6 GHP D 4 -0.38 2.11 -4.50
N GHP D 5 -0.40 -1.97 -1.74
CA GHP D 5 -0.07 -3.26 -1.15
C GHP D 5 0.07 -3.09 0.37
O GHP D 5 -0.69 -2.35 0.96
C1 GHP D 5 -0.98 -4.41 -1.42
C2 GHP D 5 -0.38 -5.57 -2.01
C3 GHP D 5 -1.07 -6.79 -2.15
C4 GHP D 5 -2.44 -6.86 -1.75
O4 GHP D 5 -3.15 -8.03 -1.90
C5 GHP D 5 -3.10 -5.70 -1.17
C6 GHP D 5 -2.35 -4.48 -1.00
H GHP D 5 -0.55 -1.19 -1.15
HA GHP D 5 0.90 -3.45 -1.61
HC2 GHP D 5 0.66 -5.52 -2.31
HO4 GHP D 5 -2.58 -8.69 -2.29
H5 GHP D 5 -4.14 -5.75 -0.87
H6 GHP D 5 -2.83 -3.61 -0.55
N OMY D 6 1.05 -3.80 1.02
CA OMY D 6 2.03 -4.72 0.43
OCZ OMY D 6 4.00 0.70 -1.74
CE2 OMY D 6 3.99 -0.52 0.41
CE1 OMY D 6 4.08 -1.73 -1.76
CZ OMY D 6 4.07 -0.50 -1.03
CG OMY D 6 3.76 -3.01 0.35
CD2 OMY D 6 3.82 -1.78 1.10
CD1 OMY D 6 3.94 -2.98 -1.08
CB OMY D 6 3.41 -4.34 0.97
CL OMY D 6 4.24 -1.70 -3.48
O OMY D 6 1.25 -6.63 1.71
C OMY D 6 1.60 -6.18 0.62
ODE OMY D 6 3.36 -4.24 2.36
H OMY D 6 1.09 -3.64 2.00
HA OMY D 6 2.04 -4.56 -0.64
HE2 OMY D 6 4.05 0.42 0.95
HD2 OMY D 6 3.72 -1.80 2.17
HD1 OMY D 6 3.91 -3.91 -1.63
HB OMY D 6 4.13 -5.10 0.68
N 3FG D 7 1.67 -6.86 -0.54
OD1 3FG D 7 -1.79 -7.67 -4.65
CD1 3FG D 7 -0.75 -8.33 -4.03
CG1 3FG D 7 -0.33 -7.95 -2.72
CZ 3FG D 7 -0.10 -9.40 -4.73
CD2 3FG D 7 0.99 -10.09 -4.10
OD2 3FG D 7 1.63 -11.13 -4.76
CG2 3FG D 7 1.42 -9.72 -2.78
CB 3FG D 7 0.77 -8.63 -2.07
CA 3FG D 7 1.26 -8.24 -0.67
C 3FG D 7 2.46 -9.08 -0.16
O 3FG D 7 2.25 -10.20 0.28
OXT 3FG D 7 3.60 -8.58 -0.22
H 3FG D 7 1.97 -6.38 -1.37
HA 3FG D 7 0.43 -8.31 0.03
HD1 3FG D 7 -1.95 -8.04 -5.51
HZ 3FG D 7 -0.40 -9.64 -5.72
HD2 3FG D 7 2.33 -11.48 -4.22
HG2 3FG D 7 2.24 -10.23 -2.32
C2 BGC E . 5.79 5.52 1.59
C3 BGC E . 6.75 5.43 0.41
C4 BGC E . 7.37 4.04 0.33
C5 BGC E . 6.29 2.96 0.43
C6 BGC E . 6.86 1.55 0.57
C1 BGC E . 4.78 4.37 1.57
O2 BGC E . 5.13 6.76 1.61
O3 BGC E . 7.77 6.39 0.58
O4 BGC E . 8.03 3.88 -0.89
O5 BGC E . 5.51 3.18 1.59
O6 BGC E . 7.82 1.50 1.59
H2 BGC E . 6.36 5.42 2.52
H3 BGC E . 6.23 5.66 -0.52
H4 BGC E . 8.10 3.90 1.14
H5 BGC E . 5.65 3.04 -0.45
H61 BGC E . 6.05 0.86 0.82
H62 BGC E . 7.30 1.18 -0.35
H1 BGC E . 4.15 4.41 0.67
HO3 BGC E . 7.97 6.72 -0.28
HO4 BGC E . 8.95 4.10 -0.74
HO6 BGC E . 8.11 0.59 1.64
C1 RER E . 5.85 7.72 2.35
C2 RER E . 5.13 9.07 2.36
C3 RER E . 3.82 9.03 3.17
N3 RER E . 3.34 10.38 3.38
C3A RER E . 2.75 8.24 2.40
C4 RER E . 4.10 8.38 4.52
O4 RER E . 2.88 8.20 5.21
C5 RER E . 4.78 7.03 4.32
O5 RER E . 6.01 7.25 3.67
C5A RER E . 5.03 6.28 5.63
H1 RER E . 6.84 7.84 1.90
H21C RER E . 5.78 9.81 2.80
H22C RER E . 4.92 9.39 1.33
HO1 RER E . 4.07 10.93 3.89
H31N RER E . 2.47 10.36 3.93
H32N RER E . 3.16 10.83 2.45
H3A1 RER E . 3.08 7.23 2.21
H3A2 RER E . 1.82 8.21 2.98
H3A3 RER E . 2.54 8.71 1.45
H4 RER E . 4.73 9.02 5.12
HO4 RER E . 3.08 8.35 6.13
H5 RER E . 4.15 6.41 3.68
H5A1 RER E . 4.09 6.13 6.18
H5A2 RER E . 5.47 5.30 5.45
H5A3 RER E . 5.70 6.84 6.27
C2 BGC F . 5.57 4.33 -4.07
C3 BGC F . 6.43 4.44 -5.32
C4 BGC F . 6.96 3.07 -5.72
C5 BGC F . 5.85 2.03 -5.75
C6 BGC F . 6.46 0.65 -6.00
C1 BGC F . 4.52 3.22 -4.23
O2 BGC F . 4.87 5.53 -3.86
O3 BGC F . 7.50 5.31 -5.03
O4 BGC F . 7.55 3.15 -6.99
O5 BGC F . 5.18 2.01 -4.52
O6 BGC F . 7.42 0.36 -5.03
H2 BGC F . 6.18 4.09 -3.20
H3 BGC F . 5.85 4.87 -6.13
H4 BGC F . 7.72 2.72 -5.01
H5 BGC F . 5.14 2.27 -6.55
H61 BGC F . 5.69 -0.11 -5.94
H62 BGC F . 6.92 0.59 -6.98
H1 BGC F . 3.83 3.47 -5.03
HO3 BGC F . 7.67 5.79 -5.83
HO4 BGC F . 8.32 2.59 -6.98
HO6 BGC F . 7.75 -0.51 -5.22
C1 RER F . 5.39 6.32 -2.81
C2 RER F . 5.53 7.76 -3.32
C3 RER F . 4.16 8.40 -3.63
N3 RER F . 4.35 9.82 -3.87
C3A RER F . 3.52 7.78 -4.89
C4 RER F . 3.24 8.19 -2.43
O4 RER F . 1.95 8.65 -2.75
C5 RER F . 3.20 6.72 -2.04
O5 RER F . 4.50 6.30 -1.71
C5A RER F . 2.30 6.50 -0.82
H1 RER F . 6.35 5.93 -2.49
H21C RER F . 6.02 8.36 -2.55
H22C RER F . 6.16 7.79 -4.19
HO1 RER F . 4.98 9.96 -4.69
H31N RER F . 4.77 10.26 -3.03
H32N RER F . 3.43 10.26 -4.07
H3A1 RER F . 3.26 6.73 -4.72
H3A2 RER F . 2.60 8.30 -5.14
H3A3 RER F . 4.20 7.83 -5.74
H4 RER F . 3.60 8.78 -1.59
HO4 RER F . 1.90 9.55 -2.44
H5 RER F . 2.83 6.12 -2.88
H5A1 RER F . 1.28 6.79 -1.04
H5A2 RER F . 2.66 7.09 0.03
H5A3 RER F . 2.32 5.45 -0.54
C1 RER G . -3.79 4.53 -2.90
C2 RER G . -4.14 4.26 -4.37
C3 RER G . -5.64 4.08 -4.60
N3 RER G . -5.92 4.17 -6.03
C3A RER G . -6.11 2.71 -4.10
C4 RER G . -6.38 5.19 -3.87
O4 RER G . -7.77 5.04 -4.03
C5 RER G . -6.00 5.14 -2.40
O5 RER G . -4.64 5.50 -2.34
C5A RER G . -6.83 6.12 -1.56
H1 RER G . -2.77 4.90 -2.82
H21C RER G . -3.80 5.12 -4.96
H22C RER G . -3.59 3.40 -4.74
HO1 RER G . -6.95 4.08 -6.18
H31N RER G . -5.42 3.43 -6.54
H32N RER G . -5.61 5.11 -6.38
H3A1 RER G . -7.21 2.65 -4.11
H3A2 RER G . -5.74 1.91 -4.74
H3A3 RER G . -5.77 2.51 -3.09
H4 RER G . -6.09 6.16 -4.26
HO4 RER G . -8.01 5.58 -4.77
H5 RER G . -6.11 4.13 -2.01
H5A1 RER G . -6.66 7.15 -1.88
H5A2 RER G . -7.89 5.91 -1.66
H5A3 RER G . -6.57 6.05 -0.50
C1 RER H . 4.60 -4.09 3.00
C2 RER H . 4.28 -3.90 4.48
C3 RER H . 3.81 -5.19 5.14
N3 RER H . 3.89 -5.05 6.59
C3A RER H . 2.36 -5.54 4.77
C4 RER H . 4.74 -6.31 4.72
O4 RER H . 4.34 -7.54 5.28
C5 RER H . 4.82 -6.40 3.20
O5 RER H . 5.41 -5.21 2.76
C5A RER H . 5.68 -7.59 2.74
H1 RER H . 5.14 -3.22 2.62
H21C RER H . 3.52 -3.15 4.60
H22C RER H . 5.14 -3.46 4.97
HO1 RER H . 3.26 -4.28 6.90
H31N RER H . 4.87 -4.83 6.86
H32N RER H . 3.59 -5.94 7.04
H3A1 RER H . 2.26 -5.78 3.71
H3A2 RER H . 1.68 -4.72 4.98
H3A3 RER H . 2.01 -6.41 5.33
H4 RER H . 5.71 -6.05 5.12
HO4 RER H . 3.53 -7.79 4.85
H5 RER H . 3.83 -6.46 2.76
H5A1 RER H . 6.69 -7.51 3.16
H5A2 RER H . 5.24 -8.53 3.07
H5A3 RER H . 5.76 -7.60 1.65
N ALA A 1 -5.49 11.03 -4.26
CA ALA A 1 -5.85 9.85 -3.48
C ALA A 1 -4.66 8.93 -3.30
N FGA A 2 -4.06 9.04 -2.09
CA FGA A 2 -2.93 8.17 -1.86
C FGA A 2 -1.65 8.84 -2.37
O FGA A 2 -1.33 8.67 -3.55
CB FGA A 2 -2.83 7.87 -0.37
CG FGA A 2 -4.14 7.32 0.19
CD FGA A 2 -3.94 6.79 1.62
OE1 FGA A 2 -2.84 6.77 2.15
H FGA A 2 -4.38 9.68 -1.39
HA FGA A 2 -3.13 7.27 -2.41
HB2 FGA A 2 -2.03 7.14 -0.21
HB3 FGA A 2 -2.56 8.78 0.17
HG2 FGA A 2 -4.90 8.10 0.21
HG3 FGA A 2 -4.52 6.50 -0.42
N LYS A 3 -5.09 6.41 2.19
CA LYS A 3 -5.10 5.93 3.56
C LYS A 3 -4.23 4.67 3.71
N DAL A 4 -3.52 4.60 4.85
CA DAL A 4 -2.72 3.39 5.02
CB DAL A 4 -3.61 2.28 5.60
C DAL A 4 -1.54 3.67 5.95
O DAL A 4 -1.34 4.78 6.45
H DAL A 4 -3.55 5.32 5.54
HA DAL A 4 -2.33 3.09 4.05
HB1 DAL A 4 -4.44 2.08 4.94
HB2 DAL A 4 -3.04 1.36 5.73
HB3 DAL A 4 -4.00 2.57 6.58
N DAL A 5 -0.78 2.58 6.14
CA DAL A 5 0.38 2.66 7.00
CB DAL A 5 1.36 3.70 6.48
C DAL A 5 1.04 1.28 7.09
O DAL A 5 2.25 1.19 6.88
OXT DAL A 5 0.33 0.31 7.36
H DAL A 5 -1.03 1.71 5.72
HA DAL A 5 0.01 2.95 7.99
HB1 DAL A 5 0.89 4.68 6.41
HB2 DAL A 5 2.23 3.78 7.13
HB3 DAL A 5 1.71 3.44 5.48
N ALA B 1 11.18 -4.01 -2.44
CA ALA B 1 10.74 -3.61 -1.12
C ALA B 1 9.61 -4.50 -0.61
N FGA B 2 9.12 -4.02 0.53
CA FGA B 2 8.01 -4.64 1.21
C FGA B 2 7.86 -3.97 2.58
O FGA B 2 8.04 -4.66 3.59
CB FGA B 2 6.78 -4.43 0.34
CG FGA B 2 6.41 -5.67 -0.48
CD FGA B 2 5.82 -5.40 -1.87
OE1 FGA B 2 5.93 -4.32 -2.44
H FGA B 2 9.52 -3.20 0.93
HA FGA B 2 8.20 -5.69 1.33
HB2 FGA B 2 6.02 -4.17 1.05
HB3 FGA B 2 6.94 -3.57 -0.31
HG2 FGA B 2 7.25 -6.31 -0.64
HG3 FGA B 2 5.70 -6.31 0.07
N LYS B 3 5.22 -6.50 -2.34
CA LYS B 3 4.47 -6.53 -3.58
C LYS B 3 3.28 -5.56 -3.56
N DAL B 4 2.86 -5.18 -4.78
CA DAL B 4 1.75 -4.25 -4.87
CB DAL B 4 0.43 -4.99 -5.14
C DAL B 4 2.06 -3.25 -6.00
O DAL B 4 2.33 -3.63 -7.13
H DAL B 4 3.31 -5.53 -5.60
HA DAL B 4 1.71 -3.69 -3.93
HB1 DAL B 4 0.21 -5.70 -4.34
HB2 DAL B 4 -0.40 -4.30 -5.21
HB3 DAL B 4 0.49 -5.55 -6.08
N DAL B 5 2.01 -1.97 -5.60
CA DAL B 5 2.30 -0.94 -6.56
CB DAL B 5 3.05 0.21 -5.88
C DAL B 5 1.02 -0.43 -7.20
O DAL B 5 1.08 0.02 -8.35
OXT DAL B 5 -0.03 -0.51 -6.58
H DAL B 5 1.76 -1.72 -4.67
HA DAL B 5 2.94 -1.42 -7.29
HB1 DAL B 5 3.98 -0.15 -5.44
HB2 DAL B 5 3.30 0.98 -6.61
HB3 DAL B 5 2.45 0.65 -5.10
N MLU C 1 1.59 1.75 12.20
CN MLU C 1 3.00 2.10 12.14
CA MLU C 1 1.18 1.05 10.99
C MLU C 1 2.00 -0.23 10.80
O MLU C 1 1.94 -1.14 11.60
CB MLU C 1 -0.29 0.67 11.01
CG MLU C 1 -1.22 1.86 11.26
CD1 MLU C 1 -1.14 2.86 10.10
CD2 MLU C 1 -2.66 1.38 11.45
H1 MLU C 1 1.42 1.13 13.02
H2 MLU C 1 1.02 2.62 12.31
HCN1 MLU C 1 3.59 1.19 12.03
HCN2 MLU C 1 3.16 2.75 11.28
HCN3 MLU C 1 3.28 2.62 13.05
HA MLU C 1 1.37 1.73 10.15
HB2 MLU C 1 -0.45 -0.08 11.80
HB3 MLU C 1 -0.57 0.18 10.07
HG MLU C 1 -0.89 2.36 12.17
HD11 MLU C 1 -1.49 2.41 9.18
HD12 MLU C 1 -1.77 3.73 10.31
HD13 MLU C 1 -0.12 3.20 9.95
HD21 MLU C 1 -3.02 0.87 10.56
HD22 MLU C 1 -2.72 0.68 12.29
HD23 MLU C 1 -3.32 2.21 11.67
N OMZ C 2 2.77 -0.22 9.68
CA OMZ C 2 3.57 -1.40 9.42
C OMZ C 2 2.88 -2.27 8.37
O OMZ C 2 2.91 -3.49 8.46
CB OMZ C 2 5.02 -1.03 9.09
OC OMZ C 2 5.64 -0.45 10.22
CG OMZ C 2 5.08 -0.05 7.96
CD1 OMZ C 2 5.32 -0.51 6.62
CD2 OMZ C 2 4.86 1.36 8.21
CE1 OMZ C 2 5.24 0.42 5.53
CL OMZ C 2 5.48 -0.14 3.92
CE2 OMZ C 2 4.78 2.28 7.11
CZ OMZ C 2 4.93 1.80 5.76
OH OMZ C 2 4.64 2.62 4.67
H OMZ C 2 2.77 0.57 9.07
HA OMZ C 2 3.56 -1.97 10.35
HB OMZ C 2 5.60 -1.91 8.83
HC OMZ C 2 5.68 -1.13 10.88
HD1 OMZ C 2 5.52 -1.56 6.43
HD2 OMZ C 2 4.71 1.70 9.22
HE2 OMZ C 2 4.58 3.33 7.28
N ASN C 3 2.24 -1.62 7.36
CA ASN C 3 1.57 -2.51 6.40
C ASN C 3 1.48 -1.93 4.97
N GHP C 4 0.68 -0.85 4.86
CA GHP C 4 0.54 -0.25 3.54
C GHP C 4 -0.94 0.14 3.31
O GHP C 4 -1.66 0.53 4.21
C1 GHP C 4 1.42 0.96 3.31
C2 GHP C 4 1.11 1.94 2.30
C3 GHP C 4 1.95 3.10 2.06
C4 GHP C 4 3.11 3.27 2.89
O4 GHP C 4 3.93 4.38 2.77
C5 GHP C 4 3.47 2.31 3.92
C6 GHP C 4 2.60 1.16 4.10
H GHP C 4 0.25 -0.45 5.67
HA GHP C 4 0.82 -1.03 2.83
HC2 GHP C 4 0.19 1.83 1.74
H6 GHP C 4 2.83 0.43 4.85
N GHP C 5 -1.30 0.02 2.01
CA GHP C 5 -2.62 0.43 1.60
C GHP C 5 -2.78 0.33 0.06
O GHP C 5 -2.29 -0.61 -0.52
C1 GHP C 5 -3.80 -0.24 2.24
C2 GHP C 5 -4.73 0.62 2.90
C3 GHP C 5 -5.97 0.14 3.41
C4 GHP C 5 -6.28 -1.25 3.30
O4 GHP C 5 -7.46 -1.74 3.80
C5 GHP C 5 -5.34 -2.15 2.65
C6 GHP C 5 -4.10 -1.64 2.12
H GHP C 5 -0.65 -0.33 1.34
HA GHP C 5 -2.61 1.47 1.90
HC2 GHP C 5 -4.50 1.67 2.99
HO4 GHP C 5 -7.51 -2.66 3.65
H5 GHP C 5 -5.58 -3.20 2.56
H6 GHP C 5 -3.42 -2.30 1.62
N OMY C 6 -3.49 1.30 -0.58
CA OMY C 6 -4.14 2.48 -0.02
OCZ OMY C 6 1.72 4.08 1.05
CE2 OMY C 6 0.20 3.76 -0.89
CE1 OMY C 6 -0.66 4.52 1.31
CZ OMY C 6 0.45 4.16 0.47
CG OMY C 6 -2.27 3.95 -0.48
CD2 OMY C 6 -1.17 3.66 -1.37
CD1 OMY C 6 -2.01 4.44 0.85
CB OMY C 6 -3.71 3.70 -0.84
CL OMY C 6 -0.35 5.05 2.94
O OMY C 6 -6.35 1.85 -0.82
C OMY C 6 -5.66 2.25 0.10
ODE OMY C 6 -3.87 3.46 -2.22
H OMY C 6 -3.56 1.19 -1.57
HA OMY C 6 -3.79 2.62 1.00
HE2 OMY C 6 1.01 3.51 -1.54
HD2 OMY C 6 -1.36 3.33 -2.38
HD1 OMY C 6 -2.82 4.70 1.50
HB OMY C 6 -4.31 4.54 -0.54
N 3FG C 7 -6.09 2.54 1.36
OD1 3FG C 7 -6.37 -0.01 6.11
CD1 3FG C 7 -7.03 1.01 5.46
CG1 3FG C 7 -6.89 1.13 4.04
CZ 3FG C 7 -7.83 1.93 6.20
CD2 3FG C 7 -8.51 2.99 5.52
OD2 3FG C 7 -9.28 3.88 6.24
CG2 3FG C 7 -8.39 3.12 4.10
CB 3FG C 7 -7.56 2.20 3.32
CA 3FG C 7 -7.45 2.38 1.80
C 3FG C 7 -8.23 3.59 1.24
O 3FG C 7 -9.41 3.44 0.94
OXT 3FG C 7 -7.62 4.65 1.12
H 3FG C 7 -5.43 2.88 2.02
HA 3FG C 7 -7.75 1.46 1.31
HD1 3FG C 7 -5.88 -0.54 5.49
HZ 3FG C 7 -7.88 1.83 7.27
HD2 3FG C 7 -9.65 4.52 5.64
HG2 3FG C 7 -8.88 3.94 3.60
N MLU D 1 0.35 0.40 -12.52
CN MLU D 1 0.84 1.75 -12.81
CA MLU D 1 -0.05 0.30 -11.12
C MLU D 1 -1.16 1.30 -10.80
O MLU D 1 -1.81 1.84 -11.68
CB MLU D 1 -0.53 -1.11 -10.77
CG MLU D 1 0.54 -2.17 -11.03
CD1 MLU D 1 1.77 -1.94 -10.14
CD2 MLU D 1 -0.02 -3.57 -10.81
H1 MLU D 1 -0.46 0.19 -13.12
H2 MLU D 1 1.11 -0.28 -12.71
HCN1 MLU D 1 1.69 1.97 -12.17
HCN2 MLU D 1 1.13 1.81 -13.86
HCN3 MLU D 1 0.03 2.47 -12.61
HA MLU D 1 0.83 0.54 -10.52
HB2 MLU D 1 -1.41 -1.34 -11.37
HB3 MLU D 1 -0.83 -1.14 -9.73
HG MLU D 1 0.87 -2.08 -12.07
HD11 MLU D 1 1.50 -2.04 -9.09
HD12 MLU D 1 2.54 -2.67 -10.36
HD13 MLU D 1 2.18 -0.95 -10.29
HD21 MLU D 1 0.73 -4.33 -11.02
HD22 MLU D 1 -0.36 -3.70 -9.78
HD23 MLU D 1 -0.88 -3.75 -11.46
N OMZ D 2 -1.33 1.51 -9.48
CA OMZ D 2 -2.36 2.44 -9.09
C OMZ D 2 -3.11 1.96 -7.83
O OMZ D 2 -4.26 2.30 -7.62
CB OMZ D 2 -1.81 3.88 -8.99
OC OMZ D 2 -1.21 4.25 -10.21
CG OMZ D 2 -0.80 4.01 -7.88
CD1 OMZ D 2 -1.04 4.90 -6.78
CD2 OMZ D 2 0.41 3.22 -7.91
CE1 OMZ D 2 -0.13 4.93 -5.68
CL OMZ D 2 -0.45 5.96 -4.33
CE2 OMZ D 2 1.32 3.26 -6.80
CZ OMZ D 2 1.03 4.07 -5.66
OH OMZ D 2 1.79 3.94 -4.51
H OMZ D 2 -0.75 1.06 -8.80
HA OMZ D 2 -3.09 2.42 -9.91
HB OMZ D 2 -2.62 4.58 -8.79
HC OMZ D 2 -0.91 5.14 -10.10
HD1 OMZ D 2 -1.92 5.53 -6.77
HD2 OMZ D 2 0.64 2.59 -8.75
HE2 OMZ D 2 2.20 2.64 -6.81
N ASN D 3 -2.42 1.14 -7.00
CA ASN D 3 -3.16 0.64 -5.84
C ASN D 3 -2.39 0.72 -4.50
N GHP D 4 -1.45 -0.22 -4.39
CA GHP D 4 -0.69 -0.28 -3.15
C GHP D 4 -0.34 -1.75 -2.82
O GHP D 4 -0.13 -2.59 -3.68
C1 GHP D 4 0.55 0.58 -3.13
C2 GHP D 4 1.72 0.22 -2.37
C3 GHP D 4 2.89 1.10 -2.28
C4 GHP D 4 2.85 2.33 -3.02
O4 GHP D 4 3.93 3.18 -2.95
C5 GHP D 4 1.72 2.71 -3.82
C6 GHP D 4 0.57 1.81 -3.85
H GHP D 4 -1.24 -0.76 -5.20
HA GHP D 4 -1.37 0.10 -2.39
HC2 GHP D 4 1.72 -0.73 -1.85
H6 GHP D 4 -0.30 2.05 -4.44
N GHP D 5 -0.30 -1.93 -1.49
CA GHP D 5 0.07 -3.21 -0.93
C GHP D 5 0.27 -3.09 0.58
O GHP D 5 -0.48 -2.38 1.23
C1 GHP D 5 -0.88 -4.35 -1.18
C2 GHP D 5 -0.34 -5.49 -1.84
C3 GHP D 5 -1.07 -6.69 -1.97
C4 GHP D 5 -2.41 -6.75 -1.49
O4 GHP D 5 -3.14 -7.91 -1.64
C5 GHP D 5 -3.01 -5.61 -0.84
C6 GHP D 5 -2.22 -4.40 -0.67
H GHP D 5 -0.51 -1.17 -0.87
HA GHP D 5 1.02 -3.42 -1.42
HC2 GHP D 5 0.67 -5.44 -2.21
HO4 GHP D 5 -2.61 -8.57 -2.08
H5 GHP D 5 -4.01 -5.66 -0.47
H6 GHP D 5 -2.65 -3.54 -0.16
N OMY D 6 1.27 -3.81 1.16
CA OMY D 6 2.25 -4.70 0.53
OCZ OMY D 6 4.06 0.85 -1.52
CE2 OMY D 6 4.12 -0.44 0.61
CE1 OMY D 6 4.19 -1.59 -1.60
CZ OMY D 6 4.16 -0.37 -0.83
CG OMY D 6 3.94 -2.94 0.48
CD2 OMY D 6 4.00 -1.72 1.26
CD1 OMY D 6 4.09 -2.86 -0.96
CB OMY D 6 3.63 -4.30 1.07
CL OMY D 6 4.31 -1.51 -3.33
O OMY D 6 1.57 -6.69 1.77
C OMY D 6 1.83 -6.18 0.68
ODE OMY D 6 3.60 -4.26 2.48
H OMY D 6 1.34 -3.67 2.15
HA OMY D 6 2.29 -4.53 -0.53
HE2 OMY D 6 4.18 0.48 1.16
HD2 OMY D 6 3.91 -1.77 2.33
HD1 OMY D 6 4.07 -3.78 -1.52
HB OMY D 6 4.33 -5.05 0.72
N 3FG D 7 1.78 -6.81 -0.52
OD1 3FG D 7 -2.00 -7.53 -4.43
CD1 3FG D 7 -0.89 -8.18 -3.92
CG1 3FG D 7 -0.38 -7.83 -2.64
CZ 3FG D 7 -0.26 -9.21 -4.70
CD2 3FG D 7 0.89 -9.89 -4.20
OD2 3FG D 7 1.50 -10.87 -4.94
CG2 3FG D 7 1.40 -9.54 -2.90
CB 3FG D 7 0.78 -8.51 -2.09
CA 3FG D 7 1.34 -8.18 -0.70
C 3FG D 7 2.54 -9.07 -0.29
O 3FG D 7 2.33 -10.06 0.40
OXT 3FG D 7 3.67 -8.74 -0.66
H 3FG D 7 2.03 -6.29 -1.34
HA 3FG D 7 0.55 -8.29 0.04
HD1 3FG D 7 -2.29 -6.88 -3.80
HZ 3FG D 7 -0.65 -9.43 -5.69
HD2 3FG D 7 2.24 -11.22 -4.47
HG2 3FG D 7 2.29 -10.03 -2.53
C2 BGC E . 5.46 5.69 1.52
C3 BGC E . 6.36 5.74 0.28
C4 BGC E . 7.06 4.39 0.05
C5 BGC E . 6.06 3.24 0.19
C6 BGC E . 6.74 1.88 0.12
C1 BGC E . 4.58 4.44 1.53
O2 BGC E . 4.65 6.84 1.57
O3 BGC E . 7.31 6.74 0.45
O4 BGC E . 7.61 4.36 -1.23
O5 BGC E . 5.41 3.32 1.43
O6 BGC E . 7.95 1.87 0.82
H2 BGC E . 6.09 5.67 2.41
H3 BGC E . 5.75 5.97 -0.60
H4 BGC E . 7.86 4.27 0.78
H5 BGC E . 5.31 3.30 -0.60
H61 BGC E . 6.08 1.13 0.55
H62 BGC E . 6.92 1.57 -0.91
H1 BGC E . 3.85 4.45 0.72
HO3 BGC E . 7.45 7.13 -0.41
HO4 BGC E . 8.51 4.64 -1.15
HO6 BGC E . 8.30 0.99 0.76
C1 RER E . 5.20 7.84 2.38
C2 RER E . 4.37 9.13 2.31
C3 RER E . 3.00 8.98 2.96
N3 RER E . 2.40 10.30 3.12
C3A RER E . 2.08 8.13 2.07
C4 RER E . 3.15 8.32 4.33
O4 RER E . 1.88 8.05 4.87
C5 RER E . 3.96 7.04 4.21
O5 RER E . 5.24 7.38 3.72
C5A RER E . 4.11 6.30 5.53
H1 RER E . 6.23 8.04 2.06
H21C RER E . 4.91 9.92 2.82
H22C RER E . 4.27 9.45 1.27
HO1 RER E . 2.29 10.74 2.19
H31N RER E . 3.01 10.89 3.72
H32N RER E . 1.46 10.19 3.56
H3A1 RER E . 1.94 8.60 1.10
H3A2 RER E . 2.51 7.14 1.91
H3A3 RER E . 1.10 8.01 2.53
H4 RER E . 3.66 9.01 5.01
HO4 RER E . 1.96 8.20 5.80
H5 RER E . 3.47 6.40 3.48
H5A1 RER E . 3.12 6.02 5.92
H5A2 RER E . 4.69 5.38 5.41
H5A3 RER E . 4.60 6.91 6.27
C2 BGC F . 5.53 4.49 -4.11
C3 BGC F . 6.41 4.58 -5.35
C4 BGC F . 7.02 3.22 -5.68
C5 BGC F . 5.98 2.11 -5.66
C6 BGC F . 6.68 0.76 -5.83
C1 BGC F . 4.58 3.30 -4.20
O2 BGC F . 4.75 5.65 -4.01
O3 BGC F . 7.42 5.52 -5.11
O4 BGC F . 7.61 3.25 -6.96
O5 BGC F . 5.32 2.12 -4.41
O6 BGC F . 7.65 0.58 -4.84
H2 BGC F . 6.14 4.36 -3.23
H3 BGC F . 5.81 4.93 -6.20
H4 BGC F . 7.79 2.95 -4.95
H5 BGC F . 5.25 2.27 -6.45
H61 BGC F . 5.95 -0.05 -5.73
H62 BGC F . 7.15 0.69 -6.81
H1 BGC F . 3.86 3.44 -5.02
HO3 BGC F . 7.12 6.34 -5.46
HO4 BGC F . 6.96 3.62 -7.55
HO6 BGC F . 8.04 -0.27 -4.99
C1 RER F . 5.14 6.54 -2.98
C2 RER F . 5.28 7.95 -3.56
C3 RER F . 3.94 8.52 -4.03
N3 RER F . 4.10 9.94 -4.31
C3A RER F . 3.45 7.82 -5.30
C4 RER F . 2.91 8.35 -2.92
O4 RER F . 1.64 8.74 -3.38
C5 RER F . 2.87 6.89 -2.43
O5 RER F . 4.15 6.54 -1.97
C5A RER F . 1.89 6.72 -1.29
H1 RER F . 6.08 6.21 -2.54
H21C RER F . 5.69 8.60 -2.78
H22C RER F . 6.00 7.95 -4.38
HO1 RER F . 3.20 10.33 -4.62
H31N RER F . 4.81 10.06 -5.07
H32N RER F . 4.42 10.44 -3.46
H3A1 RER F . 3.23 6.77 -5.12
H3A2 RER F . 2.54 8.29 -5.67
H3A3 RER F . 4.21 7.87 -6.09
H4 RER F . 3.17 8.99 -2.07
HO4 RER F . 1.43 8.17 -4.11
H5 RER F . 2.59 6.23 -3.26
H5A1 RER F . 2.14 7.35 -0.44
H5A2 RER F . 0.87 6.97 -1.59
H5A3 RER F . 1.88 5.68 -0.93
C1 RER G . -3.72 4.63 -2.98
C2 RER G . -4.06 4.40 -4.46
C3 RER G . -5.56 4.25 -4.72
N3 RER G . -5.82 4.40 -6.14
C3A RER G . -6.05 2.87 -4.28
C4 RER G . -6.30 5.34 -3.95
O4 RER G . -7.69 5.19 -4.11
C5 RER G . -5.91 5.25 -2.48
O5 RER G . -4.56 5.62 -2.43
C5A RER G . -6.75 6.20 -1.61
H1 RER G . -2.69 4.97 -2.89
H21C RER G . -3.70 5.25 -5.03
H22C RER G . -3.52 3.53 -4.84
HO1 RER G . -5.50 5.34 -6.45
H31N RER G . -6.85 4.31 -6.32
H32N RER G . -5.32 3.67 -6.67
H3A1 RER G . -7.14 2.81 -4.33
H3A2 RER G . -5.75 2.62 -3.27
H3A3 RER G . -5.67 2.08 -4.94
H4 RER G . -6.01 6.31 -4.32
HO4 RER G . -8.05 6.06 -4.15
H5 RER G . -6.02 4.22 -2.13
H5A1 RER G . -7.80 5.97 -1.70
H5A2 RER G . -6.46 6.11 -0.56
H5A3 RER G . -6.59 7.23 -1.91
C1 RER H . 4.85 -4.13 3.09
C2 RER H . 4.60 -4.00 4.60
C3 RER H . 4.03 -5.29 5.20
N3 RER H . 4.09 -5.20 6.65
C3A RER H . 2.57 -5.54 4.80
C4 RER H . 4.87 -6.48 4.75
O4 RER H . 4.29 -7.68 5.18
C5 RER H . 5.02 -6.47 3.22
O5 RER H . 5.65 -5.27 2.86
C5A RER H . 5.86 -7.63 2.71
H1 RER H . 5.39 -3.26 2.69
H21C RER H . 5.55 -3.77 5.10
H22C RER H . 3.95 -3.16 4.81
HO1 RER H . 3.51 -4.40 6.97
H31N RER H . 5.08 -5.05 6.95
H32N RER H . 3.72 -6.08 7.08
H3A1 RER H . 2.48 -5.87 3.76
H3A2 RER H . 2.13 -6.32 5.42
H3A3 RER H . 1.96 -4.65 4.89
H4 RER H . 5.86 -6.41 5.20
HO4 RER H . 4.69 -7.91 6.00
H5 RER H . 4.03 -6.48 2.75
H5A1 RER H . 5.40 -8.59 2.97
H5A2 RER H . 5.97 -7.59 1.64
H5A3 RER H . 6.85 -7.61 3.15
N ALA A 1 -5.23 11.06 -4.26
CA ALA A 1 -5.64 9.90 -3.48
C ALA A 1 -4.48 8.92 -3.29
N FGA A 2 -3.89 9.01 -2.09
CA FGA A 2 -2.79 8.09 -1.85
C FGA A 2 -1.49 8.70 -2.37
O FGA A 2 -0.54 8.81 -1.60
CB FGA A 2 -2.69 7.78 -0.36
CG FGA A 2 -4.02 7.27 0.20
CD FGA A 2 -3.84 6.77 1.64
OE1 FGA A 2 -2.74 6.76 2.19
H FGA A 2 -4.17 9.64 -1.38
HA FGA A 2 -3.03 7.18 -2.41
HB2 FGA A 2 -1.92 7.03 -0.20
HB3 FGA A 2 -2.40 8.68 0.17
HG2 FGA A 2 -4.76 8.07 0.20
HG3 FGA A 2 -4.41 6.46 -0.40
N LYS A 3 -5.00 6.41 2.20
CA LYS A 3 -5.01 5.95 3.57
C LYS A 3 -4.14 4.69 3.75
N DAL A 4 -3.40 4.67 4.87
CA DAL A 4 -2.59 3.48 5.08
CB DAL A 4 -3.49 2.36 5.62
C DAL A 4 -1.45 3.78 6.05
O DAL A 4 -1.29 4.89 6.54
H DAL A 4 -3.41 5.42 5.53
HA DAL A 4 -2.16 3.18 4.11
HB1 DAL A 4 -4.31 2.15 4.94
HB2 DAL A 4 -2.91 1.45 5.78
HB3 DAL A 4 -3.92 2.66 6.58
N DAL A 5 -0.69 2.70 6.28
CA DAL A 5 0.43 2.81 7.18
CB DAL A 5 1.49 3.76 6.62
C DAL A 5 1.03 1.42 7.43
O DAL A 5 2.16 1.17 7.00
OXT DAL A 5 0.35 0.59 8.05
H DAL A 5 -0.91 1.83 5.85
HA DAL A 5 0.02 3.19 8.11
HB1 DAL A 5 1.06 4.75 6.44
HB2 DAL A 5 2.32 3.87 7.32
HB3 DAL A 5 1.87 3.39 5.67
N ALA B 1 11.26 -3.85 -2.11
CA ALA B 1 10.72 -3.43 -0.81
C ALA B 1 9.61 -4.34 -0.35
N FGA B 2 9.03 -3.84 0.76
CA FGA B 2 7.91 -4.46 1.40
C FGA B 2 7.68 -3.77 2.73
O FGA B 2 7.68 -4.45 3.77
CB FGA B 2 6.73 -4.34 0.46
CG FGA B 2 6.43 -5.61 -0.35
CD FGA B 2 5.93 -5.39 -1.77
OE1 FGA B 2 6.04 -4.32 -2.37
H FGA B 2 9.39 -3.00 1.15
HA FGA B 2 8.12 -5.52 1.56
HB2 FGA B 2 5.92 -4.09 1.11
HB3 FGA B 2 6.88 -3.49 -0.21
HG2 FGA B 2 7.31 -6.23 -0.44
HG3 FGA B 2 5.71 -6.24 0.18
N LYS B 3 5.38 -6.51 -2.25
CA LYS B 3 4.71 -6.58 -3.52
C LYS B 3 3.51 -5.63 -3.57
N DAL B 4 3.20 -5.21 -4.82
CA DAL B 4 2.07 -4.31 -4.97
CB DAL B 4 0.83 -5.10 -5.42
C DAL B 4 2.43 -3.23 -5.99
O DAL B 4 3.47 -3.26 -6.64
H DAL B 4 3.72 -5.53 -5.61
HA DAL B 4 1.89 -3.84 -4.00
HB1 DAL B 4 0.58 -5.87 -4.70
HB2 DAL B 4 -0.03 -4.44 -5.53
HB3 DAL B 4 1.01 -5.58 -6.38
N DAL B 5 1.51 -2.25 -6.05
CA DAL B 5 1.74 -1.15 -6.97
CB DAL B 5 2.90 -0.28 -6.50
C DAL B 5 0.45 -0.33 -7.12
O DAL B 5 0.35 0.72 -6.48
OXT DAL B 5 -0.43 -0.74 -7.87
H DAL B 5 0.66 -2.28 -5.53
HA DAL B 5 1.98 -1.62 -7.93
HB1 DAL B 5 3.81 -0.87 -6.39
HB2 DAL B 5 3.10 0.52 -7.20
HB3 DAL B 5 2.67 0.17 -5.53
N MLU C 1 1.41 1.88 12.19
CN MLU C 1 2.83 2.19 12.14
CA MLU C 1 1.01 1.18 10.98
C MLU C 1 1.79 -0.12 10.81
O MLU C 1 1.70 -1.04 11.63
CB MLU C 1 -0.49 0.81 10.99
CG MLU C 1 -1.38 2.02 11.27
CD1 MLU C 1 -1.24 3.08 10.17
CD2 MLU C 1 -2.83 1.58 11.41
H1 MLU C 1 1.22 1.27 13.01
H2 MLU C 1 0.86 2.75 12.27
HCN1 MLU C 1 3.40 1.27 12.05
HCN2 MLU C 1 3.02 2.83 11.27
HCN3 MLU C 1 3.11 2.71 13.05
HA MLU C 1 1.21 1.83 10.13
HB2 MLU C 1 -0.66 0.06 11.76
HB3 MLU C 1 -0.76 0.37 10.04
HG MLU C 1 -1.06 2.48 12.21
HD11 MLU C 1 -1.56 2.67 9.21
HD12 MLU C 1 -0.21 3.42 10.08
HD13 MLU C 1 -1.86 3.95 10.39
HD21 MLU C 1 -2.94 0.85 12.21
HD22 MLU C 1 -3.19 1.12 10.49
HD23 MLU C 1 -3.48 2.43 11.64
N OMZ C 2 2.57 -0.16 9.71
CA OMZ C 2 3.34 -1.36 9.49
C OMZ C 2 2.62 -2.28 8.47
O OMZ C 2 2.59 -3.49 8.66
CB OMZ C 2 4.81 -1.05 9.15
OC OMZ C 2 5.46 -0.55 10.30
CG OMZ C 2 4.93 -0.03 8.06
CD1 OMZ C 2 5.28 -0.45 6.72
CD2 OMZ C 2 4.67 1.36 8.33
CE1 OMZ C 2 5.26 0.51 5.65
CL OMZ C 2 5.63 0.01 4.05
CE2 OMZ C 2 4.66 2.32 7.25
CZ OMZ C 2 4.91 1.89 5.91
OH OMZ C 2 4.64 2.71 4.81
H OMZ C 2 2.61 0.61 9.08
HA OMZ C 2 3.32 -1.91 10.43
HB OMZ C 2 5.34 -1.96 8.85
HC OMZ C 2 5.09 0.30 10.47
HD1 OMZ C 2 5.52 -1.48 6.52
HD2 OMZ C 2 4.45 1.68 9.34
HE2 OMZ C 2 4.43 3.36 7.45
N ASN C 3 2.01 -1.68 7.42
CA ASN C 3 1.31 -2.59 6.52
C ASN C 3 1.18 -2.07 5.07
N GHP C 4 0.76 -0.79 4.97
CA GHP C 4 0.62 -0.23 3.62
C GHP C 4 -0.85 0.13 3.33
O GHP C 4 -1.60 0.53 4.22
C1 GHP C 4 1.48 1.00 3.38
C2 GHP C 4 1.18 1.95 2.35
C3 GHP C 4 2.02 3.12 2.10
C4 GHP C 4 3.17 3.32 2.96
O4 GHP C 4 3.99 4.43 2.82
C5 GHP C 4 3.50 2.40 4.01
C6 GHP C 4 2.63 1.24 4.18
H GHP C 4 0.56 -0.24 5.78
HA GHP C 4 0.97 -1.02 2.94
HC2 GHP C 4 0.28 1.82 1.77
H6 GHP C 4 2.85 0.53 4.97
N GHP C 5 -1.18 -0.01 2.04
CA GHP C 5 -2.51 0.39 1.61
C GHP C 5 -2.67 0.30 0.09
O GHP C 5 -2.16 -0.65 -0.51
C1 GHP C 5 -3.68 -0.28 2.27
C2 GHP C 5 -4.61 0.59 2.93
C3 GHP C 5 -5.85 0.12 3.45
C4 GHP C 5 -6.15 -1.28 3.34
O4 GHP C 5 -7.33 -1.76 3.86
C5 GHP C 5 -5.23 -2.18 2.70
C6 GHP C 5 -3.99 -1.68 2.16
H GHP C 5 -0.52 -0.36 1.37
HA GHP C 5 -2.50 1.43 1.92
HC2 GHP C 5 -4.38 1.64 3.01
HO4 GHP C 5 -7.83 -1.04 4.24
H5 GHP C 5 -5.47 -3.24 2.62
H6 GHP C 5 -3.31 -2.34 1.65
N OMY C 6 -3.38 1.26 -0.56
CA OMY C 6 -4.05 2.43 0.01
OCZ OMY C 6 1.78 4.07 1.06
CE2 OMY C 6 0.25 3.77 -0.88
CE1 OMY C 6 -0.60 4.49 1.34
CZ OMY C 6 0.50 4.14 0.49
CG OMY C 6 -2.21 3.93 -0.47
CD2 OMY C 6 -1.10 3.67 -1.36
CD1 OMY C 6 -1.94 4.40 0.87
CB OMY C 6 -3.64 3.65 -0.82
CL OMY C 6 -0.30 5.01 2.96
O OMY C 6 -6.26 1.73 -0.75
C OMY C 6 -5.56 2.18 0.15
ODE OMY C 6 -3.82 3.41 -2.20
H OMY C 6 -3.45 1.15 -1.55
HA OMY C 6 -3.68 2.57 1.01
HE2 OMY C 6 1.08 3.55 -1.53
HD2 OMY C 6 -1.30 3.35 -2.37
HD1 OMY C 6 -2.77 4.65 1.52
HB OMY C 6 -4.26 4.49 -0.52
N 3FG C 7 -5.99 2.51 1.39
OD1 3FG C 7 -6.22 -0.03 6.17
CD1 3FG C 7 -6.88 0.98 5.50
CG1 3FG C 7 -6.75 1.10 4.09
CZ 3FG C 7 -7.68 1.91 6.25
CD2 3FG C 7 -8.37 2.97 5.57
OD2 3FG C 7 -9.13 3.86 6.29
CG2 3FG C 7 -8.25 3.09 4.15
CB 3FG C 7 -7.44 2.17 3.38
CA 3FG C 7 -7.33 2.33 1.86
C 3FG C 7 -8.13 3.54 1.30
O 3FG C 7 -9.30 3.39 1.00
OXT 3FG C 7 -7.53 4.62 1.16
H 3FG C 7 -5.32 2.88 2.03
HA 3FG C 7 -7.64 1.42 1.36
HD1 3FG C 7 -5.74 -0.55 5.54
HZ 3FG C 7 -7.73 1.81 7.32
HD2 3FG C 7 -9.52 4.49 5.70
HG2 3FG C 7 -8.75 3.90 3.64
N MLU D 1 0.28 0.31 -12.29
CN MLU D 1 0.84 1.65 -12.29
CA MLU D 1 -0.38 0.04 -11.02
C MLU D 1 -1.50 1.04 -10.76
O MLU D 1 -2.37 1.27 -11.58
CB MLU D 1 -0.98 -1.36 -10.97
CG MLU D 1 0.07 -2.47 -11.09
CD1 MLU D 1 1.07 -2.40 -9.94
CD2 MLU D 1 -0.60 -3.84 -11.13
H1 MLU D 1 -0.42 0.22 -13.06
H2 MLU D 1 1.05 -0.38 -12.44
HCN1 MLU D 1 1.33 1.84 -13.25
HCN2 MLU D 1 1.58 1.73 -11.49
HCN3 MLU D 1 0.05 2.37 -12.14
HA MLU D 1 0.38 0.14 -10.23
HB2 MLU D 1 -1.72 -1.47 -11.76
HB3 MLU D 1 -1.53 -1.49 -10.03
HG MLU D 1 0.60 -2.32 -12.03
HD11 MLU D 1 1.84 -3.17 -10.05
HD12 MLU D 1 0.57 -2.55 -8.99
HD13 MLU D 1 1.57 -1.43 -9.91
HD21 MLU D 1 -1.31 -3.91 -11.95
HD22 MLU D 1 0.13 -4.63 -11.24
HD23 MLU D 1 -1.16 -4.02 -10.20
N OMZ D 2 -1.41 1.64 -9.55
CA OMZ D 2 -2.43 2.61 -9.18
C OMZ D 2 -3.19 2.11 -7.93
O OMZ D 2 -4.35 2.44 -7.76
CB OMZ D 2 -1.85 4.03 -9.05
OC OMZ D 2 -1.21 4.38 -10.26
CG OMZ D 2 -0.86 4.13 -7.93
CD1 OMZ D 2 -1.13 4.99 -6.80
CD2 OMZ D 2 0.34 3.32 -7.95
CE1 OMZ D 2 -0.23 4.98 -5.69
CL OMZ D 2 -0.58 5.99 -4.31
CE2 OMZ D 2 1.22 3.33 -6.83
CZ OMZ D 2 0.92 4.12 -5.67
OH OMZ D 2 1.67 3.97 -4.50
H OMZ D 2 -0.66 1.41 -8.92
HA OMZ D 2 -3.14 2.59 -10.00
HB OMZ D 2 -2.64 4.74 -8.88
HC OMZ D 2 -1.88 4.42 -10.92
HD1 OMZ D 2 -2.00 5.62 -6.79
HD2 OMZ D 2 0.57 2.71 -8.81
HE2 OMZ D 2 2.11 2.70 -6.83
N ASN D 3 -2.51 1.32 -7.07
CA ASN D 3 -3.26 0.82 -5.93
C ASN D 3 -2.47 0.77 -4.61
N GHP D 4 -1.53 -0.20 -4.57
CA GHP D 4 -0.78 -0.33 -3.33
C GHP D 4 -0.44 -1.81 -3.04
O GHP D 4 -0.28 -2.65 -3.92
C1 GHP D 4 0.46 0.53 -3.27
C2 GHP D 4 1.63 0.16 -2.53
C3 GHP D 4 2.79 1.04 -2.40
C4 GHP D 4 2.73 2.31 -3.08
O4 GHP D 4 3.80 3.17 -2.97
C5 GHP D 4 1.59 2.71 -3.87
C6 GHP D 4 0.46 1.79 -3.93
H GHP D 4 -1.31 -0.71 -5.40
HA GHP D 4 -1.46 0.02 -2.56
HC2 GHP D 4 1.68 -0.82 -2.07
H6 GHP D 4 -0.42 2.07 -4.50
N GHP D 5 -0.34 -2.01 -1.71
CA GHP D 5 0.03 -3.29 -1.16
C GHP D 5 0.16 -3.18 0.37
O GHP D 5 -0.63 -2.48 0.98
C1 GHP D 5 -0.86 -4.46 -1.46
C2 GHP D 5 -0.26 -5.58 -2.08
C3 GHP D 5 -0.94 -6.81 -2.27
C4 GHP D 5 -2.31 -6.91 -1.87
O4 GHP D 5 -3.00 -8.09 -2.05
C5 GHP D 5 -2.97 -5.77 -1.25
C6 GHP D 5 -2.24 -4.55 -1.03
H GHP D 5 -0.50 -1.25 -1.10
HA GHP D 5 1.02 -3.48 -1.60
HC2 GHP D 5 0.78 -5.52 -2.40
HO4 GHP D 5 -3.89 -7.98 -1.74
H5 GHP D 5 -4.00 -5.85 -0.94
H6 GHP D 5 -2.72 -3.70 -0.56
N OMY D 6 1.14 -3.87 0.99
CA OMY D 6 2.18 -4.74 0.41
OCZ OMY D 6 3.97 0.79 -1.65
CE2 OMY D 6 3.92 -0.45 0.49
CE1 OMY D 6 4.17 -1.64 -1.67
CZ OMY D 6 4.06 -0.41 -0.95
CG OMY D 6 3.82 -2.94 0.41
CD2 OMY D 6 3.79 -1.71 1.17
CD1 OMY D 6 4.06 -2.90 -1.01
CB OMY D 6 3.51 -4.30 1.01
CL OMY D 6 4.39 -1.60 -3.39
O OMY D 6 1.52 -6.74 1.64
C OMY D 6 1.80 -6.23 0.56
ODE OMY D 6 3.42 -4.23 2.40
H OMY D 6 1.16 -3.74 1.99
HA OMY D 6 2.26 -4.59 -0.65
HE2 OMY D 6 3.91 0.49 1.02
HD2 OMY D 6 3.66 -1.75 2.24
HD1 OMY D 6 4.11 -3.84 -1.53
HB OMY D 6 4.26 -5.03 0.71
N 3FG D 7 1.80 -6.87 -0.63
OD1 3FG D 7 -1.68 -7.65 -4.78
CD1 3FG D 7 -0.60 -8.30 -4.20
CG1 3FG D 7 -0.19 -7.93 -2.88
CZ 3FG D 7 0.10 -9.31 -4.93
CD2 3FG D 7 1.23 -9.97 -4.34
OD2 3FG D 7 1.91 -10.94 -5.05
CG2 3FG D 7 1.64 -9.61 -3.01
CB 3FG D 7 0.95 -8.59 -2.26
CA 3FG D 7 1.41 -8.25 -0.82
C 3FG D 7 2.60 -9.10 -0.33
O 3FG D 7 2.37 -10.10 0.34
OXT 3FG D 7 3.74 -8.74 -0.64
H 3FG D 7 2.06 -6.34 -1.44
HA 3FG D 7 0.56 -8.37 -0.15
HD1 3FG D 7 -2.03 -7.02 -4.17
HZ 3FG D 7 -0.21 -9.54 -5.93
HD2 3FG D 7 2.62 -11.28 -4.52
HG2 3FG D 7 2.50 -10.09 -2.58
C2 BGC E . 5.57 5.67 1.54
C3 BGC E . 6.44 5.68 0.27
C4 BGC E . 7.05 4.31 0.00
C5 BGC E . 6.01 3.21 0.16
C6 BGC E . 6.60 1.80 0.04
C1 BGC E . 4.63 4.47 1.57
O2 BGC E . 4.83 6.86 1.62
O3 BGC E . 7.45 6.64 0.43
O4 BGC E . 7.55 4.28 -1.31
O5 BGC E . 5.42 3.31 1.43
O6 BGC E . 7.83 1.72 0.69
H2 BGC E . 6.23 5.61 2.42
H3 BGC E . 5.82 5.98 -0.57
H4 BGC E . 7.89 4.13 0.69
H5 BGC E . 5.23 3.33 -0.60
H61 BGC E . 5.91 1.10 0.49
H62 BGC E . 6.72 1.51 -1.00
H1 BGC E . 3.91 4.52 0.76
HO3 BGC E . 7.59 7.03 -0.42
HO4 BGC E . 8.34 3.76 -1.28
HO6 BGC E . 8.12 0.82 0.60
C1 RER E . 5.47 7.83 2.41
C2 RER E . 4.70 9.15 2.38
C3 RER E . 3.35 9.06 3.10
N3 RER E . 2.82 10.41 3.29
C3A RER E . 2.35 8.26 2.24
C4 RER E . 3.54 8.40 4.45
O4 RER E . 2.28 8.17 5.05
C5 RER E . 4.28 7.07 4.28
O5 RER E . 5.56 7.36 3.74
C5A RER E . 4.45 6.32 5.60
H1 RER E . 6.48 7.99 2.03
H21C RER E . 5.29 9.92 2.87
H22C RER E . 4.55 9.48 1.35
HO1 RER E . 1.90 10.34 3.78
H31N RER E . 2.69 10.87 2.37
H32N RER E . 3.48 10.96 3.87
H3A1 RER E . 2.19 8.75 1.28
H3A2 RER E . 2.72 7.26 2.06
H3A3 RER E . 1.39 8.19 2.75
H4 RER E . 4.10 9.05 5.11
HO4 RER E . 2.40 8.30 5.98
H5 RER E . 3.73 6.45 3.59
H5A1 RER E . 4.99 5.38 5.45
H5A2 RER E . 5.01 6.92 6.32
H5A3 RER E . 3.48 6.08 6.04
C2 BGC F . 5.41 4.50 -4.09
C3 BGC F . 6.30 4.63 -5.32
C4 BGC F . 6.90 3.27 -5.69
C5 BGC F . 5.84 2.18 -5.72
C6 BGC F . 6.50 0.83 -5.93
C1 BGC F . 4.45 3.34 -4.21
O2 BGC F . 4.66 5.68 -3.94
O3 BGC F . 7.32 5.56 -5.05
O4 BGC F . 7.49 3.35 -6.96
O5 BGC F . 5.18 2.15 -4.47
O6 BGC F . 7.49 0.59 -4.95
H2 BGC F . 6.04 4.35 -3.21
H3 BGC F . 5.70 5.00 -6.16
H4 BGC F . 7.66 2.98 -4.97
H5 BGC F . 5.11 2.37 -6.50
H61 BGC F . 5.77 0.03 -5.87
H62 BGC F . 6.99 0.78 -6.92
H1 BGC F . 3.75 3.52 -5.02
HO3 BGC F . 7.02 6.40 -5.38
HO4 BGC F . 8.29 2.84 -6.92
HO6 BGC F . 7.85 -0.26 -5.14
C1 RER F . 5.11 6.56 -2.94
C2 RER F . 5.26 7.97 -3.53
C3 RER F . 3.92 8.56 -3.95
N3 RER F . 4.11 9.98 -4.27
C3A RER F . 3.36 7.86 -5.19
C4 RER F . 2.95 8.43 -2.79
O4 RER F . 1.67 8.85 -3.20
C5 RER F . 2.89 6.99 -2.29
O5 RER F . 4.18 6.61 -1.88
C5A RER F . 1.95 6.85 -1.09
H1 RER F . 6.06 6.20 -2.54
H21C RER F . 5.73 8.61 -2.78
H22C RER F . 5.95 7.94 -4.38
HO1 RER F . 4.49 10.47 -3.44
H31N RER F . 3.21 10.39 -4.54
H32N RER F . 4.78 10.06 -5.05
H3A1 RER F . 4.07 7.88 -6.00
H3A2 RER F . 3.11 6.82 -4.98
H3A3 RER F . 2.45 8.35 -5.53
H4 RER F . 3.26 9.09 -1.97
HO4 RER F . 1.59 9.77 -2.96
H5 RER F . 2.56 6.33 -3.09
H5A1 RER F . 0.93 7.14 -1.36
H5A2 RER F . 2.27 7.50 -0.27
H5A3 RER F . 1.94 5.83 -0.72
C1 RER G . -3.69 4.58 -2.97
C2 RER G . -4.06 4.33 -4.43
C3 RER G . -5.58 4.20 -4.65
N3 RER G . -5.87 4.32 -6.07
C3A RER G . -6.08 2.84 -4.15
C4 RER G . -6.27 5.32 -3.89
O4 RER G . -7.67 5.22 -4.04
C5 RER G . -5.87 5.27 -2.43
O5 RER G . -4.50 5.58 -2.40
C5A RER G . -6.65 6.28 -1.58
H1 RER G . -2.66 4.91 -2.91
H21C RER G . -3.71 5.18 -5.02
H22C RER G . -3.55 3.45 -4.82
HO1 RER G . -5.53 5.24 -6.41
H31N RER G . -6.90 4.25 -6.22
H32N RER G . -5.39 3.56 -6.59
H3A1 RER G . -7.17 2.81 -4.17
H3A2 RER G . -5.75 2.63 -3.14
H3A3 RER G . -5.73 2.04 -4.79
H4 RER G . -5.95 6.30 -4.29
HO4 RER G . -7.90 5.77 -4.77
H5 RER G . -6.02 4.26 -2.04
H5A1 RER G . -6.46 7.30 -1.90
H5A2 RER G . -7.73 6.10 -1.66
H5A3 RER G . -6.38 6.20 -0.53
C1 RER H . 4.63 -4.02 3.08
C2 RER H . 4.25 -3.81 4.55
C3 RER H . 3.77 -5.10 5.23
N3 RER H . 3.80 -4.90 6.68
C3A RER H . 2.36 -5.52 4.82
C4 RER H . 4.75 -6.20 4.89
O4 RER H . 4.35 -7.41 5.47
C5 RER H . 4.90 -6.32 3.38
O5 RER H . 5.48 -5.14 2.95
C5A RER H . 5.82 -7.48 2.99
H1 RER H . 5.18 -3.15 2.68
H21C RER H . 3.47 -3.07 4.63
H22C RER H . 5.08 -3.36 5.06
HO1 RER H . 3.51 -5.77 7.15
H31N RER H . 3.13 -4.14 6.93
H32N RER H . 4.76 -4.64 6.97
H3A1 RER H . 1.62 -4.73 4.99
H3A2 RER H . 2.30 -5.79 3.78
H3A3 RER H . 2.04 -6.38 5.40
H4 RER H . 5.70 -5.91 5.31
HO4 RER H . 4.79 -7.48 6.30
H5 RER H . 3.93 -6.42 2.87
H5A1 RER H . 5.95 -7.52 1.90
H5A2 RER H . 6.80 -7.37 3.45
H5A3 RER H . 5.40 -8.44 3.30
N ALA A 1 -4.92 10.94 -4.11
CA ALA A 1 -5.45 9.67 -3.61
C ALA A 1 -4.33 8.67 -3.36
N FGA A 2 -3.72 8.83 -2.17
CA FGA A 2 -2.65 7.89 -1.88
C FGA A 2 -1.32 8.44 -2.39
O FGA A 2 -1.24 8.75 -3.59
CB FGA A 2 -2.59 7.63 -0.38
CG FGA A 2 -3.94 7.21 0.19
CD FGA A 2 -3.76 6.71 1.63
OE1 FGA A 2 -2.66 6.65 2.16
H FGA A 2 -3.97 9.53 -1.51
HA FGA A 2 -2.91 6.98 -2.40
HB2 FGA A 2 -1.84 6.87 -0.18
HB3 FGA A 2 -2.26 8.54 0.12
HG2 FGA A 2 -4.64 8.04 0.18
HG3 FGA A 2 -4.38 6.41 -0.39
N LYS A 3 -4.92 6.39 2.23
CA LYS A 3 -4.92 5.96 3.61
C LYS A 3 -4.09 4.69 3.80
N DAL A 4 -3.36 4.67 4.92
CA DAL A 4 -2.57 3.47 5.16
CB DAL A 4 -3.47 2.37 5.76
C DAL A 4 -1.41 3.78 6.12
O DAL A 4 -1.23 4.90 6.57
H DAL A 4 -3.41 5.44 5.56
HA DAL A 4 -2.16 3.13 4.21
HB1 DAL A 4 -4.30 2.14 5.09
HB2 DAL A 4 -2.92 1.46 5.93
HB3 DAL A 4 -3.89 2.69 6.72
N DAL A 5 -0.66 2.69 6.37
CA DAL A 5 0.47 2.80 7.26
CB DAL A 5 1.49 3.80 6.70
C DAL A 5 1.10 1.43 7.45
O DAL A 5 0.49 0.59 8.11
OXT DAL A 5 2.21 1.20 6.95
H DAL A 5 -0.90 1.82 5.97
HA DAL A 5 0.08 3.16 8.20
HB1 DAL A 5 1.04 4.78 6.56
HB2 DAL A 5 2.34 3.91 7.37
HB3 DAL A 5 1.87 3.46 5.73
N ALA B 1 9.76 -3.56 3.99
CA ALA B 1 8.33 -3.32 3.91
C ALA B 1 7.96 -2.66 2.59
N FGA B 2 8.13 -3.44 1.51
CA FGA B 2 7.78 -2.84 0.25
C FGA B 2 8.81 -1.76 -0.11
O FGA B 2 10.00 -2.07 -0.18
CB FGA B 2 7.70 -3.87 -0.86
CG FGA B 2 6.51 -4.81 -0.64
CD FGA B 2 5.87 -5.09 -2.00
OE1 FGA B 2 5.89 -4.25 -2.90
H FGA B 2 8.46 -4.37 1.59
HA FGA B 2 6.79 -2.39 0.38
HB2 FGA B 2 7.52 -3.32 -1.78
HB3 FGA B 2 8.63 -4.43 -0.98
HG2 FGA B 2 6.81 -5.73 -0.16
HG3 FGA B 2 5.78 -4.31 -0.02
N LYS B 3 5.32 -6.30 -2.11
CA LYS B 3 4.66 -6.60 -3.36
C LYS B 3 3.49 -5.62 -3.55
N DAL B 4 3.30 -5.21 -4.82
CA DAL B 4 2.21 -4.28 -5.05
CB DAL B 4 0.97 -5.05 -5.51
C DAL B 4 2.64 -3.25 -6.09
O DAL B 4 3.64 -3.39 -6.78
H DAL B 4 3.89 -5.53 -5.56
HA DAL B 4 2.02 -3.76 -4.10
HB1 DAL B 4 0.67 -5.78 -4.76
HB2 DAL B 4 0.13 -4.37 -5.67
HB3 DAL B 4 1.16 -5.57 -6.44
N DAL B 5 1.80 -2.19 -6.15
CA DAL B 5 2.09 -1.13 -7.10
CB DAL B 5 3.33 -0.34 -6.66
C DAL B 5 0.87 -0.22 -7.23
O DAL B 5 0.01 -0.52 -8.05
OXT DAL B 5 0.81 0.78 -6.52
H DAL B 5 0.98 -2.13 -5.60
HA DAL B 5 2.28 -1.64 -8.04
HB1 DAL B 5 4.19 -1.00 -6.57
HB2 DAL B 5 3.56 0.43 -7.37
HB3 DAL B 5 3.16 0.13 -5.69
N MLU C 1 1.66 1.68 12.26
CN MLU C 1 3.09 1.96 12.20
CA MLU C 1 1.21 1.01 11.05
C MLU C 1 1.96 -0.32 10.85
O MLU C 1 1.86 -1.23 11.67
CB MLU C 1 -0.28 0.69 11.08
CG MLU C 1 -1.13 1.91 11.43
CD1 MLU C 1 -1.04 2.98 10.35
CD2 MLU C 1 -2.59 1.49 11.63
H1 MLU C 1 1.47 1.07 13.09
H2 MLU C 1 1.14 2.57 12.37
HCN1 MLU C 1 3.29 2.59 11.33
HCN2 MLU C 1 3.40 2.46 13.11
HCN3 MLU C 1 3.63 1.02 12.08
HA MLU C 1 1.44 1.67 10.21
HB2 MLU C 1 -0.46 -0.08 11.83
HB3 MLU C 1 -0.59 0.29 10.13
HG MLU C 1 -0.76 2.33 12.36
HD11 MLU C 1 -1.42 2.61 9.39
HD12 MLU C 1 -1.61 3.87 10.62
HD13 MLU C 1 0.00 3.29 10.19
HD21 MLU C 1 -3.20 2.35 11.91
HD22 MLU C 1 -2.67 0.75 12.43
HD23 MLU C 1 -3.00 1.06 10.72
N OMZ C 2 2.71 -0.36 9.75
CA OMZ C 2 3.46 -1.59 9.49
C OMZ C 2 2.68 -2.47 8.49
O OMZ C 2 2.62 -3.69 8.66
CB OMZ C 2 4.92 -1.31 9.12
OC OMZ C 2 5.60 -0.82 10.25
CG OMZ C 2 5.05 -0.30 8.02
CD1 OMZ C 2 5.33 -0.73 6.68
CD2 OMZ C 2 4.83 1.10 8.30
CE1 OMZ C 2 5.31 0.24 5.61
CL OMZ C 2 5.59 -0.29 3.99
CE2 OMZ C 2 4.83 2.06 7.21
CZ OMZ C 2 5.02 1.61 5.86
OH OMZ C 2 4.74 2.45 4.77
H OMZ C 2 2.76 0.41 9.12
HA OMZ C 2 3.45 -2.13 10.43
HB OMZ C 2 5.41 -2.23 8.81
HC OMZ C 2 6.51 -0.69 9.99
HD1 OMZ C 2 5.51 -1.77 6.47
HD2 OMZ C 2 4.65 1.43 9.30
HE2 OMZ C 2 4.63 3.11 7.42
N ASN C 3 2.06 -1.84 7.47
CA ASN C 3 1.30 -2.72 6.57
C ASN C 3 1.14 -2.18 5.13
N GHP C 4 0.73 -0.90 5.06
CA GHP C 4 0.57 -0.33 3.72
C GHP C 4 -0.89 0.09 3.48
O GHP C 4 -1.60 0.51 4.39
C1 GHP C 4 1.48 0.86 3.45
C2 GHP C 4 1.19 1.82 2.43
C3 GHP C 4 2.06 2.95 2.13
C4 GHP C 4 3.24 3.11 2.96
O4 GHP C 4 4.09 4.19 2.81
C5 GHP C 4 3.57 2.18 4.01
C6 GHP C 4 2.66 1.05 4.22
H GHP C 4 0.56 -0.36 5.87
HA GHP C 4 0.86 -1.13 3.03
HC2 GHP C 4 0.26 1.72 1.87
H6 GHP C 4 2.87 0.33 5.00
N GHP C 5 -1.26 -0.06 2.21
CA GHP C 5 -2.58 0.36 1.78
C GHP C 5 -2.76 0.21 0.26
O GHP C 5 -2.29 -0.78 -0.29
C1 GHP C 5 -3.77 -0.26 2.46
C2 GHP C 5 -4.67 0.64 3.10
C3 GHP C 5 -5.92 0.21 3.63
C4 GHP C 5 -6.26 -1.17 3.56
O4 GHP C 5 -7.46 -1.61 4.08
C5 GHP C 5 -5.37 -2.13 2.93
C6 GHP C 5 -4.12 -1.66 2.38
H GHP C 5 -0.62 -0.44 1.53
HA GHP C 5 -2.54 1.41 2.05
HC2 GHP C 5 -4.42 1.68 3.16
HO4 GHP C 5 -7.94 -0.87 4.45
H5 GHP C 5 -5.63 -3.17 2.89
H6 GHP C 5 -3.45 -2.35 1.90
N OMY C 6 -3.43 1.17 -0.43
CA OMY C 6 -4.05 2.39 0.10
OCZ OMY C 6 1.84 3.90 1.10
CE2 OMY C 6 0.30 3.60 -0.83
CE1 OMY C 6 -0.53 4.37 1.38
CZ OMY C 6 0.56 3.98 0.54
CG OMY C 6 -2.16 3.83 -0.42
CD2 OMY C 6 -1.06 3.51 -1.31
CD1 OMY C 6 -1.88 4.30 0.91
CB OMY C 6 -3.60 3.56 -0.77
CL OMY C 6 -0.22 4.90 3.00
O OMY C 6 -6.29 1.79 -0.67
C OMY C 6 -5.57 2.21 0.24
ODE OMY C 6 -3.73 3.24 -2.12
H OMY C 6 -3.52 1.03 -1.42
HA OMY C 6 -3.69 2.55 1.11
HE2 OMY C 6 1.12 3.35 -1.48
HD2 OMY C 6 -1.28 3.21 -2.33
HD1 OMY C 6 -2.70 4.57 1.55
HB OMY C 6 -4.18 4.44 -0.53
N 3FG C 7 -5.99 2.55 1.48
OD1 3FG C 7 -6.32 0.17 6.34
CD1 3FG C 7 -6.93 1.19 5.64
CG1 3FG C 7 -6.81 1.25 4.23
CZ 3FG C 7 -7.70 2.17 6.36
CD2 3FG C 7 -8.35 3.22 5.64
OD2 3FG C 7 -9.08 4.19 6.32
CG2 3FG C 7 -8.23 3.30 4.22
CB 3FG C 7 -7.46 2.31 3.48
CA 3FG C 7 -7.35 2.42 1.95
C 3FG C 7 -8.11 3.62 1.35
O 3FG C 7 -9.27 3.46 0.99
OXT 3FG C 7 -7.50 4.69 1.23
H 3FG C 7 -5.31 2.88 2.13
HA 3FG C 7 -7.67 1.49 1.50
HD1 3FG C 7 -5.85 -0.39 5.73
HZ 3FG C 7 -7.75 2.11 7.43
HD2 3FG C 7 -9.06 3.98 7.25
HG2 3FG C 7 -8.71 4.10 3.67
N MLU D 1 0.48 0.37 -12.20
CN MLU D 1 0.97 1.74 -12.13
CA MLU D 1 -0.23 0.02 -10.97
C MLU D 1 -1.41 0.96 -10.74
O MLU D 1 -2.32 1.05 -11.55
CB MLU D 1 -0.76 -1.41 -11.00
CG MLU D 1 0.34 -2.46 -11.19
CD1 MLU D 1 1.36 -2.38 -10.07
CD2 MLU D 1 -0.26 -3.86 -11.27
H1 MLU D 1 -0.18 0.29 -13.01
H2 MLU D 1 1.29 -0.28 -12.33
HCN1 MLU D 1 1.49 1.99 -13.06
HCN2 MLU D 1 0.13 2.41 -11.99
HCN3 MLU D 1 1.65 1.83 -11.29
HA MLU D 1 0.47 0.12 -10.15
HB2 MLU D 1 -1.49 -1.51 -11.81
HB3 MLU D 1 -1.30 -1.61 -10.08
HG MLU D 1 0.85 -2.25 -12.13
HD11 MLU D 1 2.16 -3.10 -10.21
HD12 MLU D 1 0.89 -2.60 -9.11
HD13 MLU D 1 1.80 -1.39 -10.01
HD21 MLU D 1 -0.79 -4.11 -10.34
HD22 MLU D 1 -0.98 -3.93 -12.09
HD23 MLU D 1 0.51 -4.61 -11.43
N OMZ D 2 -1.34 1.64 -9.58
CA OMZ D 2 -2.43 2.54 -9.25
C OMZ D 2 -3.27 1.94 -8.10
O OMZ D 2 -4.48 2.09 -8.08
CB OMZ D 2 -1.95 3.99 -9.04
OC OMZ D 2 -1.39 4.47 -10.24
CG OMZ D 2 -0.93 4.12 -7.95
CD1 OMZ D 2 -1.21 4.93 -6.78
CD2 OMZ D 2 0.34 3.44 -8.05
CE1 OMZ D 2 -0.27 4.97 -5.71
CL OMZ D 2 -0.62 5.90 -4.30
CE2 OMZ D 2 1.27 3.47 -6.95
CZ OMZ D 2 0.95 4.21 -5.77
OH OMZ D 2 1.73 4.05 -4.62
H OMZ D 2 -0.58 1.50 -8.95
HA OMZ D 2 -3.09 2.53 -10.12
HB OMZ D 2 -2.80 4.63 -8.79
HC OMZ D 2 -0.57 4.01 -10.36
HD1 OMZ D 2 -2.12 5.49 -6.70
HD2 OMZ D 2 0.58 2.86 -8.93
HE2 OMZ D 2 2.20 2.92 -7.01
N ASN D 3 -2.58 1.24 -7.16
CA ASN D 3 -3.42 0.64 -6.12
C ASN D 3 -2.74 0.56 -4.74
N GHP D 4 -1.54 -0.06 -4.73
CA GHP D 4 -0.87 -0.17 -3.44
C GHP D 4 -0.57 -1.65 -3.11
O GHP D 4 -0.44 -2.51 -3.96
C1 GHP D 4 0.40 0.66 -3.35
C2 GHP D 4 1.57 0.25 -2.60
C3 GHP D 4 2.74 1.11 -2.47
C4 GHP D 4 2.73 2.36 -3.17
O4 GHP D 4 3.83 3.19 -3.07
C5 GHP D 4 1.61 2.79 -3.96
C6 GHP D 4 0.44 1.92 -4.02
H GHP D 4 -1.13 -0.41 -5.57
HA GHP D 4 -1.56 0.25 -2.70
HC2 GHP D 4 1.57 -0.72 -2.14
H6 GHP D 4 -0.42 2.24 -4.58
N GHP D 5 -0.47 -1.83 -1.77
CA GHP D 5 -0.13 -3.13 -1.21
C GHP D 5 -0.02 -3.01 0.32
O GHP D 5 -0.82 -2.30 0.92
C1 GHP D 5 -1.01 -4.29 -1.53
C2 GHP D 5 -0.36 -5.43 -2.11
C3 GHP D 5 -1.04 -6.65 -2.32
C4 GHP D 5 -2.43 -6.75 -1.99
O4 GHP D 5 -3.11 -7.93 -2.20
C5 GHP D 5 -3.12 -5.62 -1.42
C6 GHP D 5 -2.40 -4.38 -1.18
H GHP D 5 -0.62 -1.06 -1.16
HA GHP D 5 0.85 -3.29 -1.65
HC2 GHP D 5 0.68 -5.36 -2.37
HO4 GHP D 5 -4.01 -7.82 -1.92
H5 GHP D 5 -4.17 -5.68 -1.16
H6 GHP D 5 -2.91 -3.53 -0.75
N OMY D 6 0.95 -3.70 0.97
CA OMY D 6 1.96 -4.59 0.38
OCZ OMY D 6 3.89 0.86 -1.68
CE2 OMY D 6 3.78 -0.36 0.46
CE1 OMY D 6 4.05 -1.56 -1.69
CZ OMY D 6 3.94 -0.34 -0.96
CG OMY D 6 3.67 -2.87 0.38
CD2 OMY D 6 3.64 -1.64 1.14
CD1 OMY D 6 3.91 -2.82 -1.03
CB OMY D 6 3.33 -4.21 0.97
CL OMY D 6 4.29 -1.52 -3.41
O OMY D 6 1.19 -6.54 1.61
C OMY D 6 1.56 -6.06 0.54
ODE OMY D 6 3.26 -4.16 2.36
H OMY D 6 0.96 -3.59 1.97
HA OMY D 6 1.99 -4.42 -0.68
HE2 OMY D 6 3.75 0.56 1.02
HD2 OMY D 6 3.50 -1.67 2.21
HD1 OMY D 6 3.95 -3.75 -1.58
HB OMY D 6 4.06 -4.95 0.67
N 3FG D 7 1.65 -6.73 -0.63
OD1 3FG D 7 -1.67 -7.52 -4.84
CD1 3FG D 7 -0.64 -8.18 -4.21
CG1 3FG D 7 -0.27 -7.79 -2.88
CZ 3FG D 7 0.04 -9.23 -4.89
CD2 3FG D 7 1.11 -9.93 -4.24
OD2 3FG D 7 1.78 -10.95 -4.89
CG2 3FG D 7 1.50 -9.55 -2.91
CB 3FG D 7 0.82 -8.48 -2.20
CA 3FG D 7 1.27 -8.11 -0.78
C 3FG D 7 2.47 -8.94 -0.25
O 3FG D 7 2.25 -10.08 0.17
OXT 3FG D 7 3.60 -8.43 -0.26
H 3FG D 7 1.98 -6.23 -1.44
HA 3FG D 7 0.42 -8.19 -0.11
HD1 3FG D 7 -2.02 -6.84 -4.27
HZ 3FG D 7 -0.24 -9.47 -5.90
HD2 3FG D 7 1.41 -11.06 -5.75
HG2 3FG D 7 2.32 -10.07 -2.43
C2 BGC E . 5.59 5.49 1.52
C3 BGC E . 6.44 5.56 0.25
C4 BGC E . 7.16 4.23 0.04
C5 BGC E . 6.19 3.07 0.14
C6 BGC E . 6.92 1.72 0.06
C1 BGC E . 4.71 4.25 1.53
O2 BGC E . 4.79 6.65 1.60
O3 BGC E . 7.37 6.60 0.38
O4 BGC E . 7.74 4.22 -1.24
O5 BGC E . 5.52 3.11 1.38
O6 BGC E . 7.95 1.66 1.00
H2 BGC E . 6.24 5.46 2.39
H3 BGC E . 5.81 5.77 -0.61
H4 BGC E . 7.96 4.12 0.77
H5 BGC E . 5.45 3.16 -0.66
H61 BGC E . 7.36 1.58 -0.94
H62 BGC E . 6.24 0.88 0.25
H1 BGC E . 3.96 4.28 0.75
HO3 BGC E . 6.99 7.36 -0.04
HO4 BGC E . 8.64 4.50 -1.14
HO6 BGC E . 8.37 0.82 0.90
C1 RER E . 5.40 7.64 2.40
C2 RER E . 4.57 8.94 2.36
C3 RER E . 3.23 8.79 3.08
N3 RER E . 2.64 10.11 3.27
C3A RER E . 2.27 7.95 2.25
C4 RER E . 3.46 8.13 4.44
O4 RER E . 2.22 7.86 5.04
C5 RER E . 4.26 6.84 4.28
O5 RER E . 5.51 7.18 3.71
C5A RER E . 4.47 6.12 5.60
H1 RER E . 6.39 7.84 2.00
H21C RER E . 5.15 9.73 2.86
H22C RER E . 4.42 9.26 1.33
HO1 RER E . 1.73 10.01 3.77
H31N RER E . 2.49 10.56 2.35
H32N RER E . 3.28 10.69 3.84
H3A1 RER E . 2.10 8.41 1.27
H3A2 RER E . 2.67 6.95 2.07
H3A3 RER E . 1.30 7.85 2.75
H4 RER E . 3.99 8.82 5.10
HO4 RER E . 2.33 7.99 5.98
H5 RER E . 3.73 6.19 3.58
H5A1 RER E . 3.52 5.84 6.05
H5A2 RER E . 5.06 5.21 5.46
H5A3 RER E . 5.01 6.75 6.31
C2 BGC F . 5.46 4.46 -4.20
C3 BGC F . 6.33 4.58 -5.45
C4 BGC F . 6.92 3.22 -5.83
C5 BGC F . 5.86 2.12 -5.80
C6 BGC F . 6.52 0.76 -6.00
C1 BGC F . 4.49 3.31 -4.31
O2 BGC F . 4.71 5.64 -4.05
O3 BGC F . 7.37 5.49 -5.20
O4 BGC F . 7.46 3.28 -7.11
O5 BGC F . 5.20 2.12 -4.55
O6 BGC F . 7.53 0.56 -5.03
H2 BGC F . 6.09 4.30 -3.32
H3 BGC F . 5.72 4.97 -6.27
H4 BGC F . 7.70 2.92 -5.13
H5 BGC F . 5.12 2.29 -6.58
H61 BGC F . 5.80 -0.03 -5.90
H62 BGC F . 6.98 0.69 -6.98
H1 BGC F . 3.79 3.50 -5.13
HO3 BGC F . 7.51 5.96 -6.01
HO4 BGC F . 8.38 3.50 -7.02
HO6 BGC F . 7.89 -0.30 -5.19
C1 RER F . 5.13 6.49 -3.00
C2 RER F . 5.22 7.91 -3.54
C3 RER F . 3.84 8.46 -3.94
N3 RER F . 3.96 9.89 -4.20
C3A RER F . 3.28 7.77 -5.18
C4 RER F . 2.88 8.25 -2.77
O4 RER F . 1.59 8.64 -3.15
C5 RER F . 2.89 6.78 -2.33
O5 RER F . 4.20 6.44 -1.94
C5A RER F . 1.96 6.55 -1.14
H1 RER F . 6.10 6.14 -2.61
H21C RER F . 5.66 8.55 -2.77
H22C RER F . 5.89 7.95 -4.39
HO1 RER F . 4.63 10.03 -5.00
H31N RER F . 4.33 10.38 -3.36
H32N RER F . 3.03 10.27 -4.46
H3A1 RER F . 3.99 7.85 -6.02
H3A2 RER F . 3.07 6.72 -5.01
H3A3 RER F . 2.36 8.25 -5.50
H4 RER F . 3.18 8.88 -1.93
HO4 RER F . 1.48 9.54 -2.87
H5 RER F . 2.59 6.16 -3.16
H5A1 RER F . 0.93 6.76 -1.40
H5A2 RER F . 2.03 5.52 -0.82
H5A3 RER F . 2.24 7.20 -0.30
C1 RER G . -3.57 4.35 -2.96
C2 RER G . -3.82 3.91 -4.40
C3 RER G . -5.31 3.84 -4.76
N3 RER G . -5.47 3.81 -6.20
C3A RER G . -5.96 2.59 -4.16
C4 RER G . -5.97 5.08 -4.21
O4 RER G . -7.33 5.13 -4.55
C5 RER G . -5.77 5.14 -2.70
O5 RER G . -4.40 5.40 -2.53
C5A RER G . -6.59 6.26 -2.05
H1 RER G . -2.55 4.72 -2.90
H21C RER G . -3.36 2.95 -4.59
H22C RER G . -3.26 4.57 -5.03
HO1 RER G . -6.48 3.80 -6.44
H31N RER G . -5.01 2.97 -6.60
H32N RER G . -5.04 4.67 -6.61
H3A1 RER G . -5.69 2.44 -3.12
H3A2 RER G . -7.05 2.66 -4.21
H3A3 RER G . -5.68 1.68 -4.69
H4 RER G . -5.45 5.94 -4.66
HO4 RER G . -7.54 6.04 -4.70
H5 RER G . -6.01 4.18 -2.25
H5A1 RER G . -6.40 6.29 -0.98
H5A2 RER G . -7.65 6.10 -2.21
H5A3 RER G . -6.32 7.23 -2.46
C1 RER H . 4.50 -3.97 3.00
C2 RER H . 4.19 -3.82 4.49
C3 RER H . 3.76 -5.15 5.13
N3 RER H . 3.80 -5.01 6.58
C3A RER H . 2.35 -5.57 4.70
C4 RER H . 4.77 -6.19 4.71
O4 RER H . 4.45 -7.45 5.26
C5 RER H . 4.86 -6.27 3.19
O5 RER H . 5.37 -5.05 2.75
C5A RER H . 5.78 -7.40 2.72
H1 RER H . 5.00 -3.07 2.63
H21C RER H . 3.42 -3.09 4.65
H22C RER H . 5.06 -3.39 4.97
HO1 RER H . 4.76 -4.74 6.88
H31N RER H . 3.54 -5.92 7.01
H32N RER H . 3.13 -4.28 6.88
H3A1 RER H . 2.27 -5.67 3.63
H3A2 RER H . 2.10 -6.54 5.15
H3A3 RER H . 1.60 -4.86 5.01
H4 RER H . 5.73 -5.88 5.11
HO4 RER H . 5.26 -7.88 5.46
H5 RER H . 3.87 -6.40 2.75
H5A1 RER H . 5.41 -8.37 3.05
H5A2 RER H . 6.78 -7.27 3.12
H5A3 RER H . 5.85 -7.43 1.63
N ALA A 1 -5.60 11.08 -4.07
CA ALA A 1 -5.96 9.86 -3.37
C ALA A 1 -4.75 8.94 -3.20
N FGA A 2 -4.12 9.09 -2.02
CA FGA A 2 -2.97 8.24 -1.80
C FGA A 2 -1.71 8.93 -2.32
O FGA A 2 -0.63 8.67 -1.79
CB FGA A 2 -2.85 7.91 -0.32
CG FGA A 2 -4.15 7.35 0.25
CD FGA A 2 -3.93 6.82 1.66
OE1 FGA A 2 -2.83 6.80 2.18
H FGA A 2 -4.41 9.73 -1.31
HA FGA A 2 -3.17 7.33 -2.37
HB2 FGA A 2 -2.04 7.19 -0.18
HB3 FGA A 2 -2.57 8.81 0.22
HG2 FGA A 2 -4.92 8.13 0.27
HG3 FGA A 2 -4.53 6.54 -0.36
N LYS A 3 -5.08 6.44 2.25
CA LYS A 3 -5.05 5.93 3.61
C LYS A 3 -4.20 4.68 3.74
N DAL A 4 -3.48 4.62 4.87
CA DAL A 4 -2.66 3.43 5.08
CB DAL A 4 -3.54 2.30 5.64
C DAL A 4 -1.52 3.74 6.04
O DAL A 4 -1.36 4.85 6.53
H DAL A 4 -3.56 5.35 5.55
HA DAL A 4 -2.25 3.13 4.11
HB1 DAL A 4 -4.37 2.08 4.96
HB2 DAL A 4 -2.97 1.39 5.78
HB3 DAL A 4 -3.98 2.59 6.60
N DAL A 5 -0.74 2.66 6.26
CA DAL A 5 0.39 2.78 7.15
CB DAL A 5 1.37 3.81 6.63
C DAL A 5 1.05 1.40 7.30
O DAL A 5 0.44 0.52 7.90
OXT DAL A 5 2.17 1.24 6.83
H DAL A 5 -0.96 1.79 5.84
HA DAL A 5 -0.02 3.08 8.11
HB1 DAL A 5 0.89 4.79 6.52
HB2 DAL A 5 2.22 3.92 7.31
HB3 DAL A 5 1.77 3.53 5.66
N ALA B 1 11.48 -4.26 -1.91
CA ALA B 1 10.93 -3.79 -0.65
C ALA B 1 9.73 -4.63 -0.22
N FGA B 2 9.15 -4.07 0.85
CA FGA B 2 7.97 -4.61 1.45
C FGA B 2 7.73 -3.88 2.77
O FGA B 2 7.60 -2.65 2.75
CB FGA B 2 6.83 -4.41 0.47
CG FGA B 2 6.47 -5.67 -0.34
CD FGA B 2 5.94 -5.41 -1.75
OE1 FGA B 2 6.04 -4.31 -2.30
H FGA B 2 9.56 -3.25 1.24
HA FGA B 2 8.10 -5.67 1.64
HB2 FGA B 2 6.01 -4.11 1.08
HB3 FGA B 2 7.07 -3.58 -0.20
HG2 FGA B 2 7.33 -6.31 -0.46
HG3 FGA B 2 5.75 -6.28 0.19
N LYS B 3 5.38 -6.51 -2.25
CA LYS B 3 4.70 -6.52 -3.53
C LYS B 3 3.51 -5.56 -3.54
N DAL B 4 3.21 -5.10 -4.77
CA DAL B 4 2.09 -4.19 -4.90
CB DAL B 4 0.83 -4.98 -5.28
C DAL B 4 2.41 -3.14 -5.95
O DAL B 4 3.44 -3.20 -6.63
H DAL B 4 3.74 -5.42 -5.56
HA DAL B 4 1.95 -3.70 -3.94
HB1 DAL B 4 0.59 -5.74 -4.54
HB2 DAL B 4 -0.03 -4.32 -5.38
HB3 DAL B 4 0.97 -5.49 -6.24
N DAL B 5 1.49 -2.16 -6.02
CA DAL B 5 1.69 -1.10 -6.97
CB DAL B 5 2.86 -0.21 -6.55
C DAL B 5 0.40 -0.27 -7.10
O DAL B 5 -0.46 -0.66 -7.88
OXT DAL B 5 0.28 0.74 -6.42
H DAL B 5 0.66 -2.18 -5.46
HA DAL B 5 1.90 -1.58 -7.91
HB1 DAL B 5 3.78 -0.79 -6.46
HB2 DAL B 5 3.04 0.59 -7.28
HB3 DAL B 5 2.66 0.26 -5.58
N MLU C 1 1.54 1.71 12.22
CN MLU C 1 2.96 2.05 12.16
CA MLU C 1 1.14 1.04 10.99
C MLU C 1 1.95 -0.25 10.79
O MLU C 1 1.88 -1.18 11.58
CB MLU C 1 -0.35 0.65 11.01
CG MLU C 1 -1.26 1.84 11.32
CD1 MLU C 1 -1.18 2.90 10.22
CD2 MLU C 1 -2.70 1.36 11.50
H1 MLU C 1 1.37 1.08 13.03
H2 MLU C 1 0.98 2.57 12.34
HCN1 MLU C 1 3.13 2.72 11.32
HCN2 MLU C 1 3.23 2.56 13.09
HCN3 MLU C 1 3.54 1.15 12.05
HA MLU C 1 1.33 1.71 10.17
HB2 MLU C 1 -0.50 -0.13 11.76
HB3 MLU C 1 -0.62 0.22 10.05
HG MLU C 1 -0.92 2.28 12.26
HD11 MLU C 1 -1.80 3.75 10.47
HD12 MLU C 1 -0.16 3.25 10.10
HD13 MLU C 1 -1.52 2.50 9.27
HD21 MLU C 1 -3.07 0.89 10.59
HD22 MLU C 1 -2.76 0.62 12.30
HD23 MLU C 1 -3.35 2.18 11.75
N OMZ C 2 2.72 -0.24 9.68
CA OMZ C 2 3.52 -1.42 9.41
C OMZ C 2 2.82 -2.29 8.36
O OMZ C 2 2.84 -3.51 8.47
CB OMZ C 2 4.97 -1.06 9.08
OC OMZ C 2 5.59 -0.49 10.21
CG OMZ C 2 5.04 -0.07 7.96
CD1 OMZ C 2 5.27 -0.54 6.62
CD2 OMZ C 2 4.81 1.32 8.20
CE1 OMZ C 2 5.20 0.40 5.52
CL OMZ C 2 5.45 -0.16 3.91
CE2 OMZ C 2 4.75 2.26 7.11
CZ OMZ C 2 4.89 1.78 5.76
OH OMZ C 2 4.61 2.59 4.66
H OMZ C 2 2.73 0.55 9.07
HA OMZ C 2 3.51 -2.00 10.34
HB OMZ C 2 5.53 -1.95 8.82
HC OMZ C 2 5.63 -1.17 10.87
HD1 OMZ C 2 5.48 -1.58 6.43
HD2 OMZ C 2 4.66 1.68 9.22
HE2 OMZ C 2 4.54 3.30 7.28
N ASN C 3 2.21 -1.64 7.34
CA ASN C 3 1.53 -2.54 6.39
C ASN C 3 1.43 -1.96 4.95
N GHP C 4 0.65 -0.86 4.85
CA GHP C 4 0.50 -0.26 3.52
C GHP C 4 -0.97 0.14 3.28
O GHP C 4 -1.68 0.54 4.19
C1 GHP C 4 1.39 0.95 3.29
C2 GHP C 4 1.09 1.93 2.28
C3 GHP C 4 1.94 3.08 2.04
C4 GHP C 4 3.10 3.25 2.88
O4 GHP C 4 3.91 4.36 2.76
C5 GHP C 4 3.44 2.30 3.90
C6 GHP C 4 2.57 1.15 4.08
H GHP C 4 0.23 -0.46 5.66
HA GHP C 4 0.78 -1.05 2.82
HC2 GHP C 4 0.18 1.81 1.72
H6 GHP C 4 2.79 0.42 4.84
N GHP C 5 -1.32 0.01 1.99
CA GHP C 5 -2.64 0.43 1.58
C GHP C 5 -2.81 0.35 0.05
O GHP C 5 -2.31 -0.59 -0.54
C1 GHP C 5 -3.83 -0.22 2.22
C2 GHP C 5 -4.74 0.64 2.91
C3 GHP C 5 -5.98 0.18 3.42
C4 GHP C 5 -6.31 -1.20 3.29
O4 GHP C 5 -7.51 -1.67 3.80
C5 GHP C 5 -5.40 -2.11 2.63
C6 GHP C 5 -4.16 -1.62 2.09
H GHP C 5 -0.67 -0.35 1.33
HA GHP C 5 -2.61 1.47 1.89
HC2 GHP C 5 -4.49 1.68 3.01
HO4 GHP C 5 -7.58 -2.59 3.63
H5 GHP C 5 -5.66 -3.16 2.53
H6 GHP C 5 -3.49 -2.28 1.58
N OMY C 6 -3.49 1.32 -0.60
CA OMY C 6 -4.15 2.51 -0.02
OCZ OMY C 6 1.72 4.06 1.02
CE2 OMY C 6 0.17 3.77 -0.91
CE1 OMY C 6 -0.65 4.53 1.30
CZ OMY C 6 0.44 4.15 0.46
CG OMY C 6 -2.28 3.99 -0.48
CD2 OMY C 6 -1.19 3.69 -1.38
CD1 OMY C 6 -2.01 4.46 0.84
CB OMY C 6 -3.73 3.73 -0.83
CL OMY C 6 -0.33 5.04 2.93
O OMY C 6 -6.36 1.85 -0.79
C OMY C 6 -5.66 2.28 0.13
ODE OMY C 6 -3.91 3.50 -2.21
H OMY C 6 -3.57 1.22 -1.58
HA OMY C 6 -3.77 2.64 1.00
HE2 OMY C 6 1.00 3.52 -1.56
HD2 OMY C 6 -1.39 3.36 -2.39
HD1 OMY C 6 -2.82 4.73 1.50
HB OMY C 6 -4.32 4.58 -0.51
N 3FG C 7 -6.08 2.59 1.37
OD1 3FG C 7 -6.35 0.04 6.14
CD1 3FG C 7 -6.99 1.07 5.48
CG1 3FG C 7 -6.87 1.19 4.07
CZ 3FG C 7 -7.77 2.01 6.23
CD2 3FG C 7 -8.45 3.08 5.56
OD2 3FG C 7 -9.20 3.99 6.28
CG2 3FG C 7 -8.33 3.20 4.13
CB 3FG C 7 -7.54 2.27 3.36
CA 3FG C 7 -7.43 2.43 1.84
C 3FG C 7 -8.22 3.64 1.27
O 3FG C 7 -9.39 3.48 0.93
OXT 3FG C 7 -7.62 4.72 1.18
H 3FG C 7 -5.41 2.94 2.02
HA 3FG C 7 -7.75 1.51 1.35
HD1 3FG C 7 -6.52 0.10 7.07
HZ 3FG C 7 -7.82 1.91 7.30
HD2 3FG C 7 -9.17 3.77 7.19
HG2 3FG C 7 -8.83 4.02 3.63
N MLU D 1 0.34 0.15 -12.20
CN MLU D 1 0.93 1.48 -12.21
CA MLU D 1 -0.34 -0.10 -10.93
C MLU D 1 -1.44 0.95 -10.68
O MLU D 1 -2.31 1.17 -11.51
CB MLU D 1 -0.98 -1.49 -10.87
CG MLU D 1 0.04 -2.62 -11.01
CD1 MLU D 1 1.07 -2.55 -9.89
CD2 MLU D 1 -0.67 -3.97 -11.02
H1 MLU D 1 -0.36 0.08 -12.98
H2 MLU D 1 1.08 -0.56 -12.34
HCN1 MLU D 1 1.66 1.54 -11.40
HCN2 MLU D 1 1.43 1.64 -13.16
HCN3 MLU D 1 0.16 2.22 -12.07
HA MLU D 1 0.41 -0.02 -10.14
HB2 MLU D 1 -1.72 -1.57 -11.67
HB3 MLU D 1 -1.52 -1.60 -9.93
HG MLU D 1 0.56 -2.49 -11.96
HD11 MLU D 1 0.58 -2.69 -8.91
HD12 MLU D 1 1.81 -3.34 -10.00
HD13 MLU D 1 1.59 -1.60 -9.88
HD21 MLU D 1 -1.21 -4.13 -10.08
HD22 MLU D 1 -1.40 -4.02 -11.84
HD23 MLU D 1 0.04 -4.78 -11.14
N OMZ D 2 -1.33 1.56 -9.49
CA OMZ D 2 -2.34 2.55 -9.15
C OMZ D 2 -3.10 2.12 -7.88
O OMZ D 2 -4.26 2.46 -7.70
CB OMZ D 2 -1.73 3.96 -9.06
OC OMZ D 2 -1.09 4.27 -10.27
CG OMZ D 2 -0.74 4.07 -7.94
CD1 OMZ D 2 -0.98 4.97 -6.85
CD2 OMZ D 2 0.45 3.25 -7.95
CE1 OMZ D 2 -0.08 4.99 -5.73
CL OMZ D 2 -0.39 6.03 -4.40
CE2 OMZ D 2 1.34 3.27 -6.82
CZ OMZ D 2 1.06 4.11 -5.69
OH OMZ D 2 1.81 3.97 -4.53
H OMZ D 2 -0.59 1.33 -8.86
HA OMZ D 2 -3.06 2.54 -9.96
HB OMZ D 2 -2.51 4.69 -8.91
HC OMZ D 2 -0.32 3.72 -10.33
HD1 OMZ D 2 -1.85 5.62 -6.84
HD2 OMZ D 2 0.67 2.60 -8.78
HE2 OMZ D 2 2.21 2.62 -6.82
N ASN D 3 -2.42 1.34 -7.00
CA ASN D 3 -3.19 0.89 -5.83
C ASN D 3 -2.40 0.86 -4.52
N GHP D 4 -1.47 -0.13 -4.46
CA GHP D 4 -0.71 -0.26 -3.22
C GHP D 4 -0.38 -1.73 -2.91
O GHP D 4 -0.23 -2.56 -3.78
C1 GHP D 4 0.54 0.60 -3.18
C2 GHP D 4 1.70 0.23 -2.41
C3 GHP D 4 2.86 1.10 -2.31
C4 GHP D 4 2.84 2.34 -3.04
O4 GHP D 4 3.93 3.19 -2.96
C5 GHP D 4 1.71 2.73 -3.84
C6 GHP D 4 0.57 1.84 -3.89
H GHP D 4 -1.28 -0.68 -5.27
HA GHP D 4 -1.39 0.13 -2.45
HC2 GHP D 4 1.72 -0.72 -1.90
H6 GHP D 4 -0.30 2.11 -4.47
N GHP D 5 -0.29 -1.93 -1.59
CA GHP D 5 0.09 -3.22 -1.04
C GHP D 5 0.25 -3.11 0.49
O GHP D 5 -0.52 -2.40 1.12
C1 GHP D 5 -0.82 -4.37 -1.32
C2 GHP D 5 -0.23 -5.50 -1.96
C3 GHP D 5 -0.93 -6.73 -2.14
C4 GHP D 5 -2.29 -6.82 -1.71
O4 GHP D 5 -2.98 -8.00 -1.90
C5 GHP D 5 -2.92 -5.69 -1.07
C6 GHP D 5 -2.19 -4.46 -0.86
H GHP D 5 -0.45 -1.17 -0.96
HA GHP D 5 1.05 -3.41 -1.49
HC2 GHP D 5 0.78 -5.43 -2.31
HO4 GHP D 5 -3.87 -7.90 -1.55
H5 GHP D 5 -3.96 -5.76 -0.74
H6 GHP D 5 -2.65 -3.63 -0.37
N OMY D 6 1.25 -3.81 1.08
CA OMY D 6 2.25 -4.69 0.48
OCZ OMY D 6 4.03 0.86 -1.54
CE2 OMY D 6 4.08 -0.42 0.59
CE1 OMY D 6 4.19 -1.57 -1.61
CZ OMY D 6 4.14 -0.35 -0.86
CG OMY D 6 3.92 -2.92 0.46
CD2 OMY D 6 3.97 -1.70 1.24
CD1 OMY D 6 4.09 -2.84 -0.97
CB OMY D 6 3.61 -4.28 1.05
CL OMY D 6 4.33 -1.49 -3.34
O OMY D 6 1.59 -6.67 1.73
C OMY D 6 1.85 -6.18 0.64
ODE OMY D 6 3.54 -4.23 2.46
H OMY D 6 1.29 -3.67 2.07
HA OMY D 6 2.31 -4.54 -0.59
HE2 OMY D 6 4.12 0.50 1.15
HD2 OMY D 6 3.87 -1.76 2.31
HD1 OMY D 6 4.11 -3.76 -1.54
HB OMY D 6 4.33 -5.02 0.74
N 3FG D 7 1.83 -6.82 -0.56
OD1 3FG D 7 -1.70 -7.54 -4.65
CD1 3FG D 7 -0.62 -8.19 -4.09
CG1 3FG D 7 -0.18 -7.84 -2.79
CZ 3FG D 7 0.09 -9.18 -4.85
CD2 3FG D 7 1.22 -9.86 -4.29
OD2 3FG D 7 1.90 -10.81 -5.01
CG2 3FG D 7 1.64 -9.51 -2.96
CB 3FG D 7 0.95 -8.51 -2.18
CA 3FG D 7 1.43 -8.19 -0.74
C 3FG D 7 2.61 -9.06 -0.28
O 3FG D 7 2.38 -10.04 0.44
OXT 3FG D 7 3.75 -8.72 -0.61
H 3FG D 7 2.09 -6.29 -1.37
HA 3FG D 7 0.59 -8.30 -0.07
HD1 3FG D 7 -1.85 -7.88 -5.52
HZ 3FG D 7 -0.24 -9.41 -5.86
HD2 3FG D 7 1.49 -10.91 -5.87
HG2 3FG D 7 2.51 -10.01 -2.54
C2 BGC E . 5.47 5.66 1.52
C3 BGC E . 6.37 5.70 0.30
C4 BGC E . 7.07 4.36 0.08
C5 BGC E . 6.07 3.21 0.19
C6 BGC E . 6.73 1.84 0.12
C1 BGC E . 4.58 4.41 1.53
O2 BGC E . 4.66 6.82 1.55
O3 BGC E . 7.33 6.71 0.48
O4 BGC E . 7.65 4.33 -1.20
O5 BGC E . 5.41 3.29 1.43
O6 BGC E . 7.95 1.83 0.82
H2 BGC E . 6.07 5.64 2.42
H3 BGC E . 5.80 5.95 -0.59
H4 BGC E . 7.87 4.22 0.81
H5 BGC E . 5.33 3.28 -0.61
H61 BGC E . 6.07 1.11 0.57
H62 BGC E . 6.91 1.54 -0.91
H1 BGC E . 3.86 4.43 0.71
HO3 BGC E . 6.99 7.49 0.07
HO4 BGC E . 8.55 4.60 -1.10
HO6 BGC E . 8.29 0.94 0.75
C1 RER E . 5.19 7.82 2.38
C2 RER E . 4.37 9.10 2.29
C3 RER E . 2.99 8.95 2.93
N3 RER E . 2.38 10.27 3.08
C3A RER E . 2.08 8.10 2.04
C4 RER E . 3.12 8.31 4.30
O4 RER E . 1.86 8.03 4.83
C5 RER E . 3.95 7.02 4.19
O5 RER E . 5.22 7.35 3.71
C5A RER E . 4.07 6.28 5.53
H1 RER E . 6.22 8.02 2.06
H21C RER E . 4.91 9.90 2.81
H22C RER E . 4.27 9.41 1.25
HO1 RER E . 1.45 10.17 3.51
H31N RER E . 2.29 10.72 2.14
H32N RER E . 2.99 10.86 3.68
H3A1 RER E . 1.95 8.57 1.06
H3A2 RER E . 2.50 7.11 1.88
H3A3 RER E . 1.10 7.98 2.48
H4 RER E . 3.63 9.00 4.99
HO4 RER E . 1.92 8.18 5.77
H5 RER E . 3.45 6.37 3.47
H5A1 RER E . 4.56 6.91 6.27
H5A2 RER E . 4.65 5.37 5.41
H5A3 RER E . 3.09 6.01 5.91
C2 BGC F . 5.57 4.46 -4.11
C3 BGC F . 6.46 4.53 -5.34
C4 BGC F . 7.03 3.16 -5.68
C5 BGC F . 5.95 2.08 -5.68
C6 BGC F . 6.58 0.71 -5.86
C1 BGC F . 4.58 3.29 -4.20
O2 BGC F . 4.82 5.66 -4.03
O3 BGC F . 7.51 5.42 -5.08
O4 BGC F . 7.62 3.19 -6.96
O5 BGC F . 5.29 2.11 -4.43
O6 BGC F . 7.56 0.48 -4.88
H2 BGC F . 6.17 4.32 -3.22
H3 BGC F . 5.89 4.91 -6.19
H4 BGC F . 7.79 2.86 -4.96
H5 BGC F . 5.22 2.28 -6.46
H61 BGC F . 5.84 -0.07 -5.77
H62 BGC F . 7.06 0.62 -6.84
H1 BGC F . 3.88 3.47 -5.03
HO3 BGC F . 7.24 6.27 -5.42
HO4 BGC F . 8.41 2.66 -6.91
HO6 BGC F . 7.92 -0.39 -5.05
C1 RER F . 5.19 6.51 -2.98
C2 RER F . 5.34 7.93 -3.53
C3 RER F . 4.00 8.51 -3.99
N3 RER F . 4.17 9.94 -4.25
C3A RER F . 3.53 7.84 -5.29
C4 RER F . 2.97 8.33 -2.89
O4 RER F . 1.70 8.73 -3.35
C5 RER F . 2.92 6.86 -2.44
O5 RER F . 4.20 6.50 -1.98
C5A RER F . 1.92 6.66 -1.30
H1 RER F . 6.13 6.17 -2.54
H21C RER F . 5.75 8.57 -2.74
H22C RER F . 6.07 7.95 -4.34
HO1 RER F . 4.88 10.08 -5.00
H31N RER F . 4.49 10.41 -3.38
H32N RER F . 3.27 10.35 -4.56
H3A1 RER F . 3.30 6.79 -5.12
H3A2 RER F . 2.62 8.32 -5.65
H3A3 RER F . 4.29 7.91 -6.06
H4 RER F . 3.22 8.95 -2.04
HO4 RER F . 1.60 9.64 -3.09
H5 RER F . 2.65 6.22 -3.28
H5A1 RER F . 0.91 6.94 -1.62
H5A2 RER F . 1.90 5.62 -0.98
H5A3 RER F . 2.18 7.28 -0.44
C1 RER G . -3.76 4.69 -2.95
C2 RER G . -4.11 4.47 -4.42
C3 RER G . -5.61 4.32 -4.66
N3 RER G . -5.90 4.47 -6.09
C3A RER G . -6.11 2.94 -4.21
C4 RER G . -6.33 5.42 -3.89
O4 RER G . -7.73 5.29 -4.05
C5 RER G . -5.95 5.36 -2.43
O5 RER G . -4.58 5.68 -2.38
C5A RER G . -6.74 6.35 -1.58
H1 RER G . -2.73 5.01 -2.88
H21C RER G . -3.76 5.34 -5.00
H22C RER G . -3.59 3.60 -4.82
HO1 RER G . -5.40 3.73 -6.61
H31N RER G . -6.92 4.38 -6.24
H32N RER G . -5.58 5.39 -6.42
H3A1 RER G . -5.70 2.15 -4.83
H3A2 RER G . -7.20 2.89 -4.27
H3A3 RER G . -5.82 2.74 -3.18
H4 RER G . -6.05 6.39 -4.29
HO4 RER G . -7.96 4.42 -3.75
H5 RER G . -6.09 4.35 -2.05
H5A1 RER G . -6.49 6.26 -0.53
H5A2 RER G . -6.55 7.38 -1.89
H5A3 RER G . -7.82 6.17 -1.68
C1 RER H . 4.79 -4.13 3.10
C2 RER H . 4.52 -4.01 4.61
C3 RER H . 3.91 -5.30 5.18
N3 RER H . 3.96 -5.22 6.64
C3A RER H . 2.46 -5.52 4.75
C4 RER H . 4.75 -6.50 4.72
O4 RER H . 4.15 -7.68 5.14
C5 RER H . 4.91 -6.47 3.20
O5 RER H . 5.56 -5.28 2.85
C5A RER H . 5.75 -7.66 2.72
H1 RER H . 5.34 -3.24 2.72
H21C RER H . 5.47 -3.81 5.11
H22C RER H . 3.87 -3.17 4.81
HO1 RER H . 4.95 -5.10 6.94
H31N RER H . 3.58 -6.10 7.04
H32N RER H . 3.39 -4.41 6.96
H3A1 RER H . 2.38 -5.86 3.72
H3A2 RER H . 1.86 -4.62 4.83
H3A3 RER H . 1.99 -6.28 5.38
H4 RER H . 5.73 -6.44 5.19
HO4 RER H . 4.84 -8.29 5.36
H5 RER H . 3.93 -6.48 2.72
H5A1 RER H . 5.28 -8.60 2.99
H5A2 RER H . 6.74 -7.64 3.17
H5A3 RER H . 5.88 -7.64 1.64
N ALA A 1 -5.61 11.09 -4.06
CA ALA A 1 -5.97 9.85 -3.37
C ALA A 1 -4.75 8.95 -3.20
N FGA A 2 -4.13 9.10 -2.02
CA FGA A 2 -2.98 8.24 -1.80
C FGA A 2 -1.72 8.94 -2.32
O FGA A 2 -0.77 8.25 -2.69
CB FGA A 2 -2.85 7.91 -0.32
CG FGA A 2 -4.15 7.35 0.25
CD FGA A 2 -3.93 6.82 1.66
OE1 FGA A 2 -2.83 6.80 2.18
H FGA A 2 -4.42 9.74 -1.31
HA FGA A 2 -3.16 7.34 -2.37
HB2 FGA A 2 -2.04 7.19 -0.18
HB3 FGA A 2 -2.58 8.82 0.22
HG2 FGA A 2 -4.93 8.12 0.27
HG3 FGA A 2 -4.53 6.54 -0.36
N LYS A 3 -5.08 6.44 2.25
CA LYS A 3 -5.05 5.93 3.61
C LYS A 3 -4.20 4.68 3.74
N DAL A 4 -3.49 4.61 4.87
CA DAL A 4 -2.66 3.43 5.08
CB DAL A 4 -3.54 2.30 5.64
C DAL A 4 -1.53 3.73 6.04
O DAL A 4 -1.36 4.85 6.53
H DAL A 4 -3.56 5.35 5.55
HA DAL A 4 -2.25 3.13 4.11
HB1 DAL A 4 -4.38 2.08 4.95
HB2 DAL A 4 -2.97 1.39 5.78
HB3 DAL A 4 -3.97 2.58 6.59
N DAL A 5 -0.75 2.66 6.26
CA DAL A 5 0.38 2.77 7.16
CB DAL A 5 1.37 3.81 6.63
C DAL A 5 1.05 1.40 7.30
O DAL A 5 2.18 1.24 6.83
OXT DAL A 5 0.44 0.51 7.89
H DAL A 5 -0.97 1.78 5.84
HA DAL A 5 -0.02 3.08 8.11
HB1 DAL A 5 0.89 4.79 6.52
HB2 DAL A 5 2.22 3.92 7.31
HB3 DAL A 5 1.76 3.52 5.66
N ALA B 1 11.48 -4.22 -1.93
CA ALA B 1 10.93 -3.76 -0.66
C ALA B 1 9.74 -4.61 -0.22
N FGA B 2 9.15 -4.06 0.85
CA FGA B 2 7.97 -4.61 1.45
C FGA B 2 7.74 -3.87 2.77
O FGA B 2 7.78 -4.51 3.82
CB FGA B 2 6.83 -4.40 0.47
CG FGA B 2 6.48 -5.66 -0.35
CD FGA B 2 5.95 -5.39 -1.75
OE1 FGA B 2 6.03 -4.31 -2.30
H FGA B 2 9.55 -3.22 1.24
HA FGA B 2 8.11 -5.65 1.63
HB2 FGA B 2 6.02 -4.10 1.09
HB3 FGA B 2 7.07 -3.57 -0.19
HG2 FGA B 2 7.33 -6.30 -0.47
HG3 FGA B 2 5.75 -6.27 0.18
N LYS B 3 5.40 -6.51 -2.26
CA LYS B 3 4.71 -6.51 -3.53
C LYS B 3 3.51 -5.56 -3.54
N DAL B 4 3.19 -5.12 -4.77
CA DAL B 4 2.07 -4.20 -4.88
CB DAL B 4 0.81 -4.99 -5.26
C DAL B 4 2.37 -3.13 -5.92
O DAL B 4 3.39 -3.19 -6.62
H DAL B 4 3.70 -5.41 -5.57
HA DAL B 4 1.92 -3.71 -3.91
HB1 DAL B 4 0.58 -5.75 -4.51
HB2 DAL B 4 -0.06 -4.34 -5.34
HB3 DAL B 4 0.94 -5.49 -6.22
N DAL B 5 1.45 -2.16 -5.98
CA DAL B 5 1.62 -1.09 -6.93
CB DAL B 5 2.79 -0.19 -6.51
C DAL B 5 0.33 -0.28 -7.05
O DAL B 5 0.23 0.76 -6.41
OXT DAL B 5 -0.57 -0.72 -7.77
H DAL B 5 0.63 -2.20 -5.42
HA DAL B 5 1.85 -1.57 -7.87
HB1 DAL B 5 3.72 -0.76 -6.42
HB2 DAL B 5 2.96 0.61 -7.23
HB3 DAL B 5 2.59 0.27 -5.53
N MLU C 1 1.53 1.70 12.22
CN MLU C 1 2.95 2.05 12.16
CA MLU C 1 1.14 1.02 10.99
C MLU C 1 1.95 -0.25 10.78
O MLU C 1 1.88 -1.18 11.58
CB MLU C 1 -0.34 0.64 11.01
CG MLU C 1 -1.26 1.84 11.32
CD1 MLU C 1 -1.18 2.89 10.22
CD2 MLU C 1 -2.70 1.35 11.50
H1 MLU C 1 1.37 1.07 13.03
H2 MLU C 1 0.97 2.57 12.34
HCN1 MLU C 1 3.23 2.55 13.10
HCN2 MLU C 1 3.53 1.14 12.05
HCN3 MLU C 1 3.13 2.71 11.32
HA MLU C 1 1.33 1.71 10.17
HB2 MLU C 1 -0.50 -0.13 11.76
HB3 MLU C 1 -0.62 0.21 10.05
HG MLU C 1 -0.92 2.28 12.25
HD11 MLU C 1 -0.16 3.25 10.10
HD12 MLU C 1 -1.53 2.49 9.27
HD13 MLU C 1 -1.80 3.75 10.47
HD21 MLU C 1 -3.35 2.18 11.75
HD22 MLU C 1 -3.08 0.89 10.58
HD23 MLU C 1 -2.77 0.61 12.30
N OMZ C 2 2.72 -0.24 9.68
CA OMZ C 2 3.52 -1.42 9.41
C OMZ C 2 2.82 -2.30 8.35
O OMZ C 2 2.83 -3.52 8.46
CB OMZ C 2 4.97 -1.06 9.07
OC OMZ C 2 5.59 -0.50 10.21
CG OMZ C 2 5.04 -0.07 7.96
CD1 OMZ C 2 5.27 -0.53 6.61
CD2 OMZ C 2 4.81 1.32 8.20
CE1 OMZ C 2 5.20 0.40 5.52
CL OMZ C 2 5.45 -0.16 3.91
CE2 OMZ C 2 4.74 2.26 7.10
CZ OMZ C 2 4.89 1.78 5.76
OH OMZ C 2 4.61 2.59 4.66
H OMZ C 2 2.72 0.55 9.07
HA OMZ C 2 3.51 -2.01 10.34
HB OMZ C 2 5.53 -1.95 8.81
HC OMZ C 2 5.18 0.35 10.35
HD1 OMZ C 2 5.48 -1.58 6.43
HD2 OMZ C 2 4.66 1.68 9.22
HE2 OMZ C 2 4.54 3.30 7.28
N ASN C 3 2.20 -1.65 7.34
CA ASN C 3 1.52 -2.53 6.38
C ASN C 3 1.43 -1.96 4.95
N GHP C 4 0.65 -0.87 4.85
CA GHP C 4 0.50 -0.26 3.52
C GHP C 4 -0.97 0.14 3.28
O GHP C 4 -1.68 0.54 4.19
C1 GHP C 4 1.39 0.95 3.29
C2 GHP C 4 1.09 1.93 2.28
C3 GHP C 4 1.94 3.08 2.04
C4 GHP C 4 3.10 3.25 2.88
O4 GHP C 4 3.91 4.36 2.76
C5 GHP C 4 3.44 2.30 3.90
C6 GHP C 4 2.57 1.15 4.08
H GHP C 4 0.23 -0.46 5.66
HA GHP C 4 0.78 -1.05 2.82
HC2 GHP C 4 0.17 1.82 1.71
H6 GHP C 4 2.79 0.42 4.84
N GHP C 5 -1.32 0.01 1.99
CA GHP C 5 -2.64 0.43 1.58
C GHP C 5 -2.79 0.35 0.05
O GHP C 5 -2.30 -0.60 -0.56
C1 GHP C 5 -3.83 -0.22 2.22
C2 GHP C 5 -4.74 0.64 2.90
C3 GHP C 5 -5.98 0.19 3.41
C4 GHP C 5 -6.31 -1.20 3.28
O4 GHP C 5 -7.51 -1.67 3.80
C5 GHP C 5 -5.41 -2.11 2.62
C6 GHP C 5 -4.16 -1.62 2.09
H GHP C 5 -0.67 -0.35 1.32
HA GHP C 5 -2.61 1.47 1.88
HC2 GHP C 5 -4.49 1.68 3.01
HO4 GHP C 5 -7.57 -2.60 3.63
H5 GHP C 5 -5.66 -3.16 2.52
H6 GHP C 5 -3.49 -2.29 1.56
N OMY C 6 -3.49 1.32 -0.60
CA OMY C 6 -4.14 2.50 -0.02
OCZ OMY C 6 1.72 4.06 1.02
CE2 OMY C 6 0.18 3.78 -0.91
CE1 OMY C 6 -0.65 4.53 1.30
CZ OMY C 6 0.44 4.15 0.46
CG OMY C 6 -2.29 3.99 -0.49
CD2 OMY C 6 -1.19 3.69 -1.38
CD1 OMY C 6 -2.01 4.46 0.84
CB OMY C 6 -3.73 3.73 -0.83
CL OMY C 6 -0.33 5.04 2.93
O OMY C 6 -6.36 1.86 -0.79
C OMY C 6 -5.66 2.28 0.12
ODE OMY C 6 -3.91 3.50 -2.21
H OMY C 6 -3.57 1.23 -1.59
HA OMY C 6 -3.77 2.64 1.00
HE2 OMY C 6 1.00 3.52 -1.56
HD2 OMY C 6 -1.39 3.36 -2.39
HD1 OMY C 6 -2.82 4.73 1.50
HB OMY C 6 -4.32 4.58 -0.51
N 3FG C 7 -6.08 2.59 1.37
OD1 3FG C 7 -6.35 0.04 6.13
CD1 3FG C 7 -6.99 1.06 5.48
CG1 3FG C 7 -6.87 1.19 4.06
CZ 3FG C 7 -7.77 2.01 6.23
CD2 3FG C 7 -8.45 3.08 5.55
OD2 3FG C 7 -9.20 3.99 6.28
CG2 3FG C 7 -8.33 3.20 4.13
CB 3FG C 7 -7.54 2.26 3.35
CA 3FG C 7 -7.44 2.44 1.83
C 3FG C 7 -8.22 3.64 1.27
O 3FG C 7 -9.39 3.48 0.93
OXT 3FG C 7 -7.62 4.72 1.18
H 3FG C 7 -5.42 2.93 2.02
HA 3FG C 7 -7.75 1.51 1.35
HD1 3FG C 7 -6.52 0.11 7.06
HZ 3FG C 7 -7.82 1.91 7.30
HD2 3FG C 7 -9.16 3.76 7.19
HG2 3FG C 7 -8.84 4.01 3.62
N MLU D 1 0.35 0.12 -12.18
CN MLU D 1 0.95 1.45 -12.18
CA MLU D 1 -0.33 -0.12 -10.92
C MLU D 1 -1.43 0.92 -10.67
O MLU D 1 -2.30 1.14 -11.50
CB MLU D 1 -0.97 -1.51 -10.86
CG MLU D 1 0.04 -2.64 -10.99
CD1 MLU D 1 1.06 -2.58 -9.86
CD2 MLU D 1 -0.67 -3.99 -11.00
H1 MLU D 1 -0.34 0.06 -12.95
H2 MLU D 1 1.09 -0.59 -12.32
HCN1 MLU D 1 1.45 1.61 -13.14
HCN2 MLU D 1 0.16 2.20 -12.05
HCN3 MLU D 1 1.67 1.51 -11.37
HA MLU D 1 0.41 -0.03 -10.12
HB2 MLU D 1 -1.72 -1.59 -11.66
HB3 MLU D 1 -1.52 -1.61 -9.92
HG MLU D 1 0.58 -2.51 -11.94
HD11 MLU D 1 1.59 -1.63 -9.85
HD12 MLU D 1 1.81 -3.37 -9.97
HD13 MLU D 1 0.58 -2.71 -8.89
HD21 MLU D 1 -1.22 -4.15 -10.07
HD22 MLU D 1 -1.39 -4.05 -11.82
HD23 MLU D 1 0.04 -4.80 -11.11
N OMZ D 2 -1.32 1.55 -9.49
CA OMZ D 2 -2.32 2.55 -9.14
C OMZ D 2 -3.09 2.11 -7.88
O OMZ D 2 -4.25 2.46 -7.71
CB OMZ D 2 -1.71 3.95 -9.07
OC OMZ D 2 -1.07 4.26 -10.28
CG OMZ D 2 -0.72 4.07 -7.95
CD1 OMZ D 2 -0.97 4.96 -6.85
CD2 OMZ D 2 0.46 3.24 -7.95
CE1 OMZ D 2 -0.07 4.98 -5.74
CL OMZ D 2 -0.39 6.03 -4.40
CE2 OMZ D 2 1.35 3.27 -6.83
CZ OMZ D 2 1.07 4.10 -5.70
OH OMZ D 2 1.81 3.97 -4.52
H OMZ D 2 -0.58 1.32 -8.85
HA OMZ D 2 -3.05 2.52 -9.96
HB OMZ D 2 -2.50 4.69 -8.92
HC OMZ D 2 -1.74 4.28 -10.94
HD1 OMZ D 2 -1.84 5.61 -6.85
HD2 OMZ D 2 0.68 2.60 -8.78
HE2 OMZ D 2 2.22 2.63 -6.82
N ASN D 3 -2.42 1.33 -6.99
CA ASN D 3 -3.19 0.89 -5.83
C ASN D 3 -2.39 0.86 -4.51
N GHP D 4 -1.47 -0.13 -4.45
CA GHP D 4 -0.71 -0.24 -3.22
C GHP D 4 -0.38 -1.72 -2.91
O GHP D 4 -0.23 -2.56 -3.78
C1 GHP D 4 0.54 0.60 -3.18
C2 GHP D 4 1.70 0.24 -2.41
C3 GHP D 4 2.87 1.11 -2.30
C4 GHP D 4 2.85 2.35 -3.04
O4 GHP D 4 3.93 3.19 -2.96
C5 GHP D 4 1.72 2.74 -3.84
C6 GHP D 4 0.57 1.84 -3.89
H GHP D 4 -1.28 -0.68 -5.27
HA GHP D 4 -1.39 0.13 -2.44
HC2 GHP D 4 1.72 -0.72 -1.90
H6 GHP D 4 -0.30 2.11 -4.47
N GHP D 5 -0.28 -1.92 -1.58
CA GHP D 5 0.09 -3.22 -1.04
C GHP D 5 0.26 -3.10 0.48
O GHP D 5 -0.52 -2.40 1.12
C1 GHP D 5 -0.82 -4.37 -1.32
C2 GHP D 5 -0.23 -5.50 -1.96
C3 GHP D 5 -0.93 -6.72 -2.14
C4 GHP D 5 -2.29 -6.81 -1.71
O4 GHP D 5 -2.99 -7.98 -1.89
C5 GHP D 5 -2.94 -5.68 -1.07
C6 GHP D 5 -2.19 -4.46 -0.88
H GHP D 5 -0.44 -1.16 -0.95
HA GHP D 5 1.06 -3.40 -1.49
HC2 GHP D 5 0.78 -5.43 -2.30
HO4 GHP D 5 -3.88 -7.88 -1.56
H5 GHP D 5 -3.96 -5.75 -0.75
H6 GHP D 5 -2.66 -3.61 -0.38
N OMY D 6 1.25 -3.81 1.09
CA OMY D 6 2.26 -4.70 0.48
OCZ OMY D 6 4.04 0.86 -1.53
CE2 OMY D 6 4.08 -0.42 0.59
CE1 OMY D 6 4.19 -1.57 -1.61
CZ OMY D 6 4.14 -0.36 -0.85
CG OMY D 6 3.93 -2.91 0.46
CD2 OMY D 6 3.97 -1.70 1.24
CD1 OMY D 6 4.10 -2.84 -0.96
CB OMY D 6 3.62 -4.27 1.05
CL OMY D 6 4.33 -1.49 -3.34
O OMY D 6 1.61 -6.69 1.73
C OMY D 6 1.87 -6.18 0.64
ODE OMY D 6 3.55 -4.22 2.46
H OMY D 6 1.30 -3.68 2.07
HA OMY D 6 2.32 -4.54 -0.59
HE2 OMY D 6 4.13 0.50 1.14
HD2 OMY D 6 3.87 -1.76 2.32
HD1 OMY D 6 4.11 -3.76 -1.54
HB OMY D 6 4.34 -5.02 0.74
N 3FG D 7 1.83 -6.82 -0.56
OD1 3FG D 7 -1.72 -7.55 -4.65
CD1 3FG D 7 -0.63 -8.19 -4.09
CG1 3FG D 7 -0.20 -7.84 -2.78
CZ 3FG D 7 0.06 -9.19 -4.86
CD2 3FG D 7 1.20 -9.86 -4.29
OD2 3FG D 7 1.87 -10.81 -5.03
CG2 3FG D 7 1.63 -9.52 -2.97
CB 3FG D 7 0.94 -8.50 -2.19
CA 3FG D 7 1.43 -8.19 -0.75
C 3FG D 7 2.62 -9.05 -0.29
O 3FG D 7 2.39 -10.04 0.41
OXT 3FG D 7 3.75 -8.71 -0.63
H 3FG D 7 2.08 -6.28 -1.38
HA 3FG D 7 0.60 -8.30 -0.07
HD1 3FG D 7 -2.06 -6.92 -4.03
HZ 3FG D 7 -0.27 -9.41 -5.85
HD2 3FG D 7 2.60 -11.15 -4.51
HG2 3FG D 7 2.50 -10.00 -2.56
C2 BGC E . 5.46 5.67 1.52
C3 BGC E . 6.37 5.70 0.30
C4 BGC E . 7.07 4.37 0.08
C5 BGC E . 6.07 3.22 0.19
C6 BGC E . 6.74 1.85 0.12
C1 BGC E . 4.58 4.41 1.53
O2 BGC E . 4.65 6.82 1.55
O3 BGC E . 7.33 6.72 0.48
O4 BGC E . 7.64 4.34 -1.20
O5 BGC E . 5.41 3.29 1.43
O6 BGC E . 7.96 1.84 0.82
H2 BGC E . 6.08 5.65 2.42
H3 BGC E . 5.79 5.96 -0.59
H4 BGC E . 7.87 4.23 0.81
H5 BGC E . 5.33 3.28 -0.61
H61 BGC E . 6.07 1.11 0.57
H62 BGC E . 6.91 1.54 -0.90
H1 BGC E . 3.86 4.43 0.71
HO3 BGC E . 7.49 7.11 -0.36
HO4 BGC E . 8.45 3.85 -1.13
HO6 BGC E . 8.30 0.95 0.75
C1 RER E . 5.19 7.82 2.38
C2 RER E . 4.37 9.11 2.29
C3 RER E . 2.99 8.95 2.93
N3 RER E . 2.38 10.27 3.08
C3A RER E . 2.08 8.10 2.04
C4 RER E . 3.13 8.31 4.31
O4 RER E . 1.87 8.04 4.84
C5 RER E . 3.95 7.02 4.19
O5 RER E . 5.23 7.35 3.72
C5A RER E . 4.07 6.28 5.53
H1 RER E . 6.22 8.02 2.06
H21C RER E . 4.91 9.90 2.81
H22C RER E . 4.27 9.42 1.25
HO1 RER E . 2.29 10.72 2.14
H31N RER E . 1.44 10.18 3.52
H32N RER E . 2.99 10.86 3.68
H3A1 RER E . 2.50 7.11 1.88
H3A2 RER E . 1.10 7.99 2.49
H3A3 RER E . 1.95 8.57 1.06
H4 RER E . 3.63 9.00 4.99
HO4 RER E . 1.92 8.18 5.77
H5 RER E . 3.45 6.37 3.47
H5A1 RER E . 3.09 6.01 5.91
H5A2 RER E . 4.56 6.91 6.27
H5A3 RER E . 4.65 5.37 5.41
C2 BGC F . 5.57 4.46 -4.11
C3 BGC F . 6.46 4.54 -5.34
C4 BGC F . 7.03 3.16 -5.68
C5 BGC F . 5.96 2.08 -5.67
C6 BGC F . 6.59 0.71 -5.86
C1 BGC F . 4.58 3.29 -4.20
O2 BGC F . 4.82 5.66 -4.03
O3 BGC F . 7.51 5.44 -5.08
O4 BGC F . 7.62 3.19 -6.95
O5 BGC F . 5.30 2.11 -4.42
O6 BGC F . 7.58 0.49 -4.88
H2 BGC F . 6.17 4.33 -3.22
H3 BGC F . 5.89 4.92 -6.19
H4 BGC F . 7.80 2.87 -4.96
H5 BGC F . 5.23 2.27 -6.46
H61 BGC F . 7.07 0.63 -6.84
H62 BGC F . 5.85 -0.06 -5.76
H1 BGC F . 3.89 3.46 -5.02
HO3 BGC F . 7.24 6.28 -5.42
HO4 BGC F . 8.41 2.67 -6.91
HO6 BGC F . 7.93 -0.38 -5.04
C1 RER F . 5.19 6.51 -2.98
C2 RER F . 5.34 7.93 -3.53
C3 RER F . 4.01 8.52 -4.00
N3 RER F . 4.17 9.94 -4.26
C3A RER F . 3.53 7.84 -5.29
C4 RER F . 2.96 8.33 -2.90
O4 RER F . 1.70 8.73 -3.36
C5 RER F . 2.91 6.87 -2.44
O5 RER F . 4.20 6.50 -1.98
C5A RER F . 1.92 6.67 -1.30
H1 RER F . 6.13 6.18 -2.54
H21C RER F . 5.75 8.57 -2.74
H22C RER F . 6.07 7.95 -4.34
HO1 RER F . 4.49 10.42 -3.38
H31N RER F . 3.27 10.35 -4.57
H32N RER F . 4.88 10.08 -5.00
H3A1 RER F . 3.31 6.79 -5.13
H3A2 RER F . 2.62 8.32 -5.66
H3A3 RER F . 4.29 7.92 -6.06
H4 RER F . 3.22 8.96 -2.05
HO4 RER F . 1.49 8.18 -4.10
H5 RER F . 2.65 6.22 -3.28
H5A1 RER F . 2.18 7.29 -0.45
H5A2 RER F . 0.91 6.95 -1.62
H5A3 RER F . 1.90 5.63 -0.98
C1 RER G . -3.76 4.69 -2.95
C2 RER G . -4.12 4.47 -4.43
C3 RER G . -5.61 4.32 -4.66
N3 RER G . -5.89 4.47 -6.09
C3A RER G . -6.10 2.95 -4.21
C4 RER G . -6.34 5.43 -3.90
O4 RER G . -7.73 5.29 -4.05
C5 RER G . -5.95 5.36 -2.43
O5 RER G . -4.58 5.69 -2.38
C5A RER G . -6.74 6.35 -1.59
H1 RER G . -2.73 5.01 -2.88
H21C RER G . -3.76 5.34 -5.00
H22C RER G . -3.58 3.61 -4.83
HO1 RER G . -5.57 5.40 -6.42
H31N RER G . -6.91 4.38 -6.26
H32N RER G . -5.40 3.73 -6.62
H3A1 RER G . -7.19 2.89 -4.27
H3A2 RER G . -5.81 2.74 -3.18
H3A3 RER G . -5.70 2.15 -4.83
H4 RER G . -6.04 6.41 -4.28
HO4 RER G . -7.97 5.84 -4.78
H5 RER G . -6.09 4.35 -2.05
H5A1 RER G . -6.49 6.26 -0.53
H5A2 RER G . -7.81 6.17 -1.68
H5A3 RER G . -6.54 7.38 -1.90
C1 RER H . 4.80 -4.12 3.10
C2 RER H . 4.52 -4.01 4.61
C3 RER H . 3.92 -5.31 5.18
N3 RER H . 3.97 -5.23 6.63
C3A RER H . 2.47 -5.53 4.75
C4 RER H . 4.76 -6.49 4.72
O4 RER H . 4.15 -7.69 5.14
C5 RER H . 4.91 -6.47 3.20
O5 RER H . 5.56 -5.28 2.85
C5A RER H . 5.76 -7.65 2.71
H1 RER H . 5.34 -3.24 2.72
H21C RER H . 5.47 -3.81 5.11
H22C RER H . 3.87 -3.17 4.81
HO1 RER H . 3.58 -6.11 7.04
H31N RER H . 3.40 -4.42 6.95
H32N RER H . 4.95 -5.10 6.94
H3A1 RER H . 1.86 -4.63 4.83
H3A2 RER H . 2.39 -5.87 3.72
H3A3 RER H . 2.00 -6.29 5.38
H4 RER H . 5.75 -6.44 5.19
HO4 RER H . 4.55 -7.93 5.96
H5 RER H . 3.95 -6.48 2.71
H5A1 RER H . 5.88 -7.63 1.63
H5A2 RER H . 6.75 -7.63 3.16
H5A3 RER H . 5.29 -8.60 2.98
N ALA A 1 -5.50 11.12 -4.09
CA ALA A 1 -5.88 9.90 -3.39
C ALA A 1 -4.68 8.97 -3.21
N FGA A 2 -4.06 9.10 -2.02
CA FGA A 2 -2.94 8.23 -1.80
C FGA A 2 -1.66 8.89 -2.32
O FGA A 2 -1.75 9.69 -3.25
CB FGA A 2 -2.82 7.90 -0.32
CG FGA A 2 -4.13 7.35 0.25
CD FGA A 2 -3.92 6.83 1.67
OE1 FGA A 2 -2.82 6.79 2.20
H FGA A 2 -4.36 9.73 -1.31
HA FGA A 2 -3.14 7.33 -2.37
HB2 FGA A 2 -2.02 7.16 -0.17
HB3 FGA A 2 -2.54 8.80 0.23
HG2 FGA A 2 -4.89 8.13 0.26
HG3 FGA A 2 -4.52 6.54 -0.37
N LYS A 3 -5.08 6.45 2.25
CA LYS A 3 -5.06 5.95 3.61
C LYS A 3 -4.21 4.69 3.74
N DAL A 4 -3.48 4.62 4.87
CA DAL A 4 -2.67 3.42 5.05
CB DAL A 4 -3.56 2.30 5.61
C DAL A 4 -1.50 3.70 6.00
O DAL A 4 -1.31 4.80 6.49
H DAL A 4 -3.51 5.35 5.56
HA DAL A 4 -2.27 3.13 4.07
HB1 DAL A 4 -4.40 2.10 4.94
HB2 DAL A 4 -2.99 1.38 5.73
HB3 DAL A 4 -3.96 2.58 6.58
N DAL A 5 -0.75 2.61 6.20
CA DAL A 5 0.40 2.69 7.08
CB DAL A 5 1.39 3.71 6.54
C DAL A 5 1.04 1.31 7.21
O DAL A 5 2.21 1.17 6.87
OXT DAL A 5 0.36 0.38 7.63
H DAL A 5 -0.99 1.74 5.77
HA DAL A 5 0.00 3.00 8.04
HB1 DAL A 5 0.94 4.70 6.46
HB2 DAL A 5 2.25 3.80 7.22
HB3 DAL A 5 1.77 3.42 5.57
N ALA B 1 11.52 -4.23 -1.84
CA ALA B 1 10.96 -3.75 -0.59
C ALA B 1 9.74 -4.59 -0.17
N FGA B 2 9.15 -4.04 0.89
CA FGA B 2 7.96 -4.59 1.48
C FGA B 2 7.72 -3.86 2.80
O FGA B 2 7.58 -2.64 2.78
CB FGA B 2 6.84 -4.39 0.48
CG FGA B 2 6.49 -5.65 -0.33
CD FGA B 2 5.96 -5.37 -1.74
OE1 FGA B 2 6.04 -4.28 -2.29
H FGA B 2 9.55 -3.22 1.29
HA FGA B 2 8.10 -5.65 1.67
HB2 FGA B 2 6.03 -4.09 1.09
HB3 FGA B 2 7.08 -3.55 -0.17
HG2 FGA B 2 7.35 -6.27 -0.46
HG3 FGA B 2 5.77 -6.26 0.19
N LYS B 3 5.41 -6.49 -2.25
CA LYS B 3 4.73 -6.50 -3.52
C LYS B 3 3.53 -5.55 -3.53
N DAL B 4 3.22 -5.08 -4.76
CA DAL B 4 2.08 -4.18 -4.86
CB DAL B 4 0.83 -4.99 -5.26
C DAL B 4 2.39 -3.12 -5.91
O DAL B 4 3.40 -3.15 -6.61
H DAL B 4 3.75 -5.35 -5.56
HA DAL B 4 1.94 -3.70 -3.89
HB1 DAL B 4 0.62 -5.75 -4.51
HB2 DAL B 4 -0.04 -4.34 -5.34
HB3 DAL B 4 0.97 -5.48 -6.22
N DAL B 5 1.45 -2.15 -5.97
CA DAL B 5 1.62 -1.08 -6.92
CB DAL B 5 2.77 -0.17 -6.50
C DAL B 5 0.31 -0.29 -7.03
O DAL B 5 0.20 0.77 -6.41
OXT DAL B 5 -0.58 -0.73 -7.75
H DAL B 5 0.63 -2.19 -5.41
HA DAL B 5 1.84 -1.56 -7.87
HB1 DAL B 5 3.70 -0.74 -6.41
HB2 DAL B 5 2.92 0.63 -7.22
HB3 DAL B 5 2.57 0.29 -5.53
N MLU C 1 1.57 1.71 12.21
CN MLU C 1 2.98 2.05 12.14
CA MLU C 1 1.16 1.03 10.98
C MLU C 1 1.96 -0.25 10.78
O MLU C 1 1.89 -1.18 11.57
CB MLU C 1 -0.33 0.64 11.01
CG MLU C 1 -1.24 1.84 11.29
CD1 MLU C 1 -1.15 2.88 10.16
CD2 MLU C 1 -2.68 1.38 11.47
H1 MLU C 1 1.40 1.09 13.01
H2 MLU C 1 1.00 2.57 12.31
HCN1 MLU C 1 3.57 1.14 12.02
HCN2 MLU C 1 3.15 2.71 11.28
HCN3 MLU C 1 3.26 2.57 13.06
HA MLU C 1 1.35 1.70 10.15
HB2 MLU C 1 -0.48 -0.11 11.78
HB3 MLU C 1 -0.60 0.19 10.06
HG MLU C 1 -0.90 2.31 12.21
HD11 MLU C 1 -0.13 3.22 10.02
HD12 MLU C 1 -1.50 2.44 9.22
HD13 MLU C 1 -1.77 3.74 10.38
HD21 MLU C 1 -3.33 2.22 11.70
HD22 MLU C 1 -3.05 0.89 10.56
HD23 MLU C 1 -2.75 0.66 12.29
N OMZ C 2 2.73 -0.26 9.68
CA OMZ C 2 3.53 -1.44 9.41
C OMZ C 2 2.83 -2.30 8.34
O OMZ C 2 2.83 -3.53 8.45
CB OMZ C 2 4.98 -1.07 9.07
OC OMZ C 2 5.61 -0.51 10.19
CG OMZ C 2 5.05 -0.09 7.94
CD1 OMZ C 2 5.27 -0.55 6.59
CD2 OMZ C 2 4.83 1.31 8.19
CE1 OMZ C 2 5.20 0.38 5.51
CL OMZ C 2 5.44 -0.18 3.89
CE2 OMZ C 2 4.76 2.24 7.10
CZ OMZ C 2 4.90 1.77 5.74
OH OMZ C 2 4.61 2.59 4.66
H OMZ C 2 2.74 0.54 9.05
HA OMZ C 2 3.52 -2.01 10.33
HB OMZ C 2 5.55 -1.97 8.79
HC OMZ C 2 5.19 0.33 10.34
HD1 OMZ C 2 5.47 -1.59 6.40
HD2 OMZ C 2 4.68 1.67 9.21
HE2 OMZ C 2 4.57 3.29 7.28
N ASN C 3 2.20 -1.66 7.32
CA ASN C 3 1.52 -2.53 6.38
C ASN C 3 1.43 -1.96 4.95
N GHP C 4 0.65 -0.87 4.85
CA GHP C 4 0.50 -0.26 3.52
C GHP C 4 -0.97 0.14 3.28
O GHP C 4 -1.68 0.54 4.19
C1 GHP C 4 1.39 0.95 3.29
C2 GHP C 4 1.09 1.93 2.28
C3 GHP C 4 1.94 3.08 2.04
C4 GHP C 4 3.10 3.25 2.88
O4 GHP C 4 3.91 4.36 2.76
C5 GHP C 4 3.44 2.30 3.90
C6 GHP C 4 2.56 1.14 4.08
H GHP C 4 0.23 -0.46 5.66
HA GHP C 4 0.78 -1.05 2.81
HC2 GHP C 4 0.17 1.82 1.71
H6 GHP C 4 2.79 0.42 4.84
N GHP C 5 -1.32 0.01 1.99
CA GHP C 5 -2.64 0.44 1.57
C GHP C 5 -2.81 0.35 0.05
O GHP C 5 -2.31 -0.59 -0.55
C1 GHP C 5 -3.83 -0.22 2.22
C2 GHP C 5 -4.75 0.65 2.90
C3 GHP C 5 -5.98 0.20 3.41
C4 GHP C 5 -6.31 -1.19 3.30
O4 GHP C 5 -7.51 -1.65 3.81
C5 GHP C 5 -5.41 -2.10 2.63
C6 GHP C 5 -4.16 -1.61 2.10
H GHP C 5 -0.67 -0.35 1.32
HA GHP C 5 -2.61 1.47 1.88
HC2 GHP C 5 -4.49 1.70 2.99
HO4 GHP C 5 -7.58 -2.58 3.65
H5 GHP C 5 -5.66 -3.15 2.55
H6 GHP C 5 -3.49 -2.28 1.59
N OMY C 6 -3.50 1.32 -0.59
CA OMY C 6 -4.15 2.49 -0.02
OCZ OMY C 6 1.72 4.07 1.03
CE2 OMY C 6 0.18 3.78 -0.90
CE1 OMY C 6 -0.66 4.52 1.31
CZ OMY C 6 0.44 4.15 0.46
CG OMY C 6 -2.28 3.99 -0.48
CD2 OMY C 6 -1.19 3.69 -1.37
CD1 OMY C 6 -2.01 4.46 0.84
CB OMY C 6 -3.73 3.73 -0.83
CL OMY C 6 -0.35 5.04 2.93
O OMY C 6 -6.37 1.86 -0.80
C OMY C 6 -5.67 2.28 0.12
ODE OMY C 6 -3.91 3.50 -2.21
H OMY C 6 -3.58 1.23 -1.59
HA OMY C 6 -3.78 2.63 0.99
HE2 OMY C 6 0.99 3.52 -1.55
HD2 OMY C 6 -1.39 3.36 -2.39
HD1 OMY C 6 -2.82 4.72 1.50
HB OMY C 6 -4.33 4.57 -0.52
N 3FG C 7 -6.09 2.59 1.36
OD1 3FG C 7 -6.35 0.06 6.13
CD1 3FG C 7 -7.00 1.08 5.47
CG1 3FG C 7 -6.88 1.20 4.06
CZ 3FG C 7 -7.77 2.02 6.22
CD2 3FG C 7 -8.45 3.10 5.54
OD2 3FG C 7 -9.20 4.01 6.26
CG2 3FG C 7 -8.33 3.21 4.12
CB 3FG C 7 -7.54 2.27 3.35
CA 3FG C 7 -7.44 2.44 1.83
C 3FG C 7 -8.22 3.64 1.26
O 3FG C 7 -9.39 3.50 0.92
OXT 3FG C 7 -7.63 4.72 1.17
H 3FG C 7 -5.42 2.93 2.01
HA 3FG C 7 -7.76 1.52 1.34
HD1 3FG C 7 -6.52 0.13 7.06
HZ 3FG C 7 -7.82 1.93 7.29
HD2 3FG C 7 -9.58 4.64 5.67
HG2 3FG C 7 -8.84 4.03 3.61
N MLU D 1 0.34 0.12 -12.18
CN MLU D 1 0.94 1.44 -12.18
CA MLU D 1 -0.33 -0.13 -10.91
C MLU D 1 -1.43 0.92 -10.67
O MLU D 1 -2.31 1.12 -11.50
CB MLU D 1 -0.97 -1.51 -10.85
CG MLU D 1 0.04 -2.64 -10.98
CD1 MLU D 1 1.07 -2.58 -9.85
CD2 MLU D 1 -0.66 -4.00 -10.99
H1 MLU D 1 -0.34 0.04 -12.96
H2 MLU D 1 1.08 -0.60 -12.31
HCN1 MLU D 1 1.44 1.61 -13.14
HCN2 MLU D 1 0.16 2.19 -12.05
HCN3 MLU D 1 1.67 1.51 -11.37
HA MLU D 1 0.40 -0.04 -10.12
HB2 MLU D 1 -1.72 -1.61 -11.65
HB3 MLU D 1 -1.52 -1.62 -9.91
HG MLU D 1 0.57 -2.52 -11.93
HD11 MLU D 1 1.59 -1.62 -9.84
HD12 MLU D 1 0.58 -2.71 -8.88
HD13 MLU D 1 1.81 -3.37 -9.96
HD21 MLU D 1 -1.38 -4.06 -11.81
HD22 MLU D 1 -1.21 -4.16 -10.05
HD23 MLU D 1 0.05 -4.81 -11.11
N OMZ D 2 -1.33 1.54 -9.48
CA OMZ D 2 -2.34 2.54 -9.14
C OMZ D 2 -3.10 2.10 -7.87
O OMZ D 2 -4.26 2.46 -7.71
CB OMZ D 2 -1.73 3.94 -9.06
OC OMZ D 2 -1.09 4.25 -10.28
CG OMZ D 2 -0.74 4.06 -7.94
CD1 OMZ D 2 -0.99 4.96 -6.85
CD2 OMZ D 2 0.45 3.24 -7.95
CE1 OMZ D 2 -0.09 4.98 -5.73
CL OMZ D 2 -0.40 6.04 -4.39
CE2 OMZ D 2 1.34 3.26 -6.83
CZ OMZ D 2 1.05 4.11 -5.69
OH OMZ D 2 1.81 3.97 -4.53
H OMZ D 2 -0.59 1.31 -8.85
HA OMZ D 2 -3.05 2.51 -9.95
HB OMZ D 2 -2.52 4.68 -8.91
HC OMZ D 2 -0.76 5.13 -10.20
HD1 OMZ D 2 -1.85 5.60 -6.85
HD2 OMZ D 2 0.67 2.59 -8.78
HE2 OMZ D 2 2.21 2.62 -6.82
N ASN D 3 -2.43 1.33 -6.99
CA ASN D 3 -3.20 0.89 -5.83
C ASN D 3 -2.39 0.86 -4.51
N GHP D 4 -1.48 -0.12 -4.45
CA GHP D 4 -0.72 -0.25 -3.21
C GHP D 4 -0.39 -1.72 -2.90
O GHP D 4 -0.23 -2.57 -3.77
C1 GHP D 4 0.54 0.60 -3.16
C2 GHP D 4 1.70 0.25 -2.41
C3 GHP D 4 2.87 1.10 -2.30
C4 GHP D 4 2.84 2.35 -3.04
O4 GHP D 4 3.92 3.20 -2.95
C5 GHP D 4 1.71 2.74 -3.84
C6 GHP D 4 0.56 1.84 -3.87
H GHP D 4 -1.27 -0.68 -5.26
HA GHP D 4 -1.39 0.13 -2.44
HC2 GHP D 4 1.71 -0.72 -1.90
H6 GHP D 4 -0.31 2.11 -4.47
N GHP D 5 -0.29 -1.93 -1.58
CA GHP D 5 0.09 -3.22 -1.03
C GHP D 5 0.25 -3.11 0.50
O GHP D 5 -0.52 -2.41 1.13
C1 GHP D 5 -0.82 -4.37 -1.31
C2 GHP D 5 -0.23 -5.50 -1.96
C3 GHP D 5 -0.93 -6.72 -2.14
C4 GHP D 5 -2.29 -6.81 -1.70
O4 GHP D 5 -2.99 -7.98 -1.88
C5 GHP D 5 -2.93 -5.68 -1.06
C6 GHP D 5 -2.19 -4.46 -0.86
H GHP D 5 -0.45 -1.16 -0.95
HA GHP D 5 1.06 -3.40 -1.48
HC2 GHP D 5 0.78 -5.43 -2.30
HO4 GHP D 5 -2.44 -8.62 -2.31
H5 GHP D 5 -3.95 -5.75 -0.73
H6 GHP D 5 -2.65 -3.62 -0.36
N OMY D 6 1.25 -3.82 1.09
CA OMY D 6 2.26 -4.70 0.48
OCZ OMY D 6 4.04 0.86 -1.53
CE2 OMY D 6 4.09 -0.43 0.58
CE1 OMY D 6 4.18 -1.56 -1.61
CZ OMY D 6 4.14 -0.35 -0.86
CG OMY D 6 3.93 -2.91 0.46
CD2 OMY D 6 3.97 -1.70 1.24
CD1 OMY D 6 4.09 -2.83 -0.97
CB OMY D 6 3.62 -4.27 1.05
CL OMY D 6 4.31 -1.48 -3.34
O OMY D 6 1.62 -6.69 1.73
C OMY D 6 1.87 -6.19 0.64
ODE OMY D 6 3.54 -4.22 2.45
H OMY D 6 1.29 -3.68 2.08
HA OMY D 6 2.32 -4.54 -0.59
HE2 OMY D 6 4.14 0.50 1.14
HD2 OMY D 6 3.89 -1.76 2.32
HD1 OMY D 6 4.10 -3.75 -1.54
HB OMY D 6 4.34 -5.02 0.74
N 3FG D 7 1.83 -6.82 -0.56
OD1 3FG D 7 -1.73 -7.55 -4.63
CD1 3FG D 7 -0.63 -8.18 -4.08
CG1 3FG D 7 -0.20 -7.84 -2.78
CZ 3FG D 7 0.05 -9.19 -4.85
CD2 3FG D 7 1.19 -9.85 -4.30
OD2 3FG D 7 1.86 -10.80 -5.03
CG2 3FG D 7 1.63 -9.52 -2.98
CB 3FG D 7 0.94 -8.50 -2.19
CA 3FG D 7 1.44 -8.19 -0.76
C 3FG D 7 2.63 -9.06 -0.30
O 3FG D 7 2.40 -10.05 0.39
OXT 3FG D 7 3.76 -8.71 -0.63
H 3FG D 7 2.07 -6.29 -1.37
HA 3FG D 7 0.60 -8.31 -0.07
HD1 3FG D 7 -2.07 -6.92 -4.01
HZ 3FG D 7 -0.28 -9.39 -5.86
HD2 3FG D 7 1.45 -10.91 -5.87
HG2 3FG D 7 2.51 -9.99 -2.57
C2 BGC E . 5.46 5.66 1.52
C3 BGC E . 6.37 5.71 0.30
C4 BGC E . 7.07 4.37 0.08
C5 BGC E . 6.06 3.22 0.18
C6 BGC E . 6.74 1.85 0.11
C1 BGC E . 4.57 4.42 1.53
O2 BGC E . 4.66 6.82 1.56
O3 BGC E . 7.33 6.72 0.48
O4 BGC E . 7.63 4.35 -1.21
O5 BGC E . 5.41 3.29 1.43
O6 BGC E . 7.96 1.84 0.82
H2 BGC E . 6.07 5.64 2.42
H3 BGC E . 5.78 5.96 -0.59
H4 BGC E . 7.87 4.23 0.81
H5 BGC E . 5.32 3.29 -0.61
H61 BGC E . 6.08 1.12 0.57
H62 BGC E . 6.91 1.54 -0.91
H1 BGC E . 3.86 4.43 0.71
HO3 BGC E . 7.48 7.11 -0.37
HO4 BGC E . 8.54 4.61 -1.11
HO6 BGC E . 8.30 0.96 0.75
C1 RER E . 5.20 7.82 2.39
C2 RER E . 4.37 9.10 2.30
C3 RER E . 2.98 8.95 2.94
N3 RER E . 2.37 10.27 3.09
C3A RER E . 2.08 8.09 2.05
C4 RER E . 3.13 8.30 4.32
O4 RER E . 1.86 8.03 4.85
C5 RER E . 3.94 7.01 4.20
O5 RER E . 5.23 7.35 3.72
C5A RER E . 4.07 6.27 5.53
H1 RER E . 6.22 8.02 2.06
H21C RER E . 4.90 9.90 2.82
H22C RER E . 4.26 9.43 1.27
HO1 RER E . 1.44 10.17 3.53
H31N RER E . 2.27 10.71 2.16
H32N RER E . 2.98 10.86 3.71
H3A1 RER E . 1.94 8.57 1.07
H3A2 RER E . 2.50 7.10 1.89
H3A3 RER E . 1.09 7.98 2.50
H4 RER E . 3.63 8.99 5.00
HO4 RER E . 1.92 8.17 5.79
H5 RER E . 3.46 6.37 3.48
H5A1 RER E . 3.10 6.00 5.92
H5A2 RER E . 4.65 5.36 5.42
H5A3 RER E . 4.57 6.90 6.28
C2 BGC F . 5.55 4.48 -4.11
C3 BGC F . 6.45 4.54 -5.34
C4 BGC F . 7.03 3.17 -5.68
C5 BGC F . 5.95 2.10 -5.67
C6 BGC F . 6.59 0.72 -5.86
C1 BGC F . 4.58 3.30 -4.20
O2 BGC F . 4.80 5.66 -4.02
O3 BGC F . 7.49 5.44 -5.07
O4 BGC F . 7.62 3.20 -6.96
O5 BGC F . 5.29 2.12 -4.43
O6 BGC F . 7.56 0.49 -4.87
H2 BGC F . 6.17 4.34 -3.22
H3 BGC F . 5.88 4.93 -6.18
H4 BGC F . 7.78 2.87 -4.95
H5 BGC F . 5.22 2.28 -6.46
H61 BGC F . 5.84 -0.06 -5.77
H62 BGC F . 7.06 0.64 -6.84
H1 BGC F . 3.88 3.47 -5.03
HO3 BGC F . 7.23 6.29 -5.42
HO4 BGC F . 8.53 3.41 -6.83
HO6 BGC F . 7.92 -0.37 -5.04
C1 RER F . 5.18 6.52 -2.98
C2 RER F . 5.32 7.94 -3.52
C3 RER F . 3.99 8.53 -3.99
N3 RER F . 4.16 9.94 -4.25
C3A RER F . 3.51 7.84 -5.28
C4 RER F . 2.95 8.33 -2.89
O4 RER F . 1.69 8.74 -3.35
C5 RER F . 2.91 6.88 -2.44
O5 RER F . 4.19 6.51 -1.98
C5A RER F . 1.91 6.67 -1.30
H1 RER F . 6.11 6.19 -2.53
H21C RER F . 5.74 8.58 -2.74
H22C RER F . 6.05 7.95 -4.34
HO1 RER F . 4.86 10.08 -5.00
H31N RER F . 3.25 10.36 -4.56
H32N RER F . 4.48 10.42 -3.39
H3A1 RER F . 2.60 8.33 -5.65
H3A2 RER F . 4.27 7.91 -6.06
H3A3 RER F . 3.29 6.79 -5.12
H4 RER F . 3.21 8.97 -2.03
HO4 RER F . 1.25 9.13 -2.62
H5 RER F . 2.64 6.24 -3.28
H5A1 RER F . 2.17 7.29 -0.44
H5A2 RER F . 0.90 6.95 -1.61
H5A3 RER F . 1.89 5.63 -0.97
C1 RER G . -3.75 4.69 -2.95
C2 RER G . -4.11 4.48 -4.43
C3 RER G . -5.62 4.33 -4.67
N3 RER G . -5.89 4.49 -6.09
C3A RER G . -6.11 2.96 -4.22
C4 RER G . -6.33 5.44 -3.90
O4 RER G . -7.72 5.31 -4.05
C5 RER G . -5.94 5.37 -2.43
O5 RER G . -4.58 5.69 -2.38
C5A RER G . -6.73 6.36 -1.58
H1 RER G . -2.71 5.01 -2.88
H21C RER G . -3.75 5.33 -5.00
H22C RER G . -3.58 3.61 -4.83
HO1 RER G . -6.92 4.41 -6.26
H31N RER G . -5.39 3.75 -6.62
H32N RER G . -5.56 5.42 -6.42
H3A1 RER G . -7.20 2.91 -4.29
H3A2 RER G . -5.71 2.18 -4.85
H3A3 RER G . -5.82 2.75 -3.19
H4 RER G . -6.03 6.42 -4.29
HO4 RER G . -8.07 6.20 -4.10
H5 RER G . -6.08 4.36 -2.05
H5A1 RER G . -7.80 6.18 -1.68
H5A2 RER G . -6.53 7.39 -1.89
H5A3 RER G . -6.47 6.27 -0.53
C1 RER H . 4.79 -4.13 3.10
C2 RER H . 4.52 -4.03 4.60
C3 RER H . 3.92 -5.32 5.18
N3 RER H . 3.96 -5.25 6.63
C3A RER H . 2.45 -5.54 4.75
C4 RER H . 4.76 -6.50 4.71
O4 RER H . 4.14 -7.70 5.12
C5 RER H . 4.91 -6.47 3.19
O5 RER H . 5.56 -5.28 2.85
C5A RER H . 5.75 -7.66 2.70
H1 RER H . 5.33 -3.25 2.74
H21C RER H . 5.45 -3.82 5.12
H22C RER H . 3.86 -3.18 4.82
HO1 RER H . 3.39 -4.44 6.96
H31N RER H . 4.95 -5.13 6.95
H32N RER H . 3.58 -6.13 7.03
H3A1 RER H . 1.85 -4.65 4.83
H3A2 RER H . 2.38 -5.89 3.72
H3A3 RER H . 1.99 -6.31 5.38
H4 RER H . 5.74 -6.45 5.18
HO4 RER H . 4.54 -7.94 5.95
H5 RER H . 3.94 -6.49 2.71
H5A1 RER H . 6.75 -7.64 3.15
H5A2 RER H . 5.87 -7.63 1.62
H5A3 RER H . 5.28 -8.61 2.98
N ALA A 1 -5.61 10.46 -4.93
CA ALA A 1 -5.42 10.08 -3.53
C ALA A 1 -4.27 9.09 -3.39
N FGA A 2 -3.84 8.96 -2.12
CA FGA A 2 -2.77 8.03 -1.88
C FGA A 2 -1.45 8.60 -2.41
O FGA A 2 -0.64 9.07 -1.60
CB FGA A 2 -2.67 7.73 -0.39
CG FGA A 2 -4.01 7.25 0.19
CD FGA A 2 -3.84 6.75 1.62
OE1 FGA A 2 -2.74 6.72 2.17
H FGA A 2 -4.23 9.48 -1.36
HA FGA A 2 -3.02 7.12 -2.43
HB2 FGA A 2 -1.91 6.97 -0.21
HB3 FGA A 2 -2.37 8.63 0.14
HG2 FGA A 2 -4.74 8.05 0.17
HG3 FGA A 2 -4.42 6.44 -0.42
N LYS A 3 -5.00 6.39 2.19
CA LYS A 3 -5.02 5.94 3.56
C LYS A 3 -4.15 4.68 3.75
N DAL A 4 -3.39 4.68 4.86
CA DAL A 4 -2.59 3.49 5.07
CB DAL A 4 -3.48 2.37 5.62
C DAL A 4 -1.45 3.79 6.04
O DAL A 4 -1.28 4.91 6.53
H DAL A 4 -3.40 5.44 5.51
HA DAL A 4 -2.16 3.18 4.11
HB1 DAL A 4 -4.30 2.15 4.94
HB2 DAL A 4 -2.91 1.45 5.78
HB3 DAL A 4 -3.91 2.66 6.58
N DAL A 5 -0.69 2.71 6.29
CA DAL A 5 0.43 2.82 7.19
CB DAL A 5 1.48 3.78 6.63
C DAL A 5 1.03 1.43 7.43
O DAL A 5 0.36 0.60 8.04
OXT DAL A 5 2.16 1.19 7.01
H DAL A 5 -0.92 1.83 5.87
HA DAL A 5 0.02 3.19 8.12
HB1 DAL A 5 1.05 4.76 6.46
HB2 DAL A 5 2.31 3.88 7.32
HB3 DAL A 5 1.87 3.41 5.68
N ALA B 1 11.18 -3.81 -2.25
CA ALA B 1 10.67 -3.39 -0.95
C ALA B 1 9.56 -4.32 -0.47
N FGA B 2 9.01 -3.83 0.65
CA FGA B 2 7.91 -4.47 1.31
C FGA B 2 7.70 -3.79 2.67
O FGA B 2 7.50 -2.58 2.69
CB FGA B 2 6.70 -4.33 0.40
CG FGA B 2 6.40 -5.60 -0.40
CD FGA B 2 5.88 -5.38 -1.82
OE1 FGA B 2 5.97 -4.31 -2.41
H FGA B 2 9.38 -2.99 1.05
HA FGA B 2 8.13 -5.53 1.46
HB2 FGA B 2 5.90 -4.10 1.08
HB3 FGA B 2 6.84 -3.48 -0.26
HG2 FGA B 2 7.27 -6.22 -0.51
HG3 FGA B 2 5.68 -6.24 0.12
N LYS B 3 5.34 -6.52 -2.30
CA LYS B 3 4.64 -6.57 -3.56
C LYS B 3 3.42 -5.65 -3.59
N DAL B 4 3.04 -5.28 -4.83
CA DAL B 4 1.89 -4.40 -4.96
CB DAL B 4 0.63 -5.25 -5.20
C DAL B 4 2.10 -3.43 -6.11
O DAL B 4 2.43 -3.80 -7.23
H DAL B 4 3.52 -5.61 -5.64
HA DAL B 4 1.80 -3.84 -4.02
HB1 DAL B 4 0.48 -5.98 -4.40
HB2 DAL B 4 -0.26 -4.62 -5.24
HB3 DAL B 4 0.70 -5.79 -6.14
N DAL B 5 1.89 -2.15 -5.75
CA DAL B 5 2.06 -1.11 -6.73
CB DAL B 5 2.74 0.11 -6.11
C DAL B 5 0.70 -0.71 -7.32
O DAL B 5 -0.20 -1.57 -7.34
OXT DAL B 5 0.54 0.43 -7.74
H DAL B 5 1.64 -1.89 -4.82
HA DAL B 5 2.68 -1.55 -7.50
HB1 DAL B 5 3.72 -0.17 -5.69
HB2 DAL B 5 2.91 0.89 -6.85
HB3 DAL B 5 2.14 0.53 -5.30
N MLU C 1 1.45 1.86 12.21
CN MLU C 1 2.87 2.18 12.16
CA MLU C 1 1.04 1.17 11.00
C MLU C 1 1.83 -0.13 10.82
O MLU C 1 1.74 -1.05 11.64
CB MLU C 1 -0.44 0.81 11.01
CG MLU C 1 -1.34 2.02 11.29
CD1 MLU C 1 -1.22 3.07 10.19
CD2 MLU C 1 -2.79 1.57 11.45
H1 MLU C 1 1.26 1.25 13.03
H2 MLU C 1 0.90 2.74 12.30
HCN1 MLU C 1 3.15 2.70 13.09
HCN2 MLU C 1 3.44 1.25 12.06
HCN3 MLU C 1 3.06 2.82 11.30
HA MLU C 1 1.24 1.83 10.16
HB2 MLU C 1 -0.62 0.05 11.76
HB3 MLU C 1 -0.73 0.37 10.05
HG MLU C 1 -1.02 2.47 12.23
HD11 MLU C 1 -1.84 3.94 10.42
HD12 MLU C 1 -1.54 2.67 9.23
HD13 MLU C 1 -0.18 3.40 10.09
HD21 MLU C 1 -3.16 1.11 10.52
HD22 MLU C 1 -3.44 2.42 11.68
HD23 MLU C 1 -2.89 0.84 12.25
N OMZ C 2 2.61 -0.16 9.72
CA OMZ C 2 3.39 -1.37 9.48
C OMZ C 2 2.65 -2.28 8.48
O OMZ C 2 2.61 -3.49 8.66
CB OMZ C 2 4.85 -1.04 9.14
OC OMZ C 2 5.49 -0.55 10.29
CG OMZ C 2 4.96 -0.02 8.06
CD1 OMZ C 2 5.30 -0.43 6.71
CD2 OMZ C 2 4.69 1.37 8.33
CE1 OMZ C 2 5.27 0.54 5.66
CL OMZ C 2 5.63 0.04 4.04
CE2 OMZ C 2 4.68 2.33 7.26
CZ OMZ C 2 4.91 1.90 5.91
OH OMZ C 2 4.64 2.73 4.82
H OMZ C 2 2.64 0.62 9.09
HA OMZ C 2 3.37 -1.92 10.43
HB OMZ C 2 5.37 -1.95 8.84
HC OMZ C 2 6.40 -0.40 10.04
HD1 OMZ C 2 5.54 -1.46 6.50
HD2 OMZ C 2 4.48 1.68 9.35
HE2 OMZ C 2 4.43 3.37 7.47
N ASN C 3 2.04 -1.67 7.42
CA ASN C 3 1.33 -2.58 6.52
C ASN C 3 1.20 -2.06 5.08
N GHP C 4 0.77 -0.78 4.98
CA GHP C 4 0.64 -0.23 3.63
C GHP C 4 -0.83 0.13 3.34
O GHP C 4 -1.59 0.52 4.23
C1 GHP C 4 1.49 1.01 3.39
C2 GHP C 4 1.19 1.96 2.36
C3 GHP C 4 2.02 3.14 2.10
C4 GHP C 4 3.17 3.34 2.96
O4 GHP C 4 3.98 4.44 2.82
C5 GHP C 4 3.50 2.42 4.02
C6 GHP C 4 2.64 1.25 4.19
H GHP C 4 0.57 -0.24 5.79
HA GHP C 4 0.99 -1.01 2.95
HC2 GHP C 4 0.29 1.82 1.78
H6 GHP C 4 2.86 0.55 4.98
N GHP C 5 -1.17 -0.02 2.05
CA GHP C 5 -2.49 0.38 1.63
C GHP C 5 -2.66 0.27 0.10
O GHP C 5 -2.14 -0.67 -0.48
C1 GHP C 5 -3.68 -0.28 2.28
C2 GHP C 5 -4.60 0.58 2.94
C3 GHP C 5 -5.84 0.10 3.46
C4 GHP C 5 -6.13 -1.29 3.37
O4 GHP C 5 -7.32 -1.77 3.88
C5 GHP C 5 -5.21 -2.20 2.72
C6 GHP C 5 -3.97 -1.69 2.17
H GHP C 5 -0.50 -0.37 1.39
HA GHP C 5 -2.49 1.42 1.91
HC2 GHP C 5 -4.38 1.63 3.02
HO4 GHP C 5 -7.81 -1.06 4.27
H5 GHP C 5 -5.45 -3.24 2.65
H6 GHP C 5 -3.29 -2.35 1.67
N OMY C 6 -3.38 1.23 -0.56
CA OMY C 6 -4.05 2.39 0.00
OCZ OMY C 6 1.78 4.07 1.06
CE2 OMY C 6 0.25 3.77 -0.88
CE1 OMY C 6 -0.61 4.49 1.34
CZ OMY C 6 0.50 4.15 0.50
CG OMY C 6 -2.21 3.92 -0.47
CD2 OMY C 6 -1.11 3.66 -1.36
CD1 OMY C 6 -1.95 4.38 0.87
CB OMY C 6 -3.65 3.63 -0.82
CL OMY C 6 -0.32 4.99 2.97
O OMY C 6 -6.25 1.69 -0.76
C OMY C 6 -5.56 2.15 0.15
ODE OMY C 6 -3.82 3.38 -2.20
H OMY C 6 -3.45 1.11 -1.55
HA OMY C 6 -3.68 2.54 1.01
HE2 OMY C 6 1.08 3.55 -1.53
HD2 OMY C 6 -1.29 3.35 -2.39
HD1 OMY C 6 -2.78 4.61 1.53
HB OMY C 6 -4.27 4.46 -0.52
N 3FG C 7 -5.99 2.49 1.39
OD1 3FG C 7 -6.21 -0.03 6.18
CD1 3FG C 7 -6.87 0.99 5.51
CG1 3FG C 7 -6.75 1.10 4.10
CZ 3FG C 7 -7.68 1.91 6.25
CD2 3FG C 7 -8.37 2.97 5.57
OD2 3FG C 7 -9.13 3.87 6.28
CG2 3FG C 7 -8.25 3.08 4.14
CB 3FG C 7 -7.44 2.15 3.38
CA 3FG C 7 -7.34 2.32 1.85
C 3FG C 7 -8.12 3.52 1.29
O 3FG C 7 -9.30 3.35 0.99
OXT 3FG C 7 -7.53 4.59 1.16
H 3FG C 7 -5.32 2.86 2.03
HA 3FG C 7 -7.64 1.38 1.38
HD1 3FG C 7 -6.39 0.03 7.11
HZ 3FG C 7 -7.72 1.82 7.33
HD2 3FG C 7 -9.10 3.65 7.21
HG2 3FG C 7 -8.75 3.89 3.64
N MLU D 1 0.38 0.40 -12.50
CN MLU D 1 0.90 1.75 -12.72
CA MLU D 1 -0.13 0.27 -11.12
C MLU D 1 -1.24 1.29 -10.87
O MLU D 1 -1.92 1.76 -11.77
CB MLU D 1 -0.68 -1.12 -10.85
CG MLU D 1 0.36 -2.22 -11.10
CD1 MLU D 1 1.57 -2.05 -10.19
CD2 MLU D 1 -0.28 -3.60 -10.90
H1 MLU D 1 -0.39 0.21 -13.17
H2 MLU D 1 1.13 -0.29 -12.64
HCN1 MLU D 1 1.71 1.93 -12.02
HCN2 MLU D 1 1.26 1.82 -13.74
HCN3 MLU D 1 0.10 2.47 -12.56
HA MLU D 1 0.70 0.48 -10.45
HB2 MLU D 1 -1.55 -1.30 -11.48
HB3 MLU D 1 -1.03 -1.18 -9.82
HG MLU D 1 0.69 -2.13 -12.14
HD11 MLU D 1 1.29 -2.16 -9.15
HD12 MLU D 1 2.32 -2.81 -10.41
HD13 MLU D 1 2.02 -1.07 -10.32
HD21 MLU D 1 -1.12 -3.73 -11.56
HD22 MLU D 1 0.44 -4.39 -11.11
HD23 MLU D 1 -0.63 -3.72 -9.88
N OMZ D 2 -1.38 1.61 -9.56
CA OMZ D 2 -2.42 2.56 -9.21
C OMZ D 2 -3.19 2.06 -7.97
O OMZ D 2 -4.37 2.37 -7.81
CB OMZ D 2 -1.85 3.98 -9.08
OC OMZ D 2 -1.22 4.35 -10.27
CG OMZ D 2 -0.88 4.09 -7.95
CD1 OMZ D 2 -1.17 4.95 -6.82
CD2 OMZ D 2 0.33 3.31 -7.96
CE1 OMZ D 2 -0.28 4.96 -5.70
CL OMZ D 2 -0.64 5.96 -4.33
CE2 OMZ D 2 1.22 3.32 -6.83
CZ OMZ D 2 0.89 4.11 -5.67
OH OMZ D 2 1.62 3.96 -4.50
H OMZ D 2 -0.79 1.19 -8.87
HA OMZ D 2 -3.12 2.53 -10.04
HB OMZ D 2 -2.67 4.69 -8.91
HC OMZ D 2 -1.89 4.37 -10.94
HD1 OMZ D 2 -2.05 5.56 -6.81
HD2 OMZ D 2 0.58 2.70 -8.82
HE2 OMZ D 2 2.10 2.71 -6.84
N ASN D 3 -2.50 1.28 -7.09
CA ASN D 3 -3.27 0.78 -5.95
C ASN D 3 -2.49 0.72 -4.64
N GHP D 4 -1.54 -0.24 -4.60
CA GHP D 4 -0.80 -0.37 -3.35
C GHP D 4 -0.44 -1.83 -3.06
O GHP D 4 -0.24 -2.67 -3.93
C1 GHP D 4 0.43 0.52 -3.28
C2 GHP D 4 1.61 0.15 -2.53
C3 GHP D 4 2.75 1.04 -2.39
C4 GHP D 4 2.69 2.31 -3.07
O4 GHP D 4 3.76 3.18 -2.96
C5 GHP D 4 1.55 2.70 -3.87
C6 GHP D 4 0.43 1.78 -3.94
H GHP D 4 -1.30 -0.75 -5.42
HA GHP D 4 -1.49 -0.02 -2.59
HC2 GHP D 4 1.63 -0.82 -2.05
H6 GHP D 4 -0.45 2.04 -4.52
N GHP D 5 -0.37 -2.04 -1.73
CA GHP D 5 0.01 -3.31 -1.16
C GHP D 5 0.14 -3.18 0.37
O GHP D 5 -0.66 -2.47 0.98
C1 GHP D 5 -0.89 -4.48 -1.43
C2 GHP D 5 -0.28 -5.63 -2.02
C3 GHP D 5 -0.97 -6.85 -2.19
C4 GHP D 5 -2.34 -6.94 -1.79
O4 GHP D 5 -3.04 -8.12 -1.96
C5 GHP D 5 -3.00 -5.79 -1.20
C6 GHP D 5 -2.27 -4.56 -1.02
H GHP D 5 -0.56 -1.28 -1.12
HA GHP D 5 0.98 -3.51 -1.60
HC2 GHP D 5 0.75 -5.57 -2.33
HO4 GHP D 5 -2.47 -8.76 -2.36
H5 GHP D 5 -4.04 -5.85 -0.90
H6 GHP D 5 -2.75 -3.70 -0.56
N OMY D 6 1.13 -3.86 1.00
CA OMY D 6 2.16 -4.73 0.43
OCZ OMY D 6 3.93 0.80 -1.64
CE2 OMY D 6 3.91 -0.43 0.49
CE1 OMY D 6 4.14 -1.63 -1.67
CZ OMY D 6 4.03 -0.40 -0.94
CG OMY D 6 3.81 -2.94 0.41
CD2 OMY D 6 3.79 -1.70 1.17
CD1 OMY D 6 4.04 -2.89 -1.01
CB OMY D 6 3.51 -4.29 1.00
CL OMY D 6 4.34 -1.59 -3.39
O OMY D 6 1.48 -6.72 1.66
C OMY D 6 1.78 -6.22 0.58
ODE OMY D 6 3.43 -4.23 2.40
H OMY D 6 1.16 -3.71 2.00
HA OMY D 6 2.24 -4.58 -0.65
HE2 OMY D 6 3.91 0.50 1.03
HD2 OMY D 6 3.66 -1.75 2.24
HD1 OMY D 6 4.07 -3.83 -1.53
HB OMY D 6 4.24 -5.03 0.71
N 3FG D 7 1.81 -6.87 -0.61
OD1 3FG D 7 -1.79 -7.79 -4.64
CD1 3FG D 7 -0.67 -8.40 -4.08
CG1 3FG D 7 -0.22 -7.99 -2.79
CZ 3FG D 7 0.01 -9.42 -4.81
CD2 3FG D 7 1.16 -10.05 -4.24
OD2 3FG D 7 1.84 -11.03 -4.94
CG2 3FG D 7 1.62 -9.65 -2.93
CB 3FG D 7 0.93 -8.62 -2.18
CA 3FG D 7 1.44 -8.26 -0.77
C 3FG D 7 2.63 -9.10 -0.29
O 3FG D 7 2.41 -10.08 0.42
OXT 3FG D 7 3.76 -8.74 -0.63
H 3FG D 7 2.10 -6.37 -1.42
HA 3FG D 7 0.60 -8.37 -0.07
HD1 3FG D 7 -2.12 -7.14 -4.04
HZ 3FG D 7 -0.34 -9.68 -5.80
HD2 3FG D 7 1.41 -11.17 -5.78
HG2 3FG D 7 2.50 -10.11 -2.52
C2 BGC E . 5.57 5.68 1.54
C3 BGC E . 6.42 5.70 0.26
C4 BGC E . 7.03 4.33 -0.01
C5 BGC E . 5.98 3.23 0.15
C6 BGC E . 6.57 1.83 0.03
C1 BGC E . 4.63 4.49 1.57
O2 BGC E . 4.83 6.88 1.63
O3 BGC E . 7.43 6.66 0.42
O4 BGC E . 7.51 4.29 -1.33
O5 BGC E . 5.41 3.33 1.43
O6 BGC E . 7.81 1.73 0.68
H2 BGC E . 6.24 5.62 2.41
H3 BGC E . 5.80 6.00 -0.57
H4 BGC E . 7.87 4.15 0.67
H5 BGC E . 5.20 3.35 -0.60
H61 BGC E . 5.89 1.12 0.48
H62 BGC E . 6.69 1.53 -1.01
H1 BGC E . 3.90 4.54 0.76
HO3 BGC E . 7.11 7.47 0.04
HO4 BGC E . 8.43 4.51 -1.29
HO6 BGC E . 8.11 0.83 0.57
C1 RER E . 5.48 7.84 2.42
C2 RER E . 4.71 9.17 2.40
C3 RER E . 3.37 9.08 3.13
N3 RER E . 2.84 10.42 3.33
C3A RER E . 2.37 8.29 2.29
C4 RER E . 3.57 8.41 4.49
O4 RER E . 2.32 8.19 5.09
C5 RER E . 4.31 7.09 4.30
O5 RER E . 5.57 7.37 3.75
C5A RER E . 4.50 6.33 5.62
H1 RER E . 6.49 8.00 2.02
H21C RER E . 5.32 9.93 2.89
H22C RER E . 4.56 9.51 1.38
HO1 RER E . 1.94 10.37 3.83
H31N RER E . 3.52 10.98 3.90
H32N RER E . 2.70 10.89 2.41
H3A1 RER E . 1.40 8.21 2.80
H3A2 RER E . 2.19 8.77 1.33
H3A3 RER E . 2.72 7.27 2.09
H4 RER E . 4.15 9.06 5.14
HO4 RER E . 2.45 8.31 6.02
H5 RER E . 3.75 6.47 3.60
H5A1 RER E . 5.06 6.92 6.33
H5A2 RER E . 3.53 6.09 6.06
H5A3 RER E . 5.03 5.39 5.45
C2 BGC F . 5.36 4.52 -4.06
C3 BGC F . 6.25 4.66 -5.31
C4 BGC F . 6.86 3.30 -5.68
C5 BGC F . 5.82 2.20 -5.70
C6 BGC F . 6.48 0.85 -5.93
C1 BGC F . 4.41 3.34 -4.19
O2 BGC F . 4.60 5.70 -3.92
O3 BGC F . 7.27 5.59 -5.03
O4 BGC F . 7.44 3.39 -6.95
O5 BGC F . 5.15 2.17 -4.46
O6 BGC F . 7.47 0.63 -4.94
H2 BGC F . 5.99 4.36 -3.18
H3 BGC F . 5.65 5.03 -6.14
H4 BGC F . 7.62 3.01 -4.96
H5 BGC F . 5.08 2.40 -6.48
H61 BGC F . 5.76 0.06 -5.86
H62 BGC F . 6.96 0.81 -6.90
H1 BGC F . 3.71 3.53 -5.01
HO3 BGC F . 6.96 6.42 -5.36
HO4 BGC F . 8.35 3.62 -6.82
HO6 BGC F . 7.85 -0.22 -5.14
C1 RER F . 5.07 6.58 -2.93
C2 RER F . 5.22 7.97 -3.54
C3 RER F . 3.86 8.57 -3.96
N3 RER F . 4.05 9.98 -4.29
C3A RER F . 3.29 7.85 -5.17
C4 RER F . 2.90 8.46 -2.78
O4 RER F . 1.62 8.86 -3.18
C5 RER F . 2.85 7.02 -2.26
O5 RER F . 4.15 6.63 -1.86
C5A RER F . 1.93 6.90 -1.05
H1 RER F . 6.03 6.23 -2.55
H21C RER F . 5.69 8.64 -2.81
H22C RER F . 5.88 7.94 -4.40
HO1 RER F . 4.72 10.06 -5.09
H31N RER F . 4.44 10.48 -3.47
H32N RER F . 3.13 10.39 -4.56
H3A1 RER F . 4.00 7.86 -6.01
H3A2 RER F . 3.04 6.81 -4.96
H3A3 RER F . 2.37 8.34 -5.52
H4 RER F . 3.22 9.12 -1.98
HO4 RER F . 1.23 9.30 -2.44
H5 RER F . 2.51 6.34 -3.05
H5A1 RER F . 2.26 7.55 -0.25
H5A2 RER F . 1.92 5.87 -0.67
H5A3 RER F . 0.90 7.16 -1.31
C1 RER G . -3.69 4.54 -2.97
C2 RER G . -4.06 4.28 -4.44
C3 RER G . -5.58 4.13 -4.66
N3 RER G . -5.86 4.25 -6.08
C3A RER G . -6.08 2.78 -4.16
C4 RER G . -6.28 5.27 -3.91
O4 RER G . -7.67 5.16 -4.06
C5 RER G . -5.88 5.21 -2.44
O5 RER G . -4.52 5.54 -2.41
C5A RER G . -6.68 6.21 -1.61
H1 RER G . -2.66 4.88 -2.92
H21C RER G . -3.71 5.13 -5.03
H22C RER G . -3.55 3.40 -4.81
HO1 RER G . -6.89 4.18 -6.23
H31N RER G . -5.39 3.49 -6.59
H32N RER G . -5.54 5.17 -6.43
H3A1 RER G . -5.73 1.97 -4.79
H3A2 RER G . -7.17 2.74 -4.17
H3A3 RER G . -5.74 2.58 -3.14
H4 RER G . -5.96 6.23 -4.31
HO4 RER G . -8.00 6.04 -4.12
H5 RER G . -6.02 4.21 -2.05
H5A1 RER G . -6.39 6.16 -0.56
H5A2 RER G . -6.51 7.23 -1.95
H5A3 RER G . -7.75 6.01 -1.66
C1 RER H . 4.65 -4.01 3.07
C2 RER H . 4.27 -3.80 4.54
C3 RER H . 3.79 -5.09 5.23
N3 RER H . 3.83 -4.89 6.66
C3A RER H . 2.38 -5.50 4.82
C4 RER H . 4.77 -6.19 4.87
O4 RER H . 4.37 -7.41 5.46
C5 RER H . 4.91 -6.32 3.36
O5 RER H . 5.49 -5.13 2.93
C5A RER H . 5.84 -7.48 2.97
H1 RER H . 5.18 -3.16 2.66
H21C RER H . 3.50 -3.06 4.63
H22C RER H . 5.11 -3.34 5.05
HO1 RER H . 4.78 -4.63 6.97
H31N RER H . 3.53 -5.76 7.15
H32N RER H . 3.16 -4.13 6.93
H3A1 RER H . 2.32 -5.77 3.76
H3A2 RER H . 1.65 -4.72 4.99
H3A3 RER H . 2.07 -6.38 5.38
H4 RER H . 5.72 -5.90 5.31
HO4 RER H . 5.17 -7.87 5.70
H5 RER H . 3.95 -6.42 2.87
H5A1 RER H . 5.96 -7.52 1.89
H5A2 RER H . 5.42 -8.43 3.29
H5A3 RER H . 6.82 -7.36 3.42
N ALA A 1 -4.96 11.01 -4.15
CA ALA A 1 -5.51 9.74 -3.69
C ALA A 1 -4.39 8.74 -3.43
N FGA A 2 -3.78 8.90 -2.24
CA FGA A 2 -2.72 7.96 -1.94
C FGA A 2 -1.39 8.49 -2.49
O FGA A 2 -0.51 8.81 -1.68
CB FGA A 2 -2.64 7.71 -0.45
CG FGA A 2 -4.00 7.32 0.14
CD FGA A 2 -3.81 6.84 1.58
OE1 FGA A 2 -2.71 6.77 2.11
H FGA A 2 -4.01 9.61 -1.59
HA FGA A 2 -2.99 7.04 -2.47
HB2 FGA A 2 -1.91 6.93 -0.25
HB3 FGA A 2 -2.29 8.63 0.04
HG2 FGA A 2 -4.68 8.16 0.13
HG3 FGA A 2 -4.46 6.52 -0.44
N LYS A 3 -4.98 6.54 2.18
CA LYS A 3 -4.99 6.13 3.57
C LYS A 3 -4.18 4.83 3.77
N DAL A 4 -3.42 4.78 4.89
CA DAL A 4 -2.67 3.54 5.09
CB DAL A 4 -3.60 2.46 5.67
C DAL A 4 -1.48 3.79 6.02
O DAL A 4 -1.23 4.89 6.49
H DAL A 4 -3.39 5.53 5.54
HA DAL A 4 -2.28 3.22 4.11
HB1 DAL A 4 -4.44 2.28 5.00
HB2 DAL A 4 -3.06 1.53 5.81
HB3 DAL A 4 -3.99 2.78 6.64
N DAL A 5 -0.78 2.66 6.25
CA DAL A 5 0.37 2.69 7.11
CB DAL A 5 1.40 3.71 6.60
C DAL A 5 0.99 1.28 7.17
O DAL A 5 0.24 0.32 7.38
OXT DAL A 5 2.19 1.16 7.00
H DAL A 5 -1.09 1.80 5.84
HA DAL A 5 0.02 2.96 8.10
HB1 DAL A 5 0.96 4.70 6.57
HB2 DAL A 5 2.26 3.75 7.26
HB3 DAL A 5 1.73 3.45 5.61
N ALA B 1 10.94 -5.50 1.74
CA ALA B 1 10.21 -4.23 1.67
C ALA B 1 8.83 -4.40 1.03
N FGA B 2 8.35 -3.21 0.65
CA FGA B 2 7.06 -3.02 0.03
C FGA B 2 6.82 -1.53 -0.02
O FGA B 2 6.77 -0.95 -1.11
CB FGA B 2 6.99 -3.65 -1.35
CG FGA B 2 6.37 -5.04 -1.30
CD FGA B 2 5.51 -5.28 -2.53
OE1 FGA B 2 5.15 -4.36 -3.24
H FGA B 2 8.93 -2.44 0.83
HA FGA B 2 6.31 -3.47 0.67
HB2 FGA B 2 6.35 -3.00 -1.94
HB3 FGA B 2 7.97 -3.66 -1.82
HG2 FGA B 2 7.11 -5.83 -1.20
HG3 FGA B 2 5.74 -5.14 -0.42
N LYS B 3 5.24 -6.58 -2.74
CA LYS B 3 4.54 -6.88 -3.96
C LYS B 3 3.20 -6.15 -3.94
N DAL B 4 3.14 -5.14 -4.84
CA DAL B 4 1.92 -4.34 -4.92
CB DAL B 4 0.71 -5.25 -5.19
C DAL B 4 2.08 -3.32 -6.05
O DAL B 4 2.54 -3.63 -7.15
H DAL B 4 3.91 -5.02 -5.45
HA DAL B 4 1.81 -3.81 -3.98
HB1 DAL B 4 0.58 -5.97 -4.38
HB2 DAL B 4 -0.20 -4.66 -5.28
HB3 DAL B 4 0.84 -5.81 -6.11
N DAL B 5 1.68 -2.09 -5.70
CA DAL B 5 1.78 -1.01 -6.66
CB DAL B 5 2.87 -0.02 -6.25
C DAL B 5 0.41 -0.31 -6.77
O DAL B 5 0.33 0.86 -6.42
OXT DAL B 5 -0.54 -0.96 -7.22
H DAL B 5 1.30 -1.88 -4.80
HA DAL B 5 2.02 -1.49 -7.59
HB1 DAL B 5 3.82 -0.53 -6.16
HB2 DAL B 5 2.96 0.78 -6.98
HB3 DAL B 5 2.63 0.43 -5.29
N MLU C 1 1.48 1.29 12.33
CN MLU C 1 2.90 1.62 12.38
CA MLU C 1 1.14 0.72 11.02
C MLU C 1 1.96 -0.54 10.76
O MLU C 1 1.84 -1.54 11.45
CB MLU C 1 -0.34 0.37 10.92
CG MLU C 1 -1.25 1.55 11.25
CD1 MLU C 1 -1.14 2.65 10.19
CD2 MLU C 1 -2.70 1.08 11.37
H1 MLU C 1 1.26 0.60 13.06
H2 MLU C 1 0.92 2.15 12.48
HCN1 MLU C 1 3.13 2.04 13.36
HCN2 MLU C 1 3.48 0.71 12.22
HCN3 MLU C 1 3.13 2.35 11.60
HA MLU C 1 1.39 1.46 10.27
HB2 MLU C 1 -0.55 -0.45 11.61
HB3 MLU C 1 -0.57 0.00 9.91
HG MLU C 1 -0.93 1.96 12.21
HD11 MLU C 1 -1.75 3.52 10.47
HD12 MLU C 1 -0.11 2.98 10.09
HD13 MLU C 1 -1.48 2.29 9.23
HD21 MLU C 1 -2.79 0.31 12.15
HD22 MLU C 1 -3.36 1.90 11.64
HD23 MLU C 1 -3.05 0.66 10.43
N OMZ C 2 2.79 -0.43 9.71
CA OMZ C 2 3.60 -1.59 9.37
C OMZ C 2 2.91 -2.42 8.26
O OMZ C 2 3.05 -3.64 8.22
CB OMZ C 2 5.05 -1.18 9.04
OC OMZ C 2 5.65 -0.66 10.20
CG OMZ C 2 5.09 -0.16 7.96
CD1 OMZ C 2 5.32 -0.57 6.60
CD2 OMZ C 2 4.84 1.23 8.26
CE1 OMZ C 2 5.23 0.40 5.55
CL OMZ C 2 5.46 -0.09 3.91
CE2 OMZ C 2 4.77 2.20 7.20
CZ OMZ C 2 4.91 1.77 5.84
OH OMZ C 2 4.60 2.62 4.78
H OMZ C 2 2.84 0.41 9.16
HA OMZ C 2 3.60 -2.22 10.26
HB OMZ C 2 5.63 -2.06 8.74
HC OMZ C 2 6.55 -0.43 9.96
HD1 OMZ C 2 5.53 -1.60 6.37
HD2 OMZ C 2 4.70 1.54 9.29
HE2 OMZ C 2 4.55 3.23 7.42
N ASN C 3 2.17 -1.72 7.36
CA ASN C 3 1.49 -2.54 6.37
C ASN C 3 1.43 -1.91 4.97
N GHP C 4 0.61 -0.83 4.91
CA GHP C 4 0.46 -0.18 3.61
C GHP C 4 -0.99 0.25 3.40
O GHP C 4 -1.68 0.72 4.30
C1 GHP C 4 1.38 1.00 3.40
C2 GHP C 4 1.09 1.99 2.39
C3 GHP C 4 1.95 3.13 2.14
C4 GHP C 4 3.10 3.29 2.99
O4 GHP C 4 3.92 4.42 2.88
C5 GHP C 4 3.43 2.34 4.02
C6 GHP C 4 2.54 1.19 4.19
H GHP C 4 0.17 -0.49 5.73
HA GHP C 4 0.71 -0.95 2.88
HC2 GHP C 4 0.18 1.87 1.81
H6 GHP C 4 2.78 0.47 4.95
N GHP C 5 -1.39 0.05 2.13
CA GHP C 5 -2.70 0.47 1.72
C GHP C 5 -2.87 0.32 0.19
O GHP C 5 -2.40 -0.66 -0.36
C1 GHP C 5 -3.89 -0.14 2.39
C2 GHP C 5 -4.80 0.75 3.01
C3 GHP C 5 -6.05 0.33 3.54
C4 GHP C 5 -6.39 -1.06 3.47
O4 GHP C 5 -7.59 -1.50 4.00
C5 GHP C 5 -5.48 -2.00 2.86
C6 GHP C 5 -4.24 -1.55 2.30
H GHP C 5 -0.76 -0.36 1.47
HA GHP C 5 -2.66 1.52 1.98
HC2 GHP C 5 -4.54 1.80 3.07
HO4 GHP C 5 -8.07 -0.76 4.36
H5 GHP C 5 -5.75 -3.05 2.80
H6 GHP C 5 -3.56 -2.24 1.82
N OMY C 6 -3.55 1.29 -0.48
CA OMY C 6 -4.15 2.52 0.05
OCZ OMY C 6 1.73 4.11 1.12
CE2 OMY C 6 0.23 3.78 -0.83
CE1 OMY C 6 -0.65 4.54 1.37
CZ OMY C 6 0.46 4.18 0.54
CG OMY C 6 -2.24 3.95 -0.45
CD2 OMY C 6 -1.12 3.66 -1.32
CD1 OMY C 6 -2.00 4.43 0.89
CB OMY C 6 -3.67 3.68 -0.82
CL OMY C 6 -0.37 5.08 2.99
O OMY C 6 -6.39 1.94 -0.74
C OMY C 6 -5.67 2.35 0.18
ODE OMY C 6 -3.78 3.32 -2.17
H OMY C 6 -3.64 1.16 -1.46
HA OMY C 6 -3.79 2.68 1.06
HE2 OMY C 6 1.07 3.54 -1.47
HD2 OMY C 6 -1.32 3.34 -2.34
HD1 OMY C 6 -2.83 4.67 1.51
HB OMY C 6 -4.28 4.56 -0.63
N 3FG C 7 -6.09 2.69 1.42
OD1 3FG C 7 -6.44 0.25 6.25
CD1 3FG C 7 -7.06 1.28 5.56
CG1 3FG C 7 -6.92 1.36 4.15
CZ 3FG C 7 -7.81 2.26 6.29
CD2 3FG C 7 -8.46 3.33 5.59
OD2 3FG C 7 -9.19 4.28 6.28
CG2 3FG C 7 -8.34 3.41 4.17
CB 3FG C 7 -7.56 2.44 3.42
CA 3FG C 7 -7.45 2.57 1.88
C 3FG C 7 -8.20 3.79 1.30
O 3FG C 7 -9.37 3.66 0.95
OXT 3FG C 7 -7.58 4.86 1.21
H 3FG C 7 -5.41 3.02 2.07
HA 3FG C 7 -7.79 1.66 1.41
HD1 3FG C 7 -6.63 0.33 7.18
HZ 3FG C 7 -7.87 2.19 7.37
HD2 3FG C 7 -9.17 4.07 7.21
HG2 3FG C 7 -8.80 4.24 3.64
N MLU D 1 0.84 0.21 -11.99
CN MLU D 1 1.31 1.58 -11.90
CA MLU D 1 0.06 -0.14 -10.80
C MLU D 1 -1.15 0.78 -10.65
O MLU D 1 -2.00 0.87 -11.52
CB MLU D 1 -0.45 -1.59 -10.86
CG MLU D 1 0.67 -2.61 -10.91
CD1 MLU D 1 1.57 -2.51 -9.67
CD2 MLU D 1 0.09 -4.02 -11.03
H1 MLU D 1 0.24 0.10 -12.83
H2 MLU D 1 1.66 -0.44 -12.07
HCN1 MLU D 1 1.88 1.82 -12.79
HCN2 MLU D 1 0.45 2.25 -11.82
HCN3 MLU D 1 1.94 1.68 -11.02
HA MLU D 1 0.71 -0.02 -9.94
HB2 MLU D 1 -1.09 -1.70 -11.73
HB3 MLU D 1 -1.08 -1.77 -9.99
HG MLU D 1 1.28 -2.41 -11.79
HD11 MLU D 1 1.99 -1.51 -9.58
HD12 MLU D 1 0.99 -2.72 -8.77
HD13 MLU D 1 2.38 -3.22 -9.72
HD21 MLU D 1 -0.53 -4.26 -10.17
HD22 MLU D 1 0.89 -4.77 -11.09
HD23 MLU D 1 -0.52 -4.12 -11.92
N OMZ D 2 -1.15 1.47 -9.49
CA OMZ D 2 -2.26 2.37 -9.24
C OMZ D 2 -3.12 1.81 -8.07
O OMZ D 2 -4.32 2.00 -8.07
CB OMZ D 2 -1.80 3.82 -9.07
OC OMZ D 2 -1.19 4.26 -10.26
CG OMZ D 2 -0.84 4.02 -7.94
CD1 OMZ D 2 -1.18 4.85 -6.81
CD2 OMZ D 2 0.43 3.33 -7.95
CE1 OMZ D 2 -0.29 4.93 -5.69
CL OMZ D 2 -0.72 5.91 -4.33
CE2 OMZ D 2 1.31 3.42 -6.82
CZ OMZ D 2 0.93 4.19 -5.67
OH OMZ D 2 1.66 4.09 -4.48
H OMZ D 2 -0.41 1.35 -8.83
HA OMZ D 2 -2.90 2.30 -10.12
HB OMZ D 2 -2.66 4.47 -8.90
HC OMZ D 2 -0.96 5.17 -10.14
HD1 OMZ D 2 -2.11 5.40 -6.79
HD2 OMZ D 2 0.73 2.73 -8.80
HE2 OMZ D 2 2.26 2.88 -6.82
N ASN D 3 -2.46 1.12 -7.12
CA ASN D 3 -3.31 0.57 -6.06
C ASN D 3 -2.65 0.52 -4.67
N GHP D 4 -1.46 -0.12 -4.61
CA GHP D 4 -0.81 -0.19 -3.29
C GHP D 4 -0.50 -1.65 -2.91
O GHP D 4 -0.40 -2.55 -3.74
C1 GHP D 4 0.44 0.66 -3.22
C2 GHP D 4 1.64 0.27 -2.52
C3 GHP D 4 2.79 1.15 -2.40
C4 GHP D 4 2.74 2.41 -3.08
O4 GHP D 4 3.83 3.27 -2.98
C5 GHP D 4 1.59 2.83 -3.84
C6 GHP D 4 0.44 1.93 -3.87
H GHP D 4 -1.04 -0.52 -5.42
HA GHP D 4 -1.52 0.27 -2.59
HC2 GHP D 4 1.69 -0.73 -2.08
H6 GHP D 4 -0.45 2.24 -4.40
N GHP D 5 -0.34 -1.80 -1.57
CA GHP D 5 0.03 -3.09 -0.99
C GHP D 5 0.21 -2.96 0.53
O GHP D 5 -0.56 -2.25 1.16
C1 GHP D 5 -0.86 -4.26 -1.25
C2 GHP D 5 -0.24 -5.42 -1.81
C3 GHP D 5 -0.93 -6.65 -1.97
C4 GHP D 5 -2.32 -6.71 -1.59
O4 GHP D 5 -3.02 -7.89 -1.75
C5 GHP D 5 -2.98 -5.56 -1.03
C6 GHP D 5 -2.25 -4.32 -0.86
H GHP D 5 -0.46 -1.01 -0.97
HA GHP D 5 0.99 -3.27 -1.45
HC2 GHP D 5 0.80 -5.37 -2.10
HO4 GHP D 5 -3.91 -7.77 -1.46
H5 GHP D 5 -4.02 -5.61 -0.75
H6 GHP D 5 -2.72 -3.46 -0.43
N OMY D 6 1.21 -3.65 1.15
CA OMY D 6 2.20 -4.54 0.54
OCZ OMY D 6 3.99 0.92 -1.68
CE2 OMY D 6 4.07 -0.30 0.48
CE1 OMY D 6 4.11 -1.52 -1.67
CZ OMY D 6 4.09 -0.28 -0.96
CG OMY D 6 3.90 -2.79 0.45
CD2 OMY D 6 3.96 -1.55 1.19
CD1 OMY D 6 4.03 -2.77 -0.99
CB OMY D 6 3.57 -4.12 1.11
CL OMY D 6 4.20 -1.50 -3.40
O OMY D 6 1.41 -6.48 1.75
C OMY D 6 1.80 -6.02 0.69
ODE OMY D 6 3.53 -3.99 2.51
H OMY D 6 1.27 -3.52 2.13
HA OMY D 6 2.22 -4.39 -0.53
HE2 OMY D 6 4.14 0.64 1.02
HD2 OMY D 6 3.90 -1.56 2.26
HD1 OMY D 6 4.01 -3.69 -1.54
HB OMY D 6 4.32 -4.87 0.86
N 3FG D 7 1.92 -6.68 -0.48
OD1 3FG D 7 -1.86 -7.64 -4.34
CD1 3FG D 7 -0.74 -8.26 -3.81
CG1 3FG D 7 -0.23 -7.81 -2.56
CZ 3FG D 7 -0.12 -9.32 -4.53
CD2 3FG D 7 1.04 -9.97 -3.99
OD2 3FG D 7 1.65 -10.99 -4.69
CG2 3FG D 7 1.56 -9.54 -2.72
CB 3FG D 7 0.94 -8.46 -1.98
CA 3FG D 7 1.52 -8.07 -0.61
C 3FG D 7 2.76 -8.88 -0.19
O 3FG D 7 2.62 -9.80 0.62
OXT 3FG D 7 3.85 -8.58 -0.69
H 3FG D 7 2.29 -6.24 -1.30
HA 3FG D 7 0.74 -8.16 0.15
HD1 3FG D 7 -2.15 -6.96 -3.76
HZ 3FG D 7 -0.52 -9.62 -5.49
HD2 3FG D 7 1.18 -11.15 -5.49
HG2 3FG D 7 2.45 -10.02 -2.33
C2 BGC E . 5.53 5.71 1.73
C3 BGC E . 6.52 5.76 0.57
C4 BGC E . 7.24 4.41 0.43
C5 BGC E . 6.23 3.27 0.41
C6 BGC E . 6.88 1.89 0.48
C1 BGC E . 4.61 4.49 1.66
O2 BGC E . 4.76 6.88 1.76
O3 BGC E . 7.45 6.78 0.81
O4 BGC E . 7.96 4.39 -0.78
O5 BGC E . 5.42 3.34 1.57
O6 BGC E . 7.83 1.84 1.51
H2 BGC E . 6.10 5.65 2.67
H3 BGC E . 5.99 5.98 -0.35
H4 BGC E . 7.94 4.28 1.24
H5 BGC E . 5.61 3.36 -0.48
H61 BGC E . 6.10 1.18 0.72
H62 BGC E . 7.34 1.55 -0.44
H1 BGC E . 3.92 4.54 0.82
HO3 BGC E . 7.91 6.55 1.60
HO4 BGC E . 7.33 4.53 -1.47
HO6 BGC E . 8.16 0.95 1.54
C1 RER E . 5.31 7.86 2.60
C2 RER E . 4.51 9.17 2.54
C3 RER E . 3.12 9.02 3.16
N3 RER E . 2.53 10.33 3.33
C3A RER E . 2.21 8.19 2.24
C4 RER E . 3.24 8.34 4.52
O4 RER E . 1.96 8.08 5.04
C5 RER E . 4.04 7.05 4.40
O5 RER E . 5.33 7.37 3.93
C5A RER E . 4.15 6.30 5.73
H1 RER E . 6.34 8.05 2.29
H21C RER E . 5.05 9.94 3.08
H22C RER E . 4.43 9.51 1.51
HO1 RER E . 2.44 10.79 2.39
H31N RER E . 3.12 10.91 3.95
H32N RER E . 1.58 10.24 3.75
H3A1 RER E . 2.12 8.66 1.26
H3A2 RER E . 2.61 7.19 2.09
H3A3 RER E . 1.21 8.10 2.66
H4 RER E . 3.74 9.01 5.22
HO4 RER E . 1.72 8.80 5.60
H5 RER E . 3.55 6.41 3.67
H5A1 RER E . 4.65 6.90 6.48
H5A2 RER E . 3.16 6.03 6.10
H5A3 RER E . 4.73 5.38 5.60
C2 BGC F . 5.53 4.45 -4.09
C3 BGC F . 6.43 4.50 -5.33
C4 BGC F . 6.96 3.12 -5.68
C5 BGC F . 5.86 2.06 -5.65
C6 BGC F . 6.49 0.68 -5.81
C1 BGC F . 4.52 3.32 -4.21
O2 BGC F . 4.81 5.65 -3.99
O3 BGC F . 7.50 5.37 -5.06
O4 BGC F . 7.52 3.14 -6.96
O5 BGC F . 5.19 2.11 -4.41
O6 BGC F . 7.45 0.45 -4.82
H2 BGC F . 6.13 4.29 -3.20
H3 BGC F . 5.86 4.92 -6.17
H4 BGC F . 7.73 2.81 -4.97
H5 BGC F . 5.14 2.25 -6.45
H61 BGC F . 6.96 0.58 -6.79
H62 BGC F . 5.72 -0.09 -5.73
H1 BGC F . 3.84 3.52 -5.04
HO3 BGC F . 7.70 5.82 -5.87
HO4 BGC F . 8.44 3.32 -6.86
HO6 BGC F . 7.79 -0.43 -4.98
C1 RER F . 5.26 6.49 -2.96
C2 RER F . 5.24 7.93 -3.48
C3 RER F . 3.81 8.41 -3.75
N3 RER F . 3.84 9.85 -4.00
C3A RER F . 3.19 7.72 -4.97
C4 RER F . 2.95 8.14 -2.52
O4 RER F . 1.62 8.47 -2.79
C5 RER F . 3.06 6.67 -2.11
O5 RER F . 4.42 6.38 -1.83
C5A RER F . 2.26 6.36 -0.86
H1 RER F . 6.27 6.19 -2.66
H21C RER F . 5.70 8.58 -2.74
H22C RER F . 5.85 8.01 -4.38
HO1 RER F . 2.88 10.19 -4.17
H31N RER F . 4.43 10.04 -4.84
H32N RER F . 4.25 10.34 -3.18
H3A1 RER F . 2.21 8.15 -5.21
H3A2 RER F . 3.83 7.84 -5.85
H3A3 RER F . 3.06 6.66 -4.80
H4 RER F . 3.28 8.77 -1.70
HO4 RER F . 1.27 8.87 -2.01
H5 RER F . 2.74 6.03 -2.93
H5A1 RER F . 2.41 5.34 -0.56
H5A2 RER F . 2.55 7.01 -0.04
H5A3 RER F . 1.19 6.50 -1.04
C1 RER G . -3.61 4.41 -3.04
C2 RER G . -3.83 3.90 -4.46
C3 RER G . -5.31 3.83 -4.85
N3 RER G . -5.44 3.79 -6.30
C3A RER G . -5.98 2.58 -4.25
C4 RER G . -6.00 5.08 -4.34
O4 RER G . -7.35 5.12 -4.71
C5 RER G . -5.82 5.17 -2.83
O5 RER G . -4.46 5.45 -2.64
C5A RER G . -6.66 6.28 -2.21
H1 RER G . -2.60 4.80 -2.98
H21C RER G . -3.39 2.93 -4.61
H22C RER G . -3.25 4.52 -5.11
HO1 RER G . -6.45 3.76 -6.56
H31N RER G . -5.00 4.63 -6.71
H32N RER G . -4.97 2.93 -6.67
H3A1 RER G . -5.65 1.67 -4.76
H3A2 RER G . -7.06 2.63 -4.36
H3A3 RER G . -5.75 2.46 -3.20
H4 RER G . -5.47 5.93 -4.78
HO4 RER G . -7.38 5.60 -5.52
H5 RER G . -6.05 4.21 -2.36
H5A1 RER G . -6.40 7.25 -2.65
H5A2 RER G . -7.72 6.11 -2.38
H5A3 RER G . -6.49 6.35 -1.13
C1 RER H . 4.79 -3.88 3.11
C2 RER H . 4.65 -4.01 4.64
C3 RER H . 4.32 -5.44 5.09
N3 RER H . 4.54 -5.55 6.53
C3A RER H . 2.87 -5.81 4.79
C4 RER H . 5.25 -6.41 4.37
O4 RER H . 4.87 -7.74 4.70
C5 RER H . 5.15 -6.19 2.87
O5 RER H . 5.65 -4.90 2.61
C5A RER H . 5.97 -7.21 2.08
H1 RER H . 5.25 -2.93 2.86
H21C RER H . 5.59 -3.70 5.10
H22C RER H . 3.89 -3.32 5.00
HO1 RER H . 3.90 -4.88 7.02
H31N RER H . 4.32 -6.51 6.84
H32N RER H . 5.52 -5.32 6.75
H3A1 RER H . 2.17 -5.23 5.39
H3A2 RER H . 2.62 -5.64 3.74
H3A3 RER H . 2.69 -6.86 5.01
H4 RER H . 6.28 -6.27 4.70
HO4 RER H . 5.43 -8.00 5.41
H5 RER H . 4.10 -6.23 2.57
H5A1 RER H . 5.61 -8.22 2.27
H5A2 RER H . 5.90 -7.02 1.01
H5A3 RER H . 7.02 -7.17 2.37
N ALA A 1 -3.73 12.49 -0.36
CA ALA A 1 -3.23 11.45 -1.26
C ALA A 1 -4.18 10.25 -1.29
N FGA A 2 -3.61 9.25 -1.96
CA FGA A 2 -4.19 7.95 -2.15
C FGA A 2 -3.61 7.39 -3.44
O FGA A 2 -4.37 7.21 -4.40
CB FGA A 2 -3.77 7.17 -0.91
CG FGA A 2 -4.74 7.44 0.25
CD FGA A 2 -4.31 6.78 1.56
OE1 FGA A 2 -3.15 6.72 1.93
H FGA A 2 -2.68 9.40 -2.28
HA FGA A 2 -5.27 8.01 -2.22
HB2 FGA A 2 -3.77 6.12 -1.15
HB3 FGA A 2 -2.76 7.46 -0.63
HG2 FGA A 2 -4.78 8.52 0.41
HG3 FGA A 2 -5.73 7.11 -0.02
N LYS A 3 -5.39 6.38 2.26
CA LYS A 3 -5.29 5.92 3.63
C LYS A 3 -4.42 4.66 3.77
N DAL A 4 -3.70 4.62 4.90
CA DAL A 4 -2.87 3.43 5.09
CB DAL A 4 -3.70 2.34 5.74
C DAL A 4 -1.65 3.77 5.94
O DAL A 4 -1.47 4.89 6.42
H DAL A 4 -3.81 5.34 5.59
HA DAL A 4 -2.52 3.11 4.10
HB1 DAL A 4 -4.58 2.09 5.13
HB2 DAL A 4 -3.12 1.43 5.88
HB3 DAL A 4 -4.07 2.65 6.73
N DAL A 5 -0.83 2.72 6.11
CA DAL A 5 0.38 2.85 6.89
CB DAL A 5 1.29 3.91 6.28
C DAL A 5 1.08 1.50 6.97
O DAL A 5 0.49 0.55 7.49
OXT DAL A 5 2.21 1.40 6.51
H DAL A 5 -1.07 1.83 5.72
HA DAL A 5 0.05 3.14 7.89
HB1 DAL A 5 0.77 4.88 6.23
HB2 DAL A 5 2.19 4.04 6.89
HB3 DAL A 5 1.58 3.64 5.27
N ALA B 1 11.24 -3.46 1.40
CA ALA B 1 10.10 -3.59 2.31
C ALA B 1 8.85 -2.99 1.71
N FGA B 2 8.58 -3.47 0.48
CA FGA B 2 7.41 -2.93 -0.17
C FGA B 2 7.67 -1.46 -0.53
O FGA B 2 6.98 -0.95 -1.40
CB FGA B 2 7.06 -3.69 -1.44
CG FGA B 2 6.35 -5.01 -1.17
CD FGA B 2 5.59 -5.39 -2.44
OE1 FGA B 2 5.37 -4.57 -3.32
H FGA B 2 9.17 -4.17 0.07
HA FGA B 2 6.58 -3.00 0.53
HB2 FGA B 2 6.37 -3.06 -1.98
HB3 FGA B 2 7.94 -3.84 -2.06
HG2 FGA B 2 7.03 -5.81 -0.88
HG3 FGA B 2 5.63 -4.89 -0.37
N LYS B 3 5.23 -6.69 -2.50
CA LYS B 3 4.50 -7.04 -3.69
C LYS B 3 3.22 -6.21 -3.76
N DAL B 4 3.28 -5.22 -4.66
CA DAL B 4 2.13 -4.34 -4.81
CB DAL B 4 0.89 -5.15 -5.19
C DAL B 4 2.45 -3.28 -5.87
O DAL B 4 3.22 -3.49 -6.79
H DAL B 4 4.08 -5.18 -5.24
HA DAL B 4 1.97 -3.83 -3.85
HB1 DAL B 4 0.66 -5.90 -4.43
HB2 DAL B 4 0.02 -4.50 -5.30
HB3 DAL B 4 1.04 -5.67 -6.14
N DAL B 5 1.79 -2.13 -5.66
CA DAL B 5 1.99 -1.03 -6.58
CB DAL B 5 3.20 -0.19 -6.16
C DAL B 5 0.71 -0.17 -6.65
O DAL B 5 -0.34 -0.73 -6.90
OXT DAL B 5 0.82 1.04 -6.44
H DAL B 5 1.13 -2.01 -4.92
HA DAL B 5 2.16 -1.50 -7.54
HB1 DAL B 5 4.09 -0.81 -6.11
HB2 DAL B 5 3.38 0.61 -6.87
HB3 DAL B 5 3.04 0.26 -5.18
N MLU C 1 1.96 1.84 11.96
CN MLU C 1 3.36 2.20 11.82
CA MLU C 1 1.49 1.15 10.76
C MLU C 1 2.31 -0.12 10.53
O MLU C 1 2.30 -1.05 11.33
CB MLU C 1 0.02 0.75 10.86
CG MLU C 1 -0.89 1.93 11.21
CD1 MLU C 1 -0.91 2.97 10.09
CD2 MLU C 1 -2.30 1.44 11.51
H1 MLU C 1 1.84 1.22 12.79
H2 MLU C 1 1.38 2.70 12.10
HCN1 MLU C 1 3.95 1.30 11.68
HCN2 MLU C 1 3.48 2.87 10.96
HCN3 MLU C 1 3.68 2.72 12.73
HA MLU C 1 1.63 1.82 9.92
HB2 MLU C 1 -0.08 -0.02 11.63
HB3 MLU C 1 -0.30 0.30 9.93
HG MLU C 1 -0.49 2.40 12.12
HD11 MLU C 1 -1.51 3.83 10.38
HD12 MLU C 1 0.10 3.32 9.88
HD13 MLU C 1 -1.33 2.54 9.19
HD21 MLU C 1 -2.73 0.95 10.63
HD22 MLU C 1 -2.30 0.71 12.33
HD23 MLU C 1 -2.95 2.26 11.79
N OMZ C 2 3.02 -0.10 9.38
CA OMZ C 2 3.82 -1.28 9.07
C OMZ C 2 3.09 -2.16 8.04
O OMZ C 2 3.25 -3.38 8.05
CB OMZ C 2 5.25 -0.88 8.66
OC OMZ C 2 5.90 -0.27 9.73
CG OMZ C 2 5.23 0.06 7.50
CD1 OMZ C 2 5.42 -0.43 6.16
CD2 OMZ C 2 4.95 1.46 7.72
CE1 OMZ C 2 5.28 0.46 5.06
CL OMZ C 2 5.50 -0.12 3.44
CE2 OMZ C 2 4.82 2.36 6.59
CZ OMZ C 2 4.94 1.84 5.26
OH OMZ C 2 4.59 2.62 4.15
H OMZ C 2 2.98 0.68 8.75
HA OMZ C 2 3.87 -1.86 10.00
HB OMZ C 2 5.82 -1.77 8.39
HC OMZ C 2 5.47 0.56 9.87
HD1 OMZ C 2 5.66 -1.48 5.99
HD2 OMZ C 2 4.83 1.84 8.72
HE2 OMZ C 2 4.59 3.39 6.76
N ASN C 3 2.29 -1.52 7.16
CA ASN C 3 1.59 -2.40 6.22
C ASN C 3 1.45 -1.82 4.80
N GHP C 4 0.59 -0.79 4.71
CA GHP C 4 0.37 -0.20 3.39
C GHP C 4 -1.11 0.18 3.22
O GHP C 4 -1.80 0.56 4.16
C1 GHP C 4 1.25 1.01 3.10
C2 GHP C 4 0.85 2.00 2.14
C3 GHP C 4 1.67 3.17 1.82
C4 GHP C 4 2.92 3.31 2.54
O4 GHP C 4 3.67 4.44 2.34
C5 GHP C 4 3.36 2.34 3.50
C6 GHP C 4 2.50 1.18 3.76
H GHP C 4 0.18 -0.41 5.53
HA GHP C 4 0.63 -0.99 2.68
HC2 GHP C 4 -0.12 1.92 1.66
H6 GHP C 4 2.83 0.46 4.49
N GHP C 5 -1.51 0.05 1.94
CA GHP C 5 -2.85 0.43 1.55
C GHP C 5 -3.01 0.34 0.02
O GHP C 5 -2.48 -0.59 -0.58
C1 GHP C 5 -4.02 -0.25 2.21
C2 GHP C 5 -4.94 0.60 2.90
C3 GHP C 5 -6.16 0.11 3.43
C4 GHP C 5 -6.46 -1.28 3.32
O4 GHP C 5 -7.63 -1.78 3.85
C5 GHP C 5 -5.53 -2.18 2.64
C6 GHP C 5 -4.31 -1.65 2.09
H GHP C 5 -0.87 -0.31 1.25
HA GHP C 5 -2.84 1.47 1.86
HC2 GHP C 5 -4.72 1.66 2.99
HO4 GHP C 5 -7.67 -2.72 3.69
H5 GHP C 5 -5.76 -3.22 2.56
H6 GHP C 5 -3.63 -2.31 1.57
N OMY C 6 -3.75 1.29 -0.62
CA OMY C 6 -4.44 2.43 -0.03
OCZ OMY C 6 1.38 4.15 0.84
CE2 OMY C 6 -0.20 3.82 -1.05
CE1 OMY C 6 -0.99 4.55 1.19
CZ OMY C 6 0.09 4.21 0.31
CG OMY C 6 -2.65 3.97 -0.56
CD2 OMY C 6 -1.58 3.69 -1.48
CD1 OMY C 6 -2.35 4.44 0.76
CB OMY C 6 -4.10 3.68 -0.85
CL OMY C 6 -0.66 5.07 2.81
O OMY C 6 -6.64 1.60 -0.66
C OMY C 6 -5.94 2.15 0.19
ODE OMY C 6 -4.31 3.46 -2.22
H OMY C 6 -3.82 1.17 -1.61
HA OMY C 6 -4.06 2.58 0.97
HE2 OMY C 6 0.60 3.60 -1.73
HD2 OMY C 6 -1.80 3.37 -2.49
HD1 OMY C 6 -3.19 4.66 1.40
HB OMY C 6 -4.71 4.51 -0.51
N 3FG C 7 -6.34 2.56 1.41
OD1 3FG C 7 -6.50 -0.09 6.15
CD1 3FG C 7 -7.16 0.94 5.52
CG1 3FG C 7 -7.05 1.08 4.11
CZ 3FG C 7 -7.93 1.87 6.30
CD2 3FG C 7 -8.61 2.94 5.65
OD2 3FG C 7 -9.35 3.85 6.40
CG2 3FG C 7 -8.53 3.09 4.23
CB 3FG C 7 -7.75 2.17 3.43
CA 3FG C 7 -7.67 2.35 1.90
C 3FG C 7 -8.50 3.55 1.38
O 3FG C 7 -9.63 3.33 0.94
OXT 3FG C 7 -7.99 4.67 1.40
H 3FG C 7 -5.68 3.01 2.01
HA 3FG C 7 -7.98 1.43 1.40
HD1 3FG C 7 -6.66 -0.05 7.08
HZ 3FG C 7 -7.96 1.75 7.37
HD2 3FG C 7 -9.31 3.60 7.32
HG2 3FG C 7 -9.03 3.91 3.74
N MLU D 1 0.71 0.45 -11.94
CN MLU D 1 1.23 1.81 -11.89
CA MLU D 1 0.02 0.13 -10.69
C MLU D 1 -1.14 1.10 -10.45
O MLU D 1 -2.12 1.12 -11.20
CB MLU D 1 -0.54 -1.29 -10.69
CG MLU D 1 0.55 -2.36 -10.83
CD1 MLU D 1 1.49 -2.32 -9.63
CD2 MLU D 1 -0.09 -3.74 -10.96
H1 MLU D 1 0.04 0.36 -12.73
H2 MLU D 1 1.50 -0.22 -12.08
HCN1 MLU D 1 1.93 1.90 -11.06
HCN2 MLU D 1 1.74 2.03 -12.83
HCN3 MLU D 1 0.40 2.50 -11.76
HA MLU D 1 0.74 0.24 -9.89
HB2 MLU D 1 -1.25 -1.40 -11.51
HB3 MLU D 1 -1.10 -1.45 -9.77
HG MLU D 1 1.12 -2.15 -11.72
HD11 MLU D 1 0.95 -2.56 -8.71
HD12 MLU D 1 1.95 -1.34 -9.52
HD13 MLU D 1 2.29 -3.05 -9.74
HD21 MLU D 1 -0.75 -3.79 -11.82
HD22 MLU D 1 0.67 -4.51 -11.08
HD23 MLU D 1 -0.68 -3.99 -10.08
N OMZ D 2 -0.99 1.87 -9.37
CA OMZ D 2 -2.05 2.81 -9.04
C OMZ D 2 -2.88 2.26 -7.86
O OMZ D 2 -4.08 2.46 -7.81
CB OMZ D 2 -1.51 4.23 -8.84
OC OMZ D 2 -0.94 4.69 -10.04
CG OMZ D 2 -0.48 4.29 -7.75
CD1 OMZ D 2 -0.78 4.92 -6.50
CD2 OMZ D 2 0.81 3.66 -7.95
CE1 OMZ D 2 0.18 4.86 -5.43
CL OMZ D 2 -0.16 5.57 -3.89
CE2 OMZ D 2 1.77 3.61 -6.89
CZ OMZ D 2 1.43 4.18 -5.60
OH OMZ D 2 2.24 3.95 -4.49
H OMZ D 2 -0.17 1.79 -8.80
HA OMZ D 2 -2.72 2.81 -9.91
HB OMZ D 2 -2.33 4.91 -8.58
HC OMZ D 2 -1.64 4.76 -10.66
HD1 OMZ D 2 -1.71 5.43 -6.33
HD2 OMZ D 2 1.05 3.20 -8.90
HE2 OMZ D 2 2.71 3.11 -7.03
N ASN D 3 -2.20 1.55 -6.93
CA ASN D 3 -3.02 1.01 -5.85
C ASN D 3 -2.31 0.97 -4.48
N GHP D 4 -1.33 0.06 -4.40
CA GHP D 4 -0.62 -0.06 -3.14
C GHP D 4 -0.40 -1.55 -2.78
O GHP D 4 -0.35 -2.43 -3.64
C1 GHP D 4 0.69 0.69 -3.12
C2 GHP D 4 1.86 0.22 -2.41
C3 GHP D 4 3.09 1.00 -2.33
C4 GHP D 4 3.14 2.24 -3.04
O4 GHP D 4 4.29 3.00 -2.96
C5 GHP D 4 2.02 2.73 -3.82
C6 GHP D 4 0.80 1.93 -3.81
H GHP D 4 -1.05 -0.46 -5.22
HA GHP D 4 -1.28 0.40 -2.40
HC2 GHP D 4 1.83 -0.75 -1.93
H6 GHP D 4 -0.06 2.29 -4.36
N GHP D 5 -0.26 -1.74 -1.45
CA GHP D 5 0.03 -3.05 -0.91
C GHP D 5 0.18 -2.98 0.62
O GHP D 5 -0.57 -2.27 1.26
C1 GHP D 5 -0.90 -4.17 -1.24
C2 GHP D 5 -0.33 -5.36 -1.81
C3 GHP D 5 -1.07 -6.54 -2.02
C4 GHP D 5 -2.46 -6.55 -1.69
O4 GHP D 5 -3.21 -7.68 -1.91
C5 GHP D 5 -3.10 -5.37 -1.12
C6 GHP D 5 -2.31 -4.19 -0.88
H GHP D 5 -0.33 -0.96 -0.83
HA GHP D 5 0.99 -3.28 -1.37
HC2 GHP D 5 0.72 -5.33 -2.07
HO4 GHP D 5 -2.65 -8.36 -2.28
H5 GHP D 5 -4.14 -5.39 -0.87
H6 GHP D 5 -2.76 -3.31 -0.45
N OMY D 6 1.15 -3.74 1.22
CA OMY D 6 2.13 -4.64 0.62
OCZ OMY D 6 4.27 0.69 -1.61
CE2 OMY D 6 4.21 -0.50 0.55
CE1 OMY D 6 4.26 -1.73 -1.60
CZ OMY D 6 4.28 -0.50 -0.89
CG OMY D 6 3.89 -2.98 0.53
CD2 OMY D 6 3.99 -1.73 1.25
CD1 OMY D 6 4.08 -2.97 -0.91
CB OMY D 6 3.50 -4.28 1.18
CL OMY D 6 4.41 -1.73 -3.31
O OMY D 6 1.33 -6.59 1.83
C OMY D 6 1.68 -6.11 0.76
ODE OMY D 6 3.45 -4.15 2.59
H OMY D 6 1.19 -3.64 2.22
HA OMY D 6 2.14 -4.47 -0.45
HE2 OMY D 6 4.30 0.45 1.09
HD2 OMY D 6 3.88 -1.73 2.33
HD1 OMY D 6 4.02 -3.89 -1.45
HB OMY D 6 4.21 -5.07 0.94
N 3FG D 7 1.70 -6.75 -0.44
OD1 3FG D 7 -1.90 -7.40 -4.48
CD1 3FG D 7 -0.86 -8.09 -3.91
CG1 3FG D 7 -0.38 -7.72 -2.62
CZ 3FG D 7 -0.26 -9.19 -4.62
CD2 3FG D 7 0.82 -9.92 -4.04
OD2 3FG D 7 1.40 -10.97 -4.72
CG2 3FG D 7 1.30 -9.55 -2.74
CB 3FG D 7 0.72 -8.45 -2.00
CA 3FG D 7 1.27 -8.11 -0.59
C 3FG D 7 2.47 -8.97 -0.16
O 3FG D 7 2.27 -9.94 0.56
OXT 3FG D 7 3.59 -8.65 -0.57
H 3FG D 7 2.03 -6.25 -1.24
HA 3FG D 7 0.46 -8.19 0.13
HD1 3FG D 7 -2.19 -6.71 -3.89
HZ 3FG D 7 -0.63 -9.43 -5.60
HD2 3FG D 7 2.09 -11.34 -4.20
HG2 3FG D 7 2.12 -10.10 -2.30
C2 BGC E . 5.64 5.49 1.56
C3 BGC E . 6.80 5.42 0.56
C4 BGC E . 7.48 4.06 0.65
C5 BGC E . 6.45 2.93 0.61
C6 BGC E . 7.07 1.57 0.91
C1 BGC E . 4.71 4.31 1.38
O2 BGC E . 4.92 6.70 1.42
O3 BGC E . 7.72 6.44 0.87
O4 BGC E . 8.35 3.90 -0.44
O5 BGC E . 5.46 3.15 1.60
O6 BGC E . 7.84 1.62 2.08
H2 BGC E . 6.05 5.44 2.57
H3 BGC E . 6.43 5.60 -0.45
H4 BGC E . 8.06 4.00 1.57
H5 BGC E . 5.97 2.92 -0.37
H61 BGC E . 6.28 0.84 1.07
H62 BGC E . 7.68 1.20 0.10
H1 BGC E . 4.27 4.28 0.37
HO3 BGC E . 7.48 6.77 1.73
HO4 BGC E . 7.82 3.98 -1.22
HO6 BGC E . 8.17 0.74 2.23
C1 RER E . 5.43 7.72 2.27
C2 RER E . 4.61 9.00 2.14
C3 RER E . 3.21 8.86 2.73
N3 RER E . 2.59 10.19 2.81
C3A RER E . 2.33 7.96 1.87
C4 RER E . 3.38 8.31 4.13
O4 RER E . 2.13 8.14 4.76
C5 RER E . 4.15 7.00 4.09
O5 RER E . 5.44 7.27 3.60
C5A RER E . 4.24 6.29 5.44
H1 RER E . 6.46 7.92 1.96
H21C RER E . 4.53 9.32 1.11
H22C RER E . 5.13 9.80 2.66
HO1 RER E . 3.18 10.81 3.39
H31N RER E . 2.51 10.58 1.85
H32N RER E . 1.65 10.10 3.24
H3A1 RER E . 1.34 7.83 2.32
H3A2 RER E . 2.19 8.39 0.88
H3A3 RER E . 2.77 6.97 1.75
H4 RER E . 3.95 9.05 4.70
HO4 RER E . 2.25 8.34 5.68
H5 RER E . 3.64 6.33 3.41
H5A1 RER E . 4.80 5.35 5.37
H5A2 RER E . 4.75 6.92 6.17
H5A3 RER E . 3.26 6.07 5.83
C2 BGC F . 6.00 4.14 -4.06
C3 BGC F . 6.95 4.19 -5.24
C4 BGC F . 7.43 2.78 -5.61
C5 BGC F . 6.27 1.80 -5.67
C6 BGC F . 6.81 0.39 -5.88
C1 BGC F . 4.95 3.07 -4.21
O2 BGC F . 5.34 5.38 -3.95
O3 BGC F . 8.06 4.98 -4.89
O4 BGC F . 8.06 2.82 -6.87
O5 BGC F . 5.57 1.83 -4.44
O6 BGC F . 7.74 0.06 -4.88
H2 BGC F . 6.57 3.95 -3.14
H3 BGC F . 6.45 4.68 -6.07
H4 BGC F . 8.13 2.42 -4.88
H5 BGC F . 5.58 2.06 -6.47
H61 BGC F . 6.01 -0.33 -5.84
H62 BGC F . 7.31 0.31 -6.85
H1 BGC F . 4.26 3.30 -5.02
HO3 BGC F . 8.32 5.45 -5.68
HO4 BGC F . 8.78 2.22 -6.82
HO6 BGC F . 8.04 -0.82 -5.06
C1 RER F . 5.68 6.13 -2.83
C2 RER F . 5.71 7.60 -3.26
C3 RER F . 4.31 8.12 -3.60
N3 RER F . 4.37 9.58 -3.73
C3A RER F . 3.80 7.54 -4.92
C4 RER F . 3.36 7.76 -2.48
O4 RER F . 2.04 8.13 -2.83
C5 RER F . 3.43 6.26 -2.20
O5 RER F . 4.74 5.94 -1.80
C5A RER F . 2.48 5.86 -1.07
H1 RER F . 6.66 5.81 -2.45
H21C RER F . 6.13 8.19 -2.45
H22C RER F . 6.38 7.73 -4.10
HO1 RER F . 3.43 9.95 -3.94
H31N RER F . 5.03 9.83 -4.49
H32N RER F . 4.70 9.99 -2.84
H3A1 RER F . 4.49 7.77 -5.74
H3A2 RER F . 3.67 6.47 -4.87
H3A3 RER F . 2.82 7.98 -5.18
H4 RER F . 3.61 8.31 -1.57
HO4 RER F . 1.83 7.64 -3.61
H5 RER F . 3.18 5.70 -3.10
H5A1 RER F . 2.72 6.38 -0.14
H5A2 RER F . 1.44 6.08 -1.33
H5A3 RER F . 2.55 4.78 -0.88
C1 RER G . -4.20 4.65 -2.98
C2 RER G . -4.35 4.26 -4.46
C3 RER G . -5.78 3.85 -4.83
N3 RER G . -5.91 3.80 -6.27
C3A RER G . -6.14 2.48 -4.25
C4 RER G . -6.73 4.91 -4.28
O4 RER G . -8.06 4.57 -4.57
C5 RER G . -6.53 5.05 -2.78
O5 RER G . -5.22 5.55 -2.61
C5A RER G . -7.52 6.03 -2.16
H1 RER G . -3.24 5.12 -2.77
H21C RER G . -4.05 5.11 -5.07
H22C RER G . -3.65 3.46 -4.71
HO1 RER G . -6.89 3.55 -6.52
H31N RER G . -5.27 3.09 -6.66
H32N RER G . -5.68 4.74 -6.68
H3A1 RER G . -6.01 2.43 -3.17
H3A2 RER G . -7.19 2.25 -4.46
H3A3 RER G . -5.54 1.68 -4.69
H4 RER G . -6.51 5.86 -4.76
HO4 RER G . -8.28 5.00 -5.38
H5 RER G . -6.59 4.09 -2.27
H5A1 RER G . -8.54 5.68 -2.28
H5A2 RER G . -7.44 7.01 -2.63
H5A3 RER G . -7.33 6.15 -1.10
C1 RER H . 4.71 -4.06 3.21
C2 RER H . 4.53 -4.10 4.73
C3 RER H . 4.16 -5.50 5.22
N3 RER H . 4.32 -5.56 6.68
C3A RER H . 2.71 -5.84 4.89
C4 RER H . 5.09 -6.52 4.58
O4 RER H . 4.69 -7.83 4.95
C5 RER H . 5.06 -6.37 3.07
O5 RER H . 5.55 -5.09 2.77
C5A RER H . 5.95 -7.41 2.36
H1 RER H . 5.18 -3.12 2.95
H21C RER H . 5.46 -3.78 5.20
H22C RER H . 3.78 -3.38 5.04
HO1 RER H . 3.68 -4.86 7.12
H31N RER H . 4.07 -6.51 7.01
H32N RER H . 5.30 -5.34 6.93
H3A1 RER H . 2.45 -6.84 5.22
H3A2 RER H . 2.01 -5.14 5.37
H3A3 RER H . 2.53 -5.79 3.81
H4 RER H . 6.10 -6.37 4.94
HO4 RER H . 5.21 -8.06 5.71
H5 RER H . 4.04 -6.45 2.71
H5A1 RER H . 5.59 -8.42 2.58
H5A2 RER H . 6.98 -7.33 2.70
H5A3 RER H . 5.92 -7.26 1.28
N ALA A 1 -5.01 11.10 -4.05
CA ALA A 1 -5.55 9.82 -3.59
C ALA A 1 -4.43 8.81 -3.33
N FGA A 2 -3.82 8.96 -2.14
CA FGA A 2 -2.77 8.02 -1.86
C FGA A 2 -1.43 8.56 -2.39
O FGA A 2 -1.43 9.15 -3.46
CB FGA A 2 -2.69 7.76 -0.36
CG FGA A 2 -4.05 7.35 0.22
CD FGA A 2 -3.87 6.84 1.66
OE1 FGA A 2 -2.76 6.76 2.18
H FGA A 2 -4.06 9.67 -1.47
HA FGA A 2 -3.03 7.11 -2.39
HB2 FGA A 2 -1.97 6.97 -0.18
HB3 FGA A 2 -2.34 8.65 0.14
HG2 FGA A 2 -4.73 8.19 0.23
HG3 FGA A 2 -4.51 6.56 -0.37
N LYS A 3 -5.03 6.53 2.25
CA LYS A 3 -5.05 6.09 3.63
C LYS A 3 -4.24 4.79 3.81
N DAL A 4 -3.51 4.71 4.94
CA DAL A 4 -2.75 3.47 5.12
CB DAL A 4 -3.66 2.39 5.71
C DAL A 4 -1.55 3.71 6.03
O DAL A 4 -1.31 4.81 6.52
H DAL A 4 -3.50 5.44 5.62
HA DAL A 4 -2.39 3.16 4.14
HB1 DAL A 4 -4.52 2.20 5.06
HB2 DAL A 4 -3.12 1.45 5.84
HB3 DAL A 4 -4.04 2.69 6.68
N DAL A 5 -0.82 2.60 6.23
CA DAL A 5 0.35 2.63 7.07
CB DAL A 5 1.34 3.68 6.55
C DAL A 5 0.99 1.24 7.09
O DAL A 5 2.20 1.15 6.87
OXT DAL A 5 0.28 0.27 7.32
H DAL A 5 -1.12 1.74 5.81
HA DAL A 5 0.02 2.88 8.07
HB1 DAL A 5 0.88 4.67 6.54
HB2 DAL A 5 2.22 3.72 7.19
HB3 DAL A 5 1.67 3.45 5.54
N ALA B 1 9.61 -4.10 3.25
CA ALA B 1 9.74 -3.30 2.04
C ALA B 1 8.37 -2.99 1.43
N FGA B 2 8.49 -2.56 0.17
CA FGA B 2 7.34 -2.17 -0.61
C FGA B 2 7.63 -0.82 -1.26
O FGA B 2 6.73 -0.25 -1.87
CB FGA B 2 7.02 -3.16 -1.72
CG FGA B 2 6.43 -4.48 -1.26
CD FGA B 2 5.64 -5.03 -2.45
OE1 FGA B 2 5.37 -4.31 -3.41
H FGA B 2 9.42 -2.49 -0.18
HA FGA B 2 6.49 -2.12 0.08
HB2 FGA B 2 6.25 -2.67 -2.32
HB3 FGA B 2 7.89 -3.32 -2.38
HG2 FGA B 2 7.17 -5.20 -0.94
HG3 FGA B 2 5.75 -4.33 -0.43
N LYS B 3 5.32 -6.33 -2.37
CA LYS B 3 4.61 -6.84 -3.52
C LYS B 3 3.30 -6.08 -3.70
N DAL B 4 3.34 -5.15 -4.66
CA DAL B 4 2.15 -4.35 -4.92
CB DAL B 4 0.97 -5.24 -5.33
C DAL B 4 2.47 -3.32 -6.00
O DAL B 4 3.27 -3.54 -6.90
H DAL B 4 4.16 -5.12 -5.22
HA DAL B 4 1.92 -3.81 -3.99
HB1 DAL B 4 0.74 -5.97 -4.56
HB2 DAL B 4 0.08 -4.64 -5.51
HB3 DAL B 4 1.20 -5.78 -6.25
N DAL B 5 1.78 -2.17 -5.85
CA DAL B 5 1.97 -1.11 -6.80
CB DAL B 5 3.19 -0.26 -6.42
C DAL B 5 0.71 -0.26 -6.88
O DAL B 5 -0.27 -0.70 -7.48
OXT DAL B 5 0.72 0.86 -6.34
H DAL B 5 1.10 -2.06 -5.13
HA DAL B 5 2.14 -1.60 -7.74
HB1 DAL B 5 4.08 -0.88 -6.38
HB2 DAL B 5 3.35 0.54 -7.14
HB3 DAL B 5 3.05 0.20 -5.44
N MLU C 1 1.50 1.27 12.27
CN MLU C 1 2.92 1.61 12.31
CA MLU C 1 1.15 0.69 10.98
C MLU C 1 1.97 -0.58 10.71
O MLU C 1 1.87 -1.56 11.43
CB MLU C 1 -0.33 0.32 10.90
CG MLU C 1 -1.25 1.49 11.22
CD1 MLU C 1 -1.14 2.59 10.16
CD2 MLU C 1 -2.69 1.01 11.36
H1 MLU C 1 1.29 0.59 13.02
H2 MLU C 1 0.94 2.14 12.42
HCN1 MLU C 1 3.50 0.71 12.15
HCN2 MLU C 1 3.14 2.34 11.52
HCN3 MLU C 1 3.16 2.04 13.28
HA MLU C 1 1.39 1.43 10.21
HB2 MLU C 1 -0.52 -0.49 11.60
HB3 MLU C 1 -0.56 -0.06 9.90
HG MLU C 1 -0.93 1.91 12.18
HD11 MLU C 1 -1.77 3.44 10.43
HD12 MLU C 1 -1.49 2.22 9.20
HD13 MLU C 1 -0.12 2.93 10.06
HD21 MLU C 1 -3.04 0.58 10.42
HD22 MLU C 1 -2.77 0.24 12.13
HD23 MLU C 1 -3.36 1.83 11.62
N OMZ C 2 2.79 -0.48 9.66
CA OMZ C 2 3.60 -1.65 9.33
C OMZ C 2 2.93 -2.47 8.22
O OMZ C 2 3.07 -3.69 8.18
CB OMZ C 2 5.05 -1.24 9.01
OC OMZ C 2 5.65 -0.67 10.16
CG OMZ C 2 5.09 -0.24 7.90
CD1 OMZ C 2 5.30 -0.69 6.55
CD2 OMZ C 2 4.86 1.16 8.17
CE1 OMZ C 2 5.22 0.26 5.48
CL OMZ C 2 5.44 -0.29 3.85
CE2 OMZ C 2 4.80 2.10 7.08
CZ OMZ C 2 4.93 1.64 5.73
OH OMZ C 2 4.64 2.46 4.64
H OMZ C 2 2.83 0.35 9.10
HA OMZ C 2 3.61 -2.26 10.23
HB OMZ C 2 5.63 -2.11 8.74
HC OMZ C 2 5.20 0.16 10.31
HD1 OMZ C 2 5.50 -1.73 6.35
HD2 OMZ C 2 4.72 1.51 9.18
HE2 OMZ C 2 4.60 3.15 7.27
N ASN C 3 2.18 -1.78 7.33
CA ASN C 3 1.50 -2.60 6.32
C ASN C 3 1.44 -1.93 4.93
N GHP C 4 0.57 -0.91 4.87
CA GHP C 4 0.41 -0.25 3.59
C GHP C 4 -1.05 0.20 3.41
O GHP C 4 -1.74 0.61 4.34
C1 GHP C 4 1.33 0.93 3.36
C2 GHP C 4 1.04 1.93 2.38
C3 GHP C 4 1.91 3.07 2.13
C4 GHP C 4 3.10 3.18 2.92
O4 GHP C 4 3.94 4.27 2.80
C5 GHP C 4 3.45 2.20 3.93
C6 GHP C 4 2.54 1.08 4.12
H GHP C 4 0.11 -0.59 5.71
HA GHP C 4 0.63 -1.00 2.85
HC2 GHP C 4 0.10 1.86 1.84
H6 GHP C 4 2.79 0.34 4.86
N GHP C 5 -1.44 0.08 2.13
CA GHP C 5 -2.75 0.51 1.72
C GHP C 5 -2.93 0.37 0.20
O GHP C 5 -2.46 -0.61 -0.36
C1 GHP C 5 -3.94 -0.12 2.37
C2 GHP C 5 -4.86 0.76 3.02
C3 GHP C 5 -6.11 0.32 3.52
C4 GHP C 5 -6.44 -1.06 3.43
O4 GHP C 5 -7.65 -1.52 3.93
C5 GHP C 5 -5.54 -2.00 2.80
C6 GHP C 5 -4.28 -1.53 2.27
H GHP C 5 -0.80 -0.30 1.46
HA GHP C 5 -2.72 1.55 2.00
HC2 GHP C 5 -4.60 1.80 3.09
HO4 GHP C 5 -7.73 -2.45 3.79
H5 GHP C 5 -5.80 -3.05 2.73
H6 GHP C 5 -3.61 -2.21 1.78
N OMY C 6 -3.59 1.35 -0.47
CA OMY C 6 -4.20 2.56 0.06
OCZ OMY C 6 1.70 4.07 1.14
CE2 OMY C 6 0.19 3.78 -0.81
CE1 OMY C 6 -0.68 4.53 1.39
CZ OMY C 6 0.43 4.16 0.56
CG OMY C 6 -2.28 3.98 -0.42
CD2 OMY C 6 -1.17 3.69 -1.30
CD1 OMY C 6 -2.02 4.44 0.91
CB OMY C 6 -3.72 3.73 -0.80
CL OMY C 6 -0.39 5.04 3.02
O OMY C 6 -6.44 2.01 -0.74
C OMY C 6 -5.73 2.39 0.19
ODE OMY C 6 -3.81 3.38 -2.15
H OMY C 6 -3.68 1.21 -1.47
HA OMY C 6 -3.84 2.71 1.07
HE2 OMY C 6 1.02 3.53 -1.45
HD2 OMY C 6 -1.37 3.38 -2.32
HD1 OMY C 6 -2.86 4.69 1.54
HB OMY C 6 -4.31 4.61 -0.60
N 3FG C 7 -6.15 2.71 1.43
OD1 3FG C 7 -6.52 0.20 6.23
CD1 3FG C 7 -7.14 1.24 5.55
CG1 3FG C 7 -7.00 1.34 4.14
CZ 3FG C 7 -7.91 2.20 6.28
CD2 3FG C 7 -8.55 3.28 5.60
OD2 3FG C 7 -9.28 4.21 6.29
CG2 3FG C 7 -8.41 3.39 4.17
CB 3FG C 7 -7.63 2.43 3.41
CA 3FG C 7 -7.50 2.59 1.89
C 3FG C 7 -8.25 3.81 1.32
O 3FG C 7 -9.42 3.68 0.97
OXT 3FG C 7 -7.63 4.87 1.23
H 3FG C 7 -5.47 3.02 2.08
HA 3FG C 7 -7.84 1.67 1.39
HD1 3FG C 7 -6.07 -0.35 5.61
HZ 3FG C 7 -7.97 2.11 7.36
HD2 3FG C 7 -9.27 4.00 7.22
HG2 3FG C 7 -8.87 4.21 3.65
N MLU D 1 0.69 0.31 -12.00
CN MLU D 1 1.16 1.67 -11.90
CA MLU D 1 -0.07 -0.06 -10.81
C MLU D 1 -1.27 0.85 -10.62
O MLU D 1 -2.18 0.91 -11.44
CB MLU D 1 -0.60 -1.50 -10.88
CG MLU D 1 0.52 -2.54 -11.01
CD1 MLU D 1 1.47 -2.47 -9.82
CD2 MLU D 1 -0.08 -3.94 -11.12
H1 MLU D 1 0.08 0.22 -12.85
H2 MLU D 1 1.50 -0.34 -12.11
HCN1 MLU D 1 0.31 2.34 -11.79
HCN2 MLU D 1 1.81 1.75 -11.03
HCN3 MLU D 1 1.73 1.92 -12.79
HA MLU D 1 0.59 0.04 -9.96
HB2 MLU D 1 -1.28 -1.60 -11.73
HB3 MLU D 1 -1.19 -1.71 -9.98
HG MLU D 1 1.09 -2.32 -11.91
HD11 MLU D 1 1.89 -1.47 -9.72
HD12 MLU D 1 2.29 -3.18 -9.93
HD13 MLU D 1 0.94 -2.70 -8.89
HD21 MLU D 1 -0.74 -4.02 -11.98
HD22 MLU D 1 0.71 -4.69 -11.23
HD23 MLU D 1 -0.66 -4.20 -10.23
N OMZ D 2 -1.22 1.60 -9.49
CA OMZ D 2 -2.33 2.49 -9.22
C OMZ D 2 -3.19 1.91 -8.07
O OMZ D 2 -4.40 2.09 -8.05
CB OMZ D 2 -1.87 3.96 -9.04
OC OMZ D 2 -1.28 4.40 -10.24
CG OMZ D 2 -0.90 4.14 -7.92
CD1 OMZ D 2 -1.25 4.97 -6.79
CD2 OMZ D 2 0.37 3.46 -7.94
CE1 OMZ D 2 -0.36 5.05 -5.67
CL OMZ D 2 -0.79 6.01 -4.30
CE2 OMZ D 2 1.25 3.54 -6.81
CZ OMZ D 2 0.86 4.30 -5.66
OH OMZ D 2 1.59 4.18 -4.47
H OMZ D 2 -0.46 1.50 -8.85
HA OMZ D 2 -2.97 2.45 -10.10
HB OMZ D 2 -2.74 4.59 -8.86
HC OMZ D 2 -1.06 5.31 -10.10
HD1 OMZ D 2 -2.17 5.53 -6.77
HD2 OMZ D 2 0.66 2.87 -8.80
HE2 OMZ D 2 2.18 3.00 -6.82
N ASN D 3 -2.52 1.21 -7.12
CA ASN D 3 -3.36 0.62 -6.07
C ASN D 3 -2.71 0.60 -4.67
N GHP D 4 -1.53 -0.05 -4.60
CA GHP D 4 -0.89 -0.10 -3.30
C GHP D 4 -0.59 -1.58 -2.89
O GHP D 4 -0.54 -2.48 -3.72
C1 GHP D 4 0.38 0.73 -3.25
C2 GHP D 4 1.59 0.32 -2.60
C3 GHP D 4 2.75 1.19 -2.50
C4 GHP D 4 2.68 2.47 -3.14
O4 GHP D 4 3.77 3.31 -3.04
C5 GHP D 4 1.51 2.91 -3.84
C6 GHP D 4 0.35 2.03 -3.85
H GHP D 4 -1.09 -0.43 -5.42
HA GHP D 4 -1.59 0.36 -2.59
HC2 GHP D 4 1.64 -0.68 -2.18
H6 GHP D 4 -0.55 2.34 -4.36
N GHP D 5 -0.38 -1.72 -1.57
CA GHP D 5 -0.02 -3.00 -0.98
C GHP D 5 0.17 -2.86 0.54
O GHP D 5 -0.59 -2.14 1.17
C1 GHP D 5 -0.92 -4.17 -1.23
C2 GHP D 5 -0.29 -5.34 -1.77
C3 GHP D 5 -0.98 -6.57 -1.92
C4 GHP D 5 -2.37 -6.62 -1.57
O4 GHP D 5 -3.07 -7.81 -1.74
C5 GHP D 5 -3.04 -5.46 -1.05
C6 GHP D 5 -2.31 -4.23 -0.88
H GHP D 5 -0.47 -0.91 -0.98
HA GHP D 5 0.93 -3.19 -1.45
HC2 GHP D 5 0.75 -5.28 -2.03
HO4 GHP D 5 -3.96 -7.68 -1.46
H5 GHP D 5 -4.08 -5.51 -0.78
H6 GHP D 5 -2.80 -3.36 -0.47
N OMY D 6 1.18 -3.55 1.15
CA OMY D 6 2.16 -4.45 0.53
OCZ OMY D 6 3.97 0.93 -1.83
CE2 OMY D 6 4.12 -0.25 0.33
CE1 OMY D 6 4.03 -1.49 -1.81
CZ OMY D 6 4.08 -0.25 -1.10
CG OMY D 6 3.87 -2.73 0.34
CD2 OMY D 6 3.99 -1.50 1.06
CD1 OMY D 6 3.93 -2.72 -1.10
CB OMY D 6 3.55 -4.05 1.02
CL OMY D 6 4.04 -1.49 -3.54
O OMY D 6 1.45 -6.36 1.86
C OMY D 6 1.77 -5.92 0.77
ODE OMY D 6 3.58 -3.92 2.43
H OMY D 6 1.26 -3.43 2.14
HA OMY D 6 2.13 -4.32 -0.53
HE2 OMY D 6 4.23 0.69 0.87
HD2 OMY D 6 3.97 -1.48 2.13
HD1 OMY D 6 3.86 -3.65 -1.65
HB OMY D 6 4.26 -4.81 0.73
N 3FG D 7 1.81 -6.61 -0.39
OD1 3FG D 7 -1.80 -7.55 -4.34
CD1 3FG D 7 -0.72 -8.18 -3.76
CG1 3FG D 7 -0.25 -7.74 -2.49
CZ 3FG D 7 -0.09 -9.28 -4.44
CD2 3FG D 7 1.03 -9.95 -3.85
OD2 3FG D 7 1.64 -10.99 -4.50
CG2 3FG D 7 1.51 -9.52 -2.56
CB 3FG D 7 0.89 -8.41 -1.85
CA 3FG D 7 1.43 -7.99 -0.48
C 3FG D 7 2.68 -8.78 -0.03
O 3FG D 7 2.53 -9.84 0.58
OXT 3FG D 7 3.80 -8.31 -0.30
H 3FG D 7 2.11 -6.15 -1.23
HA 3FG D 7 0.65 -8.07 0.26
HD1 3FG D 7 -2.10 -6.85 -3.78
HZ 3FG D 7 -0.45 -9.57 -5.41
HD2 3FG D 7 1.20 -11.15 -5.32
HG2 3FG D 7 2.35 -10.02 -2.11
C2 BGC E . 5.60 5.49 1.66
C3 BGC E . 6.63 5.48 0.53
C4 BGC E . 7.39 4.14 0.55
C5 BGC E . 6.38 2.98 0.55
C6 BGC E . 7.06 1.62 0.72
C1 BGC E . 4.69 4.26 1.61
O2 BGC E . 4.82 6.66 1.59
O3 BGC E . 7.54 6.53 0.73
O4 BGC E . 8.18 4.04 -0.61
O5 BGC E . 5.50 3.10 1.62
O6 BGC E . 7.90 1.64 1.86
H2 BGC E . 6.13 5.48 2.61
H3 BGC E . 6.14 5.62 -0.43
H4 BGC E . 8.03 4.07 1.42
H5 BGC E . 5.84 3.02 -0.40
H61 BGC E . 6.31 0.86 0.88
H62 BGC E . 7.65 1.30 -0.13
H1 BGC E . 4.04 4.26 0.73
HO3 BGC E . 7.77 6.86 -0.13
HO4 BGC E . 9.05 4.33 -0.37
HO6 BGC E . 8.25 0.77 1.94
C1 RER E . 5.32 7.68 2.42
C2 RER E . 4.51 8.96 2.27
C3 RER E . 3.10 8.84 2.85
N3 RER E . 2.50 10.17 2.94
C3A RER E . 2.22 7.98 1.95
C4 RER E . 3.19 8.24 4.26
O4 RER E . 1.89 8.01 4.75
C5 RER E . 3.97 6.94 4.21
O5 RER E . 5.28 7.24 3.77
C5A RER E . 4.04 6.23 5.57
H1 RER E . 6.36 7.87 2.15
H21C RER E . 5.03 9.76 2.79
H22C RER E . 4.46 9.25 1.22
HO1 RER E . 2.44 10.60 1.99
H31N RER E . 3.08 10.78 3.55
H32N RER E . 1.54 10.10 3.35
H3A1 RER E . 2.13 8.42 0.96
H3A2 RER E . 2.65 6.98 1.83
H3A3 RER E . 1.22 7.87 2.36
H4 RER E . 3.67 8.94 4.94
HO4 RER E . 1.47 7.40 4.15
H5 RER E . 3.49 6.28 3.49
H5A1 RER E . 4.52 6.86 6.31
H5A2 RER E . 3.04 5.98 5.92
H5A3 RER E . 4.61 5.30 5.49
C2 BGC F . 5.69 4.17 -4.01
C3 BGC F . 6.70 4.08 -5.15
C4 BGC F . 7.12 2.63 -5.40
C5 BGC F . 5.94 1.66 -5.35
C6 BGC F . 6.47 0.23 -5.33
C1 BGC F . 4.59 3.14 -4.17
O2 BGC F . 5.08 5.43 -4.03
O3 BGC F . 7.83 4.85 -4.80
O4 BGC F . 7.71 2.53 -6.66
O5 BGC F . 5.18 1.87 -4.18
O6 BGC F . 7.35 0.04 -4.25
H2 BGC F . 6.20 4.01 -3.06
H3 BGC F . 6.26 4.54 -6.04
H4 BGC F . 7.85 2.30 -4.66
H5 BGC F . 5.29 1.80 -6.21
H61 BGC F . 5.66 -0.48 -5.22
H62 BGC F . 7.01 -0.01 -6.25
H1 BGC F . 4.03 3.30 -5.09
HO3 BGC F . 8.16 5.23 -5.60
HO4 BGC F . 8.65 2.66 -6.53
HO6 BGC F . 7.64 -0.87 -4.28
C1 RER F . 5.42 6.22 -2.93
C2 RER F . 5.37 7.67 -3.41
C3 RER F . 3.93 8.13 -3.70
N3 RER F . 3.92 9.57 -3.90
C3A RER F . 3.35 7.47 -4.97
C4 RER F . 3.05 7.77 -2.50
O4 RER F . 1.71 8.09 -2.79
C5 RER F . 3.18 6.29 -2.17
O5 RER F . 4.52 6.02 -1.86
C5A RER F . 2.33 5.90 -0.98
H1 RER F . 6.42 5.93 -2.58
H21C RER F . 5.80 8.30 -2.65
H22C RER F . 5.98 7.79 -4.30
HO1 RER F . 2.95 9.89 -4.07
H31N RER F . 4.52 9.81 -4.71
H32N RER F . 4.29 10.03 -3.04
H3A1 RER F . 3.30 6.38 -4.86
H3A2 RER F . 2.35 7.84 -5.17
H3A3 RER F . 3.98 7.69 -5.83
H4 RER F . 3.35 8.37 -1.65
HO4 RER F . 1.56 8.96 -2.45
H5 RER F . 2.90 5.69 -3.04
H5A1 RER F . 2.61 6.48 -0.10
H5A2 RER F . 2.47 4.84 -0.75
H5A3 RER F . 1.26 6.07 -1.17
C1 RER G . -3.64 4.48 -3.01
C2 RER G . -3.87 3.99 -4.44
C3 RER G . -5.35 3.92 -4.83
N3 RER G . -5.47 3.90 -6.28
C3A RER G . -6.00 2.66 -4.25
C4 RER G . -6.03 5.16 -4.30
O4 RER G . -7.38 5.20 -4.67
C5 RER G . -5.86 5.21 -2.79
O5 RER G . -4.51 5.51 -2.60
C5A RER G . -6.72 6.29 -2.14
H1 RER G . -2.64 4.87 -2.93
H21C RER G . -3.42 3.03 -4.61
H22C RER G . -3.29 4.63 -5.09
HO1 RER G . -6.47 3.87 -6.55
H31N RER G . -5.04 4.75 -6.68
H32N RER G . -5.00 3.05 -6.67
H3A1 RER G . -7.10 2.73 -4.32
H3A2 RER G . -5.71 1.76 -4.80
H3A3 RER G . -5.74 2.50 -3.22
H4 RER G . -5.51 6.01 -4.72
HO4 RER G . -7.60 6.11 -4.82
H5 RER G . -6.07 4.24 -2.35
H5A1 RER G . -6.48 7.28 -2.55
H5A2 RER G . -7.78 6.10 -2.31
H5A3 RER G . -6.55 6.33 -1.07
C1 RER H . 4.87 -3.82 2.96
C2 RER H . 4.81 -3.99 4.48
C3 RER H . 4.52 -5.43 4.91
N3 RER H . 4.80 -5.59 6.33
C3A RER H . 3.05 -5.80 4.66
C4 RER H . 5.40 -6.39 4.11
O4 RER H . 5.06 -7.72 4.40
C5 RER H . 5.22 -6.09 2.62
O5 RER H . 5.70 -4.80 2.38
C5A RER H . 6.01 -7.08 1.74
H1 RER H . 5.29 -2.85 2.71
H21C RER H . 5.79 -3.70 4.90
H22C RER H . 4.08 -3.31 4.92
HO1 RER H . 5.81 -5.37 6.51
H31N RER H . 4.62 -6.58 6.61
H32N RER H . 4.21 -4.95 6.88
H3A1 RER H . 2.89 -6.85 4.82
H3A2 RER H . 2.74 -5.55 3.65
H3A3 RER H . 2.40 -5.25 5.35
H4 RER H . 6.45 -6.24 4.39
HO4 RER H . 5.86 -8.22 4.39
H5 RER H . 4.16 -6.13 2.39
H5A1 RER H . 5.67 -8.09 1.90
H5A2 RER H . 7.08 -7.02 1.97
H5A3 RER H . 5.88 -6.83 0.69
N ALA A 1 -5.68 10.91 -4.35
CA ALA A 1 -6.01 9.74 -3.52
C ALA A 1 -4.80 8.84 -3.33
N FGA A 2 -4.22 8.97 -2.12
CA FGA A 2 -3.06 8.13 -1.87
C FGA A 2 -1.80 8.83 -2.39
O FGA A 2 -1.10 9.46 -1.59
CB FGA A 2 -2.96 7.85 -0.38
CG FGA A 2 -4.26 7.27 0.19
CD FGA A 2 -4.03 6.76 1.62
OE1 FGA A 2 -2.93 6.77 2.15
H FGA A 2 -4.54 9.61 -1.42
HA FGA A 2 -3.25 7.22 -2.42
HB2 FGA A 2 -2.13 7.15 -0.20
HB3 FGA A 2 -2.72 8.78 0.14
HG2 FGA A 2 -5.04 8.03 0.20
HG3 FGA A 2 -4.62 6.45 -0.42
N LYS A 3 -5.18 6.35 2.19
CA LYS A 3 -5.18 5.88 3.56
C LYS A 3 -4.28 4.64 3.73
N DAL A 4 -3.59 4.58 4.88
CA DAL A 4 -2.76 3.40 5.08
CB DAL A 4 -3.63 2.29 5.67
C DAL A 4 -1.60 3.72 6.01
O DAL A 4 -1.42 4.84 6.49
H DAL A 4 -3.66 5.31 5.57
HA DAL A 4 -2.36 3.10 4.10
HB1 DAL A 4 -4.47 2.06 5.01
HB2 DAL A 4 -3.05 1.38 5.80
HB3 DAL A 4 -4.03 2.58 6.63
N DAL A 5 -0.82 2.66 6.23
CA DAL A 5 0.33 2.77 7.08
CB DAL A 5 1.31 3.81 6.54
C DAL A 5 1.01 1.40 7.22
O DAL A 5 0.31 0.43 7.54
OXT DAL A 5 2.21 1.31 7.00
H DAL A 5 -1.04 1.77 5.82
HA DAL A 5 -0.05 3.07 8.05
HB1 DAL A 5 0.83 4.78 6.44
HB2 DAL A 5 2.18 3.92 7.19
HB3 DAL A 5 1.67 3.51 5.55
N ALA B 1 10.97 -3.36 1.39
CA ALA B 1 9.83 -3.48 2.29
C ALA B 1 8.57 -2.94 1.63
N FGA B 2 8.38 -3.44 0.40
CA FGA B 2 7.21 -2.96 -0.29
C FGA B 2 7.43 -1.48 -0.63
O FGA B 2 8.15 -0.81 0.10
CB FGA B 2 6.94 -3.73 -1.57
CG FGA B 2 6.24 -5.07 -1.37
CD FGA B 2 5.46 -5.37 -2.64
OE1 FGA B 2 5.20 -4.50 -3.45
H FGA B 2 9.01 -4.13 0.04
HA FGA B 2 6.35 -3.06 0.39
HB2 FGA B 2 6.26 -3.10 -2.14
HB3 FGA B 2 7.85 -3.85 -2.15
HG2 FGA B 2 6.95 -5.87 -1.15
HG3 FGA B 2 5.55 -5.00 -0.55
N LYS B 3 5.13 -6.66 -2.78
CA LYS B 3 4.39 -6.98 -3.99
C LYS B 3 3.07 -6.21 -4.01
N DAL B 4 3.05 -5.24 -4.93
CA DAL B 4 1.90 -4.35 -5.10
CB DAL B 4 0.62 -5.14 -5.46
C DAL B 4 2.23 -3.35 -6.21
O DAL B 4 2.86 -3.67 -7.20
H DAL B 4 3.85 -5.17 -5.54
HA DAL B 4 1.77 -3.81 -4.16
HB1 DAL B 4 0.37 -5.86 -4.69
HB2 DAL B 4 -0.22 -4.46 -5.58
HB3 DAL B 4 0.75 -5.68 -6.40
N DAL B 5 1.78 -2.11 -5.95
CA DAL B 5 2.04 -1.07 -6.91
CB DAL B 5 3.20 -0.18 -6.45
C DAL B 5 0.77 -0.23 -7.15
O DAL B 5 0.24 -0.29 -8.25
OXT DAL B 5 0.36 0.47 -6.23
H DAL B 5 1.24 -1.89 -5.15
HA DAL B 5 2.31 -1.58 -7.83
HB1 DAL B 5 4.09 -0.78 -6.29
HB2 DAL B 5 3.43 0.59 -7.19
HB3 DAL B 5 2.96 0.31 -5.51
N MLU C 1 1.58 1.81 12.20
CN MLU C 1 2.99 2.17 12.12
CA MLU C 1 1.17 1.11 10.98
C MLU C 1 1.99 -0.16 10.79
O MLU C 1 1.95 -1.09 11.60
CB MLU C 1 -0.30 0.71 11.02
CG MLU C 1 -1.23 1.89 11.31
CD1 MLU C 1 -1.18 2.93 10.19
CD2 MLU C 1 -2.65 1.40 11.52
H1 MLU C 1 1.42 1.19 13.01
H2 MLU C 1 1.01 2.68 12.30
HCN1 MLU C 1 3.14 2.82 11.26
HCN2 MLU C 1 3.27 2.69 13.03
HCN3 MLU C 1 3.58 1.26 12.01
HA MLU C 1 1.34 1.77 10.14
HB2 MLU C 1 -0.45 -0.05 11.79
HB3 MLU C 1 -0.59 0.25 10.07
HG MLU C 1 -0.89 2.37 12.23
HD11 MLU C 1 -1.53 2.50 9.25
HD12 MLU C 1 -1.80 3.78 10.42
HD13 MLU C 1 -0.15 3.28 10.04
HD21 MLU C 1 -3.33 2.23 11.75
HD22 MLU C 1 -2.71 0.69 12.33
HD23 MLU C 1 -3.04 0.92 10.62
N OMZ C 2 2.76 -0.16 9.68
CA OMZ C 2 3.57 -1.34 9.41
C OMZ C 2 2.86 -2.25 8.39
O OMZ C 2 3.03 -3.47 8.43
CB OMZ C 2 5.03 -0.95 9.07
OC OMZ C 2 5.64 -0.43 10.21
CG OMZ C 2 5.09 0.06 7.97
CD1 OMZ C 2 5.36 -0.37 6.62
CD2 OMZ C 2 4.82 1.45 8.25
CE1 OMZ C 2 5.29 0.59 5.55
CL OMZ C 2 5.58 0.07 3.93
CE2 OMZ C 2 4.75 2.40 7.16
CZ OMZ C 2 4.94 1.96 5.81
OH OMZ C 2 4.63 2.78 4.72
H OMZ C 2 2.75 0.62 9.05
HA OMZ C 2 3.58 -1.90 10.35
HB OMZ C 2 5.58 -1.84 8.78
HC OMZ C 2 6.53 -0.22 9.96
HD1 OMZ C 2 5.60 -1.40 6.41
HD2 OMZ C 2 4.64 1.77 9.26
HE2 OMZ C 2 4.52 3.44 7.36
N ASN C 3 2.08 -1.63 7.46
CA ASN C 3 1.39 -2.53 6.54
C ASN C 3 1.25 -1.98 5.11
N GHP C 4 0.74 -0.73 5.00
CA GHP C 4 0.59 -0.18 3.66
C GHP C 4 -0.89 0.17 3.39
O GHP C 4 -1.64 0.54 4.29
C1 GHP C 4 1.44 1.06 3.40
C2 GHP C 4 1.11 2.01 2.37
C3 GHP C 4 1.94 3.17 2.10
C4 GHP C 4 3.11 3.38 2.92
O4 GHP C 4 3.91 4.48 2.74
C5 GHP C 4 3.47 2.45 3.97
C6 GHP C 4 2.61 1.30 4.18
H GHP C 4 0.50 -0.21 5.82
HA GHP C 4 0.94 -0.97 2.98
HC2 GHP C 4 0.20 1.88 1.81
H6 GHP C 4 2.85 0.61 4.96
N GHP C 5 -1.24 0.05 2.10
CA GHP C 5 -2.58 0.42 1.68
C GHP C 5 -2.75 0.31 0.16
O GHP C 5 -2.24 -0.64 -0.42
C1 GHP C 5 -3.75 -0.26 2.33
C2 GHP C 5 -4.70 0.58 2.97
C3 GHP C 5 -5.93 0.09 3.48
C4 GHP C 5 -6.20 -1.32 3.38
O4 GHP C 5 -7.38 -1.82 3.89
C5 GHP C 5 -5.25 -2.20 2.76
C6 GHP C 5 -4.02 -1.68 2.23
H GHP C 5 -0.58 -0.28 1.43
HA GHP C 5 -2.60 1.46 1.97
HC2 GHP C 5 -4.50 1.64 3.04
HO4 GHP C 5 -7.89 -1.12 4.26
H5 GHP C 5 -5.46 -3.27 2.70
H6 GHP C 5 -3.31 -2.33 1.74
N OMY C 6 -3.46 1.25 -0.51
CA OMY C 6 -4.14 2.43 0.03
OCZ OMY C 6 1.70 4.12 1.06
CE2 OMY C 6 0.16 3.77 -0.87
CE1 OMY C 6 -0.69 4.55 1.34
CZ OMY C 6 0.42 4.18 0.49
CG OMY C 6 -2.30 3.94 -0.46
CD2 OMY C 6 -1.20 3.65 -1.35
CD1 OMY C 6 -2.03 4.44 0.86
CB OMY C 6 -3.73 3.65 -0.81
CL OMY C 6 -0.38 5.09 2.95
O OMY C 6 -6.32 1.76 -0.77
C OMY C 6 -5.65 2.18 0.15
ODE OMY C 6 -3.89 3.40 -2.19
H OMY C 6 -3.53 1.14 -1.51
HA OMY C 6 -3.78 2.60 1.04
HE2 OMY C 6 0.99 3.52 -1.51
HD2 OMY C 6 -1.38 3.31 -2.35
HD1 OMY C 6 -2.85 4.69 1.51
HB OMY C 6 -4.34 4.49 -0.52
N 3FG C 7 -6.09 2.47 1.40
OD1 3FG C 7 -6.35 -0.05 6.19
CD1 3FG C 7 -7.02 0.94 5.51
CG1 3FG C 7 -6.87 1.06 4.09
CZ 3FG C 7 -7.85 1.86 6.23
CD2 3FG C 7 -8.55 2.90 5.55
OD2 3FG C 7 -9.34 3.78 6.24
CG2 3FG C 7 -8.41 3.01 4.12
CB 3FG C 7 -7.58 2.11 3.36
CA 3FG C 7 -7.45 2.28 1.84
C 3FG C 7 -8.24 3.46 1.27
O 3FG C 7 -9.43 3.28 0.96
OXT 3FG C 7 -7.68 4.54 1.13
H 3FG C 7 -5.44 2.82 2.06
HA 3FG C 7 -7.72 1.35 1.35
HD1 3FG C 7 -6.54 0.00 7.11
HZ 3FG C 7 -7.91 1.77 7.31
HD2 3FG C 7 -9.32 3.57 7.16
HG2 3FG C 7 -8.93 3.82 3.60
N MLU D 1 0.64 0.68 -12.36
CN MLU D 1 1.18 2.03 -12.32
CA MLU D 1 -0.01 0.36 -11.10
C MLU D 1 -1.15 1.34 -10.81
O MLU D 1 -1.85 1.81 -11.69
CB MLU D 1 -0.59 -1.07 -11.08
CG MLU D 1 0.49 -2.15 -11.16
CD1 MLU D 1 1.44 -2.08 -9.96
CD2 MLU D 1 -0.16 -3.53 -11.22
H1 MLU D 1 -0.06 0.60 -13.13
H2 MLU D 1 1.41 0.00 -12.52
HCN1 MLU D 1 1.66 2.24 -13.28
HCN2 MLU D 1 0.36 2.73 -12.15
HCN3 MLU D 1 1.91 2.10 -11.51
HA MLU D 1 0.73 0.45 -10.31
HB2 MLU D 1 -1.29 -1.17 -11.92
HB3 MLU D 1 -1.17 -1.20 -10.17
HG MLU D 1 1.06 -2.00 -12.07
HD11 MLU D 1 2.22 -2.83 -10.06
HD12 MLU D 1 1.91 -1.11 -9.89
HD13 MLU D 1 0.90 -2.28 -9.04
HD21 MLU D 1 0.59 -4.31 -11.30
HD22 MLU D 1 -0.76 -3.72 -10.33
HD23 MLU D 1 -0.83 -3.61 -12.09
N OMZ D 2 -1.29 1.61 -9.49
CA OMZ D 2 -2.34 2.54 -9.09
C OMZ D 2 -3.11 1.99 -7.86
O OMZ D 2 -4.27 2.30 -7.68
CB OMZ D 2 -1.80 3.98 -8.94
OC OMZ D 2 -1.20 4.37 -10.15
CG OMZ D 2 -0.80 4.09 -7.84
CD1 OMZ D 2 -1.05 4.96 -6.72
CD2 OMZ D 2 0.42 3.31 -7.88
CE1 OMZ D 2 -0.13 4.96 -5.61
CL OMZ D 2 -0.47 5.97 -4.24
CE2 OMZ D 2 1.33 3.33 -6.76
CZ OMZ D 2 1.02 4.12 -5.60
OH OMZ D 2 1.78 3.97 -4.44
H OMZ D 2 -0.68 1.21 -8.81
HA OMZ D 2 -3.04 2.52 -9.92
HB OMZ D 2 -2.62 4.65 -8.74
HC OMZ D 2 -1.89 4.40 -10.79
HD1 OMZ D 2 -1.92 5.58 -6.68
HD2 OMZ D 2 0.67 2.70 -8.73
HE2 OMZ D 2 2.22 2.72 -6.78
N ASN D 3 -2.42 1.15 -7.04
CA ASN D 3 -3.15 0.59 -5.92
C ASN D 3 -2.44 0.68 -4.56
N GHP D 4 -1.44 -0.20 -4.45
CA GHP D 4 -0.72 -0.28 -3.20
C GHP D 4 -0.43 -1.75 -2.85
O GHP D 4 -0.28 -2.63 -3.70
C1 GHP D 4 0.54 0.55 -3.18
C2 GHP D 4 1.74 0.13 -2.51
C3 GHP D 4 2.92 0.99 -2.43
C4 GHP D 4 2.86 2.27 -3.08
O4 GHP D 4 3.94 3.11 -2.98
C5 GHP D 4 1.70 2.70 -3.80
C6 GHP D 4 0.53 1.83 -3.83
H GHP D 4 -1.15 -0.70 -5.27
HA GHP D 4 -1.40 0.12 -2.45
HC2 GHP D 4 1.76 -0.86 -2.07
H6 GHP D 4 -0.36 2.12 -4.35
N GHP D 5 -0.35 -1.91 -1.52
CA GHP D 5 -0.02 -3.19 -0.95
C GHP D 5 0.14 -3.10 0.57
O GHP D 5 -0.63 -2.40 1.21
C1 GHP D 5 -0.95 -4.33 -1.24
C2 GHP D 5 -0.38 -5.48 -1.83
C3 GHP D 5 -1.10 -6.69 -2.02
C4 GHP D 5 -2.48 -6.73 -1.63
O4 GHP D 5 -3.21 -7.89 -1.82
C5 GHP D 5 -3.11 -5.58 -1.04
C6 GHP D 5 -2.34 -4.36 -0.83
H GHP D 5 -0.49 -1.13 -0.91
HA GHP D 5 0.93 -3.39 -1.44
HC2 GHP D 5 0.66 -5.43 -2.13
HO4 GHP D 5 -4.09 -7.76 -1.51
H5 GHP D 5 -4.15 -5.61 -0.74
H6 GHP D 5 -2.80 -3.51 -0.37
N OMY D 6 1.13 -3.81 1.16
CA OMY D 6 2.13 -4.69 0.53
OCZ OMY D 6 4.13 0.71 -1.74
CE2 OMY D 6 4.09 -0.44 0.44
CE1 OMY D 6 4.19 -1.71 -1.70
CZ OMY D 6 4.19 -0.46 -1.00
CG OMY D 6 3.84 -2.94 0.43
CD2 OMY D 6 3.89 -1.68 1.15
CD1 OMY D 6 4.02 -2.95 -0.98
CB OMY D 6 3.48 -4.25 1.10
CL OMY D 6 4.35 -1.73 -3.42
O OMY D 6 1.41 -6.68 1.74
C OMY D 6 1.73 -6.16 0.66
ODE OMY D 6 3.39 -4.09 2.49
H OMY D 6 1.20 -3.72 2.15
HA OMY D 6 2.13 -4.50 -0.53
HE2 OMY D 6 4.16 0.50 0.95
HD2 OMY D 6 3.78 -1.66 2.22
HD1 OMY D 6 3.99 -3.88 -1.52
HB OMY D 6 4.23 -5.00 0.89
N 3FG D 7 1.75 -6.80 -0.53
OD1 3FG D 7 -2.00 -7.56 -4.44
CD1 3FG D 7 -0.91 -8.22 -3.92
CG1 3FG D 7 -0.40 -7.84 -2.65
CZ 3FG D 7 -0.30 -9.29 -4.66
CD2 3FG D 7 0.82 -9.98 -4.13
OD2 3FG D 7 1.41 -11.00 -4.85
CG2 3FG D 7 1.35 -9.60 -2.85
CB 3FG D 7 0.75 -8.52 -2.08
CA 3FG D 7 1.35 -8.18 -0.70
C 3FG D 7 2.58 -9.01 -0.31
O 3FG D 7 2.44 -9.98 0.44
OXT 3FG D 7 3.67 -8.69 -0.78
H 3FG D 7 2.06 -6.30 -1.34
HA 3FG D 7 0.57 -8.29 0.05
HD1 3FG D 7 -2.29 -6.89 -3.84
HZ 3FG D 7 -0.70 -9.53 -5.64
HD2 3FG D 7 2.14 -11.36 -4.36
HG2 3FG D 7 2.21 -10.12 -2.46
C2 BGC E . 5.68 5.60 1.63
C3 BGC E . 6.70 5.52 0.49
C4 BGC E . 7.38 4.16 0.47
C5 BGC E . 6.33 3.05 0.53
C6 BGC E . 6.94 1.65 0.70
C1 BGC E . 4.72 4.41 1.60
O2 BGC E . 4.95 6.81 1.55
O3 BGC E . 7.66 6.53 0.67
O4 BGC E . 8.11 4.02 -0.71
O5 BGC E . 5.50 3.24 1.65
O6 BGC E . 7.82 1.63 1.80
H2 BGC E . 6.21 5.58 2.57
H3 BGC E . 6.20 5.70 -0.46
H4 BGC E . 8.07 4.06 1.31
H5 BGC E . 5.73 3.09 -0.38
H61 BGC E . 6.15 0.94 0.89
H62 BGC E . 7.48 1.31 -0.17
H1 BGC E . 4.10 4.40 0.70
HO3 BGC E . 7.55 6.85 1.56
HO4 BGC E . 9.01 4.26 -0.52
HO6 BGC E . 8.14 0.74 1.87
C1 RER E . 5.52 7.81 2.35
C2 RER E . 4.76 9.13 2.21
C3 RER E . 3.36 9.08 2.82
N3 RER E . 2.83 10.43 2.90
C3A RER E . 2.44 8.24 1.95
C4 RER E . 3.46 8.49 4.23
O4 RER E . 2.17 8.31 4.74
C5 RER E . 4.20 7.16 4.18
O5 RER E . 5.50 7.40 3.70
C5A RER E . 4.27 6.46 5.54
H1 RER E . 6.56 7.96 2.05
H21C RER E . 5.34 9.92 2.70
H22C RER E . 4.70 9.42 1.15
HO1 RER E . 1.88 10.40 3.32
H31N RER E . 3.45 11.02 3.49
H32N RER E . 2.77 10.84 1.95
H3A1 RER E . 1.44 8.18 2.38
H3A2 RER E . 2.35 8.67 0.94
H3A3 RER E . 2.81 7.22 1.83
H4 RER E . 3.99 9.18 4.89
HO4 RER E . 1.97 9.09 5.26
H5 RER E . 3.68 6.51 3.48
H5A1 RER E . 4.80 5.51 5.47
H5A2 RER E . 4.78 7.09 6.26
H5A3 RER E . 3.26 6.26 5.93
C2 BGC F . 5.71 4.22 -4.05
C3 BGC F . 6.64 4.26 -5.26
C4 BGC F . 7.16 2.85 -5.58
C5 BGC F . 6.05 1.81 -5.56
C6 BGC F . 6.66 0.42 -5.67
C1 BGC F . 4.67 3.12 -4.19
O2 BGC F . 5.03 5.44 -3.96
O3 BGC F . 7.72 5.10 -4.97
O4 BGC F . 7.75 2.86 -6.86
O5 BGC F . 5.34 1.89 -4.35
O6 BGC F . 7.60 0.21 -4.65
H2 BGC F . 6.29 4.05 -3.15
H3 BGC F . 6.11 4.67 -6.11
H4 BGC F . 7.91 2.55 -4.86
H5 BGC F . 5.36 1.99 -6.39
H61 BGC F . 5.90 -0.35 -5.57
H62 BGC F . 7.16 0.28 -6.62
H1 BGC F . 4.02 3.32 -5.05
HO3 BGC F . 8.21 4.70 -4.27
HO4 BGC F . 7.11 3.23 -7.45
HO6 BGC F . 7.94 -0.66 -4.76
C1 RER F . 5.46 6.26 -2.90
C2 RER F . 5.52 7.70 -3.41
C3 RER F . 4.14 8.26 -3.75
N3 RER F . 4.24 9.70 -3.98
C3A RER F . 3.55 7.61 -5.00
C4 RER F . 3.20 8.01 -2.56
O4 RER F . 1.90 8.40 -2.90
C5 RER F . 3.23 6.53 -2.18
O5 RER F . 4.55 6.18 -1.83
C5A RER F . 2.32 6.24 -0.99
H1 RER F . 6.43 5.92 -2.54
H21C RER F . 5.98 8.32 -2.65
H22C RER F . 6.17 7.75 -4.29
HO1 RER F . 3.30 10.08 -4.19
H31N RER F . 4.88 9.87 -4.78
H32N RER F . 4.62 10.15 -3.12
H3A1 RER F . 3.37 6.55 -4.86
H3A2 RER F . 2.60 8.07 -5.27
H3A3 RER F . 4.22 7.73 -5.85
H4 RER F . 3.52 8.61 -1.72
HO4 RER F . 1.51 8.76 -2.12
H5 RER F . 2.92 5.91 -3.03
H5A1 RER F . 2.38 5.20 -0.72
H5A2 RER F . 2.62 6.83 -0.12
H5A3 RER F . 1.28 6.48 -1.23
C1 RER G . -3.76 4.58 -2.96
C2 RER G . -4.09 4.31 -4.43
C3 RER G . -5.58 4.12 -4.70
N3 RER G . -5.85 4.26 -6.13
C3A RER G . -6.04 2.73 -4.26
C4 RER G . -6.35 5.18 -3.94
O4 RER G . -7.74 5.00 -4.10
C5 RER G . -5.97 5.11 -2.47
O5 RER G . -4.63 5.53 -2.41
C5A RER G . -6.84 6.03 -1.60
H1 RER G . -2.75 4.94 -2.86
H21C RER G . -3.75 5.18 -5.00
H22C RER G . -3.51 3.46 -4.80
HO1 RER G . -5.54 5.20 -6.44
H31N RER G . -6.86 4.14 -6.31
H32N RER G . -5.31 3.53 -6.66
H3A1 RER G . -5.69 2.49 -3.25
H3A2 RER G . -5.65 1.96 -4.93
H3A3 RER G . -7.13 2.65 -4.27
H4 RER G . -6.09 6.18 -4.32
HO4 RER G . -8.01 5.55 -4.82
H5 RER G . -6.03 4.08 -2.13
H5A1 RER G . -6.53 5.95 -0.55
H5A2 RER G . -6.75 7.06 -1.90
H5A3 RER G . -7.89 5.74 -1.67
C1 RER H . 4.62 -3.93 3.14
C2 RER H . 4.36 -3.88 4.64
C3 RER H . 4.18 -5.26 5.28
N3 RER H . 4.38 -5.15 6.72
C3A RER H . 2.76 -5.79 5.03
C4 RER H . 5.21 -6.20 4.70
O4 RER H . 5.07 -7.49 5.23
C5 RER H . 5.10 -6.21 3.18
O5 RER H . 5.52 -4.95 2.76
C5A RER H . 6.01 -7.25 2.52
H1 RER H . 5.11 -3.00 2.85
H21C RER H . 3.46 -3.31 4.84
H22C RER H . 5.13 -3.28 5.10
HO1 RER H . 4.28 -6.10 7.15
H31N RER H . 3.69 -4.50 7.13
H32N RER H . 5.34 -4.80 6.91
H3A1 RER H . 2.67 -6.81 5.40
H3A2 RER H . 2.01 -5.19 5.55
H3A3 RER H . 2.51 -5.79 3.97
H4 RER H . 6.18 -5.80 4.99
HO4 RER H . 5.93 -7.85 5.30
H5 RER H . 4.06 -6.35 2.88
H5A1 RER H . 5.93 -7.20 1.43
H5A2 RER H . 5.72 -8.26 2.82
H5A3 RER H . 7.05 -7.10 2.79
N ALA A 1 -5.15 10.54 -5.04
CA ALA A 1 -5.16 10.05 -3.67
C ALA A 1 -4.05 9.02 -3.46
N FGA A 2 -3.72 8.86 -2.17
CA FGA A 2 -2.70 7.89 -1.87
C FGA A 2 -1.35 8.41 -2.36
O FGA A 2 -0.47 8.65 -1.53
CB FGA A 2 -2.65 7.63 -0.36
CG FGA A 2 -4.01 7.20 0.19
CD FGA A 2 -3.86 6.71 1.63
OE1 FGA A 2 -2.76 6.67 2.18
H FGA A 2 -4.15 9.38 -1.42
HA FGA A 2 -2.97 6.98 -2.41
HB2 FGA A 2 -1.91 6.86 -0.16
HB3 FGA A 2 -2.33 8.53 0.14
HG2 FGA A 2 -4.71 8.04 0.17
HG3 FGA A 2 -4.45 6.41 -0.41
N LYS A 3 -5.01 6.37 2.21
CA LYS A 3 -5.04 5.95 3.59
C LYS A 3 -4.19 4.69 3.79
N DAL A 4 -3.47 4.65 4.93
CA DAL A 4 -2.68 3.45 5.14
CB DAL A 4 -3.57 2.35 5.71
C DAL A 4 -1.51 3.73 6.08
O DAL A 4 -1.30 4.84 6.54
H DAL A 4 -3.49 5.39 5.59
HA DAL A 4 -2.27 3.13 4.17
HB1 DAL A 4 -4.42 2.14 5.06
HB2 DAL A 4 -3.02 1.42 5.86
HB3 DAL A 4 -3.98 2.65 6.68
N DAL A 5 -0.78 2.62 6.32
CA DAL A 5 0.37 2.70 7.20
CB DAL A 5 1.38 3.71 6.66
C DAL A 5 0.99 1.31 7.33
O DAL A 5 0.26 0.36 7.61
OXT DAL A 5 2.20 1.19 7.15
H DAL A 5 -1.04 1.75 5.91
HA DAL A 5 -0.01 3.02 8.16
HB1 DAL A 5 0.93 4.70 6.56
HB2 DAL A 5 2.24 3.80 7.32
HB3 DAL A 5 1.75 3.41 5.68
N ALA B 1 10.97 -2.87 1.31
CA ALA B 1 9.84 -2.98 2.22
C ALA B 1 8.56 -2.49 1.55
N FGA B 2 8.36 -3.06 0.36
CA FGA B 2 7.16 -2.65 -0.36
C FGA B 2 7.36 -1.19 -0.82
O FGA B 2 8.08 -0.46 -0.15
CB FGA B 2 6.90 -3.51 -1.58
CG FGA B 2 6.24 -4.85 -1.25
CD FGA B 2 5.50 -5.32 -2.49
OE1 FGA B 2 5.26 -4.55 -3.41
H FGA B 2 8.99 -3.76 0.02
HA FGA B 2 6.32 -2.72 0.32
HB2 FGA B 2 6.21 -2.96 -2.20
HB3 FGA B 2 7.82 -3.68 -2.16
HG2 FGA B 2 6.95 -5.60 -0.91
HG3 FGA B 2 5.52 -4.70 -0.46
N LYS B 3 5.18 -6.62 -2.49
CA LYS B 3 4.49 -7.07 -3.67
C LYS B 3 3.18 -6.30 -3.82
N DAL B 4 3.24 -5.36 -4.77
CA DAL B 4 2.07 -4.52 -5.00
CB DAL B 4 0.87 -5.36 -5.41
C DAL B 4 2.41 -3.49 -6.09
O DAL B 4 3.13 -3.76 -7.04
H DAL B 4 4.06 -5.32 -5.32
HA DAL B 4 1.87 -3.98 -4.08
HB1 DAL B 4 0.62 -6.09 -4.64
HB2 DAL B 4 -0.01 -4.74 -5.58
HB3 DAL B 4 1.07 -5.91 -6.33
N DAL B 5 1.84 -2.29 -5.86
CA DAL B 5 2.08 -1.22 -6.80
CB DAL B 5 3.30 -0.40 -6.39
C DAL B 5 0.83 -0.34 -6.89
O DAL B 5 -0.18 -0.81 -7.40
OXT DAL B 5 0.89 0.82 -6.46
H DAL B 5 1.24 -2.13 -5.09
HA DAL B 5 2.25 -1.71 -7.74
HB1 DAL B 5 4.19 -1.04 -6.31
HB2 DAL B 5 3.51 0.39 -7.11
HB3 DAL B 5 3.15 0.07 -5.41
N MLU C 1 1.52 1.61 12.30
CN MLU C 1 2.95 1.94 12.25
CA MLU C 1 1.13 0.95 11.06
C MLU C 1 1.93 -0.34 10.86
O MLU C 1 1.84 -1.28 11.64
CB MLU C 1 -0.36 0.58 11.07
CG MLU C 1 -1.25 1.78 11.37
CD1 MLU C 1 -1.17 2.84 10.27
CD2 MLU C 1 -2.71 1.31 11.55
H1 MLU C 1 1.35 0.98 13.10
H2 MLU C 1 0.98 2.48 12.41
HCN1 MLU C 1 3.23 2.44 13.18
HCN2 MLU C 1 3.52 1.02 12.13
HCN3 MLU C 1 3.13 2.60 11.40
HA MLU C 1 1.33 1.63 10.24
HB2 MLU C 1 -0.53 -0.20 11.80
HB3 MLU C 1 -0.63 0.16 10.09
HG MLU C 1 -0.92 2.22 12.31
HD11 MLU C 1 -0.14 3.17 10.14
HD12 MLU C 1 -1.52 2.44 9.32
HD13 MLU C 1 -1.78 3.70 10.52
HD21 MLU C 1 -2.78 0.57 12.35
HD22 MLU C 1 -3.36 2.15 11.80
HD23 MLU C 1 -3.08 0.85 10.64
N OMZ C 2 2.70 -0.33 9.75
CA OMZ C 2 3.50 -1.52 9.48
C OMZ C 2 2.78 -2.41 8.44
O OMZ C 2 2.88 -3.62 8.50
CB OMZ C 2 4.96 -1.17 9.14
OC OMZ C 2 5.59 -0.67 10.30
CG OMZ C 2 5.05 -0.13 8.07
CD1 OMZ C 2 5.33 -0.53 6.72
CD2 OMZ C 2 4.81 1.25 8.38
CE1 OMZ C 2 5.29 0.46 5.67
CL OMZ C 2 5.58 -0.03 4.04
CE2 OMZ C 2 4.76 2.24 7.33
CZ OMZ C 2 4.95 1.83 5.96
OH OMZ C 2 4.65 2.68 4.89
H OMZ C 2 2.73 0.46 9.15
HA OMZ C 2 3.49 -2.09 10.42
HB OMZ C 2 5.50 -2.06 8.84
HC OMZ C 2 5.62 -1.38 10.92
HD1 OMZ C 2 5.55 -1.56 6.48
HD2 OMZ C 2 4.63 1.56 9.40
HE2 OMZ C 2 4.54 3.28 7.56
N ASN C 3 2.03 -1.76 7.52
CA ASN C 3 1.32 -2.64 6.58
C ASN C 3 1.19 -2.07 5.15
N GHP C 4 0.73 -0.80 5.09
CA GHP C 4 0.59 -0.22 3.75
C GHP C 4 -0.88 0.16 3.49
O GHP C 4 -1.62 0.55 4.39
C1 GHP C 4 1.46 1.00 3.51
C2 GHP C 4 1.16 1.94 2.47
C3 GHP C 4 2.01 3.10 2.20
C4 GHP C 4 3.17 3.30 3.05
O4 GHP C 4 4.01 4.39 2.89
C5 GHP C 4 3.49 2.38 4.11
C6 GHP C 4 2.62 1.23 4.31
H GHP C 4 0.53 -0.28 5.91
HA GHP C 4 0.91 -1.00 3.05
HC2 GHP C 4 0.26 1.82 1.89
H6 GHP C 4 2.84 0.53 5.10
N GHP C 5 -1.23 0.02 2.21
CA GHP C 5 -2.55 0.40 1.77
C GHP C 5 -2.70 0.25 0.24
O GHP C 5 -2.21 -0.72 -0.31
C1 GHP C 5 -3.73 -0.25 2.43
C2 GHP C 5 -4.67 0.61 3.05
C3 GHP C 5 -5.91 0.14 3.57
C4 GHP C 5 -6.20 -1.25 3.50
O4 GHP C 5 -7.39 -1.73 4.01
C5 GHP C 5 -5.26 -2.17 2.88
C6 GHP C 5 -4.03 -1.66 2.35
H GHP C 5 -0.56 -0.34 1.54
HA GHP C 5 -2.55 1.45 2.05
HC2 GHP C 5 -4.45 1.66 3.12
HO4 GHP C 5 -7.89 -1.01 4.37
H5 GHP C 5 -5.49 -3.22 2.83
H6 GHP C 5 -3.33 -2.34 1.86
N OMY C 6 -3.41 1.19 -0.45
CA OMY C 6 -4.06 2.40 0.08
OCZ OMY C 6 1.80 4.04 1.16
CE2 OMY C 6 0.29 3.72 -0.80
CE1 OMY C 6 -0.59 4.46 1.40
CZ OMY C 6 0.52 4.11 0.57
CG OMY C 6 -2.19 3.88 -0.41
CD2 OMY C 6 -1.07 3.60 -1.29
CD1 OMY C 6 -1.93 4.35 0.92
CB OMY C 6 -3.62 3.58 -0.78
CL OMY C 6 -0.31 4.98 3.03
O OMY C 6 -6.27 1.76 -0.72
C OMY C 6 -5.58 2.18 0.20
ODE OMY C 6 -3.73 3.25 -2.13
H OMY C 6 -3.48 1.06 -1.44
HA OMY C 6 -3.70 2.56 1.09
HE2 OMY C 6 1.12 3.49 -1.45
HD2 OMY C 6 -1.27 3.30 -2.32
HD1 OMY C 6 -2.77 4.59 1.56
HB OMY C 6 -4.23 4.45 -0.55
N 3FG C 7 -6.02 2.50 1.45
OD1 3FG C 7 -6.34 0.05 6.27
CD1 3FG C 7 -6.97 1.05 5.59
CG1 3FG C 7 -6.83 1.14 4.17
CZ 3FG C 7 -7.78 2.00 6.30
CD2 3FG C 7 -8.46 3.05 5.59
OD2 3FG C 7 -9.22 3.97 6.28
CG2 3FG C 7 -8.31 3.15 4.17
CB 3FG C 7 -7.50 2.20 3.42
CA 3FG C 7 -7.37 2.34 1.90
C 3FG C 7 -8.15 3.54 1.31
O 3FG C 7 -9.33 3.37 0.97
OXT 3FG C 7 -7.56 4.61 1.18
H 3FG C 7 -5.35 2.85 2.10
HA 3FG C 7 -7.67 1.40 1.43
HD1 3FG C 7 -6.53 0.12 7.20
HZ 3FG C 7 -7.85 1.93 7.37
HD2 3FG C 7 -9.59 4.59 5.66
HG2 3FG C 7 -8.79 3.95 3.64
N MLU D 1 0.68 0.36 -12.11
CN MLU D 1 1.15 1.74 -12.01
CA MLU D 1 -0.07 -0.01 -10.90
C MLU D 1 -1.28 0.91 -10.71
O MLU D 1 -2.17 0.97 -11.54
CB MLU D 1 -0.58 -1.45 -10.97
CG MLU D 1 0.55 -2.47 -11.06
CD1 MLU D 1 1.48 -2.38 -9.85
CD2 MLU D 1 -0.03 -3.89 -11.18
H1 MLU D 1 0.06 0.27 -12.94
H2 MLU D 1 1.49 -0.28 -12.22
HCN1 MLU D 1 1.80 1.83 -11.14
HCN2 MLU D 1 1.70 1.99 -12.91
HCN3 MLU D 1 0.29 2.40 -11.89
HA MLU D 1 0.61 0.10 -10.05
HB2 MLU D 1 -1.24 -1.56 -11.82
HB3 MLU D 1 -1.17 -1.65 -10.08
HG MLU D 1 1.14 -2.26 -11.95
HD11 MLU D 1 2.30 -3.10 -9.93
HD12 MLU D 1 1.91 -1.38 -9.76
HD13 MLU D 1 0.93 -2.60 -8.93
HD21 MLU D 1 0.76 -4.62 -11.27
HD22 MLU D 1 -0.62 -4.14 -10.30
HD23 MLU D 1 -0.68 -3.97 -12.05
N OMZ D 2 -1.23 1.62 -9.56
CA OMZ D 2 -2.34 2.50 -9.27
C OMZ D 2 -3.19 1.91 -8.13
O OMZ D 2 -4.40 2.05 -8.12
CB OMZ D 2 -1.88 3.97 -9.06
OC OMZ D 2 -1.31 4.44 -10.24
CG OMZ D 2 -0.89 4.12 -7.95
CD1 OMZ D 2 -1.22 4.92 -6.79
CD2 OMZ D 2 0.39 3.45 -8.02
CE1 OMZ D 2 -0.29 4.99 -5.69
CL OMZ D 2 -0.71 5.91 -4.28
CE2 OMZ D 2 1.30 3.52 -6.91
CZ OMZ D 2 0.93 4.24 -5.71
OH OMZ D 2 1.70 4.10 -4.55
H OMZ D 2 -0.47 1.51 -8.92
HA OMZ D 2 -2.98 2.47 -10.15
HB OMZ D 2 -2.75 4.59 -8.84
HC OMZ D 2 -0.48 4.00 -10.35
HD1 OMZ D 2 -2.14 5.46 -6.74
HD2 OMZ D 2 0.65 2.88 -8.90
HE2 OMZ D 2 2.24 2.98 -6.94
N ASN D 3 -2.52 1.21 -7.18
CA ASN D 3 -3.35 0.59 -6.14
C ASN D 3 -2.69 0.54 -4.75
N GHP D 4 -1.48 -0.06 -4.73
CA GHP D 4 -0.82 -0.16 -3.44
C GHP D 4 -0.55 -1.65 -3.07
O GHP D 4 -0.51 -2.54 -3.91
C1 GHP D 4 0.46 0.65 -3.39
C2 GHP D 4 1.67 0.20 -2.74
C3 GHP D 4 2.85 1.05 -2.64
C4 GHP D 4 2.79 2.36 -3.24
O4 GHP D 4 3.88 3.19 -3.13
C5 GHP D 4 1.62 2.82 -3.94
C6 GHP D 4 0.46 1.94 -3.97
H GHP D 4 -1.06 -0.42 -5.56
HA GHP D 4 -1.50 0.29 -2.71
HC2 GHP D 4 1.70 -0.81 -2.34
H6 GHP D 4 -0.44 2.29 -4.45
N GHP D 5 -0.37 -1.79 -1.75
CA GHP D 5 -0.06 -3.08 -1.15
C GHP D 5 0.05 -2.94 0.38
O GHP D 5 -0.74 -2.21 0.96
C1 GHP D 5 -0.98 -4.22 -1.45
C2 GHP D 5 -0.36 -5.41 -1.95
C3 GHP D 5 -1.08 -6.62 -2.13
C4 GHP D 5 -2.48 -6.63 -1.82
O4 GHP D 5 -3.20 -7.80 -2.01
C5 GHP D 5 -3.14 -5.46 -1.32
C6 GHP D 5 -2.38 -4.24 -1.13
H GHP D 5 -0.45 -0.98 -1.16
HA GHP D 5 0.91 -3.28 -1.60
HC2 GHP D 5 0.69 -5.38 -2.18
HO4 GHP D 5 -4.11 -7.65 -1.76
H5 GHP D 5 -4.20 -5.48 -1.10
H6 GHP D 5 -2.86 -3.35 -0.74
N OMY D 6 1.02 -3.63 1.04
CA OMY D 6 2.01 -4.55 0.47
OCZ OMY D 6 4.07 0.75 -1.97
CE2 OMY D 6 4.10 -0.37 0.23
CE1 OMY D 6 4.05 -1.68 -1.88
CZ OMY D 6 4.11 -0.42 -1.22
CG OMY D 6 3.76 -2.85 0.30
CD2 OMY D 6 3.90 -1.58 0.98
CD1 OMY D 6 3.89 -2.89 -1.14
CB OMY D 6 3.38 -4.13 1.01
CL OMY D 6 4.13 -1.74 -3.61
O OMY D 6 1.24 -6.45 1.76
C OMY D 6 1.60 -6.01 0.68
ODE OMY D 6 3.30 -3.92 2.39
H OMY D 6 1.04 -3.51 2.03
HA OMY D 6 2.01 -4.42 -0.60
HE2 OMY D 6 4.26 0.59 0.71
HD2 OMY D 6 3.84 -1.53 2.06
HD1 OMY D 6 3.82 -3.84 -1.65
HB OMY D 6 4.09 -4.93 0.82
N 3FG D 7 1.66 -6.70 -0.48
OD1 3FG D 7 -1.86 -7.62 -4.54
CD1 3FG D 7 -0.81 -8.27 -3.92
CG1 3FG D 7 -0.36 -7.82 -2.64
CZ 3FG D 7 -0.19 -9.39 -4.56
CD2 3FG D 7 0.90 -10.07 -3.93
OD2 3FG D 7 1.51 -11.14 -4.55
CG2 3FG D 7 1.35 -9.62 -2.64
CB 3FG D 7 0.74 -8.49 -1.98
CA 3FG D 7 1.27 -8.08 -0.58
C 3FG D 7 2.48 -8.90 -0.09
O 3FG D 7 2.29 -9.85 0.67
OXT 3FG D 7 3.60 -8.55 -0.47
H 3FG D 7 2.00 -6.24 -1.30
HA 3FG D 7 0.44 -8.14 0.13
HD1 3FG D 7 -2.04 -8.04 -5.38
HZ 3FG D 7 -0.54 -9.70 -5.54
HD2 3FG D 7 1.09 -11.30 -5.39
HG2 3FG D 7 2.18 -10.13 -2.17
C2 BGC E . 5.63 5.61 1.71
C3 BGC E . 6.62 5.63 0.54
C4 BGC E . 7.23 4.24 0.37
C5 BGC E . 6.11 3.22 0.23
C6 BGC E . 6.60 1.79 0.09
C1 BGC E . 4.63 4.46 1.62
O2 BGC E . 4.93 6.84 1.75
O3 BGC E . 7.63 6.56 0.83
O4 BGC E . 8.00 4.21 -0.81
O5 BGC E . 5.31 3.25 1.39
O6 BGC E . 6.73 1.18 1.34
H2 BGC E . 6.19 5.51 2.64
H3 BGC E . 6.12 5.94 -0.38
H4 BGC E . 7.87 3.98 1.21
H5 BGC E . 5.51 3.50 -0.64
H61 BGC E . 5.91 1.20 -0.52
H62 BGC E . 7.56 1.72 -0.41
H1 BGC E . 3.89 4.63 0.84
HO3 BGC E . 7.39 7.37 0.41
HO4 BGC E . 8.90 4.37 -0.54
HO6 BGC E . 7.02 0.29 1.18
C1 RER E . 5.58 7.79 2.56
C2 RER E . 4.81 9.13 2.52
C3 RER E . 3.46 9.03 3.21
N3 RER E . 2.92 10.37 3.40
C3A RER E . 2.47 8.24 2.35
C4 RER E . 3.62 8.35 4.57
O4 RER E . 2.36 8.12 5.14
C5 RER E . 4.37 7.03 4.40
O5 RER E . 5.65 7.31 3.88
C5A RER E . 4.53 6.28 5.73
H1 RER E . 6.59 7.94 2.18
H21C RER E . 5.41 9.87 3.03
H22C RER E . 4.69 9.46 1.49
HO1 RER E . 1.99 10.31 3.87
H31N RER E . 3.57 10.93 3.99
H32N RER E . 2.81 10.83 2.48
H3A1 RER E . 2.81 7.21 2.20
H3A2 RER E . 1.49 8.19 2.81
H3A3 RER E . 2.35 8.70 1.37
H4 RER E . 4.18 9.01 5.24
HO4 RER E . 2.45 8.25 6.07
H5 RER E . 3.83 6.40 3.71
H5A1 RER E . 3.56 6.05 6.16
H5A2 RER E . 5.09 6.89 6.46
H5A3 RER E . 5.07 5.36 5.59
C2 BGC F . 5.54 4.48 -4.21
C3 BGC F . 6.44 4.60 -5.44
C4 BGC F . 7.02 3.24 -5.81
C5 BGC F . 5.95 2.15 -5.85
C6 BGC F . 6.60 0.79 -6.06
C1 BGC F . 4.56 3.33 -4.37
O2 BGC F . 4.82 5.67 -4.05
O3 BGC F . 7.48 5.49 -5.15
O4 BGC F . 7.63 3.31 -7.08
O5 BGC F . 5.26 2.14 -4.63
O6 BGC F . 7.55 0.54 -5.06
H2 BGC F . 6.16 4.30 -3.33
H3 BGC F . 5.86 5.00 -6.27
H4 BGC F . 7.77 2.92 -5.09
H5 BGC F . 5.23 2.37 -6.65
H61 BGC F . 5.85 0.01 -6.00
H62 BGC F . 7.08 0.74 -7.03
H1 BGC F . 3.86 3.54 -5.18
HO3 BGC F . 7.66 5.98 -5.95
HO4 BGC F . 7.00 3.71 -7.66
HO6 BGC F . 7.92 -0.32 -5.24
C1 RER F . 5.32 6.50 -3.04
C2 RER F . 5.25 7.95 -3.51
C3 RER F . 3.81 8.43 -3.67
N3 RER F . 3.81 9.87 -3.87
C3A RER F . 3.13 7.78 -4.87
C4 RER F . 3.04 8.10 -2.40
O4 RER F . 1.68 8.41 -2.58
C5 RER F . 3.19 6.62 -2.05
O5 RER F . 4.56 6.35 -1.86
C5A RER F . 2.44 6.27 -0.77
H1 RER F . 6.35 6.21 -2.81
H21C RER F . 5.76 8.59 -2.77
H22C RER F . 5.79 8.07 -4.44
HO1 RER F . 4.26 10.35 -3.06
H31N RER F . 4.33 10.10 -4.74
H32N RER F . 2.82 10.21 -3.97
H3A1 RER F . 3.71 7.93 -5.79
H3A2 RER F . 3.02 6.70 -4.74
H3A3 RER F . 2.14 8.19 -5.03
H4 RER F . 3.41 8.70 -1.57
HO4 RER F . 1.56 9.30 -2.25
H5 RER F . 2.82 6.00 -2.87
H5A1 RER F . 1.38 6.47 -0.86
H5A2 RER F . 2.82 6.85 0.08
H5A3 RER F . 2.57 5.21 -0.54
C1 RER G . -3.58 4.37 -2.98
C2 RER G . -3.81 3.90 -4.41
C3 RER G . -5.29 3.79 -4.79
N3 RER G . -5.43 3.76 -6.24
C3A RER G . -5.92 2.52 -4.20
C4 RER G . -5.98 5.02 -4.25
O4 RER G . -7.34 5.04 -4.61
C5 RER G . -5.81 5.07 -2.75
O5 RER G . -4.46 5.39 -2.55
C5A RER G . -6.68 6.15 -2.09
H1 RER G . -2.58 4.77 -2.90
H21C RER G . -3.33 2.95 -4.59
H22C RER G . -3.25 4.57 -5.05
HO1 RER G . -4.94 2.93 -6.62
H31N RER G . -5.01 4.63 -6.65
H32N RER G . -6.44 3.71 -6.49
H3A1 RER G . -7.01 2.58 -4.24
H3A2 RER G . -5.63 1.63 -4.75
H3A3 RER G . -5.64 2.37 -3.16
H4 RER G . -5.49 5.89 -4.68
HO4 RER G . -7.40 5.53 -5.41
H5 RER G . -6.01 4.09 -2.29
H5A1 RER G . -6.47 7.12 -2.51
H5A2 RER G . -7.73 5.93 -2.24
H5A3 RER G . -6.49 6.20 -1.02
C1 RER H . 4.55 -3.81 3.03
C2 RER H . 4.31 -3.78 4.53
C3 RER H . 4.04 -5.16 5.13
N3 RER H . 4.19 -5.11 6.58
C3A RER H . 2.63 -5.67 4.79
C4 RER H . 5.08 -6.11 4.57
O4 RER H . 4.92 -7.41 5.10
C5 RER H . 5.00 -6.13 3.05
O5 RER H . 5.41 -4.85 2.62
C5A RER H . 5.91 -7.17 2.41
H1 RER H . 5.06 -2.90 2.75
H21C RER H . 3.46 -3.15 4.77
H22C RER H . 5.14 -3.27 4.98
HO1 RER H . 3.49 -4.46 6.97
H31N RER H . 5.14 -4.78 6.82
H32N RER H . 4.04 -6.06 6.98
H3A1 RER H . 2.52 -6.72 5.05
H3A2 RER H . 2.42 -5.56 3.72
H3A3 RER H . 1.87 -5.13 5.33
H4 RER H . 6.06 -5.73 4.87
HO4 RER H . 5.79 -7.77 5.19
H5 RER H . 3.96 -6.28 2.74
H5A1 RER H . 5.84 -7.12 1.32
H5A2 RER H . 6.94 -7.01 2.69
H5A3 RER H . 5.63 -8.17 2.71
N ALA A 1 -5.04 10.94 -4.16
CA ALA A 1 -5.57 9.66 -3.70
C ALA A 1 -4.44 8.66 -3.44
N FGA A 2 -3.82 8.84 -2.25
CA FGA A 2 -2.75 7.92 -1.95
C FGA A 2 -1.43 8.48 -2.50
O FGA A 2 -0.56 8.80 -1.68
CB FGA A 2 -2.67 7.68 -0.46
CG FGA A 2 -4.02 7.25 0.14
CD FGA A 2 -3.83 6.78 1.58
OE1 FGA A 2 -2.73 6.73 2.11
H FGA A 2 -4.07 9.55 -1.60
HA FGA A 2 -3.00 6.99 -2.47
HB2 FGA A 2 -1.92 6.92 -0.26
HB3 FGA A 2 -2.35 8.60 0.03
HG2 FGA A 2 -4.72 8.09 0.12
HG3 FGA A 2 -4.46 6.45 -0.45
N LYS A 3 -4.99 6.46 2.17
CA LYS A 3 -4.99 6.05 3.56
C LYS A 3 -4.16 4.78 3.77
N DAL A 4 -3.40 4.74 4.87
CA DAL A 4 -2.63 3.52 5.07
CB DAL A 4 -3.54 2.44 5.67
C DAL A 4 -1.44 3.79 6.00
O DAL A 4 -1.20 4.89 6.46
H DAL A 4 -3.38 5.50 5.53
HA DAL A 4 -2.25 3.20 4.10
HB1 DAL A 4 -4.38 2.23 5.01
HB2 DAL A 4 -3.00 1.50 5.81
HB3 DAL A 4 -3.93 2.74 6.63
N DAL A 5 -0.73 2.67 6.22
CA DAL A 5 0.45 2.71 7.07
CB DAL A 5 1.46 3.72 6.53
C DAL A 5 1.05 1.31 7.16
O DAL A 5 2.27 1.18 6.96
OXT DAL A 5 0.31 0.37 7.42
H DAL A 5 -1.01 1.80 5.81
HA DAL A 5 0.10 3.01 8.05
HB1 DAL A 5 1.03 4.71 6.47
HB2 DAL A 5 2.34 3.77 7.17
HB3 DAL A 5 1.79 3.43 5.53
N ALA B 1 11.45 -4.48 -1.90
CA ALA B 1 10.90 -3.96 -0.65
C ALA B 1 9.65 -4.74 -0.23
N FGA B 2 9.08 -4.14 0.82
CA FGA B 2 7.86 -4.62 1.40
C FGA B 2 7.63 -3.85 2.71
O FGA B 2 7.54 -4.48 3.76
CB FGA B 2 6.75 -4.41 0.39
CG FGA B 2 6.37 -5.67 -0.39
CD FGA B 2 5.83 -5.43 -1.80
OE1 FGA B 2 5.92 -4.36 -2.37
H FGA B 2 9.51 -3.32 1.19
HA FGA B 2 7.96 -5.69 1.62
HB2 FGA B 2 5.93 -4.06 0.98
HB3 FGA B 2 7.03 -3.60 -0.28
HG2 FGA B 2 7.21 -6.32 -0.51
HG3 FGA B 2 5.64 -6.25 0.16
N LYS B 3 5.26 -6.55 -2.27
CA LYS B 3 4.57 -6.60 -3.54
C LYS B 3 3.38 -5.63 -3.57
N DAL B 4 3.04 -5.24 -4.81
CA DAL B 4 1.91 -4.34 -4.93
CB DAL B 4 0.64 -5.15 -5.17
C DAL B 4 2.17 -3.35 -6.08
O DAL B 4 2.62 -3.72 -7.16
H DAL B 4 3.54 -5.57 -5.62
HA DAL B 4 1.84 -3.78 -3.99
HB1 DAL B 4 0.46 -5.84 -4.35
HB2 DAL B 4 -0.23 -4.49 -5.26
HB3 DAL B 4 0.71 -5.72 -6.10
N DAL B 5 1.85 -2.09 -5.77
CA DAL B 5 2.04 -1.04 -6.74
CB DAL B 5 3.15 -0.08 -6.30
C DAL B 5 0.72 -0.28 -6.94
O DAL B 5 0.59 0.83 -6.44
OXT DAL B 5 -0.17 -0.83 -7.61
H DAL B 5 1.47 -1.84 -4.88
HA DAL B 5 2.31 -1.55 -7.64
HB1 DAL B 5 4.08 -0.62 -6.14
HB2 DAL B 5 3.31 0.69 -7.04
HB3 DAL B 5 2.88 0.41 -5.35
N MLU C 1 1.66 1.55 12.30
CN MLU C 1 3.09 1.86 12.28
CA MLU C 1 1.27 0.92 11.04
C MLU C 1 2.05 -0.36 10.80
O MLU C 1 1.94 -1.33 11.55
CB MLU C 1 -0.23 0.59 11.01
CG MLU C 1 -1.11 1.80 11.30
CD1 MLU C 1 -1.01 2.84 10.19
CD2 MLU C 1 -2.56 1.35 11.49
H1 MLU C 1 1.46 0.89 13.08
H2 MLU C 1 1.13 2.43 12.44
HCN1 MLU C 1 3.30 2.54 11.46
HCN2 MLU C 1 3.36 2.31 13.23
HCN3 MLU C 1 3.65 0.93 12.15
HA MLU C 1 1.50 1.63 10.24
HB2 MLU C 1 -0.42 -0.19 11.75
HB3 MLU C 1 -0.48 0.17 10.04
HG MLU C 1 -0.76 2.24 12.23
HD11 MLU C 1 -1.60 3.73 10.43
HD12 MLU C 1 0.02 3.15 10.03
HD13 MLU C 1 -1.38 2.44 9.25
HD21 MLU C 1 -3.20 2.21 11.73
HD22 MLU C 1 -2.95 0.89 10.58
HD23 MLU C 1 -2.65 0.63 12.30
N OMZ C 2 2.85 -0.32 9.72
CA OMZ C 2 3.62 -1.53 9.41
C OMZ C 2 2.87 -2.37 8.36
O OMZ C 2 2.82 -3.59 8.49
CB OMZ C 2 5.07 -1.17 9.04
OC OMZ C 2 5.73 -0.66 10.17
CG OMZ C 2 5.13 -0.15 7.95
CD1 OMZ C 2 5.37 -0.57 6.59
CD2 OMZ C 2 4.89 1.24 8.25
CE1 OMZ C 2 5.29 0.41 5.54
CL OMZ C 2 5.53 -0.10 3.90
CE2 OMZ C 2 4.83 2.20 7.18
CZ OMZ C 2 4.97 1.77 5.82
OH OMZ C 2 4.67 2.62 4.75
H OMZ C 2 2.89 0.48 9.14
HA OMZ C 2 3.63 -2.10 10.34
HB OMZ C 2 5.61 -2.07 8.72
HC OMZ C 2 6.63 -0.49 9.91
HD1 OMZ C 2 5.58 -1.60 6.37
HD2 OMZ C 2 4.74 1.56 9.27
HE2 OMZ C 2 4.62 3.24 7.40
N ASN C 3 2.28 -1.70 7.35
CA ASN C 3 1.54 -2.56 6.41
C ASN C 3 1.45 -1.96 4.99
N GHP C 4 0.71 -0.84 4.92
CA GHP C 4 0.55 -0.22 3.61
C GHP C 4 -0.92 0.19 3.40
O GHP C 4 -1.61 0.64 4.30
C1 GHP C 4 1.45 0.98 3.39
C2 GHP C 4 1.15 1.97 2.38
C3 GHP C 4 1.99 3.12 2.13
C4 GHP C 4 3.16 3.29 2.97
O4 GHP C 4 3.97 4.41 2.85
C5 GHP C 4 3.50 2.34 3.99
C6 GHP C 4 2.62 1.19 4.17
H GHP C 4 0.33 -0.42 5.75
HA GHP C 4 0.81 -0.99 2.89
HC2 GHP C 4 0.22 1.85 1.81
H6 GHP C 4 2.86 0.45 4.93
N GHP C 5 -1.29 0.01 2.12
CA GHP C 5 -2.62 0.42 1.71
C GHP C 5 -2.80 0.28 0.19
O GHP C 5 -2.31 -0.70 -0.37
C1 GHP C 5 -3.80 -0.21 2.38
C2 GHP C 5 -4.72 0.68 3.02
C3 GHP C 5 -5.95 0.23 3.55
C4 GHP C 5 -6.28 -1.15 3.48
O4 GHP C 5 -7.47 -1.61 4.01
C5 GHP C 5 -5.37 -2.09 2.87
C6 GHP C 5 -4.13 -1.61 2.31
H GHP C 5 -0.66 -0.37 1.46
HA GHP C 5 -2.59 1.47 1.99
HC2 GHP C 5 -4.47 1.72 3.08
HO4 GHP C 5 -7.54 -2.54 3.88
H5 GHP C 5 -5.62 -3.14 2.81
H6 GHP C 5 -3.45 -2.30 1.82
N OMY C 6 -3.49 1.24 -0.49
CA OMY C 6 -4.11 2.44 0.06
OCZ OMY C 6 1.75 4.10 1.12
CE2 OMY C 6 0.25 3.75 -0.83
CE1 OMY C 6 -0.64 4.51 1.37
CZ OMY C 6 0.48 4.16 0.54
CG OMY C 6 -2.23 3.91 -0.44
CD2 OMY C 6 -1.11 3.63 -1.32
CD1 OMY C 6 -1.98 4.38 0.89
CB OMY C 6 -3.65 3.62 -0.80
CL OMY C 6 -0.35 5.04 2.99
O OMY C 6 -6.34 1.83 -0.72
C OMY C 6 -5.63 2.24 0.19
ODE OMY C 6 -3.76 3.27 -2.16
H OMY C 6 -3.58 1.10 -1.47
HA OMY C 6 -3.75 2.60 1.06
HE2 OMY C 6 1.08 3.52 -1.47
HD2 OMY C 6 -1.30 3.32 -2.34
HD1 OMY C 6 -2.82 4.62 1.52
HB OMY C 6 -4.27 4.49 -0.60
N 3FG C 7 -6.06 2.58 1.43
OD1 3FG C 7 -6.34 0.16 6.27
CD1 3FG C 7 -6.98 1.17 5.59
CG1 3FG C 7 -6.84 1.25 4.17
CZ 3FG C 7 -7.75 2.14 6.31
CD2 3FG C 7 -8.41 3.20 5.60
OD2 3FG C 7 -9.16 4.13 6.30
CG2 3FG C 7 -8.29 3.29 4.18
CB 3FG C 7 -7.51 2.32 3.43
CA 3FG C 7 -7.40 2.45 1.90
C 3FG C 7 -8.17 3.66 1.32
O 3FG C 7 -9.34 3.51 0.98
OXT 3FG C 7 -7.57 4.73 1.20
H 3FG C 7 -5.37 2.93 2.08
HA 3FG C 7 -7.74 1.52 1.44
HD1 3FG C 7 -6.52 0.24 7.20
HZ 3FG C 7 -7.80 2.07 7.38
HD2 3FG C 7 -9.52 4.76 5.69
HG2 3FG C 7 -8.78 4.09 3.66
N MLU D 1 0.87 0.27 -12.03
CN MLU D 1 1.33 1.65 -11.95
CA MLU D 1 0.10 -0.07 -10.84
C MLU D 1 -1.11 0.84 -10.69
O MLU D 1 -1.96 0.92 -11.56
CB MLU D 1 -0.40 -1.52 -10.87
CG MLU D 1 0.72 -2.54 -10.93
CD1 MLU D 1 1.64 -2.42 -9.72
CD2 MLU D 1 0.16 -3.95 -11.04
H1 MLU D 1 0.26 0.15 -12.87
H2 MLU D 1 1.69 -0.36 -12.10
HCN1 MLU D 1 1.96 1.77 -11.08
HCN2 MLU D 1 1.89 1.89 -12.85
HCN3 MLU D 1 0.47 2.31 -11.88
HA MLU D 1 0.75 0.07 -9.98
HB2 MLU D 1 -1.06 -1.65 -11.73
HB3 MLU D 1 -1.01 -1.70 -9.98
HG MLU D 1 1.32 -2.33 -11.82
HD11 MLU D 1 2.46 -3.13 -9.77
HD12 MLU D 1 2.06 -1.42 -9.65
HD13 MLU D 1 1.09 -2.62 -8.79
HD21 MLU D 1 -0.45 -4.19 -10.16
HD22 MLU D 1 -0.48 -4.05 -11.92
HD23 MLU D 1 0.95 -4.69 -11.11
N OMZ D 2 -1.13 1.52 -9.53
CA OMZ D 2 -2.26 2.41 -9.26
C OMZ D 2 -3.12 1.85 -8.11
O OMZ D 2 -4.33 2.03 -8.11
CB OMZ D 2 -1.80 3.87 -9.08
OC OMZ D 2 -1.19 4.32 -10.27
CG OMZ D 2 -0.84 4.06 -7.95
CD1 OMZ D 2 -1.21 4.86 -6.81
CD2 OMZ D 2 0.44 3.39 -7.96
CE1 OMZ D 2 -0.32 4.96 -5.69
CL OMZ D 2 -0.78 5.90 -4.32
CE2 OMZ D 2 1.32 3.48 -6.83
CZ OMZ D 2 0.91 4.23 -5.67
OH OMZ D 2 1.64 4.11 -4.49
H OMZ D 2 -0.40 1.42 -8.85
HA OMZ D 2 -2.88 2.36 -10.16
HB OMZ D 2 -2.67 4.51 -8.92
HC OMZ D 2 -0.97 5.24 -10.14
HD1 OMZ D 2 -2.15 5.40 -6.79
HD2 OMZ D 2 0.72 2.81 -8.83
HE2 OMZ D 2 2.26 2.96 -6.83
N ASN D 3 -2.46 1.16 -7.15
CA ASN D 3 -3.33 0.60 -6.11
C ASN D 3 -2.67 0.52 -4.72
N GHP D 4 -1.46 -0.09 -4.68
CA GHP D 4 -0.80 -0.19 -3.37
C GHP D 4 -0.49 -1.67 -3.03
O GHP D 4 -0.37 -2.53 -3.88
C1 GHP D 4 0.44 0.67 -3.28
C2 GHP D 4 1.62 0.27 -2.56
C3 GHP D 4 2.78 1.15 -2.43
C4 GHP D 4 2.73 2.42 -3.08
O4 GHP D 4 3.80 3.28 -2.97
C5 GHP D 4 1.58 2.84 -3.85
C6 GHP D 4 0.44 1.94 -3.91
H GHP D 4 -1.04 -0.45 -5.51
HA GHP D 4 -1.52 0.23 -2.66
HC2 GHP D 4 1.67 -0.71 -2.11
H6 GHP D 4 -0.45 2.25 -4.45
N GHP D 5 -0.36 -1.85 -1.70
CA GHP D 5 0.00 -3.13 -1.13
C GHP D 5 0.18 -3.00 0.40
O GHP D 5 -0.59 -2.27 1.01
C1 GHP D 5 -0.92 -4.28 -1.39
C2 GHP D 5 -0.35 -5.44 -1.98
C3 GHP D 5 -1.07 -6.65 -2.12
C4 GHP D 5 -2.44 -6.70 -1.70
O4 GHP D 5 -3.16 -7.87 -1.85
C5 GHP D 5 -3.06 -5.54 -1.10
C6 GHP D 5 -2.30 -4.32 -0.94
H GHP D 5 -0.49 -1.06 -1.09
HA GHP D 5 0.97 -3.35 -1.57
HC2 GHP D 5 0.68 -5.40 -2.31
HO4 GHP D 5 -4.04 -7.73 -1.52
H5 GHP D 5 -4.09 -5.57 -0.79
H6 GHP D 5 -2.74 -3.45 -0.48
N OMY D 6 1.17 -3.70 1.01
CA OMY D 6 2.16 -4.61 0.42
OCZ OMY D 6 3.96 0.89 -1.69
CE2 OMY D 6 4.03 -0.36 0.44
CE1 OMY D 6 4.10 -1.54 -1.74
CZ OMY D 6 4.07 -0.32 -0.99
CG OMY D 6 3.85 -2.85 0.35
CD2 OMY D 6 3.91 -1.64 1.12
CD1 OMY D 6 4.00 -2.81 -1.08
CB OMY D 6 3.53 -4.19 0.97
CL OMY D 6 4.22 -1.48 -3.46
O OMY D 6 1.48 -6.55 1.73
C OMY D 6 1.75 -6.08 0.63
ODE OMY D 6 3.48 -4.13 2.37
H OMY D 6 1.22 -3.54 2.00
HA OMY D 6 2.21 -4.48 -0.65
HE2 OMY D 6 4.08 0.57 0.98
HD2 OMY D 6 3.82 -1.67 2.19
HD1 OMY D 6 4.00 -3.72 -1.64
HB OMY D 6 4.24 -4.95 0.66
N 3FG D 7 1.70 -6.75 -0.55
OD1 3FG D 7 -1.91 -7.58 -4.57
CD1 3FG D 7 -0.82 -8.21 -4.01
CG1 3FG D 7 -0.37 -7.81 -2.72
CZ 3FG D 7 -0.17 -9.26 -4.73
CD2 3FG D 7 0.96 -9.93 -4.16
OD2 3FG D 7 1.61 -10.93 -4.86
CG2 3FG D 7 1.43 -9.54 -2.85
CB 3FG D 7 0.78 -8.48 -2.11
CA 3FG D 7 1.28 -8.13 -0.70
C 3FG D 7 2.45 -8.99 -0.21
O 3FG D 7 2.21 -9.96 0.51
OXT 3FG D 7 3.59 -8.68 -0.57
H 3FG D 7 1.96 -6.25 -1.38
HA 3FG D 7 0.45 -8.20 -0.01
HD1 3FG D 7 -2.23 -6.91 -3.98
HZ 3FG D 7 -0.52 -9.53 -5.71
HD2 3FG D 7 1.18 -11.07 -5.69
HG2 3FG D 7 2.30 -10.02 -2.43
C2 BGC E . 5.51 5.74 1.61
C3 BGC E . 6.35 5.83 0.33
C4 BGC E . 7.01 4.49 0.03
C5 BGC E . 5.99 3.35 0.13
C6 BGC E . 6.63 1.98 -0.04
C1 BGC E . 4.59 4.52 1.60
O2 BGC E . 4.73 6.91 1.75
O3 BGC E . 7.33 6.81 0.52
O4 BGC E . 7.52 4.51 -1.29
O5 BGC E . 5.39 3.37 1.40
O6 BGC E . 7.86 1.90 0.63
H2 BGC E . 6.17 5.66 2.47
H3 BGC E . 5.72 6.12 -0.50
H4 BGC E . 7.84 4.31 0.71
H5 BGC E . 5.22 3.48 -0.62
H61 BGC E . 5.97 1.22 0.37
H62 BGC E . 6.79 1.73 -1.09
H1 BGC E . 3.85 4.59 0.80
HO3 BGC E . 6.99 7.62 0.15
HO4 BGC E . 8.33 4.02 -1.27
HO6 BGC E . 8.19 1.02 0.51
C1 RER E . 5.36 7.86 2.56
C2 RER E . 4.56 9.17 2.58
C3 RER E . 3.22 9.02 3.30
N3 RER E . 2.66 10.35 3.55
C3A RER E . 2.24 8.23 2.43
C4 RER E . 3.43 8.31 4.63
O4 RER E . 2.19 8.03 5.22
C5 RER E . 4.21 7.02 4.41
O5 RER E . 5.46 7.36 3.87
C5A RER E . 4.41 6.22 5.70
H1 RER E . 6.36 8.06 2.17
H21C RER E . 5.15 9.93 3.10
H22C RER E . 4.41 9.54 1.56
HO1 RER E . 2.51 10.84 2.64
H31N RER E . 3.32 10.89 4.14
H32N RER E . 1.75 10.25 4.03
H3A1 RER E . 2.07 8.74 1.48
H3A2 RER E . 2.62 7.24 2.22
H3A3 RER E . 1.28 8.13 2.92
H4 RER E . 3.98 8.95 5.31
HO4 RER E . 2.30 8.13 6.15
H5 RER E . 3.67 6.40 3.68
H5A1 RER E . 4.95 6.82 6.44
H5A2 RER E . 3.45 5.95 6.14
H5A3 RER E . 4.97 5.31 5.52
C2 BGC F . 5.34 4.70 -4.06
C3 BGC F . 6.20 4.90 -5.31
C4 BGC F . 6.88 3.59 -5.71
C5 BGC F . 5.87 2.44 -5.74
C6 BGC F . 6.60 1.13 -6.00
C1 BGC F . 4.44 3.49 -4.21
O2 BGC F . 4.53 5.83 -3.87
O3 BGC F . 7.18 5.88 -5.03
O4 BGC F . 7.44 3.73 -6.98
O5 BGC F . 5.22 2.36 -4.50
O6 BGC F . 7.61 0.93 -5.03
H2 BGC F . 5.98 4.55 -3.19
H3 BGC F . 5.59 5.27 -6.12
H4 BGC F . 7.66 3.31 -5.01
H5 BGC F . 5.13 2.61 -6.52
H61 BGC F . 5.91 0.30 -5.95
H62 BGC F . 7.08 1.13 -6.98
H1 BGC F . 3.73 3.67 -5.02
HO3 BGC F . 7.31 6.37 -5.83
HO4 BGC F . 8.26 3.26 -6.97
HO6 BGC F . 8.01 0.09 -5.24
C1 RER F . 4.98 6.73 -2.90
C2 RER F . 5.05 8.13 -3.52
C3 RER F . 3.65 8.66 -3.90
N3 RER F . 3.76 10.07 -4.25
C3A RER F . 3.08 7.91 -5.10
C4 RER F . 2.73 8.50 -2.70
O4 RER F . 1.42 8.86 -3.06
C5 RER F . 2.76 7.07 -2.18
O5 RER F . 4.09 6.76 -1.82
C5A RER F . 1.88 6.91 -0.94
H1 RER F . 5.96 6.42 -2.54
H21C RER F . 5.50 8.82 -2.80
H22C RER F . 5.69 8.13 -4.40
HO1 RER F . 4.14 10.60 -3.43
H31N RER F . 2.82 10.44 -4.48
H32N RER F . 4.40 10.18 -5.06
H3A1 RER F . 3.76 7.94 -5.94
H3A2 RER F . 2.87 6.87 -4.86
H3A3 RER F . 2.14 8.37 -5.42
H4 RER F . 3.04 9.19 -1.90
HO4 RER F . 1.31 9.77 -2.84
H5 RER F . 2.44 6.38 -2.95
H5A1 RER F . 1.95 5.90 -0.55
H5A2 RER F . 2.18 7.60 -0.15
H5A3 RER F . 0.83 7.11 -1.17
C1 RER G . -3.61 4.36 -3.02
C2 RER G . -3.84 3.86 -4.45
C3 RER G . -5.31 3.77 -4.83
N3 RER G . -5.46 3.72 -6.28
C3A RER G . -5.96 2.51 -4.23
C4 RER G . -6.00 5.01 -4.31
O4 RER G . -7.36 5.03 -4.68
C5 RER G . -5.83 5.11 -2.81
O5 RER G . -4.47 5.40 -2.62
C5A RER G . -6.67 6.22 -2.19
H1 RER G . -2.60 4.76 -2.96
H21C RER G . -3.37 2.91 -4.61
H22C RER G . -3.26 4.51 -5.10
HO1 RER G . -5.03 4.57 -6.69
H31N RER G . -4.97 2.87 -6.64
H32N RER G . -6.46 3.67 -6.53
H3A1 RER G . -5.72 2.40 -3.17
H3A2 RER G . -5.60 1.60 -4.72
H3A3 RER G . -7.04 2.53 -4.33
H4 RER G . -5.50 5.86 -4.76
HO4 RER G . -7.41 5.52 -5.50
H5 RER G . -6.05 4.15 -2.33
H5A1 RER G . -6.50 6.29 -1.12
H5A2 RER G . -6.42 7.19 -2.63
H5A3 RER G . -7.73 6.04 -2.35
C1 RER H . 4.74 -4.09 3.01
C2 RER H . 4.50 -4.00 4.51
C3 RER H . 3.84 -5.26 5.08
N3 RER H . 3.89 -5.20 6.54
C3A RER H . 2.39 -5.45 4.66
C4 RER H . 4.65 -6.47 4.62
O4 RER H . 4.02 -7.65 5.03
C5 RER H . 4.80 -6.46 3.10
O5 RER H . 5.46 -5.27 2.73
C5A RER H . 5.61 -7.66 2.62
H1 RER H . 5.32 -3.23 2.65
H21C RER H . 5.45 -3.83 5.02
H22C RER H . 3.88 -3.12 4.75
HO1 RER H . 4.89 -5.11 6.85
H31N RER H . 3.35 -4.38 6.87
H32N RER H . 3.49 -6.07 6.94
H3A1 RER H . 1.91 -6.21 5.27
H3A2 RER H . 2.29 -5.77 3.63
H3A3 RER H . 1.81 -4.54 4.76
H4 RER H . 5.64 -6.45 5.08
HO4 RER H . 4.41 -7.90 5.86
H5 RER H . 3.82 -6.46 2.62
H5A1 RER H . 6.61 -7.66 3.05
H5A2 RER H . 5.13 -8.60 2.92
H5A3 RER H . 5.71 -7.68 1.54
N ALA A 1 -5.23 11.06 -4.26
CA ALA A 1 -5.64 9.90 -3.48
C ALA A 1 -4.49 8.92 -3.29
N FGA A 2 -3.89 9.01 -2.09
CA FGA A 2 -2.79 8.09 -1.85
C FGA A 2 -1.49 8.70 -2.37
O FGA A 2 -0.54 8.81 -1.60
CB FGA A 2 -2.69 7.78 -0.36
CG FGA A 2 -4.02 7.27 0.20
CD FGA A 2 -3.84 6.77 1.64
OE1 FGA A 2 -2.74 6.76 2.19
H FGA A 2 -4.18 9.65 -1.38
HA FGA A 2 -3.04 7.19 -2.42
HB2 FGA A 2 -1.92 7.03 -0.20
HB3 FGA A 2 -2.39 8.69 0.17
HG2 FGA A 2 -4.76 8.07 0.20
HG3 FGA A 2 -4.41 6.46 -0.40
N LYS A 3 -5.00 6.40 2.20
CA LYS A 3 -5.01 5.95 3.57
C LYS A 3 -4.14 4.69 3.75
N DAL A 4 -3.40 4.67 4.87
CA DAL A 4 -2.59 3.48 5.08
CB DAL A 4 -3.49 2.36 5.62
C DAL A 4 -1.45 3.78 6.05
O DAL A 4 -1.29 4.89 6.54
H DAL A 4 -3.41 5.42 5.53
HA DAL A 4 -2.16 3.18 4.11
HB1 DAL A 4 -4.31 2.15 4.94
HB2 DAL A 4 -2.91 1.45 5.78
HB3 DAL A 4 -3.92 2.66 6.58
N DAL A 5 -0.69 2.70 6.28
CA DAL A 5 0.43 2.81 7.18
CB DAL A 5 1.49 3.76 6.62
C DAL A 5 1.02 1.41 7.43
O DAL A 5 0.35 0.59 8.05
OXT DAL A 5 2.16 1.17 7.00
H DAL A 5 -0.91 1.83 5.85
HA DAL A 5 0.02 3.19 8.11
HB1 DAL A 5 1.06 4.75 6.44
HB2 DAL A 5 2.32 3.87 7.32
HB3 DAL A 5 1.87 3.39 5.67
N ALA B 1 11.26 -3.85 -2.11
CA ALA B 1 10.72 -3.43 -0.81
C ALA B 1 9.61 -4.34 -0.35
N FGA B 2 9.03 -3.84 0.76
CA FGA B 2 7.91 -4.46 1.40
C FGA B 2 7.68 -3.77 2.73
O FGA B 2 7.82 -4.42 3.77
CB FGA B 2 6.73 -4.34 0.46
CG FGA B 2 6.43 -5.61 -0.35
CD FGA B 2 5.93 -5.39 -1.77
OE1 FGA B 2 6.04 -4.32 -2.37
H FGA B 2 9.39 -3.00 1.15
HA FGA B 2 8.12 -5.52 1.56
HB2 FGA B 2 5.91 -4.09 1.11
HB3 FGA B 2 6.88 -3.49 -0.21
HG2 FGA B 2 7.31 -6.23 -0.44
HG3 FGA B 2 5.71 -6.24 0.18
N LYS B 3 5.38 -6.51 -2.25
CA LYS B 3 4.71 -6.58 -3.52
C LYS B 3 3.51 -5.63 -3.57
N DAL B 4 3.20 -5.21 -4.82
CA DAL B 4 2.07 -4.31 -4.97
CB DAL B 4 0.83 -5.10 -5.42
C DAL B 4 2.43 -3.23 -5.99
O DAL B 4 3.47 -3.26 -6.64
H DAL B 4 3.73 -5.52 -5.62
HA DAL B 4 1.89 -3.84 -4.00
HB1 DAL B 4 0.58 -5.87 -4.70
HB2 DAL B 4 -0.03 -4.43 -5.53
HB3 DAL B 4 1.01 -5.58 -6.38
N DAL B 5 1.51 -2.25 -6.05
CA DAL B 5 1.74 -1.15 -6.97
CB DAL B 5 2.90 -0.28 -6.50
C DAL B 5 0.45 -0.33 -7.12
O DAL B 5 0.35 0.72 -6.48
OXT DAL B 5 -0.43 -0.74 -7.87
H DAL B 5 0.66 -2.28 -5.53
HA DAL B 5 1.98 -1.62 -7.93
HB1 DAL B 5 3.81 -0.87 -6.39
HB2 DAL B 5 3.10 0.52 -7.20
HB3 DAL B 5 2.67 0.17 -5.53
N MLU C 1 1.41 1.88 12.19
CN MLU C 1 2.83 2.20 12.13
CA MLU C 1 1.01 1.18 10.98
C MLU C 1 1.79 -0.12 10.81
O MLU C 1 1.69 -1.03 11.63
CB MLU C 1 -0.48 0.82 11.00
CG MLU C 1 -1.37 2.03 11.27
CD1 MLU C 1 -1.24 3.08 10.17
CD2 MLU C 1 -2.83 1.58 11.42
H1 MLU C 1 1.22 1.27 13.01
H2 MLU C 1 0.87 2.76 12.28
HCN1 MLU C 1 3.02 2.83 11.27
HCN2 MLU C 1 3.40 1.27 12.05
HCN3 MLU C 1 3.12 2.72 13.05
HA MLU C 1 1.21 1.83 10.13
HB2 MLU C 1 -0.66 0.06 11.76
HB3 MLU C 1 -0.76 0.37 10.05
HG MLU C 1 -1.06 2.48 12.21
HD11 MLU C 1 -1.56 2.67 9.21
HD12 MLU C 1 -1.86 3.95 10.39
HD13 MLU C 1 -0.21 3.42 10.08
HD21 MLU C 1 -2.94 0.85 12.21
HD22 MLU C 1 -3.48 2.43 11.64
HD23 MLU C 1 -3.19 1.12 10.49
N OMZ C 2 2.57 -0.16 9.71
CA OMZ C 2 3.35 -1.37 9.48
C OMZ C 2 2.62 -2.28 8.47
O OMZ C 2 2.59 -3.49 8.66
CB OMZ C 2 4.81 -1.05 9.15
OC OMZ C 2 5.45 -0.55 10.30
CG OMZ C 2 4.93 -0.03 8.06
CD1 OMZ C 2 5.28 -0.45 6.72
CD2 OMZ C 2 4.67 1.36 8.33
CE1 OMZ C 2 5.26 0.51 5.65
CL OMZ C 2 5.63 0.01 4.05
CE2 OMZ C 2 4.66 2.32 7.25
CZ OMZ C 2 4.91 1.89 5.91
OH OMZ C 2 4.64 2.71 4.81
H OMZ C 2 2.60 0.62 9.08
HA OMZ C 2 3.32 -1.91 10.43
HB OMZ C 2 5.34 -1.95 8.85
HC OMZ C 2 5.46 -1.25 10.93
HD1 OMZ C 2 5.52 -1.48 6.52
HD2 OMZ C 2 4.45 1.68 9.34
HE2 OMZ C 2 4.43 3.36 7.45
N ASN C 3 2.02 -1.68 7.42
CA ASN C 3 1.31 -2.59 6.52
C ASN C 3 1.18 -2.07 5.07
N GHP C 4 0.76 -0.79 4.97
CA GHP C 4 0.62 -0.23 3.61
C GHP C 4 -0.85 0.13 3.33
O GHP C 4 -1.60 0.53 4.22
C1 GHP C 4 1.48 1.00 3.38
C2 GHP C 4 1.18 1.95 2.35
C3 GHP C 4 2.02 3.12 2.10
C4 GHP C 4 3.17 3.32 2.96
O4 GHP C 4 3.99 4.43 2.82
C5 GHP C 4 3.50 2.40 4.01
C6 GHP C 4 2.63 1.24 4.18
H GHP C 4 0.56 -0.24 5.78
HA GHP C 4 0.97 -1.02 2.94
HC2 GHP C 4 0.28 1.82 1.77
H6 GHP C 4 2.85 0.53 4.97
N GHP C 5 -1.18 -0.01 2.04
CA GHP C 5 -2.51 0.39 1.61
C GHP C 5 -2.67 0.30 0.09
O GHP C 5 -2.16 -0.65 -0.51
C1 GHP C 5 -3.68 -0.28 2.27
C2 GHP C 5 -4.61 0.59 2.93
C3 GHP C 5 -5.85 0.12 3.45
C4 GHP C 5 -6.15 -1.28 3.34
O4 GHP C 5 -7.33 -1.76 3.86
C5 GHP C 5 -5.23 -2.18 2.70
C6 GHP C 5 -3.99 -1.68 2.16
H GHP C 5 -0.52 -0.36 1.37
HA GHP C 5 -2.50 1.43 1.92
HC2 GHP C 5 -4.38 1.64 3.01
HO4 GHP C 5 -7.39 -2.70 3.72
H5 GHP C 5 -5.47 -3.24 2.62
H6 GHP C 5 -3.31 -2.34 1.65
N OMY C 6 -3.38 1.26 -0.56
CA OMY C 6 -4.05 2.42 0.01
OCZ OMY C 6 1.78 4.07 1.06
CE2 OMY C 6 0.25 3.77 -0.88
CE1 OMY C 6 -0.60 4.49 1.34
CZ OMY C 6 0.50 4.14 0.49
CG OMY C 6 -2.21 3.93 -0.47
CD2 OMY C 6 -1.10 3.67 -1.36
CD1 OMY C 6 -1.94 4.40 0.87
CB OMY C 6 -3.64 3.65 -0.82
CL OMY C 6 -0.30 5.00 2.96
O OMY C 6 -6.26 1.73 -0.75
C OMY C 6 -5.56 2.18 0.15
ODE OMY C 6 -3.82 3.41 -2.20
H OMY C 6 -3.45 1.15 -1.55
HA OMY C 6 -3.68 2.57 1.01
HE2 OMY C 6 1.08 3.55 -1.53
HD2 OMY C 6 -1.30 3.35 -2.37
HD1 OMY C 6 -2.77 4.65 1.52
HB OMY C 6 -4.26 4.49 -0.52
N 3FG C 7 -5.99 2.51 1.39
OD1 3FG C 7 -6.22 -0.03 6.17
CD1 3FG C 7 -6.88 0.98 5.50
CG1 3FG C 7 -6.75 1.10 4.09
CZ 3FG C 7 -7.68 1.91 6.25
CD2 3FG C 7 -8.37 2.97 5.57
OD2 3FG C 7 -9.13 3.86 6.29
CG2 3FG C 7 -8.25 3.09 4.15
CB 3FG C 7 -7.44 2.17 3.38
CA 3FG C 7 -7.33 2.33 1.86
C 3FG C 7 -8.13 3.54 1.30
O 3FG C 7 -9.30 3.39 1.00
OXT 3FG C 7 -7.53 4.62 1.16
H 3FG C 7 -5.32 2.88 2.03
HA 3FG C 7 -7.64 1.42 1.36
HD1 3FG C 7 -6.41 0.02 7.09
HZ 3FG C 7 -7.73 1.81 7.32
HD2 3FG C 7 -9.10 3.64 7.21
HG2 3FG C 7 -8.75 3.90 3.64
N MLU D 1 0.28 0.31 -12.29
CN MLU D 1 0.84 1.65 -12.29
CA MLU D 1 -0.38 0.04 -11.02
C MLU D 1 -1.50 1.04 -10.76
O MLU D 1 -2.37 1.26 -11.59
CB MLU D 1 -0.98 -1.36 -10.97
CG MLU D 1 0.07 -2.47 -11.09
CD1 MLU D 1 1.07 -2.40 -9.94
CD2 MLU D 1 -0.60 -3.84 -11.12
H1 MLU D 1 -0.42 0.22 -13.06
H2 MLU D 1 1.04 -0.38 -12.45
HCN1 MLU D 1 0.05 2.37 -12.14
HCN2 MLU D 1 1.58 1.73 -11.49
HCN3 MLU D 1 1.33 1.84 -13.25
HA MLU D 1 0.38 0.14 -10.23
HB2 MLU D 1 -1.72 -1.47 -11.76
HB3 MLU D 1 -1.53 -1.49 -10.03
HG MLU D 1 0.61 -2.32 -12.03
HD11 MLU D 1 1.84 -3.17 -10.05
HD12 MLU D 1 1.57 -1.42 -9.91
HD13 MLU D 1 0.57 -2.55 -8.99
HD21 MLU D 1 -1.16 -4.02 -10.20
HD22 MLU D 1 -1.31 -3.91 -11.95
HD23 MLU D 1 0.13 -4.63 -11.24
N OMZ D 2 -1.41 1.64 -9.55
CA OMZ D 2 -2.43 2.61 -9.18
C OMZ D 2 -3.19 2.11 -7.93
O OMZ D 2 -4.36 2.43 -7.76
CB OMZ D 2 -1.85 4.03 -9.05
OC OMZ D 2 -1.22 4.39 -10.25
CG OMZ D 2 -0.86 4.13 -7.93
CD1 OMZ D 2 -1.13 4.99 -6.80
CD2 OMZ D 2 0.34 3.32 -7.95
CE1 OMZ D 2 -0.23 4.98 -5.69
CL OMZ D 2 -0.57 5.99 -4.32
CE2 OMZ D 2 1.22 3.33 -6.83
CZ OMZ D 2 0.92 4.12 -5.67
OH OMZ D 2 1.67 3.97 -4.50
H OMZ D 2 -0.66 1.41 -8.92
HA OMZ D 2 -3.15 2.60 -10.00
HB OMZ D 2 -2.65 4.73 -8.87
HC OMZ D 2 -0.90 5.28 -10.15
HD1 OMZ D 2 -2.00 5.62 -6.79
HD2 OMZ D 2 0.57 2.71 -8.81
HE2 OMZ D 2 2.11 2.70 -6.83
N ASN D 3 -2.51 1.32 -7.07
CA ASN D 3 -3.26 0.82 -5.93
C ASN D 3 -2.47 0.77 -4.61
N GHP D 4 -1.53 -0.20 -4.57
CA GHP D 4 -0.78 -0.33 -3.33
C GHP D 4 -0.44 -1.81 -3.04
O GHP D 4 -0.28 -2.65 -3.92
C1 GHP D 4 0.46 0.53 -3.27
C2 GHP D 4 1.63 0.16 -2.53
C3 GHP D 4 2.79 1.04 -2.40
C4 GHP D 4 2.73 2.31 -3.08
O4 GHP D 4 3.80 3.17 -2.97
C5 GHP D 4 1.59 2.71 -3.87
C6 GHP D 4 0.46 1.79 -3.93
H GHP D 4 -1.31 -0.71 -5.40
HA GHP D 4 -1.46 0.02 -2.56
HC2 GHP D 4 1.67 -0.81 -2.06
H6 GHP D 4 -0.42 2.07 -4.50
N GHP D 5 -0.34 -2.01 -1.71
CA GHP D 5 0.03 -3.29 -1.16
C GHP D 5 0.16 -3.18 0.37
O GHP D 5 -0.63 -2.48 0.98
C1 GHP D 5 -0.86 -4.46 -1.46
C2 GHP D 5 -0.26 -5.58 -2.08
C3 GHP D 5 -0.94 -6.81 -2.27
C4 GHP D 5 -2.31 -6.91 -1.87
O4 GHP D 5 -3.00 -8.09 -2.06
C5 GHP D 5 -2.97 -5.77 -1.25
C6 GHP D 5 -2.24 -4.54 -1.03
H GHP D 5 -0.50 -1.25 -1.10
HA GHP D 5 1.01 -3.48 -1.60
HC2 GHP D 5 0.78 -5.52 -2.40
HO4 GHP D 5 -3.89 -7.98 -1.74
H5 GHP D 5 -4.00 -5.85 -0.94
H6 GHP D 5 -2.72 -3.70 -0.56
N OMY D 6 1.14 -3.87 0.99
CA OMY D 6 2.18 -4.74 0.41
OCZ OMY D 6 3.97 0.79 -1.65
CE2 OMY D 6 3.92 -0.45 0.49
CE1 OMY D 6 4.17 -1.64 -1.67
CZ OMY D 6 4.06 -0.41 -0.95
CG OMY D 6 3.82 -2.94 0.41
CD2 OMY D 6 3.79 -1.71 1.17
CD1 OMY D 6 4.06 -2.90 -1.01
CB OMY D 6 3.51 -4.30 1.01
CL OMY D 6 4.39 -1.60 -3.39
O OMY D 6 1.52 -6.74 1.64
C OMY D 6 1.80 -6.23 0.56
ODE OMY D 6 3.42 -4.23 2.40
H OMY D 6 1.16 -3.74 1.99
HA OMY D 6 2.26 -4.59 -0.65
HE2 OMY D 6 3.91 0.49 1.02
HD2 OMY D 6 3.66 -1.75 2.24
HD1 OMY D 6 4.11 -3.84 -1.53
HB OMY D 6 4.26 -5.03 0.71
N 3FG D 7 1.80 -6.87 -0.63
OD1 3FG D 7 -1.68 -7.65 -4.78
CD1 3FG D 7 -0.60 -8.30 -4.20
CG1 3FG D 7 -0.19 -7.93 -2.88
CZ 3FG D 7 0.10 -9.31 -4.93
CD2 3FG D 7 1.23 -9.97 -4.34
OD2 3FG D 7 1.91 -10.94 -5.05
CG2 3FG D 7 1.64 -9.61 -3.01
CB 3FG D 7 0.95 -8.59 -2.26
CA 3FG D 7 1.41 -8.25 -0.82
C 3FG D 7 2.60 -9.10 -0.33
O 3FG D 7 2.37 -10.10 0.34
OXT 3FG D 7 3.74 -8.74 -0.64
H 3FG D 7 2.06 -6.34 -1.44
HA 3FG D 7 0.56 -8.37 -0.15
HD1 3FG D 7 -2.03 -7.02 -4.17
HZ 3FG D 7 -0.21 -9.54 -5.93
HD2 3FG D 7 1.51 -11.05 -5.89
HG2 3FG D 7 2.50 -10.09 -2.58
C2 BGC E . 5.57 5.67 1.54
C3 BGC E . 6.44 5.68 0.27
C4 BGC E . 7.05 4.31 0.00
C5 BGC E . 6.01 3.21 0.16
C6 BGC E . 6.60 1.80 0.04
C1 BGC E . 4.63 4.47 1.57
O2 BGC E . 4.83 6.86 1.62
O3 BGC E . 7.45 6.64 0.43
O4 BGC E . 7.55 4.28 -1.31
O5 BGC E . 5.42 3.31 1.43
O6 BGC E . 7.83 1.72 0.69
H2 BGC E . 6.23 5.61 2.42
H3 BGC E . 5.82 5.98 -0.57
H4 BGC E . 7.89 4.13 0.69
H5 BGC E . 5.23 3.33 -0.60
H61 BGC E . 5.91 1.10 0.49
H62 BGC E . 6.72 1.51 -1.00
H1 BGC E . 3.91 4.52 0.76
HO3 BGC E . 7.59 7.03 -0.42
HO4 BGC E . 8.34 3.76 -1.28
HO6 BGC E . 8.12 0.82 0.60
C1 RER E . 5.47 7.83 2.41
C2 RER E . 4.70 9.15 2.38
C3 RER E . 3.35 9.06 3.09
N3 RER E . 2.82 10.41 3.29
C3A RER E . 2.35 8.27 2.25
C4 RER E . 3.54 8.40 4.45
O4 RER E . 2.28 8.17 5.05
C5 RER E . 4.28 7.07 4.28
O5 RER E . 5.56 7.36 3.74
C5A RER E . 4.45 6.32 5.60
H1 RER E . 6.47 7.98 2.04
H21C RER E . 5.29 9.92 2.87
H22C RER E . 4.55 9.48 1.35
HO1 RER E . 2.69 10.87 2.36
H31N RER E . 3.48 10.96 3.87
H32N RER E . 1.90 10.34 3.78
H3A1 RER E . 1.39 8.19 2.75
H3A2 RER E . 2.19 8.75 1.28
H3A3 RER E . 2.72 7.26 2.06
H4 RER E . 4.10 9.05 5.11
HO4 RER E . 1.80 7.60 4.47
H5 RER E . 3.73 6.45 3.59
H5A1 RER E . 3.48 6.08 6.04
H5A2 RER E . 4.99 5.38 5.45
H5A3 RER E . 5.00 6.91 6.33
C2 BGC F . 5.41 4.50 -4.09
C3 BGC F . 6.30 4.63 -5.32
C4 BGC F . 6.90 3.27 -5.69
C5 BGC F . 5.84 2.17 -5.71
C6 BGC F . 6.51 0.82 -5.93
C1 BGC F . 4.46 3.33 -4.22
O2 BGC F . 4.66 5.68 -3.94
O3 BGC F . 7.32 5.55 -5.06
O4 BGC F . 7.49 3.35 -6.96
O5 BGC F . 5.18 2.15 -4.47
O6 BGC F . 7.49 0.59 -4.95
H2 BGC F . 6.04 4.35 -3.21
H3 BGC F . 5.70 5.00 -6.16
H4 BGC F . 7.66 2.98 -4.97
H5 BGC F . 5.11 2.37 -6.50
H61 BGC F . 5.77 0.03 -5.87
H62 BGC F . 6.99 0.78 -6.92
H1 BGC F . 3.75 3.52 -5.02
HO3 BGC F . 7.48 6.01 -5.87
HO4 BGC F . 8.29 2.84 -6.92
HO6 BGC F . 7.85 -0.26 -5.13
C1 RER F . 5.11 6.56 -2.94
C2 RER F . 5.27 7.96 -3.53
C3 RER F . 3.92 8.56 -3.95
N3 RER F . 4.11 9.98 -4.27
C3A RER F . 3.36 7.86 -5.19
C4 RER F . 2.95 8.43 -2.79
O4 RER F . 1.67 8.85 -3.20
C5 RER F . 2.89 6.99 -2.29
O5 RER F . 4.18 6.60 -1.89
C5A RER F . 1.95 6.85 -1.09
H1 RER F . 6.06 6.20 -2.54
H21C RER F . 5.73 8.61 -2.78
H22C RER F . 5.95 7.94 -4.38
HO1 RER F . 4.79 10.06 -5.05
H31N RER F . 4.49 10.47 -3.44
H32N RER F . 3.21 10.39 -4.53
H3A1 RER F . 4.09 7.88 -6.01
H3A2 RER F . 3.11 6.82 -4.98
H3A3 RER F . 2.45 8.35 -5.53
H4 RER F . 3.26 9.09 -1.97
HO4 RER F . 1.59 9.76 -2.97
H5 RER F . 2.56 6.33 -3.09
H5A1 RER F . 0.93 7.12 -1.36
H5A2 RER F . 1.94 5.83 -0.72
H5A3 RER F . 2.27 7.50 -0.27
C1 RER G . -3.69 4.58 -2.97
C2 RER G . -4.06 4.33 -4.44
C3 RER G . -5.58 4.20 -4.65
N3 RER G . -5.87 4.32 -6.07
C3A RER G . -6.08 2.84 -4.16
C4 RER G . -6.27 5.32 -3.89
O4 RER G . -7.67 5.22 -4.04
C5 RER G . -5.87 5.27 -2.43
O5 RER G . -4.50 5.58 -2.40
C5A RER G . -6.65 6.28 -1.58
H1 RER G . -2.66 4.91 -2.91
H21C RER G . -3.71 5.18 -5.02
H22C RER G . -3.55 3.45 -4.82
HO1 RER G . -6.90 4.25 -6.22
H31N RER G . -5.39 3.56 -6.59
H32N RER G . -5.54 5.24 -6.41
H3A1 RER G . -7.17 2.81 -4.17
H3A2 RER G . -5.73 2.04 -4.79
H3A3 RER G . -5.75 2.63 -3.14
H4 RER G . -5.95 6.30 -4.29
HO4 RER G . -7.90 5.77 -4.77
H5 RER G . -6.02 4.26 -2.04
H5A1 RER G . -7.73 6.10 -1.66
H5A2 RER G . -6.38 6.20 -0.53
H5A3 RER G . -6.46 7.30 -1.90
C1 RER H . 4.63 -4.02 3.08
C2 RER H . 4.25 -3.81 4.55
C3 RER H . 3.77 -5.10 5.23
N3 RER H . 3.80 -4.90 6.68
C3A RER H . 2.36 -5.52 4.82
C4 RER H . 4.75 -6.20 4.89
O4 RER H . 4.35 -7.41 5.47
C5 RER H . 4.90 -6.32 3.38
O5 RER H . 5.48 -5.13 2.96
C5A RER H . 5.81 -7.49 2.99
H1 RER H . 5.17 -3.16 2.68
H21C RER H . 3.47 -3.07 4.63
H22C RER H . 5.08 -3.36 5.06
HO1 RER H . 3.14 -4.13 6.93
H31N RER H . 4.76 -4.64 6.97
H32N RER H . 3.51 -5.77 7.15
H3A1 RER H . 2.04 -6.38 5.40
H3A2 RER H . 2.30 -5.79 3.78
H3A3 RER H . 1.62 -4.73 4.99
H4 RER H . 5.70 -5.90 5.32
HO4 RER H . 5.14 -7.88 5.70
H5 RER H . 3.93 -6.42 2.87
H5A1 RER H . 6.80 -7.37 3.45
H5A2 RER H . 5.95 -7.52 1.90
H5A3 RER H . 5.40 -8.44 3.30
N ALA A 1 -5.25 11.07 -4.22
CA ALA A 1 -5.67 9.90 -3.44
C ALA A 1 -4.51 8.93 -3.26
N FGA A 2 -3.91 9.00 -2.06
CA FGA A 2 -2.81 8.10 -1.83
C FGA A 2 -1.51 8.72 -2.34
O FGA A 2 -0.53 8.75 -1.60
CB FGA A 2 -2.71 7.78 -0.34
CG FGA A 2 -4.04 7.27 0.23
CD FGA A 2 -3.86 6.76 1.66
OE1 FGA A 2 -2.76 6.73 2.21
H FGA A 2 -4.19 9.65 -1.35
HA FGA A 2 -3.05 7.21 -2.39
HB2 FGA A 2 -1.93 7.04 -0.18
HB3 FGA A 2 -2.41 8.68 0.20
HG2 FGA A 2 -4.78 8.07 0.22
HG3 FGA A 2 -4.43 6.47 -0.38
N LYS A 3 -5.02 6.38 2.22
CA LYS A 3 -5.03 5.91 3.59
C LYS A 3 -4.16 4.66 3.76
N DAL A 4 -3.42 4.64 4.88
CA DAL A 4 -2.60 3.45 5.08
CB DAL A 4 -3.50 2.33 5.64
C DAL A 4 -1.46 3.75 6.05
O DAL A 4 -1.30 4.86 6.55
H DAL A 4 -3.44 5.38 5.54
HA DAL A 4 -2.18 3.14 4.11
HB1 DAL A 4 -4.32 2.10 4.95
HB2 DAL A 4 -2.92 1.41 5.79
HB3 DAL A 4 -3.93 2.61 6.59
N DAL A 5 -0.69 2.67 6.28
CA DAL A 5 0.43 2.78 7.18
CB DAL A 5 1.48 3.73 6.61
C DAL A 5 1.02 1.40 7.44
O DAL A 5 0.37 0.61 8.12
OXT DAL A 5 2.12 1.12 6.97
H DAL A 5 -0.91 1.80 5.86
HA DAL A 5 0.02 3.19 8.10
HB1 DAL A 5 1.06 4.72 6.43
HB2 DAL A 5 2.32 3.85 7.29
HB3 DAL A 5 1.87 3.36 5.66
N ALA B 1 11.26 -3.86 -2.09
CA ALA B 1 10.73 -3.43 -0.79
C ALA B 1 9.60 -4.35 -0.34
N FGA B 2 9.03 -3.86 0.77
CA FGA B 2 7.90 -4.48 1.40
C FGA B 2 7.66 -3.78 2.74
O FGA B 2 7.75 -4.45 3.77
CB FGA B 2 6.72 -4.35 0.45
CG FGA B 2 6.43 -5.62 -0.35
CD FGA B 2 5.93 -5.39 -1.77
OE1 FGA B 2 6.04 -4.32 -2.37
H FGA B 2 9.39 -3.01 1.16
HA FGA B 2 8.12 -5.53 1.57
HB2 FGA B 2 5.92 -4.10 1.10
HB3 FGA B 2 6.88 -3.49 -0.21
HG2 FGA B 2 7.30 -6.23 -0.44
HG3 FGA B 2 5.70 -6.25 0.17
N LYS B 3 5.38 -6.51 -2.26
CA LYS B 3 4.71 -6.56 -3.54
C LYS B 3 3.51 -5.61 -3.59
N DAL B 4 3.21 -5.20 -4.83
CA DAL B 4 2.08 -4.29 -4.98
CB DAL B 4 0.84 -5.08 -5.43
C DAL B 4 2.44 -3.20 -5.99
O DAL B 4 3.48 -3.25 -6.64
H DAL B 4 3.73 -5.50 -5.62
HA DAL B 4 1.90 -3.82 -4.01
HB1 DAL B 4 0.59 -5.85 -4.71
HB2 DAL B 4 -0.02 -4.42 -5.54
HB3 DAL B 4 1.02 -5.56 -6.39
N DAL B 5 1.53 -2.23 -6.06
CA DAL B 5 1.75 -1.14 -6.98
CB DAL B 5 2.91 -0.27 -6.51
C DAL B 5 0.46 -0.31 -7.13
O DAL B 5 0.36 0.74 -6.48
OXT DAL B 5 -0.41 -0.72 -7.88
H DAL B 5 0.67 -2.26 -5.54
HA DAL B 5 1.98 -1.60 -7.93
HB1 DAL B 5 3.82 -0.85 -6.41
HB2 DAL B 5 3.11 0.54 -7.21
HB3 DAL B 5 2.68 0.18 -5.54
N MLU C 1 1.58 2.19 12.19
CN MLU C 1 2.98 2.57 12.07
CA MLU C 1 1.17 1.39 11.04
C MLU C 1 2.02 0.12 10.94
O MLU C 1 2.27 -0.56 11.93
CB MLU C 1 -0.29 0.96 11.12
CG MLU C 1 -1.24 2.13 11.35
CD1 MLU C 1 -1.19 3.13 10.19
CD2 MLU C 1 -2.68 1.62 11.54
H1 MLU C 1 1.44 1.63 13.06
H2 MLU C 1 0.99 3.05 12.24
HCN1 MLU C 1 3.11 3.15 11.17
HCN2 MLU C 1 3.26 3.16 12.95
HCN3 MLU C 1 3.59 1.67 12.03
HA MLU C 1 1.33 1.99 10.14
HB2 MLU C 1 -0.41 0.24 11.93
HB3 MLU C 1 -0.57 0.44 10.20
HG MLU C 1 -0.94 2.64 12.26
HD11 MLU C 1 -1.84 3.98 10.38
HD12 MLU C 1 -0.17 3.51 10.06
HD13 MLU C 1 -1.50 2.66 9.26
HD21 MLU C 1 -2.73 0.92 12.38
HD22 MLU C 1 -3.02 1.10 10.65
HD23 MLU C 1 -3.36 2.44 11.73
N OMZ C 2 2.45 -0.15 9.69
CA OMZ C 2 3.26 -1.35 9.50
C OMZ C 2 2.57 -2.28 8.48
O OMZ C 2 2.58 -3.50 8.65
CB OMZ C 2 4.73 -1.02 9.20
OC OMZ C 2 5.33 -0.50 10.36
CG OMZ C 2 4.87 -0.02 8.10
CD1 OMZ C 2 5.24 -0.45 6.78
CD2 OMZ C 2 4.59 1.38 8.34
CE1 OMZ C 2 5.24 0.50 5.70
CL OMZ C 2 5.64 -0.04 4.10
CE2 OMZ C 2 4.60 2.32 7.25
CZ OMZ C 2 4.87 1.87 5.91
OH OMZ C 2 4.64 2.67 4.80
H OMZ C 2 2.23 0.44 8.93
HA OMZ C 2 3.21 -1.89 10.45
HB OMZ C 2 5.27 -1.92 8.94
HC OMZ C 2 4.94 0.37 10.51
HD1 OMZ C 2 5.49 -1.49 6.59
HD2 OMZ C 2 4.35 1.71 9.33
HE2 OMZ C 2 4.35 3.36 7.43
N ASN C 3 1.96 -1.68 7.41
CA ASN C 3 1.28 -2.61 6.50
C ASN C 3 1.16 -2.08 5.06
N GHP C 4 0.74 -0.81 4.95
CA GHP C 4 0.61 -0.26 3.60
C GHP C 4 -0.86 0.12 3.32
O GHP C 4 -1.61 0.50 4.20
C1 GHP C 4 1.48 0.98 3.37
C2 GHP C 4 1.18 1.94 2.35
C3 GHP C 4 2.01 3.10 2.10
C4 GHP C 4 3.16 3.30 2.96
O4 GHP C 4 3.99 4.40 2.82
C5 GHP C 4 3.50 2.36 4.00
C6 GHP C 4 2.63 1.20 4.17
H GHP C 4 0.53 -0.27 5.77
HA GHP C 4 0.96 -1.04 2.92
HC2 GHP C 4 0.28 1.81 1.77
H6 GHP C 4 2.85 0.49 4.95
N GHP C 5 -1.19 -0.03 2.02
CA GHP C 5 -2.52 0.38 1.60
C GHP C 5 -2.68 0.29 0.08
O GHP C 5 -2.16 -0.65 -0.52
C1 GHP C 5 -3.70 -0.29 2.25
C2 GHP C 5 -4.62 0.57 2.92
C3 GHP C 5 -5.86 0.10 3.43
C4 GHP C 5 -6.17 -1.30 3.32
O4 GHP C 5 -7.35 -1.79 3.83
C5 GHP C 5 -5.24 -2.21 2.67
C6 GHP C 5 -4.01 -1.69 2.13
H GHP C 5 -0.53 -0.37 1.36
HA GHP C 5 -2.51 1.41 1.91
HC2 GHP C 5 -4.40 1.62 3.01
HO4 GHP C 5 -7.41 -2.72 3.67
H5 GHP C 5 -5.49 -3.25 2.58
H6 GHP C 5 -3.32 -2.35 1.62
N OMY C 6 -3.39 1.25 -0.56
CA OMY C 6 -4.06 2.42 0.01
OCZ OMY C 6 1.78 4.06 1.06
CE2 OMY C 6 0.24 3.77 -0.88
CE1 OMY C 6 -0.61 4.48 1.35
CZ OMY C 6 0.50 4.13 0.50
CG OMY C 6 -2.22 3.94 -0.47
CD2 OMY C 6 -1.12 3.67 -1.35
CD1 OMY C 6 -1.95 4.40 0.87
CB OMY C 6 -3.65 3.65 -0.81
CL OMY C 6 -0.30 4.98 2.97
O OMY C 6 -6.26 1.74 -0.76
C OMY C 6 -5.57 2.18 0.14
ODE OMY C 6 -3.83 3.41 -2.19
H OMY C 6 -3.47 1.15 -1.56
HA OMY C 6 -3.70 2.57 1.02
HE2 OMY C 6 1.07 3.54 -1.53
HD2 OMY C 6 -1.31 3.35 -2.37
HD1 OMY C 6 -2.78 4.64 1.53
HB OMY C 6 -4.28 4.49 -0.50
N 3FG C 7 -6.00 2.49 1.39
OD1 3FG C 7 -6.24 -0.07 6.15
CD1 3FG C 7 -6.90 0.95 5.50
CG1 3FG C 7 -6.77 1.08 4.08
CZ 3FG C 7 -7.69 1.87 6.25
CD2 3FG C 7 -8.38 2.93 5.57
OD2 3FG C 7 -9.15 3.82 6.29
CG2 3FG C 7 -8.27 3.06 4.15
CB 3FG C 7 -7.46 2.14 3.38
CA 3FG C 7 -7.35 2.32 1.85
C 3FG C 7 -8.14 3.53 1.30
O 3FG C 7 -9.33 3.37 1.01
OXT 3FG C 7 -7.54 4.61 1.17
H 3FG C 7 -5.33 2.86 2.03
HA 3FG C 7 -7.65 1.40 1.36
HD1 3FG C 7 -5.75 -0.59 5.52
HZ 3FG C 7 -7.74 1.76 7.32
HD2 3FG C 7 -9.12 3.60 7.22
HG2 3FG C 7 -8.77 3.88 3.65
N MLU D 1 0.28 0.34 -12.29
CN MLU D 1 0.85 1.68 -12.30
CA MLU D 1 -0.37 0.07 -11.02
C MLU D 1 -1.49 1.08 -10.75
O MLU D 1 -2.36 1.30 -11.58
CB MLU D 1 -0.98 -1.33 -10.96
CG MLU D 1 0.07 -2.44 -11.10
CD1 MLU D 1 1.08 -2.37 -9.95
CD2 MLU D 1 -0.62 -3.81 -11.12
H1 MLU D 1 -0.41 0.25 -13.07
H2 MLU D 1 1.04 -0.36 -12.45
HCN1 MLU D 1 0.05 2.41 -12.14
HCN2 MLU D 1 1.58 1.76 -11.50
HCN3 MLU D 1 1.34 1.86 -13.26
HA MLU D 1 0.38 0.16 -10.24
HB2 MLU D 1 -1.71 -1.44 -11.77
HB3 MLU D 1 -1.52 -1.45 -10.02
HG MLU D 1 0.60 -2.30 -12.03
HD11 MLU D 1 1.57 -1.41 -9.93
HD12 MLU D 1 0.58 -2.52 -9.00
HD13 MLU D 1 1.83 -3.14 -10.06
HD21 MLU D 1 -1.16 -3.99 -10.20
HD22 MLU D 1 -1.32 -3.88 -11.96
HD23 MLU D 1 0.12 -4.60 -11.24
N OMZ D 2 -1.39 1.67 -9.55
CA OMZ D 2 -2.41 2.64 -9.18
C OMZ D 2 -3.18 2.15 -7.92
O OMZ D 2 -4.35 2.47 -7.75
CB OMZ D 2 -1.83 4.05 -9.04
OC OMZ D 2 -1.20 4.41 -10.24
CG OMZ D 2 -0.84 4.14 -7.93
CD1 OMZ D 2 -1.10 5.01 -6.80
CD2 OMZ D 2 0.35 3.34 -7.95
CE1 OMZ D 2 -0.20 5.00 -5.68
CL OMZ D 2 -0.53 6.01 -4.31
CE2 OMZ D 2 1.24 3.34 -6.82
CZ OMZ D 2 0.95 4.14 -5.66
OH OMZ D 2 1.69 3.98 -4.50
H OMZ D 2 -0.65 1.44 -8.92
HA OMZ D 2 -3.13 2.63 -10.00
HB OMZ D 2 -2.62 4.77 -8.87
HC OMZ D 2 -0.42 3.88 -10.32
HD1 OMZ D 2 -1.96 5.65 -6.79
HD2 OMZ D 2 0.59 2.73 -8.80
HE2 OMZ D 2 2.12 2.71 -6.83
N ASN D 3 -2.49 1.35 -7.07
CA ASN D 3 -3.25 0.85 -5.93
C ASN D 3 -2.46 0.79 -4.61
N GHP D 4 -1.52 -0.18 -4.57
CA GHP D 4 -0.76 -0.32 -3.33
C GHP D 4 -0.43 -1.80 -3.05
O GHP D 4 -0.28 -2.63 -3.93
C1 GHP D 4 0.47 0.55 -3.27
C2 GHP D 4 1.64 0.16 -2.52
C3 GHP D 4 2.80 1.04 -2.39
C4 GHP D 4 2.75 2.32 -3.07
O4 GHP D 4 3.82 3.18 -2.96
C5 GHP D 4 1.62 2.71 -3.86
C6 GHP D 4 0.47 1.81 -3.93
H GHP D 4 -1.31 -0.69 -5.40
HA GHP D 4 -1.45 0.03 -2.56
HC2 GHP D 4 1.67 -0.81 -2.05
H6 GHP D 4 -0.40 2.08 -4.50
N GHP D 5 -0.33 -2.00 -1.72
CA GHP D 5 0.04 -3.29 -1.17
C GHP D 5 0.15 -3.18 0.35
O GHP D 5 -0.64 -2.48 0.97
C1 GHP D 5 -0.86 -4.45 -1.48
C2 GHP D 5 -0.25 -5.58 -2.10
C3 GHP D 5 -0.94 -6.80 -2.29
C4 GHP D 5 -2.31 -6.90 -1.89
O4 GHP D 5 -3.00 -8.07 -2.09
C5 GHP D 5 -2.98 -5.77 -1.28
C6 GHP D 5 -2.24 -4.54 -1.06
H GHP D 5 -0.50 -1.24 -1.10
HA GHP D 5 1.01 -3.48 -1.61
HC2 GHP D 5 0.78 -5.51 -2.42
HO4 GHP D 5 -2.44 -8.71 -2.51
H5 GHP D 5 -4.01 -5.85 -0.98
H6 GHP D 5 -2.72 -3.70 -0.58
N OMY D 6 1.14 -3.87 0.98
CA OMY D 6 2.17 -4.75 0.40
OCZ OMY D 6 3.98 0.79 -1.64
CE2 OMY D 6 3.93 -0.45 0.50
CE1 OMY D 6 4.17 -1.64 -1.67
CZ OMY D 6 4.06 -0.41 -0.94
CG OMY D 6 3.81 -2.94 0.41
CD2 OMY D 6 3.79 -1.72 1.17
CD1 OMY D 6 4.06 -2.90 -1.01
CB OMY D 6 3.50 -4.30 1.00
CL OMY D 6 4.40 -1.59 -3.38
O OMY D 6 1.51 -6.74 1.63
C OMY D 6 1.79 -6.24 0.55
ODE OMY D 6 3.41 -4.24 2.39
H OMY D 6 1.16 -3.76 1.98
HA OMY D 6 2.25 -4.59 -0.67
HE2 OMY D 6 3.92 0.49 1.03
HD2 OMY D 6 3.65 -1.76 2.24
HD1 OMY D 6 4.11 -3.84 -1.53
HB OMY D 6 4.25 -5.04 0.71
N 3FG D 7 1.79 -6.87 -0.65
OD1 3FG D 7 -1.67 -7.64 -4.81
CD1 3FG D 7 -0.59 -8.28 -4.23
CG1 3FG D 7 -0.18 -7.92 -2.91
CZ 3FG D 7 0.11 -9.29 -4.96
CD2 3FG D 7 1.23 -9.95 -4.37
OD2 3FG D 7 1.92 -10.92 -5.08
CG2 3FG D 7 1.64 -9.60 -3.04
CB 3FG D 7 0.95 -8.58 -2.28
CA 3FG D 7 1.41 -8.25 -0.85
C 3FG D 7 2.59 -9.11 -0.36
O 3FG D 7 2.36 -10.10 0.32
OXT 3FG D 7 3.74 -8.74 -0.67
H 3FG D 7 2.06 -6.34 -1.46
HA 3FG D 7 0.56 -8.37 -0.18
HD1 3FG D 7 -1.81 -7.99 -5.68
HZ 3FG D 7 -0.20 -9.51 -5.97
HD2 3FG D 7 1.52 -11.03 -5.93
HG2 3FG D 7 2.51 -10.09 -2.60
C2 BGC E . 5.56 5.65 1.54
C3 BGC E . 6.43 5.66 0.28
C4 BGC E . 7.06 4.29 0.02
C5 BGC E . 6.01 3.19 0.16
C6 BGC E . 6.60 1.79 0.04
C1 BGC E . 4.63 4.44 1.56
O2 BGC E . 4.81 6.83 1.60
O3 BGC E . 7.44 6.62 0.44
O4 BGC E . 7.56 4.25 -1.30
O5 BGC E . 5.43 3.29 1.43
O6 BGC E . 7.84 1.70 0.71
H2 BGC E . 6.21 5.61 2.42
H3 BGC E . 5.82 5.96 -0.58
H4 BGC E . 7.89 4.11 0.71
H5 BGC E . 5.23 3.30 -0.59
H61 BGC E . 5.92 1.08 0.51
H62 BGC E . 6.73 1.49 -0.99
H1 BGC E . 3.90 4.49 0.76
HO3 BGC E . 7.96 6.35 1.18
HO4 BGC E . 8.48 4.48 -1.24
HO6 BGC E . 8.13 0.80 0.60
C1 RER E . 5.42 7.82 2.40
C2 RER E . 4.64 9.13 2.34
C3 RER E . 3.27 9.04 3.03
N3 RER E . 2.73 10.38 3.21
C3A RER E . 2.30 8.23 2.17
C4 RER E . 3.44 8.38 4.40
O4 RER E . 2.18 8.15 4.97
C5 RER E . 4.20 7.06 4.24
O5 RER E . 5.48 7.35 3.73
C5A RER E . 4.34 6.31 5.57
H1 RER E . 6.44 7.98 2.04
H21C RER E . 5.22 9.91 2.85
H22C RER E . 4.52 9.46 1.31
HO1 RER E . 3.38 10.94 3.79
H31N RER E . 1.81 10.32 3.68
H32N RER E . 2.62 10.83 2.29
H3A1 RER E . 2.67 7.22 1.99
H3A2 RER E . 2.16 8.71 1.20
H3A3 RER E . 1.32 8.15 2.65
H4 RER E . 3.99 9.04 5.07
HO4 RER E . 1.99 8.88 5.53
H5 RER E . 3.67 6.44 3.53
H5A1 RER E . 3.36 6.07 5.98
H5A2 RER E . 4.89 5.37 5.43
H5A3 RER E . 4.89 6.91 6.30
C2 BGC F . 5.45 4.47 -4.09
C3 BGC F . 6.34 4.57 -5.33
C4 BGC F . 6.93 3.21 -5.68
C5 BGC F . 5.85 2.14 -5.69
C6 BGC F . 6.50 0.76 -5.91
C1 BGC F . 4.47 3.31 -4.20
O2 BGC F . 4.72 5.67 -3.97
O3 BGC F . 7.37 5.49 -5.07
O4 BGC F . 7.53 3.26 -6.95
O5 BGC F . 5.18 2.13 -4.46
O6 BGC F . 7.46 0.52 -4.93
H2 BGC F . 6.07 4.32 -3.21
H3 BGC F . 5.76 4.95 -6.17
H4 BGC F . 7.68 2.90 -4.95
H5 BGC F . 5.13 2.33 -6.49
H61 BGC F . 5.74 -0.02 -5.83
H62 BGC F . 6.97 0.70 -6.88
H1 BGC F . 3.77 3.51 -5.03
HO3 BGC F . 7.09 6.33 -5.40
HO4 BGC F . 8.45 3.47 -6.81
HO6 BGC F . 7.82 -0.34 -5.11
C1 RER F . 5.15 6.53 -2.94
C2 RER F . 5.30 7.95 -3.51
C3 RER F . 3.96 8.54 -3.94
N3 RER F . 4.15 9.96 -4.24
C3A RER F . 3.42 7.86 -5.19
C4 RER F . 2.96 8.40 -2.80
O4 RER F . 1.69 8.82 -3.22
C5 RER F . 2.91 6.95 -2.32
O5 RER F . 4.20 6.55 -1.91
C5A RER F . 1.95 6.78 -1.14
H1 RER F . 6.10 6.18 -2.54
H21C RER F . 5.75 8.59 -2.75
H22C RER F . 6.00 7.94 -4.36
HO1 RER F . 4.51 10.44 -3.39
H31N RER F . 3.24 10.38 -4.51
H32N RER F . 4.83 10.07 -5.02
H3A1 RER F . 3.17 6.81 -5.01
H3A2 RER F . 2.52 8.35 -5.54
H3A3 RER F . 4.14 7.88 -6.01
H4 RER F . 3.27 9.03 -1.96
HO4 RER F . 1.28 9.24 -2.47
H5 RER F . 2.59 6.30 -3.14
H5A1 RER F . 2.26 7.42 -0.30
H5A2 RER F . 1.94 5.75 -0.79
H5A3 RER F . 0.94 7.06 -1.42
C1 RER G . -3.69 4.59 -2.95
C2 RER G . -4.07 4.35 -4.42
C3 RER G . -5.58 4.22 -4.65
N3 RER G . -5.87 4.35 -6.07
C3A RER G . -6.08 2.85 -4.16
C4 RER G . -6.28 5.34 -3.88
O4 RER G . -7.67 5.24 -4.03
C5 RER G . -5.88 5.27 -2.42
O5 RER G . -4.51 5.59 -2.38
C5A RER G . -6.66 6.28 -1.57
H1 RER G . -2.66 4.92 -2.90
H21C RER G . -3.71 5.20 -5.01
H22C RER G . -3.55 3.47 -4.81
HO1 RER G . -5.39 3.59 -6.59
H31N RER G . -6.90 4.28 -6.22
H32N RER G . -5.54 5.27 -6.41
H3A1 RER G . -7.18 2.82 -4.18
H3A2 RER G . -5.73 2.05 -4.80
H3A3 RER G . -5.76 2.64 -3.15
H4 RER G . -5.96 6.31 -4.28
HO4 RER G . -7.91 5.78 -4.76
H5 RER G . -6.02 4.27 -2.04
H5A1 RER G . -6.39 6.19 -0.51
H5A2 RER G . -6.47 7.30 -1.89
H5A3 RER G . -7.74 6.10 -1.65
C1 RER H . 4.62 -4.04 3.08
C2 RER H . 4.23 -3.82 4.54
C3 RER H . 3.76 -5.12 5.23
N3 RER H . 3.78 -4.92 6.67
C3A RER H . 2.34 -5.53 4.81
C4 RER H . 4.73 -6.22 4.88
O4 RER H . 4.33 -7.44 5.46
C5 RER H . 4.88 -6.35 3.37
O5 RER H . 5.47 -5.15 2.95
C5A RER H . 5.80 -7.51 2.97
H1 RER H . 5.16 -3.16 2.68
H21C RER H . 3.46 -3.09 4.63
H22C RER H . 5.07 -3.37 5.06
HO1 RER H . 4.75 -4.66 6.97
H31N RER H . 3.49 -5.80 7.14
H32N RER H . 3.12 -4.16 6.93
H3A1 RER H . 1.61 -4.75 4.98
H3A2 RER H . 2.29 -5.80 3.77
H3A3 RER H . 2.02 -6.41 5.39
H4 RER H . 5.68 -5.93 5.31
HO4 RER H . 4.77 -7.51 6.29
H5 RER H . 3.92 -6.43 2.87
H5A1 RER H . 6.78 -7.40 3.43
H5A2 RER H . 5.38 -8.46 3.29
H5A3 RER H . 5.94 -7.54 1.89
N ALA A 1 -5.56 10.84 -3.99
CA ALA A 1 -5.96 9.48 -3.62
C ALA A 1 -4.74 8.60 -3.38
N FGA A 2 -4.12 8.84 -2.21
CA FGA A 2 -2.97 8.02 -1.93
C FGA A 2 -1.71 8.70 -2.48
O FGA A 2 -1.78 9.86 -2.87
CB FGA A 2 -2.85 7.79 -0.43
CG FGA A 2 -4.16 7.28 0.17
CD FGA A 2 -3.92 6.79 1.60
OE1 FGA A 2 -2.80 6.75 2.11
H FGA A 2 -4.41 9.54 -1.55
HA FGA A 2 -3.13 7.08 -2.44
HB2 FGA A 2 -2.05 7.07 -0.24
HB3 FGA A 2 -2.57 8.73 0.05
HG2 FGA A 2 -4.90 8.08 0.19
HG3 FGA A 2 -4.57 6.47 -0.42
N LYS A 3 -5.06 6.42 2.22
CA LYS A 3 -5.05 5.99 3.59
C LYS A 3 -4.19 4.72 3.77
N DAL A 4 -3.46 4.68 4.90
CA DAL A 4 -2.67 3.47 5.10
CB DAL A 4 -3.55 2.37 5.69
C DAL A 4 -1.47 3.74 6.01
O DAL A 4 -1.24 4.85 6.47
H DAL A 4 -3.48 5.41 5.58
HA DAL A 4 -2.29 3.15 4.11
HB1 DAL A 4 -4.41 2.16 5.05
HB2 DAL A 4 -3.00 1.45 5.83
HB3 DAL A 4 -3.94 2.67 6.67
N DAL A 5 -0.74 2.64 6.23
CA DAL A 5 0.43 2.70 7.07
CB DAL A 5 1.43 3.73 6.51
C DAL A 5 1.06 1.31 7.15
O DAL A 5 2.27 1.20 6.94
OXT DAL A 5 0.34 0.36 7.43
H DAL A 5 -1.01 1.77 5.82
HA DAL A 5 0.09 2.99 8.05
HB1 DAL A 5 0.97 4.72 6.45
HB2 DAL A 5 2.31 3.80 7.15
HB3 DAL A 5 1.76 3.44 5.52
N ALA B 1 11.43 -4.50 -1.95
CA ALA B 1 10.89 -3.98 -0.69
C ALA B 1 9.65 -4.75 -0.27
N FGA B 2 9.07 -4.16 0.78
CA FGA B 2 7.86 -4.64 1.38
C FGA B 2 7.64 -3.86 2.68
O FGA B 2 7.61 -4.48 3.74
CB FGA B 2 6.75 -4.42 0.37
CG FGA B 2 6.35 -5.68 -0.40
CD FGA B 2 5.81 -5.44 -1.81
OE1 FGA B 2 5.90 -4.36 -2.39
H FGA B 2 9.51 -3.34 1.16
HA FGA B 2 7.96 -5.69 1.60
HB2 FGA B 2 5.94 -4.08 0.97
HB3 FGA B 2 7.02 -3.61 -0.30
HG2 FGA B 2 7.19 -6.34 -0.52
HG3 FGA B 2 5.62 -6.26 0.15
N LYS B 3 5.23 -6.56 -2.28
CA LYS B 3 4.54 -6.59 -3.54
C LYS B 3 3.36 -5.62 -3.57
N DAL B 4 3.01 -5.22 -4.81
CA DAL B 4 1.90 -4.30 -4.92
CB DAL B 4 0.60 -5.10 -5.15
C DAL B 4 2.14 -3.32 -6.07
O DAL B 4 2.58 -3.69 -7.16
H DAL B 4 3.50 -5.55 -5.61
HA DAL B 4 1.83 -3.74 -3.99
HB1 DAL B 4 0.43 -5.80 -4.34
HB2 DAL B 4 -0.25 -4.44 -5.23
HB3 DAL B 4 0.68 -5.67 -6.08
N DAL B 5 1.85 -2.05 -5.75
CA DAL B 5 2.02 -1.00 -6.73
CB DAL B 5 3.14 -0.06 -6.28
C DAL B 5 0.72 -0.24 -6.92
O DAL B 5 -0.19 -0.78 -7.56
OXT DAL B 5 0.61 0.88 -6.44
H DAL B 5 1.48 -1.80 -4.86
HA DAL B 5 2.30 -1.51 -7.63
HB1 DAL B 5 4.07 -0.60 -6.14
HB2 DAL B 5 3.32 0.72 -7.03
HB3 DAL B 5 2.90 0.43 -5.34
N MLU C 1 1.69 1.59 12.28
CN MLU C 1 3.12 1.91 12.24
CA MLU C 1 1.29 0.96 11.03
C MLU C 1 2.09 -0.33 10.80
O MLU C 1 1.99 -1.28 11.57
CB MLU C 1 -0.20 0.60 11.03
CG MLU C 1 -1.09 1.81 11.32
CD1 MLU C 1 -1.00 2.84 10.19
CD2 MLU C 1 -2.53 1.35 11.52
H1 MLU C 1 1.52 0.95 13.08
H2 MLU C 1 1.15 2.47 12.42
HCN1 MLU C 1 3.40 2.39 13.18
HCN2 MLU C 1 3.69 0.99 12.11
HCN3 MLU C 1 3.31 2.60 11.41
HA MLU C 1 1.50 1.65 10.22
HB2 MLU C 1 -0.38 -0.16 11.77
HB3 MLU C 1 -0.46 0.18 10.06
HG MLU C 1 -0.73 2.28 12.24
HD11 MLU C 1 -1.38 2.42 9.26
HD12 MLU C 1 -1.60 3.73 10.43
HD13 MLU C 1 0.03 3.16 10.04
HD21 MLU C 1 -3.17 2.21 11.76
HD22 MLU C 1 -2.92 0.88 10.62
HD23 MLU C 1 -2.60 0.64 12.34
N OMZ C 2 2.87 -0.30 9.71
CA OMZ C 2 3.64 -1.49 9.41
C OMZ C 2 2.90 -2.35 8.37
O OMZ C 2 2.87 -3.56 8.49
CB OMZ C 2 5.10 -1.14 9.04
OC OMZ C 2 5.75 -0.61 10.16
CG OMZ C 2 5.15 -0.13 7.94
CD1 OMZ C 2 5.39 -0.55 6.59
CD2 OMZ C 2 4.91 1.26 8.23
CE1 OMZ C 2 5.30 0.41 5.52
CL OMZ C 2 5.54 -0.10 3.88
CE2 OMZ C 2 4.84 2.22 7.15
CZ OMZ C 2 4.98 1.79 5.79
OH OMZ C 2 4.68 2.63 4.72
H OMZ C 2 2.90 0.50 9.12
HA OMZ C 2 3.66 -2.07 10.33
HB OMZ C 2 5.64 -2.04 8.73
HC OMZ C 2 6.65 -0.44 9.90
HD1 OMZ C 2 5.59 -1.59 6.36
HD2 OMZ C 2 4.76 1.59 9.25
HE2 OMZ C 2 4.63 3.26 7.36
N ASN C 3 2.31 -1.69 7.34
CA ASN C 3 1.58 -2.55 6.42
C ASN C 3 1.46 -1.95 4.99
N GHP C 4 0.72 -0.83 4.93
CA GHP C 4 0.56 -0.22 3.62
C GHP C 4 -0.91 0.19 3.41
O GHP C 4 -1.61 0.60 4.32
C1 GHP C 4 1.44 0.98 3.38
C2 GHP C 4 1.13 1.97 2.37
C3 GHP C 4 1.98 3.13 2.12
C4 GHP C 4 3.15 3.29 2.95
O4 GHP C 4 3.97 4.42 2.83
C5 GHP C 4 3.51 2.34 3.97
C6 GHP C 4 2.63 1.18 4.15
H GHP C 4 0.34 -0.42 5.75
HA GHP C 4 0.82 -0.99 2.89
HC2 GHP C 4 0.21 1.85 1.81
H6 GHP C 4 2.87 0.45 4.91
N GHP C 5 -1.29 0.04 2.13
CA GHP C 5 -2.61 0.45 1.72
C GHP C 5 -2.79 0.31 0.20
O GHP C 5 -2.29 -0.65 -0.37
C1 GHP C 5 -3.78 -0.21 2.39
C2 GHP C 5 -4.71 0.66 3.04
C3 GHP C 5 -5.94 0.20 3.56
C4 GHP C 5 -6.25 -1.20 3.47
O4 GHP C 5 -7.44 -1.68 3.99
C5 GHP C 5 -5.33 -2.11 2.84
C6 GHP C 5 -4.09 -1.61 2.29
H GHP C 5 -0.64 -0.32 1.45
HA GHP C 5 -2.59 1.49 2.00
HC2 GHP C 5 -4.48 1.71 3.11
HO4 GHP C 5 -7.93 -0.95 4.37
H5 GHP C 5 -5.56 -3.17 2.77
H6 GHP C 5 -3.41 -2.28 1.80
N OMY C 6 -3.49 1.27 -0.46
CA OMY C 6 -4.12 2.47 0.08
OCZ OMY C 6 1.75 4.10 1.11
CE2 OMY C 6 0.22 3.75 -0.83
CE1 OMY C 6 -0.63 4.53 1.37
CZ OMY C 6 0.47 4.15 0.53
CG OMY C 6 -2.24 3.93 -0.42
CD2 OMY C 6 -1.14 3.63 -1.31
CD1 OMY C 6 -1.98 4.42 0.90
CB OMY C 6 -3.68 3.65 -0.78
CL OMY C 6 -0.34 5.07 2.98
O OMY C 6 -6.34 1.85 -0.71
C OMY C 6 -5.64 2.25 0.21
ODE OMY C 6 -3.80 3.30 -2.14
H OMY C 6 -3.57 1.14 -1.45
HA OMY C 6 -3.76 2.64 1.09
HE2 OMY C 6 1.05 3.51 -1.48
HD2 OMY C 6 -1.34 3.31 -2.33
HD1 OMY C 6 -2.81 4.68 1.53
HB OMY C 6 -4.28 4.52 -0.57
N 3FG C 7 -6.06 2.56 1.46
OD1 3FG C 7 -6.33 0.09 6.27
CD1 3FG C 7 -6.98 1.10 5.60
CG1 3FG C 7 -6.85 1.19 4.18
CZ 3FG C 7 -7.77 2.04 6.33
CD2 3FG C 7 -8.45 3.09 5.64
OD2 3FG C 7 -9.21 4.01 6.34
CG2 3FG C 7 -8.33 3.19 4.20
CB 3FG C 7 -7.53 2.26 3.45
CA 3FG C 7 -7.42 2.40 1.92
C 3FG C 7 -8.21 3.60 1.34
O 3FG C 7 -9.38 3.44 1.03
OXT 3FG C 7 -7.61 4.68 1.23
H 3FG C 7 -5.39 2.90 2.12
HA 3FG C 7 -7.73 1.47 1.45
HD1 3FG C 7 -6.51 0.16 7.20
HZ 3FG C 7 -7.82 1.96 7.40
HD2 3FG C 7 -9.59 4.64 5.73
HG2 3FG C 7 -8.83 4.01 3.69
N MLU D 1 0.92 0.28 -11.98
CN MLU D 1 1.39 1.65 -11.90
CA MLU D 1 0.14 -0.07 -10.80
C MLU D 1 -1.07 0.86 -10.65
O MLU D 1 -1.93 0.92 -11.51
CB MLU D 1 -0.37 -1.50 -10.84
CG MLU D 1 0.75 -2.54 -10.91
CD1 MLU D 1 1.67 -2.43 -9.69
CD2 MLU D 1 0.17 -3.95 -11.03
H1 MLU D 1 0.32 0.17 -12.83
H2 MLU D 1 1.74 -0.36 -12.06
HCN1 MLU D 1 0.54 2.32 -11.82
HCN2 MLU D 1 2.02 1.76 -11.01
HCN3 MLU D 1 1.97 1.89 -12.79
HA MLU D 1 0.79 0.06 -9.93
HB2 MLU D 1 -1.02 -1.63 -11.71
HB3 MLU D 1 -0.99 -1.70 -9.97
HG MLU D 1 1.34 -2.33 -11.81
HD11 MLU D 1 2.10 -1.44 -9.62
HD12 MLU D 1 1.11 -2.63 -8.78
HD13 MLU D 1 2.48 -3.16 -9.76
HD21 MLU D 1 0.96 -4.70 -11.11
HD22 MLU D 1 -0.44 -4.19 -10.16
HD23 MLU D 1 -0.46 -4.03 -11.92
N OMZ D 2 -1.07 1.56 -9.50
CA OMZ D 2 -2.19 2.46 -9.26
C OMZ D 2 -3.05 1.90 -8.11
O OMZ D 2 -4.27 2.08 -8.12
CB OMZ D 2 -1.72 3.91 -9.08
OC OMZ D 2 -1.11 4.36 -10.27
CG OMZ D 2 -0.77 4.09 -7.94
CD1 OMZ D 2 -1.13 4.89 -6.80
CD2 OMZ D 2 0.52 3.43 -7.97
CE1 OMZ D 2 -0.24 4.97 -5.68
CL OMZ D 2 -0.69 5.91 -4.30
CE2 OMZ D 2 1.40 3.51 -6.84
CZ OMZ D 2 1.00 4.25 -5.67
OH OMZ D 2 1.73 4.13 -4.49
H OMZ D 2 -0.33 1.46 -8.84
HA OMZ D 2 -2.81 2.40 -10.16
HB OMZ D 2 -2.59 4.55 -8.91
HC OMZ D 2 -1.78 4.34 -10.94
HD1 OMZ D 2 -2.07 5.42 -6.77
HD2 OMZ D 2 0.81 2.85 -8.84
HE2 OMZ D 2 2.34 2.99 -6.85
N ASN D 3 -2.41 1.21 -7.14
CA ASN D 3 -3.29 0.67 -6.10
C ASN D 3 -2.64 0.58 -4.71
N GHP D 4 -1.43 -0.04 -4.66
CA GHP D 4 -0.78 -0.14 -3.36
C GHP D 4 -0.48 -1.61 -3.01
O GHP D 4 -0.37 -2.48 -3.87
C1 GHP D 4 0.48 0.70 -3.26
C2 GHP D 4 1.66 0.29 -2.55
C3 GHP D 4 2.83 1.16 -2.42
C4 GHP D 4 2.79 2.44 -3.09
O4 GHP D 4 3.88 3.28 -2.98
C5 GHP D 4 1.65 2.87 -3.84
C6 GHP D 4 0.49 1.98 -3.90
H GHP D 4 -1.00 -0.38 -5.50
HA GHP D 4 -1.50 0.29 -2.65
HC2 GHP D 4 1.69 -0.69 -2.09
H6 GHP D 4 -0.38 2.30 -4.44
N GHP D 5 -0.34 -1.80 -1.69
CA GHP D 5 0.01 -3.09 -1.11
C GHP D 5 0.18 -2.96 0.40
O GHP D 5 -0.57 -2.23 1.03
C1 GHP D 5 -0.92 -4.23 -1.38
C2 GHP D 5 -0.37 -5.39 -1.98
C3 GHP D 5 -1.10 -6.60 -2.12
C4 GHP D 5 -2.47 -6.63 -1.70
O4 GHP D 5 -3.20 -7.79 -1.85
C5 GHP D 5 -3.08 -5.47 -1.10
C6 GHP D 5 -2.31 -4.26 -0.94
H GHP D 5 -0.47 -1.02 -1.07
HA GHP D 5 0.97 -3.31 -1.57
HC2 GHP D 5 0.65 -5.37 -2.31
HO4 GHP D 5 -4.08 -7.65 -1.52
H5 GHP D 5 -4.11 -5.50 -0.78
H6 GHP D 5 -2.74 -3.40 -0.47
N OMY D 6 1.17 -3.68 1.02
CA OMY D 6 2.15 -4.60 0.43
OCZ OMY D 6 4.01 0.89 -1.67
CE2 OMY D 6 4.06 -0.37 0.46
CE1 OMY D 6 4.11 -1.53 -1.73
CZ OMY D 6 4.09 -0.32 -0.99
CG OMY D 6 3.85 -2.86 0.36
CD2 OMY D 6 3.93 -1.64 1.13
CD1 OMY D 6 4.01 -2.80 -1.07
CB OMY D 6 3.52 -4.20 0.97
CL OMY D 6 4.23 -1.48 -3.46
O OMY D 6 1.46 -6.54 1.72
C OMY D 6 1.72 -6.07 0.63
ODE OMY D 6 3.49 -4.13 2.37
H OMY D 6 1.22 -3.53 2.01
HA OMY D 6 2.20 -4.46 -0.65
HE2 OMY D 6 4.12 0.56 1.00
HD2 OMY D 6 3.84 -1.68 2.21
HD1 OMY D 6 4.00 -3.72 -1.64
HB OMY D 6 4.23 -4.96 0.65
N 3FG D 7 1.67 -6.73 -0.55
OD1 3FG D 7 -1.96 -7.51 -4.57
CD1 3FG D 7 -0.88 -8.16 -4.02
CG1 3FG D 7 -0.41 -7.76 -2.73
CZ 3FG D 7 -0.23 -9.21 -4.74
CD2 3FG D 7 0.90 -9.89 -4.17
OD2 3FG D 7 1.53 -10.90 -4.87
CG2 3FG D 7 1.36 -9.51 -2.86
CB 3FG D 7 0.72 -8.45 -2.12
CA 3FG D 7 1.24 -8.09 -0.71
C 3FG D 7 2.40 -8.97 -0.23
O 3FG D 7 2.16 -9.94 0.50
OXT 3FG D 7 3.54 -8.68 -0.58
H 3FG D 7 1.93 -6.23 -1.38
HA 3FG D 7 0.41 -8.17 -0.01
HD1 3FG D 7 -2.14 -7.88 -5.43
HZ 3FG D 7 -0.59 -9.48 -5.72
HD2 3FG D 7 2.25 -11.23 -4.36
HG2 3FG D 7 2.23 -10.00 -2.46
C2 BGC E . 5.50 5.74 1.60
C3 BGC E . 6.38 5.81 0.34
C4 BGC E . 7.06 4.47 0.07
C5 BGC E . 6.03 3.33 0.15
C6 BGC E . 6.68 1.97 0.00
C1 BGC E . 4.59 4.50 1.58
O2 BGC E . 4.72 6.90 1.70
O3 BGC E . 7.35 6.80 0.54
O4 BGC E . 7.60 4.48 -1.23
O5 BGC E . 5.40 3.37 1.41
O6 BGC E . 7.90 1.89 0.71
H2 BGC E . 6.14 5.68 2.47
H3 BGC E . 5.77 6.10 -0.51
H4 BGC E . 7.86 4.30 0.78
H5 BGC E . 5.29 3.45 -0.63
H61 BGC E . 6.01 1.21 0.40
H62 BGC E . 6.87 1.71 -1.04
H1 BGC E . 3.86 4.56 0.78
HO3 BGC E . 7.01 7.61 0.17
HO4 BGC E . 8.41 3.99 -1.19
HO6 BGC E . 8.22 1.01 0.59
C1 RER E . 5.31 7.87 2.52
C2 RER E . 4.50 9.17 2.50
C3 RER E . 3.14 9.03 3.17
N3 RER E . 2.56 10.34 3.37
C3A RER E . 2.20 8.21 2.28
C4 RER E . 3.31 8.33 4.51
O4 RER E . 2.04 8.06 5.07
C5 RER E . 4.10 7.04 4.34
O5 RER E . 5.38 7.38 3.83
C5A RER E . 4.27 6.28 5.65
H1 RER E . 6.33 8.06 2.16
H21C RER E . 5.06 9.95 3.02
H22C RER E . 4.38 9.53 1.47
HO1 RER E . 2.44 10.82 2.46
H31N RER E . 3.19 10.91 3.97
H32N RER E . 1.63 10.25 3.83
H3A1 RER E . 2.58 7.22 2.10
H3A2 RER E . 1.21 8.11 2.74
H3A3 RER E . 2.06 8.70 1.31
H4 RER E . 3.83 8.99 5.21
HO4 RER E . 2.13 8.17 6.00
H5 RER E . 3.59 6.41 3.62
H5A1 RER E . 4.84 5.35 5.50
H5A2 RER E . 4.79 6.88 6.39
H5A3 RER E . 3.29 5.99 6.06
C2 BGC F . 5.46 4.64 -4.11
C3 BGC F . 6.33 4.78 -5.35
C4 BGC F . 6.96 3.43 -5.72
C5 BGC F . 5.92 2.32 -5.74
C6 BGC F . 6.62 0.98 -5.95
C1 BGC F . 4.51 3.45 -4.23
O2 BGC F . 4.67 5.80 -3.97
O3 BGC F . 7.33 5.73 -5.09
O4 BGC F . 7.55 3.52 -6.99
O5 BGC F . 5.26 2.28 -4.49
O6 BGC F . 7.60 0.77 -4.97
H2 BGC F . 6.08 4.50 -3.23
H3 BGC F . 5.72 5.13 -6.19
H4 BGC F . 7.73 3.15 -5.00
H5 BGC F . 5.19 2.50 -6.52
H61 BGC F . 5.90 0.17 -5.88
H62 BGC F . 7.10 0.94 -6.94
H1 BGC F . 3.80 3.63 -5.04
HO3 BGC F . 7.01 6.56 -5.43
HO4 BGC F . 8.46 3.76 -6.86
HO6 BGC F . 7.99 -0.07 -5.16
C1 RER F . 5.09 6.68 -2.96
C2 RER F . 5.16 8.09 -3.54
C3 RER F . 3.78 8.62 -3.91
N3 RER F . 3.89 10.04 -4.23
C3A RER F . 3.21 7.90 -5.14
C4 RER F . 2.84 8.45 -2.72
O4 RER F . 1.54 8.82 -3.10
C5 RER F . 2.85 6.99 -2.26
O5 RER F . 4.17 6.65 -1.88
C5A RER F . 1.94 6.79 -1.04
H1 RER F . 6.06 6.36 -2.58
H21C RER F . 5.59 8.75 -2.78
H22C RER F . 5.82 8.12 -4.40
HO1 RER F . 4.26 10.56 -3.41
H31N RER F . 2.95 10.41 -4.48
H32N RER F . 4.53 10.17 -5.04
H3A1 RER F . 3.91 7.95 -5.98
H3A2 RER F . 3.01 6.85 -4.93
H3A3 RER F . 2.27 8.36 -5.46
H4 RER F . 3.15 9.09 -1.91
HO4 RER F . 1.15 9.23 -2.34
H5 RER F . 2.53 6.34 -3.07
H5A1 RER F . 0.91 7.02 -1.28
H5A2 RER F . 2.26 7.43 -0.22
H5A3 RER F . 2.00 5.76 -0.70
C1 RER G . -3.64 4.40 -2.99
C2 RER G . -3.84 3.90 -4.42
C3 RER G . -5.31 3.76 -4.80
N3 RER G . -5.45 3.70 -6.25
C3A RER G . -5.92 2.49 -4.20
C4 RER G . -6.04 4.99 -4.29
O4 RER G . -7.40 4.96 -4.66
C5 RER G . -5.88 5.10 -2.79
O5 RER G . -4.52 5.42 -2.61
C5A RER G . -6.75 6.20 -2.18
H1 RER G . -2.64 4.82 -2.91
H21C RER G . -3.34 2.96 -4.57
H22C RER G . -3.30 4.57 -5.07
HO1 RER G . -5.05 4.56 -6.67
H31N RER G . -4.94 2.87 -6.61
H32N RER G . -6.45 3.63 -6.51
H3A1 RER G . -7.01 2.48 -4.32
H3A2 RER G . -5.53 1.59 -4.67
H3A3 RER G . -5.71 2.40 -3.13
H4 RER G . -5.57 5.85 -4.75
HO4 RER G . -7.47 5.43 -5.49
H5 RER G . -6.08 4.15 -2.30
H5A1 RER G . -6.59 6.27 -1.11
H5A2 RER G . -6.52 7.16 -2.62
H5A3 RER G . -7.81 5.99 -2.35
C1 RER H . 4.75 -4.09 3.00
C2 RER H . 4.51 -3.99 4.51
C3 RER H . 3.86 -5.26 5.08
N3 RER H . 3.91 -5.19 6.54
C3A RER H . 2.39 -5.43 4.66
C4 RER H . 4.66 -6.46 4.62
O4 RER H . 4.03 -7.65 5.04
C5 RER H . 4.81 -6.45 3.10
O5 RER H . 5.46 -5.27 2.73
C5A RER H . 5.61 -7.66 2.62
H1 RER H . 5.32 -3.24 2.64
H21C RER H . 5.46 -3.83 5.00
H22C RER H . 3.90 -3.12 4.74
HO1 RER H . 3.37 -4.36 6.86
H31N RER H . 3.50 -6.06 6.94
H32N RER H . 4.89 -5.10 6.85
H3A1 RER H . 1.81 -4.52 4.76
H3A2 RER H . 2.30 -5.75 3.62
H3A3 RER H . 1.92 -6.21 5.26
H4 RER H . 5.65 -6.44 5.08
HO4 RER H . 4.71 -8.27 5.25
H5 RER H . 3.83 -6.46 2.61
H5A1 RER H . 6.61 -7.66 3.05
H5A2 RER H . 5.71 -7.68 1.54
H5A3 RER H . 5.13 -8.60 2.92
N ALA A 1 -5.23 11.03 -4.30
CA ALA A 1 -5.64 9.88 -3.51
C ALA A 1 -4.48 8.89 -3.32
N FGA A 2 -3.89 8.97 -2.12
CA FGA A 2 -2.80 8.07 -1.87
C FGA A 2 -1.49 8.68 -2.40
O FGA A 2 -0.64 9.04 -1.59
CB FGA A 2 -2.69 7.75 -0.39
CG FGA A 2 -4.02 7.26 0.18
CD FGA A 2 -3.84 6.77 1.62
OE1 FGA A 2 -2.75 6.75 2.17
H FGA A 2 -4.17 9.62 -1.41
HA FGA A 2 -3.03 7.17 -2.43
HB2 FGA A 2 -1.92 7.01 -0.22
HB3 FGA A 2 -2.40 8.66 0.15
HG2 FGA A 2 -4.76 8.05 0.17
HG3 FGA A 2 -4.41 6.44 -0.42
N LYS A 3 -5.00 6.39 2.19
CA LYS A 3 -5.02 5.94 3.56
C LYS A 3 -4.15 4.68 3.74
N DAL A 4 -3.40 4.68 4.86
CA DAL A 4 -2.60 3.48 5.07
CB DAL A 4 -3.48 2.37 5.62
C DAL A 4 -1.45 3.79 6.04
O DAL A 4 -1.29 4.90 6.53
H DAL A 4 -3.42 5.42 5.51
HA DAL A 4 -2.16 3.18 4.11
HB1 DAL A 4 -4.30 2.14 4.94
HB2 DAL A 4 -2.91 1.45 5.78
HB3 DAL A 4 -3.92 2.66 6.58
N DAL A 5 -0.69 2.71 6.29
CA DAL A 5 0.43 2.82 7.19
CB DAL A 5 1.47 3.79 6.63
C DAL A 5 1.02 1.44 7.43
O DAL A 5 0.36 0.61 8.05
OXT DAL A 5 2.16 1.21 7.01
H DAL A 5 -0.91 1.84 5.87
HA DAL A 5 0.02 3.21 8.11
HB1 DAL A 5 1.04 4.77 6.45
HB2 DAL A 5 2.31 3.90 7.33
HB3 DAL A 5 1.87 3.42 5.69
N ALA B 1 11.18 -3.84 -2.25
CA ALA B 1 10.67 -3.42 -0.94
C ALA B 1 9.56 -4.34 -0.46
N FGA B 2 9.00 -3.85 0.66
CA FGA B 2 7.90 -4.49 1.31
C FGA B 2 7.69 -3.81 2.67
O FGA B 2 7.36 -2.62 2.69
CB FGA B 2 6.70 -4.35 0.40
CG FGA B 2 6.39 -5.62 -0.40
CD FGA B 2 5.88 -5.38 -1.82
OE1 FGA B 2 5.97 -4.31 -2.41
H FGA B 2 9.38 -3.01 1.05
HA FGA B 2 8.12 -5.55 1.46
HB2 FGA B 2 5.91 -4.11 1.07
HB3 FGA B 2 6.84 -3.49 -0.26
HG2 FGA B 2 7.27 -6.23 -0.51
HG3 FGA B 2 5.67 -6.24 0.12
N LYS B 3 5.33 -6.52 -2.31
CA LYS B 3 4.64 -6.56 -3.58
C LYS B 3 3.41 -5.64 -3.60
N DAL B 4 3.03 -5.27 -4.83
CA DAL B 4 1.87 -4.41 -4.95
CB DAL B 4 0.62 -5.26 -5.19
C DAL B 4 2.08 -3.43 -6.11
O DAL B 4 2.39 -3.81 -7.23
H DAL B 4 3.51 -5.60 -5.65
HA DAL B 4 1.78 -3.84 -4.02
HB1 DAL B 4 0.48 -5.99 -4.39
HB2 DAL B 4 -0.27 -4.64 -5.23
HB3 DAL B 4 0.69 -5.80 -6.14
N DAL B 5 1.88 -2.15 -5.75
CA DAL B 5 2.05 -1.11 -6.74
CB DAL B 5 2.73 0.10 -6.12
C DAL B 5 0.67 -0.72 -7.31
O DAL B 5 0.52 0.43 -7.72
OXT DAL B 5 -0.22 -1.57 -7.33
H DAL B 5 1.64 -1.89 -4.82
HA DAL B 5 2.66 -1.55 -7.50
HB1 DAL B 5 3.71 -0.17 -5.71
HB2 DAL B 5 2.90 0.88 -6.87
HB3 DAL B 5 2.14 0.53 -5.31
N MLU C 1 1.44 1.86 12.21
CN MLU C 1 2.86 2.18 12.17
CA MLU C 1 1.03 1.16 10.99
C MLU C 1 1.82 -0.12 10.82
O MLU C 1 1.73 -1.04 11.63
CB MLU C 1 -0.45 0.81 11.00
CG MLU C 1 -1.35 2.02 11.29
CD1 MLU C 1 -1.22 3.08 10.19
CD2 MLU C 1 -2.80 1.57 11.44
H1 MLU C 1 1.25 1.24 13.03
H2 MLU C 1 0.89 2.74 12.31
HCN1 MLU C 1 3.05 2.83 11.30
HCN2 MLU C 1 3.14 2.70 13.08
HCN3 MLU C 1 3.42 1.26 12.07
HA MLU C 1 1.24 1.83 10.16
HB2 MLU C 1 -0.64 0.05 11.76
HB3 MLU C 1 -0.73 0.37 10.04
HG MLU C 1 -1.03 2.46 12.22
HD11 MLU C 1 -1.84 3.94 10.42
HD12 MLU C 1 -1.55 2.68 9.23
HD13 MLU C 1 -0.19 3.41 10.09
HD21 MLU C 1 -3.17 1.11 10.51
HD22 MLU C 1 -2.90 0.84 12.23
HD23 MLU C 1 -3.45 2.42 11.67
N OMZ C 2 2.61 -0.16 9.72
CA OMZ C 2 3.38 -1.36 9.49
C OMZ C 2 2.64 -2.27 8.48
O OMZ C 2 2.62 -3.48 8.66
CB OMZ C 2 4.84 -1.04 9.15
OC OMZ C 2 5.49 -0.55 10.29
CG OMZ C 2 4.96 -0.02 8.06
CD1 OMZ C 2 5.30 -0.42 6.72
CD2 OMZ C 2 4.69 1.37 8.33
CE1 OMZ C 2 5.28 0.54 5.66
CL OMZ C 2 5.63 0.04 4.04
CE2 OMZ C 2 4.68 2.34 7.26
CZ OMZ C 2 4.91 1.91 5.91
OH OMZ C 2 4.65 2.74 4.82
H OMZ C 2 2.64 0.62 9.09
HA OMZ C 2 3.36 -1.91 10.44
HB OMZ C 2 5.37 -1.94 8.84
HC OMZ C 2 6.39 -0.39 10.05
HD1 OMZ C 2 5.54 -1.46 6.50
HD2 OMZ C 2 4.47 1.69 9.35
HE2 OMZ C 2 4.44 3.37 7.47
N ASN C 3 2.04 -1.67 7.42
CA ASN C 3 1.33 -2.58 6.52
C ASN C 3 1.20 -2.05 5.08
N GHP C 4 0.78 -0.78 4.98
CA GHP C 4 0.64 -0.22 3.63
C GHP C 4 -0.83 0.14 3.34
O GHP C 4 -1.58 0.53 4.23
C1 GHP C 4 1.50 1.02 3.39
C2 GHP C 4 1.19 1.97 2.36
C3 GHP C 4 2.03 3.14 2.11
C4 GHP C 4 3.17 3.35 2.96
O4 GHP C 4 3.99 4.45 2.82
C5 GHP C 4 3.51 2.43 4.02
C6 GHP C 4 2.64 1.26 4.19
H GHP C 4 0.58 -0.23 5.79
HA GHP C 4 1.00 -1.00 2.95
HC2 GHP C 4 0.30 1.84 1.78
H6 GHP C 4 2.86 0.55 4.98
N GHP C 5 -1.16 -0.01 2.05
CA GHP C 5 -2.49 0.39 1.63
C GHP C 5 -2.65 0.28 0.10
O GHP C 5 -2.14 -0.66 -0.49
C1 GHP C 5 -3.67 -0.27 2.28
C2 GHP C 5 -4.60 0.59 2.93
C3 GHP C 5 -5.83 0.11 3.45
C4 GHP C 5 -6.14 -1.28 3.36
O4 GHP C 5 -7.32 -1.78 3.87
C5 GHP C 5 -5.21 -2.19 2.71
C6 GHP C 5 -3.97 -1.68 2.17
H GHP C 5 -0.50 -0.35 1.39
HA GHP C 5 -2.48 1.43 1.91
HC2 GHP C 5 -4.38 1.64 3.01
HO4 GHP C 5 -7.36 -2.71 3.73
H5 GHP C 5 -5.43 -3.24 2.64
H6 GHP C 5 -3.28 -2.35 1.67
N OMY C 6 -3.37 1.24 -0.56
CA OMY C 6 -4.04 2.41 0.00
OCZ OMY C 6 1.79 4.08 1.07
CE2 OMY C 6 0.26 3.77 -0.88
CE1 OMY C 6 -0.60 4.49 1.34
CZ OMY C 6 0.51 4.15 0.50
CG OMY C 6 -2.21 3.92 -0.47
CD2 OMY C 6 -1.09 3.66 -1.36
CD1 OMY C 6 -1.95 4.39 0.86
CB OMY C 6 -3.64 3.63 -0.83
CL OMY C 6 -0.31 5.01 2.97
O OMY C 6 -6.24 1.71 -0.77
C OMY C 6 -5.55 2.17 0.15
ODE OMY C 6 -3.81 3.38 -2.20
H OMY C 6 -3.43 1.12 -1.55
HA OMY C 6 -3.68 2.56 1.01
HE2 OMY C 6 1.09 3.54 -1.53
HD2 OMY C 6 -1.28 3.34 -2.38
HD1 OMY C 6 -2.76 4.63 1.52
HB OMY C 6 -4.25 4.48 -0.52
N 3FG C 7 -5.98 2.50 1.38
OD1 3FG C 7 -6.21 -0.03 6.17
CD1 3FG C 7 -6.87 0.98 5.50
CG1 3FG C 7 -6.75 1.09 4.08
CZ 3FG C 7 -7.68 1.92 6.24
CD2 3FG C 7 -8.37 2.96 5.56
OD2 3FG C 7 -9.14 3.86 6.27
CG2 3FG C 7 -8.26 3.08 4.13
CB 3FG C 7 -7.45 2.16 3.37
CA 3FG C 7 -7.32 2.32 1.84
C 3FG C 7 -8.12 3.52 1.28
O 3FG C 7 -9.30 3.35 0.99
OXT 3FG C 7 -7.52 4.59 1.14
H 3FG C 7 -5.32 2.86 2.03
HA 3FG C 7 -7.63 1.39 1.36
HD1 3FG C 7 -6.40 0.03 7.10
HZ 3FG C 7 -7.72 1.82 7.31
HD2 3FG C 7 -9.53 4.48 5.67
HG2 3FG C 7 -8.76 3.89 3.62
N MLU D 1 0.38 0.40 -12.49
CN MLU D 1 0.91 1.74 -12.71
CA MLU D 1 -0.13 0.27 -11.12
C MLU D 1 -1.24 1.29 -10.86
O MLU D 1 -1.92 1.75 -11.78
CB MLU D 1 -0.68 -1.13 -10.85
CG MLU D 1 0.36 -2.22 -11.09
CD1 MLU D 1 1.57 -2.05 -10.18
CD2 MLU D 1 -0.28 -3.60 -10.90
H1 MLU D 1 -0.39 0.21 -13.16
H2 MLU D 1 1.15 -0.29 -12.64
HCN1 MLU D 1 0.10 2.47 -12.56
HCN2 MLU D 1 1.71 1.93 -12.01
HCN3 MLU D 1 1.28 1.81 -13.73
HA MLU D 1 0.70 0.47 -10.44
HB2 MLU D 1 -1.55 -1.30 -11.48
HB3 MLU D 1 -1.04 -1.19 -9.82
HG MLU D 1 0.70 -2.14 -12.13
HD11 MLU D 1 1.28 -2.16 -9.13
HD12 MLU D 1 2.33 -2.81 -10.39
HD13 MLU D 1 2.03 -1.07 -10.31
HD21 MLU D 1 -0.64 -3.72 -9.87
HD22 MLU D 1 -1.12 -3.74 -11.57
HD23 MLU D 1 0.44 -4.39 -11.10
N OMZ D 2 -1.38 1.61 -9.56
CA OMZ D 2 -2.41 2.55 -9.21
C OMZ D 2 -3.18 2.06 -7.96
O OMZ D 2 -4.37 2.37 -7.81
CB OMZ D 2 -1.85 3.98 -9.08
OC OMZ D 2 -1.22 4.36 -10.27
CG OMZ D 2 -0.88 4.09 -7.95
CD1 OMZ D 2 -1.16 4.95 -6.82
CD2 OMZ D 2 0.33 3.31 -7.96
CE1 OMZ D 2 -0.27 4.95 -5.69
CL OMZ D 2 -0.63 5.95 -4.33
CE2 OMZ D 2 1.22 3.32 -6.83
CZ OMZ D 2 0.89 4.11 -5.67
OH OMZ D 2 1.63 3.96 -4.50
H OMZ D 2 -0.79 1.20 -8.87
HA OMZ D 2 -3.12 2.53 -10.04
HB OMZ D 2 -2.67 4.69 -8.90
HC OMZ D 2 -0.43 3.84 -10.34
HD1 OMZ D 2 -2.04 5.57 -6.81
HD2 OMZ D 2 0.58 2.70 -8.81
HE2 OMZ D 2 2.10 2.71 -6.83
N ASN D 3 -2.49 1.29 -7.09
CA ASN D 3 -3.27 0.79 -5.95
C ASN D 3 -2.48 0.73 -4.64
N GHP D 4 -1.53 -0.23 -4.60
CA GHP D 4 -0.80 -0.37 -3.35
C GHP D 4 -0.44 -1.84 -3.06
O GHP D 4 -0.24 -2.67 -3.93
C1 GHP D 4 0.43 0.51 -3.28
C2 GHP D 4 1.61 0.15 -2.53
C3 GHP D 4 2.75 1.04 -2.39
C4 GHP D 4 2.70 2.30 -3.07
O4 GHP D 4 3.76 3.18 -2.96
C5 GHP D 4 1.56 2.69 -3.86
C6 GHP D 4 0.43 1.78 -3.94
H GHP D 4 -1.30 -0.75 -5.42
HA GHP D 4 -1.49 -0.02 -2.58
HC2 GHP D 4 1.63 -0.82 -2.05
H6 GHP D 4 -0.44 2.05 -4.52
N GHP D 5 -0.37 -2.04 -1.73
CA GHP D 5 0.01 -3.31 -1.16
C GHP D 5 0.14 -3.17 0.37
O GHP D 5 -0.66 -2.47 0.98
C1 GHP D 5 -0.89 -4.48 -1.43
C2 GHP D 5 -0.29 -5.63 -2.02
C3 GHP D 5 -0.98 -6.85 -2.18
C4 GHP D 5 -2.35 -6.93 -1.78
O4 GHP D 5 -3.05 -8.11 -1.95
C5 GHP D 5 -3.01 -5.78 -1.20
C6 GHP D 5 -2.28 -4.56 -1.02
H GHP D 5 -0.56 -1.28 -1.12
HA GHP D 5 0.98 -3.51 -1.60
HC2 GHP D 5 0.74 -5.57 -2.33
HO4 GHP D 5 -3.93 -8.00 -1.64
H5 GHP D 5 -4.04 -5.85 -0.90
H6 GHP D 5 -2.75 -3.70 -0.56
N OMY D 6 1.13 -3.86 1.00
CA OMY D 6 2.16 -4.73 0.43
OCZ OMY D 6 3.93 0.80 -1.64
CE2 OMY D 6 3.92 -0.44 0.49
CE1 OMY D 6 4.14 -1.63 -1.67
CZ OMY D 6 4.03 -0.40 -0.94
CG OMY D 6 3.81 -2.94 0.41
CD2 OMY D 6 3.79 -1.71 1.17
CD1 OMY D 6 4.03 -2.89 -1.01
CB OMY D 6 3.50 -4.30 1.00
CL OMY D 6 4.34 -1.59 -3.39
O OMY D 6 1.47 -6.71 1.66
C OMY D 6 1.77 -6.22 0.58
ODE OMY D 6 3.42 -4.23 2.40
H OMY D 6 1.16 -3.71 2.00
HA OMY D 6 2.23 -4.59 -0.64
HE2 OMY D 6 3.92 0.49 1.03
HD2 OMY D 6 3.66 -1.75 2.24
HD1 OMY D 6 4.07 -3.83 -1.53
HB OMY D 6 4.23 -5.04 0.71
N 3FG D 7 1.81 -6.88 -0.61
OD1 3FG D 7 -1.80 -7.80 -4.62
CD1 3FG D 7 -0.69 -8.40 -4.07
CG1 3FG D 7 -0.24 -7.99 -2.79
CZ 3FG D 7 0.00 -9.42 -4.80
CD2 3FG D 7 1.15 -10.05 -4.24
OD2 3FG D 7 1.83 -11.03 -4.95
CG2 3FG D 7 1.61 -9.65 -2.94
CB 3FG D 7 0.93 -8.62 -2.18
CA 3FG D 7 1.44 -8.26 -0.77
C 3FG D 7 2.63 -9.10 -0.30
O 3FG D 7 2.43 -10.08 0.42
OXT 3FG D 7 3.76 -8.74 -0.64
H 3FG D 7 2.10 -6.36 -1.42
HA 3FG D 7 0.60 -8.37 -0.07
HD1 3FG D 7 -1.97 -8.18 -5.48
HZ 3FG D 7 -0.35 -9.69 -5.78
HD2 3FG D 7 1.40 -11.16 -5.78
HG2 3FG D 7 2.50 -10.10 -2.52
C2 BGC E . 5.58 5.69 1.55
C3 BGC E . 6.42 5.70 0.27
C4 BGC E . 7.04 4.32 -0.02
C5 BGC E . 5.99 3.22 0.15
C6 BGC E . 6.57 1.83 0.03
C1 BGC E . 4.64 4.49 1.57
O2 BGC E . 4.85 6.88 1.64
O3 BGC E . 7.45 6.65 0.41
O4 BGC E . 7.51 4.29 -1.34
O5 BGC E . 5.42 3.32 1.43
O6 BGC E . 7.81 1.73 0.68
H2 BGC E . 6.25 5.62 2.41
H3 BGC E . 5.80 5.99 -0.58
H4 BGC E . 7.87 4.14 0.66
H5 BGC E . 5.20 3.34 -0.59
H61 BGC E . 5.89 1.11 0.49
H62 BGC E . 6.69 1.53 -1.01
H1 BGC E . 3.91 4.54 0.77
HO3 BGC E . 7.98 6.37 1.14
HO4 BGC E . 8.30 3.76 -1.32
HO6 BGC E . 8.11 0.83 0.58
C1 RER E . 5.50 7.85 2.43
C2 RER E . 4.73 9.18 2.40
C3 RER E . 3.40 9.09 3.13
N3 RER E . 2.87 10.43 3.34
C3A RER E . 2.39 8.31 2.30
C4 RER E . 3.59 8.41 4.49
O4 RER E . 2.35 8.20 5.10
C5 RER E . 4.33 7.09 4.30
O5 RER E . 5.59 7.37 3.74
C5A RER E . 4.51 6.32 5.61
H1 RER E . 6.50 7.99 2.03
H21C RER E . 5.34 9.94 2.89
H22C RER E . 4.58 9.51 1.38
HO1 RER E . 2.74 10.90 2.43
H31N RER E . 3.54 10.98 3.92
H32N RER E . 1.96 10.38 3.84
H3A1 RER E . 1.42 8.22 2.81
H3A2 RER E . 2.21 8.79 1.33
H3A3 RER E . 2.74 7.29 2.10
H4 RER E . 4.17 9.06 5.15
HO4 RER E . 2.19 8.93 5.67
H5 RER E . 3.77 6.48 3.60
H5A1 RER E . 5.08 6.91 6.34
H5A2 RER E . 3.54 6.09 6.07
H5A3 RER E . 5.05 5.39 5.45
C2 BGC F . 5.37 4.52 -4.05
C3 BGC F . 6.25 4.66 -5.30
C4 BGC F . 6.86 3.32 -5.67
C5 BGC F . 5.82 2.20 -5.70
C6 BGC F . 6.49 0.86 -5.92
C1 BGC F . 4.41 3.34 -4.19
O2 BGC F . 4.60 5.69 -3.91
O3 BGC F . 7.27 5.59 -5.03
O4 BGC F . 7.45 3.40 -6.96
O5 BGC F . 5.16 2.17 -4.46
O6 BGC F . 7.48 0.63 -4.94
H2 BGC F . 5.99 4.36 -3.18
H3 BGC F . 5.65 5.03 -6.13
H4 BGC F . 7.63 3.02 -4.97
H5 BGC F . 5.08 2.40 -6.48
H61 BGC F . 5.76 0.06 -5.86
H62 BGC F . 6.97 0.81 -6.91
H1 BGC F . 3.71 3.53 -5.01
HO3 BGC F . 7.42 6.06 -5.83
HO4 BGC F . 8.36 3.63 -6.82
HO6 BGC F . 7.86 -0.22 -5.14
C1 RER F . 5.07 6.58 -2.93
C2 RER F . 5.23 7.98 -3.54
C3 RER F . 3.88 8.57 -3.96
N3 RER F . 4.06 9.97 -4.30
C3A RER F . 3.30 7.85 -5.17
C4 RER F . 2.91 8.46 -2.78
O4 RER F . 1.63 8.87 -3.18
C5 RER F . 2.86 7.02 -2.25
O5 RER F . 4.15 6.65 -1.86
C5A RER F . 1.94 6.91 -1.04
H1 RER F . 6.03 6.23 -2.54
H21C RER F . 5.70 8.64 -2.81
H22C RER F . 5.90 7.94 -4.41
HO1 RER F . 4.45 10.48 -3.48
H31N RER F . 3.14 10.39 -4.56
H32N RER F . 4.72 10.05 -5.09
H3A1 RER F . 3.04 6.81 -4.95
H3A2 RER F . 2.38 8.34 -5.51
H3A3 RER F . 4.00 7.85 -6.00
H4 RER F . 3.23 9.12 -1.98
HO4 RER F . 1.24 9.31 -2.44
H5 RER F . 2.52 6.35 -3.04
H5A1 RER F . 0.92 7.18 -1.30
H5A2 RER F . 1.93 5.89 -0.66
H5A3 RER F . 2.27 7.57 -0.24
C1 RER G . -3.68 4.56 -2.97
C2 RER G . -4.05 4.29 -4.45
C3 RER G . -5.57 4.16 -4.66
N3 RER G . -5.86 4.27 -6.08
C3A RER G . -6.07 2.80 -4.16
C4 RER G . -6.26 5.28 -3.91
O4 RER G . -7.65 5.18 -4.06
C5 RER G . -5.86 5.24 -2.44
O5 RER G . -4.49 5.55 -2.42
C5A RER G . -6.65 6.24 -1.61
H1 RER G . -2.64 4.89 -2.93
H21C RER G . -3.70 5.13 -5.03
H22C RER G . -3.53 3.41 -4.82
HO1 RER G . -6.88 4.20 -6.23
H31N RER G . -5.52 5.19 -6.43
H32N RER G . -5.37 3.51 -6.60
H3A1 RER G . -7.16 2.77 -4.17
H3A2 RER G . -5.74 2.59 -3.14
H3A3 RER G . -5.72 1.99 -4.79
H4 RER G . -5.94 6.25 -4.32
HO4 RER G . -7.99 6.06 -4.12
H5 RER G . -6.01 4.23 -2.06
H5A1 RER G . -6.45 7.26 -1.94
H5A2 RER G . -6.38 6.17 -0.55
H5A3 RER G . -7.72 6.06 -1.69
C1 RER H . 4.64 -4.02 3.07
C2 RER H . 4.27 -3.80 4.54
C3 RER H . 3.79 -5.09 5.23
N3 RER H . 3.82 -4.89 6.67
C3A RER H . 2.38 -5.50 4.82
C4 RER H . 4.76 -6.20 4.87
O4 RER H . 4.36 -7.41 5.45
C5 RER H . 4.90 -6.33 3.36
O5 RER H . 5.49 -5.14 2.93
C5A RER H . 5.82 -7.49 2.96
H1 RER H . 5.18 -3.16 2.66
H21C RER H . 3.50 -3.06 4.63
H22C RER H . 5.11 -3.36 5.06
HO1 RER H . 3.16 -4.13 6.93
H31N RER H . 4.78 -4.63 6.97
H32N RER H . 3.53 -5.76 7.15
H3A1 RER H . 1.64 -4.72 4.99
H3A2 RER H . 2.05 -6.38 5.38
H3A3 RER H . 2.31 -5.77 3.77
H4 RER H . 5.71 -5.91 5.30
HO4 RER H . 4.81 -7.48 6.29
H5 RER H . 3.94 -6.42 2.87
H5A1 RER H . 5.40 -8.44 3.29
H5A2 RER H . 5.94 -7.53 1.89
H5A3 RER H . 6.80 -7.38 3.42
N ALA A 1 -5.50 10.99 -4.15
CA ALA A 1 -5.87 9.78 -3.43
C ALA A 1 -4.66 8.86 -3.26
N FGA A 2 -4.03 8.99 -2.08
CA FGA A 2 -2.89 8.14 -1.86
C FGA A 2 -1.62 8.83 -2.39
O FGA A 2 -1.67 10.04 -2.63
CB FGA A 2 -2.76 7.83 -0.37
CG FGA A 2 -4.06 7.29 0.21
CD FGA A 2 -3.86 6.80 1.64
OE1 FGA A 2 -2.76 6.78 2.18
H FGA A 2 -4.32 9.64 -1.37
HA FGA A 2 -3.08 7.23 -2.42
HB2 FGA A 2 -1.96 7.11 -0.22
HB3 FGA A 2 -2.48 8.75 0.16
HG2 FGA A 2 -4.83 8.06 0.20
HG3 FGA A 2 -4.44 6.46 -0.39
N LYS A 3 -5.02 6.41 2.21
CA LYS A 3 -5.02 5.94 3.58
C LYS A 3 -4.14 4.69 3.75
N DAL A 4 -3.41 4.66 4.87
CA DAL A 4 -2.60 3.47 5.08
CB DAL A 4 -3.48 2.35 5.63
C DAL A 4 -1.46 3.78 6.04
O DAL A 4 -1.30 4.90 6.53
H DAL A 4 -3.45 5.40 5.55
HA DAL A 4 -2.16 3.17 4.11
HB1 DAL A 4 -4.31 2.13 4.94
HB2 DAL A 4 -2.92 1.44 5.77
HB3 DAL A 4 -3.92 2.64 6.59
N DAL A 5 -0.69 2.70 6.28
CA DAL A 5 0.43 2.81 7.18
CB DAL A 5 1.48 3.77 6.61
C DAL A 5 1.02 1.42 7.43
O DAL A 5 2.15 1.18 7.00
OXT DAL A 5 0.35 0.61 8.06
H DAL A 5 -0.91 1.82 5.86
HA DAL A 5 0.02 3.20 8.11
HB1 DAL A 5 1.05 4.75 6.44
HB2 DAL A 5 2.32 3.88 7.31
HB3 DAL A 5 1.86 3.40 5.67
N ALA B 1 11.24 -3.89 -2.15
CA ALA B 1 10.71 -3.46 -0.85
C ALA B 1 9.59 -4.37 -0.38
N FGA B 2 9.03 -3.87 0.73
CA FGA B 2 7.91 -4.50 1.37
C FGA B 2 7.69 -3.80 2.72
O FGA B 2 7.49 -2.58 2.72
CB FGA B 2 6.72 -4.36 0.44
CG FGA B 2 6.42 -5.64 -0.36
CD FGA B 2 5.93 -5.41 -1.79
OE1 FGA B 2 6.03 -4.33 -2.37
H FGA B 2 9.39 -3.03 1.11
HA FGA B 2 8.12 -5.55 1.54
HB2 FGA B 2 5.92 -4.11 1.10
HB3 FGA B 2 6.88 -3.51 -0.22
HG2 FGA B 2 7.29 -6.26 -0.44
HG3 FGA B 2 5.69 -6.26 0.16
N LYS B 3 5.36 -6.53 -2.27
CA LYS B 3 4.69 -6.58 -3.55
C LYS B 3 3.50 -5.62 -3.58
N DAL B 4 3.17 -5.22 -4.82
CA DAL B 4 2.05 -4.32 -4.97
CB DAL B 4 0.80 -5.10 -5.42
C DAL B 4 2.41 -3.23 -5.99
O DAL B 4 3.43 -3.27 -6.64
H DAL B 4 3.68 -5.56 -5.61
HA DAL B 4 1.87 -3.85 -4.00
HB1 DAL B 4 0.55 -5.87 -4.70
HB2 DAL B 4 -0.05 -4.44 -5.53
HB3 DAL B 4 0.98 -5.58 -6.38
N DAL B 5 1.49 -2.25 -6.06
CA DAL B 5 1.72 -1.16 -6.97
CB DAL B 5 2.88 -0.29 -6.49
C DAL B 5 0.44 -0.33 -7.12
O DAL B 5 0.34 0.73 -6.49
OXT DAL B 5 -0.45 -0.74 -7.85
H DAL B 5 0.65 -2.28 -5.53
HA DAL B 5 1.96 -1.62 -7.92
HB1 DAL B 5 3.79 -0.88 -6.39
HB2 DAL B 5 3.08 0.53 -7.19
HB3 DAL B 5 2.66 0.16 -5.53
N MLU C 1 1.39 1.89 12.19
CN MLU C 1 2.82 2.22 12.13
CA MLU C 1 0.99 1.19 10.97
C MLU C 1 1.79 -0.11 10.82
O MLU C 1 1.70 -1.02 11.63
CB MLU C 1 -0.49 0.82 10.98
CG MLU C 1 -1.39 2.03 11.26
CD1 MLU C 1 -1.26 3.09 10.16
CD2 MLU C 1 -2.85 1.59 11.40
H1 MLU C 1 1.21 1.29 13.01
H2 MLU C 1 0.85 2.77 12.27
HCN1 MLU C 1 3.10 2.74 13.05
HCN2 MLU C 1 3.39 1.29 12.04
HCN3 MLU C 1 3.00 2.85 11.27
HA MLU C 1 1.20 1.84 10.13
HB2 MLU C 1 -0.67 0.07 11.75
HB3 MLU C 1 -0.77 0.38 10.04
HG MLU C 1 -1.07 2.48 12.21
HD11 MLU C 1 -0.23 3.42 10.07
HD12 MLU C 1 -1.88 3.95 10.37
HD13 MLU C 1 -1.57 2.68 9.20
HD21 MLU C 1 -3.49 2.43 11.62
HD22 MLU C 1 -3.20 1.13 10.47
HD23 MLU C 1 -2.95 0.85 12.19
N OMZ C 2 2.57 -0.15 9.71
CA OMZ C 2 3.35 -1.35 9.49
C OMZ C 2 2.62 -2.26 8.48
O OMZ C 2 2.60 -3.48 8.66
CB OMZ C 2 4.81 -1.03 9.16
OC OMZ C 2 5.45 -0.52 10.30
CG OMZ C 2 4.94 -0.02 8.06
CD1 OMZ C 2 5.28 -0.43 6.73
CD2 OMZ C 2 4.67 1.38 8.33
CE1 OMZ C 2 5.27 0.53 5.67
CL OMZ C 2 5.63 0.02 4.05
CE2 OMZ C 2 4.66 2.34 7.26
CZ OMZ C 2 4.91 1.89 5.91
OH OMZ C 2 4.64 2.73 4.81
H OMZ C 2 2.59 0.63 9.07
HA OMZ C 2 3.32 -1.89 10.44
HB OMZ C 2 5.34 -1.93 8.87
HC OMZ C 2 5.45 -1.22 10.94
HD1 OMZ C 2 5.52 -1.46 6.53
HD2 OMZ C 2 4.45 1.70 9.33
HE2 OMZ C 2 4.43 3.37 7.45
N ASN C 3 2.01 -1.67 7.42
CA ASN C 3 1.31 -2.58 6.52
C ASN C 3 1.18 -2.06 5.07
N GHP C 4 0.76 -0.79 4.97
CA GHP C 4 0.63 -0.23 3.62
C GHP C 4 -0.84 0.14 3.33
O GHP C 4 -1.59 0.53 4.23
C1 GHP C 4 1.48 1.00 3.38
C2 GHP C 4 1.18 1.97 2.35
C3 GHP C 4 2.02 3.13 2.09
C4 GHP C 4 3.17 3.34 2.95
O4 GHP C 4 3.99 4.43 2.81
C5 GHP C 4 3.49 2.41 4.01
C6 GHP C 4 2.63 1.25 4.19
H GHP C 4 0.56 -0.24 5.78
HA GHP C 4 0.98 -1.01 2.94
HC2 GHP C 4 0.29 1.83 1.77
H6 GHP C 4 2.85 0.54 4.97
N GHP C 5 -1.18 -0.01 2.04
CA GHP C 5 -2.51 0.39 1.62
C GHP C 5 -2.66 0.30 0.09
O GHP C 5 -2.15 -0.63 -0.51
C1 GHP C 5 -3.68 -0.27 2.27
C2 GHP C 5 -4.61 0.59 2.93
C3 GHP C 5 -5.84 0.11 3.44
C4 GHP C 5 -6.15 -1.29 3.34
O4 GHP C 5 -7.34 -1.77 3.85
C5 GHP C 5 -5.23 -2.19 2.69
C6 GHP C 5 -3.99 -1.68 2.15
H GHP C 5 -0.52 -0.36 1.37
HA GHP C 5 -2.50 1.43 1.92
HC2 GHP C 5 -4.38 1.63 3.02
HO4 GHP C 5 -7.38 -2.70 3.70
H5 GHP C 5 -5.46 -3.23 2.61
H6 GHP C 5 -3.30 -2.34 1.64
N OMY C 6 -3.38 1.27 -0.55
CA OMY C 6 -4.04 2.43 0.02
OCZ OMY C 6 1.79 4.07 1.06
CE2 OMY C 6 0.25 3.77 -0.88
CE1 OMY C 6 -0.59 4.51 1.33
CZ OMY C 6 0.51 4.15 0.49
CG OMY C 6 -2.21 3.95 -0.47
CD2 OMY C 6 -1.11 3.66 -1.36
CD1 OMY C 6 -1.94 4.42 0.86
CB OMY C 6 -3.65 3.66 -0.81
CL OMY C 6 -0.28 5.03 2.95
O OMY C 6 -6.25 1.74 -0.75
C OMY C 6 -5.56 2.18 0.16
ODE OMY C 6 -3.82 3.42 -2.18
H OMY C 6 -3.45 1.16 -1.55
HA OMY C 6 -3.68 2.58 1.03
HE2 OMY C 6 1.07 3.52 -1.53
HD2 OMY C 6 -1.30 3.35 -2.37
HD1 OMY C 6 -2.76 4.68 1.52
HB OMY C 6 -4.26 4.50 -0.51
N 3FG C 7 -5.99 2.51 1.40
OD1 3FG C 7 -6.22 -0.05 6.16
CD1 3FG C 7 -6.88 0.97 5.51
CG1 3FG C 7 -6.75 1.09 4.09
CZ 3FG C 7 -7.68 1.89 6.26
CD2 3FG C 7 -8.37 2.95 5.58
OD2 3FG C 7 -9.14 3.84 6.30
CG2 3FG C 7 -8.25 3.08 4.15
CB 3FG C 7 -7.44 2.15 3.38
CA 3FG C 7 -7.33 2.33 1.86
C 3FG C 7 -8.13 3.53 1.31
O 3FG C 7 -9.32 3.37 1.01
OXT 3FG C 7 -7.54 4.61 1.17
H 3FG C 7 -5.32 2.88 2.04
HA 3FG C 7 -7.63 1.41 1.37
HD1 3FG C 7 -6.40 0.00 7.10
HZ 3FG C 7 -7.72 1.79 7.33
HD2 3FG C 7 -9.11 3.62 7.22
HG2 3FG C 7 -8.76 3.89 3.65
N MLU D 1 0.30 0.31 -12.28
CN MLU D 1 0.88 1.65 -12.27
CA MLU D 1 -0.36 0.03 -11.01
C MLU D 1 -1.48 1.04 -10.75
O MLU D 1 -2.36 1.25 -11.58
CB MLU D 1 -0.98 -1.37 -10.97
CG MLU D 1 0.07 -2.47 -11.09
CD1 MLU D 1 1.07 -2.41 -9.94
CD2 MLU D 1 -0.61 -3.84 -11.13
H1 MLU D 1 -0.39 0.23 -13.05
H2 MLU D 1 1.06 -0.38 -12.43
HCN1 MLU D 1 1.36 1.83 -13.23
HCN2 MLU D 1 0.07 2.37 -12.12
HCN3 MLU D 1 1.60 1.72 -11.47
HA MLU D 1 0.38 0.13 -10.22
HB2 MLU D 1 -1.70 -1.47 -11.77
HB3 MLU D 1 -1.52 -1.50 -10.03
HG MLU D 1 0.61 -2.33 -12.03
HD11 MLU D 1 1.83 -3.19 -10.05
HD12 MLU D 1 0.57 -2.57 -8.99
HD13 MLU D 1 1.58 -1.45 -9.91
HD21 MLU D 1 -1.17 -4.03 -10.21
HD22 MLU D 1 -1.31 -3.91 -11.96
HD23 MLU D 1 0.12 -4.64 -11.24
N OMZ D 2 -1.39 1.65 -9.55
CA OMZ D 2 -2.41 2.61 -9.18
C OMZ D 2 -3.17 2.13 -7.93
O OMZ D 2 -4.34 2.45 -7.76
CB OMZ D 2 -1.83 4.03 -9.05
OC OMZ D 2 -1.19 4.39 -10.25
CG OMZ D 2 -0.84 4.13 -7.93
CD1 OMZ D 2 -1.11 4.99 -6.81
CD2 OMZ D 2 0.36 3.33 -7.96
CE1 OMZ D 2 -0.21 4.98 -5.69
CL OMZ D 2 -0.55 5.98 -4.31
CE2 OMZ D 2 1.25 3.33 -6.82
CZ OMZ D 2 0.94 4.13 -5.67
OH OMZ D 2 1.69 3.96 -4.50
H OMZ D 2 -0.63 1.42 -8.92
HA OMZ D 2 -3.13 2.61 -10.00
HB OMZ D 2 -2.62 4.75 -8.88
HC OMZ D 2 -1.86 4.42 -10.92
HD1 OMZ D 2 -1.98 5.62 -6.79
HD2 OMZ D 2 0.60 2.71 -8.82
HE2 OMZ D 2 2.13 2.71 -6.83
N ASN D 3 -2.49 1.33 -7.06
CA ASN D 3 -3.26 0.83 -5.93
C ASN D 3 -2.47 0.78 -4.61
N GHP D 4 -1.53 -0.19 -4.57
CA GHP D 4 -0.77 -0.33 -3.33
C GHP D 4 -0.43 -1.80 -3.04
O GHP D 4 -0.28 -2.64 -3.92
C1 GHP D 4 0.47 0.53 -3.26
C2 GHP D 4 1.65 0.15 -2.53
C3 GHP D 4 2.79 1.04 -2.40
C4 GHP D 4 2.75 2.30 -3.08
O4 GHP D 4 3.82 3.17 -2.96
C5 GHP D 4 1.61 2.71 -3.86
C6 GHP D 4 0.48 1.80 -3.93
H GHP D 4 -1.31 -0.70 -5.40
HA GHP D 4 -1.46 0.03 -2.56
HC2 GHP D 4 1.68 -0.82 -2.06
H6 GHP D 4 -0.41 2.07 -4.50
N GHP D 5 -0.33 -2.01 -1.71
CA GHP D 5 0.03 -3.29 -1.16
C GHP D 5 0.16 -3.17 0.37
O GHP D 5 -0.64 -2.47 0.97
C1 GHP D 5 -0.87 -4.45 -1.46
C2 GHP D 5 -0.25 -5.58 -2.07
C3 GHP D 5 -0.93 -6.80 -2.27
C4 GHP D 5 -2.31 -6.90 -1.86
O4 GHP D 5 -3.00 -8.07 -2.07
C5 GHP D 5 -2.97 -5.77 -1.26
C6 GHP D 5 -2.24 -4.54 -1.04
H GHP D 5 -0.50 -1.24 -1.10
HA GHP D 5 1.01 -3.47 -1.59
HC2 GHP D 5 0.78 -5.51 -2.38
HO4 GHP D 5 -3.89 -7.98 -1.75
H5 GHP D 5 -4.01 -5.84 -0.96
H6 GHP D 5 -2.72 -3.70 -0.57
N OMY D 6 1.15 -3.86 0.99
CA OMY D 6 2.18 -4.74 0.41
OCZ OMY D 6 3.98 0.79 -1.64
CE2 OMY D 6 3.93 -0.45 0.50
CE1 OMY D 6 4.17 -1.64 -1.66
CZ OMY D 6 4.07 -0.41 -0.94
CG OMY D 6 3.82 -2.94 0.42
CD2 OMY D 6 3.79 -1.71 1.17
CD1 OMY D 6 4.08 -2.90 -1.00
CB OMY D 6 3.51 -4.30 1.01
CL OMY D 6 4.41 -1.60 -3.38
O OMY D 6 1.50 -6.73 1.64
C OMY D 6 1.79 -6.22 0.57
ODE OMY D 6 3.42 -4.23 2.41
H OMY D 6 1.16 -3.73 1.99
HA OMY D 6 2.25 -4.58 -0.65
HE2 OMY D 6 3.92 0.49 1.03
HD2 OMY D 6 3.66 -1.75 2.24
HD1 OMY D 6 4.13 -3.84 -1.52
HB OMY D 6 4.25 -5.04 0.71
N 3FG D 7 1.80 -6.87 -0.63
OD1 3FG D 7 -1.67 -7.66 -4.77
CD1 3FG D 7 -0.60 -8.30 -4.20
CG1 3FG D 7 -0.19 -7.93 -2.88
CZ 3FG D 7 0.10 -9.31 -4.93
CD2 3FG D 7 1.23 -9.96 -4.34
OD2 3FG D 7 1.92 -10.94 -5.04
CG2 3FG D 7 1.65 -9.61 -3.01
CB 3FG D 7 0.95 -8.58 -2.25
CA 3FG D 7 1.42 -8.24 -0.82
C 3FG D 7 2.60 -9.10 -0.33
O 3FG D 7 2.37 -10.08 0.37
OXT 3FG D 7 3.74 -8.75 -0.65
H 3FG D 7 2.08 -6.34 -1.44
HA 3FG D 7 0.57 -8.36 -0.15
HD1 3FG D 7 -1.82 -8.01 -5.64
HZ 3FG D 7 -0.21 -9.54 -5.93
HD2 3FG D 7 2.64 -11.26 -4.51
HG2 3FG D 7 2.51 -10.09 -2.57
C2 BGC E . 5.59 5.67 1.54
C3 BGC E . 6.45 5.67 0.28
C4 BGC E . 7.07 4.30 0.01
C5 BGC E . 6.01 3.20 0.16
C6 BGC E . 6.60 1.80 0.06
C1 BGC E . 4.64 4.46 1.56
O2 BGC E . 4.84 6.86 1.62
O3 BGC E . 7.47 6.63 0.44
O4 BGC E . 7.57 4.26 -1.29
O5 BGC E . 5.42 3.31 1.44
O6 BGC E . 7.83 1.71 0.72
H2 BGC E . 6.24 5.60 2.41
H3 BGC E . 5.85 5.97 -0.57
H4 BGC E . 7.90 4.12 0.71
H5 BGC E . 5.24 3.32 -0.59
H61 BGC E . 5.92 1.09 0.51
H62 BGC E . 6.73 1.50 -0.99
H1 BGC E . 3.91 4.51 0.75
HO3 BGC E . 7.61 7.02 -0.41
HO4 BGC E . 8.36 3.74 -1.26
HO6 BGC E . 8.13 0.81 0.62
C1 RER E . 5.49 7.83 2.41
C2 RER E . 4.72 9.16 2.37
C3 RER E . 3.36 9.07 3.07
N3 RER E . 2.83 10.41 3.26
C3A RER E . 2.36 8.27 2.22
C4 RER E . 3.54 8.41 4.43
O4 RER E . 2.29 8.18 5.03
C5 RER E . 4.28 7.09 4.27
O5 RER E . 5.55 7.36 3.73
C5A RER E . 4.44 6.33 5.60
H1 RER E . 6.49 7.98 2.03
H21C RER E . 5.32 9.92 2.86
H22C RER E . 4.58 9.48 1.34
HO1 RER E . 1.91 10.37 3.75
H31N RER E . 3.49 10.97 3.84
H32N RER E . 2.71 10.87 2.34
H3A1 RER E . 1.40 8.21 2.72
H3A2 RER E . 2.22 8.75 1.25
H3A3 RER E . 2.73 7.26 2.05
H4 RER E . 4.11 9.06 5.10
HO4 RER E . 2.40 8.32 5.96
H5 RER E . 3.73 6.46 3.57
H5A1 RER E . 5.00 6.93 6.32
H5A2 RER E . 4.98 5.39 5.44
H5A3 RER E . 3.47 6.10 6.03
C2 BGC F . 5.44 4.49 -4.09
C3 BGC F . 6.33 4.61 -5.32
C4 BGC F . 6.92 3.25 -5.69
C5 BGC F . 5.85 2.16 -5.70
C6 BGC F . 6.52 0.80 -5.93
C1 BGC F . 4.47 3.32 -4.21
O2 BGC F . 4.69 5.67 -3.94
O3 BGC F . 7.35 5.53 -5.05
O4 BGC F . 7.52 3.32 -6.95
O5 BGC F . 5.20 2.14 -4.46
O6 BGC F . 7.49 0.57 -4.94
H2 BGC F . 6.05 4.33 -3.20
H3 BGC F . 5.73 4.98 -6.16
H4 BGC F . 7.68 2.95 -4.96
H5 BGC F . 5.13 2.36 -6.49
H61 BGC F . 5.78 0.02 -5.86
H62 BGC F . 6.99 0.75 -6.90
H1 BGC F . 3.77 3.51 -5.02
HO3 BGC F . 7.52 5.99 -5.87
HO4 BGC F . 8.43 3.53 -6.82
HO6 BGC F . 7.86 -0.29 -5.12
C1 RER F . 5.15 6.55 -2.94
C2 RER F . 5.30 7.95 -3.53
C3 RER F . 3.95 8.55 -3.94
N3 RER F . 4.13 9.96 -4.25
C3A RER F . 3.39 7.85 -5.19
C4 RER F . 2.97 8.42 -2.78
O4 RER F . 1.69 8.84 -3.20
C5 RER F . 2.91 6.97 -2.29
O5 RER F . 4.21 6.59 -1.88
C5A RER F . 1.99 6.83 -1.08
H1 RER F . 6.10 6.19 -2.54
H21C RER F . 5.75 8.60 -2.78
H22C RER F . 5.98 7.93 -4.38
HO1 RER F . 3.22 10.38 -4.53
H31N RER F . 4.81 10.06 -5.05
H32N RER F . 4.51 10.45 -3.42
H3A1 RER F . 3.13 6.81 -4.98
H3A2 RER F . 2.48 8.34 -5.52
H3A3 RER F . 4.10 7.87 -6.00
H4 RER F . 3.28 9.07 -1.96
HO4 RER F . 1.62 9.75 -2.96
H5 RER F . 2.58 6.31 -3.10
H5A1 RER F . 0.95 7.10 -1.35
H5A2 RER F . 2.30 7.48 -0.27
H5A3 RER F . 1.98 5.81 -0.72
C1 RER G . -3.69 4.59 -2.95
C2 RER G . -4.07 4.34 -4.43
C3 RER G . -5.57 4.18 -4.63
N3 RER G . -5.87 4.29 -6.06
C3A RER G . -6.07 2.83 -4.14
C4 RER G . -6.28 5.31 -3.89
O4 RER G . -7.67 5.18 -4.03
C5 RER G . -5.88 5.27 -2.42
O5 RER G . -4.51 5.59 -2.40
C5A RER G . -6.67 6.27 -1.59
H1 RER G . -2.65 4.92 -2.90
H21C RER G . -3.72 5.18 -5.01
H22C RER G . -3.54 3.46 -4.81
HO1 RER G . -5.55 5.22 -6.41
H31N RER G . -6.90 4.22 -6.21
H32N RER G . -5.38 3.54 -6.57
H3A1 RER G . -5.71 2.02 -4.77
H3A2 RER G . -5.73 2.63 -3.12
H3A3 RER G . -7.16 2.79 -4.15
H4 RER G . -5.98 6.28 -4.29
HO4 RER G . -7.92 5.73 -4.77
H5 RER G . -6.01 4.26 -2.03
H5A1 RER G . -6.41 6.19 -0.53
H5A2 RER G . -7.74 6.09 -1.67
H5A3 RER G . -6.47 7.29 -1.91
C1 RER H . 4.64 -4.03 3.08
C2 RER H . 4.25 -3.81 4.55
C3 RER H . 3.78 -5.10 5.24
N3 RER H . 3.81 -4.89 6.68
C3A RER H . 2.36 -5.51 4.82
C4 RER H . 4.75 -6.20 4.89
O4 RER H . 4.34 -7.42 5.48
C5 RER H . 4.89 -6.33 3.38
O5 RER H . 5.48 -5.14 2.95
C5A RER H . 5.80 -7.50 2.99
H1 RER H . 5.18 -3.17 2.68
H21C RER H . 3.48 -3.07 4.63
H22C RER H . 5.08 -3.36 5.06
HO1 RER H . 3.15 -4.13 6.93
H31N RER H . 3.51 -5.77 7.16
H32N RER H . 4.77 -4.63 6.98
H3A1 RER H . 2.30 -5.78 3.78
H3A2 RER H . 2.04 -6.38 5.41
H3A3 RER H . 1.63 -4.72 4.99
H4 RER H . 5.71 -5.91 5.32
HO4 RER H . 5.14 -7.88 5.71
H5 RER H . 3.93 -6.43 2.88
H5A1 RER H . 5.94 -7.54 1.91
H5A2 RER H . 6.79 -7.39 3.44
H5A3 RER H . 5.38 -8.45 3.31
N ALA A 1 -5.21 11.05 -4.30
CA ALA A 1 -5.62 9.91 -3.49
C ALA A 1 -4.47 8.92 -3.32
N FGA A 2 -3.87 9.00 -2.11
CA FGA A 2 -2.78 8.08 -1.87
C FGA A 2 -1.48 8.68 -2.40
O FGA A 2 -0.54 8.81 -1.62
CB FGA A 2 -2.68 7.77 -0.38
CG FGA A 2 -4.01 7.28 0.19
CD FGA A 2 -3.83 6.79 1.63
OE1 FGA A 2 -2.74 6.77 2.18
H FGA A 2 -4.15 9.65 -1.40
HA FGA A 2 -3.03 7.18 -2.42
HB2 FGA A 2 -1.91 7.03 -0.21
HB3 FGA A 2 -2.38 8.68 0.15
HG2 FGA A 2 -4.75 8.08 0.19
HG3 FGA A 2 -4.41 6.47 -0.40
N LYS A 3 -4.99 6.43 2.20
CA LYS A 3 -5.00 5.98 3.57
C LYS A 3 -4.14 4.72 3.75
N DAL A 4 -3.40 4.69 4.87
CA DAL A 4 -2.60 3.49 5.07
CB DAL A 4 -3.50 2.39 5.62
C DAL A 4 -1.46 3.78 6.05
O DAL A 4 -1.29 4.89 6.55
H DAL A 4 -3.40 5.44 5.53
HA DAL A 4 -2.17 3.19 4.11
HB1 DAL A 4 -4.31 2.17 4.93
HB2 DAL A 4 -2.94 1.46 5.77
HB3 DAL A 4 -3.93 2.67 6.58
N DAL A 5 -0.70 2.69 6.28
CA DAL A 5 0.42 2.79 7.18
CB DAL A 5 1.48 3.75 6.63
C DAL A 5 1.01 1.40 7.41
O DAL A 5 0.33 0.56 7.99
OXT DAL A 5 2.15 1.17 7.00
H DAL A 5 -0.92 1.82 5.84
HA DAL A 5 0.02 3.16 8.12
HB1 DAL A 5 1.05 4.75 6.47
HB2 DAL A 5 2.31 3.86 7.32
HB3 DAL A 5 1.87 3.40 5.68
N ALA B 1 11.28 -3.94 -2.05
CA ALA B 1 10.74 -3.50 -0.77
C ALA B 1 9.60 -4.39 -0.30
N FGA B 2 9.02 -3.88 0.79
CA FGA B 2 7.89 -4.49 1.42
C FGA B 2 7.65 -3.79 2.76
O FGA B 2 7.77 -4.43 3.79
CB FGA B 2 6.72 -4.36 0.46
CG FGA B 2 6.42 -5.64 -0.33
CD FGA B 2 5.92 -5.41 -1.75
OE1 FGA B 2 6.03 -4.34 -2.34
H FGA B 2 9.39 -3.04 1.18
HA FGA B 2 8.09 -5.54 1.60
HB2 FGA B 2 5.90 -4.10 1.11
HB3 FGA B 2 6.89 -3.51 -0.20
HG2 FGA B 2 7.29 -6.26 -0.42
HG3 FGA B 2 5.69 -6.26 0.19
N LYS B 3 5.38 -6.54 -2.25
CA LYS B 3 4.72 -6.58 -3.53
C LYS B 3 3.52 -5.64 -3.58
N DAL B 4 3.21 -5.21 -4.81
CA DAL B 4 2.07 -4.31 -4.95
CB DAL B 4 0.84 -5.09 -5.41
C DAL B 4 2.44 -3.21 -5.96
O DAL B 4 3.47 -3.25 -6.62
H DAL B 4 3.73 -5.51 -5.60
HA DAL B 4 1.90 -3.84 -3.98
HB1 DAL B 4 0.58 -5.87 -4.69
HB2 DAL B 4 -0.03 -4.44 -5.51
HB3 DAL B 4 1.01 -5.57 -6.37
N DAL B 5 1.50 -2.24 -6.04
CA DAL B 5 1.72 -1.14 -6.96
CB DAL B 5 2.87 -0.27 -6.48
C DAL B 5 0.43 -0.34 -7.10
O DAL B 5 -0.46 -0.77 -7.84
OXT DAL B 5 0.34 0.72 -6.49
H DAL B 5 0.66 -2.29 -5.52
HA DAL B 5 1.97 -1.61 -7.90
HB1 DAL B 5 3.79 -0.85 -6.37
HB2 DAL B 5 3.07 0.53 -7.18
HB3 DAL B 5 2.65 0.17 -5.50
N MLU C 1 1.45 1.90 12.19
CN MLU C 1 2.87 2.21 12.12
CA MLU C 1 1.03 1.19 10.99
C MLU C 1 1.81 -0.11 10.82
O MLU C 1 1.73 -1.02 11.64
CB MLU C 1 -0.46 0.84 11.03
CG MLU C 1 -1.36 2.04 11.30
CD1 MLU C 1 -1.23 3.09 10.18
CD2 MLU C 1 -2.80 1.60 11.46
H1 MLU C 1 1.27 1.29 13.03
H2 MLU C 1 0.91 2.78 12.28
HCN1 MLU C 1 3.43 1.29 12.02
HCN2 MLU C 1 3.04 2.84 11.25
HCN3 MLU C 1 3.16 2.74 13.02
HA MLU C 1 1.22 1.83 10.14
HB2 MLU C 1 -0.63 0.08 11.80
HB3 MLU C 1 -0.75 0.37 10.09
HG MLU C 1 -1.02 2.50 12.23
HD11 MLU C 1 -1.85 3.95 10.40
HD12 MLU C 1 -0.20 3.42 10.08
HD13 MLU C 1 -1.55 2.67 9.24
HD21 MLU C 1 -3.45 2.45 11.68
HD22 MLU C 1 -3.17 1.13 10.55
HD23 MLU C 1 -2.90 0.88 12.27
N OMZ C 2 2.58 -0.16 9.71
CA OMZ C 2 3.35 -1.37 9.48
C OMZ C 2 2.61 -2.28 8.47
O OMZ C 2 2.57 -3.49 8.66
CB OMZ C 2 4.81 -1.05 9.14
OC OMZ C 2 5.46 -0.56 10.28
CG OMZ C 2 4.94 -0.04 8.05
CD1 OMZ C 2 5.28 -0.45 6.71
CD2 OMZ C 2 4.67 1.36 8.33
CE1 OMZ C 2 5.26 0.51 5.65
CL OMZ C 2 5.62 0.01 4.04
CE2 OMZ C 2 4.66 2.32 7.25
CZ OMZ C 2 4.91 1.89 5.90
OH OMZ C 2 4.64 2.71 4.81
H OMZ C 2 2.60 0.60 9.07
HA OMZ C 2 3.32 -1.91 10.43
HB OMZ C 2 5.33 -1.96 8.84
HC OMZ C 2 5.10 0.30 10.46
HD1 OMZ C 2 5.51 -1.48 6.51
HD2 OMZ C 2 4.45 1.68 9.33
HE2 OMZ C 2 4.43 3.36 7.45
N ASN C 3 2.01 -1.68 7.42
CA ASN C 3 1.30 -2.58 6.51
C ASN C 3 1.17 -2.06 5.06
N GHP C 4 0.75 -0.78 4.96
CA GHP C 4 0.63 -0.22 3.61
C GHP C 4 -0.85 0.13 3.33
O GHP C 4 -1.60 0.53 4.22
C1 GHP C 4 1.48 1.00 3.38
C2 GHP C 4 1.18 1.97 2.35
C3 GHP C 4 2.02 3.12 2.10
C4 GHP C 4 3.16 3.33 2.95
O4 GHP C 4 3.98 4.44 2.81
C5 GHP C 4 3.49 2.41 4.01
C6 GHP C 4 2.63 1.24 4.18
H GHP C 4 0.55 -0.24 5.77
HA GHP C 4 0.98 -1.01 2.93
HC2 GHP C 4 0.28 1.83 1.77
H6 GHP C 4 2.84 0.54 4.96
N GHP C 5 -1.18 -0.01 2.04
CA GHP C 5 -2.51 0.39 1.61
C GHP C 5 -2.67 0.30 0.08
O GHP C 5 -2.15 -0.64 -0.51
C1 GHP C 5 -3.69 -0.28 2.26
C2 GHP C 5 -4.61 0.57 2.93
C3 GHP C 5 -5.84 0.11 3.44
C4 GHP C 5 -6.15 -1.29 3.33
O4 GHP C 5 -7.34 -1.77 3.84
C5 GHP C 5 -5.22 -2.19 2.68
C6 GHP C 5 -3.98 -1.68 2.13
H GHP C 5 -0.51 -0.36 1.37
HA GHP C 5 -2.49 1.42 1.91
HC2 GHP C 5 -4.38 1.64 3.01
HO4 GHP C 5 -7.39 -2.71 3.69
H5 GHP C 5 -5.46 -3.25 2.59
H6 GHP C 5 -3.30 -2.34 1.64
N OMY C 6 -3.38 1.26 -0.56
CA OMY C 6 -4.05 2.43 0.01
OCZ OMY C 6 1.79 4.08 1.06
CE2 OMY C 6 0.26 3.78 -0.88
CE1 OMY C 6 -0.60 4.51 1.34
CZ OMY C 6 0.50 4.16 0.49
CG OMY C 6 -2.21 3.95 -0.47
CD2 OMY C 6 -1.11 3.67 -1.37
CD1 OMY C 6 -1.95 4.41 0.86
CB OMY C 6 -3.65 3.66 -0.82
CL OMY C 6 -0.30 5.01 2.97
O OMY C 6 -6.25 1.73 -0.74
C OMY C 6 -5.56 2.18 0.16
ODE OMY C 6 -3.83 3.40 -2.20
H OMY C 6 -3.45 1.15 -1.55
HA OMY C 6 -3.68 2.57 1.01
HE2 OMY C 6 1.08 3.55 -1.53
HD2 OMY C 6 -1.29 3.36 -2.38
HD1 OMY C 6 -2.76 4.65 1.52
HB OMY C 6 -4.26 4.49 -0.52
N 3FG C 7 -5.98 2.52 1.40
OD1 3FG C 7 -6.23 -0.08 6.15
CD1 3FG C 7 -6.88 0.95 5.50
CG1 3FG C 7 -6.75 1.09 4.08
CZ 3FG C 7 -7.68 1.87 6.25
CD2 3FG C 7 -8.36 2.94 5.59
OD2 3FG C 7 -9.12 3.84 6.32
CG2 3FG C 7 -8.23 3.09 4.17
CB 3FG C 7 -7.43 2.16 3.39
CA 3FG C 7 -7.33 2.35 1.87
C 3FG C 7 -8.11 3.56 1.32
O 3FG C 7 -9.29 3.40 1.00
OXT 3FG C 7 -7.53 4.64 1.22
H 3FG C 7 -5.31 2.90 2.03
HA 3FG C 7 -7.64 1.43 1.38
HD1 3FG C 7 -5.75 -0.59 5.52
HZ 3FG C 7 -7.73 1.76 7.32
HD2 3FG C 7 -9.09 3.60 7.23
HG2 3FG C 7 -8.72 3.91 3.68
N MLU D 1 0.29 0.30 -12.29
CN MLU D 1 0.85 1.65 -12.30
CA MLU D 1 -0.38 0.04 -11.02
C MLU D 1 -1.50 1.04 -10.76
O MLU D 1 -2.37 1.26 -11.59
CB MLU D 1 -0.97 -1.37 -10.96
CG MLU D 1 0.07 -2.47 -11.08
CD1 MLU D 1 1.08 -2.40 -9.93
CD2 MLU D 1 -0.60 -3.84 -11.11
H1 MLU D 1 -0.42 0.22 -13.06
H2 MLU D 1 1.04 -0.39 -12.44
HCN1 MLU D 1 1.58 1.73 -11.49
HCN2 MLU D 1 1.33 1.83 -13.26
HCN3 MLU D 1 0.04 2.37 -12.15
HA MLU D 1 0.38 0.14 -10.23
HB2 MLU D 1 -1.71 -1.48 -11.76
HB3 MLU D 1 -1.53 -1.49 -10.03
HG MLU D 1 0.62 -2.32 -12.01
HD11 MLU D 1 0.57 -2.54 -8.97
HD12 MLU D 1 1.84 -3.16 -10.02
HD13 MLU D 1 1.57 -1.42 -9.90
HD21 MLU D 1 -1.15 -4.02 -10.18
HD22 MLU D 1 -1.30 -3.91 -11.94
HD23 MLU D 1 0.14 -4.64 -11.22
N OMZ D 2 -1.41 1.64 -9.55
CA OMZ D 2 -2.43 2.61 -9.19
C OMZ D 2 -3.20 2.11 -7.94
O OMZ D 2 -4.36 2.43 -7.77
CB OMZ D 2 -1.85 4.03 -9.06
OC OMZ D 2 -1.22 4.39 -10.25
CG OMZ D 2 -0.87 4.12 -7.93
CD1 OMZ D 2 -1.13 4.99 -6.81
CD2 OMZ D 2 0.34 3.32 -7.96
CE1 OMZ D 2 -0.24 4.99 -5.69
CL OMZ D 2 -0.58 5.99 -4.32
CE2 OMZ D 2 1.22 3.33 -6.83
CZ OMZ D 2 0.91 4.13 -5.67
OH OMZ D 2 1.66 3.97 -4.50
H OMZ D 2 -0.67 1.41 -8.92
HA OMZ D 2 -3.15 2.59 -10.00
HB OMZ D 2 -2.65 4.74 -8.88
HC OMZ D 2 -0.90 5.28 -10.15
HD1 OMZ D 2 -2.01 5.61 -6.79
HD2 OMZ D 2 0.56 2.71 -8.81
HE2 OMZ D 2 2.10 2.70 -6.84
N ASN D 3 -2.51 1.32 -7.07
CA ASN D 3 -3.27 0.82 -5.94
C ASN D 3 -2.48 0.76 -4.61
N GHP D 4 -1.54 -0.21 -4.58
CA GHP D 4 -0.79 -0.34 -3.34
C GHP D 4 -0.45 -1.81 -3.05
O GHP D 4 -0.29 -2.65 -3.93
C1 GHP D 4 0.45 0.53 -3.27
C2 GHP D 4 1.62 0.16 -2.53
C3 GHP D 4 2.78 1.04 -2.39
C4 GHP D 4 2.72 2.31 -3.08
O4 GHP D 4 3.79 3.18 -2.97
C5 GHP D 4 1.59 2.70 -3.87
C6 GHP D 4 0.45 1.79 -3.93
H GHP D 4 -1.32 -0.72 -5.41
HA GHP D 4 -1.47 0.02 -2.56
HC2 GHP D 4 1.66 -0.81 -2.05
H6 GHP D 4 -0.43 2.06 -4.51
N GHP D 5 -0.35 -2.02 -1.72
CA GHP D 5 0.02 -3.30 -1.16
C GHP D 5 0.15 -3.18 0.37
O GHP D 5 -0.65 -2.48 0.96
C1 GHP D 5 -0.87 -4.46 -1.47
C2 GHP D 5 -0.25 -5.59 -2.09
C3 GHP D 5 -0.93 -6.82 -2.28
C4 GHP D 5 -2.30 -6.92 -1.88
O4 GHP D 5 -2.99 -8.11 -2.08
C5 GHP D 5 -2.97 -5.79 -1.26
C6 GHP D 5 -2.24 -4.57 -1.05
H GHP D 5 -0.52 -1.25 -1.10
HA GHP D 5 1.00 -3.48 -1.59
HC2 GHP D 5 0.78 -5.52 -2.41
HO4 GHP D 5 -2.41 -8.74 -2.48
H5 GHP D 5 -4.00 -5.88 -0.95
H6 GHP D 5 -2.73 -3.72 -0.57
N OMY D 6 1.13 -3.87 0.99
CA OMY D 6 2.16 -4.74 0.41
OCZ OMY D 6 3.95 0.79 -1.64
CE2 OMY D 6 3.92 -0.45 0.49
CE1 OMY D 6 4.15 -1.63 -1.67
CZ OMY D 6 4.05 -0.41 -0.94
CG OMY D 6 3.81 -2.94 0.41
CD2 OMY D 6 3.79 -1.71 1.17
CD1 OMY D 6 4.05 -2.90 -1.00
CB OMY D 6 3.50 -4.30 1.00
CL OMY D 6 4.37 -1.60 -3.39
O OMY D 6 1.52 -6.73 1.66
C OMY D 6 1.79 -6.23 0.58
ODE OMY D 6 3.41 -4.23 2.41
H OMY D 6 1.15 -3.73 1.98
HA OMY D 6 2.24 -4.59 -0.65
HE2 OMY D 6 3.92 0.49 1.03
HD2 OMY D 6 3.66 -1.75 2.24
HD1 OMY D 6 4.10 -3.84 -1.52
HB OMY D 6 4.24 -5.03 0.72
N 3FG D 7 1.79 -6.87 -0.62
OD1 3FG D 7 -1.64 -7.67 -4.79
CD1 3FG D 7 -0.56 -8.30 -4.21
CG1 3FG D 7 -0.16 -7.93 -2.89
CZ 3FG D 7 0.16 -9.30 -4.94
CD2 3FG D 7 1.29 -9.95 -4.34
OD2 3FG D 7 2.00 -10.90 -5.05
CG2 3FG D 7 1.69 -9.59 -3.01
CB 3FG D 7 0.96 -8.58 -2.26
CA 3FG D 7 1.41 -8.25 -0.82
C 3FG D 7 2.60 -9.09 -0.31
O 3FG D 7 2.36 -10.08 0.38
OXT 3FG D 7 3.74 -8.74 -0.63
H 3FG D 7 2.04 -6.34 -1.43
HA 3FG D 7 0.56 -8.37 -0.16
HD1 3FG D 7 -2.00 -7.04 -4.19
HZ 3FG D 7 -0.14 -9.53 -5.95
HD2 3FG D 7 2.71 -11.22 -4.51
HG2 3FG D 7 2.55 -10.07 -2.57
C2 BGC E . 5.58 5.68 1.54
C3 BGC E . 6.43 5.68 0.27
C4 BGC E . 7.05 4.31 0.00
C5 BGC E . 6.01 3.21 0.16
C6 BGC E . 6.59 1.81 0.04
C1 BGC E . 4.63 4.47 1.57
O2 BGC E . 4.84 6.86 1.62
O3 BGC E . 7.45 6.64 0.43
O4 BGC E . 7.54 4.27 -1.31
O5 BGC E . 5.42 3.31 1.43
O6 BGC E . 7.82 1.72 0.70
H2 BGC E . 6.23 5.61 2.41
H3 BGC E . 5.82 5.98 -0.58
H4 BGC E . 7.88 4.13 0.68
H5 BGC E . 5.22 3.33 -0.60
H61 BGC E . 5.90 1.10 0.49
H62 BGC E . 6.71 1.51 -1.00
H1 BGC E . 3.91 4.52 0.76
HO3 BGC E . 7.58 7.03 -0.43
HO4 BGC E . 8.46 4.50 -1.26
HO6 BGC E . 8.12 0.82 0.60
C1 RER E . 5.47 7.83 2.41
C2 RER E . 4.71 9.16 2.38
C3 RER E . 3.36 9.07 3.10
N3 RER E . 2.83 10.41 3.29
C3A RER E . 2.36 8.27 2.26
C4 RER E . 3.55 8.40 4.46
O4 RER E . 2.29 8.18 5.06
C5 RER E . 4.29 7.08 4.29
O5 RER E . 5.56 7.36 3.74
C5A RER E . 4.46 6.32 5.60
H1 RER E . 6.48 7.99 2.04
H21C RER E . 5.31 9.92 2.87
H22C RER E . 4.56 9.49 1.36
HO1 RER E . 1.92 10.36 3.79
H31N RER E . 2.70 10.87 2.37
H32N RER E . 3.50 10.97 3.86
H3A1 RER E . 1.40 8.20 2.76
H3A2 RER E . 2.20 8.75 1.29
H3A3 RER E . 2.72 7.26 2.07
H4 RER E . 4.11 9.05 5.12
HO4 RER E . 2.41 8.30 5.99
H5 RER E . 3.73 6.46 3.58
H5A1 RER E . 4.99 5.39 5.45
H5A2 RER E . 5.02 6.91 6.32
H5A3 RER E . 3.49 6.08 6.04
C2 BGC F . 5.40 4.51 -4.08
C3 BGC F . 6.28 4.63 -5.32
C4 BGC F . 6.89 3.27 -5.69
C5 BGC F . 5.83 2.18 -5.70
C6 BGC F . 6.50 0.82 -5.93
C1 BGC F . 4.45 3.33 -4.20
O2 BGC F . 4.64 5.69 -3.94
O3 BGC F . 7.31 5.55 -5.05
O4 BGC F . 7.48 3.35 -6.96
O5 BGC F . 5.17 2.16 -4.46
O6 BGC F . 7.49 0.59 -4.95
H2 BGC F . 6.03 4.34 -3.20
H3 BGC F . 5.70 5.01 -6.15
H4 BGC F . 7.65 2.97 -4.98
H5 BGC F . 5.10 2.37 -6.49
H61 BGC F . 6.98 0.77 -6.91
H62 BGC F . 5.77 0.03 -5.85
H1 BGC F . 3.74 3.52 -5.02
HO3 BGC F . 7.47 6.02 -5.86
HO4 BGC F . 6.84 3.74 -7.54
HO6 BGC F . 7.85 -0.27 -5.13
C1 RER F . 5.11 6.57 -2.94
C2 RER F . 5.27 7.96 -3.53
C3 RER F . 3.92 8.56 -3.95
N3 RER F . 4.11 9.97 -4.28
C3A RER F . 3.36 7.86 -5.19
C4 RER F . 2.94 8.44 -2.79
O4 RER F . 1.67 8.86 -3.20
C5 RER F . 2.88 7.00 -2.28
O5 RER F . 4.18 6.61 -1.88
C5A RER F . 1.95 6.87 -1.09
H1 RER F . 6.06 6.20 -2.54
H21C RER F . 5.73 8.61 -2.79
H22C RER F . 5.94 7.93 -4.39
HO1 RER F . 4.78 10.06 -5.07
H31N RER F . 3.21 10.39 -4.54
H32N RER F . 4.49 10.47 -3.45
H3A1 RER F . 4.07 7.87 -6.01
H3A2 RER F . 3.09 6.82 -4.98
H3A3 RER F . 2.45 8.35 -5.54
H4 RER F . 3.26 9.09 -1.98
HO4 RER F . 1.27 9.29 -2.46
H5 RER F . 2.55 6.34 -3.08
H5A1 RER F . 1.94 5.84 -0.72
H5A2 RER F . 2.27 7.52 -0.27
H5A3 RER F . 0.93 7.14 -1.35
C1 RER G . -3.69 4.57 -2.97
C2 RER G . -4.07 4.33 -4.44
C3 RER G . -5.58 4.19 -4.65
N3 RER G . -5.89 4.31 -6.07
C3A RER G . -6.09 2.83 -4.15
C4 RER G . -6.28 5.32 -3.89
O4 RER G . -7.67 5.21 -4.03
C5 RER G . -5.87 5.27 -2.43
O5 RER G . -4.50 5.58 -2.40
C5A RER G . -6.66 6.27 -1.58
H1 RER G . -2.66 4.91 -2.92
H21C RER G . -3.72 5.17 -5.02
H22C RER G . -3.55 3.44 -4.82
HO1 RER G . -6.90 4.24 -6.21
H31N RER G . -5.39 3.55 -6.59
H32N RER G . -5.54 5.23 -6.41
H3A1 RER G . -5.76 2.63 -3.14
H3A2 RER G . -5.73 2.02 -4.78
H3A3 RER G . -7.18 2.80 -4.17
H4 RER G . -5.96 6.28 -4.30
HO4 RER G . -7.91 5.77 -4.76
H5 RER G . -6.02 4.26 -2.04
H5A1 RER G . -6.37 6.19 -0.53
H5A2 RER G . -7.72 6.09 -1.66
H5A3 RER G . -6.47 7.29 -1.91
C1 RER H . 4.62 -4.03 3.09
C2 RER H . 4.23 -3.81 4.56
C3 RER H . 3.74 -5.11 5.24
N3 RER H . 3.77 -4.91 6.67
C3A RER H . 2.32 -5.52 4.82
C4 RER H . 4.71 -6.21 4.88
O4 RER H . 4.31 -7.43 5.46
C5 RER H . 4.86 -6.34 3.37
O5 RER H . 5.46 -5.15 2.95
C5A RER H . 5.77 -7.50 2.97
H1 RER H . 5.17 -3.17 2.69
H21C RER H . 3.46 -3.07 4.63
H22C RER H . 5.07 -3.37 5.07
HO1 RER H . 3.48 -5.78 7.16
H31N RER H . 3.11 -4.14 6.93
H32N RER H . 4.73 -4.66 6.97
H3A1 RER H . 2.27 -5.79 3.77
H3A2 RER H . 2.01 -6.39 5.40
H3A3 RER H . 1.60 -4.73 4.98
H4 RER H . 5.67 -5.93 5.32
HO4 RER H . 5.10 -7.90 5.69
H5 RER H . 3.90 -6.42 2.87
H5A1 RER H . 5.35 -8.45 3.29
H5A2 RER H . 6.75 -7.41 3.43
H5A3 RER H . 5.90 -7.55 1.89
N ALA A 1 -4.94 10.96 -4.18
CA ALA A 1 -5.48 9.70 -3.67
C ALA A 1 -4.36 8.70 -3.39
N FGA A 2 -3.76 8.86 -2.20
CA FGA A 2 -2.70 7.93 -1.89
C FGA A 2 -1.37 8.48 -2.40
O FGA A 2 -0.54 8.87 -1.57
CB FGA A 2 -2.64 7.68 -0.39
CG FGA A 2 -4.01 7.26 0.17
CD FGA A 2 -3.84 6.76 1.60
OE1 FGA A 2 -2.76 6.71 2.15
H FGA A 2 -4.02 9.56 -1.54
HA FGA A 2 -2.94 7.01 -2.42
HB2 FGA A 2 -1.91 6.90 -0.19
HB3 FGA A 2 -2.33 8.59 0.11
HG2 FGA A 2 -4.69 8.10 0.15
HG3 FGA A 2 -4.45 6.47 -0.44
N LYS A 3 -5.02 6.40 2.17
CA LYS A 3 -5.05 5.99 3.56
C LYS A 3 -4.19 4.74 3.77
N DAL A 4 -3.50 4.69 4.92
CA DAL A 4 -2.69 3.50 5.15
CB DAL A 4 -3.50 2.48 5.96
C DAL A 4 -1.40 3.89 5.87
O DAL A 4 -1.32 4.90 6.57
H DAL A 4 -3.54 5.43 5.58
HA DAL A 4 -2.42 3.09 4.17
HB1 DAL A 4 -4.41 2.19 5.43
HB2 DAL A 4 -2.92 1.56 6.13
HB3 DAL A 4 -3.78 2.88 6.93
N DAL A 5 -0.40 3.02 5.64
CA DAL A 5 0.90 3.25 6.24
CB DAL A 5 0.80 3.41 7.74
C DAL A 5 1.54 4.49 5.62
O DAL A 5 0.86 5.50 5.50
OXT DAL A 5 2.72 4.44 5.28
H DAL A 5 -0.56 2.22 5.06
HA DAL A 5 1.48 2.36 6.03
HB1 DAL A 5 0.11 4.21 8.02
HB2 DAL A 5 0.48 2.47 8.20
HB3 DAL A 5 1.78 3.65 8.16
N ALA B 1 11.55 -4.24 -1.57
CA ALA B 1 10.96 -3.78 -0.31
C ALA B 1 9.71 -4.57 0.03
N FGA B 2 9.10 -4.01 1.09
CA FGA B 2 7.86 -4.52 1.62
C FGA B 2 7.60 -3.80 2.94
O FGA B 2 7.45 -2.59 2.93
CB FGA B 2 6.79 -4.25 0.58
CG FGA B 2 6.42 -5.49 -0.25
CD FGA B 2 5.93 -5.21 -1.67
OE1 FGA B 2 6.03 -4.12 -2.21
H FGA B 2 9.52 -3.21 1.51
HA FGA B 2 7.94 -5.58 1.79
HB2 FGA B 2 5.95 -3.92 1.14
HB3 FGA B 2 7.10 -3.43 -0.07
HG2 FGA B 2 7.27 -6.14 -0.37
HG3 FGA B 2 5.67 -6.09 0.25
N LYS B 3 5.40 -6.33 -2.20
CA LYS B 3 4.74 -6.33 -3.49
C LYS B 3 3.53 -5.40 -3.51
N DAL B 4 3.22 -4.95 -4.73
CA DAL B 4 2.07 -4.06 -4.84
CB DAL B 4 0.84 -4.88 -5.24
C DAL B 4 2.37 -2.97 -5.88
O DAL B 4 3.38 -2.98 -6.56
H DAL B 4 3.75 -5.21 -5.53
HA DAL B 4 1.92 -3.58 -3.87
HB1 DAL B 4 0.63 -5.65 -4.50
HB2 DAL B 4 -0.04 -4.25 -5.32
HB3 DAL B 4 1.00 -5.37 -6.21
N DAL B 5 1.41 -2.04 -5.94
CA DAL B 5 1.55 -0.95 -6.88
CB DAL B 5 2.70 -0.04 -6.46
C DAL B 5 0.23 -0.17 -6.96
O DAL B 5 -0.73 -0.71 -7.51
OXT DAL B 5 0.19 0.96 -6.49
H DAL B 5 0.57 -2.11 -5.38
HA DAL B 5 1.77 -1.41 -7.84
HB1 DAL B 5 3.64 -0.59 -6.39
HB2 DAL B 5 2.84 0.77 -7.17
HB3 DAL B 5 2.51 0.41 -5.48
N MLU C 1 0.65 1.14 11.87
CN MLU C 1 1.97 1.21 12.51
CA MLU C 1 0.83 0.84 10.45
C MLU C 1 1.60 -0.47 10.29
O MLU C 1 1.16 -1.54 10.69
CB MLU C 1 -0.49 0.66 9.70
CG MLU C 1 -1.56 1.65 10.14
CD1 MLU C 1 -1.32 3.05 9.54
CD2 MLU C 1 -2.93 1.13 9.72
H1 MLU C 1 0.09 0.39 12.32
H2 MLU C 1 0.17 2.05 11.98
HCN1 MLU C 1 1.84 1.45 13.57
HCN2 MLU C 1 2.46 0.24 12.42
HCN3 MLU C 1 2.56 1.97 12.02
HA MLU C 1 1.40 1.65 10.01
HB2 MLU C 1 -0.85 -0.34 9.92
HB3 MLU C 1 -0.33 0.72 8.63
HG MLU C 1 -1.54 1.72 11.22
HD11 MLU C 1 -0.34 3.42 9.80
HD12 MLU C 1 -1.42 3.02 8.46
HD13 MLU C 1 -2.06 3.76 9.92
HD21 MLU C 1 -3.12 0.15 10.16
HD22 MLU C 1 -3.73 1.80 10.05
HD23 MLU C 1 -3.00 1.04 8.63
N OMZ C 2 2.79 -0.29 9.70
CA OMZ C 2 3.59 -1.49 9.50
C OMZ C 2 2.89 -2.40 8.45
O OMZ C 2 2.94 -3.61 8.56
CB OMZ C 2 5.05 -1.14 9.17
OC OMZ C 2 5.65 -0.55 10.30
CG OMZ C 2 5.15 -0.19 8.02
CD1 OMZ C 2 5.35 -0.70 6.69
CD2 OMZ C 2 4.97 1.21 8.24
CE1 OMZ C 2 5.29 0.21 5.58
CL OMZ C 2 5.49 -0.40 3.97
CE2 OMZ C 2 4.92 2.12 7.11
CZ OMZ C 2 5.04 1.61 5.78
OH OMZ C 2 4.76 2.41 4.67
H OMZ C 2 3.08 0.59 9.36
HA OMZ C 2 3.55 -2.02 10.45
HB OMZ C 2 5.61 -2.06 8.96
HC OMZ C 2 5.68 -1.20 10.98
HD1 OMZ C 2 5.52 -1.76 6.52
HD2 OMZ C 2 4.84 1.60 9.24
HE2 OMZ C 2 4.75 3.18 7.28
N ASN C 3 2.23 -1.75 7.46
CA ASN C 3 1.53 -2.60 6.50
C ASN C 3 1.42 -2.01 5.09
N GHP C 4 0.67 -0.89 5.04
CA GHP C 4 0.50 -0.28 3.73
C GHP C 4 -0.96 0.17 3.53
O GHP C 4 -1.65 0.61 4.44
C1 GHP C 4 1.42 0.90 3.46
C2 GHP C 4 1.12 1.87 2.45
C3 GHP C 4 2.02 2.97 2.13
C4 GHP C 4 3.23 3.08 2.91
O4 GHP C 4 4.11 4.14 2.75
C5 GHP C 4 3.56 2.15 3.95
C6 GHP C 4 2.63 1.06 4.21
H GHP C 4 0.26 -0.50 5.85
HA GHP C 4 0.72 -1.06 3.00
HC2 GHP C 4 0.17 1.79 1.95
H6 GHP C 4 2.84 0.37 5.01
N GHP C 5 -1.35 0.00 2.25
CA GHP C 5 -2.67 0.43 1.84
C GHP C 5 -2.83 0.28 0.32
O GHP C 5 -2.35 -0.70 -0.25
C1 GHP C 5 -3.85 -0.20 2.49
C2 GHP C 5 -4.76 0.68 3.14
C3 GHP C 5 -6.01 0.24 3.65
C4 GHP C 5 -6.35 -1.14 3.57
O4 GHP C 5 -7.54 -1.59 4.08
C5 GHP C 5 -5.44 -2.08 2.94
C6 GHP C 5 -4.18 -1.60 2.40
H GHP C 5 -0.71 -0.39 1.58
HA GHP C 5 -2.63 1.48 2.11
HC2 GHP C 5 -4.50 1.73 3.22
HO4 GHP C 5 -7.62 -2.53 3.95
H5 GHP C 5 -5.69 -3.12 2.87
H6 GHP C 5 -3.52 -2.29 1.90
N OMY C 6 -3.51 1.24 -0.36
CA OMY C 6 -4.14 2.45 0.16
OCZ OMY C 6 1.79 3.93 1.10
CE2 OMY C 6 0.23 3.60 -0.82
CE1 OMY C 6 -0.57 4.42 1.39
CZ OMY C 6 0.51 4.02 0.54
CG OMY C 6 -2.22 3.86 -0.38
CD2 OMY C 6 -1.13 3.52 -1.27
CD1 OMY C 6 -1.93 4.35 0.94
CB OMY C 6 -3.67 3.62 -0.72
CL OMY C 6 -0.23 4.97 2.99
O OMY C 6 -6.36 1.89 -0.66
C OMY C 6 -5.66 2.27 0.27
ODE OMY C 6 -3.81 3.28 -2.07
H OMY C 6 -3.60 1.10 -1.36
HA OMY C 6 -3.78 2.63 1.17
HE2 OMY C 6 1.04 3.33 -1.47
HD2 OMY C 6 -1.36 3.20 -2.29
HD1 OMY C 6 -2.74 4.64 1.58
HB OMY C 6 -4.25 4.51 -0.50
N 3FG C 7 -6.09 2.57 1.53
OD1 3FG C 7 -6.38 0.20 6.37
CD1 3FG C 7 -7.03 1.21 5.68
CG1 3FG C 7 -6.90 1.27 4.26
CZ 3FG C 7 -7.81 2.17 6.39
CD2 3FG C 7 -8.49 3.21 5.68
OD2 3FG C 7 -9.24 4.14 6.35
CG2 3FG C 7 -8.37 3.28 4.25
CB 3FG C 7 -7.56 2.32 3.51
CA 3FG C 7 -7.45 2.44 1.98
C 3FG C 7 -8.22 3.63 1.37
O 3FG C 7 -9.41 3.50 1.13
OXT 3FG C 7 -7.59 4.68 1.16
H 3FG C 7 -5.41 2.88 2.19
HA 3FG C 7 -7.76 1.50 1.51
HD1 3FG C 7 -6.55 0.30 7.30
HZ 3FG C 7 -7.85 2.11 7.47
HD2 3FG C 7 -9.21 3.95 7.29
HG2 3FG C 7 -8.87 4.08 3.71
N MLU D 1 0.57 0.11 -11.99
CN MLU D 1 1.06 1.49 -11.91
CA MLU D 1 -0.15 -0.23 -10.76
C MLU D 1 -1.35 0.70 -10.57
O MLU D 1 -2.28 0.73 -11.36
CB MLU D 1 -0.69 -1.65 -10.79
CG MLU D 1 0.41 -2.70 -11.01
CD1 MLU D 1 1.44 -2.64 -9.88
CD2 MLU D 1 -0.20 -4.10 -11.10
H1 MLU D 1 -0.06 0.01 -12.80
H2 MLU D 1 1.38 -0.53 -12.09
HCN1 MLU D 1 0.21 2.16 -11.80
HCN2 MLU D 1 1.72 1.59 -11.05
HCN3 MLU D 1 1.60 1.73 -12.83
HA MLU D 1 0.53 -0.11 -9.92
HB2 MLU D 1 -1.42 -1.75 -11.59
HB3 MLU D 1 -1.21 -1.87 -9.87
HG MLU D 1 0.92 -2.47 -11.94
HD11 MLU D 1 2.24 -3.36 -10.05
HD12 MLU D 1 1.89 -1.66 -9.80
HD13 MLU D 1 0.98 -2.88 -8.92
HD21 MLU D 1 -0.92 -4.15 -11.93
HD22 MLU D 1 -0.72 -4.35 -10.18
HD23 MLU D 1 0.57 -4.85 -11.28
N OMZ D 2 -1.27 1.47 -9.46
CA OMZ D 2 -2.38 2.37 -9.19
C OMZ D 2 -3.21 1.84 -8.01
O OMZ D 2 -4.42 2.04 -7.97
CB OMZ D 2 -1.91 3.83 -9.04
OC OMZ D 2 -1.34 4.26 -10.25
CG OMZ D 2 -0.90 4.02 -7.95
CD1 OMZ D 2 -1.23 4.83 -6.81
CD2 OMZ D 2 0.38 3.37 -8.03
CE1 OMZ D 2 -0.29 4.92 -5.71
CL OMZ D 2 -0.69 5.86 -4.32
CE2 OMZ D 2 1.31 3.46 -6.94
CZ OMZ D 2 0.95 4.20 -5.76
OH OMZ D 2 1.74 4.09 -4.60
H OMZ D 2 -0.49 1.40 -8.84
HA OMZ D 2 -3.04 2.31 -10.05
HB OMZ D 2 -2.76 4.48 -8.85
HC OMZ D 2 -0.52 3.80 -10.35
HD1 OMZ D 2 -2.16 5.35 -6.73
HD2 OMZ D 2 0.64 2.79 -8.91
HE2 OMZ D 2 2.25 2.94 -6.98
N ASN D 3 -2.54 1.15 -7.05
CA ASN D 3 -3.39 0.63 -5.97
C ASN D 3 -2.69 0.56 -4.60
N GHP D 4 -1.48 -0.04 -4.58
CA GHP D 4 -0.79 -0.12 -3.28
C GHP D 4 -0.47 -1.59 -2.94
O GHP D 4 -0.32 -2.45 -3.78
C1 GHP D 4 0.46 0.74 -3.22
C2 GHP D 4 1.61 0.37 -2.44
C3 GHP D 4 2.78 1.25 -2.34
C4 GHP D 4 2.76 2.47 -3.09
O4 GHP D 4 3.86 3.31 -3.02
C5 GHP D 4 1.64 2.85 -3.91
C6 GHP D 4 0.48 1.97 -3.93
H GHP D 4 -1.07 -0.40 -5.41
HA GHP D 4 -1.49 0.30 -2.55
HC2 GHP D 4 1.64 -0.58 -1.92
H6 GHP D 4 -0.38 2.26 -4.51
N GHP D 5 -0.36 -1.77 -1.61
CA GHP D 5 0.02 -3.06 -1.05
C GHP D 5 0.17 -2.96 0.48
O GHP D 5 -0.62 -2.26 1.10
C1 GHP D 5 -0.87 -4.23 -1.35
C2 GHP D 5 -0.27 -5.35 -1.97
C3 GHP D 5 -0.95 -6.58 -2.15
C4 GHP D 5 -2.32 -6.68 -1.75
O4 GHP D 5 -3.00 -7.86 -1.94
C5 GHP D 5 -2.98 -5.56 -1.13
C6 GHP D 5 -2.25 -4.33 -0.92
H GHP D 5 -0.52 -1.00 -0.99
HA GHP D 5 0.99 -3.24 -1.49
HC2 GHP D 5 0.76 -5.28 -2.29
HO4 GHP D 5 -3.89 -7.77 -1.62
H5 GHP D 5 -4.00 -5.64 -0.82
H6 GHP D 5 -2.73 -3.49 -0.44
N OMY D 6 1.17 -3.64 1.08
CA OMY D 6 2.19 -4.52 0.50
OCZ OMY D 6 3.94 1.03 -1.54
CE2 OMY D 6 3.95 -0.23 0.60
CE1 OMY D 6 4.13 -1.40 -1.59
CZ OMY D 6 4.04 -0.17 -0.84
CG OMY D 6 3.84 -2.74 0.49
CD2 OMY D 6 3.84 -1.51 1.26
CD1 OMY D 6 4.05 -2.67 -0.93
CB OMY D 6 3.54 -4.10 1.08
CL OMY D 6 4.31 -1.33 -3.31
O OMY D 6 1.54 -6.51 1.74
C OMY D 6 1.80 -6.01 0.66
ODE OMY D 6 3.46 -4.05 2.48
H OMY D 6 1.20 -3.52 2.08
HA OMY D 6 2.26 -4.36 -0.57
HE2 OMY D 6 3.93 0.70 1.15
HD2 OMY D 6 3.73 -1.55 2.34
HD1 OMY D 6 4.08 -3.58 -1.50
HB OMY D 6 4.26 -4.83 0.77
N 3FG D 7 1.80 -6.65 -0.54
OD1 3FG D 7 -1.71 -7.44 -4.66
CD1 3FG D 7 -0.61 -8.06 -4.09
CG1 3FG D 7 -0.19 -7.70 -2.78
CZ 3FG D 7 0.10 -9.06 -4.84
CD2 3FG D 7 1.24 -9.71 -4.27
OD2 3FG D 7 1.93 -10.66 -4.98
CG2 3FG D 7 1.65 -9.35 -2.93
CB 3FG D 7 0.95 -8.35 -2.17
CA 3FG D 7 1.41 -8.02 -0.73
C 3FG D 7 2.60 -8.88 -0.26
O 3FG D 7 2.37 -9.86 0.45
OXT 3FG D 7 3.74 -8.53 -0.59
H 3FG D 7 2.05 -6.12 -1.35
HA 3FG D 7 0.57 -8.14 -0.06
HD1 3FG D 7 -2.06 -6.80 -4.05
HZ 3FG D 7 -0.22 -9.29 -5.85
HD2 3FG D 7 2.66 -10.98 -4.47
HG2 3FG D 7 2.54 -9.83 -2.51
C2 BGC E . 5.54 5.52 1.49
C3 BGC E . 6.35 5.67 0.20
C4 BGC E . 7.07 4.38 -0.13
C5 BGC E . 6.11 3.20 -0.06
C6 BGC E . 6.85 1.88 -0.30
C1 BGC E . 4.67 4.26 1.46
O2 BGC E . 4.72 6.65 1.68
O3 BGC E . 7.28 6.71 0.39
O4 BGC E . 7.59 4.45 -1.43
O5 BGC E . 5.50 3.14 1.21
O6 BGC E . 7.85 1.68 0.67
H2 BGC E . 6.23 5.43 2.33
H3 BGC E . 5.69 5.96 -0.62
H4 BGC E . 7.90 4.22 0.55
H5 BGC E . 5.33 3.32 -0.81
H61 BGC E . 7.33 1.88 -1.29
H62 BGC E . 6.17 1.02 -0.26
H1 BGC E . 3.90 4.33 0.71
HO3 BGC E . 7.36 7.16 -0.44
HO4 BGC E . 8.49 4.75 -1.35
HO6 BGC E . 8.27 0.86 0.47
C1 RER E . 5.40 7.66 2.40
C2 RER E . 4.49 8.89 2.58
C3 RER E . 3.31 8.61 3.51
N3 RER E . 2.68 9.87 3.86
C3A RER E . 2.28 7.72 2.81
C4 RER E . 3.82 7.92 4.79
O4 RER E . 2.73 7.55 5.58
C5 RER E . 4.66 6.71 4.42
O5 RER E . 5.77 7.15 3.67
C5A RER E . 5.15 5.94 5.65
H1 RER E . 6.29 7.94 1.86
H21C RER E . 5.09 9.69 2.99
H22C RER E . 4.13 9.22 1.61
HO1 RER E . 1.88 9.69 4.50
H31N RER E . 2.33 10.33 3.00
H32N RER E . 3.37 10.49 4.34
H3A1 RER E . 1.43 7.52 3.46
H3A2 RER E . 1.90 8.20 1.91
H3A3 RER E . 2.70 6.76 2.52
H4 RER E . 4.42 8.63 5.36
HO4 RER E . 2.99 7.67 6.49
H5 RER E . 4.06 6.04 3.80
H5A1 RER E . 5.71 5.06 5.36
H5A2 RER E . 5.81 6.57 6.25
H5A3 RER E . 4.32 5.63 6.28
C2 BGC F . 5.42 4.63 -4.20
C3 BGC F . 6.25 4.77 -5.48
C4 BGC F . 6.88 3.43 -5.87
C5 BGC F . 5.88 2.27 -5.78
C6 BGC F . 6.60 0.95 -5.97
C1 BGC F . 4.50 3.43 -4.27
O2 BGC F . 4.62 5.78 -4.05
O3 BGC F . 7.27 5.71 -5.26
O4 BGC F . 7.36 3.49 -7.18
O5 BGC F . 5.28 2.27 -4.50
O6 BGC F . 7.63 0.80 -5.04
H2 BGC F . 6.08 4.51 -3.35
H3 BGC F . 5.63 5.12 -6.28
H4 BGC F . 7.72 3.18 -5.21
H5 BGC F . 5.10 2.40 -6.54
H61 BGC F . 7.04 0.88 -6.97
H62 BGC F . 5.91 0.13 -5.85
H1 BGC F . 3.79 3.56 -5.10
HO3 BGC F . 7.39 6.18 -6.08
HO4 BGC F . 6.66 3.85 -7.71
HO6 BGC F . 8.03 -0.04 -5.20
C1 RER F . 5.01 6.65 -3.02
C2 RER F . 5.05 8.07 -3.56
C3 RER F . 3.66 8.58 -3.95
N3 RER F . 3.74 10.00 -4.24
C3A RER F . 3.11 7.86 -5.19
C4 RER F . 2.72 8.36 -2.77
O4 RER F . 1.41 8.72 -3.14
C5 RER F . 2.76 6.91 -2.32
O5 RER F . 4.08 6.59 -1.96
C5A RER F . 1.86 6.67 -1.11
H1 RER F . 5.99 6.35 -2.63
H21C RER F . 5.47 8.73 -2.81
H22C RER F . 5.72 8.13 -4.43
HO1 RER F . 4.10 10.52 -3.41
H31N RER F . 2.79 10.36 -4.49
H32N RER F . 4.38 10.16 -5.05
H3A1 RER F . 2.17 8.30 -5.50
H3A2 RER F . 3.81 7.94 -6.02
H3A3 RER F . 2.93 6.81 -4.99
H4 RER F . 3.01 9.00 -1.95
HO4 RER F . 1.28 9.62 -2.88
H5 RER F . 2.45 6.25 -3.14
H5A1 RER F . 1.93 5.64 -0.77
H5A2 RER F . 0.82 6.88 -1.34
H5A3 RER F . 2.16 7.31 -0.28
C1 RER G . -3.62 4.37 -2.93
C2 RER G . -3.89 3.90 -4.36
C3 RER G . -5.37 3.85 -4.73
N3 RER G . -5.52 3.81 -6.18
C3A RER G . -6.03 2.60 -4.13
C4 RER G . -6.02 5.10 -4.19
O4 RER G . -7.38 5.15 -4.54
C5 RER G . -5.82 5.19 -2.69
O5 RER G . -4.45 5.44 -2.52
C5A RER G . -6.62 6.33 -2.06
H1 RER G . -2.61 4.73 -2.88
H21C RER G . -3.45 2.92 -4.53
H22C RER G . -3.30 4.53 -5.02
HO1 RER G . -5.05 2.96 -6.56
H31N RER G . -5.07 4.66 -6.59
H32N RER G . -6.52 3.81 -6.42
H3A1 RER G . -7.12 2.65 -4.25
H3A2 RER G . -5.71 1.69 -4.64
H3A3 RER G . -5.82 2.48 -3.08
H4 RER G . -5.51 5.94 -4.66
HO4 RER G . -7.59 6.06 -4.70
H5 RER G . -6.07 4.24 -2.21
H5A1 RER G . -7.69 6.18 -2.21
H5A2 RER G . -6.43 6.38 -0.98
H5A3 RER G . -6.34 7.28 -2.50
C1 RER H . 4.71 -4.06 3.14
C2 RER H . 4.45 -4.03 4.65
C3 RER H . 3.80 -5.32 5.16
N3 RER H . 3.83 -5.32 6.61
C3A RER H . 2.34 -5.48 4.71
C4 RER H . 4.61 -6.51 4.64
O4 RER H . 3.96 -7.71 5.00
C5 RER H . 4.77 -6.43 3.13
O5 RER H . 5.43 -5.22 2.81
C5A RER H . 5.59 -7.61 2.62
H1 RER H . 5.29 -3.18 2.84
H21C RER H . 5.41 -3.90 5.16
H22C RER H . 3.84 -3.17 4.92
HO1 RER H . 3.42 -6.22 6.97
H31N RER H . 3.29 -4.52 6.97
H32N RER H . 4.82 -5.25 6.94
H3A1 RER H . 1.84 -6.25 5.29
H3A2 RER H . 1.76 -4.56 4.83
H3A3 RER H . 2.26 -5.76 3.67
H4 RER H . 5.59 -6.52 5.11
HO4 RER H . 4.64 -8.34 5.19
H5 RER H . 3.79 -6.42 2.64
H5A1 RER H . 5.11 -8.56 2.89
H5A2 RER H . 6.59 -7.60 3.04
H5A3 RER H . 5.68 -7.61 1.53
N ALA A 1 -4.96 10.96 -4.18
CA ALA A 1 -5.50 9.69 -3.70
C ALA A 1 -4.39 8.69 -3.44
N FGA A 2 -3.78 8.85 -2.25
CA FGA A 2 -2.72 7.91 -1.95
C FGA A 2 -1.38 8.44 -2.48
O FGA A 2 -1.26 8.58 -3.71
CB FGA A 2 -2.64 7.67 -0.44
CG FGA A 2 -4.00 7.26 0.14
CD FGA A 2 -3.81 6.79 1.59
OE1 FGA A 2 -2.71 6.73 2.11
H FGA A 2 -4.02 9.56 -1.59
HA FGA A 2 -2.98 6.99 -2.47
HB2 FGA A 2 -1.90 6.90 -0.25
HB3 FGA A 2 -2.31 8.59 0.04
HG2 FGA A 2 -4.69 8.10 0.12
HG3 FGA A 2 -4.45 6.46 -0.44
N LYS A 3 -4.97 6.48 2.18
CA LYS A 3 -4.98 6.07 3.57
C LYS A 3 -4.16 4.79 3.78
N DAL A 4 -3.39 4.76 4.88
CA DAL A 4 -2.62 3.54 5.08
CB DAL A 4 -3.54 2.46 5.68
C DAL A 4 -1.43 3.79 6.01
O DAL A 4 -1.19 4.90 6.46
H DAL A 4 -3.36 5.52 5.52
HA DAL A 4 -2.24 3.20 4.11
HB1 DAL A 4 -4.39 2.26 5.03
HB2 DAL A 4 -3.00 1.52 5.83
HB3 DAL A 4 -3.93 2.77 6.65
N DAL A 5 -0.72 2.67 6.23
CA DAL A 5 0.45 2.71 7.08
CB DAL A 5 1.47 3.72 6.52
C DAL A 5 1.05 1.31 7.16
O DAL A 5 2.26 1.17 6.96
OXT DAL A 5 0.31 0.37 7.42
H DAL A 5 -1.01 1.81 5.81
HA DAL A 5 0.10 3.02 8.05
HB1 DAL A 5 1.03 4.71 6.46
HB2 DAL A 5 2.34 3.76 7.17
HB3 DAL A 5 1.80 3.42 5.53
N ALA B 1 11.49 -4.57 -1.75
CA ALA B 1 10.93 -4.04 -0.51
C ALA B 1 9.66 -4.80 -0.11
N FGA B 2 9.07 -4.20 0.93
CA FGA B 2 7.84 -4.66 1.49
C FGA B 2 7.60 -3.89 2.78
O FGA B 2 7.47 -2.67 2.73
CB FGA B 2 6.76 -4.42 0.45
CG FGA B 2 6.36 -5.68 -0.34
CD FGA B 2 5.85 -5.41 -1.76
OE1 FGA B 2 5.95 -4.32 -2.31
H FGA B 2 9.51 -3.39 1.31
HA FGA B 2 7.91 -5.73 1.70
HB2 FGA B 2 5.93 -4.05 1.01
HB3 FGA B 2 7.06 -3.62 -0.22
HG2 FGA B 2 7.20 -6.34 -0.45
HG3 FGA B 2 5.60 -6.25 0.18
N LYS B 3 5.32 -6.53 -2.28
CA LYS B 3 4.65 -6.51 -3.56
C LYS B 3 3.45 -5.56 -3.57
N DAL B 4 3.14 -5.11 -4.79
CA DAL B 4 2.01 -4.20 -4.90
CB DAL B 4 0.77 -4.99 -5.36
C DAL B 4 2.35 -3.08 -5.90
O DAL B 4 3.37 -3.10 -6.57
H DAL B 4 3.66 -5.38 -5.60
HA DAL B 4 1.84 -3.75 -3.92
HB1 DAL B 4 0.54 -5.78 -4.64
HB2 DAL B 4 -0.10 -4.34 -5.44
HB3 DAL B 4 0.94 -5.45 -6.33
N DAL B 5 1.41 -2.12 -5.94
CA DAL B 5 1.61 -1.00 -6.83
CB DAL B 5 2.74 -0.12 -6.34
C DAL B 5 0.30 -0.21 -6.94
O DAL B 5 0.25 0.92 -6.46
OXT DAL B 5 -0.67 -0.73 -7.52
H DAL B 5 0.57 -2.18 -5.41
HA DAL B 5 1.84 -1.44 -7.80
HB1 DAL B 5 3.67 -0.68 -6.27
HB2 DAL B 5 2.91 0.72 -7.02
HB3 DAL B 5 2.51 0.30 -5.36
N MLU C 1 1.67 1.56 12.30
CN MLU C 1 3.10 1.86 12.28
CA MLU C 1 1.27 0.93 11.05
C MLU C 1 2.05 -0.37 10.81
O MLU C 1 1.93 -1.32 11.56
CB MLU C 1 -0.23 0.60 11.01
CG MLU C 1 -1.10 1.82 11.31
CD1 MLU C 1 -1.00 2.86 10.19
CD2 MLU C 1 -2.55 1.39 11.50
H1 MLU C 1 1.47 0.91 13.08
H2 MLU C 1 1.13 2.44 12.44
HCN1 MLU C 1 3.31 2.54 11.45
HCN2 MLU C 1 3.65 0.93 12.15
HCN3 MLU C 1 3.38 2.33 13.23
HA MLU C 1 1.50 1.64 10.24
HB2 MLU C 1 -0.43 -0.17 11.76
HB3 MLU C 1 -0.49 0.19 10.05
HG MLU C 1 -0.75 2.28 12.24
HD11 MLU C 1 0.04 3.17 10.04
HD12 MLU C 1 -1.38 2.45 9.26
HD13 MLU C 1 -1.58 3.75 10.43
HD21 MLU C 1 -2.94 0.92 10.59
HD22 MLU C 1 -2.64 0.66 12.31
HD23 MLU C 1 -3.19 2.24 11.74
N OMZ C 2 2.84 -0.33 9.72
CA OMZ C 2 3.61 -1.53 9.42
C OMZ C 2 2.86 -2.37 8.38
O OMZ C 2 2.80 -3.59 8.50
CB OMZ C 2 5.06 -1.19 9.05
OC OMZ C 2 5.73 -0.68 10.18
CG OMZ C 2 5.12 -0.17 7.95
CD1 OMZ C 2 5.36 -0.59 6.60
CD2 OMZ C 2 4.90 1.22 8.24
CE1 OMZ C 2 5.28 0.37 5.54
CL OMZ C 2 5.52 -0.14 3.89
CE2 OMZ C 2 4.83 2.18 7.18
CZ OMZ C 2 4.98 1.75 5.82
OH OMZ C 2 4.67 2.60 4.75
H OMZ C 2 2.89 0.48 9.14
HA OMZ C 2 3.61 -2.11 10.35
HB OMZ C 2 5.59 -2.09 8.74
HC OMZ C 2 6.62 -0.51 9.91
HD1 OMZ C 2 5.56 -1.63 6.38
HD2 OMZ C 2 4.75 1.54 9.26
HE2 OMZ C 2 4.64 3.22 7.40
N ASN C 3 2.26 -1.70 7.36
CA ASN C 3 1.52 -2.56 6.43
C ASN C 3 1.43 -1.97 5.00
N GHP C 4 0.69 -0.84 4.94
CA GHP C 4 0.53 -0.22 3.63
C GHP C 4 -0.93 0.19 3.41
O GHP C 4 -1.63 0.64 4.31
C1 GHP C 4 1.44 0.98 3.39
C2 GHP C 4 1.13 1.95 2.38
C3 GHP C 4 1.99 3.10 2.13
C4 GHP C 4 3.15 3.28 2.97
O4 GHP C 4 3.97 4.38 2.85
C5 GHP C 4 3.50 2.32 3.98
C6 GHP C 4 2.62 1.17 4.16
H GHP C 4 0.31 -0.43 5.76
HA GHP C 4 0.79 -1.00 2.90
HC2 GHP C 4 0.22 1.84 1.82
H6 GHP C 4 2.84 0.44 4.93
N GHP C 5 -1.32 0.01 2.14
CA GHP C 5 -2.64 0.42 1.72
C GHP C 5 -2.82 0.28 0.21
O GHP C 5 -2.34 -0.71 -0.35
C1 GHP C 5 -3.82 -0.20 2.40
C2 GHP C 5 -4.73 0.69 3.04
C3 GHP C 5 -5.97 0.26 3.57
C4 GHP C 5 -6.30 -1.13 3.51
O4 GHP C 5 -7.50 -1.57 4.04
C5 GHP C 5 -5.40 -2.07 2.89
C6 GHP C 5 -4.15 -1.60 2.33
H GHP C 5 -0.68 -0.39 1.47
HA GHP C 5 -2.60 1.47 2.00
HC2 GHP C 5 -4.48 1.74 3.09
HO4 GHP C 5 -7.98 -0.84 4.41
H5 GHP C 5 -5.66 -3.12 2.84
H6 GHP C 5 -3.49 -2.29 1.84
N OMY C 6 -3.51 1.24 -0.47
CA OMY C 6 -4.12 2.44 0.07
OCZ OMY C 6 1.75 4.08 1.12
CE2 OMY C 6 0.24 3.75 -0.83
CE1 OMY C 6 -0.63 4.50 1.38
CZ OMY C 6 0.48 4.15 0.54
CG OMY C 6 -2.23 3.91 -0.43
CD2 OMY C 6 -1.12 3.62 -1.31
CD1 OMY C 6 -1.97 4.38 0.90
CB OMY C 6 -3.66 3.63 -0.79
CL OMY C 6 -0.34 5.03 3.00
O OMY C 6 -6.35 1.85 -0.71
C OMY C 6 -5.65 2.26 0.21
ODE OMY C 6 -3.77 3.27 -2.15
H OMY C 6 -3.59 1.09 -1.45
HA OMY C 6 -3.76 2.62 1.07
HE2 OMY C 6 1.07 3.52 -1.47
HD2 OMY C 6 -1.31 3.31 -2.32
HD1 OMY C 6 -2.81 4.62 1.53
HB OMY C 6 -4.27 4.50 -0.59
N 3FG C 7 -6.06 2.60 1.44
OD1 3FG C 7 -6.35 0.19 6.29
CD1 3FG C 7 -6.99 1.21 5.60
CG1 3FG C 7 -6.86 1.29 4.19
CZ 3FG C 7 -7.74 2.18 6.33
CD2 3FG C 7 -8.40 3.24 5.63
OD2 3FG C 7 -9.14 4.18 6.32
CG2 3FG C 7 -8.29 3.32 4.20
CB 3FG C 7 -7.51 2.35 3.45
CA 3FG C 7 -7.41 2.48 1.92
C 3FG C 7 -8.17 3.69 1.33
O 3FG C 7 -9.34 3.54 1.01
OXT 3FG C 7 -7.56 4.76 1.22
H 3FG C 7 -5.37 2.95 2.09
HA 3FG C 7 -7.75 1.55 1.46
HD1 3FG C 7 -5.89 -0.36 5.67
HZ 3FG C 7 -7.79 2.12 7.40
HD2 3FG C 7 -9.12 3.98 7.25
HG2 3FG C 7 -8.77 4.14 3.68
N MLU D 1 0.82 0.22 -12.00
CN MLU D 1 1.30 1.59 -11.86
CA MLU D 1 0.02 -0.15 -10.83
C MLU D 1 -1.18 0.78 -10.66
O MLU D 1 -2.05 0.85 -11.50
CB MLU D 1 -0.50 -1.58 -10.93
CG MLU D 1 0.61 -2.62 -11.08
CD1 MLU D 1 1.55 -2.59 -9.89
CD2 MLU D 1 -0.01 -4.01 -11.23
H1 MLU D 1 0.22 0.15 -12.85
H2 MLU D 1 1.63 -0.42 -12.09
HCN1 MLU D 1 1.88 1.85 -12.74
HCN2 MLU D 1 1.92 1.66 -10.96
HCN3 MLU D 1 0.45 2.27 -11.77
HA MLU D 1 0.68 -0.06 -9.95
HB2 MLU D 1 -1.18 -1.65 -11.77
HB3 MLU D 1 -1.09 -1.80 -10.03
HG MLU D 1 1.17 -2.38 -11.97
HD11 MLU D 1 1.03 -2.83 -8.96
HD12 MLU D 1 2.36 -3.31 -10.01
HD13 MLU D 1 2.01 -1.60 -9.78
HD21 MLU D 1 0.77 -4.77 -11.37
HD22 MLU D 1 -0.59 -4.28 -10.35
HD23 MLU D 1 -0.67 -4.06 -12.10
N OMZ D 2 -1.16 1.49 -9.52
CA OMZ D 2 -2.27 2.39 -9.25
C OMZ D 2 -3.13 1.84 -8.10
O OMZ D 2 -4.35 2.02 -8.10
CB OMZ D 2 -1.81 3.85 -9.09
OC OMZ D 2 -1.20 4.29 -10.27
CG OMZ D 2 -0.85 4.03 -7.95
CD1 OMZ D 2 -1.21 4.86 -6.82
CD2 OMZ D 2 0.43 3.36 -7.97
CE1 OMZ D 2 -0.31 4.95 -5.70
CL OMZ D 2 -0.76 5.90 -4.33
CE2 OMZ D 2 1.31 3.45 -6.84
CZ OMZ D 2 0.92 4.21 -5.69
OH OMZ D 2 1.66 4.10 -4.50
H OMZ D 2 -0.41 1.38 -8.85
HA OMZ D 2 -2.90 2.34 -10.15
HB OMZ D 2 -2.67 4.49 -8.91
HC OMZ D 2 -0.37 3.83 -10.34
HD1 OMZ D 2 -2.14 5.39 -6.80
HD2 OMZ D 2 0.72 2.77 -8.83
HE2 OMZ D 2 2.25 2.92 -6.84
N ASN D 3 -2.48 1.15 -7.14
CA ASN D 3 -3.35 0.61 -6.09
C ASN D 3 -2.67 0.53 -4.69
N GHP D 4 -1.48 -0.09 -4.65
CA GHP D 4 -0.82 -0.18 -3.35
C GHP D 4 -0.50 -1.65 -3.00
O GHP D 4 -0.39 -2.52 -3.85
C1 GHP D 4 0.43 0.67 -3.25
C2 GHP D 4 1.61 0.29 -2.53
C3 GHP D 4 2.76 1.16 -2.40
C4 GHP D 4 2.72 2.43 -3.08
O4 GHP D 4 3.80 3.28 -2.97
C5 GHP D 4 1.58 2.84 -3.85
C6 GHP D 4 0.44 1.94 -3.90
H GHP D 4 -1.04 -0.45 -5.48
HA GHP D 4 -1.53 0.25 -2.64
HC2 GHP D 4 1.66 -0.69 -2.06
H6 GHP D 4 -0.44 2.25 -4.44
N GHP D 5 -0.37 -1.83 -1.66
CA GHP D 5 0.00 -3.13 -1.10
C GHP D 5 0.17 -3.00 0.41
O GHP D 5 -0.60 -2.28 1.04
C1 GHP D 5 -0.91 -4.28 -1.39
C2 GHP D 5 -0.31 -5.42 -2.01
C3 GHP D 5 -1.02 -6.64 -2.18
C4 GHP D 5 -2.38 -6.72 -1.76
O4 GHP D 5 -3.09 -7.89 -1.94
C5 GHP D 5 -3.03 -5.58 -1.15
C6 GHP D 5 -2.28 -4.35 -0.96
H GHP D 5 -0.50 -1.05 -1.05
HA GHP D 5 0.97 -3.32 -1.56
HC2 GHP D 5 0.72 -5.37 -2.32
HO4 GHP D 5 -2.52 -8.54 -2.35
H5 GHP D 5 -4.05 -5.64 -0.84
H6 GHP D 5 -2.75 -3.50 -0.48
N OMY D 6 1.16 -3.70 1.03
CA OMY D 6 2.15 -4.60 0.43
OCZ OMY D 6 3.95 0.91 -1.66
CE2 OMY D 6 4.01 -0.35 0.47
CE1 OMY D 6 4.10 -1.51 -1.71
CZ OMY D 6 4.06 -0.30 -0.96
CG OMY D 6 3.85 -2.84 0.38
CD2 OMY D 6 3.89 -1.62 1.15
CD1 OMY D 6 4.01 -2.78 -1.05
CB OMY D 6 3.52 -4.18 0.99
CL OMY D 6 4.23 -1.46 -3.43
O OMY D 6 1.49 -6.55 1.72
C OMY D 6 1.75 -6.08 0.63
ODE OMY D 6 3.46 -4.12 2.39
H OMY D 6 1.21 -3.56 2.02
HA OMY D 6 2.22 -4.46 -0.64
HE2 OMY D 6 4.06 0.59 1.02
HD2 OMY D 6 3.81 -1.66 2.23
HD1 OMY D 6 4.01 -3.70 -1.61
HB OMY D 6 4.23 -4.94 0.68
N 3FG D 7 1.72 -6.73 -0.56
OD1 3FG D 7 -1.77 -7.51 -4.68
CD1 3FG D 7 -0.69 -8.15 -4.11
CG1 3FG D 7 -0.27 -7.77 -2.79
CZ 3FG D 7 0.01 -9.16 -4.84
CD2 3FG D 7 1.15 -9.80 -4.26
OD2 3FG D 7 1.84 -10.76 -4.97
CG2 3FG D 7 1.57 -9.45 -2.93
CB 3FG D 7 0.86 -8.43 -2.16
CA 3FG D 7 1.33 -8.10 -0.73
C 3FG D 7 2.50 -8.98 -0.23
O 3FG D 7 2.24 -9.93 0.50
OXT 3FG D 7 3.63 -8.67 -0.59
H 3FG D 7 1.98 -6.23 -1.37
HA 3FG D 7 0.47 -8.20 -0.07
HD1 3FG D 7 -2.13 -6.87 -4.07
HZ 3FG D 7 -0.30 -9.40 -5.84
HD2 3FG D 7 1.44 -10.88 -5.82
HG2 3FG D 7 2.43 -9.92 -2.49
C2 BGC E . 5.50 5.72 1.61
C3 BGC E . 6.36 5.81 0.34
C4 BGC E . 7.02 4.46 0.04
C5 BGC E . 6.00 3.33 0.14
C6 BGC E . 6.64 1.96 -0.04
C1 BGC E . 4.60 4.50 1.59
O2 BGC E . 4.72 6.88 1.72
O3 BGC E . 7.34 6.79 0.53
O4 BGC E . 7.54 4.48 -1.27
O5 BGC E . 5.39 3.35 1.40
O6 BGC E . 7.88 1.89 0.61
H2 BGC E . 6.15 5.65 2.47
H3 BGC E . 5.73 6.11 -0.50
H4 BGC E . 7.85 4.29 0.73
H5 BGC E . 5.23 3.46 -0.63
H61 BGC E . 5.98 1.21 0.40
H62 BGC E . 6.77 1.70 -1.08
H1 BGC E . 3.85 4.55 0.80
HO3 BGC E . 7.47 7.22 -0.31
HO4 BGC E . 8.35 3.99 -1.25
HO6 BGC E . 8.21 1.00 0.49
C1 RER E . 5.33 7.85 2.54
C2 RER E . 4.52 9.15 2.53
C3 RER E . 3.16 9.00 3.23
N3 RER E . 2.59 10.32 3.45
C3A RER E . 2.21 8.20 2.34
C4 RER E . 3.35 8.30 4.57
O4 RER E . 2.10 8.02 5.13
C5 RER E . 4.14 7.02 4.38
O5 RER E . 5.40 7.35 3.86
C5A RER E . 4.32 6.24 5.69
H1 RER E . 6.33 8.05 2.18
H21C RER E . 5.09 9.92 3.06
H22C RER E . 4.38 9.51 1.52
HO1 RER E . 3.22 10.88 4.04
H31N RER E . 1.66 10.22 3.92
H32N RER E . 2.46 10.81 2.53
H3A1 RER E . 2.59 7.20 2.15
H3A2 RER E . 1.23 8.10 2.81
H3A3 RER E . 2.06 8.69 1.38
H4 RER E . 3.88 8.95 5.26
HO4 RER E . 1.89 8.73 5.72
H5 RER E . 3.62 6.38 3.65
H5A1 RER E . 3.36 5.95 6.10
H5A2 RER E . 4.89 5.32 5.52
H5A3 RER E . 4.85 6.83 6.42
C2 BGC F . 5.38 4.64 -4.10
C3 BGC F . 6.25 4.78 -5.35
C4 BGC F . 6.88 3.44 -5.72
C5 BGC F . 5.85 2.33 -5.73
C6 BGC F . 6.55 0.98 -5.96
C1 BGC F . 4.44 3.44 -4.23
O2 BGC F . 4.59 5.79 -3.95
O3 BGC F . 7.24 5.74 -5.10
O4 BGC F . 7.45 3.53 -7.00
O5 BGC F . 5.19 2.28 -4.48
O6 BGC F . 7.54 0.77 -4.98
H2 BGC F . 6.02 4.50 -3.23
H3 BGC F . 5.64 5.14 -6.18
H4 BGC F . 7.66 3.16 -5.01
H5 BGC F . 5.11 2.50 -6.51
H61 BGC F . 5.83 0.18 -5.88
H62 BGC F . 7.02 0.94 -6.93
H1 BGC F . 3.74 3.63 -5.03
HO3 BGC F . 7.39 6.20 -5.90
HO4 BGC F . 8.36 3.77 -6.87
HO6 BGC F . 7.93 -0.07 -5.16
C1 RER F . 5.03 6.69 -2.95
C2 RER F . 5.09 8.10 -3.55
C3 RER F . 3.69 8.61 -3.92
N3 RER F . 3.79 10.04 -4.25
C3A RER F . 3.12 7.88 -5.14
C4 RER F . 2.76 8.44 -2.73
O4 RER F . 1.46 8.79 -3.08
C5 RER F . 2.80 6.99 -2.22
O5 RER F . 4.13 6.67 -1.87
C5A RER F . 1.92 6.81 -1.00
H1 RER F . 6.00 6.37 -2.59
H21C RER F . 5.53 8.76 -2.81
H22C RER F . 5.74 8.11 -4.42
HO1 RER F . 4.43 10.15 -5.06
H31N RER F . 4.17 10.56 -3.43
H32N RER F . 2.85 10.39 -4.49
H3A1 RER F . 3.81 7.91 -5.98
H3A2 RER F . 2.91 6.83 -4.91
H3A3 RER F . 2.18 8.33 -5.45
H4 RER F . 3.08 9.10 -1.91
HO4 RER F . 1.34 9.70 -2.85
H5 RER F . 2.47 6.31 -3.02
H5A1 RER F . 2.22 7.48 -0.19
H5A2 RER F . 2.00 5.79 -0.62
H5A3 RER F . 0.87 7.00 -1.23
C1 RER G . -3.61 4.36 -3.01
C2 RER G . -3.85 3.87 -4.44
C3 RER G . -5.32 3.78 -4.82
N3 RER G . -5.47 3.73 -6.26
C3A RER G . -5.96 2.52 -4.20
C4 RER G . -6.01 5.03 -4.29
O4 RER G . -7.36 5.05 -4.67
C5 RER G . -5.82 5.12 -2.79
O5 RER G . -4.47 5.40 -2.61
C5A RER G . -6.66 6.24 -2.17
H1 RER G . -2.60 4.76 -2.96
H21C RER G . -3.38 2.92 -4.60
H22C RER G . -3.28 4.52 -5.10
HO1 RER G . -5.04 4.58 -6.68
H31N RER G . -6.48 3.69 -6.51
H32N RER G . -4.98 2.88 -6.64
H3A1 RER G . -7.05 2.56 -4.31
H3A2 RER G . -5.73 2.42 -3.15
H3A3 RER G . -5.63 1.62 -4.70
H4 RER G . -5.51 5.88 -4.75
HO4 RER G . -7.42 5.54 -5.48
H5 RER G . -6.06 4.17 -2.31
H5A1 RER G . -6.49 6.31 -1.11
H5A2 RER G . -6.41 7.21 -2.62
H5A3 RER G . -7.73 6.06 -2.34
C1 RER H . 4.71 -4.11 3.04
C2 RER H . 4.46 -4.01 4.55
C3 RER H . 3.81 -5.29 5.11
N3 RER H . 3.86 -5.23 6.56
C3A RER H . 2.34 -5.45 4.68
C4 RER H . 4.61 -6.50 4.62
O4 RER H . 3.97 -7.68 5.04
C5 RER H . 4.75 -6.46 3.11
O5 RER H . 5.42 -5.29 2.75
C5A RER H . 5.55 -7.69 2.62
H1 RER H . 5.30 -3.25 2.69
H21C RER H . 5.41 -3.86 5.04
H22C RER H . 3.85 -3.15 4.78
HO1 RER H . 4.85 -5.15 6.86
H31N RER H . 3.32 -4.41 6.89
H32N RER H . 3.45 -6.11 6.96
H3A1 RER H . 1.77 -4.54 4.77
H3A2 RER H . 1.85 -6.22 5.29
H3A3 RER H . 2.24 -5.78 3.65
H4 RER H . 5.59 -6.48 5.09
HO4 RER H . 4.37 -7.93 5.86
H5 RER H . 3.77 -6.46 2.63
H5A1 RER H . 5.05 -8.61 2.93
H5A2 RER H . 6.54 -7.68 3.04
H5A3 RER H . 5.64 -7.70 1.53
N ALA A 1 -5.25 11.07 -4.21
CA ALA A 1 -5.67 9.90 -3.44
C ALA A 1 -4.50 8.92 -3.27
N FGA A 2 -3.91 9.00 -2.06
CA FGA A 2 -2.81 8.10 -1.83
C FGA A 2 -1.51 8.72 -2.34
O FGA A 2 -1.48 9.16 -3.49
CB FGA A 2 -2.71 7.78 -0.34
CG FGA A 2 -4.04 7.27 0.23
CD FGA A 2 -3.86 6.76 1.66
OE1 FGA A 2 -2.76 6.73 2.21
H FGA A 2 -4.19 9.65 -1.35
HA FGA A 2 -3.04 7.20 -2.40
HB2 FGA A 2 -1.93 7.03 -0.19
HB3 FGA A 2 -2.41 8.68 0.19
HG2 FGA A 2 -4.78 8.07 0.22
HG3 FGA A 2 -4.42 6.46 -0.38
N LYS A 3 -5.02 6.38 2.22
CA LYS A 3 -5.03 5.92 3.59
C LYS A 3 -4.16 4.66 3.76
N DAL A 4 -3.42 4.64 4.88
CA DAL A 4 -2.60 3.45 5.08
CB DAL A 4 -3.50 2.33 5.64
C DAL A 4 -1.47 3.76 6.05
O DAL A 4 -1.31 4.87 6.55
H DAL A 4 -3.44 5.38 5.54
HA DAL A 4 -2.17 3.15 4.11
HB1 DAL A 4 -4.31 2.10 4.95
HB2 DAL A 4 -2.92 1.41 5.79
HB3 DAL A 4 -3.93 2.61 6.59
N DAL A 5 -0.70 2.68 6.28
CA DAL A 5 0.42 2.79 7.19
CB DAL A 5 1.47 3.74 6.61
C DAL A 5 1.01 1.41 7.45
O DAL A 5 0.37 0.62 8.13
OXT DAL A 5 2.11 1.13 6.97
H DAL A 5 -0.91 1.80 5.86
HA DAL A 5 0.02 3.19 8.11
HB1 DAL A 5 1.05 4.73 6.43
HB2 DAL A 5 2.32 3.86 7.29
HB3 DAL A 5 1.87 3.36 5.67
N ALA B 1 11.24 -3.90 -2.13
CA ALA B 1 10.71 -3.48 -0.84
C ALA B 1 9.59 -4.39 -0.37
N FGA B 2 9.02 -3.89 0.73
CA FGA B 2 7.90 -4.52 1.38
C FGA B 2 7.68 -3.82 2.72
O FGA B 2 7.68 -4.50 3.75
CB FGA B 2 6.71 -4.37 0.45
CG FGA B 2 6.41 -5.65 -0.36
CD FGA B 2 5.92 -5.41 -1.79
OE1 FGA B 2 6.03 -4.33 -2.37
H FGA B 2 9.39 -3.05 1.12
HA FGA B 2 8.12 -5.56 1.54
HB2 FGA B 2 5.91 -4.12 1.10
HB3 FGA B 2 6.87 -3.52 -0.22
HG2 FGA B 2 7.28 -6.27 -0.44
HG3 FGA B 2 5.68 -6.27 0.16
N LYS B 3 5.36 -6.53 -2.27
CA LYS B 3 4.69 -6.56 -3.55
C LYS B 3 3.50 -5.60 -3.60
N DAL B 4 3.19 -5.20 -4.83
CA DAL B 4 2.07 -4.29 -4.99
CB DAL B 4 0.83 -5.07 -5.46
C DAL B 4 2.45 -3.22 -6.02
O DAL B 4 3.49 -3.28 -6.67
H DAL B 4 3.72 -5.54 -5.62
HA DAL B 4 1.89 -3.82 -4.03
HB1 DAL B 4 0.56 -5.84 -4.72
HB2 DAL B 4 -0.03 -4.41 -5.57
HB3 DAL B 4 1.01 -5.57 -6.41
N DAL B 5 1.54 -2.22 -6.10
CA DAL B 5 1.78 -1.14 -7.02
CB DAL B 5 2.96 -0.29 -6.55
C DAL B 5 0.51 -0.29 -7.17
O DAL B 5 0.41 0.72 -6.48
OXT DAL B 5 -0.34 -0.65 -7.97
H DAL B 5 0.70 -2.25 -5.57
HA DAL B 5 2.01 -1.62 -7.98
HB1 DAL B 5 3.86 -0.90 -6.45
HB2 DAL B 5 3.17 0.51 -7.26
HB3 DAL B 5 2.74 0.17 -5.59
N MLU C 1 1.57 2.20 12.19
CN MLU C 1 2.97 2.58 12.08
CA MLU C 1 1.17 1.40 11.04
C MLU C 1 2.02 0.13 10.94
O MLU C 1 2.26 -0.56 11.93
CB MLU C 1 -0.30 0.97 11.12
CG MLU C 1 -1.25 2.14 11.35
CD1 MLU C 1 -1.20 3.14 10.19
CD2 MLU C 1 -2.68 1.63 11.54
H1 MLU C 1 1.44 1.63 13.06
H2 MLU C 1 0.98 3.05 12.24
HCN1 MLU C 1 3.58 1.68 12.04
HCN2 MLU C 1 3.10 3.17 11.17
HCN3 MLU C 1 3.25 3.18 12.95
HA MLU C 1 1.32 2.00 10.15
HB2 MLU C 1 -0.41 0.25 11.93
HB3 MLU C 1 -0.58 0.44 10.20
HG MLU C 1 -0.94 2.65 12.26
HD11 MLU C 1 -1.85 3.98 10.38
HD12 MLU C 1 -0.18 3.52 10.06
HD13 MLU C 1 -1.51 2.67 9.27
HD21 MLU C 1 -3.37 2.45 11.74
HD22 MLU C 1 -3.03 1.10 10.66
HD23 MLU C 1 -2.73 0.93 12.38
N OMZ C 2 2.45 -0.15 9.69
CA OMZ C 2 3.25 -1.34 9.50
C OMZ C 2 2.56 -2.27 8.48
O OMZ C 2 2.58 -3.48 8.65
CB OMZ C 2 4.73 -1.00 9.21
OC OMZ C 2 5.32 -0.48 10.37
CG OMZ C 2 4.87 -0.01 8.10
CD1 OMZ C 2 5.24 -0.44 6.79
CD2 OMZ C 2 4.59 1.38 8.35
CE1 OMZ C 2 5.24 0.50 5.71
CL OMZ C 2 5.64 -0.03 4.11
CE2 OMZ C 2 4.60 2.33 7.26
CZ OMZ C 2 4.87 1.87 5.93
OH OMZ C 2 4.63 2.68 4.80
H OMZ C 2 2.23 0.46 8.93
HA OMZ C 2 3.21 -1.88 10.46
HB OMZ C 2 5.28 -1.91 8.95
HC OMZ C 2 5.32 -1.17 11.01
HD1 OMZ C 2 5.49 -1.48 6.60
HD2 OMZ C 2 4.34 1.73 9.35
HE2 OMZ C 2 4.36 3.37 7.43
N ASN C 3 1.96 -1.68 7.42
CA ASN C 3 1.28 -2.60 6.51
C ASN C 3 1.16 -2.08 5.06
N GHP C 4 0.73 -0.81 4.96
CA GHP C 4 0.61 -0.25 3.61
C GHP C 4 -0.85 0.12 3.32
O GHP C 4 -1.61 0.51 4.21
C1 GHP C 4 1.47 0.98 3.38
C2 GHP C 4 1.17 1.95 2.35
C3 GHP C 4 2.02 3.11 2.10
C4 GHP C 4 3.16 3.30 2.96
O4 GHP C 4 3.98 4.41 2.82
C5 GHP C 4 3.49 2.37 4.01
C6 GHP C 4 2.63 1.21 4.18
H GHP C 4 0.52 -0.26 5.77
HA GHP C 4 0.96 -1.04 2.93
HC2 GHP C 4 0.28 1.81 1.77
H6 GHP C 4 2.85 0.50 4.96
N GHP C 5 -1.19 -0.03 2.03
CA GHP C 5 -2.52 0.37 1.61
C GHP C 5 -2.68 0.29 0.08
O GHP C 5 -2.16 -0.65 -0.52
C1 GHP C 5 -3.70 -0.29 2.25
C2 GHP C 5 -4.62 0.57 2.93
C3 GHP C 5 -5.86 0.10 3.43
C4 GHP C 5 -6.17 -1.30 3.32
O4 GHP C 5 -7.36 -1.78 3.84
C5 GHP C 5 -5.25 -2.20 2.67
C6 GHP C 5 -4.01 -1.69 2.13
H GHP C 5 -0.52 -0.38 1.37
HA GHP C 5 -2.51 1.42 1.91
HC2 GHP C 5 -4.40 1.62 3.01
HO4 GHP C 5 -7.41 -2.72 3.68
H5 GHP C 5 -5.48 -3.25 2.59
H6 GHP C 5 -3.32 -2.35 1.63
N OMY C 6 -3.39 1.25 -0.56
CA OMY C 6 -4.06 2.42 0.01
OCZ OMY C 6 1.78 4.06 1.07
CE2 OMY C 6 0.24 3.77 -0.88
CE1 OMY C 6 -0.61 4.48 1.35
CZ OMY C 6 0.50 4.13 0.50
CG OMY C 6 -2.22 3.94 -0.47
CD2 OMY C 6 -1.12 3.67 -1.35
CD1 OMY C 6 -1.95 4.40 0.87
CB OMY C 6 -3.65 3.65 -0.81
CL OMY C 6 -0.30 4.98 2.97
O OMY C 6 -6.26 1.74 -0.76
C OMY C 6 -5.57 2.17 0.15
ODE OMY C 6 -3.83 3.41 -2.19
H OMY C 6 -3.47 1.15 -1.56
HA OMY C 6 -3.70 2.57 1.02
HE2 OMY C 6 1.07 3.54 -1.53
HD2 OMY C 6 -1.30 3.36 -2.37
HD1 OMY C 6 -2.78 4.64 1.53
HB OMY C 6 -4.28 4.49 -0.50
N 3FG C 7 -6.00 2.49 1.39
OD1 3FG C 7 -6.24 -0.07 6.15
CD1 3FG C 7 -6.90 0.95 5.50
CG1 3FG C 7 -6.77 1.08 4.09
CZ 3FG C 7 -7.69 1.87 6.25
CD2 3FG C 7 -8.39 2.94 5.58
OD2 3FG C 7 -9.16 3.83 6.29
CG2 3FG C 7 -8.27 3.06 4.15
CB 3FG C 7 -7.46 2.14 3.38
CA 3FG C 7 -7.35 2.32 1.85
C 3FG C 7 -8.14 3.53 1.30
O 3FG C 7 -9.33 3.37 1.01
OXT 3FG C 7 -7.54 4.61 1.17
H 3FG C 7 -5.33 2.86 2.03
HA 3FG C 7 -7.65 1.40 1.36
HD1 3FG C 7 -6.42 -0.01 7.09
HZ 3FG C 7 -7.74 1.78 7.32
HD2 3FG C 7 -9.12 3.60 7.22
HG2 3FG C 7 -8.78 3.88 3.65
N MLU D 1 0.27 0.35 -12.31
CN MLU D 1 0.84 1.69 -12.31
CA MLU D 1 -0.38 0.08 -11.03
C MLU D 1 -1.50 1.09 -10.76
O MLU D 1 -2.36 1.32 -11.59
CB MLU D 1 -1.00 -1.33 -10.98
CG MLU D 1 0.05 -2.43 -11.12
CD1 MLU D 1 1.07 -2.37 -9.98
CD2 MLU D 1 -0.64 -3.80 -11.14
H1 MLU D 1 -0.43 0.27 -13.07
H2 MLU D 1 1.03 -0.35 -12.46
HCN1 MLU D 1 0.05 2.42 -12.14
HCN2 MLU D 1 1.58 1.76 -11.51
HCN3 MLU D 1 1.33 1.87 -13.27
HA MLU D 1 0.37 0.17 -10.24
HB2 MLU D 1 -1.73 -1.42 -11.77
HB3 MLU D 1 -1.52 -1.45 -10.04
HG MLU D 1 0.58 -2.29 -12.06
HD11 MLU D 1 0.58 -2.53 -9.02
HD12 MLU D 1 1.83 -3.14 -10.10
HD13 MLU D 1 1.57 -1.40 -9.96
HD21 MLU D 1 -1.34 -3.87 -11.97
HD22 MLU D 1 0.10 -4.60 -11.27
HD23 MLU D 1 -1.17 -3.99 -10.21
N OMZ D 2 -1.41 1.67 -9.55
CA OMZ D 2 -2.42 2.64 -9.17
C OMZ D 2 -3.18 2.15 -7.92
O OMZ D 2 -4.35 2.48 -7.74
CB OMZ D 2 -1.82 4.06 -9.04
OC OMZ D 2 -1.19 4.42 -10.25
CG OMZ D 2 -0.84 4.15 -7.92
CD1 OMZ D 2 -1.10 5.01 -6.80
CD2 OMZ D 2 0.35 3.34 -7.95
CE1 OMZ D 2 -0.20 5.00 -5.68
CL OMZ D 2 -0.54 6.00 -4.31
CE2 OMZ D 2 1.24 3.34 -6.82
CZ OMZ D 2 0.94 4.14 -5.66
OH OMZ D 2 1.69 3.98 -4.50
H OMZ D 2 -0.66 1.43 -8.92
HA OMZ D 2 -3.14 2.64 -10.00
HB OMZ D 2 -2.63 4.77 -8.86
HC OMZ D 2 -1.86 4.46 -10.91
HD1 OMZ D 2 -1.97 5.65 -6.77
HD2 OMZ D 2 0.58 2.72 -8.80
HE2 OMZ D 2 2.11 2.71 -6.83
N ASN D 3 -2.49 1.35 -7.07
CA ASN D 3 -3.25 0.85 -5.93
C ASN D 3 -2.46 0.79 -4.61
N GHP D 4 -1.53 -0.19 -4.58
CA GHP D 4 -0.77 -0.33 -3.34
C GHP D 4 -0.43 -1.80 -3.05
O GHP D 4 -0.27 -2.64 -3.93
C1 GHP D 4 0.47 0.55 -3.26
C2 GHP D 4 1.64 0.16 -2.52
C3 GHP D 4 2.79 1.04 -2.39
C4 GHP D 4 2.74 2.31 -3.06
O4 GHP D 4 3.82 3.17 -2.96
C5 GHP D 4 1.60 2.72 -3.86
C6 GHP D 4 0.47 1.81 -3.92
H GHP D 4 -1.31 -0.69 -5.41
HA GHP D 4 -1.46 0.03 -2.57
HC2 GHP D 4 1.67 -0.81 -2.05
H6 GHP D 4 -0.40 2.08 -4.50
N GHP D 5 -0.34 -2.01 -1.73
CA GHP D 5 0.03 -3.29 -1.17
C GHP D 5 0.15 -3.18 0.35
O GHP D 5 -0.65 -2.48 0.96
C1 GHP D 5 -0.86 -4.45 -1.48
C2 GHP D 5 -0.24 -5.58 -2.09
C3 GHP D 5 -0.93 -6.81 -2.29
C4 GHP D 5 -2.29 -6.91 -1.89
O4 GHP D 5 -2.98 -8.10 -2.10
C5 GHP D 5 -2.97 -5.78 -1.28
C6 GHP D 5 -2.24 -4.56 -1.07
H GHP D 5 -0.52 -1.25 -1.10
HA GHP D 5 1.01 -3.47 -1.60
HC2 GHP D 5 0.79 -5.51 -2.41
HO4 GHP D 5 -3.87 -8.00 -1.79
H5 GHP D 5 -4.00 -5.87 -0.98
H6 GHP D 5 -2.73 -3.71 -0.59
N OMY D 6 1.14 -3.86 0.98
CA OMY D 6 2.17 -4.74 0.40
OCZ OMY D 6 3.96 0.79 -1.64
CE2 OMY D 6 3.91 -0.45 0.50
CE1 OMY D 6 4.17 -1.64 -1.66
CZ OMY D 6 4.06 -0.41 -0.93
CG OMY D 6 3.82 -2.95 0.42
CD2 OMY D 6 3.79 -1.72 1.18
CD1 OMY D 6 4.06 -2.90 -1.00
CB OMY D 6 3.50 -4.30 1.00
CL OMY D 6 4.41 -1.60 -3.38
O OMY D 6 1.48 -6.73 1.63
C OMY D 6 1.78 -6.23 0.55
ODE OMY D 6 3.41 -4.25 2.41
H OMY D 6 1.16 -3.74 1.98
HA OMY D 6 2.25 -4.58 -0.66
HE2 OMY D 6 3.90 0.49 1.03
HD2 OMY D 6 3.64 -1.76 2.24
HD1 OMY D 6 4.13 -3.84 -1.52
HB OMY D 6 4.24 -5.05 0.70
N 3FG D 7 1.81 -6.86 -0.65
OD1 3FG D 7 -1.64 -7.65 -4.81
CD1 3FG D 7 -0.56 -8.29 -4.23
CG1 3FG D 7 -0.16 -7.93 -2.91
CZ 3FG D 7 0.15 -9.29 -4.96
CD2 3FG D 7 1.28 -9.96 -4.36
OD2 3FG D 7 1.97 -10.92 -5.06
CG2 3FG D 7 1.68 -9.61 -3.02
CB 3FG D 7 0.97 -8.59 -2.27
CA 3FG D 7 1.42 -8.25 -0.83
C 3FG D 7 2.61 -9.10 -0.33
O 3FG D 7 2.36 -10.09 0.36
OXT 3FG D 7 3.75 -8.76 -0.65
H 3FG D 7 2.10 -6.34 -1.45
HA 3FG D 7 0.57 -8.37 -0.17
HD1 3FG D 7 -2.00 -7.01 -4.21
HZ 3FG D 7 -0.16 -9.53 -5.96
HD2 3FG D 7 2.68 -11.25 -4.53
HG2 3FG D 7 2.53 -10.08 -2.59
C2 BGC E . 5.56 5.65 1.55
C3 BGC E . 6.43 5.66 0.29
C4 BGC E . 7.06 4.29 0.03
C5 BGC E . 6.01 3.19 0.17
C6 BGC E . 6.60 1.79 0.05
C1 BGC E . 4.63 4.44 1.57
O2 BGC E . 4.81 6.84 1.60
O3 BGC E . 7.44 6.62 0.45
O4 BGC E . 7.56 4.25 -1.29
O5 BGC E . 5.41 3.29 1.44
O6 BGC E . 7.84 1.70 0.71
H2 BGC E . 6.21 5.61 2.42
H3 BGC E . 5.83 5.95 -0.57
H4 BGC E . 7.88 4.11 0.72
H5 BGC E . 5.24 3.30 -0.58
H61 BGC E . 5.91 1.08 0.51
H62 BGC E . 6.72 1.49 -0.99
H1 BGC E . 3.90 4.49 0.76
HO3 BGC E . 7.60 7.01 -0.40
HO4 BGC E . 8.48 4.47 -1.23
HO6 BGC E . 8.13 0.80 0.61
C1 RER E . 5.44 7.82 2.41
C2 RER E . 4.66 9.13 2.35
C3 RER E . 3.29 9.05 3.04
N3 RER E . 2.75 10.39 3.22
C3A RER E . 2.32 8.24 2.18
C4 RER E . 3.46 8.38 4.40
O4 RER E . 2.19 8.15 4.97
C5 RER E . 4.21 7.06 4.25
O5 RER E . 5.48 7.35 3.74
C5A RER E . 4.35 6.31 5.58
H1 RER E . 6.44 7.97 2.04
H21C RER E . 5.24 9.91 2.84
H22C RER E . 4.53 9.45 1.32
HO1 RER E . 3.40 10.95 3.80
H31N RER E . 2.64 10.84 2.29
H32N RER E . 1.82 10.33 3.69
H3A1 RER E . 2.69 7.23 2.00
H3A2 RER E . 1.34 8.16 2.66
H3A3 RER E . 2.17 8.72 1.21
H4 RER E . 4.01 9.04 5.08
HO4 RER E . 2.01 8.89 5.54
H5 RER E . 3.67 6.44 3.54
H5A1 RER E . 3.37 6.07 5.99
H5A2 RER E . 4.89 5.38 5.43
H5A3 RER E . 4.90 6.91 6.31
C2 BGC F . 5.45 4.48 -4.09
C3 BGC F . 6.34 4.57 -5.32
C4 BGC F . 6.92 3.20 -5.67
C5 BGC F . 5.84 2.13 -5.69
C6 BGC F . 6.48 0.76 -5.90
C1 BGC F . 4.47 3.31 -4.20
O2 BGC F . 4.71 5.67 -3.96
O3 BGC F . 7.38 5.49 -5.06
O4 BGC F . 7.52 3.25 -6.95
O5 BGC F . 5.19 2.12 -4.45
O6 BGC F . 7.46 0.52 -4.92
H2 BGC F . 6.07 4.32 -3.20
H3 BGC F . 5.76 4.95 -6.17
H4 BGC F . 7.67 2.90 -4.95
H5 BGC F . 5.12 2.33 -6.48
H61 BGC F . 6.97 0.70 -6.88
H62 BGC F . 5.74 -0.02 -5.83
H1 BGC F . 3.77 3.51 -5.02
HO3 BGC F . 7.55 5.94 -5.87
HO4 BGC F . 8.44 3.46 -6.81
HO6 BGC F . 7.81 -0.35 -5.10
C1 RER F . 5.15 6.53 -2.94
C2 RER F . 5.31 7.94 -3.52
C3 RER F . 3.96 8.54 -3.94
N3 RER F . 4.15 9.96 -4.24
C3A RER F . 3.41 7.85 -5.19
C4 RER F . 2.96 8.40 -2.79
O4 RER F . 1.70 8.82 -3.21
C5 RER F . 2.92 6.94 -2.31
O5 RER F . 4.20 6.55 -1.90
C5A RER F . 1.96 6.79 -1.12
H1 RER F . 6.10 6.18 -2.54
H21C RER F . 5.75 8.59 -2.75
H22C RER F . 6.00 7.94 -4.36
HO1 RER F . 3.24 10.38 -4.51
H31N RER F . 4.51 10.45 -3.39
H32N RER F . 4.83 10.06 -5.02
H3A1 RER F . 2.51 8.35 -5.54
H3A2 RER F . 4.14 7.88 -6.01
H3A3 RER F . 3.15 6.81 -5.00
H4 RER F . 3.27 9.03 -1.96
HO4 RER F . 1.62 9.73 -2.97
H5 RER F . 2.59 6.30 -3.13
H5A1 RER F . 1.95 5.76 -0.78
H5A2 RER F . 2.27 7.42 -0.30
H5A3 RER F . 0.94 7.07 -1.41
C1 RER G . -3.70 4.58 -2.95
C2 RER G . -4.07 4.35 -4.42
C3 RER G . -5.58 4.20 -4.64
N3 RER G . -5.88 4.34 -6.07
C3A RER G . -6.09 2.85 -4.16
C4 RER G . -6.27 5.33 -3.88
O4 RER G . -7.68 5.23 -4.02
C5 RER G . -5.88 5.27 -2.42
O5 RER G . -4.51 5.59 -2.38
C5A RER G . -6.66 6.28 -1.57
H1 RER G . -2.66 4.92 -2.90
H21C RER G . -3.72 5.19 -5.01
H22C RER G . -3.55 3.46 -4.80
HO1 RER G . -5.39 3.58 -6.59
H31N RER G . -5.54 5.26 -6.41
H32N RER G . -6.90 4.27 -6.22
H3A1 RER G . -7.18 2.81 -4.18
H3A2 RER G . -5.72 2.04 -4.79
H3A3 RER G . -5.77 2.64 -3.14
H4 RER G . -5.96 6.30 -4.28
HO4 RER G . -7.92 4.37 -3.73
H5 RER G . -6.03 4.26 -2.03
H5A1 RER G . -6.40 6.20 -0.52
H5A2 RER G . -6.46 7.30 -1.90
H5A3 RER G . -7.73 6.10 -1.65
C1 RER H . 4.62 -4.04 3.08
C2 RER H . 4.23 -3.82 4.54
C3 RER H . 3.76 -5.11 5.23
N3 RER H . 3.78 -4.91 6.68
C3A RER H . 2.35 -5.53 4.82
C4 RER H . 4.73 -6.22 4.89
O4 RER H . 4.33 -7.43 5.47
C5 RER H . 4.88 -6.34 3.38
O5 RER H . 5.47 -5.15 2.95
C5A RER H . 5.79 -7.51 2.98
H1 RER H . 5.17 -3.17 2.68
H21C RER H . 3.46 -3.08 4.63
H22C RER H . 5.07 -3.37 5.06
HO1 RER H . 4.75 -4.65 6.97
H31N RER H . 3.13 -4.14 6.93
H32N RER H . 3.50 -5.78 7.15
H3A1 RER H . 1.61 -4.74 4.99
H3A2 RER H . 2.29 -5.79 3.77
H3A3 RER H . 2.02 -6.39 5.39
H4 RER H . 5.69 -5.92 5.31
HO4 RER H . 4.78 -7.50 6.30
H5 RER H . 3.91 -6.44 2.88
H5A1 RER H . 5.36 -8.46 3.31
H5A2 RER H . 5.92 -7.55 1.90
H5A3 RER H . 6.77 -7.40 3.44
N ALA A 1 -5.19 11.06 -4.28
CA ALA A 1 -5.60 9.92 -3.48
C ALA A 1 -4.45 8.92 -3.30
N FGA A 2 -3.87 9.00 -2.10
CA FGA A 2 -2.78 8.08 -1.86
C FGA A 2 -1.47 8.68 -2.38
O FGA A 2 -1.41 8.99 -3.57
CB FGA A 2 -2.67 7.76 -0.37
CG FGA A 2 -4.01 7.27 0.20
CD FGA A 2 -3.83 6.78 1.64
OE1 FGA A 2 -2.74 6.75 2.18
H FGA A 2 -4.14 9.64 -1.38
HA FGA A 2 -3.02 7.17 -2.42
HB2 FGA A 2 -1.90 7.01 -0.21
HB3 FGA A 2 -2.37 8.66 0.16
HG2 FGA A 2 -4.75 8.07 0.18
HG3 FGA A 2 -4.41 6.45 -0.40
N LYS A 3 -5.00 6.41 2.20
CA LYS A 3 -5.01 5.96 3.58
C LYS A 3 -4.15 4.70 3.75
N DAL A 4 -3.39 4.68 4.86
CA DAL A 4 -2.59 3.49 5.07
CB DAL A 4 -3.48 2.37 5.62
C DAL A 4 -1.45 3.78 6.04
O DAL A 4 -1.28 4.89 6.54
H DAL A 4 -3.40 5.43 5.52
HA DAL A 4 -2.16 3.19 4.11
HB1 DAL A 4 -4.30 2.15 4.94
HB2 DAL A 4 -2.92 1.45 5.77
HB3 DAL A 4 -3.90 2.65 6.58
N DAL A 5 -0.69 2.70 6.28
CA DAL A 5 0.43 2.81 7.18
CB DAL A 5 1.49 3.76 6.62
C DAL A 5 1.02 1.41 7.43
O DAL A 5 2.15 1.17 7.00
OXT DAL A 5 0.35 0.58 8.04
H DAL A 5 -0.91 1.83 5.85
HA DAL A 5 0.02 3.19 8.11
HB1 DAL A 5 1.05 4.75 6.46
HB2 DAL A 5 2.32 3.86 7.32
HB3 DAL A 5 1.88 3.39 5.68
N ALA B 1 11.29 -3.93 -2.05
CA ALA B 1 10.75 -3.49 -0.77
C ALA B 1 9.61 -4.40 -0.30
N FGA B 2 9.02 -3.88 0.79
CA FGA B 2 7.89 -4.49 1.42
C FGA B 2 7.65 -3.78 2.75
O FGA B 2 7.65 -4.45 3.79
CB FGA B 2 6.72 -4.36 0.46
CG FGA B 2 6.42 -5.64 -0.33
CD FGA B 2 5.93 -5.40 -1.76
OE1 FGA B 2 6.03 -4.34 -2.34
H FGA B 2 9.40 -3.03 1.17
HA FGA B 2 8.10 -5.55 1.59
HB2 FGA B 2 5.91 -4.09 1.11
HB3 FGA B 2 6.89 -3.51 -0.20
HG2 FGA B 2 7.29 -6.25 -0.42
HG3 FGA B 2 5.70 -6.26 0.18
N LYS B 3 5.40 -6.54 -2.26
CA LYS B 3 4.73 -6.57 -3.54
C LYS B 3 3.52 -5.64 -3.58
N DAL B 4 3.21 -5.21 -4.81
CA DAL B 4 2.08 -4.30 -4.96
CB DAL B 4 0.84 -5.09 -5.41
C DAL B 4 2.44 -3.21 -5.96
O DAL B 4 3.47 -3.25 -6.62
H DAL B 4 3.74 -5.50 -5.60
HA DAL B 4 1.90 -3.84 -3.98
HB1 DAL B 4 0.59 -5.87 -4.69
HB2 DAL B 4 -0.02 -4.43 -5.51
HB3 DAL B 4 1.02 -5.57 -6.37
N DAL B 5 1.50 -2.24 -6.04
CA DAL B 5 1.72 -1.14 -6.96
CB DAL B 5 2.87 -0.27 -6.48
C DAL B 5 0.43 -0.34 -7.10
O DAL B 5 0.34 0.72 -6.49
OXT DAL B 5 -0.45 -0.77 -7.84
H DAL B 5 0.66 -2.29 -5.52
HA DAL B 5 1.97 -1.61 -7.90
HB1 DAL B 5 3.79 -0.85 -6.37
HB2 DAL B 5 3.06 0.54 -7.17
HB3 DAL B 5 2.64 0.18 -5.51
N MLU C 1 1.42 1.88 12.19
CN MLU C 1 2.84 2.19 12.13
CA MLU C 1 1.01 1.18 10.98
C MLU C 1 1.80 -0.13 10.81
O MLU C 1 1.71 -1.03 11.63
CB MLU C 1 -0.48 0.82 11.00
CG MLU C 1 -1.37 2.03 11.28
CD1 MLU C 1 -1.24 3.08 10.18
CD2 MLU C 1 -2.83 1.58 11.42
H1 MLU C 1 1.23 1.28 13.01
H2 MLU C 1 0.87 2.76 12.28
HCN1 MLU C 1 3.03 2.83 11.27
HCN2 MLU C 1 3.12 2.71 13.04
HCN3 MLU C 1 3.41 1.27 12.04
HA MLU C 1 1.21 1.83 10.13
HB2 MLU C 1 -0.66 0.06 11.77
HB3 MLU C 1 -0.76 0.37 10.05
HG MLU C 1 -1.06 2.48 12.21
HD11 MLU C 1 -0.21 3.41 10.07
HD12 MLU C 1 -1.56 2.67 9.22
HD13 MLU C 1 -1.86 3.95 10.39
HD21 MLU C 1 -2.94 0.85 12.22
HD22 MLU C 1 -3.47 2.44 11.65
HD23 MLU C 1 -3.19 1.12 10.50
N OMZ C 2 2.57 -0.16 9.71
CA OMZ C 2 3.35 -1.37 9.48
C OMZ C 2 2.61 -2.28 8.47
O OMZ C 2 2.59 -3.49 8.66
CB OMZ C 2 4.81 -1.05 9.15
OC OMZ C 2 5.46 -0.55 10.30
CG OMZ C 2 4.93 -0.03 8.05
CD1 OMZ C 2 5.28 -0.45 6.71
CD2 OMZ C 2 4.67 1.36 8.33
CE1 OMZ C 2 5.26 0.51 5.65
CL OMZ C 2 5.62 0.01 4.04
CE2 OMZ C 2 4.66 2.32 7.25
CZ OMZ C 2 4.90 1.88 5.90
OH OMZ C 2 4.64 2.71 4.81
H OMZ C 2 2.61 0.61 9.08
HA OMZ C 2 3.32 -1.91 10.43
HB OMZ C 2 5.33 -1.96 8.84
HC OMZ C 2 6.36 -0.39 10.05
HD1 OMZ C 2 5.52 -1.48 6.52
HD2 OMZ C 2 4.46 1.67 9.34
HE2 OMZ C 2 4.43 3.36 7.45
N ASN C 3 2.01 -1.68 7.42
CA ASN C 3 1.31 -2.59 6.52
C ASN C 3 1.18 -2.07 5.07
N GHP C 4 0.76 -0.79 4.96
CA GHP C 4 0.62 -0.24 3.61
C GHP C 4 -0.84 0.13 3.33
O GHP C 4 -1.60 0.52 4.21
C1 GHP C 4 1.48 1.00 3.38
C2 GHP C 4 1.18 1.95 2.35
C3 GHP C 4 2.02 3.12 2.10
C4 GHP C 4 3.16 3.33 2.96
O4 GHP C 4 3.98 4.43 2.82
C5 GHP C 4 3.49 2.39 4.01
C6 GHP C 4 2.63 1.24 4.18
H GHP C 4 0.56 -0.24 5.78
HA GHP C 4 0.97 -1.02 2.94
HC2 GHP C 4 0.28 1.82 1.77
H6 GHP C 4 2.85 0.53 4.97
N GHP C 5 -1.18 -0.02 2.04
CA GHP C 5 -2.51 0.39 1.61
C GHP C 5 -2.67 0.28 0.09
O GHP C 5 -2.16 -0.67 -0.50
C1 GHP C 5 -3.69 -0.27 2.27
C2 GHP C 5 -4.61 0.60 2.93
C3 GHP C 5 -5.84 0.13 3.46
C4 GHP C 5 -6.15 -1.26 3.37
O4 GHP C 5 -7.34 -1.73 3.89
C5 GHP C 5 -5.23 -2.18 2.72
C6 GHP C 5 -4.00 -1.67 2.17
H GHP C 5 -0.52 -0.37 1.37
HA GHP C 5 -2.49 1.42 1.90
HC2 GHP C 5 -4.38 1.65 3.01
HO4 GHP C 5 -7.82 -1.02 4.27
H5 GHP C 5 -5.47 -3.23 2.65
H6 GHP C 5 -3.31 -2.34 1.67
N OMY C 6 -3.38 1.24 -0.56
CA OMY C 6 -4.05 2.41 0.00
OCZ OMY C 6 1.78 4.07 1.06
CE2 OMY C 6 0.25 3.77 -0.88
CE1 OMY C 6 -0.60 4.49 1.34
CZ OMY C 6 0.50 4.15 0.49
CG OMY C 6 -2.21 3.93 -0.47
CD2 OMY C 6 -1.11 3.67 -1.37
CD1 OMY C 6 -1.95 4.40 0.86
CB OMY C 6 -3.65 3.64 -0.82
CL OMY C 6 -0.31 4.99 2.96
O OMY C 6 -6.26 1.72 -0.75
C OMY C 6 -5.56 2.17 0.14
ODE OMY C 6 -3.82 3.40 -2.21
H OMY C 6 -3.46 1.13 -1.55
HA OMY C 6 -3.68 2.56 1.01
HE2 OMY C 6 1.08 3.55 -1.53
HD2 OMY C 6 -1.29 3.35 -2.39
HD1 OMY C 6 -2.77 4.63 1.52
HB OMY C 6 -4.27 4.48 -0.52
N 3FG C 7 -5.98 2.52 1.38
OD1 3FG C 7 -6.22 0.00 6.18
CD1 3FG C 7 -6.87 1.02 5.51
CG1 3FG C 7 -6.75 1.13 4.10
CZ 3FG C 7 -7.66 1.95 6.25
CD2 3FG C 7 -8.34 3.02 5.58
OD2 3FG C 7 -9.10 3.92 6.29
CG2 3FG C 7 -8.23 3.13 4.14
CB 3FG C 7 -7.43 2.19 3.38
CA 3FG C 7 -7.33 2.35 1.86
C 3FG C 7 -8.12 3.55 1.29
O 3FG C 7 -9.30 3.40 0.98
OXT 3FG C 7 -7.52 4.63 1.16
H 3FG C 7 -5.32 2.89 2.02
HA 3FG C 7 -7.64 1.42 1.38
HD1 3FG C 7 -5.74 -0.53 5.56
HZ 3FG C 7 -7.71 1.87 7.33
HD2 3FG C 7 -9.07 3.70 7.21
HG2 3FG C 7 -8.73 3.93 3.64
N MLU D 1 0.29 0.30 -12.29
CN MLU D 1 0.85 1.65 -12.29
CA MLU D 1 -0.37 0.03 -11.02
C MLU D 1 -1.50 1.04 -10.76
O MLU D 1 -2.37 1.26 -11.59
CB MLU D 1 -0.97 -1.37 -10.96
CG MLU D 1 0.07 -2.47 -11.08
CD1 MLU D 1 1.08 -2.40 -9.93
CD2 MLU D 1 -0.59 -3.85 -11.11
H1 MLU D 1 -0.41 0.22 -13.06
H2 MLU D 1 1.05 -0.39 -12.44
HCN1 MLU D 1 0.04 2.37 -12.15
HCN2 MLU D 1 1.58 1.73 -11.49
HCN3 MLU D 1 1.34 1.83 -13.25
HA MLU D 1 0.38 0.14 -10.23
HB2 MLU D 1 -1.70 -1.48 -11.77
HB3 MLU D 1 -1.52 -1.50 -10.03
HG MLU D 1 0.62 -2.33 -12.01
HD11 MLU D 1 1.57 -1.42 -9.90
HD12 MLU D 1 0.57 -2.55 -8.98
HD13 MLU D 1 1.84 -3.16 -10.02
HD21 MLU D 1 0.14 -4.64 -11.22
HD22 MLU D 1 -1.15 -4.03 -10.20
HD23 MLU D 1 -1.29 -3.91 -11.95
N OMZ D 2 -1.40 1.64 -9.55
CA OMZ D 2 -2.43 2.60 -9.19
C OMZ D 2 -3.20 2.11 -7.94
O OMZ D 2 -4.37 2.43 -7.76
CB OMZ D 2 -1.86 4.02 -9.06
OC OMZ D 2 -1.22 4.38 -10.26
CG OMZ D 2 -0.87 4.12 -7.93
CD1 OMZ D 2 -1.14 4.98 -6.81
CD2 OMZ D 2 0.33 3.32 -7.96
CE1 OMZ D 2 -0.25 4.98 -5.69
CL OMZ D 2 -0.59 5.98 -4.32
CE2 OMZ D 2 1.22 3.32 -6.83
CZ OMZ D 2 0.90 4.13 -5.67
OH OMZ D 2 1.66 3.97 -4.50
H OMZ D 2 -0.67 1.41 -8.92
HA OMZ D 2 -3.15 2.59 -10.00
HB OMZ D 2 -2.65 4.74 -8.88
HC OMZ D 2 -1.89 4.41 -10.93
HD1 OMZ D 2 -2.01 5.61 -6.79
HD2 OMZ D 2 0.56 2.71 -8.81
HE2 OMZ D 2 2.10 2.71 -6.84
N ASN D 3 -2.51 1.32 -7.07
CA ASN D 3 -3.27 0.81 -5.94
C ASN D 3 -2.48 0.76 -4.61
N GHP D 4 -1.54 -0.21 -4.58
CA GHP D 4 -0.79 -0.34 -3.34
C GHP D 4 -0.45 -1.81 -3.05
O GHP D 4 -0.29 -2.65 -3.93
C1 GHP D 4 0.44 0.53 -3.27
C2 GHP D 4 1.62 0.16 -2.53
C3 GHP D 4 2.78 1.04 -2.39
C4 GHP D 4 2.72 2.31 -3.08
O4 GHP D 4 3.79 3.18 -2.97
C5 GHP D 4 1.58 2.70 -3.87
C6 GHP D 4 0.45 1.79 -3.93
H GHP D 4 -1.32 -0.72 -5.40
HA GHP D 4 -1.47 0.01 -2.57
HC2 GHP D 4 1.66 -0.82 -2.05
H6 GHP D 4 -0.43 2.06 -4.51
N GHP D 5 -0.35 -2.02 -1.72
CA GHP D 5 0.02 -3.30 -1.16
C GHP D 5 0.15 -3.18 0.36
O GHP D 5 -0.65 -2.48 0.97
C1 GHP D 5 -0.86 -4.47 -1.47
C2 GHP D 5 -0.25 -5.59 -2.09
C3 GHP D 5 -0.92 -6.82 -2.27
C4 GHP D 5 -2.30 -6.92 -1.88
O4 GHP D 5 -2.98 -8.10 -2.07
C5 GHP D 5 -2.96 -5.80 -1.26
C6 GHP D 5 -2.24 -4.57 -1.05
H GHP D 5 -0.51 -1.26 -1.11
HA GHP D 5 1.00 -3.48 -1.59
HC2 GHP D 5 0.78 -5.52 -2.41
HO4 GHP D 5 -3.87 -8.01 -1.76
H5 GHP D 5 -4.00 -5.89 -0.96
H6 GHP D 5 -2.72 -3.73 -0.57
N OMY D 6 1.14 -3.86 0.99
CA OMY D 6 2.17 -4.74 0.41
OCZ OMY D 6 3.95 0.79 -1.64
CE2 OMY D 6 3.92 -0.45 0.49
CE1 OMY D 6 4.15 -1.63 -1.68
CZ OMY D 6 4.05 -0.40 -0.95
CG OMY D 6 3.81 -2.94 0.41
CD2 OMY D 6 3.79 -1.71 1.17
CD1 OMY D 6 4.05 -2.90 -1.00
CB OMY D 6 3.50 -4.30 1.00
CL OMY D 6 4.37 -1.59 -3.39
O OMY D 6 1.53 -6.73 1.66
C OMY D 6 1.80 -6.23 0.57
ODE OMY D 6 3.41 -4.23 2.41
H OMY D 6 1.15 -3.73 1.98
HA OMY D 6 2.25 -4.59 -0.66
HE2 OMY D 6 3.92 0.49 1.03
HD2 OMY D 6 3.66 -1.75 2.24
HD1 OMY D 6 4.09 -3.83 -1.53
HB OMY D 6 4.24 -5.03 0.72
N 3FG D 7 1.79 -6.87 -0.62
OD1 3FG D 7 -1.63 -7.68 -4.79
CD1 3FG D 7 -0.55 -8.29 -4.21
CG1 3FG D 7 -0.16 -7.93 -2.89
CZ 3FG D 7 0.17 -9.30 -4.94
CD2 3FG D 7 1.30 -9.95 -4.35
OD2 3FG D 7 2.00 -10.90 -5.05
CG2 3FG D 7 1.69 -9.59 -3.01
CB 3FG D 7 0.98 -8.58 -2.26
CA 3FG D 7 1.42 -8.25 -0.82
C 3FG D 7 2.60 -9.10 -0.32
O 3FG D 7 2.37 -10.09 0.38
OXT 3FG D 7 3.74 -8.75 -0.64
H 3FG D 7 2.05 -6.35 -1.43
HA 3FG D 7 0.57 -8.38 -0.16
HD1 3FG D 7 -2.00 -7.04 -4.19
HZ 3FG D 7 -0.14 -9.53 -5.95
HD2 3FG D 7 1.61 -11.01 -5.91
HG2 3FG D 7 2.56 -10.07 -2.57
C2 BGC E . 5.57 5.67 1.54
C3 BGC E . 6.42 5.69 0.27
C4 BGC E . 7.05 4.31 0.00
C5 BGC E . 6.00 3.21 0.16
C6 BGC E . 6.59 1.81 0.04
C1 BGC E . 4.63 4.47 1.57
O2 BGC E . 4.82 6.87 1.62
O3 BGC E . 7.44 6.64 0.43
O4 BGC E . 7.54 4.28 -1.31
O5 BGC E . 5.42 3.31 1.43
O6 BGC E . 7.83 1.72 0.69
H2 BGC E . 6.23 5.61 2.41
H3 BGC E . 5.82 5.98 -0.58
H4 BGC E . 7.87 4.13 0.68
H5 BGC E . 5.22 3.33 -0.60
H61 BGC E . 5.91 1.10 0.49
H62 BGC E . 6.72 1.52 -1.00
H1 BGC E . 3.91 4.52 0.76
HO3 BGC E . 7.11 7.45 0.04
HO4 BGC E . 8.46 4.50 -1.26
HO6 BGC E . 8.12 0.82 0.60
C1 RER E . 5.46 7.83 2.42
C2 RER E . 4.69 9.16 2.39
C3 RER E . 3.34 9.07 3.10
N3 RER E . 2.81 10.41 3.30
C3A RER E . 2.35 8.27 2.25
C4 RER E . 3.53 8.39 4.45
O4 RER E . 2.28 8.17 5.06
C5 RER E . 4.28 7.08 4.29
O5 RER E . 5.54 7.36 3.75
C5A RER E . 4.45 6.32 5.60
H1 RER E . 6.47 7.99 2.04
H21C RER E . 5.29 9.92 2.87
H22C RER E . 4.55 9.49 1.36
HO1 RER E . 2.68 10.87 2.37
H31N RER E . 3.48 10.96 3.87
H32N RER E . 1.89 10.35 3.78
H3A1 RER E . 2.71 7.26 2.07
H3A2 RER E . 1.39 8.19 2.75
H3A3 RER E . 2.18 8.75 1.29
H4 RER E . 4.10 9.05 5.12
HO4 RER E . 2.39 8.30 5.98
H5 RER E . 3.73 6.45 3.59
H5A1 RER E . 3.48 6.08 6.04
H5A2 RER E . 4.99 5.38 5.45
H5A3 RER E . 5.00 6.91 6.33
C2 BGC F . 5.40 4.51 -4.08
C3 BGC F . 6.28 4.63 -5.32
C4 BGC F . 6.89 3.27 -5.69
C5 BGC F . 5.83 2.18 -5.70
C6 BGC F . 6.50 0.82 -5.93
C1 BGC F . 4.44 3.33 -4.21
O2 BGC F . 4.64 5.69 -3.94
O3 BGC F . 7.31 5.55 -5.05
O4 BGC F . 7.48 3.35 -6.96
O5 BGC F . 5.17 2.16 -4.46
O6 BGC F . 7.47 0.59 -4.95
H2 BGC F . 6.03 4.35 -3.20
H3 BGC F . 5.69 5.00 -6.15
H4 BGC F . 7.66 2.97 -4.97
H5 BGC F . 5.10 2.37 -6.49
H61 BGC F . 5.76 0.04 -5.86
H62 BGC F . 6.97 0.78 -6.91
H1 BGC F . 3.74 3.52 -5.02
HO3 BGC F . 7.01 6.39 -5.38
HO4 BGC F . 8.39 3.56 -6.82
HO6 BGC F . 7.84 -0.26 -5.13
C1 RER F . 5.11 6.57 -2.94
C2 RER F . 5.26 7.97 -3.53
C3 RER F . 3.92 8.56 -3.95
N3 RER F . 4.10 9.97 -4.28
C3A RER F . 3.34 7.86 -5.18
C4 RER F . 2.93 8.44 -2.79
O4 RER F . 1.65 8.85 -3.19
C5 RER F . 2.88 6.99 -2.28
O5 RER F . 4.17 6.60 -1.88
C5A RER F . 1.94 6.86 -1.09
H1 RER F . 6.05 6.21 -2.55
H21C RER F . 5.72 8.62 -2.79
H22C RER F . 5.94 7.94 -4.38
HO1 RER F . 3.19 10.39 -4.54
H31N RER F . 4.77 10.06 -5.06
H32N RER F . 4.47 10.47 -3.44
H3A1 RER F . 3.09 6.82 -4.98
H3A2 RER F . 2.44 8.35 -5.53
H3A3 RER F . 4.06 7.87 -6.01
H4 RER F . 3.25 9.09 -1.97
HO4 RER F . 1.26 9.28 -2.45
H5 RER F . 2.55 6.33 -3.08
H5A1 RER F . 1.93 5.84 -0.72
H5A2 RER F . 2.26 7.51 -0.27
H5A3 RER F . 0.92 7.14 -1.35
C1 RER G . -3.69 4.57 -2.97
C2 RER G . -4.07 4.33 -4.44
C3 RER G . -5.58 4.20 -4.65
N3 RER G . -5.87 4.32 -6.07
C3A RER G . -6.09 2.83 -4.16
C4 RER G . -6.27 5.32 -3.89
O4 RER G . -7.66 5.22 -4.04
C5 RER G . -5.86 5.26 -2.43
O5 RER G . -4.50 5.58 -2.40
C5A RER G . -6.64 6.27 -1.58
H1 RER G . -2.65 4.90 -2.92
H21C RER G . -3.71 5.18 -5.02
H22C RER G . -3.55 3.44 -4.82
HO1 RER G . -6.91 4.25 -6.22
H31N RER G . -5.40 3.56 -6.60
H32N RER G . -5.54 5.25 -6.42
H3A1 RER G . -5.74 2.03 -4.80
H3A2 RER G . -5.76 2.63 -3.15
H3A3 RER G . -7.18 2.81 -4.18
H4 RER G . -5.95 6.30 -4.28
HO4 RER G . -7.90 5.77 -4.77
H5 RER G . -6.01 4.25 -2.05
H5A1 RER G . -6.37 6.19 -0.53
H5A2 RER G . -7.72 6.09 -1.66
H5A3 RER G . -6.45 7.29 -1.91
C1 RER H . 4.62 -4.03 3.08
C2 RER H . 4.24 -3.82 4.55
C3 RER H . 3.76 -5.11 5.23
N3 RER H . 3.78 -4.91 6.67
C3A RER H . 2.34 -5.52 4.82
C4 RER H . 4.72 -6.22 4.88
O4 RER H . 4.31 -7.44 5.45
C5 RER H . 4.87 -6.34 3.36
O5 RER H . 5.47 -5.15 2.95
C5A RER H . 5.77 -7.51 2.96
H1 RER H . 5.16 -3.16 2.68
H21C RER H . 3.46 -3.07 4.63
H22C RER H . 5.07 -3.37 5.06
HO1 RER H . 3.13 -4.14 6.93
H31N RER H . 4.75 -4.66 6.97
H32N RER H . 3.49 -5.79 7.15
H3A1 RER H . 1.60 -4.73 4.99
H3A2 RER H . 2.28 -5.79 3.77
H3A3 RER H . 2.02 -6.39 5.40
H4 RER H . 5.68 -5.93 5.30
HO4 RER H . 5.10 -7.90 5.69
H5 RER H . 3.91 -6.43 2.87
H5A1 RER H . 5.91 -7.54 1.89
H5A2 RER H . 6.76 -7.41 3.43
H5A3 RER H . 5.35 -8.45 3.29
N ALA A 1 -4.95 10.96 -4.19
CA ALA A 1 -5.50 9.70 -3.70
C ALA A 1 -4.39 8.68 -3.44
N FGA A 2 -3.77 8.84 -2.25
CA FGA A 2 -2.72 7.91 -1.95
C FGA A 2 -1.39 8.43 -2.48
O FGA A 2 -1.25 8.58 -3.70
CB FGA A 2 -2.65 7.66 -0.44
CG FGA A 2 -3.99 7.25 0.14
CD FGA A 2 -3.81 6.78 1.58
OE1 FGA A 2 -2.71 6.73 2.11
H FGA A 2 -4.02 9.56 -1.59
HA FGA A 2 -2.99 6.99 -2.46
HB2 FGA A 2 -1.91 6.89 -0.25
HB3 FGA A 2 -2.31 8.59 0.04
HG2 FGA A 2 -4.70 8.10 0.12
HG3 FGA A 2 -4.45 6.46 -0.44
N LYS A 3 -4.98 6.46 2.18
CA LYS A 3 -4.99 6.06 3.57
C LYS A 3 -4.16 4.78 3.78
N DAL A 4 -3.39 4.74 4.88
CA DAL A 4 -2.63 3.52 5.08
CB DAL A 4 -3.54 2.45 5.68
C DAL A 4 -1.43 3.79 6.01
O DAL A 4 -1.19 4.88 6.47
H DAL A 4 -3.36 5.51 5.53
HA DAL A 4 -2.25 3.19 4.11
HB1 DAL A 4 -4.39 2.25 5.03
HB2 DAL A 4 -3.00 1.51 5.83
HB3 DAL A 4 -3.94 2.76 6.65
N DAL A 5 -0.72 2.67 6.23
CA DAL A 5 0.44 2.70 7.08
CB DAL A 5 1.47 3.71 6.53
C DAL A 5 1.05 1.31 7.16
O DAL A 5 0.31 0.36 7.42
OXT DAL A 5 2.26 1.17 6.97
H DAL A 5 -1.01 1.80 5.82
HA DAL A 5 0.10 3.00 8.06
HB1 DAL A 5 1.03 4.71 6.46
HB2 DAL A 5 2.35 3.76 7.18
HB3 DAL A 5 1.79 3.42 5.54
N ALA B 1 11.50 -4.45 -1.79
CA ALA B 1 10.93 -3.95 -0.54
C ALA B 1 9.68 -4.72 -0.15
N FGA B 2 9.09 -4.14 0.89
CA FGA B 2 7.86 -4.61 1.47
C FGA B 2 7.62 -3.86 2.77
O FGA B 2 7.52 -2.62 2.73
CB FGA B 2 6.77 -4.38 0.43
CG FGA B 2 6.39 -5.64 -0.36
CD FGA B 2 5.86 -5.37 -1.77
OE1 FGA B 2 5.95 -4.29 -2.34
H FGA B 2 9.52 -3.32 1.28
HA FGA B 2 7.95 -5.67 1.67
HB2 FGA B 2 5.94 -4.03 1.02
HB3 FGA B 2 7.06 -3.56 -0.23
HG2 FGA B 2 7.23 -6.29 -0.49
HG3 FGA B 2 5.65 -6.23 0.17
N LYS B 3 5.30 -6.49 -2.27
CA LYS B 3 4.63 -6.52 -3.54
C LYS B 3 3.44 -5.56 -3.57
N DAL B 4 3.13 -5.11 -4.80
CA DAL B 4 2.01 -4.20 -4.92
CB DAL B 4 0.77 -4.99 -5.37
C DAL B 4 2.34 -3.10 -5.91
O DAL B 4 3.37 -3.11 -6.59
H DAL B 4 3.65 -5.40 -5.60
HA DAL B 4 1.84 -3.76 -3.94
HB1 DAL B 4 0.53 -5.78 -4.65
HB2 DAL B 4 -0.10 -4.34 -5.45
HB3 DAL B 4 0.93 -5.45 -6.34
N DAL B 5 1.41 -2.12 -5.94
CA DAL B 5 1.60 -1.00 -6.84
CB DAL B 5 2.75 -0.12 -6.35
C DAL B 5 0.30 -0.21 -6.95
O DAL B 5 -0.65 -0.72 -7.52
OXT DAL B 5 0.26 0.92 -6.47
H DAL B 5 0.58 -2.18 -5.41
HA DAL B 5 1.85 -1.44 -7.80
HB1 DAL B 5 3.68 -0.68 -6.28
HB2 DAL B 5 2.92 0.71 -7.04
HB3 DAL B 5 2.52 0.30 -5.37
N MLU C 1 1.67 1.55 12.30
CN MLU C 1 3.09 1.86 12.28
CA MLU C 1 1.26 0.93 11.05
C MLU C 1 2.05 -0.37 10.81
O MLU C 1 1.93 -1.32 11.56
CB MLU C 1 -0.23 0.59 11.01
CG MLU C 1 -1.11 1.80 11.31
CD1 MLU C 1 -1.00 2.85 10.20
CD2 MLU C 1 -2.56 1.37 11.50
H1 MLU C 1 1.46 0.90 13.08
H2 MLU C 1 1.13 2.43 12.44
HCN1 MLU C 1 3.30 2.54 11.46
HCN2 MLU C 1 3.65 0.93 12.15
HCN3 MLU C 1 3.37 2.32 13.23
HA MLU C 1 1.49 1.62 10.24
HB2 MLU C 1 -0.43 -0.18 11.76
HB3 MLU C 1 -0.49 0.17 10.05
HG MLU C 1 -0.76 2.26 12.24
HD11 MLU C 1 -1.38 2.44 9.26
HD12 MLU C 1 -1.59 3.73 10.44
HD13 MLU C 1 0.02 3.15 10.05
HD21 MLU C 1 -3.19 2.21 11.74
HD22 MLU C 1 -2.94 0.90 10.59
HD23 MLU C 1 -2.64 0.64 12.31
N OMZ C 2 2.84 -0.33 9.72
CA OMZ C 2 3.61 -1.53 9.42
C OMZ C 2 2.86 -2.38 8.37
O OMZ C 2 2.82 -3.60 8.50
CB OMZ C 2 5.06 -1.19 9.05
OC OMZ C 2 5.73 -0.67 10.18
CG OMZ C 2 5.13 -0.17 7.95
CD1 OMZ C 2 5.36 -0.59 6.60
CD2 OMZ C 2 4.89 1.23 8.25
CE1 OMZ C 2 5.28 0.38 5.54
CL OMZ C 2 5.52 -0.13 3.91
CE2 OMZ C 2 4.83 2.19 7.18
CZ OMZ C 2 4.97 1.75 5.82
OH OMZ C 2 4.67 2.60 4.75
H OMZ C 2 2.88 0.47 9.14
HA OMZ C 2 3.62 -2.11 10.35
HB OMZ C 2 5.60 -2.08 8.74
HC OMZ C 2 5.77 -1.37 10.81
HD1 OMZ C 2 5.56 -1.63 6.38
HD2 OMZ C 2 4.74 1.54 9.27
HE2 OMZ C 2 4.62 3.22 7.40
N ASN C 3 2.26 -1.70 7.36
CA ASN C 3 1.53 -2.56 6.43
C ASN C 3 1.43 -1.97 5.00
N GHP C 4 0.69 -0.84 4.94
CA GHP C 4 0.54 -0.23 3.62
C GHP C 4 -0.93 0.19 3.42
O GHP C 4 -1.62 0.64 4.31
C1 GHP C 4 1.43 0.97 3.39
C2 GHP C 4 1.14 1.95 2.38
C3 GHP C 4 1.99 3.10 2.13
C4 GHP C 4 3.15 3.28 2.97
O4 GHP C 4 3.97 4.38 2.85
C5 GHP C 4 3.49 2.31 3.98
C6 GHP C 4 2.62 1.16 4.17
H GHP C 4 0.31 -0.43 5.76
HA GHP C 4 0.79 -1.00 2.90
HC2 GHP C 4 0.22 1.83 1.82
H6 GHP C 4 2.84 0.44 4.93
N GHP C 5 -1.31 0.01 2.13
CA GHP C 5 -2.64 0.42 1.72
C GHP C 5 -2.81 0.27 0.21
O GHP C 5 -2.34 -0.71 -0.35
C1 GHP C 5 -3.82 -0.21 2.40
C2 GHP C 5 -4.74 0.69 3.04
C3 GHP C 5 -5.97 0.25 3.57
C4 GHP C 5 -6.31 -1.14 3.51
O4 GHP C 5 -7.50 -1.58 4.04
C5 GHP C 5 -5.40 -2.08 2.89
C6 GHP C 5 -4.15 -1.60 2.32
H GHP C 5 -0.68 -0.39 1.47
HA GHP C 5 -2.60 1.47 2.00
HC2 GHP C 5 -4.48 1.74 3.10
HO4 GHP C 5 -7.56 -2.52 3.91
H5 GHP C 5 -5.65 -3.13 2.84
H6 GHP C 5 -3.47 -2.30 1.84
N OMY C 6 -3.51 1.23 -0.47
CA OMY C 6 -4.12 2.44 0.07
OCZ OMY C 6 1.75 4.08 1.12
CE2 OMY C 6 0.24 3.75 -0.83
CE1 OMY C 6 -0.64 4.49 1.38
CZ OMY C 6 0.47 4.14 0.54
CG OMY C 6 -2.23 3.90 -0.43
CD2 OMY C 6 -1.12 3.61 -1.31
CD1 OMY C 6 -1.97 4.38 0.90
CB OMY C 6 -3.66 3.61 -0.79
CL OMY C 6 -0.35 5.02 3.00
O OMY C 6 -6.35 1.84 -0.71
C OMY C 6 -5.64 2.25 0.20
ODE OMY C 6 -3.77 3.26 -2.15
H OMY C 6 -3.59 1.09 -1.45
HA OMY C 6 -3.76 2.61 1.07
HE2 OMY C 6 1.07 3.50 -1.47
HD2 OMY C 6 -1.32 3.30 -2.32
HD1 OMY C 6 -2.81 4.61 1.53
HB OMY C 6 -4.27 4.49 -0.59
N 3FG C 7 -6.07 2.60 1.44
OD1 3FG C 7 -6.35 0.18 6.29
CD1 3FG C 7 -6.99 1.20 5.60
CG1 3FG C 7 -6.86 1.27 4.18
CZ 3FG C 7 -7.75 2.17 6.32
CD2 3FG C 7 -8.41 3.23 5.63
OD2 3FG C 7 -9.15 4.17 6.31
CG2 3FG C 7 -8.30 3.31 4.19
CB 3FG C 7 -7.52 2.35 3.45
CA 3FG C 7 -7.42 2.47 1.92
C 3FG C 7 -8.17 3.68 1.33
O 3FG C 7 -9.35 3.54 1.00
OXT 3FG C 7 -7.56 4.75 1.21
H 3FG C 7 -5.38 2.95 2.09
HA 3FG C 7 -7.74 1.54 1.45
HD1 3FG C 7 -5.89 -0.38 5.67
HZ 3FG C 7 -7.80 2.10 7.40
HD2 3FG C 7 -9.12 3.96 7.24
HG2 3FG C 7 -8.78 4.12 3.68
N MLU D 1 0.82 0.22 -12.00
CN MLU D 1 1.31 1.60 -11.85
CA MLU D 1 0.04 -0.15 -10.83
C MLU D 1 -1.16 0.78 -10.65
O MLU D 1 -2.04 0.85 -11.51
CB MLU D 1 -0.50 -1.57 -10.93
CG MLU D 1 0.60 -2.62 -11.09
CD1 MLU D 1 1.57 -2.59 -9.89
CD2 MLU D 1 0.00 -4.01 -11.24
H1 MLU D 1 0.23 0.16 -12.84
H2 MLU D 1 1.63 -0.42 -12.09
HCN1 MLU D 1 1.93 1.67 -10.97
HCN2 MLU D 1 1.89 1.86 -12.74
HCN3 MLU D 1 0.46 2.27 -11.77
HA MLU D 1 0.68 -0.07 -9.95
HB2 MLU D 1 -1.18 -1.65 -11.77
HB3 MLU D 1 -1.09 -1.81 -10.03
HG MLU D 1 1.17 -2.38 -11.98
HD11 MLU D 1 2.37 -3.31 -10.03
HD12 MLU D 1 2.01 -1.61 -9.78
HD13 MLU D 1 1.04 -2.84 -8.98
HD21 MLU D 1 -0.67 -4.05 -12.11
HD22 MLU D 1 0.77 -4.76 -11.39
HD23 MLU D 1 -0.58 -4.28 -10.36
N OMZ D 2 -1.15 1.49 -9.51
CA OMZ D 2 -2.26 2.40 -9.25
C OMZ D 2 -3.12 1.85 -8.09
O OMZ D 2 -4.33 2.03 -8.09
CB OMZ D 2 -1.80 3.85 -9.08
OC OMZ D 2 -1.19 4.29 -10.27
CG OMZ D 2 -0.83 4.04 -7.95
CD1 OMZ D 2 -1.19 4.85 -6.82
CD2 OMZ D 2 0.44 3.37 -7.97
CE1 OMZ D 2 -0.30 4.94 -5.69
CL OMZ D 2 -0.75 5.91 -4.33
CE2 OMZ D 2 1.33 3.47 -6.84
CZ OMZ D 2 0.93 4.22 -5.69
OH OMZ D 2 1.68 4.10 -4.50
H OMZ D 2 -0.41 1.39 -8.85
HA OMZ D 2 -2.89 2.34 -10.14
HB OMZ D 2 -2.66 4.50 -8.91
HC OMZ D 2 -0.36 3.83 -10.33
HD1 OMZ D 2 -2.13 5.40 -6.80
HD2 OMZ D 2 0.72 2.78 -8.83
HE2 OMZ D 2 2.27 2.93 -6.84
N ASN D 3 -2.46 1.15 -7.13
CA ASN D 3 -3.33 0.61 -6.08
C ASN D 3 -2.67 0.54 -4.70
N GHP D 4 -1.46 -0.08 -4.65
CA GHP D 4 -0.80 -0.17 -3.35
C GHP D 4 -0.49 -1.64 -2.99
O GHP D 4 -0.38 -2.51 -3.85
C1 GHP D 4 0.44 0.68 -3.25
C2 GHP D 4 1.63 0.28 -2.53
C3 GHP D 4 2.78 1.17 -2.41
C4 GHP D 4 2.74 2.44 -3.08
O4 GHP D 4 3.82 3.29 -2.98
C5 GHP D 4 1.59 2.85 -3.85
C6 GHP D 4 0.45 1.95 -3.89
H GHP D 4 -1.04 -0.44 -5.48
HA GHP D 4 -1.51 0.26 -2.63
HC2 GHP D 4 1.67 -0.69 -2.06
H6 GHP D 4 -0.43 2.26 -4.44
N GHP D 5 -0.35 -1.82 -1.67
CA GHP D 5 0.01 -3.12 -1.11
C GHP D 5 0.18 -2.99 0.42
O GHP D 5 -0.59 -2.28 1.04
C1 GHP D 5 -0.91 -4.26 -1.37
C2 GHP D 5 -0.33 -5.41 -2.00
C3 GHP D 5 -1.04 -6.63 -2.16
C4 GHP D 5 -2.40 -6.70 -1.73
O4 GHP D 5 -3.12 -7.86 -1.90
C5 GHP D 5 -3.03 -5.55 -1.11
C6 GHP D 5 -2.27 -4.33 -0.94
H GHP D 5 -0.48 -1.05 -1.05
HA GHP D 5 0.97 -3.31 -1.56
HC2 GHP D 5 0.69 -5.36 -2.34
HO4 GHP D 5 -2.57 -8.51 -2.31
H5 GHP D 5 -4.06 -5.60 -0.79
H6 GHP D 5 -2.73 -3.47 -0.45
N OMY D 6 1.17 -3.70 1.02
CA OMY D 6 2.17 -4.60 0.42
OCZ OMY D 6 3.97 0.91 -1.66
CE2 OMY D 6 4.02 -0.35 0.47
CE1 OMY D 6 4.10 -1.52 -1.72
CZ OMY D 6 4.08 -0.30 -0.97
CG OMY D 6 3.86 -2.84 0.37
CD2 OMY D 6 3.90 -1.63 1.14
CD1 OMY D 6 4.01 -2.78 -1.06
CB OMY D 6 3.54 -4.19 0.98
CL OMY D 6 4.22 -1.46 -3.44
O OMY D 6 1.51 -6.56 1.71
C OMY D 6 1.76 -6.09 0.62
ODE OMY D 6 3.48 -4.13 2.39
H OMY D 6 1.22 -3.56 2.01
HA OMY D 6 2.22 -4.47 -0.64
HE2 OMY D 6 4.08 0.58 1.01
HD2 OMY D 6 3.83 -1.66 2.22
HD1 OMY D 6 4.02 -3.71 -1.62
HB OMY D 6 4.24 -4.94 0.68
N 3FG D 7 1.71 -6.73 -0.57
OD1 3FG D 7 -1.84 -7.48 -4.65
CD1 3FG D 7 -0.76 -8.13 -4.09
CG1 3FG D 7 -0.31 -7.76 -2.78
CZ 3FG D 7 -0.08 -9.15 -4.83
CD2 3FG D 7 1.05 -9.83 -4.26
OD2 3FG D 7 1.71 -10.80 -4.97
CG2 3FG D 7 1.49 -9.47 -2.94
CB 3FG D 7 0.81 -8.44 -2.17
CA 3FG D 7 1.30 -8.11 -0.75
C 3FG D 7 2.47 -8.98 -0.27
O 3FG D 7 2.23 -9.95 0.44
OXT 3FG D 7 3.62 -8.66 -0.61
H 3FG D 7 1.96 -6.22 -1.40
HA 3FG D 7 0.46 -8.20 -0.06
HD1 3FG D 7 -2.01 -7.83 -5.52
HZ 3FG D 7 -0.42 -9.39 -5.83
HD2 3FG D 7 1.30 -10.91 -5.82
HG2 3FG D 7 2.35 -9.96 -2.52
C2 BGC E . 5.49 5.73 1.62
C3 BGC E . 6.35 5.81 0.35
C4 BGC E . 7.03 4.47 0.05
C5 BGC E . 6.01 3.34 0.14
C6 BGC E . 6.65 1.96 -0.02
C1 BGC E . 4.59 4.49 1.59
O2 BGC E . 4.71 6.89 1.73
O3 BGC E . 7.33 6.81 0.55
O4 BGC E . 7.56 4.50 -1.25
O5 BGC E . 5.40 3.35 1.41
O6 BGC E . 7.89 1.89 0.64
H2 BGC E . 6.14 5.66 2.49
H3 BGC E . 5.74 6.11 -0.49
H4 BGC E . 7.85 4.29 0.75
H5 BGC E . 5.25 3.46 -0.62
H61 BGC E . 5.99 1.22 0.40
H62 BGC E . 6.79 1.72 -1.07
H1 BGC E . 3.85 4.55 0.80
HO3 BGC E . 7.46 7.23 -0.29
HO4 BGC E . 8.47 4.75 -1.17
HO6 BGC E . 8.21 1.01 0.51
C1 RER E . 5.31 7.86 2.55
C2 RER E . 4.49 9.16 2.53
C3 RER E . 3.13 8.99 3.21
N3 RER E . 2.55 10.31 3.43
C3A RER E . 2.19 8.19 2.33
C4 RER E . 3.32 8.30 4.56
O4 RER E . 2.06 8.01 5.12
C5 RER E . 4.12 7.01 4.37
O5 RER E . 5.38 7.36 3.87
C5A RER E . 4.30 6.25 5.68
H1 RER E . 6.31 8.05 2.18
H21C RER E . 5.06 9.93 3.06
H22C RER E . 4.36 9.51 1.51
HO1 RER E . 1.63 10.22 3.90
H31N RER E . 2.43 10.79 2.52
H32N RER E . 3.18 10.88 4.03
H3A1 RER E . 2.58 7.18 2.15
H3A2 RER E . 1.21 8.09 2.80
H3A3 RER E . 2.05 8.67 1.36
H4 RER E . 3.85 8.96 5.25
HO4 RER E . 2.15 8.12 6.05
H5 RER E . 3.61 6.39 3.66
H5A1 RER E . 3.33 5.96 6.10
H5A2 RER E . 4.88 5.33 5.52
H5A3 RER E . 4.82 6.85 6.42
C2 BGC F . 5.40 4.64 -4.10
C3 BGC F . 6.26 4.77 -5.35
C4 BGC F . 6.90 3.44 -5.71
C5 BGC F . 5.86 2.32 -5.73
C6 BGC F . 6.56 0.98 -5.95
C1 BGC F . 4.46 3.44 -4.23
O2 BGC F . 4.60 5.79 -3.96
O3 BGC F . 7.26 5.73 -5.10
O4 BGC F . 7.48 3.52 -7.00
O5 BGC F . 5.21 2.28 -4.48
O6 BGC F . 7.55 0.76 -4.97
H2 BGC F . 6.03 4.50 -3.23
H3 BGC F . 5.65 5.13 -6.19
H4 BGC F . 7.67 3.15 -5.00
H5 BGC F . 5.12 2.50 -6.51
H61 BGC F . 5.84 0.17 -5.88
H62 BGC F . 7.03 0.94 -6.93
H1 BGC F . 3.75 3.63 -5.03
HO3 BGC F . 7.40 6.20 -5.92
HO4 BGC F . 8.39 3.76 -6.86
HO6 BGC F . 7.94 -0.08 -5.16
C1 RER F . 5.04 6.68 -2.95
C2 RER F . 5.09 8.09 -3.54
C3 RER F . 3.70 8.61 -3.92
N3 RER F . 3.79 10.03 -4.24
C3A RER F . 3.13 7.88 -5.14
C4 RER F . 2.76 8.42 -2.72
O4 RER F . 1.46 8.78 -3.08
C5 RER F . 2.81 6.98 -2.24
O5 RER F . 4.14 6.66 -1.88
C5A RER F . 1.93 6.78 -1.00
H1 RER F . 6.02 6.37 -2.59
H21C RER F . 5.53 8.76 -2.80
H22C RER F . 5.75 8.12 -4.41
HO1 RER F . 2.84 10.40 -4.47
H31N RER F . 4.43 10.16 -5.05
H32N RER F . 4.17 10.55 -3.41
H3A1 RER F . 3.82 7.93 -5.98
H3A2 RER F . 2.93 6.83 -4.91
H3A3 RER F . 2.19 8.33 -5.45
H4 RER F . 3.07 9.08 -1.92
HO4 RER F . 1.34 9.69 -2.84
H5 RER F . 2.49 6.31 -3.03
H5A1 RER F . 2.01 5.76 -0.64
H5A2 RER F . 2.23 7.45 -0.20
H5A3 RER F . 0.88 6.98 -1.24
C1 RER G . -3.61 4.36 -3.01
C2 RER G . -3.85 3.87 -4.44
C3 RER G . -5.32 3.77 -4.82
N3 RER G . -5.47 3.73 -6.27
C3A RER G . -5.96 2.52 -4.22
C4 RER G . -6.00 5.02 -4.29
O4 RER G . -7.37 5.05 -4.66
C5 RER G . -5.83 5.11 -2.79
O5 RER G . -4.47 5.40 -2.61
C5A RER G . -6.67 6.24 -2.17
H1 RER G . -2.61 4.75 -2.96
H21C RER G . -3.38 2.92 -4.60
H22C RER G . -3.28 4.52 -5.10
HO1 RER G . -6.47 3.68 -6.52
H31N RER G . -4.98 2.88 -6.64
H32N RER G . -5.04 4.58 -6.69
H3A1 RER G . -5.73 2.42 -3.15
H3A2 RER G . -7.05 2.55 -4.32
H3A3 RER G . -5.62 1.61 -4.70
H4 RER G . -5.50 5.87 -4.74
HO4 RER G . -7.78 4.32 -4.22
H5 RER G . -6.06 4.17 -2.31
H5A1 RER G . -7.73 6.06 -2.33
H5A2 RER G . -6.50 6.30 -1.10
H5A3 RER G . -6.41 7.19 -2.62
C1 RER H . 4.73 -4.10 3.04
C2 RER H . 4.48 -4.01 4.54
C3 RER H . 3.84 -5.29 5.10
N3 RER H . 3.89 -5.23 6.55
C3A RER H . 2.37 -5.45 4.68
C4 RER H . 4.64 -6.48 4.62
O4 RER H . 4.01 -7.67 5.03
C5 RER H . 4.79 -6.46 3.10
O5 RER H . 5.45 -5.27 2.74
C5A RER H . 5.59 -7.67 2.62
H1 RER H . 5.31 -3.23 2.69
H21C RER H . 5.43 -3.85 5.04
H22C RER H . 3.86 -3.14 4.77
HO1 RER H . 3.48 -6.11 6.95
H31N RER H . 4.88 -5.14 6.86
H32N RER H . 3.35 -4.41 6.90
H3A1 RER H . 1.79 -4.54 4.77
H3A2 RER H . 1.89 -6.22 5.29
H3A3 RER H . 2.28 -5.78 3.65
H4 RER H . 5.63 -6.47 5.08
HO4 RER H . 4.40 -7.92 5.85
H5 RER H . 3.81 -6.44 2.62
H5A1 RER H . 5.68 -7.67 1.53
H5A2 RER H . 5.11 -8.60 2.91
H5A3 RER H . 6.59 -7.66 3.03
N ALA A 1 -5.04 10.94 -4.16
CA ALA A 1 -5.57 9.65 -3.70
C ALA A 1 -4.44 8.66 -3.44
N FGA A 2 -3.82 8.84 -2.25
CA FGA A 2 -2.75 7.92 -1.96
C FGA A 2 -1.43 8.48 -2.50
O FGA A 2 -1.29 8.58 -3.71
CB FGA A 2 -2.67 7.68 -0.46
CG FGA A 2 -4.02 7.25 0.13
CD FGA A 2 -3.83 6.77 1.58
OE1 FGA A 2 -2.73 6.73 2.11
H FGA A 2 -4.07 9.55 -1.60
HA FGA A 2 -3.00 6.99 -2.47
HB2 FGA A 2 -1.93 6.91 -0.26
HB3 FGA A 2 -2.35 8.60 0.03
HG2 FGA A 2 -4.72 8.09 0.12
HG3 FGA A 2 -4.46 6.45 -0.45
N LYS A 3 -4.99 6.46 2.17
CA LYS A 3 -4.99 6.05 3.56
C LYS A 3 -4.16 4.78 3.77
N DAL A 4 -3.40 4.74 4.87
CA DAL A 4 -2.63 3.52 5.07
CB DAL A 4 -3.54 2.44 5.67
C DAL A 4 -1.44 3.79 6.00
O DAL A 4 -1.20 4.89 6.46
H DAL A 4 -3.38 5.50 5.53
HA DAL A 4 -2.25 3.19 4.10
HB1 DAL A 4 -4.38 2.23 5.01
HB2 DAL A 4 -3.00 1.50 5.81
HB3 DAL A 4 -3.93 2.74 6.63
N DAL A 5 -0.73 2.67 6.22
CA DAL A 5 0.45 2.71 7.07
CB DAL A 5 1.46 3.72 6.53
C DAL A 5 1.05 1.31 7.15
O DAL A 5 0.31 0.37 7.42
OXT DAL A 5 2.27 1.18 6.96
H DAL A 5 -1.01 1.80 5.81
HA DAL A 5 0.10 3.01 8.05
HB1 DAL A 5 1.03 4.72 6.46
HB2 DAL A 5 2.34 3.77 7.17
HB3 DAL A 5 1.79 3.43 5.53
N ALA B 1 11.45 -4.48 -1.90
CA ALA B 1 10.89 -3.96 -0.65
C ALA B 1 9.65 -4.74 -0.23
N FGA B 2 9.08 -4.15 0.82
CA FGA B 2 7.86 -4.62 1.40
C FGA B 2 7.63 -3.85 2.71
O FGA B 2 7.51 -2.64 2.66
CB FGA B 2 6.75 -4.41 0.39
CG FGA B 2 6.37 -5.67 -0.39
CD FGA B 2 5.83 -5.43 -1.80
OE1 FGA B 2 5.92 -4.36 -2.37
H FGA B 2 9.51 -3.32 1.20
HA FGA B 2 7.96 -5.69 1.62
HB2 FGA B 2 5.94 -4.07 0.98
HB3 FGA B 2 7.03 -3.60 -0.29
HG2 FGA B 2 7.21 -6.33 -0.51
HG3 FGA B 2 5.63 -6.25 0.17
N LYS B 3 5.25 -6.56 -2.26
CA LYS B 3 4.57 -6.60 -3.54
C LYS B 3 3.39 -5.64 -3.57
N DAL B 4 3.04 -5.24 -4.81
CA DAL B 4 1.91 -4.34 -4.93
CB DAL B 4 0.64 -5.15 -5.18
C DAL B 4 2.18 -3.36 -6.08
O DAL B 4 2.63 -3.72 -7.15
H DAL B 4 3.53 -5.57 -5.61
HA DAL B 4 1.84 -3.78 -3.99
HB1 DAL B 4 0.45 -5.85 -4.36
HB2 DAL B 4 -0.23 -4.49 -5.26
HB3 DAL B 4 0.71 -5.72 -6.10
N DAL B 5 1.85 -2.09 -5.77
CA DAL B 5 2.04 -1.04 -6.74
CB DAL B 5 3.15 -0.09 -6.29
C DAL B 5 0.72 -0.28 -6.94
O DAL B 5 0.60 0.83 -6.44
OXT DAL B 5 -0.16 -0.82 -7.61
H DAL B 5 1.47 -1.84 -4.89
HA DAL B 5 2.31 -1.55 -7.64
HB1 DAL B 5 4.09 -0.63 -6.14
HB2 DAL B 5 3.32 0.69 -7.04
HB3 DAL B 5 2.89 0.40 -5.36
N MLU C 1 1.66 1.55 12.29
CN MLU C 1 3.09 1.86 12.28
CA MLU C 1 1.27 0.92 11.04
C MLU C 1 2.05 -0.36 10.80
O MLU C 1 1.94 -1.33 11.55
CB MLU C 1 -0.23 0.59 11.01
CG MLU C 1 -1.11 1.80 11.30
CD1 MLU C 1 -1.01 2.84 10.19
CD2 MLU C 1 -2.56 1.35 11.49
H1 MLU C 1 1.46 0.89 13.08
H2 MLU C 1 1.12 2.43 12.43
HCN1 MLU C 1 3.30 2.54 11.46
HCN2 MLU C 1 3.36 2.31 13.23
HCN3 MLU C 1 3.65 0.93 12.15
HA MLU C 1 1.50 1.63 10.24
HB2 MLU C 1 -0.42 -0.19 11.75
HB3 MLU C 1 -0.48 0.17 10.04
HG MLU C 1 -0.75 2.25 12.23
HD11 MLU C 1 -1.38 2.44 9.25
HD12 MLU C 1 -1.60 3.73 10.43
HD13 MLU C 1 0.02 3.15 10.03
HD21 MLU C 1 -2.64 0.63 12.30
HD22 MLU C 1 -3.20 2.21 11.73
HD23 MLU C 1 -2.95 0.89 10.58
N OMZ C 2 2.85 -0.32 9.72
CA OMZ C 2 3.63 -1.52 9.41
C OMZ C 2 2.87 -2.37 8.36
O OMZ C 2 2.82 -3.59 8.49
CB OMZ C 2 5.07 -1.17 9.04
OC OMZ C 2 5.73 -0.66 10.17
CG OMZ C 2 5.13 -0.15 7.95
CD1 OMZ C 2 5.37 -0.57 6.59
CD2 OMZ C 2 4.89 1.24 8.25
CE1 OMZ C 2 5.29 0.41 5.54
CL OMZ C 2 5.53 -0.10 3.90
CE2 OMZ C 2 4.83 2.20 7.18
CZ OMZ C 2 4.97 1.77 5.81
OH OMZ C 2 4.67 2.62 4.75
H OMZ C 2 2.89 0.48 9.14
HA OMZ C 2 3.63 -2.10 10.34
HB OMZ C 2 5.61 -2.07 8.72
HC OMZ C 2 6.63 -0.49 9.91
HD1 OMZ C 2 5.58 -1.60 6.37
HD2 OMZ C 2 4.74 1.56 9.27
HE2 OMZ C 2 4.62 3.24 7.40
N ASN C 3 2.28 -1.70 7.35
CA ASN C 3 1.55 -2.55 6.41
C ASN C 3 1.45 -1.96 4.99
N GHP C 4 0.71 -0.84 4.92
CA GHP C 4 0.55 -0.22 3.61
C GHP C 4 -0.91 0.20 3.40
O GHP C 4 -1.61 0.64 4.30
C1 GHP C 4 1.45 0.98 3.39
C2 GHP C 4 1.15 1.97 2.38
C3 GHP C 4 1.99 3.13 2.13
C4 GHP C 4 3.16 3.29 2.97
O4 GHP C 4 3.97 4.41 2.85
C5 GHP C 4 3.50 2.34 3.99
C6 GHP C 4 2.62 1.19 4.17
H GHP C 4 0.33 -0.42 5.75
HA GHP C 4 0.81 -0.99 2.89
HC2 GHP C 4 0.22 1.85 1.81
H6 GHP C 4 2.86 0.45 4.93
N GHP C 5 -1.29 0.01 2.12
CA GHP C 5 -2.62 0.42 1.71
C GHP C 5 -2.80 0.28 0.19
O GHP C 5 -2.31 -0.70 -0.37
C1 GHP C 5 -3.80 -0.21 2.38
C2 GHP C 5 -4.72 0.68 3.02
C3 GHP C 5 -5.95 0.23 3.55
C4 GHP C 5 -6.28 -1.15 3.48
O4 GHP C 5 -7.47 -1.61 4.01
C5 GHP C 5 -5.37 -2.09 2.86
C6 GHP C 5 -4.12 -1.62 2.31
H GHP C 5 -0.66 -0.37 1.46
HA GHP C 5 -2.59 1.47 1.99
HC2 GHP C 5 -4.47 1.72 3.08
HO4 GHP C 5 -7.95 -0.87 4.38
H5 GHP C 5 -5.62 -3.14 2.81
H6 GHP C 5 -3.45 -2.30 1.82
N OMY C 6 -3.49 1.24 -0.49
CA OMY C 6 -4.11 2.44 0.06
OCZ OMY C 6 1.75 4.10 1.12
CE2 OMY C 6 0.25 3.75 -0.83
CE1 OMY C 6 -0.64 4.51 1.37
CZ OMY C 6 0.48 4.16 0.54
CG OMY C 6 -2.22 3.90 -0.44
CD2 OMY C 6 -1.11 3.63 -1.32
CD1 OMY C 6 -1.98 4.38 0.89
CB OMY C 6 -3.65 3.62 -0.80
CL OMY C 6 -0.35 5.04 2.99
O OMY C 6 -6.34 1.83 -0.72
C OMY C 6 -5.63 2.24 0.19
ODE OMY C 6 -3.76 3.27 -2.16
H OMY C 6 -3.58 1.10 -1.47
HA OMY C 6 -3.75 2.60 1.06
HE2 OMY C 6 1.08 3.52 -1.47
HD2 OMY C 6 -1.30 3.32 -2.34
HD1 OMY C 6 -2.82 4.62 1.52
HB OMY C 6 -4.27 4.49 -0.60
N 3FG C 7 -6.06 2.58 1.43
OD1 3FG C 7 -6.34 0.16 6.27
CD1 3FG C 7 -6.98 1.17 5.59
CG1 3FG C 7 -6.84 1.25 4.17
CZ 3FG C 7 -7.75 2.14 6.31
CD2 3FG C 7 -8.41 3.20 5.60
OD2 3FG C 7 -9.16 4.13 6.30
CG2 3FG C 7 -8.30 3.28 4.18
CB 3FG C 7 -7.51 2.32 3.43
CA 3FG C 7 -7.40 2.45 1.89
C 3FG C 7 -8.17 3.66 1.32
O 3FG C 7 -9.34 3.51 0.98
OXT 3FG C 7 -7.56 4.73 1.20
H 3FG C 7 -5.37 2.93 2.08
HA 3FG C 7 -7.73 1.52 1.44
HD1 3FG C 7 -5.87 -0.39 5.65
HZ 3FG C 7 -7.80 2.07 7.38
HD2 3FG C 7 -9.13 3.93 7.23
HG2 3FG C 7 -8.78 4.09 3.66
N MLU D 1 0.87 0.27 -12.03
CN MLU D 1 1.33 1.65 -11.95
CA MLU D 1 0.10 -0.07 -10.84
C MLU D 1 -1.11 0.84 -10.69
O MLU D 1 -1.97 0.93 -11.55
CB MLU D 1 -0.40 -1.52 -10.87
CG MLU D 1 0.72 -2.54 -10.93
CD1 MLU D 1 1.64 -2.42 -9.72
CD2 MLU D 1 0.16 -3.95 -11.04
H1 MLU D 1 0.26 0.16 -12.87
H2 MLU D 1 1.69 -0.36 -12.10
HCN1 MLU D 1 1.89 1.89 -12.85
HCN2 MLU D 1 0.46 2.32 -11.88
HCN3 MLU D 1 1.96 1.77 -11.07
HA MLU D 1 0.75 0.07 -9.98
HB2 MLU D 1 -1.06 -1.65 -11.73
HB3 MLU D 1 -1.01 -1.70 -9.98
HG MLU D 1 1.32 -2.33 -11.82
HD11 MLU D 1 1.09 -2.62 -8.79
HD12 MLU D 1 2.46 -3.13 -9.78
HD13 MLU D 1 2.06 -1.42 -9.65
HD21 MLU D 1 -0.45 -4.19 -10.17
HD22 MLU D 1 -0.48 -4.05 -11.92
HD23 MLU D 1 0.95 -4.69 -11.12
N OMZ D 2 -1.13 1.52 -9.53
CA OMZ D 2 -2.26 2.41 -9.26
C OMZ D 2 -3.12 1.85 -8.11
O OMZ D 2 -4.33 2.03 -8.12
CB OMZ D 2 -1.80 3.87 -9.08
OC OMZ D 2 -1.19 4.32 -10.26
CG OMZ D 2 -0.84 4.06 -7.95
CD1 OMZ D 2 -1.22 4.87 -6.81
CD2 OMZ D 2 0.44 3.39 -7.96
CE1 OMZ D 2 -0.32 4.96 -5.69
CL OMZ D 2 -0.78 5.90 -4.32
CE2 OMZ D 2 1.32 3.48 -6.83
CZ OMZ D 2 0.91 4.23 -5.67
OH OMZ D 2 1.64 4.11 -4.48
H OMZ D 2 -0.40 1.42 -8.85
HA OMZ D 2 -2.88 2.36 -10.16
HB OMZ D 2 -2.67 4.51 -8.92
HC OMZ D 2 -0.97 5.24 -10.14
HD1 OMZ D 2 -2.15 5.40 -6.79
HD2 OMZ D 2 0.73 2.81 -8.82
HE2 OMZ D 2 2.26 2.96 -6.83
N ASN D 3 -2.46 1.16 -7.15
CA ASN D 3 -3.33 0.60 -6.11
C ASN D 3 -2.67 0.52 -4.72
N GHP D 4 -1.46 -0.09 -4.68
CA GHP D 4 -0.80 -0.19 -3.37
C GHP D 4 -0.49 -1.67 -3.03
O GHP D 4 -0.37 -2.53 -3.88
C1 GHP D 4 0.44 0.67 -3.28
C2 GHP D 4 1.62 0.27 -2.56
C3 GHP D 4 2.78 1.15 -2.43
C4 GHP D 4 2.73 2.42 -3.08
O4 GHP D 4 3.80 3.28 -2.97
C5 GHP D 4 1.58 2.84 -3.85
C6 GHP D 4 0.44 1.94 -3.91
H GHP D 4 -1.03 -0.46 -5.51
HA GHP D 4 -1.52 0.23 -2.66
HC2 GHP D 4 1.68 -0.72 -2.11
H6 GHP D 4 -0.45 2.25 -4.45
N GHP D 5 -0.36 -1.85 -1.70
CA GHP D 5 0.00 -3.13 -1.13
C GHP D 5 0.18 -3.00 0.40
O GHP D 5 -0.59 -2.27 1.01
C1 GHP D 5 -0.92 -4.28 -1.39
C2 GHP D 5 -0.35 -5.44 -1.98
C3 GHP D 5 -1.07 -6.65 -2.12
C4 GHP D 5 -2.44 -6.70 -1.70
O4 GHP D 5 -3.16 -7.87 -1.85
C5 GHP D 5 -3.06 -5.54 -1.10
C6 GHP D 5 -2.29 -4.33 -0.94
H GHP D 5 -0.49 -1.06 -1.09
HA GHP D 5 0.97 -3.34 -1.58
HC2 GHP D 5 0.68 -5.40 -2.31
HO4 GHP D 5 -2.61 -8.53 -2.25
H5 GHP D 5 -4.09 -5.57 -0.79
H6 GHP D 5 -2.74 -3.45 -0.48
N OMY D 6 1.17 -3.70 1.01
CA OMY D 6 2.16 -4.61 0.42
OCZ OMY D 6 3.96 0.89 -1.69
CE2 OMY D 6 4.02 -0.37 0.44
CE1 OMY D 6 4.10 -1.54 -1.74
CZ OMY D 6 4.07 -0.32 -1.00
CG OMY D 6 3.85 -2.85 0.35
CD2 OMY D 6 3.91 -1.64 1.12
CD1 OMY D 6 4.00 -2.81 -1.08
CB OMY D 6 3.52 -4.20 0.97
CL OMY D 6 4.22 -1.48 -3.46
O OMY D 6 1.48 -6.55 1.73
C OMY D 6 1.75 -6.08 0.63
ODE OMY D 6 3.48 -4.13 2.37
H OMY D 6 1.21 -3.55 2.00
HA OMY D 6 2.21 -4.48 -0.65
HE2 OMY D 6 4.08 0.57 0.98
HD2 OMY D 6 3.82 -1.67 2.19
HD1 OMY D 6 4.00 -3.72 -1.64
HB OMY D 6 4.24 -4.96 0.66
N 3FG D 7 1.70 -6.75 -0.55
OD1 3FG D 7 -1.91 -7.58 -4.57
CD1 3FG D 7 -0.83 -8.22 -4.01
CG1 3FG D 7 -0.37 -7.81 -2.72
CZ 3FG D 7 -0.17 -9.26 -4.73
CD2 3FG D 7 0.96 -9.93 -4.16
OD2 3FG D 7 1.61 -10.93 -4.85
CG2 3FG D 7 1.43 -9.54 -2.85
CB 3FG D 7 0.77 -8.49 -2.11
CA 3FG D 7 1.28 -8.13 -0.70
C 3FG D 7 2.45 -8.99 -0.21
O 3FG D 7 2.21 -9.96 0.51
OXT 3FG D 7 3.59 -8.68 -0.57
H 3FG D 7 1.96 -6.25 -1.38
HA 3FG D 7 0.45 -8.20 -0.01
HD1 3FG D 7 -2.23 -6.91 -3.98
HZ 3FG D 7 -0.52 -9.53 -5.71
HD2 3FG D 7 2.33 -11.27 -4.34
HG2 3FG D 7 2.30 -10.02 -2.43
C2 BGC E . 5.51 5.74 1.62
C3 BGC E . 6.35 5.83 0.33
C4 BGC E . 7.01 4.49 0.02
C5 BGC E . 5.99 3.35 0.13
C6 BGC E . 6.63 1.98 -0.05
C1 BGC E . 4.59 4.52 1.60
O2 BGC E . 4.73 6.91 1.75
O3 BGC E . 7.34 6.82 0.52
O4 BGC E . 7.51 4.52 -1.29
O5 BGC E . 5.39 3.37 1.40
O6 BGC E . 7.86 1.90 0.63
H2 BGC E . 6.17 5.66 2.47
H3 BGC E . 5.71 6.13 -0.50
H4 BGC E . 7.85 4.31 0.71
H5 BGC E . 5.22 3.48 -0.62
H61 BGC E . 5.96 1.23 0.36
H62 BGC E . 6.78 1.74 -1.09
H1 BGC E . 3.85 4.59 0.80
HO3 BGC E . 7.88 6.54 1.23
HO4 BGC E . 8.43 4.76 -1.22
HO6 BGC E . 8.19 1.02 0.50
C1 RER E . 5.37 7.87 2.57
C2 RER E . 4.57 9.18 2.59
C3 RER E . 3.22 9.03 3.30
N3 RER E . 2.67 10.35 3.55
C3A RER E . 2.25 8.24 2.43
C4 RER E . 3.44 8.31 4.63
O4 RER E . 2.20 8.04 5.22
C5 RER E . 4.22 7.01 4.41
O5 RER E . 5.46 7.36 3.87
C5A RER E . 4.42 6.23 5.70
H1 RER E . 6.36 8.06 2.17
H21C RER E . 5.16 9.94 3.10
H22C RER E . 4.41 9.54 1.57
HO1 RER E . 1.76 10.25 4.04
H31N RER E . 2.52 10.84 2.65
H32N RER E . 3.32 10.89 4.14
H3A1 RER E . 2.62 7.24 2.22
H3A2 RER E . 1.28 8.15 2.93
H3A3 RER E . 2.08 8.75 1.48
H4 RER E . 3.99 8.95 5.31
HO4 RER E . 1.72 7.48 4.63
H5 RER E . 3.68 6.40 3.69
H5A1 RER E . 4.97 6.81 6.44
H5A2 RER E . 4.98 5.31 5.51
H5A3 RER E . 3.45 5.95 6.14
C2 BGC F . 5.34 4.70 -4.06
C3 BGC F . 6.21 4.91 -5.31
C4 BGC F . 6.87 3.60 -5.71
C5 BGC F . 5.88 2.45 -5.75
C6 BGC F . 6.61 1.14 -6.00
C1 BGC F . 4.44 3.49 -4.21
O2 BGC F . 4.51 5.84 -3.87
O3 BGC F . 7.18 5.88 -5.03
O4 BGC F . 7.45 3.73 -6.98
O5 BGC F . 5.22 2.36 -4.50
O6 BGC F . 7.61 0.93 -5.03
H2 BGC F . 5.97 4.55 -3.19
H3 BGC F . 5.59 5.27 -6.12
H4 BGC F . 7.66 3.32 -5.01
H5 BGC F . 5.13 2.63 -6.52
H61 BGC F . 5.92 0.30 -5.95
H62 BGC F . 7.08 1.13 -6.99
H1 BGC F . 3.73 3.67 -5.02
HO3 BGC F . 6.83 6.71 -5.33
HO4 BGC F . 8.27 3.26 -6.97
HO6 BGC F . 8.02 0.10 -5.24
C1 RER F . 4.98 6.74 -2.90
C2 RER F . 5.04 8.14 -3.52
C3 RER F . 3.65 8.66 -3.90
N3 RER F . 3.76 10.07 -4.25
C3A RER F . 3.08 7.91 -5.11
C4 RER F . 2.73 8.50 -2.70
O4 RER F . 1.41 8.86 -3.07
C5 RER F . 2.76 7.07 -2.17
O5 RER F . 4.08 6.76 -1.81
C5A RER F . 1.88 6.91 -0.94
H1 RER F . 5.96 6.42 -2.54
H21C RER F . 5.49 8.82 -2.80
H22C RER F . 5.69 8.13 -4.40
HO1 RER F . 4.40 10.19 -5.06
H31N RER F . 4.14 10.60 -3.43
H32N RER F . 2.81 10.45 -4.49
H3A1 RER F . 3.77 7.95 -5.96
H3A2 RER F . 2.87 6.87 -4.87
H3A3 RER F . 2.14 8.37 -5.42
H4 RER F . 3.03 9.18 -1.91
HO4 RER F . 1.15 8.26 -3.76
H5 RER F . 2.44 6.38 -2.95
H5A1 RER F . 1.95 5.90 -0.54
H5A2 RER F . 0.83 7.11 -1.17
H5A3 RER F . 2.19 7.60 -0.15
C1 RER G . -3.61 4.36 -3.02
C2 RER G . -3.84 3.86 -4.45
C3 RER G . -5.31 3.77 -4.83
N3 RER G . -5.45 3.72 -6.28
C3A RER G . -5.96 2.51 -4.23
C4 RER G . -6.00 5.01 -4.31
O4 RER G . -7.36 5.03 -4.68
C5 RER G . -5.83 5.10 -2.80
O5 RER G . -4.47 5.39 -2.62
C5A RER G . -6.67 6.22 -2.19
H1 RER G . -2.60 4.76 -2.96
H21C RER G . -3.37 2.91 -4.61
H22C RER G . -3.26 4.51 -5.10
HO1 RER G . -5.03 4.57 -6.69
H31N RER G . -4.97 2.87 -6.64
H32N RER G . -6.46 3.67 -6.53
H3A1 RER G . -7.04 2.54 -4.32
H3A2 RER G . -5.61 1.61 -4.71
H3A3 RER G . -5.72 2.40 -3.17
H4 RER G . -5.50 5.86 -4.76
HO4 RER G . -7.59 5.94 -4.84
H5 RER G . -6.05 4.15 -2.33
H5A1 RER G . -6.42 7.19 -2.63
H5A2 RER G . -6.50 6.29 -1.12
H5A3 RER G . -7.73 6.04 -2.35
C1 RER H . 4.74 -4.09 3.01
C2 RER H . 4.50 -4.00 4.52
C3 RER H . 3.84 -5.26 5.08
N3 RER H . 3.89 -5.20 6.54
C3A RER H . 2.39 -5.45 4.66
C4 RER H . 4.65 -6.47 4.62
O4 RER H . 4.02 -7.65 5.03
C5 RER H . 4.80 -6.46 3.10
O5 RER H . 5.46 -5.27 2.73
C5A RER H . 5.61 -7.66 2.62
H1 RER H . 5.31 -3.24 2.65
H21C RER H . 5.45 -3.83 5.02
H22C RER H . 3.88 -3.12 4.75
HO1 RER H . 4.89 -5.11 6.85
H31N RER H . 3.35 -4.38 6.87
H32N RER H . 3.49 -6.07 6.94
H3A1 RER H . 1.81 -4.54 4.76
H3A2 RER H . 1.91 -6.21 5.27
H3A3 RER H . 2.29 -5.77 3.63
H4 RER H . 5.64 -6.45 5.08
HO4 RER H . 4.71 -8.27 5.25
H5 RER H . 3.82 -6.46 2.62
H5A1 RER H . 5.71 -7.68 1.54
H5A2 RER H . 6.61 -7.66 3.05
H5A3 RER H . 5.13 -8.60 2.92
N ALA A 1 -5.56 10.84 -3.99
CA ALA A 1 -5.96 9.49 -3.63
C ALA A 1 -4.73 8.60 -3.38
N FGA A 2 -4.11 8.85 -2.21
CA FGA A 2 -2.96 8.03 -1.93
C FGA A 2 -1.71 8.70 -2.48
O FGA A 2 -0.66 8.06 -2.51
CB FGA A 2 -2.85 7.79 -0.43
CG FGA A 2 -4.16 7.28 0.17
CD FGA A 2 -3.92 6.79 1.60
OE1 FGA A 2 -2.81 6.76 2.10
H FGA A 2 -4.41 9.54 -1.55
HA FGA A 2 -3.13 7.09 -2.45
HB2 FGA A 2 -2.05 7.07 -0.24
HB3 FGA A 2 -2.57 8.73 0.05
HG2 FGA A 2 -4.89 8.08 0.18
HG3 FGA A 2 -4.57 6.47 -0.42
N LYS A 3 -5.06 6.43 2.21
CA LYS A 3 -5.05 5.99 3.59
C LYS A 3 -4.19 4.72 3.77
N DAL A 4 -3.46 4.68 4.90
CA DAL A 4 -2.67 3.47 5.10
CB DAL A 4 -3.55 2.37 5.69
C DAL A 4 -1.47 3.74 6.01
O DAL A 4 -1.25 4.86 6.46
H DAL A 4 -3.48 5.41 5.58
HA DAL A 4 -2.29 3.15 4.11
HB1 DAL A 4 -4.41 2.16 5.05
HB2 DAL A 4 -3.00 1.45 5.83
HB3 DAL A 4 -3.94 2.68 6.66
N DAL A 5 -0.74 2.64 6.23
CA DAL A 5 0.44 2.71 7.07
CB DAL A 5 1.43 3.73 6.51
C DAL A 5 1.07 1.32 7.15
O DAL A 5 2.27 1.20 6.93
OXT DAL A 5 0.34 0.36 7.43
H DAL A 5 -1.02 1.78 5.82
HA DAL A 5 0.09 3.01 8.05
HB1 DAL A 5 0.97 4.72 6.45
HB2 DAL A 5 2.31 3.80 7.15
HB3 DAL A 5 1.76 3.45 5.52
N ALA B 1 11.42 -4.53 -1.95
CA ALA B 1 10.88 -4.00 -0.71
C ALA B 1 9.64 -4.78 -0.27
N FGA B 2 9.07 -4.18 0.78
CA FGA B 2 7.86 -4.65 1.38
C FGA B 2 7.63 -3.87 2.68
O FGA B 2 7.51 -2.64 2.61
CB FGA B 2 6.74 -4.43 0.37
CG FGA B 2 6.34 -5.70 -0.40
CD FGA B 2 5.80 -5.45 -1.80
OE1 FGA B 2 5.90 -4.37 -2.38
H FGA B 2 9.50 -3.35 1.15
HA FGA B 2 7.95 -5.71 1.60
HB2 FGA B 2 5.93 -4.08 0.97
HB3 FGA B 2 7.01 -3.63 -0.30
HG2 FGA B 2 7.18 -6.36 -0.52
HG3 FGA B 2 5.60 -6.27 0.15
N LYS B 3 5.23 -6.57 -2.28
CA LYS B 3 4.53 -6.59 -3.55
C LYS B 3 3.35 -5.63 -3.57
N DAL B 4 3.00 -5.23 -4.81
CA DAL B 4 1.88 -4.31 -4.93
CB DAL B 4 0.59 -5.11 -5.16
C DAL B 4 2.13 -3.34 -6.08
O DAL B 4 2.57 -3.71 -7.16
H DAL B 4 3.48 -5.57 -5.61
HA DAL B 4 1.81 -3.75 -3.98
HB1 DAL B 4 0.42 -5.81 -4.35
HB2 DAL B 4 -0.27 -4.45 -5.23
HB3 DAL B 4 0.66 -5.69 -6.09
N DAL B 5 1.85 -2.06 -5.75
CA DAL B 5 2.03 -1.01 -6.72
CB DAL B 5 3.15 -0.06 -6.28
C DAL B 5 0.72 -0.25 -6.93
O DAL B 5 -0.18 -0.79 -7.58
OXT DAL B 5 0.61 0.87 -6.44
H DAL B 5 1.48 -1.80 -4.86
HA DAL B 5 2.30 -1.52 -7.64
HB1 DAL B 5 4.08 -0.61 -6.14
HB2 DAL B 5 3.32 0.70 -7.04
HB3 DAL B 5 2.89 0.43 -5.34
N MLU C 1 1.69 1.59 12.28
CN MLU C 1 3.11 1.92 12.25
CA MLU C 1 1.29 0.96 11.03
C MLU C 1 2.08 -0.33 10.81
O MLU C 1 1.98 -1.29 11.57
CB MLU C 1 -0.20 0.60 11.03
CG MLU C 1 -1.09 1.81 11.32
CD1 MLU C 1 -1.00 2.85 10.20
CD2 MLU C 1 -2.54 1.36 11.53
H1 MLU C 1 1.51 0.95 13.08
H2 MLU C 1 1.15 2.47 12.42
HCN1 MLU C 1 3.40 2.39 13.19
HCN2 MLU C 1 3.69 1.00 12.12
HCN3 MLU C 1 3.31 2.59 11.42
HA MLU C 1 1.51 1.65 10.23
HB2 MLU C 1 -0.38 -0.16 11.77
HB3 MLU C 1 -0.47 0.18 10.07
HG MLU C 1 -0.73 2.28 12.24
HD11 MLU C 1 -1.38 2.44 9.26
HD12 MLU C 1 -1.60 3.73 10.43
HD13 MLU C 1 0.02 3.17 10.04
HD21 MLU C 1 -3.17 2.21 11.76
HD22 MLU C 1 -2.93 0.89 10.63
HD23 MLU C 1 -2.60 0.64 12.34
N OMZ C 2 2.86 -0.30 9.71
CA OMZ C 2 3.64 -1.49 9.41
C OMZ C 2 2.90 -2.35 8.37
O OMZ C 2 2.86 -3.57 8.49
CB OMZ C 2 5.10 -1.14 9.04
OC OMZ C 2 5.76 -0.61 10.17
CG OMZ C 2 5.14 -0.13 7.94
CD1 OMZ C 2 5.39 -0.55 6.59
CD2 OMZ C 2 4.91 1.27 8.23
CE1 OMZ C 2 5.31 0.41 5.52
CL OMZ C 2 5.55 -0.11 3.89
CE2 OMZ C 2 4.84 2.22 7.15
CZ OMZ C 2 4.98 1.78 5.80
OH OMZ C 2 4.68 2.63 4.72
H OMZ C 2 2.90 0.50 9.12
HA OMZ C 2 3.65 -2.07 10.34
HB OMZ C 2 5.63 -2.03 8.72
HC OMZ C 2 5.37 0.23 10.34
HD1 OMZ C 2 5.59 -1.59 6.36
HD2 OMZ C 2 4.76 1.59 9.25
HE2 OMZ C 2 4.63 3.26 7.37
N ASN C 3 2.31 -1.68 7.36
CA ASN C 3 1.58 -2.55 6.42
C ASN C 3 1.47 -1.95 5.00
N GHP C 4 0.72 -0.83 4.93
CA GHP C 4 0.56 -0.22 3.62
C GHP C 4 -0.91 0.20 3.41
O GHP C 4 -1.61 0.60 4.32
C1 GHP C 4 1.45 0.99 3.37
C2 GHP C 4 1.13 1.97 2.38
C3 GHP C 4 1.98 3.13 2.12
C4 GHP C 4 3.16 3.30 2.95
O4 GHP C 4 3.97 4.42 2.83
C5 GHP C 4 3.51 2.34 3.98
C6 GHP C 4 2.64 1.19 4.15
H GHP C 4 0.34 -0.42 5.75
HA GHP C 4 0.82 -0.99 2.89
HC2 GHP C 4 0.22 1.85 1.82
H6 GHP C 4 2.87 0.45 4.91
N GHP C 5 -1.28 0.05 2.13
CA GHP C 5 -2.61 0.45 1.72
C GHP C 5 -2.78 0.32 0.20
O GHP C 5 -2.29 -0.65 -0.37
C1 GHP C 5 -3.78 -0.21 2.39
C2 GHP C 5 -4.71 0.66 3.04
C3 GHP C 5 -5.94 0.20 3.56
C4 GHP C 5 -6.25 -1.20 3.47
O4 GHP C 5 -7.44 -1.68 3.99
C5 GHP C 5 -5.33 -2.11 2.84
C6 GHP C 5 -4.09 -1.61 2.29
H GHP C 5 -0.64 -0.31 1.45
HA GHP C 5 -2.59 1.49 2.00
HC2 GHP C 5 -4.48 1.71 3.11
HO4 GHP C 5 -7.93 -0.95 4.37
H5 GHP C 5 -5.56 -3.17 2.77
H6 GHP C 5 -3.40 -2.28 1.80
N OMY C 6 -3.48 1.28 -0.46
CA OMY C 6 -4.12 2.47 0.08
OCZ OMY C 6 1.75 4.10 1.11
CE2 OMY C 6 0.23 3.76 -0.83
CE1 OMY C 6 -0.63 4.53 1.37
CZ OMY C 6 0.47 4.17 0.53
CG OMY C 6 -2.24 3.94 -0.42
CD2 OMY C 6 -1.13 3.64 -1.30
CD1 OMY C 6 -1.98 4.42 0.90
CB OMY C 6 -3.68 3.65 -0.78
CL OMY C 6 -0.34 5.07 2.98
O OMY C 6 -6.33 1.85 -0.71
C OMY C 6 -5.64 2.26 0.20
ODE OMY C 6 -3.79 3.31 -2.14
H OMY C 6 -3.56 1.15 -1.45
HA OMY C 6 -3.76 2.64 1.09
HE2 OMY C 6 1.05 3.52 -1.48
HD2 OMY C 6 -1.33 3.32 -2.32
HD1 OMY C 6 -2.81 4.68 1.53
HB OMY C 6 -4.28 4.52 -0.57
N 3FG C 7 -6.06 2.56 1.46
OD1 3FG C 7 -6.33 0.09 6.27
CD1 3FG C 7 -6.98 1.10 5.60
CG1 3FG C 7 -6.85 1.19 4.18
CZ 3FG C 7 -7.77 2.04 6.33
CD2 3FG C 7 -8.45 3.09 5.63
OD2 3FG C 7 -9.21 4.01 6.34
CG2 3FG C 7 -8.33 3.19 4.20
CB 3FG C 7 -7.53 2.26 3.45
CA 3FG C 7 -7.41 2.41 1.92
C 3FG C 7 -8.20 3.60 1.34
O 3FG C 7 -9.38 3.44 1.03
OXT 3FG C 7 -7.61 4.68 1.22
H 3FG C 7 -5.40 2.90 2.11
HA 3FG C 7 -7.72 1.48 1.45
HD1 3FG C 7 -6.51 0.16 7.20
HZ 3FG C 7 -7.82 1.96 7.40
HD2 3FG C 7 -9.18 3.80 7.25
HG2 3FG C 7 -8.83 4.01 3.69
N MLU D 1 0.92 0.28 -11.99
CN MLU D 1 1.39 1.65 -11.91
CA MLU D 1 0.14 -0.07 -10.81
C MLU D 1 -1.07 0.86 -10.65
O MLU D 1 -1.93 0.93 -11.53
CB MLU D 1 -0.37 -1.51 -10.86
CG MLU D 1 0.75 -2.53 -10.92
CD1 MLU D 1 1.66 -2.44 -9.69
CD2 MLU D 1 0.17 -3.95 -11.04
H1 MLU D 1 0.32 0.17 -12.83
H2 MLU D 1 1.74 -0.36 -12.07
HCN1 MLU D 1 1.97 1.89 -12.80
HCN2 MLU D 1 0.53 2.32 -11.83
HCN3 MLU D 1 2.02 1.76 -11.02
HA MLU D 1 0.79 0.06 -9.94
HB2 MLU D 1 -1.02 -1.63 -11.71
HB3 MLU D 1 -0.99 -1.70 -9.97
HG MLU D 1 1.34 -2.33 -11.81
HD11 MLU D 1 1.11 -2.63 -8.78
HD12 MLU D 1 2.10 -1.44 -9.62
HD13 MLU D 1 2.48 -3.16 -9.76
HD21 MLU D 1 -0.44 -4.19 -10.16
HD22 MLU D 1 -0.46 -4.03 -11.92
HD23 MLU D 1 0.95 -4.69 -11.11
N OMZ D 2 -1.07 1.55 -9.50
CA OMZ D 2 -2.19 2.45 -9.26
C OMZ D 2 -3.06 1.90 -8.11
O OMZ D 2 -4.28 2.08 -8.13
CB OMZ D 2 -1.73 3.91 -9.08
OC OMZ D 2 -1.12 4.35 -10.26
CG OMZ D 2 -0.77 4.08 -7.94
CD1 OMZ D 2 -1.13 4.90 -6.81
CD2 OMZ D 2 0.50 3.42 -7.97
CE1 OMZ D 2 -0.25 4.98 -5.68
CL OMZ D 2 -0.70 5.91 -4.31
CE2 OMZ D 2 1.39 3.50 -6.83
CZ OMZ D 2 0.99 4.25 -5.67
OH OMZ D 2 1.72 4.12 -4.49
H OMZ D 2 -0.35 1.45 -8.84
HA OMZ D 2 -2.81 2.40 -10.16
HB OMZ D 2 -2.60 4.55 -8.91
HC OMZ D 2 -0.29 3.90 -10.33
HD1 OMZ D 2 -2.07 5.42 -6.78
HD2 OMZ D 2 0.79 2.84 -8.83
HE2 OMZ D 2 2.33 2.98 -6.84
N ASN D 3 -2.42 1.20 -7.14
CA ASN D 3 -3.29 0.66 -6.10
C ASN D 3 -2.64 0.58 -4.71
N GHP D 4 -1.44 -0.04 -4.66
CA GHP D 4 -0.79 -0.14 -3.36
C GHP D 4 -0.47 -1.62 -3.01
O GHP D 4 -0.37 -2.48 -3.87
C1 GHP D 4 0.47 0.70 -3.27
C2 GHP D 4 1.66 0.29 -2.55
C3 GHP D 4 2.82 1.16 -2.42
C4 GHP D 4 2.78 2.44 -3.08
O4 GHP D 4 3.86 3.28 -2.98
C5 GHP D 4 1.64 2.86 -3.84
C6 GHP D 4 0.49 1.98 -3.90
H GHP D 4 -1.00 -0.40 -5.50
HA GHP D 4 -1.49 0.29 -2.65
HC2 GHP D 4 1.69 -0.69 -2.09
H6 GHP D 4 -0.39 2.29 -4.44
N GHP D 5 -0.35 -1.81 -1.69
CA GHP D 5 0.00 -3.09 -1.12
C GHP D 5 0.18 -2.96 0.40
O GHP D 5 -0.58 -2.23 1.02
C1 GHP D 5 -0.93 -4.24 -1.38
C2 GHP D 5 -0.36 -5.40 -1.97
C3 GHP D 5 -1.09 -6.61 -2.12
C4 GHP D 5 -2.46 -6.65 -1.70
O4 GHP D 5 -3.19 -7.80 -1.86
C5 GHP D 5 -3.07 -5.48 -1.11
C6 GHP D 5 -2.31 -4.27 -0.94
H GHP D 5 -0.48 -1.03 -1.08
HA GHP D 5 0.96 -3.32 -1.57
HC2 GHP D 5 0.67 -5.37 -2.30
HO4 GHP D 5 -2.65 -8.47 -2.26
H5 GHP D 5 -4.11 -5.52 -0.79
H6 GHP D 5 -2.75 -3.41 -0.49
N OMY D 6 1.17 -3.68 1.02
CA OMY D 6 2.15 -4.59 0.43
OCZ OMY D 6 4.00 0.90 -1.67
CE2 OMY D 6 4.05 -0.36 0.46
CE1 OMY D 6 4.12 -1.53 -1.72
CZ OMY D 6 4.09 -0.31 -0.98
CG OMY D 6 3.85 -2.86 0.36
CD2 OMY D 6 3.91 -1.64 1.13
CD1 OMY D 6 4.01 -2.80 -1.07
CB OMY D 6 3.51 -4.19 0.98
CL OMY D 6 4.24 -1.47 -3.45
O OMY D 6 1.45 -6.53 1.73
C OMY D 6 1.72 -6.07 0.63
ODE OMY D 6 3.48 -4.14 2.38
H OMY D 6 1.21 -3.53 2.01
HA OMY D 6 2.20 -4.46 -0.65
HE2 OMY D 6 4.10 0.57 1.01
HD2 OMY D 6 3.83 -1.68 2.21
HD1 OMY D 6 4.00 -3.72 -1.63
HB OMY D 6 4.22 -4.96 0.65
N 3FG D 7 1.68 -6.73 -0.56
OD1 3FG D 7 -1.94 -7.53 -4.57
CD1 3FG D 7 -0.86 -8.17 -4.01
CG1 3FG D 7 -0.39 -7.77 -2.72
CZ 3FG D 7 -0.21 -9.22 -4.73
CD2 3FG D 7 0.92 -9.90 -4.17
OD2 3FG D 7 1.57 -10.90 -4.86
CG2 3FG D 7 1.39 -9.51 -2.86
CB 3FG D 7 0.74 -8.45 -2.12
CA 3FG D 7 1.25 -8.09 -0.70
C 3FG D 7 2.42 -8.98 -0.21
O 3FG D 7 2.17 -9.93 0.52
OXT 3FG D 7 3.56 -8.68 -0.58
H 3FG D 7 1.95 -6.24 -1.38
HA 3FG D 7 0.42 -8.16 0.00
HD1 3FG D 7 -2.12 -7.90 -5.43
HZ 3FG D 7 -0.56 -9.49 -5.72
HD2 3FG D 7 2.29 -11.23 -4.34
HG2 3FG D 7 2.26 -10.00 -2.44
C2 BGC E . 5.50 5.74 1.60
C3 BGC E . 6.38 5.81 0.34
C4 BGC E . 7.05 4.46 0.06
C5 BGC E . 6.03 3.33 0.15
C6 BGC E . 6.67 1.96 0.00
C1 BGC E . 4.60 4.50 1.58
O2 BGC E . 4.73 6.91 1.69
O3 BGC E . 7.35 6.80 0.54
O4 BGC E . 7.58 4.48 -1.24
O5 BGC E . 5.40 3.37 1.41
O6 BGC E . 7.89 1.89 0.70
H2 BGC E . 6.15 5.67 2.48
H3 BGC E . 5.77 6.10 -0.51
H4 BGC E . 7.86 4.30 0.77
H5 BGC E . 5.28 3.45 -0.62
H61 BGC E . 6.01 1.21 0.40
H62 BGC E . 6.84 1.71 -1.04
H1 BGC E . 3.86 4.56 0.79
HO3 BGC E . 7.88 6.52 1.28
HO4 BGC E . 8.39 3.99 -1.21
HO6 BGC E . 8.22 1.01 0.58
C1 RER E . 5.33 7.87 2.53
C2 RER E . 4.52 9.18 2.51
C3 RER E . 3.15 9.02 3.18
N3 RER E . 2.58 10.35 3.39
C3A RER E . 2.20 8.23 2.29
C4 RER E . 3.33 8.34 4.53
O4 RER E . 2.07 8.06 5.08
C5 RER E . 4.12 7.04 4.34
O5 RER E . 5.39 7.38 3.84
C5A RER E . 4.28 6.27 5.66
H1 RER E . 6.33 8.06 2.17
H21C RER E . 5.09 9.95 3.03
H22C RER E . 4.40 9.53 1.48
HO1 RER E . 2.46 10.83 2.47
H31N RER E . 3.21 10.92 3.99
H32N RER E . 1.66 10.25 3.86
H3A1 RER E . 1.22 8.13 2.76
H3A2 RER E . 2.07 8.72 1.33
H3A3 RER E . 2.59 7.22 2.11
H4 RER E . 3.86 8.99 5.21
HO4 RER E . 1.86 8.79 5.66
H5 RER E . 3.60 6.42 3.62
H5A1 RER E . 4.81 6.87 6.40
H5A2 RER E . 3.31 6.00 6.07
H5A3 RER E . 4.86 5.35 5.50
C2 BGC F . 5.44 4.64 -4.10
C3 BGC F . 6.31 4.78 -5.34
C4 BGC F . 6.95 3.44 -5.72
C5 BGC F . 5.92 2.33 -5.73
C6 BGC F . 6.61 0.99 -5.95
C1 BGC F . 4.50 3.45 -4.22
O2 BGC F . 4.66 5.79 -3.95
O3 BGC F . 7.31 5.73 -5.09
O4 BGC F . 7.54 3.52 -6.99
O5 BGC F . 5.26 2.29 -4.49
O6 BGC F . 7.60 0.78 -4.97
H2 BGC F . 6.07 4.50 -3.22
H3 BGC F . 5.72 5.14 -6.18
H4 BGC F . 7.72 3.16 -4.99
H5 BGC F . 5.18 2.50 -6.52
H61 BGC F . 5.89 0.17 -5.88
H62 BGC F . 7.09 0.95 -6.93
H1 BGC F . 3.79 3.63 -5.03
HO3 BGC F . 7.46 6.21 -5.89
HO4 BGC F . 8.44 3.77 -6.85
HO6 BGC F . 7.99 -0.07 -5.16
C1 RER F . 5.08 6.68 -2.94
C2 RER F . 5.16 8.09 -3.54
C3 RER F . 3.77 8.63 -3.91
N3 RER F . 3.89 10.04 -4.23
C3A RER F . 3.21 7.90 -5.13
C4 RER F . 2.84 8.46 -2.72
O4 RER F . 1.54 8.85 -3.09
C5 RER F . 2.85 7.00 -2.25
O5 RER F . 4.16 6.66 -1.88
C5A RER F . 1.95 6.80 -1.03
H1 RER F . 6.05 6.37 -2.57
H21C RER F . 5.60 8.76 -2.79
H22C RER F . 5.82 8.11 -4.40
HO1 RER F . 2.95 10.43 -4.47
H31N RER F . 4.26 10.56 -3.41
H32N RER F . 4.53 10.17 -5.04
H3A1 RER F . 3.00 6.85 -4.92
H3A2 RER F . 2.26 8.36 -5.45
H3A3 RER F . 3.89 7.95 -5.98
H4 RER F . 3.16 9.11 -1.91
HO4 RER F . 1.14 9.25 -2.33
H5 RER F . 2.52 6.34 -3.05
H5A1 RER F . 2.25 7.45 -0.21
H5A2 RER F . 0.91 7.04 -1.27
H5A3 RER F . 1.99 5.77 -0.68
C1 RER G . -3.64 4.39 -2.99
C2 RER G . -3.84 3.90 -4.42
C3 RER G . -5.31 3.76 -4.80
N3 RER G . -5.44 3.70 -6.25
C3A RER G . -5.92 2.49 -4.20
C4 RER G . -6.04 4.99 -4.30
O4 RER G . -7.39 4.96 -4.66
C5 RER G . -5.87 5.09 -2.79
O5 RER G . -4.52 5.42 -2.61
C5A RER G . -6.74 6.20 -2.19
H1 RER G . -2.64 4.82 -2.91
H21C RER G . -3.34 2.96 -4.57
H22C RER G . -3.28 4.57 -5.08
HO1 RER G . -6.45 3.62 -6.51
H31N RER G . -4.93 2.87 -6.61
H32N RER G . -5.04 4.56 -6.67
H3A1 RER G . -5.53 1.59 -4.67
H3A2 RER G . -5.70 2.40 -3.13
H3A3 RER G . -7.01 2.49 -4.32
H4 RER G . -5.56 5.85 -4.75
HO4 RER G . -7.46 5.43 -5.49
H5 RER G . -6.08 4.15 -2.30
H5A1 RER G . -6.51 7.17 -2.63
H5A2 RER G . -7.80 6.00 -2.35
H5A3 RER G . -6.58 6.28 -1.11
C1 RER H . 4.74 -4.10 3.00
C2 RER H . 4.51 -3.99 4.51
C3 RER H . 3.85 -5.26 5.08
N3 RER H . 3.91 -5.19 6.54
C3A RER H . 2.39 -5.43 4.66
C4 RER H . 4.66 -6.47 4.63
O4 RER H . 4.02 -7.64 5.04
C5 RER H . 4.80 -6.46 3.10
O5 RER H . 5.46 -5.27 2.73
C5A RER H . 5.61 -7.67 2.62
H1 RER H . 5.32 -3.24 2.64
H21C RER H . 5.46 -3.83 5.00
H22C RER H . 3.90 -3.12 4.74
HO1 RER H . 4.89 -5.10 6.85
H31N RER H . 3.49 -6.06 6.94
H32N RER H . 3.36 -4.36 6.87
H3A1 RER H . 2.30 -5.74 3.62
H3A2 RER H . 1.91 -6.20 5.26
H3A3 RER H . 1.81 -4.52 4.76
H4 RER H . 5.65 -6.43 5.08
HO4 RER H . 4.71 -8.26 5.26
H5 RER H . 3.82 -6.46 2.62
H5A1 RER H . 6.61 -7.66 3.06
H5A2 RER H . 5.12 -8.59 2.93
H5A3 RER H . 5.71 -7.68 1.54
N ALA A 1 -5.30 10.52 -5.04
CA ALA A 1 -5.30 10.00 -3.67
C ALA A 1 -4.19 8.98 -3.47
N FGA A 2 -3.83 8.85 -2.19
CA FGA A 2 -2.80 7.88 -1.90
C FGA A 2 -1.46 8.38 -2.43
O FGA A 2 -1.33 8.54 -3.65
CB FGA A 2 -2.72 7.63 -0.40
CG FGA A 2 -4.07 7.21 0.19
CD FGA A 2 -3.88 6.72 1.62
OE1 FGA A 2 -2.77 6.66 2.15
H FGA A 2 -4.24 9.38 -1.44
HA FGA A 2 -3.09 6.97 -2.42
HB2 FGA A 2 -1.98 6.86 -0.19
HB3 FGA A 2 -2.39 8.54 0.09
HG2 FGA A 2 -4.76 8.05 0.18
HG3 FGA A 2 -4.53 6.41 -0.40
N LYS A 3 -5.03 6.41 2.24
CA LYS A 3 -5.01 5.99 3.62
C LYS A 3 -4.19 4.70 3.78
N DAL A 4 -3.48 4.63 4.92
CA DAL A 4 -2.70 3.42 5.13
CB DAL A 4 -3.59 2.34 5.74
C DAL A 4 -1.50 3.70 6.04
O DAL A 4 -1.27 4.81 6.50
H DAL A 4 -3.52 5.38 5.58
HA DAL A 4 -2.31 3.09 4.15
HB1 DAL A 4 -4.44 2.13 5.09
HB2 DAL A 4 -3.03 1.40 5.87
HB3 DAL A 4 -3.97 2.65 6.71
N DAL A 5 -0.77 2.59 6.26
CA DAL A 5 0.40 2.66 7.10
CB DAL A 5 1.39 3.69 6.56
C DAL A 5 1.04 1.27 7.17
O DAL A 5 0.34 0.31 7.44
OXT DAL A 5 2.26 1.17 6.95
H DAL A 5 -1.05 1.73 5.86
HA DAL A 5 0.06 2.94 8.09
HB1 DAL A 5 0.94 4.68 6.51
HB2 DAL A 5 2.27 3.76 7.21
HB3 DAL A 5 1.72 3.43 5.57
N ALA B 1 10.35 -3.32 3.06
CA ALA B 1 8.94 -3.01 3.28
C ALA B 1 8.30 -2.49 2.00
N FGA B 2 8.37 -3.33 0.97
CA FGA B 2 7.76 -2.84 -0.25
C FGA B 2 8.61 -1.70 -0.82
O FGA B 2 9.83 -1.74 -0.67
CB FGA B 2 7.60 -3.92 -1.31
CG FGA B 2 6.50 -4.91 -0.95
CD FGA B 2 5.73 -5.24 -2.23
OE1 FGA B 2 5.66 -4.43 -3.15
H FGA B 2 8.79 -4.24 1.06
HA FGA B 2 6.77 -2.47 0.03
HB2 FGA B 2 7.30 -3.40 -2.21
HB3 FGA B 2 8.54 -4.44 -1.51
HG2 FGA B 2 6.88 -5.81 -0.49
HG3 FGA B 2 5.82 -4.43 -0.26
N LYS B 3 5.19 -6.46 -2.26
CA LYS B 3 4.45 -6.76 -3.46
C LYS B 3 3.29 -5.75 -3.59
N DAL B 4 3.03 -5.34 -4.84
CA DAL B 4 1.96 -4.36 -5.03
CB DAL B 4 0.69 -5.06 -5.55
C DAL B 4 2.45 -3.30 -6.01
O DAL B 4 3.43 -3.46 -6.72
H DAL B 4 3.56 -5.68 -5.62
HA DAL B 4 1.77 -3.88 -4.07
HB1 DAL B 4 0.35 -5.82 -4.85
HB2 DAL B 4 -0.11 -4.33 -5.69
HB3 DAL B 4 0.88 -5.53 -6.51
N DAL B 5 1.68 -2.19 -6.01
CA DAL B 5 2.05 -1.11 -6.91
CB DAL B 5 3.20 -0.31 -6.31
C DAL B 5 0.84 -0.23 -7.19
O DAL B 5 0.34 -0.25 -8.32
OXT DAL B 5 0.41 0.48 -6.30
H DAL B 5 0.85 -2.11 -5.47
HA DAL B 5 2.37 -1.61 -7.82
HB1 DAL B 5 4.05 -0.96 -6.09
HB2 DAL B 5 3.53 0.48 -7.00
HB3 DAL B 5 2.90 0.16 -5.38
N MLU C 1 1.64 1.53 12.29
CN MLU C 1 3.06 1.89 12.27
CA MLU C 1 1.25 0.89 11.04
C MLU C 1 2.08 -0.38 10.83
O MLU C 1 2.00 -1.33 11.59
CB MLU C 1 -0.23 0.51 11.03
CG MLU C 1 -1.14 1.70 11.33
CD1 MLU C 1 -1.07 2.74 10.22
CD2 MLU C 1 -2.58 1.22 11.51
H1 MLU C 1 1.46 0.89 13.09
H2 MLU C 1 1.08 2.41 12.42
HCN1 MLU C 1 3.24 2.57 11.43
HCN2 MLU C 1 3.32 2.37 13.21
HCN3 MLU C 1 3.64 0.98 12.14
HA MLU C 1 1.46 1.58 10.24
HB2 MLU C 1 -0.39 -0.27 11.78
HB3 MLU C 1 -0.48 0.08 10.06
HG MLU C 1 -0.80 2.16 12.26
HD11 MLU C 1 -1.42 2.33 9.28
HD12 MLU C 1 -0.04 3.09 10.08
HD13 MLU C 1 -1.68 3.61 10.46
HD21 MLU C 1 -3.24 2.05 11.76
HD22 MLU C 1 -2.95 0.74 10.61
HD23 MLU C 1 -2.64 0.49 12.33
N OMZ C 2 2.86 -0.34 9.74
CA OMZ C 2 3.67 -1.51 9.44
C OMZ C 2 2.96 -2.38 8.38
O OMZ C 2 3.02 -3.60 8.45
CB OMZ C 2 5.11 -1.12 9.09
OC OMZ C 2 5.74 -0.56 10.21
CG OMZ C 2 5.15 -0.13 7.97
CD1 OMZ C 2 5.37 -0.58 6.62
CD2 OMZ C 2 4.91 1.27 8.23
CE1 OMZ C 2 5.27 0.36 5.54
CL OMZ C 2 5.49 -0.18 3.92
CE2 OMZ C 2 4.82 2.20 7.14
CZ OMZ C 2 4.96 1.74 5.79
OH OMZ C 2 4.65 2.57 4.71
H OMZ C 2 2.88 0.47 9.14
HA OMZ C 2 3.68 -2.09 10.36
HB OMZ C 2 5.69 -2.01 8.80
HC OMZ C 2 5.32 0.27 10.36
HD1 OMZ C 2 5.58 -1.61 6.41
HD2 OMZ C 2 4.76 1.61 9.24
HE2 OMZ C 2 4.61 3.24 7.33
N ASN C 3 2.28 -1.72 7.41
CA ASN C 3 1.58 -2.57 6.46
C ASN C 3 1.47 -1.99 5.04
N GHP C 4 0.69 -0.90 4.97
CA GHP C 4 0.51 -0.28 3.65
C GHP C 4 -0.96 0.14 3.46
O GHP C 4 -1.66 0.55 4.38
C1 GHP C 4 1.40 0.91 3.41
C2 GHP C 4 1.09 1.88 2.39
C3 GHP C 4 1.95 3.04 2.11
C4 GHP C 4 3.12 3.21 2.93
O4 GHP C 4 3.92 4.32 2.81
C5 GHP C 4 3.47 2.26 3.97
C6 GHP C 4 2.59 1.12 4.17
H GHP C 4 0.27 -0.51 5.79
HA GHP C 4 0.76 -1.07 2.94
HC2 GHP C 4 0.17 1.77 1.83
H6 GHP C 4 2.83 0.39 4.93
N GHP C 5 -1.36 -0.01 2.19
CA GHP C 5 -2.68 0.40 1.76
C GHP C 5 -2.85 0.24 0.24
O GHP C 5 -2.38 -0.75 -0.30
C1 GHP C 5 -3.86 -0.23 2.44
C2 GHP C 5 -4.79 0.66 3.06
C3 GHP C 5 -6.03 0.23 3.57
C4 GHP C 5 -6.36 -1.16 3.52
O4 GHP C 5 -7.56 -1.61 4.03
C5 GHP C 5 -5.45 -2.10 2.92
C6 GHP C 5 -4.19 -1.62 2.36
H GHP C 5 -0.72 -0.37 1.51
HA GHP C 5 -2.65 1.45 2.03
HC2 GHP C 5 -4.54 1.71 3.12
HO4 GHP C 5 -8.04 -0.87 4.39
H5 GHP C 5 -5.70 -3.15 2.87
H6 GHP C 5 -3.51 -2.32 1.89
N OMY C 6 -3.53 1.19 -0.45
CA OMY C 6 -4.15 2.41 0.06
OCZ OMY C 6 1.72 3.99 1.09
CE2 OMY C 6 0.21 3.65 -0.86
CE1 OMY C 6 -0.65 4.44 1.34
CZ OMY C 6 0.45 4.07 0.51
CG OMY C 6 -2.26 3.85 -0.46
CD2 OMY C 6 -1.15 3.55 -1.34
CD1 OMY C 6 -2.00 4.34 0.86
CB OMY C 6 -3.69 3.58 -0.81
CL OMY C 6 -0.36 4.98 2.95
O OMY C 6 -6.37 1.81 -0.72
C OMY C 6 -5.68 2.23 0.20
ODE OMY C 6 -3.81 3.23 -2.16
H OMY C 6 -3.61 1.04 -1.44
HA OMY C 6 -3.79 2.58 1.07
HE2 OMY C 6 1.03 3.40 -1.50
HD2 OMY C 6 -1.35 3.23 -2.36
HD1 OMY C 6 -2.84 4.59 1.49
HB OMY C 6 -4.29 4.46 -0.61
N 3FG C 7 -6.09 2.58 1.44
OD1 3FG C 7 -6.45 0.18 6.29
CD1 3FG C 7 -7.06 1.19 5.59
CG1 3FG C 7 -6.92 1.27 4.17
CZ 3FG C 7 -7.82 2.18 6.30
CD2 3FG C 7 -8.47 3.24 5.58
OD2 3FG C 7 -9.21 4.19 6.26
CG2 3FG C 7 -8.34 3.31 4.15
CB 3FG C 7 -7.57 2.33 3.42
CA 3FG C 7 -7.45 2.44 1.89
C 3FG C 7 -8.21 3.65 1.29
O 3FG C 7 -9.35 3.48 0.87
OXT 3FG C 7 -7.62 4.74 1.25
H 3FG C 7 -5.42 2.91 2.08
HA 3FG C 7 -7.77 1.52 1.42
HD1 3FG C 7 -5.98 -0.38 5.68
HZ 3FG C 7 -7.89 2.12 7.37
HD2 3FG C 7 -9.56 4.82 5.65
HG2 3FG C 7 -8.81 4.13 3.62
N MLU D 1 0.71 0.73 -12.43
CN MLU D 1 1.17 2.11 -12.37
CA MLU D 1 0.06 0.37 -11.18
C MLU D 1 -1.13 1.29 -10.90
O MLU D 1 -1.85 1.71 -11.80
CB MLU D 1 -0.44 -1.08 -11.18
CG MLU D 1 0.69 -2.11 -11.23
CD1 MLU D 1 1.57 -2.01 -9.99
CD2 MLU D 1 0.12 -3.52 -11.35
H1 MLU D 1 0.03 0.62 -13.22
H2 MLU D 1 1.52 0.10 -12.59
HCN1 MLU D 1 1.65 2.36 -13.32
HCN2 MLU D 1 0.32 2.77 -12.22
HCN3 MLU D 1 1.89 2.21 -11.55
HA MLU D 1 0.78 0.49 -10.38
HB2 MLU D 1 -1.10 -1.22 -12.04
HB3 MLU D 1 -1.04 -1.25 -10.30
HG MLU D 1 1.31 -1.89 -12.10
HD11 MLU D 1 2.40 -2.71 -10.05
HD12 MLU D 1 1.99 -1.01 -9.87
HD13 MLU D 1 0.99 -2.25 -9.10
HD21 MLU D 1 0.92 -4.25 -11.41
HD22 MLU D 1 -0.49 -3.61 -12.25
HD23 MLU D 1 -0.50 -3.76 -10.49
N OMZ D 2 -1.30 1.57 -9.59
CA OMZ D 2 -2.40 2.43 -9.20
C OMZ D 2 -3.20 1.78 -8.05
O OMZ D 2 -4.42 1.86 -8.03
CB OMZ D 2 -1.95 3.88 -8.98
OC OMZ D 2 -1.41 4.39 -10.17
CG OMZ D 2 -0.92 4.04 -7.89
CD1 OMZ D 2 -1.20 4.88 -6.75
CD2 OMZ D 2 0.34 3.33 -7.96
CE1 OMZ D 2 -0.26 4.94 -5.66
CL OMZ D 2 -0.62 5.91 -4.28
CE2 OMZ D 2 1.27 3.39 -6.87
CZ OMZ D 2 0.94 4.16 -5.70
OH OMZ D 2 1.72 4.02 -4.55
H OMZ D 2 -0.66 1.20 -8.90
HA OMZ D 2 -3.08 2.42 -10.07
HB OMZ D 2 -2.80 4.50 -8.73
HC OMZ D 2 -2.11 4.39 -10.81
HD1 OMZ D 2 -2.11 5.45 -6.70
HD2 OMZ D 2 0.59 2.74 -8.83
HE2 OMZ D 2 2.18 2.83 -6.91
N ASN D 3 -2.49 1.12 -7.11
CA ASN D 3 -3.28 0.47 -6.07
C ASN D 3 -2.66 0.50 -4.66
N GHP D 4 -1.48 -0.14 -4.59
CA GHP D 4 -0.82 -0.19 -3.30
C GHP D 4 -0.55 -1.66 -2.91
O GHP D 4 -0.48 -2.56 -3.73
C1 GHP D 4 0.46 0.62 -3.27
C2 GHP D 4 1.66 0.19 -2.60
C3 GHP D 4 2.84 1.05 -2.50
C4 GHP D 4 2.79 2.32 -3.16
O4 GHP D 4 3.89 3.15 -3.07
C5 GHP D 4 1.63 2.77 -3.90
C6 GHP D 4 0.47 1.89 -3.91
H GHP D 4 -1.14 -0.59 -5.42
HA GHP D 4 -1.51 0.29 -2.60
HC2 GHP D 4 1.68 -0.79 -2.16
H6 GHP D 4 -0.43 2.20 -4.43
N GHP D 5 -0.39 -1.79 -1.58
CA GHP D 5 -0.05 -3.08 -1.00
C GHP D 5 0.18 -2.93 0.51
O GHP D 5 -0.54 -2.18 1.15
C1 GHP D 5 -0.99 -4.22 -1.23
C2 GHP D 5 -0.44 -5.38 -1.85
C3 GHP D 5 -1.16 -6.58 -1.99
C4 GHP D 5 -2.52 -6.64 -1.52
O4 GHP D 5 -3.25 -7.80 -1.65
C5 GHP D 5 -3.13 -5.48 -0.90
C6 GHP D 5 -2.35 -4.26 -0.75
H GHP D 5 -0.49 -0.99 -0.98
HA GHP D 5 0.88 -3.29 -1.50
HC2 GHP D 5 0.57 -5.34 -2.21
HO4 GHP D 5 -4.12 -7.67 -1.29
H5 GHP D 5 -4.14 -5.52 -0.55
H6 GHP D 5 -2.79 -3.40 -0.28
N OMY D 6 1.16 -3.66 1.11
CA OMY D 6 2.09 -4.59 0.48
OCZ OMY D 6 4.04 0.77 -1.81
CE2 OMY D 6 4.13 -0.45 0.34
CE1 OMY D 6 4.08 -1.66 -1.82
CZ OMY D 6 4.13 -0.42 -1.10
CG OMY D 6 3.85 -2.94 0.30
CD2 OMY D 6 3.98 -1.71 1.04
CD1 OMY D 6 3.95 -2.91 -1.14
CB OMY D 6 3.51 -4.25 0.95
CL OMY D 6 4.13 -1.64 -3.55
O OMY D 6 1.35 -6.50 1.79
C OMY D 6 1.65 -6.05 0.69
ODE OMY D 6 3.52 -4.16 2.35
H OMY D 6 1.25 -3.51 2.10
HA OMY D 6 2.04 -4.44 -0.59
HE2 OMY D 6 4.25 0.48 0.88
HD2 OMY D 6 3.95 -1.72 2.12
HD1 OMY D 6 3.88 -3.83 -1.69
HB OMY D 6 4.18 -5.04 0.64
N 3FG D 7 1.62 -6.72 -0.48
OD1 3FG D 7 -2.00 -7.45 -4.45
CD1 3FG D 7 -0.94 -8.12 -3.89
CG1 3FG D 7 -0.47 -7.75 -2.60
CZ 3FG D 7 -0.31 -9.19 -4.61
CD2 3FG D 7 0.80 -9.90 -4.04
OD2 3FG D 7 1.40 -10.92 -4.74
CG2 3FG D 7 1.27 -9.54 -2.74
CB 3FG D 7 0.65 -8.45 -1.99
CA 3FG D 7 1.19 -8.09 -0.59
C 3FG D 7 2.39 -8.95 -0.14
O 3FG D 7 2.18 -10.06 0.35
OXT 3FG D 7 3.53 -8.48 -0.28
H 3FG D 7 1.89 -6.24 -1.30
HA 3FG D 7 0.38 -8.15 0.12
HD1 3FG D 7 -2.19 -7.81 -5.31
HZ 3FG D 7 -0.67 -9.43 -5.61
HD2 3FG D 7 0.96 -11.04 -5.58
HG2 3FG D 7 2.09 -10.07 -2.31
C2 BGC E . 5.56 5.58 1.65
C3 BGC E . 6.57 5.59 0.50
C4 BGC E . 7.29 4.25 0.40
C5 BGC E . 6.28 3.11 0.41
C6 BGC E . 6.94 1.73 0.48
C1 BGC E . 4.65 4.35 1.60
O2 BGC E . 4.79 6.75 1.63
O3 BGC E . 7.49 6.63 0.73
O4 BGC E . 8.03 4.20 -0.79
O5 BGC E . 5.46 3.20 1.55
O6 BGC E . 7.86 1.68 1.53
H2 BGC E . 6.11 5.54 2.59
H3 BGC E . 6.05 5.81 -0.44
H4 BGC E . 7.98 4.14 1.24
H5 BGC E . 5.66 3.19 -0.50
H61 BGC E . 6.18 0.98 0.66
H62 BGC E . 7.45 1.46 -0.44
H1 BGC E . 3.97 4.38 0.74
HO3 BGC E . 7.71 6.99 -0.11
HO4 BGC E . 7.40 4.32 -1.50
HO6 BGC E . 8.22 0.81 1.54
C1 RER E . 5.33 7.75 2.47
C2 RER E . 4.53 9.05 2.36
C3 RER E . 3.13 8.93 2.94
N3 RER E . 2.53 10.26 3.07
C3A RER E . 2.24 8.09 2.03
C4 RER E . 3.22 8.29 4.33
O4 RER E . 1.93 8.04 4.82
C5 RER E . 4.01 6.98 4.25
O5 RER E . 5.31 7.30 3.80
C5A RER E . 4.09 6.27 5.60
H1 RER E . 6.36 7.93 2.18
H21C RER E . 5.07 9.83 2.89
H22C RER E . 4.48 9.37 1.32
HO1 RER E . 2.48 10.70 2.12
H31N RER E . 3.12 10.84 3.69
H32N RER E . 1.58 10.18 3.47
H3A1 RER E . 2.17 8.54 1.04
H3A2 RER E . 2.63 7.07 1.91
H3A3 RER E . 1.23 8.00 2.43
H4 RER E . 3.71 8.98 5.02
HO4 RER E . 1.95 8.19 5.76
H5 RER E . 3.53 6.33 3.53
H5A1 RER E . 4.66 5.34 5.52
H5A2 RER E . 4.57 6.89 6.35
H5A3 RER E . 3.10 6.01 5.96
C2 BGC F . 5.58 4.36 -4.15
C3 BGC F . 6.49 4.47 -5.37
C4 BGC F . 7.05 3.09 -5.73
C5 BGC F . 5.96 2.02 -5.75
C6 BGC F . 6.60 0.65 -5.93
C1 BGC F . 4.58 3.24 -4.29
O2 BGC F . 4.86 5.56 -4.01
O3 BGC F . 7.55 5.35 -5.06
O4 BGC F . 7.64 3.15 -7.00
O5 BGC F . 5.27 2.03 -4.53
O6 BGC F . 7.56 0.41 -4.93
H2 BGC F . 6.17 4.18 -3.26
H3 BGC F . 5.93 4.88 -6.20
H4 BGC F . 7.80 2.77 -5.02
H5 BGC F . 5.26 2.22 -6.55
H61 BGC F . 7.10 0.58 -6.91
H62 BGC F . 5.85 -0.13 -5.87
H1 BGC F . 3.89 3.45 -5.12
HO3 BGC F . 7.75 5.81 -5.86
HO4 BGC F . 8.42 2.59 -6.97
HO6 BGC F . 7.91 -0.45 -5.08
C1 RER F . 5.29 6.37 -2.94
C2 RER F . 5.28 7.83 -3.42
C3 RER F . 3.85 8.32 -3.70
N3 RER F . 3.89 9.77 -3.90
C3A RER F . 3.26 7.67 -4.96
C4 RER F . 2.97 7.99 -2.50
O4 RER F . 1.64 8.32 -2.79
C5 RER F . 3.09 6.51 -2.15
O5 RER F . 4.43 6.23 -1.85
C5A RER F . 2.24 6.15 -0.94
H1 RER F . 6.29 6.06 -2.63
H21C RER F . 5.73 8.45 -2.66
H22C RER F . 5.90 7.94 -4.32
HO1 RER F . 4.27 10.22 -3.05
H31N RER F . 4.49 9.99 -4.71
H32N RER F . 2.92 10.11 -4.07
H3A1 RER F . 3.13 6.60 -4.84
H3A2 RER F . 2.28 8.10 -5.19
H3A3 RER F . 3.90 7.84 -5.83
H4 RER F . 3.28 8.59 -1.64
HO4 RER F . 1.49 9.20 -2.46
H5 RER F . 2.78 5.90 -3.00
H5A1 RER F . 2.41 5.11 -0.67
H5A2 RER F . 1.17 6.29 -1.13
H5A3 RER F . 2.51 6.77 -0.08
C1 RER G . -3.66 4.34 -3.01
C2 RER G . -3.87 3.87 -4.45
C3 RER G . -5.35 3.74 -4.84
N3 RER G . -5.47 3.71 -6.29
C3A RER G . -5.97 2.47 -4.25
C4 RER G . -6.05 4.97 -4.30
O4 RER G . -7.41 4.97 -4.68
C5 RER G . -5.89 5.01 -2.80
O5 RER G . -4.54 5.35 -2.60
C5A RER G . -6.79 6.05 -2.14
H1 RER G . -2.66 4.75 -2.93
H21C RER G . -3.38 2.92 -4.62
H22C RER G . -3.31 4.53 -5.09
HO1 RER G . -4.97 2.89 -6.67
H31N RER G . -5.06 4.59 -6.69
H32N RER G . -6.48 3.66 -6.55
H3A1 RER G . -5.67 1.59 -4.82
H3A2 RER G . -7.05 2.52 -4.28
H3A3 RER G . -5.66 2.30 -3.22
H4 RER G . -5.56 5.84 -4.73
HO4 RER G . -7.65 5.87 -4.82
H5 RER G . -6.07 4.03 -2.36
H5A1 RER G . -7.84 5.81 -2.29
H5A2 RER G . -6.61 6.11 -1.07
H5A3 RER G . -6.59 7.04 -2.56
C1 RER H . 4.81 -4.08 2.91
C2 RER H . 4.64 -3.97 4.44
C3 RER H . 4.06 -5.26 5.03
N3 RER H . 4.17 -5.19 6.49
C3A RER H . 2.58 -5.45 4.67
C4 RER H . 4.87 -6.45 4.52
O4 RER H . 4.29 -7.65 4.96
C5 RER H . 4.95 -6.42 3.01
O5 RER H . 5.57 -5.23 2.61
C5A RER H . 5.74 -7.60 2.44
H1 RER H . 5.33 -3.21 2.52
H21C RER H . 5.61 -3.77 4.88
H22C RER H . 4.00 -3.12 4.68
HO1 RER H . 5.16 -5.07 6.75
H31N RER H . 3.80 -6.06 6.91
H32N RER H . 3.62 -4.38 6.83
H3A1 RER H . 2.13 -6.22 5.30
H3A2 RER H . 2.43 -5.76 3.64
H3A3 RER H . 2.00 -4.54 4.79
H4 RER H . 5.88 -6.39 4.94
HO4 RER H . 4.73 -7.89 5.77
H5 RER H . 3.93 -6.42 2.59
H5A1 RER H . 6.75 -7.60 2.83
H5A2 RER H . 5.78 -7.57 1.36
H5A3 RER H . 5.27 -8.55 2.73
N ALA A 1 -5.19 10.58 -5.09
CA ALA A 1 -5.20 10.06 -3.72
C ALA A 1 -4.11 9.02 -3.52
N FGA A 2 -3.76 8.88 -2.22
CA FGA A 2 -2.74 7.90 -1.93
C FGA A 2 -1.38 8.38 -2.46
O FGA A 2 -1.27 8.55 -3.68
CB FGA A 2 -2.67 7.66 -0.42
CG FGA A 2 -4.02 7.25 0.16
CD FGA A 2 -3.84 6.78 1.60
OE1 FGA A 2 -2.74 6.71 2.14
H FGA A 2 -4.16 9.42 -1.49
HA FGA A 2 -3.04 6.99 -2.44
HB2 FGA A 2 -1.92 6.88 -0.21
HB3 FGA A 2 -2.33 8.56 0.06
HG2 FGA A 2 -4.71 8.10 0.15
HG3 FGA A 2 -4.48 6.46 -0.42
N LYS A 3 -5.00 6.46 2.21
CA LYS A 3 -5.00 6.06 3.59
C LYS A 3 -4.17 4.77 3.80
N DAL A 4 -3.40 4.74 4.89
CA DAL A 4 -2.63 3.51 5.09
CB DAL A 4 -3.55 2.44 5.69
C DAL A 4 -1.43 3.77 6.01
O DAL A 4 -1.19 4.88 6.47
H DAL A 4 -3.37 5.51 5.54
HA DAL A 4 -2.25 3.19 4.12
HB1 DAL A 4 -4.40 2.24 5.04
HB2 DAL A 4 -3.00 1.51 5.84
HB3 DAL A 4 -3.93 2.75 6.66
N DAL A 5 -0.72 2.67 6.23
CA DAL A 5 0.45 2.71 7.08
CB DAL A 5 1.46 3.71 6.52
C DAL A 5 1.06 1.30 7.16
O DAL A 5 2.26 1.17 6.96
OXT DAL A 5 0.32 0.36 7.43
H DAL A 5 -1.01 1.80 5.82
HA DAL A 5 0.10 3.00 8.06
HB1 DAL A 5 1.03 4.71 6.46
HB2 DAL A 5 2.34 3.76 7.17
HB3 DAL A 5 1.79 3.42 5.53
N ALA B 1 11.49 -4.53 -1.77
CA ALA B 1 10.92 -4.01 -0.53
C ALA B 1 9.67 -4.78 -0.13
N FGA B 2 9.07 -4.18 0.91
CA FGA B 2 7.85 -4.64 1.48
C FGA B 2 7.61 -3.87 2.78
O FGA B 2 7.49 -2.65 2.72
CB FGA B 2 6.76 -4.40 0.45
CG FGA B 2 6.37 -5.66 -0.35
CD FGA B 2 5.85 -5.39 -1.77
OE1 FGA B 2 5.95 -4.30 -2.32
H FGA B 2 9.52 -3.37 1.30
HA FGA B 2 7.91 -5.70 1.68
HB2 FGA B 2 5.94 -4.04 1.02
HB3 FGA B 2 7.06 -3.60 -0.23
HG2 FGA B 2 7.20 -6.32 -0.46
HG3 FGA B 2 5.62 -6.24 0.18
N LYS B 3 5.30 -6.51 -2.28
CA LYS B 3 4.64 -6.50 -3.56
C LYS B 3 3.44 -5.55 -3.57
N DAL B 4 3.14 -5.09 -4.79
CA DAL B 4 2.00 -4.18 -4.91
CB DAL B 4 0.77 -4.97 -5.34
C DAL B 4 2.35 -3.07 -5.91
O DAL B 4 3.37 -3.10 -6.58
H DAL B 4 3.66 -5.37 -5.59
HA DAL B 4 1.85 -3.73 -3.92
HB1 DAL B 4 0.54 -5.75 -4.63
HB2 DAL B 4 -0.10 -4.31 -5.42
HB3 DAL B 4 0.93 -5.43 -6.31
N DAL B 5 1.41 -2.10 -5.94
CA DAL B 5 1.60 -0.99 -6.85
CB DAL B 5 2.75 -0.11 -6.37
C DAL B 5 0.31 -0.18 -6.94
O DAL B 5 0.28 0.95 -6.47
OXT DAL B 5 -0.66 -0.69 -7.50
H DAL B 5 0.57 -2.16 -5.40
HA DAL B 5 1.83 -1.43 -7.80
HB1 DAL B 5 3.68 -0.68 -6.30
HB2 DAL B 5 2.93 0.71 -7.06
HB3 DAL B 5 2.55 0.31 -5.39
N MLU C 1 1.69 1.57 12.29
CN MLU C 1 3.11 1.89 12.26
CA MLU C 1 1.28 0.95 11.04
C MLU C 1 2.06 -0.35 10.81
O MLU C 1 1.96 -1.31 11.57
CB MLU C 1 -0.21 0.61 11.03
CG MLU C 1 -1.09 1.82 11.32
CD1 MLU C 1 -1.00 2.86 10.20
CD2 MLU C 1 -2.54 1.38 11.52
H1 MLU C 1 1.49 0.93 13.08
H2 MLU C 1 1.15 2.46 12.42
HCN1 MLU C 1 3.67 0.96 12.13
HCN2 MLU C 1 3.32 2.56 11.44
HCN3 MLU C 1 3.39 2.35 13.21
HA MLU C 1 1.50 1.64 10.24
HB2 MLU C 1 -0.40 -0.16 11.78
HB3 MLU C 1 -0.48 0.18 10.06
HG MLU C 1 -0.74 2.28 12.25
HD11 MLU C 1 -1.58 3.74 10.44
HD12 MLU C 1 0.04 3.17 10.04
HD13 MLU C 1 -1.37 2.44 9.27
HD21 MLU C 1 -2.62 0.66 12.33
HD22 MLU C 1 -2.93 0.91 10.61
HD23 MLU C 1 -3.18 2.23 11.76
N OMZ C 2 2.85 -0.32 9.72
CA OMZ C 2 3.62 -1.52 9.42
C OMZ C 2 2.87 -2.36 8.38
O OMZ C 2 2.83 -3.58 8.50
CB OMZ C 2 5.07 -1.17 9.04
OC OMZ C 2 5.74 -0.65 10.17
CG OMZ C 2 5.14 -0.16 7.95
CD1 OMZ C 2 5.36 -0.59 6.59
CD2 OMZ C 2 4.90 1.23 8.24
CE1 OMZ C 2 5.28 0.37 5.52
CL OMZ C 2 5.51 -0.14 3.89
CE2 OMZ C 2 4.83 2.19 7.16
CZ OMZ C 2 4.97 1.75 5.80
OH OMZ C 2 4.67 2.59 4.73
H OMZ C 2 2.89 0.48 9.13
HA OMZ C 2 3.62 -2.09 10.35
HB OMZ C 2 5.61 -2.07 8.73
HC OMZ C 2 6.63 -0.47 9.90
HD1 OMZ C 2 5.56 -1.63 6.37
HD2 OMZ C 2 4.76 1.56 9.25
HE2 OMZ C 2 4.64 3.24 7.37
N ASN C 3 2.27 -1.70 7.36
CA ASN C 3 1.53 -2.55 6.43
C ASN C 3 1.43 -1.97 5.00
N GHP C 4 0.69 -0.84 4.94
CA GHP C 4 0.53 -0.24 3.62
C GHP C 4 -0.93 0.18 3.42
O GHP C 4 -1.63 0.63 4.32
C1 GHP C 4 1.42 0.96 3.39
C2 GHP C 4 1.13 1.94 2.38
C3 GHP C 4 1.98 3.10 2.12
C4 GHP C 4 3.15 3.27 2.95
O4 GHP C 4 3.96 4.38 2.84
C5 GHP C 4 3.49 2.31 3.98
C6 GHP C 4 2.61 1.16 4.16
H GHP C 4 0.31 -0.43 5.76
HA GHP C 4 0.79 -1.01 2.90
HC2 GHP C 4 0.20 1.83 1.82
H6 GHP C 4 2.84 0.43 4.92
N GHP C 5 -1.32 0.01 2.14
CA GHP C 5 -2.65 0.42 1.74
C GHP C 5 -2.83 0.27 0.21
O GHP C 5 -2.35 -0.70 -0.35
C1 GHP C 5 -3.83 -0.21 2.41
C2 GHP C 5 -4.74 0.68 3.06
C3 GHP C 5 -5.98 0.24 3.58
C4 GHP C 5 -6.31 -1.15 3.51
O4 GHP C 5 -7.50 -1.60 4.05
C5 GHP C 5 -5.41 -2.09 2.89
C6 GHP C 5 -4.16 -1.61 2.33
H GHP C 5 -0.69 -0.39 1.47
HA GHP C 5 -2.61 1.47 2.00
HC2 GHP C 5 -4.49 1.73 3.12
HO4 GHP C 5 -7.98 -0.87 4.42
H5 GHP C 5 -5.66 -3.13 2.83
H6 GHP C 5 -3.49 -2.29 1.84
N OMY C 6 -3.52 1.24 -0.46
CA OMY C 6 -4.14 2.45 0.09
OCZ OMY C 6 1.73 4.07 1.11
CE2 OMY C 6 0.21 3.75 -0.83
CE1 OMY C 6 -0.65 4.49 1.38
CZ OMY C 6 0.46 4.14 0.54
CG OMY C 6 -2.26 3.90 -0.42
CD2 OMY C 6 -1.15 3.63 -1.31
CD1 OMY C 6 -1.99 4.37 0.91
CB OMY C 6 -3.69 3.62 -0.77
CL OMY C 6 -0.35 5.01 3.00
O OMY C 6 -6.38 1.83 -0.68
C OMY C 6 -5.66 2.25 0.22
ODE OMY C 6 -3.80 3.27 -2.13
H OMY C 6 -3.61 1.09 -1.45
HA OMY C 6 -3.78 2.60 1.09
HE2 OMY C 6 1.04 3.51 -1.48
HD2 OMY C 6 -1.35 3.32 -2.32
HD1 OMY C 6 -2.82 4.61 1.55
HB OMY C 6 -4.30 4.50 -0.57
N 3FG C 7 -6.07 2.59 1.47
OD1 3FG C 7 -6.35 0.16 6.30
CD1 3FG C 7 -6.98 1.18 5.62
CG1 3FG C 7 -6.86 1.26 4.20
CZ 3FG C 7 -7.76 2.15 6.35
CD2 3FG C 7 -8.41 3.21 5.66
OD2 3FG C 7 -9.15 4.15 6.35
CG2 3FG C 7 -8.30 3.30 4.22
CB 3FG C 7 -7.53 2.33 3.47
CA 3FG C 7 -7.43 2.46 1.94
C 3FG C 7 -8.19 3.67 1.36
O 3FG C 7 -9.37 3.53 1.03
OXT 3FG C 7 -7.58 4.74 1.25
H 3FG C 7 -5.40 2.94 2.10
HA 3FG C 7 -7.76 1.54 1.48
HD1 3FG C 7 -6.53 0.25 7.23
HZ 3FG C 7 -7.80 2.08 7.43
HD2 3FG C 7 -9.51 4.77 5.74
HG2 3FG C 7 -8.78 4.11 3.70
N MLU D 1 0.82 0.21 -11.98
CN MLU D 1 1.30 1.58 -11.85
CA MLU D 1 0.04 -0.16 -10.80
C MLU D 1 -1.16 0.77 -10.63
O MLU D 1 -2.06 0.82 -11.47
CB MLU D 1 -0.50 -1.59 -10.89
CG MLU D 1 0.61 -2.63 -11.07
CD1 MLU D 1 1.58 -2.60 -9.90
CD2 MLU D 1 -0.01 -4.02 -11.22
H1 MLU D 1 0.21 0.13 -12.82
H2 MLU D 1 1.63 -0.43 -12.07
HCN1 MLU D 1 1.93 1.65 -10.97
HCN2 MLU D 1 0.45 2.25 -11.76
HCN3 MLU D 1 1.88 1.83 -12.74
HA MLU D 1 0.69 -0.07 -9.93
HB2 MLU D 1 -1.19 -1.66 -11.73
HB3 MLU D 1 -1.08 -1.82 -10.00
HG MLU D 1 1.16 -2.39 -11.98
HD11 MLU D 1 1.07 -2.87 -8.97
HD12 MLU D 1 2.38 -3.32 -10.04
HD13 MLU D 1 2.03 -1.62 -9.79
HD21 MLU D 1 0.77 -4.77 -11.38
HD22 MLU D 1 -0.57 -4.30 -10.33
HD23 MLU D 1 -0.69 -4.06 -12.08
N OMZ D 2 -1.13 1.51 -9.51
CA OMZ D 2 -2.25 2.40 -9.24
C OMZ D 2 -3.12 1.86 -8.09
O OMZ D 2 -4.32 2.04 -8.09
CB OMZ D 2 -1.78 3.86 -9.08
OC OMZ D 2 -1.18 4.29 -10.27
CG OMZ D 2 -0.82 4.05 -7.96
CD1 OMZ D 2 -1.18 4.86 -6.81
CD2 OMZ D 2 0.46 3.39 -7.98
CE1 OMZ D 2 -0.28 4.94 -5.70
CL OMZ D 2 -0.74 5.88 -4.31
CE2 OMZ D 2 1.35 3.47 -6.85
CZ OMZ D 2 0.95 4.22 -5.69
OH OMZ D 2 1.69 4.11 -4.52
H OMZ D 2 -0.38 1.42 -8.85
HA OMZ D 2 -2.88 2.35 -10.14
HB OMZ D 2 -2.65 4.51 -8.91
HC OMZ D 2 -1.84 4.28 -10.95
HD1 OMZ D 2 -2.13 5.38 -6.78
HD2 OMZ D 2 0.75 2.81 -8.85
HE2 OMZ D 2 2.29 2.96 -6.87
N ASN D 3 -2.46 1.16 -7.13
CA ASN D 3 -3.33 0.62 -6.08
C ASN D 3 -2.67 0.54 -4.69
N GHP D 4 -1.47 -0.06 -4.65
CA GHP D 4 -0.80 -0.15 -3.34
C GHP D 4 -0.49 -1.63 -2.99
O GHP D 4 -0.38 -2.49 -3.85
C1 GHP D 4 0.45 0.70 -3.25
C2 GHP D 4 1.62 0.30 -2.52
C3 GHP D 4 2.79 1.18 -2.39
C4 GHP D 4 2.75 2.44 -3.08
O4 GHP D 4 3.83 3.30 -2.99
C5 GHP D 4 1.60 2.86 -3.86
C6 GHP D 4 0.46 1.97 -3.89
H GHP D 4 -1.03 -0.42 -5.47
HA GHP D 4 -1.52 0.28 -2.62
HC2 GHP D 4 1.66 -0.68 -2.05
H6 GHP D 4 -0.41 2.27 -4.44
N GHP D 5 -0.36 -1.81 -1.66
CA GHP D 5 0.01 -3.10 -1.10
C GHP D 5 0.18 -2.99 0.42
O GHP D 5 -0.59 -2.27 1.05
C1 GHP D 5 -0.90 -4.25 -1.39
C2 GHP D 5 -0.31 -5.40 -2.01
C3 GHP D 5 -1.02 -6.61 -2.17
C4 GHP D 5 -2.39 -6.69 -1.77
O4 GHP D 5 -3.10 -7.87 -1.95
C5 GHP D 5 -3.03 -5.55 -1.15
C6 GHP D 5 -2.28 -4.33 -0.96
H GHP D 5 -0.49 -1.04 -1.04
HA GHP D 5 0.98 -3.30 -1.56
HC2 GHP D 5 0.71 -5.35 -2.33
HO4 GHP D 5 -2.53 -8.51 -2.35
H5 GHP D 5 -4.06 -5.61 -0.83
H6 GHP D 5 -2.74 -3.48 -0.48
N OMY D 6 1.17 -3.69 1.02
CA OMY D 6 2.16 -4.60 0.43
OCZ OMY D 6 3.97 0.92 -1.65
CE2 OMY D 6 4.03 -0.34 0.48
CE1 OMY D 6 4.11 -1.51 -1.71
CZ OMY D 6 4.07 -0.29 -0.96
CG OMY D 6 3.85 -2.84 0.38
CD2 OMY D 6 3.91 -1.61 1.16
CD1 OMY D 6 4.01 -2.77 -1.05
CB OMY D 6 3.53 -4.17 0.99
CL OMY D 6 4.23 -1.45 -3.43
O OMY D 6 1.50 -6.55 1.71
C OMY D 6 1.76 -6.07 0.62
ODE OMY D 6 3.46 -4.11 2.39
H OMY D 6 1.21 -3.55 2.02
HA OMY D 6 2.22 -4.45 -0.64
HE2 OMY D 6 4.08 0.60 1.03
HD2 OMY D 6 3.82 -1.65 2.23
HD1 OMY D 6 4.01 -3.68 -1.61
HB OMY D 6 4.24 -4.93 0.68
N 3FG D 7 1.72 -6.72 -0.56
OD1 3FG D 7 -1.79 -7.48 -4.68
CD1 3FG D 7 -0.70 -8.12 -4.11
CG1 3FG D 7 -0.28 -7.75 -2.80
CZ 3FG D 7 -0.01 -9.13 -4.85
CD2 3FG D 7 1.13 -9.78 -4.27
OD2 3FG D 7 1.81 -10.75 -4.98
CG2 3FG D 7 1.55 -9.43 -2.94
CB 3FG D 7 0.85 -8.42 -2.18
CA 3FG D 7 1.31 -8.09 -0.75
C 3FG D 7 2.49 -8.97 -0.25
O 3FG D 7 2.24 -9.93 0.48
OXT 3FG D 7 3.63 -8.65 -0.60
H 3FG D 7 1.98 -6.21 -1.38
HA 3FG D 7 0.47 -8.18 -0.08
HD1 3FG D 7 -1.94 -7.84 -5.55
HZ 3FG D 7 -0.33 -9.37 -5.85
HD2 3FG D 7 2.53 -11.08 -4.45
HG2 3FG D 7 2.42 -9.91 -2.52
C2 BGC E . 5.48 5.72 1.60
C3 BGC E . 6.36 5.80 0.36
C4 BGC E . 7.03 4.47 0.06
C5 BGC E . 6.02 3.33 0.14
C6 BGC E . 6.66 1.96 -0.03
C1 BGC E . 4.58 4.49 1.58
O2 BGC E . 4.69 6.88 1.70
O3 BGC E . 7.33 6.80 0.57
O4 BGC E . 7.57 4.49 -1.23
O5 BGC E . 5.39 3.35 1.40
O6 BGC E . 7.89 1.89 0.64
H2 BGC E . 6.12 5.66 2.48
H3 BGC E . 5.76 6.10 -0.51
H4 BGC E . 7.85 4.30 0.77
H5 BGC E . 5.26 3.46 -0.64
H61 BGC E . 6.00 1.21 0.40
H62 BGC E . 6.80 1.71 -1.07
H1 BGC E . 3.85 4.54 0.78
HO3 BGC E . 7.47 7.22 -0.27
HO4 BGC E . 8.39 4.00 -1.20
HO6 BGC E . 8.22 1.01 0.52
C1 RER E . 5.26 7.86 2.53
C2 RER E . 4.44 9.15 2.49
C3 RER E . 3.07 8.98 3.15
N3 RER E . 2.47 10.29 3.35
C3A RER E . 2.14 8.15 2.26
C4 RER E . 3.25 8.30 4.51
O4 RER E . 1.98 8.01 5.06
C5 RER E . 4.06 7.02 4.35
O5 RER E . 5.33 7.36 3.84
C5A RER E . 4.22 6.26 5.66
H1 RER E . 6.27 8.07 2.17
H21C RER E . 4.99 9.92 3.02
H22C RER E . 4.32 9.50 1.46
HO1 RER E . 3.09 10.87 3.96
H31N RER E . 1.54 10.18 3.80
H32N RER E . 2.35 10.76 2.43
H3A1 RER E . 1.15 8.05 2.71
H3A2 RER E . 2.55 7.15 2.09
H3A3 RER E . 2.01 8.63 1.29
H4 RER E . 3.75 8.98 5.20
HO4 RER E . 2.05 8.12 6.00
H5 RER E . 3.56 6.37 3.62
H5A1 RER E . 3.25 5.97 6.07
H5A2 RER E . 4.81 5.35 5.52
H5A3 RER E . 4.73 6.87 6.41
C2 BGC F . 5.43 4.61 -4.13
C3 BGC F . 6.31 4.72 -5.37
C4 BGC F . 6.91 3.36 -5.73
C5 BGC F . 5.86 2.27 -5.73
C6 BGC F . 6.54 0.91 -5.93
C1 BGC F . 4.47 3.43 -4.24
O2 BGC F . 4.65 5.78 -4.01
O3 BGC F . 7.32 5.65 -5.11
O4 BGC F . 7.50 3.43 -7.00
O5 BGC F . 5.20 2.25 -4.48
O6 BGC F . 7.52 0.70 -4.95
H2 BGC F . 6.05 4.47 -3.24
H3 BGC F . 5.71 5.09 -6.21
H4 BGC F . 7.68 3.07 -5.01
H5 BGC F . 5.13 2.44 -6.51
H61 BGC F . 5.80 0.12 -5.85
H62 BGC F . 7.01 0.85 -6.91
H1 BGC F . 3.76 3.61 -5.04
HO3 BGC F . 7.49 6.11 -5.93
HO4 BGC F . 6.85 3.82 -7.58
HO6 BGC F . 7.89 -0.15 -5.13
C1 RER F . 5.06 6.66 -2.99
C2 RER F . 5.10 8.08 -3.54
C3 RER F . 3.71 8.58 -3.91
N3 RER F . 3.78 10.01 -4.22
C3A RER F . 3.15 7.86 -5.14
C4 RER F . 2.77 8.37 -2.73
O4 RER F . 1.45 8.70 -3.10
C5 RER F . 2.83 6.91 -2.27
O5 RER F . 4.16 6.60 -1.91
C5A RER F . 1.96 6.68 -1.04
H1 RER F . 6.05 6.35 -2.62
H21C RER F . 5.53 8.75 -2.79
H22C RER F . 5.76 8.13 -4.41
HO1 RER F . 2.82 10.36 -4.45
H31N RER F . 4.14 10.52 -3.38
H32N RER F . 4.41 10.16 -5.02
H3A1 RER F . 2.20 8.30 -5.46
H3A2 RER F . 3.84 7.92 -5.99
H3A3 RER F . 2.96 6.80 -4.95
H4 RER F . 3.07 9.02 -1.90
HO4 RER F . 1.33 9.61 -2.83
H5 RER F . 2.52 6.25 -3.07
H5A1 RER F . 2.06 5.66 -0.69
H5A2 RER F . 0.90 6.86 -1.28
H5A3 RER F . 2.23 7.35 -0.22
C1 RER G . -3.65 4.37 -2.99
C2 RER G . -3.87 3.88 -4.41
C3 RER G . -5.36 3.75 -4.79
N3 RER G . -5.49 3.70 -6.24
C3A RER G . -5.97 2.49 -4.19
C4 RER G . -6.06 4.98 -4.27
O4 RER G . -7.42 4.98 -4.63
C5 RER G . -5.88 5.08 -2.77
O5 RER G . -4.53 5.40 -2.59
C5A RER G . -6.75 6.18 -2.15
H1 RER G . -2.65 4.78 -2.92
H21C RER G . -3.39 2.92 -4.58
H22C RER G . -3.32 4.53 -5.07
HO1 RER G . -4.99 2.87 -6.62
H31N RER G . -5.08 4.56 -6.66
H32N RER G . -6.50 3.64 -6.49
H3A1 RER G . -5.73 2.38 -3.13
H3A2 RER G . -7.06 2.50 -4.30
H3A3 RER G . -5.61 1.58 -4.68
H4 RER G . -5.57 5.84 -4.72
HO4 RER G . -7.48 5.46 -5.45
H5 RER G . -6.08 4.12 -2.28
H5A1 RER G . -6.56 6.25 -1.08
H5A2 RER G . -6.53 7.13 -2.61
H5A3 RER G . -7.81 5.95 -2.28
C1 RER H . 4.72 -4.10 3.04
C2 RER H . 4.48 -4.01 4.54
C3 RER H . 3.82 -5.29 5.11
N3 RER H . 3.87 -5.24 6.55
C3A RER H . 2.35 -5.46 4.68
C4 RER H . 4.62 -6.49 4.62
O4 RER H . 3.98 -7.67 5.03
C5 RER H . 4.76 -6.46 3.10
O5 RER H . 5.43 -5.28 2.75
C5A RER H . 5.56 -7.68 2.61
H1 RER H . 5.30 -3.23 2.69
H21C RER H . 5.43 -3.86 5.04
H22C RER H . 3.86 -3.14 4.78
HO1 RER H . 3.33 -4.41 6.90
H31N RER H . 4.86 -5.15 6.86
H32N RER H . 3.46 -6.10 6.95
H3A1 RER H . 1.78 -4.54 4.77
H3A2 RER H . 2.25 -5.77 3.65
H3A3 RER H . 1.86 -6.22 5.29
H4 RER H . 5.61 -6.47 5.07
HO4 RER H . 4.38 -7.93 5.85
H5 RER H . 3.79 -6.45 2.63
H5A1 RER H . 5.64 -7.69 1.53
H5A2 RER H . 6.56 -7.67 3.04
H5A3 RER H . 5.07 -8.60 2.92
N ALA A 1 -4.96 10.96 -4.18
CA ALA A 1 -5.50 9.69 -3.70
C ALA A 1 -4.39 8.68 -3.44
N FGA A 2 -3.78 8.85 -2.25
CA FGA A 2 -2.72 7.91 -1.95
C FGA A 2 -1.38 8.44 -2.48
O FGA A 2 -1.26 8.58 -3.71
CB FGA A 2 -2.64 7.67 -0.44
CG FGA A 2 -4.00 7.26 0.14
CD FGA A 2 -3.82 6.78 1.59
OE1 FGA A 2 -2.71 6.73 2.11
H FGA A 2 -4.02 9.56 -1.59
HA FGA A 2 -2.98 6.99 -2.47
HB2 FGA A 2 -1.90 6.90 -0.25
HB3 FGA A 2 -2.31 8.59 0.04
HG2 FGA A 2 -4.69 8.10 0.12
HG3 FGA A 2 -4.45 6.46 -0.44
N LYS A 3 -4.97 6.48 2.18
CA LYS A 3 -4.98 6.07 3.57
C LYS A 3 -4.16 4.79 3.78
N DAL A 4 -3.39 4.76 4.87
CA DAL A 4 -2.62 3.54 5.08
CB DAL A 4 -3.54 2.45 5.68
C DAL A 4 -1.43 3.79 6.01
O DAL A 4 -1.19 4.90 6.46
H DAL A 4 -3.36 5.52 5.52
HA DAL A 4 -2.24 3.20 4.11
HB1 DAL A 4 -4.39 2.25 5.03
HB2 DAL A 4 -3.00 1.52 5.83
HB3 DAL A 4 -3.93 2.77 6.65
N DAL A 5 -0.72 2.67 6.23
CA DAL A 5 0.45 2.71 7.08
CB DAL A 5 1.47 3.72 6.52
C DAL A 5 1.05 1.31 7.16
O DAL A 5 0.31 0.36 7.42
OXT DAL A 5 2.26 1.17 6.96
H DAL A 5 -1.01 1.81 5.81
HA DAL A 5 0.11 3.02 8.06
HB1 DAL A 5 1.03 4.71 6.46
HB2 DAL A 5 2.34 3.76 7.17
HB3 DAL A 5 1.80 3.42 5.53
N ALA B 1 11.49 -4.54 -1.76
CA ALA B 1 10.92 -4.01 -0.52
C ALA B 1 9.66 -4.78 -0.12
N FGA B 2 9.07 -4.18 0.91
CA FGA B 2 7.84 -4.65 1.48
C FGA B 2 7.61 -3.88 2.78
O FGA B 2 7.56 -4.51 3.84
CB FGA B 2 6.76 -4.41 0.44
CG FGA B 2 6.36 -5.67 -0.34
CD FGA B 2 5.85 -5.41 -1.76
OE1 FGA B 2 5.95 -4.32 -2.31
H FGA B 2 9.51 -3.37 1.30
HA FGA B 2 7.92 -5.71 1.69
HB2 FGA B 2 5.93 -4.05 1.01
HB3 FGA B 2 7.06 -3.61 -0.22
HG2 FGA B 2 7.20 -6.34 -0.46
HG3 FGA B 2 5.61 -6.25 0.18
N LYS B 3 5.31 -6.52 -2.27
CA LYS B 3 4.64 -6.52 -3.56
C LYS B 3 3.45 -5.57 -3.57
N DAL B 4 3.14 -5.11 -4.79
CA DAL B 4 2.01 -4.20 -4.90
CB DAL B 4 0.77 -4.99 -5.36
C DAL B 4 2.35 -3.08 -5.90
O DAL B 4 3.38 -3.10 -6.57
H DAL B 4 3.65 -5.39 -5.60
HA DAL B 4 1.84 -3.76 -3.92
HB1 DAL B 4 0.54 -5.78 -4.64
HB2 DAL B 4 -0.10 -4.34 -5.44
HB3 DAL B 4 0.93 -5.45 -6.33
N DAL B 5 1.41 -2.12 -5.94
CA DAL B 5 1.61 -1.00 -6.83
CB DAL B 5 2.74 -0.12 -6.34
C DAL B 5 0.30 -0.21 -6.94
O DAL B 5 0.25 0.92 -6.46
OXT DAL B 5 -0.66 -0.74 -7.52
H DAL B 5 0.57 -2.19 -5.40
HA DAL B 5 1.85 -1.44 -7.79
HB1 DAL B 5 3.67 -0.68 -6.27
HB2 DAL B 5 2.92 0.72 -7.03
HB3 DAL B 5 2.51 0.30 -5.36
N MLU C 1 1.67 1.56 12.30
CN MLU C 1 3.10 1.86 12.28
CA MLU C 1 1.27 0.93 11.05
C MLU C 1 2.05 -0.37 10.81
O MLU C 1 1.93 -1.32 11.56
CB MLU C 1 -0.23 0.60 11.01
CG MLU C 1 -1.10 1.82 11.31
CD1 MLU C 1 -1.00 2.86 10.19
CD2 MLU C 1 -2.56 1.38 11.50
H1 MLU C 1 1.47 0.91 13.08
H2 MLU C 1 1.13 2.44 12.44
HCN1 MLU C 1 3.65 0.93 12.15
HCN2 MLU C 1 3.31 2.54 11.46
HCN3 MLU C 1 3.37 2.32 13.23
HA MLU C 1 1.49 1.64 10.24
HB2 MLU C 1 -0.43 -0.17 11.76
HB3 MLU C 1 -0.49 0.19 10.05
HG MLU C 1 -0.75 2.26 12.24
HD11 MLU C 1 -1.58 3.74 10.44
HD12 MLU C 1 0.04 3.17 10.04
HD13 MLU C 1 -1.38 2.45 9.26
HD21 MLU C 1 -2.64 0.66 12.31
HD22 MLU C 1 -3.19 2.24 11.74
HD23 MLU C 1 -2.94 0.92 10.59
N OMZ C 2 2.84 -0.33 9.72
CA OMZ C 2 3.61 -1.53 9.42
C OMZ C 2 2.86 -2.37 8.38
O OMZ C 2 2.80 -3.59 8.50
CB OMZ C 2 5.06 -1.19 9.05
OC OMZ C 2 5.73 -0.68 10.18
CG OMZ C 2 5.12 -0.17 7.95
CD1 OMZ C 2 5.36 -0.59 6.60
CD2 OMZ C 2 4.89 1.23 8.25
CE1 OMZ C 2 5.28 0.37 5.54
CL OMZ C 2 5.52 -0.13 3.91
CE2 OMZ C 2 4.83 2.18 7.18
CZ OMZ C 2 4.97 1.75 5.82
OH OMZ C 2 4.67 2.60 4.75
H OMZ C 2 2.89 0.48 9.14
HA OMZ C 2 3.62 -2.11 10.35
HB OMZ C 2 5.59 -2.09 8.74
HC OMZ C 2 6.62 -0.51 9.91
HD1 OMZ C 2 5.56 -1.63 6.38
HD2 OMZ C 2 4.74 1.54 9.27
HE2 OMZ C 2 4.64 3.22 7.40
N ASN C 3 2.26 -1.70 7.36
CA ASN C 3 1.52 -2.56 6.43
C ASN C 3 1.43 -1.97 5.00
N GHP C 4 0.69 -0.84 4.94
CA GHP C 4 0.53 -0.22 3.63
C GHP C 4 -0.93 0.19 3.41
O GHP C 4 -1.63 0.64 4.31
C1 GHP C 4 1.44 0.98 3.39
C2 GHP C 4 1.13 1.95 2.38
C3 GHP C 4 1.99 3.11 2.12
C4 GHP C 4 3.15 3.28 2.97
O4 GHP C 4 3.97 4.38 2.85
C5 GHP C 4 3.50 2.32 3.98
C6 GHP C 4 2.62 1.17 4.16
H GHP C 4 0.31 -0.43 5.76
HA GHP C 4 0.79 -1.00 2.90
HC2 GHP C 4 0.22 1.84 1.82
H6 GHP C 4 2.84 0.44 4.93
N GHP C 5 -1.32 0.01 2.14
CA GHP C 5 -2.64 0.42 1.72
C GHP C 5 -2.81 0.27 0.21
O GHP C 5 -2.34 -0.71 -0.35
C1 GHP C 5 -3.82 -0.20 2.40
C2 GHP C 5 -4.73 0.69 3.04
C3 GHP C 5 -5.97 0.26 3.57
C4 GHP C 5 -6.30 -1.13 3.51
O4 GHP C 5 -7.50 -1.57 4.04
C5 GHP C 5 -5.40 -2.07 2.89
C6 GHP C 5 -4.15 -1.60 2.33
H GHP C 5 -0.68 -0.39 1.47
HA GHP C 5 -2.60 1.47 2.00
HC2 GHP C 5 -4.48 1.74 3.09
HO4 GHP C 5 -7.57 -2.52 3.92
H5 GHP C 5 -5.66 -3.12 2.84
H6 GHP C 5 -3.49 -2.30 1.85
N OMY C 6 -3.51 1.23 -0.47
CA OMY C 6 -4.12 2.44 0.07
OCZ OMY C 6 1.75 4.08 1.12
CE2 OMY C 6 0.24 3.75 -0.83
CE1 OMY C 6 -0.63 4.50 1.38
CZ OMY C 6 0.48 4.14 0.55
CG OMY C 6 -2.23 3.91 -0.43
CD2 OMY C 6 -1.12 3.62 -1.31
CD1 OMY C 6 -1.97 4.38 0.90
CB OMY C 6 -3.65 3.62 -0.79
CL OMY C 6 -0.34 5.03 3.00
O OMY C 6 -6.35 1.85 -0.71
C OMY C 6 -5.65 2.26 0.21
ODE OMY C 6 -3.77 3.27 -2.15
H OMY C 6 -3.59 1.09 -1.45
HA OMY C 6 -3.76 2.61 1.07
HE2 OMY C 6 1.07 3.52 -1.47
HD2 OMY C 6 -1.31 3.31 -2.32
HD1 OMY C 6 -2.81 4.62 1.53
HB OMY C 6 -4.27 4.50 -0.60
N 3FG C 7 -6.06 2.60 1.44
OD1 3FG C 7 -6.35 0.19 6.29
CD1 3FG C 7 -6.99 1.21 5.60
CG1 3FG C 7 -6.86 1.29 4.19
CZ 3FG C 7 -7.75 2.17 6.32
CD2 3FG C 7 -8.41 3.23 5.63
OD2 3FG C 7 -9.14 4.18 6.32
CG2 3FG C 7 -8.29 3.32 4.19
CB 3FG C 7 -7.51 2.35 3.45
CA 3FG C 7 -7.41 2.48 1.92
C 3FG C 7 -8.17 3.69 1.33
O 3FG C 7 -9.35 3.54 1.00
OXT 3FG C 7 -7.56 4.76 1.22
H 3FG C 7 -5.38 2.95 2.08
HA 3FG C 7 -7.75 1.55 1.46
HD1 3FG C 7 -6.53 0.28 7.22
HZ 3FG C 7 -7.80 2.11 7.40
HD2 3FG C 7 -9.12 3.98 7.25
HG2 3FG C 7 -8.77 4.13 3.67
N MLU D 1 0.82 0.22 -12.00
CN MLU D 1 1.30 1.59 -11.86
CA MLU D 1 0.03 -0.14 -10.83
C MLU D 1 -1.18 0.78 -10.65
O MLU D 1 -2.05 0.85 -11.50
CB MLU D 1 -0.50 -1.58 -10.93
CG MLU D 1 0.61 -2.62 -11.08
CD1 MLU D 1 1.56 -2.59 -9.88
CD2 MLU D 1 -0.01 -4.01 -11.23
H1 MLU D 1 0.22 0.15 -12.85
H2 MLU D 1 1.63 -0.42 -12.09
HCN1 MLU D 1 1.89 1.85 -12.74
HCN2 MLU D 1 0.45 2.27 -11.77
HCN3 MLU D 1 1.93 1.67 -10.97
HA MLU D 1 0.68 -0.06 -9.95
HB2 MLU D 1 -1.18 -1.65 -11.77
HB3 MLU D 1 -1.09 -1.80 -10.03
HG MLU D 1 1.17 -2.38 -11.97
HD11 MLU D 1 2.01 -1.60 -9.78
HD12 MLU D 1 1.03 -2.83 -8.96
HD13 MLU D 1 2.37 -3.30 -10.01
HD21 MLU D 1 -0.67 -4.05 -12.10
HD22 MLU D 1 0.77 -4.77 -11.37
HD23 MLU D 1 -0.59 -4.28 -10.35
N OMZ D 2 -1.16 1.49 -9.52
CA OMZ D 2 -2.27 2.39 -9.25
C OMZ D 2 -3.13 1.84 -8.10
O OMZ D 2 -4.34 2.03 -8.09
CB OMZ D 2 -1.81 3.85 -9.09
OC OMZ D 2 -1.19 4.28 -10.27
CG OMZ D 2 -0.85 4.03 -7.95
CD1 OMZ D 2 -1.21 4.86 -6.82
CD2 OMZ D 2 0.43 3.36 -7.97
CE1 OMZ D 2 -0.31 4.95 -5.70
CL OMZ D 2 -0.75 5.90 -4.33
CE2 OMZ D 2 1.31 3.45 -6.84
CZ OMZ D 2 0.92 4.21 -5.69
OH OMZ D 2 1.66 4.10 -4.50
H OMZ D 2 -0.41 1.38 -8.85
HA OMZ D 2 -2.90 2.34 -10.15
HB OMZ D 2 -2.67 4.49 -8.92
HC OMZ D 2 -0.96 5.19 -10.14
HD1 OMZ D 2 -2.14 5.39 -6.80
HD2 OMZ D 2 0.72 2.77 -8.83
HE2 OMZ D 2 2.26 2.92 -6.84
N ASN D 3 -2.48 1.15 -7.14
CA ASN D 3 -3.35 0.61 -6.09
C ASN D 3 -2.67 0.53 -4.69
N GHP D 4 -1.48 -0.09 -4.65
CA GHP D 4 -0.82 -0.18 -3.35
C GHP D 4 -0.50 -1.65 -3.00
O GHP D 4 -0.39 -2.52 -3.85
C1 GHP D 4 0.43 0.67 -3.25
C2 GHP D 4 1.61 0.29 -2.53
C3 GHP D 4 2.77 1.16 -2.40
C4 GHP D 4 2.72 2.43 -3.08
O4 GHP D 4 3.80 3.28 -2.97
C5 GHP D 4 1.58 2.84 -3.85
C6 GHP D 4 0.44 1.94 -3.90
H GHP D 4 -1.04 -0.45 -5.48
HA GHP D 4 -1.53 0.25 -2.64
HC2 GHP D 4 1.66 -0.69 -2.06
H6 GHP D 4 -0.44 2.25 -4.44
N GHP D 5 -0.36 -1.84 -1.67
CA GHP D 5 0.00 -3.13 -1.10
C GHP D 5 0.17 -3.00 0.41
O GHP D 5 -0.60 -2.28 1.03
C1 GHP D 5 -0.91 -4.28 -1.39
C2 GHP D 5 -0.32 -5.42 -2.01
C3 GHP D 5 -1.02 -6.64 -2.18
C4 GHP D 5 -2.38 -6.71 -1.76
O4 GHP D 5 -3.09 -7.89 -1.93
C5 GHP D 5 -3.03 -5.58 -1.15
C6 GHP D 5 -2.28 -4.35 -0.96
H GHP D 5 -0.50 -1.05 -1.05
HA GHP D 5 0.97 -3.32 -1.56
HC2 GHP D 5 0.72 -5.37 -2.32
HO4 GHP D 5 -3.97 -7.78 -1.61
H5 GHP D 5 -4.06 -5.64 -0.84
H6 GHP D 5 -2.75 -3.50 -0.48
N OMY D 6 1.16 -3.70 1.03
CA OMY D 6 2.16 -4.60 0.44
OCZ OMY D 6 3.95 0.91 -1.66
CE2 OMY D 6 4.01 -0.35 0.47
CE1 OMY D 6 4.10 -1.51 -1.71
CZ OMY D 6 4.06 -0.30 -0.96
CG OMY D 6 3.85 -2.84 0.38
CD2 OMY D 6 3.89 -1.62 1.15
CD1 OMY D 6 4.01 -2.78 -1.05
CB OMY D 6 3.52 -4.19 0.98
CL OMY D 6 4.23 -1.46 -3.43
O OMY D 6 1.49 -6.55 1.72
C OMY D 6 1.75 -6.08 0.63
ODE OMY D 6 3.46 -4.13 2.39
H OMY D 6 1.21 -3.56 2.02
HA OMY D 6 2.22 -4.46 -0.64
HE2 OMY D 6 4.06 0.59 1.02
HD2 OMY D 6 3.81 -1.65 2.23
HD1 OMY D 6 4.01 -3.70 -1.61
HB OMY D 6 4.23 -4.95 0.68
N 3FG D 7 1.72 -6.73 -0.56
OD1 3FG D 7 -1.79 -7.51 -4.68
CD1 3FG D 7 -0.70 -8.15 -4.10
CG1 3FG D 7 -0.28 -7.77 -2.79
CZ 3FG D 7 0.00 -9.15 -4.84
CD2 3FG D 7 1.14 -9.80 -4.26
OD2 3FG D 7 1.82 -10.78 -4.97
CG2 3FG D 7 1.55 -9.45 -2.93
CB 3FG D 7 0.85 -8.44 -2.17
CA 3FG D 7 1.32 -8.10 -0.74
C 3FG D 7 2.49 -8.98 -0.24
O 3FG D 7 2.25 -9.94 0.49
OXT 3FG D 7 3.63 -8.67 -0.59
H 3FG D 7 1.98 -6.22 -1.38
HA 3FG D 7 0.47 -8.20 -0.07
HD1 3FG D 7 -1.93 -7.87 -5.54
HZ 3FG D 7 -0.32 -9.40 -5.84
HD2 3FG D 7 2.54 -11.10 -4.44
HG2 3FG D 7 2.42 -9.92 -2.50
C2 BGC E . 5.50 5.72 1.61
C3 BGC E . 6.36 5.81 0.34
C4 BGC E . 7.02 4.46 0.04
C5 BGC E . 6.00 3.33 0.14
C6 BGC E . 6.64 1.96 -0.03
C1 BGC E . 4.60 4.50 1.59
O2 BGC E . 4.72 6.89 1.72
O3 BGC E . 7.34 6.79 0.53
O4 BGC E . 7.54 4.48 -1.27
O5 BGC E . 5.39 3.35 1.40
O6 BGC E . 7.88 1.89 0.62
H2 BGC E . 6.16 5.65 2.47
H3 BGC E . 5.73 6.11 -0.50
H4 BGC E . 7.84 4.28 0.74
H5 BGC E . 5.23 3.46 -0.63
H61 BGC E . 5.98 1.21 0.40
H62 BGC E . 6.78 1.71 -1.08
H1 BGC E . 3.85 4.56 0.80
HO3 BGC E . 7.46 7.22 -0.30
HO4 BGC E . 8.45 4.73 -1.19
HO6 BGC E . 8.20 1.00 0.49
C1 RER E . 5.33 7.85 2.55
C2 RER E . 4.52 9.15 2.54
C3 RER E . 3.16 9.00 3.23
N3 RER E . 2.59 10.32 3.45
C3A RER E . 2.21 8.20 2.34
C4 RER E . 3.36 8.30 4.57
O4 RER E . 2.10 8.02 5.14
C5 RER E . 4.14 7.02 4.38
O5 RER E . 5.41 7.36 3.86
C5A RER E . 4.32 6.24 5.69
H1 RER E . 6.33 8.05 2.18
H21C RER E . 5.09 9.92 3.06
H22C RER E . 4.39 9.51 1.52
HO1 RER E . 2.46 10.81 2.54
H31N RER E . 3.23 10.88 4.05
H32N RER E . 1.66 10.22 3.92
H3A1 RER E . 2.06 8.69 1.39
H3A2 RER E . 2.59 7.20 2.16
H3A3 RER E . 1.23 8.09 2.82
H4 RER E . 3.88 8.95 5.26
HO4 RER E . 2.19 8.12 6.08
H5 RER E . 3.63 6.39 3.65
H5A1 RER E . 4.90 5.32 5.52
H5A2 RER E . 4.85 6.83 6.42
H5A3 RER E . 3.36 5.95 6.10
C2 BGC F . 5.38 4.64 -4.10
C3 BGC F . 6.25 4.78 -5.35
C4 BGC F . 6.88 3.45 -5.72
C5 BGC F . 5.85 2.33 -5.73
C6 BGC F . 6.55 0.98 -5.95
C1 BGC F . 4.44 3.44 -4.23
O2 BGC F . 4.58 5.79 -3.95
O3 BGC F . 7.24 5.74 -5.10
O4 BGC F . 7.46 3.53 -7.00
O5 BGC F . 5.20 2.29 -4.48
O6 BGC F . 7.54 0.78 -4.98
H2 BGC F . 6.02 4.50 -3.23
H3 BGC F . 5.64 5.14 -6.18
H4 BGC F . 7.65 3.17 -5.01
H5 BGC F . 5.11 2.49 -6.52
H61 BGC F . 5.84 0.17 -5.87
H62 BGC F . 7.03 0.95 -6.93
H1 BGC F . 3.74 3.63 -5.03
HO3 BGC F . 7.38 6.20 -5.91
HO4 BGC F . 6.81 3.91 -7.57
HO6 BGC F . 7.93 -0.06 -5.15
C1 RER F . 5.02 6.68 -2.95
C2 RER F . 5.09 8.10 -3.55
C3 RER F . 3.69 8.61 -3.93
N3 RER F . 3.78 10.03 -4.25
C3A RER F . 3.12 7.88 -5.15
C4 RER F . 2.76 8.43 -2.73
O4 RER F . 1.45 8.78 -3.09
C5 RER F . 2.80 6.99 -2.22
O5 RER F . 4.13 6.67 -1.87
C5A RER F . 1.92 6.81 -0.99
H1 RER F . 6.00 6.37 -2.59
H21C RER F . 5.53 8.76 -2.81
H22C RER F . 5.74 8.11 -4.42
HO1 RER F . 2.85 10.39 -4.49
H31N RER F . 4.42 10.16 -5.06
H32N RER F . 4.16 10.55 -3.43
H3A1 RER F . 2.92 6.82 -4.91
H3A2 RER F . 2.18 8.33 -5.45
H3A3 RER F . 3.81 7.91 -5.98
H4 RER F . 3.07 9.10 -1.92
HO4 RER F . 1.19 8.20 -3.79
H5 RER F . 2.47 6.31 -3.02
H5A1 RER F . 2.22 7.49 -0.20
H5A2 RER F . 1.99 5.79 -0.61
H5A3 RER F . 0.87 7.01 -1.22
C1 RER G . -3.61 4.36 -3.01
C2 RER G . -3.85 3.87 -4.44
C3 RER G . -5.32 3.78 -4.82
N3 RER G . -5.47 3.73 -6.26
C3A RER G . -5.97 2.52 -4.21
C4 RER G . -6.01 5.03 -4.29
O4 RER G . -7.36 5.05 -4.67
C5 RER G . -5.82 5.12 -2.79
O5 RER G . -4.47 5.40 -2.61
C5A RER G . -6.66 6.24 -2.17
H1 RER G . -2.60 4.76 -2.96
H21C RER G . -3.38 2.91 -4.60
H22C RER G . -3.27 4.52 -5.10
HO1 RER G . -5.04 4.58 -6.69
H31N RER G . -4.98 2.88 -6.64
H32N RER G . -6.48 3.69 -6.51
H3A1 RER G . -7.05 2.56 -4.31
H3A2 RER G . -5.73 2.42 -3.15
H3A3 RER G . -5.63 1.62 -4.71
H4 RER G . -5.49 5.88 -4.75
HO4 RER G . -7.58 5.96 -4.83
H5 RER G . -6.06 4.17 -2.31
H5A1 RER G . -6.49 6.31 -1.10
H5A2 RER G . -6.41 7.21 -2.61
H5A3 RER G . -7.73 6.06 -2.34
C1 RER H . 4.71 -4.11 3.04
C2 RER H . 4.46 -4.01 4.55
C3 RER H . 3.81 -5.28 5.11
N3 RER H . 3.86 -5.23 6.56
C3A RER H . 2.35 -5.46 4.68
C4 RER H . 4.61 -6.50 4.62
O4 RER H . 3.97 -7.68 5.04
C5 RER H . 4.76 -6.47 3.11
O5 RER H . 5.43 -5.28 2.75
C5A RER H . 5.55 -7.68 2.62
H1 RER H . 5.30 -3.25 2.69
H21C RER H . 5.41 -3.86 5.04
H22C RER H . 3.85 -3.15 4.77
HO1 RER H . 3.45 -6.10 6.95
H31N RER H . 3.32 -4.41 6.89
H32N RER H . 4.86 -5.15 6.86
H3A1 RER H . 1.86 -6.22 5.29
H3A2 RER H . 2.25 -5.78 3.64
H3A3 RER H . 1.77 -4.54 4.77
H4 RER H . 5.60 -6.47 5.09
HO4 RER H . 4.37 -7.93 5.86
H5 RER H . 3.78 -6.45 2.63
H5A1 RER H . 5.07 -8.61 2.93
H5A2 RER H . 6.56 -7.68 3.05
H5A3 RER H . 5.64 -7.69 1.53
N ALA A 1 -4.30 12.42 -0.41
CA ALA A 1 -3.67 11.41 -1.26
C ALA A 1 -4.52 10.15 -1.34
N FGA A 2 -3.83 9.19 -1.94
CA FGA A 2 -4.29 7.85 -2.15
C FGA A 2 -3.54 7.32 -3.38
O FGA A 2 -2.32 7.33 -3.36
CB FGA A 2 -3.92 7.11 -0.87
CG FGA A 2 -4.93 7.35 0.25
CD FGA A 2 -4.49 6.77 1.60
OE1 FGA A 2 -3.32 6.79 1.97
H FGA A 2 -2.89 9.40 -2.21
HA FGA A 2 -5.36 7.81 -2.31
HB2 FGA A 2 -3.85 6.06 -1.07
HB3 FGA A 2 -2.93 7.45 -0.55
HG2 FGA A 2 -5.08 8.43 0.37
HG3 FGA A 2 -5.89 6.92 -0.02
N LYS A 3 -5.55 6.37 2.32
CA LYS A 3 -5.43 5.95 3.71
C LYS A 3 -4.52 4.72 3.88
N DAL A 4 -3.75 4.71 4.98
CA DAL A 4 -2.90 3.54 5.15
CB DAL A 4 -3.70 2.44 5.87
C DAL A 4 -1.63 3.89 5.93
O DAL A 4 -1.41 5.02 6.35
H DAL A 4 -3.76 5.47 5.64
HA DAL A 4 -2.60 3.20 4.16
HB1 DAL A 4 -4.59 2.18 5.29
HB2 DAL A 4 -3.10 1.54 5.98
HB3 DAL A 4 -4.01 2.77 6.85
N DAL A 5 -0.83 2.82 6.09
CA DAL A 5 0.43 2.95 6.81
CB DAL A 5 1.31 4.01 6.15
C DAL A 5 1.13 1.59 6.82
O DAL A 5 0.49 0.61 7.19
OXT DAL A 5 2.30 1.54 6.48
H DAL A 5 -1.10 1.93 5.74
HA DAL A 5 0.18 3.23 7.83
HB1 DAL A 5 0.81 4.98 6.14
HB2 DAL A 5 2.25 4.12 6.69
HB3 DAL A 5 1.54 3.74 5.12
N ALA B 1 10.05 -3.84 3.61
CA ALA B 1 8.66 -3.42 3.72
C ALA B 1 8.18 -2.80 2.42
N FGA B 2 8.25 -3.64 1.37
CA FGA B 2 7.81 -3.09 0.10
C FGA B 2 8.80 -2.03 -0.38
O FGA B 2 9.69 -2.37 -1.16
CB FGA B 2 7.64 -4.16 -0.96
CG FGA B 2 6.45 -5.06 -0.67
CD FGA B 2 5.75 -5.35 -2.00
OE1 FGA B 2 5.78 -4.54 -2.92
H FGA B 2 8.59 -4.57 1.47
HA FGA B 2 6.84 -2.64 0.29
HB2 FGA B 2 7.45 -3.65 -1.89
HB3 FGA B 2 8.55 -4.76 -1.09
HG2 FGA B 2 6.72 -5.99 -0.17
HG3 FGA B 2 5.76 -4.52 -0.04
N LYS B 3 5.13 -6.53 -2.05
CA LYS B 3 4.43 -6.83 -3.28
C LYS B 3 3.34 -5.77 -3.50
N DAL B 4 3.20 -5.33 -4.76
CA DAL B 4 2.16 -4.34 -4.97
CB DAL B 4 0.88 -5.04 -5.44
C DAL B 4 2.63 -3.30 -6.00
O DAL B 4 3.56 -3.52 -6.76
H DAL B 4 3.78 -5.67 -5.51
HA DAL B 4 1.99 -3.82 -4.02
HB1 DAL B 4 0.55 -5.77 -4.70
HB2 DAL B 4 0.07 -4.33 -5.59
HB3 DAL B 4 1.04 -5.57 -6.38
N DAL B 5 1.91 -2.17 -5.94
CA DAL B 5 2.23 -1.08 -6.85
CB DAL B 5 3.48 -0.34 -6.36
C DAL B 5 1.04 -0.15 -6.96
O DAL B 5 0.03 -0.54 -7.55
OXT DAL B 5 1.12 0.99 -6.49
H DAL B 5 1.13 -2.06 -5.34
HA DAL B 5 2.42 -1.56 -7.81
HB1 DAL B 5 4.32 -1.02 -6.28
HB2 DAL B 5 3.75 0.45 -7.06
HB3 DAL B 5 3.30 0.12 -5.38
N MLU C 1 2.22 1.93 11.92
CN MLU C 1 3.63 2.25 11.77
CA MLU C 1 1.73 1.23 10.74
C MLU C 1 2.51 -0.06 10.52
O MLU C 1 2.49 -0.97 11.32
CB MLU C 1 0.25 0.88 10.87
CG MLU C 1 -0.63 2.07 11.22
CD1 MLU C 1 -0.67 3.09 10.07
CD2 MLU C 1 -2.04 1.61 11.57
H1 MLU C 1 2.10 1.32 12.76
H2 MLU C 1 1.67 2.81 12.06
HCN1 MLU C 1 4.20 1.33 11.64
HCN2 MLU C 1 3.76 2.90 10.90
HCN3 MLU C 1 3.97 2.77 12.66
HA MLU C 1 1.88 1.90 9.89
HB2 MLU C 1 0.14 0.12 11.64
HB3 MLU C 1 -0.10 0.43 9.93
HG MLU C 1 -0.19 2.56 12.09
HD11 MLU C 1 -1.24 3.97 10.36
HD12 MLU C 1 0.34 3.41 9.80
HD13 MLU C 1 -1.13 2.65 9.20
HD21 MLU C 1 -2.50 1.11 10.71
HD22 MLU C 1 -2.02 0.91 12.40
HD23 MLU C 1 -2.67 2.46 11.85
N OMZ C 2 3.21 -0.08 9.36
CA OMZ C 2 3.97 -1.28 9.06
C OMZ C 2 3.19 -2.17 8.08
O OMZ C 2 3.26 -3.39 8.16
CB OMZ C 2 5.39 -0.93 8.59
OC OMZ C 2 6.10 -0.32 9.64
CG OMZ C 2 5.36 0.01 7.43
CD1 OMZ C 2 5.56 -0.49 6.09
CD2 OMZ C 2 5.10 1.42 7.63
CE1 OMZ C 2 5.43 0.40 4.98
CL OMZ C 2 5.62 -0.20 3.37
CE2 OMZ C 2 4.97 2.30 6.51
CZ OMZ C 2 5.09 1.78 5.18
OH OMZ C 2 4.74 2.56 4.07
H OMZ C 2 3.17 0.70 8.73
HA OMZ C 2 4.04 -1.82 10.00
HB OMZ C 2 5.93 -1.83 8.32
HC OMZ C 2 6.97 -0.14 9.31
HD1 OMZ C 2 5.79 -1.54 5.93
HD2 OMZ C 2 4.95 1.80 8.63
HE2 OMZ C 2 4.74 3.35 6.66
N ASN C 3 2.45 -1.52 7.15
CA ASN C 3 1.67 -2.39 6.27
C ASN C 3 1.51 -1.84 4.84
N GHP C 4 0.71 -0.74 4.78
CA GHP C 4 0.46 -0.17 3.47
C GHP C 4 -1.03 0.18 3.35
O GHP C 4 -1.72 0.54 4.30
C1 GHP C 4 1.32 1.04 3.16
C2 GHP C 4 0.87 2.08 2.27
C3 GHP C 4 1.69 3.25 1.95
C4 GHP C 4 2.97 3.35 2.60
O4 GHP C 4 3.75 4.47 2.38
C5 GHP C 4 3.46 2.33 3.49
C6 GHP C 4 2.61 1.18 3.74
H GHP C 4 0.34 -0.34 5.62
HA GHP C 4 0.69 -0.96 2.75
HC2 GHP C 4 -0.12 2.02 1.83
H6 GHP C 4 2.97 0.42 4.42
N GHP C 5 -1.45 0.08 2.07
CA GHP C 5 -2.79 0.44 1.69
C GHP C 5 -2.95 0.34 0.16
O GHP C 5 -2.39 -0.57 -0.43
C1 GHP C 5 -3.94 -0.28 2.33
C2 GHP C 5 -4.89 0.54 3.01
C3 GHP C 5 -6.10 0.02 3.53
C4 GHP C 5 -6.35 -1.39 3.41
O4 GHP C 5 -7.52 -1.92 3.93
C5 GHP C 5 -5.40 -2.25 2.74
C6 GHP C 5 -4.19 -1.68 2.20
H GHP C 5 -0.80 -0.24 1.37
HA GHP C 5 -2.80 1.47 2.01
HC2 GHP C 5 -4.70 1.60 3.12
HO4 GHP C 5 -7.53 -2.86 3.77
H5 GHP C 5 -5.60 -3.31 2.65
H6 GHP C 5 -3.49 -2.32 1.69
N OMY C 6 -3.71 1.27 -0.48
CA OMY C 6 -4.42 2.40 0.13
OCZ OMY C 6 1.35 4.29 1.05
CE2 OMY C 6 -0.21 3.88 -0.83
CE1 OMY C 6 -1.04 4.65 1.38
CZ OMY C 6 0.06 4.30 0.52
CG OMY C 6 -2.67 3.97 -0.37
CD2 OMY C 6 -1.57 3.70 -1.27
CD1 OMY C 6 -2.40 4.48 0.93
CB OMY C 6 -4.10 3.65 -0.67
CL OMY C 6 -0.74 5.22 2.98
O OMY C 6 -6.58 1.52 -0.56
C OMY C 6 -5.91 2.07 0.30
ODE OMY C 6 -4.27 3.41 -2.04
H OMY C 6 -3.76 1.15 -1.47
HA OMY C 6 -4.05 2.54 1.13
HE2 OMY C 6 0.61 3.65 -1.49
HD2 OMY C 6 -1.77 3.35 -2.27
HD1 OMY C 6 -3.26 4.70 1.56
HB OMY C 6 -4.75 4.46 -0.36
N 3FG C 7 -6.34 2.46 1.53
OD1 3FG C 7 -6.44 -0.20 6.25
CD1 3FG C 7 -7.12 0.82 5.62
CG1 3FG C 7 -7.03 0.96 4.21
CZ 3FG C 7 -7.92 1.72 6.39
CD2 3FG C 7 -8.64 2.78 5.75
OD2 3FG C 7 -9.41 3.65 6.49
CG2 3FG C 7 -8.55 2.92 4.32
CB 3FG C 7 -7.74 2.02 3.53
CA 3FG C 7 -7.67 2.21 2.00
C 3FG C 7 -8.54 3.38 1.47
O 3FG C 7 -9.66 3.13 1.04
OXT 3FG C 7 -8.06 4.51 1.50
H 3FG C 7 -5.70 2.91 2.14
HA 3FG C 7 -7.93 1.29 1.49
HD1 3FG C 7 -5.95 -0.70 5.60
HZ 3FG C 7 -7.93 1.61 7.47
HD2 3FG C 7 -9.81 4.28 5.92
HG2 3FG C 7 -9.07 3.74 3.84
N MLU D 1 1.04 0.48 -11.97
CN MLU D 1 1.56 1.84 -11.81
CA MLU D 1 0.26 0.10 -10.80
C MLU D 1 -0.93 1.04 -10.62
O MLU D 1 -1.82 1.12 -11.45
CB MLU D 1 -0.31 -1.31 -10.92
CG MLU D 1 0.79 -2.37 -11.09
CD1 MLU D 1 1.74 -2.37 -9.90
CD2 MLU D 1 0.16 -3.76 -11.27
H1 MLU D 1 0.45 0.43 -12.82
H2 MLU D 1 1.85 -0.18 -12.07
HCN1 MLU D 1 2.14 2.10 -12.70
HCN2 MLU D 1 0.71 2.53 -11.72
HCN3 MLU D 1 2.18 1.89 -10.93
HA MLU D 1 0.91 0.17 -9.93
HB2 MLU D 1 -0.98 -1.37 -11.77
HB3 MLU D 1 -0.89 -1.55 -10.03
HG MLU D 1 1.36 -2.14 -11.99
HD11 MLU D 1 2.21 -1.39 -9.77
HD12 MLU D 1 1.21 -2.61 -8.98
HD13 MLU D 1 2.54 -3.11 -10.04
HD21 MLU D 1 -0.51 -3.78 -12.12
HD22 MLU D 1 0.92 -4.52 -11.42
HD23 MLU D 1 -0.42 -4.03 -10.38
N OMZ D 2 -0.89 1.77 -9.48
CA OMZ D 2 -2.00 2.68 -9.22
C OMZ D 2 -2.90 2.10 -8.12
O OMZ D 2 -4.11 2.20 -8.21
CB OMZ D 2 -1.50 4.12 -8.98
OC OMZ D 2 -0.94 4.62 -10.17
CG OMZ D 2 -0.47 4.21 -7.89
CD1 OMZ D 2 -0.79 4.89 -6.66
CD2 OMZ D 2 0.82 3.62 -8.07
CE1 OMZ D 2 0.16 4.90 -5.59
CL OMZ D 2 -0.23 5.65 -4.09
CE2 OMZ D 2 1.78 3.63 -6.98
CZ OMZ D 2 1.43 4.23 -5.73
OH OMZ D 2 2.20 4.03 -4.59
H OMZ D 2 -0.14 1.67 -8.83
HA OMZ D 2 -2.60 2.67 -10.12
HB OMZ D 2 -2.34 4.76 -8.73
HC OMZ D 2 -0.69 5.52 -10.00
HD1 OMZ D 2 -1.75 5.37 -6.52
HD2 OMZ D 2 1.10 3.13 -8.99
HE2 OMZ D 2 2.74 3.15 -7.10
N ASN D 3 -2.29 1.44 -7.11
CA ASN D 3 -3.17 0.86 -6.10
C ASN D 3 -2.55 0.74 -4.70
N GHP D 4 -1.33 0.15 -4.67
CA GHP D 4 -0.69 0.03 -3.36
C GHP D 4 -0.50 -1.46 -2.99
O GHP D 4 -0.48 -2.35 -3.84
C1 GHP D 4 0.65 0.75 -3.29
C2 GHP D 4 1.79 0.25 -2.59
C3 GHP D 4 3.03 1.03 -2.47
C4 GHP D 4 3.10 2.29 -3.15
O4 GHP D 4 4.24 3.03 -3.02
C5 GHP D 4 1.98 2.80 -3.92
C6 GHP D 4 0.75 2.02 -3.93
H GHP D 4 -0.88 -0.15 -5.50
HA GHP D 4 -1.37 0.53 -2.65
HC2 GHP D 4 1.77 -0.73 -2.14
H6 GHP D 4 -0.09 2.41 -4.47
N GHP D 5 -0.35 -1.65 -1.67
CA GHP D 5 -0.08 -2.97 -1.10
C GHP D 5 0.09 -2.86 0.43
O GHP D 5 -0.62 -2.09 1.04
C1 GHP D 5 -1.04 -4.07 -1.38
C2 GHP D 5 -0.50 -5.26 -1.97
C3 GHP D 5 -1.27 -6.44 -2.13
C4 GHP D 5 -2.65 -6.44 -1.75
O4 GHP D 5 -3.42 -7.56 -1.93
C5 GHP D 5 -3.24 -5.24 -1.19
C6 GHP D 5 -2.44 -4.06 -1.00
H GHP D 5 -0.40 -0.87 -1.06
HA GHP D 5 0.86 -3.21 -1.57
HC2 GHP D 5 0.53 -5.26 -2.26
HO4 GHP D 5 -4.30 -7.39 -1.63
H5 GHP D 5 -4.29 -5.24 -0.89
H6 GHP D 5 -2.86 -3.17 -0.55
N OMY D 6 1.03 -3.62 1.05
CA OMY D 6 1.95 -4.59 0.46
OCZ OMY D 6 4.19 0.69 -1.74
CE2 OMY D 6 4.13 -0.52 0.41
CE1 OMY D 6 4.15 -1.73 -1.76
CZ OMY D 6 4.19 -0.50 -1.03
CG OMY D 6 3.78 -2.99 0.35
CD2 OMY D 6 3.91 -1.76 1.10
CD1 OMY D 6 3.95 -2.97 -1.07
CB OMY D 6 3.37 -4.30 0.98
CL OMY D 6 4.29 -1.71 -3.48
O OMY D 6 1.12 -6.46 1.75
C OMY D 6 1.45 -6.02 0.66
ODE OMY D 6 3.36 -4.21 2.39
H OMY D 6 1.09 -3.50 2.05
HA OMY D 6 1.96 -4.43 -0.61
HE2 OMY D 6 4.24 0.41 0.96
HD2 OMY D 6 3.81 -1.77 2.18
HD1 OMY D 6 3.89 -3.89 -1.64
HB OMY D 6 4.02 -5.10 0.68
N 3FG D 7 1.44 -6.70 -0.51
OD1 3FG D 7 -2.02 -7.27 -4.64
CD1 3FG D 7 -1.03 -8.00 -4.02
CG1 3FG D 7 -0.60 -7.64 -2.71
CZ 3FG D 7 -0.43 -9.10 -4.72
CD2 3FG D 7 0.60 -9.87 -4.08
OD2 3FG D 7 1.18 -10.93 -4.75
CG2 3FG D 7 1.04 -9.52 -2.76
CB 3FG D 7 0.45 -8.40 -2.06
CA 3FG D 7 0.96 -8.05 -0.64
C 3FG D 7 2.11 -8.95 -0.13
O 3FG D 7 1.83 -10.07 0.30
OXT 3FG D 7 3.27 -8.53 -0.18
H 3FG D 7 1.74 -6.23 -1.33
HA 3FG D 7 0.12 -8.06 0.05
HD1 3FG D 7 -2.31 -6.57 -4.05
HZ 3FG D 7 -0.76 -9.33 -5.72
HD2 3FG D 7 0.78 -11.03 -5.60
HG2 3FG D 7 1.83 -10.08 -2.30
C2 BGC E . 5.72 5.49 1.56
C3 BGC E . 6.88 5.39 0.58
C4 BGC E . 7.52 4.00 0.66
C5 BGC E . 6.45 2.92 0.60
C6 BGC E . 7.01 1.52 0.85
C1 BGC E . 4.75 4.32 1.41
O2 BGC E . 5.03 6.71 1.41
O3 BGC E . 7.83 6.37 0.89
O4 BGC E . 8.38 3.82 -0.44
O5 BGC E . 5.49 3.14 1.61
O6 BGC E . 7.79 1.48 2.02
H2 BGC E . 6.13 5.44 2.58
H3 BGC E . 6.52 5.57 -0.43
H4 BGC E . 8.11 3.91 1.57
H5 BGC E . 5.96 2.96 -0.37
H61 BGC E . 6.19 0.81 0.97
H62 BGC E . 7.62 1.16 0.03
H1 BGC E . 4.31 4.30 0.41
HO3 BGC E . 8.14 6.19 1.77
HO4 BGC E . 9.12 3.32 -0.12
HO6 BGC E . 8.08 0.59 2.12
C1 RER E . 5.59 7.73 2.20
C2 RER E . 4.79 9.04 2.05
C3 RER E . 3.42 9.01 2.76
N3 RER E . 2.94 10.38 2.91
C3A RER E . 2.40 8.23 1.91
C4 RER E . 3.56 8.37 4.14
O4 RER E . 2.29 8.18 4.70
C5 RER E . 4.30 7.05 4.02
O5 RER E . 5.59 7.33 3.55
C5A RER E . 4.37 6.26 5.33
H1 RER E . 6.61 7.90 1.87
H21C RER E . 5.38 9.84 2.48
H22C RER E . 4.66 9.28 1.00
HO1 RER E . 2.01 10.36 3.38
H31N RER E . 2.83 10.81 1.96
H32N RER E . 3.62 10.93 3.47
H3A1 RER E . 2.72 7.20 1.79
H3A2 RER E . 1.42 8.23 2.40
H3A3 RER E . 2.30 8.67 0.93
H4 RER E . 4.11 9.04 4.80
HO4 RER E . 1.82 7.60 4.12
H5 RER E . 3.79 6.44 3.28
H5A1 RER E . 3.37 6.03 5.70
H5A2 RER E . 4.91 5.33 5.20
H5A3 RER E . 4.89 6.84 6.10
C2 BGC F . 5.96 4.25 -4.03
C3 BGC F . 6.91 4.39 -5.19
C4 BGC F . 7.43 3.01 -5.62
C5 BGC F . 6.30 2.00 -5.75
C6 BGC F . 6.88 0.62 -6.02
C1 BGC F . 4.93 3.16 -4.25
O2 BGC F . 5.26 5.46 -3.87
O3 BGC F . 7.99 5.19 -4.80
O4 BGC F . 8.08 3.12 -6.87
O5 BGC F . 5.57 1.95 -4.54
O6 BGC F . 7.79 0.26 -5.02
H2 BGC F . 6.51 4.03 -3.12
H3 BGC F . 6.41 4.89 -6.02
H4 BGC F . 8.13 2.62 -4.90
H5 BGC F . 5.62 2.28 -6.55
H61 BGC F . 7.39 0.58 -6.98
H62 BGC F . 6.09 -0.13 -6.03
H1 BGC F . 4.25 3.42 -5.07
HO3 BGC F . 8.25 5.70 -5.56
HO4 BGC F . 8.99 3.26 -6.68
HO6 BGC F . 8.12 -0.60 -5.23
C1 RER F . 5.61 6.17 -2.71
C2 RER F . 5.55 7.67 -3.05
C3 RER F . 4.11 8.14 -3.28
N3 RER F . 4.09 9.59 -3.33
C3A RER F . 3.56 7.60 -4.62
C4 RER F . 3.23 7.65 -2.14
O4 RER F . 1.89 7.98 -2.40
C5 RER F . 3.38 6.15 -1.96
O5 RER F . 4.73 5.86 -1.66
C5A RER F . 2.52 5.63 -0.80
H1 RER F . 6.62 5.87 -2.40
H21C RER F . 5.98 8.21 -2.22
H22C RER F . 6.16 7.88 -3.92
HO1 RER F . 4.45 9.96 -2.43
H31N RER F . 3.12 9.92 -3.48
H32N RER F . 4.69 9.92 -4.11
H3A1 RER F . 3.49 6.51 -4.62
H3A2 RER F . 2.56 8.00 -4.81
H3A3 RER F . 4.20 7.90 -5.45
H4 RER F . 3.51 8.16 -1.22
HO4 RER F . 1.49 8.19 -1.58
H5 RER F . 3.09 5.63 -2.88
H5A1 RER F . 2.63 4.55 -0.70
H5A2 RER F . 2.81 6.09 0.13
H5A3 RER F . 1.47 5.85 -0.98
C1 RER G . -4.11 4.54 -2.86
C2 RER G . -4.10 3.98 -4.29
C3 RER G . -5.48 3.53 -4.76
N3 RER G . -5.47 3.41 -6.21
C3A RER G . -5.89 2.18 -4.16
C4 RER G . -6.49 4.59 -4.37
O4 RER G . -7.78 4.24 -4.78
C5 RER G . -6.43 4.86 -2.87
O5 RER G . -5.18 5.43 -2.66
C5A RER G . -7.51 5.83 -2.41
H1 RER G . -3.18 5.08 -2.63
H21C RER G . -3.42 3.15 -4.36
H22C RER G . -3.64 4.70 -4.94
HO1 RER G . -4.78 2.68 -6.49
H31N RER G . -6.43 3.13 -6.53
H32N RER G . -5.21 4.32 -6.63
H3A1 RER G . -6.85 1.86 -4.56
H3A2 RER G . -5.98 2.21 -3.08
H3A3 RER G . -5.17 1.39 -4.40
H4 RER G . -6.19 5.50 -4.88
HO4 RER G . -8.22 5.04 -5.02
H5 RER G . -6.48 3.94 -2.29
H5A1 RER G . -7.41 6.04 -1.35
H5A2 RER G . -7.44 6.77 -2.95
H5A3 RER G . -8.51 5.42 -2.58
C1 RER H . 4.63 -4.16 2.98
C2 RER H . 4.48 -4.13 4.50
C3 RER H . 3.99 -5.46 5.07
N3 RER H . 4.13 -5.46 6.52
C3A RER H . 2.51 -5.72 4.73
C4 RER H . 4.84 -6.58 4.49
O4 RER H . 4.37 -7.82 4.93
C5 RER H . 4.81 -6.51 2.97
O5 RER H . 5.39 -5.29 2.58
C5A RER H . 5.60 -7.66 2.33
H1 RER H . 5.17 -3.28 2.64
H21C RER H . 5.45 -3.90 4.94
H22C RER H . 3.81 -3.32 4.80
HO1 RER H . 3.55 -4.69 6.92
H31N RER H . 3.82 -6.37 6.90
H32N RER H . 5.13 -5.29 6.77
H3A1 RER H . 2.33 -5.69 3.66
H3A2 RER H . 1.86 -4.98 5.19
H3A3 RER H . 2.20 -6.70 5.08
H4 RER H . 5.87 -6.46 4.84
HO4 RER H . 4.89 -8.05 5.71
H5 RER H . 3.79 -6.54 2.62
H5A1 RER H . 6.64 -7.63 2.66
H5A2 RER H . 5.18 -8.62 2.62
H5A3 RER H . 5.59 -7.59 1.24
N ALA A 1 -5.11 10.91 -4.09
CA ALA A 1 -5.61 9.61 -3.61
C ALA A 1 -4.46 8.66 -3.36
N FGA A 2 -3.85 8.83 -2.17
CA FGA A 2 -2.77 7.94 -1.87
C FGA A 2 -1.45 8.53 -2.39
O FGA A 2 -1.28 8.62 -3.60
CB FGA A 2 -2.70 7.67 -0.38
CG FGA A 2 -4.04 7.21 0.19
CD FGA A 2 -3.85 6.72 1.62
OE1 FGA A 2 -2.75 6.68 2.16
H FGA A 2 -4.13 9.52 -1.51
HA FGA A 2 -2.98 7.01 -2.41
HB2 FGA A 2 -1.94 6.91 -0.18
HB3 FGA A 2 -2.39 8.58 0.12
HG2 FGA A 2 -4.76 8.02 0.18
HG3 FGA A 2 -4.47 6.40 -0.41
N LYS A 3 -5.01 6.36 2.20
CA LYS A 3 -5.00 5.93 3.59
C LYS A 3 -4.14 4.68 3.78
N DAL A 4 -3.44 4.65 4.92
CA DAL A 4 -2.63 3.45 5.16
CB DAL A 4 -3.51 2.35 5.74
C DAL A 4 -1.48 3.78 6.11
O DAL A 4 -1.29 4.90 6.56
H DAL A 4 -3.51 5.40 5.57
HA DAL A 4 -2.20 3.13 4.19
HB1 DAL A 4 -4.35 2.12 5.08
HB2 DAL A 4 -2.94 1.44 5.90
HB3 DAL A 4 -3.93 2.66 6.70
N DAL A 5 -0.74 2.70 6.37
CA DAL A 5 0.40 2.81 7.26
CB DAL A 5 1.42 3.80 6.71
C DAL A 5 1.03 1.43 7.47
O DAL A 5 2.19 1.25 7.11
OXT DAL A 5 0.34 0.55 7.98
H DAL A 5 -0.97 1.82 5.98
HA DAL A 5 0.00 3.16 8.21
HB1 DAL A 5 0.99 4.78 6.56
HB2 DAL A 5 2.27 3.91 7.39
HB3 DAL A 5 1.81 3.46 5.75
N ALA B 1 10.95 -2.93 1.29
CA ALA B 1 9.81 -3.01 2.19
C ALA B 1 8.54 -2.53 1.50
N FGA B 2 8.35 -3.12 0.31
CA FGA B 2 7.16 -2.70 -0.41
C FGA B 2 7.37 -1.26 -0.87
O FGA B 2 6.75 -0.86 -1.86
CB FGA B 2 6.90 -3.56 -1.63
CG FGA B 2 6.23 -4.89 -1.31
CD FGA B 2 5.50 -5.36 -2.57
OE1 FGA B 2 5.24 -4.57 -3.47
H FGA B 2 8.98 -3.82 -0.01
HA FGA B 2 6.32 -2.77 0.27
HB2 FGA B 2 6.21 -3.00 -2.24
HB3 FGA B 2 7.81 -3.71 -2.21
HG2 FGA B 2 6.95 -5.65 -0.99
HG3 FGA B 2 5.51 -4.76 -0.53
N LYS B 3 5.18 -6.65 -2.59
CA LYS B 3 4.49 -7.08 -3.77
C LYS B 3 3.17 -6.31 -3.88
N DAL B 4 3.21 -5.36 -4.83
CA DAL B 4 2.03 -4.52 -5.04
CB DAL B 4 0.82 -5.37 -5.44
C DAL B 4 2.35 -3.48 -6.12
O DAL B 4 3.02 -3.74 -7.11
H DAL B 4 4.02 -5.31 -5.40
HA DAL B 4 1.84 -3.99 -4.10
HB1 DAL B 4 0.60 -6.11 -4.68
HB2 DAL B 4 -0.06 -4.75 -5.59
HB3 DAL B 4 1.02 -5.90 -6.37
N DAL B 5 1.83 -2.27 -5.83
CA DAL B 5 2.04 -1.19 -6.76
CB DAL B 5 3.26 -0.36 -6.34
C DAL B 5 0.79 -0.31 -6.83
O DAL B 5 -0.23 -0.80 -7.29
OXT DAL B 5 0.86 0.85 -6.43
H DAL B 5 1.27 -2.11 -5.04
HA DAL B 5 2.22 -1.67 -7.71
HB1 DAL B 5 4.16 -1.00 -6.29
HB2 DAL B 5 3.46 0.44 -7.06
HB3 DAL B 5 3.12 0.08 -5.36
N MLU C 1 1.43 1.58 12.29
CN MLU C 1 2.85 1.91 12.30
CA MLU C 1 1.07 0.94 11.03
C MLU C 1 1.88 -0.33 10.83
O MLU C 1 1.77 -1.29 11.59
CB MLU C 1 -0.41 0.58 10.96
CG MLU C 1 -1.32 1.76 11.31
CD1 MLU C 1 -1.21 2.87 10.28
CD2 MLU C 1 -2.77 1.28 11.42
H1 MLU C 1 1.21 0.93 13.08
H2 MLU C 1 0.87 2.45 12.40
HCN1 MLU C 1 3.43 1.00 12.19
HCN2 MLU C 1 3.06 2.59 11.48
HCN3 MLU C 1 3.09 2.39 13.26
HA MLU C 1 1.30 1.65 10.23
HB2 MLU C 1 -0.60 -0.23 11.67
HB3 MLU C 1 -0.66 0.20 9.97
HG MLU C 1 -1.01 2.14 12.28
HD11 MLU C 1 -1.83 3.72 10.56
HD12 MLU C 1 -0.18 3.22 10.19
HD13 MLU C 1 -1.53 2.52 9.30
HD21 MLU C 1 -2.87 0.50 12.19
HD22 MLU C 1 -3.43 2.10 11.70
HD23 MLU C 1 -3.12 0.86 10.48
N OMZ C 2 2.70 -0.31 9.75
CA OMZ C 2 3.50 -1.50 9.49
C OMZ C 2 2.78 -2.39 8.45
O OMZ C 2 2.89 -3.61 8.51
CB OMZ C 2 4.95 -1.14 9.16
OC OMZ C 2 5.58 -0.63 10.32
CG OMZ C 2 5.05 -0.10 8.08
CD1 OMZ C 2 5.34 -0.50 6.73
CD2 OMZ C 2 4.79 1.28 8.38
CE1 OMZ C 2 5.30 0.48 5.68
CL OMZ C 2 5.61 0.00 4.05
CE2 OMZ C 2 4.75 2.26 7.33
CZ OMZ C 2 4.95 1.84 5.96
OH OMZ C 2 4.66 2.70 4.88
H OMZ C 2 2.74 0.50 9.15
HA OMZ C 2 3.49 -2.06 10.42
HB OMZ C 2 5.50 -2.03 8.84
HC OMZ C 2 5.19 0.21 10.49
HD1 OMZ C 2 5.57 -1.52 6.51
HD2 OMZ C 2 4.61 1.60 9.40
HE2 OMZ C 2 4.53 3.30 7.54
N ASN C 3 2.04 -1.76 7.50
CA ASN C 3 1.34 -2.64 6.56
C ASN C 3 1.21 -2.08 5.14
N GHP C 4 0.76 -0.81 5.07
CA GHP C 4 0.61 -0.22 3.74
C GHP C 4 -0.86 0.17 3.49
O GHP C 4 -1.59 0.57 4.39
C1 GHP C 4 1.48 1.00 3.49
C2 GHP C 4 1.19 1.94 2.46
C3 GHP C 4 2.04 3.10 2.18
C4 GHP C 4 3.18 3.30 3.04
O4 GHP C 4 4.00 4.40 2.90
C5 GHP C 4 3.51 2.38 4.11
C6 GHP C 4 2.63 1.24 4.30
H GHP C 4 0.55 -0.28 5.90
HA GHP C 4 0.92 -1.00 3.03
HC2 GHP C 4 0.28 1.80 1.88
H6 GHP C 4 2.85 0.54 5.09
N GHP C 5 -1.21 0.01 2.20
CA GHP C 5 -2.54 0.39 1.77
C GHP C 5 -2.70 0.24 0.25
O GHP C 5 -2.20 -0.73 -0.30
C1 GHP C 5 -3.73 -0.25 2.43
C2 GHP C 5 -4.65 0.62 3.07
C3 GHP C 5 -5.89 0.17 3.58
C4 GHP C 5 -6.20 -1.23 3.50
O4 GHP C 5 -7.40 -1.69 4.02
C5 GHP C 5 -5.27 -2.15 2.89
C6 GHP C 5 -4.03 -1.66 2.35
H GHP C 5 -0.55 -0.35 1.54
HA GHP C 5 -2.53 1.44 2.04
HC2 GHP C 5 -4.42 1.67 3.13
HO4 GHP C 5 -7.45 -2.63 3.90
H5 GHP C 5 -5.51 -3.20 2.83
H6 GHP C 5 -3.34 -2.34 1.87
N OMY C 6 -3.39 1.19 -0.44
CA OMY C 6 -4.03 2.40 0.07
OCZ OMY C 6 1.81 4.03 1.13
CE2 OMY C 6 0.30 3.69 -0.81
CE1 OMY C 6 -0.57 4.46 1.38
CZ OMY C 6 0.54 4.09 0.55
CG OMY C 6 -2.16 3.86 -0.43
CD2 OMY C 6 -1.05 3.58 -1.30
CD1 OMY C 6 -1.91 4.35 0.89
CB OMY C 6 -3.60 3.57 -0.78
CL OMY C 6 -0.28 5.01 2.99
O OMY C 6 -6.24 1.75 -0.72
C OMY C 6 -5.56 2.18 0.20
ODE OMY C 6 -3.72 3.24 -2.14
H OMY C 6 -3.46 1.05 -1.44
HA OMY C 6 -3.68 2.57 1.09
HE2 OMY C 6 1.14 3.45 -1.46
HD2 OMY C 6 -1.25 3.26 -2.33
HD1 OMY C 6 -2.75 4.61 1.52
HB OMY C 6 -4.21 4.45 -0.56
N 3FG C 7 -5.99 2.50 1.44
OD1 3FG C 7 -6.31 0.11 6.30
CD1 3FG C 7 -6.94 1.11 5.60
CG1 3FG C 7 -6.80 1.19 4.18
CZ 3FG C 7 -7.73 2.08 6.30
CD2 3FG C 7 -8.40 3.12 5.59
OD2 3FG C 7 -9.15 4.06 6.26
CG2 3FG C 7 -8.26 3.20 4.16
CB 3FG C 7 -7.47 2.24 3.43
CA 3FG C 7 -7.35 2.35 1.89
C 3FG C 7 -8.12 3.54 1.29
O 3FG C 7 -9.29 3.35 0.92
OXT 3FG C 7 -7.55 4.62 1.20
H 3FG C 7 -5.32 2.85 2.09
HA 3FG C 7 -7.65 1.42 1.44
HD1 3FG C 7 -6.50 0.20 7.22
HZ 3FG C 7 -7.79 2.02 7.37
HD2 3FG C 7 -9.52 4.68 5.65
HG2 3FG C 7 -8.76 4.00 3.62
N MLU D 1 0.70 0.45 -12.10
CN MLU D 1 1.17 1.83 -11.98
CA MLU D 1 -0.05 0.07 -10.91
C MLU D 1 -1.26 0.99 -10.70
O MLU D 1 -2.15 1.06 -11.54
CB MLU D 1 -0.57 -1.37 -10.97
CG MLU D 1 0.55 -2.40 -11.06
CD1 MLU D 1 1.47 -2.32 -9.83
CD2 MLU D 1 -0.02 -3.81 -11.20
H1 MLU D 1 0.08 0.37 -12.93
H2 MLU D 1 1.51 -0.19 -12.20
HCN1 MLU D 1 1.73 2.09 -12.88
HCN2 MLU D 1 0.31 2.49 -11.87
HCN3 MLU D 1 1.82 1.91 -11.11
HA MLU D 1 0.61 0.18 -10.04
HB2 MLU D 1 -1.22 -1.47 -11.83
HB3 MLU D 1 -1.17 -1.58 -10.10
HG MLU D 1 1.16 -2.18 -11.95
HD11 MLU D 1 2.29 -3.03 -9.91
HD12 MLU D 1 1.89 -1.32 -9.74
HD13 MLU D 1 0.90 -2.54 -8.92
HD21 MLU D 1 0.77 -4.54 -11.28
HD22 MLU D 1 -0.63 -4.06 -10.32
HD23 MLU D 1 -0.66 -3.89 -12.07
N OMZ D 2 -1.23 1.68 -9.55
CA OMZ D 2 -2.35 2.57 -9.25
C OMZ D 2 -3.20 1.95 -8.12
O OMZ D 2 -4.41 2.09 -8.12
CB OMZ D 2 -1.89 4.03 -9.03
OC OMZ D 2 -1.30 4.52 -10.21
CG OMZ D 2 -0.90 4.18 -7.90
CD1 OMZ D 2 -1.24 4.98 -6.75
CD2 OMZ D 2 0.37 3.50 -7.97
CE1 OMZ D 2 -0.34 5.03 -5.64
CL OMZ D 2 -0.75 5.95 -4.23
CE2 OMZ D 2 1.28 3.56 -6.84
CZ OMZ D 2 0.90 4.28 -5.66
OH OMZ D 2 1.65 4.12 -4.48
H OMZ D 2 -0.48 1.56 -8.90
HA OMZ D 2 -2.98 2.54 -10.14
HB OMZ D 2 -2.76 4.65 -8.81
HC OMZ D 2 -1.09 5.42 -10.04
HD1 OMZ D 2 -2.16 5.52 -6.70
HD2 OMZ D 2 0.65 2.94 -8.84
HE2 OMZ D 2 2.21 3.03 -6.88
N ASN D 3 -2.53 1.25 -7.17
CA ASN D 3 -3.37 0.63 -6.14
C ASN D 3 -2.71 0.55 -4.76
N GHP D 4 -1.50 -0.05 -4.73
CA GHP D 4 -0.84 -0.17 -3.44
C GHP D 4 -0.58 -1.65 -3.09
O GHP D 4 -0.54 -2.54 -3.93
C1 GHP D 4 0.43 0.65 -3.37
C2 GHP D 4 1.64 0.19 -2.75
C3 GHP D 4 2.81 1.06 -2.62
C4 GHP D 4 2.75 2.36 -3.20
O4 GHP D 4 3.84 3.21 -3.08
C5 GHP D 4 1.58 2.84 -3.89
C6 GHP D 4 0.41 1.96 -3.93
H GHP D 4 -1.08 -0.41 -5.57
HA GHP D 4 -1.54 0.27 -2.72
HC2 GHP D 4 1.68 -0.82 -2.36
H6 GHP D 4 -0.49 2.31 -4.41
N GHP D 5 -0.39 -1.80 -1.76
CA GHP D 5 -0.06 -3.08 -1.18
C GHP D 5 0.06 -2.95 0.35
O GHP D 5 -0.73 -2.22 0.94
C1 GHP D 5 -0.97 -4.23 -1.46
C2 GHP D 5 -0.37 -5.42 -1.97
C3 GHP D 5 -1.09 -6.63 -2.15
C4 GHP D 5 -2.48 -6.65 -1.82
O4 GHP D 5 -3.21 -7.81 -1.99
C5 GHP D 5 -3.14 -5.47 -1.31
C6 GHP D 5 -2.38 -4.25 -1.13
H GHP D 5 -0.45 -1.00 -1.17
HA GHP D 5 0.91 -3.29 -1.62
HC2 GHP D 5 0.68 -5.39 -2.22
HO4 GHP D 5 -4.11 -7.66 -1.73
H5 GHP D 5 -4.19 -5.48 -1.06
H6 GHP D 5 -2.85 -3.37 -0.73
N OMY D 6 1.03 -3.65 1.00
CA OMY D 6 2.02 -4.55 0.44
OCZ OMY D 6 4.04 0.76 -1.96
CE2 OMY D 6 4.02 -0.36 0.23
CE1 OMY D 6 4.09 -1.66 -1.87
CZ OMY D 6 4.09 -0.40 -1.21
CG OMY D 6 3.76 -2.84 0.29
CD2 OMY D 6 3.83 -1.58 0.98
CD1 OMY D 6 3.94 -2.88 -1.14
CB OMY D 6 3.38 -4.13 0.99
CL OMY D 6 4.24 -1.73 -3.59
O OMY D 6 1.26 -6.47 1.72
C OMY D 6 1.61 -6.02 0.63
ODE OMY D 6 3.31 -3.94 2.38
H OMY D 6 1.06 -3.52 2.00
HA OMY D 6 2.04 -4.42 -0.63
HE2 OMY D 6 4.09 0.60 0.73
HD2 OMY D 6 3.74 -1.55 2.07
HD1 OMY D 6 3.90 -3.82 -1.65
HB OMY D 6 4.11 -4.91 0.80
N 3FG D 7 1.67 -6.70 -0.53
OD1 3FG D 7 -1.91 -7.63 -4.54
CD1 3FG D 7 -0.85 -8.28 -3.94
CG1 3FG D 7 -0.38 -7.83 -2.67
CZ 3FG D 7 -0.24 -9.39 -4.59
CD2 3FG D 7 0.86 -10.07 -3.98
OD2 3FG D 7 1.46 -11.14 -4.60
CG2 3FG D 7 1.34 -9.62 -2.70
CB 3FG D 7 0.74 -8.50 -2.02
CA 3FG D 7 1.28 -8.08 -0.64
C 3FG D 7 2.49 -8.90 -0.16
O 3FG D 7 2.31 -9.84 0.61
OXT 3FG D 7 3.61 -8.57 -0.57
H 3FG D 7 2.00 -6.23 -1.35
HA 3FG D 7 0.47 -8.15 0.09
HD1 3FG D 7 -2.10 -8.05 -5.38
HZ 3FG D 7 -0.59 -9.71 -5.57
HD2 3FG D 7 1.03 -11.30 -5.44
HG2 3FG D 7 2.18 -10.13 -2.24
C2 BGC E . 5.62 5.65 1.71
C3 BGC E . 6.60 5.65 0.52
C4 BGC E . 7.28 4.29 0.38
C5 BGC E . 6.24 3.18 0.40
C6 BGC E . 6.85 1.78 0.41
C1 BGC E . 4.68 4.43 1.66
O2 BGC E . 4.87 6.83 1.72
O3 BGC E . 7.55 6.65 0.75
O4 BGC E . 7.97 4.24 -0.84
O5 BGC E . 5.47 3.27 1.57
O6 BGC E . 7.80 1.67 1.43
H2 BGC E . 6.19 5.59 2.63
H3 BGC E . 6.06 5.89 -0.39
H4 BGC E . 8.00 4.14 1.19
H5 BGC E . 5.59 3.30 -0.47
H61 BGC E . 6.08 1.04 0.59
H62 BGC E . 7.33 1.52 -0.53
H1 BGC E . 3.98 4.48 0.84
HO3 BGC E . 8.01 6.42 1.54
HO4 BGC E . 8.76 3.75 -0.69
HO6 BGC E . 8.13 0.78 1.41
C1 RER E . 5.46 7.82 2.53
C2 RER E . 4.66 9.13 2.45
C3 RER E . 3.29 9.01 3.11
N3 RER E . 2.71 10.34 3.27
C3A RER E . 2.35 8.17 2.25
C4 RER E . 3.45 8.38 4.49
O4 RER E . 2.19 8.13 5.06
C5 RER E . 4.23 7.06 4.38
O5 RER E . 5.51 7.37 3.86
C5A RER E . 4.38 6.35 5.72
H1 RER E . 6.47 8.00 2.17
H21C RER E . 5.23 9.91 2.96
H22C RER E . 4.55 9.45 1.41
HO1 RER E . 2.60 10.78 2.34
H31N RER E . 3.34 10.92 3.86
H32N RER E . 1.78 10.26 3.72
H3A1 RER E . 1.36 8.09 2.71
H3A2 RER E . 2.23 8.62 1.27
H3A3 RER E . 2.74 7.16 2.11
H4 RER E . 3.98 9.05 5.16
HO4 RER E . 1.73 7.54 4.48
H5 RER E . 3.71 6.42 3.69
H5A1 RER E . 4.95 5.43 5.60
H5A2 RER E . 4.92 6.98 6.44
H5A3 RER E . 3.42 6.11 6.14
C2 BGC F . 5.61 4.35 -4.12
C3 BGC F . 6.55 4.41 -5.32
C4 BGC F . 7.09 3.02 -5.63
C5 BGC F . 6.00 1.95 -5.64
C6 BGC F . 6.63 0.57 -5.74
C1 BGC F . 4.59 3.23 -4.28
O2 BGC F . 4.90 5.56 -4.02
O3 BGC F . 7.61 5.28 -5.01
O4 BGC F . 7.69 3.03 -6.90
O5 BGC F . 5.27 2.01 -4.42
O6 BGC F . 7.56 0.37 -4.70
H2 BGC F . 6.17 4.19 -3.20
H3 BGC F . 6.01 4.80 -6.17
H4 BGC F . 7.84 2.71 -4.90
H5 BGC F . 5.31 2.12 -6.46
H61 BGC F . 5.87 -0.20 -5.67
H62 BGC F . 7.14 0.45 -6.70
H1 BGC F . 3.95 3.41 -5.14
HO3 BGC F . 7.37 6.12 -5.37
HO4 BGC F . 8.61 3.22 -6.77
HO6 BGC F . 7.91 -0.50 -4.82
C1 RER F . 5.34 6.40 -2.98
C2 RER F . 5.31 7.84 -3.49
C3 RER F . 3.88 8.33 -3.76
N3 RER F . 3.91 9.77 -4.01
C3A RER F . 3.26 7.64 -4.98
C4 RER F . 3.03 8.05 -2.54
O4 RER F . 1.69 8.39 -2.79
C5 RER F . 3.13 6.57 -2.14
O5 RER F . 4.49 6.28 -1.87
C5A RER F . 2.33 6.28 -0.86
H1 RER F . 6.33 6.10 -2.68
H21C RER F . 5.78 8.48 -2.75
H22C RER F . 5.91 7.92 -4.40
HO1 RER F . 2.95 10.11 -4.17
H31N RER F . 4.50 9.96 -4.85
H32N RER F . 4.32 10.25 -3.19
H3A1 RER F . 3.12 6.57 -4.81
H3A2 RER F . 2.29 8.06 -5.21
H3A3 RER F . 3.90 7.76 -5.86
H4 RER F . 3.37 8.67 -1.70
HO4 RER F . 1.41 7.84 -3.51
H5 RER F . 2.79 5.94 -2.95
H5A1 RER F . 2.64 6.92 -0.04
H5A2 RER F . 1.26 6.43 -1.04
H5A3 RER F . 2.49 5.24 -0.56
C1 RER G . -3.56 4.36 -2.98
C2 RER G . -3.80 3.90 -4.42
C3 RER G . -5.29 3.80 -4.79
N3 RER G . -5.43 3.78 -6.24
C3A RER G . -5.93 2.55 -4.20
C4 RER G . -5.97 5.04 -4.26
O4 RER G . -7.33 5.06 -4.62
C5 RER G . -5.78 5.11 -2.75
O5 RER G . -4.43 5.39 -2.56
C5A RER G . -6.63 6.21 -2.10
H1 RER G . -2.56 4.75 -2.91
H21C RER G . -3.33 2.94 -4.60
H22C RER G . -3.24 4.56 -5.06
HO1 RER G . -6.44 3.73 -6.48
H31N RER G . -4.95 2.94 -6.63
H32N RER G . -5.00 4.63 -6.65
H3A1 RER G . -5.64 2.41 -3.15
H3A2 RER G . -5.63 1.65 -4.73
H3A3 RER G . -7.02 2.61 -4.25
H4 RER G . -5.47 5.90 -4.70
HO4 RER G . -7.39 5.57 -5.41
H5 RER G . -6.01 4.14 -2.29
H5A1 RER G . -6.46 6.24 -1.03
H5A2 RER G . -6.38 7.18 -2.52
H5A3 RER G . -7.69 6.03 -2.27
C1 RER H . 4.56 -3.79 3.00
C2 RER H . 4.32 -3.75 4.51
C3 RER H . 4.06 -5.13 5.12
N3 RER H . 4.19 -5.06 6.56
C3A RER H . 2.66 -5.64 4.77
C4 RER H . 5.11 -6.07 4.58
O4 RER H . 4.96 -7.36 5.11
C5 RER H . 5.04 -6.10 3.05
O5 RER H . 5.44 -4.83 2.62
C5A RER H . 5.98 -7.13 2.43
H1 RER H . 5.05 -2.87 2.71
H21C RER H . 3.48 -3.11 4.75
H22C RER H . 5.15 -3.23 4.95
HO1 RER H . 5.14 -4.73 6.82
H31N RER H . 4.04 -6.00 6.98
H32N RER H . 3.48 -4.40 6.95
H3A1 RER H . 1.89 -5.09 5.28
H3A2 RER H . 2.45 -5.55 3.70
H3A3 RER H . 2.55 -6.70 5.05
H4 RER H . 6.08 -5.68 4.89
HO4 RER H . 5.54 -7.42 5.86
H5 RER H . 4.02 -6.28 2.74
H5A1 RER H . 5.72 -8.14 2.76
H5A2 RER H . 7.02 -6.95 2.72
H5A3 RER H . 5.93 -7.10 1.34
N ALA A 1 -5.13 10.84 -4.23
CA ALA A 1 -5.61 9.55 -3.74
C ALA A 1 -4.46 8.59 -3.48
N FGA A 2 -3.86 8.78 -2.28
CA FGA A 2 -2.77 7.89 -1.97
C FGA A 2 -1.45 8.49 -2.50
O FGA A 2 -0.60 8.82 -1.68
CB FGA A 2 -2.70 7.65 -0.48
CG FGA A 2 -4.04 7.19 0.09
CD FGA A 2 -3.86 6.71 1.54
OE1 FGA A 2 -2.76 6.70 2.09
H FGA A 2 -4.14 9.48 -1.64
HA FGA A 2 -2.98 6.95 -2.49
HB2 FGA A 2 -1.93 6.91 -0.26
HB3 FGA A 2 -2.40 8.59 0.01
HG2 FGA A 2 -4.76 8.01 0.07
HG3 FGA A 2 -4.46 6.38 -0.49
N LYS A 3 -5.02 6.35 2.12
CA LYS A 3 -5.03 5.96 3.51
C LYS A 3 -4.15 4.71 3.74
N DAL A 4 -3.40 4.74 4.85
CA DAL A 4 -2.58 3.55 5.10
CB DAL A 4 -3.47 2.44 5.68
C DAL A 4 -1.45 3.89 6.06
O DAL A 4 -1.28 5.02 6.51
H DAL A 4 -3.43 5.51 5.49
HA DAL A 4 -2.16 3.23 4.14
HB1 DAL A 4 -4.29 2.20 5.01
HB2 DAL A 4 -2.89 1.53 5.86
HB3 DAL A 4 -3.90 2.75 6.64
N DAL A 5 -0.69 2.81 6.34
CA DAL A 5 0.44 2.95 7.23
CB DAL A 5 1.45 3.95 6.67
C DAL A 5 1.08 1.57 7.44
O DAL A 5 2.19 1.36 6.95
OXT DAL A 5 0.47 0.74 8.10
H DAL A 5 -0.91 1.93 5.93
HA DAL A 5 0.03 3.30 8.17
HB1 DAL A 5 0.99 4.93 6.52
HB2 DAL A 5 2.29 4.08 7.36
HB3 DAL A 5 1.84 3.62 5.72
N ALA B 1 11.31 -4.26 -1.97
CA ALA B 1 10.74 -3.75 -0.72
C ALA B 1 9.55 -4.58 -0.27
N FGA B 2 8.95 -3.99 0.77
CA FGA B 2 7.77 -4.52 1.39
C FGA B 2 7.52 -3.73 2.68
O FGA B 2 7.50 -4.34 3.75
CB FGA B 2 6.64 -4.37 0.39
CG FGA B 2 6.30 -5.67 -0.37
CD FGA B 2 5.77 -5.47 -1.79
OE1 FGA B 2 5.87 -4.40 -2.39
H FGA B 2 9.35 -3.14 1.13
HA FGA B 2 7.92 -5.57 1.63
HB2 FGA B 2 5.82 -4.07 0.99
HB3 FGA B 2 6.87 -3.57 -0.30
HG2 FGA B 2 7.16 -6.30 -0.47
HG3 FGA B 2 5.58 -6.26 0.19
N LYS B 3 5.21 -6.61 -2.23
CA LYS B 3 4.54 -6.68 -3.52
C LYS B 3 3.36 -5.70 -3.59
N DAL B 4 3.05 -5.32 -4.84
CA DAL B 4 1.95 -4.40 -5.00
CB DAL B 4 0.66 -5.20 -5.31
C DAL B 4 2.26 -3.42 -6.13
O DAL B 4 2.78 -3.78 -7.18
H DAL B 4 3.57 -5.66 -5.63
HA DAL B 4 1.83 -3.85 -4.07
HB1 DAL B 4 0.45 -5.90 -4.51
HB2 DAL B 4 -0.19 -4.53 -5.42
HB3 DAL B 4 0.78 -5.77 -6.24
N DAL B 5 1.90 -2.15 -5.83
CA DAL B 5 2.14 -1.10 -6.79
CB DAL B 5 3.29 -0.22 -6.35
C DAL B 5 0.86 -0.29 -7.00
O DAL B 5 -0.04 -0.76 -7.69
OXT DAL B 5 0.77 0.81 -6.45
H DAL B 5 1.45 -1.91 -4.98
HA DAL B 5 2.39 -1.62 -7.72
HB1 DAL B 5 4.20 -0.79 -6.21
HB2 DAL B 5 3.50 0.57 -7.09
HB3 DAL B 5 3.05 0.29 -5.41
N MLU C 1 1.59 1.78 12.25
CN MLU C 1 3.03 2.07 12.21
CA MLU C 1 1.18 1.11 11.02
C MLU C 1 1.96 -0.19 10.82
O MLU C 1 1.85 -1.11 11.62
CB MLU C 1 -0.31 0.78 11.02
CG MLU C 1 -1.18 1.99 11.37
CD1 MLU C 1 -1.09 3.07 10.30
CD2 MLU C 1 -2.63 1.54 11.56
H1 MLU C 1 1.40 1.15 13.06
H2 MLU C 1 1.07 2.66 12.36
HCN1 MLU C 1 3.58 1.14 12.10
HCN2 MLU C 1 3.23 2.73 11.36
HCN3 MLU C 1 3.31 2.57 13.14
HA MLU C 1 1.41 1.80 10.19
HB2 MLU C 1 -0.49 -0.01 11.74
HB3 MLU C 1 -0.60 0.39 10.04
HG MLU C 1 -0.82 2.40 12.32
HD11 MLU C 1 -1.46 2.70 9.34
HD12 MLU C 1 -1.67 3.94 10.58
HD13 MLU C 1 -0.06 3.39 10.16
HD21 MLU C 1 -3.26 2.39 11.84
HD22 MLU C 1 -3.03 1.12 10.64
HD23 MLU C 1 -2.71 0.79 12.34
N OMZ C 2 2.73 -0.21 9.72
CA OMZ C 2 3.49 -1.42 9.46
C OMZ C 2 2.73 -2.32 8.46
O OMZ C 2 2.70 -3.52 8.62
CB OMZ C 2 4.96 -1.11 9.09
OC OMZ C 2 5.63 -0.64 10.24
CG OMZ C 2 5.07 -0.07 8.02
CD1 OMZ C 2 5.40 -0.46 6.67
CD2 OMZ C 2 4.80 1.32 8.33
CE1 OMZ C 2 5.37 0.53 5.63
CL OMZ C 2 5.71 0.05 4.00
CE2 OMZ C 2 4.77 2.29 7.26
CZ OMZ C 2 5.00 1.89 5.91
OH OMZ C 2 4.72 2.74 4.83
H OMZ C 2 2.77 0.58 9.11
HA OMZ C 2 3.49 -1.97 10.40
HB OMZ C 2 5.46 -2.01 8.77
HC OMZ C 2 6.52 -0.49 9.99
HD1 OMZ C 2 5.64 -1.49 6.44
HD2 OMZ C 2 4.59 1.62 9.34
HE2 OMZ C 2 4.54 3.33 7.49
N ASN C 3 2.10 -1.69 7.43
CA ASN C 3 1.36 -2.59 6.54
C ASN C 3 1.22 -2.05 5.09
N GHP C 4 0.84 -0.77 5.02
CA GHP C 4 0.68 -0.20 3.68
C GHP C 4 -0.79 0.17 3.43
O GHP C 4 -1.53 0.56 4.33
C1 GHP C 4 1.55 1.03 3.44
C2 GHP C 4 1.23 1.99 2.42
C3 GHP C 4 2.06 3.16 2.16
C4 GHP C 4 3.22 3.36 2.99
O4 GHP C 4 4.03 4.46 2.86
C5 GHP C 4 3.56 2.42 4.05
C6 GHP C 4 2.70 1.26 4.23
H GHP C 4 0.67 -0.23 5.84
HA GHP C 4 1.02 -0.97 2.98
HC2 GHP C 4 0.32 1.85 1.85
H6 GHP C 4 2.94 0.56 5.01
N GHP C 5 -1.14 0.01 2.14
CA GHP C 5 -2.48 0.38 1.73
C GHP C 5 -2.66 0.24 0.20
O GHP C 5 -2.16 -0.73 -0.35
C1 GHP C 5 -3.64 -0.28 2.40
C2 GHP C 5 -4.57 0.59 3.04
C3 GHP C 5 -5.80 0.12 3.57
C4 GHP C 5 -6.09 -1.28 3.52
O4 GHP C 5 -7.27 -1.76 4.05
C5 GHP C 5 -5.16 -2.20 2.90
C6 GHP C 5 -3.93 -1.69 2.34
H GHP C 5 -0.49 -0.34 1.47
HA GHP C 5 -2.47 1.43 2.00
HC2 GHP C 5 -4.37 1.64 3.09
HO4 GHP C 5 -7.31 -2.70 3.93
H5 GHP C 5 -5.38 -3.25 2.86
H6 GHP C 5 -3.24 -2.36 1.86
N OMY C 6 -3.37 1.18 -0.46
CA OMY C 6 -4.03 2.37 0.08
OCZ OMY C 6 1.81 4.11 1.12
CE2 OMY C 6 0.30 3.75 -0.82
CE1 OMY C 6 -0.58 4.48 1.37
CZ OMY C 6 0.53 4.15 0.54
CG OMY C 6 -2.17 3.87 -0.43
CD2 OMY C 6 -1.05 3.61 -1.31
CD1 OMY C 6 -1.92 4.36 0.90
CB OMY C 6 -3.60 3.55 -0.79
CL OMY C 6 -0.30 5.03 3.00
O OMY C 6 -6.23 1.70 -0.71
C OMY C 6 -5.54 2.14 0.20
ODE OMY C 6 -3.71 3.21 -2.14
H OMY C 6 -3.45 1.03 -1.46
HA OMY C 6 -3.66 2.55 1.08
HE2 OMY C 6 1.14 3.53 -1.47
HD2 OMY C 6 -1.25 3.30 -2.33
HD1 OMY C 6 -2.76 4.60 1.53
HB OMY C 6 -4.22 4.42 -0.57
N 3FG C 7 -5.97 2.45 1.45
OD1 3FG C 7 -6.19 0.05 6.29
CD1 3FG C 7 -6.85 1.04 5.60
CG1 3FG C 7 -6.72 1.11 4.19
CZ 3FG C 7 -7.66 1.98 6.32
CD2 3FG C 7 -8.36 3.01 5.61
OD2 3FG C 7 -9.14 3.92 6.29
CG2 3FG C 7 -8.24 3.10 4.19
CB 3FG C 7 -7.43 2.16 3.44
CA 3FG C 7 -7.32 2.28 1.91
C 3FG C 7 -8.12 3.46 1.31
O 3FG C 7 -9.31 3.28 1.03
OXT 3FG C 7 -7.53 4.53 1.14
H 3FG C 7 -5.30 2.82 2.09
HA 3FG C 7 -7.61 1.34 1.45
HD1 3FG C 7 -5.69 -0.49 5.68
HZ 3FG C 7 -7.72 1.92 7.39
HD2 3FG C 7 -9.11 3.73 7.22
HG2 3FG C 7 -8.75 3.88 3.65
N MLU D 1 0.82 0.39 -12.10
CN MLU D 1 1.28 1.77 -12.01
CA MLU D 1 0.06 0.02 -10.90
C MLU D 1 -1.16 0.94 -10.73
O MLU D 1 -2.01 1.04 -11.61
CB MLU D 1 -0.45 -1.42 -10.95
CG MLU D 1 0.68 -2.43 -11.02
CD1 MLU D 1 1.61 -2.32 -9.81
CD2 MLU D 1 0.11 -3.85 -11.13
H1 MLU D 1 0.21 0.28 -12.93
H2 MLU D 1 1.63 -0.25 -12.18
HCN1 MLU D 1 1.91 1.87 -11.13
HCN2 MLU D 1 1.84 2.01 -12.90
HCN3 MLU D 1 0.41 2.42 -11.92
HA MLU D 1 0.71 0.15 -10.04
HB2 MLU D 1 -1.11 -1.54 -11.80
HB3 MLU D 1 -1.05 -1.62 -10.05
HG MLU D 1 1.27 -2.23 -11.92
HD11 MLU D 1 2.43 -3.04 -9.88
HD12 MLU D 1 2.03 -1.32 -9.73
HD13 MLU D 1 1.06 -2.53 -8.89
HD21 MLU D 1 -0.48 -4.10 -10.26
HD22 MLU D 1 -0.53 -3.94 -12.01
HD23 MLU D 1 0.91 -4.59 -11.22
N OMZ D 2 -1.19 1.60 -9.55
CA OMZ D 2 -2.31 2.48 -9.28
C OMZ D 2 -3.17 1.89 -8.15
O OMZ D 2 -4.38 2.04 -8.16
CB OMZ D 2 -1.86 3.94 -9.07
OC OMZ D 2 -1.25 4.41 -10.25
CG OMZ D 2 -0.90 4.10 -7.94
CD1 OMZ D 2 -1.25 4.91 -6.80
CD2 OMZ D 2 0.39 3.43 -7.97
CE1 OMZ D 2 -0.36 4.98 -5.67
CL OMZ D 2 -0.79 5.92 -4.29
CE2 OMZ D 2 1.27 3.51 -6.84
CZ OMZ D 2 0.87 4.24 -5.67
OH OMZ D 2 1.61 4.11 -4.48
H OMZ D 2 -0.45 1.47 -8.88
HA OMZ D 2 -2.93 2.44 -10.17
HB OMZ D 2 -2.72 4.56 -8.89
HC OMZ D 2 -0.42 3.96 -10.33
HD1 OMZ D 2 -2.19 5.44 -6.77
HD2 OMZ D 2 0.68 2.86 -8.83
HE2 OMZ D 2 2.21 2.98 -6.85
N ASN D 3 -2.50 1.21 -7.18
CA ASN D 3 -3.37 0.63 -6.15
C ASN D 3 -2.71 0.51 -4.77
N GHP D 4 -1.50 -0.09 -4.75
CA GHP D 4 -0.84 -0.22 -3.45
C GHP D 4 -0.53 -1.70 -3.14
O GHP D 4 -0.42 -2.55 -4.01
C1 GHP D 4 0.41 0.64 -3.35
C2 GHP D 4 1.59 0.22 -2.64
C3 GHP D 4 2.74 1.10 -2.48
C4 GHP D 4 2.70 2.39 -3.11
O4 GHP D 4 3.76 3.25 -2.97
C5 GHP D 4 1.55 2.83 -3.87
C6 GHP D 4 0.41 1.93 -3.94
H GHP D 4 -1.07 -0.42 -5.59
HA GHP D 4 -1.55 0.19 -2.73
HC2 GHP D 4 1.63 -0.77 -2.21
H6 GHP D 4 -0.47 2.25 -4.48
N GHP D 5 -0.40 -1.89 -1.80
CA GHP D 5 -0.05 -3.19 -1.24
C GHP D 5 0.08 -3.05 0.29
O GHP D 5 -0.70 -2.32 0.89
C1 GHP D 5 -0.97 -4.33 -1.52
C2 GHP D 5 -0.39 -5.49 -2.10
C3 GHP D 5 -1.12 -6.70 -2.25
C4 GHP D 5 -2.50 -6.74 -1.86
O4 GHP D 5 -3.22 -7.90 -2.03
C5 GHP D 5 -3.13 -5.58 -1.28
C6 GHP D 5 -2.36 -4.36 -1.10
H GHP D 5 -0.53 -1.12 -1.19
HA GHP D 5 0.91 -3.40 -1.67
HC2 GHP D 5 0.64 -5.46 -2.41
HO4 GHP D 5 -4.10 -7.78 -1.71
H5 GHP D 5 -4.16 -5.61 -0.97
H6 GHP D 5 -2.81 -3.50 -0.64
N OMY D 6 1.05 -3.75 0.93
CA OMY D 6 2.06 -4.67 0.36
OCZ OMY D 6 3.93 0.83 -1.75
CE2 OMY D 6 3.92 -0.41 0.40
CE1 OMY D 6 4.06 -1.60 -1.77
CZ OMY D 6 4.01 -0.37 -1.04
CG OMY D 6 3.74 -2.90 0.32
CD2 OMY D 6 3.78 -1.67 1.08
CD1 OMY D 6 3.93 -2.85 -1.10
CB OMY D 6 3.41 -4.25 0.93
CL OMY D 6 4.22 -1.56 -3.50
O OMY D 6 1.38 -6.61 1.66
C OMY D 6 1.65 -6.13 0.56
ODE OMY D 6 3.33 -4.15 2.32
H OMY D 6 1.07 -3.62 1.92
HA OMY D 6 2.13 -4.54 -0.71
HE2 OMY D 6 3.97 0.53 0.93
HD2 OMY D 6 3.68 -1.71 2.16
HD1 OMY D 6 3.94 -3.80 -1.64
HB OMY D 6 4.14 -5.00 0.63
N 3FG D 7 1.62 -6.80 -0.63
OD1 3FG D 7 -1.90 -7.61 -4.73
CD1 3FG D 7 -0.83 -8.26 -4.14
CG1 3FG D 7 -0.40 -7.86 -2.84
CZ 3FG D 7 -0.18 -9.32 -4.84
CD2 3FG D 7 0.94 -9.99 -4.24
OD2 3FG D 7 1.59 -11.01 -4.91
CG2 3FG D 7 1.37 -9.61 -2.93
CB 3FG D 7 0.71 -8.54 -2.20
CA 3FG D 7 1.20 -8.18 -0.78
C 3FG D 7 2.36 -9.05 -0.26
O 3FG D 7 2.10 -10.02 0.45
OXT 3FG D 7 3.51 -8.73 -0.58
H 3FG D 7 1.88 -6.31 -1.45
HA 3FG D 7 0.35 -8.25 -0.10
HD1 3FG D 7 -2.07 -7.99 -5.58
HZ 3FG D 7 -0.51 -9.58 -5.83
HD2 3FG D 7 2.30 -11.34 -4.37
HG2 3FG D 7 2.23 -10.10 -2.48
C2 BGC E . 5.61 5.72 1.58
C3 BGC E . 6.42 5.78 0.29
C4 BGC E . 7.02 4.41 -0.05
C5 BGC E . 5.96 3.31 0.10
C6 BGC E . 6.55 1.92 -0.07
C1 BGC E . 4.65 4.54 1.59
O2 BGC E . 4.88 6.93 1.73
O3 BGC E . 7.44 6.72 0.43
O4 BGC E . 7.48 4.42 -1.37
O5 BGC E . 5.42 3.37 1.40
O6 BGC E . 7.79 1.79 0.59
H2 BGC E . 6.29 5.62 2.43
H3 BGC E . 5.78 6.11 -0.53
H4 BGC E . 7.86 4.21 0.61
H5 BGC E . 5.18 3.46 -0.63
H61 BGC E . 5.86 1.19 0.34
H62 BGC E . 6.69 1.66 -1.13
H1 BGC E . 3.91 4.63 0.80
HO3 BGC E . 7.55 7.15 -0.41
HO4 BGC E . 8.41 4.63 -1.34
HO6 BGC E . 8.08 0.89 0.45
C1 RER E . 5.59 7.87 2.51
C2 RER E . 4.83 9.20 2.57
C3 RER E . 3.51 9.09 3.35
N3 RER E . 3.00 10.43 3.62
C3A RER E . 2.47 8.33 2.54
C4 RER E . 3.78 8.38 4.67
O4 RER E . 2.55 8.14 5.33
C5 RER E . 4.50 7.06 4.42
O5 RER E . 5.74 7.35 3.81
C5A RER E . 4.74 6.26 5.70
H1 RER E . 6.57 8.03 2.07
H21C RER E . 5.46 9.95 3.04
H22C RER E . 4.63 9.56 1.56
HO1 RER E . 2.12 10.37 4.16
H31N RER E . 2.83 10.92 2.72
H32N RER E . 3.71 10.96 4.18
H3A1 RER E . 2.80 7.31 2.31
H3A2 RER E . 1.53 8.26 3.08
H3A3 RER E . 2.26 8.84 1.59
H4 RER E . 4.38 9.01 5.32
HO4 RER E . 2.72 8.24 6.25
H5 RER E . 3.90 6.46 3.73
H5A1 RER E . 3.80 6.02 6.19
H5A2 RER E . 5.27 5.33 5.50
H5A3 RER E . 5.34 6.83 6.41
C2 BGC F . 5.29 4.72 -4.01
C3 BGC F . 6.15 4.97 -5.25
C4 BGC F . 6.84 3.69 -5.69
C5 BGC F . 5.85 2.52 -5.76
C6 BGC F . 6.61 1.23 -6.06
C1 BGC F . 4.41 3.50 -4.20
O2 BGC F . 4.45 5.83 -3.78
O3 BGC F . 7.11 5.95 -4.95
O4 BGC F . 7.40 3.88 -6.97
O5 BGC F . 5.20 2.39 -4.52
O6 BGC F . 7.61 1.01 -5.09
H2 BGC F . 5.93 4.55 -3.15
H3 BGC F . 5.52 5.36 -6.06
H4 BGC F . 7.63 3.40 -5.01
H5 BGC F . 5.11 2.70 -6.53
H61 BGC F . 5.94 0.38 -6.03
H62 BGC F . 7.09 1.26 -7.04
H1 BGC F . 3.69 3.69 -5.01
HO3 BGC F . 6.75 6.79 -5.22
HO4 BGC F . 8.30 4.14 -6.83
HO6 BGC F . 8.04 0.20 -5.32
C1 RER F . 4.95 6.75 -2.84
C2 RER F . 5.03 8.14 -3.49
C3 RER F . 3.65 8.68 -3.85
N3 RER F . 3.78 10.08 -4.22
C3A RER F . 3.03 7.92 -5.03
C4 RER F . 2.74 8.56 -2.63
O4 RER F . 1.43 8.93 -2.98
C5 RER F . 2.76 7.14 -2.07
O5 RER F . 4.08 6.81 -1.73
C5A RER F . 1.90 7.02 -0.82
H1 RER F . 5.94 6.42 -2.49
H21C RER F . 5.52 8.82 -2.80
H22C RER F . 5.67 8.09 -4.37
HO1 RER F . 4.40 10.17 -5.05
H31N RER F . 4.18 10.62 -3.42
H32N RER F . 2.84 10.47 -4.45
H3A1 RER F . 3.70 7.93 -5.89
H3A2 RER F . 2.10 8.40 -5.33
H3A3 RER F . 2.82 6.89 -4.77
H4 RER F . 3.08 9.25 -1.85
HO4 RER F . 1.34 9.85 -2.77
H5 RER F . 2.41 6.43 -2.83
H5A1 RER F . 2.23 7.71 -0.05
H5A2 RER F . 1.95 6.01 -0.41
H5A3 RER F . 0.85 7.23 -1.04
C1 RER G . -3.58 4.31 -3.00
C2 RER G . -3.81 3.83 -4.43
C3 RER G . -5.29 3.70 -4.78
N3 RER G . -5.45 3.64 -6.24
C3A RER G . -5.91 2.45 -4.16
C4 RER G . -5.99 4.95 -4.27
O4 RER G . -7.35 4.94 -4.62
C5 RER G . -5.81 5.05 -2.76
O5 RER G . -4.45 5.35 -2.59
C5A RER G . -6.65 6.17 -2.16
H1 RER G . -2.57 4.71 -2.94
H21C RER G . -3.33 2.89 -4.60
H22C RER G . -3.27 4.50 -5.08
HO1 RER G . -4.96 2.81 -6.60
H31N RER G . -5.04 4.49 -6.66
H32N RER G . -6.46 3.58 -6.47
H3A1 RER G . -6.99 2.46 -4.25
H3A2 RER G . -5.56 1.54 -4.64
H3A3 RER G . -5.66 2.35 -3.11
H4 RER G . -5.51 5.80 -4.74
HO4 RER G . -7.60 5.84 -4.79
H5 RER G . -6.02 4.10 -2.28
H5A1 RER G . -7.71 5.99 -2.30
H5A2 RER G . -6.40 7.13 -2.60
H5A3 RER G . -6.48 6.25 -1.08
C1 RER H . 4.57 -4.02 2.98
C2 RER H . 4.22 -3.83 4.46
C3 RER H . 3.73 -5.12 5.13
N3 RER H . 3.80 -4.96 6.59
C3A RER H . 2.29 -5.49 4.75
C4 RER H . 4.66 -6.24 4.74
O4 RER H . 4.25 -7.46 5.31
C5 RER H . 4.75 -6.34 3.21
O5 RER H . 5.37 -5.16 2.79
C5A RER H . 5.60 -7.54 2.77
H1 RER H . 5.13 -3.15 2.59
H21C RER H . 3.48 -3.07 4.59
H22C RER H . 5.09 -3.42 4.97
HO1 RER H . 3.51 -5.84 7.05
H31N RER H . 4.78 -4.73 6.86
H32N RER H . 3.17 -4.18 6.87
H3A1 RER H . 1.57 -4.72 5.00
H3A2 RER H . 1.99 -6.40 5.28
H3A3 RER H . 2.19 -5.69 3.69
H4 RER H . 5.64 -5.99 5.13
HO4 RER H . 4.72 -7.55 6.12
H5 RER H . 3.77 -6.40 2.75
H5A1 RER H . 5.69 -7.57 1.69
H5A2 RER H . 5.15 -8.48 3.11
H5A3 RER H . 6.60 -7.48 3.20
N ALA A 1 -5.27 10.55 -5.08
CA ALA A 1 -5.28 10.04 -3.72
C ALA A 1 -4.18 9.00 -3.51
N FGA A 2 -3.82 8.87 -2.23
CA FGA A 2 -2.80 7.90 -1.92
C FGA A 2 -1.45 8.40 -2.47
O FGA A 2 -1.32 8.55 -3.68
CB FGA A 2 -2.72 7.66 -0.43
CG FGA A 2 -4.07 7.23 0.17
CD FGA A 2 -3.86 6.76 1.60
OE1 FGA A 2 -2.75 6.70 2.12
H FGA A 2 -4.22 9.41 -1.48
HA FGA A 2 -3.10 6.99 -2.45
HB2 FGA A 2 -1.97 6.89 -0.22
HB3 FGA A 2 -2.39 8.58 0.07
HG2 FGA A 2 -4.76 8.07 0.17
HG3 FGA A 2 -4.52 6.43 -0.40
N LYS A 3 -5.01 6.43 2.22
CA LYS A 3 -4.99 6.02 3.61
C LYS A 3 -4.16 4.74 3.79
N DAL A 4 -3.40 4.73 4.90
CA DAL A 4 -2.61 3.52 5.12
CB DAL A 4 -3.51 2.43 5.71
C DAL A 4 -1.44 3.82 6.06
O DAL A 4 -1.23 4.93 6.53
H DAL A 4 -3.42 5.51 5.54
HA DAL A 4 -2.21 3.20 4.16
HB1 DAL A 4 -4.34 2.20 5.04
HB2 DAL A 4 -2.94 1.51 5.87
HB3 DAL A 4 -3.92 2.74 6.67
N DAL A 5 -0.71 2.72 6.30
CA DAL A 5 0.45 2.79 7.18
CB DAL A 5 1.46 3.81 6.65
C DAL A 5 1.08 1.41 7.31
O DAL A 5 0.40 0.50 7.81
OXT DAL A 5 2.22 1.24 6.91
H DAL A 5 -0.97 1.84 5.90
HA DAL A 5 0.07 3.10 8.15
HB1 DAL A 5 1.01 4.79 6.55
HB2 DAL A 5 2.32 3.88 7.31
HB3 DAL A 5 1.81 3.51 5.65
N ALA B 1 11.45 -4.47 -1.90
CA ALA B 1 10.91 -3.95 -0.65
C ALA B 1 9.66 -4.73 -0.23
N FGA B 2 9.07 -4.13 0.81
CA FGA B 2 7.86 -4.62 1.41
C FGA B 2 7.63 -3.85 2.70
O FGA B 2 7.54 -2.62 2.65
CB FGA B 2 6.75 -4.39 0.39
CG FGA B 2 6.37 -5.65 -0.39
CD FGA B 2 5.83 -5.41 -1.80
OE1 FGA B 2 5.92 -4.33 -2.38
H FGA B 2 9.51 -3.32 1.19
HA FGA B 2 7.96 -5.67 1.62
HB2 FGA B 2 5.94 -4.05 0.97
HB3 FGA B 2 7.03 -3.59 -0.29
HG2 FGA B 2 7.21 -6.31 -0.52
HG3 FGA B 2 5.64 -6.24 0.14
N LYS B 3 5.27 -6.53 -2.29
CA LYS B 3 4.59 -6.56 -3.56
C LYS B 3 3.38 -5.61 -3.59
N DAL B 4 3.05 -5.20 -4.82
CA DAL B 4 1.91 -4.31 -4.94
CB DAL B 4 0.63 -5.13 -5.17
C DAL B 4 2.15 -3.32 -6.09
O DAL B 4 2.59 -3.69 -7.17
H DAL B 4 3.54 -5.52 -5.63
HA DAL B 4 1.84 -3.75 -4.00
HB1 DAL B 4 0.47 -5.82 -4.35
HB2 DAL B 4 -0.24 -4.48 -5.24
HB3 DAL B 4 0.71 -5.70 -6.09
N DAL B 5 1.84 -2.05 -5.76
CA DAL B 5 2.01 -1.01 -6.74
CB DAL B 5 3.11 -0.04 -6.29
C DAL B 5 0.68 -0.27 -6.94
O DAL B 5 0.55 0.85 -6.46
OXT DAL B 5 -0.21 -0.82 -7.58
H DAL B 5 1.48 -1.81 -4.88
HA DAL B 5 2.30 -1.51 -7.64
HB1 DAL B 5 4.05 -0.58 -6.15
HB2 DAL B 5 3.28 0.73 -7.04
HB3 DAL B 5 2.85 0.45 -5.35
N MLU C 1 1.65 1.52 12.31
CN MLU C 1 3.07 1.83 12.31
CA MLU C 1 1.26 0.91 11.05
C MLU C 1 2.05 -0.38 10.80
O MLU C 1 1.93 -1.34 11.55
CB MLU C 1 -0.23 0.57 11.01
CG MLU C 1 -1.11 1.76 11.36
CD1 MLU C 1 -1.03 2.85 10.28
CD2 MLU C 1 -2.56 1.31 11.53
H1 MLU C 1 1.45 0.86 13.09
H2 MLU C 1 1.10 2.40 12.46
HCN1 MLU C 1 3.35 2.29 13.26
HCN2 MLU C 1 3.64 0.92 12.16
HCN3 MLU C 1 3.28 2.53 11.49
HA MLU C 1 1.49 1.63 10.26
HB2 MLU C 1 -0.43 -0.23 11.72
HB3 MLU C 1 -0.50 0.18 10.03
HG MLU C 1 -0.77 2.19 12.30
HD11 MLU C 1 -1.62 3.73 10.57
HD12 MLU C 1 0.00 3.17 10.14
HD13 MLU C 1 -1.40 2.48 9.33
HD21 MLU C 1 -2.95 0.89 10.61
HD22 MLU C 1 -2.65 0.56 12.31
HD23 MLU C 1 -3.21 2.15 11.80
N OMZ C 2 2.84 -0.33 9.72
CA OMZ C 2 3.61 -1.52 9.41
C OMZ C 2 2.87 -2.37 8.36
O OMZ C 2 2.83 -3.59 8.48
CB OMZ C 2 5.07 -1.16 9.04
OC OMZ C 2 5.72 -0.65 10.16
CG OMZ C 2 5.12 -0.15 7.94
CD1 OMZ C 2 5.36 -0.56 6.59
CD2 OMZ C 2 4.88 1.24 8.23
CE1 OMZ C 2 5.28 0.40 5.53
CL OMZ C 2 5.53 -0.10 3.90
CE2 OMZ C 2 4.81 2.21 7.17
CZ OMZ C 2 4.96 1.77 5.80
OH OMZ C 2 4.66 2.62 4.73
H OMZ C 2 2.88 0.48 9.15
HA OMZ C 2 3.62 -2.11 10.34
HB OMZ C 2 5.60 -2.06 8.73
HC OMZ C 2 6.61 -0.47 9.90
HD1 OMZ C 2 5.58 -1.60 6.37
HD2 OMZ C 2 4.72 1.56 9.25
HE2 OMZ C 2 4.60 3.24 7.38
N ASN C 3 2.28 -1.70 7.35
CA ASN C 3 1.55 -2.55 6.41
C ASN C 3 1.44 -1.97 4.98
N GHP C 4 0.70 -0.84 4.92
CA GHP C 4 0.54 -0.23 3.61
C GHP C 4 -0.93 0.19 3.39
O GHP C 4 -1.62 0.65 4.30
C1 GHP C 4 1.44 0.98 3.38
C2 GHP C 4 1.13 1.95 2.37
C3 GHP C 4 1.98 3.11 2.12
C4 GHP C 4 3.15 3.29 2.96
O4 GHP C 4 3.95 4.40 2.85
C5 GHP C 4 3.49 2.33 3.98
C6 GHP C 4 2.62 1.17 4.15
H GHP C 4 0.32 -0.43 5.75
HA GHP C 4 0.80 -1.00 2.89
HC2 GHP C 4 0.22 1.84 1.81
H6 GHP C 4 2.85 0.44 4.91
N GHP C 5 -1.32 -0.01 2.13
CA GHP C 5 -2.64 0.40 1.72
C GHP C 5 -2.81 0.25 0.19
O GHP C 5 -2.33 -0.72 -0.37
C1 GHP C 5 -3.83 -0.23 2.40
C2 GHP C 5 -4.73 0.67 3.04
C3 GHP C 5 -5.97 0.24 3.57
C4 GHP C 5 -6.32 -1.15 3.50
O4 GHP C 5 -7.51 -1.59 4.03
C5 GHP C 5 -5.42 -2.09 2.87
C6 GHP C 5 -4.17 -1.63 2.32
H GHP C 5 -0.69 -0.42 1.47
HA GHP C 5 -2.61 1.45 1.99
HC2 GHP C 5 -4.48 1.71 3.10
HO4 GHP C 5 -7.98 -0.85 4.40
H5 GHP C 5 -5.68 -3.13 2.82
H6 GHP C 5 -3.51 -2.32 1.82
N OMY C 6 -3.49 1.22 -0.48
CA OMY C 6 -4.13 2.43 0.07
OCZ OMY C 6 1.73 4.09 1.11
CE2 OMY C 6 0.22 3.76 -0.84
CE1 OMY C 6 -0.65 4.49 1.37
CZ OMY C 6 0.46 4.15 0.53
CG OMY C 6 -2.24 3.90 -0.44
CD2 OMY C 6 -1.13 3.63 -1.32
CD1 OMY C 6 -2.00 4.38 0.90
CB OMY C 6 -3.68 3.60 -0.80
CL OMY C 6 -0.36 5.02 2.99
O OMY C 6 -6.35 1.80 -0.69
C OMY C 6 -5.64 2.23 0.20
ODE OMY C 6 -3.79 3.26 -2.15
H OMY C 6 -3.58 1.08 -1.47
HA OMY C 6 -3.75 2.59 1.07
HE2 OMY C 6 1.05 3.53 -1.48
HD2 OMY C 6 -1.33 3.32 -2.34
HD1 OMY C 6 -2.83 4.61 1.53
HB OMY C 6 -4.30 4.48 -0.58
N 3FG C 7 -6.06 2.59 1.44
OD1 3FG C 7 -6.35 0.19 6.30
CD1 3FG C 7 -6.97 1.21 5.61
CG1 3FG C 7 -6.85 1.28 4.18
CZ 3FG C 7 -7.73 2.19 6.33
CD2 3FG C 7 -8.38 3.24 5.62
OD2 3FG C 7 -9.11 4.20 6.31
CG2 3FG C 7 -8.28 3.32 4.19
CB 3FG C 7 -7.51 2.34 3.45
CA 3FG C 7 -7.41 2.45 1.92
C 3FG C 7 -8.18 3.65 1.33
O 3FG C 7 -9.33 3.47 0.92
OXT 3FG C 7 -7.60 4.74 1.26
H 3FG C 7 -5.38 2.94 2.08
HA 3FG C 7 -7.73 1.52 1.46
HD1 3FG C 7 -6.52 0.28 7.22
HZ 3FG C 7 -7.77 2.12 7.40
HD2 3FG C 7 -9.07 4.00 7.24
HG2 3FG C 7 -8.76 4.13 3.66
N MLU D 1 0.89 0.26 -12.01
CN MLU D 1 1.36 1.64 -11.93
CA MLU D 1 0.13 -0.08 -10.82
C MLU D 1 -1.09 0.82 -10.68
O MLU D 1 -1.95 0.89 -11.54
CB MLU D 1 -0.37 -1.54 -10.86
CG MLU D 1 0.76 -2.55 -10.93
CD1 MLU D 1 1.67 -2.44 -9.71
CD2 MLU D 1 0.19 -3.97 -11.04
H1 MLU D 1 0.30 0.15 -12.85
H2 MLU D 1 1.72 -0.37 -12.08
HCN1 MLU D 1 1.93 1.88 -12.82
HCN2 MLU D 1 0.50 2.30 -11.86
HCN3 MLU D 1 1.99 1.76 -11.05
HA MLU D 1 0.78 0.04 -9.96
HB2 MLU D 1 -1.02 -1.66 -11.73
HB3 MLU D 1 -0.99 -1.73 -9.98
HG MLU D 1 1.36 -2.35 -11.82
HD11 MLU D 1 2.10 -1.44 -9.63
HD12 MLU D 1 2.49 -3.15 -9.77
HD13 MLU D 1 1.12 -2.64 -8.78
HD21 MLU D 1 -0.42 -4.21 -10.17
HD22 MLU D 1 -0.45 -4.06 -11.92
HD23 MLU D 1 0.98 -4.70 -11.12
N OMZ D 2 -1.10 1.52 -9.52
CA OMZ D 2 -2.23 2.40 -9.27
C OMZ D 2 -3.10 1.85 -8.13
O OMZ D 2 -4.31 2.02 -8.13
CB OMZ D 2 -1.79 3.87 -9.09
OC OMZ D 2 -1.17 4.32 -10.28
CG OMZ D 2 -0.83 4.05 -7.95
CD1 OMZ D 2 -1.20 4.86 -6.82
CD2 OMZ D 2 0.45 3.40 -7.98
CE1 OMZ D 2 -0.30 4.95 -5.69
CL OMZ D 2 -0.77 5.89 -4.31
CE2 OMZ D 2 1.33 3.49 -6.85
CZ OMZ D 2 0.93 4.23 -5.68
OH OMZ D 2 1.68 4.12 -4.50
H OMZ D 2 -0.37 1.42 -8.85
HA OMZ D 2 -2.85 2.34 -10.17
HB OMZ D 2 -2.66 4.50 -8.92
HC OMZ D 2 -0.34 3.87 -10.34
HD1 OMZ D 2 -2.14 5.39 -6.80
HD2 OMZ D 2 0.75 2.82 -8.84
HE2 OMZ D 2 2.28 2.97 -6.85
N ASN D 3 -2.45 1.16 -7.15
CA ASN D 3 -3.32 0.60 -6.12
C ASN D 3 -2.66 0.52 -4.72
N GHP D 4 -1.46 -0.07 -4.68
CA GHP D 4 -0.80 -0.18 -3.37
C GHP D 4 -0.48 -1.65 -3.03
O GHP D 4 -0.37 -2.51 -3.88
C1 GHP D 4 0.45 0.68 -3.27
C2 GHP D 4 1.63 0.29 -2.55
C3 GHP D 4 2.79 1.16 -2.42
C4 GHP D 4 2.74 2.44 -3.09
O4 GHP D 4 3.82 3.29 -2.99
C5 GHP D 4 1.59 2.85 -3.86
C6 GHP D 4 0.45 1.96 -3.91
H GHP D 4 -1.01 -0.43 -5.51
HA GHP D 4 -1.51 0.25 -2.66
HC2 GHP D 4 1.68 -0.70 -2.10
H6 GHP D 4 -0.43 2.26 -4.45
N GHP D 5 -0.36 -1.83 -1.70
CA GHP D 5 0.01 -3.12 -1.13
C GHP D 5 0.19 -2.99 0.39
O GHP D 5 -0.58 -2.26 1.01
C1 GHP D 5 -0.91 -4.27 -1.39
C2 GHP D 5 -0.34 -5.43 -1.99
C3 GHP D 5 -1.07 -6.64 -2.13
C4 GHP D 5 -2.43 -6.69 -1.71
O4 GHP D 5 -3.15 -7.85 -1.87
C5 GHP D 5 -3.05 -5.53 -1.11
C6 GHP D 5 -2.29 -4.31 -0.95
H GHP D 5 -0.49 -1.05 -1.08
HA GHP D 5 0.97 -3.33 -1.58
HC2 GHP D 5 0.69 -5.40 -2.32
HO4 GHP D 5 -4.03 -7.73 -1.54
H5 GHP D 5 -4.08 -5.58 -0.80
H6 GHP D 5 -2.74 -3.45 -0.49
N OMY D 6 1.17 -3.70 1.00
CA OMY D 6 2.17 -4.60 0.41
OCZ OMY D 6 3.97 0.90 -1.68
CE2 OMY D 6 4.04 -0.35 0.44
CE1 OMY D 6 4.11 -1.52 -1.74
CZ OMY D 6 4.08 -0.30 -0.99
CG OMY D 6 3.85 -2.84 0.35
CD2 OMY D 6 3.91 -1.62 1.12
CD1 OMY D 6 4.00 -2.79 -1.08
CB OMY D 6 3.53 -4.19 0.96
CL OMY D 6 4.22 -1.47 -3.46
O OMY D 6 1.49 -6.55 1.72
C OMY D 6 1.75 -6.07 0.61
ODE OMY D 6 3.48 -4.13 2.36
H OMY D 6 1.22 -3.55 1.99
HA OMY D 6 2.22 -4.47 -0.66
HE2 OMY D 6 4.09 0.58 0.99
HD2 OMY D 6 3.83 -1.67 2.19
HD1 OMY D 6 4.00 -3.71 -1.65
HB OMY D 6 4.24 -4.94 0.65
N 3FG D 7 1.71 -6.74 -0.57
OD1 3FG D 7 -1.91 -7.56 -4.58
CD1 3FG D 7 -0.82 -8.20 -4.03
CG1 3FG D 7 -0.36 -7.80 -2.74
CZ 3FG D 7 -0.16 -9.24 -4.76
CD2 3FG D 7 0.98 -9.90 -4.19
OD2 3FG D 7 1.62 -10.90 -4.88
CG2 3FG D 7 1.44 -9.51 -2.89
CB 3FG D 7 0.79 -8.46 -2.13
CA 3FG D 7 1.29 -8.11 -0.72
C 3FG D 7 2.47 -8.98 -0.24
O 3FG D 7 2.23 -9.95 0.49
OXT 3FG D 7 3.61 -8.67 -0.60
H 3FG D 7 1.97 -6.24 -1.39
HA 3FG D 7 0.46 -8.19 -0.03
HD1 3FG D 7 -2.09 -7.94 -5.44
HZ 3FG D 7 -0.52 -9.50 -5.74
HD2 3FG D 7 1.20 -11.03 -5.73
HG2 3FG D 7 2.32 -9.99 -2.48
C2 BGC E . 5.48 5.74 1.62
C3 BGC E . 6.35 5.83 0.36
C4 BGC E . 7.03 4.49 0.06
C5 BGC E . 6.00 3.35 0.14
C6 BGC E . 6.65 1.98 -0.03
C1 BGC E . 4.58 4.51 1.59
O2 BGC E . 4.70 6.91 1.72
O3 BGC E . 7.33 6.81 0.55
O4 BGC E . 7.56 4.51 -1.24
O5 BGC E . 5.39 3.38 1.40
O6 BGC E . 7.87 1.90 0.66
H2 BGC E . 6.13 5.68 2.48
H3 BGC E . 5.74 6.13 -0.50
H4 BGC E . 7.84 4.31 0.75
H5 BGC E . 5.25 3.49 -0.63
H61 BGC E . 5.99 1.23 0.38
H62 BGC E . 6.81 1.74 -1.07
H1 BGC E . 3.85 4.58 0.79
HO3 BGC E . 7.46 7.24 -0.28
HO4 BGC E . 8.36 4.03 -1.21
HO6 BGC E . 8.20 1.03 0.53
C1 RER E . 5.30 7.87 2.54
C2 RER E . 4.49 9.17 2.53
C3 RER E . 3.13 9.01 3.22
N3 RER E . 2.55 10.34 3.44
C3A RER E . 2.18 8.21 2.32
C4 RER E . 3.31 8.31 4.56
O4 RER E . 2.06 8.03 5.11
C5 RER E . 4.10 7.03 4.37
O5 RER E . 5.38 7.37 3.86
C5A RER E . 4.28 6.25 5.68
H1 RER E . 6.31 8.07 2.18
H21C RER E . 5.06 9.94 3.06
H22C RER E . 4.36 9.53 1.51
HO1 RER E . 1.62 10.24 3.90
H31N RER E . 2.42 10.82 2.52
H32N RER E . 3.18 10.90 4.04
H3A1 RER E . 2.03 8.71 1.37
H3A2 RER E . 2.56 7.21 2.13
H3A3 RER E . 1.20 8.11 2.79
H4 RER E . 3.84 8.97 5.25
HO4 RER E . 1.85 8.75 5.70
H5 RER E . 3.59 6.40 3.64
H5A1 RER E . 3.31 5.96 6.08
H5A2 RER E . 4.85 5.34 5.51
H5A3 RER E . 4.80 6.85 6.42
C2 BGC F . 5.39 4.67 -4.09
C3 BGC F . 6.26 4.83 -5.34
C4 BGC F . 6.89 3.49 -5.72
C5 BGC F . 5.87 2.36 -5.75
C6 BGC F . 6.58 1.04 -5.98
C1 BGC F . 4.46 3.47 -4.23
O2 BGC F . 4.59 5.82 -3.94
O3 BGC F . 7.26 5.78 -5.07
O4 BGC F . 7.48 3.59 -7.00
O5 BGC F . 5.22 2.31 -4.50
O6 BGC F . 7.57 0.82 -5.00
H2 BGC F . 6.01 4.53 -3.22
H3 BGC F . 5.65 5.19 -6.17
H4 BGC F . 7.68 3.20 -5.01
H5 BGC F . 5.14 2.54 -6.52
H61 BGC F . 5.87 0.22 -5.91
H62 BGC F . 7.05 1.01 -6.96
H1 BGC F . 3.74 3.65 -5.04
HO3 BGC F . 7.78 5.43 -4.36
HO4 BGC F . 8.39 3.84 -6.87
HO6 BGC F . 7.97 -0.02 -5.18
C1 RER F . 5.02 6.70 -2.95
C2 RER F . 5.06 8.13 -3.54
C3 RER F . 3.66 8.63 -3.90
N3 RER F . 3.74 10.05 -4.21
C3A RER F . 3.10 7.89 -5.13
C4 RER F . 2.74 8.44 -2.70
O4 RER F . 1.42 8.77 -3.07
C5 RER F . 2.80 6.99 -2.21
O5 RER F . 4.12 6.68 -1.87
C5A RER F . 1.92 6.78 -0.98
H1 RER F . 6.01 6.40 -2.59
H21C RER F . 5.50 8.79 -2.80
H22C RER F . 5.72 8.15 -4.41
HO1 RER F . 2.80 10.41 -4.45
H31N RER F . 4.39 10.19 -5.03
H32N RER F . 4.12 10.57 -3.40
H3A1 RER F . 2.15 8.34 -5.43
H3A2 RER F . 3.79 7.96 -5.97
H3A3 RER F . 2.92 6.84 -4.91
H4 RER F . 3.04 9.10 -1.90
HO4 RER F . 1.04 9.22 -2.32
H5 RER F . 2.47 6.31 -3.02
H5A1 RER F . 2.03 5.77 -0.61
H5A2 RER F . 0.87 6.95 -1.22
H5A3 RER F . 2.21 7.46 -0.19
C1 RER G . -3.65 4.36 -3.00
C2 RER G . -3.86 3.85 -4.43
C3 RER G . -5.34 3.71 -4.81
N3 RER G . -5.47 3.66 -6.26
C3A RER G . -5.95 2.44 -4.21
C4 RER G . -6.06 4.93 -4.29
O4 RER G . -7.41 4.93 -4.66
C5 RER G . -5.89 5.03 -2.78
O5 RER G . -4.54 5.37 -2.61
C5A RER G . -6.77 6.12 -2.17
H1 RER G . -2.65 4.78 -2.93
H21C RER G . -3.37 2.91 -4.59
H22C RER G . -3.32 4.51 -5.09
HO1 RER G . -5.08 4.53 -6.68
H31N RER G . -6.49 3.59 -6.52
H32N RER G . -4.96 2.83 -6.63
H3A1 RER G . -5.57 1.54 -4.70
H3A2 RER G . -5.71 2.34 -3.15
H3A3 RER G . -7.04 2.44 -4.32
H4 RER G . -5.58 5.80 -4.74
HO4 RER G . -7.48 5.40 -5.48
H5 RER G . -6.09 4.08 -2.31
H5A1 RER G . -6.57 7.08 -2.63
H5A2 RER G . -7.83 5.89 -2.32
H5A3 RER G . -6.59 6.21 -1.10
C1 RER H . 4.74 -4.09 3.00
C2 RER H . 4.50 -4.00 4.51
C3 RER H . 3.85 -5.27 5.08
N3 RER H . 3.90 -5.21 6.53
C3A RER H . 2.39 -5.44 4.65
C4 RER H . 4.66 -6.47 4.60
O4 RER H . 4.03 -7.65 5.02
C5 RER H . 4.81 -6.45 3.09
O5 RER H . 5.47 -5.27 2.72
C5A RER H . 5.61 -7.66 2.60
H1 RER H . 5.32 -3.23 2.64
H21C RER H . 5.45 -3.83 5.01
H22C RER H . 3.88 -3.12 4.74
HO1 RER H . 3.49 -6.08 6.93
H31N RER H . 3.36 -4.38 6.85
H32N RER H . 4.89 -5.11 6.84
H3A1 RER H . 1.91 -6.21 5.26
H3A2 RER H . 1.80 -4.54 4.75
H3A3 RER H . 2.30 -5.76 3.61
H4 RER H . 5.65 -6.44 5.06
HO4 RER H . 4.43 -7.90 5.85
H5 RER H . 3.83 -6.45 2.60
H5A1 RER H . 5.71 -7.67 1.52
H5A2 RER H . 5.13 -8.59 2.90
H5A3 RER H . 6.62 -7.65 3.03
N ALA A 1 -5.14 10.83 -4.23
CA ALA A 1 -5.63 9.54 -3.75
C ALA A 1 -4.48 8.58 -3.49
N FGA A 2 -3.87 8.77 -2.30
CA FGA A 2 -2.78 7.89 -1.99
C FGA A 2 -1.46 8.48 -2.52
O FGA A 2 -0.60 8.82 -1.70
CB FGA A 2 -2.70 7.65 -0.49
CG FGA A 2 -4.04 7.19 0.09
CD FGA A 2 -3.85 6.72 1.53
OE1 FGA A 2 -2.75 6.70 2.08
H FGA A 2 -4.15 9.48 -1.65
HA FGA A 2 -2.99 6.95 -2.50
HB2 FGA A 2 -1.93 6.92 -0.27
HB3 FGA A 2 -2.41 8.59 0.00
HG2 FGA A 2 -4.76 8.01 0.07
HG3 FGA A 2 -4.46 6.38 -0.49
N LYS A 3 -5.01 6.37 2.12
CA LYS A 3 -5.01 5.97 3.51
C LYS A 3 -4.15 4.73 3.74
N DAL A 4 -3.39 4.75 4.86
CA DAL A 4 -2.59 3.56 5.10
CB DAL A 4 -3.48 2.45 5.68
C DAL A 4 -1.45 3.88 6.07
O DAL A 4 -1.29 5.01 6.53
H DAL A 4 -3.41 5.52 5.49
HA DAL A 4 -2.16 3.23 4.15
HB1 DAL A 4 -4.29 2.20 5.00
HB2 DAL A 4 -2.91 1.55 5.86
HB3 DAL A 4 -3.91 2.76 6.63
N DAL A 5 -0.69 2.81 6.34
CA DAL A 5 0.43 2.94 7.23
CB DAL A 5 1.45 3.95 6.68
C DAL A 5 1.08 1.57 7.45
O DAL A 5 0.46 0.73 8.10
OXT DAL A 5 2.19 1.36 6.96
H DAL A 5 -0.91 1.92 5.93
HA DAL A 5 0.02 3.29 8.17
HB1 DAL A 5 1.00 4.92 6.53
HB2 DAL A 5 2.29 4.07 7.37
HB3 DAL A 5 1.85 3.61 5.72
N ALA B 1 11.31 -4.26 -1.97
CA ALA B 1 10.74 -3.75 -0.72
C ALA B 1 9.55 -4.58 -0.27
N FGA B 2 8.95 -3.99 0.77
CA FGA B 2 7.77 -4.52 1.39
C FGA B 2 7.51 -3.74 2.68
O FGA B 2 7.28 -2.53 2.60
CB FGA B 2 6.64 -4.37 0.39
CG FGA B 2 6.30 -5.67 -0.37
CD FGA B 2 5.77 -5.47 -1.79
OE1 FGA B 2 5.87 -4.40 -2.39
H FGA B 2 9.35 -3.15 1.13
HA FGA B 2 7.92 -5.57 1.63
HB2 FGA B 2 5.82 -4.06 0.99
HB3 FGA B 2 6.87 -3.57 -0.30
HG2 FGA B 2 7.16 -6.30 -0.47
HG3 FGA B 2 5.58 -6.26 0.19
N LYS B 3 5.20 -6.60 -2.24
CA LYS B 3 4.54 -6.67 -3.51
C LYS B 3 3.36 -5.70 -3.59
N DAL B 4 3.05 -5.32 -4.85
CA DAL B 4 1.93 -4.40 -5.00
CB DAL B 4 0.66 -5.20 -5.31
C DAL B 4 2.24 -3.41 -6.14
O DAL B 4 2.77 -3.77 -7.18
H DAL B 4 3.57 -5.66 -5.63
HA DAL B 4 1.83 -3.84 -4.07
HB1 DAL B 4 0.44 -5.90 -4.50
HB2 DAL B 4 -0.19 -4.54 -5.42
HB3 DAL B 4 0.78 -5.77 -6.24
N DAL B 5 1.90 -2.15 -5.83
CA DAL B 5 2.13 -1.10 -6.80
CB DAL B 5 3.29 -0.21 -6.35
C DAL B 5 0.86 -0.29 -7.00
O DAL B 5 -0.04 -0.76 -7.69
OXT DAL B 5 0.77 0.81 -6.45
H DAL B 5 1.45 -1.91 -4.98
HA DAL B 5 2.39 -1.61 -7.71
HB1 DAL B 5 4.20 -0.79 -6.21
HB2 DAL B 5 3.50 0.57 -7.09
HB3 DAL B 5 3.05 0.29 -5.41
N MLU C 1 1.60 1.77 12.25
CN MLU C 1 3.02 2.07 12.21
CA MLU C 1 1.18 1.11 11.02
C MLU C 1 1.96 -0.19 10.82
O MLU C 1 1.85 -1.13 11.61
CB MLU C 1 -0.31 0.78 11.02
CG MLU C 1 -1.18 1.99 11.37
CD1 MLU C 1 -1.09 3.07 10.30
CD2 MLU C 1 -2.63 1.54 11.56
H1 MLU C 1 1.40 1.14 13.06
H2 MLU C 1 1.06 2.65 12.36
HCN1 MLU C 1 3.31 2.55 13.15
HCN2 MLU C 1 3.58 1.13 12.10
HCN3 MLU C 1 3.22 2.73 11.37
HA MLU C 1 1.40 1.78 10.19
HB2 MLU C 1 -0.49 -0.01 11.74
HB3 MLU C 1 -0.60 0.39 10.05
HG MLU C 1 -0.82 2.39 12.32
HD11 MLU C 1 -0.05 3.38 10.17
HD12 MLU C 1 -1.47 2.70 9.34
HD13 MLU C 1 -1.68 3.94 10.58
HD21 MLU C 1 -3.03 1.11 10.64
HD22 MLU C 1 -2.71 0.78 12.34
HD23 MLU C 1 -3.27 2.38 11.84
N OMZ C 2 2.73 -0.21 9.73
CA OMZ C 2 3.49 -1.42 9.46
C OMZ C 2 2.73 -2.32 8.45
O OMZ C 2 2.69 -3.53 8.63
CB OMZ C 2 4.95 -1.11 9.09
OC OMZ C 2 5.63 -0.64 10.24
CG OMZ C 2 5.07 -0.07 8.02
CD1 OMZ C 2 5.40 -0.46 6.67
CD2 OMZ C 2 4.80 1.31 8.33
CE1 OMZ C 2 5.37 0.53 5.63
CL OMZ C 2 5.71 0.05 4.00
CE2 OMZ C 2 4.78 2.29 7.27
CZ OMZ C 2 5.00 1.89 5.91
OH OMZ C 2 4.72 2.74 4.83
H OMZ C 2 2.77 0.58 9.11
HA OMZ C 2 3.49 -1.97 10.40
HB OMZ C 2 5.46 -2.03 8.76
HC OMZ C 2 5.27 0.21 10.43
HD1 OMZ C 2 5.64 -1.49 6.44
HD2 OMZ C 2 4.59 1.61 9.34
HE2 OMZ C 2 4.54 3.33 7.49
N ASN C 3 2.11 -1.70 7.42
CA ASN C 3 1.36 -2.59 6.54
C ASN C 3 1.22 -2.05 5.09
N GHP C 4 0.84 -0.77 5.02
CA GHP C 4 0.69 -0.20 3.67
C GHP C 4 -0.79 0.17 3.43
O GHP C 4 -1.52 0.55 4.32
C1 GHP C 4 1.54 1.04 3.44
C2 GHP C 4 1.23 1.99 2.42
C3 GHP C 4 2.06 3.16 2.16
C4 GHP C 4 3.22 3.36 3.00
O4 GHP C 4 4.04 4.48 2.86
C5 GHP C 4 3.56 2.42 4.05
C6 GHP C 4 2.71 1.27 4.23
H GHP C 4 0.68 -0.22 5.83
HA GHP C 4 1.02 -0.97 2.98
HC2 GHP C 4 0.32 1.85 1.85
H6 GHP C 4 2.94 0.56 5.01
N GHP C 5 -1.14 0.01 2.13
CA GHP C 5 -2.47 0.39 1.72
C GHP C 5 -2.65 0.24 0.20
O GHP C 5 -2.15 -0.72 -0.35
C1 GHP C 5 -3.63 -0.27 2.40
C2 GHP C 5 -4.58 0.59 3.04
C3 GHP C 5 -5.80 0.12 3.57
C4 GHP C 5 -6.08 -1.28 3.51
O4 GHP C 5 -7.26 -1.77 4.05
C5 GHP C 5 -5.15 -2.20 2.89
C6 GHP C 5 -3.92 -1.69 2.33
H GHP C 5 -0.48 -0.34 1.47
HA GHP C 5 -2.47 1.44 1.99
HC2 GHP C 5 -4.36 1.65 3.09
HO4 GHP C 5 -7.30 -2.70 3.92
H5 GHP C 5 -5.37 -3.25 2.84
H6 GHP C 5 -3.23 -2.35 1.84
N OMY C 6 -3.37 1.18 -0.47
CA OMY C 6 -4.03 2.37 0.08
OCZ OMY C 6 1.81 4.11 1.13
CE2 OMY C 6 0.30 3.75 -0.82
CE1 OMY C 6 -0.58 4.49 1.38
CZ OMY C 6 0.53 4.16 0.55
CG OMY C 6 -2.17 3.87 -0.43
CD2 OMY C 6 -1.06 3.62 -1.30
CD1 OMY C 6 -1.92 4.37 0.91
CB OMY C 6 -3.59 3.57 -0.79
CL OMY C 6 -0.30 5.03 3.00
O OMY C 6 -6.23 1.71 -0.71
C OMY C 6 -5.54 2.14 0.20
ODE OMY C 6 -3.71 3.21 -2.14
H OMY C 6 -3.46 1.04 -1.46
HA OMY C 6 -3.66 2.55 1.08
HE2 OMY C 6 1.13 3.54 -1.47
HD2 OMY C 6 -1.25 3.30 -2.33
HD1 OMY C 6 -2.76 4.59 1.54
HB OMY C 6 -4.22 4.42 -0.57
N 3FG C 7 -5.97 2.46 1.45
OD1 3FG C 7 -6.19 0.02 6.28
CD1 3FG C 7 -6.85 1.02 5.60
CG1 3FG C 7 -6.72 1.11 4.19
CZ 3FG C 7 -7.66 1.95 6.33
CD2 3FG C 7 -8.36 3.00 5.63
OD2 3FG C 7 -9.14 3.89 6.32
CG2 3FG C 7 -8.23 3.09 4.19
CB 3FG C 7 -7.42 2.16 3.45
CA 3FG C 7 -7.31 2.29 1.92
C 3FG C 7 -8.12 3.47 1.33
O 3FG C 7 -9.29 3.30 1.03
OXT 3FG C 7 -7.53 4.55 1.20
H 3FG C 7 -5.30 2.83 2.09
HA 3FG C 7 -7.61 1.35 1.46
HD1 3FG C 7 -6.38 0.10 7.21
HZ 3FG C 7 -7.71 1.88 7.40
HD2 3FG C 7 -9.11 3.69 7.25
HG2 3FG C 7 -8.74 3.89 3.68
N MLU D 1 0.83 0.38 -12.08
CN MLU D 1 1.29 1.76 -11.99
CA MLU D 1 0.07 0.02 -10.89
C MLU D 1 -1.15 0.93 -10.72
O MLU D 1 -2.00 1.03 -11.60
CB MLU D 1 -0.44 -1.43 -10.94
CG MLU D 1 0.69 -2.44 -11.01
CD1 MLU D 1 1.61 -2.33 -9.81
CD2 MLU D 1 0.12 -3.85 -11.13
H1 MLU D 1 0.23 0.28 -12.93
H2 MLU D 1 1.65 -0.25 -12.17
HCN1 MLU D 1 1.86 2.01 -12.89
HCN2 MLU D 1 0.43 2.42 -11.90
HCN3 MLU D 1 1.92 1.86 -11.11
HA MLU D 1 0.72 0.14 -10.03
HB2 MLU D 1 -1.09 -1.54 -11.81
HB3 MLU D 1 -1.05 -1.63 -10.06
HG MLU D 1 1.28 -2.24 -11.91
HD11 MLU D 1 2.04 -1.34 -9.73
HD12 MLU D 1 1.07 -2.55 -8.88
HD13 MLU D 1 2.43 -3.05 -9.87
HD21 MLU D 1 0.92 -4.60 -11.22
HD22 MLU D 1 -0.48 -4.11 -10.26
HD23 MLU D 1 -0.52 -3.95 -12.01
N OMZ D 2 -1.17 1.60 -9.56
CA OMZ D 2 -2.29 2.48 -9.28
C OMZ D 2 -3.16 1.89 -8.15
O OMZ D 2 -4.38 2.04 -8.17
CB OMZ D 2 -1.84 3.94 -9.07
OC OMZ D 2 -1.23 4.40 -10.25
CG OMZ D 2 -0.88 4.10 -7.94
CD1 OMZ D 2 -1.25 4.91 -6.80
CD2 OMZ D 2 0.39 3.44 -7.97
CE1 OMZ D 2 -0.36 4.98 -5.67
CL OMZ D 2 -0.80 5.93 -4.30
CE2 OMZ D 2 1.27 3.51 -6.83
CZ OMZ D 2 0.87 4.24 -5.66
OH OMZ D 2 1.60 4.11 -4.47
H OMZ D 2 -0.45 1.46 -8.88
HA OMZ D 2 -2.92 2.43 -10.19
HB OMZ D 2 -2.72 4.57 -8.90
HC OMZ D 2 -1.02 5.32 -10.10
HD1 OMZ D 2 -2.19 5.44 -6.77
HD2 OMZ D 2 0.69 2.86 -8.84
HE2 OMZ D 2 2.21 2.98 -6.84
N ASN D 3 -2.50 1.21 -7.18
CA ASN D 3 -3.37 0.63 -6.16
C ASN D 3 -2.71 0.51 -4.77
N GHP D 4 -1.50 -0.09 -4.75
CA GHP D 4 -0.84 -0.22 -3.45
C GHP D 4 -0.53 -1.70 -3.14
O GHP D 4 -0.42 -2.55 -4.01
C1 GHP D 4 0.40 0.64 -3.34
C2 GHP D 4 1.59 0.22 -2.63
C3 GHP D 4 2.74 1.10 -2.48
C4 GHP D 4 2.69 2.40 -3.11
O4 GHP D 4 3.76 3.25 -2.97
C5 GHP D 4 1.55 2.83 -3.87
C6 GHP D 4 0.40 1.92 -3.93
H GHP D 4 -1.07 -0.42 -5.59
HA GHP D 4 -1.55 0.19 -2.73
HC2 GHP D 4 1.63 -0.77 -2.21
H6 GHP D 4 -0.48 2.26 -4.47
N GHP D 5 -0.40 -1.89 -1.80
CA GHP D 5 -0.05 -3.19 -1.24
C GHP D 5 0.07 -3.05 0.29
O GHP D 5 -0.71 -2.33 0.89
C1 GHP D 5 -0.98 -4.32 -1.51
C2 GHP D 5 -0.39 -5.49 -2.10
C3 GHP D 5 -1.13 -6.69 -2.26
C4 GHP D 5 -2.50 -6.74 -1.86
O4 GHP D 5 -3.22 -7.90 -2.03
C5 GHP D 5 -3.13 -5.58 -1.28
C6 GHP D 5 -2.36 -4.36 -1.10
H GHP D 5 -0.53 -1.12 -1.19
HA GHP D 5 0.91 -3.40 -1.67
HC2 GHP D 5 0.63 -5.45 -2.42
HO4 GHP D 5 -2.66 -8.57 -2.41
H5 GHP D 5 -4.16 -5.61 -0.97
H6 GHP D 5 -2.81 -3.50 -0.64
N OMY D 6 1.05 -3.75 0.93
CA OMY D 6 2.05 -4.66 0.36
OCZ OMY D 6 3.93 0.83 -1.75
CE2 OMY D 6 3.92 -0.41 0.40
CE1 OMY D 6 4.05 -1.59 -1.77
CZ OMY D 6 4.00 -0.37 -1.03
CG OMY D 6 3.74 -2.90 0.32
CD2 OMY D 6 3.77 -1.67 1.09
CD1 OMY D 6 3.93 -2.85 -1.10
CB OMY D 6 3.40 -4.24 0.93
CL OMY D 6 4.22 -1.56 -3.50
O OMY D 6 1.37 -6.61 1.65
C OMY D 6 1.64 -6.14 0.55
ODE OMY D 6 3.33 -4.15 2.32
H OMY D 6 1.07 -3.62 1.92
HA OMY D 6 2.13 -4.54 -0.71
HE2 OMY D 6 3.96 0.54 0.93
HD2 OMY D 6 3.68 -1.71 2.16
HD1 OMY D 6 3.94 -3.80 -1.64
HB OMY D 6 4.13 -4.99 0.64
N 3FG D 7 1.61 -6.80 -0.62
OD1 3FG D 7 -1.91 -7.61 -4.74
CD1 3FG D 7 -0.83 -8.26 -4.14
CG1 3FG D 7 -0.40 -7.86 -2.84
CZ 3FG D 7 -0.18 -9.32 -4.84
CD2 3FG D 7 0.94 -9.99 -4.24
OD2 3FG D 7 1.58 -11.00 -4.91
CG2 3FG D 7 1.37 -9.61 -2.93
CB 3FG D 7 0.71 -8.54 -2.20
CA 3FG D 7 1.19 -8.17 -0.78
C 3FG D 7 2.36 -9.05 -0.27
O 3FG D 7 2.10 -10.02 0.44
OXT 3FG D 7 3.50 -8.72 -0.59
H 3FG D 7 1.88 -6.31 -1.45
HA 3FG D 7 0.35 -8.25 -0.10
HD1 3FG D 7 -2.23 -6.94 -4.15
HZ 3FG D 7 -0.51 -9.58 -5.83
HD2 3FG D 7 2.30 -11.34 -4.37
HG2 3FG D 7 2.22 -10.09 -2.48
C2 BGC E . 5.61 5.74 1.58
C3 BGC E . 6.42 5.78 0.29
C4 BGC E . 7.02 4.41 -0.05
C5 BGC E . 5.96 3.31 0.11
C6 BGC E . 6.55 1.92 -0.07
C1 BGC E . 4.65 4.54 1.59
O2 BGC E . 4.88 6.93 1.73
O3 BGC E . 7.44 6.73 0.44
O4 BGC E . 7.47 4.41 -1.37
O5 BGC E . 5.42 3.37 1.40
O6 BGC E . 7.78 1.79 0.59
H2 BGC E . 6.29 5.63 2.43
H3 BGC E . 5.78 6.11 -0.53
H4 BGC E . 7.86 4.21 0.60
H5 BGC E . 5.16 3.46 -0.62
H61 BGC E . 5.86 1.19 0.34
H62 BGC E . 6.68 1.67 -1.12
H1 BGC E . 3.91 4.63 0.81
HO3 BGC E . 7.55 7.15 -0.41
HO4 BGC E . 8.39 4.63 -1.35
HO6 BGC E . 8.07 0.90 0.46
C1 RER E . 5.59 7.87 2.51
C2 RER E . 4.83 9.20 2.57
C3 RER E . 3.51 9.10 3.35
N3 RER E . 3.01 10.44 3.62
C3A RER E . 2.47 8.34 2.53
C4 RER E . 3.77 8.38 4.67
O4 RER E . 2.55 8.14 5.33
C5 RER E . 4.50 7.06 4.42
O5 RER E . 5.74 7.37 3.82
C5A RER E . 4.74 6.27 5.70
H1 RER E . 6.57 8.03 2.07
H21C RER E . 5.46 9.95 3.04
H22C RER E . 4.63 9.56 1.56
HO1 RER E . 2.12 10.37 4.16
H31N RER E . 2.84 10.93 2.72
H32N RER E . 3.71 10.96 4.18
H3A1 RER E . 2.27 8.85 1.59
H3A2 RER E . 2.80 7.33 2.31
H3A3 RER E . 1.53 8.26 3.08
H4 RER E . 4.38 9.01 5.33
HO4 RER E . 2.42 8.86 5.93
H5 RER E . 3.90 6.46 3.73
H5A1 RER E . 5.33 6.84 6.41
H5A2 RER E . 3.79 6.02 6.18
H5A3 RER E . 5.26 5.34 5.49
C2 BGC F . 5.29 4.72 -4.01
C3 BGC F . 6.15 4.97 -5.25
C4 BGC F . 6.83 3.68 -5.69
C5 BGC F . 5.85 2.52 -5.76
C6 BGC F . 6.61 1.22 -6.05
C1 BGC F . 4.40 3.50 -4.19
O2 BGC F . 4.45 5.83 -3.78
O3 BGC F . 7.11 5.95 -4.94
O4 BGC F . 7.40 3.86 -6.96
O5 BGC F . 5.20 2.38 -4.52
O6 BGC F . 7.60 1.01 -5.09
H2 BGC F . 5.93 4.55 -3.14
H3 BGC F . 5.52 5.35 -6.05
H4 BGC F . 7.62 3.40 -5.00
H5 BGC F . 5.11 2.70 -6.53
H61 BGC F . 5.92 0.38 -6.02
H62 BGC F . 7.08 1.26 -7.03
H1 BGC F . 3.68 3.69 -5.00
HO3 BGC F . 7.22 6.47 -5.72
HO4 BGC F . 8.30 4.14 -6.83
HO6 BGC F . 8.03 0.20 -5.31
C1 RER F . 4.95 6.75 -2.84
C2 RER F . 5.04 8.13 -3.49
C3 RER F . 3.65 8.68 -3.85
N3 RER F . 3.78 10.08 -4.23
C3A RER F . 3.04 7.92 -5.03
C4 RER F . 2.75 8.56 -2.63
O4 RER F . 1.43 8.93 -2.98
C5 RER F . 2.76 7.14 -2.07
O5 RER F . 4.09 6.82 -1.73
C5A RER F . 1.90 7.02 -0.82
H1 RER F . 5.94 6.42 -2.49
H21C RER F . 5.52 8.82 -2.80
H22C RER F . 5.67 8.09 -4.37
HO1 RER F . 4.40 10.17 -5.05
H31N RER F . 4.19 10.61 -3.43
H32N RER F . 2.84 10.47 -4.45
H3A1 RER F . 2.10 8.39 -5.34
H3A2 RER F . 3.70 7.93 -5.89
H3A3 RER F . 2.82 6.89 -4.77
H4 RER F . 3.08 9.25 -1.86
HO4 RER F . 1.34 9.85 -2.78
H5 RER F . 2.41 6.45 -2.83
H5A1 RER F . 1.95 6.02 -0.41
H5A2 RER F . 0.85 7.25 -1.04
H5A3 RER F . 2.23 7.72 -0.05
C1 RER G . -3.58 4.31 -3.00
C2 RER G . -3.81 3.83 -4.43
C3 RER G . -5.29 3.69 -4.78
N3 RER G . -5.45 3.62 -6.23
C3A RER G . -5.89 2.43 -4.15
C4 RER G . -6.00 4.92 -4.27
O4 RER G . -7.35 4.91 -4.62
C5 RER G . -5.81 5.04 -2.76
O5 RER G . -4.45 5.34 -2.59
C5A RER G . -6.66 6.16 -2.15
H1 RER G . -2.58 4.72 -2.94
H21C RER G . -3.31 2.89 -4.60
H22C RER G . -3.27 4.49 -5.08
HO1 RER G . -4.96 2.78 -6.59
H31N RER G . -6.46 3.55 -6.46
H32N RER G . -5.05 4.47 -6.66
H3A1 RER G . -5.54 1.52 -4.63
H3A2 RER G . -5.64 2.35 -3.09
H3A3 RER G . -6.98 2.44 -4.23
H4 RER G . -5.52 5.78 -4.74
HO4 RER G . -7.43 5.39 -5.44
H5 RER G . -6.03 4.09 -2.28
H5A1 RER G . -7.72 5.97 -2.31
H5A2 RER G . -6.49 6.24 -1.09
H5A3 RER G . -6.42 7.12 -2.61
C1 RER H . 4.57 -4.02 2.98
C2 RER H . 4.22 -3.83 4.46
C3 RER H . 3.73 -5.12 5.13
N3 RER H . 3.80 -4.96 6.58
C3A RER H . 2.28 -5.50 4.75
C4 RER H . 4.66 -6.24 4.74
O4 RER H . 4.24 -7.47 5.31
C5 RER H . 4.74 -6.35 3.21
O5 RER H . 5.37 -5.16 2.79
C5A RER H . 5.60 -7.54 2.77
H1 RER H . 5.12 -3.15 2.59
H21C RER H . 3.48 -3.07 4.59
H22C RER H . 5.09 -3.42 4.97
HO1 RER H . 3.17 -4.18 6.87
H31N RER H . 4.77 -4.73 6.86
H32N RER H . 3.49 -5.84 7.04
H3A1 RER H . 2.19 -5.69 3.69
H3A2 RER H . 1.98 -6.40 5.27
H3A3 RER H . 1.57 -4.72 4.99
H4 RER H . 5.63 -5.99 5.13
HO4 RER H . 4.71 -7.56 6.11
H5 RER H . 3.76 -6.40 2.76
H5A1 RER H . 5.15 -8.48 3.10
H5A2 RER H . 5.69 -7.57 1.69
H5A3 RER H . 6.60 -7.48 3.20
N ALA A 1 -5.26 11.00 -3.96
CA ALA A 1 -5.74 9.68 -3.55
C ALA A 1 -4.59 8.72 -3.31
N FGA A 2 -3.99 8.87 -2.12
CA FGA A 2 -2.89 7.96 -1.86
C FGA A 2 -1.58 8.56 -2.38
O FGA A 2 -0.80 9.05 -1.57
CB FGA A 2 -2.80 7.68 -0.36
CG FGA A 2 -4.14 7.23 0.23
CD FGA A 2 -3.93 6.68 1.64
OE1 FGA A 2 -2.82 6.65 2.16
H FGA A 2 -4.25 9.56 -1.44
HA FGA A 2 -3.13 7.05 -2.40
HB2 FGA A 2 -2.04 6.91 -0.20
HB3 FGA A 2 -2.48 8.58 0.15
HG2 FGA A 2 -4.85 8.06 0.25
HG3 FGA A 2 -4.59 6.44 -0.38
N LYS A 3 -5.08 6.32 2.24
CA LYS A 3 -5.08 5.86 3.61
C LYS A 3 -4.21 4.60 3.78
N DAL A 4 -3.48 4.55 4.91
CA DAL A 4 -2.64 3.39 5.16
CB DAL A 4 -3.44 2.26 5.83
C DAL A 4 -1.47 3.83 6.04
O DAL A 4 -1.43 4.95 6.54
H DAL A 4 -3.54 5.30 5.58
HA DAL A 4 -2.24 3.05 4.19
HB1 DAL A 4 -4.27 1.96 5.21
HB2 DAL A 4 -2.80 1.40 6.02
HB3 DAL A 4 -3.84 2.60 6.79
N DAL A 5 -0.53 2.89 6.19
CA DAL A 5 0.61 3.22 7.02
CB DAL A 5 1.47 4.28 6.34
C DAL A 5 1.43 1.96 7.34
O DAL A 5 1.36 0.99 6.57
OXT DAL A 5 2.12 1.96 8.35
H DAL A 5 -0.63 1.97 5.78
HA DAL A 5 0.20 3.59 7.94
HB1 DAL A 5 0.89 5.17 6.13
HB2 DAL A 5 2.32 4.56 6.97
HB3 DAL A 5 1.88 3.91 5.40
N ALA B 1 11.52 -4.68 -1.49
CA ALA B 1 10.92 -4.16 -0.26
C ALA B 1 9.63 -4.91 0.08
N FGA B 2 9.01 -4.30 1.10
CA FGA B 2 7.75 -4.74 1.62
C FGA B 2 7.49 -3.98 2.92
O FGA B 2 7.40 -4.60 3.97
CB FGA B 2 6.71 -4.48 0.56
CG FGA B 2 6.32 -5.73 -0.25
CD FGA B 2 5.84 -5.47 -1.67
OE1 FGA B 2 5.95 -4.39 -2.24
H FGA B 2 9.46 -3.51 1.52
HA FGA B 2 7.80 -5.80 1.83
HB2 FGA B 2 5.87 -4.11 1.09
HB3 FGA B 2 7.05 -3.68 -0.10
HG2 FGA B 2 7.16 -6.40 -0.35
HG3 FGA B 2 5.57 -6.30 0.27
N LYS B 3 5.28 -6.59 -2.17
CA LYS B 3 4.64 -6.62 -3.47
C LYS B 3 3.45 -5.65 -3.54
N DAL B 4 3.19 -5.22 -4.78
CA DAL B 4 2.08 -4.30 -4.96
CB DAL B 4 0.84 -5.09 -5.41
C DAL B 4 2.45 -3.24 -5.98
O DAL B 4 3.39 -3.39 -6.77
H DAL B 4 3.73 -5.52 -5.56
HA DAL B 4 1.89 -3.81 -3.99
HB1 DAL B 4 0.58 -5.85 -4.67
HB2 DAL B 4 -0.01 -4.42 -5.52
HB3 DAL B 4 1.02 -5.59 -6.35
N DAL B 5 1.68 -2.14 -5.92
CA DAL B 5 1.93 -1.05 -6.84
CB DAL B 5 3.08 -0.18 -6.33
C DAL B 5 0.65 -0.23 -7.03
O DAL B 5 -0.23 -0.69 -7.75
OXT DAL B 5 0.57 0.85 -6.45
H DAL B 5 0.90 -2.08 -5.30
HA DAL B 5 2.20 -1.53 -7.77
HB1 DAL B 5 3.99 -0.77 -6.19
HB2 DAL B 5 3.30 0.62 -7.03
HB3 DAL B 5 2.82 0.27 -5.36
N MLU C 1 2.25 1.74 12.63
CN MLU C 1 3.71 1.91 12.71
CA MLU C 1 1.91 1.24 11.31
C MLU C 1 2.64 -0.07 11.03
O MLU C 1 3.06 -0.77 11.93
CB MLU C 1 0.40 1.01 11.15
CG MLU C 1 -0.44 2.19 11.63
CD1 MLU C 1 -0.20 3.43 10.77
CD2 MLU C 1 -1.92 1.81 11.63
H1 MLU C 1 1.95 1.06 13.35
H2 MLU C 1 1.79 2.66 12.80
HCN1 MLU C 1 4.02 2.63 11.96
HCN2 MLU C 1 3.96 2.29 13.70
HCN3 MLU C 1 4.19 0.95 12.55
HA MLU C 1 2.23 1.99 10.59
HB2 MLU C 1 0.13 0.12 11.71
HB3 MLU C 1 0.17 0.80 10.11
HG MLU C 1 -0.14 2.42 12.66
HD11 MLU C 1 0.85 3.70 10.74
HD12 MLU C 1 -0.54 3.25 9.75
HD13 MLU C 1 -0.76 4.28 11.16
HD21 MLU C 1 -2.25 1.56 10.62
HD22 MLU C 1 -2.10 0.94 12.27
HD23 MLU C 1 -2.53 2.63 11.99
N OMZ C 2 2.77 -0.34 9.71
CA OMZ C 2 3.46 -1.57 9.36
C OMZ C 2 2.64 -2.37 8.32
O OMZ C 2 2.52 -3.58 8.43
CB OMZ C 2 4.92 -1.28 8.97
OC OMZ C 2 5.62 -0.82 10.09
CG OMZ C 2 5.00 -0.25 7.88
CD1 OMZ C 2 5.28 -0.63 6.53
CD2 OMZ C 2 4.76 1.14 8.20
CE1 OMZ C 2 5.23 0.36 5.49
CL OMZ C 2 5.51 -0.12 3.85
CE2 OMZ C 2 4.73 2.13 7.15
CZ OMZ C 2 4.91 1.73 5.79
OH OMZ C 2 4.64 2.59 4.72
H OMZ C 2 2.42 0.28 9.02
HA OMZ C 2 3.46 -2.18 10.26
HB OMZ C 2 5.41 -2.19 8.63
HC OMZ C 2 5.64 -1.53 10.71
HD1 OMZ C 2 5.49 -1.67 6.29
HD2 OMZ C 2 4.58 1.45 9.22
HE2 OMZ C 2 4.52 3.16 7.39
N ASN C 3 2.06 -1.65 7.32
CA ASN C 3 1.26 -2.45 6.40
C ASN C 3 1.27 -1.93 4.94
N GHP C 4 0.60 -0.78 4.82
CA GHP C 4 0.50 -0.17 3.51
C GHP C 4 -0.96 0.25 3.26
O GHP C 4 -1.63 0.81 4.11
C1 GHP C 4 1.41 1.03 3.31
C2 GHP C 4 1.13 2.01 2.32
C3 GHP C 4 1.98 3.18 2.09
C4 GHP C 4 3.15 3.31 2.93
O4 GHP C 4 3.98 4.41 2.83
C5 GHP C 4 3.47 2.33 3.94
C6 GHP C 4 2.58 1.19 4.09
H GHP C 4 0.22 -0.35 5.64
HA GHP C 4 0.77 -0.96 2.80
HC2 GHP C 4 0.21 1.91 1.75
H6 GHP C 4 2.80 0.45 4.85
N GHP C 5 -1.36 -0.05 2.01
CA GHP C 5 -2.67 0.36 1.61
C GHP C 5 -2.83 0.27 0.09
O GHP C 5 -2.37 -0.69 -0.50
C1 GHP C 5 -3.84 -0.31 2.25
C2 GHP C 5 -4.76 0.55 2.95
C3 GHP C 5 -5.99 0.08 3.44
C4 GHP C 5 -6.33 -1.30 3.31
O4 GHP C 5 -7.52 -1.77 3.82
C5 GHP C 5 -5.42 -2.20 2.63
C6 GHP C 5 -4.17 -1.70 2.10
H GHP C 5 -0.74 -0.53 1.38
HA GHP C 5 -2.64 1.40 1.92
HC2 GHP C 5 -4.51 1.59 3.06
HO4 GHP C 5 -7.58 -2.71 3.64
H5 GHP C 5 -5.68 -3.25 2.52
H6 GHP C 5 -3.51 -2.36 1.57
N OMY C 6 -3.52 1.26 -0.55
CA OMY C 6 -4.14 2.46 0.03
OCZ OMY C 6 1.74 4.18 1.10
CE2 OMY C 6 0.23 3.85 -0.86
CE1 OMY C 6 -0.66 4.53 1.36
CZ OMY C 6 0.46 4.23 0.51
CG OMY C 6 -2.24 3.94 -0.45
CD2 OMY C 6 -1.13 3.71 -1.34
CD1 OMY C 6 -2.00 4.39 0.89
CB OMY C 6 -3.67 3.64 -0.83
CL OMY C 6 -0.38 5.02 3.00
O OMY C 6 -6.37 1.91 -0.80
C OMY C 6 -5.67 2.26 0.15
ODE OMY C 6 -3.77 3.29 -2.17
H OMY C 6 -3.60 1.16 -1.54
HA OMY C 6 -3.77 2.61 1.03
HE2 OMY C 6 1.06 3.66 -1.52
HD2 OMY C 6 -1.32 3.41 -2.37
HD1 OMY C 6 -2.83 4.58 1.53
HB OMY C 6 -4.29 4.51 -0.62
N 3FG C 7 -6.08 2.50 1.40
OD1 3FG C 7 -6.33 -0.06 6.17
CD1 3FG C 7 -6.99 0.96 5.51
CG1 3FG C 7 -6.87 1.08 4.10
CZ 3FG C 7 -7.76 1.91 6.27
CD2 3FG C 7 -8.44 2.98 5.60
OD2 3FG C 7 -9.19 3.89 6.32
CG2 3FG C 7 -8.33 3.10 4.18
CB 3FG C 7 -7.55 2.16 3.40
CA 3FG C 7 -7.44 2.34 1.86
C 3FG C 7 -8.23 3.54 1.32
O 3FG C 7 -9.41 3.40 1.03
OXT 3FG C 7 -7.63 4.62 1.18
H 3FG C 7 -5.41 2.80 2.07
HA 3FG C 7 -7.76 1.42 1.38
HD1 3FG C 7 -6.51 0.00 7.10
HZ 3FG C 7 -7.78 1.81 7.35
HD2 3FG C 7 -9.14 3.67 7.24
HG2 3FG C 7 -8.84 3.91 3.68
N MLU D 1 0.89 0.38 -12.05
CN MLU D 1 1.37 1.75 -11.91
CA MLU D 1 0.11 -0.01 -10.89
C MLU D 1 -1.11 0.91 -10.71
O MLU D 1 -1.97 1.01 -11.57
CB MLU D 1 -0.41 -1.44 -10.99
CG MLU D 1 0.70 -2.47 -11.09
CD1 MLU D 1 1.61 -2.41 -9.86
CD2 MLU D 1 0.11 -3.88 -11.24
H1 MLU D 1 0.30 0.31 -12.91
H2 MLU D 1 1.71 -0.25 -12.14
HCN1 MLU D 1 1.99 1.82 -11.02
HCN2 MLU D 1 1.95 2.02 -12.79
HCN3 MLU D 1 0.51 2.41 -11.82
HA MLU D 1 0.75 0.09 -10.01
HB2 MLU D 1 -1.06 -1.53 -11.86
HB3 MLU D 1 -1.04 -1.66 -10.13
HG MLU D 1 1.31 -2.25 -11.97
HD11 MLU D 1 1.05 -2.64 -8.96
HD12 MLU D 1 2.42 -3.13 -9.95
HD13 MLU D 1 2.04 -1.42 -9.75
HD21 MLU D 1 0.91 -4.62 -11.34
HD22 MLU D 1 -0.51 -3.94 -12.13
HD23 MLU D 1 -0.49 -4.14 -10.38
N OMZ D 2 -1.11 1.59 -9.54
CA OMZ D 2 -2.22 2.48 -9.27
C OMZ D 2 -3.09 1.90 -8.13
O OMZ D 2 -4.30 2.09 -8.12
CB OMZ D 2 -1.77 3.93 -9.07
OC OMZ D 2 -1.15 4.39 -10.25
CG OMZ D 2 -0.82 4.09 -7.93
CD1 OMZ D 2 -1.18 4.89 -6.79
CD2 OMZ D 2 0.46 3.42 -7.95
CE1 OMZ D 2 -0.29 4.96 -5.65
CL OMZ D 2 -0.76 5.90 -4.27
CE2 OMZ D 2 1.34 3.49 -6.81
CZ OMZ D 2 0.94 4.23 -5.64
OH OMZ D 2 1.66 4.09 -4.46
H OMZ D 2 -0.38 1.46 -8.88
HA OMZ D 2 -2.85 2.43 -10.17
HB OMZ D 2 -2.63 4.57 -8.90
HC OMZ D 2 -0.32 3.94 -10.31
HD1 OMZ D 2 -2.12 5.42 -6.76
HD2 OMZ D 2 0.75 2.85 -8.81
HE2 OMZ D 2 2.27 2.96 -6.82
N ASN D 3 -2.45 1.18 -7.18
CA ASN D 3 -3.30 0.61 -6.15
C ASN D 3 -2.65 0.53 -4.75
N GHP D 4 -1.45 -0.10 -4.71
CA GHP D 4 -0.81 -0.20 -3.39
C GHP D 4 -0.51 -1.68 -3.04
O GHP D 4 -0.41 -2.55 -3.90
C1 GHP D 4 0.45 0.64 -3.28
C2 GHP D 4 1.63 0.23 -2.57
C3 GHP D 4 2.79 1.10 -2.43
C4 GHP D 4 2.74 2.39 -3.07
O4 GHP D 4 3.83 3.24 -2.94
C5 GHP D 4 1.60 2.82 -3.84
C6 GHP D 4 0.45 1.93 -3.90
H GHP D 4 -1.01 -0.46 -5.53
HA GHP D 4 -1.52 0.23 -2.68
HC2 GHP D 4 1.67 -0.76 -2.13
H6 GHP D 4 -0.43 2.25 -4.44
N GHP D 5 -0.35 -1.87 -1.72
CA GHP D 5 -0.02 -3.16 -1.16
C GHP D 5 0.13 -3.05 0.37
O GHP D 5 -0.64 -2.33 0.99
C1 GHP D 5 -0.93 -4.31 -1.45
C2 GHP D 5 -0.35 -5.46 -2.05
C3 GHP D 5 -1.07 -6.66 -2.22
C4 GHP D 5 -2.43 -6.72 -1.82
O4 GHP D 5 -3.15 -7.88 -2.00
C5 GHP D 5 -3.07 -5.57 -1.22
C6 GHP D 5 -2.32 -4.35 -1.03
H GHP D 5 -0.48 -1.08 -1.11
HA GHP D 5 0.96 -3.36 -1.59
HC2 GHP D 5 0.69 -5.42 -2.36
HO4 GHP D 5 -2.60 -8.55 -2.40
H5 GHP D 5 -4.11 -5.62 -0.93
H6 GHP D 5 -2.78 -3.49 -0.57
N OMY D 6 1.11 -3.75 1.00
CA OMY D 6 2.10 -4.65 0.42
OCZ OMY D 6 3.98 0.83 -1.69
CE2 OMY D 6 3.98 -0.41 0.46
CE1 OMY D 6 4.11 -1.60 -1.71
CZ OMY D 6 4.05 -0.36 -0.98
CG OMY D 6 3.80 -2.90 0.39
CD2 OMY D 6 3.85 -1.67 1.14
CD1 OMY D 6 3.99 -2.85 -1.04
CB OMY D 6 3.46 -4.24 1.01
CL OMY D 6 4.26 -1.56 -3.44
O OMY D 6 1.43 -6.61 1.71
C OMY D 6 1.69 -6.13 0.62
ODE OMY D 6 3.36 -4.15 2.41
H OMY D 6 1.14 -3.62 1.99
HA OMY D 6 2.19 -4.52 -0.65
HE2 OMY D 6 4.02 0.54 0.99
HD2 OMY D 6 3.74 -1.70 2.22
HD1 OMY D 6 4.00 -3.78 -1.59
HB OMY D 6 4.18 -5.00 0.73
N 3FG D 7 1.66 -6.79 -0.57
OD1 3FG D 7 -1.82 -7.55 -4.73
CD1 3FG D 7 -0.76 -8.19 -4.13
CG1 3FG D 7 -0.34 -7.82 -2.82
CZ 3FG D 7 -0.07 -9.23 -4.85
CD2 3FG D 7 1.04 -9.91 -4.25
OD2 3FG D 7 1.70 -10.90 -4.94
CG2 3FG D 7 1.45 -9.55 -2.92
CB 3FG D 7 0.77 -8.50 -2.17
CA 3FG D 7 1.24 -8.16 -0.74
C 3FG D 7 2.39 -9.03 -0.24
O 3FG D 7 2.12 -10.01 0.48
OXT 3FG D 7 3.54 -8.73 -0.55
H 3FG D 7 1.92 -6.28 -1.39
HA 3FG D 7 0.38 -8.24 -0.08
HD1 3FG D 7 -2.16 -6.89 -4.12
HZ 3FG D 7 -0.38 -9.48 -5.84
HD2 3FG D 7 1.31 -11.01 -5.78
HG2 3FG D 7 2.31 -10.04 -2.48
C2 BGC E . 5.53 5.72 1.58
C3 BGC E . 6.36 5.78 0.29
C4 BGC E . 6.99 4.44 -0.03
C5 BGC E . 5.96 3.31 0.10
C6 BGC E . 6.59 1.93 -0.07
C1 BGC E . 4.60 4.51 1.57
O2 BGC E . 4.78 6.90 1.72
O3 BGC E . 7.36 6.77 0.45
O4 BGC E . 7.46 4.45 -1.36
O5 BGC E . 5.39 3.36 1.38
O6 BGC E . 7.82 1.84 0.59
H2 BGC E . 6.21 5.63 2.43
H3 BGC E . 5.71 6.09 -0.54
H4 BGC E . 7.83 4.25 0.63
H5 BGC E . 5.18 3.44 -0.64
H61 BGC E . 5.92 1.19 0.37
H62 BGC E . 6.72 1.67 -1.11
H1 BGC E . 3.85 4.58 0.78
HO3 BGC E . 7.91 6.47 1.16
HO4 BGC E . 8.38 4.69 -1.31
HO6 BGC E . 8.13 0.96 0.47
C1 RER E . 5.43 7.84 2.54
C2 RER E . 4.66 9.17 2.58
C3 RER E . 3.31 9.04 3.30
N3 RER E . 2.78 10.37 3.56
C3A RER E . 2.31 8.27 2.44
C4 RER E . 3.53 8.31 4.63
O4 RER E . 2.29 8.06 5.23
C5 RER E . 4.27 7.01 4.39
O5 RER E . 5.53 7.32 3.85
C5A RER E . 4.46 6.19 5.68
H1 RER E . 6.43 8.02 2.15
H21C RER E . 5.26 9.91 3.09
H22C RER E . 4.50 9.53 1.56
HO1 RER E . 3.45 10.90 4.16
H31N RER E . 2.64 10.87 2.66
H32N RER E . 1.87 10.29 4.06
H3A1 RER E . 1.35 8.18 2.96
H3A2 RER E . 2.14 8.80 1.50
H3A3 RER E . 2.67 7.27 2.20
H4 RER E . 4.10 8.94 5.31
HO4 RER E . 2.12 8.77 5.83
H5 RER E . 3.71 6.41 3.67
H5A1 RER E . 5.02 6.76 6.41
H5A2 RER E . 3.50 5.93 6.12
H5A3 RER E . 5.00 5.27 5.47
C2 BGC F . 5.34 4.69 -4.03
C3 BGC F . 6.19 4.92 -5.27
C4 BGC F . 6.88 3.62 -5.69
C5 BGC F . 5.90 2.46 -5.73
C6 BGC F . 6.66 1.16 -6.00
C1 BGC F . 4.45 3.46 -4.18
O2 BGC F . 4.50 5.81 -3.82
O3 BGC F . 7.15 5.91 -4.99
O4 BGC F . 7.45 3.78 -6.97
O5 BGC F . 5.25 2.35 -4.49
O6 BGC F . 7.66 0.96 -5.03
H2 BGC F . 5.99 4.54 -3.16
H3 BGC F . 5.57 5.28 -6.09
H4 BGC F . 7.67 3.35 -4.99
H5 BGC F . 5.16 2.63 -6.50
H61 BGC F . 7.13 1.17 -6.98
H62 BGC F . 5.99 0.32 -5.96
H1 BGC F . 3.74 3.64 -5.00
HO3 BGC F . 6.79 6.73 -5.29
HO4 BGC F . 8.35 4.06 -6.83
HO6 BGC F . 8.09 0.14 -5.24
C1 RER F . 4.98 6.73 -2.87
C2 RER F . 5.09 8.11 -3.52
C3 RER F . 3.72 8.67 -3.94
N3 RER F . 3.87 10.06 -4.32
C3A RER F . 3.14 7.90 -5.13
C4 RER F . 2.77 8.56 -2.74
O4 RER F . 1.48 8.93 -3.14
C5 RER F . 2.76 7.14 -2.18
O5 RER F . 4.08 6.80 -1.79
C5A RER F . 1.85 7.03 -0.95
H1 RER F . 5.94 6.40 -2.49
H21C RER F . 5.55 8.80 -2.82
H22C RER F . 5.75 8.07 -4.40
HO1 RER F . 4.25 10.60 -3.51
H31N RER F . 4.51 10.14 -5.13
H32N RER F . 2.94 10.45 -4.58
H3A1 RER F . 2.21 8.37 -5.47
H3A2 RER F . 3.84 7.89 -5.97
H3A3 RER F . 2.90 6.87 -4.87
H4 RER F . 3.08 9.25 -1.96
HO4 RER F . 1.39 9.86 -2.95
H5 RER F . 2.43 6.44 -2.95
H5A1 RER F . 1.88 6.03 -0.54
H5A2 RER F . 2.17 7.72 -0.18
H5A3 RER F . 0.82 7.26 -1.21
C1 RER G . -3.65 4.39 -3.04
C2 RER G . -3.88 3.89 -4.46
C3 RER G . -5.35 3.78 -4.85
N3 RER G . -5.49 3.77 -6.30
C3A RER G . -5.98 2.51 -4.27
C4 RER G . -6.06 5.00 -4.30
O4 RER G . -7.42 5.02 -4.67
C5 RER G . -5.88 5.07 -2.80
O5 RER G . -4.54 5.41 -2.63
C5A RER G . -6.75 6.17 -2.16
H1 RER G . -2.65 4.81 -2.98
H21C RER G . -3.41 2.93 -4.61
H22C RER G . -3.31 4.52 -5.13
HO1 RER G . -6.49 3.72 -6.56
H31N RER G . -4.99 2.93 -6.68
H32N RER G . -5.07 4.63 -6.69
H3A1 RER G . -7.07 2.53 -4.39
H3A2 RER G . -5.62 1.61 -4.78
H3A3 RER G . -5.76 2.38 -3.21
H4 RER G . -5.57 5.88 -4.74
HO4 RER G . -7.48 5.51 -5.48
H5 RER G . -6.07 4.11 -2.34
H5A1 RER G . -6.57 6.21 -1.08
H5A2 RER G . -6.53 7.14 -2.58
H5A3 RER G . -7.81 5.95 -2.32
C1 RER H . 4.60 -4.15 3.09
C2 RER H . 4.32 -4.05 4.59
C3 RER H . 3.65 -5.32 5.15
N3 RER H . 3.71 -5.25 6.61
C3A RER H . 2.18 -5.47 4.74
C4 RER H . 4.44 -6.53 4.68
O4 RER H . 3.78 -7.70 5.08
C5 RER H . 4.59 -6.50 3.16
O5 RER H . 5.30 -5.35 2.81
C5A RER H . 5.34 -7.74 2.68
H1 RER H . 5.20 -3.29 2.76
H21C RER H . 5.26 -3.90 5.11
H22C RER H . 3.70 -3.18 4.80
HO1 RER H . 3.18 -4.43 6.94
H31N RER H . 4.70 -5.17 6.91
H32N RER H . 3.29 -6.12 7.00
H3A1 RER H . 1.69 -6.20 5.38
H3A2 RER H . 1.63 -4.54 4.79
H3A3 RER H . 2.07 -5.84 3.72
H4 RER H . 5.43 -6.54 5.14
HO4 RER H . 4.16 -7.97 5.90
H5 RER H . 3.61 -6.44 2.69
H5A1 RER H . 4.83 -8.65 3.00
H5A2 RER H . 5.40 -7.77 1.59
H5A3 RER H . 6.36 -7.77 3.07
N ALA A 1 -5.33 10.45 -5.17
CA ALA A 1 -5.32 9.98 -3.79
C ALA A 1 -4.20 8.97 -3.57
N FGA A 2 -3.86 8.83 -2.28
CA FGA A 2 -2.80 7.89 -1.97
C FGA A 2 -1.47 8.44 -2.48
O FGA A 2 -1.32 8.58 -3.70
CB FGA A 2 -2.73 7.65 -0.46
CG FGA A 2 -4.08 7.19 0.11
CD FGA A 2 -3.88 6.70 1.55
OE1 FGA A 2 -2.79 6.69 2.09
H FGA A 2 -4.28 9.36 -1.54
HA FGA A 2 -3.06 6.97 -2.48
HB2 FGA A 2 -1.97 6.91 -0.24
HB3 FGA A 2 -2.44 8.58 0.03
HG2 FGA A 2 -4.80 8.01 0.10
HG3 FGA A 2 -4.50 6.38 -0.47
N LYS A 3 -5.04 6.35 2.15
CA LYS A 3 -5.05 5.95 3.53
C LYS A 3 -4.17 4.70 3.77
N DAL A 4 -3.41 4.73 4.87
CA DAL A 4 -2.60 3.54 5.11
CB DAL A 4 -3.48 2.44 5.69
C DAL A 4 -1.46 3.88 6.08
O DAL A 4 -1.30 5.01 6.54
H DAL A 4 -3.42 5.50 5.51
HA DAL A 4 -2.16 3.22 4.16
HB1 DAL A 4 -4.30 2.19 5.01
HB2 DAL A 4 -2.91 1.53 5.87
HB3 DAL A 4 -3.92 2.74 6.65
N DAL A 5 -0.69 2.81 6.34
CA DAL A 5 0.43 2.94 7.23
CB DAL A 5 1.44 3.95 6.68
C DAL A 5 1.08 1.57 7.45
O DAL A 5 2.19 1.36 6.95
OXT DAL A 5 0.47 0.73 8.11
H DAL A 5 -0.91 1.92 5.93
HA DAL A 5 0.02 3.29 8.18
HB1 DAL A 5 0.98 4.93 6.54
HB2 DAL A 5 2.28 4.08 7.36
HB3 DAL A 5 1.84 3.62 5.73
N ALA B 1 11.31 -4.28 -1.98
CA ALA B 1 10.75 -3.76 -0.74
C ALA B 1 9.55 -4.59 -0.28
N FGA B 2 8.95 -4.00 0.76
CA FGA B 2 7.77 -4.52 1.38
C FGA B 2 7.52 -3.74 2.67
O FGA B 2 7.55 -4.34 3.75
CB FGA B 2 6.64 -4.37 0.39
CG FGA B 2 6.30 -5.67 -0.38
CD FGA B 2 5.77 -5.47 -1.79
OE1 FGA B 2 5.86 -4.41 -2.40
H FGA B 2 9.34 -3.15 1.12
HA FGA B 2 7.92 -5.58 1.62
HB2 FGA B 2 5.82 -4.07 0.98
HB3 FGA B 2 6.87 -3.57 -0.31
HG2 FGA B 2 7.15 -6.31 -0.48
HG3 FGA B 2 5.57 -6.26 0.18
N LYS B 3 5.20 -6.60 -2.24
CA LYS B 3 4.53 -6.67 -3.52
C LYS B 3 3.35 -5.70 -3.60
N DAL B 4 3.05 -5.31 -4.84
CA DAL B 4 1.93 -4.40 -5.01
CB DAL B 4 0.66 -5.19 -5.32
C DAL B 4 2.24 -3.41 -6.14
O DAL B 4 2.77 -3.76 -7.18
H DAL B 4 3.56 -5.66 -5.64
HA DAL B 4 1.82 -3.84 -4.07
HB1 DAL B 4 0.44 -5.90 -4.51
HB2 DAL B 4 -0.20 -4.53 -5.42
HB3 DAL B 4 0.77 -5.76 -6.24
N DAL B 5 1.90 -2.15 -5.84
CA DAL B 5 2.14 -1.10 -6.79
CB DAL B 5 3.29 -0.22 -6.35
C DAL B 5 0.86 -0.28 -6.99
O DAL B 5 0.77 0.83 -6.45
OXT DAL B 5 -0.05 -0.75 -7.69
H DAL B 5 1.44 -1.90 -4.99
HA DAL B 5 2.37 -1.61 -7.71
HB1 DAL B 5 4.19 -0.80 -6.21
HB2 DAL B 5 3.50 0.56 -7.08
HB3 DAL B 5 3.06 0.28 -5.40
N MLU C 1 1.61 1.78 12.25
CN MLU C 1 3.03 2.08 12.20
CA MLU C 1 1.19 1.12 11.01
C MLU C 1 1.97 -0.19 10.82
O MLU C 1 1.87 -1.11 11.61
CB MLU C 1 -0.30 0.78 11.03
CG MLU C 1 -1.18 1.98 11.38
CD1 MLU C 1 -1.08 3.07 10.31
CD2 MLU C 1 -2.63 1.53 11.56
H1 MLU C 1 1.42 1.15 13.06
H2 MLU C 1 1.07 2.67 12.36
HCN1 MLU C 1 3.59 1.16 12.09
HCN2 MLU C 1 3.33 2.58 13.13
HCN3 MLU C 1 3.24 2.74 11.36
HA MLU C 1 1.41 1.79 10.19
HB2 MLU C 1 -0.48 -0.01 11.75
HB3 MLU C 1 -0.59 0.39 10.06
HG MLU C 1 -0.82 2.40 12.32
HD11 MLU C 1 -1.47 2.69 9.35
HD12 MLU C 1 -0.06 3.39 10.17
HD13 MLU C 1 -1.68 3.94 10.58
HD21 MLU C 1 -3.25 2.37 11.85
HD22 MLU C 1 -3.02 1.11 10.64
HD23 MLU C 1 -2.70 0.79 12.35
N OMZ C 2 2.74 -0.20 9.72
CA OMZ C 2 3.50 -1.41 9.45
C OMZ C 2 2.74 -2.30 8.45
O OMZ C 2 2.71 -3.52 8.62
CB OMZ C 2 4.97 -1.10 9.08
OC OMZ C 2 5.64 -0.64 10.23
CG OMZ C 2 5.07 -0.06 8.01
CD1 OMZ C 2 5.40 -0.44 6.66
CD2 OMZ C 2 4.80 1.33 8.32
CE1 OMZ C 2 5.37 0.54 5.62
CL OMZ C 2 5.71 0.07 4.00
CE2 OMZ C 2 4.78 2.31 7.26
CZ OMZ C 2 5.01 1.90 5.91
OH OMZ C 2 4.72 2.74 4.82
H OMZ C 2 2.77 0.59 9.10
HA OMZ C 2 3.50 -1.96 10.39
HB OMZ C 2 5.47 -2.01 8.76
HC OMZ C 2 5.29 0.22 10.43
HD1 OMZ C 2 5.64 -1.47 6.43
HD2 OMZ C 2 4.59 1.62 9.34
HE2 OMZ C 2 4.55 3.34 7.49
N ASN C 3 2.11 -1.69 7.43
CA ASN C 3 1.37 -2.58 6.54
C ASN C 3 1.23 -2.05 5.09
N GHP C 4 0.85 -0.76 5.01
CA GHP C 4 0.69 -0.20 3.67
C GHP C 4 -0.79 0.17 3.43
O GHP C 4 -1.52 0.55 4.33
C1 GHP C 4 1.55 1.04 3.43
C2 GHP C 4 1.23 2.00 2.42
C3 GHP C 4 2.05 3.17 2.16
C4 GHP C 4 3.21 3.37 3.00
O4 GHP C 4 4.03 4.49 2.85
C5 GHP C 4 3.56 2.44 4.04
C6 GHP C 4 2.70 1.27 4.22
H GHP C 4 0.69 -0.22 5.83
HA GHP C 4 1.02 -0.97 2.98
HC2 GHP C 4 0.30 1.87 1.86
H6 GHP C 4 2.94 0.56 5.00
N GHP C 5 -1.13 0.01 2.14
CA GHP C 5 -2.47 0.39 1.73
C GHP C 5 -2.65 0.26 0.21
O GHP C 5 -2.14 -0.70 -0.36
C1 GHP C 5 -3.64 -0.28 2.39
C2 GHP C 5 -4.58 0.58 3.04
C3 GHP C 5 -5.80 0.09 3.58
C4 GHP C 5 -6.08 -1.32 3.50
O4 GHP C 5 -7.25 -1.81 4.03
C5 GHP C 5 -5.14 -2.21 2.87
C6 GHP C 5 -3.92 -1.69 2.31
H GHP C 5 -0.47 -0.33 1.47
HA GHP C 5 -2.48 1.44 2.01
HC2 GHP C 5 -4.37 1.63 3.10
HO4 GHP C 5 -7.29 -2.74 3.89
H5 GHP C 5 -5.35 -3.27 2.81
H6 GHP C 5 -3.22 -2.35 1.82
N OMY C 6 -3.37 1.19 -0.46
CA OMY C 6 -4.04 2.37 0.09
OCZ OMY C 6 1.80 4.13 1.13
CE2 OMY C 6 0.28 3.78 -0.81
CE1 OMY C 6 -0.60 4.50 1.40
CZ OMY C 6 0.52 4.17 0.56
CG OMY C 6 -2.20 3.89 -0.40
CD2 OMY C 6 -1.08 3.65 -1.29
CD1 OMY C 6 -1.95 4.37 0.92
CB OMY C 6 -3.62 3.58 -0.76
CL OMY C 6 -0.32 5.02 3.02
O OMY C 6 -6.23 1.69 -0.70
C OMY C 6 -5.55 2.13 0.22
ODE OMY C 6 -3.73 3.24 -2.11
H OMY C 6 -3.45 1.06 -1.45
HA OMY C 6 -3.67 2.54 1.10
HE2 OMY C 6 1.10 3.57 -1.47
HD2 OMY C 6 -1.28 3.34 -2.32
HD1 OMY C 6 -2.78 4.60 1.57
HB OMY C 6 -4.25 4.43 -0.54
N 3FG C 7 -5.98 2.45 1.46
OD1 3FG C 7 -6.18 -0.02 6.28
CD1 3FG C 7 -6.86 0.98 5.61
CG1 3FG C 7 -6.73 1.07 4.19
CZ 3FG C 7 -7.66 1.91 6.34
CD2 3FG C 7 -8.36 2.94 5.64
OD2 3FG C 7 -9.15 3.85 6.34
CG2 3FG C 7 -8.25 3.05 4.21
CB 3FG C 7 -7.43 2.12 3.46
CA 3FG C 7 -7.32 2.27 1.93
C 3FG C 7 -8.14 3.44 1.35
O 3FG C 7 -9.31 3.26 1.05
OXT 3FG C 7 -7.56 4.52 1.21
H 3FG C 7 -5.32 2.81 2.10
HA 3FG C 7 -7.61 1.32 1.47
HD1 3FG C 7 -6.36 0.05 7.21
HZ 3FG C 7 -7.71 1.83 7.41
HD2 3FG C 7 -9.12 3.64 7.26
HG2 3FG C 7 -8.76 3.85 3.70
N MLU D 1 0.87 0.36 -12.06
CN MLU D 1 1.33 1.75 -11.95
CA MLU D 1 0.09 0.00 -10.88
C MLU D 1 -1.12 0.91 -10.71
O MLU D 1 -1.98 1.00 -11.59
CB MLU D 1 -0.41 -1.44 -10.94
CG MLU D 1 0.71 -2.46 -11.02
CD1 MLU D 1 1.64 -2.36 -9.81
CD2 MLU D 1 0.14 -3.87 -11.14
H1 MLU D 1 0.28 0.27 -12.90
H2 MLU D 1 1.69 -0.27 -12.14
HCN1 MLU D 1 0.46 2.41 -11.87
HCN2 MLU D 1 1.95 1.84 -11.07
HCN3 MLU D 1 1.90 2.00 -12.85
HA MLU D 1 0.74 0.12 -10.01
HB2 MLU D 1 -1.07 -1.55 -11.80
HB3 MLU D 1 -1.02 -1.64 -10.06
HG MLU D 1 1.31 -2.24 -11.91
HD11 MLU D 1 2.46 -3.08 -9.88
HD12 MLU D 1 2.06 -1.36 -9.72
HD13 MLU D 1 1.08 -2.58 -8.89
HD21 MLU D 1 -0.46 -4.13 -10.27
HD22 MLU D 1 -0.49 -3.95 -12.03
HD23 MLU D 1 0.94 -4.61 -11.24
N OMZ D 2 -1.14 1.59 -9.55
CA OMZ D 2 -2.26 2.48 -9.29
C OMZ D 2 -3.14 1.89 -8.16
O OMZ D 2 -4.35 2.05 -8.19
CB OMZ D 2 -1.82 3.93 -9.09
OC OMZ D 2 -1.20 4.40 -10.27
CG OMZ D 2 -0.87 4.10 -7.95
CD1 OMZ D 2 -1.24 4.90 -6.80
CD2 OMZ D 2 0.42 3.45 -7.97
CE1 OMZ D 2 -0.36 4.97 -5.68
CL OMZ D 2 -0.82 5.90 -4.29
CE2 OMZ D 2 1.28 3.52 -6.83
CZ OMZ D 2 0.88 4.25 -5.66
OH OMZ D 2 1.60 4.11 -4.47
H OMZ D 2 -0.41 1.47 -8.88
HA OMZ D 2 -2.89 2.43 -10.20
HB OMZ D 2 -2.69 4.56 -8.91
HC OMZ D 2 -0.38 3.96 -10.33
HD1 OMZ D 2 -2.18 5.43 -6.77
HD2 OMZ D 2 0.71 2.88 -8.84
HE2 OMZ D 2 2.24 3.00 -6.84
N ASN D 3 -2.49 1.20 -7.19
CA ASN D 3 -3.36 0.63 -6.17
C ASN D 3 -2.71 0.51 -4.77
N GHP D 4 -1.50 -0.08 -4.76
CA GHP D 4 -0.85 -0.21 -3.45
C GHP D 4 -0.53 -1.69 -3.13
O GHP D 4 -0.42 -2.55 -4.00
C1 GHP D 4 0.40 0.64 -3.34
C2 GHP D 4 1.59 0.22 -2.63
C3 GHP D 4 2.74 1.10 -2.48
C4 GHP D 4 2.69 2.40 -3.11
O4 GHP D 4 3.76 3.25 -2.97
C5 GHP D 4 1.54 2.84 -3.86
C6 GHP D 4 0.40 1.94 -3.93
H GHP D 4 -1.06 -0.41 -5.59
HA GHP D 4 -1.55 0.20 -2.72
HC2 GHP D 4 1.63 -0.77 -2.21
H6 GHP D 4 -0.49 2.26 -4.47
N GHP D 5 -0.40 -1.88 -1.81
CA GHP D 5 -0.05 -3.17 -1.23
C GHP D 5 0.08 -3.04 0.29
O GHP D 5 -0.70 -2.32 0.89
C1 GHP D 5 -0.98 -4.32 -1.51
C2 GHP D 5 -0.40 -5.48 -2.10
C3 GHP D 5 -1.13 -6.69 -2.26
C4 GHP D 5 -2.50 -6.73 -1.86
O4 GHP D 5 -3.23 -7.89 -2.02
C5 GHP D 5 -3.13 -5.57 -1.28
C6 GHP D 5 -2.36 -4.35 -1.10
H GHP D 5 -0.53 -1.11 -1.19
HA GHP D 5 0.91 -3.40 -1.67
HC2 GHP D 5 0.63 -5.45 -2.42
HO4 GHP D 5 -4.12 -7.76 -1.72
H5 GHP D 5 -4.17 -5.61 -0.97
H6 GHP D 5 -2.82 -3.49 -0.64
N OMY D 6 1.05 -3.75 0.93
CA OMY D 6 2.05 -4.66 0.36
OCZ OMY D 6 3.93 0.83 -1.75
CE2 OMY D 6 3.92 -0.40 0.39
CE1 OMY D 6 4.05 -1.59 -1.78
CZ OMY D 6 4.01 -0.36 -1.05
CG OMY D 6 3.74 -2.90 0.32
CD2 OMY D 6 3.78 -1.67 1.07
CD1 OMY D 6 3.93 -2.85 -1.11
CB OMY D 6 3.40 -4.24 0.92
CL OMY D 6 4.22 -1.56 -3.50
O OMY D 6 1.37 -6.61 1.65
C OMY D 6 1.64 -6.14 0.55
ODE OMY D 6 3.33 -4.15 2.32
H OMY D 6 1.07 -3.61 1.92
HA OMY D 6 2.13 -4.54 -0.71
HE2 OMY D 6 3.97 0.53 0.93
HD2 OMY D 6 3.68 -1.71 2.16
HD1 OMY D 6 3.94 -3.80 -1.64
HB OMY D 6 4.13 -4.99 0.64
N 3FG D 7 1.60 -6.80 -0.63
OD1 3FG D 7 -1.91 -7.61 -4.73
CD1 3FG D 7 -0.85 -8.25 -4.14
CG1 3FG D 7 -0.41 -7.86 -2.84
CZ 3FG D 7 -0.19 -9.31 -4.84
CD2 3FG D 7 0.93 -9.99 -4.24
OD2 3FG D 7 1.57 -11.00 -4.92
CG2 3FG D 7 1.36 -9.61 -2.93
CB 3FG D 7 0.70 -8.53 -2.20
CA 3FG D 7 1.18 -8.17 -0.78
C 3FG D 7 2.35 -9.04 -0.27
O 3FG D 7 2.09 -10.02 0.44
OXT 3FG D 7 3.49 -8.73 -0.59
H 3FG D 7 1.87 -6.30 -1.45
HA 3FG D 7 0.34 -8.25 -0.10
HD1 3FG D 7 -2.24 -6.94 -4.14
HZ 3FG D 7 -0.52 -9.58 -5.84
HD2 3FG D 7 1.16 -11.13 -5.77
HG2 3FG D 7 2.21 -10.10 -2.49
C2 BGC E . 5.61 5.74 1.58
C3 BGC E . 6.42 5.78 0.29
C4 BGC E . 7.03 4.41 -0.03
C5 BGC E . 5.97 3.32 0.11
C6 BGC E . 6.56 1.92 -0.06
C1 BGC E . 4.64 4.55 1.59
O2 BGC E . 4.87 6.94 1.71
O3 BGC E . 7.46 6.73 0.45
O4 BGC E . 7.50 4.41 -1.35
O5 BGC E . 5.41 3.38 1.40
O6 BGC E . 7.78 1.79 0.62
H2 BGC E . 6.27 5.64 2.43
H3 BGC E . 5.79 6.10 -0.54
H4 BGC E . 7.87 4.21 0.63
H5 BGC E . 5.19 3.47 -0.63
H61 BGC E . 5.86 1.19 0.35
H62 BGC E . 6.71 1.67 -1.11
H1 BGC E . 3.90 4.63 0.80
HO3 BGC E . 7.58 7.14 -0.39
HO4 BGC E . 8.43 4.62 -1.31
HO6 BGC E . 8.07 0.90 0.49
C1 RER E . 5.57 7.88 2.50
C2 RER E . 4.81 9.21 2.53
C3 RER E . 3.50 9.12 3.31
N3 RER E . 2.99 10.46 3.56
C3A RER E . 2.45 8.36 2.49
C4 RER E . 3.73 8.41 4.64
O4 RER E . 2.51 8.17 5.28
C5 RER E . 4.47 7.08 4.39
O5 RER E . 5.70 7.37 3.80
C5A RER E . 4.69 6.29 5.69
H1 RER E . 6.56 8.04 2.07
H21C RER E . 5.45 9.96 3.02
H22C RER E . 4.63 9.57 1.52
HO1 RER E . 2.10 10.40 4.09
H31N RER E . 2.82 10.95 2.66
H32N RER E . 3.69 11.00 4.12
H3A1 RER E . 2.27 8.86 1.54
H3A2 RER E . 2.79 7.34 2.26
H3A3 RER E . 1.51 8.29 3.03
H4 RER E . 4.34 9.04 5.29
HO4 RER E . 2.66 8.27 6.21
H5 RER E . 3.88 6.49 3.70
H5A1 RER E . 5.21 5.36 5.48
H5A2 RER E . 5.28 6.87 6.39
H5A3 RER E . 3.74 6.05 6.16
C2 BGC F . 5.30 4.71 -4.01
C3 BGC F . 6.16 4.94 -5.26
C4 BGC F . 6.84 3.64 -5.70
C5 BGC F . 5.84 2.49 -5.76
C6 BGC F . 6.58 1.19 -6.06
C1 BGC F . 4.40 3.49 -4.20
O2 BGC F . 4.48 5.82 -3.81
O3 BGC F . 7.14 5.91 -4.96
O4 BGC F . 7.40 3.81 -6.97
O5 BGC F . 5.20 2.37 -4.52
O6 BGC F . 7.57 0.96 -5.09
H2 BGC F . 5.94 4.54 -3.15
H3 BGC F . 5.55 5.32 -6.06
H4 BGC F . 7.62 3.35 -5.00
H5 BGC F . 5.10 2.68 -6.53
H61 BGC F . 5.88 0.35 -6.02
H62 BGC F . 7.05 1.21 -7.04
H1 BGC F . 3.69 3.69 -5.01
HO3 BGC F . 7.67 5.55 -4.27
HO4 BGC F . 8.31 4.08 -6.84
HO6 BGC F . 7.99 0.14 -5.31
C1 RER F . 4.97 6.74 -2.86
C2 RER F . 5.04 8.13 -3.49
C3 RER F . 3.64 8.66 -3.84
N3 RER F . 3.76 10.08 -4.20
C3A RER F . 3.03 7.92 -5.03
C4 RER F . 2.74 8.53 -2.62
O4 RER F . 1.43 8.87 -2.98
C5 RER F . 2.78 7.09 -2.09
O5 RER F . 4.10 6.78 -1.74
C5A RER F . 1.92 6.96 -0.82
H1 RER F . 5.95 6.41 -2.52
H21C RER F . 5.51 8.81 -2.79
H22C RER F . 5.67 8.11 -4.38
HO1 RER F . 4.38 10.17 -5.03
H31N RER F . 4.16 10.60 -3.40
H32N RER F . 2.82 10.45 -4.43
H3A1 RER F . 2.10 8.37 -5.34
H3A2 RER F . 3.71 7.93 -5.89
H3A3 RER F . 2.83 6.87 -4.79
H4 RER F . 3.07 9.21 -1.85
HO4 RER F . 1.32 9.79 -2.76
H5 RER F . 2.43 6.40 -2.84
H5A1 RER F . 2.24 7.66 -0.06
H5A2 RER F . 0.88 7.14 -1.05
H5A3 RER F . 2.01 5.95 -0.41
C1 RER G . -3.61 4.34 -2.97
C2 RER G . -3.83 3.84 -4.40
C3 RER G . -5.30 3.66 -4.76
N3 RER G . -5.45 3.59 -6.20
C3A RER G . -5.88 2.38 -4.13
C4 RER G . -6.05 4.87 -4.24
O4 RER G . -7.40 4.83 -4.60
C5 RER G . -5.86 4.99 -2.74
O5 RER G . -4.51 5.34 -2.57
C5A RER G . -6.75 6.07 -2.13
H1 RER G . -2.62 4.77 -2.91
H21C RER G . -3.30 2.91 -4.56
H22C RER G . -3.30 4.51 -5.06
HO1 RER G . -4.93 2.77 -6.58
H31N RER G . -6.46 3.49 -6.45
H32N RER G . -5.08 4.46 -6.64
H3A1 RER G . -5.64 2.29 -3.08
H3A2 RER G . -5.49 1.48 -4.62
H3A3 RER G . -6.97 2.36 -4.24
H4 RER G . -5.59 5.74 -4.71
HO4 RER G . -7.67 5.72 -4.76
H5 RER G . -6.03 4.03 -2.25
H5A1 RER G . -7.81 5.83 -2.26
H5A2 RER G . -6.56 7.03 -2.59
H5A3 RER G . -6.56 6.16 -1.05
C1 RER H . 4.57 -4.02 2.97
C2 RER H . 4.23 -3.84 4.46
C3 RER H . 3.73 -5.12 5.13
N3 RER H . 3.80 -4.95 6.58
C3A RER H . 2.29 -5.49 4.75
C4 RER H . 4.66 -6.24 4.73
O4 RER H . 4.24 -7.46 5.30
C5 RER H . 4.74 -6.35 3.21
O5 RER H . 5.36 -5.16 2.78
C5A RER H . 5.59 -7.54 2.76
H1 RER H . 5.13 -3.16 2.59
H21C RER H . 3.47 -3.07 4.58
H22C RER H . 5.10 -3.42 4.95
HO1 RER H . 4.78 -4.73 6.85
H31N RER H . 3.50 -5.84 7.04
H32N RER H . 3.17 -4.18 6.87
H3A1 RER H . 2.19 -5.69 3.69
H3A2 RER H . 1.99 -6.40 5.27
H3A3 RER H . 1.58 -4.72 4.99
H4 RER H . 5.64 -5.99 5.13
HO4 RER H . 4.72 -7.55 6.11
H5 RER H . 3.76 -6.39 2.75
H5A1 RER H . 5.15 -8.48 3.10
H5A2 RER H . 6.60 -7.48 3.19
H5A3 RER H . 5.69 -7.56 1.68
N ALA A 1 -3.55 12.46 -0.28
CA ALA A 1 -2.97 11.44 -1.13
C ALA A 1 -3.88 10.22 -1.23
N FGA A 2 -3.24 9.23 -1.85
CA FGA A 2 -3.76 7.91 -2.06
C FGA A 2 -3.02 7.36 -3.28
O FGA A 2 -3.66 6.96 -4.25
CB FGA A 2 -3.44 7.16 -0.79
CG FGA A 2 -4.46 7.44 0.31
CD FGA A 2 -4.10 6.80 1.66
OE1 FGA A 2 -2.94 6.78 2.09
H FGA A 2 -2.28 9.39 -2.10
HA FGA A 2 -4.83 7.94 -2.25
HB2 FGA A 2 -3.42 6.10 -1.00
HB3 FGA A 2 -2.45 7.45 -0.45
HG2 FGA A 2 -4.54 8.52 0.46
HG3 FGA A 2 -5.45 7.09 0.01
N LYS A 3 -5.20 6.39 2.31
CA LYS A 3 -5.16 5.96 3.69
C LYS A 3 -4.27 4.73 3.88
N DAL A 4 -3.53 4.71 4.99
CA DAL A 4 -2.70 3.53 5.20
CB DAL A 4 -3.47 2.47 6.00
C DAL A 4 -1.41 3.94 5.92
O DAL A 4 -1.33 4.94 6.62
H DAL A 4 -3.57 5.45 5.67
HA DAL A 4 -2.43 3.14 4.21
HB1 DAL A 4 -4.38 2.18 5.47
HB2 DAL A 4 -2.87 1.58 6.14
HB3 DAL A 4 -3.75 2.86 6.98
N DAL A 5 -0.40 3.08 5.67
CA DAL A 5 0.90 3.31 6.26
CB DAL A 5 0.81 3.46 7.77
C DAL A 5 1.52 4.59 5.66
O DAL A 5 2.69 4.56 5.32
OXT DAL A 5 0.81 5.58 5.56
H DAL A 5 -0.54 2.28 5.08
HA DAL A 5 1.50 2.44 6.03
HB1 DAL A 5 0.11 4.25 8.06
HB2 DAL A 5 0.51 2.51 8.21
HB3 DAL A 5 1.79 3.72 8.18
N ALA B 1 11.43 -4.50 -1.88
CA ALA B 1 10.87 -3.99 -0.63
C ALA B 1 9.62 -4.77 -0.21
N FGA B 2 9.06 -4.17 0.83
CA FGA B 2 7.84 -4.65 1.43
C FGA B 2 7.60 -3.88 2.73
O FGA B 2 7.52 -2.65 2.68
CB FGA B 2 6.73 -4.42 0.42
CG FGA B 2 6.33 -5.68 -0.39
CD FGA B 2 5.80 -5.40 -1.78
OE1 FGA B 2 5.91 -4.32 -2.35
H FGA B 2 9.49 -3.36 1.22
HA FGA B 2 7.93 -5.71 1.63
HB2 FGA B 2 5.92 -4.08 1.00
HB3 FGA B 2 7.00 -3.61 -0.26
HG2 FGA B 2 7.16 -6.34 -0.51
HG3 FGA B 2 5.58 -6.25 0.16
N LYS B 3 5.21 -6.51 -2.28
CA LYS B 3 4.53 -6.52 -3.55
C LYS B 3 3.35 -5.53 -3.57
N DAL B 4 3.05 -5.08 -4.79
CA DAL B 4 1.93 -4.15 -4.88
CB DAL B 4 0.65 -4.94 -5.17
C DAL B 4 2.20 -3.13 -5.99
O DAL B 4 2.70 -3.44 -7.07
H DAL B 4 3.55 -5.36 -5.60
HA DAL B 4 1.85 -3.62 -3.93
HB1 DAL B 4 0.45 -5.66 -4.38
HB2 DAL B 4 -0.21 -4.27 -5.23
HB3 DAL B 4 0.73 -5.48 -6.11
N DAL B 5 1.85 -1.87 -5.64
CA DAL B 5 2.05 -0.78 -6.57
CB DAL B 5 3.11 0.19 -6.04
C DAL B 5 0.71 -0.06 -6.81
O DAL B 5 0.68 1.16 -6.69
OXT DAL B 5 -0.27 -0.74 -7.11
H DAL B 5 1.45 -1.66 -4.76
HA DAL B 5 2.38 -1.25 -7.48
HB1 DAL B 5 4.06 -0.33 -5.87
HB2 DAL B 5 3.28 0.99 -6.75
HB3 DAL B 5 2.79 0.63 -5.10
N MLU C 1 0.78 1.17 11.86
CN MLU C 1 2.10 1.24 12.46
CA MLU C 1 0.93 0.87 10.43
C MLU C 1 1.71 -0.42 10.25
O MLU C 1 1.29 -1.50 10.64
CB MLU C 1 -0.41 0.68 9.72
CG MLU C 1 -1.50 1.65 10.17
CD1 MLU C 1 -1.29 3.06 9.59
CD2 MLU C 1 -2.85 1.11 9.78
H1 MLU C 1 0.24 0.42 12.31
H2 MLU C 1 0.29 2.07 11.97
HCN1 MLU C 1 2.68 2.02 11.96
HCN2 MLU C 1 1.99 1.49 13.52
HCN3 MLU C 1 2.61 0.29 12.36
HA MLU C 1 1.47 1.70 9.98
HB2 MLU C 1 -0.76 -0.33 9.93
HB3 MLU C 1 -0.27 0.74 8.63
HG MLU C 1 -1.45 1.71 11.25
HD11 MLU C 1 -0.30 3.44 9.83
HD12 MLU C 1 -1.40 3.04 8.50
HD13 MLU C 1 -2.03 3.74 9.98
HD21 MLU C 1 -3.03 0.12 10.20
HD22 MLU C 1 -3.66 1.77 10.12
HD23 MLU C 1 -2.95 1.02 8.69
N OMZ C 2 2.89 -0.23 9.64
CA OMZ C 2 3.70 -1.42 9.42
C OMZ C 2 2.98 -2.32 8.39
O OMZ C 2 3.03 -3.54 8.51
CB OMZ C 2 5.15 -1.06 9.07
OC OMZ C 2 5.77 -0.48 10.19
CG OMZ C 2 5.22 -0.09 7.93
CD1 OMZ C 2 5.42 -0.56 6.59
CD2 OMZ C 2 5.02 1.31 8.18
CE1 OMZ C 2 5.34 0.37 5.50
CL OMZ C 2 5.54 -0.19 3.87
CE2 OMZ C 2 4.95 2.25 7.07
CZ OMZ C 2 5.06 1.76 5.72
OH OMZ C 2 4.75 2.57 4.63
H OMZ C 2 3.16 0.67 9.29
HA OMZ C 2 3.67 -1.94 10.37
HB OMZ C 2 5.70 -1.96 8.82
HC OMZ C 2 6.66 -0.30 9.94
HD1 OMZ C 2 5.60 -1.61 6.39
HD2 OMZ C 2 4.89 1.67 9.19
HE2 OMZ C 2 4.77 3.29 7.26
N ASN C 3 2.31 -1.69 7.39
CA ASN C 3 1.59 -2.55 6.45
C ASN C 3 1.46 -1.95 5.04
N GHP C 4 0.73 -0.81 5.00
CA GHP C 4 0.54 -0.19 3.69
C GHP C 4 -0.93 0.20 3.50
O GHP C 4 -1.63 0.60 4.41
C1 GHP C 4 1.43 1.01 3.44
C2 GHP C 4 1.10 1.99 2.46
C3 GHP C 4 1.96 3.12 2.15
C4 GHP C 4 3.17 3.27 2.92
O4 GHP C 4 4.01 4.35 2.76
C5 GHP C 4 3.54 2.31 3.93
C6 GHP C 4 2.64 1.20 4.17
H GHP C 4 0.36 -0.40 5.83
HA GHP C 4 0.80 -0.97 2.97
HC2 GHP C 4 0.15 1.91 1.95
H6 GHP C 4 2.88 0.50 4.96
N GHP C 5 -1.31 0.06 2.22
CA GHP C 5 -2.63 0.46 1.80
C GHP C 5 -2.78 0.36 0.27
O GHP C 5 -2.25 -0.58 -0.31
C1 GHP C 5 -3.80 -0.22 2.44
C2 GHP C 5 -4.73 0.63 3.12
C3 GHP C 5 -5.95 0.14 3.63
C4 GHP C 5 -6.26 -1.25 3.50
O4 GHP C 5 -7.45 -1.75 4.01
C5 GHP C 5 -5.34 -2.15 2.84
C6 GHP C 5 -4.10 -1.63 2.30
H GHP C 5 -0.66 -0.31 1.54
HA GHP C 5 -2.62 1.50 2.12
HC2 GHP C 5 -4.50 1.68 3.24
HO4 GHP C 5 -7.50 -2.68 3.84
H5 GHP C 5 -5.57 -3.20 2.73
H6 GHP C 5 -3.42 -2.28 1.79
N OMY C 6 -3.50 1.30 -0.38
CA OMY C 6 -4.18 2.47 0.20
OCZ OMY C 6 1.69 4.10 1.14
CE2 OMY C 6 0.11 3.77 -0.75
CE1 OMY C 6 -0.70 4.54 1.46
CZ OMY C 6 0.40 4.17 0.60
CG OMY C 6 -2.34 3.97 -0.30
CD2 OMY C 6 -1.26 3.65 -1.19
CD1 OMY C 6 -2.05 4.44 1.03
CB OMY C 6 -3.79 3.71 -0.60
CL OMY C 6 -0.36 5.08 3.08
O OMY C 6 -6.38 1.76 -0.58
C OMY C 6 -5.69 2.21 0.34
ODE OMY C 6 -3.99 3.48 -1.96
H OMY C 6 -3.56 1.19 -1.38
HA OMY C 6 -3.82 2.61 1.21
HE2 OMY C 6 0.92 3.51 -1.41
HD2 OMY C 6 -1.47 3.32 -2.21
HD1 OMY C 6 -2.90 4.69 1.65
HB OMY C 6 -4.39 4.55 -0.27
N 3FG C 7 -6.12 2.53 1.58
OD1 3FG C 7 -6.29 0.02 6.36
CD1 3FG C 7 -6.97 1.02 5.69
CG1 3FG C 7 -6.86 1.12 4.27
CZ 3FG C 7 -7.77 1.94 6.44
CD2 3FG C 7 -8.47 2.98 5.77
OD2 3FG C 7 -9.24 3.88 6.49
CG2 3FG C 7 -8.38 3.09 4.34
CB 3FG C 7 -7.57 2.17 3.57
CA 3FG C 7 -7.48 2.33 2.04
C 3FG C 7 -8.30 3.50 1.48
O 3FG C 7 -9.48 3.32 1.17
OXT 3FG C 7 -7.73 4.60 1.35
H 3FG C 7 -5.47 2.89 2.23
HA 3FG C 7 -7.76 1.40 1.56
HD1 3FG C 7 -5.80 -0.52 5.73
HZ 3FG C 7 -7.78 1.85 7.52
HD2 3FG C 7 -9.20 3.67 7.40
HG2 3FG C 7 -8.90 3.90 3.84
N MLU D 1 1.14 0.02 -11.87
CN MLU D 1 1.63 1.39 -11.89
CA MLU D 1 0.34 -0.23 -10.68
C MLU D 1 -0.86 0.72 -10.62
O MLU D 1 -1.62 0.83 -11.57
CB MLU D 1 -0.20 -1.65 -10.62
CG MLU D 1 0.91 -2.71 -10.60
CD1 MLU D 1 1.85 -2.51 -9.42
CD2 MLU D 1 0.28 -4.10 -10.58
H1 MLU D 1 0.56 -0.15 -12.71
H2 MLU D 1 1.95 -0.63 -11.88
HCN1 MLU D 1 2.23 1.55 -12.78
HCN2 MLU D 1 0.79 2.07 -11.87
HCN3 MLU D 1 2.25 1.56 -11.00
HA MLU D 1 0.98 -0.04 -9.81
HB2 MLU D 1 -0.86 -1.82 -11.46
HB3 MLU D 1 -0.81 -1.77 -9.72
HG MLU D 1 1.49 -2.60 -11.52
HD11 MLU D 1 2.63 -3.26 -9.42
HD12 MLU D 1 2.31 -1.53 -9.46
HD13 MLU D 1 1.30 -2.59 -8.48
HD21 MLU D 1 1.05 -4.88 -10.60
HD22 MLU D 1 -0.30 -4.25 -9.67
HD23 MLU D 1 -0.36 -4.26 -11.44
N OMZ D 2 -0.98 1.38 -9.45
CA OMZ D 2 -2.11 2.29 -9.30
C OMZ D 2 -3.00 1.82 -8.13
O OMZ D 2 -4.21 2.02 -8.18
CB OMZ D 2 -1.63 3.74 -9.21
OC OMZ D 2 -1.03 4.12 -10.43
CG OMZ D 2 -0.64 3.93 -8.11
CD1 OMZ D 2 -1.08 4.41 -6.84
CD2 OMZ D 2 0.76 3.60 -8.31
CE1 OMZ D 2 -0.15 4.48 -5.75
CL OMZ D 2 -0.70 4.98 -4.19
CE2 OMZ D 2 1.69 3.69 -7.22
CZ OMZ D 2 1.21 4.09 -5.91
OH OMZ D 2 2.01 3.96 -4.78
H OMZ D 2 -0.31 1.26 -8.71
HA OMZ D 2 -2.70 2.17 -10.20
HB OMZ D 2 -2.48 4.40 -9.06
HC OMZ D 2 -1.72 4.09 -11.10
HD1 OMZ D 2 -2.11 4.70 -6.68
HD2 OMZ D 2 1.10 3.25 -9.27
HE2 OMZ D 2 2.72 3.41 -7.36
N ASN D 3 -2.38 1.18 -7.10
CA ASN D 3 -3.27 0.73 -6.05
C ASN D 3 -2.60 0.64 -4.65
N GHP D 4 -1.41 0.01 -4.63
CA GHP D 4 -0.73 -0.08 -3.33
C GHP D 4 -0.45 -1.56 -2.98
O GHP D 4 -0.35 -2.44 -3.83
C1 GHP D 4 0.56 0.72 -3.29
C2 GHP D 4 1.70 0.32 -2.51
C3 GHP D 4 2.90 1.15 -2.43
C4 GHP D 4 2.93 2.36 -3.20
O4 GHP D 4 4.06 3.16 -3.11
C5 GHP D 4 1.83 2.77 -4.02
C6 GHP D 4 0.64 1.94 -4.02
H GHP D 4 -1.01 -0.38 -5.46
HA GHP D 4 -1.41 0.37 -2.61
HC2 GHP D 4 1.69 -0.61 -1.97
H6 GHP D 4 -0.21 2.23 -4.62
N GHP D 5 -0.34 -1.75 -1.65
CA GHP D 5 -0.01 -3.05 -1.08
C GHP D 5 0.17 -2.93 0.44
O GHP D 5 -0.57 -2.20 1.06
C1 GHP D 5 -0.95 -4.17 -1.35
C2 GHP D 5 -0.40 -5.34 -1.97
C3 GHP D 5 -1.13 -6.53 -2.13
C4 GHP D 5 -2.49 -6.57 -1.70
O4 GHP D 5 -3.23 -7.73 -1.87
C5 GHP D 5 -3.10 -5.42 -1.08
C6 GHP D 5 -2.32 -4.21 -0.91
H GHP D 5 -0.47 -0.97 -1.03
HA GHP D 5 0.95 -3.27 -1.54
HC2 GHP D 5 0.62 -5.30 -2.31
HO4 GHP D 5 -4.11 -7.59 -1.53
H5 GHP D 5 -4.13 -5.45 -0.76
H6 GHP D 5 -2.76 -3.35 -0.42
N OMY D 6 1.15 -3.66 1.04
CA OMY D 6 2.13 -4.58 0.45
OCZ OMY D 6 4.06 0.89 -1.65
CE2 OMY D 6 4.08 -0.37 0.48
CE1 OMY D 6 4.14 -1.55 -1.70
CZ OMY D 6 4.14 -0.32 -0.96
CG OMY D 6 3.85 -2.86 0.39
CD2 OMY D 6 3.92 -1.63 1.16
CD1 OMY D 6 4.01 -2.80 -1.04
CB OMY D 6 3.49 -4.19 1.00
CL OMY D 6 4.28 -1.50 -3.42
O OMY D 6 1.43 -6.53 1.72
C OMY D 6 1.69 -6.05 0.63
ODE OMY D 6 3.45 -4.13 2.40
H OMY D 6 1.20 -3.52 2.04
HA OMY D 6 2.19 -4.44 -0.63
HE2 OMY D 6 4.15 0.57 1.01
HD2 OMY D 6 3.84 -1.66 2.23
HD1 OMY D 6 4.00 -3.73 -1.60
HB OMY D 6 4.19 -4.96 0.69
N 3FG D 7 1.63 -6.70 -0.56
OD1 3FG D 7 -1.96 -7.38 -4.62
CD1 3FG D 7 -0.89 -8.04 -4.06
CG1 3FG D 7 -0.43 -7.69 -2.76
CZ 3FG D 7 -0.24 -9.07 -4.81
CD2 3FG D 7 0.88 -9.77 -4.25
OD2 3FG D 7 1.53 -10.76 -4.97
CG2 3FG D 7 1.33 -9.42 -2.93
CB 3FG D 7 0.69 -8.38 -2.16
CA 3FG D 7 1.20 -8.06 -0.74
C 3FG D 7 2.36 -8.96 -0.27
O 3FG D 7 2.10 -9.93 0.44
OXT 3FG D 7 3.50 -8.64 -0.62
H 3FG D 7 1.89 -6.19 -1.38
HA 3FG D 7 0.36 -8.14 -0.05
HD1 3FG D 7 -2.15 -7.73 -5.49
HZ 3FG D 7 -0.58 -9.30 -5.81
HD2 3FG D 7 1.11 -10.85 -5.81
HG2 3FG D 7 2.20 -9.92 -2.52
C2 BGC E . 5.47 5.68 1.47
C3 BGC E . 6.32 5.79 0.21
C4 BGC E . 7.00 4.46 -0.10
C5 BGC E . 6.00 3.30 0.00
C6 BGC E . 6.66 1.95 -0.18
C1 BGC E . 4.57 4.44 1.47
O2 BGC E . 4.68 6.83 1.61
O3 BGC E . 7.30 6.79 0.41
O4 BGC E . 7.52 4.49 -1.40
O5 BGC E . 5.38 3.32 1.26
O6 BGC E . 7.92 1.91 0.44
H2 BGC E . 6.13 5.61 2.34
H3 BGC E . 5.70 6.08 -0.63
H4 BGC E . 7.83 4.28 0.59
H5 BGC E . 5.23 3.42 -0.77
H61 BGC E . 6.03 1.20 0.29
H62 BGC E . 6.77 1.68 -1.22
H1 BGC E . 3.80 4.51 0.71
HO3 BGC E . 7.83 6.50 1.13
HO4 BGC E . 8.43 4.74 -1.33
HO6 BGC E . 8.26 1.04 0.32
C1 RER E . 5.34 7.85 2.32
C2 RER E . 4.44 9.08 2.46
C3 RER E . 3.27 8.84 3.41
N3 RER E . 2.64 10.13 3.73
C3A RER E . 2.21 7.96 2.72
C4 RER E . 3.76 8.18 4.69
O4 RER E . 2.66 7.83 5.49
C5 RER E . 4.58 6.94 4.34
O5 RER E . 5.70 7.37 3.59
C5A RER E . 5.05 6.17 5.58
H1 RER E . 6.25 8.12 1.78
H21C RER E . 5.04 9.91 2.85
H22C RER E . 4.08 9.40 1.48
HO1 RER E . 1.84 9.97 4.38
H31N RER E . 2.30 10.58 2.86
H32N RER E . 3.35 10.74 4.20
H3A1 RER E . 2.64 7.01 2.43
H3A2 RER E . 1.37 7.77 3.38
H3A3 RER E . 1.83 8.45 1.82
H4 RER E . 4.38 8.88 5.25
HO4 RER E . 2.94 7.97 6.39
H5 RER E . 3.96 6.30 3.73
H5A1 RER E . 5.75 6.77 6.17
H5A2 RER E . 4.21 5.92 6.23
H5A3 RER E . 5.54 5.24 5.30
C2 BGC F . 5.56 4.56 -4.23
C3 BGC F . 6.46 4.73 -5.46
C4 BGC F . 7.22 3.43 -5.73
C5 BGC F . 6.30 2.22 -5.72
C6 BGC F . 7.12 0.95 -5.84
C1 BGC F . 4.73 3.29 -4.34
O2 BGC F . 4.68 5.65 -4.13
O3 BGC F . 7.36 5.78 -5.23
O4 BGC F . 7.85 3.51 -6.99
O5 BGC F . 5.59 2.18 -4.50
O6 BGC F . 8.08 0.88 -4.81
H2 BGC F . 6.18 4.49 -3.34
H3 BGC F . 5.85 4.99 -6.33
H4 BGC F . 7.99 3.26 -4.97
H5 BGC F . 5.58 2.29 -6.54
H61 BGC F . 6.48 0.08 -5.75
H62 BGC F . 7.64 0.90 -6.80
H1 BGC F . 4.06 3.36 -5.20
HO3 BGC F . 6.98 6.55 -5.61
HO4 BGC F . 8.72 3.84 -6.84
HO6 BGC F . 8.56 0.07 -4.93
C1 RER F . 5.01 6.57 -3.12
C2 RER F . 4.97 7.99 -3.73
C3 RER F . 3.55 8.41 -4.10
N3 RER F . 3.55 9.81 -4.47
C3A RER F . 3.01 7.59 -5.29
C4 RER F . 2.65 8.20 -2.90
O4 RER F . 1.32 8.48 -3.24
C5 RER F . 2.76 6.76 -2.38
O5 RER F . 4.10 6.49 -2.05
C5A RER F . 1.92 6.57 -1.11
H1 RER F . 6.01 6.35 -2.74
H21C RER F . 5.37 8.69 -3.00
H22C RER F . 5.62 8.05 -4.60
HO1 RER F . 3.90 10.38 -3.68
H31N RER F . 2.59 10.11 -4.72
H32N RER F . 4.17 9.95 -5.30
H3A1 RER F . 2.04 7.97 -5.60
H3A2 RER F . 3.69 7.66 -6.14
H3A3 RER F . 2.90 6.54 -5.03
H4 RER F . 2.94 8.89 -2.10
HO4 RER F . 1.16 9.40 -3.01
H5 RER F . 2.43 6.06 -3.15
H5A1 RER F . 2.24 7.26 -0.33
H5A2 RER F . 0.87 6.75 -1.31
H5A3 RER F . 2.03 5.56 -0.73
C1 RER G . -3.76 4.60 -2.79
C2 RER G . -3.80 4.03 -4.21
C3 RER G . -5.21 3.67 -4.67
N3 RER G . -5.22 3.52 -6.13
C3A RER G . -5.74 2.37 -4.05
C4 RER G . -6.13 4.81 -4.31
O4 RER G . -7.45 4.56 -4.71
C5 RER G . -6.06 5.08 -2.81
O5 RER G . -4.77 5.56 -2.59
C5A RER G . -7.08 6.12 -2.36
H1 RER G . -2.81 5.09 -2.56
H21C RER G . -3.18 3.15 -4.26
H22C RER G . -3.30 4.71 -4.88
HO1 RER G . -6.18 3.31 -6.45
H31N RER G . -4.58 2.75 -6.40
H32N RER G . -4.89 4.41 -6.57
H3A1 RER G . -5.73 2.40 -2.96
H3A2 RER G . -6.76 2.18 -4.36
H3A3 RER G . -5.15 1.51 -4.34
H4 RER G . -5.77 5.69 -4.83
HO4 RER G . -7.82 5.38 -4.98
H5 RER G . -6.18 4.16 -2.23
H5A1 RER G . -6.95 7.06 -2.90
H5A2 RER G . -8.10 5.77 -2.53
H5A3 RER G . -6.98 6.33 -1.29
C1 RER H . 4.71 -4.10 3.04
C2 RER H . 4.47 -4.01 4.55
C3 RER H . 3.82 -5.28 5.11
N3 RER H . 3.87 -5.22 6.56
C3A RER H . 2.35 -5.43 4.69
C4 RER H . 4.61 -6.48 4.64
O4 RER H . 3.99 -7.66 5.06
C5 RER H . 4.75 -6.47 3.12
O5 RER H . 5.43 -5.29 2.76
C5A RER H . 5.56 -7.68 2.63
H1 RER H . 5.30 -3.24 2.68
H21C RER H . 5.42 -3.84 5.04
H22C RER H . 3.85 -3.13 4.77
HO1 RER H . 4.87 -5.14 6.87
H31N RER H . 3.47 -6.09 6.96
H32N RER H . 3.34 -4.40 6.91
H3A1 RER H . 1.87 -6.20 5.29
H3A2 RER H . 1.79 -4.51 4.80
H3A3 RER H . 2.27 -5.75 3.66
H4 RER H . 5.61 -6.47 5.09
HO4 RER H . 4.38 -7.91 5.88
H5 RER H . 3.78 -6.46 2.64
H5A1 RER H . 5.66 -7.67 1.54
H5A2 RER H . 6.56 -7.67 3.06
H5A3 RER H . 5.07 -8.60 2.92
#